data_6GZ3
#
_entry.id   6GZ3
#
_cell.length_a   1
_cell.length_b   1
_cell.length_c   1
_cell.angle_alpha   90
_cell.angle_beta   90
_cell.angle_gamma   90
#
_symmetry.space_group_name_H-M   'P 1'
#
loop_
_entity.id
_entity.type
_entity.pdbx_description
1 polymer '28S ribosomal RNA'
2 polymer 'ap/P-site tRNA'
3 polymer mRNA
4 polymer pe/E-site-tRNA
5 polymer '18S ribosomal RNA'
6 polymer 'ribosomal protein uS3'
7 polymer 'Ribosomal protein S5'
8 polymer 'ribosomal protein eS10'
9 polymer '40S ribosomal protein S12'
10 polymer 'ribosomal protein uS19'
11 polymer 'ribosomal protein uS9'
12 polymer 'ribosomal protein eS17'
13 polymer 'ribosomal protein uS13'
14 polymer 'ribosomal protein eS19'
15 polymer 'ribosomal protein uS10'
16 polymer 'ribosomal protein eS25'
17 polymer 'Ribosomal protein S28'
18 polymer 'ribosomal protein uS14'
19 polymer 'Ribosomal protein S27a'
20 polymer 'ribosomal protein RACK 1'
21 polymer 'ribosomal protein uS2'
22 polymer '40S ribosomal protein S3a'
23 polymer 'ribosomal protein uS5'
24 polymer 'ribosomal protein eS4'
25 polymer '40S ribosomal protein S6'
26 polymer '40S ribosomal protein S7'
27 polymer 'ribosomal protein eS8'
28 polymer 'Ribosomal protein S9 (Predicted)'
29 polymer 'Ribosomal protein S11'
30 polymer 'ribosomal protein uS15'
31 polymer 'ribosomal protein uS11'
32 polymer 'ribosomal protein eS21'
33 polymer 'Ribosomal protein S15a'
34 polymer 'Ribosomal protein S23'
35 polymer 'ribosomal protein eS24'
36 polymer 'ribosomal protein eS26'
37 polymer 'ribosomal protein eS27'
38 polymer 'ribosomal protein eS30'
39 polymer '5.8S ribosomal RNA'
40 polymer '5S ribosomal RNA'
41 polymer 'Ribosomal protein L8'
42 polymer 'ribosomal protein uL3'
43 polymer 'ribosomal protein uL4'
44 polymer 'ribosomal protein uL18'
45 polymer 'ribosomal protein eL6'
46 polymer 'ribosomal protein uL30'
47 polymer 'ribosomal protein eL8'
48 polymer 'ribosomal protein uL6'
49 polymer 'Ribosomal protein L10 (Predicted)'
50 polymer 'Ribosomal protein L11'
51 polymer 'ribosomal protein eL13'
52 polymer 'ribosomal protein eL14'
53 polymer 'Ribosomal protein L15'
54 polymer 'ribosomal protein uL13'
55 polymer 'ribosomal protein uL22'
56 polymer 'ribosomal protein eL18'
57 polymer 'ribosomal protein eL19'
58 polymer 'ribosomal protein eL20'
59 polymer 'ribosomal protein eL21'
60 polymer 'ribosomal protein eL22'
61 polymer 'Ribosomal protein L23'
62 polymer 'ribosomal protein eL24'
63 polymer 'ribosomal protein uL23'
64 polymer 'Ribosomal protein L26'
65 polymer '60S ribosomal protein L27'
66 polymer 'ribosomal protein uL15'
67 polymer 'ribosomal protein eL29'
68 polymer 'ribosomal protein eL30'
69 polymer 'ribosomal protein eL31'
70 polymer 'ribosomal protein eL32'
71 polymer 'ribosomal protein eL33'
72 polymer 'ribosomal protein eL34'
73 polymer 'ribosomal protein uL29'
74 polymer 'ribosomal protein eL36'
75 polymer 'Ribosomal protein L37'
76 polymer 'ribosomal protein eL38'
77 polymer 'ribosomal protein eL39'
78 polymer 'ribosomal protein eL40'
79 polymer 'ribosomal protein eL41'
80 polymer 'ribosomal protein eL42'
81 polymer 'ribosomal protein eL43'
82 polymer 'ribosomal protein eL28'
83 polymer 'Ribosomal protein'
84 polymer 'Ribosomal protein L12'
85 polymer 'ribosomal protein uL10'
86 polymer 'eukaryotic elongation factor 2 (eEF2)'
87 non-polymer 'MAGNESIUM ION'
88 non-polymer 'ZINC ION'
89 non-polymer 'PHOSPHOAMINOPHOSPHONIC ACID-GUANYLATE ESTER'
#
loop_
_entity_poly.entity_id
_entity_poly.type
_entity_poly.pdbx_seq_one_letter_code
_entity_poly.pdbx_strand_id
1 'polyribonucleotide'
;CGCGACCUCAGAUCAGACGUGGCGACCCGCUGAAUUUAAGCAUAUUAGUCAGCGGAGGAAAAGAAACUAACCAGGAUUCC
CUCAGUAACGGCGAGUGAACAGGGAAGAGCCCAGCGCCGAAUCCCCGCCCCGCGGGGCGCGGGACAUGUGGCGUACGGAA
GACCCGCUCCCCGGCGCCGCUCGUGGGGGGCCCAAGUCCUUCUGAUCGAGGCCCAGCCCGUGGACGGUGUGAGGCCGGUA
GCGGCCCCCGGCGCGCGCCCGGGUCUUCCCGGAGUCGGGUUGCUUGGGAAUGCAGCCCAAAGCGGGUGGUAAACUCCAUC
UAAGGCUAAAUACCGGCACGAGACCGAUAGUCAACAAGUACCGUAAGGGAAAGUUGAAAAGAACUUUGAAGAGAGAGUUC
AAGAGGGCGUGAAACCGUUAAGAGGUAAACGGGUGGGGUCCGCGCAGUCCGCCCGGAGGAUUCAACCCGGCGGCGGGUCC
GGCCGUGUCGGCGGCCCGGCGGAUCUUUCCCGCCCCCGGGGUCGGCGGGGGACCGUCCCCCGGACCGGCGACCGGCCGCC
GCCGGGCGCAUUUCCAGGCGGUGCGCCGCGACCGGCUCCGGGACGGCUGGGAAGGCCCGGCGGGGAAGGUGGCUCGGGGC
CCCCGAGUGUUACAGCCCCCCCGGCAGCAGCACUCGCCGAAUCCCGGGGCCGAGGGAGCGAGACCCGUCGCCGCGCUCUC
CCCCCUGGGGGGGCCGGGCCACCCCUCCCACGGCGCGACCGCUCUCCCAGGGGGCGGGGCGGACUGUCCCCAGUGCGCCC
CGGGCGGGUCGCGCCGUCGGGCCCGGGGGGCCACGCGCGCGUCCCGGGACGGCGGAGCGAGCGCACGGGGUCGGCGGCGA
CGUCGGCUACCCACCCGACCCGUCUUGAAACACGGACCAAGGAGUCUAACACGUGCGCGAGUCGGGGGCUCGCACGAAAG
CCGCCGUGGCGCAAUGAAGGUGAAGGCCGGCGCGCUCGCCGGCCGAGGUGGGAUCCCGAGGCCUCUCCAGUCCGCCGAGG
GGCACCACCGGCCCGUCUCGCCCGCCGCGCCGGGGAGGUGGAGCACGAGCGCACGUGUUAGGACCCGAAAGAUGGUGAAC
UAUGCCUGGGCAGGGCGAAGCCAGAGGAAACUCUGGUGGAGGUCCGUAGCGGUCCUGACGUGCAAAUCGGUCGUCCGACC
UGGGUAUAGGGGCGAAAGACUAAUCGAACCAUCUAGUAGCUGGUUCCCUCCGAAGUUUCCCUCAGGAUAGCUGGCGCUCU
CGCCCACGCAGUUUUAUCCGGUAAAGCGAAUGAUUAGAGGUCUUGGGGCCGAAACGAUCUCAACCUAUUCUCAAACUUUA
AAUGGGUAAGAAGCCCGGCUCGCUGGCGUGGAGCCGGGGUGGAAUGCGAGUGCCUAGUGGGCCACUUUUGGUAAGCAGAA
CUGGCGCUGCGGGAUGAACCGAACGCCGGGUUAAGGCGCCCGAUGCCGACGCUCAUCAGACCCCAGAAAAGGUGUUGGUU
GAUAUAGACAGCAGGACGGUGGCCAUGGAAGUCGGAAUCCGCUAAGGAGUGUGUAACAACUCACCUGCCGAAUCAACUAG
CCCUGAAAAUGGAUGGCGCUGGAGCGUCGGGCCCAUACCCGGCCGUCGCCGGCCUACGCCGCGACGAGUAGGAGGGCCGC
UGCGGUGAGCCUUGAAGCCUAGGGCGCGGGCCCGGGUGGAGCCGCCGCAGGUGCAGAUCUUGGUGGUAGUAGCAAAUAUU
CAAACGAGAACUUUGAAGGCCGAAGUGGAGAAGGGUUCCAUGUGAACAGCAGUUGAACAUGGGUCAGUCGGUCCUGAGAG
AUGGGCGAGCGCCGUUCCGAAGGGACGGGCGAUGGCCUCCGUUGCCCUCGGCCGAUCGAAAGGGAGUCGGGUUCAGAUCC
CCGAAUCCGGAGUGGCGGAGAUGGGCGCCGCGAGGCGUCCAGUGCGGUAACGCGACCGAUCCCGGAGAAGCCGGCGGGAG
CCCCGGGGAGAGUUCUCUUUUCUUUGUGAAGGGCAGGGCGCCCUGGAAUGGGUUCGCCCCGAGAGAGGGGCCCGUGCCUU
GGAAAGCGUCGCGGUUCCGGCGGCGUCCGGUGAGCUCUCGCUGGCCCUUGAAAAUCCGGGGGAGAGGGUGUAAAUCUCGC
GCCGGGCCGUACCCAUAUCCGCAGCAGGUCUCCAAGGUGAACAGCCUCUGGCAUGUUGGAACAAUGUAGGUAAGGGAAGU
CGGCAAGCCGGAUCCGUAACUUCGGGAUAAGGAUUGGCUCUAAGGGCUGGCAGCCGACUUAGAACUGGUGCGGACCAGGG
GAAUCCGACUGUUUAAUUAAAACAAAGCAUCGCGAAGGCCCGCGGCGGGUGUUGACGCGAUGUGAUUUCUGCCCAGUGCU
CUGAAUGUCAAAGUGAAGAAAUUCAAUGAAGCGCGGGUAAACGGCGGGAGUAACUAUGACUCUCUUAAGGUAGCCAAAUG
CCUCGUCAUCUAAUUAGUGACGCGCAUGAAUGGAUGAACGAGAUUCCCACUGUCCCUACCUACUAUCCAGCGAAACCACA
GCCAAGGGAACGGGCUUGGCGGAAUCAGCGGGGAAAGAAGACCCUGUUGAGCUUGACUCUAGUCUGGCACGGUGAAGAGA
CAUGAGAGGUGUAGAAUAAGUGGGAGGCCCGGGCCGCCGGUGAAAUACCACUACUCUGAUCGUUUUUUCACUGACCCGGU
GAGGCGGGGGGGCGAGCCCGAGGGGCUCUCGCUUCUGGCGCCAAGCGCCCGCCCGGCCGGGCGCGACCCGCUCCGGGGAC
AGUGCCAGGUGGGGAGUUUGACUGGGGCGGUACACCUGUCAAACGGUAACGCAGGUGUCCUAAGGCGAGCUCAGGGAGGA
CAGAAACCUCCCGUGGAGCAGAAGGGCAAAAGCUCGCUUGAUCUUGAUUUUCAGUACGAAUACAGACCGUGAAAGCGGGG
CCUCACGAUCCUUCUGACCUUUUGGGUUUUAAGCAGGAGGUGUCAGAAAAGUUACCACAGGGAUAACUGGCUUGUGGCGG
CCAAGCGUUCAUAGCGACGUCGCUUUUUGAUCCUUCGAUGUCGGCUCUUCCUAUCAUUGUGAAGCAGAAUUCGCCAAGCG
UUGGAUUGUUCACCCACUAAUAGGGAACGUGAGCUGGGUUUAGACCGUCGUGAGACAGGUUAGUUUUACCCUACUGAUGA
UGUGUUGUUGCCAUGGUAAUCCUGCUCAGUACGAGAGGAACCGCAGGUUCAGACAUUUGGUGUAUGUGCUUGGCUGAGGA
GCCAAUGGGGCGAAGCUACCAUCUGUGGGAUUAUGACUGAACGCCUCUAAGUCAGAAUCCCGCCCAGGCGGAACGAUACG
GCAGCGCCGCGGAGCCUCGGUUGGCCUCGGAUAGCCGGUCCGGGGUCCGGUGCGGAGUGCCCUUCGUCCUGGGAAACGGG
GCGCGGCCGGAAAGGCGGCCGCCCCCUCGCCCGUCACGCACCGCACGUUCGUGGGGAACCUGGCGCUAAACCAUUCGUAG
ACGACCUGCUUCUGGGUCGGGGUUUCGUACGUAGCAGAGCAGCUCCCUCGCUGCGAUCUAUUGAAAGUCAGCCCUCGACA
CAAGGGUUUGUC
;
A2
2 'polyribonucleotide' GUUUCCGUAGUGUAGUGGUUAUCACGUUCGCCUAACACGCGAAAGGUCCCCGGUUCGAAACCGGGCGGAAACACCA Bv
3 'polyribonucleotide' GUUCGUUAAAGA Bx
4 'polyribonucleotide' GCGGACUUAGCUCAGUUGGGAGAGCGCCAGACUGAAGAUCUGGAGGUCCUGUGUUCGAUCCACAGAGUUCGCACCA Bw
5 'polyribonucleotide'
;UACCUGGUUGAUCCUGCCAGUAGCAUAUGCUUGUCUCAAAGAUUAAGCCAUGCAUGUCUAAGUACGCACGGCCGGUACAG
UGAAACUGCGAAUGGCUCAUUAAAUCAGUUAUGGUUCCUUUGGUCGACUUGGAUAACUGUGGUAAUUCUAGAGCUAAUAC
AUGCCGACGGGCGCUGACCCCCUUCGCGGGGGGGAUGCGUGCAUUUAUCAGAUCAAAACCAACCCGGGCUUUGGUGACUC
UAGAUAACCUCGGGCCGAUCGCACGCCCCCCGUGGCGGCGACGACCCAUUCGAACGUCUGCCCUAUCAACUUUCGAUGGU
AGUCGCCGUGCCUACCAUGGUGACCACGGGUGACGGGGAAUCAGGGUUCGAUUCCGGAGAGGGAGCCUGAGAAACGGCUA
CCACAUCCAAGGAAGGCAGCAGGCGCGCAAAUUACCCACUCCCGACCCGGGGAGGUAGUGACGAAAAAUAACAAUACAGG
ACUCUUUCGAGGCCCUGUAAUUGGAAUGAGUCCACUUUAAAUCCUUUAACGAGGAUCCAUUGGAGGGCAAGUCUGGUGCC
AGCAGCCGCGGUAAUUCCAGCUCCAAUAGCGUAUAUUAAAGUUGCUGCAGUUAAAAAGCUCGUAGUUGGAUCUUGGGAGC
GGCCCCUUGCCUCUCGCCCGAAGCGUUUACUUUGAAAAAAUUAGAGUGUUCAAAGCAGGCCCGAGCCGCCUGGAUACCGC
AGCUAGGAAUAAUGGAAUAGGACCGCGGUUCUAUUUUGUUGGUUUUCGGAACUGAGGCCAUGAUUAAGAGGGACGGCCGG
GGGCAUUCGUAUUGCGCCGCUAGAGGUGAAAUUCUUGGACCGGCGCAAGACGGACCAGAGCGAAAGCAUUUGCCAAGAAU
GUUUUCAUUAAUCAAGAACGAAAGUCGGAGGUUCGAAGACGAUCAGAUACCGUCGUAGUUCCGACCAUAAACGAUGCCGA
CCGGCGAUGCGGCGGCGUUAUUCCCAUGACCCGCCGGGCAGCUUCCGGGAAACCAAAGUCUUUGGGUUCCGGGGGGAGUA
UGGUUGCAAAGCUGAAACUUAAAGGAAUUGACGGAAGGGCACCACCAGGAGUGGAGCCUGCGGCUUAAUUUGACUCAACA
CGGGAAACCUCACCCGGCCCGGACACGGACAGGAUUGACAGAUUGAUAGCUCUUUCUCGAUUCCGUGGGUGGUGGUGCAU
GGCCGUUCUUAGUUGGUGGAGCGAUUUGUCUGGUUAAUUCCGAUAACGAACGAGACUCUGGCAUGCUAACUAGUUACGCG
ACCCCCGAGCGGUAACUUCUUAGAGGGACAAGUGGCGUUCAGCCACCCGAGAUUGAGCAAUAACAGGUCUGUGAUGCCCU
UAGAUGUCCGGGGCUGCACGCGCGCUACACUGACUGGCUCAGCGUGUGCCUACCCUACGCCGGCAGGCGCGGGUAACCCG
UUGAACCCCAUUCGUGAUGGGGAUCGGGGAUUGCAAUUAUUCCCCAUGAACGAGGAAUUCCCAGUAAGUGCGGGUCAUAA
GCUUGCGUUGAUUAAGUCCCUGCCCUUUGUACACACCGCCCGUCGCUACUACCGAUUGGAUGGUUUAGUGAGGCCCUCGG
AUCGGCCCCGCCGUGGCGGAGCGCUGAGAAGACGGUCGAACUUGACUAUCUAGAGGAAGUAAAAGUCGUAACAAGGUUUC
CGUAGGUGAACCUGCGGAAGGAUCAUUA
;
B1
6 'polypeptide(L)'
;AVQISKKRKFVADGIFKAELNEFLTRELAEDGYSGVEVRVTPTRTEIIILATRTQNVLGEKGRRIRELTAVVQKRFGFPE
GSVELYAEKVATRGLCAIAQAESLRYKLLGGLAVRRACYGVLRFIMESGAKGCEVVVSGKLRGQRAKSMKFVDGLMIHSG
DPVNYYVDTAVRHVLLRQGVLGIKVKIMLPWDPTGKIGPKKPLPDHVSIVEPKDEILPTT
;
BD
7 'polypeptide(L)'
;PDIKLFGKWSTDDVQINDISLQDYIAVKEKYAKYLPHSAGRYAAKRFRKAQCPIVERLTNSMMMHGRNNGKKLMTVRIVK
HAFEIIHLLTGENPLQVLVNAIINSGPREDSTRIGRAGTVRRQAVDVSPLRRVNQAIWLLCTGAREAAFRNIKTIAECLA
DELINAAKGSSNSYAIKKKDELERVAKSNR
;
BF
8 'polypeptide(L)'
;MLMPKKNRIAIYELLFKEGVMVAKKDVHMPKHPELADKNVPNLHVMKAMQSLKSRGYVKEQFAWRHFYWYLTNEGIQYLR
DYLHLPPEIVPATLRRSR
;
BK
9 'polypeptide(L)'
;VMDVNTALQEVLKTALIHDGLARGIREAAKALDKRQAHLCVLASNCDEPMYVKLVEALCAEHQINLIKVDDNKKLGEWVG
LCKIDREGKPRKVVGCSCVVVKDYGKESQAKDVIEEYFKC
;
BM
10 'polypeptide(L)'
;FRKFTYRGVDLDQLLDMSYEQLMQLYSARQRRRLNRGLRRKQHSLLKRLRKAKKEAPPMEKPEVVKTHLRDMIILPEMVG
SMVGVYNGKTFNQVEIKPEMIGHYLGEFSITYKPVKHGRP
;
BP
11 'polypeptide(L)'
;QSVQVFGRKKTATAVAHCKRGNGLIKVNGRPLEMIEPRTLQYKLLEPVLLLGKERFAGVDIRVRVKGGGHVAQIYAIRQS
ISKALVAYYQKYVDEASKKEIKDILIQYDRTLLVADPRRCESKKFGGPGARARYQKSYR
;
BQ
12 'polypeptide(L)'
;GRVRTKTVKKAARVIIEKYYTRLGNDFHTNKRVCEEIAIIPSKKLRNKIAGYVTHLMKRIQRGPVRGISIKLQEEERERR
DNYVPEVSALDQEIIEVDPDTKEMLKLLDFGSLSNLQVTQPTVGM
;
BR
13 'polypeptide(L)'
;VIPEKFQHILRVLNTNIDGRRKIAFAITAIKGVGRRYAHVVLRKADIDLTKRAGELTEDEVERVITIMQNPRQYKIPDWF
LNRQKDVKDGKYSQVLANGLDNKLREDLERLKKIRAHRGLRHFWGLRVRGQHTKTTGRR
;
BS
14 'polypeptide(L)'
;PGVTVKDVNQQEFVRALAAFLKKSGKLKVPEWVDTVKLAKHKELAPYDENWFYTRAASTARHLYLRGGAGVGSMTKIYGG
RQRNGVMPSHFSRGSKSVARRVLQALEGLKMVEKDQDGGRKLTPQGQRDLDRIAGQVAAANKK
;
BT
15 'polypeptide(L)'
;IRITLTSRNVKSLEKVCADLIRGAKEKNLKVKGPVRMPTKTLRITTRKTPCGEGSKTWDRFQMRIHKRLIDLHSPSEIVK
QITSISIEPGVEVEVTI
;
BU
16 'polypeptide(L)'
;GKAKKKKWSKGKVRDKLNNLVLFDKATYDKLCKEVPNYKLITPAVVSERLKIRGSLARAALQELLSKGLIKLVSKHRAQV
IYTRNT
;
BZ
17 'polypeptide(L)' QPIKLARVTKVLGRTGSQGQCTQVRVEFMDDTSRSIIRNVKGPVREGDVLTLLESEREARRL Bc
18 'polypeptide(L)' QLYWSHPRKFGQGSRSCRVCSNRHGLIRKYGLNMCRQCFRQYAKDIGFIKL Bd
19 'polypeptide(L)' KRKKKSYTTPKKNKHKRKKVKLAVLKYYKVDENGKISRLRRECPSDECGAGVFMASHFDRHYCGKCCLTYCFN Bf
20 'polypeptide(L)'
;TEQMTLRGTLKGHNGWVTQIATTPQFPDMILSASRDKTIIMWKLTRDETNYGIPQRALRGHSHFVSDVVISSDGQFALSG
SWDGTLRLWDLTTGTTTRRFVGHTKDVLSVAFSSDNRQIVSGSRDKTIKLWNTLGVCKYTVQDESHSEWVSCVRFSPNSS
NPIIVSCGWDKLVKVWNLANCKLKTNHIGHTGYLNTVTVSPDGSLCASGGKDGQAMLWDLNEGKHLYTLDGGDIINALCF
SPNRYWLCAATGPSIKIWDLEGKIIVDELKQEVISTSSKAEPPQCTSLAWSADGQTLFAGYTDNLVRVWQVTIG
;
Bg
21 'polypeptide(L)'
;LDVLQMKEEDVLKFLAAGTHLGGTNLDFQMEQYIYKRKSDGIYIINLKRTWEKLLLAARAIVAIENPADVSVISSRNTGQ
RAVLKFAAATGATPIAGRFTPGTFTNQIQAAFREPRLLVVTDPRADHQPLTEASYVNLPTIALCNTDSPLRYVDIAIPCN
NKGAHSVGLMWWMLAREVLRMRGTISREHPWEVMPDLYFYRDPEEIEKEEQAAAE
;
BA
22 'polypeptide(L)'
;VDPFSKKDWYDVKAPAMFNIRNIGKTLVTRTQGTKIASDGLKGRVFEVSLADLQNDEVAFRKFKLITEDVQGKNCLTNFH
GMDLTRDKMCSMVKKWQTMIEAHVDVKTTDGYLLRLFCVGFTKKRNNQIRKTSYAQHQQVRQIRKKMMEIMTREVQTNDL
KEVVNKLIPDSIGKDIEKACQSIYPLHDVFVRKVKMLKKPKFELGKLMELHG
;
BB
23 'polypeptide(L)'
;DKEWMPVTKLGRLVKDMKIKSLEEIYLFSLPIKESEIIDFFLGASLKDEVLKIMPVQKQTRAGQRTRFKAFVAIGDYNGH
VGLGVKCSKEVATAIRGAIILAKLSIVPVRRGYWGNKIGKPHTVPCKVTGRCGSVLVRLIPAPRGTGIVSAPVPKKLLMM
AGIDDCYTSARGCTATLGNFAKATFDAISKTYSYLTPDLWKETVFTKSPYQEFTDHLVKTHT
;
BC
24 'polypeptide(L)'
;ARGPKKHLKRVAAPKHWMLDKLTGVFAPRPSTGPHKLRECLPLIVFLRNRLKYALTGDEVKKICMQRFIKIDGKVRVDVT
YPAGFMDVISIEKTGEHFRLVYDTKGRFAVHRITVEEAKYKLCKVRKITVGVKGIPHLVTHDARTIRYPDPVIKVNDTVQ
IDLGTGKIINFIKFDTGNLCMVIGGANLGRVGVITNRERHPGSFDVVHVKDANGNSFATRLSNIFVIGNGNKPWISLPRG
KGIRLTVAEERDKRLAT
;
BE
25 'polypeptide(L)'
;MKLNISFPATGCQKLIEVDDERKLRTFYEKRMATEVAADALGEEWKGYVVRISGGNDKQGFPMKQGVLTHGRVRLLLSKG
HSCYRPRRTGERKRKSVRGCIVDANLSVLNLVIVKKGEKDIPGLTDTTVPRRLGPKRASRIRKLFNLSKEDDVRQYVVRK
PLNKEGKKPRTKAPKIQRLVTPRVLQHKRRRIALKKQRTKKNKEEAAEYAKLLAKRMKEAKEKRQEQIAKRR
;
BG
26 'polypeptide(L)'
;NGEKPDEFESGISQALLELEMNSDLKAQLRELNITAAKEIEVGGGRKAIIIFVPVPQLKSFQKIQVRLVRELEKKFSGKH
VVFIAQRRILPKPTRKSRTKNKQKRPRSRTLTAVHDAILEDLVFPSEIVGKRIRVKLDGSRLIKVHLDKAQQNNVEHKVE
TFSGVYKKLTGKDVNFEFPEFQL
;
BH
27 'polypeptide(L)'
;GISRDNWHKRRKTGGKRKPYHKKRKYELGRPAANTKIGPRRIHTVRVRGGNKKYRALRLDVGNFSWGSECCTRKTRIIDV
VYNASNNELVRTKTLVKNCIVLIDSTPYRQWYESHYALPLGRKKGAKLTPEEEEILNKKRSKKIQKKYDERKKNAKISSL
LEEQFQQGKLLACIASRPGQCGRADGYVLEGKELEFYLRKIKARKGK
;
BI
28 'polypeptide(L)'
;PVARSWVCRKTYVTPRRPFEKSRLDQELKLIGEYGLRNKREVWRVKFTLAKIRKAARELLTLDEKDPRRLFEGNALLRRL
VRIGVLDEGKMKLDYILGLKIEDFLERRLQTQVFKLGLAKSIHHARVLIRQRHIRVRKQVVNIPSFIVRLDSQKHIDFSL
RSPYGGGRPGRVKRKNAKK
;
BJ
29 'polypeptide(L)'
;TERAYQKQPTIFQNKKRVLLGETGKEKLPRYYKNIGLGFKTPKEAIEGTYIDKKCPFTGNVSIRGRILSGVVTKMKMQRT
IVIRRDYLHYIRKYNRFEKRHKNMSVHLSPCFRDVQIGDIVTVGECRPLSKTVRFNVLKVTKAAGTKKQFQKF
;
BL
30 'polypeptide(L)'
;GRMHAPGKGLSQSALPYRRSVPTWLKLTSDDVKEQIYKLAKKGLTPSQIGVILRDSHGVAQVRFVTGNKILRILKSKGLA
PDLPEDLYHLIKKAVAVRKHLERNRKDKDAKFRLILIESRIHRLARYYKTKRVLPPNWKYESSTASALV
;
BN
31 'polypeptide(L)'
;SLGPQVAEGENVFGVCHIFASFNDTFVHVTDLSGKETICRVTGGMKVKADRDESSPYAAMLAAQDVAQRCKELGITALHI
KLRATGGNRTKTPGPGAQSALRALARSGMKIGRIEDVTPIPSDSTRRKGGRRGRRL
;
BO
32 'polypeptide(L)'
;MQNDAGEFVDLYVPRKCSASNRIIGAKDHASIQMNVAEVDKVTGRFNGQFKTYAICGAIRRMGESDDSILRLAKADGIVS
K
;
BV
33 'polypeptide(L)'
;VRMNVLADALKSINNAEKRGKRQVLIRPCSKVIVRFLTVMMKHGYIGEFEIIDDHRAGKIVVNLTGRLNKCGVISPRFDV
QLKDLEKWQNNLLPSRQFGFIVLTTSAGIMDHEEARRKHTGGKILGFFF
;
BW
34 'polypeptide(L)'
;GKCRGLRTARKLRSHRRDQKWHDKQYKKAHLGTALKANPFGGASHAKGIVLEKVGVEAKQPNSAIRKCVRVQLIKNGKKI
TAFVPNDGCLNFIEENDEVLVAGFGRKGHAVGDIPGVRFKVVKVANVSLLALYKGKKERPR
;
BX
35 'polypeptide(L)'
;TVTIRTRKFMTNRLLQRKQMVIDVLHPGKATVPKTEIREKLAKMYKTTPDVIFVFGFRTHFGGGKTTGFGMIYDSLDYAK
KNEPKHRLARHGLYEKKKTSRKQRKERKNRMKKVRGTAKANVGAG
;
BY
36 'polypeptide(L)'
;TKKRRNNGRAKKGRGHVQPIRCTNCARCVPKDKAIKKFVIRNIVEAAAVRDISEASVFDAYVLPKLYVKLHYCVSCAIHS
KVVRNRSREARKDRTPP
;
Ba
37 'polypeptide(L)' AKDLLHPSPEEEKRKHKKKRLVQSPNSYFMDVKCPGCYKITTVFSHAQTVVLCVGCSTVLCQPTGGKARLTEGCSFRRKQ Bb
38 'polypeptide(L)' HGSLARAGKVRGQTPKVAKQEKKKKKTGRAKRRMQYNRRFVNVVPTFGKKKGPNA Be
39 'polyribonucleotide'
;CGACUCUUAGCGGUGGAUCACUCGGCUCGUGCGUCGAUGAAGAACGCAGCUAGCUGCGAGAAUUAAUGUGAAUUGCAGGA
CACAUUGAUCAUCGACACUUCGAACGCACUUGCGGCCCCGGGUUCCUCCCGGGGCUACGCCUGUCUGAGCGUCGCUU
;
A3
40 'polyribonucleotide'
;GUCUACGGCCAUACCACCCUGAACGCGCCCGAUCUCGUCUGAUCUCGGAAGCUAAGCAGGGUCGGGCCUGGUUAGUACUU
GGAUGGGAGACCGCCUGGGAAUACCGGGUGCUGUAGGCU
;
A4
41 'polypeptide(L)'
;GRVIRGQRKGAGSVFRAHVKHRKGAARLRAVDFAERHGYIKGIVKDIIHDPGRGAPLAKVVFRDPYRFKKRTELFIAAEG
IHTGQFVYCGKKAQLNIGNVLPVGTMPEGTIVCCLEEKPGDRGKLARASGNYATVISHNPETKKTRVKLPSGSKKVISSA
NRAVVGVVAGGGRIDKPILKAGRAYHKYKAKRNCWPRVRGVAMNPVEHPFGGGNHQHIGKPSTIRRDAPAGRKVGLIAAR
RTGRLRGTKTVQ
;
AA
42 'polypeptide(L)'
;SHRKFSAPRHGSLGFLPRKRSSRHRGKVKSFPKDDPSKPVHLTAFLGYKAGMTHIVREVDRPGSKVNKKEVVEAVTIVET
PPMVVVGIVGYVETPRGLRTFKTVFAEHISDECKRRFYKNWHKSKKKAFTKYCKKWQDEDGKKQLEKDFSSMKKYCQVIR
VIAHTQMRLLPLRQKKAHLMEIQVNGGTVAEKLDWARERLEQQVPVNQVFGQDEMIDVIGVTKGKGYKGVTSRWHTKKLP
RKTHRGLRKVACIGAWHPARVAFSVARAGQKGYHHRTEINKKIYKIGQGYLIKDGKLIKNNASTDYDLSDKSINPLGGFV
HYGEVTNDFVMLKGCVVGTKKRVLTLRKSLLVQTKRRALEKIDLKFIDTTSKFGHGRFQTMEEKKAFMGPLKKD
;
AB
43 'polypeptide(L)'
;CARPLISVYSEKGESSGKNVTLPAVFKAPIRPDIVNFVHTNLRKNNRQPYAVSELAGHQTSAESWGTGRAVARIPRVRGG
GTHRSGQGAFGNMCRGGRMFAPTKTWRRWHRRVNTTQKRYAICSALAASALPALVMSKGHRIEEVPELPLVVEDKVEGYK
KTKEAVLLLKKLKAWNDIKKVYASQRMRAGKGKMRNRRRIQRRGPCIIYNEDNGIIKAFRNIPGITLLNVSKLNILKLAP
GGHVGRFCIWTESAFRKLDELYGTWRKAASLKSNYNLPMHKMINTDLSRILKSPEIQRALRAPRKKIHRRVLKKNPLKNL
RIMLKLNPYAKTMRRNTILRQARNHKLRVDKAAAAAAALQAKS
;
AC
44 'polypeptide(L)'
;VKVVKNKAYFKRYQVKFRRRREGKTDYYARKRLVIQDKNKYNTPKYRMIVRVTNRDIICQIAYARIEGDMIVCAAYAHEL
PKYGVKVGLTNYAAAYCTGLLLARRLLNRFGMDKIYEGQVEVTGDEYNVESIDGQPGAFTCYLDAGLARTTTGNKVFGAL
KGAVDGGLSIPHSTKRFPGYDSESKEFNAEVHRKHIMGQNVADYMRYLMEEDEDAYKKQFSQYIKNSVTPDMMEEMYKKA
HAAIRENPVYEKKPKKEVKKKRWNRPKMSLAQKKDRVAQKKASFLRAQERAAES
;
AD
45 'polypeptide(L)'
;PVGGDKNGGTRVVKLRKMPRYYPTEDVPRKLLSHGKKPFSQHVRKLRASITPGTILIILTGRHRGKRVVFLKQLASGLLL
VTGPLVLNRVPLRRTHQKFVIATSTKIDISNVKIPKHLTDAYFKKKKLRKPRHQEGEIFDTEKEKYEITEQRKIDQKAVD
SQILPKIKAIPQLQGYLRSVFALTNGIYPHKLVF
;
AE
46 'polypeptide(L)'
;PETLKKKRRNFAELKIKRLRKKFAQKMLRKARRKLIYEKAKHYHKEYRQMYRTEIRMARMARKAGNFYVPAEPKLAFVIR
IRGINGVSPKVRKVLQLLRLRQIFNGTFVKLNKASINMLRIVEPYIAWGYPNLKSVNELIYKRGYGKINKKRIALTDNAL
IARSLGKYGIICMEDLIHEIYTVGKRFKEANNFLWPFKLSSPRGGMKKKTTHFVEGGDAGNREDQINRLIRRMN
;
AF
47 'polypeptide(L)'
;NPLFEKRPKNFGIGQDIQPKRDLTRFVKWPRYIRLQRQRAILYKRLKVPPAINQFTQALDRQTATQLLKLAHKYRPETKQ
EKKQRLLARAEKKAAGKGDVPTKRPPVLRAGVNTVTTLVENKKAQLVVIAHDVDPIELVVFLPALCRKMGVPYCIIKGKA
RLGRLVHRKTCTTVAFTQVNSEDKGALAKLVEAIRTNYNDRYDEIRRHWGGNVLGPKSVARIAKLEKAKAKELA
;
AG
48 'polypeptide(L)'
;MKTILSNQTVDIPENVDITLKGRTVIVKGPRGTLRRDFNHINVELSLLGKKKKRLRVDKWWGNRKELATVRTICSHVQNM
IKGVTLGFRYKMRSVYAHFPINVVIQENGSLVEIRNFLGEKYIRRVRMRPGVACSVSQAQKDELILEGNDIELVSNSAAL
IQQATTVKNKDIRKFLDGIYVSEKGTVQQAD
;
AH
49 'polypeptide(L)'
;RRPARCYRYCKNKPYPKSRFCRGVPDAKIRIFDLGRKKAKVDEFPLCGHMVSDEYEQLSSEALEAARICANKYMVKSCGK
DGFHIRVRLHPFHVIRINKMLSCAGADRLQTGMRGAFGKPQGTVARVHIGQVIMSIRTKLQNKEHVIEALRRAKFKFPGR
QKIHISKKWGFTKFNADEFEDMVAEKRLIPDGCGVKYIPNRGPLDKWRALH
;
AI
50 'polypeptide(L)'
;ENPMRELRIRKLCLNICVGESGDRLTRAAKVLEQLTGQTPVFSKARYTVRSFGIRRNEKIAVHCTVRGAKAEEILEKGLK
VREYELRKNNFSDTGNFGFGIQEHIDLGIKYDPSIGIYGLDFYVVLGRPGFSIADKKRRTGCIGAKHRISKEEAMRWFQQ
KYDGIILPG
;
AJ
51 'polypeptide(L)'
;APSRNGMVLKPHFHKDWQRRVATWFNQPARKIRRRKARQAKARRIAPRPASGPIRPIVRCPTVRYHTKVRAGRGFSLEEL
RVAGIHKKVARTIGISVDPRRRNKSTESLQANVQRLKEYRSKLILFPRKPSAPKKGDSSAEELKLATQLTGPVMPVRNVY
KKEKARVITEEEKNFKAFASLRMARANARLFGIRAKRAKEAAEQD
;
AL
52 'polypeptide(L)'
;VFRRFVEVGRVAYVSFGPHAGKLVAIVDVIDQNRALVDGPCTQVRRQAMPFKCMQLTDFILKFPHSAHQKYVRQAWQKAD
INTKWAATRWAKKIEARERKAKMTDFDRFKVMKAKKMRNRIIKNEVKKLQKAALLKASP
;
AM
53 'polypeptide(L)'
;GAYKYIQELWRKKQSDVMRFLLRVRCWQYRQLSALHRAPRPTRPDKARRLGYKAKQGYVIYRIRVRRGGRKRPVPKGATY
GKPVHHGVNQLKFARSLQSVAEERAGRHCGALRVLNSYWVGEDSTYKFFEVILIDPFHKAIRRNPDTQWITKPVHKHREM
RGLTSAGRKSRGLGKGHKFHHTIGGSRRAAWRRRNTLQLHRYR
;
AN
54 'polypeptide(L)'
;QVLVLDGRGHLLGRLAAIVAKQVLLGRKVVVVRCEGINISGNFYRNKLKYLAFLRKRMNTNPSRGPYHFRAPSRIFWRTV
RGMLPHKTKRGQAALDRLKVFDGIPPPYDKKKRMVVPAALKVVRLKPTRKFAYLGRLAHEVGWKYQAVTATLEEKRKEKA
KIHYRKKKQLMRLRKQAEKNVEKKIDKYTEVLKTH
;
AO
55 'polypeptide(L)'
;VRYSLDPENPTKSCKSRGSNLRVHFKNTRETAQAIKGMHIRKATKYLKDVTLQKQCVPFRRYNGGVGRCAQAKQWGWTQG
RWPKKSAEFLLHMLKNAESNAELKGLDVDSLVIEHIQVNKAPKMRRRTYRAHGRINPYMSSPCHIEMILTEKE
;
AP
56 'polypeptide(L)'
;GVDIRHNKDRKVRRKEPKSQDIYLRLLVKLYRFLARRTNSTFNQVVLKRLFMSRTNRPPLSLSRMIRKMKLPGRENKTAV
VVGTITDDVRVQEVPKLKVCALRVTSRARSRILRAGGKILTFDQLALDSPKGCGTVLLSGPRKGREVYRHFGKAPGTPHS
HTKPYVRSKGRKFERARGRRASRGYKN
;
AQ
57 'polypeptide(L)'
;SMLRLQKRLASSVLRCGKKKVWLDPNETNEIANANSRQQIRKLIKDGLIIRKPVTVHSRARCRKNTLARRKGRHMGIGKR
KGTANARMPEKVTWMRRMRILRRLLRRYRESKKIDRHMYHSLYLKVKGNVFKNKRILMEHIHKLKADKARKKLLADQAEA
RRSKTKEARKRREERLQAKKE
;
AR
58 'polypeptide(L)'
;MKASGTLREYKVVGRCLPTPKCHTPPLYRMRIFAPNHVVAKSRFWYFVSQLKKMKKSSGEIVYCGQVFEKSPLRVKNFGI
WLRYDSRSGTHNMYREYRDLTTAGAVTQCYRDMGARHRARAHSIQIMKVEEIAASKCRRPAVKQFHDSKIKFPLPHRVLR
RQHKPRFTTKRPNTF
;
AS
59 'polypeptide(L)'
;TNTKGKRRGTRYMFSRPFRKHGVVPLATYMRIYKKGDIVDIKGMGTVQKGMPHKCYHGKTGRVYNVTQHAVGIVVNKQVK
GKILAKRINVRIEHIKHSKSRDSFLKRVKENDQKKKEAKEKGTWVQLKRQPAPPREAHFVRTNGKEPELLEPIPYEF
;
AT
60 'polypeptide(L)'
;VLKFTLDCTHPVEDGIMDAANFEQFLQERIKVNGKAGNLGGGVVTIERSKSKITVTSEVPFSKRYLKYLTKKYLKKNNLR
DWLRVVANSKESYELRYFQ
;
AU
61 'polypeptide(L)'
;AKFRISLGLPVGAVINCADNTGAKNLYIISVKGIKGRLNRLPAAGVGDMVMATVKKGKPELRKKVHPAVVIRQRKSYRRK
DGVFLYFEDNAGVIVNNKGEMKGSAITGPVAKECADLWPRIASNAGSIA
;
AV
62 'polypeptide(L)'
;KVELCSFSGYKIYPGHGRRYARTDGKVFQFLNAKCESAFLSKRNPRQINWTVLYRRKHKKGQSEEIQKKRTRRAVKFQRA
ITGASLADIMAKRNQKPEVRKAQREQAIRAAKEAKKAKQAS
;
AW
63 'polypeptide(L)'
;KIRTSPTFRRPKTLRLRRQPKYPRKSAPRRNKLDHYAIIKFPLTTESAMKKIEDNNTLVFIVDVKANKHQIKQAVKKLYD
IDVAKVNTLIRPDGEKKAYVRLAPDYDALDVANKIGI
;
AX
64 'polypeptide(L)'
;MKFNPFVTSDRSKNRKRHFNAPSHIRRKIMSSPLSKELRQKYNVRSMPIRKDDEVQVVRGHYKGQQIGKVVQVYRKKYVI
YIERVQREKANGTTVHVGIHPSKVVITRLKLDKDRKKILERKAKSRQ
;
AY
65 'polypeptide(L)'
;KFMKPGKVVLVLAGRYSGRKAVIVKNIDDGTSDRPYSHALVAGIDRYPRKVTAAMGKKKIAKRSKIKSFVKVYNYNHLMP
TRYSVDIPLDKTVVNKDVFRDPALKRKARREAKVKFEERYKTGKNKWFFQKLRF
;
AZ
66 'polypeptide(L)'
;PSRLRKTRKLRGHVSHGHGRIGKHRKHPGGRGNAGGLHHHRINFDKYHPGYFGKVGMKHYHLKRNQSFCPTVNLDKLWTL
VSEQTRVNAAKNKTGAAPIIDVVRSGYYKVLGKGKLPKQPVIVKAKFFSRRAEEKIKSVGGACVLVA
;
Aa
67 'polypeptide(L)' AKSKNHTTHNQSRKWHRNGIKKPRSQRYESLKGVDPKFLRNMRFAKKHNKKGLKKMQANNAKAMSARA Ab
68 'polypeptide(L)'
;TKKSLESINSRLQLVMKSGKYVLGYKQTLKMIRQGKAKLVILANNCPALRKSEIEYYAMLAKTGVHHYSGNNIELGTACG
KYYRVCTLAIIDPGDSDIIRSMP
;
Ac
69 'polypeptide(L)'
;NEVVTREYTINIHKRIHGVGFKKRAPRALKEIRKFAMKEMGTPDVRIDTRLNKAVWAKGIRNVPYRIRVRLSRKRNEDED
SPNKLYTLVTYVPVTTFKNLQTVNVD
;
Ad
70 'polypeptide(L)'
;AALRPLVKPKIVKKRTKKFIRHQSDRYVKIKRNWRKPRGIDNRVRRRFKGQILMPNIGYGSNKKTKHMLPSGFRKFLVHN
VKELEVLLMCNKSYCAEIAHNVSSKNRKAIVERAAQLAIRVTNPNARLR
;
Ae
71 'polypeptide(L)'
;SGRLWSKAIFAGYKRGLRNQREHTALLKIEGVYARDETEFYLGKRCAYVYKAKNNTVTPGGKPNKTRVIWGKVTRAHGNS
GMVRAKFRSNLPAKAIGHRIRVMLYPSRI
;
Af
72 'polypeptide(L)'
;VQRLTYRRRLSYNTASNKTRLSRTPGNRIVYLYTKKVGKAPKSACGVCPGRLRGVRAVRPKVLMRLSKTKKHVSRAYGGS
MCAKCVRDRIKRAFLIEEQKIVVKVLKAQAQSQK
;
Ag
73 'polypeptide(L)'
;AKIKARDLRGKKKEELLKQLDDLKVELSQLRVAKVTGGAASKLSKIRVVRKSIARVLTVINQTQKENLRKFYKGKKYKPL
DLRPKKTRAMRRRLNKHEENLKTKKQQRKERLYPLRKYAVKA
;
Ah
74 'polypeptide(L)'
;YPMAVGLNKGHKVTKNVSKPRHSRRRGRLTKHTKFVRDMIREVCGFAPYERRAMELLKVSKDKRALKFIKKRVGTHIRAK
RKREELSNVLAAMRKAA
;
Ai
75 'polypeptide(L)'
;TKGTSSFGKRRNKTHTLCRRCGSKAYHLQKSTCGKCGYPAKRKRKYNWSAKAKRRNTTGTGRMRHLKIVYRRFRHGFREG
TTPK
;
Aj
76 'polypeptide(L)' PRKIEEIKDFLLTARRKDAKSVKIKKNKDNVKFKVRCSRYLYTLVITDKEKAEKLKQSLPPGLAVKELK Ak
77 'polypeptide(L)' SSHKTFRIKRFLAKKQKQNRPIPQWIRMKTGNKIRYNSKRRHWRRTKLGL Al
78 'polypeptide(L)' IEPSLRQLAQKYNCDKMICRKCYARLHPRAVNCRKKKCGHTNNLRPKKKV Am
79 'polypeptide(L)' MRAKWRKKRMRRLKRKRRKMRQRSK An
80 'polypeptide(L)'
;VNVPKTRRTFCKKCGKHQPHKVTQYKKGKDSLYAQGKRRYDRKQSGYGGQTKPIFRKKAKTTKKIVLRLECVEPNCRSKR
MLAIKRCKHFELGGDKKRKGQVIQF
;
Ao
81 'polypeptide(L)'
;AKRTKKVGIVGKYGTRYGASLRKMVKKIEISQHAKYTCSFCGKTKMKRRAVGIWHCGSCMKTVAGGAWTYNTTSAVTVKS
AIRRLKELKDQ
;
Ap
82 'polypeptide(L)'
;SAHLQWMVVRNCSSFLIKRNKQTYSTEPNNLKARNSFRYNGLIHRKTVGVEPAADGKGVVVVIKRRSGQRKPATSYVRTT
INKNARATLSSIRHMIRKNKYRPDLRMAAIRRASAILRSQKP
;
At
83 'polypeptide(L)'
;MSSKVSRDTLYEAVREVLHGNQRKRRKFLETVELQISLKNYDPQKDKRFSGTVRLKSTPRPKFSVCVLGDQQHCDEAKAV
DIPHMDIEALKKLNKNKKLVKKLAKKYDAFLASESLIKQIPRILGPGLNKAGKFPSLLTHNENMVAKVDEVKSTIKFQMK
KVLCLAVAVGHVKMTDDELVYNIHLAVNFLVSLLKKNWQNVRALYIKSTMGKPQRLY
;
Au
84 'polypeptide(L)'
;VYLRCTGGEVGATSALAPKIGPLGLSPKKVGDDIAKATGDWKGLRITVKLTIQNRQAQIEVVPSASALIIKALKEPPRDR
KKQKNIKHSGNITFDEIVNIARQMRHRSLARELSGTIKEILGTAQSVGCNVDGRHPHDIIDDINSGAVECP
;
Aq
85 'polypeptide(L)'
;DRATWKSNYFLKIIQLLDDYPKCFIVGADNVGSKQMQQIRMSLRGKAVVLMGKNTMMRKAIRGHLENNPALEKLLPHIRG
NVGFVFTKEDLTEIRDMLRANKVPAAARAGAIAPCEVTVPAQNTGLGPEKTSFFQALGITTKISRGTIEILSDVQLIKTG
DKVGASEATLLNMLNISPFSFGLVIQQVFDNGSIYNPEVLDI
;
AK
86 'polypeptide(L)'
;TVDQIRAIMDKKANIRNMSVIAHVDHGKSTLTDSLVCKAGIIASARAGETRFTDTRKDEQERCITIKSTAISLFYELSEN
DLNFIKQSKDGAGFLINLIDSPGHVDFSSEVTAALRVTDGALVVVDCVSGVCVQTETVLRQAIAERIKPVLMMNKMDRAL
LELQLEPEELYQTFQRIVENVNVIISTYGEGESGPMGNIMIDPVLGTVGFGSGLHGWAFTLKQFAEMYVAKFAAKGEGQL
GPAERAKKVEDMMKKLWGDRYFDPANGKFSKSATSPEGKKLPRTFCQLILDPIFKVFDAIMNFKKEETAKLIEKLDIKLD
SEDKDKEGKPLLKAVMRRWLPAGDALLQMITIHLPSPVTAQKYRCELLYEGPPDDEAAMGIKSCDPKGPLMMYISKMVPT
SDKGRFYAFGRVFSGLVSTGLKVRIMGPNYTPGKKEDLYLKPIQRTILMMGRYVEPIEDVPCGNIVGLVGVDQFLVKTGT
ITTFEHAHNMRVMKFSVSPVVRVAVEAKNPADLPKLVEGLKRLAKSDPMVQCIIEESGEHIIAGAGELHLEICLKDLEED
HACIPIKKSDPVVSYRETVSEESNVLCLSKSPNKHNRLYMKARPFPDGLAEDIDKGEVSARQELKQRARYLAEKYEWDVA
EARKIWCFGPDGTGPNILTDITKGVQYLNEIKDSVVAGFQWATKEGALCEENMRGVRFDVHDVTLHADAI(DDE)RGGGQ
IIPTARRCLYASVLTAQPRLMEPIYLVEIQCPEQVVGGIYGVLNRKRGHVFEESQVAGTPMFVVKAYLPVNESFGFTADL
RSNTGGQAFPQCVFDHWQILPGDPFDNSSRPSQVVAETRKRKGLKEIPALDNFLDKL
;
Ct
#
# COMPACT_ATOMS: atom_id res chain seq x y z
N ALA F 1 15.88 -113.37 15.48
CA ALA F 1 14.60 -113.83 16.01
C ALA F 1 13.47 -112.89 15.60
N VAL F 2 13.83 -111.80 14.94
CA VAL F 2 12.87 -110.80 14.48
C VAL F 2 12.79 -110.85 12.96
N GLN F 3 11.65 -110.40 12.43
CA GLN F 3 11.46 -110.34 10.99
C GLN F 3 10.46 -109.23 10.68
N ILE F 4 10.57 -108.67 9.48
CA ILE F 4 9.68 -107.63 9.00
C ILE F 4 9.16 -108.05 7.64
N SER F 5 8.13 -107.33 7.17
CA SER F 5 7.42 -107.73 5.97
C SER F 5 8.25 -107.43 4.72
N LYS F 6 7.83 -108.02 3.60
CA LYS F 6 8.49 -107.77 2.32
C LYS F 6 8.26 -106.35 1.84
N LYS F 7 7.12 -105.76 2.20
CA LYS F 7 6.80 -104.40 1.79
C LYS F 7 7.57 -103.36 2.58
N ARG F 8 8.16 -103.74 3.71
CA ARG F 8 8.96 -102.82 4.52
C ARG F 8 10.45 -103.09 4.46
N LYS F 9 10.86 -104.34 4.24
CA LYS F 9 12.27 -104.66 4.13
C LYS F 9 12.87 -104.06 2.86
N PHE F 10 12.08 -103.96 1.80
CA PHE F 10 12.55 -103.34 0.56
C PHE F 10 12.81 -101.85 0.74
N VAL F 11 11.89 -101.15 1.40
CA VAL F 11 12.10 -99.72 1.59
C VAL F 11 13.17 -99.46 2.65
N ALA F 12 13.35 -100.39 3.59
CA ALA F 12 14.46 -100.27 4.53
C ALA F 12 15.80 -100.47 3.84
N ASP F 13 15.87 -101.43 2.91
CA ASP F 13 17.09 -101.62 2.12
C ASP F 13 17.34 -100.44 1.19
N GLY F 14 16.29 -99.83 0.65
CA GLY F 14 16.47 -98.67 -0.20
C GLY F 14 16.96 -97.45 0.56
N ILE F 15 16.43 -97.24 1.76
CA ILE F 15 16.95 -96.18 2.63
C ILE F 15 18.38 -96.49 3.07
N PHE F 16 18.73 -97.77 3.25
CA PHE F 16 20.12 -98.15 3.50
C PHE F 16 21.03 -97.79 2.33
N LYS F 17 20.57 -98.06 1.09
CA LYS F 17 21.32 -97.70 -0.11
C LYS F 17 21.55 -96.19 -0.20
N ALA F 18 20.48 -95.41 -0.01
CA ALA F 18 20.60 -93.95 -0.12
C ALA F 18 21.42 -93.37 1.00
N GLU F 19 21.26 -93.89 2.22
CA GLU F 19 22.03 -93.44 3.38
C GLU F 19 23.52 -93.68 3.19
N LEU F 20 23.89 -94.91 2.81
CA LEU F 20 25.29 -95.24 2.60
C LEU F 20 25.89 -94.47 1.42
N ASN F 21 25.14 -94.36 0.31
CA ASN F 21 25.66 -93.67 -0.88
C ASN F 21 25.86 -92.18 -0.61
N GLU F 22 24.91 -91.53 0.07
CA GLU F 22 25.05 -90.10 0.28
C GLU F 22 25.97 -89.78 1.44
N PHE F 23 26.10 -90.67 2.43
CA PHE F 23 27.15 -90.50 3.43
C PHE F 23 28.53 -90.63 2.81
N LEU F 24 28.71 -91.57 1.88
CA LEU F 24 29.99 -91.69 1.20
C LEU F 24 30.26 -90.55 0.23
N THR F 25 29.23 -89.95 -0.37
CA THR F 25 29.51 -88.78 -1.19
C THR F 25 29.67 -87.51 -0.36
N ARG F 26 29.25 -87.52 0.91
CA ARG F 26 29.54 -86.39 1.79
C ARG F 26 30.87 -86.49 2.50
N GLU F 27 31.43 -87.69 2.69
CA GLU F 27 32.75 -87.78 3.29
C GLU F 27 33.87 -88.12 2.30
N LEU F 28 33.56 -88.67 1.13
CA LEU F 28 34.56 -88.99 0.11
C LEU F 28 34.52 -87.99 -1.03
N ALA F 29 34.29 -86.72 -0.71
CA ALA F 29 34.25 -85.68 -1.71
C ALA F 29 35.62 -85.32 -2.28
N GLU F 30 36.70 -85.82 -1.67
CA GLU F 30 38.05 -85.47 -2.11
C GLU F 30 38.36 -86.10 -3.46
N ASP F 31 38.32 -87.43 -3.52
CA ASP F 31 38.62 -88.15 -4.75
C ASP F 31 37.41 -88.15 -5.68
N GLY F 32 37.50 -88.90 -6.77
CA GLY F 32 36.40 -89.00 -7.71
C GLY F 32 35.43 -90.10 -7.34
N TYR F 33 34.30 -89.73 -6.74
CA TYR F 33 33.31 -90.68 -6.25
C TYR F 33 32.19 -90.84 -7.28
N SER F 34 31.89 -92.08 -7.65
CA SER F 34 30.83 -92.35 -8.61
C SER F 34 29.59 -92.94 -7.95
N GLY F 35 29.74 -94.05 -7.22
CA GLY F 35 28.57 -94.62 -6.57
C GLY F 35 28.92 -95.92 -5.86
N VAL F 36 27.87 -96.63 -5.45
CA VAL F 36 28.01 -97.90 -4.73
C VAL F 36 27.08 -98.94 -5.32
N GLU F 37 27.45 -100.21 -5.12
CA GLU F 37 26.62 -101.36 -5.44
C GLU F 37 26.77 -102.36 -4.29
N VAL F 38 25.65 -102.74 -3.67
CA VAL F 38 25.68 -103.61 -2.50
C VAL F 38 25.09 -104.96 -2.88
N ARG F 39 25.90 -106.00 -2.72
CA ARG F 39 25.47 -107.38 -2.89
C ARG F 39 25.12 -107.97 -1.52
N VAL F 40 23.93 -108.55 -1.43
CA VAL F 40 23.42 -109.09 -0.17
C VAL F 40 23.66 -110.59 -0.18
N THR F 41 24.65 -111.02 0.59
CA THR F 41 24.92 -112.44 0.82
C THR F 41 25.01 -112.62 2.34
N PRO F 42 24.20 -113.49 2.93
CA PRO F 42 24.10 -113.55 4.40
C PRO F 42 25.34 -114.06 5.10
N THR F 43 26.32 -114.61 4.38
CA THR F 43 27.63 -114.86 4.96
C THR F 43 28.51 -113.62 4.92
N ARG F 44 28.52 -112.90 3.79
CA ARG F 44 29.35 -111.71 3.63
C ARG F 44 28.56 -110.67 2.85
N THR F 45 28.20 -109.57 3.49
CA THR F 45 27.53 -108.46 2.81
C THR F 45 28.58 -107.63 2.08
N GLU F 46 28.54 -107.65 0.75
CA GLU F 46 29.55 -107.01 -0.07
C GLU F 46 29.10 -105.59 -0.43
N ILE F 47 29.99 -104.62 -0.29
CA ILE F 47 29.72 -103.24 -0.65
C ILE F 47 30.84 -102.78 -1.57
N ILE F 48 30.49 -102.43 -2.80
CA ILE F 48 31.46 -102.07 -3.83
C ILE F 48 31.33 -100.58 -4.10
N ILE F 49 32.40 -99.84 -3.83
CA ILE F 49 32.47 -98.43 -4.16
C ILE F 49 33.10 -98.29 -5.53
N LEU F 50 32.28 -97.91 -6.51
CA LEU F 50 32.79 -97.53 -7.82
C LEU F 50 33.26 -96.08 -7.72
N ALA F 51 34.56 -95.86 -7.96
CA ALA F 51 35.15 -94.54 -7.80
C ALA F 51 36.14 -94.28 -8.94
N THR F 52 36.42 -93.00 -9.18
CA THR F 52 37.36 -92.62 -10.22
C THR F 52 38.80 -92.72 -9.72
N ARG F 53 39.14 -91.98 -8.67
CA ARG F 53 40.47 -92.03 -8.07
C ARG F 53 40.42 -93.00 -6.90
N THR F 54 40.68 -94.28 -7.20
CA THR F 54 40.60 -95.33 -6.20
C THR F 54 41.84 -95.40 -5.30
N GLN F 55 42.87 -94.60 -5.58
CA GLN F 55 44.05 -94.59 -4.74
C GLN F 55 43.74 -94.00 -3.36
N ASN F 56 42.85 -93.00 -3.31
CA ASN F 56 42.44 -92.44 -2.03
C ASN F 56 41.55 -93.41 -1.27
N VAL F 57 40.80 -94.26 -1.97
CA VAL F 57 40.00 -95.28 -1.30
C VAL F 57 40.89 -96.37 -0.73
N LEU F 58 41.92 -96.78 -1.49
CA LEU F 58 42.88 -97.76 -1.00
C LEU F 58 43.74 -97.18 0.13
N GLY F 59 43.93 -95.88 0.15
CA GLY F 59 44.63 -95.24 1.24
C GLY F 59 46.15 -95.42 1.17
N GLU F 60 46.79 -95.19 2.32
CA GLU F 60 48.23 -95.30 2.39
C GLU F 60 48.67 -96.76 2.55
N LYS F 61 48.23 -97.40 3.64
CA LYS F 61 48.62 -98.76 3.96
C LYS F 61 47.39 -99.65 4.10
N GLY F 62 46.43 -99.48 3.20
CA GLY F 62 45.15 -100.16 3.35
C GLY F 62 44.34 -99.64 4.51
N ARG F 63 44.29 -98.31 4.67
CA ARG F 63 43.78 -97.67 5.88
C ARG F 63 42.31 -97.28 5.74
N ARG F 64 42.00 -96.47 4.73
CA ARG F 64 40.71 -95.76 4.71
C ARG F 64 39.56 -96.71 4.40
N ILE F 65 39.78 -97.73 3.56
CA ILE F 65 38.69 -98.63 3.22
C ILE F 65 38.33 -99.52 4.42
N ARG F 66 39.32 -99.94 5.21
CA ARG F 66 39.03 -100.68 6.43
C ARG F 66 38.44 -99.79 7.51
N GLU F 67 38.85 -98.51 7.53
CA GLU F 67 38.27 -97.59 8.50
C GLU F 67 36.80 -97.31 8.20
N LEU F 68 36.46 -97.13 6.92
CA LEU F 68 35.05 -96.93 6.57
C LEU F 68 34.25 -98.22 6.68
N THR F 69 34.90 -99.39 6.53
CA THR F 69 34.26 -100.66 6.85
C THR F 69 33.88 -100.70 8.33
N ALA F 70 34.79 -100.24 9.20
CA ALA F 70 34.46 -100.13 10.63
C ALA F 70 33.37 -99.09 10.88
N VAL F 71 33.35 -98.01 10.10
CA VAL F 71 32.30 -96.99 10.21
C VAL F 71 30.92 -97.59 9.90
N VAL F 72 30.85 -98.43 8.86
CA VAL F 72 29.59 -99.10 8.53
C VAL F 72 29.22 -100.13 9.60
N GLN F 73 30.20 -100.89 10.09
CA GLN F 73 29.91 -101.98 11.02
C GLN F 73 29.53 -101.50 12.42
N LYS F 74 30.04 -100.35 12.86
CA LYS F 74 29.74 -99.92 14.23
C LYS F 74 28.40 -99.20 14.37
N ARG F 75 27.69 -98.93 13.27
CA ARG F 75 26.31 -98.46 13.37
C ARG F 75 25.32 -99.45 12.79
N PHE F 76 25.56 -99.97 11.59
CA PHE F 76 24.56 -100.78 10.91
C PHE F 76 24.44 -102.20 11.46
N GLY F 77 25.27 -102.57 12.44
CA GLY F 77 25.08 -103.82 13.16
C GLY F 77 25.44 -105.07 12.39
N PHE F 78 26.72 -105.21 12.04
CA PHE F 78 27.22 -106.40 11.36
C PHE F 78 28.58 -106.75 11.95
N PRO F 79 28.60 -107.50 13.06
CA PRO F 79 29.89 -107.86 13.66
C PRO F 79 30.57 -109.01 12.92
N GLU F 80 31.72 -109.44 13.46
CA GLU F 80 32.49 -110.60 12.98
C GLU F 80 32.95 -110.45 11.53
N GLY F 81 33.10 -109.22 11.06
CA GLY F 81 33.54 -108.97 9.70
C GLY F 81 32.52 -109.33 8.64
N SER F 82 31.24 -109.05 8.89
CA SER F 82 30.21 -109.40 7.93
C SER F 82 30.22 -108.46 6.74
N VAL F 83 30.39 -107.16 6.99
CA VAL F 83 30.45 -106.18 5.91
C VAL F 83 31.87 -106.16 5.35
N GLU F 84 31.98 -106.35 4.03
CA GLU F 84 33.26 -106.28 3.34
C GLU F 84 33.15 -105.34 2.15
N LEU F 85 34.09 -104.41 2.05
CA LEU F 85 34.11 -103.40 0.99
C LEU F 85 35.12 -103.77 -0.09
N TYR F 86 34.83 -103.33 -1.31
CA TYR F 86 35.71 -103.49 -2.46
C TYR F 86 35.63 -102.24 -3.32
N ALA F 87 36.78 -101.72 -3.74
CA ALA F 87 36.82 -100.55 -4.59
C ALA F 87 37.00 -100.94 -6.05
N GLU F 88 36.28 -100.25 -6.94
CA GLU F 88 36.41 -100.45 -8.37
C GLU F 88 36.84 -99.16 -9.05
N LYS F 89 37.76 -99.31 -10.00
CA LYS F 89 38.31 -98.20 -10.77
C LYS F 89 37.39 -97.88 -11.95
N VAL F 90 37.04 -96.61 -12.09
CA VAL F 90 36.27 -96.14 -13.24
C VAL F 90 37.25 -95.46 -14.18
N ALA F 91 37.62 -96.16 -15.26
CA ALA F 91 38.59 -95.62 -16.21
C ALA F 91 37.97 -94.56 -17.11
N THR F 92 36.66 -94.60 -17.30
CA THR F 92 35.96 -93.60 -18.11
C THR F 92 35.58 -92.44 -17.20
N ARG F 93 36.47 -91.44 -17.13
CA ARG F 93 36.23 -90.30 -16.26
C ARG F 93 35.12 -89.41 -16.80
N GLY F 94 35.04 -89.28 -18.13
CA GLY F 94 34.01 -88.49 -18.76
C GLY F 94 32.66 -89.13 -18.90
N LEU F 95 32.44 -90.29 -18.28
CA LEU F 95 31.18 -90.99 -18.35
C LEU F 95 30.25 -90.64 -17.19
N CYS F 96 30.81 -90.46 -16.00
CA CYS F 96 30.03 -90.25 -14.78
C CYS F 96 29.84 -88.76 -14.56
N ALA F 97 28.60 -88.28 -14.70
CA ALA F 97 28.29 -86.88 -14.45
C ALA F 97 28.45 -86.50 -12.99
N ILE F 98 28.27 -87.45 -12.08
CA ILE F 98 28.53 -87.21 -10.66
C ILE F 98 30.01 -86.90 -10.44
N ALA F 99 30.89 -87.69 -11.06
CA ALA F 99 32.32 -87.44 -10.96
C ALA F 99 32.73 -86.15 -11.68
N GLN F 100 32.03 -85.81 -12.77
CA GLN F 100 32.34 -84.56 -13.46
C GLN F 100 31.96 -83.35 -12.64
N ALA F 101 30.78 -83.38 -11.99
CA ALA F 101 30.41 -82.28 -11.10
C ALA F 101 31.28 -82.24 -9.85
N GLU F 102 31.73 -83.40 -9.37
CA GLU F 102 32.59 -83.46 -8.20
C GLU F 102 33.98 -82.91 -8.51
N SER F 103 34.44 -83.09 -9.75
CA SER F 103 35.69 -82.47 -10.19
C SER F 103 35.51 -80.99 -10.52
N LEU F 104 34.33 -80.59 -10.96
CA LEU F 104 34.07 -79.17 -11.22
C LEU F 104 33.96 -78.38 -9.93
N ARG F 105 33.55 -79.03 -8.84
CA ARG F 105 33.46 -78.35 -7.55
C ARG F 105 34.83 -77.87 -7.06
N TYR F 106 35.84 -78.74 -7.11
CA TYR F 106 37.16 -78.37 -6.63
C TYR F 106 37.88 -77.40 -7.56
N LYS F 107 37.46 -77.32 -8.82
CA LYS F 107 38.00 -76.27 -9.67
C LYS F 107 37.28 -74.94 -9.44
N LEU F 108 35.99 -74.97 -9.10
CA LEU F 108 35.30 -73.73 -8.76
C LEU F 108 35.66 -73.20 -7.38
N LEU F 109 36.19 -74.04 -6.49
CA LEU F 109 36.59 -73.54 -5.17
C LEU F 109 37.86 -72.70 -5.23
N GLY F 110 38.97 -73.29 -5.65
CA GLY F 110 40.25 -72.61 -5.61
C GLY F 110 40.58 -71.81 -6.84
N GLY F 111 39.95 -70.64 -7.01
CA GLY F 111 40.19 -69.85 -8.20
C GLY F 111 39.53 -70.49 -9.40
N LEU F 112 40.19 -70.40 -10.56
CA LEU F 112 39.88 -71.16 -11.77
C LEU F 112 38.45 -70.89 -12.25
N ALA F 113 38.27 -69.67 -12.76
CA ALA F 113 36.97 -69.01 -12.96
C ALA F 113 36.03 -69.81 -13.87
N VAL F 114 34.78 -69.34 -13.90
CA VAL F 114 33.63 -70.13 -14.31
C VAL F 114 33.68 -70.43 -15.82
N ARG F 115 34.08 -69.44 -16.63
CA ARG F 115 34.18 -69.64 -18.07
C ARG F 115 35.20 -70.71 -18.42
N ARG F 116 36.42 -70.61 -17.85
CA ARG F 116 37.46 -71.58 -18.11
C ARG F 116 37.09 -72.97 -17.59
N ALA F 117 36.46 -73.03 -16.42
CA ALA F 117 36.06 -74.32 -15.85
C ALA F 117 34.98 -75.00 -16.67
N CYS F 118 33.99 -74.23 -17.15
CA CYS F 118 32.91 -74.81 -17.95
C CYS F 118 33.41 -75.27 -19.31
N TYR F 119 34.24 -74.48 -19.98
CA TYR F 119 34.77 -74.95 -21.27
C TYR F 119 35.75 -76.11 -21.08
N GLY F 120 36.48 -76.14 -19.96
CA GLY F 120 37.40 -77.23 -19.71
C GLY F 120 36.70 -78.53 -19.39
N VAL F 121 35.53 -78.48 -18.76
CA VAL F 121 34.82 -79.73 -18.50
C VAL F 121 34.03 -80.14 -19.74
N LEU F 122 33.55 -79.18 -20.53
CA LEU F 122 32.82 -79.54 -21.75
C LEU F 122 33.74 -80.14 -22.80
N ARG F 123 34.97 -79.65 -22.92
CA ARG F 123 35.93 -80.24 -23.85
C ARG F 123 36.28 -81.66 -23.46
N PHE F 124 36.43 -81.92 -22.15
CA PHE F 124 36.76 -83.25 -21.67
C PHE F 124 35.60 -84.22 -21.85
N ILE F 125 34.37 -83.79 -21.56
CA ILE F 125 33.21 -84.67 -21.72
C ILE F 125 32.94 -84.94 -23.19
N MET F 126 33.09 -83.92 -24.05
CA MET F 126 32.89 -84.12 -25.47
C MET F 126 33.99 -84.97 -26.09
N GLU F 127 35.21 -84.92 -25.52
CA GLU F 127 36.27 -85.80 -26.00
C GLU F 127 36.06 -87.24 -25.53
N SER F 128 35.50 -87.42 -24.33
CA SER F 128 35.33 -88.76 -23.76
C SER F 128 34.06 -89.45 -24.24
N GLY F 129 33.85 -89.49 -25.55
CA GLY F 129 32.84 -90.32 -26.17
C GLY F 129 31.40 -89.84 -26.07
N ALA F 130 31.12 -88.81 -25.27
CA ALA F 130 29.75 -88.39 -25.06
C ALA F 130 29.22 -87.61 -26.26
N LYS F 131 27.96 -87.89 -26.63
CA LYS F 131 27.35 -87.23 -27.77
C LYS F 131 26.84 -85.83 -27.43
N GLY F 132 26.74 -85.49 -26.15
CA GLY F 132 26.28 -84.18 -25.76
C GLY F 132 26.31 -83.93 -24.27
N CYS F 133 26.48 -82.68 -23.88
CA CYS F 133 26.54 -82.32 -22.47
C CYS F 133 25.97 -80.92 -22.28
N GLU F 134 25.44 -80.68 -21.08
CA GLU F 134 24.92 -79.36 -20.71
C GLU F 134 25.27 -79.08 -19.25
N VAL F 135 25.93 -77.95 -19.02
CA VAL F 135 26.37 -77.54 -17.69
C VAL F 135 25.64 -76.24 -17.34
N VAL F 136 24.89 -76.27 -16.26
CA VAL F 136 24.12 -75.12 -15.79
C VAL F 136 24.73 -74.67 -14.47
N VAL F 137 25.36 -73.50 -14.47
CA VAL F 137 25.96 -72.91 -13.28
C VAL F 137 25.18 -71.64 -12.94
N SER F 138 24.53 -71.65 -11.78
CA SER F 138 23.72 -70.52 -11.35
C SER F 138 24.14 -70.09 -9.95
N GLY F 139 23.74 -68.89 -9.58
CA GLY F 139 24.03 -68.32 -8.29
C GLY F 139 24.57 -66.92 -8.43
N LYS F 140 25.20 -66.43 -7.35
CA LYS F 140 25.82 -65.13 -7.36
C LYS F 140 27.10 -65.16 -8.19
N LEU F 141 27.00 -64.82 -9.46
CA LEU F 141 28.10 -64.92 -10.42
C LEU F 141 28.46 -63.52 -10.90
N ARG F 142 29.40 -62.90 -10.18
CA ARG F 142 29.92 -61.54 -10.45
C ARG F 142 28.79 -60.51 -10.46
N GLY F 143 28.14 -60.36 -9.31
CA GLY F 143 27.07 -59.40 -9.17
C GLY F 143 26.14 -59.78 -8.05
N GLN F 144 25.25 -58.84 -7.72
CA GLN F 144 24.27 -59.08 -6.67
C GLN F 144 23.15 -60.00 -7.17
N ARG F 145 22.69 -59.78 -8.39
CA ARG F 145 21.63 -60.62 -8.94
C ARG F 145 22.18 -61.97 -9.38
N ALA F 146 21.31 -62.98 -9.36
CA ALA F 146 21.70 -64.35 -9.70
C ALA F 146 21.59 -64.53 -11.20
N LYS F 147 22.72 -64.36 -11.89
CA LYS F 147 22.78 -64.56 -13.33
C LYS F 147 22.98 -66.04 -13.63
N SER F 148 22.05 -66.63 -14.38
CA SER F 148 22.14 -68.03 -14.74
C SER F 148 23.04 -68.19 -15.96
N MET F 149 24.15 -68.90 -15.79
CA MET F 149 25.10 -69.16 -16.87
C MET F 149 24.93 -70.60 -17.32
N LYS F 150 24.40 -70.79 -18.53
CA LYS F 150 24.17 -72.10 -19.09
C LYS F 150 25.05 -72.33 -20.31
N PHE F 151 25.54 -73.56 -20.44
CA PHE F 151 26.38 -73.96 -21.57
C PHE F 151 25.90 -75.32 -22.05
N VAL F 152 25.58 -75.42 -23.34
CA VAL F 152 25.10 -76.67 -23.91
C VAL F 152 25.85 -76.94 -25.20
N ASP F 153 26.33 -78.18 -25.34
CA ASP F 153 27.05 -78.64 -26.53
C ASP F 153 26.54 -80.02 -26.92
N GLY F 154 26.51 -80.28 -28.22
CA GLY F 154 26.14 -81.59 -28.70
C GLY F 154 24.63 -81.82 -28.73
N LEU F 155 24.24 -83.06 -28.50
CA LEU F 155 22.85 -83.49 -28.59
C LEU F 155 22.37 -83.92 -27.22
N MET F 156 21.13 -83.54 -26.88
CA MET F 156 20.59 -83.85 -25.57
C MET F 156 19.08 -84.11 -25.69
N ILE F 157 18.64 -85.24 -25.13
CA ILE F 157 17.24 -85.61 -25.09
C ILE F 157 16.67 -85.20 -23.74
N HIS F 158 15.54 -84.51 -23.74
CA HIS F 158 14.97 -83.97 -22.51
C HIS F 158 13.68 -84.62 -22.07
N SER F 159 12.90 -85.19 -22.98
CA SER F 159 11.56 -85.69 -22.65
C SER F 159 11.44 -87.18 -22.96
N GLY F 160 10.53 -87.82 -22.26
CA GLY F 160 10.24 -89.23 -22.48
C GLY F 160 10.75 -90.10 -21.35
N ASP F 161 10.47 -91.40 -21.49
CA ASP F 161 10.98 -92.39 -20.55
C ASP F 161 12.50 -92.58 -20.60
N PRO F 162 13.19 -92.76 -21.79
CA PRO F 162 14.61 -93.14 -21.71
C PRO F 162 15.58 -92.04 -21.34
N VAL F 163 15.09 -90.91 -20.84
CA VAL F 163 15.97 -89.85 -20.35
C VAL F 163 16.75 -90.32 -19.13
N ASN F 164 16.13 -91.17 -18.29
CA ASN F 164 16.76 -91.54 -17.02
C ASN F 164 17.95 -92.48 -17.21
N TYR F 165 17.98 -93.27 -18.27
CA TYR F 165 19.15 -94.09 -18.54
C TYR F 165 19.94 -93.65 -19.76
N TYR F 166 19.47 -92.65 -20.52
CA TYR F 166 20.30 -92.02 -21.54
C TYR F 166 21.11 -90.85 -21.00
N VAL F 167 20.62 -90.18 -19.96
CA VAL F 167 21.22 -88.96 -19.46
C VAL F 167 21.61 -89.18 -18.00
N ASP F 168 22.89 -88.96 -17.69
CA ASP F 168 23.38 -88.93 -16.32
C ASP F 168 23.29 -87.48 -15.84
N THR F 169 22.58 -87.25 -14.75
CA THR F 169 22.30 -85.92 -14.24
C THR F 169 22.76 -85.81 -12.80
N ALA F 170 23.59 -84.80 -12.51
CA ALA F 170 24.11 -84.56 -11.18
C ALA F 170 23.93 -83.10 -10.82
N VAL F 171 23.35 -82.85 -9.65
CA VAL F 171 23.12 -81.51 -9.12
C VAL F 171 23.92 -81.36 -7.83
N ARG F 172 24.86 -80.42 -7.83
CA ARG F 172 25.77 -80.26 -6.70
C ARG F 172 25.88 -78.81 -6.29
N HIS F 173 26.45 -78.60 -5.10
CA HIS F 173 26.62 -77.29 -4.49
C HIS F 173 28.10 -76.96 -4.39
N VAL F 174 28.41 -75.67 -4.53
CA VAL F 174 29.77 -75.15 -4.35
C VAL F 174 29.68 -74.01 -3.36
N LEU F 175 30.41 -74.11 -2.24
CA LEU F 175 30.35 -73.11 -1.18
C LEU F 175 31.52 -72.14 -1.34
N LEU F 176 31.23 -70.93 -1.79
CA LEU F 176 32.21 -69.87 -1.92
C LEU F 176 31.81 -68.71 -1.02
N ARG F 177 32.66 -67.66 -1.02
CA ARG F 177 32.46 -66.54 -0.11
C ARG F 177 31.24 -65.71 -0.47
N GLN F 178 30.78 -65.79 -1.73
CA GLN F 178 29.53 -65.14 -2.08
C GLN F 178 28.33 -65.93 -1.61
N GLY F 179 28.49 -67.22 -1.40
CA GLY F 179 27.39 -68.06 -0.95
C GLY F 179 27.44 -69.42 -1.62
N VAL F 180 26.28 -69.95 -1.93
CA VAL F 180 26.20 -71.26 -2.58
C VAL F 180 26.01 -71.07 -4.07
N LEU F 181 26.59 -72.00 -4.84
CA LEU F 181 26.53 -71.99 -6.29
C LEU F 181 26.04 -73.36 -6.73
N GLY F 182 24.95 -73.38 -7.49
CA GLY F 182 24.38 -74.63 -7.96
C GLY F 182 24.95 -75.01 -9.32
N ILE F 183 25.41 -76.25 -9.44
CA ILE F 183 25.89 -76.79 -10.70
C ILE F 183 25.03 -77.99 -11.09
N LYS F 184 24.69 -78.06 -12.38
CA LYS F 184 23.87 -79.14 -12.92
C LYS F 184 24.58 -79.68 -14.15
N VAL F 185 25.09 -80.90 -14.05
CA VAL F 185 25.80 -81.54 -15.15
C VAL F 185 24.93 -82.68 -15.66
N LYS F 186 24.47 -82.57 -16.90
CA LYS F 186 23.75 -83.65 -17.56
C LYS F 186 24.50 -84.07 -18.82
N ILE F 187 24.61 -85.38 -19.02
CA ILE F 187 25.38 -85.96 -20.12
C ILE F 187 24.50 -87.00 -20.81
N MET F 188 24.32 -86.85 -22.12
CA MET F 188 23.60 -87.87 -22.88
C MET F 188 24.57 -88.97 -23.29
N LEU F 189 24.24 -90.19 -22.94
CA LEU F 189 25.17 -91.30 -23.17
C LEU F 189 25.08 -91.79 -24.61
N PRO F 190 26.21 -92.14 -25.22
CA PRO F 190 26.17 -92.68 -26.59
C PRO F 190 25.66 -94.10 -26.62
N TRP F 191 25.12 -94.47 -27.78
CA TRP F 191 24.54 -95.80 -27.97
C TRP F 191 25.66 -96.81 -28.14
N ASP F 192 25.79 -97.72 -27.17
CA ASP F 192 26.77 -98.79 -27.21
C ASP F 192 26.04 -100.12 -27.00
N PRO F 193 25.73 -100.85 -28.07
CA PRO F 193 25.00 -102.12 -27.90
C PRO F 193 25.83 -103.22 -27.29
N THR F 194 27.15 -103.16 -27.39
CA THR F 194 28.04 -104.16 -26.80
C THR F 194 29.03 -103.44 -25.90
N GLY F 195 28.86 -103.59 -24.59
CA GLY F 195 29.75 -102.98 -23.62
C GLY F 195 28.98 -102.30 -22.50
N LYS F 196 29.72 -102.01 -21.43
CA LYS F 196 29.18 -101.35 -20.26
C LYS F 196 29.30 -99.84 -20.34
N ILE F 197 29.71 -99.29 -21.48
CA ILE F 197 29.94 -97.85 -21.58
C ILE F 197 28.63 -97.11 -21.77
N GLY F 198 27.80 -97.56 -22.71
CA GLY F 198 26.55 -96.91 -22.99
C GLY F 198 25.37 -97.86 -22.93
N PRO F 199 24.16 -97.36 -23.15
CA PRO F 199 22.98 -98.22 -23.13
C PRO F 199 22.93 -99.14 -24.34
N LYS F 200 22.40 -100.34 -24.11
CA LYS F 200 22.25 -101.31 -25.19
C LYS F 200 21.01 -101.08 -26.02
N LYS F 201 20.00 -100.41 -25.46
CA LYS F 201 18.75 -100.18 -26.18
C LYS F 201 18.92 -99.09 -27.21
N PRO F 202 18.44 -99.28 -28.44
CA PRO F 202 18.51 -98.20 -29.43
C PRO F 202 17.50 -97.11 -29.13
N LEU F 203 17.68 -95.98 -29.79
CA LEU F 203 16.77 -94.85 -29.62
C LEU F 203 15.46 -95.14 -30.34
N PRO F 204 14.32 -94.73 -29.78
CA PRO F 204 13.04 -95.00 -30.45
C PRO F 204 12.81 -94.15 -31.69
N ASP F 205 13.43 -92.97 -31.77
CA ASP F 205 13.31 -92.16 -32.97
C ASP F 205 14.28 -92.58 -34.06
N HIS F 206 15.42 -93.15 -33.68
CA HIS F 206 16.45 -93.55 -34.64
C HIS F 206 16.00 -94.82 -35.35
N VAL F 207 15.54 -94.68 -36.58
CA VAL F 207 15.11 -95.81 -37.39
C VAL F 207 16.28 -96.26 -38.25
N SER F 208 16.72 -97.50 -38.05
CA SER F 208 17.89 -98.05 -38.73
C SER F 208 17.44 -98.95 -39.87
N ILE F 209 17.78 -98.55 -41.10
CA ILE F 209 17.50 -99.36 -42.27
C ILE F 209 18.78 -100.06 -42.68
N VAL F 210 18.65 -101.05 -43.57
CA VAL F 210 19.79 -101.79 -44.08
C VAL F 210 20.16 -101.26 -45.45
N GLU F 211 21.34 -101.63 -45.92
CA GLU F 211 21.81 -101.26 -47.25
C GLU F 211 21.16 -102.17 -48.30
N PRO F 212 21.16 -101.75 -49.57
CA PRO F 212 20.80 -102.69 -50.64
C PRO F 212 21.78 -103.84 -50.72
N LYS F 213 21.25 -105.06 -50.67
CA LYS F 213 22.05 -106.27 -50.47
C LYS F 213 22.29 -107.03 -51.77
N ASP F 214 21.24 -107.28 -52.55
CA ASP F 214 21.30 -108.18 -53.69
C ASP F 214 22.10 -107.57 -54.84
N GLU F 215 22.45 -108.43 -55.80
CA GLU F 215 23.43 -108.08 -56.82
C GLU F 215 23.09 -108.82 -58.12
N ILE F 216 24.08 -108.93 -59.01
CA ILE F 216 24.01 -109.59 -60.31
C ILE F 216 23.84 -111.09 -60.18
N LEU F 217 23.85 -111.79 -61.34
CA LEU F 217 23.38 -113.12 -61.73
C LEU F 217 21.86 -113.23 -61.80
N PRO F 218 21.23 -112.68 -62.87
CA PRO F 218 19.86 -113.10 -63.23
C PRO F 218 19.80 -114.48 -63.87
N THR F 219 18.66 -114.81 -64.48
CA THR F 219 18.38 -116.09 -65.12
C THR F 219 19.48 -116.55 -66.07
N THR F 220 20.09 -117.69 -65.72
CA THR F 220 21.15 -118.37 -66.47
C THR F 220 22.37 -117.49 -66.73
N PRO G 1 -40.16 -116.64 -31.32
CA PRO G 1 -41.23 -116.81 -32.30
C PRO G 1 -42.35 -115.79 -32.14
N ASP G 2 -42.64 -115.42 -30.89
CA ASP G 2 -43.68 -114.44 -30.62
C ASP G 2 -43.17 -113.03 -30.94
N ILE G 3 -44.11 -112.09 -30.94
CA ILE G 3 -43.79 -110.70 -31.24
C ILE G 3 -43.12 -110.06 -30.04
N LYS G 4 -42.22 -109.11 -30.29
CA LYS G 4 -41.50 -108.44 -29.22
C LYS G 4 -42.43 -107.46 -28.51
N LEU G 5 -42.44 -107.54 -27.18
CA LEU G 5 -43.46 -106.87 -26.38
C LEU G 5 -42.83 -106.28 -25.12
N PHE G 6 -43.32 -105.10 -24.73
CA PHE G 6 -42.77 -104.42 -23.55
C PHE G 6 -43.16 -105.12 -22.26
N GLY G 7 -44.46 -105.16 -21.96
CA GLY G 7 -44.96 -105.88 -20.82
C GLY G 7 -45.82 -107.04 -21.29
N LYS G 8 -47.14 -106.85 -21.29
CA LYS G 8 -48.06 -107.73 -21.98
C LYS G 8 -48.58 -107.09 -23.26
N TRP G 9 -47.73 -106.31 -23.93
CA TRP G 9 -48.12 -105.49 -25.05
C TRP G 9 -47.96 -106.25 -26.36
N SER G 10 -48.00 -105.52 -27.48
CA SER G 10 -47.71 -106.08 -28.80
C SER G 10 -46.59 -105.34 -29.53
N THR G 11 -46.51 -104.02 -29.35
CA THR G 11 -45.58 -103.11 -30.04
C THR G 11 -45.68 -103.29 -31.56
N ASP G 12 -46.85 -102.95 -32.08
CA ASP G 12 -47.16 -103.18 -33.48
C ASP G 12 -48.27 -102.22 -33.88
N ASP G 13 -48.29 -101.88 -35.17
CA ASP G 13 -49.28 -101.00 -35.81
C ASP G 13 -49.31 -99.61 -35.18
N VAL G 14 -48.18 -99.16 -34.65
CA VAL G 14 -48.04 -97.82 -34.11
C VAL G 14 -47.53 -96.96 -35.26
N GLN G 15 -48.45 -96.32 -35.97
CA GLN G 15 -48.13 -95.57 -37.18
C GLN G 15 -48.06 -94.08 -36.87
N ILE G 16 -46.97 -93.45 -37.30
CA ILE G 16 -46.82 -92.02 -37.13
C ILE G 16 -47.70 -91.33 -38.16
N ASN G 17 -48.58 -90.42 -37.69
CA ASN G 17 -49.57 -89.81 -38.58
C ASN G 17 -48.97 -88.81 -39.56
N ASP G 18 -47.76 -88.33 -39.30
CA ASP G 18 -47.13 -87.37 -40.22
C ASP G 18 -45.71 -87.78 -40.58
N ILE G 19 -44.98 -86.87 -41.23
CA ILE G 19 -43.60 -87.08 -41.62
C ILE G 19 -42.83 -86.11 -40.75
N SER G 20 -41.50 -86.03 -40.91
CA SER G 20 -40.48 -85.19 -40.26
C SER G 20 -40.11 -85.72 -38.88
N LEU G 21 -40.73 -86.80 -38.41
CA LEU G 21 -40.30 -87.46 -37.19
C LEU G 21 -40.08 -88.95 -37.37
N GLN G 22 -40.26 -89.48 -38.57
CA GLN G 22 -39.91 -90.88 -38.83
C GLN G 22 -38.40 -91.04 -38.89
N ASP G 23 -37.96 -92.26 -38.60
CA ASP G 23 -36.57 -92.73 -38.50
C ASP G 23 -35.77 -92.09 -37.37
N TYR G 24 -36.38 -91.22 -36.56
CA TYR G 24 -35.77 -90.72 -35.34
C TYR G 24 -36.49 -91.19 -34.09
N ILE G 25 -37.77 -91.54 -34.20
CA ILE G 25 -38.48 -92.30 -33.18
C ILE G 25 -38.27 -93.78 -33.48
N ALA G 26 -37.81 -94.53 -32.48
CA ALA G 26 -37.43 -95.92 -32.66
C ALA G 26 -38.56 -96.88 -32.31
N VAL G 27 -39.80 -96.50 -32.61
CA VAL G 27 -40.98 -97.30 -32.30
C VAL G 27 -41.12 -98.52 -33.22
N LYS G 28 -40.34 -98.58 -34.30
CA LYS G 28 -40.52 -99.59 -35.33
C LYS G 28 -40.04 -100.96 -34.84
N GLU G 29 -40.14 -101.97 -35.70
CA GLU G 29 -39.94 -103.36 -35.30
C GLU G 29 -38.48 -103.69 -35.06
N LYS G 30 -37.55 -102.96 -35.70
CA LYS G 30 -36.13 -103.25 -35.56
C LYS G 30 -35.53 -102.63 -34.30
N TYR G 31 -36.31 -101.93 -33.49
CA TYR G 31 -35.82 -101.32 -32.26
C TYR G 31 -36.82 -101.53 -31.14
N ALA G 32 -37.44 -102.71 -31.09
CA ALA G 32 -38.43 -103.05 -30.08
C ALA G 32 -37.75 -103.95 -29.05
N LYS G 33 -37.31 -103.35 -27.95
CA LYS G 33 -36.67 -104.07 -26.87
C LYS G 33 -37.62 -104.20 -25.68
N TYR G 34 -37.36 -105.20 -24.84
CA TYR G 34 -38.29 -105.55 -23.78
C TYR G 34 -38.29 -104.55 -22.63
N LEU G 35 -37.12 -104.05 -22.27
CA LEU G 35 -36.98 -103.08 -21.21
C LEU G 35 -36.19 -101.87 -21.70
N PRO G 36 -36.50 -100.67 -21.19
CA PRO G 36 -35.69 -99.49 -21.57
C PRO G 36 -34.29 -99.54 -21.01
N HIS G 37 -34.06 -100.27 -19.92
CA HIS G 37 -32.74 -100.37 -19.29
C HIS G 37 -31.85 -101.24 -20.17
N SER G 38 -31.13 -100.61 -21.07
CA SER G 38 -30.22 -101.30 -21.97
C SER G 38 -28.83 -100.70 -21.79
N ALA G 39 -27.86 -101.27 -22.49
CA ALA G 39 -26.50 -100.75 -22.46
C ALA G 39 -26.40 -99.45 -23.26
N GLY G 40 -26.50 -98.32 -22.58
CA GLY G 40 -26.52 -97.04 -23.24
C GLY G 40 -25.14 -96.53 -23.61
N ARG G 41 -24.80 -96.62 -24.89
CA ARG G 41 -23.50 -96.21 -25.41
C ARG G 41 -23.70 -95.34 -26.64
N TYR G 42 -24.77 -94.54 -26.63
CA TYR G 42 -25.23 -93.83 -27.81
C TYR G 42 -24.79 -92.37 -27.81
N ALA G 43 -23.60 -92.09 -27.31
CA ALA G 43 -23.10 -90.73 -27.22
C ALA G 43 -21.66 -90.60 -27.73
N ALA G 44 -21.18 -91.59 -28.49
CA ALA G 44 -19.87 -91.51 -29.11
C ALA G 44 -19.93 -90.90 -30.50
N LYS G 45 -20.87 -91.36 -31.32
CA LYS G 45 -21.09 -90.82 -32.65
C LYS G 45 -22.10 -89.68 -32.56
N ARG G 46 -22.00 -88.73 -33.51
CA ARG G 46 -22.90 -87.59 -33.52
C ARG G 46 -24.34 -87.98 -33.77
N PHE G 47 -24.58 -88.98 -34.61
CA PHE G 47 -25.94 -89.37 -34.98
C PHE G 47 -26.23 -90.84 -34.69
N ARG G 48 -25.68 -91.38 -33.61
CA ARG G 48 -26.11 -92.69 -33.12
C ARG G 48 -27.12 -92.57 -31.99
N LYS G 49 -27.37 -91.35 -31.51
CA LYS G 49 -28.31 -91.13 -30.42
C LYS G 49 -29.76 -91.23 -30.88
N ALA G 50 -30.00 -91.03 -32.18
CA ALA G 50 -31.36 -91.10 -32.71
C ALA G 50 -31.89 -92.53 -32.78
N GLN G 51 -31.01 -93.53 -32.74
CA GLN G 51 -31.44 -94.93 -32.74
C GLN G 51 -31.84 -95.42 -31.35
N CYS G 52 -31.74 -94.58 -30.34
CA CYS G 52 -32.21 -94.95 -29.01
C CYS G 52 -33.74 -94.96 -29.00
N PRO G 53 -34.35 -95.92 -28.32
CA PRO G 53 -35.82 -95.89 -28.19
C PRO G 53 -36.29 -94.75 -27.30
N ILE G 54 -37.45 -94.20 -27.67
CA ILE G 54 -37.96 -93.01 -27.01
C ILE G 54 -38.39 -93.29 -25.57
N VAL G 55 -38.72 -94.53 -25.24
CA VAL G 55 -39.03 -94.84 -23.85
C VAL G 55 -37.75 -94.84 -23.00
N GLU G 56 -36.63 -95.30 -23.57
CA GLU G 56 -35.34 -95.19 -22.90
C GLU G 56 -34.91 -93.74 -22.79
N ARG G 57 -35.17 -92.93 -23.82
CA ARG G 57 -34.88 -91.51 -23.77
C ARG G 57 -35.73 -90.80 -22.72
N LEU G 58 -36.98 -91.23 -22.54
CA LEU G 58 -37.85 -90.65 -21.54
C LEU G 58 -37.38 -91.00 -20.13
N THR G 59 -36.92 -92.24 -19.92
CA THR G 59 -36.32 -92.60 -18.63
C THR G 59 -35.05 -91.81 -18.35
N ASN G 60 -34.20 -91.66 -19.37
CA ASN G 60 -32.92 -90.97 -19.22
C ASN G 60 -33.12 -89.48 -18.94
N SER G 61 -34.12 -88.87 -19.55
CA SER G 61 -34.42 -87.47 -19.25
C SER G 61 -35.23 -87.31 -17.98
N MET G 62 -35.94 -88.36 -17.56
CA MET G 62 -36.67 -88.30 -16.30
C MET G 62 -35.73 -88.30 -15.10
N MET G 63 -34.66 -89.09 -15.18
CA MET G 63 -33.69 -89.09 -14.08
C MET G 63 -32.85 -87.81 -14.12
N MET G 64 -33.12 -86.89 -13.18
CA MET G 64 -32.42 -85.61 -13.12
C MET G 64 -32.29 -85.15 -11.68
N HIS G 65 -31.62 -84.00 -11.51
CA HIS G 65 -31.63 -83.15 -10.32
C HIS G 65 -31.00 -83.81 -9.09
N GLY G 66 -29.87 -84.49 -9.30
CA GLY G 66 -28.98 -84.85 -8.21
C GLY G 66 -29.48 -85.94 -7.27
N ARG G 67 -30.61 -85.68 -6.60
CA ARG G 67 -31.18 -86.65 -5.69
C ARG G 67 -31.79 -87.84 -6.40
N ASN G 68 -32.12 -87.68 -7.69
CA ASN G 68 -32.64 -88.78 -8.51
C ASN G 68 -31.77 -89.03 -9.71
N ASN G 69 -30.54 -88.52 -9.69
CA ASN G 69 -29.63 -88.61 -10.83
C ASN G 69 -29.04 -90.00 -10.87
N GLY G 70 -29.48 -90.80 -11.85
CA GLY G 70 -29.24 -92.23 -11.83
C GLY G 70 -30.55 -92.95 -11.57
N LYS G 71 -30.47 -94.17 -11.02
CA LYS G 71 -31.62 -94.98 -10.63
C LYS G 71 -32.53 -95.29 -11.82
N LYS G 72 -31.93 -95.93 -12.84
CA LYS G 72 -32.69 -96.34 -14.01
C LYS G 72 -33.73 -97.38 -13.69
N LEU G 73 -33.50 -98.23 -12.68
CA LEU G 73 -34.54 -99.15 -12.21
C LEU G 73 -35.76 -98.39 -11.71
N MET G 74 -35.53 -97.31 -10.97
CA MET G 74 -36.62 -96.51 -10.44
C MET G 74 -37.38 -95.79 -11.54
N THR G 75 -36.67 -95.20 -12.50
CA THR G 75 -37.41 -94.47 -13.53
C THR G 75 -38.05 -95.39 -14.57
N VAL G 76 -37.49 -96.59 -14.80
CA VAL G 76 -38.18 -97.58 -15.63
C VAL G 76 -39.42 -98.11 -14.91
N ARG G 77 -39.35 -98.21 -13.57
CA ARG G 77 -40.55 -98.53 -12.80
C ARG G 77 -41.61 -97.44 -12.91
N ILE G 78 -41.20 -96.17 -12.89
CA ILE G 78 -42.12 -95.05 -13.05
C ILE G 78 -42.79 -95.09 -14.42
N VAL G 79 -42.03 -95.34 -15.48
CA VAL G 79 -42.62 -95.42 -16.82
C VAL G 79 -43.50 -96.67 -16.95
N LYS G 80 -43.16 -97.75 -16.24
CA LYS G 80 -43.99 -98.96 -16.22
C LYS G 80 -45.34 -98.69 -15.55
N HIS G 81 -45.34 -97.87 -14.49
CA HIS G 81 -46.62 -97.43 -13.92
C HIS G 81 -47.36 -96.51 -14.90
N ALA G 82 -46.63 -95.64 -15.59
CA ALA G 82 -47.26 -94.57 -16.37
C ALA G 82 -47.95 -95.11 -17.61
N PHE G 83 -47.34 -96.08 -18.29
CA PHE G 83 -47.98 -96.72 -19.44
C PHE G 83 -49.24 -97.47 -19.03
N GLU G 84 -49.21 -98.09 -17.85
CA GLU G 84 -50.37 -98.80 -17.32
C GLU G 84 -51.50 -97.84 -16.98
N ILE G 85 -51.16 -96.68 -16.42
CA ILE G 85 -52.17 -95.67 -16.09
C ILE G 85 -52.78 -95.09 -17.36
N ILE G 86 -51.96 -94.84 -18.38
CA ILE G 86 -52.47 -94.34 -19.67
C ILE G 86 -53.37 -95.37 -20.33
N HIS G 87 -53.02 -96.67 -20.23
CA HIS G 87 -53.88 -97.71 -20.80
C HIS G 87 -55.21 -97.83 -20.06
N LEU G 88 -55.17 -97.77 -18.72
CA LEU G 88 -56.40 -97.84 -17.95
C LEU G 88 -57.26 -96.59 -18.13
N LEU G 89 -56.67 -95.48 -18.53
CA LEU G 89 -57.45 -94.30 -18.89
C LEU G 89 -57.91 -94.47 -20.33
N THR G 90 -59.08 -95.11 -20.47
CA THR G 90 -59.88 -95.24 -21.71
C THR G 90 -59.15 -95.94 -22.84
N GLY G 91 -58.24 -96.87 -22.55
CA GLY G 91 -57.50 -97.51 -23.64
C GLY G 91 -56.53 -96.52 -24.24
N GLU G 92 -56.54 -96.43 -25.57
CA GLU G 92 -55.82 -95.42 -26.36
C GLU G 92 -54.31 -95.48 -26.08
N ASN G 93 -53.70 -96.58 -26.57
CA ASN G 93 -52.42 -97.19 -26.22
C ASN G 93 -51.31 -96.21 -25.89
N PRO G 94 -50.55 -96.47 -24.81
CA PRO G 94 -49.60 -95.48 -24.29
C PRO G 94 -48.42 -95.22 -25.22
N LEU G 95 -48.01 -96.21 -26.00
CA LEU G 95 -46.95 -96.00 -26.99
C LEU G 95 -47.43 -95.08 -28.12
N GLN G 96 -48.66 -95.32 -28.61
CA GLN G 96 -49.24 -94.50 -29.67
C GLN G 96 -49.43 -93.05 -29.21
N VAL G 97 -50.00 -92.85 -28.01
CA VAL G 97 -50.16 -91.48 -27.54
C VAL G 97 -48.86 -90.87 -27.05
N LEU G 98 -47.84 -91.68 -26.76
CA LEU G 98 -46.51 -91.14 -26.50
C LEU G 98 -45.90 -90.56 -27.77
N VAL G 99 -46.02 -91.28 -28.88
CA VAL G 99 -45.56 -90.76 -30.17
C VAL G 99 -46.36 -89.52 -30.56
N ASN G 100 -47.67 -89.54 -30.33
CA ASN G 100 -48.51 -88.37 -30.60
C ASN G 100 -48.16 -87.19 -29.72
N ALA G 101 -47.76 -87.44 -28.47
CA ALA G 101 -47.37 -86.35 -27.58
C ALA G 101 -46.03 -85.77 -27.97
N ILE G 102 -45.09 -86.62 -28.42
CA ILE G 102 -43.82 -86.13 -28.94
C ILE G 102 -44.03 -85.29 -30.20
N ILE G 103 -45.01 -85.66 -31.03
CA ILE G 103 -45.36 -84.84 -32.18
C ILE G 103 -45.96 -83.50 -31.74
N ASN G 104 -46.89 -83.52 -30.79
CA ASN G 104 -47.62 -82.33 -30.39
C ASN G 104 -47.05 -81.65 -29.14
N SER G 105 -45.77 -81.84 -28.83
CA SER G 105 -45.17 -81.27 -27.63
C SER G 105 -44.63 -79.86 -27.81
N GLY G 106 -45.01 -79.14 -28.86
CA GLY G 106 -44.65 -77.75 -28.94
C GLY G 106 -43.83 -77.36 -30.16
N PRO G 107 -42.55 -77.07 -29.94
CA PRO G 107 -41.76 -76.24 -30.88
C PRO G 107 -41.51 -76.91 -32.22
N ARG G 108 -42.04 -76.29 -33.28
CA ARG G 108 -41.65 -76.58 -34.64
C ARG G 108 -40.61 -75.62 -35.17
N GLU G 109 -40.42 -74.48 -34.49
CA GLU G 109 -39.32 -73.55 -34.76
C GLU G 109 -39.10 -72.73 -33.51
N ASP G 110 -37.86 -72.25 -33.35
CA ASP G 110 -37.48 -71.48 -32.17
C ASP G 110 -36.69 -70.24 -32.61
N SER G 111 -36.59 -69.28 -31.70
CA SER G 111 -35.88 -68.03 -31.95
C SER G 111 -34.52 -68.06 -31.29
N THR G 112 -33.50 -67.63 -32.03
CA THR G 112 -32.14 -67.56 -31.51
C THR G 112 -31.42 -66.40 -32.19
N ARG G 113 -30.21 -66.12 -31.73
CA ARG G 113 -29.46 -64.97 -32.21
C ARG G 113 -28.81 -65.24 -33.56
N ILE G 114 -28.62 -64.17 -34.33
CA ILE G 114 -27.97 -64.23 -35.64
C ILE G 114 -26.69 -63.41 -35.47
N GLY G 115 -25.82 -63.38 -36.48
CA GLY G 115 -24.54 -62.71 -36.37
C GLY G 115 -24.57 -61.21 -36.53
N ARG G 116 -23.70 -60.69 -37.41
CA ARG G 116 -23.54 -59.30 -37.86
C ARG G 116 -22.89 -58.41 -36.80
N ALA G 117 -22.76 -58.93 -35.57
CA ALA G 117 -22.15 -58.26 -34.41
C ALA G 117 -22.78 -56.88 -34.15
N GLY G 118 -24.09 -56.88 -33.99
CA GLY G 118 -24.81 -55.65 -33.77
C GLY G 118 -25.91 -55.76 -32.72
N THR G 119 -27.10 -55.29 -33.06
CA THR G 119 -28.23 -55.33 -32.14
C THR G 119 -28.80 -56.74 -32.07
N VAL G 120 -28.92 -57.28 -30.85
CA VAL G 120 -29.48 -58.61 -30.64
C VAL G 120 -30.98 -58.53 -30.87
N ARG G 121 -31.46 -59.20 -31.92
CA ARG G 121 -32.88 -59.16 -32.27
C ARG G 121 -33.58 -60.49 -32.12
N ARG G 122 -32.84 -61.60 -32.05
CA ARG G 122 -33.36 -62.97 -31.87
C ARG G 122 -34.35 -63.36 -32.97
N GLN G 123 -33.83 -63.43 -34.20
CA GLN G 123 -34.65 -63.78 -35.34
C GLN G 123 -35.03 -65.26 -35.29
N ALA G 124 -36.30 -65.56 -35.51
CA ALA G 124 -36.79 -66.93 -35.43
C ALA G 124 -36.35 -67.72 -36.65
N VAL G 125 -35.64 -68.82 -36.42
CA VAL G 125 -35.15 -69.68 -37.49
C VAL G 125 -35.75 -71.06 -37.33
N ASP G 126 -35.41 -71.97 -38.25
CA ASP G 126 -35.87 -73.34 -38.16
C ASP G 126 -35.08 -74.10 -37.10
N VAL G 127 -35.57 -75.28 -36.74
CA VAL G 127 -34.99 -76.08 -35.67
C VAL G 127 -34.84 -77.52 -36.18
N SER G 128 -33.83 -78.20 -35.66
CA SER G 128 -33.57 -79.60 -36.04
C SER G 128 -34.69 -80.51 -35.54
N PRO G 129 -35.02 -81.57 -36.28
CA PRO G 129 -35.97 -82.56 -35.77
C PRO G 129 -35.45 -83.33 -34.58
N LEU G 130 -34.14 -83.59 -34.53
CA LEU G 130 -33.53 -84.17 -33.34
C LEU G 130 -33.69 -83.25 -32.13
N ARG G 131 -33.47 -81.95 -32.33
CA ARG G 131 -33.68 -81.00 -31.25
C ARG G 131 -35.16 -80.86 -30.87
N ARG G 132 -36.07 -81.08 -31.83
CA ARG G 132 -37.49 -81.14 -31.50
C ARG G 132 -37.80 -82.31 -30.59
N VAL G 133 -37.24 -83.49 -30.89
CA VAL G 133 -37.42 -84.67 -30.04
C VAL G 133 -36.82 -84.42 -28.65
N ASN G 134 -35.63 -83.80 -28.61
CA ASN G 134 -34.94 -83.55 -27.34
C ASN G 134 -35.71 -82.57 -26.46
N GLN G 135 -36.13 -81.44 -27.05
CA GLN G 135 -36.88 -80.44 -26.31
C GLN G 135 -38.27 -80.94 -25.94
N ALA G 136 -38.84 -81.83 -26.76
CA ALA G 136 -40.13 -82.45 -26.43
C ALA G 136 -40.01 -83.30 -25.17
N ILE G 137 -39.04 -84.21 -25.14
CA ILE G 137 -38.85 -85.08 -23.98
C ILE G 137 -38.46 -84.27 -22.75
N TRP G 138 -37.66 -83.21 -22.94
CA TRP G 138 -37.23 -82.39 -21.82
C TRP G 138 -38.39 -81.59 -21.22
N LEU G 139 -39.24 -81.00 -22.07
CA LEU G 139 -40.40 -80.26 -21.57
C LEU G 139 -41.42 -81.19 -20.92
N LEU G 140 -41.61 -82.40 -21.48
CA LEU G 140 -42.55 -83.34 -20.87
C LEU G 140 -42.07 -83.82 -19.49
N CYS G 141 -40.78 -84.14 -19.36
CA CYS G 141 -40.30 -84.60 -18.05
C CYS G 141 -40.22 -83.45 -17.05
N THR G 142 -39.92 -82.22 -17.51
CA THR G 142 -39.88 -81.07 -16.61
C THR G 142 -41.29 -80.73 -16.11
N GLY G 143 -42.28 -80.79 -17.00
CA GLY G 143 -43.66 -80.55 -16.60
C GLY G 143 -44.19 -81.62 -15.67
N ALA G 144 -43.84 -82.89 -15.92
CA ALA G 144 -44.23 -83.96 -15.02
C ALA G 144 -43.59 -83.80 -13.65
N ARG G 145 -42.32 -83.39 -13.60
CA ARG G 145 -41.62 -83.21 -12.33
C ARG G 145 -42.22 -82.06 -11.52
N GLU G 146 -42.46 -80.92 -12.16
CA GLU G 146 -43.02 -79.81 -11.40
C GLU G 146 -44.51 -79.94 -11.16
N ALA G 147 -45.19 -80.84 -11.88
CA ALA G 147 -46.57 -81.15 -11.53
C ALA G 147 -46.66 -82.11 -10.36
N ALA G 148 -45.72 -83.06 -10.26
CA ALA G 148 -45.68 -83.99 -9.15
C ALA G 148 -44.80 -83.51 -8.01
N PHE G 149 -44.36 -82.26 -8.06
CA PHE G 149 -43.62 -81.65 -6.96
C PHE G 149 -44.62 -81.19 -5.90
N ARG G 150 -44.44 -81.69 -4.66
CA ARG G 150 -45.23 -81.34 -3.47
C ARG G 150 -46.72 -81.64 -3.65
N ASN G 151 -47.03 -82.91 -3.86
CA ASN G 151 -48.42 -83.36 -3.90
C ASN G 151 -48.48 -84.85 -3.55
N ILE G 152 -49.71 -85.33 -3.37
CA ILE G 152 -49.91 -86.76 -3.13
C ILE G 152 -49.80 -87.54 -4.44
N LYS G 153 -49.98 -86.88 -5.58
CA LYS G 153 -49.79 -87.51 -6.88
C LYS G 153 -48.34 -87.91 -7.09
N THR G 154 -48.13 -88.98 -7.85
CA THR G 154 -46.81 -89.54 -8.05
C THR G 154 -46.20 -89.00 -9.35
N ILE G 155 -44.91 -89.31 -9.53
CA ILE G 155 -44.19 -88.96 -10.75
C ILE G 155 -44.84 -89.62 -11.95
N ALA G 156 -45.20 -90.90 -11.81
CA ALA G 156 -45.86 -91.63 -12.88
C ALA G 156 -47.27 -91.15 -13.17
N GLU G 157 -48.03 -90.78 -12.13
CA GLU G 157 -49.37 -90.24 -12.32
C GLU G 157 -49.34 -88.90 -13.06
N CYS G 158 -48.46 -88.00 -12.63
CA CYS G 158 -48.37 -86.72 -13.32
C CYS G 158 -47.70 -86.84 -14.69
N LEU G 159 -46.84 -87.84 -14.90
CA LEU G 159 -46.30 -88.08 -16.23
C LEU G 159 -47.35 -88.62 -17.17
N ALA G 160 -48.24 -89.49 -16.68
CA ALA G 160 -49.36 -89.97 -17.47
C ALA G 160 -50.32 -88.83 -17.80
N ASP G 161 -50.60 -87.97 -16.81
CA ASP G 161 -51.45 -86.80 -17.04
C ASP G 161 -50.82 -85.84 -18.04
N GLU G 162 -49.50 -85.63 -17.97
CA GLU G 162 -48.80 -84.75 -18.90
C GLU G 162 -48.80 -85.32 -20.32
N LEU G 163 -48.60 -86.63 -20.47
CA LEU G 163 -48.64 -87.23 -21.80
C LEU G 163 -50.04 -87.23 -22.40
N ILE G 164 -51.08 -87.46 -21.59
CA ILE G 164 -52.44 -87.42 -22.12
C ILE G 164 -52.85 -86.00 -22.49
N ASN G 165 -52.55 -85.02 -21.61
CA ASN G 165 -52.87 -83.63 -21.91
C ASN G 165 -51.91 -82.98 -22.89
N ALA G 166 -50.84 -83.67 -23.30
CA ALA G 166 -50.04 -83.23 -24.43
C ALA G 166 -50.44 -83.89 -25.73
N ALA G 167 -50.91 -85.14 -25.69
CA ALA G 167 -51.42 -85.77 -26.90
C ALA G 167 -52.77 -85.19 -27.30
N LYS G 168 -53.55 -84.74 -26.32
CA LYS G 168 -54.82 -84.06 -26.58
C LYS G 168 -54.63 -82.57 -26.33
N GLY G 169 -54.98 -81.75 -27.32
CA GLY G 169 -54.80 -80.32 -27.22
C GLY G 169 -55.83 -79.64 -26.34
N SER G 170 -55.76 -79.88 -25.03
CA SER G 170 -56.70 -79.31 -24.06
C SER G 170 -56.17 -78.06 -23.37
N SER G 171 -54.94 -77.64 -23.71
CA SER G 171 -54.29 -76.43 -23.18
C SER G 171 -54.16 -76.46 -21.66
N ASN G 172 -53.92 -77.64 -21.10
CA ASN G 172 -53.75 -77.79 -19.66
C ASN G 172 -52.40 -78.36 -19.28
N SER G 173 -51.56 -78.72 -20.24
CA SER G 173 -50.27 -79.33 -19.97
C SER G 173 -49.14 -78.33 -20.16
N TYR G 174 -48.00 -78.64 -19.54
CA TYR G 174 -46.83 -77.77 -19.60
C TYR G 174 -46.23 -77.71 -21.00
N ALA G 175 -46.42 -78.76 -21.79
CA ALA G 175 -45.99 -78.74 -23.18
C ALA G 175 -46.77 -77.71 -23.99
N ILE G 176 -48.08 -77.62 -23.79
CA ILE G 176 -48.87 -76.61 -24.48
C ILE G 176 -48.61 -75.22 -23.90
N LYS G 177 -48.29 -75.14 -22.59
CA LYS G 177 -47.96 -73.85 -21.99
C LYS G 177 -46.67 -73.28 -22.57
N LYS G 178 -45.63 -74.10 -22.67
CA LYS G 178 -44.40 -73.61 -23.30
C LYS G 178 -44.50 -73.55 -24.83
N LYS G 179 -45.45 -74.27 -25.43
CA LYS G 179 -45.78 -74.03 -26.83
C LYS G 179 -46.32 -72.62 -27.03
N ASP G 180 -47.20 -72.18 -26.14
CA ASP G 180 -47.65 -70.78 -26.16
C ASP G 180 -46.47 -69.84 -25.94
N GLU G 181 -45.66 -70.10 -24.90
CA GLU G 181 -44.57 -69.22 -24.50
C GLU G 181 -43.48 -69.11 -25.56
N LEU G 182 -43.27 -70.15 -26.36
CA LEU G 182 -42.28 -70.08 -27.43
C LEU G 182 -42.85 -69.67 -28.78
N GLU G 183 -44.02 -70.18 -29.18
CA GLU G 183 -44.55 -69.81 -30.48
C GLU G 183 -45.07 -68.37 -30.54
N ARG G 184 -45.54 -67.79 -29.42
CA ARG G 184 -45.90 -66.37 -29.48
C ARG G 184 -44.67 -65.49 -29.65
N VAL G 185 -43.56 -65.83 -29.01
CA VAL G 185 -42.31 -65.10 -29.21
C VAL G 185 -41.76 -65.32 -30.62
N ALA G 186 -41.96 -66.53 -31.16
CA ALA G 186 -41.48 -66.84 -32.51
C ALA G 186 -42.28 -66.08 -33.57
N LYS G 187 -43.59 -65.99 -33.40
CA LYS G 187 -44.41 -65.20 -34.32
C LYS G 187 -44.18 -63.71 -34.12
N SER G 188 -43.78 -63.29 -32.91
CA SER G 188 -43.46 -61.88 -32.70
C SER G 188 -42.14 -61.50 -33.35
N ASN G 189 -41.15 -62.40 -33.32
CA ASN G 189 -39.85 -62.14 -33.89
C ASN G 189 -39.69 -62.70 -35.30
N ARG G 190 -40.78 -63.17 -35.90
CA ARG G 190 -40.76 -63.57 -37.31
C ARG G 190 -40.51 -62.38 -38.22
N MET H 1 31.16 -81.27 38.00
CA MET H 1 30.79 -81.30 36.59
C MET H 1 31.20 -82.65 36.00
N LEU H 2 32.09 -83.34 36.70
CA LEU H 2 32.65 -84.58 36.20
C LEU H 2 31.65 -85.73 36.32
N MET H 3 31.82 -86.70 35.43
CA MET H 3 31.13 -87.98 35.48
C MET H 3 31.88 -88.88 36.46
N PRO H 4 31.44 -90.13 36.67
CA PRO H 4 32.38 -91.10 37.24
C PRO H 4 33.58 -91.33 36.34
N LYS H 5 34.71 -91.64 36.97
CA LYS H 5 36.01 -91.62 36.30
C LYS H 5 36.14 -92.73 35.27
N LYS H 6 35.34 -93.79 35.41
CA LYS H 6 35.29 -94.87 34.44
C LYS H 6 34.78 -94.43 33.06
N ASN H 7 34.01 -93.33 33.00
CA ASN H 7 33.43 -92.86 31.75
C ASN H 7 34.50 -92.43 30.75
N ARG H 8 35.44 -91.58 31.20
CA ARG H 8 36.45 -91.02 30.31
C ARG H 8 37.39 -92.10 29.82
N ILE H 9 37.88 -92.95 30.72
CA ILE H 9 38.76 -94.04 30.32
C ILE H 9 38.03 -95.07 29.48
N ALA H 10 36.72 -95.24 29.67
CA ALA H 10 35.97 -96.18 28.85
C ALA H 10 35.79 -95.67 27.43
N ILE H 11 35.47 -94.38 27.27
CA ILE H 11 35.25 -93.87 25.92
C ILE H 11 36.58 -93.71 25.17
N TYR H 12 37.65 -93.30 25.85
CA TYR H 12 38.94 -93.25 25.17
C TYR H 12 39.53 -94.64 24.97
N GLU H 13 39.16 -95.62 25.79
CA GLU H 13 39.59 -97.00 25.55
C GLU H 13 38.86 -97.61 24.37
N LEU H 14 37.57 -97.28 24.21
CA LEU H 14 36.84 -97.74 23.04
C LEU H 14 37.36 -97.10 21.76
N LEU H 15 37.73 -95.81 21.83
CA LEU H 15 38.38 -95.16 20.70
C LEU H 15 39.77 -95.74 20.45
N PHE H 16 40.48 -96.15 21.51
CA PHE H 16 41.77 -96.81 21.37
C PHE H 16 41.62 -98.18 20.71
N LYS H 17 40.53 -98.89 21.01
CA LYS H 17 40.33 -100.22 20.46
C LYS H 17 39.89 -100.17 19.01
N GLU H 18 39.03 -99.22 18.65
CA GLU H 18 38.45 -99.22 17.31
C GLU H 18 38.88 -98.03 16.45
N GLY H 19 38.84 -96.82 16.97
CA GLY H 19 39.11 -95.65 16.17
C GLY H 19 37.90 -95.08 15.46
N VAL H 20 36.73 -95.68 15.64
CA VAL H 20 35.49 -95.23 15.02
C VAL H 20 34.45 -95.03 16.12
N MET H 21 33.93 -93.82 16.23
CA MET H 21 32.85 -93.51 17.15
C MET H 21 31.68 -92.92 16.38
N VAL H 22 30.48 -93.20 16.85
CA VAL H 22 29.25 -92.74 16.21
C VAL H 22 28.22 -92.42 17.28
N ALA H 23 27.61 -91.23 17.16
CA ALA H 23 26.50 -90.86 18.04
C ALA H 23 25.40 -90.25 17.21
N LYS H 24 24.29 -89.86 17.83
CA LYS H 24 23.17 -89.27 17.10
C LYS H 24 22.84 -87.90 17.67
N LYS H 25 21.91 -87.21 17.00
CA LYS H 25 21.56 -85.83 17.34
C LYS H 25 20.81 -85.73 18.66
N ASP H 26 20.19 -86.82 19.12
CA ASP H 26 19.23 -86.82 20.23
C ASP H 26 19.97 -86.54 21.53
N VAL H 27 20.02 -85.27 21.93
CA VAL H 27 20.63 -84.91 23.21
C VAL H 27 19.60 -84.89 24.34
N HIS H 28 19.19 -86.07 24.79
CA HIS H 28 18.66 -86.36 26.12
C HIS H 28 17.30 -85.71 26.45
N MET H 29 16.82 -84.77 25.64
CA MET H 29 15.62 -84.03 26.03
C MET H 29 14.28 -84.66 25.67
N PRO H 30 14.04 -85.28 24.47
CA PRO H 30 12.76 -85.99 24.31
C PRO H 30 12.80 -87.38 24.94
N LYS H 31 13.94 -88.05 24.81
CA LYS H 31 14.05 -89.47 25.07
C LYS H 31 15.49 -89.77 25.47
N HIS H 32 15.68 -90.83 26.26
CA HIS H 32 16.98 -91.26 26.75
C HIS H 32 17.31 -92.67 26.24
N PRO H 33 17.80 -92.82 25.00
CA PRO H 33 18.40 -94.11 24.62
C PRO H 33 19.89 -94.10 24.89
N GLU H 34 20.37 -95.17 25.51
CA GLU H 34 21.79 -95.27 25.83
C GLU H 34 22.58 -95.65 24.58
N LEU H 35 23.90 -95.63 24.72
CA LEU H 35 24.79 -95.97 23.61
C LEU H 35 24.72 -97.47 23.33
N ALA H 36 24.87 -97.83 22.06
CA ALA H 36 24.82 -99.22 21.64
C ALA H 36 26.01 -100.03 22.14
N ASP H 37 27.10 -99.37 22.52
CA ASP H 37 28.27 -100.05 23.06
C ASP H 37 28.48 -99.83 24.56
N LYS H 38 28.17 -98.64 25.07
CA LYS H 38 28.46 -98.33 26.47
C LYS H 38 27.23 -97.83 27.21
N ASN H 39 27.43 -97.30 28.42
CA ASN H 39 26.34 -96.85 29.29
C ASN H 39 25.92 -95.41 29.01
N VAL H 40 26.89 -94.52 28.81
CA VAL H 40 26.61 -93.09 28.64
C VAL H 40 25.94 -92.82 27.29
N PRO H 41 24.75 -92.21 27.28
CA PRO H 41 23.95 -92.19 26.04
C PRO H 41 24.48 -91.37 24.86
N ASN H 42 24.45 -90.04 24.94
CA ASN H 42 24.86 -89.21 23.83
C ASN H 42 25.68 -88.01 24.28
N LEU H 43 25.28 -87.42 25.41
CA LEU H 43 25.79 -86.11 25.80
C LEU H 43 27.21 -86.20 26.33
N HIS H 44 27.51 -87.25 27.09
CA HIS H 44 28.87 -87.43 27.60
C HIS H 44 29.82 -87.81 26.46
N VAL H 45 29.30 -88.52 25.46
CA VAL H 45 30.07 -88.84 24.26
C VAL H 45 30.40 -87.56 23.49
N MET H 46 29.43 -86.65 23.35
CA MET H 46 29.67 -85.39 22.68
C MET H 46 30.64 -84.51 23.47
N LYS H 47 30.52 -84.51 24.80
CA LYS H 47 31.43 -83.72 25.62
C LYS H 47 32.86 -84.28 25.57
N ALA H 48 33.00 -85.59 25.43
CA ALA H 48 34.33 -86.18 25.29
C ALA H 48 34.92 -85.93 23.91
N MET H 49 34.09 -85.96 22.86
CA MET H 49 34.61 -85.84 21.50
C MET H 49 34.69 -84.41 20.99
N GLN H 50 34.09 -83.44 21.70
CA GLN H 50 34.20 -82.06 21.26
C GLN H 50 35.60 -81.51 21.50
N SER H 51 36.29 -82.00 22.53
CA SER H 51 37.68 -81.61 22.77
C SER H 51 38.62 -82.20 21.73
N LEU H 52 38.22 -83.28 21.05
CA LEU H 52 39.03 -83.85 19.99
C LEU H 52 38.69 -83.25 18.63
N LYS H 53 37.43 -82.88 18.41
CA LYS H 53 37.06 -82.25 17.14
C LYS H 53 37.41 -80.76 17.11
N SER H 54 37.60 -80.14 18.27
CA SER H 54 37.91 -78.71 18.29
C SER H 54 39.40 -78.45 18.17
N ARG H 55 40.22 -79.34 18.73
CA ARG H 55 41.67 -79.19 18.64
C ARG H 55 42.25 -79.69 17.33
N GLY H 56 41.42 -80.18 16.42
CA GLY H 56 41.91 -80.72 15.16
C GLY H 56 42.45 -82.12 15.26
N TYR H 57 42.10 -82.87 16.30
CA TYR H 57 42.62 -84.22 16.48
C TYR H 57 41.81 -85.25 15.73
N VAL H 58 40.48 -85.19 15.85
CA VAL H 58 39.58 -86.20 15.29
C VAL H 58 38.58 -85.47 14.39
N LYS H 59 38.48 -85.91 13.14
CA LYS H 59 37.60 -85.25 12.18
C LYS H 59 36.15 -85.62 12.44
N GLU H 60 35.25 -84.75 11.96
CA GLU H 60 33.82 -84.87 12.19
C GLU H 60 33.10 -85.00 10.85
N GLN H 61 32.14 -85.93 10.77
CA GLN H 61 31.27 -86.07 9.61
C GLN H 61 29.85 -86.23 10.12
N PHE H 62 28.90 -85.52 9.52
CA PHE H 62 27.52 -85.62 9.96
C PHE H 62 26.68 -86.33 8.89
N ALA H 63 25.82 -87.24 9.33
CA ALA H 63 24.95 -87.95 8.40
C ALA H 63 23.61 -88.19 9.07
N TRP H 64 22.66 -87.29 8.77
CA TRP H 64 21.22 -87.44 8.84
C TRP H 64 20.64 -87.50 10.25
N ARG H 65 21.41 -87.96 11.23
CA ARG H 65 21.18 -87.71 12.65
C ARG H 65 22.53 -87.74 13.34
N HIS H 66 23.51 -88.33 12.66
CA HIS H 66 24.60 -89.02 13.33
C HIS H 66 25.94 -88.32 13.12
N PHE H 67 26.70 -88.24 14.19
CA PHE H 67 28.08 -87.76 14.18
C PHE H 67 28.99 -88.98 14.09
N TYR H 68 29.73 -89.06 12.99
CA TYR H 68 30.80 -90.04 12.83
C TYR H 68 32.12 -89.36 13.08
N TRP H 69 32.98 -89.98 13.87
CA TRP H 69 34.29 -89.44 14.18
C TRP H 69 35.38 -90.22 13.46
N TYR H 70 36.28 -89.50 12.81
CA TYR H 70 37.18 -90.04 11.81
C TYR H 70 38.62 -89.81 12.25
N LEU H 71 39.48 -90.79 11.96
CA LEU H 71 40.86 -90.80 12.43
C LEU H 71 41.81 -90.25 11.37
N THR H 72 42.72 -89.38 11.82
CA THR H 72 43.74 -88.78 10.97
C THR H 72 45.09 -89.35 11.38
N ASN H 73 46.09 -89.29 10.47
CA ASN H 73 47.45 -89.68 10.83
C ASN H 73 48.02 -88.75 11.89
N GLU H 74 47.78 -87.45 11.75
CA GLU H 74 48.07 -86.52 12.84
C GLU H 74 47.17 -86.79 14.04
N GLY H 75 45.97 -87.34 13.81
CA GLY H 75 45.15 -87.86 14.88
C GLY H 75 45.82 -88.96 15.68
N ILE H 76 46.55 -89.86 15.01
CA ILE H 76 47.31 -90.89 15.71
C ILE H 76 48.53 -90.30 16.40
N GLN H 77 49.15 -89.31 15.75
CA GLN H 77 50.29 -88.61 16.35
C GLN H 77 49.91 -87.84 17.61
N TYR H 78 48.65 -87.41 17.74
CA TYR H 78 48.17 -86.82 18.99
C TYR H 78 47.42 -87.81 19.88
N LEU H 79 47.07 -88.99 19.37
CA LEU H 79 46.68 -90.10 20.23
C LEU H 79 47.88 -90.78 20.88
N ARG H 80 49.10 -90.42 20.45
CA ARG H 80 50.29 -90.73 21.23
C ARG H 80 50.20 -90.17 22.65
N ASP H 81 49.57 -88.99 22.80
CA ASP H 81 49.32 -88.40 24.12
C ASP H 81 48.42 -89.31 24.97
N TYR H 82 47.43 -89.95 24.35
CA TYR H 82 46.65 -90.95 25.08
C TYR H 82 47.49 -92.21 25.32
N LEU H 83 48.31 -92.60 24.34
CA LEU H 83 49.25 -93.73 24.40
C LEU H 83 50.33 -93.58 25.46
N HIS H 84 50.44 -92.43 26.12
CA HIS H 84 51.26 -92.33 27.32
C HIS H 84 50.79 -93.28 28.41
N LEU H 85 49.48 -93.51 28.53
CA LEU H 85 48.94 -94.33 29.61
C LEU H 85 49.03 -95.84 29.35
N PRO H 86 48.65 -96.41 28.19
CA PRO H 86 48.90 -97.84 27.99
C PRO H 86 50.26 -98.05 27.33
N PRO H 87 50.70 -99.29 27.12
CA PRO H 87 51.82 -99.52 26.20
C PRO H 87 51.41 -99.23 24.76
N GLU H 88 52.42 -99.05 23.92
CA GLU H 88 52.23 -98.60 22.54
C GLU H 88 51.62 -99.72 21.71
N ILE H 89 50.30 -99.65 21.50
CA ILE H 89 49.57 -100.62 20.69
C ILE H 89 48.78 -99.87 19.63
N VAL H 90 49.05 -100.18 18.38
CA VAL H 90 48.29 -99.63 17.25
C VAL H 90 47.00 -100.43 17.11
N PRO H 91 45.83 -99.78 16.97
CA PRO H 91 44.59 -100.53 16.75
C PRO H 91 44.53 -101.14 15.36
N ALA H 92 43.42 -101.83 15.10
CA ALA H 92 43.25 -102.61 13.88
C ALA H 92 42.78 -101.74 12.70
N THR H 93 43.53 -100.66 12.47
CA THR H 93 43.32 -99.76 11.35
C THR H 93 44.56 -99.63 10.48
N LEU H 94 45.72 -99.43 11.09
CA LEU H 94 46.94 -99.09 10.36
C LEU H 94 48.03 -100.15 10.41
N ARG H 95 48.00 -101.05 11.41
CA ARG H 95 49.10 -101.99 11.62
C ARG H 95 49.13 -103.05 10.53
N ARG H 96 48.10 -103.88 10.44
CA ARG H 96 48.07 -104.98 9.49
C ARG H 96 46.96 -104.78 8.47
N SER H 97 47.08 -105.51 7.36
CA SER H 97 46.10 -105.45 6.27
C SER H 97 46.00 -106.83 5.66
N ARG H 98 44.82 -107.45 5.77
CA ARG H 98 44.60 -108.79 5.23
C ARG H 98 44.28 -108.74 3.75
N VAL I 1 71.94 -89.27 47.60
CA VAL I 1 71.67 -90.70 47.51
C VAL I 1 70.60 -90.93 46.44
N MET I 2 70.87 -91.86 45.53
CA MET I 2 70.07 -91.99 44.31
C MET I 2 68.73 -92.68 44.56
N ASP I 3 68.75 -93.86 45.19
CA ASP I 3 67.57 -94.71 45.27
C ASP I 3 66.48 -94.12 46.16
N VAL I 4 66.84 -93.26 47.12
CA VAL I 4 65.86 -92.61 47.99
C VAL I 4 64.89 -91.76 47.17
N ASN I 5 65.41 -90.99 46.21
CA ASN I 5 64.54 -90.26 45.29
C ASN I 5 64.00 -91.14 44.18
N THR I 6 64.79 -92.12 43.73
CA THR I 6 64.42 -92.91 42.54
C THR I 6 63.23 -93.81 42.80
N ALA I 7 63.29 -94.63 43.85
CA ALA I 7 62.18 -95.52 44.16
C ALA I 7 60.95 -94.75 44.60
N LEU I 8 61.14 -93.58 45.21
CA LEU I 8 60.01 -92.75 45.62
C LEU I 8 59.28 -92.16 44.41
N GLN I 9 60.01 -91.60 43.44
CA GLN I 9 59.35 -91.11 42.23
C GLN I 9 58.80 -92.25 41.39
N GLU I 10 59.40 -93.44 41.47
CA GLU I 10 58.88 -94.59 40.74
C GLU I 10 57.53 -95.03 41.31
N VAL I 11 57.43 -95.16 42.63
CA VAL I 11 56.17 -95.61 43.22
C VAL I 11 55.10 -94.51 43.13
N LEU I 12 55.48 -93.23 43.23
CA LEU I 12 54.48 -92.18 43.08
C LEU I 12 54.03 -92.01 41.64
N LYS I 13 54.92 -92.21 40.66
CA LYS I 13 54.51 -92.14 39.26
C LYS I 13 53.64 -93.34 38.88
N THR I 14 53.96 -94.53 39.41
CA THR I 14 53.12 -95.69 39.12
C THR I 14 51.75 -95.55 39.78
N ALA I 15 51.71 -95.02 41.01
CA ALA I 15 50.42 -94.78 41.67
C ALA I 15 49.65 -93.65 41.01
N LEU I 16 50.34 -92.71 40.36
CA LEU I 16 49.65 -91.65 39.63
C LEU I 16 49.10 -92.15 38.31
N ILE I 17 49.78 -93.11 37.68
CA ILE I 17 49.21 -93.80 36.52
C ILE I 17 47.98 -94.59 36.92
N HIS I 18 48.07 -95.32 38.04
CA HIS I 18 46.93 -96.08 38.52
C HIS I 18 45.89 -95.13 39.15
N ASP I 19 44.68 -95.65 39.35
CA ASP I 19 43.61 -94.84 39.91
C ASP I 19 43.82 -94.57 41.40
N GLY I 20 44.42 -95.51 42.13
CA GLY I 20 44.50 -95.43 43.58
C GLY I 20 45.51 -94.45 44.15
N LEU I 21 45.35 -93.16 43.84
CA LEU I 21 46.23 -92.12 44.34
C LEU I 21 45.36 -91.05 44.98
N ALA I 22 45.17 -91.15 46.29
CA ALA I 22 44.27 -90.28 47.03
C ALA I 22 44.98 -88.99 47.41
N ARG I 23 44.36 -87.85 47.11
CA ARG I 23 44.93 -86.54 47.37
C ARG I 23 43.93 -85.73 48.20
N GLY I 24 44.36 -85.31 49.38
CA GLY I 24 43.58 -84.41 50.20
C GLY I 24 43.28 -84.97 51.57
N ILE I 25 42.79 -84.07 52.43
CA ILE I 25 42.50 -84.39 53.83
C ILE I 25 41.30 -85.31 53.95
N ARG I 26 40.16 -84.93 53.35
CA ARG I 26 38.95 -85.74 53.42
C ARG I 26 39.12 -87.07 52.70
N GLU I 27 39.74 -87.07 51.53
CA GLU I 27 39.95 -88.30 50.78
C GLU I 27 40.95 -89.22 51.47
N ALA I 28 41.99 -88.64 52.09
CA ALA I 28 42.96 -89.43 52.83
C ALA I 28 42.34 -90.04 54.07
N ALA I 29 41.52 -89.26 54.79
CA ALA I 29 40.83 -89.79 55.97
C ALA I 29 39.80 -90.84 55.58
N LYS I 30 39.14 -90.67 54.44
CA LYS I 30 38.19 -91.68 53.95
C LYS I 30 38.91 -92.98 53.59
N ALA I 31 40.09 -92.87 52.95
CA ALA I 31 40.85 -94.07 52.60
C ALA I 31 41.38 -94.77 53.85
N LEU I 32 41.83 -94.01 54.85
CA LEU I 32 42.33 -94.63 56.08
C LEU I 32 41.20 -95.20 56.93
N ASP I 33 39.98 -94.66 56.78
CA ASP I 33 38.84 -95.27 57.47
C ASP I 33 38.32 -96.50 56.74
N LYS I 34 38.40 -96.52 55.41
CA LYS I 34 38.05 -97.71 54.64
C LYS I 34 39.11 -98.80 54.72
N ARG I 35 40.33 -98.45 55.15
CA ARG I 35 41.48 -99.36 55.28
C ARG I 35 41.85 -100.00 53.95
N GLN I 36 41.62 -99.29 52.86
CA GLN I 36 42.02 -99.71 51.52
C GLN I 36 43.35 -99.09 51.10
N ALA I 37 44.20 -98.79 52.07
CA ALA I 37 45.45 -98.09 51.85
C ALA I 37 46.63 -98.99 52.18
N HIS I 38 47.77 -98.70 51.56
CA HIS I 38 49.02 -99.40 51.84
C HIS I 38 50.16 -98.50 52.25
N LEU I 39 50.10 -97.20 51.93
CA LEU I 39 51.17 -96.27 52.28
C LEU I 39 50.60 -94.86 52.27
N CYS I 40 51.06 -94.04 53.21
CA CYS I 40 50.65 -92.65 53.30
C CYS I 40 51.88 -91.75 53.40
N VAL I 41 51.77 -90.55 52.83
CA VAL I 41 52.84 -89.57 52.80
C VAL I 41 52.30 -88.27 53.38
N LEU I 42 52.92 -87.78 54.45
CA LEU I 42 52.58 -86.48 55.00
C LEU I 42 53.73 -85.50 54.79
N ALA I 43 53.41 -84.22 54.90
CA ALA I 43 54.40 -83.15 54.78
C ALA I 43 54.63 -82.48 56.13
N SER I 44 55.89 -82.13 56.37
CA SER I 44 56.32 -81.68 57.69
C SER I 44 56.15 -80.19 57.92
N ASN I 45 56.53 -79.35 56.94
CA ASN I 45 56.44 -77.91 57.10
C ASN I 45 54.99 -77.44 57.05
N CYS I 46 54.37 -77.31 58.22
CA CYS I 46 52.95 -77.00 58.34
C CYS I 46 52.77 -75.62 58.96
N ASP I 47 51.74 -74.92 58.51
CA ASP I 47 51.31 -73.69 59.16
C ASP I 47 50.03 -73.85 59.98
N GLU I 48 49.35 -74.99 59.85
CA GLU I 48 48.15 -75.30 60.60
C GLU I 48 48.49 -76.17 61.80
N PRO I 49 47.97 -75.88 62.99
CA PRO I 49 48.25 -76.73 64.15
C PRO I 49 47.47 -78.03 64.08
N MET I 50 48.05 -79.08 64.69
CA MET I 50 47.46 -80.40 64.84
C MET I 50 47.10 -81.03 63.48
N TYR I 51 48.03 -80.91 62.53
CA TYR I 51 47.81 -81.44 61.19
C TYR I 51 48.43 -82.82 60.99
N VAL I 52 49.73 -82.95 61.23
CA VAL I 52 50.40 -84.24 61.04
C VAL I 52 50.07 -85.23 62.16
N LYS I 53 49.65 -84.74 63.33
CA LYS I 53 49.35 -85.62 64.45
C LYS I 53 48.09 -86.44 64.20
N LEU I 54 47.09 -85.86 63.54
CA LEU I 54 45.89 -86.62 63.19
C LEU I 54 46.19 -87.71 62.16
N VAL I 55 47.07 -87.42 61.21
CA VAL I 55 47.41 -88.38 60.17
C VAL I 55 48.22 -89.53 60.77
N GLU I 56 49.22 -89.21 61.60
CA GLU I 56 49.99 -90.27 62.23
C GLU I 56 49.19 -91.03 63.28
N ALA I 57 48.17 -90.41 63.87
CA ALA I 57 47.30 -91.11 64.80
C ALA I 57 46.37 -92.08 64.05
N LEU I 58 45.85 -91.67 62.89
CA LEU I 58 45.11 -92.58 62.03
C LEU I 58 45.96 -93.76 61.58
N CYS I 59 47.21 -93.47 61.18
CA CYS I 59 48.10 -94.55 60.72
C CYS I 59 48.51 -95.48 61.87
N ALA I 60 48.68 -94.95 63.08
CA ALA I 60 49.03 -95.79 64.21
C ALA I 60 47.85 -96.63 64.69
N GLU I 61 46.64 -96.06 64.66
CA GLU I 61 45.47 -96.80 65.12
C GLU I 61 44.94 -97.75 64.06
N HIS I 62 45.33 -97.57 62.80
CA HIS I 62 44.89 -98.46 61.74
C HIS I 62 46.01 -99.36 61.21
N GLN I 63 47.23 -99.23 61.75
CA GLN I 63 48.40 -100.04 61.39
C GLN I 63 48.73 -99.95 59.91
N ILE I 64 48.68 -98.73 59.38
CA ILE I 64 48.94 -98.46 57.97
C ILE I 64 50.24 -97.67 57.88
N ASN I 65 51.05 -98.00 56.86
CA ASN I 65 52.40 -97.45 56.71
C ASN I 65 52.36 -95.93 56.46
N LEU I 66 53.29 -95.23 57.09
CA LEU I 66 53.31 -93.77 57.10
C LEU I 66 54.73 -93.27 56.95
N ILE I 67 54.93 -92.31 56.04
CA ILE I 67 56.24 -91.72 55.79
C ILE I 67 56.06 -90.21 55.64
N LYS I 68 57.14 -89.47 55.84
CA LYS I 68 57.11 -88.01 55.84
C LYS I 68 58.10 -87.42 54.84
N VAL I 69 57.69 -86.33 54.21
CA VAL I 69 58.54 -85.49 53.37
C VAL I 69 58.49 -84.09 53.98
N ASP I 70 59.61 -83.37 53.91
CA ASP I 70 59.78 -82.13 54.67
C ASP I 70 58.80 -81.01 54.29
N ASP I 71 58.37 -80.95 53.02
CA ASP I 71 57.41 -79.92 52.64
C ASP I 71 56.55 -80.39 51.48
N ASN I 72 55.44 -79.66 51.26
CA ASN I 72 54.52 -79.95 50.18
C ASN I 72 54.84 -79.20 48.89
N LYS I 73 55.72 -78.20 48.94
CA LYS I 73 56.14 -77.50 47.73
C LYS I 73 56.94 -78.41 46.81
N LYS I 74 57.64 -79.40 47.36
CA LYS I 74 58.23 -80.43 46.53
C LYS I 74 57.25 -81.56 46.24
N LEU I 75 56.34 -81.85 47.18
CA LEU I 75 55.37 -82.92 46.96
C LEU I 75 54.40 -82.61 45.82
N GLY I 76 54.18 -81.32 45.54
CA GLY I 76 53.42 -80.91 44.37
C GLY I 76 53.99 -81.39 43.05
N GLU I 77 55.31 -81.41 42.91
CA GLU I 77 55.93 -81.98 41.72
C GLU I 77 56.34 -83.44 41.89
N TRP I 78 56.32 -83.96 43.13
CA TRP I 78 56.35 -85.41 43.30
C TRP I 78 55.08 -86.07 42.75
N VAL I 79 53.94 -85.41 42.94
CA VAL I 79 52.65 -85.99 42.60
C VAL I 79 52.11 -85.48 41.28
N GLY I 80 52.00 -84.16 41.11
CA GLY I 80 51.38 -83.61 39.93
C GLY I 80 50.23 -82.67 40.23
N LEU I 81 50.27 -82.03 41.41
CA LEU I 81 49.27 -81.03 41.79
C LEU I 81 49.73 -79.64 41.33
N CYS I 82 49.90 -79.52 40.01
CA CYS I 82 50.32 -78.26 39.40
C CYS I 82 49.85 -78.22 37.96
N LYS I 83 49.44 -77.03 37.51
CA LYS I 83 48.95 -76.84 36.15
C LYS I 83 50.13 -76.84 35.20
N ILE I 84 50.24 -77.89 34.39
CA ILE I 84 51.33 -78.03 33.43
C ILE I 84 50.77 -78.15 32.02
N ASP I 85 51.63 -77.86 31.06
CA ASP I 85 51.39 -78.19 29.66
C ASP I 85 51.93 -79.60 29.40
N ARG I 86 52.05 -79.99 28.14
CA ARG I 86 52.62 -81.30 27.83
C ARG I 86 54.14 -81.29 27.79
N GLU I 87 54.78 -80.20 28.23
CA GLU I 87 56.24 -80.14 28.29
C GLU I 87 56.75 -80.24 29.73
N GLY I 88 56.08 -79.60 30.68
CA GLY I 88 56.45 -79.79 32.07
C GLY I 88 56.70 -78.53 32.89
N LYS I 89 56.20 -77.38 32.44
CA LYS I 89 56.33 -76.14 33.20
C LYS I 89 55.13 -75.96 34.11
N PRO I 90 55.30 -75.94 35.43
CA PRO I 90 54.16 -75.76 36.34
C PRO I 90 53.80 -74.29 36.51
N ARG I 91 52.65 -74.07 37.13
CA ARG I 91 52.14 -72.73 37.42
C ARG I 91 51.68 -72.69 38.87
N LYS I 92 52.56 -72.16 39.75
CA LYS I 92 52.35 -72.04 41.19
C LYS I 92 52.06 -73.40 41.82
N VAL I 93 53.10 -74.24 41.81
CA VAL I 93 52.98 -75.61 42.28
C VAL I 93 52.73 -75.64 43.78
N VAL I 94 51.69 -76.38 44.19
CA VAL I 94 51.32 -76.56 45.58
C VAL I 94 51.09 -78.05 45.83
N GLY I 95 51.12 -78.43 47.09
CA GLY I 95 50.94 -79.82 47.49
C GLY I 95 49.95 -79.95 48.61
N CYS I 96 49.12 -81.00 48.54
CA CYS I 96 48.03 -81.22 49.49
C CYS I 96 48.50 -81.78 50.82
N SER I 97 49.80 -82.08 50.96
CA SER I 97 50.51 -82.50 52.18
C SER I 97 50.14 -83.88 52.69
N CYS I 98 49.17 -84.56 52.08
CA CYS I 98 48.73 -85.90 52.50
C CYS I 98 48.37 -86.67 51.24
N VAL I 99 49.24 -87.59 50.83
CA VAL I 99 49.07 -88.36 49.61
C VAL I 99 49.06 -89.84 49.97
N VAL I 100 47.99 -90.54 49.60
CA VAL I 100 47.78 -91.92 50.00
C VAL I 100 47.85 -92.82 48.77
N VAL I 101 48.73 -93.82 48.80
CA VAL I 101 48.73 -94.85 47.78
C VAL I 101 47.79 -95.96 48.24
N LYS I 102 46.70 -96.15 47.49
CA LYS I 102 45.69 -97.14 47.90
C LYS I 102 46.20 -98.55 47.70
N ASP I 103 46.60 -98.90 46.48
CA ASP I 103 47.21 -100.19 46.20
C ASP I 103 48.55 -99.99 45.51
N TYR I 104 49.48 -100.91 45.77
CA TYR I 104 50.81 -100.83 45.19
C TYR I 104 50.77 -101.19 43.71
N GLY I 105 51.66 -100.58 42.94
CA GLY I 105 51.67 -100.77 41.51
C GLY I 105 52.19 -102.14 41.13
N LYS I 106 51.42 -102.90 40.35
CA LYS I 106 51.82 -104.24 39.96
C LYS I 106 52.96 -104.21 38.94
N GLU I 107 52.94 -103.22 38.05
CA GLU I 107 53.97 -103.09 37.02
C GLU I 107 55.27 -102.49 37.55
N SER I 108 55.28 -101.98 38.77
CA SER I 108 56.48 -101.37 39.31
C SER I 108 57.41 -102.41 39.91
N GLN I 109 58.65 -101.99 40.17
CA GLN I 109 59.67 -102.87 40.73
C GLN I 109 60.26 -102.28 41.99
N ALA I 110 61.38 -102.87 42.46
CA ALA I 110 62.13 -102.43 43.65
C ALA I 110 61.27 -102.46 44.91
N LYS I 111 60.46 -103.53 45.04
CA LYS I 111 59.68 -103.75 46.25
C LYS I 111 60.59 -103.96 47.46
N ASP I 112 61.70 -104.67 47.27
CA ASP I 112 62.69 -104.83 48.33
C ASP I 112 63.33 -103.50 48.71
N VAL I 113 63.59 -102.63 47.74
CA VAL I 113 64.14 -101.30 48.03
C VAL I 113 63.15 -100.48 48.84
N ILE I 114 61.86 -100.55 48.47
CA ILE I 114 60.81 -99.84 49.20
C ILE I 114 60.70 -100.32 50.63
N GLU I 115 60.61 -101.65 50.84
CA GLU I 115 60.40 -102.15 52.19
C GLU I 115 61.65 -102.04 53.06
N GLU I 116 62.86 -102.19 52.47
CA GLU I 116 64.09 -102.07 53.25
C GLU I 116 64.47 -100.63 53.52
N TYR I 117 63.96 -99.67 52.73
CA TYR I 117 64.16 -98.28 53.11
C TYR I 117 63.08 -97.80 54.08
N PHE I 118 61.88 -98.39 54.02
CA PHE I 118 60.82 -97.94 54.90
C PHE I 118 60.96 -98.54 56.30
N LYS I 119 60.92 -99.87 56.41
CA LYS I 119 60.87 -100.55 57.69
C LYS I 119 62.03 -101.54 57.79
N CYS I 120 63.23 -101.03 57.45
CA CYS I 120 64.55 -101.70 57.54
C CYS I 120 64.64 -103.16 57.09
N PHE J 1 -29.66 -73.29 56.50
CA PHE J 1 -29.52 -73.71 55.11
C PHE J 1 -29.62 -75.21 54.88
N ARG J 2 -29.75 -75.56 53.61
CA ARG J 2 -29.68 -76.95 53.18
C ARG J 2 -28.25 -77.45 53.29
N LYS J 3 -28.12 -78.73 53.65
CA LYS J 3 -26.81 -79.36 53.84
C LYS J 3 -26.11 -79.65 52.50
N PHE J 4 -26.78 -79.38 51.37
CA PHE J 4 -26.33 -79.69 50.01
C PHE J 4 -26.07 -81.19 49.86
N THR J 5 -27.17 -81.93 49.88
CA THR J 5 -27.16 -83.30 49.41
C THR J 5 -26.70 -83.31 47.96
N TYR J 6 -25.54 -83.91 47.69
CA TYR J 6 -24.93 -83.79 46.37
C TYR J 6 -25.68 -84.64 45.34
N ARG J 7 -25.80 -85.94 45.60
CA ARG J 7 -26.62 -86.85 44.79
C ARG J 7 -27.45 -87.73 45.70
N GLY J 8 -27.90 -87.18 46.83
CA GLY J 8 -28.70 -87.90 47.80
C GLY J 8 -27.98 -88.20 49.10
N VAL J 9 -26.66 -88.01 49.15
CA VAL J 9 -25.88 -88.32 50.35
C VAL J 9 -25.53 -87.01 51.05
N ASP J 10 -25.36 -87.10 52.36
CA ASP J 10 -25.19 -85.92 53.19
C ASP J 10 -23.75 -85.39 53.11
N LEU J 11 -23.57 -84.17 53.61
CA LEU J 11 -22.27 -83.50 53.50
C LEU J 11 -21.26 -84.10 54.47
N ASP J 12 -21.70 -84.42 55.70
CA ASP J 12 -20.81 -85.10 56.63
C ASP J 12 -20.53 -86.54 56.19
N GLN J 13 -21.48 -87.16 55.49
CA GLN J 13 -21.23 -88.47 54.89
C GLN J 13 -20.19 -88.38 53.78
N LEU J 14 -20.23 -87.30 52.99
CA LEU J 14 -19.20 -87.09 51.98
C LEU J 14 -17.84 -86.79 52.60
N LEU J 15 -17.83 -86.10 53.74
CA LEU J 15 -16.55 -85.80 54.40
C LEU J 15 -15.94 -87.05 55.03
N ASP J 16 -16.76 -87.87 55.68
CA ASP J 16 -16.26 -89.08 56.34
C ASP J 16 -16.26 -90.30 55.42
N MET J 17 -16.64 -90.15 54.16
CA MET J 17 -16.75 -91.27 53.23
C MET J 17 -15.48 -91.38 52.40
N SER J 18 -15.00 -92.61 52.24
CA SER J 18 -13.76 -92.82 51.51
C SER J 18 -13.99 -92.71 50.01
N TYR J 19 -12.91 -92.40 49.29
CA TYR J 19 -13.00 -92.12 47.85
C TYR J 19 -13.34 -93.39 47.07
N GLU J 20 -12.82 -94.54 47.50
CA GLU J 20 -13.14 -95.81 46.84
C GLU J 20 -14.59 -96.22 47.03
N GLN J 21 -15.29 -95.61 48.00
CA GLN J 21 -16.73 -95.79 48.14
C GLN J 21 -17.55 -94.73 47.43
N LEU J 22 -17.07 -93.48 47.37
CA LEU J 22 -17.88 -92.42 46.76
C LEU J 22 -17.64 -92.25 45.26
N MET J 23 -16.70 -92.99 44.66
CA MET J 23 -16.64 -92.95 43.21
C MET J 23 -17.76 -93.73 42.55
N GLN J 24 -18.44 -94.61 43.30
CA GLN J 24 -19.71 -95.14 42.82
C GLN J 24 -20.75 -94.03 42.72
N LEU J 25 -20.65 -93.01 43.58
CA LEU J 25 -21.55 -91.87 43.52
C LEU J 25 -21.17 -90.91 42.39
N TYR J 26 -19.88 -90.67 42.19
CA TYR J 26 -19.44 -89.66 41.24
C TYR J 26 -19.58 -90.13 39.78
N SER J 27 -19.15 -89.29 38.84
CA SER J 27 -19.42 -89.45 37.42
C SER J 27 -18.23 -90.09 36.69
N ALA J 28 -18.39 -90.24 35.37
CA ALA J 28 -17.53 -91.12 34.59
C ALA J 28 -16.14 -90.52 34.37
N ARG J 29 -16.06 -89.21 34.13
CA ARG J 29 -14.78 -88.55 33.92
C ARG J 29 -13.92 -88.62 35.18
N GLN J 30 -14.53 -88.37 36.33
CA GLN J 30 -13.82 -88.47 37.59
C GLN J 30 -13.50 -89.92 37.94
N ARG J 31 -14.36 -90.87 37.54
CA ARG J 31 -14.04 -92.28 37.75
C ARG J 31 -12.86 -92.72 36.92
N ARG J 32 -12.70 -92.16 35.71
CA ARG J 32 -11.48 -92.43 34.95
C ARG J 32 -10.27 -91.80 35.61
N ARG J 33 -10.42 -90.58 36.11
CA ARG J 33 -9.30 -89.88 36.75
C ARG J 33 -8.86 -90.59 38.04
N LEU J 34 -9.78 -91.24 38.75
CA LEU J 34 -9.42 -91.98 39.95
C LEU J 34 -9.15 -93.46 39.69
N ASN J 35 -9.53 -93.96 38.51
CA ASN J 35 -8.94 -95.21 38.03
C ASN J 35 -7.46 -95.00 37.77
N ARG J 36 -7.09 -93.83 37.27
CA ARG J 36 -5.71 -93.38 37.28
C ARG J 36 -5.41 -92.74 38.64
N GLY J 37 -4.29 -92.04 38.75
CA GLY J 37 -4.02 -91.31 39.98
C GLY J 37 -2.87 -91.84 40.81
N LEU J 38 -1.72 -91.21 40.63
CA LEU J 38 -0.45 -91.47 41.30
C LEU J 38 0.26 -90.12 41.33
N ARG J 39 1.60 -90.15 41.41
CA ARG J 39 2.48 -89.07 40.92
C ARG J 39 2.26 -87.72 41.63
N ARG J 40 3.00 -87.54 42.74
CA ARG J 40 2.85 -86.63 43.89
C ARG J 40 2.07 -85.32 43.69
N LYS J 41 2.07 -84.73 42.48
CA LYS J 41 1.34 -83.49 42.20
C LYS J 41 -0.15 -83.54 42.59
N GLN J 42 -0.75 -84.74 42.60
CA GLN J 42 -2.08 -84.93 43.17
C GLN J 42 -2.04 -85.25 44.67
N HIS J 43 -1.01 -85.96 45.11
CA HIS J 43 -0.99 -86.53 46.46
C HIS J 43 -0.63 -85.49 47.51
N SER J 44 0.22 -84.53 47.18
CA SER J 44 0.75 -83.56 48.12
C SER J 44 0.09 -82.19 48.03
N LEU J 45 -0.53 -81.86 46.90
CA LEU J 45 -1.29 -80.61 46.80
C LEU J 45 -2.49 -80.63 47.75
N LEU J 46 -3.11 -81.79 47.91
CA LEU J 46 -4.21 -81.91 48.85
C LEU J 46 -3.70 -81.89 50.30
N LYS J 47 -2.46 -82.33 50.54
CA LYS J 47 -1.85 -82.15 51.85
C LYS J 47 -1.59 -80.68 52.16
N ARG J 48 -1.14 -79.92 51.16
CA ARG J 48 -0.97 -78.48 51.34
C ARG J 48 -2.32 -77.79 51.57
N LEU J 49 -3.38 -78.29 50.93
CA LEU J 49 -4.72 -77.76 51.18
C LEU J 49 -5.20 -78.14 52.58
N ARG J 50 -4.82 -79.33 53.07
CA ARG J 50 -5.08 -79.71 54.46
C ARG J 50 -4.38 -78.77 55.43
N LYS J 51 -3.13 -78.40 55.14
CA LYS J 51 -2.42 -77.46 56.01
C LYS J 51 -3.07 -76.08 55.99
N ALA J 52 -3.52 -75.63 54.81
CA ALA J 52 -4.21 -74.35 54.71
C ALA J 52 -5.53 -74.35 55.47
N LYS J 53 -6.24 -75.48 55.45
CA LYS J 53 -7.47 -75.58 56.24
C LYS J 53 -7.17 -75.73 57.73
N LYS J 54 -6.03 -76.34 58.08
CA LYS J 54 -5.75 -76.68 59.47
C LYS J 54 -5.25 -75.47 60.26
N GLU J 55 -4.25 -74.78 59.74
CA GLU J 55 -3.60 -73.70 60.50
C GLU J 55 -4.34 -72.36 60.39
N ALA J 56 -5.65 -72.41 60.66
CA ALA J 56 -6.49 -71.30 61.10
C ALA J 56 -7.78 -71.83 61.75
N PRO J 57 -7.75 -72.29 63.00
CA PRO J 57 -8.96 -72.91 63.59
C PRO J 57 -10.08 -71.93 63.90
N PRO J 58 -9.85 -70.76 64.62
CA PRO J 58 -11.10 -70.05 65.01
C PRO J 58 -11.63 -69.08 63.94
N MET J 59 -12.11 -69.67 62.84
CA MET J 59 -12.96 -69.01 61.83
C MET J 59 -12.28 -67.84 61.13
N GLU J 60 -10.99 -67.93 60.86
CA GLU J 60 -10.36 -66.92 60.04
C GLU J 60 -10.63 -67.17 58.56
N LYS J 61 -10.31 -66.18 57.74
CA LYS J 61 -10.25 -66.39 56.31
C LYS J 61 -9.01 -67.21 55.99
N PRO J 62 -9.14 -68.34 55.29
CA PRO J 62 -7.96 -69.19 55.05
C PRO J 62 -7.01 -68.57 54.04
N GLU J 63 -5.73 -68.90 54.20
CA GLU J 63 -4.70 -68.39 53.31
C GLU J 63 -4.83 -69.01 51.92
N VAL J 64 -4.47 -68.23 50.92
CA VAL J 64 -4.61 -68.67 49.53
C VAL J 64 -3.47 -69.63 49.19
N VAL J 65 -3.82 -70.72 48.50
CA VAL J 65 -2.85 -71.65 47.95
C VAL J 65 -2.96 -71.56 46.44
N LYS J 66 -1.90 -71.07 45.80
CA LYS J 66 -1.91 -70.91 44.35
C LYS J 66 -1.56 -72.22 43.67
N THR J 67 -2.08 -72.41 42.47
CA THR J 67 -1.88 -73.65 41.74
C THR J 67 -2.11 -73.41 40.24
N HIS J 68 -1.63 -74.39 39.46
CA HIS J 68 -1.78 -74.42 38.01
C HIS J 68 -2.71 -75.53 37.54
N LEU J 69 -3.11 -76.44 38.43
CA LEU J 69 -3.88 -77.62 38.07
C LEU J 69 -5.32 -77.20 37.78
N ARG J 70 -5.57 -76.87 36.51
CA ARG J 70 -6.91 -76.51 36.07
C ARG J 70 -7.77 -77.72 35.76
N ASP J 71 -7.26 -78.94 35.99
CA ASP J 71 -8.00 -80.16 35.74
C ASP J 71 -8.26 -80.95 37.02
N MET J 72 -7.85 -80.45 38.18
CA MET J 72 -8.06 -81.17 39.42
C MET J 72 -9.53 -81.07 39.85
N ILE J 73 -10.12 -82.23 40.08
CA ILE J 73 -11.54 -82.33 40.39
C ILE J 73 -11.76 -81.96 41.84
N ILE J 74 -12.98 -81.51 42.14
CA ILE J 74 -13.34 -81.09 43.49
C ILE J 74 -13.87 -82.31 44.24
N LEU J 75 -13.04 -82.85 45.12
CA LEU J 75 -13.38 -83.94 46.01
C LEU J 75 -13.56 -83.40 47.42
N PRO J 76 -14.21 -84.13 48.33
CA PRO J 76 -14.34 -83.64 49.71
C PRO J 76 -13.01 -83.57 50.45
N GLU J 77 -13.11 -83.08 51.69
CA GLU J 77 -12.00 -82.55 52.50
C GLU J 77 -11.25 -81.43 51.77
N MET J 78 -11.98 -80.66 50.97
CA MET J 78 -11.46 -79.44 50.35
C MET J 78 -12.44 -78.28 50.40
N VAL J 79 -13.64 -78.48 50.93
CA VAL J 79 -14.67 -77.45 50.93
C VAL J 79 -14.34 -76.41 51.98
N GLY J 80 -14.23 -75.15 51.56
CA GLY J 80 -13.98 -74.06 52.48
C GLY J 80 -12.52 -73.67 52.55
N SER J 81 -11.87 -73.57 51.39
CA SER J 81 -10.47 -73.16 51.32
C SER J 81 -10.30 -72.21 50.15
N MET J 82 -9.24 -71.40 50.22
CA MET J 82 -8.98 -70.37 49.23
C MET J 82 -7.90 -70.88 48.27
N VAL J 83 -8.29 -71.14 47.02
CA VAL J 83 -7.40 -71.66 46.01
C VAL J 83 -7.24 -70.61 44.93
N GLY J 84 -6.00 -70.21 44.67
CA GLY J 84 -5.72 -69.37 43.53
C GLY J 84 -5.43 -70.22 42.30
N VAL J 85 -6.14 -69.91 41.23
CA VAL J 85 -6.03 -70.66 39.98
C VAL J 85 -5.24 -69.81 38.99
N TYR J 86 -4.29 -70.45 38.31
CA TYR J 86 -3.56 -69.78 37.23
C TYR J 86 -4.34 -69.87 35.92
N ASN J 87 -4.30 -68.78 35.15
CA ASN J 87 -4.93 -68.76 33.84
C ASN J 87 -4.09 -67.99 32.82
N GLY J 88 -2.80 -67.80 33.08
CA GLY J 88 -1.94 -67.05 32.19
C GLY J 88 -1.17 -65.98 32.93
N LYS J 89 -1.85 -65.30 33.86
CA LYS J 89 -1.32 -64.26 34.74
C LYS J 89 -2.43 -63.89 35.72
N THR J 90 -2.03 -63.33 36.86
CA THR J 90 -2.92 -62.78 37.89
C THR J 90 -3.87 -63.88 38.42
N PHE J 91 -3.25 -64.76 39.22
CA PHE J 91 -3.91 -65.85 39.96
C PHE J 91 -5.22 -65.42 40.59
N ASN J 92 -6.30 -66.12 40.25
CA ASN J 92 -7.63 -65.76 40.71
C ASN J 92 -7.97 -66.56 41.96
N GLN J 93 -8.34 -65.85 43.03
CA GLN J 93 -8.65 -66.47 44.31
C GLN J 93 -10.11 -66.90 44.32
N VAL J 94 -10.36 -68.19 44.49
CA VAL J 94 -11.71 -68.75 44.56
C VAL J 94 -11.83 -69.49 45.88
N GLU J 95 -12.89 -69.19 46.64
CA GLU J 95 -13.21 -69.97 47.82
C GLU J 95 -14.05 -71.18 47.41
N ILE J 96 -13.68 -72.34 47.92
CA ILE J 96 -14.34 -73.59 47.56
C ILE J 96 -15.68 -73.65 48.27
N LYS J 97 -16.74 -73.27 47.55
CA LYS J 97 -18.09 -73.37 48.07
C LYS J 97 -18.56 -74.82 48.07
N PRO J 98 -19.52 -75.17 48.93
CA PRO J 98 -20.00 -76.57 48.96
C PRO J 98 -20.70 -77.01 47.69
N GLU J 99 -21.29 -76.10 46.92
CA GLU J 99 -21.94 -76.47 45.67
C GLU J 99 -20.98 -76.53 44.49
N MET J 100 -19.69 -76.32 44.73
CA MET J 100 -18.68 -76.38 43.68
C MET J 100 -18.11 -77.79 43.49
N ILE J 101 -18.72 -78.80 44.11
CA ILE J 101 -18.23 -80.16 43.97
C ILE J 101 -18.59 -80.70 42.60
N GLY J 102 -17.59 -81.23 41.89
CA GLY J 102 -17.78 -81.82 40.58
C GLY J 102 -17.07 -81.09 39.47
N HIS J 103 -16.51 -79.91 39.74
CA HIS J 103 -15.87 -79.12 38.71
C HIS J 103 -14.35 -79.27 38.78
N TYR J 104 -13.64 -78.51 37.96
CA TYR J 104 -12.24 -78.80 37.63
C TYR J 104 -11.26 -77.73 38.11
N LEU J 105 -11.76 -76.62 38.65
CA LEU J 105 -11.11 -75.36 39.04
C LEU J 105 -10.67 -74.54 37.82
N GLY J 106 -10.81 -75.05 36.61
CA GLY J 106 -10.49 -74.29 35.42
C GLY J 106 -11.71 -73.55 34.93
N GLU J 107 -12.87 -73.96 35.41
CA GLU J 107 -14.11 -73.29 35.09
C GLU J 107 -14.31 -72.00 35.88
N PHE J 108 -13.61 -71.86 37.00
CA PHE J 108 -13.81 -70.74 37.91
C PHE J 108 -13.01 -69.52 37.45
N SER J 109 -11.72 -69.68 37.21
CA SER J 109 -10.90 -68.60 36.70
C SER J 109 -11.05 -68.53 35.18
N ILE J 110 -11.25 -67.31 34.69
CA ILE J 110 -11.46 -67.06 33.27
C ILE J 110 -10.13 -66.68 32.64
N THR J 111 -9.82 -67.28 31.49
CA THR J 111 -8.48 -67.17 30.91
C THR J 111 -8.29 -65.95 30.02
N TYR J 112 -9.34 -65.15 29.81
CA TYR J 112 -9.21 -63.96 28.97
C TYR J 112 -10.32 -62.97 29.34
N LYS J 113 -10.08 -61.72 29.00
CA LYS J 113 -11.17 -60.75 29.00
C LYS J 113 -12.13 -61.12 27.88
N PRO J 114 -13.45 -61.25 28.17
CA PRO J 114 -14.35 -62.04 27.33
C PRO J 114 -14.51 -61.58 25.88
N VAL J 115 -15.03 -60.38 25.66
CA VAL J 115 -15.01 -59.84 24.30
C VAL J 115 -14.53 -58.39 24.25
N LYS J 116 -15.13 -57.51 25.05
CA LYS J 116 -14.91 -56.05 25.04
C LYS J 116 -15.03 -55.46 23.64
N HIS J 117 -16.20 -55.65 23.03
CA HIS J 117 -16.47 -55.13 21.69
C HIS J 117 -17.43 -53.96 21.77
N GLY J 118 -17.83 -53.47 20.61
CA GLY J 118 -18.96 -52.56 20.49
C GLY J 118 -18.54 -51.11 20.38
N ARG J 119 -19.31 -50.38 19.58
CA ARG J 119 -19.16 -48.94 19.45
C ARG J 119 -19.74 -48.21 20.67
N PRO J 120 -20.93 -48.61 21.21
CA PRO J 120 -21.16 -48.00 22.53
C PRO J 120 -20.43 -48.75 23.64
N GLN K 1 -18.25 -133.46 -22.60
CA GLN K 1 -19.30 -132.62 -23.16
C GLN K 1 -19.71 -131.59 -22.12
N SER K 2 -18.81 -130.62 -21.88
CA SER K 2 -19.02 -129.62 -20.83
C SER K 2 -18.11 -128.44 -21.12
N VAL K 3 -18.70 -127.26 -21.37
CA VAL K 3 -17.94 -126.08 -21.77
C VAL K 3 -18.22 -124.95 -20.79
N GLN K 4 -17.16 -124.34 -20.26
CA GLN K 4 -17.28 -123.22 -19.33
C GLN K 4 -16.92 -121.92 -20.04
N VAL K 5 -17.88 -120.98 -20.07
CA VAL K 5 -17.74 -119.70 -20.76
C VAL K 5 -17.73 -118.60 -19.71
N PHE K 6 -16.99 -117.52 -19.97
CA PHE K 6 -16.71 -116.51 -18.94
C PHE K 6 -17.23 -115.14 -19.34
N GLY K 7 -18.28 -114.70 -18.65
CA GLY K 7 -18.51 -113.32 -18.23
C GLY K 7 -18.15 -112.14 -19.09
N ARG K 8 -17.20 -111.37 -18.56
CA ARG K 8 -16.64 -110.14 -19.14
C ARG K 8 -17.70 -109.04 -19.30
N LYS K 9 -18.25 -108.65 -18.15
CA LYS K 9 -18.88 -107.35 -17.97
C LYS K 9 -17.79 -106.43 -17.40
N LYS K 10 -18.15 -105.25 -16.89
CA LYS K 10 -17.19 -104.24 -16.46
C LYS K 10 -16.36 -104.71 -15.26
N THR K 11 -17.02 -105.12 -14.18
CA THR K 11 -16.34 -105.83 -13.10
C THR K 11 -17.24 -107.00 -12.66
N ALA K 12 -17.68 -107.79 -13.63
CA ALA K 12 -18.53 -108.94 -13.36
C ALA K 12 -18.14 -110.10 -14.25
N THR K 13 -17.75 -111.22 -13.64
CA THR K 13 -17.33 -112.41 -14.36
C THR K 13 -18.25 -113.56 -13.98
N ALA K 14 -18.89 -114.14 -14.99
CA ALA K 14 -19.84 -115.23 -14.80
C ALA K 14 -19.29 -116.51 -15.42
N VAL K 15 -19.04 -117.51 -14.59
CA VAL K 15 -18.65 -118.82 -15.05
C VAL K 15 -19.93 -119.57 -15.39
N ALA K 16 -20.10 -119.90 -16.67
CA ALA K 16 -21.28 -120.59 -17.18
C ALA K 16 -20.81 -121.96 -17.67
N HIS K 17 -21.08 -122.98 -16.88
CA HIS K 17 -20.82 -124.37 -17.24
C HIS K 17 -22.05 -124.90 -17.98
N CYS K 18 -21.90 -125.17 -19.27
CA CYS K 18 -22.97 -125.68 -20.09
C CYS K 18 -22.73 -127.15 -20.43
N LYS K 19 -23.81 -127.91 -20.43
CA LYS K 19 -23.80 -129.37 -20.55
C LYS K 19 -25.19 -129.78 -21.02
N ARG K 20 -25.24 -130.87 -21.79
CA ARG K 20 -26.50 -131.37 -22.33
C ARG K 20 -27.39 -131.92 -21.22
N GLY K 21 -28.68 -131.56 -21.25
CA GLY K 21 -29.60 -132.01 -20.23
C GLY K 21 -31.07 -131.79 -20.55
N ASN K 22 -31.87 -131.50 -19.53
CA ASN K 22 -33.32 -131.42 -19.67
C ASN K 22 -33.90 -130.05 -19.35
N GLY K 23 -33.07 -129.06 -19.06
CA GLY K 23 -33.56 -127.72 -18.79
C GLY K 23 -33.37 -127.27 -17.36
N LEU K 24 -32.29 -126.54 -17.12
CA LEU K 24 -31.95 -126.02 -15.79
C LEU K 24 -31.09 -124.78 -15.96
N ILE K 25 -31.36 -123.77 -15.14
CA ILE K 25 -30.47 -122.62 -14.99
C ILE K 25 -30.22 -122.40 -13.51
N LYS K 26 -28.96 -122.50 -13.10
CA LYS K 26 -28.54 -122.35 -11.72
C LYS K 26 -27.72 -121.08 -11.57
N VAL K 27 -28.13 -120.21 -10.66
CA VAL K 27 -27.38 -118.99 -10.33
C VAL K 27 -27.10 -119.08 -8.83
N ASN K 28 -25.94 -119.67 -8.49
CA ASN K 28 -25.48 -119.89 -7.11
C ASN K 28 -26.53 -120.68 -6.30
N GLY K 29 -27.02 -121.76 -6.90
CA GLY K 29 -28.05 -122.57 -6.28
C GLY K 29 -29.46 -122.05 -6.42
N ARG K 30 -29.64 -120.88 -7.03
CA ARG K 30 -30.93 -120.21 -7.14
C ARG K 30 -31.36 -120.19 -8.60
N PRO K 31 -32.62 -120.54 -8.92
CA PRO K 31 -33.00 -120.74 -10.32
C PRO K 31 -33.17 -119.47 -11.13
N LEU K 32 -33.62 -119.64 -12.38
CA LEU K 32 -33.79 -118.56 -13.33
C LEU K 32 -34.86 -117.55 -12.91
N GLU K 33 -35.94 -118.02 -12.27
CA GLU K 33 -37.08 -117.16 -11.98
C GLU K 33 -36.76 -116.09 -10.93
N MET K 34 -35.78 -116.32 -10.06
CA MET K 34 -35.44 -115.39 -9.00
C MET K 34 -34.33 -114.46 -9.50
N ILE K 35 -34.74 -113.29 -9.96
CA ILE K 35 -33.83 -112.22 -10.36
C ILE K 35 -33.85 -111.16 -9.25
N GLU K 36 -32.66 -110.73 -8.81
CA GLU K 36 -32.53 -109.89 -7.62
C GLU K 36 -33.13 -108.50 -7.79
N PRO K 37 -33.07 -107.83 -8.98
CA PRO K 37 -34.02 -106.72 -9.19
C PRO K 37 -35.32 -107.20 -9.81
N ARG K 38 -36.44 -106.74 -9.26
CA ARG K 38 -37.75 -107.07 -9.85
C ARG K 38 -38.00 -106.30 -11.15
N THR K 39 -37.28 -105.20 -11.36
CA THR K 39 -37.47 -104.42 -12.59
C THR K 39 -36.88 -105.13 -13.79
N LEU K 40 -35.74 -105.81 -13.61
CA LEU K 40 -35.03 -106.45 -14.71
C LEU K 40 -35.47 -107.88 -14.96
N GLN K 41 -36.71 -108.25 -14.63
CA GLN K 41 -37.20 -109.58 -14.95
C GLN K 41 -37.88 -109.61 -16.33
N TYR K 42 -37.23 -108.98 -17.31
CA TYR K 42 -37.42 -109.24 -18.73
C TYR K 42 -36.12 -109.21 -19.52
N LYS K 43 -35.09 -108.52 -19.03
CA LYS K 43 -33.86 -108.32 -19.78
C LYS K 43 -32.97 -109.55 -19.74
N LEU K 44 -32.89 -110.19 -18.58
CA LEU K 44 -32.14 -111.43 -18.47
C LEU K 44 -32.86 -112.60 -19.13
N LEU K 45 -34.18 -112.49 -19.31
CA LEU K 45 -34.97 -113.50 -19.99
C LEU K 45 -35.02 -113.30 -21.50
N GLU K 46 -34.23 -112.36 -22.04
CA GLU K 46 -34.17 -112.15 -23.47
C GLU K 46 -33.55 -113.31 -24.26
N PRO K 47 -32.54 -114.06 -23.75
CA PRO K 47 -32.25 -115.35 -24.39
C PRO K 47 -33.34 -116.40 -24.17
N VAL K 48 -34.21 -116.23 -23.19
CA VAL K 48 -35.25 -117.21 -22.94
C VAL K 48 -36.50 -116.90 -23.77
N LEU K 49 -36.97 -115.66 -23.72
CA LEU K 49 -38.22 -115.29 -24.36
C LEU K 49 -38.12 -115.17 -25.88
N LEU K 50 -36.91 -115.15 -26.43
CA LEU K 50 -36.76 -114.99 -27.88
C LEU K 50 -36.37 -116.29 -28.57
N LEU K 51 -35.52 -117.10 -27.96
CA LEU K 51 -34.92 -118.24 -28.64
C LEU K 51 -35.77 -119.49 -28.62
N GLY K 52 -36.73 -119.59 -27.71
CA GLY K 52 -37.61 -120.75 -27.65
C GLY K 52 -37.38 -121.58 -26.38
N LYS K 53 -38.20 -122.61 -26.26
CA LYS K 53 -38.16 -123.50 -25.10
C LYS K 53 -37.52 -124.85 -25.39
N GLU K 54 -37.48 -125.28 -26.66
CA GLU K 54 -36.83 -126.53 -27.00
C GLU K 54 -35.31 -126.45 -26.89
N ARG K 55 -34.76 -125.23 -26.91
CA ARG K 55 -33.34 -124.96 -26.67
C ARG K 55 -33.03 -124.90 -25.18
N PHE K 56 -33.94 -124.26 -24.41
CA PHE K 56 -33.82 -124.24 -22.96
C PHE K 56 -33.90 -125.64 -22.37
N ALA K 57 -34.85 -126.46 -22.85
CA ALA K 57 -34.96 -127.84 -22.38
C ALA K 57 -33.92 -128.76 -22.99
N GLY K 58 -33.10 -128.27 -23.92
CA GLY K 58 -32.04 -129.08 -24.47
C GLY K 58 -30.70 -128.81 -23.84
N VAL K 59 -30.47 -127.58 -23.36
CA VAL K 59 -29.19 -127.19 -22.80
C VAL K 59 -29.35 -126.84 -21.33
N ASP K 60 -28.55 -127.51 -20.48
CA ASP K 60 -28.38 -127.10 -19.08
C ASP K 60 -27.19 -126.17 -18.96
N ILE K 61 -27.36 -125.06 -18.23
CA ILE K 61 -26.28 -124.12 -17.95
C ILE K 61 -26.36 -123.74 -16.48
N ARG K 62 -25.27 -123.95 -15.74
CA ARG K 62 -25.16 -123.42 -14.38
C ARG K 62 -24.20 -122.23 -14.38
N VAL K 63 -24.55 -121.20 -13.62
CA VAL K 63 -23.85 -119.92 -13.66
C VAL K 63 -23.46 -119.54 -12.24
N ARG K 64 -22.18 -119.19 -12.05
CA ARG K 64 -21.71 -118.63 -10.78
C ARG K 64 -20.98 -117.33 -11.06
N VAL K 65 -21.40 -116.26 -10.39
CA VAL K 65 -20.89 -114.92 -10.64
C VAL K 65 -20.24 -114.40 -9.36
N LYS K 66 -19.07 -113.80 -9.49
CA LYS K 66 -18.44 -113.10 -8.38
C LYS K 66 -18.27 -111.63 -8.75
N GLY K 67 -19.32 -111.03 -9.29
CA GLY K 67 -19.27 -109.68 -9.81
C GLY K 67 -19.25 -108.60 -8.74
N GLY K 68 -19.37 -107.36 -9.19
CA GLY K 68 -19.24 -106.21 -8.32
C GLY K 68 -20.52 -105.46 -8.04
N GLY K 69 -21.42 -105.42 -9.03
CA GLY K 69 -22.68 -104.73 -8.86
C GLY K 69 -23.84 -105.57 -9.37
N HIS K 70 -25.04 -105.13 -9.02
CA HIS K 70 -26.24 -105.89 -9.34
C HIS K 70 -26.51 -105.88 -10.85
N VAL K 71 -26.50 -104.68 -11.45
CA VAL K 71 -26.70 -104.53 -12.89
C VAL K 71 -25.59 -105.24 -13.66
N ALA K 72 -24.36 -105.14 -13.16
CA ALA K 72 -23.22 -105.81 -13.77
C ALA K 72 -23.39 -107.33 -13.73
N GLN K 73 -23.90 -107.88 -12.62
CA GLN K 73 -24.16 -109.31 -12.56
C GLN K 73 -25.30 -109.73 -13.47
N ILE K 74 -26.33 -108.89 -13.63
CA ILE K 74 -27.44 -109.23 -14.52
C ILE K 74 -26.97 -109.30 -15.97
N TYR K 75 -26.22 -108.29 -16.41
CA TYR K 75 -25.67 -108.34 -17.76
C TYR K 75 -24.58 -109.39 -17.93
N ALA K 76 -23.88 -109.76 -16.84
CA ALA K 76 -22.92 -110.84 -16.93
C ALA K 76 -23.59 -112.19 -17.13
N ILE K 77 -24.72 -112.41 -16.44
CA ILE K 77 -25.50 -113.63 -16.66
C ILE K 77 -26.08 -113.64 -18.07
N ARG K 78 -26.56 -112.49 -18.55
CA ARG K 78 -27.11 -112.40 -19.91
C ARG K 78 -26.06 -112.69 -20.97
N GLN K 79 -24.87 -112.09 -20.85
CA GLN K 79 -23.79 -112.33 -21.80
C GLN K 79 -23.24 -113.75 -21.68
N SER K 80 -23.23 -114.32 -20.46
CA SER K 80 -22.73 -115.68 -20.30
C SER K 80 -23.69 -116.71 -20.89
N ILE K 81 -25.00 -116.50 -20.79
CA ILE K 81 -25.95 -117.38 -21.46
C ILE K 81 -25.82 -117.24 -22.98
N SER K 82 -25.77 -116.00 -23.47
CA SER K 82 -25.72 -115.76 -24.91
C SER K 82 -24.41 -116.20 -25.54
N LYS K 83 -23.34 -116.33 -24.77
CA LYS K 83 -22.11 -116.91 -25.28
C LYS K 83 -21.99 -118.41 -25.01
N ALA K 84 -22.65 -118.92 -23.97
CA ALA K 84 -22.63 -120.36 -23.71
C ALA K 84 -23.43 -121.11 -24.75
N LEU K 85 -24.51 -120.51 -25.27
CA LEU K 85 -25.22 -121.12 -26.39
C LEU K 85 -24.35 -121.18 -27.64
N VAL K 86 -23.56 -120.13 -27.89
CA VAL K 86 -22.65 -120.11 -29.04
C VAL K 86 -21.55 -121.16 -28.87
N ALA K 87 -21.04 -121.32 -27.66
CA ALA K 87 -19.99 -122.30 -27.42
C ALA K 87 -20.52 -123.73 -27.53
N TYR K 88 -21.74 -123.98 -27.02
CA TYR K 88 -22.31 -125.30 -27.16
C TYR K 88 -22.69 -125.61 -28.59
N TYR K 89 -23.10 -124.60 -29.36
CA TYR K 89 -23.38 -124.77 -30.78
C TYR K 89 -22.14 -124.74 -31.64
N GLN K 90 -20.98 -124.46 -31.07
CA GLN K 90 -19.71 -124.78 -31.71
C GLN K 90 -19.25 -126.19 -31.41
N LYS K 91 -19.42 -126.65 -30.16
CA LYS K 91 -18.84 -127.93 -29.76
C LYS K 91 -19.74 -129.13 -30.03
N TYR K 92 -21.04 -128.94 -30.21
CA TYR K 92 -21.88 -130.12 -30.40
C TYR K 92 -22.75 -130.06 -31.64
N VAL K 93 -23.25 -128.89 -32.01
CA VAL K 93 -24.19 -128.75 -33.11
C VAL K 93 -23.44 -128.13 -34.28
N ASP K 94 -23.93 -128.38 -35.50
CA ASP K 94 -23.23 -128.01 -36.72
C ASP K 94 -23.22 -126.49 -36.93
N GLU K 95 -22.24 -126.06 -37.74
CA GLU K 95 -22.06 -124.65 -38.06
C GLU K 95 -23.19 -124.12 -38.94
N ALA K 96 -23.87 -124.98 -39.69
CA ALA K 96 -24.94 -124.53 -40.58
C ALA K 96 -26.14 -123.98 -39.81
N SER K 97 -26.34 -124.43 -38.58
CA SER K 97 -27.32 -123.83 -37.68
C SER K 97 -26.70 -122.87 -36.67
N LYS K 98 -25.41 -123.06 -36.35
CA LYS K 98 -24.73 -122.12 -35.47
C LYS K 98 -24.64 -120.73 -36.09
N LYS K 99 -24.38 -120.66 -37.40
CA LYS K 99 -24.31 -119.36 -38.06
C LYS K 99 -25.68 -118.69 -38.13
N GLU K 100 -26.75 -119.49 -38.27
CA GLU K 100 -28.10 -118.93 -38.29
C GLU K 100 -28.47 -118.35 -36.93
N ILE K 101 -28.22 -119.11 -35.85
CA ILE K 101 -28.57 -118.60 -34.53
C ILE K 101 -27.64 -117.47 -34.10
N LYS K 102 -26.40 -117.45 -34.60
CA LYS K 102 -25.51 -116.32 -34.33
C LYS K 102 -25.95 -115.07 -35.08
N ASP K 103 -26.45 -115.23 -36.31
CA ASP K 103 -27.02 -114.09 -37.03
C ASP K 103 -28.27 -113.57 -36.34
N ILE K 104 -29.09 -114.47 -35.77
CA ILE K 104 -30.25 -114.03 -34.99
C ILE K 104 -29.83 -113.24 -33.76
N LEU K 105 -28.81 -113.72 -33.03
CA LEU K 105 -28.35 -113.02 -31.83
C LEU K 105 -27.70 -111.68 -32.17
N ILE K 106 -26.94 -111.61 -33.27
CA ILE K 106 -26.27 -110.37 -33.64
C ILE K 106 -27.27 -109.34 -34.16
N GLN K 107 -28.22 -109.77 -35.01
CA GLN K 107 -29.25 -108.85 -35.47
C GLN K 107 -30.24 -108.47 -34.39
N TYR K 108 -30.31 -109.22 -33.28
CA TYR K 108 -31.07 -108.74 -32.14
C TYR K 108 -30.28 -107.70 -31.35
N ASP K 109 -29.07 -108.06 -30.89
CA ASP K 109 -28.30 -107.16 -30.05
C ASP K 109 -26.82 -107.47 -30.19
N ARG K 110 -26.00 -106.43 -30.34
CA ARG K 110 -24.56 -106.63 -30.46
C ARG K 110 -23.93 -107.02 -29.13
N THR K 111 -24.48 -106.55 -28.01
CA THR K 111 -23.88 -106.78 -26.70
C THR K 111 -24.02 -108.21 -26.20
N LEU K 112 -24.71 -109.08 -26.93
CA LEU K 112 -24.81 -110.48 -26.54
C LEU K 112 -23.49 -111.21 -26.78
N LEU K 113 -22.85 -110.94 -27.91
CA LEU K 113 -21.62 -111.63 -28.28
C LEU K 113 -20.39 -110.72 -28.18
N VAL K 114 -20.58 -109.41 -28.26
CA VAL K 114 -19.48 -108.45 -28.25
C VAL K 114 -19.40 -107.84 -26.86
N ALA K 115 -18.28 -108.06 -26.17
CA ALA K 115 -18.02 -107.39 -24.91
C ALA K 115 -17.70 -105.92 -25.14
N ASP K 116 -17.98 -105.10 -24.13
CA ASP K 116 -17.85 -103.66 -24.27
C ASP K 116 -16.66 -103.17 -23.45
N PRO K 117 -15.65 -102.57 -24.09
CA PRO K 117 -14.54 -101.99 -23.32
C PRO K 117 -14.87 -100.66 -22.66
N ARG K 118 -15.57 -100.69 -21.52
CA ARG K 118 -15.83 -99.49 -20.75
C ARG K 118 -15.50 -99.76 -19.29
N ARG K 119 -14.44 -99.12 -18.81
CA ARG K 119 -14.04 -99.20 -17.41
C ARG K 119 -13.92 -97.78 -16.85
N CYS K 120 -14.02 -97.66 -15.53
CA CYS K 120 -13.97 -96.34 -14.91
C CYS K 120 -12.55 -95.80 -14.91
N GLU K 121 -12.41 -94.51 -15.23
CA GLU K 121 -11.11 -93.89 -15.35
C GLU K 121 -10.52 -93.58 -13.98
N SER K 122 -9.24 -93.23 -13.98
CA SER K 122 -8.56 -92.88 -12.74
C SER K 122 -8.97 -91.50 -12.26
N LYS K 123 -9.22 -91.39 -10.97
CA LYS K 123 -9.53 -90.09 -10.37
C LYS K 123 -8.27 -89.23 -10.34
N LYS K 124 -8.39 -87.99 -10.76
CA LYS K 124 -7.21 -87.15 -10.91
C LYS K 124 -6.84 -86.48 -9.59
N PHE K 125 -5.58 -86.07 -9.50
CA PHE K 125 -5.04 -85.44 -8.30
C PHE K 125 -5.39 -83.95 -8.19
N GLY K 126 -6.07 -83.39 -9.19
CA GLY K 126 -6.47 -82.00 -9.13
C GLY K 126 -7.89 -81.81 -8.63
N GLY K 127 -8.83 -82.53 -9.23
CA GLY K 127 -10.22 -82.38 -8.88
C GLY K 127 -10.77 -83.55 -8.11
N PRO K 128 -12.07 -83.50 -7.76
CA PRO K 128 -12.66 -84.60 -7.00
C PRO K 128 -12.96 -85.85 -7.82
N GLY K 129 -13.05 -85.72 -9.15
CA GLY K 129 -13.35 -86.87 -9.98
C GLY K 129 -12.35 -87.09 -11.09
N ALA K 130 -12.74 -87.82 -12.12
CA ALA K 130 -11.85 -88.07 -13.24
C ALA K 130 -11.72 -86.84 -14.13
N ARG K 131 -12.83 -86.14 -14.38
CA ARG K 131 -12.80 -84.95 -15.22
C ARG K 131 -13.09 -83.67 -14.45
N ALA K 132 -13.90 -83.73 -13.40
CA ALA K 132 -14.31 -82.52 -12.70
C ALA K 132 -13.18 -81.95 -11.87
N ARG K 133 -13.22 -80.64 -11.66
CA ARG K 133 -12.27 -79.91 -10.85
C ARG K 133 -13.01 -79.24 -9.69
N TYR K 134 -12.25 -78.66 -8.78
CA TYR K 134 -12.87 -77.92 -7.69
C TYR K 134 -13.17 -76.50 -8.13
N GLN K 135 -13.93 -75.79 -7.30
CA GLN K 135 -14.37 -74.44 -7.64
C GLN K 135 -13.24 -73.44 -7.45
N LYS K 136 -13.16 -72.48 -8.36
CA LYS K 136 -12.14 -71.45 -8.31
C LYS K 136 -12.55 -70.35 -7.33
N SER K 137 -11.64 -69.40 -7.14
CA SER K 137 -11.87 -68.28 -6.22
C SER K 137 -11.27 -67.03 -6.84
N TYR K 138 -12.12 -66.14 -7.32
CA TYR K 138 -11.73 -64.93 -8.01
C TYR K 138 -12.19 -63.71 -7.21
N ARG K 139 -11.95 -62.52 -7.77
CA ARG K 139 -12.43 -61.28 -7.18
C ARG K 139 -12.69 -60.24 -8.26
N GLY L 1 -6.52 -88.37 -37.56
CA GLY L 1 -5.33 -88.23 -36.73
C GLY L 1 -4.15 -89.03 -37.25
N ARG L 2 -4.07 -89.17 -38.56
CA ARG L 2 -3.00 -89.92 -39.22
C ARG L 2 -1.91 -89.01 -39.77
N VAL L 3 -1.60 -87.94 -39.05
CA VAL L 3 -0.78 -86.84 -39.56
C VAL L 3 0.67 -87.06 -39.14
N ARG L 4 1.07 -88.33 -39.14
CA ARG L 4 2.35 -88.90 -38.70
C ARG L 4 3.60 -88.13 -39.10
N THR L 5 4.65 -88.29 -38.29
CA THR L 5 5.82 -87.43 -38.25
C THR L 5 6.65 -87.57 -39.54
N LYS L 6 7.41 -86.50 -39.84
CA LYS L 6 8.39 -86.50 -40.92
C LYS L 6 9.42 -87.61 -40.81
N THR L 7 9.81 -88.00 -39.58
CA THR L 7 10.73 -89.13 -39.45
C THR L 7 10.07 -90.45 -39.88
N VAL L 8 8.77 -90.60 -39.62
CA VAL L 8 8.04 -91.79 -40.06
C VAL L 8 7.91 -91.81 -41.57
N LYS L 9 7.50 -90.68 -42.14
CA LYS L 9 7.33 -90.60 -43.59
C LYS L 9 8.67 -90.71 -44.32
N LYS L 10 9.74 -90.17 -43.73
CA LYS L 10 11.05 -90.23 -44.35
C LYS L 10 11.64 -91.62 -44.27
N ALA L 11 11.40 -92.33 -43.17
CA ALA L 11 11.82 -93.73 -43.09
C ALA L 11 11.06 -94.59 -44.09
N ALA L 12 9.75 -94.34 -44.25
CA ALA L 12 8.98 -95.08 -45.25
C ALA L 12 9.41 -94.73 -46.67
N ARG L 13 9.82 -93.49 -46.92
CA ARG L 13 10.38 -93.12 -48.22
C ARG L 13 11.72 -93.76 -48.49
N VAL L 14 12.58 -93.92 -47.46
CA VAL L 14 13.82 -94.66 -47.62
C VAL L 14 13.53 -96.13 -47.93
N ILE L 15 12.50 -96.69 -47.29
CA ILE L 15 12.10 -98.07 -47.57
C ILE L 15 11.62 -98.23 -49.01
N ILE L 16 10.72 -97.35 -49.46
CA ILE L 16 10.20 -97.48 -50.82
C ILE L 16 11.25 -97.07 -51.87
N GLU L 17 12.28 -96.32 -51.48
CA GLU L 17 13.35 -96.00 -52.40
C GLU L 17 14.31 -97.18 -52.56
N LYS L 18 14.75 -97.77 -51.45
CA LYS L 18 15.72 -98.85 -51.53
C LYS L 18 15.08 -100.14 -52.01
N TYR L 19 13.99 -100.57 -51.37
CA TYR L 19 13.40 -101.88 -51.60
C TYR L 19 11.97 -101.70 -52.09
N TYR L 20 11.75 -101.96 -53.37
CA TYR L 20 10.41 -101.86 -53.97
C TYR L 20 9.82 -103.21 -54.33
N THR L 21 10.65 -104.16 -54.78
CA THR L 21 10.15 -105.47 -55.16
C THR L 21 9.72 -106.31 -53.94
N ARG L 22 10.24 -105.99 -52.76
CA ARG L 22 9.91 -106.74 -51.56
C ARG L 22 8.53 -106.38 -51.01
N LEU L 23 7.95 -105.28 -51.45
CA LEU L 23 6.74 -104.73 -50.86
C LEU L 23 5.52 -105.03 -51.72
N GLY L 24 4.39 -105.22 -51.05
CA GLY L 24 3.13 -105.49 -51.72
C GLY L 24 2.00 -104.62 -51.23
N ASN L 25 0.76 -105.02 -51.49
CA ASN L 25 -0.40 -104.25 -51.07
C ASN L 25 -1.01 -104.76 -49.78
N ASP L 26 -0.40 -105.74 -49.13
CA ASP L 26 -0.94 -106.33 -47.91
C ASP L 26 -0.17 -105.79 -46.72
N PHE L 27 -0.93 -105.27 -45.74
CA PHE L 27 -0.35 -104.72 -44.52
C PHE L 27 0.35 -105.79 -43.69
N HIS L 28 -0.28 -106.97 -43.58
CA HIS L 28 0.27 -108.05 -42.78
C HIS L 28 1.54 -108.66 -43.38
N THR L 29 1.75 -108.49 -44.68
CA THR L 29 3.01 -108.90 -45.28
C THR L 29 4.06 -107.80 -45.24
N ASN L 30 3.65 -106.55 -45.49
CA ASN L 30 4.60 -105.45 -45.52
C ASN L 30 5.16 -105.14 -44.13
N LYS L 31 4.36 -105.35 -43.08
CA LYS L 31 4.85 -105.19 -41.71
C LYS L 31 5.94 -106.19 -41.39
N ARG L 32 5.81 -107.42 -41.90
CA ARG L 32 6.83 -108.43 -41.69
C ARG L 32 8.06 -108.21 -42.56
N VAL L 33 7.87 -107.68 -43.77
CA VAL L 33 9.00 -107.38 -44.65
C VAL L 33 9.84 -106.22 -44.07
N CYS L 34 9.17 -105.22 -43.49
CA CYS L 34 9.88 -104.09 -42.90
C CYS L 34 10.70 -104.49 -41.68
N GLU L 35 10.27 -105.52 -40.95
CA GLU L 35 11.06 -106.01 -39.83
C GLU L 35 12.22 -106.90 -40.24
N GLU L 36 12.30 -107.30 -41.50
CA GLU L 36 13.50 -107.93 -42.01
C GLU L 36 14.43 -106.92 -42.66
N ILE L 37 13.88 -105.86 -43.27
CA ILE L 37 14.70 -104.91 -44.01
C ILE L 37 15.01 -103.65 -43.20
N ALA L 38 14.57 -103.57 -41.95
CA ALA L 38 14.86 -102.42 -41.11
C ALA L 38 14.79 -102.84 -39.65
N ILE L 39 15.16 -101.92 -38.76
CA ILE L 39 15.16 -102.15 -37.33
C ILE L 39 14.26 -101.08 -36.71
N ILE L 40 13.10 -101.48 -36.22
CA ILE L 40 12.15 -100.58 -35.59
C ILE L 40 11.90 -101.08 -34.17
N PRO L 41 12.16 -100.28 -33.13
CA PRO L 41 11.98 -100.76 -31.76
C PRO L 41 10.52 -100.85 -31.32
N SER L 42 9.69 -99.93 -31.80
CA SER L 42 8.34 -99.75 -31.30
C SER L 42 7.33 -100.40 -32.23
N LYS L 43 6.40 -101.16 -31.64
CA LYS L 43 5.42 -101.90 -32.43
C LYS L 43 4.39 -100.96 -33.06
N LYS L 44 4.02 -99.90 -32.34
CA LYS L 44 3.16 -98.86 -32.93
C LYS L 44 3.86 -98.15 -34.07
N LEU L 45 5.17 -97.96 -33.96
CA LEU L 45 5.94 -97.39 -35.06
C LEU L 45 6.02 -98.34 -36.24
N ARG L 46 6.11 -99.65 -35.98
CA ARG L 46 6.02 -100.66 -37.04
C ARG L 46 4.72 -100.54 -37.80
N ASN L 47 3.61 -100.46 -37.06
CA ASN L 47 2.29 -100.37 -37.68
C ASN L 47 2.12 -99.07 -38.46
N LYS L 48 2.63 -97.95 -37.93
CA LYS L 48 2.52 -96.66 -38.60
C LYS L 48 3.31 -96.64 -39.91
N ILE L 49 4.56 -97.10 -39.85
CA ILE L 49 5.43 -97.13 -41.04
C ILE L 49 4.86 -98.07 -42.08
N ALA L 50 4.39 -99.25 -41.66
CA ALA L 50 3.85 -100.21 -42.62
C ALA L 50 2.53 -99.74 -43.23
N GLY L 51 1.72 -99.00 -42.47
CA GLY L 51 0.51 -98.43 -43.04
C GLY L 51 0.80 -97.36 -44.08
N TYR L 52 1.78 -96.50 -43.80
CA TYR L 52 2.13 -95.49 -44.81
C TYR L 52 2.84 -96.12 -46.00
N VAL L 53 3.53 -97.25 -45.80
CA VAL L 53 4.11 -97.99 -46.91
C VAL L 53 3.02 -98.59 -47.80
N THR L 54 1.96 -99.14 -47.19
CA THR L 54 0.83 -99.62 -47.98
C THR L 54 0.11 -98.50 -48.72
N HIS L 55 0.02 -97.32 -48.09
CA HIS L 55 -0.59 -96.18 -48.78
C HIS L 55 0.26 -95.72 -49.96
N LEU L 56 1.59 -95.71 -49.80
CA LEU L 56 2.47 -95.39 -50.91
C LEU L 56 2.41 -96.44 -52.00
N MET L 57 2.24 -97.72 -51.64
CA MET L 57 2.10 -98.76 -52.65
C MET L 57 0.80 -98.60 -53.44
N LYS L 58 -0.30 -98.27 -52.75
CA LYS L 58 -1.55 -98.00 -53.45
C LYS L 58 -1.48 -96.73 -54.30
N ARG L 59 -0.64 -95.76 -53.94
CA ARG L 59 -0.46 -94.61 -54.81
C ARG L 59 0.40 -94.93 -56.03
N ILE L 60 1.52 -95.64 -55.83
CA ILE L 60 2.47 -95.91 -56.91
C ILE L 60 1.88 -96.90 -57.91
N GLN L 61 1.18 -97.94 -57.43
CA GLN L 61 0.65 -98.96 -58.33
C GLN L 61 -0.48 -98.40 -59.19
N ARG L 62 -1.21 -97.40 -58.68
CA ARG L 62 -2.27 -96.79 -59.48
C ARG L 62 -1.73 -95.72 -60.42
N GLY L 63 -0.94 -94.79 -59.90
CA GLY L 63 -0.45 -93.69 -60.71
C GLY L 63 0.98 -93.30 -60.40
N PRO L 64 1.49 -92.30 -61.13
CA PRO L 64 2.86 -91.83 -60.87
C PRO L 64 2.92 -90.96 -59.61
N VAL L 65 3.97 -91.16 -58.83
CA VAL L 65 4.19 -90.43 -57.59
C VAL L 65 5.49 -89.66 -57.72
N ARG L 66 5.43 -88.35 -57.47
CA ARG L 66 6.60 -87.48 -57.59
C ARG L 66 7.64 -87.76 -56.50
N GLY L 67 7.20 -88.26 -55.34
CA GLY L 67 8.05 -88.30 -54.15
C GLY L 67 9.27 -89.20 -54.26
N ILE L 68 9.19 -90.24 -55.09
CA ILE L 68 10.34 -91.09 -55.37
C ILE L 68 10.15 -91.69 -56.76
N SER L 69 11.26 -91.99 -57.43
CA SER L 69 11.23 -92.56 -58.78
C SER L 69 12.45 -93.44 -58.97
N ILE L 70 12.24 -94.76 -58.87
CA ILE L 70 13.29 -95.75 -59.10
C ILE L 70 13.43 -96.01 -60.59
N LYS L 71 14.46 -96.79 -60.97
CA LYS L 71 14.71 -97.12 -62.37
C LYS L 71 13.53 -97.87 -63.01
N LEU L 72 12.82 -98.69 -62.24
CA LEU L 72 11.62 -99.34 -62.75
C LEU L 72 10.53 -98.32 -63.02
N GLN L 73 10.43 -97.28 -62.19
CA GLN L 73 9.48 -96.21 -62.46
C GLN L 73 9.89 -95.37 -63.66
N GLU L 74 11.20 -95.24 -63.90
CA GLU L 74 11.67 -94.56 -65.11
C GLU L 74 11.32 -95.38 -66.36
N GLU L 75 11.43 -96.70 -66.28
CA GLU L 75 11.01 -97.56 -67.38
C GLU L 75 9.50 -97.52 -67.58
N GLU L 76 8.73 -97.38 -66.49
CA GLU L 76 7.28 -97.22 -66.62
C GLU L 76 6.92 -95.88 -67.26
N ARG L 77 7.67 -94.81 -66.93
CA ARG L 77 7.47 -93.52 -67.58
C ARG L 77 7.84 -93.57 -69.06
N GLU L 78 8.82 -94.41 -69.41
CA GLU L 78 9.08 -94.67 -70.82
C GLU L 78 7.93 -95.45 -71.47
N ARG L 79 7.34 -96.38 -70.74
CA ARG L 79 6.28 -97.24 -71.27
C ARG L 79 4.97 -96.47 -71.48
N ARG L 80 4.68 -95.49 -70.63
CA ARG L 80 3.39 -94.79 -70.68
C ARG L 80 3.19 -93.92 -71.91
N ASP L 81 4.24 -93.64 -72.69
CA ASP L 81 4.19 -92.56 -73.66
C ASP L 81 4.12 -93.00 -75.11
N ASN L 82 4.78 -94.12 -75.46
CA ASN L 82 5.13 -94.42 -76.85
C ASN L 82 3.93 -94.77 -77.74
N TYR L 83 2.74 -94.95 -77.20
CA TYR L 83 1.55 -95.23 -78.01
C TYR L 83 1.08 -93.93 -78.64
N VAL L 84 1.52 -93.68 -79.88
CA VAL L 84 1.27 -92.40 -80.55
C VAL L 84 0.29 -92.57 -81.70
N PRO L 85 -0.91 -92.01 -81.60
CA PRO L 85 -1.82 -92.01 -82.75
C PRO L 85 -1.36 -91.02 -83.82
N GLU L 86 -1.92 -91.20 -85.01
CA GLU L 86 -1.63 -90.34 -86.16
C GLU L 86 -2.93 -89.65 -86.57
N VAL L 87 -3.25 -88.54 -85.88
CA VAL L 87 -4.50 -87.84 -86.13
C VAL L 87 -4.26 -86.35 -86.44
N SER L 88 -3.39 -85.69 -85.67
CA SER L 88 -3.26 -84.25 -85.76
C SER L 88 -1.81 -83.79 -85.72
N ALA L 89 -0.89 -84.59 -86.24
CA ALA L 89 0.49 -84.13 -86.38
C ALA L 89 0.59 -83.08 -87.48
N LEU L 90 0.07 -83.40 -88.67
CA LEU L 90 -0.08 -82.45 -89.75
C LEU L 90 -1.51 -82.56 -90.29
N ASP L 91 -2.09 -81.42 -90.63
CA ASP L 91 -3.47 -81.37 -91.10
C ASP L 91 -3.52 -81.70 -92.59
N GLN L 92 -4.68 -81.46 -93.20
CA GLN L 92 -4.80 -81.56 -94.65
C GLN L 92 -4.03 -80.42 -95.31
N GLU L 93 -3.84 -80.53 -96.62
CA GLU L 93 -2.99 -79.56 -97.31
C GLU L 93 -3.74 -78.28 -97.68
N ILE L 94 -4.47 -77.71 -96.73
CA ILE L 94 -5.07 -76.38 -96.80
C ILE L 94 -4.91 -75.78 -95.41
N ILE L 95 -4.05 -74.77 -95.29
CA ILE L 95 -3.81 -74.08 -94.02
C ILE L 95 -3.90 -72.59 -94.30
N GLU L 96 -4.80 -71.90 -93.59
CA GLU L 96 -4.94 -70.46 -93.70
C GLU L 96 -4.65 -69.82 -92.35
N VAL L 97 -3.69 -68.89 -92.33
CA VAL L 97 -3.33 -68.21 -91.10
C VAL L 97 -3.39 -66.68 -91.19
N ASP L 98 -2.52 -66.06 -92.01
CA ASP L 98 -2.29 -64.60 -91.95
C ASP L 98 -1.81 -63.95 -93.24
N PRO L 99 -2.29 -62.73 -93.55
CA PRO L 99 -1.68 -61.99 -94.67
C PRO L 99 -0.27 -61.51 -94.38
N ASP L 100 0.11 -61.33 -93.11
CA ASP L 100 1.48 -60.94 -92.80
C ASP L 100 2.47 -62.07 -93.09
N THR L 101 2.13 -63.30 -92.71
CA THR L 101 2.99 -64.41 -93.10
C THR L 101 2.81 -64.78 -94.57
N LYS L 102 1.71 -64.36 -95.21
CA LYS L 102 1.64 -64.43 -96.67
C LYS L 102 2.67 -63.53 -97.31
N GLU L 103 2.81 -62.30 -96.80
CA GLU L 103 3.84 -61.39 -97.29
C GLU L 103 5.24 -61.91 -96.95
N MET L 104 5.38 -62.58 -95.81
CA MET L 104 6.66 -63.21 -95.47
C MET L 104 7.01 -64.34 -96.44
N LEU L 105 6.04 -65.18 -96.81
CA LEU L 105 6.29 -66.23 -97.78
C LEU L 105 6.43 -65.69 -99.21
N LYS L 106 5.94 -64.49 -99.49
CA LYS L 106 6.24 -63.84 -100.76
C LYS L 106 7.65 -63.26 -100.80
N LEU L 107 8.11 -62.66 -99.69
CA LEU L 107 9.45 -62.10 -99.65
C LEU L 107 10.51 -63.19 -99.57
N LEU L 108 10.49 -63.96 -98.48
CA LEU L 108 11.40 -65.09 -98.36
C LEU L 108 10.86 -66.25 -99.20
N ASP L 109 11.72 -66.84 -100.03
CA ASP L 109 11.29 -67.71 -101.12
C ASP L 109 10.80 -69.05 -100.59
N PHE L 110 9.49 -69.25 -100.62
CA PHE L 110 8.85 -70.52 -100.29
C PHE L 110 7.64 -70.70 -101.18
N GLY L 111 6.75 -71.61 -100.79
CA GLY L 111 5.69 -72.03 -101.70
C GLY L 111 4.59 -70.98 -101.88
N SER L 112 3.99 -70.55 -100.78
CA SER L 112 2.80 -69.68 -100.74
C SER L 112 1.66 -70.28 -101.58
N LEU L 113 1.19 -71.44 -101.12
CA LEU L 113 0.31 -72.28 -101.92
C LEU L 113 -1.11 -71.73 -101.95
N SER L 114 -1.76 -71.67 -100.79
CA SER L 114 -3.19 -71.38 -100.69
C SER L 114 -3.43 -69.87 -100.64
N ASN L 115 -4.71 -69.51 -100.75
CA ASN L 115 -5.11 -68.11 -100.68
C ASN L 115 -5.31 -67.68 -99.22
N LEU L 116 -5.15 -66.38 -98.99
CA LEU L 116 -5.22 -65.81 -97.64
C LEU L 116 -5.94 -64.48 -97.68
N GLN L 117 -7.11 -64.42 -97.04
CA GLN L 117 -7.90 -63.20 -96.96
C GLN L 117 -8.66 -63.22 -95.62
N VAL L 118 -8.05 -62.61 -94.61
CA VAL L 118 -8.67 -62.43 -93.30
C VAL L 118 -8.41 -60.99 -92.84
N THR L 119 -9.48 -60.26 -92.56
CA THR L 119 -9.38 -58.87 -92.13
C THR L 119 -10.06 -58.73 -90.77
N GLN L 120 -9.34 -58.15 -89.81
CA GLN L 120 -9.85 -57.95 -88.47
C GLN L 120 -9.79 -56.49 -88.09
N PRO L 121 -10.74 -56.00 -87.29
CA PRO L 121 -10.69 -54.61 -86.83
C PRO L 121 -9.62 -54.37 -85.76
N THR L 122 -9.61 -53.16 -85.19
CA THR L 122 -8.55 -52.75 -84.28
C THR L 122 -9.15 -52.65 -82.88
N VAL L 123 -9.84 -53.72 -82.47
CA VAL L 123 -10.56 -53.78 -81.20
C VAL L 123 -9.75 -54.72 -80.32
N GLY L 124 -8.43 -54.72 -80.52
CA GLY L 124 -7.56 -55.50 -79.65
C GLY L 124 -7.49 -54.91 -78.25
N MET L 125 -7.21 -55.79 -77.29
CA MET L 125 -7.27 -55.56 -75.83
C MET L 125 -8.66 -55.08 -75.40
N VAL M 1 -66.23 -100.29 12.50
CA VAL M 1 -65.12 -99.74 11.72
C VAL M 1 -64.71 -98.39 12.27
N ILE M 2 -65.16 -98.10 13.49
CA ILE M 2 -64.97 -96.85 14.22
C ILE M 2 -65.42 -95.68 13.37
N PRO M 3 -66.75 -95.43 13.25
CA PRO M 3 -67.23 -94.31 12.41
C PRO M 3 -66.80 -92.94 12.90
N GLU M 4 -67.09 -92.62 14.17
CA GLU M 4 -66.75 -91.31 14.72
C GLU M 4 -66.74 -91.40 16.24
N LYS M 5 -65.69 -90.86 16.85
CA LYS M 5 -65.60 -90.71 18.30
C LYS M 5 -65.33 -89.26 18.63
N PHE M 6 -66.13 -88.70 19.53
CA PHE M 6 -66.12 -87.27 19.84
C PHE M 6 -64.91 -86.94 20.70
N GLN M 7 -63.75 -86.81 20.06
CA GLN M 7 -62.51 -86.51 20.75
C GLN M 7 -61.54 -85.91 19.75
N HIS M 8 -61.27 -84.61 19.87
CA HIS M 8 -60.34 -83.93 18.96
C HIS M 8 -59.15 -83.31 19.68
N ILE M 9 -59.39 -82.49 20.71
CA ILE M 9 -58.34 -81.72 21.37
C ILE M 9 -58.24 -82.20 22.82
N LEU M 10 -57.04 -82.55 23.23
CA LEU M 10 -56.78 -83.04 24.58
C LEU M 10 -55.91 -82.06 25.36
N ARG M 11 -55.99 -82.18 26.69
CA ARG M 11 -55.23 -81.34 27.61
C ARG M 11 -54.47 -82.24 28.55
N VAL M 12 -53.14 -82.32 28.37
CA VAL M 12 -52.28 -83.17 29.18
C VAL M 12 -51.30 -82.29 29.94
N LEU M 13 -51.27 -82.48 31.26
CA LEU M 13 -50.34 -81.82 32.19
C LEU M 13 -50.48 -80.29 32.17
N ASN M 14 -51.70 -79.81 31.93
CA ASN M 14 -52.19 -78.44 32.07
C ASN M 14 -51.59 -77.49 31.03
N THR M 15 -50.69 -77.93 30.18
CA THR M 15 -50.08 -77.07 29.18
C THR M 15 -50.14 -77.66 27.78
N ASN M 16 -49.97 -78.97 27.65
CA ASN M 16 -49.80 -79.60 26.35
C ASN M 16 -51.14 -79.84 25.66
N ILE M 17 -51.14 -79.68 24.34
CA ILE M 17 -52.30 -79.93 23.50
C ILE M 17 -51.95 -81.05 22.53
N ASP M 18 -52.66 -82.18 22.64
CA ASP M 18 -52.42 -83.30 21.75
C ASP M 18 -52.93 -83.00 20.34
N GLY M 19 -52.29 -83.62 19.37
CA GLY M 19 -52.65 -83.43 17.98
C GLY M 19 -53.79 -84.35 17.56
N ARG M 20 -53.82 -84.66 16.26
CA ARG M 20 -54.85 -85.50 15.69
C ARG M 20 -54.33 -86.49 14.66
N ARG M 21 -53.02 -86.55 14.41
CA ARG M 21 -52.50 -87.44 13.37
C ARG M 21 -52.42 -88.88 13.85
N LYS M 22 -51.89 -89.10 15.05
CA LYS M 22 -51.77 -90.42 15.69
C LYS M 22 -51.88 -90.21 17.19
N ILE M 23 -51.46 -91.22 17.96
CA ILE M 23 -51.27 -91.08 19.38
C ILE M 23 -49.80 -91.17 19.78
N ALA M 24 -49.04 -92.07 19.14
CA ALA M 24 -47.60 -92.18 19.37
C ALA M 24 -46.82 -91.00 18.81
N PHE M 25 -47.43 -90.20 17.95
CA PHE M 25 -46.81 -89.00 17.43
C PHE M 25 -47.52 -87.73 17.90
N ALA M 26 -48.63 -87.87 18.63
CA ALA M 26 -49.20 -86.75 19.36
C ALA M 26 -48.66 -86.65 20.78
N ILE M 27 -48.18 -87.75 21.35
CA ILE M 27 -47.42 -87.69 22.60
C ILE M 27 -46.06 -87.03 22.36
N THR M 28 -45.57 -87.07 21.12
CA THR M 28 -44.36 -86.35 20.71
C THR M 28 -44.47 -84.84 20.97
N ALA M 29 -45.68 -84.28 20.85
CA ALA M 29 -45.89 -82.85 21.10
C ALA M 29 -45.67 -82.45 22.56
N ILE M 30 -45.70 -83.40 23.49
CA ILE M 30 -45.37 -83.09 24.87
C ILE M 30 -43.88 -82.85 25.00
N LYS M 31 -43.51 -81.71 25.60
CA LYS M 31 -42.11 -81.42 25.89
C LYS M 31 -41.58 -82.40 26.93
N GLY M 32 -40.40 -82.95 26.66
CA GLY M 32 -39.89 -84.08 27.40
C GLY M 32 -40.14 -85.41 26.74
N VAL M 33 -40.85 -85.43 25.61
CA VAL M 33 -41.13 -86.63 24.84
C VAL M 33 -40.71 -86.37 23.40
N GLY M 34 -39.79 -87.18 22.88
CA GLY M 34 -39.33 -86.99 21.52
C GLY M 34 -39.73 -88.12 20.59
N ARG M 35 -38.80 -89.02 20.28
CA ARG M 35 -39.01 -90.03 19.25
C ARG M 35 -39.25 -91.42 19.82
N ARG M 36 -38.34 -91.91 20.66
CA ARG M 36 -38.39 -93.29 21.14
C ARG M 36 -39.21 -93.46 22.40
N TYR M 37 -39.27 -92.42 23.26
CA TYR M 37 -39.97 -92.51 24.54
C TYR M 37 -41.47 -92.70 24.35
N ALA M 38 -42.03 -92.09 23.30
CA ALA M 38 -43.46 -92.23 23.03
C ALA M 38 -43.78 -93.65 22.58
N HIS M 39 -42.95 -94.23 21.71
CA HIS M 39 -43.16 -95.61 21.30
C HIS M 39 -42.87 -96.61 22.40
N VAL M 40 -42.05 -96.23 23.40
CA VAL M 40 -41.90 -97.08 24.58
C VAL M 40 -43.17 -97.04 25.42
N VAL M 41 -43.72 -95.84 25.66
CA VAL M 41 -44.92 -95.68 26.49
C VAL M 41 -46.13 -96.36 25.82
N LEU M 42 -46.19 -96.31 24.48
CA LEU M 42 -47.26 -97.00 23.75
C LEU M 42 -47.16 -98.52 23.91
N ARG M 43 -45.95 -99.07 23.87
CA ARG M 43 -45.80 -100.51 24.06
C ARG M 43 -46.01 -100.92 25.50
N LYS M 44 -45.79 -100.02 26.46
CA LYS M 44 -46.15 -100.33 27.84
C LYS M 44 -47.66 -100.27 28.06
N ALA M 45 -48.34 -99.39 27.34
CA ALA M 45 -49.80 -99.27 27.44
C ALA M 45 -50.54 -100.27 26.57
N ASP M 46 -49.83 -101.00 25.69
CA ASP M 46 -50.36 -102.09 24.87
C ASP M 46 -51.48 -101.63 23.94
N ILE M 47 -51.30 -100.45 23.37
CA ILE M 47 -52.26 -99.88 22.43
C ILE M 47 -51.83 -100.22 21.02
N ASP M 48 -52.78 -100.63 20.19
CA ASP M 48 -52.51 -100.86 18.77
C ASP M 48 -52.15 -99.53 18.11
N LEU M 49 -51.03 -99.52 17.39
CA LEU M 49 -50.44 -98.29 16.87
C LEU M 49 -51.22 -97.67 15.73
N THR M 50 -52.18 -98.39 15.13
CA THR M 50 -52.99 -97.83 14.07
C THR M 50 -54.01 -96.81 14.63
N LYS M 51 -54.34 -96.93 15.91
CA LYS M 51 -55.33 -96.08 16.54
C LYS M 51 -54.86 -94.64 16.65
N ARG M 52 -55.82 -93.71 16.53
CA ARG M 52 -55.53 -92.28 16.57
C ARG M 52 -55.47 -91.80 18.01
N ALA M 53 -55.46 -90.48 18.20
CA ALA M 53 -55.59 -89.93 19.55
C ALA M 53 -57.05 -89.85 19.97
N GLY M 54 -57.93 -89.54 19.03
CA GLY M 54 -59.34 -89.42 19.32
C GLY M 54 -60.11 -90.73 19.40
N GLU M 55 -59.52 -91.82 18.89
CA GLU M 55 -60.15 -93.12 18.94
C GLU M 55 -59.73 -93.94 20.15
N LEU M 56 -59.36 -93.29 21.24
CA LEU M 56 -58.74 -93.98 22.37
C LEU M 56 -59.51 -93.66 23.64
N THR M 57 -59.55 -94.65 24.55
CA THR M 57 -60.39 -94.57 25.74
C THR M 57 -59.76 -93.63 26.76
N GLU M 58 -60.60 -92.84 27.45
CA GLU M 58 -60.12 -91.90 28.45
C GLU M 58 -59.50 -92.59 29.66
N ASP M 59 -59.98 -93.78 30.01
CA ASP M 59 -59.33 -94.56 31.07
C ASP M 59 -57.93 -94.99 30.63
N GLU M 60 -57.78 -95.34 29.34
CA GLU M 60 -56.47 -95.66 28.82
C GLU M 60 -55.58 -94.42 28.73
N VAL M 61 -56.18 -93.24 28.52
CA VAL M 61 -55.44 -91.97 28.59
C VAL M 61 -54.90 -91.75 30.00
N GLU M 62 -55.74 -92.01 31.02
CA GLU M 62 -55.30 -91.90 32.41
C GLU M 62 -54.22 -92.93 32.74
N ARG M 63 -54.29 -94.12 32.13
CA ARG M 63 -53.24 -95.12 32.31
C ARG M 63 -51.92 -94.66 31.69
N VAL M 64 -51.99 -94.05 30.50
CA VAL M 64 -50.79 -93.52 29.84
C VAL M 64 -50.19 -92.40 30.67
N ILE M 65 -51.02 -91.52 31.23
CA ILE M 65 -50.53 -90.44 32.09
C ILE M 65 -49.94 -90.99 33.39
N THR M 66 -50.48 -92.11 33.88
CA THR M 66 -49.89 -92.77 35.06
C THR M 66 -48.51 -93.34 34.74
N ILE M 67 -48.36 -93.96 33.56
CA ILE M 67 -47.04 -94.43 33.11
C ILE M 67 -46.09 -93.25 32.88
N MET M 68 -46.61 -92.11 32.44
CA MET M 68 -45.80 -90.90 32.29
C MET M 68 -45.27 -90.41 33.64
N GLN M 69 -46.16 -90.29 34.62
CA GLN M 69 -45.76 -89.73 35.91
C GLN M 69 -44.98 -90.72 36.77
N ASN M 70 -45.08 -92.02 36.51
CA ASN M 70 -44.30 -93.00 37.26
C ASN M 70 -44.02 -94.19 36.34
N PRO M 71 -42.91 -94.13 35.59
CA PRO M 71 -42.56 -95.27 34.73
C PRO M 71 -41.78 -96.36 35.46
N ARG M 72 -41.14 -96.01 36.57
CA ARG M 72 -40.21 -96.93 37.23
C ARG M 72 -40.87 -97.99 38.10
N GLN M 73 -42.20 -98.02 38.16
CA GLN M 73 -42.86 -99.05 38.95
C GLN M 73 -42.85 -100.40 38.22
N TYR M 74 -42.99 -100.37 36.90
CA TYR M 74 -43.09 -101.60 36.11
C TYR M 74 -41.78 -101.94 35.40
N LYS M 75 -41.26 -101.02 34.61
CA LYS M 75 -40.23 -101.33 33.62
C LYS M 75 -39.52 -100.02 33.29
N ILE M 76 -38.88 -99.95 32.12
CA ILE M 76 -38.14 -98.79 31.61
C ILE M 76 -36.96 -98.47 32.53
N PRO M 77 -35.83 -99.21 32.41
CA PRO M 77 -34.70 -99.04 33.35
C PRO M 77 -34.07 -97.65 33.40
N ASP M 78 -33.09 -97.51 34.30
CA ASP M 78 -32.61 -96.20 34.75
C ASP M 78 -31.91 -95.39 33.67
N TRP M 79 -31.48 -96.04 32.59
CA TRP M 79 -30.78 -95.32 31.53
C TRP M 79 -31.72 -94.60 30.57
N PHE M 80 -32.95 -95.08 30.41
CA PHE M 80 -33.82 -94.52 29.39
C PHE M 80 -34.45 -93.20 29.83
N LEU M 81 -34.40 -92.89 31.13
CA LEU M 81 -34.99 -91.66 31.63
C LEU M 81 -34.14 -90.45 31.23
N ASN M 82 -34.75 -89.27 31.32
CA ASN M 82 -34.09 -88.03 30.95
C ASN M 82 -33.31 -87.44 32.12
N ARG M 83 -33.95 -87.34 33.28
CA ARG M 83 -33.30 -86.76 34.46
C ARG M 83 -32.55 -87.87 35.18
N GLN M 84 -31.24 -87.93 34.97
CA GLN M 84 -30.38 -88.93 35.58
C GLN M 84 -29.86 -88.40 36.91
N LYS M 85 -28.78 -89.01 37.43
CA LYS M 85 -28.44 -88.99 38.86
C LYS M 85 -28.18 -87.59 39.41
N ASP M 86 -27.68 -86.67 38.60
CA ASP M 86 -27.38 -85.33 39.11
C ASP M 86 -28.66 -84.54 39.32
N VAL M 87 -29.26 -84.70 40.50
CA VAL M 87 -30.50 -84.02 40.83
C VAL M 87 -30.31 -82.99 41.94
N LYS M 88 -29.34 -83.21 42.84
CA LYS M 88 -29.17 -82.80 44.26
C LYS M 88 -30.06 -83.68 45.13
N ASP M 89 -30.67 -84.72 44.58
CA ASP M 89 -31.42 -85.71 45.33
C ASP M 89 -31.10 -87.14 44.93
N GLY M 90 -30.57 -87.36 43.72
CA GLY M 90 -30.26 -88.70 43.27
C GLY M 90 -31.46 -89.52 42.84
N LYS M 91 -32.55 -88.86 42.46
CA LYS M 91 -33.80 -89.52 42.10
C LYS M 91 -33.85 -89.69 40.59
N TYR M 92 -33.87 -90.94 40.13
CA TYR M 92 -34.00 -91.26 38.72
C TYR M 92 -35.44 -91.01 38.29
N SER M 93 -35.66 -90.00 37.46
CA SER M 93 -37.02 -89.60 37.11
C SER M 93 -37.07 -89.17 35.64
N GLN M 94 -38.30 -89.08 35.13
CA GLN M 94 -38.57 -88.52 33.82
C GLN M 94 -39.22 -87.15 34.00
N VAL M 95 -38.71 -86.16 33.29
CA VAL M 95 -39.19 -84.80 33.46
C VAL M 95 -40.55 -84.62 32.77
N LEU M 96 -41.30 -83.62 33.23
CA LEU M 96 -42.55 -83.23 32.63
C LEU M 96 -42.30 -82.05 31.70
N ALA M 97 -43.35 -81.56 31.05
CA ALA M 97 -43.20 -80.36 30.23
C ALA M 97 -43.05 -79.12 31.08
N ASN M 98 -43.82 -79.03 32.18
CA ASN M 98 -43.62 -77.94 33.13
C ASN M 98 -42.35 -78.17 33.96
N GLY M 99 -41.95 -79.42 34.13
CA GLY M 99 -40.79 -79.72 34.95
C GLY M 99 -39.46 -79.53 34.26
N LEU M 100 -39.39 -79.73 32.94
CA LEU M 100 -38.11 -79.70 32.23
C LEU M 100 -37.52 -78.29 32.21
N ASP M 101 -38.33 -77.29 31.90
CA ASP M 101 -37.85 -75.91 31.88
C ASP M 101 -37.50 -75.43 33.29
N ASN M 102 -38.22 -75.91 34.31
CA ASN M 102 -37.89 -75.54 35.68
C ASN M 102 -36.57 -76.16 36.12
N LYS M 103 -36.31 -77.43 35.74
CA LYS M 103 -35.03 -78.04 36.05
C LYS M 103 -33.89 -77.38 35.28
N LEU M 104 -34.14 -76.94 34.05
CA LEU M 104 -33.10 -76.21 33.30
C LEU M 104 -32.81 -74.86 33.92
N ARG M 105 -33.84 -74.16 34.39
CA ARG M 105 -33.63 -72.90 35.11
C ARG M 105 -32.90 -73.10 36.43
N GLU M 106 -33.16 -74.21 37.14
CA GLU M 106 -32.39 -74.50 38.35
C GLU M 106 -30.94 -74.87 38.03
N ASP M 107 -30.72 -75.57 36.91
CA ASP M 107 -29.36 -75.86 36.45
C ASP M 107 -28.59 -74.57 36.19
N LEU M 108 -29.19 -73.65 35.42
CA LEU M 108 -28.54 -72.38 35.12
C LEU M 108 -28.38 -71.51 36.36
N GLU M 109 -29.34 -71.57 37.28
CA GLU M 109 -29.28 -70.75 38.50
C GLU M 109 -28.16 -71.22 39.42
N ARG M 110 -27.97 -72.54 39.54
CA ARG M 110 -26.83 -72.97 40.34
C ARG M 110 -25.51 -72.87 39.60
N LEU M 111 -25.49 -72.94 38.27
CA LEU M 111 -24.26 -72.69 37.54
C LEU M 111 -23.81 -71.24 37.60
N LYS M 112 -24.75 -70.29 37.73
CA LYS M 112 -24.35 -68.90 37.92
C LYS M 112 -23.74 -68.68 39.30
N LYS M 113 -24.16 -69.45 40.30
CA LYS M 113 -23.54 -69.36 41.63
C LYS M 113 -22.21 -70.08 41.68
N ILE M 114 -22.08 -71.18 40.92
CA ILE M 114 -20.80 -71.87 40.76
C ILE M 114 -19.81 -70.98 39.99
N ARG M 115 -20.32 -70.11 39.10
CA ARG M 115 -19.54 -69.22 38.23
C ARG M 115 -18.60 -70.02 37.33
N ALA M 116 -19.11 -71.11 36.77
CA ALA M 116 -18.40 -71.83 35.72
C ALA M 116 -18.51 -71.07 34.41
N HIS M 117 -17.48 -71.22 33.57
CA HIS M 117 -17.51 -70.52 32.28
C HIS M 117 -18.52 -71.11 31.31
N ARG M 118 -19.00 -72.33 31.55
CA ARG M 118 -20.12 -72.86 30.80
C ARG M 118 -21.37 -72.01 31.01
N GLY M 119 -21.72 -71.76 32.27
CA GLY M 119 -22.78 -70.83 32.60
C GLY M 119 -22.49 -69.41 32.20
N LEU M 120 -21.21 -69.00 32.20
CA LEU M 120 -20.86 -67.66 31.75
C LEU M 120 -21.08 -67.49 30.24
N ARG M 121 -20.71 -68.51 29.45
CA ARG M 121 -20.95 -68.43 28.02
C ARG M 121 -22.42 -68.58 27.69
N HIS M 122 -23.19 -69.26 28.56
CA HIS M 122 -24.64 -69.25 28.35
C HIS M 122 -25.26 -67.92 28.75
N PHE M 123 -24.69 -67.22 29.73
CA PHE M 123 -25.19 -65.90 30.12
C PHE M 123 -24.83 -64.84 29.09
N TRP M 124 -23.64 -64.94 28.50
CA TRP M 124 -23.27 -64.07 27.39
C TRP M 124 -23.91 -64.58 26.11
N GLY M 125 -23.67 -63.91 25.00
CA GLY M 125 -24.18 -64.35 23.72
C GLY M 125 -23.22 -65.27 23.00
N LEU M 126 -22.81 -66.35 23.66
CA LEU M 126 -21.83 -67.28 23.13
C LEU M 126 -22.41 -68.69 23.11
N ARG M 127 -21.58 -69.64 22.67
CA ARG M 127 -21.95 -71.04 22.57
C ARG M 127 -21.03 -71.85 23.47
N VAL M 128 -21.61 -72.85 24.15
CA VAL M 128 -20.82 -73.71 25.02
C VAL M 128 -19.96 -74.65 24.20
N ARG M 129 -20.59 -75.40 23.29
CA ARG M 129 -19.88 -76.32 22.41
C ARG M 129 -19.49 -75.67 21.08
N GLY M 130 -19.39 -74.34 21.05
CA GLY M 130 -19.02 -73.59 19.87
C GLY M 130 -17.53 -73.51 19.64
N GLN M 131 -16.94 -74.59 19.11
CA GLN M 131 -15.50 -74.66 18.87
C GLN M 131 -15.01 -73.62 17.86
N HIS M 132 -15.89 -73.12 16.99
CA HIS M 132 -15.57 -72.05 16.05
C HIS M 132 -16.78 -71.14 15.94
N THR M 133 -16.55 -69.83 16.08
CA THR M 133 -17.62 -68.85 16.13
C THR M 133 -17.30 -67.68 15.19
N LYS M 134 -16.51 -67.96 14.15
CA LYS M 134 -16.21 -66.93 13.17
C LYS M 134 -17.41 -66.68 12.26
N THR M 135 -17.80 -67.70 11.50
CA THR M 135 -18.99 -67.63 10.68
C THR M 135 -20.22 -68.12 11.45
N THR M 136 -20.03 -69.06 12.36
CA THR M 136 -21.09 -69.62 13.16
C THR M 136 -21.57 -68.62 14.20
N GLY M 137 -22.88 -68.45 14.30
CA GLY M 137 -23.48 -67.65 15.35
C GLY M 137 -23.76 -66.21 14.99
N ARG M 138 -24.10 -65.91 13.75
CA ARG M 138 -24.36 -64.55 13.31
C ARG M 138 -25.86 -64.24 13.39
N ARG M 139 -26.16 -62.94 13.49
CA ARG M 139 -27.51 -62.38 13.63
C ARG M 139 -28.29 -62.98 14.81
N PRO N 1 -41.63 -133.14 -4.47
CA PRO N 1 -40.43 -132.80 -5.22
C PRO N 1 -39.35 -132.15 -4.34
N GLY N 2 -38.14 -132.05 -4.87
CA GLY N 2 -37.05 -131.45 -4.13
C GLY N 2 -37.20 -129.94 -4.07
N VAL N 3 -37.30 -129.40 -2.86
CA VAL N 3 -37.50 -127.97 -2.64
C VAL N 3 -36.34 -127.44 -1.83
N THR N 4 -35.66 -126.43 -2.36
CA THR N 4 -34.58 -125.74 -1.67
C THR N 4 -35.05 -124.31 -1.38
N VAL N 5 -34.51 -123.70 -0.32
CA VAL N 5 -34.92 -122.35 0.05
C VAL N 5 -34.46 -121.30 -0.95
N LYS N 6 -33.48 -121.64 -1.81
CA LYS N 6 -33.12 -120.76 -2.91
C LYS N 6 -34.13 -120.85 -4.05
N ASP N 7 -34.83 -121.97 -4.19
CA ASP N 7 -35.85 -122.11 -5.21
C ASP N 7 -37.11 -121.31 -4.88
N VAL N 8 -37.30 -120.94 -3.62
CA VAL N 8 -38.49 -120.25 -3.14
C VAL N 8 -38.11 -118.81 -2.83
N ASN N 9 -39.01 -117.88 -3.14
CA ASN N 9 -38.81 -116.48 -2.79
C ASN N 9 -38.79 -116.31 -1.27
N GLN N 10 -37.86 -115.49 -0.79
CA GLN N 10 -37.71 -115.28 0.65
C GLN N 10 -38.84 -114.45 1.22
N GLN N 11 -39.43 -113.55 0.41
CA GLN N 11 -40.40 -112.59 0.92
C GLN N 11 -41.73 -113.25 1.29
N GLU N 12 -41.97 -114.47 0.84
CA GLU N 12 -43.02 -115.31 1.39
C GLU N 12 -42.48 -116.24 2.47
N PHE N 13 -41.22 -116.67 2.31
CA PHE N 13 -40.61 -117.68 3.17
C PHE N 13 -40.41 -117.20 4.60
N VAL N 14 -39.85 -116.01 4.81
CA VAL N 14 -39.69 -115.48 6.17
C VAL N 14 -41.03 -115.07 6.78
N ARG N 15 -41.98 -114.61 5.96
CA ARG N 15 -43.28 -114.19 6.47
C ARG N 15 -44.09 -115.40 6.94
N ALA N 16 -43.89 -116.56 6.32
CA ALA N 16 -44.49 -117.78 6.86
C ALA N 16 -43.66 -118.41 7.97
N LEU N 17 -42.33 -118.29 7.90
CA LEU N 17 -41.45 -118.94 8.87
C LEU N 17 -41.53 -118.28 10.23
N ALA N 18 -41.88 -117.00 10.28
CA ALA N 18 -42.16 -116.36 11.57
C ALA N 18 -43.36 -117.00 12.26
N ALA N 19 -44.41 -117.30 11.50
CA ALA N 19 -45.58 -117.96 12.07
C ALA N 19 -45.29 -119.42 12.43
N PHE N 20 -44.50 -120.11 11.60
CA PHE N 20 -44.17 -121.49 11.93
C PHE N 20 -43.14 -121.60 13.05
N LEU N 21 -42.44 -120.51 13.39
CA LEU N 21 -41.67 -120.48 14.63
C LEU N 21 -42.51 -120.07 15.82
N LYS N 22 -43.55 -119.26 15.61
CA LYS N 22 -44.52 -119.00 16.67
C LYS N 22 -45.29 -120.25 17.07
N LYS N 23 -45.55 -121.13 16.10
CA LYS N 23 -46.26 -122.38 16.40
C LYS N 23 -45.41 -123.30 17.26
N SER N 24 -44.09 -123.30 17.05
CA SER N 24 -43.22 -124.16 17.81
C SER N 24 -42.81 -123.55 19.14
N GLY N 25 -42.70 -122.22 19.22
CA GLY N 25 -42.28 -121.58 20.45
C GLY N 25 -40.78 -121.56 20.60
N LYS N 26 -40.07 -121.31 19.51
CA LYS N 26 -38.61 -121.33 19.50
C LYS N 26 -38.07 -119.91 19.64
N LEU N 27 -38.24 -119.35 20.83
CA LEU N 27 -37.80 -117.99 21.09
C LEU N 27 -37.50 -117.79 22.56
N LYS N 28 -36.35 -117.19 22.86
CA LYS N 28 -36.02 -116.72 24.19
C LYS N 28 -35.85 -115.20 24.13
N VAL N 29 -36.37 -114.51 25.14
CA VAL N 29 -36.45 -113.05 25.14
C VAL N 29 -36.41 -112.57 26.59
N PRO N 30 -35.20 -112.44 27.19
CA PRO N 30 -35.10 -112.35 28.66
C PRO N 30 -35.69 -111.11 29.35
N GLU N 31 -35.07 -109.94 29.21
CA GLU N 31 -35.63 -108.77 29.88
C GLU N 31 -35.59 -107.48 29.06
N TRP N 32 -34.46 -107.20 28.42
CA TRP N 32 -34.30 -105.91 27.74
C TRP N 32 -35.01 -105.91 26.40
N VAL N 33 -34.99 -107.07 25.73
CA VAL N 33 -35.75 -107.25 24.50
C VAL N 33 -37.23 -107.48 24.80
N ASP N 34 -37.58 -107.87 26.03
CA ASP N 34 -38.98 -107.73 26.46
C ASP N 34 -39.37 -106.26 26.58
N THR N 35 -38.49 -105.44 27.18
CA THR N 35 -38.81 -104.02 27.35
C THR N 35 -38.88 -103.29 26.02
N VAL N 36 -37.71 -103.00 25.43
CA VAL N 36 -37.50 -102.31 24.15
C VAL N 36 -36.03 -102.49 23.78
N LYS N 37 -35.74 -102.78 22.50
CA LYS N 37 -34.39 -102.62 22.00
C LYS N 37 -34.44 -102.02 20.60
N LEU N 38 -33.62 -100.99 20.39
CA LEU N 38 -33.60 -100.24 19.14
C LEU N 38 -32.77 -100.97 18.09
N ALA N 39 -32.62 -100.33 16.93
CA ALA N 39 -31.81 -100.83 15.82
C ALA N 39 -30.33 -100.56 16.04
N LYS N 40 -29.55 -100.62 14.96
CA LYS N 40 -28.10 -100.47 14.92
C LYS N 40 -27.53 -99.27 15.67
N HIS N 41 -27.79 -98.05 15.19
CA HIS N 41 -27.70 -96.79 15.94
C HIS N 41 -28.75 -95.89 15.29
N LYS N 42 -29.97 -95.94 15.80
CA LYS N 42 -31.11 -95.31 15.13
C LYS N 42 -31.96 -94.61 16.17
N GLU N 43 -33.16 -94.20 15.74
CA GLU N 43 -34.08 -93.44 16.58
C GLU N 43 -35.31 -94.24 16.99
N LEU N 44 -35.73 -95.21 16.19
CA LEU N 44 -36.99 -95.89 16.40
C LEU N 44 -36.79 -97.39 16.57
N ALA N 45 -37.85 -98.05 17.00
CA ALA N 45 -37.98 -99.47 17.23
C ALA N 45 -38.64 -100.15 16.05
N PRO N 46 -38.43 -101.44 15.83
CA PRO N 46 -39.14 -102.15 14.76
C PRO N 46 -40.63 -102.28 15.05
N TYR N 47 -41.40 -102.40 13.97
CA TYR N 47 -42.84 -102.22 14.01
C TYR N 47 -43.61 -103.53 14.21
N ASP N 48 -43.43 -104.48 13.29
CA ASP N 48 -44.23 -105.70 13.30
C ASP N 48 -43.79 -106.61 14.43
N GLU N 49 -44.74 -106.91 15.34
CA GLU N 49 -44.49 -107.48 16.67
C GLU N 49 -43.68 -108.77 16.67
N ASN N 50 -43.71 -109.53 15.58
CA ASN N 50 -42.96 -110.77 15.47
C ASN N 50 -41.55 -110.56 14.93
N TRP N 51 -40.94 -109.40 15.21
CA TRP N 51 -39.63 -109.09 14.65
C TRP N 51 -38.53 -109.95 15.24
N PHE N 52 -38.71 -110.47 16.46
CA PHE N 52 -37.73 -111.42 17.01
C PHE N 52 -37.76 -112.74 16.24
N TYR N 53 -38.96 -113.22 15.89
CA TYR N 53 -39.09 -114.39 15.04
C TYR N 53 -38.54 -114.12 13.65
N THR N 54 -38.67 -112.89 13.16
CA THR N 54 -38.10 -112.54 11.86
C THR N 54 -36.57 -112.52 11.90
N ARG N 55 -35.99 -112.00 12.98
CA ARG N 55 -34.54 -112.05 13.17
C ARG N 55 -34.05 -113.49 13.28
N ALA N 56 -34.80 -114.35 13.97
CA ALA N 56 -34.43 -115.76 14.06
C ALA N 56 -34.52 -116.47 12.72
N ALA N 57 -35.53 -116.12 11.91
CA ALA N 57 -35.66 -116.72 10.59
C ALA N 57 -34.54 -116.26 9.65
N SER N 58 -34.17 -114.98 9.73
CA SER N 58 -33.06 -114.47 8.94
C SER N 58 -31.74 -115.09 9.37
N THR N 59 -31.56 -115.30 10.68
CA THR N 59 -30.38 -115.99 11.19
C THR N 59 -30.32 -117.44 10.70
N ALA N 60 -31.48 -118.11 10.67
CA ALA N 60 -31.55 -119.48 10.16
C ALA N 60 -31.21 -119.54 8.68
N ARG N 61 -31.71 -118.57 7.89
CA ARG N 61 -31.39 -118.55 6.48
C ARG N 61 -29.91 -118.25 6.24
N HIS N 62 -29.32 -117.37 7.05
CA HIS N 62 -27.90 -117.05 6.88
C HIS N 62 -27.01 -118.19 7.31
N LEU N 63 -27.40 -118.95 8.33
CA LEU N 63 -26.59 -120.11 8.70
C LEU N 63 -26.80 -121.27 7.73
N TYR N 64 -27.93 -121.30 7.01
CA TYR N 64 -28.05 -122.25 5.91
C TYR N 64 -27.16 -121.83 4.74
N LEU N 65 -27.02 -120.53 4.51
CA LEU N 65 -26.16 -120.05 3.42
C LEU N 65 -24.69 -120.29 3.74
N ARG N 66 -24.19 -119.66 4.79
CA ARG N 66 -22.77 -119.68 5.13
C ARG N 66 -22.57 -120.37 6.46
N GLY N 67 -21.69 -121.37 6.49
CA GLY N 67 -21.36 -122.07 7.72
C GLY N 67 -20.05 -121.58 8.28
N GLY N 68 -20.11 -121.02 9.49
CA GLY N 68 -18.94 -120.51 10.16
C GLY N 68 -18.99 -119.07 10.61
N ALA N 69 -20.12 -118.39 10.43
CA ALA N 69 -20.26 -117.02 10.90
C ALA N 69 -20.46 -117.00 12.41
N GLY N 70 -20.29 -115.82 12.99
CA GLY N 70 -20.41 -115.65 14.44
C GLY N 70 -21.09 -114.34 14.77
N VAL N 71 -20.75 -113.79 15.93
CA VAL N 71 -21.40 -112.58 16.42
C VAL N 71 -21.02 -111.38 15.55
N GLY N 72 -19.73 -111.11 15.43
CA GLY N 72 -19.27 -110.00 14.60
C GLY N 72 -19.51 -110.21 13.12
N SER N 73 -19.44 -111.48 12.68
CA SER N 73 -19.72 -111.78 11.27
C SER N 73 -21.17 -111.51 10.92
N MET N 74 -22.11 -111.98 11.75
CA MET N 74 -23.51 -111.70 11.47
C MET N 74 -23.85 -110.24 11.74
N THR N 75 -23.10 -109.58 12.62
CA THR N 75 -23.24 -108.14 12.84
C THR N 75 -22.88 -107.36 11.58
N LYS N 76 -21.80 -107.77 10.89
CA LYS N 76 -21.49 -107.18 9.60
C LYS N 76 -22.43 -107.64 8.50
N ILE N 77 -23.07 -108.81 8.67
CA ILE N 77 -24.10 -109.24 7.72
C ILE N 77 -25.32 -108.33 7.78
N TYR N 78 -25.69 -107.88 8.99
CA TYR N 78 -26.79 -106.92 9.12
C TYR N 78 -26.45 -105.61 8.41
N GLY N 79 -25.36 -104.96 8.82
CA GLY N 79 -24.87 -103.79 8.12
C GLY N 79 -25.63 -102.52 8.45
N GLY N 80 -24.94 -101.38 8.45
CA GLY N 80 -25.62 -100.16 8.79
C GLY N 80 -25.14 -98.88 8.14
N ARG N 81 -26.09 -98.04 7.71
CA ARG N 81 -25.80 -96.69 7.25
C ARG N 81 -26.08 -95.75 8.42
N GLN N 82 -25.05 -95.08 8.92
CA GLN N 82 -25.17 -94.27 10.13
C GLN N 82 -25.31 -92.80 9.73
N ARG N 83 -26.55 -92.35 9.58
CA ARG N 83 -26.83 -90.96 9.24
C ARG N 83 -26.53 -90.09 10.45
N ASN N 84 -25.36 -89.43 10.43
CA ASN N 84 -24.89 -88.64 11.56
C ASN N 84 -25.48 -87.23 11.57
N GLY N 85 -26.23 -86.83 10.55
CA GLY N 85 -26.83 -85.52 10.53
C GLY N 85 -26.12 -84.54 9.61
N VAL N 86 -25.49 -83.52 10.18
CA VAL N 86 -24.69 -82.59 9.40
C VAL N 86 -23.43 -83.29 8.88
N MET N 87 -22.74 -83.99 9.76
CA MET N 87 -21.61 -84.81 9.35
C MET N 87 -22.10 -86.00 8.53
N PRO N 88 -21.43 -86.32 7.40
CA PRO N 88 -21.92 -87.39 6.52
C PRO N 88 -21.88 -88.78 7.12
N SER N 89 -22.42 -89.74 6.39
CA SER N 89 -22.66 -91.06 6.94
C SER N 89 -21.44 -91.96 6.82
N HIS N 90 -21.50 -93.08 7.54
CA HIS N 90 -20.48 -94.11 7.49
C HIS N 90 -21.15 -95.47 7.62
N PHE N 91 -20.33 -96.51 7.57
CA PHE N 91 -20.79 -97.86 7.82
C PHE N 91 -20.69 -98.17 9.30
N SER N 92 -21.85 -98.32 9.96
CA SER N 92 -21.92 -98.72 11.35
C SER N 92 -22.36 -100.17 11.45
N ARG N 93 -21.96 -100.81 12.53
CA ARG N 93 -22.29 -102.21 12.77
C ARG N 93 -23.53 -102.31 13.63
N GLY N 94 -24.20 -103.47 13.54
CA GLY N 94 -25.37 -103.74 14.34
C GLY N 94 -25.04 -104.06 15.78
N SER N 95 -26.05 -104.54 16.50
CA SER N 95 -25.91 -104.84 17.91
C SER N 95 -25.30 -106.23 18.11
N LYS N 96 -24.72 -106.44 19.29
CA LYS N 96 -24.08 -107.71 19.62
C LYS N 96 -24.88 -108.56 20.57
N SER N 97 -25.73 -107.94 21.40
CA SER N 97 -26.53 -108.72 22.35
C SER N 97 -27.62 -109.52 21.64
N VAL N 98 -28.23 -108.97 20.59
CA VAL N 98 -29.15 -109.79 19.80
C VAL N 98 -28.39 -110.83 18.99
N ALA N 99 -27.16 -110.54 18.58
CA ALA N 99 -26.38 -111.47 17.78
C ALA N 99 -25.95 -112.68 18.60
N ARG N 100 -25.69 -112.48 19.89
CA ARG N 100 -25.48 -113.63 20.76
C ARG N 100 -26.79 -114.23 21.27
N ARG N 101 -27.86 -113.42 21.34
CA ARG N 101 -29.15 -113.89 21.84
C ARG N 101 -29.77 -114.92 20.91
N VAL N 102 -29.81 -114.60 19.61
CA VAL N 102 -30.47 -115.49 18.65
C VAL N 102 -29.69 -116.79 18.49
N LEU N 103 -28.36 -116.71 18.53
CA LEU N 103 -27.53 -117.92 18.49
C LEU N 103 -27.71 -118.77 19.74
N GLN N 104 -27.80 -118.14 20.92
CA GLN N 104 -28.02 -118.90 22.14
C GLN N 104 -29.42 -119.54 22.17
N ALA N 105 -30.42 -118.82 21.64
CA ALA N 105 -31.78 -119.33 21.61
C ALA N 105 -31.92 -120.50 20.65
N LEU N 106 -31.32 -120.38 19.45
CA LEU N 106 -31.39 -121.49 18.51
C LEU N 106 -30.49 -122.65 18.92
N GLU N 107 -29.44 -122.38 19.70
CA GLU N 107 -28.66 -123.47 20.30
C GLU N 107 -29.48 -124.22 21.35
N GLY N 108 -30.21 -123.48 22.19
CA GLY N 108 -31.10 -124.12 23.15
C GLY N 108 -32.28 -124.82 22.53
N LEU N 109 -32.71 -124.39 21.34
CA LEU N 109 -33.77 -125.06 20.61
C LEU N 109 -33.25 -125.98 19.51
N LYS N 110 -31.93 -126.28 19.54
CA LYS N 110 -31.29 -127.31 18.74
C LYS N 110 -31.36 -127.01 17.23
N MET N 111 -30.90 -125.82 16.87
CA MET N 111 -30.81 -125.41 15.47
C MET N 111 -29.46 -124.86 15.08
N VAL N 112 -28.53 -124.71 16.03
CA VAL N 112 -27.18 -124.21 15.76
C VAL N 112 -26.19 -125.22 16.30
N GLU N 113 -25.32 -125.72 15.42
CA GLU N 113 -24.20 -126.57 15.80
C GLU N 113 -22.93 -125.72 15.81
N LYS N 114 -22.05 -125.99 16.77
CA LYS N 114 -20.81 -125.24 16.90
C LYS N 114 -19.75 -125.79 15.94
N ASP N 115 -19.09 -124.88 15.23
CA ASP N 115 -17.90 -125.23 14.46
C ASP N 115 -16.68 -125.00 15.33
N GLN N 116 -15.70 -125.92 15.25
CA GLN N 116 -14.48 -125.77 16.03
C GLN N 116 -13.59 -124.66 15.52
N ASP N 117 -13.77 -124.21 14.28
CA ASP N 117 -12.99 -123.09 13.78
C ASP N 117 -13.74 -121.78 13.93
N GLY N 118 -15.04 -121.77 13.64
CA GLY N 118 -15.81 -120.54 13.68
C GLY N 118 -16.95 -120.53 14.67
N GLY N 119 -18.17 -120.44 14.16
CA GLY N 119 -19.34 -120.24 14.98
C GLY N 119 -20.50 -121.14 14.62
N ARG N 120 -21.63 -120.52 14.25
CA ARG N 120 -22.84 -121.25 13.90
C ARG N 120 -22.65 -122.11 12.65
N LYS N 121 -23.38 -123.23 12.62
CA LYS N 121 -23.63 -123.96 11.39
C LYS N 121 -24.92 -124.74 11.57
N LEU N 122 -25.41 -125.33 10.48
CA LEU N 122 -26.73 -125.94 10.47
C LEU N 122 -26.69 -127.34 11.08
N THR N 123 -27.70 -127.63 11.89
CA THR N 123 -27.97 -128.95 12.45
C THR N 123 -28.81 -129.76 11.48
N PRO N 124 -28.77 -131.10 11.57
CA PRO N 124 -29.69 -131.91 10.75
C PRO N 124 -31.15 -131.72 11.10
N GLN N 125 -31.45 -131.46 12.39
CA GLN N 125 -32.82 -131.16 12.79
C GLN N 125 -33.31 -129.86 12.19
N GLY N 126 -32.47 -128.81 12.24
CA GLY N 126 -32.80 -127.57 11.58
C GLY N 126 -32.86 -127.68 10.08
N GLN N 127 -32.06 -128.58 9.49
CA GLN N 127 -32.12 -128.86 8.07
C GLN N 127 -33.46 -129.46 7.68
N ARG N 128 -33.93 -130.46 8.44
CA ARG N 128 -35.23 -131.07 8.20
C ARG N 128 -36.36 -130.07 8.41
N ASP N 129 -36.26 -129.23 9.44
CA ASP N 129 -37.29 -128.24 9.73
C ASP N 129 -37.38 -127.19 8.61
N LEU N 130 -36.25 -126.60 8.22
CA LEU N 130 -36.24 -125.63 7.14
C LEU N 130 -36.61 -126.23 5.80
N ASP N 131 -36.29 -127.50 5.57
CA ASP N 131 -36.65 -128.13 4.29
C ASP N 131 -38.15 -128.40 4.22
N ARG N 132 -38.76 -128.87 5.32
CA ARG N 132 -40.20 -129.09 5.31
C ARG N 132 -40.97 -127.77 5.24
N ILE N 133 -40.44 -126.73 5.89
CA ILE N 133 -41.10 -125.42 5.84
C ILE N 133 -40.95 -124.79 4.45
N ALA N 134 -39.80 -124.99 3.80
CA ALA N 134 -39.64 -124.54 2.42
C ALA N 134 -40.54 -125.32 1.46
N GLY N 135 -40.75 -126.61 1.72
CA GLY N 135 -41.66 -127.40 0.90
C GLY N 135 -43.10 -126.94 1.03
N GLN N 136 -43.54 -126.64 2.25
CA GLN N 136 -44.92 -126.19 2.40
C GLN N 136 -45.12 -124.74 1.94
N VAL N 137 -44.09 -123.90 2.00
CA VAL N 137 -44.20 -122.57 1.41
C VAL N 137 -44.21 -122.66 -0.11
N ALA N 138 -43.45 -123.60 -0.69
CA ALA N 138 -43.52 -123.82 -2.13
C ALA N 138 -44.86 -124.41 -2.55
N ALA N 139 -45.47 -125.22 -1.69
CA ALA N 139 -46.83 -125.71 -1.95
C ALA N 139 -47.85 -124.60 -1.91
N ALA N 140 -47.72 -123.67 -0.96
CA ALA N 140 -48.59 -122.50 -0.93
C ALA N 140 -48.33 -121.55 -2.10
N ASN N 141 -47.10 -121.55 -2.64
CA ASN N 141 -46.80 -120.74 -3.81
C ASN N 141 -47.44 -121.34 -5.06
N LYS N 142 -47.30 -122.65 -5.25
CA LYS N 142 -47.88 -123.29 -6.43
C LYS N 142 -49.38 -123.46 -6.33
N LYS N 143 -49.95 -123.34 -5.13
CA LYS N 143 -51.40 -123.41 -4.99
C LYS N 143 -52.04 -122.04 -5.16
N ILE O 1 9.17 -128.79 0.29
CA ILE O 1 10.25 -127.82 0.44
C ILE O 1 10.13 -126.77 -0.66
N ARG O 2 9.89 -125.53 -0.25
CA ARG O 2 9.67 -124.44 -1.19
C ARG O 2 10.76 -123.40 -1.09
N ILE O 3 10.95 -122.67 -2.18
CA ILE O 3 11.91 -121.57 -2.27
C ILE O 3 11.18 -120.36 -2.83
N THR O 4 11.27 -119.24 -2.12
CA THR O 4 10.67 -117.97 -2.53
C THR O 4 11.75 -117.09 -3.16
N LEU O 5 11.53 -116.71 -4.41
CA LEU O 5 12.42 -115.80 -5.14
C LEU O 5 11.67 -114.49 -5.30
N THR O 6 12.17 -113.44 -4.65
CA THR O 6 11.51 -112.14 -4.70
C THR O 6 12.51 -111.11 -5.21
N SER O 7 12.21 -110.52 -6.37
CA SER O 7 13.17 -109.65 -7.04
C SER O 7 12.67 -108.21 -7.06
N ARG O 8 13.59 -107.31 -7.42
CA ARG O 8 13.26 -105.89 -7.54
C ARG O 8 12.59 -105.57 -8.87
N ASN O 9 13.10 -106.11 -9.97
CA ASN O 9 12.53 -105.86 -11.29
C ASN O 9 12.26 -107.16 -12.03
N VAL O 10 11.28 -107.10 -12.93
CA VAL O 10 10.75 -108.29 -13.57
C VAL O 10 11.73 -108.88 -14.58
N LYS O 11 12.64 -108.07 -15.14
CA LYS O 11 13.60 -108.58 -16.11
C LYS O 11 14.63 -109.47 -15.44
N SER O 12 15.23 -109.00 -14.34
CA SER O 12 16.16 -109.84 -13.59
C SER O 12 15.44 -110.99 -12.91
N LEU O 13 14.17 -110.80 -12.54
CA LEU O 13 13.36 -111.90 -12.02
C LEU O 13 13.22 -113.03 -13.03
N GLU O 14 12.83 -112.70 -14.27
CA GLU O 14 12.69 -113.70 -15.31
C GLU O 14 14.04 -114.27 -15.74
N LYS O 15 15.12 -113.50 -15.65
CA LYS O 15 16.44 -114.05 -15.97
C LYS O 15 16.89 -115.07 -14.94
N VAL O 16 16.73 -114.78 -13.65
CA VAL O 16 17.15 -115.76 -12.65
C VAL O 16 16.17 -116.94 -12.60
N CYS O 17 14.91 -116.72 -12.99
CA CYS O 17 13.97 -117.82 -13.11
C CYS O 17 14.32 -118.74 -14.27
N ALA O 18 14.72 -118.17 -15.41
CA ALA O 18 15.16 -118.98 -16.54
C ALA O 18 16.47 -119.70 -16.23
N ASP O 19 17.36 -119.07 -15.46
CA ASP O 19 18.57 -119.75 -15.03
C ASP O 19 18.26 -120.91 -14.09
N LEU O 20 17.28 -120.76 -13.20
CA LEU O 20 16.90 -121.84 -12.31
C LEU O 20 16.23 -122.97 -13.07
N ILE O 21 15.40 -122.65 -14.06
CA ILE O 21 14.79 -123.67 -14.92
C ILE O 21 15.85 -124.43 -15.71
N ARG O 22 16.81 -123.70 -16.29
CA ARG O 22 17.86 -124.31 -17.09
C ARG O 22 18.82 -125.14 -16.23
N GLY O 23 18.99 -124.78 -14.96
CA GLY O 23 19.79 -125.58 -14.05
C GLY O 23 19.03 -126.62 -13.26
N ALA O 24 17.71 -126.67 -13.39
CA ALA O 24 16.95 -127.64 -12.62
C ALA O 24 16.29 -128.72 -13.48
N LYS O 25 15.93 -128.42 -14.73
CA LYS O 25 15.17 -129.39 -15.52
C LYS O 25 16.01 -130.50 -16.14
N GLU O 26 17.32 -130.57 -15.87
CA GLU O 26 18.11 -131.67 -16.40
C GLU O 26 18.27 -132.81 -15.40
N LYS O 27 18.01 -132.57 -14.12
CA LYS O 27 18.17 -133.57 -13.08
C LYS O 27 16.89 -134.41 -12.97
N ASN O 28 16.91 -135.36 -12.03
CA ASN O 28 15.76 -136.23 -11.80
C ASN O 28 14.88 -135.66 -10.69
N LEU O 29 14.37 -134.46 -10.94
CA LEU O 29 13.54 -133.73 -9.99
C LEU O 29 12.27 -133.26 -10.68
N LYS O 30 11.12 -133.61 -10.11
CA LYS O 30 9.84 -133.12 -10.61
C LYS O 30 9.70 -131.67 -10.20
N VAL O 31 10.11 -130.76 -11.10
CA VAL O 31 10.20 -129.34 -10.78
C VAL O 31 8.82 -128.72 -10.94
N LYS O 32 8.33 -128.10 -9.87
CA LYS O 32 7.07 -127.38 -9.95
C LYS O 32 7.30 -125.98 -10.52
N GLY O 33 6.22 -125.37 -10.98
CA GLY O 33 6.30 -124.13 -11.70
C GLY O 33 6.61 -122.92 -10.84
N PRO O 34 7.19 -121.89 -11.47
CA PRO O 34 7.40 -120.61 -10.76
C PRO O 34 6.11 -119.85 -10.58
N VAL O 35 5.40 -120.14 -9.49
CA VAL O 35 4.04 -119.63 -9.27
C VAL O 35 4.05 -118.12 -9.16
N ARG O 36 3.27 -117.47 -10.01
CA ARG O 36 3.22 -116.01 -10.05
C ARG O 36 2.31 -115.50 -8.95
N MET O 37 2.83 -114.66 -8.10
CA MET O 37 2.12 -113.89 -7.09
C MET O 37 1.61 -112.58 -7.70
N PRO O 38 0.54 -112.00 -7.16
CA PRO O 38 0.10 -110.69 -7.65
C PRO O 38 1.09 -109.60 -7.27
N THR O 39 1.24 -108.64 -8.17
CA THR O 39 2.25 -107.59 -8.00
C THR O 39 1.83 -106.61 -6.92
N LYS O 40 2.69 -106.43 -5.93
CA LYS O 40 2.42 -105.48 -4.85
C LYS O 40 2.90 -104.10 -5.26
N THR O 41 2.17 -103.07 -4.82
CA THR O 41 2.47 -101.70 -5.19
C THR O 41 2.31 -100.80 -3.96
N LEU O 42 3.39 -100.11 -3.60
CA LEU O 42 3.37 -99.15 -2.50
C LEU O 42 3.22 -97.75 -3.11
N ARG O 43 2.01 -97.22 -3.05
CA ARG O 43 1.68 -95.92 -3.62
C ARG O 43 1.87 -94.83 -2.56
N ILE O 44 2.73 -93.86 -2.87
CA ILE O 44 2.99 -92.74 -1.97
C ILE O 44 2.71 -91.45 -2.75
N THR O 45 1.85 -90.61 -2.19
CA THR O 45 1.43 -89.36 -2.82
C THR O 45 2.10 -88.20 -2.10
N THR O 46 2.68 -87.27 -2.87
CA THR O 46 3.55 -86.24 -2.34
C THR O 46 3.11 -84.87 -2.86
N ARG O 47 3.17 -83.86 -1.98
CA ARG O 47 2.68 -82.52 -2.27
C ARG O 47 3.48 -81.81 -3.37
N LYS O 48 4.71 -82.28 -3.64
CA LYS O 48 5.71 -81.78 -4.60
C LYS O 48 6.35 -80.46 -4.20
N THR O 49 5.87 -79.81 -3.15
CA THR O 49 6.34 -78.46 -2.89
C THR O 49 6.55 -78.22 -1.41
N PRO O 50 7.61 -77.48 -1.05
CA PRO O 50 7.82 -77.17 0.37
C PRO O 50 6.89 -76.10 0.91
N CYS O 51 6.35 -75.23 0.07
CA CYS O 51 5.42 -74.20 0.49
C CYS O 51 4.19 -74.22 -0.40
N GLY O 52 3.09 -73.70 0.14
CA GLY O 52 1.82 -73.79 -0.53
C GLY O 52 1.57 -72.76 -1.60
N GLU O 53 2.17 -72.94 -2.78
CA GLU O 53 1.88 -72.09 -3.93
C GLU O 53 1.50 -72.98 -5.11
N GLY O 54 0.50 -72.55 -5.86
CA GLY O 54 0.12 -73.21 -7.08
C GLY O 54 -1.01 -74.19 -6.88
N SER O 55 -1.25 -74.96 -7.95
CA SER O 55 -2.32 -75.94 -7.92
C SER O 55 -1.90 -77.15 -7.09
N LYS O 56 -2.88 -78.00 -6.79
CA LYS O 56 -2.65 -79.22 -6.02
C LYS O 56 -2.04 -80.26 -6.96
N THR O 57 -0.72 -80.17 -7.13
CA THR O 57 0.01 -81.02 -8.05
C THR O 57 0.80 -82.04 -7.24
N TRP O 58 0.51 -83.32 -7.45
CA TRP O 58 0.93 -84.39 -6.56
C TRP O 58 1.81 -85.40 -7.31
N ASP O 59 2.96 -85.71 -6.71
CA ASP O 59 3.74 -86.88 -7.11
C ASP O 59 3.04 -88.15 -6.68
N ARG O 60 3.15 -89.19 -7.52
CA ARG O 60 2.57 -90.49 -7.24
C ARG O 60 3.66 -91.54 -7.47
N PHE O 61 4.41 -91.86 -6.41
CA PHE O 61 5.49 -92.81 -6.50
C PHE O 61 4.97 -94.22 -6.25
N GLN O 62 5.42 -95.18 -7.06
CA GLN O 62 5.00 -96.57 -6.96
C GLN O 62 6.20 -97.48 -7.10
N MET O 63 6.14 -98.63 -6.43
CA MET O 63 7.04 -99.75 -6.70
C MET O 63 6.24 -100.91 -7.27
N ARG O 64 6.96 -101.91 -7.77
CA ARG O 64 6.34 -103.12 -8.31
C ARG O 64 7.07 -104.32 -7.70
N ILE O 65 6.60 -104.76 -6.54
CA ILE O 65 7.14 -105.94 -5.88
C ILE O 65 6.60 -107.17 -6.58
N HIS O 66 7.52 -107.97 -7.14
CA HIS O 66 7.20 -109.21 -7.83
C HIS O 66 7.73 -110.37 -7.01
N LYS O 67 6.89 -111.38 -6.78
CA LYS O 67 7.21 -112.53 -5.95
C LYS O 67 6.95 -113.81 -6.72
N ARG O 68 7.83 -114.79 -6.56
CA ARG O 68 7.67 -116.10 -7.19
C ARG O 68 7.98 -117.19 -6.16
N LEU O 69 7.29 -118.32 -6.32
CA LEU O 69 7.51 -119.48 -5.45
C LEU O 69 7.77 -120.71 -6.32
N ILE O 70 8.67 -121.57 -5.85
CA ILE O 70 8.93 -122.85 -6.50
C ILE O 70 8.87 -123.95 -5.44
N ASP O 71 8.44 -125.15 -5.85
CA ASP O 71 8.29 -126.29 -4.96
C ASP O 71 9.18 -127.42 -5.47
N LEU O 72 10.05 -127.94 -4.59
CA LEU O 72 10.96 -129.03 -4.94
C LEU O 72 11.02 -129.98 -3.74
N HIS O 73 10.26 -131.07 -3.81
CA HIS O 73 10.34 -132.09 -2.76
C HIS O 73 11.61 -132.90 -2.94
N SER O 74 12.50 -132.86 -1.95
CA SER O 74 13.82 -133.45 -2.03
C SER O 74 14.37 -133.60 -0.62
N PRO O 75 15.40 -134.42 -0.44
CA PRO O 75 16.20 -134.32 0.80
C PRO O 75 16.92 -132.99 0.89
N SER O 76 17.32 -132.64 2.11
CA SER O 76 17.85 -131.30 2.38
C SER O 76 19.25 -131.09 1.79
N GLU O 77 19.95 -132.16 1.41
CA GLU O 77 21.28 -131.98 0.83
C GLU O 77 21.20 -131.48 -0.61
N ILE O 78 20.10 -131.79 -1.32
CA ILE O 78 19.95 -131.36 -2.70
C ILE O 78 19.60 -129.87 -2.75
N VAL O 79 18.86 -129.39 -1.76
CA VAL O 79 18.42 -128.00 -1.73
C VAL O 79 19.60 -127.06 -1.55
N LYS O 80 20.56 -127.45 -0.71
CA LYS O 80 21.77 -126.64 -0.53
C LYS O 80 22.64 -126.63 -1.77
N GLN O 81 22.59 -127.70 -2.57
CA GLN O 81 23.33 -127.73 -3.83
C GLN O 81 22.67 -126.83 -4.87
N ILE O 82 21.34 -126.85 -4.92
CA ILE O 82 20.60 -125.99 -5.85
C ILE O 82 20.70 -124.52 -5.45
N THR O 83 20.84 -124.23 -4.14
CA THR O 83 20.83 -122.86 -3.65
C THR O 83 22.06 -122.08 -4.09
N SER O 84 23.20 -122.75 -4.25
CA SER O 84 24.46 -122.09 -4.62
C SER O 84 24.41 -121.67 -6.08
N ILE O 85 23.98 -120.43 -6.32
CA ILE O 85 23.84 -119.87 -7.65
C ILE O 85 24.49 -118.49 -7.64
N SER O 86 25.35 -118.22 -8.64
CA SER O 86 25.85 -116.87 -8.87
C SER O 86 24.68 -116.02 -9.35
N ILE O 87 24.16 -115.19 -8.46
CA ILE O 87 22.83 -114.61 -8.61
C ILE O 87 22.94 -113.10 -8.79
N GLU O 88 21.93 -112.51 -9.43
CA GLU O 88 21.78 -111.07 -9.51
C GLU O 88 21.55 -110.50 -8.10
N PRO O 89 22.16 -109.36 -7.77
CA PRO O 89 21.99 -108.80 -6.41
C PRO O 89 20.59 -108.28 -6.11
N GLY O 90 19.73 -108.10 -7.11
CA GLY O 90 18.38 -107.62 -6.85
C GLY O 90 17.38 -108.72 -6.64
N VAL O 91 17.86 -109.92 -6.30
CA VAL O 91 17.03 -111.10 -6.09
C VAL O 91 17.24 -111.58 -4.66
N GLU O 92 16.15 -111.86 -3.95
CA GLU O 92 16.20 -112.39 -2.60
C GLU O 92 15.67 -113.81 -2.59
N VAL O 93 16.35 -114.67 -1.83
CA VAL O 93 16.07 -116.10 -1.77
C VAL O 93 15.68 -116.45 -0.34
N GLU O 94 14.54 -117.12 -0.20
CA GLU O 94 14.16 -117.73 1.07
C GLU O 94 13.85 -119.20 0.85
N VAL O 95 14.14 -120.01 1.87
CA VAL O 95 13.86 -121.44 1.82
C VAL O 95 12.93 -121.80 2.96
N THR O 96 12.10 -122.82 2.75
CA THR O 96 11.18 -123.30 3.77
C THR O 96 11.00 -124.80 3.61
N ILE O 97 11.38 -125.54 4.64
CA ILE O 97 11.27 -126.99 4.63
C ILE O 97 10.05 -127.43 5.43
N GLY P 1 -32.01 -61.88 15.56
CA GLY P 1 -31.97 -60.48 15.16
C GLY P 1 -32.88 -60.17 13.99
N LYS P 2 -32.28 -59.63 12.92
CA LYS P 2 -33.05 -59.29 11.73
C LYS P 2 -33.33 -60.53 10.89
N ALA P 3 -34.36 -60.43 10.05
CA ALA P 3 -34.77 -61.50 9.16
C ALA P 3 -34.72 -60.97 7.73
N LYS P 4 -33.83 -61.53 6.92
CA LYS P 4 -33.64 -61.11 5.54
C LYS P 4 -33.56 -62.33 4.63
N LYS P 5 -34.10 -62.19 3.42
CA LYS P 5 -34.02 -63.24 2.43
C LYS P 5 -34.02 -62.60 1.04
N LYS P 6 -33.40 -63.30 0.08
CA LYS P 6 -33.18 -62.74 -1.24
C LYS P 6 -34.36 -62.90 -2.17
N LYS P 7 -35.23 -63.88 -1.95
CA LYS P 7 -36.39 -64.11 -2.80
C LYS P 7 -37.65 -63.65 -2.08
N TRP P 8 -38.64 -63.23 -2.86
CA TRP P 8 -39.92 -62.74 -2.34
C TRP P 8 -41.03 -63.50 -3.07
N SER P 9 -41.41 -64.66 -2.53
CA SER P 9 -42.47 -65.48 -3.11
C SER P 9 -43.33 -66.03 -1.96
N LYS P 10 -44.35 -65.28 -1.59
CA LYS P 10 -45.32 -65.69 -0.60
C LYS P 10 -46.62 -66.08 -1.31
N GLY P 11 -47.64 -66.40 -0.52
CA GLY P 11 -48.92 -66.79 -1.10
C GLY P 11 -48.92 -68.17 -1.69
N LYS P 12 -48.86 -69.19 -0.84
CA LYS P 12 -48.79 -70.58 -1.29
C LYS P 12 -50.18 -71.08 -1.71
N VAL P 13 -50.34 -72.41 -1.79
CA VAL P 13 -51.46 -73.02 -2.51
C VAL P 13 -52.79 -72.70 -1.84
N ARG P 14 -53.01 -73.20 -0.62
CA ARG P 14 -54.24 -72.87 0.09
C ARG P 14 -53.94 -72.89 1.60
N ASP P 15 -53.50 -71.73 2.12
CA ASP P 15 -53.68 -71.22 3.49
C ASP P 15 -53.66 -72.25 4.63
N LYS P 16 -52.72 -73.20 4.57
CA LYS P 16 -52.63 -74.35 5.49
C LYS P 16 -53.93 -75.15 5.47
N LEU P 17 -54.16 -75.78 4.31
CA LEU P 17 -55.39 -76.50 4.07
C LEU P 17 -55.50 -77.74 4.95
N ASN P 18 -56.68 -77.94 5.53
CA ASN P 18 -56.93 -79.07 6.41
C ASN P 18 -57.30 -80.31 5.59
N ASN P 19 -57.32 -81.45 6.27
CA ASN P 19 -57.67 -82.71 5.65
C ASN P 19 -58.19 -83.64 6.74
N LEU P 20 -59.26 -84.36 6.43
CA LEU P 20 -59.97 -85.14 7.45
C LEU P 20 -59.18 -86.38 7.84
N VAL P 21 -59.03 -86.58 9.15
CA VAL P 21 -58.36 -87.78 9.65
C VAL P 21 -59.26 -88.99 9.53
N LEU P 22 -60.42 -88.93 10.19
CA LEU P 22 -61.37 -90.03 10.21
C LEU P 22 -62.56 -89.70 9.33
N PHE P 23 -63.08 -90.71 8.64
CA PHE P 23 -64.25 -90.56 7.79
C PHE P 23 -65.48 -90.21 8.62
N ASP P 24 -66.36 -89.40 8.05
CA ASP P 24 -67.60 -89.02 8.69
C ASP P 24 -68.68 -90.07 8.39
N LYS P 25 -69.91 -89.74 8.76
CA LYS P 25 -71.03 -90.62 8.44
C LYS P 25 -71.55 -90.37 7.03
N ALA P 26 -72.07 -89.16 6.80
CA ALA P 26 -72.65 -88.84 5.50
C ALA P 26 -71.58 -88.66 4.43
N THR P 27 -70.39 -88.20 4.82
CA THR P 27 -69.31 -88.03 3.85
C THR P 27 -68.83 -89.38 3.32
N TYR P 28 -68.54 -90.32 4.21
CA TYR P 28 -68.13 -91.66 3.79
C TYR P 28 -69.27 -92.43 3.14
N ASP P 29 -70.52 -92.12 3.51
CA ASP P 29 -71.66 -92.69 2.80
C ASP P 29 -71.72 -92.21 1.36
N LYS P 30 -71.48 -90.92 1.14
CA LYS P 30 -71.40 -90.38 -0.23
C LYS P 30 -70.20 -90.94 -0.98
N LEU P 31 -69.09 -91.19 -0.27
CA LEU P 31 -67.93 -91.84 -0.86
C LEU P 31 -68.27 -93.24 -1.36
N CYS P 32 -68.99 -94.02 -0.54
CA CYS P 32 -69.42 -95.35 -0.96
C CYS P 32 -70.47 -95.28 -2.06
N LYS P 33 -71.25 -94.21 -2.14
CA LYS P 33 -72.21 -94.06 -3.24
C LYS P 33 -71.50 -93.79 -4.57
N GLU P 34 -70.59 -92.81 -4.61
CA GLU P 34 -70.00 -92.39 -5.88
C GLU P 34 -68.68 -93.09 -6.18
N VAL P 35 -68.22 -93.99 -5.33
CA VAL P 35 -66.97 -94.72 -5.57
C VAL P 35 -67.00 -95.68 -6.76
N PRO P 36 -68.11 -96.28 -7.24
CA PRO P 36 -68.00 -97.00 -8.52
C PRO P 36 -67.94 -96.10 -9.74
N ASN P 37 -68.19 -94.80 -9.60
CA ASN P 37 -68.26 -93.93 -10.78
C ASN P 37 -66.89 -93.58 -11.33
N TYR P 38 -65.84 -93.65 -10.51
CA TYR P 38 -64.50 -93.32 -10.98
C TYR P 38 -63.94 -94.46 -11.84
N LYS P 39 -63.19 -94.09 -12.86
CA LYS P 39 -62.62 -95.07 -13.76
C LYS P 39 -61.31 -95.64 -13.22
N LEU P 40 -60.44 -94.78 -12.68
CA LEU P 40 -59.17 -95.19 -12.11
C LEU P 40 -59.20 -94.95 -10.61
N ILE P 41 -59.09 -96.02 -9.84
CA ILE P 41 -59.10 -95.95 -8.38
C ILE P 41 -57.65 -95.89 -7.93
N THR P 42 -57.14 -94.68 -7.73
CA THR P 42 -55.81 -94.48 -7.19
C THR P 42 -55.89 -93.71 -5.88
N PRO P 43 -55.04 -94.05 -4.89
CA PRO P 43 -55.12 -93.38 -3.58
C PRO P 43 -54.85 -91.89 -3.62
N ALA P 44 -54.04 -91.40 -4.56
CA ALA P 44 -53.83 -89.97 -4.69
C ALA P 44 -55.06 -89.22 -5.19
N VAL P 45 -55.77 -89.77 -6.18
CA VAL P 45 -57.00 -89.15 -6.65
C VAL P 45 -58.08 -89.22 -5.58
N VAL P 46 -58.20 -90.36 -4.90
CA VAL P 46 -59.18 -90.51 -3.82
C VAL P 46 -58.84 -89.60 -2.64
N SER P 47 -57.57 -89.33 -2.41
CA SER P 47 -57.18 -88.46 -1.29
C SER P 47 -57.40 -86.99 -1.63
N GLU P 48 -56.87 -86.53 -2.77
CA GLU P 48 -56.93 -85.11 -3.09
C GLU P 48 -58.29 -84.67 -3.59
N ARG P 49 -58.99 -85.52 -4.35
CA ARG P 49 -60.28 -85.12 -4.91
C ARG P 49 -61.38 -85.12 -3.85
N LEU P 50 -61.31 -86.05 -2.90
CA LEU P 50 -62.42 -86.31 -1.99
C LEU P 50 -62.12 -85.88 -0.56
N LYS P 51 -61.05 -85.08 -0.35
CA LYS P 51 -60.64 -84.51 0.94
C LYS P 51 -60.40 -85.62 1.97
N ILE P 52 -59.50 -86.52 1.60
CA ILE P 52 -59.14 -87.69 2.40
C ILE P 52 -57.63 -87.64 2.61
N ARG P 53 -57.16 -88.08 3.78
CA ARG P 53 -55.72 -88.28 3.92
C ARG P 53 -55.30 -89.60 3.29
N GLY P 54 -53.99 -89.78 3.15
CA GLY P 54 -53.47 -90.97 2.50
C GLY P 54 -53.68 -92.24 3.30
N SER P 55 -53.60 -92.15 4.63
CA SER P 55 -53.79 -93.31 5.48
C SER P 55 -55.22 -93.81 5.43
N LEU P 56 -56.19 -92.89 5.59
CA LEU P 56 -57.60 -93.28 5.53
C LEU P 56 -57.99 -93.67 4.12
N ALA P 57 -57.34 -93.10 3.11
CA ALA P 57 -57.59 -93.47 1.72
C ALA P 57 -57.14 -94.89 1.44
N ARG P 58 -55.92 -95.24 1.86
CA ARG P 58 -55.43 -96.62 1.71
C ARG P 58 -56.24 -97.59 2.54
N ALA P 59 -56.71 -97.18 3.72
CA ALA P 59 -57.54 -98.04 4.55
C ALA P 59 -58.89 -98.31 3.91
N ALA P 60 -59.52 -97.28 3.33
CA ALA P 60 -60.80 -97.48 2.66
C ALA P 60 -60.65 -98.28 1.37
N LEU P 61 -59.55 -98.06 0.64
CA LEU P 61 -59.33 -98.84 -0.58
C LEU P 61 -59.03 -100.31 -0.27
N GLN P 62 -58.29 -100.60 0.81
CA GLN P 62 -58.12 -102.00 1.22
C GLN P 62 -59.40 -102.61 1.77
N GLU P 63 -60.24 -101.82 2.42
CA GLU P 63 -61.52 -102.33 2.90
C GLU P 63 -62.44 -102.69 1.75
N LEU P 64 -62.53 -101.83 0.74
CA LEU P 64 -63.32 -102.15 -0.45
C LEU P 64 -62.66 -103.23 -1.31
N LEU P 65 -61.33 -103.38 -1.21
CA LEU P 65 -60.66 -104.49 -1.88
C LEU P 65 -61.04 -105.82 -1.24
N SER P 66 -61.08 -105.86 0.10
CA SER P 66 -61.53 -107.05 0.79
C SER P 66 -63.02 -107.31 0.60
N LYS P 67 -63.82 -106.25 0.41
CA LYS P 67 -65.22 -106.44 0.05
C LYS P 67 -65.37 -106.96 -1.37
N GLY P 68 -64.45 -106.61 -2.27
CA GLY P 68 -64.44 -107.15 -3.61
C GLY P 68 -65.07 -106.27 -4.67
N LEU P 69 -65.42 -105.03 -4.34
CA LEU P 69 -66.05 -104.17 -5.33
C LEU P 69 -65.03 -103.63 -6.33
N ILE P 70 -63.77 -103.48 -5.92
CA ILE P 70 -62.71 -102.93 -6.75
C ILE P 70 -61.61 -103.98 -6.87
N LYS P 71 -61.17 -104.24 -8.11
CA LYS P 71 -60.17 -105.26 -8.41
C LYS P 71 -58.78 -104.64 -8.39
N LEU P 72 -57.80 -105.38 -7.86
CA LEU P 72 -56.41 -104.93 -7.82
C LEU P 72 -55.72 -105.39 -9.10
N VAL P 73 -54.91 -104.50 -9.70
CA VAL P 73 -54.19 -104.83 -10.92
C VAL P 73 -52.72 -105.15 -10.62
N SER P 74 -52.00 -104.20 -10.04
CA SER P 74 -50.61 -104.41 -9.65
C SER P 74 -50.24 -103.42 -8.55
N LYS P 75 -50.01 -103.92 -7.34
CA LYS P 75 -49.58 -103.08 -6.23
C LYS P 75 -48.06 -103.09 -6.12
N HIS P 76 -47.50 -101.99 -5.62
CA HIS P 76 -46.07 -101.73 -5.68
C HIS P 76 -45.67 -100.91 -4.47
N ARG P 77 -44.52 -100.22 -4.57
CA ARG P 77 -44.01 -99.35 -3.51
C ARG P 77 -45.03 -98.28 -3.11
N ALA P 78 -45.33 -97.37 -4.05
CA ALA P 78 -46.22 -96.26 -3.76
C ALA P 78 -47.31 -96.06 -4.80
N GLN P 79 -47.26 -96.73 -5.95
CA GLN P 79 -48.29 -96.61 -6.97
C GLN P 79 -49.20 -97.83 -6.87
N VAL P 80 -50.25 -97.71 -6.06
CA VAL P 80 -51.25 -98.77 -5.89
C VAL P 80 -52.27 -98.61 -7.01
N ILE P 81 -52.46 -99.68 -7.78
CA ILE P 81 -53.20 -99.61 -9.03
C ILE P 81 -54.45 -100.49 -8.91
N TYR P 82 -55.61 -99.85 -8.87
CA TYR P 82 -56.90 -100.52 -8.77
C TYR P 82 -57.76 -100.15 -9.97
N THR P 83 -58.76 -100.98 -10.26
CA THR P 83 -59.64 -100.78 -11.39
C THR P 83 -60.99 -101.42 -11.05
N ARG P 84 -62.08 -100.75 -11.43
CA ARG P 84 -63.40 -101.37 -11.34
C ARG P 84 -63.69 -102.16 -12.61
N ASN P 85 -64.21 -103.38 -12.43
CA ASN P 85 -64.61 -104.20 -13.56
C ASN P 85 -65.86 -103.61 -14.22
N THR P 86 -65.76 -103.38 -15.53
CA THR P 86 -66.83 -102.82 -16.38
C THR P 86 -67.37 -101.48 -15.88
N GLN Q 1 -52.56 -69.25 -44.50
CA GLN Q 1 -51.25 -69.52 -43.90
C GLN Q 1 -50.96 -71.01 -43.91
N PRO Q 2 -50.41 -71.51 -45.01
CA PRO Q 2 -50.14 -72.95 -45.12
C PRO Q 2 -48.88 -73.35 -44.36
N ILE Q 3 -48.71 -74.66 -44.20
CA ILE Q 3 -47.56 -75.25 -43.54
C ILE Q 3 -47.02 -76.34 -44.46
N LYS Q 4 -45.77 -76.21 -44.88
CA LYS Q 4 -45.17 -77.12 -45.85
C LYS Q 4 -44.10 -77.98 -45.19
N LEU Q 5 -43.72 -79.04 -45.90
CA LEU Q 5 -42.68 -79.96 -45.48
C LEU Q 5 -41.56 -79.95 -46.52
N ALA Q 6 -40.36 -80.31 -46.07
CA ALA Q 6 -39.17 -80.17 -46.91
C ALA Q 6 -38.06 -81.09 -46.39
N ARG Q 7 -37.43 -81.83 -47.30
CA ARG Q 7 -36.35 -82.74 -46.94
C ARG Q 7 -35.01 -82.18 -47.41
N VAL Q 8 -33.96 -82.45 -46.62
CA VAL Q 8 -32.67 -81.82 -46.80
C VAL Q 8 -31.93 -82.47 -47.96
N THR Q 9 -31.43 -81.66 -48.89
CA THR Q 9 -30.55 -82.15 -49.95
C THR Q 9 -29.07 -82.02 -49.57
N LYS Q 10 -28.63 -80.80 -49.26
CA LYS Q 10 -27.24 -80.52 -48.97
C LYS Q 10 -27.12 -79.64 -47.74
N VAL Q 11 -25.90 -79.56 -47.22
CA VAL Q 11 -25.56 -78.72 -46.06
C VAL Q 11 -24.44 -77.79 -46.47
N LEU Q 12 -24.67 -76.48 -46.35
CA LEU Q 12 -23.67 -75.51 -46.79
C LEU Q 12 -22.60 -75.28 -45.72
N GLY Q 13 -22.99 -74.78 -44.56
CA GLY Q 13 -22.04 -74.48 -43.52
C GLY Q 13 -22.72 -73.98 -42.27
N ARG Q 14 -21.92 -73.47 -41.34
CA ARG Q 14 -22.41 -73.01 -40.05
C ARG Q 14 -22.26 -71.50 -39.94
N THR Q 15 -23.19 -70.87 -39.24
CA THR Q 15 -23.33 -69.43 -39.20
C THR Q 15 -23.73 -69.03 -37.78
N GLY Q 16 -23.30 -67.86 -37.35
CA GLY Q 16 -23.79 -67.28 -36.11
C GLY Q 16 -22.67 -66.62 -35.34
N SER Q 17 -23.07 -65.87 -34.31
CA SER Q 17 -22.11 -65.39 -33.33
C SER Q 17 -21.52 -66.54 -32.54
N GLN Q 18 -22.31 -67.60 -32.32
CA GLN Q 18 -21.80 -68.84 -31.76
C GLN Q 18 -21.42 -69.85 -32.83
N GLY Q 19 -21.84 -69.63 -34.07
CA GLY Q 19 -21.74 -70.63 -35.11
C GLY Q 19 -22.80 -71.71 -35.01
N GLN Q 20 -23.93 -71.43 -34.36
CA GLN Q 20 -24.90 -72.47 -34.03
C GLN Q 20 -25.89 -72.76 -35.14
N CYS Q 21 -26.25 -71.78 -35.96
CA CYS Q 21 -27.18 -72.08 -37.04
C CYS Q 21 -26.44 -72.75 -38.19
N THR Q 22 -27.20 -73.41 -39.06
CA THR Q 22 -26.64 -74.11 -40.20
C THR Q 22 -27.42 -73.70 -41.44
N GLN Q 23 -26.71 -73.25 -42.46
CA GLN Q 23 -27.33 -72.86 -43.71
C GLN Q 23 -27.66 -74.11 -44.51
N VAL Q 24 -28.95 -74.39 -44.66
CA VAL Q 24 -29.44 -75.59 -45.33
C VAL Q 24 -30.29 -75.16 -46.52
N ARG Q 25 -29.89 -75.59 -47.71
CA ARG Q 25 -30.67 -75.40 -48.94
C ARG Q 25 -31.49 -76.66 -49.13
N VAL Q 26 -32.77 -76.63 -48.73
CA VAL Q 26 -33.39 -77.87 -48.27
C VAL Q 26 -33.91 -78.69 -49.44
N GLU Q 27 -35.13 -78.39 -49.93
CA GLU Q 27 -35.73 -78.49 -51.27
C GLU Q 27 -37.22 -78.28 -51.10
N PHE Q 28 -38.02 -78.32 -52.17
CA PHE Q 28 -39.47 -78.20 -52.07
C PHE Q 28 -40.16 -79.43 -52.64
N MET Q 29 -40.95 -80.11 -51.79
CA MET Q 29 -41.69 -81.28 -52.24
C MET Q 29 -42.99 -80.90 -52.93
N ASP Q 30 -43.84 -80.11 -52.26
CA ASP Q 30 -45.22 -79.89 -52.71
C ASP Q 30 -45.33 -79.09 -53.99
N ASP Q 31 -44.29 -78.35 -54.37
CA ASP Q 31 -44.25 -77.60 -55.61
C ASP Q 31 -43.12 -78.13 -56.48
N THR Q 32 -42.82 -77.40 -57.55
CA THR Q 32 -41.73 -77.77 -58.45
C THR Q 32 -40.38 -77.53 -57.77
N SER Q 33 -39.31 -77.87 -58.50
CA SER Q 33 -37.96 -77.87 -57.94
C SER Q 33 -37.47 -76.44 -57.74
N ARG Q 34 -37.92 -75.83 -56.65
CA ARG Q 34 -37.46 -74.52 -56.22
C ARG Q 34 -36.41 -74.67 -55.14
N SER Q 35 -35.70 -73.57 -54.88
CA SER Q 35 -34.53 -73.60 -54.02
C SER Q 35 -34.44 -72.33 -53.19
N ILE Q 36 -34.53 -72.48 -51.87
CA ILE Q 36 -34.21 -71.41 -50.92
C ILE Q 36 -33.20 -71.94 -49.93
N ILE Q 37 -32.67 -71.04 -49.10
CA ILE Q 37 -31.69 -71.38 -48.07
C ILE Q 37 -32.23 -70.90 -46.73
N ARG Q 38 -32.36 -71.81 -45.78
CA ARG Q 38 -32.87 -71.51 -44.45
C ARG Q 38 -31.78 -71.78 -43.42
N ASN Q 39 -32.07 -71.43 -42.17
CA ASN Q 39 -31.15 -71.62 -41.06
C ASN Q 39 -31.78 -72.58 -40.05
N VAL Q 40 -31.07 -73.68 -39.77
CA VAL Q 40 -31.54 -74.71 -38.86
C VAL Q 40 -30.53 -74.83 -37.73
N LYS Q 41 -30.99 -74.75 -36.49
CA LYS Q 41 -30.10 -74.98 -35.36
C LYS Q 41 -30.33 -76.39 -34.81
N GLY Q 42 -29.24 -76.98 -34.32
CA GLY Q 42 -29.26 -78.36 -33.89
C GLY Q 42 -28.60 -79.28 -34.90
N PRO Q 43 -28.35 -80.53 -34.50
CA PRO Q 43 -27.72 -81.49 -35.43
C PRO Q 43 -28.67 -81.90 -36.54
N VAL Q 44 -28.15 -81.97 -37.75
CA VAL Q 44 -28.95 -82.28 -38.93
C VAL Q 44 -28.07 -83.01 -39.94
N ARG Q 45 -28.70 -83.91 -40.71
CA ARG Q 45 -28.04 -84.64 -41.78
C ARG Q 45 -28.70 -84.28 -43.11
N GLU Q 46 -28.32 -85.01 -44.16
CA GLU Q 46 -28.96 -84.89 -45.46
C GLU Q 46 -30.06 -85.93 -45.57
N GLY Q 47 -31.23 -85.50 -46.06
CA GLY Q 47 -32.38 -86.36 -46.15
C GLY Q 47 -33.38 -86.21 -45.02
N ASP Q 48 -33.20 -85.21 -44.16
CA ASP Q 48 -34.09 -85.01 -43.02
C ASP Q 48 -35.29 -84.19 -43.44
N VAL Q 49 -36.48 -84.79 -43.38
CA VAL Q 49 -37.71 -84.09 -43.68
C VAL Q 49 -37.99 -83.10 -42.56
N LEU Q 50 -38.37 -81.87 -42.92
CA LEU Q 50 -38.44 -80.79 -41.95
C LEU Q 50 -39.70 -79.96 -42.17
N THR Q 51 -40.37 -79.60 -41.07
CA THR Q 51 -41.57 -78.78 -41.13
C THR Q 51 -41.19 -77.31 -41.27
N LEU Q 52 -41.67 -76.68 -42.34
CA LEU Q 52 -41.48 -75.26 -42.56
C LEU Q 52 -42.75 -74.49 -42.22
N LEU Q 53 -42.57 -73.31 -41.63
CA LEU Q 53 -43.68 -72.44 -41.30
C LEU Q 53 -43.78 -71.22 -42.20
N GLU Q 54 -42.76 -70.95 -43.01
CA GLU Q 54 -42.78 -69.86 -43.97
C GLU Q 54 -41.82 -70.18 -45.10
N SER Q 55 -42.33 -70.20 -46.33
CA SER Q 55 -41.51 -70.51 -47.50
C SER Q 55 -41.20 -69.29 -48.35
N GLU Q 56 -41.61 -68.09 -47.93
CA GLU Q 56 -41.35 -66.89 -48.70
C GLU Q 56 -39.99 -66.28 -48.39
N ARG Q 57 -39.35 -66.66 -47.30
CA ARG Q 57 -38.06 -66.07 -46.94
C ARG Q 57 -36.92 -66.79 -47.64
N GLU Q 58 -35.79 -66.10 -47.76
CA GLU Q 58 -34.60 -66.67 -48.39
C GLU Q 58 -33.38 -65.96 -47.79
N ALA Q 59 -32.72 -66.63 -46.86
CA ALA Q 59 -31.54 -66.09 -46.19
C ALA Q 59 -30.30 -66.52 -46.97
N ARG Q 60 -29.69 -65.57 -47.68
CA ARG Q 60 -28.51 -65.83 -48.49
C ARG Q 60 -27.35 -64.98 -48.00
N ARG Q 61 -26.14 -65.51 -48.15
CA ARG Q 61 -24.91 -64.83 -47.80
C ARG Q 61 -23.84 -65.16 -48.83
N LEU Q 62 -22.89 -64.25 -48.99
CA LEU Q 62 -21.80 -64.44 -49.93
C LEU Q 62 -20.45 -64.21 -49.26
N GLN R 1 17.61 -81.70 40.53
CA GLN R 1 17.66 -81.45 39.10
C GLN R 1 16.59 -82.23 38.36
N LEU R 2 15.73 -81.51 37.64
CA LEU R 2 14.65 -82.11 36.85
C LEU R 2 14.98 -81.88 35.37
N TYR R 3 15.63 -82.86 34.77
CA TYR R 3 16.09 -82.74 33.38
C TYR R 3 15.02 -83.21 32.39
N TRP R 4 14.48 -84.41 32.60
CA TRP R 4 13.58 -85.05 31.65
C TRP R 4 12.21 -85.26 32.28
N SER R 5 11.29 -84.33 32.03
CA SER R 5 9.87 -84.54 32.23
C SER R 5 9.21 -84.52 30.85
N HIS R 6 7.86 -84.62 30.85
CA HIS R 6 7.01 -84.56 29.65
C HIS R 6 7.42 -85.66 28.68
N PRO R 7 7.06 -86.93 28.96
CA PRO R 7 7.80 -88.08 28.39
C PRO R 7 7.79 -88.20 26.88
N ARG R 8 6.81 -87.60 26.19
CA ARG R 8 6.76 -87.47 24.72
C ARG R 8 6.77 -88.84 24.05
N LYS R 9 5.86 -89.71 24.46
CA LYS R 9 5.83 -91.07 23.95
C LYS R 9 4.82 -91.25 22.83
N PHE R 10 4.22 -90.17 22.35
CA PHE R 10 3.12 -90.24 21.38
C PHE R 10 2.97 -88.88 20.71
N GLY R 11 2.07 -88.82 19.74
CA GLY R 11 1.70 -87.55 19.14
C GLY R 11 2.72 -87.06 18.11
N GLN R 12 2.75 -85.74 17.95
CA GLN R 12 3.58 -85.10 16.93
C GLN R 12 5.02 -84.93 17.39
N GLY R 13 5.22 -84.64 18.68
CA GLY R 13 6.57 -84.39 19.17
C GLY R 13 7.43 -85.63 19.22
N SER R 14 6.81 -86.80 19.41
CA SER R 14 7.56 -88.05 19.46
C SER R 14 8.13 -88.45 18.10
N ARG R 15 7.53 -87.97 17.02
CA ARG R 15 7.97 -88.33 15.68
C ARG R 15 9.17 -87.48 15.29
N SER R 16 10.36 -88.08 15.36
CA SER R 16 11.60 -87.40 14.97
C SER R 16 12.08 -88.04 13.67
N CYS R 17 12.25 -87.21 12.64
CA CYS R 17 12.56 -87.72 11.32
C CYS R 17 14.00 -88.21 11.22
N ARG R 18 14.24 -89.03 10.20
CA ARG R 18 15.53 -89.64 9.94
C ARG R 18 16.47 -88.71 9.18
N VAL R 19 15.96 -87.65 8.59
CA VAL R 19 16.71 -86.83 7.64
C VAL R 19 17.35 -85.63 8.33
N CYS R 20 16.55 -84.77 8.95
CA CYS R 20 17.10 -83.57 9.58
C CYS R 20 16.43 -83.26 10.91
N SER R 21 15.87 -84.28 11.58
CA SER R 21 15.12 -84.15 12.84
C SER R 21 13.94 -83.18 12.72
N ASN R 22 13.31 -83.17 11.55
CA ASN R 22 12.16 -82.30 11.33
C ASN R 22 10.92 -82.92 11.96
N ARG R 23 10.10 -82.07 12.56
CA ARG R 23 8.91 -82.52 13.27
C ARG R 23 7.67 -81.71 12.97
N HIS R 24 7.77 -80.64 12.20
CA HIS R 24 6.59 -79.83 11.87
C HIS R 24 5.72 -80.53 10.83
N GLY R 25 6.30 -80.83 9.66
CA GLY R 25 5.61 -81.65 8.69
C GLY R 25 5.47 -83.08 9.16
N LEU R 26 4.49 -83.77 8.60
CA LEU R 26 4.19 -85.11 9.08
C LEU R 26 5.23 -86.10 8.57
N ILE R 27 5.38 -87.19 9.32
CA ILE R 27 6.29 -88.27 8.99
C ILE R 27 5.45 -89.52 8.78
N ARG R 28 5.58 -90.14 7.62
CA ARG R 28 4.70 -91.24 7.25
C ARG R 28 5.03 -92.50 8.02
N LYS R 29 4.08 -93.44 8.04
CA LYS R 29 4.26 -94.75 8.68
C LYS R 29 4.13 -95.81 7.59
N TYR R 30 5.23 -96.01 6.85
CA TYR R 30 5.33 -97.01 5.79
C TYR R 30 6.58 -97.86 5.95
N GLY R 31 7.14 -97.89 7.16
CA GLY R 31 8.51 -98.33 7.32
C GLY R 31 9.47 -97.29 6.76
N LEU R 32 9.17 -96.02 6.99
CA LEU R 32 9.82 -94.92 6.29
C LEU R 32 9.76 -93.67 7.17
N ASN R 33 10.81 -92.84 7.10
CA ASN R 33 10.91 -91.60 7.87
C ASN R 33 11.57 -90.55 6.99
N MET R 34 10.77 -89.76 6.28
CA MET R 34 11.28 -88.71 5.41
C MET R 34 10.58 -87.39 5.75
N CYS R 35 11.03 -86.31 5.11
CA CYS R 35 10.49 -84.98 5.37
C CYS R 35 9.53 -84.50 4.31
N ARG R 36 9.26 -85.32 3.27
CA ARG R 36 8.34 -85.12 2.13
C ARG R 36 8.89 -84.09 1.14
N GLN R 37 9.95 -83.37 1.49
CA GLN R 37 10.63 -82.51 0.54
C GLN R 37 11.91 -83.13 0.02
N CYS R 38 12.61 -83.88 0.86
CA CYS R 38 13.76 -84.69 0.48
C CYS R 38 13.35 -86.03 -0.11
N PHE R 39 12.12 -86.47 0.16
CA PHE R 39 11.64 -87.74 -0.38
C PHE R 39 11.55 -87.70 -1.91
N ARG R 40 11.23 -86.54 -2.48
CA ARG R 40 11.24 -86.37 -3.92
C ARG R 40 12.63 -86.59 -4.51
N GLN R 41 13.65 -86.01 -3.87
CA GLN R 41 15.02 -86.15 -4.37
C GLN R 41 15.56 -87.54 -4.16
N TYR R 42 15.14 -88.21 -3.08
CA TYR R 42 15.78 -89.44 -2.65
C TYR R 42 14.96 -90.68 -2.98
N ALA R 43 13.79 -90.50 -3.61
CA ALA R 43 12.97 -91.64 -4.03
C ALA R 43 13.63 -92.42 -5.15
N LYS R 44 14.36 -91.73 -6.03
CA LYS R 44 15.09 -92.42 -7.09
C LYS R 44 16.27 -93.22 -6.57
N ASP R 45 16.73 -92.92 -5.35
CA ASP R 45 17.79 -93.68 -4.72
C ASP R 45 17.23 -94.82 -3.86
N ILE R 46 16.10 -94.60 -3.17
CA ILE R 46 15.55 -95.66 -2.33
C ILE R 46 14.67 -96.62 -3.12
N GLY R 47 14.28 -96.30 -4.35
CA GLY R 47 13.66 -97.27 -5.21
C GLY R 47 12.26 -96.95 -5.70
N PHE R 48 11.86 -95.69 -5.63
CA PHE R 48 10.56 -95.26 -6.12
C PHE R 48 10.71 -94.50 -7.44
N ILE R 49 9.81 -94.80 -8.37
CA ILE R 49 9.79 -94.14 -9.67
C ILE R 49 8.42 -93.48 -9.85
N LYS R 50 8.35 -92.58 -10.83
CA LYS R 50 7.17 -91.74 -10.98
C LYS R 50 6.04 -92.45 -11.72
N LEU R 51 6.37 -93.16 -12.80
CA LEU R 51 5.41 -93.82 -13.72
C LEU R 51 4.33 -92.88 -14.25
N LYS S 1 8.49 -59.25 17.42
CA LYS S 1 9.04 -58.27 16.48
C LYS S 1 9.37 -56.96 17.18
N ARG S 2 8.39 -56.05 17.23
CA ARG S 2 8.61 -54.77 17.88
C ARG S 2 8.61 -54.88 19.39
N LYS S 3 7.95 -55.91 19.93
CA LYS S 3 7.92 -56.12 21.37
C LYS S 3 9.26 -56.67 21.84
N LYS S 4 10.00 -55.84 22.57
CA LYS S 4 11.33 -56.18 23.06
C LYS S 4 11.23 -56.62 24.51
N LYS S 5 11.82 -57.78 24.82
CA LYS S 5 11.82 -58.30 26.19
C LYS S 5 12.76 -57.45 27.03
N SER S 6 12.19 -56.56 27.83
CA SER S 6 12.95 -55.67 28.69
C SER S 6 12.83 -56.10 30.14
N TYR S 7 13.80 -55.69 30.94
CA TYR S 7 13.82 -56.01 32.36
C TYR S 7 12.80 -55.15 33.08
N THR S 8 11.64 -55.72 33.41
CA THR S 8 10.63 -54.99 34.16
C THR S 8 11.08 -54.76 35.61
N THR S 9 11.93 -55.65 36.12
CA THR S 9 12.59 -55.66 37.43
C THR S 9 11.60 -55.50 38.59
N PRO S 10 10.81 -56.54 38.93
CA PRO S 10 10.32 -56.63 40.32
C PRO S 10 11.36 -57.35 41.17
N LYS S 11 12.13 -58.20 40.50
CA LYS S 11 13.19 -58.99 41.13
C LYS S 11 14.51 -58.39 40.71
N LYS S 12 15.10 -57.59 41.60
CA LYS S 12 16.30 -56.79 41.30
C LYS S 12 17.52 -57.65 41.02
N ASN S 13 17.99 -58.40 42.01
CA ASN S 13 19.25 -59.12 41.88
C ASN S 13 19.16 -60.46 42.59
N LYS S 14 19.77 -61.48 41.98
CA LYS S 14 19.96 -62.78 42.60
C LYS S 14 21.31 -63.32 42.19
N HIS S 15 21.90 -64.15 43.05
CA HIS S 15 23.24 -64.65 42.85
C HIS S 15 23.24 -66.18 42.76
N LYS S 16 24.29 -66.72 42.16
CA LYS S 16 24.45 -68.15 42.04
C LYS S 16 24.95 -68.74 43.35
N ARG S 17 24.84 -70.07 43.45
CA ARG S 17 25.26 -70.77 44.66
C ARG S 17 26.78 -70.82 44.75
N LYS S 18 27.33 -70.23 45.81
CA LYS S 18 28.77 -70.20 46.03
C LYS S 18 29.07 -70.97 47.31
N LYS S 19 29.79 -72.09 47.18
CA LYS S 19 30.14 -72.91 48.33
C LYS S 19 31.32 -72.29 49.04
N VAL S 20 31.09 -71.81 50.26
CA VAL S 20 32.13 -71.22 51.10
C VAL S 20 32.17 -71.96 52.43
N LYS S 21 33.37 -72.20 52.94
CA LYS S 21 33.59 -72.89 54.20
C LYS S 21 34.64 -72.12 54.99
N LEU S 22 35.17 -72.75 56.04
CA LEU S 22 36.27 -72.18 56.80
C LEU S 22 37.59 -72.52 56.09
N ALA S 23 38.72 -72.23 56.74
CA ALA S 23 40.02 -72.50 56.14
C ALA S 23 40.31 -73.99 56.12
N VAL S 24 40.34 -74.63 57.28
CA VAL S 24 40.50 -76.07 57.39
C VAL S 24 39.35 -76.62 58.23
N LEU S 25 39.10 -77.91 58.07
CA LEU S 25 38.01 -78.58 58.78
C LEU S 25 38.60 -79.74 59.59
N LYS S 26 38.50 -79.64 60.90
CA LYS S 26 39.01 -80.66 61.82
C LYS S 26 37.83 -81.48 62.31
N TYR S 27 37.68 -82.69 61.78
CA TYR S 27 36.63 -83.59 62.21
C TYR S 27 37.02 -84.41 63.44
N TYR S 28 38.27 -84.34 63.88
CA TYR S 28 38.80 -85.23 64.90
C TYR S 28 39.15 -84.45 66.16
N LYS S 29 39.62 -85.19 67.16
CA LYS S 29 40.04 -84.63 68.44
C LYS S 29 41.18 -85.46 69.00
N VAL S 30 42.21 -84.78 69.51
CA VAL S 30 43.40 -85.44 70.02
C VAL S 30 43.24 -85.69 71.51
N ASP S 31 43.27 -86.97 71.91
CA ASP S 31 43.32 -87.35 73.31
C ASP S 31 44.57 -88.19 73.55
N GLU S 32 45.27 -87.87 74.66
CA GLU S 32 46.47 -88.58 75.13
C GLU S 32 47.61 -88.58 74.11
N ASN S 33 47.60 -87.59 73.20
CA ASN S 33 48.60 -87.37 72.15
C ASN S 33 48.77 -88.62 71.26
N GLY S 34 47.68 -88.97 70.59
CA GLY S 34 47.71 -90.10 69.69
C GLY S 34 46.43 -90.90 69.56
N LYS S 35 45.50 -90.75 70.50
CA LYS S 35 44.20 -91.40 70.42
C LYS S 35 43.17 -90.40 69.90
N ILE S 36 42.37 -90.82 68.93
CA ILE S 36 41.43 -89.94 68.25
C ILE S 36 40.05 -90.09 68.88
N SER S 37 39.44 -88.96 69.21
CA SER S 37 38.07 -88.93 69.73
C SER S 37 37.12 -88.53 68.61
N ARG S 38 36.12 -89.36 68.38
CA ARG S 38 35.13 -89.12 67.33
C ARG S 38 34.02 -88.23 67.86
N LEU S 39 33.80 -87.10 67.20
CA LEU S 39 32.78 -86.12 67.60
C LEU S 39 31.50 -86.24 66.79
N ARG S 40 31.60 -86.39 65.47
CA ARG S 40 30.44 -86.44 64.59
C ARG S 40 29.99 -87.88 64.38
N ARG S 41 28.76 -88.02 63.89
CA ARG S 41 28.10 -89.32 63.81
C ARG S 41 28.41 -90.01 62.48
N GLU S 42 28.65 -91.31 62.55
CA GLU S 42 28.84 -92.13 61.36
C GLU S 42 27.50 -92.42 60.69
N CYS S 43 27.55 -93.19 59.61
CA CYS S 43 26.41 -93.69 58.87
C CYS S 43 26.35 -95.21 58.95
N PRO S 44 25.16 -95.80 59.05
CA PRO S 44 25.06 -97.27 59.13
C PRO S 44 25.45 -97.94 57.83
N SER S 45 25.60 -99.26 57.92
CA SER S 45 26.17 -100.08 56.85
C SER S 45 25.15 -100.27 55.73
N ASP S 46 25.21 -99.39 54.74
CA ASP S 46 24.48 -99.56 53.49
C ASP S 46 25.38 -99.21 52.31
N GLU S 47 26.66 -99.59 52.43
CA GLU S 47 27.74 -99.28 51.47
C GLU S 47 27.90 -97.79 51.25
N CYS S 48 27.65 -96.98 52.28
CA CYS S 48 27.79 -95.53 52.18
C CYS S 48 28.66 -94.96 53.29
N GLY S 49 28.58 -95.50 54.49
CA GLY S 49 29.24 -94.89 55.63
C GLY S 49 30.56 -95.51 56.04
N ALA S 50 31.32 -96.00 55.06
CA ALA S 50 32.66 -96.51 55.37
C ALA S 50 33.62 -95.36 55.66
N GLY S 51 33.41 -94.21 55.03
CA GLY S 51 34.24 -93.05 55.27
C GLY S 51 33.45 -91.75 55.23
N VAL S 52 32.13 -91.86 55.37
CA VAL S 52 31.22 -90.71 55.28
C VAL S 52 30.54 -90.54 56.63
N PHE S 53 30.70 -89.34 57.21
CA PHE S 53 30.08 -89.01 58.47
C PHE S 53 28.84 -88.14 58.23
N MET S 54 27.98 -88.07 59.24
CA MET S 54 26.74 -87.32 59.14
C MET S 54 26.94 -85.87 59.53
N ALA S 55 26.03 -85.03 59.06
CA ALA S 55 26.05 -83.60 59.33
C ALA S 55 25.09 -83.27 60.47
N SER S 56 25.49 -82.31 61.29
CA SER S 56 24.66 -81.90 62.42
C SER S 56 23.46 -81.08 61.94
N HIS S 57 22.35 -81.22 62.64
CA HIS S 57 21.10 -80.56 62.28
C HIS S 57 20.28 -80.43 63.56
N PHE S 58 19.14 -79.74 63.46
CA PHE S 58 18.28 -79.57 64.62
C PHE S 58 17.60 -80.87 65.00
N ASP S 59 17.02 -81.57 64.02
CA ASP S 59 16.31 -82.80 64.29
C ASP S 59 16.52 -83.90 63.25
N ARG S 60 17.35 -83.68 62.24
CA ARG S 60 17.53 -84.63 61.16
C ARG S 60 18.99 -85.09 61.10
N HIS S 61 19.24 -86.07 60.23
CA HIS S 61 20.58 -86.58 59.97
C HIS S 61 20.65 -86.98 58.51
N TYR S 62 21.79 -86.69 57.88
CA TYR S 62 21.91 -86.79 56.44
C TYR S 62 23.25 -87.40 56.06
N CYS S 63 23.22 -88.37 55.14
CA CYS S 63 24.43 -88.99 54.62
C CYS S 63 24.88 -88.29 53.34
N GLY S 64 26.18 -88.33 53.07
CA GLY S 64 26.73 -87.54 51.98
C GLY S 64 26.56 -88.19 50.62
N LYS S 65 27.01 -89.44 50.48
CA LYS S 65 27.07 -90.06 49.15
C LYS S 65 25.69 -90.46 48.65
N CYS S 66 25.04 -91.40 49.32
CA CYS S 66 23.79 -91.96 48.84
C CYS S 66 22.56 -91.28 49.44
N CYS S 67 22.76 -90.19 50.21
CA CYS S 67 21.70 -89.33 50.73
C CYS S 67 20.72 -90.09 51.62
N LEU S 68 21.26 -90.81 52.60
CA LEU S 68 20.43 -91.52 53.57
C LEU S 68 19.87 -90.53 54.58
N THR S 69 18.56 -90.65 54.83
CA THR S 69 17.85 -89.77 55.75
C THR S 69 17.60 -90.51 57.07
N TYR S 70 17.92 -89.85 58.19
CA TYR S 70 17.63 -90.40 59.51
C TYR S 70 16.99 -89.33 60.37
N CYS S 71 16.14 -89.74 61.29
CA CYS S 71 15.51 -88.82 62.23
C CYS S 71 15.27 -89.52 63.55
N PHE S 72 15.48 -88.79 64.65
CA PHE S 72 15.29 -89.32 65.99
C PHE S 72 14.93 -88.20 66.93
N ASN S 73 14.05 -88.50 67.89
CA ASN S 73 13.63 -87.53 68.89
C ASN S 73 14.77 -87.29 69.89
N THR T 1 -12.77 -128.62 -76.23
CA THR T 1 -14.22 -128.61 -76.32
C THR T 1 -14.86 -128.53 -74.95
N GLU T 2 -14.02 -128.46 -73.91
CA GLU T 2 -14.48 -128.37 -72.54
C GLU T 2 -14.09 -127.03 -71.93
N GLN T 3 -14.92 -126.57 -70.98
CA GLN T 3 -14.64 -125.33 -70.28
C GLN T 3 -15.21 -125.42 -68.87
N MET T 4 -14.67 -124.63 -67.97
CA MET T 4 -15.15 -124.63 -66.59
C MET T 4 -16.12 -123.47 -66.38
N THR T 5 -17.28 -123.80 -65.80
CA THR T 5 -18.32 -122.84 -65.52
C THR T 5 -18.35 -122.53 -64.03
N LEU T 6 -18.57 -121.26 -63.72
CA LEU T 6 -18.68 -120.79 -62.33
C LEU T 6 -19.99 -121.28 -61.75
N ARG T 7 -19.90 -122.17 -60.76
CA ARG T 7 -21.10 -122.82 -60.25
C ARG T 7 -21.71 -122.11 -59.04
N GLY T 8 -20.94 -121.98 -57.97
CA GLY T 8 -21.49 -121.40 -56.75
C GLY T 8 -20.42 -120.74 -55.92
N THR T 9 -20.88 -120.07 -54.86
CA THR T 9 -20.00 -119.34 -53.95
C THR T 9 -20.09 -119.94 -52.56
N LEU T 10 -19.02 -119.74 -51.77
CA LEU T 10 -18.95 -120.21 -50.40
C LEU T 10 -18.48 -119.07 -49.52
N LYS T 11 -19.38 -118.54 -48.69
CA LYS T 11 -19.08 -117.40 -47.85
C LYS T 11 -19.27 -117.77 -46.38
N GLY T 12 -18.71 -116.95 -45.50
CA GLY T 12 -18.78 -117.19 -44.07
C GLY T 12 -17.51 -116.82 -43.34
N HIS T 13 -16.47 -116.48 -44.08
CA HIS T 13 -15.20 -116.07 -43.50
C HIS T 13 -15.20 -114.57 -43.24
N ASN T 14 -14.21 -114.12 -42.47
CA ASN T 14 -13.99 -112.71 -42.20
C ASN T 14 -12.64 -112.22 -42.69
N GLY T 15 -11.81 -113.10 -43.25
CA GLY T 15 -10.51 -112.71 -43.76
C GLY T 15 -10.23 -113.35 -45.10
N TRP T 16 -9.03 -113.12 -45.60
CA TRP T 16 -8.65 -113.60 -46.92
C TRP T 16 -8.38 -115.10 -46.87
N VAL T 17 -8.93 -115.83 -47.84
CA VAL T 17 -8.79 -117.29 -47.87
C VAL T 17 -7.37 -117.63 -48.31
N THR T 18 -6.68 -118.44 -47.51
CA THR T 18 -5.28 -118.74 -47.75
C THR T 18 -5.06 -120.09 -48.40
N GLN T 19 -5.68 -121.16 -47.87
CA GLN T 19 -5.49 -122.50 -48.40
C GLN T 19 -6.80 -123.25 -48.44
N ILE T 20 -6.92 -124.14 -49.42
CA ILE T 20 -8.05 -125.05 -49.57
C ILE T 20 -7.50 -126.47 -49.70
N ALA T 21 -7.95 -127.35 -48.81
CA ALA T 21 -7.49 -128.73 -48.77
C ALA T 21 -8.61 -129.67 -49.18
N THR T 22 -8.28 -130.64 -50.01
CA THR T 22 -9.20 -131.67 -50.47
C THR T 22 -8.71 -133.04 -49.99
N THR T 23 -9.60 -134.03 -50.08
CA THR T 23 -9.25 -135.38 -49.70
C THR T 23 -9.38 -136.33 -50.89
N PRO T 24 -8.39 -137.19 -51.13
CA PRO T 24 -8.52 -138.16 -52.23
C PRO T 24 -9.54 -139.25 -51.95
N GLN T 25 -9.85 -139.53 -50.69
CA GLN T 25 -10.76 -140.62 -50.36
C GLN T 25 -12.21 -140.18 -50.35
N PHE T 26 -12.52 -139.14 -49.60
CA PHE T 26 -13.90 -138.65 -49.46
C PHE T 26 -14.06 -137.31 -50.16
N PRO T 27 -14.65 -137.26 -51.35
CA PRO T 27 -14.79 -135.98 -52.06
C PRO T 27 -15.87 -135.05 -51.51
N ASP T 28 -16.56 -135.44 -50.44
CA ASP T 28 -17.63 -134.60 -49.90
C ASP T 28 -17.07 -133.50 -49.01
N MET T 29 -16.05 -133.80 -48.21
CA MET T 29 -15.52 -132.86 -47.22
C MET T 29 -14.38 -132.06 -47.83
N ILE T 30 -14.53 -130.73 -47.85
CA ILE T 30 -13.51 -129.82 -48.35
C ILE T 30 -13.18 -128.84 -47.22
N LEU T 31 -11.90 -128.73 -46.87
CA LEU T 31 -11.48 -127.89 -45.77
C LEU T 31 -10.94 -126.58 -46.31
N SER T 32 -11.21 -125.48 -45.62
CA SER T 32 -10.78 -124.16 -46.08
C SER T 32 -10.25 -123.36 -44.90
N ALA T 33 -9.03 -122.84 -45.03
CA ALA T 33 -8.43 -121.99 -44.01
C ALA T 33 -8.34 -120.57 -44.53
N SER T 34 -8.70 -119.61 -43.68
CA SER T 34 -8.75 -118.21 -44.07
C SER T 34 -8.13 -117.36 -42.96
N ARG T 35 -8.20 -116.04 -43.14
CA ARG T 35 -7.65 -115.09 -42.18
C ARG T 35 -8.68 -114.58 -41.19
N ASP T 36 -9.64 -115.44 -40.82
CA ASP T 36 -10.57 -115.15 -39.73
C ASP T 36 -10.22 -115.91 -38.46
N LYS T 37 -9.00 -116.44 -38.38
CA LYS T 37 -8.47 -117.24 -37.27
C LYS T 37 -9.27 -118.51 -37.01
N THR T 38 -10.05 -118.98 -38.00
CA THR T 38 -10.78 -120.22 -37.91
C THR T 38 -10.59 -120.99 -39.21
N ILE T 39 -10.84 -122.31 -39.14
CA ILE T 39 -10.74 -123.18 -40.31
C ILE T 39 -12.09 -123.87 -40.48
N ILE T 40 -12.72 -123.70 -41.63
CA ILE T 40 -14.09 -124.12 -41.84
C ILE T 40 -14.12 -125.35 -42.73
N MET T 41 -14.85 -126.39 -42.31
CA MET T 41 -15.05 -127.57 -43.11
C MET T 41 -16.41 -127.49 -43.80
N TRP T 42 -16.46 -127.93 -45.05
CA TRP T 42 -17.64 -127.85 -45.88
C TRP T 42 -17.98 -129.24 -46.40
N LYS T 43 -19.27 -129.50 -46.56
CA LYS T 43 -19.72 -130.67 -47.31
C LYS T 43 -20.37 -130.21 -48.62
N LEU T 44 -20.02 -130.90 -49.69
CA LEU T 44 -20.48 -130.55 -51.03
C LEU T 44 -21.83 -131.22 -51.27
N THR T 45 -22.87 -130.41 -51.46
CA THR T 45 -24.22 -130.91 -51.59
C THR T 45 -24.63 -131.19 -53.04
N ARG T 46 -23.86 -130.69 -54.01
CA ARG T 46 -24.14 -130.78 -55.44
C ARG T 46 -25.53 -130.20 -55.77
N ASP T 47 -25.63 -128.89 -55.54
CA ASP T 47 -26.86 -128.15 -55.78
C ASP T 47 -26.60 -127.03 -56.77
N GLU T 48 -27.67 -126.31 -57.12
CA GLU T 48 -27.56 -125.20 -58.05
C GLU T 48 -27.09 -123.93 -57.34
N THR T 49 -27.67 -123.63 -56.19
CA THR T 49 -27.35 -122.41 -55.44
C THR T 49 -26.42 -122.70 -54.26
N ASN T 50 -26.83 -123.59 -53.36
CA ASN T 50 -26.06 -123.90 -52.16
C ASN T 50 -25.17 -125.09 -52.45
N TYR T 51 -24.01 -124.82 -53.05
CA TYR T 51 -23.10 -125.89 -53.45
C TYR T 51 -22.41 -126.55 -52.26
N GLY T 52 -22.17 -125.80 -51.19
CA GLY T 52 -21.54 -126.38 -50.01
C GLY T 52 -22.18 -125.85 -48.75
N ILE T 53 -22.13 -126.67 -47.70
CA ILE T 53 -22.69 -126.32 -46.40
C ILE T 53 -21.59 -126.41 -45.34
N PRO T 54 -21.52 -125.45 -44.41
CA PRO T 54 -20.47 -125.49 -43.39
C PRO T 54 -20.87 -126.39 -42.22
N GLN T 55 -19.91 -127.17 -41.72
CA GLN T 55 -20.22 -128.13 -40.68
C GLN T 55 -19.41 -127.92 -39.40
N ARG T 56 -18.09 -127.77 -39.50
CA ARG T 56 -17.25 -127.67 -38.32
C ARG T 56 -16.31 -126.47 -38.46
N ALA T 57 -16.13 -125.77 -37.34
CA ALA T 57 -15.15 -124.71 -37.22
C ALA T 57 -14.01 -125.17 -36.31
N LEU T 58 -12.79 -124.90 -36.74
CA LEU T 58 -11.58 -125.27 -36.01
C LEU T 58 -10.97 -123.97 -35.51
N ARG T 59 -10.90 -123.82 -34.18
CA ARG T 59 -10.51 -122.59 -33.52
C ARG T 59 -9.41 -122.89 -32.51
N GLY T 60 -8.44 -121.97 -32.40
CA GLY T 60 -7.34 -122.14 -31.48
C GLY T 60 -6.05 -121.54 -31.99
N HIS T 61 -6.05 -121.09 -33.24
CA HIS T 61 -4.91 -120.38 -33.80
C HIS T 61 -4.85 -118.98 -33.23
N SER T 62 -3.68 -118.59 -32.73
CA SER T 62 -3.49 -117.25 -32.19
C SER T 62 -3.37 -116.18 -33.26
N HIS T 63 -3.22 -116.57 -34.52
CA HIS T 63 -3.14 -115.63 -35.63
C HIS T 63 -3.77 -116.33 -36.83
N PHE T 64 -3.48 -115.85 -38.03
CA PHE T 64 -4.07 -116.40 -39.24
C PHE T 64 -3.48 -117.78 -39.54
N VAL T 65 -4.06 -118.48 -40.49
CA VAL T 65 -3.59 -119.81 -40.87
C VAL T 65 -2.89 -119.70 -42.22
N SER T 66 -1.57 -119.90 -42.22
CA SER T 66 -0.80 -119.78 -43.45
C SER T 66 -0.96 -120.99 -44.35
N ASP T 67 -1.02 -122.19 -43.77
CA ASP T 67 -1.07 -123.41 -44.57
C ASP T 67 -1.86 -124.46 -43.82
N VAL T 68 -2.60 -125.28 -44.58
CA VAL T 68 -3.38 -126.38 -44.04
C VAL T 68 -3.35 -127.52 -45.06
N VAL T 69 -3.42 -128.76 -44.55
CA VAL T 69 -3.42 -129.95 -45.39
C VAL T 69 -4.13 -131.05 -44.61
N ILE T 70 -4.65 -132.05 -45.33
CA ILE T 70 -5.36 -133.17 -44.72
C ILE T 70 -4.57 -134.44 -45.02
N SER T 71 -4.49 -135.34 -44.05
CA SER T 71 -3.81 -136.62 -44.22
C SER T 71 -4.58 -137.50 -45.21
N SER T 72 -3.90 -138.57 -45.65
CA SER T 72 -4.45 -139.43 -46.70
C SER T 72 -5.61 -140.29 -46.22
N ASP T 73 -5.74 -140.50 -44.91
CA ASP T 73 -6.87 -141.26 -44.39
C ASP T 73 -8.15 -140.44 -44.33
N GLY T 74 -8.07 -139.12 -44.49
CA GLY T 74 -9.22 -138.27 -44.34
C GLY T 74 -9.69 -138.06 -42.92
N GLN T 75 -8.83 -138.35 -41.95
CA GLN T 75 -9.18 -138.27 -40.53
C GLN T 75 -8.50 -137.11 -39.82
N PHE T 76 -7.23 -136.85 -40.12
CA PHE T 76 -6.46 -135.83 -39.43
C PHE T 76 -6.03 -134.73 -40.39
N ALA T 77 -5.71 -133.58 -39.82
CA ALA T 77 -5.33 -132.40 -40.59
C ALA T 77 -4.17 -131.68 -39.90
N LEU T 78 -3.24 -131.17 -40.71
CA LEU T 78 -2.11 -130.39 -40.21
C LEU T 78 -2.29 -128.95 -40.61
N SER T 79 -2.18 -128.04 -39.63
CA SER T 79 -2.37 -126.62 -39.92
C SER T 79 -1.34 -125.78 -39.19
N GLY T 80 -0.66 -124.91 -39.93
CA GLY T 80 0.34 -124.04 -39.35
C GLY T 80 -0.18 -122.62 -39.25
N SER T 81 0.27 -121.92 -38.22
CA SER T 81 -0.17 -120.55 -37.98
C SER T 81 1.03 -119.61 -37.95
N TRP T 82 0.74 -118.30 -37.96
CA TRP T 82 1.77 -117.27 -38.00
C TRP T 82 2.47 -117.06 -36.66
N ASP T 83 2.00 -117.69 -35.59
CA ASP T 83 2.63 -117.52 -34.29
C ASP T 83 3.82 -118.46 -34.08
N GLY T 84 4.26 -119.16 -35.12
CA GLY T 84 5.34 -120.10 -35.00
C GLY T 84 4.93 -121.48 -34.55
N THR T 85 3.65 -121.82 -34.64
CA THR T 85 3.16 -123.10 -34.15
C THR T 85 2.46 -123.86 -35.28
N LEU T 86 2.36 -125.17 -35.09
CA LEU T 86 1.59 -126.06 -35.94
C LEU T 86 0.66 -126.88 -35.06
N ARG T 87 -0.40 -127.42 -35.66
CA ARG T 87 -1.43 -128.06 -34.85
C ARG T 87 -2.09 -129.18 -35.64
N LEU T 88 -2.36 -130.30 -34.96
CA LEU T 88 -3.08 -131.42 -35.52
C LEU T 88 -4.55 -131.34 -35.14
N TRP T 89 -5.41 -131.65 -36.10
CA TRP T 89 -6.85 -131.61 -35.94
C TRP T 89 -7.45 -132.97 -36.28
N ASP T 90 -8.48 -133.35 -35.54
CA ASP T 90 -9.30 -134.51 -35.90
C ASP T 90 -10.58 -134.03 -36.58
N LEU T 91 -10.93 -134.67 -37.69
CA LEU T 91 -12.02 -134.19 -38.53
C LEU T 91 -13.40 -134.48 -37.94
N THR T 92 -13.52 -135.48 -37.07
CA THR T 92 -14.84 -135.90 -36.60
C THR T 92 -15.34 -135.10 -35.40
N THR T 93 -14.44 -134.55 -34.58
CA THR T 93 -14.85 -133.95 -33.32
C THR T 93 -14.21 -132.58 -33.14
N GLY T 94 -13.07 -132.36 -33.78
CA GLY T 94 -12.21 -131.26 -33.43
C GLY T 94 -10.96 -131.82 -32.79
N THR T 95 -10.85 -131.71 -31.46
CA THR T 95 -9.94 -132.51 -30.62
C THR T 95 -8.48 -132.30 -31.02
N THR T 96 -8.00 -131.08 -30.69
CA THR T 96 -6.58 -130.75 -30.80
C THR T 96 -5.73 -131.75 -30.05
N THR T 97 -4.90 -132.49 -30.78
CA THR T 97 -4.14 -133.61 -30.22
C THR T 97 -2.67 -133.29 -30.01
N ARG T 98 -1.98 -132.83 -31.05
CA ARG T 98 -0.55 -132.60 -30.96
C ARG T 98 -0.20 -131.27 -31.59
N ARG T 99 0.56 -130.45 -30.86
CA ARG T 99 1.03 -129.16 -31.32
C ARG T 99 2.54 -129.20 -31.54
N PHE T 100 3.00 -128.46 -32.53
CA PHE T 100 4.42 -128.36 -32.87
C PHE T 100 4.88 -126.96 -32.52
N VAL T 101 5.78 -126.86 -31.55
CA VAL T 101 6.34 -125.59 -31.08
C VAL T 101 7.85 -125.66 -31.27
N GLY T 102 8.45 -124.55 -31.70
CA GLY T 102 9.87 -124.51 -31.93
C GLY T 102 10.29 -123.60 -33.06
N HIS T 103 9.34 -123.13 -33.85
CA HIS T 103 9.63 -122.11 -34.85
C HIS T 103 9.73 -120.75 -34.16
N THR T 104 10.69 -119.94 -34.61
CA THR T 104 10.98 -118.69 -33.90
C THR T 104 9.99 -117.59 -34.29
N LYS T 105 9.95 -117.24 -35.57
CA LYS T 105 9.21 -116.06 -36.01
C LYS T 105 7.85 -116.42 -36.63
N ASP T 106 7.87 -117.12 -37.76
CA ASP T 106 6.66 -117.40 -38.52
C ASP T 106 6.70 -118.81 -39.06
N VAL T 107 5.57 -119.27 -39.60
CA VAL T 107 5.45 -120.55 -40.30
C VAL T 107 4.76 -120.29 -41.62
N LEU T 108 5.38 -120.75 -42.71
CA LEU T 108 4.88 -120.45 -44.05
C LEU T 108 4.41 -121.66 -44.86
N SER T 109 4.90 -122.87 -44.57
CA SER T 109 4.44 -124.02 -45.32
C SER T 109 4.52 -125.28 -44.48
N VAL T 110 3.60 -126.21 -44.75
CA VAL T 110 3.57 -127.50 -44.07
C VAL T 110 3.19 -128.57 -45.11
N ALA T 111 3.85 -129.73 -45.03
CA ALA T 111 3.51 -130.88 -45.85
C ALA T 111 3.86 -132.14 -45.07
N PHE T 112 3.61 -133.30 -45.68
CA PHE T 112 3.81 -134.57 -44.99
C PHE T 112 4.10 -135.65 -46.02
N SER T 113 4.80 -136.70 -45.58
CA SER T 113 5.24 -137.75 -46.47
C SER T 113 4.06 -138.66 -46.85
N SER T 114 4.29 -139.49 -47.87
CA SER T 114 3.22 -140.33 -48.42
C SER T 114 2.81 -141.45 -47.47
N ASP T 115 3.71 -141.88 -46.59
CA ASP T 115 3.38 -142.89 -45.60
C ASP T 115 2.77 -142.31 -44.33
N ASN T 116 2.53 -140.99 -44.31
CA ASN T 116 1.97 -140.25 -43.18
C ASN T 116 2.83 -140.45 -41.92
N ARG T 117 4.14 -140.30 -42.10
CA ARG T 117 5.08 -140.47 -41.01
C ARG T 117 5.89 -139.22 -40.71
N GLN T 118 6.52 -138.63 -41.73
CA GLN T 118 7.40 -137.48 -41.56
C GLN T 118 6.65 -136.22 -41.96
N ILE T 119 6.55 -135.27 -41.04
CA ILE T 119 5.91 -133.98 -41.31
C ILE T 119 7.01 -132.95 -41.53
N VAL T 120 6.94 -132.21 -42.63
CA VAL T 120 7.93 -131.20 -42.96
C VAL T 120 7.27 -129.83 -42.85
N SER T 121 8.00 -128.87 -42.29
CA SER T 121 7.49 -127.53 -42.07
C SER T 121 8.55 -126.50 -42.40
N GLY T 122 8.28 -125.68 -43.42
CA GLY T 122 9.18 -124.63 -43.84
C GLY T 122 8.76 -123.31 -43.24
N SER T 123 9.71 -122.64 -42.58
CA SER T 123 9.45 -121.44 -41.81
C SER T 123 10.19 -120.24 -42.40
N ARG T 124 10.03 -119.09 -41.73
CA ARG T 124 10.62 -117.84 -42.18
C ARG T 124 12.03 -117.63 -41.66
N ASP T 125 12.42 -118.30 -40.57
CA ASP T 125 13.73 -118.13 -39.95
C ASP T 125 14.79 -119.04 -40.56
N LYS T 126 14.64 -119.38 -41.85
CA LYS T 126 15.55 -120.23 -42.62
C LYS T 126 15.63 -121.64 -42.05
N THR T 127 14.52 -122.14 -41.53
CA THR T 127 14.45 -123.46 -40.92
C THR T 127 13.41 -124.31 -41.63
N ILE T 128 13.81 -125.51 -42.05
CA ILE T 128 12.90 -126.50 -42.61
C ILE T 128 12.92 -127.67 -41.63
N LYS T 129 11.97 -127.67 -40.70
CA LYS T 129 11.98 -128.62 -39.60
C LYS T 129 11.25 -129.90 -39.96
N LEU T 130 11.71 -130.99 -39.35
CA LEU T 130 11.11 -132.31 -39.48
C LEU T 130 10.42 -132.65 -38.17
N TRP T 131 9.29 -133.34 -38.28
CA TRP T 131 8.45 -133.65 -37.13
C TRP T 131 7.90 -135.07 -37.27
N ASN T 132 7.64 -135.70 -36.13
CA ASN T 132 7.00 -137.00 -36.07
C ASN T 132 5.49 -136.79 -35.93
N THR T 133 4.73 -137.85 -36.17
CA THR T 133 3.29 -137.80 -35.94
C THR T 133 2.98 -137.88 -34.46
N LEU T 134 3.88 -138.46 -33.66
CA LEU T 134 3.72 -138.44 -32.21
C LEU T 134 4.00 -137.05 -31.64
N GLY T 135 4.90 -136.31 -32.27
CA GLY T 135 5.15 -134.93 -31.89
C GLY T 135 6.58 -134.62 -31.53
N VAL T 136 7.23 -135.54 -30.81
CA VAL T 136 8.61 -135.36 -30.37
C VAL T 136 9.37 -136.67 -30.61
N CYS T 137 10.60 -136.54 -31.09
CA CYS T 137 11.45 -137.69 -31.36
C CYS T 137 12.91 -137.23 -31.32
N LYS T 138 13.81 -138.20 -31.38
CA LYS T 138 15.24 -137.91 -31.42
C LYS T 138 15.72 -137.51 -32.82
N TYR T 139 14.89 -137.70 -33.85
CA TYR T 139 15.25 -137.39 -35.22
C TYR T 139 14.50 -136.11 -35.62
N THR T 140 15.10 -134.96 -35.30
CA THR T 140 14.59 -133.66 -35.70
C THR T 140 15.63 -132.98 -36.58
N VAL T 141 15.25 -132.63 -37.79
CA VAL T 141 16.17 -132.15 -38.81
C VAL T 141 16.00 -130.63 -38.93
N GLN T 142 17.10 -129.90 -38.79
CA GLN T 142 17.11 -128.45 -38.95
C GLN T 142 18.12 -128.11 -40.04
N ASP T 143 17.61 -127.64 -41.18
CA ASP T 143 18.44 -127.31 -42.33
C ASP T 143 18.79 -125.84 -42.31
N GLU T 144 20.09 -125.53 -42.45
CA GLU T 144 20.58 -124.15 -42.43
C GLU T 144 21.57 -123.95 -43.58
N SER T 145 21.04 -123.55 -44.74
CA SER T 145 21.87 -123.08 -45.83
C SER T 145 21.29 -121.86 -46.53
N HIS T 146 20.12 -121.39 -46.12
CA HIS T 146 19.44 -120.28 -46.76
C HIS T 146 20.07 -118.95 -46.36
N SER T 147 19.64 -117.89 -47.05
CA SER T 147 19.98 -116.53 -46.65
C SER T 147 18.77 -115.59 -46.66
N GLU T 148 17.62 -116.05 -47.16
CA GLU T 148 16.39 -115.26 -47.15
C GLU T 148 15.23 -116.12 -46.66
N TRP T 149 14.00 -115.63 -46.84
CA TRP T 149 12.84 -116.34 -46.31
C TRP T 149 12.54 -117.59 -47.13
N VAL T 150 11.96 -118.59 -46.46
CA VAL T 150 11.55 -119.84 -47.07
C VAL T 150 10.03 -119.88 -47.02
N SER T 151 9.40 -119.83 -48.21
CA SER T 151 7.96 -119.65 -48.30
C SER T 151 7.20 -120.95 -48.51
N CYS T 152 7.59 -121.75 -49.50
CA CYS T 152 6.84 -122.95 -49.85
C CYS T 152 7.76 -124.16 -49.94
N VAL T 153 7.32 -125.26 -49.32
CA VAL T 153 7.97 -126.55 -49.44
C VAL T 153 6.95 -127.58 -49.91
N ARG T 154 7.42 -128.56 -50.66
CA ARG T 154 6.58 -129.67 -51.15
C ARG T 154 7.37 -130.97 -51.07
N PHE T 155 6.64 -132.07 -51.01
CA PHE T 155 7.22 -133.40 -50.86
C PHE T 155 7.07 -134.20 -52.14
N SER T 156 7.99 -135.13 -52.38
CA SER T 156 7.88 -136.09 -53.49
C SER T 156 8.71 -137.32 -53.22
N PRO T 157 8.18 -138.30 -52.47
CA PRO T 157 8.81 -139.62 -52.46
C PRO T 157 8.33 -140.50 -53.60
N ASN T 158 9.25 -140.98 -54.45
CA ASN T 158 8.87 -141.78 -55.61
C ASN T 158 8.93 -143.27 -55.31
N SER T 159 10.11 -143.80 -55.02
CA SER T 159 10.26 -145.19 -54.60
C SER T 159 10.89 -145.32 -53.23
N SER T 160 12.10 -144.76 -53.04
CA SER T 160 12.78 -144.81 -51.75
C SER T 160 13.51 -143.51 -51.44
N ASN T 161 13.21 -142.43 -52.15
CA ASN T 161 13.95 -141.17 -52.03
C ASN T 161 13.15 -140.09 -51.33
N PRO T 162 13.46 -139.76 -50.06
CA PRO T 162 12.77 -138.64 -49.39
C PRO T 162 13.24 -137.29 -49.91
N ILE T 163 12.70 -136.89 -51.05
CA ILE T 163 13.10 -135.66 -51.73
C ILE T 163 12.03 -134.61 -51.53
N ILE T 164 12.41 -133.49 -50.93
CA ILE T 164 11.50 -132.36 -50.80
C ILE T 164 12.09 -131.18 -51.55
N VAL T 165 11.22 -130.31 -52.04
CA VAL T 165 11.60 -129.11 -52.77
C VAL T 165 11.22 -127.90 -51.92
N SER T 166 12.08 -126.88 -51.94
CA SER T 166 11.90 -125.73 -51.07
C SER T 166 12.22 -124.45 -51.81
N CYS T 167 11.53 -123.38 -51.44
CA CYS T 167 11.77 -122.04 -52.01
C CYS T 167 12.77 -121.30 -51.14
N GLY T 168 13.74 -120.65 -51.76
CA GLY T 168 14.60 -119.73 -51.06
C GLY T 168 14.65 -118.41 -51.79
N TRP T 169 14.34 -117.31 -51.10
CA TRP T 169 14.19 -116.00 -51.74
C TRP T 169 15.51 -115.30 -52.01
N ASP T 170 16.62 -116.04 -51.99
CA ASP T 170 17.86 -115.64 -52.63
C ASP T 170 17.95 -116.16 -54.06
N LYS T 171 16.79 -116.28 -54.73
CA LYS T 171 16.64 -116.74 -56.11
C LYS T 171 17.08 -118.20 -56.26
N LEU T 172 16.58 -119.05 -55.37
CA LEU T 172 16.99 -120.46 -55.36
C LEU T 172 15.78 -121.37 -55.18
N VAL T 173 15.78 -122.47 -55.93
CA VAL T 173 14.88 -123.59 -55.71
C VAL T 173 15.75 -124.75 -55.24
N LYS T 174 15.58 -125.18 -54.00
CA LYS T 174 16.50 -126.15 -53.41
C LYS T 174 15.84 -127.53 -53.34
N VAL T 175 16.66 -128.56 -53.58
CA VAL T 175 16.25 -129.94 -53.39
C VAL T 175 16.92 -130.45 -52.11
N TRP T 176 16.14 -131.00 -51.19
CA TRP T 176 16.65 -131.51 -49.94
C TRP T 176 16.37 -133.00 -49.84
N ASN T 177 17.41 -133.77 -49.55
CA ASN T 177 17.30 -135.20 -49.35
C ASN T 177 17.27 -135.46 -47.84
N LEU T 178 16.16 -136.01 -47.36
CA LEU T 178 16.00 -136.27 -45.93
C LEU T 178 16.69 -137.53 -45.47
N ALA T 179 17.16 -138.38 -46.39
CA ALA T 179 17.94 -139.55 -45.99
C ALA T 179 19.33 -139.13 -45.54
N ASN T 180 19.98 -138.27 -46.33
CA ASN T 180 21.25 -137.67 -45.92
C ASN T 180 21.04 -136.45 -45.04
N CYS T 181 19.78 -135.97 -44.95
CA CYS T 181 19.40 -134.73 -44.24
C CYS T 181 20.18 -133.53 -44.75
N LYS T 182 20.38 -133.46 -46.07
CA LYS T 182 21.28 -132.48 -46.65
C LYS T 182 20.72 -131.92 -47.94
N LEU T 183 21.50 -131.02 -48.54
CA LEU T 183 21.16 -130.37 -49.79
C LEU T 183 21.65 -131.23 -50.95
N LYS T 184 20.79 -131.42 -51.95
CA LYS T 184 21.11 -132.22 -53.12
C LYS T 184 21.47 -131.36 -54.32
N THR T 185 20.55 -130.48 -54.75
CA THR T 185 20.77 -129.67 -55.94
C THR T 185 20.10 -128.32 -55.77
N ASN T 186 20.85 -127.26 -56.03
CA ASN T 186 20.31 -125.91 -56.10
C ASN T 186 19.87 -125.60 -57.52
N HIS T 187 18.91 -124.71 -57.66
CA HIS T 187 18.36 -124.33 -58.95
C HIS T 187 18.24 -122.81 -59.03
N ILE T 188 18.81 -122.23 -60.07
CA ILE T 188 18.93 -120.78 -60.22
C ILE T 188 18.11 -120.38 -61.45
N GLY T 189 17.62 -119.13 -61.46
CA GLY T 189 16.93 -118.65 -62.64
C GLY T 189 15.79 -117.67 -62.41
N HIS T 190 15.40 -117.43 -61.17
CA HIS T 190 14.35 -116.45 -60.90
C HIS T 190 14.90 -115.03 -61.03
N THR T 191 14.12 -114.16 -61.65
CA THR T 191 14.46 -112.74 -61.72
C THR T 191 13.88 -111.97 -60.54
N GLY T 192 12.63 -112.22 -60.19
CA GLY T 192 12.00 -111.63 -59.04
C GLY T 192 12.20 -112.46 -57.80
N TYR T 193 11.22 -112.42 -56.90
CA TYR T 193 11.24 -113.22 -55.69
C TYR T 193 10.10 -114.24 -55.78
N LEU T 194 10.47 -115.51 -55.79
CA LEU T 194 9.50 -116.59 -55.98
C LEU T 194 8.62 -116.74 -54.75
N ASN T 195 7.40 -117.23 -54.97
CA ASN T 195 6.41 -117.33 -53.91
C ASN T 195 5.90 -118.73 -53.68
N THR T 196 5.80 -119.56 -54.72
CA THR T 196 5.20 -120.87 -54.57
C THR T 196 5.95 -121.88 -55.42
N VAL T 197 5.80 -123.15 -55.05
CA VAL T 197 6.37 -124.27 -55.79
C VAL T 197 5.42 -125.45 -55.64
N THR T 198 5.42 -126.33 -56.65
CA THR T 198 4.57 -127.50 -56.63
C THR T 198 5.23 -128.60 -57.44
N VAL T 199 4.80 -129.83 -57.19
CA VAL T 199 5.37 -131.01 -57.84
C VAL T 199 4.28 -131.71 -58.63
N SER T 200 4.70 -132.43 -59.68
CA SER T 200 3.80 -133.21 -60.50
C SER T 200 3.34 -134.45 -59.73
N PRO T 201 2.17 -135.01 -60.07
CA PRO T 201 1.69 -136.22 -59.36
C PRO T 201 2.57 -137.45 -59.54
N ASP T 202 3.36 -137.54 -60.61
CA ASP T 202 4.28 -138.66 -60.77
C ASP T 202 5.64 -138.41 -60.13
N GLY T 203 5.93 -137.17 -59.71
CA GLY T 203 7.17 -136.86 -59.03
C GLY T 203 8.35 -136.56 -59.92
N SER T 204 8.14 -136.36 -61.22
CA SER T 204 9.24 -136.13 -62.14
C SER T 204 9.45 -134.65 -62.46
N LEU T 205 8.42 -133.83 -62.37
CA LEU T 205 8.49 -132.43 -62.75
C LEU T 205 8.10 -131.52 -61.59
N CYS T 206 8.58 -130.28 -61.66
CA CYS T 206 8.40 -129.35 -60.54
C CYS T 206 8.24 -127.95 -61.13
N ALA T 207 7.19 -127.25 -60.70
CA ALA T 207 6.88 -125.92 -61.21
C ALA T 207 7.03 -124.87 -60.11
N SER T 208 7.75 -123.80 -60.41
CA SER T 208 7.99 -122.73 -59.44
C SER T 208 7.49 -121.39 -60.01
N GLY T 209 6.93 -120.56 -59.12
CA GLY T 209 6.38 -119.30 -59.54
C GLY T 209 6.49 -118.25 -58.46
N GLY T 210 6.32 -117.00 -58.85
CA GLY T 210 6.44 -115.89 -57.92
C GLY T 210 5.93 -114.58 -58.45
N LYS T 211 6.62 -113.49 -58.05
CA LYS T 211 6.14 -112.14 -58.32
C LYS T 211 6.42 -111.71 -59.75
N ASP T 212 7.58 -112.10 -60.30
CA ASP T 212 7.99 -111.65 -61.63
C ASP T 212 7.19 -112.28 -62.75
N GLY T 213 6.47 -113.37 -62.49
CA GLY T 213 5.65 -113.99 -63.51
C GLY T 213 6.42 -114.95 -64.39
N GLN T 214 7.27 -115.77 -63.77
CA GLN T 214 8.12 -116.72 -64.48
C GLN T 214 7.75 -118.12 -64.01
N ALA T 215 6.80 -118.74 -64.71
CA ALA T 215 6.40 -120.11 -64.39
C ALA T 215 7.48 -121.06 -64.88
N MET T 216 8.35 -121.49 -63.98
CA MET T 216 9.59 -122.16 -64.36
C MET T 216 9.48 -123.66 -64.09
N LEU T 217 9.83 -124.46 -65.08
CA LEU T 217 9.79 -125.91 -64.97
C LEU T 217 11.16 -126.46 -64.60
N TRP T 218 11.15 -127.58 -63.90
CA TRP T 218 12.38 -128.24 -63.49
C TRP T 218 12.17 -129.75 -63.53
N ASP T 219 13.15 -130.47 -64.06
CA ASP T 219 13.13 -131.93 -64.05
C ASP T 219 13.53 -132.37 -62.64
N LEU T 220 12.55 -132.85 -61.88
CA LEU T 220 12.80 -133.19 -60.48
C LEU T 220 13.60 -134.48 -60.34
N ASN T 221 13.46 -135.41 -61.29
CA ASN T 221 14.17 -136.69 -61.20
C ASN T 221 15.64 -136.53 -61.56
N GLU T 222 15.92 -135.86 -62.69
CA GLU T 222 17.29 -135.76 -63.17
C GLU T 222 18.02 -134.56 -62.59
N GLY T 223 17.32 -133.45 -62.36
CA GLY T 223 17.95 -132.25 -61.83
C GLY T 223 18.33 -131.22 -62.87
N LYS T 224 17.56 -131.09 -63.95
CA LYS T 224 17.87 -130.18 -65.03
C LYS T 224 16.71 -129.22 -65.27
N HIS T 225 16.95 -128.26 -66.15
CA HIS T 225 15.98 -127.22 -66.50
C HIS T 225 15.35 -127.51 -67.85
N LEU T 226 14.02 -127.36 -67.92
CA LEU T 226 13.33 -127.52 -69.20
C LEU T 226 13.13 -126.17 -69.88
N TYR T 227 12.33 -125.29 -69.27
CA TYR T 227 11.98 -123.98 -69.83
C TYR T 227 11.25 -123.16 -68.77
N THR T 228 10.80 -121.97 -69.18
CA THR T 228 10.12 -121.03 -68.30
C THR T 228 9.09 -120.26 -69.10
N LEU T 229 7.87 -120.18 -68.59
CA LEU T 229 6.79 -119.43 -69.22
C LEU T 229 6.74 -118.01 -68.66
N ASP T 230 6.42 -117.06 -69.52
CA ASP T 230 6.28 -115.66 -69.14
C ASP T 230 4.80 -115.38 -68.98
N GLY T 231 4.31 -115.39 -67.74
CA GLY T 231 2.92 -115.09 -67.49
C GLY T 231 2.61 -113.61 -67.60
N GLY T 232 3.45 -112.77 -66.99
CA GLY T 232 3.30 -111.34 -67.06
C GLY T 232 2.77 -110.66 -65.81
N ASP T 233 2.12 -111.41 -64.92
CA ASP T 233 1.55 -110.85 -63.71
C ASP T 233 2.13 -111.56 -62.49
N ILE T 234 1.83 -111.03 -61.31
CA ILE T 234 2.26 -111.65 -60.07
C ILE T 234 1.49 -112.96 -59.87
N ILE T 235 2.22 -114.03 -59.56
CA ILE T 235 1.65 -115.37 -59.45
C ILE T 235 1.72 -115.78 -57.98
N ASN T 236 0.58 -116.20 -57.44
CA ASN T 236 0.51 -116.56 -56.03
C ASN T 236 0.59 -118.06 -55.78
N ALA T 237 -0.11 -118.86 -56.58
CA ALA T 237 -0.16 -120.30 -56.31
C ALA T 237 -0.27 -121.08 -57.61
N LEU T 238 0.61 -122.06 -57.78
CA LEU T 238 0.60 -122.98 -58.91
C LEU T 238 0.04 -124.32 -58.48
N CYS T 239 -0.62 -125.01 -59.41
CA CYS T 239 -1.07 -126.37 -59.13
C CYS T 239 -1.18 -127.15 -60.43
N PHE T 240 -0.81 -128.42 -60.38
CA PHE T 240 -0.98 -129.30 -61.53
C PHE T 240 -2.38 -129.90 -61.54
N SER T 241 -2.90 -130.12 -62.74
CA SER T 241 -4.15 -130.85 -62.87
C SER T 241 -3.90 -132.35 -62.63
N PRO T 242 -4.83 -133.05 -61.98
CA PRO T 242 -4.55 -134.43 -61.58
C PRO T 242 -4.58 -135.43 -62.73
N ASN T 243 -5.29 -135.12 -63.82
CA ASN T 243 -5.43 -136.06 -64.93
C ASN T 243 -4.85 -135.57 -66.24
N ARG T 244 -4.38 -134.32 -66.31
CA ARG T 244 -3.92 -133.73 -67.56
C ARG T 244 -2.54 -133.11 -67.35
N TYR T 245 -2.04 -132.46 -68.40
CA TYR T 245 -0.76 -131.74 -68.36
C TYR T 245 -0.97 -130.25 -68.19
N TRP T 246 -1.98 -129.86 -67.41
CA TRP T 246 -2.35 -128.46 -67.24
C TRP T 246 -1.72 -127.90 -65.98
N LEU T 247 -0.95 -126.82 -66.13
CA LEU T 247 -0.46 -126.04 -65.02
C LEU T 247 -1.40 -124.86 -64.82
N CYS T 248 -2.06 -124.80 -63.66
CA CYS T 248 -3.05 -123.77 -63.38
C CYS T 248 -2.49 -122.82 -62.35
N ALA T 249 -2.47 -121.53 -62.69
CA ALA T 249 -1.88 -120.49 -61.86
C ALA T 249 -2.96 -119.54 -61.39
N ALA T 250 -2.94 -119.25 -60.09
CA ALA T 250 -3.81 -118.22 -59.52
C ALA T 250 -3.01 -116.92 -59.53
N THR T 251 -3.07 -116.19 -60.64
CA THR T 251 -2.22 -115.04 -60.85
C THR T 251 -2.77 -113.82 -60.11
N GLY T 252 -2.25 -112.64 -60.43
CA GLY T 252 -2.68 -111.41 -59.80
C GLY T 252 -4.12 -111.05 -60.11
N PRO T 253 -4.41 -110.69 -61.36
CA PRO T 253 -5.81 -110.35 -61.69
C PRO T 253 -6.73 -111.53 -61.80
N SER T 254 -6.27 -112.67 -62.31
CA SER T 254 -7.17 -113.71 -62.77
C SER T 254 -6.53 -115.09 -62.53
N ILE T 255 -7.05 -116.10 -63.20
CA ILE T 255 -6.51 -117.45 -63.14
C ILE T 255 -6.14 -117.89 -64.55
N LYS T 256 -4.89 -118.28 -64.74
CA LYS T 256 -4.40 -118.75 -66.03
C LYS T 256 -4.28 -120.27 -66.04
N ILE T 257 -4.47 -120.87 -67.21
CA ILE T 257 -4.20 -122.29 -67.39
C ILE T 257 -3.29 -122.45 -68.60
N TRP T 258 -2.19 -123.17 -68.42
CA TRP T 258 -1.23 -123.41 -69.49
C TRP T 258 -1.04 -124.91 -69.69
N ASP T 259 -0.64 -125.28 -70.89
CA ASP T 259 -0.33 -126.67 -71.19
C ASP T 259 1.16 -126.92 -71.04
N LEU T 260 1.52 -128.17 -70.72
CA LEU T 260 2.92 -128.52 -70.55
C LEU T 260 3.64 -128.58 -71.89
N GLU T 261 3.20 -129.45 -72.79
CA GLU T 261 3.83 -129.61 -74.10
C GLU T 261 3.15 -128.78 -75.18
N GLY T 262 1.92 -128.34 -74.98
CA GLY T 262 1.25 -127.53 -75.97
C GLY T 262 1.64 -126.07 -75.95
N LYS T 263 1.92 -125.54 -74.75
CA LYS T 263 2.33 -124.15 -74.52
C LYS T 263 1.29 -123.15 -75.06
N ILE T 264 0.02 -123.50 -74.89
CA ILE T 264 -1.09 -122.71 -75.45
C ILE T 264 -1.98 -122.27 -74.30
N ILE T 265 -2.64 -121.12 -74.47
CA ILE T 265 -3.57 -120.60 -73.49
C ILE T 265 -4.82 -121.49 -73.50
N VAL T 266 -4.99 -122.28 -72.46
CA VAL T 266 -6.15 -123.17 -72.38
C VAL T 266 -7.39 -122.39 -71.94
N ASP T 267 -7.32 -121.78 -70.75
CA ASP T 267 -8.46 -121.02 -70.24
C ASP T 267 -7.95 -119.96 -69.25
N GLU T 268 -8.62 -118.81 -69.28
CA GLU T 268 -8.33 -117.72 -68.34
C GLU T 268 -9.62 -117.40 -67.58
N LEU T 269 -9.67 -117.83 -66.33
CA LEU T 269 -10.83 -117.57 -65.46
C LEU T 269 -10.76 -116.16 -64.92
N LYS T 270 -11.72 -115.33 -65.32
CA LYS T 270 -11.89 -113.96 -64.83
C LYS T 270 -13.36 -113.74 -64.56
N GLN T 271 -13.70 -113.34 -63.34
CA GLN T 271 -15.10 -113.14 -62.99
C GLN T 271 -15.55 -111.73 -63.34
N GLU T 272 -16.83 -111.46 -63.12
CA GLU T 272 -17.42 -110.16 -63.43
C GLU T 272 -17.17 -109.20 -62.29
N VAL T 273 -16.50 -108.09 -62.58
CA VAL T 273 -16.14 -107.09 -61.59
C VAL T 273 -16.84 -105.78 -61.95
N ILE T 274 -17.53 -105.19 -60.98
CA ILE T 274 -18.38 -104.03 -61.23
C ILE T 274 -17.87 -102.86 -60.39
N SER T 275 -17.44 -101.79 -61.08
CA SER T 275 -17.22 -100.46 -60.50
C SER T 275 -16.12 -100.43 -59.45
N THR T 276 -14.97 -101.03 -59.77
CA THR T 276 -13.79 -100.92 -58.94
C THR T 276 -12.72 -100.13 -59.69
N SER T 277 -11.53 -100.05 -59.12
CA SER T 277 -10.40 -99.43 -59.78
C SER T 277 -9.76 -100.40 -60.77
N SER T 278 -8.69 -99.94 -61.42
CA SER T 278 -8.05 -100.76 -62.45
C SER T 278 -7.18 -101.86 -61.84
N LYS T 279 -6.47 -101.55 -60.76
CA LYS T 279 -5.57 -102.51 -60.13
C LYS T 279 -5.93 -102.79 -58.68
N ALA T 280 -7.08 -102.33 -58.20
CA ALA T 280 -7.59 -102.62 -56.87
C ALA T 280 -8.73 -103.63 -56.93
N GLU T 281 -8.59 -104.64 -57.79
CA GLU T 281 -9.69 -105.55 -58.06
C GLU T 281 -9.87 -106.54 -56.91
N PRO T 282 -11.11 -106.90 -56.57
CA PRO T 282 -11.37 -107.98 -55.61
C PRO T 282 -10.84 -109.35 -56.03
N PRO T 283 -10.78 -109.72 -57.37
CA PRO T 283 -10.05 -110.98 -57.68
C PRO T 283 -8.55 -110.91 -57.47
N GLN T 284 -8.12 -111.00 -56.21
CA GLN T 284 -6.72 -111.23 -55.86
C GLN T 284 -6.58 -112.72 -55.60
N CYS T 285 -6.25 -113.46 -56.66
CA CYS T 285 -6.26 -114.91 -56.60
C CYS T 285 -5.05 -115.42 -55.83
N THR T 286 -5.29 -116.12 -54.72
CA THR T 286 -4.19 -116.59 -53.88
C THR T 286 -4.41 -118.00 -53.33
N SER T 287 -5.49 -118.69 -53.72
CA SER T 287 -5.76 -120.01 -53.18
C SER T 287 -6.63 -120.79 -54.16
N LEU T 288 -6.12 -121.92 -54.63
CA LEU T 288 -6.89 -122.77 -55.54
C LEU T 288 -6.55 -124.23 -55.24
N ALA T 289 -7.45 -125.11 -55.66
CA ALA T 289 -7.31 -126.55 -55.42
C ALA T 289 -8.15 -127.32 -56.42
N TRP T 290 -7.61 -128.42 -56.94
CA TRP T 290 -8.40 -129.29 -57.80
C TRP T 290 -9.18 -130.30 -56.96
N SER T 291 -10.18 -130.91 -57.58
CA SER T 291 -10.92 -131.99 -56.94
C SER T 291 -10.15 -133.30 -57.07
N ALA T 292 -10.76 -134.38 -56.59
CA ALA T 292 -10.11 -135.68 -56.66
C ALA T 292 -10.14 -136.26 -58.07
N ASP T 293 -11.04 -135.77 -58.92
CA ASP T 293 -11.16 -136.25 -60.29
C ASP T 293 -10.89 -135.19 -61.34
N GLY T 294 -10.54 -133.97 -60.93
CA GLY T 294 -10.33 -132.89 -61.87
C GLY T 294 -11.60 -132.26 -62.41
N GLN T 295 -12.74 -132.46 -61.73
CA GLN T 295 -14.03 -131.95 -62.19
C GLN T 295 -14.35 -130.59 -61.59
N THR T 296 -13.95 -130.36 -60.34
CA THR T 296 -14.28 -129.16 -59.60
C THR T 296 -13.01 -128.41 -59.22
N LEU T 297 -12.96 -127.13 -59.56
CA LEU T 297 -11.85 -126.25 -59.18
C LEU T 297 -12.33 -125.30 -58.10
N PHE T 298 -11.71 -125.37 -56.93
CA PHE T 298 -11.97 -124.50 -55.80
C PHE T 298 -10.99 -123.33 -55.85
N ALA T 299 -11.48 -122.13 -55.55
CA ALA T 299 -10.56 -121.00 -55.40
C ALA T 299 -11.13 -120.03 -54.38
N GLY T 300 -10.34 -119.71 -53.37
CA GLY T 300 -10.72 -118.71 -52.39
C GLY T 300 -10.05 -117.38 -52.67
N TYR T 301 -10.86 -116.35 -52.74
CA TYR T 301 -10.40 -115.01 -53.07
C TYR T 301 -10.23 -114.18 -51.80
N THR T 302 -9.95 -112.90 -51.98
CA THR T 302 -9.79 -111.96 -50.88
C THR T 302 -11.06 -111.17 -50.60
N ASP T 303 -12.20 -111.58 -51.16
CA ASP T 303 -13.47 -110.92 -50.91
C ASP T 303 -14.36 -111.72 -49.97
N ASN T 304 -13.75 -112.55 -49.10
CA ASN T 304 -14.42 -113.40 -48.10
C ASN T 304 -15.35 -114.43 -48.75
N LEU T 305 -15.08 -114.82 -49.99
CA LEU T 305 -15.87 -115.83 -50.68
C LEU T 305 -14.96 -116.85 -51.35
N VAL T 306 -15.47 -118.08 -51.48
CA VAL T 306 -14.79 -119.17 -52.15
C VAL T 306 -15.68 -119.62 -53.30
N ARG T 307 -15.15 -119.61 -54.52
CA ARG T 307 -15.94 -119.91 -55.71
C ARG T 307 -15.43 -121.19 -56.39
N VAL T 308 -16.37 -121.89 -57.03
CA VAL T 308 -16.12 -123.20 -57.60
C VAL T 308 -16.40 -123.17 -59.10
N TRP T 309 -15.68 -124.01 -59.83
CA TRP T 309 -15.91 -124.21 -61.25
C TRP T 309 -16.10 -125.69 -61.53
N GLN T 310 -17.01 -125.98 -62.46
CA GLN T 310 -17.28 -127.35 -62.90
C GLN T 310 -16.88 -127.51 -64.35
N VAL T 311 -16.23 -128.63 -64.67
CA VAL T 311 -15.80 -128.92 -66.03
C VAL T 311 -17.02 -129.40 -66.81
N THR T 312 -17.32 -128.73 -67.93
CA THR T 312 -18.46 -129.07 -68.79
C THR T 312 -17.98 -129.24 -70.23
N ILE T 313 -18.50 -130.27 -70.89
CA ILE T 313 -18.27 -130.50 -72.31
C ILE T 313 -19.31 -129.69 -73.09
N GLY T 314 -18.86 -128.97 -74.11
CA GLY T 314 -19.78 -128.21 -74.94
C GLY T 314 -20.27 -128.97 -76.16
N LEU U 1 26.86 -72.75 -96.29
CA LEU U 1 25.72 -73.48 -95.76
C LEU U 1 25.09 -74.34 -96.86
N ASP U 2 24.02 -73.82 -97.46
CA ASP U 2 23.36 -74.28 -98.70
C ASP U 2 22.60 -75.60 -98.52
N VAL U 3 22.74 -76.26 -97.37
CA VAL U 3 22.01 -77.50 -97.09
C VAL U 3 21.24 -77.35 -95.80
N LEU U 4 21.57 -76.33 -95.01
CA LEU U 4 20.90 -76.03 -93.76
C LEU U 4 19.70 -75.11 -93.96
N GLN U 5 19.33 -74.83 -95.20
CA GLN U 5 18.17 -74.01 -95.51
C GLN U 5 16.88 -74.77 -95.21
N MET U 6 15.83 -74.03 -94.87
CA MET U 6 14.51 -74.60 -94.63
C MET U 6 13.93 -75.13 -95.93
N LYS U 7 12.95 -76.04 -95.81
CA LYS U 7 12.28 -76.62 -96.96
C LYS U 7 10.78 -76.44 -96.83
N GLU U 8 10.07 -76.89 -97.87
CA GLU U 8 8.62 -76.73 -97.91
C GLU U 8 7.92 -77.59 -96.87
N GLU U 9 8.48 -78.75 -96.54
CA GLU U 9 7.92 -79.56 -95.47
C GLU U 9 8.17 -78.91 -94.11
N ASP U 10 9.32 -78.25 -93.95
CA ASP U 10 9.63 -77.55 -92.71
C ASP U 10 8.69 -76.37 -92.49
N VAL U 11 8.46 -75.55 -93.53
CA VAL U 11 7.52 -74.44 -93.35
C VAL U 11 6.09 -74.93 -93.27
N LEU U 12 5.75 -76.09 -93.85
CA LEU U 12 4.45 -76.69 -93.62
C LEU U 12 4.27 -77.07 -92.16
N LYS U 13 5.31 -77.65 -91.54
CA LYS U 13 5.26 -78.00 -90.12
C LYS U 13 5.17 -76.77 -89.22
N PHE U 14 5.94 -75.71 -89.53
CA PHE U 14 5.89 -74.50 -88.72
C PHE U 14 4.55 -73.79 -88.85
N LEU U 15 4.02 -73.68 -90.07
CA LEU U 15 2.74 -72.98 -90.23
C LEU U 15 1.57 -73.83 -89.78
N ALA U 16 1.74 -75.16 -89.72
CA ALA U 16 0.70 -76.01 -89.13
C ALA U 16 0.72 -75.95 -87.61
N ALA U 17 1.91 -75.82 -87.01
CA ALA U 17 1.96 -75.67 -85.56
C ALA U 17 1.54 -74.26 -85.13
N GLY U 18 1.74 -73.27 -85.98
CA GLY U 18 1.32 -71.92 -85.68
C GLY U 18 2.24 -71.21 -84.71
N THR U 19 3.54 -71.35 -84.92
CA THR U 19 4.53 -70.71 -84.06
C THR U 19 4.87 -69.30 -84.51
N HIS U 20 4.32 -68.84 -85.65
CA HIS U 20 4.64 -67.51 -86.15
C HIS U 20 3.99 -66.42 -85.30
N LEU U 21 2.90 -66.73 -84.63
CA LEU U 21 2.22 -65.79 -83.75
C LEU U 21 2.85 -65.83 -82.38
N GLY U 22 3.00 -64.65 -81.76
CA GLY U 22 3.65 -64.52 -80.47
C GLY U 22 2.78 -63.73 -79.51
N GLY U 23 3.45 -63.10 -78.54
CA GLY U 23 2.77 -62.35 -77.51
C GLY U 23 2.33 -60.97 -77.98
N THR U 24 1.72 -60.24 -77.05
CA THR U 24 1.22 -58.90 -77.31
C THR U 24 2.18 -57.80 -76.82
N ASN U 25 3.11 -58.14 -75.94
CA ASN U 25 4.07 -57.16 -75.41
C ASN U 25 5.39 -57.31 -76.13
N LEU U 26 6.09 -56.19 -76.28
CA LEU U 26 7.37 -56.14 -77.00
C LEU U 26 8.54 -56.11 -76.02
N ASP U 27 9.72 -56.38 -76.56
CA ASP U 27 10.98 -56.25 -75.85
C ASP U 27 11.94 -55.44 -76.71
N PHE U 28 12.86 -54.73 -76.06
CA PHE U 28 13.78 -53.86 -76.79
C PHE U 28 14.92 -54.63 -77.46
N GLN U 29 15.10 -55.90 -77.12
CA GLN U 29 16.08 -56.74 -77.78
C GLN U 29 15.44 -57.77 -78.71
N MET U 30 14.11 -57.81 -78.77
CA MET U 30 13.38 -58.64 -79.72
C MET U 30 12.97 -57.85 -80.96
N GLU U 31 13.58 -56.69 -81.19
CA GLU U 31 13.14 -55.81 -82.27
C GLU U 31 13.56 -56.32 -83.64
N GLN U 32 14.78 -56.84 -83.74
CA GLN U 32 15.25 -57.35 -85.02
C GLN U 32 14.73 -58.75 -85.32
N TYR U 33 14.06 -59.40 -84.36
CA TYR U 33 13.47 -60.71 -84.63
C TYR U 33 12.06 -60.58 -85.16
N ILE U 34 11.29 -59.62 -84.65
CA ILE U 34 9.94 -59.38 -85.13
C ILE U 34 10.02 -58.67 -86.48
N TYR U 35 9.00 -58.86 -87.32
CA TYR U 35 8.94 -58.19 -88.62
C TYR U 35 7.81 -57.17 -88.69
N LYS U 36 6.57 -57.58 -88.43
CA LYS U 36 5.43 -56.69 -88.62
C LYS U 36 4.37 -57.01 -87.58
N ARG U 37 3.70 -55.97 -87.09
CA ARG U 37 2.59 -56.14 -86.18
C ARG U 37 1.36 -56.65 -86.93
N LYS U 38 0.33 -57.01 -86.17
CA LYS U 38 -0.93 -57.48 -86.72
C LYS U 38 -2.04 -56.99 -85.78
N SER U 39 -3.24 -56.88 -86.32
CA SER U 39 -4.40 -56.42 -85.56
C SER U 39 -4.77 -57.44 -84.47
N ASP U 40 -5.62 -56.98 -83.54
CA ASP U 40 -6.03 -57.70 -82.34
C ASP U 40 -4.84 -58.09 -81.45
N GLY U 41 -3.81 -57.24 -81.42
CA GLY U 41 -2.73 -57.37 -80.47
C GLY U 41 -1.68 -58.41 -80.77
N ILE U 42 -1.96 -59.38 -81.64
CA ILE U 42 -1.03 -60.48 -81.91
C ILE U 42 0.12 -59.94 -82.77
N TYR U 43 1.34 -60.32 -82.42
CA TYR U 43 2.53 -59.88 -83.13
C TYR U 43 3.21 -61.07 -83.81
N ILE U 44 3.61 -60.87 -85.06
CA ILE U 44 4.06 -61.94 -85.94
C ILE U 44 5.57 -62.07 -85.83
N ILE U 45 6.03 -63.26 -85.44
CA ILE U 45 7.45 -63.61 -85.41
C ILE U 45 7.80 -64.28 -86.72
N ASN U 46 8.95 -63.94 -87.30
CA ASN U 46 9.37 -64.50 -88.58
C ASN U 46 9.88 -65.93 -88.39
N LEU U 47 10.40 -66.53 -89.47
CA LEU U 47 10.91 -67.89 -89.42
C LEU U 47 12.40 -68.01 -89.72
N LYS U 48 12.98 -67.08 -90.48
CA LYS U 48 14.37 -67.22 -90.89
C LYS U 48 15.33 -67.02 -89.71
N ARG U 49 15.16 -65.93 -88.97
CA ARG U 49 16.02 -65.68 -87.82
C ARG U 49 15.69 -66.57 -86.64
N THR U 50 14.52 -67.20 -86.64
CA THR U 50 14.24 -68.27 -85.68
C THR U 50 15.00 -69.53 -86.03
N TRP U 51 14.99 -69.90 -87.32
CA TRP U 51 15.71 -71.07 -87.80
C TRP U 51 17.22 -70.92 -87.64
N GLU U 52 17.73 -69.70 -87.79
CA GLU U 52 19.17 -69.48 -87.62
C GLU U 52 19.60 -69.68 -86.17
N LYS U 53 18.81 -69.19 -85.22
CA LYS U 53 19.13 -69.42 -83.82
C LYS U 53 18.91 -70.87 -83.40
N LEU U 54 17.92 -71.54 -84.01
CA LEU U 54 17.78 -72.98 -83.81
C LEU U 54 18.99 -73.75 -84.33
N LEU U 55 19.52 -73.31 -85.47
CA LEU U 55 20.70 -73.93 -86.06
C LEU U 55 21.93 -73.74 -85.19
N LEU U 56 22.11 -72.52 -84.67
CA LEU U 56 23.24 -72.26 -83.77
C LEU U 56 23.09 -72.97 -82.43
N ALA U 57 21.87 -73.12 -81.92
CA ALA U 57 21.67 -73.90 -80.70
C ALA U 57 21.99 -75.36 -80.93
N ALA U 58 21.64 -75.89 -82.11
CA ALA U 58 22.01 -77.25 -82.47
C ALA U 58 23.51 -77.40 -82.61
N ARG U 59 24.18 -76.41 -83.20
CA ARG U 59 25.65 -76.42 -83.29
C ARG U 59 26.31 -76.41 -81.92
N ALA U 60 25.78 -75.61 -80.99
CA ALA U 60 26.34 -75.54 -79.66
C ALA U 60 26.11 -76.83 -78.88
N ILE U 61 24.97 -77.48 -79.09
CA ILE U 61 24.70 -78.73 -78.36
C ILE U 61 25.55 -79.87 -78.93
N VAL U 62 25.73 -79.94 -80.24
CA VAL U 62 26.59 -80.97 -80.80
C VAL U 62 28.07 -80.66 -80.52
N ALA U 63 28.39 -79.39 -80.25
CA ALA U 63 29.75 -79.01 -79.86
C ALA U 63 30.18 -79.53 -78.50
N ILE U 64 29.27 -80.07 -77.69
CA ILE U 64 29.65 -80.65 -76.41
C ILE U 64 30.39 -81.97 -76.65
N GLU U 65 31.15 -82.41 -75.65
CA GLU U 65 31.83 -83.70 -75.71
C GLU U 65 31.21 -84.75 -74.80
N ASN U 66 30.77 -84.35 -73.61
CA ASN U 66 30.08 -85.25 -72.70
C ASN U 66 28.59 -84.97 -72.76
N PRO U 67 27.75 -85.96 -73.04
CA PRO U 67 26.30 -85.73 -73.01
C PRO U 67 25.75 -85.38 -71.63
N ALA U 68 26.48 -85.71 -70.56
CA ALA U 68 26.02 -85.35 -69.22
C ALA U 68 26.20 -83.87 -68.91
N ASP U 69 27.00 -83.16 -69.69
CA ASP U 69 27.25 -81.73 -69.44
C ASP U 69 26.17 -80.83 -70.02
N VAL U 70 25.12 -81.38 -70.60
CA VAL U 70 24.00 -80.60 -71.11
C VAL U 70 22.77 -80.94 -70.27
N SER U 71 22.17 -79.93 -69.66
CA SER U 71 21.00 -80.10 -68.82
C SER U 71 19.80 -79.43 -69.49
N VAL U 72 18.63 -80.04 -69.34
CA VAL U 72 17.40 -79.56 -69.98
C VAL U 72 16.35 -79.36 -68.90
N ILE U 73 15.82 -78.13 -68.82
CA ILE U 73 14.93 -77.70 -67.75
C ILE U 73 13.64 -77.18 -68.37
N SER U 74 12.50 -77.61 -67.82
CA SER U 74 11.23 -76.93 -68.05
C SER U 74 10.34 -77.15 -66.84
N SER U 75 9.72 -76.07 -66.36
CA SER U 75 8.86 -76.18 -65.19
C SER U 75 7.39 -76.32 -65.55
N ARG U 76 6.95 -75.71 -66.65
CA ARG U 76 5.55 -75.81 -67.04
C ARG U 76 5.26 -77.16 -67.68
N ASN U 77 4.04 -77.64 -67.47
CA ASN U 77 3.64 -78.99 -67.88
C ASN U 77 3.59 -79.18 -69.38
N THR U 78 3.55 -78.10 -70.17
CA THR U 78 3.67 -78.22 -71.61
C THR U 78 5.08 -78.56 -72.05
N GLY U 79 6.08 -78.36 -71.19
CA GLY U 79 7.44 -78.69 -71.53
C GLY U 79 7.99 -79.84 -70.70
N GLN U 80 7.33 -80.12 -69.56
CA GLN U 80 7.74 -81.24 -68.71
C GLN U 80 7.64 -82.57 -69.43
N ARG U 81 6.65 -82.72 -70.30
CA ARG U 81 6.52 -83.93 -71.11
C ARG U 81 7.62 -84.02 -72.15
N ALA U 82 8.01 -82.90 -72.75
CA ALA U 82 9.03 -82.90 -73.79
C ALA U 82 10.43 -83.13 -73.25
N VAL U 83 10.72 -82.66 -72.02
CA VAL U 83 12.08 -82.77 -71.47
C VAL U 83 12.48 -84.22 -71.27
N LEU U 84 11.57 -85.03 -70.72
CA LEU U 84 11.90 -86.41 -70.33
C LEU U 84 12.21 -87.28 -71.54
N LYS U 85 11.47 -87.11 -72.63
CA LYS U 85 11.78 -87.85 -73.84
C LYS U 85 12.71 -87.10 -74.78
N PHE U 86 13.11 -85.88 -74.42
CA PHE U 86 14.14 -85.18 -75.20
C PHE U 86 15.53 -85.56 -74.72
N ALA U 87 15.79 -85.38 -73.42
CA ALA U 87 17.14 -85.55 -72.91
C ALA U 87 17.54 -87.01 -72.85
N ALA U 88 16.57 -87.90 -72.60
CA ALA U 88 16.85 -89.33 -72.62
C ALA U 88 16.91 -89.90 -74.03
N ALA U 89 16.64 -89.09 -75.05
CA ALA U 89 16.70 -89.58 -76.42
C ALA U 89 18.13 -89.61 -76.94
N THR U 90 18.77 -88.44 -77.02
CA THR U 90 20.07 -88.37 -77.69
C THR U 90 21.23 -87.98 -76.78
N GLY U 91 21.21 -86.82 -76.13
CA GLY U 91 22.46 -86.29 -75.60
C GLY U 91 22.45 -85.43 -74.36
N ALA U 92 21.42 -85.50 -73.52
CA ALA U 92 21.35 -84.56 -72.40
C ALA U 92 20.87 -85.27 -71.14
N THR U 93 20.69 -84.48 -70.08
CA THR U 93 20.23 -84.96 -68.80
C THR U 93 19.01 -84.15 -68.36
N PRO U 94 17.88 -84.79 -68.06
CA PRO U 94 16.64 -84.05 -67.82
C PRO U 94 16.45 -83.62 -66.37
N ILE U 95 15.73 -82.51 -66.20
CA ILE U 95 15.07 -82.19 -64.93
C ILE U 95 13.85 -81.34 -65.26
N ALA U 96 12.75 -81.59 -64.55
CA ALA U 96 11.48 -80.95 -64.87
C ALA U 96 10.74 -80.53 -63.61
N GLY U 97 10.00 -79.44 -63.72
CA GLY U 97 9.10 -79.04 -62.66
C GLY U 97 9.79 -78.21 -61.60
N ARG U 98 9.64 -78.63 -60.36
CA ARG U 98 10.16 -77.90 -59.21
C ARG U 98 11.68 -78.00 -59.19
N PHE U 99 12.35 -76.88 -59.47
CA PHE U 99 13.79 -76.86 -59.73
C PHE U 99 14.63 -77.12 -58.49
N THR U 100 14.08 -76.87 -57.28
CA THR U 100 14.75 -76.97 -55.98
C THR U 100 16.02 -76.12 -55.99
N PRO U 101 15.90 -74.81 -55.79
CA PRO U 101 17.08 -73.91 -55.77
C PRO U 101 18.12 -74.33 -54.75
N GLY U 102 19.37 -74.41 -55.21
CA GLY U 102 20.38 -75.22 -54.57
C GLY U 102 20.73 -76.45 -55.36
N THR U 103 20.26 -76.55 -56.61
CA THR U 103 20.61 -77.69 -57.46
C THR U 103 22.07 -77.59 -57.90
N PHE U 104 22.56 -76.36 -58.08
CA PHE U 104 23.91 -76.17 -58.61
C PHE U 104 24.80 -75.31 -57.72
N THR U 105 24.31 -74.82 -56.58
CA THR U 105 25.11 -73.96 -55.72
C THR U 105 25.80 -74.73 -54.60
N ASN U 106 25.03 -75.37 -53.72
CA ASN U 106 25.60 -76.09 -52.59
C ASN U 106 25.67 -77.60 -52.88
N GLN U 107 26.47 -78.30 -52.07
CA GLN U 107 26.84 -79.68 -52.34
C GLN U 107 26.48 -80.62 -51.20
N ILE U 108 25.57 -80.21 -50.31
CA ILE U 108 25.11 -81.14 -49.29
C ILE U 108 24.02 -82.06 -49.83
N GLN U 109 23.40 -81.69 -50.95
CA GLN U 109 22.35 -82.49 -51.58
C GLN U 109 22.93 -83.25 -52.77
N ALA U 110 22.49 -84.50 -52.92
CA ALA U 110 22.98 -85.35 -54.01
C ALA U 110 22.51 -84.90 -55.39
N ALA U 111 21.46 -84.07 -55.45
CA ALA U 111 21.00 -83.51 -56.72
C ALA U 111 21.88 -82.31 -57.09
N PHE U 112 23.09 -82.63 -57.55
CA PHE U 112 24.10 -81.63 -57.86
C PHE U 112 24.84 -82.06 -59.11
N ARG U 113 24.87 -81.18 -60.12
CA ARG U 113 25.51 -81.48 -61.39
C ARG U 113 26.47 -80.37 -61.76
N GLU U 114 27.33 -80.64 -62.75
CA GLU U 114 28.25 -79.65 -63.30
C GLU U 114 28.05 -79.60 -64.81
N PRO U 115 27.05 -78.86 -65.28
CA PRO U 115 26.80 -78.79 -66.72
C PRO U 115 27.68 -77.75 -67.40
N ARG U 116 27.86 -77.95 -68.71
CA ARG U 116 28.62 -77.01 -69.53
C ARG U 116 27.76 -76.33 -70.58
N LEU U 117 26.46 -76.60 -70.60
CA LEU U 117 25.51 -75.94 -71.49
C LEU U 117 24.11 -76.18 -70.94
N LEU U 118 23.24 -75.19 -71.11
CA LEU U 118 21.90 -75.26 -70.54
C LEU U 118 20.88 -74.81 -71.57
N VAL U 119 19.84 -75.60 -71.76
CA VAL U 119 18.72 -75.24 -72.62
C VAL U 119 17.45 -75.27 -71.76
N VAL U 120 16.79 -74.12 -71.63
CA VAL U 120 15.57 -74.00 -70.85
C VAL U 120 14.44 -73.60 -71.79
N THR U 121 13.21 -73.75 -71.29
CA THR U 121 12.02 -73.49 -72.10
C THR U 121 11.51 -72.07 -71.93
N ASP U 122 11.14 -71.69 -70.70
CA ASP U 122 10.54 -70.40 -70.43
C ASP U 122 11.43 -69.64 -69.44
N PRO U 123 11.91 -68.45 -69.80
CA PRO U 123 12.67 -67.65 -68.82
C PRO U 123 11.82 -67.14 -67.66
N ARG U 124 10.57 -66.77 -67.92
CA ARG U 124 9.71 -66.24 -66.87
C ARG U 124 9.31 -67.33 -65.87
N ALA U 125 9.26 -68.58 -66.32
CA ALA U 125 8.98 -69.71 -65.44
C ALA U 125 10.23 -70.37 -64.91
N ASP U 126 11.39 -70.07 -65.47
CA ASP U 126 12.67 -70.64 -65.06
C ASP U 126 13.68 -69.52 -64.80
N HIS U 127 13.23 -68.48 -64.11
CA HIS U 127 14.11 -67.40 -63.69
C HIS U 127 15.19 -67.84 -62.70
N GLN U 128 14.94 -68.89 -61.93
CA GLN U 128 15.90 -69.36 -60.93
C GLN U 128 17.15 -70.04 -61.51
N PRO U 129 17.07 -70.90 -62.55
CA PRO U 129 18.33 -71.31 -63.20
C PRO U 129 19.04 -70.17 -63.91
N LEU U 130 18.29 -69.17 -64.41
CA LEU U 130 18.91 -67.97 -64.97
C LEU U 130 19.67 -67.20 -63.90
N THR U 131 19.19 -67.22 -62.67
CA THR U 131 19.91 -66.59 -61.57
C THR U 131 21.13 -67.40 -61.17
N GLU U 132 20.98 -68.73 -61.08
CA GLU U 132 22.05 -69.60 -60.61
C GLU U 132 23.08 -69.95 -61.68
N ALA U 133 22.89 -69.48 -62.92
CA ALA U 133 23.87 -69.67 -63.98
C ALA U 133 25.21 -68.97 -63.70
N SER U 134 25.17 -67.85 -63.00
CA SER U 134 26.37 -67.04 -62.79
C SER U 134 27.36 -67.72 -61.85
N TYR U 135 26.87 -68.49 -60.88
CA TYR U 135 27.76 -69.15 -59.94
C TYR U 135 28.37 -70.42 -60.51
N VAL U 136 27.90 -70.88 -61.67
CA VAL U 136 28.35 -72.15 -62.24
C VAL U 136 29.11 -71.92 -63.55
N ASN U 137 28.96 -70.75 -64.18
CA ASN U 137 29.60 -70.38 -65.47
C ASN U 137 29.16 -71.35 -66.58
N LEU U 138 27.87 -71.29 -66.87
CA LEU U 138 27.28 -72.07 -67.94
C LEU U 138 26.55 -71.15 -68.92
N PRO U 139 26.58 -71.46 -70.21
CA PRO U 139 25.77 -70.71 -71.17
C PRO U 139 24.30 -71.11 -71.07
N THR U 140 23.46 -70.31 -71.72
CA THR U 140 22.02 -70.51 -71.63
C THR U 140 21.37 -70.32 -72.99
N ILE U 141 20.65 -71.34 -73.44
CA ILE U 141 19.79 -71.28 -74.62
C ILE U 141 18.36 -71.31 -74.11
N ALA U 142 17.51 -70.43 -74.63
CA ALA U 142 16.15 -70.34 -74.13
C ALA U 142 15.18 -70.15 -75.28
N LEU U 143 13.98 -70.73 -75.11
CA LEU U 143 12.91 -70.61 -76.10
C LEU U 143 12.05 -69.40 -75.73
N CYS U 144 12.55 -68.23 -76.08
CA CYS U 144 11.98 -66.98 -75.59
C CYS U 144 10.79 -66.53 -76.43
N ASN U 145 9.90 -65.80 -75.79
CA ASN U 145 8.78 -65.14 -76.44
C ASN U 145 9.14 -63.66 -76.62
N THR U 146 8.18 -62.87 -77.07
CA THR U 146 8.39 -61.43 -77.25
C THR U 146 8.29 -60.66 -75.94
N ASP U 147 7.80 -61.28 -74.88
CA ASP U 147 7.61 -60.63 -73.59
C ASP U 147 8.38 -61.35 -72.49
N SER U 148 9.62 -61.75 -72.77
CA SER U 148 10.44 -62.44 -71.80
C SER U 148 11.73 -61.69 -71.55
N PRO U 149 12.20 -61.62 -70.30
CA PRO U 149 13.48 -60.99 -70.03
C PRO U 149 14.64 -61.80 -70.59
N LEU U 150 15.74 -61.10 -70.87
CA LEU U 150 16.90 -61.69 -71.51
C LEU U 150 18.14 -61.52 -70.65
N ARG U 151 18.00 -61.68 -69.34
CA ARG U 151 19.13 -61.60 -68.43
C ARG U 151 19.73 -62.99 -68.25
N TYR U 152 21.07 -63.06 -68.35
CA TYR U 152 21.85 -64.31 -68.33
C TYR U 152 21.39 -65.26 -69.43
N VAL U 153 21.15 -64.72 -70.63
CA VAL U 153 20.73 -65.50 -71.79
C VAL U 153 21.73 -65.25 -72.91
N ASP U 154 22.24 -66.33 -73.50
CA ASP U 154 23.18 -66.24 -74.61
C ASP U 154 22.52 -66.43 -75.98
N ILE U 155 21.76 -67.50 -76.15
CA ILE U 155 21.07 -67.79 -77.41
C ILE U 155 19.58 -67.74 -77.15
N ALA U 156 18.88 -66.84 -77.86
CA ALA U 156 17.44 -66.69 -77.75
C ALA U 156 16.78 -67.08 -79.06
N ILE U 157 15.72 -67.87 -78.98
CA ILE U 157 14.97 -68.34 -80.13
C ILE U 157 13.57 -67.74 -80.04
N PRO U 158 13.21 -66.79 -80.91
CA PRO U 158 11.89 -66.15 -80.81
C PRO U 158 10.76 -67.07 -81.28
N CYS U 159 9.76 -67.24 -80.42
CA CYS U 159 8.75 -68.27 -80.63
C CYS U 159 7.55 -67.98 -79.74
N ASN U 160 6.64 -68.95 -79.66
CA ASN U 160 5.49 -68.92 -78.75
C ASN U 160 5.64 -70.07 -77.77
N ASN U 161 5.92 -69.75 -76.51
CA ASN U 161 6.02 -70.76 -75.47
C ASN U 161 4.67 -71.17 -74.90
N LYS U 162 3.58 -70.52 -75.30
CA LYS U 162 2.26 -70.90 -74.82
C LYS U 162 1.73 -72.10 -75.58
N GLY U 163 1.97 -72.16 -76.89
CA GLY U 163 1.49 -73.26 -77.71
C GLY U 163 2.31 -74.52 -77.51
N ALA U 164 1.64 -75.56 -77.01
CA ALA U 164 2.28 -76.86 -76.80
C ALA U 164 2.74 -77.50 -78.11
N HIS U 165 2.00 -77.28 -79.20
CA HIS U 165 2.44 -77.75 -80.51
C HIS U 165 3.72 -77.04 -80.94
N SER U 166 3.83 -75.74 -80.64
CA SER U 166 5.04 -74.99 -80.96
C SER U 166 6.22 -75.47 -80.13
N VAL U 167 6.00 -75.72 -78.83
CA VAL U 167 7.05 -76.20 -77.94
C VAL U 167 7.55 -77.57 -78.39
N GLY U 168 6.61 -78.48 -78.66
CA GLY U 168 6.97 -79.81 -79.14
C GLY U 168 7.65 -79.82 -80.50
N LEU U 169 7.22 -78.94 -81.41
CA LEU U 169 7.87 -78.85 -82.72
C LEU U 169 9.29 -78.30 -82.57
N MET U 170 9.51 -77.35 -81.66
CA MET U 170 10.86 -76.82 -81.46
C MET U 170 11.79 -77.86 -80.87
N TRP U 171 11.35 -78.58 -79.83
CA TRP U 171 12.20 -79.62 -79.25
C TRP U 171 12.45 -80.75 -80.23
N TRP U 172 11.43 -81.13 -81.00
CA TRP U 172 11.56 -82.21 -81.97
C TRP U 172 12.51 -81.85 -83.09
N MET U 173 12.35 -80.66 -83.67
CA MET U 173 13.21 -80.28 -84.78
C MET U 173 14.61 -79.91 -84.31
N LEU U 174 14.76 -79.47 -83.05
CA LEU U 174 16.08 -79.27 -82.47
C LEU U 174 16.82 -80.58 -82.35
N ALA U 175 16.16 -81.61 -81.79
CA ALA U 175 16.80 -82.93 -81.72
C ALA U 175 17.00 -83.54 -83.10
N ARG U 176 16.12 -83.22 -84.03
CA ARG U 176 16.20 -83.71 -85.41
C ARG U 176 17.40 -83.12 -86.13
N GLU U 177 17.78 -81.89 -85.81
CA GLU U 177 19.00 -81.30 -86.35
C GLU U 177 20.24 -81.77 -85.60
N VAL U 178 20.13 -81.97 -84.28
CA VAL U 178 21.25 -82.45 -83.47
C VAL U 178 21.68 -83.86 -83.90
N LEU U 179 20.71 -84.73 -84.16
CA LEU U 179 21.04 -86.08 -84.61
C LEU U 179 21.63 -86.11 -86.01
N ARG U 180 21.19 -85.21 -86.90
CA ARG U 180 21.80 -85.18 -88.23
C ARG U 180 23.20 -84.56 -88.19
N MET U 181 23.47 -83.68 -87.24
CA MET U 181 24.83 -83.19 -87.07
C MET U 181 25.73 -84.27 -86.48
N ARG U 182 25.23 -85.04 -85.51
CA ARG U 182 26.04 -86.10 -84.92
C ARG U 182 26.27 -87.24 -85.89
N GLY U 183 25.34 -87.47 -86.82
CA GLY U 183 25.51 -88.49 -87.83
C GLY U 183 24.63 -89.71 -87.67
N THR U 184 23.68 -89.68 -86.73
CA THR U 184 22.79 -90.83 -86.54
C THR U 184 21.78 -90.94 -87.68
N ILE U 185 21.15 -89.82 -88.04
CA ILE U 185 20.18 -89.77 -89.12
C ILE U 185 20.80 -89.00 -90.28
N SER U 186 20.64 -89.54 -91.49
CA SER U 186 21.12 -88.86 -92.69
C SER U 186 20.27 -87.63 -92.98
N ARG U 187 20.77 -86.79 -93.91
CA ARG U 187 20.09 -85.55 -94.21
C ARG U 187 18.81 -85.79 -95.01
N GLU U 188 18.86 -86.69 -95.99
CA GLU U 188 17.68 -87.04 -96.77
C GLU U 188 17.08 -88.33 -96.21
N HIS U 189 16.44 -88.18 -95.05
CA HIS U 189 15.79 -89.27 -94.35
C HIS U 189 14.77 -88.70 -93.36
N PRO U 190 13.51 -89.09 -93.44
CA PRO U 190 12.51 -88.59 -92.50
C PRO U 190 12.61 -89.28 -91.15
N TRP U 191 11.98 -88.66 -90.16
CA TRP U 191 11.97 -89.23 -88.82
C TRP U 191 10.88 -90.30 -88.72
N GLU U 192 11.13 -91.30 -87.86
CA GLU U 192 10.34 -92.51 -87.85
C GLU U 192 8.97 -92.37 -87.21
N VAL U 193 8.77 -91.37 -86.34
CA VAL U 193 7.52 -91.25 -85.61
C VAL U 193 7.03 -89.81 -85.70
N MET U 194 5.70 -89.64 -85.64
CA MET U 194 5.13 -88.30 -85.65
C MET U 194 5.20 -87.68 -84.27
N PRO U 195 5.73 -86.46 -84.15
CA PRO U 195 6.00 -85.85 -82.83
C PRO U 195 4.80 -85.33 -82.07
N ASP U 196 4.08 -86.23 -81.40
CA ASP U 196 3.05 -85.86 -80.44
C ASP U 196 3.50 -86.08 -79.00
N LEU U 197 4.44 -87.01 -78.80
CA LEU U 197 5.21 -87.17 -77.57
C LEU U 197 5.72 -85.85 -77.03
N TYR U 198 6.35 -85.08 -77.92
CA TYR U 198 6.89 -83.79 -77.54
C TYR U 198 5.81 -82.72 -77.47
N PHE U 199 4.72 -82.86 -78.22
CA PHE U 199 3.63 -81.90 -78.13
C PHE U 199 2.95 -81.93 -76.77
N TYR U 200 2.13 -82.97 -76.53
CA TYR U 200 1.17 -82.94 -75.44
C TYR U 200 0.38 -84.25 -75.43
N ARG U 201 -0.19 -84.58 -74.26
CA ARG U 201 -1.30 -85.52 -74.16
C ARG U 201 -2.30 -85.00 -73.14
N ASP U 202 -3.54 -84.84 -73.56
CA ASP U 202 -4.62 -84.59 -72.61
C ASP U 202 -4.88 -85.89 -71.85
N PRO U 203 -4.97 -85.85 -70.50
CA PRO U 203 -5.16 -87.09 -69.73
C PRO U 203 -6.47 -87.83 -69.96
N GLU U 204 -6.67 -88.88 -69.16
CA GLU U 204 -7.46 -90.07 -69.52
C GLU U 204 -8.95 -89.83 -69.73
N GLU U 205 -9.45 -88.60 -69.69
CA GLU U 205 -10.86 -88.40 -70.03
C GLU U 205 -11.08 -88.53 -71.53
N ILE U 206 -10.54 -87.59 -72.32
CA ILE U 206 -10.72 -87.68 -73.76
C ILE U 206 -9.74 -88.64 -74.39
N GLU U 207 -8.67 -89.01 -73.68
CA GLU U 207 -7.74 -90.03 -74.18
C GLU U 207 -8.42 -91.39 -74.25
N LYS U 208 -8.99 -91.84 -73.13
CA LYS U 208 -9.76 -93.08 -73.14
C LYS U 208 -11.06 -92.95 -73.91
N GLU U 209 -11.63 -91.74 -74.01
CA GLU U 209 -12.82 -91.55 -74.84
C GLU U 209 -12.49 -91.74 -76.33
N GLU U 210 -11.37 -91.19 -76.80
CA GLU U 210 -10.96 -91.38 -78.18
C GLU U 210 -10.49 -92.81 -78.43
N GLN U 211 -9.92 -93.46 -77.41
CA GLN U 211 -9.58 -94.88 -77.53
C GLN U 211 -10.82 -95.74 -77.69
N ALA U 212 -11.86 -95.49 -76.89
CA ALA U 212 -13.11 -96.24 -76.99
C ALA U 212 -13.85 -95.91 -78.28
N ALA U 213 -13.69 -94.70 -78.80
CA ALA U 213 -14.25 -94.37 -80.11
C ALA U 213 -13.46 -95.01 -81.25
N ALA U 214 -12.17 -95.27 -81.05
CA ALA U 214 -11.33 -95.91 -82.06
C ALA U 214 -11.23 -97.42 -81.89
N GLU U 215 -11.93 -98.00 -80.92
CA GLU U 215 -12.02 -99.45 -80.81
C GLU U 215 -12.73 -100.06 -82.02
N VAL V 1 -60.87 -33.49 -26.30
CA VAL V 1 -61.09 -32.45 -27.30
C VAL V 1 -61.41 -33.10 -28.65
N ASP V 2 -60.51 -33.97 -29.10
CA ASP V 2 -60.58 -34.74 -30.34
C ASP V 2 -60.74 -33.82 -31.55
N PRO V 3 -59.70 -33.09 -31.96
CA PRO V 3 -59.87 -32.16 -33.07
C PRO V 3 -60.04 -32.84 -34.42
N PHE V 4 -59.55 -34.07 -34.58
CA PHE V 4 -59.69 -34.76 -35.86
C PHE V 4 -61.10 -35.23 -36.12
N SER V 5 -61.94 -35.35 -35.07
CA SER V 5 -63.36 -35.58 -35.29
C SER V 5 -64.04 -34.33 -35.85
N LYS V 6 -63.54 -33.15 -35.50
CA LYS V 6 -64.07 -31.90 -36.03
C LYS V 6 -63.47 -31.55 -37.39
N LYS V 7 -62.29 -32.08 -37.71
CA LYS V 7 -61.63 -31.75 -38.97
C LYS V 7 -62.37 -32.34 -40.16
N ASP V 8 -62.29 -31.62 -41.29
CA ASP V 8 -63.01 -31.93 -42.51
C ASP V 8 -62.04 -32.41 -43.57
N TRP V 9 -62.56 -33.19 -44.52
CA TRP V 9 -61.78 -33.82 -45.58
C TRP V 9 -62.16 -33.23 -46.93
N TYR V 10 -61.19 -32.70 -47.65
CA TYR V 10 -61.38 -32.29 -49.04
C TYR V 10 -60.54 -33.16 -49.96
N ASP V 11 -61.14 -33.64 -51.05
CA ASP V 11 -60.38 -34.41 -52.03
C ASP V 11 -59.81 -33.51 -53.12
N VAL V 12 -58.65 -33.92 -53.62
CA VAL V 12 -57.81 -33.10 -54.49
C VAL V 12 -57.99 -33.59 -55.92
N LYS V 13 -58.34 -32.67 -56.81
CA LYS V 13 -58.50 -32.98 -58.22
C LYS V 13 -57.32 -32.41 -59.00
N ALA V 14 -56.57 -33.30 -59.64
CA ALA V 14 -55.49 -32.90 -60.52
C ALA V 14 -56.06 -32.27 -61.79
N PRO V 15 -55.29 -31.39 -62.47
CA PRO V 15 -55.76 -30.86 -63.75
C PRO V 15 -55.76 -31.90 -64.86
N ALA V 16 -56.15 -31.48 -66.06
CA ALA V 16 -56.56 -32.42 -67.09
C ALA V 16 -55.35 -33.09 -67.74
N MET V 17 -55.68 -34.10 -68.56
CA MET V 17 -54.84 -34.78 -69.58
C MET V 17 -53.51 -35.35 -69.04
N PHE V 18 -53.36 -35.55 -67.73
CA PHE V 18 -52.26 -36.42 -67.31
C PHE V 18 -52.54 -37.85 -67.73
N ASN V 19 -53.39 -38.53 -66.95
CA ASN V 19 -54.28 -39.58 -67.41
C ASN V 19 -55.62 -39.39 -66.72
N ILE V 20 -55.54 -39.01 -65.44
CA ILE V 20 -56.65 -39.01 -64.51
C ILE V 20 -56.65 -37.68 -63.76
N ARG V 21 -57.58 -37.56 -62.80
CA ARG V 21 -57.72 -36.34 -62.01
C ARG V 21 -57.86 -36.64 -60.52
N ASN V 22 -57.14 -37.63 -60.01
CA ASN V 22 -57.23 -38.04 -58.61
C ASN V 22 -55.85 -37.95 -57.97
N ILE V 23 -55.78 -37.33 -56.79
CA ILE V 23 -54.53 -37.21 -56.05
C ILE V 23 -54.69 -37.83 -54.67
N GLY V 24 -55.59 -37.29 -53.86
CA GLY V 24 -55.77 -37.79 -52.51
C GLY V 24 -56.79 -36.97 -51.75
N LYS V 25 -56.71 -37.03 -50.43
CA LYS V 25 -57.62 -36.30 -49.56
C LYS V 25 -56.82 -35.63 -48.45
N THR V 26 -57.15 -34.36 -48.17
CA THR V 26 -56.46 -33.53 -47.20
C THR V 26 -57.40 -33.10 -46.09
N LEU V 27 -56.80 -32.66 -45.00
CA LEU V 27 -57.52 -32.28 -43.78
C LEU V 27 -57.74 -30.79 -43.76
N VAL V 28 -58.98 -30.38 -43.45
CA VAL V 28 -59.34 -28.99 -43.22
C VAL V 28 -59.90 -28.90 -41.81
N THR V 29 -59.52 -27.86 -41.07
CA THR V 29 -59.92 -27.73 -39.67
C THR V 29 -61.43 -27.61 -39.51
N ARG V 30 -61.99 -26.48 -39.96
CA ARG V 30 -63.35 -26.18 -40.45
C ARG V 30 -63.38 -24.68 -40.70
N THR V 31 -64.48 -24.21 -41.28
CA THR V 31 -64.71 -22.78 -41.38
C THR V 31 -65.28 -22.26 -40.06
N GLN V 32 -64.69 -21.17 -39.55
CA GLN V 32 -65.12 -20.61 -38.28
C GLN V 32 -64.78 -19.12 -38.29
N GLY V 33 -65.79 -18.30 -38.59
CA GLY V 33 -65.65 -16.85 -38.55
C GLY V 33 -64.67 -16.28 -39.54
N THR V 34 -63.54 -15.79 -39.02
CA THR V 34 -62.51 -15.21 -39.88
C THR V 34 -61.78 -16.29 -40.67
N LYS V 35 -61.43 -17.39 -40.02
CA LYS V 35 -60.70 -18.48 -40.66
C LYS V 35 -61.62 -19.22 -41.60
N ILE V 36 -61.64 -18.81 -42.86
CA ILE V 36 -62.43 -19.48 -43.89
C ILE V 36 -61.61 -20.67 -44.40
N ALA V 37 -62.31 -21.71 -44.88
CA ALA V 37 -61.63 -22.91 -45.33
C ALA V 37 -60.87 -22.70 -46.64
N SER V 38 -61.20 -21.67 -47.41
CA SER V 38 -60.52 -21.40 -48.67
C SER V 38 -59.34 -20.46 -48.51
N ASP V 39 -58.83 -20.28 -47.29
CA ASP V 39 -57.72 -19.36 -47.05
C ASP V 39 -56.37 -20.07 -47.11
N GLY V 40 -56.16 -21.06 -46.24
CA GLY V 40 -54.90 -21.78 -46.26
C GLY V 40 -54.87 -22.89 -47.30
N LEU V 41 -56.04 -23.34 -47.75
CA LEU V 41 -56.09 -24.40 -48.76
C LEU V 41 -55.61 -23.89 -50.12
N LYS V 42 -55.79 -22.60 -50.39
CA LYS V 42 -55.21 -22.01 -51.60
C LYS V 42 -53.69 -21.98 -51.53
N GLY V 43 -53.13 -21.78 -50.34
CA GLY V 43 -51.69 -21.75 -50.18
C GLY V 43 -51.02 -23.10 -50.05
N ARG V 44 -51.78 -24.15 -49.74
CA ARG V 44 -51.21 -25.49 -49.65
C ARG V 44 -50.70 -25.97 -51.00
N VAL V 45 -49.60 -26.73 -50.96
CA VAL V 45 -48.95 -27.26 -52.15
C VAL V 45 -48.98 -28.78 -52.09
N PHE V 46 -48.48 -29.43 -53.13
CA PHE V 46 -48.41 -30.89 -53.18
C PHE V 46 -47.13 -31.30 -53.89
N GLU V 47 -46.66 -32.51 -53.61
CA GLU V 47 -45.43 -33.02 -54.20
C GLU V 47 -45.63 -34.51 -54.45
N VAL V 48 -45.89 -34.89 -55.69
CA VAL V 48 -46.32 -36.24 -56.01
C VAL V 48 -45.41 -36.81 -57.10
N SER V 49 -45.09 -38.10 -56.98
CA SER V 49 -44.25 -38.80 -57.93
C SER V 49 -45.13 -39.66 -58.83
N LEU V 50 -44.56 -40.10 -59.95
CA LEU V 50 -45.31 -40.65 -61.06
C LEU V 50 -45.67 -42.13 -60.88
N ALA V 51 -46.02 -42.77 -61.99
CA ALA V 51 -46.64 -44.10 -62.15
C ALA V 51 -48.09 -44.11 -61.69
N ASP V 52 -48.68 -42.93 -61.50
CA ASP V 52 -50.10 -42.80 -61.20
C ASP V 52 -50.73 -41.69 -62.04
N LEU V 53 -49.91 -40.79 -62.57
CA LEU V 53 -50.39 -39.67 -63.36
C LEU V 53 -50.13 -39.87 -64.85
N GLN V 54 -48.89 -40.20 -65.22
CA GLN V 54 -48.47 -40.15 -66.61
C GLN V 54 -48.73 -41.44 -67.39
N ASN V 55 -49.60 -42.33 -66.87
CA ASN V 55 -49.99 -43.58 -67.53
C ASN V 55 -48.78 -44.49 -67.79
N ASP V 56 -48.20 -44.93 -66.68
CA ASP V 56 -47.11 -45.92 -66.62
C ASP V 56 -45.86 -45.39 -67.33
N GLU V 57 -45.36 -44.27 -66.82
CA GLU V 57 -44.05 -43.76 -67.19
C GLU V 57 -43.07 -44.07 -66.06
N VAL V 58 -41.87 -43.47 -66.13
CA VAL V 58 -40.82 -43.76 -65.15
C VAL V 58 -41.20 -43.22 -63.77
N ALA V 59 -40.59 -43.82 -62.74
CA ALA V 59 -40.98 -43.52 -61.37
C ALA V 59 -40.45 -42.17 -60.90
N PHE V 60 -39.37 -41.67 -61.50
CA PHE V 60 -38.83 -40.36 -61.18
C PHE V 60 -39.56 -39.28 -61.97
N ARG V 61 -38.98 -38.08 -62.02
CA ARG V 61 -39.60 -36.85 -62.56
C ARG V 61 -40.87 -36.51 -61.80
N LYS V 62 -40.66 -36.14 -60.53
CA LYS V 62 -41.73 -35.73 -59.63
C LYS V 62 -42.39 -34.43 -60.09
N PHE V 63 -43.52 -34.09 -59.47
CA PHE V 63 -44.25 -32.89 -59.83
C PHE V 63 -44.69 -32.15 -58.58
N LYS V 64 -44.58 -30.83 -58.64
CA LYS V 64 -44.95 -29.92 -57.57
C LYS V 64 -46.23 -29.20 -58.00
N LEU V 65 -47.27 -29.32 -57.18
CA LEU V 65 -48.59 -28.79 -57.49
C LEU V 65 -48.97 -27.73 -56.45
N ILE V 66 -49.97 -26.93 -56.77
CA ILE V 66 -50.50 -25.95 -55.85
C ILE V 66 -52.00 -25.83 -56.11
N THR V 67 -52.78 -25.65 -55.05
CA THR V 67 -54.23 -25.61 -55.17
C THR V 67 -54.67 -24.21 -55.59
N GLU V 68 -55.38 -24.13 -56.72
CA GLU V 68 -55.85 -22.84 -57.20
C GLU V 68 -57.05 -22.37 -56.39
N ASP V 69 -58.10 -23.19 -56.32
CA ASP V 69 -59.31 -22.86 -55.57
C ASP V 69 -60.02 -24.17 -55.21
N VAL V 70 -61.25 -24.05 -54.72
CA VAL V 70 -62.10 -25.19 -54.43
C VAL V 70 -63.44 -24.96 -55.13
N GLN V 71 -64.07 -26.04 -55.60
CA GLN V 71 -65.30 -25.92 -56.36
C GLN V 71 -66.15 -27.15 -56.09
N GLY V 72 -67.16 -26.99 -55.23
CA GLY V 72 -68.10 -28.06 -54.93
C GLY V 72 -67.50 -29.22 -54.19
N LYS V 73 -66.92 -28.95 -53.00
CA LYS V 73 -66.29 -29.93 -52.12
C LYS V 73 -65.14 -30.68 -52.79
N ASN V 74 -64.52 -30.07 -53.79
CA ASN V 74 -63.46 -30.70 -54.57
C ASN V 74 -62.40 -29.64 -54.84
N CYS V 75 -61.24 -29.75 -54.19
CA CYS V 75 -60.21 -28.72 -54.33
C CYS V 75 -59.34 -29.02 -55.55
N LEU V 76 -59.36 -28.10 -56.52
CA LEU V 76 -58.69 -28.30 -57.79
C LEU V 76 -57.29 -27.71 -57.72
N THR V 77 -56.29 -28.52 -58.07
CA THR V 77 -54.90 -28.08 -57.98
C THR V 77 -54.38 -27.66 -59.35
N ASN V 78 -53.26 -26.92 -59.33
CA ASN V 78 -52.65 -26.35 -60.52
C ASN V 78 -51.15 -26.59 -60.46
N PHE V 79 -50.52 -26.53 -61.63
CA PHE V 79 -49.09 -26.81 -61.75
C PHE V 79 -48.26 -25.74 -61.07
N HIS V 80 -47.31 -26.17 -60.23
CA HIS V 80 -46.41 -25.27 -59.53
C HIS V 80 -44.94 -25.51 -59.84
N GLY V 81 -44.53 -26.74 -60.11
CA GLY V 81 -43.15 -27.01 -60.43
C GLY V 81 -42.95 -28.48 -60.73
N MET V 82 -41.69 -28.84 -60.97
CA MET V 82 -41.33 -30.19 -61.38
C MET V 82 -39.90 -30.47 -60.93
N ASP V 83 -39.72 -31.58 -60.22
CA ASP V 83 -38.42 -31.96 -59.69
C ASP V 83 -38.14 -33.42 -60.04
N LEU V 84 -36.98 -33.91 -59.61
CA LEU V 84 -36.64 -35.32 -59.69
C LEU V 84 -36.24 -35.82 -58.31
N THR V 85 -36.21 -37.15 -58.16
CA THR V 85 -35.96 -37.76 -56.87
C THR V 85 -34.48 -37.70 -56.53
N ARG V 86 -34.20 -37.80 -55.23
CA ARG V 86 -32.83 -37.69 -54.73
C ARG V 86 -31.97 -38.86 -55.16
N ASP V 87 -32.53 -40.07 -55.18
CA ASP V 87 -31.75 -41.23 -55.59
C ASP V 87 -31.44 -41.23 -57.08
N LYS V 88 -32.36 -40.72 -57.91
CA LYS V 88 -32.08 -40.59 -59.33
C LYS V 88 -31.09 -39.46 -59.61
N MET V 89 -31.19 -38.36 -58.86
CA MET V 89 -30.28 -37.24 -59.08
C MET V 89 -28.87 -37.58 -58.60
N CYS V 90 -28.73 -38.29 -57.48
CA CYS V 90 -27.41 -38.70 -57.03
C CYS V 90 -26.91 -39.91 -57.81
N SER V 91 -27.81 -40.68 -58.40
CA SER V 91 -27.43 -41.77 -59.27
C SER V 91 -27.01 -41.22 -60.64
N MET V 92 -26.35 -42.08 -61.41
CA MET V 92 -25.71 -41.74 -62.70
C MET V 92 -24.73 -40.58 -62.56
N VAL V 93 -24.06 -40.51 -61.40
CA VAL V 93 -22.98 -39.55 -61.16
C VAL V 93 -21.74 -40.40 -60.90
N LYS V 94 -21.00 -40.69 -61.95
CA LYS V 94 -19.82 -41.53 -61.85
C LYS V 94 -18.59 -40.65 -61.60
N LYS V 95 -17.60 -41.21 -60.89
CA LYS V 95 -16.41 -40.48 -60.51
C LYS V 95 -15.53 -40.12 -61.72
N TRP V 96 -15.74 -40.76 -62.87
CA TRP V 96 -14.90 -40.58 -64.05
C TRP V 96 -15.73 -40.05 -65.22
N GLN V 97 -16.56 -39.05 -64.98
CA GLN V 97 -17.36 -38.42 -66.03
C GLN V 97 -17.15 -36.90 -66.01
N THR V 98 -17.98 -36.20 -66.77
CA THR V 98 -18.02 -34.74 -66.75
C THR V 98 -19.48 -34.31 -66.69
N MET V 99 -19.83 -33.56 -65.65
CA MET V 99 -21.21 -33.17 -65.39
C MET V 99 -21.43 -31.75 -65.90
N ILE V 100 -22.28 -31.61 -66.90
CA ILE V 100 -22.52 -30.33 -67.58
C ILE V 100 -23.84 -29.76 -67.09
N GLU V 101 -23.80 -28.55 -66.56
CA GLU V 101 -24.96 -27.87 -66.01
C GLU V 101 -25.43 -26.75 -66.93
N ALA V 102 -26.73 -26.45 -66.84
CA ALA V 102 -27.29 -25.31 -67.54
C ALA V 102 -28.53 -24.84 -66.79
N HIS V 103 -28.83 -23.55 -66.93
CA HIS V 103 -30.04 -22.98 -66.35
C HIS V 103 -30.40 -21.73 -67.13
N VAL V 104 -31.71 -21.51 -67.31
CA VAL V 104 -32.18 -20.38 -68.10
C VAL V 104 -33.57 -19.97 -67.62
N ASP V 105 -33.79 -18.65 -67.58
CA ASP V 105 -35.09 -18.05 -67.40
C ASP V 105 -35.76 -17.90 -68.76
N VAL V 106 -37.06 -18.18 -68.82
CA VAL V 106 -37.79 -18.01 -70.07
C VAL V 106 -39.26 -17.73 -69.73
N LYS V 107 -39.87 -16.86 -70.52
CA LYS V 107 -41.29 -16.53 -70.40
C LYS V 107 -42.09 -17.35 -71.40
N THR V 108 -43.26 -17.81 -70.96
CA THR V 108 -44.13 -18.60 -71.82
C THR V 108 -44.96 -17.69 -72.73
N THR V 109 -45.96 -18.27 -73.39
CA THR V 109 -46.84 -17.48 -74.25
C THR V 109 -47.72 -16.54 -73.42
N ASP V 110 -48.30 -17.06 -72.34
CA ASP V 110 -49.06 -16.24 -71.41
C ASP V 110 -48.12 -15.60 -70.39
N GLY V 111 -48.69 -15.04 -69.32
CA GLY V 111 -47.91 -14.29 -68.35
C GLY V 111 -47.14 -15.08 -67.31
N TYR V 112 -46.83 -16.34 -67.61
CA TYR V 112 -46.06 -17.19 -66.72
C TYR V 112 -44.61 -17.21 -67.19
N LEU V 113 -43.70 -16.81 -66.30
CA LEU V 113 -42.27 -16.88 -66.54
C LEU V 113 -41.67 -17.90 -65.58
N LEU V 114 -40.76 -18.73 -66.08
CA LEU V 114 -40.23 -19.84 -65.31
C LEU V 114 -38.71 -19.90 -65.44
N ARG V 115 -38.11 -20.72 -64.59
CA ARG V 115 -36.67 -20.93 -64.52
C ARG V 115 -36.40 -22.43 -64.57
N LEU V 116 -35.79 -22.89 -65.67
CA LEU V 116 -35.58 -24.32 -65.83
C LEU V 116 -34.10 -24.63 -65.97
N PHE V 117 -33.76 -25.83 -65.52
CA PHE V 117 -32.39 -26.32 -65.40
C PHE V 117 -32.14 -27.39 -66.45
N CYS V 118 -30.91 -27.89 -66.49
CA CYS V 118 -30.52 -28.94 -67.42
C CYS V 118 -29.25 -29.60 -66.91
N VAL V 119 -29.23 -30.93 -66.95
CA VAL V 119 -28.09 -31.72 -66.48
C VAL V 119 -27.65 -32.66 -67.61
N GLY V 120 -26.34 -32.87 -67.73
CA GLY V 120 -25.83 -33.81 -68.70
C GLY V 120 -24.59 -34.56 -68.21
N PHE V 121 -24.52 -35.84 -68.54
CA PHE V 121 -23.38 -36.66 -68.17
C PHE V 121 -22.74 -37.25 -69.43
N THR V 122 -21.45 -37.53 -69.35
CA THR V 122 -20.75 -38.14 -70.48
C THR V 122 -21.11 -39.61 -70.61
N LYS V 123 -20.86 -40.15 -71.80
CA LYS V 123 -21.21 -41.52 -72.13
C LYS V 123 -20.00 -42.22 -72.73
N LYS V 124 -19.60 -43.34 -72.13
CA LYS V 124 -18.56 -44.17 -72.72
C LYS V 124 -19.11 -44.89 -73.94
N ARG V 125 -18.33 -44.90 -75.01
CA ARG V 125 -18.75 -45.56 -76.24
C ARG V 125 -18.60 -47.08 -76.12
N ASN V 126 -19.11 -47.77 -77.13
CA ASN V 126 -18.91 -49.21 -77.22
C ASN V 126 -17.47 -49.48 -77.63
N ASN V 127 -16.83 -50.41 -76.91
CA ASN V 127 -15.44 -50.82 -77.09
C ASN V 127 -14.48 -49.62 -76.96
N GLN V 128 -14.49 -49.03 -75.78
CA GLN V 128 -13.62 -47.91 -75.44
C GLN V 128 -12.65 -48.34 -74.34
N ILE V 129 -11.37 -48.07 -74.55
CA ILE V 129 -10.35 -48.49 -73.59
C ILE V 129 -10.00 -47.35 -72.62
N ARG V 130 -9.98 -46.11 -73.11
CA ARG V 130 -9.66 -44.96 -72.28
C ARG V 130 -10.81 -44.70 -71.31
N LYS V 131 -10.52 -44.81 -70.01
CA LYS V 131 -11.53 -44.78 -68.96
C LYS V 131 -11.89 -43.36 -68.52
N THR V 132 -11.23 -42.34 -69.06
CA THR V 132 -11.39 -40.99 -68.55
C THR V 132 -12.65 -40.33 -69.10
N SER V 133 -12.71 -40.15 -70.43
CA SER V 133 -13.84 -39.56 -71.17
C SER V 133 -14.18 -38.15 -70.69
N TYR V 134 -13.21 -37.25 -70.84
CA TYR V 134 -13.40 -35.84 -70.53
C TYR V 134 -13.61 -35.04 -71.82
N ALA V 135 -13.62 -33.72 -71.71
CA ALA V 135 -13.77 -32.85 -72.87
C ALA V 135 -12.72 -31.75 -72.88
N GLN V 136 -12.82 -30.84 -73.86
CA GLN V 136 -11.87 -29.75 -74.03
C GLN V 136 -12.39 -28.44 -73.46
N HIS V 137 -13.59 -28.45 -72.86
CA HIS V 137 -14.30 -27.35 -72.19
C HIS V 137 -14.83 -26.29 -73.17
N GLN V 138 -14.34 -26.29 -74.40
CA GLN V 138 -14.91 -25.44 -75.43
C GLN V 138 -16.18 -26.06 -76.00
N GLN V 139 -16.17 -27.37 -76.21
CA GLN V 139 -17.41 -28.08 -76.49
C GLN V 139 -18.38 -28.03 -75.32
N VAL V 140 -17.88 -27.92 -74.09
CA VAL V 140 -18.77 -27.80 -72.93
C VAL V 140 -19.44 -26.44 -72.91
N ARG V 141 -18.69 -25.37 -73.18
CA ARG V 141 -19.30 -24.04 -73.30
C ARG V 141 -20.25 -23.96 -74.49
N GLN V 142 -19.89 -24.59 -75.61
CA GLN V 142 -20.74 -24.61 -76.79
C GLN V 142 -22.02 -25.41 -76.54
N ILE V 143 -21.94 -26.50 -75.79
CA ILE V 143 -23.14 -27.28 -75.53
C ILE V 143 -23.98 -26.64 -74.43
N ARG V 144 -23.39 -25.85 -73.53
CA ARG V 144 -24.21 -25.02 -72.64
C ARG V 144 -24.97 -23.97 -73.41
N LYS V 145 -24.32 -23.33 -74.39
CA LYS V 145 -25.03 -22.40 -75.27
C LYS V 145 -26.10 -23.09 -76.09
N LYS V 146 -25.84 -24.33 -76.52
CA LYS V 146 -26.79 -25.08 -77.33
C LYS V 146 -28.02 -25.48 -76.53
N MET V 147 -27.82 -25.96 -75.30
CA MET V 147 -28.95 -26.37 -74.47
C MET V 147 -29.69 -25.17 -73.91
N MET V 148 -29.01 -24.02 -73.78
CA MET V 148 -29.72 -22.79 -73.48
C MET V 148 -30.53 -22.32 -74.69
N GLU V 149 -30.03 -22.58 -75.90
CA GLU V 149 -30.69 -22.11 -77.11
C GLU V 149 -31.91 -22.95 -77.46
N ILE V 150 -31.86 -24.26 -77.24
CA ILE V 150 -32.99 -25.15 -77.59
C ILE V 150 -34.22 -24.83 -76.75
N MET V 151 -34.02 -24.64 -75.45
CA MET V 151 -35.12 -24.36 -74.52
C MET V 151 -35.81 -23.05 -74.79
N THR V 152 -35.10 -22.07 -75.38
CA THR V 152 -35.75 -20.83 -75.79
C THR V 152 -36.82 -21.07 -76.85
N ARG V 153 -36.47 -21.71 -77.96
CA ARG V 153 -37.46 -21.87 -79.02
C ARG V 153 -38.41 -23.04 -78.77
N GLU V 154 -38.23 -23.81 -77.69
CA GLU V 154 -39.42 -24.54 -77.23
C GLU V 154 -40.33 -23.68 -76.36
N VAL V 155 -39.81 -23.20 -75.22
CA VAL V 155 -40.71 -22.75 -74.16
C VAL V 155 -41.17 -21.31 -74.36
N GLN V 156 -40.51 -20.53 -75.22
CA GLN V 156 -40.92 -19.15 -75.45
C GLN V 156 -42.22 -19.09 -76.25
N THR V 157 -42.38 -19.98 -77.22
CA THR V 157 -43.55 -19.98 -78.09
C THR V 157 -44.66 -20.89 -77.59
N ASN V 158 -44.56 -21.42 -76.36
CA ASN V 158 -45.53 -22.37 -75.85
C ASN V 158 -45.81 -22.09 -74.39
N ASP V 159 -47.08 -22.08 -74.02
CA ASP V 159 -47.49 -21.91 -72.63
C ASP V 159 -47.61 -23.28 -71.96
N LEU V 160 -48.30 -23.29 -70.79
CA LEU V 160 -48.23 -24.42 -69.86
C LEU V 160 -48.76 -25.72 -70.45
N LYS V 161 -49.83 -25.66 -71.25
CA LYS V 161 -50.42 -26.88 -71.80
C LYS V 161 -49.46 -27.58 -72.77
N GLU V 162 -48.89 -26.82 -73.70
CA GLU V 162 -47.93 -27.40 -74.63
C GLU V 162 -46.61 -27.78 -73.96
N VAL V 163 -46.15 -27.04 -72.94
CA VAL V 163 -44.88 -27.47 -72.35
C VAL V 163 -45.07 -28.69 -71.44
N VAL V 164 -46.26 -28.85 -70.83
CA VAL V 164 -46.53 -30.08 -70.10
C VAL V 164 -46.70 -31.25 -71.07
N ASN V 165 -47.34 -31.01 -72.22
CA ASN V 165 -47.46 -32.04 -73.24
C ASN V 165 -46.12 -32.41 -73.87
N LYS V 166 -45.15 -31.48 -73.86
CA LYS V 166 -43.79 -31.82 -74.28
C LYS V 166 -42.99 -32.50 -73.18
N LEU V 167 -43.29 -32.23 -71.91
CA LEU V 167 -42.67 -32.94 -70.81
C LEU V 167 -43.32 -34.28 -70.50
N ILE V 168 -44.43 -34.62 -71.17
CA ILE V 168 -44.99 -35.97 -71.04
C ILE V 168 -44.04 -37.03 -71.60
N PRO V 169 -43.50 -36.96 -72.82
CA PRO V 169 -42.53 -38.00 -73.22
C PRO V 169 -41.08 -37.64 -72.97
N ASP V 170 -40.83 -36.53 -72.27
CA ASP V 170 -39.52 -35.86 -72.18
C ASP V 170 -38.96 -35.61 -73.58
N SER V 171 -39.75 -34.90 -74.39
CA SER V 171 -39.35 -34.58 -75.74
C SER V 171 -38.21 -33.57 -75.78
N ILE V 172 -38.06 -32.77 -74.73
CA ILE V 172 -36.94 -31.83 -74.65
C ILE V 172 -35.63 -32.60 -74.50
N GLY V 173 -35.62 -33.61 -73.62
CA GLY V 173 -34.43 -34.43 -73.45
C GLY V 173 -34.10 -35.26 -74.67
N LYS V 174 -35.11 -35.80 -75.35
CA LYS V 174 -34.87 -36.52 -76.59
C LYS V 174 -34.42 -35.60 -77.72
N ASP V 175 -34.88 -34.36 -77.73
CA ASP V 175 -34.43 -33.40 -78.73
C ASP V 175 -32.98 -32.99 -78.50
N ILE V 176 -32.60 -32.79 -77.23
CA ILE V 176 -31.21 -32.52 -76.91
C ILE V 176 -30.34 -33.74 -77.21
N GLU V 177 -30.85 -34.95 -76.96
CA GLU V 177 -30.12 -36.17 -77.31
C GLU V 177 -29.93 -36.32 -78.81
N LYS V 178 -30.92 -35.89 -79.60
CA LYS V 178 -30.81 -35.99 -81.06
C LYS V 178 -29.85 -34.93 -81.61
N ALA V 179 -29.93 -33.70 -81.10
CA ALA V 179 -29.07 -32.63 -81.58
C ALA V 179 -27.72 -32.58 -80.87
N CYS V 180 -27.46 -33.53 -79.97
CA CYS V 180 -26.25 -33.54 -79.16
C CYS V 180 -25.15 -34.41 -79.73
N GLN V 181 -25.51 -35.43 -80.53
CA GLN V 181 -24.58 -36.48 -80.93
C GLN V 181 -23.49 -36.01 -81.88
N SER V 182 -23.65 -34.85 -82.52
CA SER V 182 -22.57 -34.32 -83.34
C SER V 182 -21.42 -33.79 -82.50
N ILE V 183 -21.71 -33.34 -81.27
CA ILE V 183 -20.67 -32.82 -80.38
C ILE V 183 -20.13 -33.97 -79.54
N TYR V 184 -21.00 -34.65 -78.80
CA TYR V 184 -20.58 -35.68 -77.87
C TYR V 184 -21.80 -36.54 -77.53
N PRO V 185 -21.60 -37.83 -77.20
CA PRO V 185 -22.75 -38.73 -77.02
C PRO V 185 -23.53 -38.65 -75.72
N LEU V 186 -23.59 -37.49 -75.05
CA LEU V 186 -24.04 -37.27 -73.65
C LEU V 186 -25.19 -38.14 -73.12
N HIS V 187 -25.01 -38.61 -71.89
CA HIS V 187 -25.76 -39.73 -71.33
C HIS V 187 -26.93 -39.22 -70.48
N ASP V 188 -28.16 -39.40 -71.00
CA ASP V 188 -29.42 -39.17 -70.28
C ASP V 188 -29.54 -37.72 -69.79
N VAL V 189 -29.66 -36.83 -70.76
CA VAL V 189 -29.86 -35.41 -70.47
C VAL V 189 -31.27 -35.20 -69.95
N PHE V 190 -31.39 -34.72 -68.72
CA PHE V 190 -32.66 -34.37 -68.11
C PHE V 190 -32.66 -32.88 -67.74
N VAL V 191 -33.83 -32.39 -67.36
CA VAL V 191 -33.94 -30.98 -66.95
C VAL V 191 -33.84 -30.82 -65.44
N ARG V 192 -34.25 -31.84 -64.68
CA ARG V 192 -33.94 -32.09 -63.26
C ARG V 192 -34.63 -31.15 -62.28
N LYS V 193 -35.12 -30.00 -62.75
CA LYS V 193 -35.79 -29.00 -61.92
C LYS V 193 -36.36 -27.91 -62.82
N VAL V 194 -37.60 -27.51 -62.54
CA VAL V 194 -38.17 -26.27 -63.03
C VAL V 194 -39.19 -25.79 -62.00
N LYS V 195 -39.12 -24.49 -61.67
CA LYS V 195 -40.02 -23.92 -60.68
C LYS V 195 -40.59 -22.61 -61.17
N MET V 196 -41.80 -22.30 -60.73
CA MET V 196 -42.49 -21.06 -61.09
C MET V 196 -42.13 -19.99 -60.07
N LEU V 197 -41.60 -18.87 -60.55
CA LEU V 197 -41.23 -17.77 -59.66
C LEU V 197 -42.17 -16.58 -59.74
N LYS V 198 -42.95 -16.46 -60.82
CA LYS V 198 -43.92 -15.37 -60.96
C LYS V 198 -45.23 -15.92 -61.51
N LYS V 199 -46.33 -15.51 -60.89
CA LYS V 199 -47.67 -15.93 -61.30
C LYS V 199 -48.50 -14.67 -61.52
N PRO V 200 -49.07 -14.48 -62.73
CA PRO V 200 -49.70 -13.19 -63.05
C PRO V 200 -51.04 -12.91 -62.36
N LYS V 201 -51.96 -13.87 -62.35
CA LYS V 201 -53.34 -13.58 -61.99
C LYS V 201 -54.02 -14.90 -61.64
N PHE V 202 -55.14 -14.80 -60.91
CA PHE V 202 -55.94 -15.97 -60.55
C PHE V 202 -56.46 -16.70 -61.78
N GLU V 203 -57.26 -16.00 -62.60
CA GLU V 203 -57.69 -16.43 -63.94
C GLU V 203 -58.48 -17.75 -63.89
N LEU V 204 -59.67 -17.65 -63.28
CA LEU V 204 -60.60 -18.78 -63.28
C LEU V 204 -61.06 -19.15 -64.69
N GLY V 205 -61.13 -18.17 -65.60
CA GLY V 205 -61.44 -18.48 -66.98
C GLY V 205 -60.34 -19.26 -67.66
N LYS V 206 -59.08 -18.92 -67.38
CA LYS V 206 -57.97 -19.71 -67.89
C LYS V 206 -57.88 -21.07 -67.23
N LEU V 207 -58.36 -21.20 -65.98
CA LEU V 207 -58.43 -22.51 -65.36
C LEU V 207 -59.51 -23.37 -65.99
N MET V 208 -60.63 -22.75 -66.36
CA MET V 208 -61.66 -23.45 -67.14
C MET V 208 -61.16 -23.84 -68.52
N GLU V 209 -60.31 -23.00 -69.13
CA GLU V 209 -59.66 -23.35 -70.39
C GLU V 209 -58.70 -24.50 -70.22
N LEU V 210 -57.99 -24.55 -69.08
CA LEU V 210 -57.12 -25.68 -68.76
C LEU V 210 -57.92 -26.96 -68.56
N HIS V 211 -59.13 -26.85 -68.01
CA HIS V 211 -60.03 -27.99 -67.96
C HIS V 211 -60.45 -28.43 -69.36
N GLY V 212 -60.94 -27.49 -70.16
CA GLY V 212 -61.38 -27.80 -71.52
C GLY V 212 -62.82 -28.30 -71.56
N ASP W 1 46.27 -87.14 -43.40
CA ASP W 1 46.10 -88.59 -43.48
C ASP W 1 44.65 -88.97 -43.73
N LYS W 2 43.93 -88.15 -44.48
CA LYS W 2 42.52 -88.36 -44.77
C LYS W 2 42.27 -88.30 -46.26
N GLU W 3 41.26 -89.06 -46.71
CA GLU W 3 40.87 -89.06 -48.10
C GLU W 3 40.22 -87.72 -48.47
N TRP W 4 40.50 -87.25 -49.69
CA TRP W 4 39.99 -85.96 -50.10
C TRP W 4 38.49 -85.97 -50.39
N MET W 5 37.90 -87.17 -50.61
CA MET W 5 36.48 -87.39 -50.91
C MET W 5 36.08 -86.64 -52.17
N PRO W 6 36.42 -87.17 -53.35
CA PRO W 6 36.39 -86.38 -54.59
C PRO W 6 35.00 -85.91 -54.99
N VAL W 7 34.93 -84.65 -55.41
CA VAL W 7 33.68 -83.94 -55.61
C VAL W 7 33.97 -82.79 -56.56
N THR W 8 32.91 -82.18 -57.12
CA THR W 8 32.85 -80.87 -57.79
C THR W 8 33.66 -80.78 -59.08
N LYS W 9 34.29 -81.90 -59.50
CA LYS W 9 34.86 -82.19 -60.82
C LYS W 9 36.14 -81.43 -61.14
N LEU W 10 36.36 -80.32 -60.42
CA LEU W 10 37.58 -79.54 -60.55
C LEU W 10 38.67 -80.15 -59.68
N GLY W 11 38.32 -80.50 -58.44
CA GLY W 11 39.19 -81.31 -57.63
C GLY W 11 39.42 -82.69 -58.17
N ARG W 12 38.47 -83.23 -58.93
CA ARG W 12 38.71 -84.52 -59.58
C ARG W 12 39.69 -84.39 -60.74
N LEU W 13 39.66 -83.26 -61.47
CA LEU W 13 40.74 -82.98 -62.41
C LEU W 13 42.09 -82.79 -61.71
N VAL W 14 42.09 -82.15 -60.53
CA VAL W 14 43.33 -81.97 -59.77
C VAL W 14 43.90 -83.31 -59.31
N LYS W 15 43.03 -84.19 -58.82
CA LYS W 15 43.47 -85.52 -58.40
C LYS W 15 43.78 -86.44 -59.56
N ASP W 16 43.25 -86.15 -60.76
CA ASP W 16 43.72 -86.81 -61.96
C ASP W 16 44.99 -86.17 -62.52
N MET W 17 45.41 -85.04 -61.92
CA MET W 17 46.67 -84.35 -62.23
C MET W 17 46.69 -83.89 -63.69
N LYS W 18 45.73 -83.01 -64.00
CA LYS W 18 45.56 -82.50 -65.35
C LYS W 18 45.68 -80.99 -65.44
N ILE W 19 45.31 -80.26 -64.40
CA ILE W 19 45.52 -78.82 -64.33
C ILE W 19 46.79 -78.60 -63.52
N LYS W 20 47.83 -78.07 -64.19
CA LYS W 20 49.16 -78.05 -63.60
C LYS W 20 49.33 -76.93 -62.58
N SER W 21 48.61 -75.83 -62.73
CA SER W 21 48.77 -74.68 -61.85
C SER W 21 47.44 -74.00 -61.61
N LEU W 22 47.39 -73.21 -60.53
CA LEU W 22 46.22 -72.42 -60.22
C LEU W 22 46.06 -71.24 -61.18
N GLU W 23 47.13 -70.88 -61.89
CA GLU W 23 47.07 -69.88 -62.95
C GLU W 23 46.10 -70.29 -64.06
N GLU W 24 46.06 -71.59 -64.38
CA GLU W 24 45.12 -72.07 -65.39
C GLU W 24 43.68 -71.98 -64.92
N ILE W 25 43.44 -72.07 -63.61
CA ILE W 25 42.10 -71.90 -63.09
C ILE W 25 41.72 -70.43 -63.12
N TYR W 26 42.65 -69.53 -62.78
CA TYR W 26 42.33 -68.11 -62.86
C TYR W 26 42.27 -67.57 -64.28
N LEU W 27 42.81 -68.30 -65.27
CA LEU W 27 42.57 -67.91 -66.66
C LEU W 27 41.10 -68.03 -67.03
N PHE W 28 40.42 -69.05 -66.51
CA PHE W 28 39.06 -69.37 -66.92
C PHE W 28 38.01 -69.00 -65.88
N SER W 29 38.43 -68.51 -64.71
CA SER W 29 37.55 -67.99 -63.65
C SER W 29 36.55 -69.04 -63.16
N LEU W 30 37.02 -70.26 -63.00
CA LEU W 30 36.17 -71.35 -62.55
C LEU W 30 35.87 -71.20 -61.05
N PRO W 31 34.67 -71.54 -60.61
CA PRO W 31 34.35 -71.42 -59.19
C PRO W 31 34.99 -72.53 -58.38
N ILE W 32 35.43 -72.19 -57.17
CA ILE W 32 36.02 -73.12 -56.23
C ILE W 32 34.99 -73.39 -55.14
N LYS W 33 34.95 -74.62 -54.64
CA LYS W 33 34.06 -74.95 -53.54
C LYS W 33 34.78 -75.42 -52.29
N GLU W 34 35.71 -76.38 -52.41
CA GLU W 34 36.44 -76.87 -51.26
C GLU W 34 37.80 -76.19 -51.15
N SER W 35 38.31 -76.16 -49.91
CA SER W 35 39.45 -75.32 -49.57
C SER W 35 40.80 -75.99 -49.77
N GLU W 36 40.84 -77.32 -49.91
CA GLU W 36 42.11 -78.02 -50.00
C GLU W 36 42.69 -78.02 -51.41
N ILE W 37 41.98 -77.46 -52.39
CA ILE W 37 42.51 -77.39 -53.75
C ILE W 37 43.72 -76.46 -53.81
N ILE W 38 43.59 -75.26 -53.24
CA ILE W 38 44.74 -74.36 -53.23
C ILE W 38 45.78 -74.76 -52.19
N ASP W 39 45.44 -75.63 -51.24
CA ASP W 39 46.47 -76.22 -50.39
C ASP W 39 47.25 -77.29 -51.14
N PHE W 40 46.61 -77.95 -52.10
CA PHE W 40 47.33 -78.85 -53.00
C PHE W 40 48.22 -78.08 -53.97
N PHE W 41 47.72 -76.96 -54.50
CA PHE W 41 48.53 -76.17 -55.42
C PHE W 41 49.61 -75.37 -54.71
N LEU W 42 49.41 -75.00 -53.44
CA LEU W 42 50.33 -74.14 -52.71
C LEU W 42 50.65 -74.77 -51.37
N GLY W 43 51.92 -75.08 -51.15
CA GLY W 43 52.38 -75.66 -49.91
C GLY W 43 52.95 -74.68 -48.91
N ALA W 44 53.08 -73.40 -49.28
CA ALA W 44 53.63 -72.39 -48.38
C ALA W 44 52.71 -71.19 -48.25
N SER W 45 51.44 -71.34 -48.66
CA SER W 45 50.45 -70.26 -48.54
C SER W 45 49.73 -70.28 -47.20
N LEU W 46 50.24 -71.03 -46.22
CA LEU W 46 49.64 -71.11 -44.90
C LEU W 46 49.98 -69.91 -44.03
N LYS W 47 50.78 -68.97 -44.52
CA LYS W 47 51.09 -67.76 -43.77
C LYS W 47 49.86 -66.87 -43.68
N ASP W 48 49.34 -66.74 -42.46
CA ASP W 48 48.07 -66.05 -42.24
C ASP W 48 48.11 -65.31 -40.92
N GLU W 49 47.14 -64.43 -40.72
CA GLU W 49 46.97 -63.77 -39.43
C GLU W 49 45.49 -63.49 -39.22
N VAL W 50 45.03 -63.79 -38.00
CA VAL W 50 43.72 -63.31 -37.58
C VAL W 50 43.81 -61.83 -37.26
N LEU W 51 42.90 -61.05 -37.81
CA LEU W 51 42.98 -59.60 -37.70
C LEU W 51 42.23 -59.10 -36.46
N LYS W 52 40.95 -59.47 -36.35
CA LYS W 52 40.13 -59.05 -35.22
C LYS W 52 39.01 -60.06 -35.04
N ILE W 53 38.80 -60.49 -33.82
CA ILE W 53 37.67 -61.34 -33.45
C ILE W 53 36.73 -60.45 -32.65
N MET W 54 35.75 -59.85 -33.33
CA MET W 54 34.90 -58.97 -32.54
C MET W 54 33.56 -59.65 -32.26
N PRO W 55 32.99 -59.41 -31.07
CA PRO W 55 31.70 -60.01 -30.76
C PRO W 55 30.53 -59.19 -31.29
N VAL W 56 29.54 -59.89 -31.82
CA VAL W 56 28.27 -59.28 -32.21
C VAL W 56 27.17 -59.94 -31.39
N GLN W 57 26.09 -59.21 -31.17
CA GLN W 57 25.06 -59.63 -30.24
C GLN W 57 23.72 -59.73 -30.95
N LYS W 58 22.82 -60.53 -30.36
CA LYS W 58 21.43 -60.63 -30.79
C LYS W 58 20.56 -60.66 -29.55
N GLN W 59 19.73 -59.64 -29.39
CA GLN W 59 18.93 -59.49 -28.17
C GLN W 59 17.77 -60.48 -28.20
N THR W 60 17.85 -61.51 -27.37
CA THR W 60 16.85 -62.56 -27.29
C THR W 60 15.85 -62.13 -26.20
N ARG W 61 14.99 -63.05 -25.73
CA ARG W 61 13.87 -62.70 -24.86
C ARG W 61 14.33 -62.24 -23.49
N ALA W 62 15.32 -62.89 -22.91
CA ALA W 62 15.80 -62.51 -21.59
C ALA W 62 17.23 -62.00 -21.59
N GLY W 63 18.16 -62.75 -22.15
CA GLY W 63 19.55 -62.36 -22.21
C GLY W 63 20.02 -62.29 -23.65
N GLN W 64 21.02 -61.45 -23.88
CA GLN W 64 21.61 -61.33 -25.21
C GLN W 64 22.50 -62.53 -25.51
N ARG W 65 22.40 -63.04 -26.73
CA ARG W 65 23.24 -64.13 -27.19
C ARG W 65 24.43 -63.58 -27.97
N THR W 66 25.59 -64.18 -27.77
CA THR W 66 26.81 -63.73 -28.39
C THR W 66 27.29 -64.72 -29.44
N ARG W 67 28.00 -64.19 -30.44
CA ARG W 67 28.69 -65.00 -31.43
C ARG W 67 29.82 -64.16 -31.99
N PHE W 68 30.98 -64.82 -32.18
CA PHE W 68 32.21 -64.14 -32.49
C PHE W 68 32.41 -64.10 -34.00
N LYS W 69 32.85 -62.95 -34.50
CA LYS W 69 33.04 -62.72 -35.92
C LYS W 69 34.53 -62.61 -36.20
N ALA W 70 35.10 -63.65 -36.82
CA ALA W 70 36.54 -63.77 -37.01
C ALA W 70 36.91 -63.34 -38.42
N PHE W 71 37.99 -62.56 -38.51
CA PHE W 71 38.58 -62.11 -39.76
C PHE W 71 39.95 -62.74 -39.88
N VAL W 72 40.21 -63.44 -40.98
CA VAL W 72 41.51 -64.08 -41.21
C VAL W 72 42.03 -63.68 -42.58
N ALA W 73 43.23 -63.10 -42.62
CA ALA W 73 43.89 -62.75 -43.86
C ALA W 73 44.99 -63.78 -44.11
N ILE W 74 44.85 -64.55 -45.19
CA ILE W 74 45.84 -65.54 -45.58
C ILE W 74 46.61 -65.00 -46.77
N GLY W 75 47.77 -65.61 -47.03
CA GLY W 75 48.45 -65.28 -48.27
C GLY W 75 49.85 -65.80 -48.46
N ASP W 76 50.13 -66.25 -49.67
CA ASP W 76 51.50 -66.54 -50.08
C ASP W 76 52.14 -65.27 -50.61
N TYR W 77 53.44 -65.14 -50.42
CA TYR W 77 54.14 -63.90 -50.69
C TYR W 77 54.41 -63.65 -52.17
N ASN W 78 53.98 -64.55 -53.06
CA ASN W 78 54.18 -64.37 -54.48
C ASN W 78 53.08 -63.52 -55.13
N GLY W 79 52.05 -63.15 -54.38
CA GLY W 79 50.98 -62.33 -54.93
C GLY W 79 49.63 -63.02 -54.94
N HIS W 80 49.38 -63.87 -53.96
CA HIS W 80 48.10 -64.57 -53.84
C HIS W 80 47.65 -64.51 -52.39
N VAL W 81 46.68 -63.64 -52.11
CA VAL W 81 46.16 -63.46 -50.76
C VAL W 81 44.65 -63.66 -50.75
N GLY W 82 44.12 -63.86 -49.56
CA GLY W 82 42.69 -64.07 -49.39
C GLY W 82 42.22 -63.53 -48.06
N LEU W 83 40.93 -63.20 -48.02
CA LEU W 83 40.28 -62.66 -46.83
C LEU W 83 39.10 -63.55 -46.48
N GLY W 84 38.96 -63.89 -45.21
CA GLY W 84 37.88 -64.73 -44.76
C GLY W 84 37.15 -64.18 -43.55
N VAL W 85 35.83 -64.06 -43.66
CA VAL W 85 34.98 -63.58 -42.58
C VAL W 85 34.05 -64.72 -42.18
N LYS W 86 33.98 -65.01 -40.88
CA LYS W 86 33.09 -66.06 -40.41
C LYS W 86 32.60 -65.75 -39.01
N CYS W 87 31.28 -65.76 -38.82
CA CYS W 87 30.69 -65.63 -37.51
C CYS W 87 30.23 -67.00 -37.00
N SER W 88 30.58 -67.30 -35.76
CA SER W 88 30.24 -68.60 -35.17
C SER W 88 30.17 -68.47 -33.66
N LYS W 89 29.54 -69.46 -33.02
CA LYS W 89 29.36 -69.41 -31.58
C LYS W 89 30.62 -69.77 -30.81
N GLU W 90 31.61 -70.36 -31.45
CA GLU W 90 32.84 -70.76 -30.79
C GLU W 90 34.04 -70.07 -31.43
N VAL W 91 35.08 -69.87 -30.61
CA VAL W 91 36.25 -69.10 -31.03
C VAL W 91 37.02 -69.84 -32.12
N ALA W 92 37.47 -71.06 -31.82
CA ALA W 92 38.25 -71.83 -32.78
C ALA W 92 37.42 -72.27 -33.98
N THR W 93 36.11 -72.46 -33.78
CA THR W 93 35.23 -72.78 -34.89
C THR W 93 35.13 -71.60 -35.86
N ALA W 94 34.98 -70.38 -35.32
CA ALA W 94 34.97 -69.20 -36.18
C ALA W 94 36.30 -68.96 -36.85
N ILE W 95 37.42 -69.27 -36.17
CA ILE W 95 38.74 -69.12 -36.77
C ILE W 95 38.93 -70.10 -37.92
N ARG W 96 38.54 -71.37 -37.72
CA ARG W 96 38.65 -72.36 -38.79
C ARG W 96 37.73 -72.03 -39.96
N GLY W 97 36.53 -71.53 -39.68
CA GLY W 97 35.62 -71.15 -40.75
C GLY W 97 36.13 -69.97 -41.55
N ALA W 98 36.77 -69.00 -40.87
CA ALA W 98 37.34 -67.87 -41.58
C ALA W 98 38.57 -68.25 -42.38
N ILE W 99 39.35 -69.22 -41.88
CA ILE W 99 40.48 -69.74 -42.65
C ILE W 99 39.99 -70.43 -43.92
N ILE W 100 38.97 -71.28 -43.80
CA ILE W 100 38.44 -72.00 -44.95
C ILE W 100 37.82 -71.03 -45.96
N LEU W 101 37.08 -70.03 -45.49
CA LEU W 101 36.52 -69.05 -46.42
C LEU W 101 37.57 -68.14 -47.03
N ALA W 102 38.70 -67.91 -46.36
CA ALA W 102 39.79 -67.19 -46.99
C ALA W 102 40.48 -68.03 -48.07
N LYS W 103 40.64 -69.33 -47.80
CA LYS W 103 41.12 -70.27 -48.82
C LYS W 103 40.20 -70.29 -50.03
N LEU W 104 38.89 -70.17 -49.80
CA LEU W 104 37.94 -70.05 -50.91
C LEU W 104 38.04 -68.72 -51.64
N SER W 105 38.22 -67.61 -50.93
CA SER W 105 38.19 -66.28 -51.53
C SER W 105 39.58 -65.73 -51.79
N ILE W 106 40.58 -66.60 -51.96
CA ILE W 106 41.90 -66.16 -52.40
C ILE W 106 41.81 -65.60 -53.83
N VAL W 107 42.59 -64.54 -54.08
CA VAL W 107 42.67 -63.91 -55.40
C VAL W 107 44.13 -63.67 -55.74
N PRO W 108 44.47 -63.56 -57.03
CA PRO W 108 45.83 -63.15 -57.39
C PRO W 108 45.99 -61.64 -57.40
N VAL W 109 47.24 -61.21 -57.29
CA VAL W 109 47.61 -59.80 -57.25
C VAL W 109 48.53 -59.50 -58.42
N ARG W 110 48.16 -58.51 -59.23
CA ARG W 110 49.00 -58.06 -60.33
C ARG W 110 50.08 -57.13 -59.80
N ARG W 111 51.31 -57.33 -60.24
CA ARG W 111 52.46 -56.56 -59.76
C ARG W 111 53.08 -55.83 -60.93
N GLY W 112 53.28 -54.52 -60.77
CA GLY W 112 53.82 -53.69 -61.82
C GLY W 112 55.10 -52.99 -61.45
N TYR W 113 55.46 -51.95 -62.21
CA TYR W 113 56.71 -51.22 -62.01
C TYR W 113 56.42 -49.74 -61.76
N TRP W 114 57.45 -49.03 -61.31
CA TRP W 114 57.37 -47.60 -61.10
C TRP W 114 57.67 -46.81 -62.37
N GLY W 115 58.35 -47.42 -63.34
CA GLY W 115 58.77 -46.70 -64.52
C GLY W 115 60.09 -47.17 -65.11
N ASN W 116 60.79 -48.06 -64.41
CA ASN W 116 61.97 -48.70 -64.94
C ASN W 116 61.73 -50.20 -64.99
N LYS W 117 62.04 -50.82 -66.12
CA LYS W 117 61.72 -52.22 -66.37
C LYS W 117 62.92 -53.11 -66.06
N ILE W 118 63.33 -53.14 -64.79
CA ILE W 118 64.47 -53.93 -64.38
C ILE W 118 64.08 -55.40 -64.23
N GLY W 119 63.10 -55.68 -63.38
CA GLY W 119 62.69 -57.03 -63.07
C GLY W 119 62.29 -57.12 -61.60
N LYS W 120 61.66 -58.25 -61.25
CA LYS W 120 61.06 -58.54 -59.94
C LYS W 120 60.12 -57.42 -59.51
N PRO W 121 58.90 -57.39 -60.06
CA PRO W 121 57.98 -56.27 -59.76
C PRO W 121 57.59 -56.21 -58.30
N HIS W 122 57.27 -54.99 -57.86
CA HIS W 122 57.08 -54.70 -56.45
C HIS W 122 55.89 -53.83 -56.14
N THR W 123 55.18 -53.30 -57.12
CA THR W 123 54.15 -52.31 -56.88
C THR W 123 52.91 -52.60 -57.72
N VAL W 124 51.85 -51.84 -57.46
CA VAL W 124 50.60 -51.93 -58.20
C VAL W 124 50.83 -51.38 -59.61
N PRO W 125 50.08 -51.85 -60.63
CA PRO W 125 50.33 -51.34 -61.98
C PRO W 125 49.86 -49.91 -62.20
N CYS W 126 48.84 -49.46 -61.47
CA CYS W 126 48.38 -48.08 -61.59
C CYS W 126 47.70 -47.70 -60.29
N LYS W 127 47.19 -46.47 -60.23
CA LYS W 127 46.42 -46.02 -59.08
C LYS W 127 45.04 -46.65 -59.14
N VAL W 128 44.77 -47.57 -58.22
CA VAL W 128 43.51 -48.28 -58.17
C VAL W 128 42.75 -47.87 -56.93
N THR W 129 41.47 -48.22 -56.88
CA THR W 129 40.60 -47.87 -55.76
C THR W 129 39.76 -49.06 -55.36
N GLY W 130 39.21 -48.97 -54.15
CA GLY W 130 38.33 -49.99 -53.62
C GLY W 130 37.36 -49.43 -52.61
N ARG W 131 36.07 -49.77 -52.77
CA ARG W 131 35.01 -49.23 -51.93
C ARG W 131 34.27 -50.35 -51.22
N CYS W 132 34.12 -50.22 -49.90
CA CYS W 132 33.29 -51.12 -49.12
C CYS W 132 32.69 -50.32 -47.97
N GLY W 133 31.37 -50.20 -47.95
CA GLY W 133 30.73 -49.28 -47.02
C GLY W 133 30.91 -47.86 -47.49
N SER W 134 31.62 -47.05 -46.70
CA SER W 134 32.06 -45.73 -47.15
C SER W 134 33.57 -45.66 -47.33
N VAL W 135 34.27 -46.79 -47.15
CA VAL W 135 35.72 -46.79 -47.07
C VAL W 135 36.29 -46.82 -48.48
N LEU W 136 36.85 -45.70 -48.93
CA LEU W 136 37.55 -45.62 -50.21
C LEU W 136 39.04 -45.77 -49.94
N VAL W 137 39.63 -46.84 -50.45
CA VAL W 137 41.06 -47.12 -50.31
C VAL W 137 41.69 -46.98 -51.69
N ARG W 138 42.70 -46.13 -51.79
CA ARG W 138 43.40 -45.86 -53.04
C ARG W 138 44.83 -46.36 -52.91
N LEU W 139 45.27 -47.12 -53.91
CA LEU W 139 46.61 -47.66 -53.96
C LEU W 139 47.36 -47.01 -55.12
N ILE W 140 48.52 -46.42 -54.82
CA ILE W 140 49.30 -45.61 -55.74
C ILE W 140 50.64 -46.31 -55.94
N PRO W 141 51.16 -46.39 -57.17
CA PRO W 141 52.50 -46.98 -57.38
C PRO W 141 53.60 -46.18 -56.72
N ALA W 142 54.64 -46.90 -56.30
CA ALA W 142 55.73 -46.38 -55.49
C ALA W 142 57.07 -46.74 -56.13
N PRO W 143 58.12 -45.95 -55.86
CA PRO W 143 59.46 -46.34 -56.33
C PRO W 143 60.02 -47.57 -55.62
N ARG W 144 61.18 -48.03 -56.06
CA ARG W 144 61.76 -49.25 -55.53
C ARG W 144 62.31 -49.02 -54.13
N GLY W 145 61.91 -49.88 -53.19
CA GLY W 145 62.41 -49.78 -51.83
C GLY W 145 61.74 -48.73 -50.98
N THR W 146 60.56 -48.25 -51.37
CA THR W 146 59.86 -47.24 -50.58
C THR W 146 59.27 -47.85 -49.32
N GLY W 147 58.51 -48.92 -49.46
CA GLY W 147 57.82 -49.54 -48.35
C GLY W 147 56.31 -49.37 -48.46
N ILE W 148 55.63 -49.90 -47.45
CA ILE W 148 54.17 -49.83 -47.36
C ILE W 148 53.82 -48.78 -46.31
N VAL W 149 53.30 -47.65 -46.75
CA VAL W 149 52.94 -46.55 -45.85
C VAL W 149 51.42 -46.59 -45.66
N SER W 150 50.99 -47.30 -44.62
CA SER W 150 49.57 -47.45 -44.35
C SER W 150 49.36 -47.84 -42.89
N ALA W 151 48.11 -48.17 -42.56
CA ALA W 151 47.76 -48.75 -41.27
C ALA W 151 48.37 -50.16 -41.16
N PRO W 152 48.55 -50.69 -39.93
CA PRO W 152 49.18 -52.01 -39.79
C PRO W 152 48.42 -53.17 -40.40
N VAL W 153 47.09 -53.15 -40.42
CA VAL W 153 46.32 -54.25 -41.00
C VAL W 153 46.46 -54.32 -42.53
N PRO W 154 46.24 -53.26 -43.34
CA PRO W 154 46.55 -53.41 -44.76
C PRO W 154 48.03 -53.37 -45.06
N LYS W 155 48.86 -52.89 -44.13
CA LYS W 155 50.31 -53.05 -44.28
C LYS W 155 50.70 -54.52 -44.25
N LYS W 156 50.14 -55.27 -43.30
CA LYS W 156 50.35 -56.71 -43.27
C LYS W 156 49.73 -57.40 -44.48
N LEU W 157 48.58 -56.89 -44.94
CA LEU W 157 47.91 -57.48 -46.10
C LEU W 157 48.72 -57.29 -47.38
N LEU W 158 49.22 -56.08 -47.61
CA LEU W 158 50.06 -55.83 -48.77
C LEU W 158 51.45 -56.42 -48.63
N MET W 159 51.92 -56.65 -47.41
CA MET W 159 53.16 -57.38 -47.21
C MET W 159 52.98 -58.85 -47.59
N MET W 160 51.82 -59.42 -47.29
CA MET W 160 51.52 -60.76 -47.76
C MET W 160 51.24 -60.81 -49.25
N ALA W 161 50.77 -59.72 -49.84
CA ALA W 161 50.42 -59.68 -51.26
C ALA W 161 51.63 -59.53 -52.18
N GLY W 162 52.85 -59.52 -51.64
CA GLY W 162 54.04 -59.35 -52.45
C GLY W 162 54.32 -57.93 -52.89
N ILE W 163 53.46 -56.98 -52.55
CA ILE W 163 53.65 -55.58 -52.89
C ILE W 163 54.61 -55.00 -51.86
N ASP W 164 55.89 -54.89 -52.23
CA ASP W 164 56.87 -54.32 -51.30
C ASP W 164 56.71 -52.81 -51.17
N ASP W 165 56.20 -52.15 -52.22
CA ASP W 165 56.20 -50.69 -52.28
C ASP W 165 54.85 -50.22 -52.80
N CYS W 166 54.16 -49.39 -52.01
CA CYS W 166 52.87 -48.84 -52.40
C CYS W 166 52.58 -47.62 -51.55
N TYR W 167 51.77 -46.71 -52.08
CA TYR W 167 51.23 -45.60 -51.32
C TYR W 167 49.74 -45.80 -51.14
N THR W 168 49.22 -45.39 -49.98
CA THR W 168 47.82 -45.60 -49.66
C THR W 168 47.13 -44.29 -49.33
N SER W 169 45.82 -44.24 -49.62
CA SER W 169 45.00 -43.08 -49.29
C SER W 169 43.61 -43.59 -48.94
N ALA W 170 43.24 -43.48 -47.67
CA ALA W 170 41.97 -44.01 -47.17
C ALA W 170 41.07 -42.87 -46.72
N ARG W 171 39.80 -42.94 -47.11
CA ARG W 171 38.78 -42.01 -46.64
C ARG W 171 37.56 -42.78 -46.16
N GLY W 172 37.01 -42.36 -45.03
CA GLY W 172 35.84 -42.99 -44.46
C GLY W 172 36.11 -43.48 -43.05
N CYS W 173 35.25 -44.34 -42.52
CA CYS W 173 35.58 -44.97 -41.25
C CYS W 173 36.66 -46.01 -41.45
N THR W 174 37.91 -45.58 -41.29
CA THR W 174 39.03 -46.51 -41.35
C THR W 174 39.07 -47.40 -40.10
N ALA W 175 38.41 -46.98 -39.02
CA ALA W 175 38.42 -47.69 -37.75
C ALA W 175 37.73 -49.05 -37.82
N THR W 176 36.83 -49.27 -38.77
CA THR W 176 36.14 -50.55 -38.88
C THR W 176 36.86 -51.46 -39.87
N LEU W 177 37.41 -52.56 -39.35
CA LEU W 177 38.19 -53.47 -40.18
C LEU W 177 37.32 -54.26 -41.16
N GLY W 178 36.07 -54.54 -40.80
CA GLY W 178 35.20 -55.30 -41.67
C GLY W 178 34.80 -54.58 -42.93
N ASN W 179 35.00 -53.27 -42.99
CA ASN W 179 34.89 -52.52 -44.24
C ASN W 179 36.23 -52.12 -44.81
N PHE W 180 37.19 -51.79 -43.96
CA PHE W 180 38.48 -51.29 -44.44
C PHE W 180 39.31 -52.38 -45.10
N ALA W 181 39.34 -53.58 -44.51
CA ALA W 181 40.08 -54.69 -45.11
C ALA W 181 39.41 -55.17 -46.38
N LYS W 182 38.07 -55.15 -46.43
CA LYS W 182 37.38 -55.57 -47.65
C LYS W 182 37.51 -54.53 -48.76
N ALA W 183 37.63 -53.24 -48.40
CA ALA W 183 37.89 -52.23 -49.41
C ALA W 183 39.31 -52.37 -49.96
N THR W 184 40.27 -52.70 -49.10
CA THR W 184 41.62 -53.00 -49.56
C THR W 184 41.63 -54.25 -50.44
N PHE W 185 40.78 -55.23 -50.11
CA PHE W 185 40.65 -56.44 -50.91
C PHE W 185 40.06 -56.14 -52.29
N ASP W 186 39.08 -55.24 -52.35
CA ASP W 186 38.52 -54.85 -53.64
C ASP W 186 39.54 -54.06 -54.45
N ALA W 187 40.35 -53.23 -53.77
CA ALA W 187 41.37 -52.44 -54.46
C ALA W 187 42.47 -53.33 -55.03
N ILE W 188 42.85 -54.39 -54.31
CA ILE W 188 43.85 -55.32 -54.87
C ILE W 188 43.23 -56.34 -55.80
N SER W 189 41.91 -56.49 -55.81
CA SER W 189 41.26 -57.37 -56.78
C SER W 189 40.95 -56.68 -58.10
N LYS W 190 40.84 -55.36 -58.12
CA LYS W 190 40.65 -54.63 -59.38
C LYS W 190 41.92 -54.49 -60.21
N THR W 191 43.05 -55.02 -59.74
CA THR W 191 44.33 -54.83 -60.43
C THR W 191 44.36 -55.57 -61.76
N TYR W 192 43.82 -56.79 -61.81
CA TYR W 192 43.67 -57.46 -63.10
C TYR W 192 42.49 -56.93 -63.89
N SER W 193 41.48 -56.37 -63.22
CA SER W 193 40.33 -55.83 -63.93
C SER W 193 40.64 -54.51 -64.62
N TYR W 194 41.74 -53.85 -64.25
CA TYR W 194 42.14 -52.62 -64.91
C TYR W 194 42.59 -52.90 -66.34
N LEU W 195 42.03 -52.16 -67.30
CA LEU W 195 42.42 -52.29 -68.69
C LEU W 195 43.79 -51.65 -68.92
N THR W 196 44.69 -52.41 -69.51
CA THR W 196 46.09 -52.03 -69.61
C THR W 196 46.53 -51.91 -71.07
N PRO W 197 47.45 -50.98 -71.39
CA PRO W 197 47.85 -50.75 -72.79
C PRO W 197 48.88 -51.73 -73.32
N ASP W 198 49.06 -52.88 -72.67
CA ASP W 198 49.94 -53.91 -73.21
C ASP W 198 49.21 -55.24 -73.40
N LEU W 199 47.88 -55.23 -73.42
CA LEU W 199 47.06 -56.38 -73.74
C LEU W 199 46.08 -56.04 -74.87
N TRP W 200 46.62 -55.47 -75.94
CA TRP W 200 45.82 -55.08 -77.09
C TRP W 200 45.36 -56.27 -77.92
N LYS W 201 46.21 -57.28 -78.08
CA LYS W 201 45.95 -58.37 -79.00
C LYS W 201 44.86 -59.30 -78.47
N GLU W 202 44.16 -59.94 -79.39
CA GLU W 202 43.17 -60.95 -79.03
C GLU W 202 43.89 -62.18 -78.48
N THR W 203 43.33 -62.76 -77.42
CA THR W 203 44.00 -63.83 -76.71
C THR W 203 43.99 -65.13 -77.52
N VAL W 204 44.78 -66.09 -77.06
CA VAL W 204 44.98 -67.34 -77.80
C VAL W 204 43.73 -68.20 -77.74
N PHE W 205 42.92 -68.04 -76.69
CA PHE W 205 41.73 -68.84 -76.40
C PHE W 205 42.06 -70.33 -76.32
N THR W 206 42.85 -70.66 -75.29
CA THR W 206 43.20 -72.04 -75.02
C THR W 206 41.96 -72.84 -74.60
N LYS W 207 42.05 -74.15 -74.76
CA LYS W 207 40.91 -75.03 -74.55
C LYS W 207 40.61 -75.17 -73.07
N SER W 208 39.33 -75.44 -72.78
CA SER W 208 38.91 -75.71 -71.42
C SER W 208 39.49 -77.04 -70.94
N PRO W 209 39.84 -77.17 -69.66
CA PRO W 209 40.31 -78.46 -69.15
C PRO W 209 39.24 -79.54 -69.16
N TYR W 210 37.96 -79.16 -69.09
CA TYR W 210 36.88 -80.12 -69.25
C TYR W 210 36.88 -80.72 -70.64
N GLN W 211 37.04 -79.89 -71.68
CA GLN W 211 37.13 -80.40 -73.04
C GLN W 211 38.44 -81.16 -73.26
N GLU W 212 39.50 -80.78 -72.55
CA GLU W 212 40.79 -81.41 -72.78
C GLU W 212 40.85 -82.79 -72.14
N PHE W 213 40.23 -82.97 -70.97
CA PHE W 213 40.24 -84.25 -70.26
C PHE W 213 38.83 -84.62 -69.83
N THR W 214 37.91 -84.61 -70.80
CA THR W 214 36.53 -85.06 -70.57
C THR W 214 36.48 -86.53 -70.16
N ASP W 215 37.30 -87.38 -70.79
CA ASP W 215 37.16 -88.83 -70.65
C ASP W 215 37.52 -89.32 -69.25
N HIS W 216 38.50 -88.68 -68.60
CA HIS W 216 38.80 -89.01 -67.20
C HIS W 216 37.63 -88.65 -66.29
N LEU W 217 37.00 -87.51 -66.56
CA LEU W 217 35.81 -87.12 -65.80
C LEU W 217 34.64 -88.05 -66.06
N VAL W 218 34.50 -88.57 -67.27
CA VAL W 218 33.45 -89.54 -67.57
C VAL W 218 33.70 -90.86 -66.83
N LYS W 219 34.93 -91.36 -66.86
CA LYS W 219 35.21 -92.64 -66.22
C LYS W 219 35.27 -92.53 -64.70
N THR W 220 35.43 -91.32 -64.15
CA THR W 220 35.27 -91.15 -62.71
C THR W 220 33.86 -90.76 -62.29
N HIS W 221 33.02 -90.31 -63.22
CA HIS W 221 31.63 -89.99 -62.88
C HIS W 221 30.75 -91.23 -63.00
N THR W 222 30.95 -92.04 -64.03
CA THR W 222 30.16 -93.26 -64.22
C THR W 222 30.61 -94.37 -63.28
N ALA X 1 70.48 5.38 -43.76
CA ALA X 1 70.89 6.03 -42.52
C ALA X 1 71.23 7.49 -42.75
N ARG X 2 72.14 8.03 -41.95
CA ARG X 2 72.58 9.41 -42.06
C ARG X 2 73.98 9.42 -42.69
N GLY X 3 74.12 10.11 -43.81
CA GLY X 3 75.40 10.23 -44.48
C GLY X 3 75.82 8.93 -45.15
N PRO X 4 77.09 8.85 -45.54
CA PRO X 4 77.58 7.64 -46.19
C PRO X 4 77.87 6.54 -45.18
N LYS X 5 77.83 5.31 -45.68
CA LYS X 5 78.24 4.16 -44.88
C LYS X 5 79.75 4.16 -44.71
N LYS X 6 80.21 3.46 -43.68
CA LYS X 6 81.63 3.45 -43.36
C LYS X 6 82.20 2.07 -43.06
N HIS X 7 81.40 1.11 -42.61
CA HIS X 7 81.83 -0.28 -42.42
C HIS X 7 81.34 -1.15 -43.56
N LEU X 8 81.66 -2.44 -43.47
CA LEU X 8 81.17 -3.44 -44.40
C LEU X 8 81.25 -4.80 -43.73
N LYS X 9 80.19 -5.59 -43.84
CA LYS X 9 80.11 -6.88 -43.16
C LYS X 9 80.66 -7.99 -44.04
N ARG X 10 81.23 -9.01 -43.40
CA ARG X 10 81.70 -10.20 -44.12
C ARG X 10 80.54 -10.96 -44.75
N VAL X 11 79.38 -10.97 -44.10
CA VAL X 11 78.21 -11.62 -44.68
C VAL X 11 77.67 -10.78 -45.85
N ALA X 12 77.69 -9.47 -45.70
CA ALA X 12 77.27 -8.56 -46.77
C ALA X 12 78.38 -8.28 -47.77
N ALA X 13 79.54 -8.91 -47.63
CA ALA X 13 80.62 -8.75 -48.59
C ALA X 13 80.25 -9.42 -49.91
N PRO X 14 80.76 -8.93 -51.03
CA PRO X 14 80.50 -9.60 -52.31
C PRO X 14 81.22 -10.95 -52.40
N LYS X 15 80.73 -11.78 -53.32
CA LYS X 15 81.18 -13.16 -53.40
C LYS X 15 82.59 -13.27 -53.98
N HIS X 16 82.96 -12.35 -54.87
CA HIS X 16 84.22 -12.45 -55.60
C HIS X 16 85.43 -11.93 -54.84
N TRP X 17 85.36 -11.84 -53.51
CA TRP X 17 86.52 -11.47 -52.71
C TRP X 17 87.11 -12.64 -51.93
N MET X 18 86.43 -13.80 -51.93
CA MET X 18 86.91 -15.05 -51.31
C MET X 18 87.16 -14.88 -49.81
N LEU X 19 86.21 -14.22 -49.14
CA LEU X 19 86.30 -14.02 -47.70
C LEU X 19 85.64 -15.18 -46.96
N ASP X 20 85.98 -15.31 -45.69
CA ASP X 20 85.53 -16.41 -44.86
C ASP X 20 84.46 -15.95 -43.88
N LYS X 21 83.87 -16.92 -43.20
CA LYS X 21 82.85 -16.64 -42.19
C LYS X 21 83.39 -16.69 -40.78
N LEU X 22 84.41 -17.52 -40.52
CA LEU X 22 84.96 -17.69 -39.19
C LEU X 22 86.05 -16.69 -38.87
N THR X 23 86.61 -16.02 -39.90
CA THR X 23 87.80 -15.19 -39.71
C THR X 23 87.47 -13.91 -38.96
N GLY X 24 86.59 -13.08 -39.51
CA GLY X 24 86.27 -11.81 -38.91
C GLY X 24 84.81 -11.45 -39.11
N VAL X 25 84.41 -10.37 -38.44
CA VAL X 25 83.05 -9.85 -38.55
C VAL X 25 82.94 -8.81 -39.66
N PHE X 26 83.83 -7.82 -39.64
CA PHE X 26 83.81 -6.75 -40.61
C PHE X 26 84.68 -7.10 -41.82
N ALA X 27 84.18 -6.79 -42.99
CA ALA X 27 84.89 -6.95 -44.25
C ALA X 27 85.74 -5.73 -44.54
N PRO X 28 86.83 -5.88 -45.31
CA PRO X 28 87.57 -4.68 -45.75
C PRO X 28 86.78 -3.86 -46.75
N ARG X 29 86.29 -2.71 -46.31
CA ARG X 29 85.56 -1.83 -47.20
C ARG X 29 86.56 -0.98 -47.97
N PRO X 30 86.55 -1.03 -49.30
CA PRO X 30 87.50 -0.23 -50.08
C PRO X 30 87.13 1.25 -50.03
N SER X 31 88.15 2.08 -50.14
CA SER X 31 87.95 3.52 -50.12
C SER X 31 87.36 4.00 -51.45
N THR X 32 87.10 5.29 -51.53
CA THR X 32 86.60 5.87 -52.78
C THR X 32 87.72 5.92 -53.80
N GLY X 33 87.46 5.37 -54.99
CA GLY X 33 88.46 5.31 -56.02
C GLY X 33 87.86 5.30 -57.41
N PRO X 34 88.63 4.82 -58.39
CA PRO X 34 88.15 4.81 -59.78
C PRO X 34 87.14 3.73 -60.08
N HIS X 35 86.84 2.83 -59.14
CA HIS X 35 85.97 1.70 -59.38
C HIS X 35 84.93 1.59 -58.27
N LYS X 36 83.76 1.05 -58.63
CA LYS X 36 82.68 0.86 -57.68
C LYS X 36 82.98 -0.32 -56.76
N LEU X 37 82.14 -0.48 -55.72
CA LEU X 37 82.38 -1.52 -54.73
C LEU X 37 82.11 -2.92 -55.25
N ARG X 38 81.29 -3.06 -56.29
CA ARG X 38 80.96 -4.37 -56.82
C ARG X 38 81.96 -4.84 -57.88
N GLU X 39 82.82 -3.97 -58.38
CA GLU X 39 83.79 -4.32 -59.40
C GLU X 39 85.20 -3.89 -58.98
N CYS X 40 85.56 -4.19 -57.73
CA CYS X 40 86.87 -3.81 -57.21
C CYS X 40 87.48 -4.97 -56.43
N LEU X 41 88.71 -4.78 -56.02
CA LEU X 41 89.44 -5.77 -55.22
C LEU X 41 90.44 -5.01 -54.35
N PRO X 42 90.32 -5.11 -53.03
CA PRO X 42 91.22 -4.36 -52.14
C PRO X 42 92.64 -4.90 -52.15
N LEU X 43 93.58 -4.00 -51.86
CA LEU X 43 94.98 -4.40 -51.81
C LEU X 43 95.28 -5.30 -50.60
N ILE X 44 94.54 -5.13 -49.51
CA ILE X 44 94.71 -6.02 -48.37
C ILE X 44 94.22 -7.44 -48.70
N VAL X 45 93.21 -7.55 -49.57
CA VAL X 45 92.77 -8.86 -50.04
C VAL X 45 93.77 -9.42 -51.05
N PHE X 46 94.35 -8.54 -51.87
CA PHE X 46 95.31 -8.96 -52.89
C PHE X 46 96.62 -9.44 -52.26
N LEU X 47 97.00 -8.89 -51.12
CA LEU X 47 98.28 -9.21 -50.49
C LEU X 47 98.15 -10.14 -49.30
N ARG X 48 96.96 -10.29 -48.73
CA ARG X 48 96.78 -11.10 -47.53
C ARG X 48 96.06 -12.41 -47.83
N ASN X 49 94.94 -12.33 -48.54
CA ASN X 49 94.08 -13.49 -48.75
C ASN X 49 94.50 -14.31 -49.96
N ARG X 50 94.92 -13.66 -51.03
CA ARG X 50 95.09 -14.34 -52.31
C ARG X 50 96.51 -14.86 -52.54
N LEU X 51 97.49 -13.97 -52.54
CA LEU X 51 98.85 -14.35 -52.92
C LEU X 51 99.66 -14.93 -51.78
N LYS X 52 99.14 -14.89 -50.55
CA LYS X 52 99.80 -15.38 -49.34
C LYS X 52 101.17 -14.71 -49.14
N TYR X 53 101.14 -13.39 -48.97
CA TYR X 53 102.35 -12.65 -48.64
C TYR X 53 102.42 -12.31 -47.17
N ALA X 54 101.31 -11.91 -46.57
CA ALA X 54 101.23 -11.60 -45.15
C ALA X 54 100.03 -12.30 -44.55
N LEU X 55 100.22 -12.87 -43.36
CA LEU X 55 99.13 -13.58 -42.70
C LEU X 55 98.10 -12.59 -42.13
N THR X 56 98.57 -11.54 -41.46
CA THR X 56 97.70 -10.52 -40.90
C THR X 56 97.59 -9.33 -41.85
N GLY X 57 96.66 -8.44 -41.54
CA GLY X 57 96.47 -7.23 -42.33
C GLY X 57 97.34 -6.09 -41.87
N ASP X 58 97.84 -6.19 -40.63
CA ASP X 58 98.72 -5.15 -40.11
C ASP X 58 100.07 -5.15 -40.82
N GLU X 59 100.54 -6.31 -41.28
CA GLU X 59 101.77 -6.35 -42.04
C GLU X 59 101.61 -5.68 -43.40
N VAL X 60 100.44 -5.86 -44.02
CA VAL X 60 100.12 -5.19 -45.28
C VAL X 60 100.02 -3.68 -45.06
N LYS X 61 99.40 -3.27 -43.96
CA LYS X 61 99.30 -1.86 -43.60
C LYS X 61 100.68 -1.26 -43.34
N LYS X 62 101.61 -2.05 -42.79
CA LYS X 62 102.97 -1.56 -42.60
C LYS X 62 103.72 -1.42 -43.92
N ILE X 63 103.61 -2.41 -44.80
CA ILE X 63 104.45 -2.37 -46.00
C ILE X 63 103.91 -1.38 -47.05
N CYS X 64 102.59 -1.16 -47.09
CA CYS X 64 102.04 -0.20 -48.04
C CYS X 64 102.40 1.24 -47.70
N MET X 65 102.83 1.50 -46.46
CA MET X 65 103.41 2.77 -46.09
C MET X 65 104.92 2.69 -45.90
N GLN X 66 105.49 1.49 -45.99
CA GLN X 66 106.91 1.30 -46.28
C GLN X 66 107.21 1.43 -47.77
N ARG X 67 106.19 1.74 -48.58
CA ARG X 67 106.36 2.34 -49.91
C ARG X 67 106.92 1.34 -50.92
N PHE X 68 106.40 0.11 -50.89
CA PHE X 68 106.78 -0.89 -51.89
C PHE X 68 105.73 -1.07 -52.96
N ILE X 69 104.47 -1.25 -52.56
CA ILE X 69 103.41 -1.59 -53.50
C ILE X 69 102.94 -0.32 -54.20
N LYS X 70 103.02 -0.31 -55.53
CA LYS X 70 102.52 0.79 -56.32
C LYS X 70 101.54 0.27 -57.37
N ILE X 71 100.53 1.10 -57.66
CA ILE X 71 99.51 0.79 -58.65
C ILE X 71 99.65 1.80 -59.78
N ASP X 72 99.95 1.28 -60.98
CA ASP X 72 100.04 2.06 -62.23
C ASP X 72 101.08 3.17 -62.17
N GLY X 73 102.16 2.95 -61.41
CA GLY X 73 103.30 3.86 -61.38
C GLY X 73 103.52 4.56 -60.07
N LYS X 74 102.44 4.93 -59.37
CA LYS X 74 102.55 5.70 -58.13
C LYS X 74 102.18 4.84 -56.93
N VAL X 75 102.81 5.12 -55.81
CA VAL X 75 102.73 4.28 -54.62
C VAL X 75 101.46 4.63 -53.86
N ARG X 76 100.70 3.61 -53.47
CA ARG X 76 99.47 3.79 -52.71
C ARG X 76 99.75 3.66 -51.22
N VAL X 77 99.36 4.68 -50.46
CA VAL X 77 99.54 4.66 -49.01
C VAL X 77 98.41 3.96 -48.27
N ASP X 78 97.32 3.63 -48.97
CA ASP X 78 96.13 3.06 -48.34
C ASP X 78 96.21 1.54 -48.39
N VAL X 79 95.87 0.90 -47.27
CA VAL X 79 95.88 -0.56 -47.22
C VAL X 79 94.66 -1.12 -47.95
N THR X 80 93.57 -0.36 -48.04
CA THR X 80 92.34 -0.80 -48.68
C THR X 80 92.01 0.06 -49.90
N TYR X 81 93.03 0.38 -50.69
CA TYR X 81 92.80 1.15 -51.91
C TYR X 81 92.15 0.26 -52.95
N PRO X 82 91.07 0.71 -53.59
CA PRO X 82 90.38 -0.16 -54.55
C PRO X 82 91.12 -0.24 -55.88
N ALA X 83 91.09 -1.43 -56.45
CA ALA X 83 91.61 -1.71 -57.77
C ALA X 83 90.44 -2.00 -58.69
N GLY X 84 90.74 -2.45 -59.90
CA GLY X 84 89.67 -2.80 -60.81
C GLY X 84 90.17 -3.73 -61.90
N PHE X 85 89.29 -3.95 -62.88
CA PHE X 85 89.67 -4.75 -64.04
C PHE X 85 90.69 -4.01 -64.89
N MET X 86 91.65 -4.76 -65.42
CA MET X 86 92.73 -4.26 -66.30
C MET X 86 93.56 -3.19 -65.59
N ASP X 87 94.26 -3.64 -64.56
CA ASP X 87 95.20 -2.81 -63.82
C ASP X 87 96.58 -3.46 -63.81
N VAL X 88 97.60 -2.64 -63.59
CA VAL X 88 98.98 -3.11 -63.54
C VAL X 88 99.46 -2.98 -62.10
N ILE X 89 99.85 -4.12 -61.51
CA ILE X 89 100.34 -4.16 -60.13
C ILE X 89 101.77 -4.65 -60.17
N SER X 90 102.71 -3.77 -59.80
CA SER X 90 104.13 -4.10 -59.81
C SER X 90 104.76 -3.67 -58.50
N ILE X 91 105.58 -4.54 -57.90
CA ILE X 91 106.27 -4.12 -56.69
C ILE X 91 107.77 -4.29 -56.88
N GLU X 92 108.40 -3.35 -57.58
CA GLU X 92 109.69 -2.72 -57.30
C GLU X 92 110.91 -3.58 -57.00
N LYS X 93 110.81 -4.90 -56.95
CA LYS X 93 112.00 -5.67 -56.60
C LYS X 93 112.28 -6.86 -57.50
N THR X 94 111.25 -7.62 -57.91
CA THR X 94 111.42 -8.77 -58.78
C THR X 94 110.51 -8.62 -59.98
N GLY X 95 110.38 -9.69 -60.76
CA GLY X 95 109.40 -9.68 -61.82
C GLY X 95 108.06 -10.12 -61.30
N GLU X 96 107.22 -9.15 -60.93
CA GLU X 96 105.89 -9.40 -60.39
C GLU X 96 104.98 -8.33 -60.98
N HIS X 97 104.36 -8.65 -62.12
CA HIS X 97 103.50 -7.71 -62.83
C HIS X 97 102.14 -8.38 -63.00
N PHE X 98 101.29 -8.22 -61.98
CA PHE X 98 100.01 -8.92 -61.92
C PHE X 98 98.94 -8.13 -62.65
N ARG X 99 98.29 -8.78 -63.61
CA ARG X 99 97.16 -8.20 -64.32
C ARG X 99 95.88 -8.72 -63.71
N LEU X 100 94.96 -7.82 -63.40
CA LEU X 100 93.68 -8.20 -62.81
C LEU X 100 92.69 -8.50 -63.92
N VAL X 101 92.80 -9.71 -64.47
CA VAL X 101 91.84 -10.20 -65.43
C VAL X 101 90.87 -11.11 -64.69
N TYR X 102 89.75 -11.43 -65.33
CA TYR X 102 88.69 -12.19 -64.70
C TYR X 102 88.80 -13.67 -65.04
N ASP X 103 88.62 -14.51 -64.03
CA ASP X 103 88.64 -15.95 -64.18
C ASP X 103 87.33 -16.39 -64.85
N THR X 104 87.29 -17.66 -65.29
CA THR X 104 86.06 -18.23 -65.82
C THR X 104 84.99 -18.33 -64.75
N LYS X 105 85.38 -18.50 -63.49
CA LYS X 105 84.44 -18.49 -62.38
C LYS X 105 83.99 -17.08 -61.99
N GLY X 106 84.63 -16.04 -62.52
CA GLY X 106 84.31 -14.68 -62.19
C GLY X 106 85.23 -14.03 -61.18
N ARG X 107 86.31 -14.69 -60.80
CA ARG X 107 87.22 -14.19 -59.79
C ARG X 107 88.37 -13.42 -60.41
N PHE X 108 89.08 -12.66 -59.57
CA PHE X 108 90.27 -11.95 -60.00
C PHE X 108 91.43 -12.93 -60.16
N ALA X 109 91.79 -13.23 -61.40
CA ALA X 109 92.84 -14.19 -61.70
C ALA X 109 94.15 -13.44 -61.91
N VAL X 110 95.21 -13.91 -61.26
CA VAL X 110 96.51 -13.29 -61.38
C VAL X 110 97.14 -13.68 -62.71
N HIS X 111 98.00 -12.80 -63.23
CA HIS X 111 98.62 -13.02 -64.53
C HIS X 111 99.94 -12.25 -64.55
N ARG X 112 101.04 -12.98 -64.35
CA ARG X 112 102.38 -12.39 -64.29
C ARG X 112 102.87 -12.14 -65.70
N ILE X 113 102.95 -10.86 -66.07
CA ILE X 113 103.32 -10.48 -67.43
C ILE X 113 104.74 -9.89 -67.41
N THR X 114 105.37 -9.83 -68.57
CA THR X 114 106.72 -9.32 -68.75
C THR X 114 106.68 -7.79 -68.68
N VAL X 115 107.85 -7.15 -68.55
CA VAL X 115 107.91 -5.71 -68.33
C VAL X 115 107.53 -4.92 -69.59
N GLU X 116 107.76 -5.48 -70.78
CA GLU X 116 107.50 -4.75 -72.01
C GLU X 116 106.00 -4.63 -72.26
N GLU X 117 105.22 -5.60 -71.81
CA GLU X 117 103.78 -5.48 -71.82
C GLU X 117 103.24 -4.82 -70.56
N ALA X 118 103.96 -4.92 -69.44
CA ALA X 118 103.54 -4.29 -68.20
C ALA X 118 103.68 -2.78 -68.25
N LYS X 119 104.52 -2.26 -69.14
CA LYS X 119 104.61 -0.82 -69.35
C LYS X 119 103.30 -0.25 -69.90
N TYR X 120 102.61 -1.01 -70.74
CA TYR X 120 101.40 -0.56 -71.40
C TYR X 120 100.15 -1.02 -70.66
N LYS X 121 99.00 -0.53 -71.12
CA LYS X 121 97.71 -0.72 -70.45
C LYS X 121 96.59 -0.34 -71.41
N LEU X 122 95.50 -1.11 -71.38
CA LEU X 122 94.28 -0.78 -72.10
C LEU X 122 93.27 -0.16 -71.14
N CYS X 123 92.34 0.63 -71.69
CA CYS X 123 91.30 1.23 -70.87
C CYS X 123 90.08 1.55 -71.74
N LYS X 124 88.90 1.38 -71.18
CA LYS X 124 87.65 1.63 -71.90
C LYS X 124 87.17 3.06 -71.67
N VAL X 125 86.80 3.72 -72.75
CA VAL X 125 86.19 5.04 -72.68
C VAL X 125 84.82 4.94 -72.03
N ARG X 126 84.60 5.75 -70.98
CA ARG X 126 83.27 5.81 -70.39
C ARG X 126 82.37 6.77 -71.16
N LYS X 127 82.82 8.01 -71.37
CA LYS X 127 82.07 8.96 -72.16
C LYS X 127 83.01 10.01 -72.76
N ILE X 128 82.44 10.91 -73.57
CA ILE X 128 83.19 11.96 -74.24
C ILE X 128 82.34 13.23 -74.22
N THR X 129 83.01 14.38 -74.09
CA THR X 129 82.33 15.66 -74.00
C THR X 129 83.25 16.75 -74.53
N VAL X 130 82.77 17.99 -74.49
CA VAL X 130 83.58 19.16 -74.79
C VAL X 130 83.47 20.14 -73.61
N GLY X 131 84.50 20.96 -73.45
CA GLY X 131 84.60 21.81 -72.29
C GLY X 131 85.08 23.23 -72.52
N VAL X 132 86.03 23.67 -71.69
CA VAL X 132 86.48 25.05 -71.68
C VAL X 132 87.25 25.36 -72.95
N LYS X 133 86.89 26.47 -73.61
CA LYS X 133 87.45 26.94 -74.89
C LYS X 133 87.25 25.92 -76.01
N GLY X 134 86.19 25.11 -75.90
CA GLY X 134 85.83 24.17 -76.96
C GLY X 134 86.79 23.02 -77.17
N ILE X 135 87.37 22.49 -76.09
CA ILE X 135 88.33 21.41 -76.23
C ILE X 135 87.64 20.10 -75.91
N PRO X 136 88.04 18.98 -76.52
CA PRO X 136 87.39 17.70 -76.21
C PRO X 136 87.98 17.02 -74.99
N HIS X 137 87.11 16.55 -74.10
CA HIS X 137 87.49 15.75 -72.95
C HIS X 137 86.96 14.33 -73.11
N LEU X 138 87.72 13.37 -72.57
CA LEU X 138 87.34 11.97 -72.55
C LEU X 138 87.39 11.47 -71.12
N VAL X 139 86.30 10.88 -70.67
CA VAL X 139 86.21 10.26 -69.36
C VAL X 139 86.33 8.75 -69.55
N THR X 140 87.30 8.17 -68.84
CA THR X 140 87.58 6.75 -68.82
C THR X 140 86.90 6.14 -67.60
N HIS X 141 86.54 4.85 -67.69
CA HIS X 141 85.94 4.16 -66.55
C HIS X 141 86.91 3.99 -65.38
N ASP X 142 88.22 4.15 -65.62
CA ASP X 142 89.22 4.18 -64.56
C ASP X 142 89.44 5.59 -64.02
N ALA X 143 88.43 6.46 -64.16
CA ALA X 143 88.40 7.84 -63.66
C ALA X 143 89.57 8.67 -64.20
N ARG X 144 89.84 8.52 -65.50
CA ARG X 144 90.88 9.28 -66.19
C ARG X 144 90.20 10.26 -67.14
N THR X 145 90.36 11.55 -66.89
CA THR X 145 89.82 12.58 -67.77
C THR X 145 90.97 13.20 -68.55
N ILE X 146 90.98 12.97 -69.86
CA ILE X 146 92.08 13.39 -70.71
C ILE X 146 91.58 14.37 -71.76
N ARG X 147 92.37 15.39 -72.04
CA ARG X 147 92.01 16.44 -73.00
C ARG X 147 92.73 16.25 -74.32
N TYR X 148 92.11 16.78 -75.37
CA TYR X 148 92.46 16.55 -76.76
C TYR X 148 92.75 15.09 -77.10
N PRO X 149 91.76 14.18 -76.94
CA PRO X 149 92.05 12.74 -77.09
C PRO X 149 92.36 12.32 -78.52
N ASP X 150 91.35 12.45 -79.39
CA ASP X 150 91.25 12.10 -80.81
C ASP X 150 89.86 12.49 -81.28
N PRO X 151 89.65 12.76 -82.57
CA PRO X 151 88.29 12.97 -83.07
C PRO X 151 87.55 11.71 -83.50
N VAL X 152 88.20 10.54 -83.49
CA VAL X 152 87.64 9.35 -84.14
C VAL X 152 87.36 8.31 -83.04
N ILE X 153 87.04 8.79 -81.84
CA ILE X 153 86.79 7.90 -80.71
C ILE X 153 85.29 7.90 -80.41
N LYS X 154 84.67 6.74 -80.61
CA LYS X 154 83.30 6.45 -80.19
C LYS X 154 83.28 6.24 -78.68
N VAL X 155 82.09 6.42 -78.07
CA VAL X 155 81.93 6.36 -76.63
C VAL X 155 82.28 4.98 -76.09
N ASN X 156 81.87 3.93 -76.79
CA ASN X 156 82.15 2.55 -76.38
C ASN X 156 83.37 2.02 -77.12
N ASP X 157 84.53 2.57 -76.78
CA ASP X 157 85.79 2.10 -77.34
C ASP X 157 86.77 1.71 -76.24
N THR X 158 87.84 1.03 -76.65
CA THR X 158 88.95 0.67 -75.77
C THR X 158 90.23 1.21 -76.39
N VAL X 159 90.89 2.12 -75.68
CA VAL X 159 92.09 2.78 -76.16
C VAL X 159 93.25 2.38 -75.25
N GLN X 160 94.41 2.11 -75.86
CA GLN X 160 95.59 1.80 -75.07
C GLN X 160 96.09 3.06 -74.38
N ILE X 161 96.52 2.92 -73.13
CA ILE X 161 96.98 4.06 -72.33
C ILE X 161 98.40 3.79 -71.85
N ASP X 162 99.24 4.83 -71.89
CA ASP X 162 100.60 4.74 -71.38
C ASP X 162 100.62 5.25 -69.95
N LEU X 163 101.17 4.45 -69.04
CA LEU X 163 101.21 4.85 -67.65
C LEU X 163 102.36 5.79 -67.34
N GLY X 164 103.43 5.75 -68.14
CA GLY X 164 104.56 6.63 -67.90
C GLY X 164 104.30 8.06 -68.31
N THR X 165 103.51 8.27 -69.36
CA THR X 165 103.28 9.60 -69.89
C THR X 165 101.84 10.09 -69.77
N GLY X 166 100.88 9.18 -69.56
CA GLY X 166 99.49 9.59 -69.54
C GLY X 166 98.93 9.91 -70.90
N LYS X 167 99.35 9.18 -71.93
CA LYS X 167 98.95 9.44 -73.31
C LYS X 167 98.21 8.24 -73.87
N ILE X 168 97.15 8.51 -74.62
CA ILE X 168 96.37 7.45 -75.26
C ILE X 168 96.98 7.15 -76.62
N ILE X 169 96.75 5.91 -77.09
CA ILE X 169 97.31 5.44 -78.36
C ILE X 169 96.49 4.23 -78.80
N ASN X 170 96.37 4.06 -80.11
CA ASN X 170 95.89 2.84 -80.78
C ASN X 170 94.45 2.51 -80.38
N PHE X 171 93.55 3.41 -80.73
CA PHE X 171 92.13 3.20 -80.45
C PHE X 171 91.56 2.14 -81.39
N ILE X 172 90.43 1.57 -80.99
CA ILE X 172 89.72 0.61 -81.83
C ILE X 172 88.22 0.86 -81.68
N LYS X 173 87.52 0.81 -82.81
CA LYS X 173 86.09 1.10 -82.81
C LYS X 173 85.28 -0.12 -82.42
N PHE X 174 84.05 0.14 -81.96
CA PHE X 174 83.13 -0.93 -81.59
C PHE X 174 82.49 -1.48 -82.86
N ASP X 175 83.05 -2.56 -83.38
CA ASP X 175 82.66 -3.09 -84.68
C ASP X 175 82.47 -4.60 -84.56
N THR X 176 81.63 -5.15 -85.44
CA THR X 176 81.42 -6.59 -85.50
C THR X 176 82.69 -7.29 -85.97
N GLY X 177 83.24 -8.14 -85.12
CA GLY X 177 84.47 -8.85 -85.45
C GLY X 177 85.59 -8.58 -84.47
N ASN X 178 85.29 -7.84 -83.41
CA ASN X 178 86.26 -7.53 -82.37
C ASN X 178 86.10 -8.48 -81.19
N LEU X 179 87.23 -8.83 -80.58
CA LEU X 179 87.24 -9.73 -79.44
C LEU X 179 86.99 -8.93 -78.17
N CYS X 180 85.88 -9.22 -77.49
CA CYS X 180 85.51 -8.51 -76.27
C CYS X 180 85.54 -9.47 -75.09
N MET X 181 85.49 -8.88 -73.90
CA MET X 181 85.48 -9.63 -72.65
C MET X 181 84.45 -9.03 -71.72
N VAL X 182 83.54 -9.87 -71.24
CA VAL X 182 82.42 -9.44 -70.40
C VAL X 182 82.94 -9.27 -68.98
N ILE X 183 82.68 -8.10 -68.40
CA ILE X 183 83.20 -7.78 -67.07
C ILE X 183 82.15 -7.83 -65.98
N GLY X 184 80.86 -7.72 -66.30
CA GLY X 184 79.83 -7.67 -65.29
C GLY X 184 78.67 -8.60 -65.63
N GLY X 185 77.89 -8.89 -64.61
CA GLY X 185 76.73 -9.74 -64.75
C GLY X 185 77.00 -11.18 -64.38
N ALA X 186 76.07 -12.04 -64.79
CA ALA X 186 76.16 -13.47 -64.50
C ALA X 186 77.09 -14.22 -65.44
N ASN X 187 77.61 -13.56 -66.47
CA ASN X 187 78.51 -14.17 -67.44
C ASN X 187 79.80 -13.39 -67.56
N LEU X 188 80.33 -12.91 -66.44
CA LEU X 188 81.57 -12.16 -66.46
C LEU X 188 82.76 -13.10 -66.69
N GLY X 189 83.85 -12.53 -67.19
CA GLY X 189 85.00 -13.33 -67.53
C GLY X 189 84.84 -14.12 -68.81
N ARG X 190 83.86 -13.77 -69.64
CA ARG X 190 83.57 -14.46 -70.88
C ARG X 190 84.24 -13.71 -72.03
N VAL X 191 85.11 -14.40 -72.76
CA VAL X 191 85.85 -13.81 -73.86
C VAL X 191 85.26 -14.32 -75.16
N GLY X 192 84.81 -13.40 -76.02
CA GLY X 192 84.18 -13.82 -77.26
C GLY X 192 84.16 -12.71 -78.28
N VAL X 193 84.07 -13.12 -79.54
CA VAL X 193 84.02 -12.19 -80.66
C VAL X 193 82.62 -11.58 -80.73
N ILE X 194 82.55 -10.26 -80.90
CA ILE X 194 81.27 -9.57 -81.00
C ILE X 194 80.58 -9.97 -82.30
N THR X 195 79.37 -10.52 -82.18
CA THR X 195 78.65 -11.03 -83.34
C THR X 195 77.55 -10.08 -83.82
N ASN X 196 76.65 -9.66 -82.95
CA ASN X 196 75.54 -8.84 -83.39
C ASN X 196 75.06 -7.95 -82.25
N ARG X 197 75.06 -6.64 -82.48
CA ARG X 197 74.46 -5.70 -81.54
C ARG X 197 73.03 -5.40 -82.00
N GLU X 198 72.15 -5.24 -81.03
CA GLU X 198 70.75 -4.91 -81.28
C GLU X 198 70.38 -3.71 -80.42
N ARG X 199 69.96 -2.65 -81.09
CA ARG X 199 69.65 -1.38 -80.43
C ARG X 199 68.21 -1.36 -79.98
N HIS X 200 67.95 -0.67 -78.87
CA HIS X 200 66.61 -0.46 -78.37
C HIS X 200 66.50 0.97 -77.84
N PRO X 201 65.38 1.64 -78.11
CA PRO X 201 65.22 3.03 -77.65
C PRO X 201 65.02 3.17 -76.14
N GLY X 202 64.90 2.08 -75.39
CA GLY X 202 64.70 2.15 -73.96
C GLY X 202 65.98 2.23 -73.16
N SER X 203 66.95 2.99 -73.67
CA SER X 203 68.22 3.35 -73.03
C SER X 203 69.14 2.16 -72.72
N PHE X 204 68.83 0.97 -73.23
CA PHE X 204 69.70 -0.19 -73.06
C PHE X 204 69.63 -1.05 -74.32
N ASP X 205 70.79 -1.53 -74.77
CA ASP X 205 70.91 -2.34 -75.97
C ASP X 205 71.55 -3.66 -75.61
N VAL X 206 71.35 -4.67 -76.46
CA VAL X 206 71.87 -6.00 -76.17
C VAL X 206 72.91 -6.36 -77.22
N VAL X 207 73.85 -7.22 -76.83
CA VAL X 207 74.91 -7.68 -77.73
C VAL X 207 75.03 -9.19 -77.61
N HIS X 208 74.84 -9.88 -78.74
CA HIS X 208 75.13 -11.30 -78.85
C HIS X 208 76.57 -11.48 -79.31
N VAL X 209 77.32 -12.32 -78.59
CA VAL X 209 78.71 -12.61 -78.90
C VAL X 209 78.87 -14.10 -79.11
N LYS X 210 79.88 -14.46 -79.91
CA LYS X 210 80.25 -15.84 -80.15
C LYS X 210 81.74 -16.01 -79.90
N ASP X 211 82.15 -17.25 -79.67
CA ASP X 211 83.59 -17.53 -79.59
C ASP X 211 83.92 -18.87 -80.23
N ALA X 212 85.07 -19.44 -79.87
CA ALA X 212 85.54 -20.68 -80.45
C ALA X 212 84.63 -21.86 -80.04
N ASN X 213 84.89 -22.99 -80.71
CA ASN X 213 84.21 -24.32 -80.59
C ASN X 213 82.69 -24.24 -80.40
N GLY X 214 82.04 -23.30 -81.08
CA GLY X 214 80.60 -23.21 -81.16
C GLY X 214 79.88 -22.86 -79.87
N ASN X 215 80.08 -21.63 -79.39
CA ASN X 215 79.36 -21.14 -78.22
C ASN X 215 79.02 -19.67 -78.41
N SER X 216 77.85 -19.28 -77.89
CA SER X 216 77.33 -17.93 -78.02
C SER X 216 76.63 -17.52 -76.73
N PHE X 217 76.73 -16.24 -76.41
CA PHE X 217 76.07 -15.67 -75.24
C PHE X 217 75.55 -14.29 -75.59
N ALA X 218 74.93 -13.63 -74.61
CA ALA X 218 74.39 -12.29 -74.81
C ALA X 218 74.54 -11.50 -73.52
N THR X 219 74.74 -10.20 -73.67
CA THR X 219 74.93 -9.32 -72.51
C THR X 219 74.50 -7.90 -72.88
N ARG X 220 74.75 -6.97 -71.97
CA ARG X 220 74.37 -5.57 -72.09
C ARG X 220 75.62 -4.71 -72.29
N LEU X 221 75.40 -3.47 -72.76
CA LEU X 221 76.51 -2.61 -73.13
C LEU X 221 77.35 -2.15 -71.94
N SER X 222 76.78 -2.11 -70.75
CA SER X 222 77.50 -1.63 -69.58
C SER X 222 78.46 -2.67 -68.99
N ASN X 223 78.59 -3.84 -69.62
CA ASN X 223 79.43 -4.90 -69.08
C ASN X 223 80.42 -5.43 -70.12
N ILE X 224 80.63 -4.72 -71.23
CA ILE X 224 81.45 -5.19 -72.33
C ILE X 224 82.76 -4.43 -72.33
N PHE X 225 83.89 -5.15 -72.38
CA PHE X 225 85.21 -4.56 -72.52
C PHE X 225 85.88 -5.18 -73.74
N VAL X 226 86.17 -4.36 -74.74
CA VAL X 226 86.87 -4.83 -75.93
C VAL X 226 88.32 -5.10 -75.56
N ILE X 227 88.81 -6.29 -75.89
CA ILE X 227 90.15 -6.69 -75.49
C ILE X 227 91.00 -6.98 -76.72
N GLY X 228 90.37 -7.26 -77.86
CA GLY X 228 91.10 -7.68 -79.03
C GLY X 228 90.85 -6.89 -80.29
N ASN X 229 91.42 -7.35 -81.40
CA ASN X 229 91.27 -6.71 -82.71
C ASN X 229 91.32 -7.82 -83.76
N GLY X 230 90.14 -8.34 -84.12
CA GLY X 230 90.04 -9.40 -85.11
C GLY X 230 90.64 -10.71 -84.68
N ASN X 231 90.12 -11.26 -83.57
CA ASN X 231 90.59 -12.51 -82.94
C ASN X 231 92.08 -12.42 -82.58
N LYS X 232 92.53 -11.23 -82.18
CA LYS X 232 93.93 -11.00 -81.80
C LYS X 232 93.92 -10.17 -80.52
N PRO X 233 94.03 -10.80 -79.36
CA PRO X 233 94.01 -10.05 -78.11
C PRO X 233 95.30 -9.26 -77.90
N TRP X 234 95.14 -8.00 -77.50
CA TRP X 234 96.31 -7.15 -77.24
C TRP X 234 97.01 -7.58 -75.96
N ILE X 235 96.28 -8.19 -75.03
CA ILE X 235 96.82 -8.64 -73.76
C ILE X 235 96.68 -10.16 -73.70
N SER X 236 97.78 -10.84 -73.36
CA SER X 236 97.72 -12.29 -73.25
C SER X 236 96.94 -12.69 -72.01
N LEU X 237 95.91 -13.51 -72.20
CA LEU X 237 94.99 -13.87 -71.15
C LEU X 237 95.28 -15.29 -70.67
N PRO X 238 95.36 -15.51 -69.35
CA PRO X 238 95.80 -16.81 -68.85
C PRO X 238 94.72 -17.87 -68.94
N ARG X 239 95.18 -19.13 -68.85
CA ARG X 239 94.34 -20.34 -68.81
C ARG X 239 93.48 -20.46 -70.07
N GLY X 240 94.16 -20.57 -71.19
CA GLY X 240 93.46 -20.66 -72.47
C GLY X 240 92.86 -19.32 -72.86
N LYS X 241 91.69 -19.37 -73.48
CA LYS X 241 90.96 -18.17 -73.84
C LYS X 241 90.03 -17.68 -72.74
N GLY X 242 90.06 -18.30 -71.56
CA GLY X 242 89.11 -17.97 -70.52
C GLY X 242 87.70 -18.44 -70.85
N ILE X 243 87.56 -19.65 -71.35
CA ILE X 243 86.29 -20.17 -71.81
C ILE X 243 85.66 -21.05 -70.74
N ARG X 244 84.38 -20.83 -70.47
CA ARG X 244 83.58 -21.68 -69.59
C ARG X 244 83.03 -22.82 -70.44
N LEU X 245 83.59 -24.01 -70.30
CA LEU X 245 83.17 -25.11 -71.16
C LEU X 245 81.85 -25.73 -70.67
N THR X 246 81.88 -26.38 -69.51
CA THR X 246 80.76 -27.09 -68.87
C THR X 246 81.28 -27.48 -67.49
N VAL X 247 80.39 -27.55 -66.49
CA VAL X 247 80.75 -28.09 -65.19
C VAL X 247 81.20 -29.55 -65.31
N ALA X 248 80.55 -30.30 -66.22
CA ALA X 248 80.97 -31.67 -66.50
C ALA X 248 82.33 -31.70 -67.17
N GLU X 249 82.64 -30.73 -68.03
CA GLU X 249 83.98 -30.67 -68.61
C GLU X 249 85.02 -30.27 -67.57
N GLU X 250 84.64 -29.46 -66.58
CA GLU X 250 85.54 -29.17 -65.47
C GLU X 250 85.80 -30.41 -64.63
N ARG X 251 84.77 -31.25 -64.44
CA ARG X 251 84.95 -32.52 -63.75
C ARG X 251 85.83 -33.47 -64.55
N ASP X 252 85.69 -33.46 -65.88
CA ASP X 252 86.58 -34.25 -66.74
C ASP X 252 88.01 -33.75 -66.68
N LYS X 253 88.21 -32.44 -66.58
CA LYS X 253 89.54 -31.87 -66.39
C LYS X 253 90.15 -32.27 -65.06
N ARG X 254 89.34 -32.29 -63.99
CA ARG X 254 89.84 -32.71 -62.69
C ARG X 254 90.12 -34.20 -62.65
N LEU X 255 89.39 -35.00 -63.41
CA LEU X 255 89.72 -36.43 -63.50
C LEU X 255 90.96 -36.65 -64.36
N ALA X 256 91.18 -35.81 -65.37
CA ALA X 256 92.38 -35.93 -66.19
C ALA X 256 93.62 -35.48 -65.43
N THR X 257 93.46 -34.54 -64.49
CA THR X 257 94.48 -33.94 -63.61
C THR X 257 95.88 -33.72 -64.20
N MET Y 1 84.34 43.59 0.72
CA MET Y 1 84.22 43.33 -0.72
C MET Y 1 85.61 43.33 -1.37
N LYS Y 2 85.92 42.33 -2.19
CA LYS Y 2 87.26 42.16 -2.73
C LYS Y 2 87.40 42.99 -4.00
N LEU Y 3 88.39 43.88 -4.01
CA LEU Y 3 88.75 44.63 -5.21
C LEU Y 3 90.06 44.07 -5.77
N ASN Y 4 90.00 43.58 -7.00
CA ASN Y 4 91.18 43.20 -7.77
C ASN Y 4 91.69 44.45 -8.47
N ILE Y 5 92.99 44.71 -8.36
CA ILE Y 5 93.64 45.90 -8.88
C ILE Y 5 94.72 45.42 -9.84
N SER Y 6 94.75 46.00 -11.04
CA SER Y 6 95.67 45.57 -12.07
C SER Y 6 96.42 46.77 -12.63
N PHE Y 7 97.75 46.61 -12.75
CA PHE Y 7 98.58 47.64 -13.36
C PHE Y 7 98.86 47.24 -14.80
N PRO Y 8 98.29 47.94 -15.81
CA PRO Y 8 98.50 47.50 -17.19
C PRO Y 8 99.90 47.83 -17.73
N ALA Y 9 100.47 48.95 -17.29
CA ALA Y 9 101.81 49.32 -17.73
C ALA Y 9 102.87 48.43 -17.09
N THR Y 10 102.60 47.91 -15.89
CA THR Y 10 103.53 47.02 -15.20
C THR Y 10 103.22 45.56 -15.47
N GLY Y 11 102.00 45.13 -15.15
CA GLY Y 11 101.62 43.74 -15.32
C GLY Y 11 101.55 42.98 -14.01
N CYS Y 12 101.00 43.59 -12.97
CA CYS Y 12 100.89 42.95 -11.67
C CYS Y 12 99.52 43.22 -11.05
N GLN Y 13 99.19 42.40 -10.05
CA GLN Y 13 97.87 42.31 -9.46
C GLN Y 13 97.93 42.63 -7.97
N LYS Y 14 96.75 42.93 -7.42
CA LYS Y 14 96.58 43.21 -6.00
C LYS Y 14 95.13 42.91 -5.63
N LEU Y 15 94.90 42.50 -4.38
CA LEU Y 15 93.55 42.26 -3.89
C LEU Y 15 93.40 42.97 -2.54
N ILE Y 16 92.47 43.92 -2.48
CA ILE Y 16 92.21 44.66 -1.25
C ILE Y 16 90.77 44.44 -0.81
N GLU Y 17 90.47 44.85 0.42
CA GLU Y 17 89.19 44.60 1.05
C GLU Y 17 88.46 45.91 1.34
N VAL Y 18 87.16 45.92 1.06
CA VAL Y 18 86.29 47.06 1.33
C VAL Y 18 85.50 46.78 2.59
N ASP Y 19 85.55 47.71 3.54
CA ASP Y 19 84.85 47.60 4.81
C ASP Y 19 83.77 48.67 4.97
N ASP Y 20 84.12 49.94 4.78
CA ASP Y 20 83.20 51.04 5.04
C ASP Y 20 82.38 51.40 3.80
N GLU Y 21 81.30 52.15 4.04
CA GLU Y 21 80.40 52.55 2.97
C GLU Y 21 80.98 53.68 2.11
N ARG Y 22 81.94 54.45 2.62
CA ARG Y 22 82.54 55.51 1.84
C ARG Y 22 83.42 54.98 0.72
N LYS Y 23 83.93 53.76 0.85
CA LYS Y 23 84.66 53.11 -0.23
C LYS Y 23 83.72 52.40 -1.19
N LEU Y 24 82.50 52.09 -0.74
CA LEU Y 24 81.52 51.35 -1.53
C LEU Y 24 80.65 52.24 -2.40
N ARG Y 25 80.21 53.39 -1.86
CA ARG Y 25 79.25 54.23 -2.56
C ARG Y 25 79.85 54.98 -3.74
N THR Y 26 81.16 54.99 -3.89
CA THR Y 26 81.79 55.61 -5.05
C THR Y 26 81.76 54.71 -6.29
N PHE Y 27 81.33 53.46 -6.15
CA PHE Y 27 81.24 52.52 -7.26
C PHE Y 27 79.82 52.19 -7.65
N TYR Y 28 78.83 52.88 -7.07
CA TYR Y 28 77.44 52.65 -7.43
C TYR Y 28 77.12 53.33 -8.76
N GLU Y 29 76.28 52.67 -9.58
CA GLU Y 29 75.81 53.12 -10.88
C GLU Y 29 77.01 53.39 -11.82
N LYS Y 30 77.68 52.30 -12.15
CA LYS Y 30 78.81 52.32 -13.06
C LYS Y 30 78.59 51.32 -14.17
N ARG Y 31 78.94 51.70 -15.39
CA ARG Y 31 78.86 50.80 -16.53
C ARG Y 31 80.20 50.07 -16.68
N MET Y 32 80.38 49.42 -17.82
CA MET Y 32 81.63 48.72 -18.09
C MET Y 32 82.60 49.67 -18.78
N ALA Y 33 83.86 49.65 -18.31
CA ALA Y 33 84.98 50.43 -18.85
C ALA Y 33 84.68 51.94 -18.81
N THR Y 34 84.38 52.43 -17.62
CA THR Y 34 84.13 53.86 -17.39
C THR Y 34 85.31 54.49 -16.67
N GLU Y 35 85.46 55.80 -16.88
CA GLU Y 35 86.56 56.55 -16.31
C GLU Y 35 86.16 56.98 -14.89
N VAL Y 36 86.61 56.23 -13.90
CA VAL Y 36 86.24 56.44 -12.51
C VAL Y 36 87.47 56.92 -11.74
N ALA Y 37 87.36 58.07 -11.10
CA ALA Y 37 88.46 58.62 -10.34
C ALA Y 37 88.50 58.01 -8.94
N ALA Y 38 89.71 57.90 -8.38
CA ALA Y 38 89.94 57.38 -7.04
C ALA Y 38 90.14 58.50 -6.03
N ASP Y 39 89.40 59.60 -6.18
CA ASP Y 39 89.60 60.77 -5.33
C ASP Y 39 89.13 60.52 -3.91
N ALA Y 40 87.86 60.14 -3.73
CA ALA Y 40 87.29 59.90 -2.42
C ALA Y 40 87.43 58.45 -1.97
N LEU Y 41 88.42 57.73 -2.48
CA LEU Y 41 88.61 56.33 -2.13
C LEU Y 41 89.25 56.24 -0.74
N GLY Y 42 88.85 55.22 0.02
CA GLY Y 42 89.27 55.10 1.41
C GLY Y 42 90.66 54.54 1.64
N GLU Y 43 91.65 55.10 0.95
CA GLU Y 43 93.05 54.70 1.12
C GLU Y 43 93.92 55.88 0.66
N GLU Y 44 95.21 55.61 0.46
CA GLU Y 44 96.18 56.63 0.11
C GLU Y 44 96.07 57.12 -1.33
N TRP Y 45 95.18 56.54 -2.14
CA TRP Y 45 95.01 56.98 -3.52
C TRP Y 45 94.24 58.29 -3.53
N LYS Y 46 94.83 59.33 -4.11
CA LYS Y 46 94.24 60.66 -4.07
C LYS Y 46 93.70 61.14 -5.41
N GLY Y 47 94.28 60.71 -6.52
CA GLY Y 47 93.82 61.20 -7.81
C GLY Y 47 93.87 60.19 -8.95
N TYR Y 48 93.90 58.90 -8.64
CA TYR Y 48 94.15 57.89 -9.66
C TYR Y 48 92.93 57.68 -10.54
N VAL Y 49 93.18 57.40 -11.81
CA VAL Y 49 92.13 57.11 -12.78
C VAL Y 49 92.00 55.59 -12.88
N VAL Y 50 90.79 55.09 -12.65
CA VAL Y 50 90.52 53.66 -12.56
C VAL Y 50 89.40 53.30 -13.51
N ARG Y 51 89.64 52.31 -14.37
CA ARG Y 51 88.60 51.75 -15.21
C ARG Y 51 88.06 50.46 -14.60
N ILE Y 52 86.75 50.31 -14.62
CA ILE Y 52 86.09 49.12 -14.08
C ILE Y 52 85.92 48.12 -15.21
N SER Y 53 86.55 46.96 -15.09
CA SER Y 53 86.62 46.01 -16.18
C SER Y 53 85.94 44.67 -15.88
N GLY Y 54 85.24 44.55 -14.78
CA GLY Y 54 84.53 43.31 -14.49
C GLY Y 54 84.16 43.19 -13.04
N GLY Y 55 83.18 42.33 -12.79
CA GLY Y 55 82.74 42.06 -11.44
C GLY Y 55 82.16 40.68 -11.25
N ASN Y 56 82.66 39.95 -10.25
CA ASN Y 56 82.17 38.61 -9.96
C ASN Y 56 81.08 38.68 -8.88
N ASP Y 57 80.06 37.84 -9.04
CA ASP Y 57 78.94 37.82 -8.11
C ASP Y 57 79.35 37.02 -6.87
N LYS Y 58 78.40 36.86 -5.93
CA LYS Y 58 78.65 36.10 -4.71
C LYS Y 58 78.90 34.63 -5.01
N GLN Y 59 78.24 34.08 -6.02
CA GLN Y 59 78.44 32.69 -6.43
C GLN Y 59 79.58 32.52 -7.42
N GLY Y 60 80.15 33.61 -7.91
CA GLY Y 60 81.18 33.52 -8.93
C GLY Y 60 80.70 33.78 -10.33
N PHE Y 61 79.65 34.59 -10.50
CA PHE Y 61 79.13 34.92 -11.82
C PHE Y 61 79.76 36.22 -12.26
N PRO Y 62 80.57 36.25 -13.32
CA PRO Y 62 81.15 37.50 -13.79
C PRO Y 62 80.14 38.34 -14.56
N MET Y 63 80.56 39.53 -14.94
CA MET Y 63 79.70 40.44 -15.67
C MET Y 63 79.70 40.11 -17.17
N LYS Y 64 78.88 40.84 -17.92
CA LYS Y 64 78.72 40.64 -19.34
C LYS Y 64 78.79 41.98 -20.05
N GLN Y 65 79.54 42.02 -21.16
CA GLN Y 65 79.63 43.20 -22.00
C GLN Y 65 78.34 43.35 -22.80
N GLY Y 66 77.41 44.16 -22.30
CA GLY Y 66 76.20 44.51 -23.03
C GLY Y 66 74.92 44.46 -22.23
N VAL Y 67 74.86 43.66 -21.17
CA VAL Y 67 73.62 43.50 -20.42
C VAL Y 67 73.40 44.72 -19.54
N LEU Y 68 72.14 45.11 -19.37
CA LEU Y 68 71.75 46.22 -18.51
C LEU Y 68 70.68 45.70 -17.56
N THR Y 69 71.13 45.09 -16.46
CA THR Y 69 70.22 44.48 -15.51
C THR Y 69 70.83 44.58 -14.13
N HIS Y 70 70.03 45.04 -13.15
CA HIS Y 70 70.50 45.15 -11.77
C HIS Y 70 70.77 43.80 -11.14
N GLY Y 71 70.09 42.75 -11.59
CA GLY Y 71 70.27 41.43 -11.02
C GLY Y 71 70.92 40.43 -11.95
N ARG Y 72 70.48 39.18 -11.88
CA ARG Y 72 71.03 38.10 -12.70
C ARG Y 72 70.12 37.82 -13.88
N VAL Y 73 70.73 37.49 -15.02
CA VAL Y 73 70.00 37.02 -16.20
C VAL Y 73 70.66 35.73 -16.66
N ARG Y 74 69.88 34.95 -17.41
CA ARG Y 74 70.37 33.70 -18.01
C ARG Y 74 70.27 33.85 -19.52
N LEU Y 75 71.39 33.67 -20.20
CA LEU Y 75 71.49 33.92 -21.63
C LEU Y 75 72.00 32.69 -22.36
N LEU Y 76 71.80 32.71 -23.68
CA LEU Y 76 72.26 31.67 -24.59
C LEU Y 76 73.56 32.13 -25.22
N LEU Y 77 74.67 31.51 -24.82
CA LEU Y 77 76.00 31.96 -25.21
C LEU Y 77 76.55 31.08 -26.31
N SER Y 78 77.03 31.72 -27.38
CA SER Y 78 77.59 31.03 -28.53
C SER Y 78 79.10 31.29 -28.59
N LYS Y 79 79.73 30.79 -29.64
CA LYS Y 79 81.18 30.94 -29.82
C LYS Y 79 81.52 32.38 -30.16
N GLY Y 80 82.51 32.93 -29.46
CA GLY Y 80 82.91 34.31 -29.64
C GLY Y 80 82.44 35.24 -28.54
N HIS Y 81 81.72 34.73 -27.55
CA HIS Y 81 81.22 35.53 -26.44
C HIS Y 81 81.98 35.18 -25.17
N SER Y 82 81.80 36.01 -24.16
CA SER Y 82 82.40 35.76 -22.86
C SER Y 82 81.58 34.74 -22.08
N CYS Y 83 82.10 34.34 -20.91
CA CYS Y 83 81.49 33.40 -19.98
C CYS Y 83 81.22 32.04 -20.62
N TYR Y 84 82.08 31.65 -21.57
CA TYR Y 84 81.82 30.50 -22.42
C TYR Y 84 83.13 30.05 -23.06
N ARG Y 85 83.28 28.74 -23.21
CA ARG Y 85 84.36 28.19 -24.00
C ARG Y 85 83.78 27.21 -25.02
N PRO Y 86 84.28 27.22 -26.26
CA PRO Y 86 83.71 26.35 -27.29
C PRO Y 86 84.14 24.90 -27.11
N ARG Y 87 83.18 24.00 -27.30
CA ARG Y 87 83.41 22.56 -27.25
C ARG Y 87 82.32 21.90 -28.08
N ARG Y 88 82.73 21.09 -29.07
CA ARG Y 88 81.85 20.61 -30.14
C ARG Y 88 81.15 21.80 -30.80
N THR Y 89 81.99 22.56 -31.53
CA THR Y 89 81.76 23.93 -32.00
C THR Y 89 80.37 24.16 -32.59
N GLY Y 90 79.64 25.08 -31.97
CA GLY Y 90 78.22 25.26 -32.22
C GLY Y 90 77.34 24.95 -31.03
N GLU Y 91 77.88 24.34 -29.98
CA GLU Y 91 77.12 24.02 -28.77
C GLU Y 91 76.85 25.31 -28.01
N ARG Y 92 75.64 25.83 -28.17
CA ARG Y 92 75.22 27.06 -27.51
C ARG Y 92 74.61 26.71 -26.16
N LYS Y 93 75.36 26.91 -25.09
CA LYS Y 93 74.86 26.61 -23.76
C LYS Y 93 74.03 27.77 -23.20
N ARG Y 94 73.33 27.48 -22.11
CA ARG Y 94 72.42 28.40 -21.44
C ARG Y 94 72.98 28.66 -20.05
N LYS Y 95 73.62 29.81 -19.85
CA LYS Y 95 74.32 30.08 -18.61
C LYS Y 95 73.80 31.36 -17.97
N SER Y 96 73.75 31.37 -16.64
CA SER Y 96 73.32 32.54 -15.90
C SER Y 96 74.51 33.46 -15.65
N VAL Y 97 74.40 34.70 -16.10
CA VAL Y 97 75.49 35.67 -16.05
C VAL Y 97 75.02 36.87 -15.23
N ARG Y 98 75.85 37.31 -14.29
CA ARG Y 98 75.54 38.48 -13.48
C ARG Y 98 75.58 39.74 -14.33
N GLY Y 99 74.64 40.66 -14.06
CA GLY Y 99 74.54 41.90 -14.80
C GLY Y 99 75.70 42.85 -14.54
N CYS Y 100 75.78 43.87 -15.40
CA CYS Y 100 76.87 44.84 -15.38
C CYS Y 100 76.74 45.84 -14.24
N ILE Y 101 75.56 45.98 -13.63
CA ILE Y 101 75.35 46.99 -12.60
C ILE Y 101 76.08 46.57 -11.32
N VAL Y 102 76.53 47.56 -10.55
CA VAL Y 102 77.56 47.41 -9.52
C VAL Y 102 76.91 47.65 -8.16
N ASP Y 103 75.70 47.11 -7.99
CA ASP Y 103 74.77 47.34 -6.87
C ASP Y 103 75.23 46.77 -5.52
N ALA Y 104 76.49 46.35 -5.34
CA ALA Y 104 77.08 45.84 -4.11
C ALA Y 104 76.53 44.48 -3.72
N ASN Y 105 75.94 43.76 -4.66
CA ASN Y 105 75.69 42.33 -4.55
C ASN Y 105 76.87 41.55 -5.11
N LEU Y 106 77.84 42.24 -5.70
CA LEU Y 106 79.02 41.62 -6.27
C LEU Y 106 79.97 41.18 -5.15
N SER Y 107 80.99 40.40 -5.53
CA SER Y 107 82.02 39.99 -4.58
C SER Y 107 83.38 40.56 -4.94
N VAL Y 108 83.86 40.30 -6.14
CA VAL Y 108 85.20 40.70 -6.59
C VAL Y 108 85.03 41.62 -7.78
N LEU Y 109 85.49 42.86 -7.66
CA LEU Y 109 85.39 43.85 -8.72
C LEU Y 109 86.75 44.09 -9.36
N ASN Y 110 86.80 44.08 -10.68
CA ASN Y 110 88.03 44.23 -11.43
C ASN Y 110 88.29 45.70 -11.75
N LEU Y 111 89.46 46.19 -11.34
CA LEU Y 111 89.84 47.59 -11.48
C LEU Y 111 91.19 47.66 -12.15
N VAL Y 112 91.33 48.56 -13.13
CA VAL Y 112 92.57 48.75 -13.88
C VAL Y 112 93.01 50.19 -13.65
N ILE Y 113 94.29 50.39 -13.29
CA ILE Y 113 94.73 51.78 -13.16
C ILE Y 113 95.01 52.30 -14.57
N VAL Y 114 95.06 53.62 -14.74
CA VAL Y 114 95.28 54.16 -16.09
C VAL Y 114 96.57 54.98 -16.14
N LYS Y 115 96.61 56.11 -15.45
CA LYS Y 115 97.68 57.09 -15.65
C LYS Y 115 98.51 57.37 -14.41
N LYS Y 116 97.87 57.73 -13.31
CA LYS Y 116 98.55 58.39 -12.21
C LYS Y 116 99.13 57.38 -11.22
N GLY Y 117 100.35 57.66 -10.75
CA GLY Y 117 101.01 56.83 -9.77
C GLY Y 117 102.19 57.52 -9.11
N GLU Y 118 102.27 57.45 -7.78
CA GLU Y 118 103.37 58.07 -7.03
C GLU Y 118 104.00 57.11 -6.03
N LYS Y 119 103.91 55.80 -6.29
CA LYS Y 119 104.57 54.73 -5.52
C LYS Y 119 104.14 54.73 -4.04
N ASP Y 120 102.87 55.05 -3.79
CA ASP Y 120 102.38 55.05 -2.41
C ASP Y 120 102.20 53.64 -1.85
N ILE Y 121 102.06 52.64 -2.70
CA ILE Y 121 102.00 51.25 -2.26
C ILE Y 121 103.44 50.74 -2.24
N PRO Y 122 103.92 50.18 -1.13
CA PRO Y 122 105.36 49.87 -1.01
C PRO Y 122 105.82 48.65 -1.79
N GLY Y 123 104.93 47.91 -2.43
CA GLY Y 123 105.36 46.72 -3.15
C GLY Y 123 104.64 46.45 -4.45
N LEU Y 124 103.93 47.45 -4.98
CA LEU Y 124 103.18 47.27 -6.23
C LEU Y 124 103.68 48.16 -7.35
N THR Y 125 103.75 49.47 -7.13
CA THR Y 125 104.15 50.38 -8.20
C THR Y 125 105.65 50.29 -8.48
N ASP Y 126 106.45 50.21 -7.42
CA ASP Y 126 107.90 50.05 -7.58
C ASP Y 126 108.30 48.67 -8.10
N THR Y 127 107.48 47.65 -7.85
CA THR Y 127 107.74 46.30 -8.33
C THR Y 127 107.33 46.22 -9.79
N THR Y 128 108.32 46.15 -10.69
CA THR Y 128 108.08 46.12 -12.12
C THR Y 128 108.21 44.68 -12.62
N VAL Y 129 107.20 44.23 -13.36
CA VAL Y 129 107.17 42.88 -13.91
C VAL Y 129 107.49 42.98 -15.40
N PRO Y 130 108.60 42.40 -15.86
CA PRO Y 130 108.90 42.44 -17.29
C PRO Y 130 108.02 41.47 -18.08
N ARG Y 131 107.92 41.73 -19.38
CA ARG Y 131 107.22 40.80 -20.25
C ARG Y 131 108.08 39.56 -20.47
N ARG Y 132 107.42 38.42 -20.63
CA ARG Y 132 108.12 37.14 -20.64
C ARG Y 132 108.36 36.62 -22.04
N LEU Y 133 107.41 36.81 -22.95
CA LEU Y 133 107.53 36.30 -24.32
C LEU Y 133 107.78 37.46 -25.27
N GLY Y 134 108.94 37.43 -25.94
CA GLY Y 134 109.29 38.44 -26.90
C GLY Y 134 108.60 38.22 -28.24
N PRO Y 135 108.88 39.11 -29.21
CA PRO Y 135 108.20 38.99 -30.50
C PRO Y 135 108.75 37.83 -31.32
N LYS Y 136 107.84 37.02 -31.86
CA LYS Y 136 108.23 35.91 -32.73
C LYS Y 136 108.11 36.27 -34.21
N ARG Y 137 107.16 37.12 -34.57
CA ARG Y 137 107.06 37.60 -35.94
C ARG Y 137 108.26 38.48 -36.28
N ALA Y 138 108.86 38.24 -37.45
CA ALA Y 138 110.01 39.02 -37.90
C ALA Y 138 109.64 40.48 -38.10
N SER Y 139 108.42 40.76 -38.56
CA SER Y 139 107.99 42.15 -38.70
C SER Y 139 107.79 42.81 -37.35
N ARG Y 140 107.37 42.05 -36.33
CA ARG Y 140 107.28 42.61 -34.99
C ARG Y 140 108.66 42.86 -34.39
N ILE Y 141 109.64 42.02 -34.73
CA ILE Y 141 111.02 42.29 -34.32
C ILE Y 141 111.55 43.55 -35.03
N ARG Y 142 111.21 43.71 -36.31
CA ARG Y 142 111.58 44.90 -37.05
C ARG Y 142 110.93 46.16 -36.49
N LYS Y 143 109.66 46.09 -36.10
CA LYS Y 143 108.98 47.23 -35.50
C LYS Y 143 109.37 47.46 -34.06
N LEU Y 144 109.99 46.47 -33.40
CA LEU Y 144 110.49 46.67 -32.05
C LEU Y 144 111.88 47.30 -32.04
N PHE Y 145 112.77 46.88 -32.94
CA PHE Y 145 114.14 47.34 -32.90
C PHE Y 145 114.51 48.37 -33.97
N ASN Y 146 113.68 48.55 -35.00
CA ASN Y 146 113.77 49.59 -36.02
C ASN Y 146 115.12 49.54 -36.76
N LEU Y 147 115.31 48.44 -37.48
CA LEU Y 147 116.44 48.34 -38.39
C LEU Y 147 116.00 48.81 -39.78
N SER Y 148 116.88 48.64 -40.76
CA SER Y 148 116.68 49.23 -42.08
C SER Y 148 115.60 48.47 -42.86
N LYS Y 149 115.28 49.02 -44.04
CA LYS Y 149 114.24 48.46 -44.89
C LYS Y 149 114.80 47.56 -45.98
N GLU Y 150 115.98 47.86 -46.50
CA GLU Y 150 116.54 47.10 -47.62
C GLU Y 150 117.01 45.71 -47.19
N ASP Y 151 117.43 45.56 -45.94
CA ASP Y 151 117.94 44.28 -45.45
C ASP Y 151 117.17 43.88 -44.20
N ASP Y 152 116.90 42.58 -44.09
CA ASP Y 152 116.01 42.05 -43.07
C ASP Y 152 116.76 41.81 -41.77
N VAL Y 153 116.08 41.19 -40.81
CA VAL Y 153 116.61 40.98 -39.46
C VAL Y 153 117.16 39.56 -39.33
N ARG Y 154 118.43 39.46 -38.95
CA ARG Y 154 119.06 38.17 -38.67
C ARG Y 154 119.58 38.06 -37.24
N GLN Y 155 120.38 39.03 -36.80
CA GLN Y 155 121.09 38.93 -35.53
C GLN Y 155 120.48 39.81 -34.44
N TYR Y 156 119.31 40.41 -34.69
CA TYR Y 156 118.60 41.17 -33.67
C TYR Y 156 117.55 40.35 -32.96
N VAL Y 157 117.79 39.06 -32.79
CA VAL Y 157 116.81 38.15 -32.19
C VAL Y 157 117.09 38.08 -30.69
N VAL Y 158 116.04 38.28 -29.89
CA VAL Y 158 116.17 38.20 -28.45
C VAL Y 158 116.35 36.74 -28.02
N ARG Y 159 117.10 36.53 -26.95
CA ARG Y 159 117.36 35.21 -26.41
C ARG Y 159 117.06 35.19 -24.92
N LYS Y 160 116.88 33.98 -24.38
CA LYS Y 160 116.67 33.78 -22.95
C LYS Y 160 117.74 32.82 -22.45
N PRO Y 161 118.79 33.34 -21.80
CA PRO Y 161 119.71 32.46 -21.08
C PRO Y 161 119.31 32.24 -19.63
N LEU Y 162 119.41 31.01 -19.16
CA LEU Y 162 119.04 30.66 -17.79
C LEU Y 162 119.73 29.38 -17.39
N ASN Y 163 120.16 29.31 -16.12
CA ASN Y 163 120.62 28.07 -15.52
C ASN Y 163 119.41 27.40 -14.88
N LYS Y 164 119.01 26.24 -15.44
CA LYS Y 164 117.84 25.52 -14.95
C LYS Y 164 118.03 25.03 -13.52
N GLU Y 165 118.95 24.07 -13.35
CA GLU Y 165 119.29 23.50 -12.06
C GLU Y 165 120.55 22.66 -12.21
N GLY Y 166 121.49 22.82 -11.28
CA GLY Y 166 122.65 21.96 -11.19
C GLY Y 166 123.63 22.02 -12.34
N LYS Y 167 124.23 23.19 -12.56
CA LYS Y 167 125.28 23.44 -13.56
C LYS Y 167 124.80 23.12 -14.98
N LYS Y 168 123.58 23.56 -15.31
CA LYS Y 168 123.00 23.34 -16.64
C LYS Y 168 122.59 24.67 -17.23
N PRO Y 169 123.52 25.41 -17.84
CA PRO Y 169 123.14 26.66 -18.51
C PRO Y 169 122.58 26.40 -19.89
N ARG Y 170 121.50 27.11 -20.22
CA ARG Y 170 120.89 27.04 -21.54
C ARG Y 170 120.63 28.45 -22.04
N THR Y 171 120.49 28.57 -23.35
CA THR Y 171 120.14 29.85 -23.98
C THR Y 171 119.25 29.56 -25.17
N LYS Y 172 117.97 29.89 -25.04
CA LYS Y 172 116.98 29.51 -26.04
C LYS Y 172 116.46 30.73 -26.79
N ALA Y 173 116.22 30.54 -28.08
CA ALA Y 173 115.71 31.55 -28.99
C ALA Y 173 114.61 30.95 -29.86
N PRO Y 174 113.52 31.67 -30.09
CA PRO Y 174 112.39 31.09 -30.81
C PRO Y 174 112.64 30.98 -32.30
N LYS Y 175 111.75 30.23 -32.96
CA LYS Y 175 111.76 30.14 -34.41
C LYS Y 175 111.23 31.44 -35.01
N ILE Y 176 111.58 31.68 -36.27
CA ILE Y 176 111.06 32.79 -37.04
C ILE Y 176 110.58 32.23 -38.38
N GLN Y 177 109.35 32.56 -38.75
CA GLN Y 177 108.78 32.07 -40.00
C GLN Y 177 108.47 33.18 -41.01
N ARG Y 178 108.18 34.39 -40.53
CA ARG Y 178 107.81 35.49 -41.42
C ARG Y 178 108.99 36.07 -42.19
N LEU Y 179 110.22 35.64 -41.90
CA LEU Y 179 111.37 36.18 -42.62
C LEU Y 179 111.49 35.52 -43.99
N VAL Y 180 112.30 36.13 -44.85
CA VAL Y 180 112.53 35.63 -46.19
C VAL Y 180 113.83 34.82 -46.19
N THR Y 181 113.73 33.55 -46.57
CA THR Y 181 114.84 32.62 -46.64
C THR Y 181 115.04 32.18 -48.07
N PRO Y 182 116.23 31.66 -48.43
CA PRO Y 182 116.38 30.99 -49.73
C PRO Y 182 115.54 29.73 -49.87
N ARG Y 183 115.08 29.14 -48.77
CA ARG Y 183 114.08 28.07 -48.84
C ARG Y 183 112.77 28.60 -49.41
N VAL Y 184 112.27 29.72 -48.89
CA VAL Y 184 111.05 30.34 -49.43
C VAL Y 184 111.30 30.84 -50.86
N LEU Y 185 112.53 31.27 -51.16
CA LEU Y 185 112.89 31.71 -52.51
C LEU Y 185 112.86 30.55 -53.50
N GLN Y 186 113.38 29.38 -53.12
CA GLN Y 186 113.34 28.25 -54.03
C GLN Y 186 111.96 27.63 -54.13
N HIS Y 187 111.13 27.75 -53.08
CA HIS Y 187 109.73 27.36 -53.24
C HIS Y 187 109.00 28.30 -54.19
N LYS Y 188 109.33 29.60 -54.17
CA LYS Y 188 108.74 30.53 -55.13
C LYS Y 188 109.23 30.25 -56.55
N ARG Y 189 110.50 29.88 -56.70
CA ARG Y 189 111.03 29.53 -58.01
C ARG Y 189 110.40 28.25 -58.55
N ARG Y 190 110.15 27.27 -57.66
CA ARG Y 190 109.40 26.08 -58.06
C ARG Y 190 107.96 26.40 -58.42
N ARG Y 191 107.36 27.37 -57.71
CA ARG Y 191 106.00 27.82 -58.03
C ARG Y 191 105.93 28.47 -59.41
N ILE Y 192 106.96 29.24 -59.77
CA ILE Y 192 107.01 29.84 -61.11
C ILE Y 192 107.30 28.76 -62.16
N ALA Y 193 108.16 27.79 -61.82
CA ALA Y 193 108.55 26.76 -62.77
C ALA Y 193 107.40 25.81 -63.08
N LEU Y 194 106.54 25.52 -62.10
CA LEU Y 194 105.37 24.69 -62.37
C LEU Y 194 104.36 25.40 -63.26
N LYS Y 195 104.19 26.72 -63.07
CA LYS Y 195 103.33 27.49 -63.96
C LYS Y 195 103.87 27.52 -65.38
N LYS Y 196 105.19 27.69 -65.52
CA LYS Y 196 105.82 27.66 -66.84
C LYS Y 196 105.70 26.28 -67.48
N GLN Y 197 105.79 25.21 -66.68
CA GLN Y 197 105.66 23.86 -67.22
C GLN Y 197 104.23 23.58 -67.65
N ARG Y 198 103.25 24.06 -66.89
CA ARG Y 198 101.85 23.92 -67.30
C ARG Y 198 101.54 24.72 -68.55
N THR Y 199 102.12 25.91 -68.69
CA THR Y 199 101.94 26.71 -69.90
C THR Y 199 102.57 26.04 -71.11
N LYS Y 200 103.77 25.47 -70.93
CA LYS Y 200 104.44 24.76 -72.03
C LYS Y 200 103.68 23.49 -72.41
N LYS Y 201 103.13 22.78 -71.42
CA LYS Y 201 102.34 21.58 -71.71
C LYS Y 201 101.04 21.91 -72.42
N ASN Y 202 100.42 23.04 -72.04
CA ASN Y 202 99.20 23.48 -72.72
C ASN Y 202 99.50 23.87 -74.15
N LYS Y 203 100.62 24.55 -74.39
CA LYS Y 203 101.01 24.89 -75.76
C LYS Y 203 101.35 23.66 -76.59
N GLU Y 204 102.02 22.67 -75.98
CA GLU Y 204 102.34 21.44 -76.70
C GLU Y 204 101.09 20.64 -77.05
N GLU Y 205 100.13 20.55 -76.12
CA GLU Y 205 98.89 19.84 -76.40
C GLU Y 205 98.05 20.59 -77.44
N ALA Y 206 98.10 21.92 -77.41
CA ALA Y 206 97.38 22.72 -78.41
C ALA Y 206 97.98 22.52 -79.80
N ALA Y 207 99.32 22.53 -79.90
CA ALA Y 207 99.97 22.29 -81.18
C ALA Y 207 99.77 20.87 -81.67
N GLU Y 208 99.75 19.90 -80.75
CA GLU Y 208 99.54 18.50 -81.13
C GLU Y 208 98.13 18.29 -81.66
N TYR Y 209 97.12 18.87 -81.00
CA TYR Y 209 95.77 18.72 -81.50
C TYR Y 209 95.52 19.54 -82.75
N ALA Y 210 96.24 20.67 -82.93
CA ALA Y 210 96.17 21.39 -84.19
C ALA Y 210 96.73 20.55 -85.34
N LYS Y 211 97.83 19.82 -85.07
CA LYS Y 211 98.39 18.91 -86.07
C LYS Y 211 97.43 17.79 -86.40
N LEU Y 212 96.84 17.16 -85.38
CA LEU Y 212 95.89 16.07 -85.61
C LEU Y 212 94.59 16.55 -86.26
N LEU Y 213 94.15 17.78 -85.97
CA LEU Y 213 92.99 18.32 -86.66
C LEU Y 213 93.32 18.69 -88.09
N ALA Y 214 94.57 19.08 -88.38
CA ALA Y 214 95.01 19.28 -89.75
C ALA Y 214 95.02 17.98 -90.54
N LYS Y 215 95.54 16.89 -89.95
CA LYS Y 215 95.45 15.59 -90.61
C LYS Y 215 94.01 15.08 -90.72
N ARG Y 216 93.16 15.40 -89.74
CA ARG Y 216 91.76 14.99 -89.82
C ARG Y 216 91.04 15.74 -90.94
N MET Y 217 91.33 17.03 -91.12
CA MET Y 217 90.77 17.76 -92.25
C MET Y 217 91.35 17.28 -93.57
N LYS Y 218 92.61 16.86 -93.56
CA LYS Y 218 93.23 16.28 -94.76
C LYS Y 218 92.54 14.99 -95.16
N GLU Y 219 92.27 14.11 -94.20
CA GLU Y 219 91.54 12.88 -94.48
C GLU Y 219 90.09 13.16 -94.84
N ALA Y 220 89.51 14.24 -94.30
CA ALA Y 220 88.16 14.64 -94.67
C ALA Y 220 88.08 15.08 -96.13
N LYS Y 221 89.03 15.92 -96.56
CA LYS Y 221 89.07 16.30 -97.97
C LYS Y 221 89.45 15.13 -98.88
N GLU Y 222 90.27 14.20 -98.40
CA GLU Y 222 90.55 12.98 -99.17
C GLU Y 222 89.30 12.13 -99.34
N LYS Y 223 88.46 12.06 -98.29
CA LYS Y 223 87.16 11.41 -98.44
C LYS Y 223 86.24 12.20 -99.38
N ARG Y 224 86.38 13.52 -99.43
CA ARG Y 224 85.61 14.30 -100.41
C ARG Y 224 86.03 13.99 -101.83
N GLN Y 225 87.34 13.85 -102.08
CA GLN Y 225 87.77 13.39 -103.41
C GLN Y 225 87.38 11.94 -103.67
N GLU Y 226 87.25 11.11 -102.63
CA GLU Y 226 86.70 9.77 -102.82
C GLU Y 226 85.23 9.82 -103.25
N GLN Y 227 84.43 10.71 -102.64
CA GLN Y 227 83.06 10.96 -103.12
C GLN Y 227 83.05 11.45 -104.56
N ILE Y 228 84.00 12.32 -104.94
CA ILE Y 228 84.08 12.79 -106.32
C ILE Y 228 84.41 11.65 -107.27
N ALA Y 229 85.36 10.79 -106.90
CA ALA Y 229 85.76 9.68 -107.76
C ALA Y 229 84.69 8.59 -107.85
N LYS Y 230 83.87 8.43 -106.80
CA LYS Y 230 82.81 7.42 -106.87
C LYS Y 230 81.57 7.95 -107.59
N ARG Y 231 81.25 9.24 -107.43
CA ARG Y 231 80.09 9.79 -108.13
C ARG Y 231 80.39 10.09 -109.60
N ARG Y 232 81.66 10.34 -109.93
CA ARG Y 232 82.03 10.65 -111.30
C ARG Y 232 82.97 9.60 -111.87
N ASN Z 1 46.11 -11.14 -119.00
CA ASN Z 1 46.86 -10.57 -120.11
C ASN Z 1 48.30 -11.06 -120.16
N GLY Z 2 48.85 -11.35 -118.99
CA GLY Z 2 50.22 -11.82 -118.92
C GLY Z 2 50.38 -13.27 -119.32
N GLU Z 3 49.33 -14.07 -119.19
CA GLU Z 3 49.34 -15.47 -119.56
C GLU Z 3 48.90 -15.63 -121.00
N LYS Z 4 49.57 -16.53 -121.73
CA LYS Z 4 49.26 -16.77 -123.12
C LYS Z 4 48.61 -18.14 -123.32
N PRO Z 5 47.69 -18.26 -124.28
CA PRO Z 5 47.11 -19.58 -124.58
C PRO Z 5 48.12 -20.46 -125.31
N ASP Z 6 48.32 -21.67 -124.81
CA ASP Z 6 49.21 -22.64 -125.42
C ASP Z 6 48.40 -23.50 -126.40
N GLU Z 7 48.98 -24.64 -126.81
CA GLU Z 7 48.49 -25.42 -127.95
C GLU Z 7 47.08 -26.00 -127.74
N PHE Z 8 46.62 -26.14 -126.50
CA PHE Z 8 45.25 -26.59 -126.26
C PHE Z 8 44.33 -25.50 -125.74
N GLU Z 9 44.84 -24.52 -124.99
CA GLU Z 9 44.01 -23.39 -124.59
C GLU Z 9 43.59 -22.54 -125.78
N SER Z 10 44.52 -22.26 -126.71
CA SER Z 10 44.16 -21.55 -127.92
C SER Z 10 43.25 -22.37 -128.81
N GLY Z 11 43.42 -23.70 -128.78
CA GLY Z 11 42.53 -24.58 -129.52
C GLY Z 11 41.11 -24.57 -129.00
N ILE Z 12 40.93 -24.57 -127.68
CA ILE Z 12 39.59 -24.46 -127.10
C ILE Z 12 39.02 -23.06 -127.35
N SER Z 13 39.87 -22.03 -127.29
CA SER Z 13 39.42 -20.66 -127.50
C SER Z 13 38.97 -20.41 -128.94
N GLN Z 14 39.58 -21.10 -129.90
CA GLN Z 14 39.08 -21.01 -131.27
C GLN Z 14 37.98 -22.02 -131.56
N ALA Z 15 37.91 -23.12 -130.81
CA ALA Z 15 36.84 -24.08 -131.00
C ALA Z 15 35.50 -23.52 -130.54
N LEU Z 16 35.47 -22.80 -129.42
CA LEU Z 16 34.24 -22.13 -129.02
C LEU Z 16 33.92 -20.95 -129.93
N LEU Z 17 34.95 -20.31 -130.50
CA LEU Z 17 34.74 -19.29 -131.51
C LEU Z 17 34.08 -19.85 -132.76
N GLU Z 18 34.41 -21.10 -133.11
CA GLU Z 18 33.72 -21.76 -134.22
C GLU Z 18 32.33 -22.25 -133.81
N LEU Z 19 32.16 -22.69 -132.57
CA LEU Z 19 30.87 -23.21 -132.11
C LEU Z 19 29.83 -22.13 -131.86
N GLU Z 20 30.24 -20.89 -131.62
CA GLU Z 20 29.25 -19.84 -131.38
C GLU Z 20 28.51 -19.41 -132.63
N MET Z 21 29.04 -19.74 -133.82
CA MET Z 21 28.40 -19.39 -135.08
C MET Z 21 27.37 -20.46 -135.44
N ASN Z 22 26.15 -20.00 -135.75
CA ASN Z 22 25.02 -20.83 -136.21
C ASN Z 22 24.65 -21.90 -135.18
N SER Z 23 24.30 -21.45 -133.99
CA SER Z 23 23.86 -22.32 -132.91
C SER Z 23 23.02 -21.49 -131.94
N ASP Z 24 22.68 -22.09 -130.80
CA ASP Z 24 22.00 -21.39 -129.72
C ASP Z 24 22.97 -20.76 -128.73
N LEU Z 25 24.27 -20.80 -129.04
CA LEU Z 25 25.32 -20.27 -128.17
C LEU Z 25 25.88 -18.96 -128.70
N LYS Z 26 25.03 -18.10 -129.27
CA LYS Z 26 25.50 -16.87 -129.89
C LYS Z 26 25.87 -15.83 -128.84
N ALA Z 27 24.90 -15.37 -128.06
CA ALA Z 27 25.17 -14.32 -127.07
C ALA Z 27 25.93 -14.84 -125.86
N GLN Z 28 25.74 -16.12 -125.53
CA GLN Z 28 26.41 -16.71 -124.37
C GLN Z 28 27.92 -16.81 -124.60
N LEU Z 29 28.32 -17.41 -125.73
CA LEU Z 29 29.74 -17.46 -126.05
C LEU Z 29 30.27 -16.12 -126.56
N ARG Z 30 29.36 -15.19 -126.94
CA ARG Z 30 29.80 -13.82 -127.22
C ARG Z 30 30.26 -13.12 -125.96
N GLU Z 31 29.46 -13.21 -124.89
CA GLU Z 31 29.77 -12.55 -123.62
C GLU Z 31 30.61 -13.40 -122.69
N LEU Z 32 30.96 -14.62 -123.08
CA LEU Z 32 31.71 -15.51 -122.21
C LEU Z 32 33.21 -15.30 -122.38
N ASN Z 33 33.95 -15.38 -121.27
CA ASN Z 33 35.40 -15.30 -121.28
C ASN Z 33 35.98 -16.54 -120.63
N ILE Z 34 37.24 -16.85 -120.98
CA ILE Z 34 37.94 -18.02 -120.51
C ILE Z 34 39.26 -17.57 -119.88
N THR Z 35 39.51 -18.02 -118.65
CA THR Z 35 40.79 -17.69 -118.01
C THR Z 35 41.90 -18.62 -118.48
N ALA Z 36 41.78 -19.92 -118.19
CA ALA Z 36 42.78 -20.90 -118.59
C ALA Z 36 42.14 -22.28 -118.58
N ALA Z 37 42.97 -23.29 -118.88
CA ALA Z 37 42.53 -24.67 -118.97
C ALA Z 37 43.71 -25.58 -118.64
N LYS Z 38 43.40 -26.75 -118.07
CA LYS Z 38 44.43 -27.72 -117.69
C LYS Z 38 44.02 -29.12 -118.12
N GLU Z 39 44.97 -29.85 -118.69
CA GLU Z 39 44.74 -31.20 -119.20
C GLU Z 39 45.28 -32.21 -118.19
N ILE Z 40 44.39 -33.04 -117.64
CA ILE Z 40 44.72 -33.90 -116.51
C ILE Z 40 44.51 -35.35 -116.93
N GLU Z 41 45.57 -36.15 -116.85
CA GLU Z 41 45.47 -37.59 -117.06
C GLU Z 41 45.05 -38.26 -115.75
N VAL Z 42 43.98 -39.04 -115.80
CA VAL Z 42 43.41 -39.68 -114.61
C VAL Z 42 43.43 -41.19 -114.81
N GLY Z 43 44.10 -41.88 -113.90
CA GLY Z 43 44.13 -43.34 -113.90
C GLY Z 43 45.18 -43.99 -114.79
N GLY Z 44 45.29 -43.54 -116.02
CA GLY Z 44 46.23 -44.11 -116.96
C GLY Z 44 45.55 -44.50 -118.27
N GLY Z 45 46.01 -43.93 -119.37
CA GLY Z 45 45.39 -44.14 -120.66
C GLY Z 45 44.15 -43.30 -120.92
N ARG Z 46 43.67 -42.55 -119.92
CA ARG Z 46 42.49 -41.72 -120.06
C ARG Z 46 42.75 -40.36 -119.45
N LYS Z 47 42.33 -39.31 -120.13
CA LYS Z 47 42.58 -37.94 -119.71
C LYS Z 47 41.34 -37.08 -119.95
N ALA Z 48 41.21 -36.05 -119.11
CA ALA Z 48 40.11 -35.10 -119.18
C ALA Z 48 40.67 -33.69 -119.23
N ILE Z 49 39.79 -32.73 -119.47
CA ILE Z 49 40.16 -31.32 -119.56
C ILE Z 49 39.32 -30.52 -118.56
N ILE Z 50 39.96 -29.60 -117.86
CA ILE Z 50 39.26 -28.68 -116.98
C ILE Z 50 39.48 -27.28 -117.53
N ILE Z 51 38.48 -26.41 -117.34
CA ILE Z 51 38.63 -25.00 -117.69
C ILE Z 51 38.22 -24.16 -116.49
N PHE Z 52 38.68 -22.91 -116.50
CA PHE Z 52 38.43 -21.98 -115.42
C PHE Z 52 37.22 -21.11 -115.76
N VAL Z 53 36.54 -20.67 -114.71
CA VAL Z 53 35.27 -19.97 -114.83
C VAL Z 53 35.38 -18.65 -114.08
N PRO Z 54 35.14 -17.51 -114.72
CA PRO Z 54 35.05 -16.25 -113.98
C PRO Z 54 33.77 -16.20 -113.16
N VAL Z 55 33.86 -15.55 -112.01
CA VAL Z 55 32.75 -15.42 -111.06
C VAL Z 55 31.58 -14.59 -111.64
N PRO Z 56 31.78 -13.48 -112.37
CA PRO Z 56 30.62 -12.91 -113.09
C PRO Z 56 30.11 -13.76 -114.24
N GLN Z 57 30.91 -14.68 -114.78
CA GLN Z 57 30.46 -15.55 -115.84
C GLN Z 57 29.83 -16.83 -115.32
N LEU Z 58 29.70 -16.98 -114.01
CA LEU Z 58 29.05 -18.13 -113.43
C LEU Z 58 27.56 -18.17 -113.76
N LYS Z 59 26.91 -17.01 -113.84
CA LYS Z 59 25.52 -16.96 -114.28
C LYS Z 59 25.40 -17.33 -115.76
N SER Z 60 26.40 -17.00 -116.57
CA SER Z 60 26.36 -17.36 -117.99
C SER Z 60 26.56 -18.86 -118.17
N PHE Z 61 27.42 -19.47 -117.36
CA PHE Z 61 27.51 -20.93 -117.38
C PHE Z 61 26.28 -21.59 -116.77
N GLN Z 62 25.61 -20.91 -115.83
CA GLN Z 62 24.48 -21.50 -115.12
C GLN Z 62 23.20 -21.48 -115.96
N LYS Z 63 23.00 -20.43 -116.76
CA LYS Z 63 21.79 -20.32 -117.56
C LYS Z 63 21.77 -21.35 -118.68
N ILE Z 64 22.89 -21.50 -119.39
CA ILE Z 64 23.01 -22.48 -120.47
C ILE Z 64 24.19 -23.38 -120.14
N GLN Z 65 23.90 -24.63 -119.82
CA GLN Z 65 24.95 -25.62 -119.55
C GLN Z 65 24.71 -26.96 -120.21
N VAL Z 66 23.52 -27.22 -120.76
CA VAL Z 66 23.24 -28.52 -121.36
C VAL Z 66 23.93 -28.65 -122.72
N ARG Z 67 23.79 -27.62 -123.56
CA ARG Z 67 24.25 -27.70 -124.94
C ARG Z 67 25.78 -27.61 -125.02
N LEU Z 68 26.39 -26.81 -124.16
CA LEU Z 68 27.80 -26.48 -124.30
C LEU Z 68 28.70 -27.66 -123.94
N VAL Z 69 28.36 -28.40 -122.88
CA VAL Z 69 29.17 -29.55 -122.49
C VAL Z 69 29.01 -30.68 -123.51
N ARG Z 70 27.85 -30.79 -124.16
CA ARG Z 70 27.68 -31.77 -125.22
C ARG Z 70 28.48 -31.38 -126.46
N GLU Z 71 28.46 -30.10 -126.84
CA GLU Z 71 29.22 -29.65 -128.00
C GLU Z 71 30.73 -29.71 -127.77
N LEU Z 72 31.17 -29.66 -126.50
CA LEU Z 72 32.58 -29.87 -126.24
C LEU Z 72 32.97 -31.35 -126.18
N GLU Z 73 32.17 -32.17 -125.51
CA GLU Z 73 32.56 -33.55 -125.29
C GLU Z 73 32.33 -34.43 -126.51
N LYS Z 74 31.40 -34.05 -127.40
CA LYS Z 74 31.19 -34.82 -128.62
C LYS Z 74 32.12 -34.41 -129.74
N LYS Z 75 32.93 -33.37 -129.55
CA LYS Z 75 33.80 -32.86 -130.61
C LYS Z 75 35.27 -32.72 -130.20
N PHE Z 76 35.60 -32.82 -128.91
CA PHE Z 76 36.99 -32.72 -128.47
C PHE Z 76 37.40 -34.06 -127.87
N SER Z 77 37.79 -34.99 -128.75
CA SER Z 77 38.46 -36.26 -128.44
C SER Z 77 37.68 -37.19 -127.53
N GLY Z 78 36.39 -36.94 -127.31
CA GLY Z 78 35.62 -37.72 -126.34
C GLY Z 78 36.04 -37.52 -124.90
N LYS Z 79 36.71 -36.42 -124.58
CA LYS Z 79 37.22 -36.17 -123.25
C LYS Z 79 36.16 -35.51 -122.38
N HIS Z 80 36.34 -35.63 -121.07
CA HIS Z 80 35.40 -35.05 -120.12
C HIS Z 80 35.78 -33.61 -119.80
N VAL Z 81 34.83 -32.70 -119.93
CA VAL Z 81 35.04 -31.28 -119.71
C VAL Z 81 34.52 -30.91 -118.33
N VAL Z 82 35.38 -30.32 -117.51
CA VAL Z 82 35.04 -29.95 -116.13
C VAL Z 82 35.14 -28.43 -116.02
N PHE Z 83 34.18 -27.83 -115.31
CA PHE Z 83 34.15 -26.39 -115.06
C PHE Z 83 34.57 -26.16 -113.61
N ILE Z 84 35.63 -25.40 -113.39
CA ILE Z 84 35.96 -24.98 -112.03
C ILE Z 84 36.12 -23.47 -112.01
N ALA Z 85 35.59 -22.84 -110.96
CA ALA Z 85 35.56 -21.39 -110.87
C ALA Z 85 36.88 -20.88 -110.31
N GLN Z 86 37.54 -20.00 -111.06
CA GLN Z 86 38.83 -19.45 -110.65
C GLN Z 86 38.58 -18.32 -109.66
N ARG Z 87 38.56 -18.68 -108.38
CA ARG Z 87 38.38 -17.73 -107.30
C ARG Z 87 39.71 -17.49 -106.60
N ARG Z 88 39.97 -16.24 -106.23
CA ARG Z 88 41.24 -15.87 -105.63
C ARG Z 88 41.22 -16.23 -104.15
N ILE Z 89 42.21 -17.01 -103.71
CA ILE Z 89 42.33 -17.42 -102.31
C ILE Z 89 43.20 -16.41 -101.58
N LEU Z 90 42.62 -15.75 -100.59
CA LEU Z 90 43.38 -14.80 -99.79
C LEU Z 90 43.80 -15.46 -98.49
N PRO Z 91 45.08 -15.35 -98.09
CA PRO Z 91 45.51 -15.98 -96.84
C PRO Z 91 45.02 -15.21 -95.63
N LYS Z 92 44.92 -15.93 -94.50
CA LYS Z 92 44.46 -15.28 -93.28
C LYS Z 92 45.59 -14.45 -92.67
N PRO Z 93 45.26 -13.35 -92.01
CA PRO Z 93 46.31 -12.52 -91.38
C PRO Z 93 46.78 -13.11 -90.07
N THR Z 94 48.10 -13.06 -89.87
CA THR Z 94 48.72 -13.44 -88.62
C THR Z 94 49.43 -12.23 -88.03
N ARG Z 95 50.01 -12.44 -86.85
CA ARG Z 95 50.62 -11.34 -86.11
C ARG Z 95 51.99 -10.99 -86.68
N LYS Z 96 52.82 -11.99 -86.95
CA LYS Z 96 54.21 -11.78 -87.31
C LYS Z 96 54.44 -11.70 -88.81
N SER Z 97 53.40 -11.86 -89.63
CA SER Z 97 53.57 -11.68 -91.07
C SER Z 97 53.54 -10.19 -91.41
N ARG Z 98 52.40 -9.54 -91.20
CA ARG Z 98 52.27 -8.10 -91.30
C ARG Z 98 51.02 -7.67 -90.56
N THR Z 99 51.16 -6.70 -89.66
CA THR Z 99 50.01 -5.97 -89.14
C THR Z 99 49.49 -5.09 -90.27
N LYS Z 100 48.40 -5.54 -90.89
CA LYS Z 100 48.11 -5.13 -92.26
C LYS Z 100 47.58 -3.71 -92.36
N ASN Z 101 46.63 -3.33 -91.49
CA ASN Z 101 45.84 -2.09 -91.60
C ASN Z 101 45.18 -2.00 -92.97
N LYS Z 102 44.50 -3.09 -93.35
CA LYS Z 102 43.91 -3.25 -94.66
C LYS Z 102 42.44 -3.61 -94.53
N GLN Z 103 41.82 -4.02 -95.64
CA GLN Z 103 40.54 -4.69 -95.59
C GLN Z 103 40.69 -6.01 -94.84
N LYS Z 104 39.62 -6.41 -94.12
CA LYS Z 104 39.69 -7.58 -93.25
C LYS Z 104 39.93 -8.87 -94.04
N ARG Z 105 38.86 -9.36 -94.70
CA ARG Z 105 38.76 -10.31 -95.80
C ARG Z 105 37.27 -10.50 -96.03
N PRO Z 106 36.82 -10.78 -97.25
CA PRO Z 106 35.51 -11.40 -97.41
C PRO Z 106 35.61 -12.89 -97.15
N ARG Z 107 34.61 -13.44 -96.45
CA ARG Z 107 34.68 -14.83 -96.02
C ARG Z 107 34.32 -15.83 -97.10
N SER Z 108 34.15 -15.39 -98.34
CA SER Z 108 34.12 -16.27 -99.50
C SER Z 108 35.47 -16.35 -100.21
N ARG Z 109 36.44 -15.54 -99.79
CA ARG Z 109 37.79 -15.59 -100.34
C ARG Z 109 38.65 -16.65 -99.66
N THR Z 110 38.21 -17.16 -98.51
CA THR Z 110 39.03 -18.07 -97.72
C THR Z 110 39.11 -19.44 -98.37
N LEU Z 111 40.13 -20.20 -97.97
CA LEU Z 111 40.42 -21.51 -98.55
C LEU Z 111 39.29 -22.51 -98.32
N THR Z 112 38.66 -22.44 -97.14
CA THR Z 112 37.59 -23.36 -96.80
C THR Z 112 36.38 -23.17 -97.72
N ALA Z 113 35.88 -21.93 -97.82
CA ALA Z 113 34.75 -21.63 -98.69
C ALA Z 113 35.09 -21.82 -100.16
N VAL Z 114 36.33 -21.53 -100.57
CA VAL Z 114 36.72 -21.69 -101.96
C VAL Z 114 36.74 -23.16 -102.36
N HIS Z 115 37.38 -24.03 -101.58
CA HIS Z 115 37.41 -25.41 -102.05
C HIS Z 115 36.12 -26.15 -101.72
N ASP Z 116 35.29 -25.65 -100.78
CA ASP Z 116 33.95 -26.19 -100.64
C ASP Z 116 33.06 -25.83 -101.82
N ALA Z 117 33.16 -24.61 -102.35
CA ALA Z 117 32.42 -24.30 -103.57
C ALA Z 117 33.05 -24.94 -104.81
N ILE Z 118 34.34 -25.30 -104.76
CA ILE Z 118 34.91 -26.15 -105.81
C ILE Z 118 34.27 -27.53 -105.78
N LEU Z 119 34.14 -28.14 -104.60
CA LEU Z 119 33.43 -29.41 -104.45
C LEU Z 119 31.96 -29.30 -104.83
N GLU Z 120 31.35 -28.12 -104.65
CA GLU Z 120 29.99 -27.92 -105.13
C GLU Z 120 29.92 -27.78 -106.64
N ASP Z 121 30.86 -27.06 -107.26
CA ASP Z 121 30.81 -26.76 -108.68
C ASP Z 121 31.42 -27.84 -109.55
N LEU Z 122 32.05 -28.86 -108.97
CA LEU Z 122 32.43 -30.03 -109.76
C LEU Z 122 31.19 -30.72 -110.35
N VAL Z 123 30.33 -31.26 -109.49
CA VAL Z 123 29.09 -31.85 -109.97
C VAL Z 123 28.11 -30.71 -110.15
N PHE Z 124 28.11 -30.12 -111.34
CA PHE Z 124 27.33 -28.92 -111.61
C PHE Z 124 25.85 -29.16 -111.97
N PRO Z 125 25.46 -30.11 -112.84
CA PRO Z 125 24.01 -30.26 -113.10
C PRO Z 125 23.26 -30.94 -111.98
N SER Z 126 23.93 -31.62 -111.06
CA SER Z 126 23.28 -32.34 -109.96
C SER Z 126 23.71 -31.73 -108.64
N GLU Z 127 22.73 -31.30 -107.84
CA GLU Z 127 23.02 -30.71 -106.55
C GLU Z 127 23.45 -31.78 -105.55
N ILE Z 128 24.22 -31.36 -104.54
CA ILE Z 128 24.69 -32.28 -103.53
C ILE Z 128 23.59 -32.56 -102.52
N VAL Z 129 23.73 -33.67 -101.80
CA VAL Z 129 22.74 -34.11 -100.82
C VAL Z 129 23.31 -34.05 -99.40
N GLY Z 130 24.52 -34.56 -99.20
CA GLY Z 130 25.13 -34.51 -97.88
C GLY Z 130 26.61 -34.84 -97.90
N LYS Z 131 27.39 -34.14 -97.08
CA LYS Z 131 28.83 -34.35 -96.99
C LYS Z 131 29.17 -35.11 -95.72
N ARG Z 132 30.14 -36.02 -95.83
CA ARG Z 132 30.62 -36.79 -94.68
C ARG Z 132 32.13 -36.84 -94.76
N ILE Z 133 32.78 -36.68 -93.61
CA ILE Z 133 34.24 -36.61 -93.55
C ILE Z 133 34.74 -37.83 -92.80
N ARG Z 134 35.10 -38.87 -93.54
CA ARG Z 134 35.56 -40.11 -92.93
C ARG Z 134 37.02 -39.96 -92.51
N VAL Z 135 37.35 -40.40 -91.30
CA VAL Z 135 38.71 -40.39 -90.81
C VAL Z 135 39.05 -41.83 -90.43
N LYS Z 136 39.78 -42.48 -91.32
CA LYS Z 136 40.36 -43.81 -91.16
C LYS Z 136 41.60 -43.70 -90.26
N LEU Z 137 42.10 -44.84 -89.79
CA LEU Z 137 43.19 -44.88 -88.82
C LEU Z 137 44.53 -44.49 -89.42
N ASP Z 138 44.65 -43.24 -89.85
CA ASP Z 138 45.87 -42.67 -90.42
C ASP Z 138 45.77 -41.14 -90.31
N GLY Z 139 46.65 -40.46 -91.03
CA GLY Z 139 46.61 -39.01 -91.12
C GLY Z 139 45.87 -38.47 -92.33
N SER Z 140 45.07 -39.28 -93.00
CA SER Z 140 44.36 -38.88 -94.21
C SER Z 140 42.87 -38.80 -93.94
N ARG Z 141 42.15 -38.08 -94.81
CA ARG Z 141 40.72 -37.86 -94.68
C ARG Z 141 40.04 -38.22 -95.99
N LEU Z 142 38.95 -38.98 -95.90
CA LEU Z 142 38.13 -39.31 -97.05
C LEU Z 142 36.91 -38.41 -97.07
N ILE Z 143 36.51 -37.97 -98.27
CA ILE Z 143 35.37 -37.07 -98.41
C ILE Z 143 34.25 -37.82 -99.11
N LYS Z 144 33.28 -38.32 -98.36
CA LYS Z 144 32.18 -39.08 -98.94
C LYS Z 144 30.99 -38.16 -99.08
N VAL Z 145 30.69 -37.77 -100.32
CA VAL Z 145 29.59 -36.84 -100.59
C VAL Z 145 28.53 -37.55 -101.41
N HIS Z 146 27.27 -37.33 -101.03
CA HIS Z 146 26.11 -37.92 -101.68
C HIS Z 146 25.68 -37.05 -102.85
N LEU Z 147 25.16 -37.69 -103.89
CA LEU Z 147 24.64 -36.99 -105.04
C LEU Z 147 23.20 -37.42 -105.31
N ASP Z 148 22.54 -36.69 -106.20
CA ASP Z 148 21.13 -36.93 -106.48
C ASP Z 148 20.97 -38.14 -107.39
N LYS Z 149 19.78 -38.74 -107.32
CA LYS Z 149 19.40 -39.88 -108.14
C LYS Z 149 18.93 -39.44 -109.54
N ALA Z 150 18.71 -38.14 -109.75
CA ALA Z 150 18.09 -37.67 -110.98
C ALA Z 150 19.02 -37.82 -112.18
N GLN Z 151 20.33 -37.79 -111.97
CA GLN Z 151 21.30 -38.01 -113.03
C GLN Z 151 22.31 -39.05 -112.57
N GLN Z 152 22.31 -40.20 -113.24
CA GLN Z 152 23.18 -41.31 -112.87
C GLN Z 152 24.15 -41.70 -113.97
N ASN Z 153 23.68 -41.83 -115.22
CA ASN Z 153 24.53 -42.32 -116.29
C ASN Z 153 25.61 -41.32 -116.70
N ASN Z 154 25.30 -40.02 -116.65
CA ASN Z 154 26.30 -39.02 -116.94
C ASN Z 154 27.26 -38.81 -115.77
N VAL Z 155 26.75 -38.80 -114.55
CA VAL Z 155 27.58 -38.48 -113.39
C VAL Z 155 28.46 -39.68 -113.01
N GLU Z 156 28.04 -40.90 -113.38
CA GLU Z 156 28.87 -42.08 -113.16
C GLU Z 156 30.13 -42.05 -114.01
N HIS Z 157 30.05 -41.47 -115.21
CA HIS Z 157 31.25 -41.23 -116.01
C HIS Z 157 32.07 -40.06 -115.49
N LYS Z 158 31.51 -39.25 -114.58
CA LYS Z 158 32.20 -38.08 -114.06
C LYS Z 158 32.79 -38.28 -112.67
N VAL Z 159 32.43 -39.36 -111.97
CA VAL Z 159 32.96 -39.61 -110.62
C VAL Z 159 34.47 -39.78 -110.65
N GLU Z 160 34.97 -40.70 -111.49
CA GLU Z 160 36.40 -40.94 -111.59
C GLU Z 160 37.12 -39.74 -112.22
N THR Z 161 36.42 -38.98 -113.07
CA THR Z 161 36.99 -37.76 -113.62
C THR Z 161 37.20 -36.71 -112.53
N PHE Z 162 36.16 -36.45 -111.73
CA PHE Z 162 36.23 -35.43 -110.69
C PHE Z 162 37.16 -35.80 -109.57
N SER Z 163 37.33 -37.11 -109.29
CA SER Z 163 38.19 -37.54 -108.20
C SER Z 163 39.65 -37.17 -108.44
N GLY Z 164 40.16 -37.50 -109.64
CA GLY Z 164 41.53 -37.15 -109.96
C GLY Z 164 41.78 -35.66 -110.07
N VAL Z 165 40.77 -34.91 -110.54
CA VAL Z 165 40.88 -33.46 -110.63
C VAL Z 165 40.97 -32.84 -109.24
N TYR Z 166 40.15 -33.31 -108.30
CA TYR Z 166 40.21 -32.75 -106.96
C TYR Z 166 41.46 -33.22 -106.21
N LYS Z 167 41.95 -34.43 -106.51
CA LYS Z 167 43.21 -34.87 -105.92
C LYS Z 167 44.40 -34.08 -106.48
N LYS Z 168 44.31 -33.60 -107.72
CA LYS Z 168 45.38 -32.77 -108.26
C LYS Z 168 45.28 -31.34 -107.72
N LEU Z 169 44.06 -30.80 -107.59
CA LEU Z 169 43.90 -29.43 -107.12
C LEU Z 169 44.19 -29.31 -105.62
N THR Z 170 43.42 -30.00 -104.79
CA THR Z 170 43.58 -29.89 -103.34
C THR Z 170 44.52 -30.97 -102.81
N GLY Z 171 44.16 -32.23 -103.04
CA GLY Z 171 44.93 -33.35 -102.51
C GLY Z 171 44.14 -34.27 -101.61
N LYS Z 172 42.90 -33.94 -101.27
CA LYS Z 172 42.08 -34.79 -100.41
C LYS Z 172 41.37 -35.84 -101.24
N ASP Z 173 41.33 -37.06 -100.73
CA ASP Z 173 40.70 -38.17 -101.42
C ASP Z 173 39.18 -38.10 -101.24
N VAL Z 174 38.44 -38.34 -102.33
CA VAL Z 174 36.99 -38.27 -102.31
C VAL Z 174 36.41 -39.63 -102.71
N ASN Z 175 35.12 -39.79 -102.43
CA ASN Z 175 34.39 -41.00 -102.78
C ASN Z 175 32.93 -40.58 -102.99
N PHE Z 176 32.55 -40.37 -104.25
CA PHE Z 176 31.19 -39.97 -104.57
C PHE Z 176 30.23 -41.13 -104.40
N GLU Z 177 29.05 -40.84 -103.85
CA GLU Z 177 28.06 -41.88 -103.58
C GLU Z 177 26.73 -41.49 -104.23
N PHE Z 178 26.00 -42.50 -104.70
CA PHE Z 178 24.68 -42.34 -105.31
C PHE Z 178 23.64 -43.02 -104.42
N PRO Z 179 23.14 -42.36 -103.38
CA PRO Z 179 22.12 -42.97 -102.52
C PRO Z 179 20.73 -42.79 -103.12
N GLU Z 180 19.76 -43.43 -102.48
CA GLU Z 180 18.36 -43.19 -102.81
C GLU Z 180 17.91 -41.87 -102.19
N PHE Z 181 17.00 -41.19 -102.88
CA PHE Z 181 16.55 -39.88 -102.43
C PHE Z 181 15.57 -40.01 -101.28
N GLN Z 182 15.78 -39.21 -100.23
CA GLN Z 182 14.91 -39.23 -99.06
C GLN Z 182 13.70 -38.34 -99.35
N LEU Z 183 12.72 -38.94 -100.06
CA LEU Z 183 11.51 -38.22 -100.45
C LEU Z 183 10.57 -38.08 -99.27
N GLY AA 1 61.11 25.97 -38.93
CA GLY AA 1 60.54 24.64 -38.97
C GLY AA 1 59.54 24.45 -40.09
N ILE AA 2 59.71 25.23 -41.16
CA ILE AA 2 58.80 25.15 -42.30
C ILE AA 2 59.13 23.88 -43.08
N SER AA 3 58.13 23.05 -43.30
CA SER AA 3 58.31 21.79 -44.01
C SER AA 3 57.55 21.85 -45.33
N ARG AA 4 58.29 21.76 -46.44
CA ARG AA 4 57.73 21.62 -47.77
C ARG AA 4 57.47 20.17 -48.14
N ASP AA 5 57.39 19.28 -47.15
CA ASP AA 5 57.25 17.86 -47.38
C ASP AA 5 55.86 17.50 -47.90
N ASN AA 6 55.74 16.28 -48.40
CA ASN AA 6 54.47 15.78 -48.91
C ASN AA 6 53.92 14.59 -48.13
N TRP AA 7 54.55 14.21 -47.03
CA TRP AA 7 54.07 13.07 -46.26
C TRP AA 7 52.97 13.44 -45.26
N HIS AA 8 52.68 14.72 -45.09
CA HIS AA 8 51.56 15.14 -44.26
C HIS AA 8 50.31 15.42 -45.09
N LYS AA 9 50.26 14.93 -46.31
CA LYS AA 9 49.16 15.19 -47.22
C LYS AA 9 48.24 13.98 -47.35
N ARG AA 10 47.17 14.17 -48.11
CA ARG AA 10 46.21 13.11 -48.37
C ARG AA 10 46.59 12.34 -49.63
N ARG AA 11 45.97 11.17 -49.78
CA ARG AA 11 46.30 10.26 -50.87
C ARG AA 11 45.56 10.63 -52.15
N LYS AA 12 45.52 9.69 -53.10
CA LYS AA 12 44.73 9.86 -54.32
C LYS AA 12 43.26 10.06 -54.01
N THR AA 13 42.74 9.29 -53.05
CA THR AA 13 41.34 9.44 -52.65
C THR AA 13 41.15 10.62 -51.71
N GLY AA 14 41.99 10.72 -50.69
CA GLY AA 14 41.80 11.73 -49.66
C GLY AA 14 41.90 11.14 -48.27
N GLY AA 15 42.41 9.92 -48.18
CA GLY AA 15 42.62 9.31 -46.88
C GLY AA 15 43.77 9.98 -46.14
N LYS AA 16 43.54 10.22 -44.84
CA LYS AA 16 44.54 10.89 -44.02
C LYS AA 16 45.72 9.97 -43.76
N ARG AA 17 46.92 10.43 -44.10
CA ARG AA 17 48.12 9.63 -43.96
C ARG AA 17 48.65 9.73 -42.54
N LYS AA 18 49.09 8.59 -42.00
CA LYS AA 18 49.55 8.54 -40.61
C LYS AA 18 50.94 9.14 -40.49
N PRO AA 19 51.16 10.09 -39.58
CA PRO AA 19 52.49 10.70 -39.44
C PRO AA 19 53.45 9.84 -38.65
N TYR AA 20 54.66 9.67 -39.19
CA TYR AA 20 55.72 8.99 -38.45
C TYR AA 20 57.10 9.64 -38.55
N HIS AA 21 57.32 10.57 -39.47
CA HIS AA 21 58.58 11.30 -39.52
C HIS AA 21 58.57 12.45 -38.51
N LYS AA 22 59.70 13.16 -38.41
CA LYS AA 22 59.79 14.32 -37.53
C LYS AA 22 60.27 15.56 -38.28
N LYS AA 23 59.87 15.72 -39.55
CA LYS AA 23 60.18 16.88 -40.40
C LYS AA 23 61.69 17.09 -40.53
N ARG AA 24 62.32 16.16 -41.24
CA ARG AA 24 63.77 15.99 -41.23
C ARG AA 24 64.49 17.17 -41.91
N LYS AA 25 65.82 17.06 -41.93
CA LYS AA 25 66.67 18.19 -42.33
C LYS AA 25 66.68 18.39 -43.84
N TYR AA 26 66.57 17.33 -44.64
CA TYR AA 26 66.72 17.44 -46.09
C TYR AA 26 65.51 18.04 -46.81
N GLU AA 27 64.56 18.62 -46.08
CA GLU AA 27 63.34 19.20 -46.62
C GLU AA 27 63.09 20.57 -45.98
N LEU AA 28 64.13 21.40 -46.00
CA LEU AA 28 64.12 22.71 -45.34
C LEU AA 28 63.08 23.65 -45.96
N GLY AA 29 62.61 24.57 -45.14
CA GLY AA 29 61.78 25.67 -45.60
C GLY AA 29 62.18 26.96 -44.93
N ARG AA 30 62.54 27.95 -45.72
CA ARG AA 30 62.93 29.24 -45.17
C ARG AA 30 61.88 30.29 -45.51
N PRO AA 31 61.65 31.26 -44.63
CA PRO AA 31 60.55 32.21 -44.86
C PRO AA 31 60.84 33.17 -46.00
N ALA AA 32 59.76 33.70 -46.57
CA ALA AA 32 59.86 34.55 -47.75
C ALA AA 32 60.45 35.91 -47.40
N ALA AA 33 61.18 36.49 -48.34
CA ALA AA 33 61.73 37.83 -48.20
C ALA AA 33 61.10 38.72 -49.26
N ASN AA 34 60.22 39.61 -48.83
CA ASN AA 34 59.58 40.56 -49.75
C ASN AA 34 60.61 41.60 -50.18
N THR AA 35 61.05 41.51 -51.43
CA THR AA 35 62.11 42.35 -51.94
C THR AA 35 61.55 43.75 -52.22
N LYS AA 36 61.94 44.72 -51.40
CA LYS AA 36 61.46 46.09 -51.53
C LYS AA 36 62.24 46.82 -52.62
N ILE AA 37 62.03 48.14 -52.71
CA ILE AA 37 62.72 48.95 -53.72
C ILE AA 37 63.58 50.01 -53.05
N GLY AA 38 64.07 49.72 -51.85
CA GLY AA 38 64.94 50.63 -51.13
C GLY AA 38 66.37 50.60 -51.64
N PRO AA 39 67.33 50.77 -50.75
CA PRO AA 39 68.75 50.65 -51.14
C PRO AA 39 69.13 49.19 -51.36
N ARG AA 40 70.36 48.98 -51.82
CA ARG AA 40 70.85 47.64 -52.06
C ARG AA 40 71.17 46.96 -50.73
N ARG AA 41 70.50 45.84 -50.44
CA ARG AA 41 70.71 45.12 -49.20
C ARG AA 41 70.49 43.64 -49.46
N ILE AA 42 71.58 42.87 -49.38
CA ILE AA 42 71.57 41.43 -49.65
C ILE AA 42 72.29 40.73 -48.51
N HIS AA 43 71.60 39.77 -47.89
CA HIS AA 43 72.18 38.93 -46.85
C HIS AA 43 72.53 37.56 -47.44
N THR AA 44 73.19 36.74 -46.63
CA THR AA 44 73.63 35.43 -47.06
C THR AA 44 72.78 34.33 -46.45
N VAL AA 45 72.73 33.18 -47.14
CA VAL AA 45 72.01 31.99 -46.71
C VAL AA 45 72.90 30.78 -46.98
N ARG AA 46 73.16 29.98 -45.94
CA ARG AA 46 73.87 28.74 -46.12
C ARG AA 46 72.97 27.71 -46.82
N VAL AA 47 73.54 26.96 -47.75
CA VAL AA 47 72.84 25.98 -48.55
C VAL AA 47 73.40 24.61 -48.22
N ARG AA 48 72.53 23.59 -48.19
CA ARG AA 48 72.98 22.20 -48.10
C ARG AA 48 73.93 21.86 -49.25
N GLY AA 49 75.14 21.43 -48.89
CA GLY AA 49 76.20 21.23 -49.85
C GLY AA 49 77.28 22.28 -49.81
N GLY AA 50 77.24 23.21 -48.87
CA GLY AA 50 78.24 24.24 -48.75
C GLY AA 50 78.06 25.44 -49.65
N ASN AA 51 76.97 25.49 -50.42
CA ASN AA 51 76.77 26.59 -51.32
C ASN AA 51 76.24 27.81 -50.58
N LYS AA 52 76.26 28.95 -51.27
CA LYS AA 52 75.84 30.22 -50.71
C LYS AA 52 74.73 30.81 -51.56
N LYS AA 53 73.69 31.30 -50.90
CA LYS AA 53 72.53 31.88 -51.58
C LYS AA 53 72.39 33.33 -51.17
N TYR AA 54 72.19 34.21 -52.14
CA TYR AA 54 72.23 35.65 -51.92
C TYR AA 54 70.80 36.17 -51.84
N ARG AA 55 70.32 36.39 -50.62
CA ARG AA 55 68.94 36.80 -50.37
C ARG AA 55 68.86 38.32 -50.47
N ALA AA 56 68.13 38.82 -51.46
CA ALA AA 56 67.99 40.26 -51.64
C ALA AA 56 66.77 40.74 -50.86
N LEU AA 57 67.01 41.45 -49.75
CA LEU AA 57 65.89 41.94 -48.96
C LEU AA 57 65.27 43.19 -49.57
N ARG AA 58 66.10 44.04 -50.18
CA ARG AA 58 65.64 45.21 -50.92
C ARG AA 58 66.75 45.62 -51.88
N LEU AA 59 66.35 46.13 -53.05
CA LEU AA 59 67.28 46.42 -54.13
C LEU AA 59 67.00 47.81 -54.70
N ASP AA 60 68.07 48.45 -55.19
CA ASP AA 60 67.98 49.74 -55.84
C ASP AA 60 68.36 49.65 -57.31
N VAL AA 61 69.55 49.17 -57.61
CA VAL AA 61 70.02 49.07 -58.98
C VAL AA 61 69.56 47.74 -59.57
N GLY AA 62 69.60 47.65 -60.90
CA GLY AA 62 69.13 46.46 -61.59
C GLY AA 62 69.76 46.38 -62.96
N ASN AA 63 69.59 45.21 -63.58
CA ASN AA 63 70.18 44.92 -64.88
C ASN AA 63 69.07 44.44 -65.81
N PHE AA 64 68.95 45.11 -66.96
CA PHE AA 64 67.86 44.84 -67.90
C PHE AA 64 68.39 44.86 -69.33
N SER AA 65 67.82 43.99 -70.15
CA SER AA 65 68.27 43.79 -71.52
C SER AA 65 67.20 44.28 -72.49
N TRP AA 66 67.59 45.17 -73.39
CA TRP AA 66 66.74 45.54 -74.52
C TRP AA 66 66.58 44.35 -75.46
N GLY AA 67 65.36 44.18 -75.96
CA GLY AA 67 65.02 42.98 -76.69
C GLY AA 67 65.52 42.91 -78.12
N SER AA 68 65.06 43.84 -78.96
CA SER AA 68 65.26 43.71 -80.40
C SER AA 68 66.68 44.06 -80.81
N GLU AA 69 67.21 45.17 -80.32
CA GLU AA 69 68.49 45.67 -80.80
C GLU AA 69 69.69 45.03 -80.10
N CYS AA 70 69.44 44.15 -79.12
CA CYS AA 70 70.45 43.39 -78.39
C CYS AA 70 71.45 44.32 -77.70
N CYS AA 71 70.96 45.06 -76.72
CA CYS AA 71 71.77 45.92 -75.87
C CYS AA 71 71.40 45.67 -74.43
N THR AA 72 72.30 46.05 -73.52
CA THR AA 72 72.08 45.86 -72.09
C THR AA 72 72.88 46.89 -71.32
N ARG AA 73 72.19 47.71 -70.53
CA ARG AA 73 72.85 48.68 -69.65
C ARG AA 73 72.26 48.56 -68.25
N LYS AA 74 72.87 49.28 -67.32
CA LYS AA 74 72.42 49.32 -65.94
C LYS AA 74 71.17 50.18 -65.84
N THR AA 75 70.31 49.88 -64.87
CA THR AA 75 69.02 50.56 -64.78
C THR AA 75 68.56 50.63 -63.33
N ARG AA 76 68.27 51.84 -62.87
CA ARG AA 76 67.70 52.02 -61.53
C ARG AA 76 66.25 51.56 -61.51
N ILE AA 77 65.89 50.79 -60.49
CA ILE AA 77 64.52 50.30 -60.32
C ILE AA 77 63.66 51.43 -59.75
N ILE AA 78 62.51 51.67 -60.38
CA ILE AA 78 61.64 52.79 -60.02
C ILE AA 78 60.40 52.32 -59.27
N ASP AA 79 59.55 51.52 -59.91
CA ASP AA 79 58.24 51.22 -59.35
C ASP AA 79 57.81 49.82 -59.78
N VAL AA 80 56.92 49.23 -58.98
CA VAL AA 80 56.42 47.87 -59.18
C VAL AA 80 54.96 47.94 -59.55
N VAL AA 81 54.62 47.46 -60.75
CA VAL AA 81 53.26 47.47 -61.27
C VAL AA 81 52.93 46.07 -61.80
N TYR AA 82 51.74 45.56 -61.46
CA TYR AA 82 51.09 44.42 -62.11
C TYR AA 82 51.93 43.13 -61.98
N ASN AA 83 51.96 42.63 -60.75
CA ASN AA 83 52.58 41.34 -60.43
C ASN AA 83 52.00 40.21 -61.27
N ALA AA 84 50.69 40.26 -61.56
CA ALA AA 84 49.87 39.31 -62.32
C ALA AA 84 49.69 37.97 -61.63
N SER AA 85 50.20 37.79 -60.42
CA SER AA 85 49.91 36.62 -59.60
C SER AA 85 49.16 37.02 -58.33
N ASN AA 86 49.71 37.95 -57.56
CA ASN AA 86 49.08 38.46 -56.35
C ASN AA 86 49.10 39.98 -56.44
N ASN AA 87 47.91 40.59 -56.53
CA ASN AA 87 47.82 42.04 -56.65
C ASN AA 87 48.11 42.77 -55.35
N GLU AA 88 48.10 42.06 -54.21
CA GLU AA 88 48.54 42.66 -52.96
C GLU AA 88 50.03 42.96 -52.98
N LEU AA 89 50.81 42.13 -53.67
CA LEU AA 89 52.24 42.35 -53.78
C LEU AA 89 52.60 43.51 -54.70
N VAL AA 90 51.65 44.01 -55.50
CA VAL AA 90 51.86 45.25 -56.23
C VAL AA 90 51.96 46.42 -55.25
N ARG AA 91 51.00 46.48 -54.32
CA ARG AA 91 51.01 47.52 -53.30
C ARG AA 91 52.13 47.29 -52.28
N THR AA 92 52.49 46.03 -52.05
CA THR AA 92 53.62 45.71 -51.18
C THR AA 92 54.95 46.03 -51.85
N LYS AA 93 54.97 46.09 -53.19
CA LYS AA 93 56.15 46.32 -54.02
C LYS AA 93 57.22 45.26 -53.76
N THR AA 94 56.86 44.03 -54.08
CA THR AA 94 57.72 42.86 -53.90
C THR AA 94 58.23 42.41 -55.26
N LEU AA 95 59.55 42.31 -55.40
CA LEU AA 95 60.16 41.86 -56.63
C LEU AA 95 60.18 40.33 -56.67
N VAL AA 96 59.62 39.77 -57.75
CA VAL AA 96 59.52 38.33 -57.93
C VAL AA 96 60.11 37.98 -59.29
N LYS AA 97 60.02 36.71 -59.69
CA LYS AA 97 60.61 36.27 -60.94
C LYS AA 97 59.89 36.86 -62.15
N ASN AA 98 58.57 36.87 -62.14
CA ASN AA 98 57.79 37.44 -63.24
C ASN AA 98 57.04 38.66 -62.69
N CYS AA 99 57.65 39.83 -62.87
CA CYS AA 99 57.03 41.09 -62.48
C CYS AA 99 57.49 42.17 -63.46
N ILE AA 100 56.91 43.35 -63.31
CA ILE AA 100 57.15 44.46 -64.24
C ILE AA 100 57.82 45.59 -63.46
N VAL AA 101 58.94 46.07 -64.00
CA VAL AA 101 59.73 47.15 -63.42
C VAL AA 101 59.72 48.33 -64.37
N LEU AA 102 59.58 49.54 -63.82
CA LEU AA 102 59.72 50.75 -64.63
C LEU AA 102 61.20 51.08 -64.80
N ILE AA 103 61.70 50.89 -66.02
CA ILE AA 103 63.05 51.27 -66.42
C ILE AA 103 63.10 52.77 -66.61
N ASP AA 104 64.07 53.42 -65.97
CA ASP AA 104 64.45 54.77 -66.35
C ASP AA 104 65.15 54.72 -67.70
N SER AA 105 64.60 55.41 -68.69
CA SER AA 105 65.08 55.34 -70.06
C SER AA 105 66.34 56.16 -70.32
N THR AA 106 66.94 56.76 -69.28
CA THR AA 106 68.12 57.60 -69.48
C THR AA 106 69.38 56.81 -69.84
N PRO AA 107 69.73 55.68 -69.19
CA PRO AA 107 70.95 54.96 -69.65
C PRO AA 107 70.85 54.30 -71.01
N TYR AA 108 69.67 54.25 -71.63
CA TYR AA 108 69.57 53.80 -73.02
C TYR AA 108 69.74 54.94 -74.02
N ARG AA 109 69.55 56.19 -73.58
CA ARG AA 109 69.68 57.33 -74.48
C ARG AA 109 71.10 57.56 -74.96
N GLN AA 110 72.11 57.28 -74.14
CA GLN AA 110 73.50 57.44 -74.59
C GLN AA 110 73.86 56.43 -75.68
N TRP AA 111 73.45 55.17 -75.53
CA TRP AA 111 73.68 54.17 -76.56
C TRP AA 111 72.88 54.47 -77.82
N TYR AA 112 71.64 54.93 -77.65
CA TYR AA 112 70.81 55.27 -78.80
C TYR AA 112 71.35 56.47 -79.55
N GLU AA 113 71.96 57.43 -78.84
CA GLU AA 113 72.63 58.53 -79.51
C GLU AA 113 73.91 58.07 -80.20
N SER AA 114 74.70 57.22 -79.52
CA SER AA 114 76.01 56.84 -80.03
C SER AA 114 75.93 55.90 -81.22
N HIS AA 115 74.83 55.16 -81.38
CA HIS AA 115 74.74 54.25 -82.52
C HIS AA 115 73.58 54.56 -83.47
N TYR AA 116 72.56 55.27 -83.01
CA TYR AA 116 71.28 55.50 -83.70
C TYR AA 116 70.93 56.99 -83.68
N ALA AA 117 71.86 57.82 -84.19
CA ALA AA 117 71.81 59.28 -84.10
C ALA AA 117 70.55 59.88 -84.73
N LEU AA 118 70.37 61.19 -84.50
CA LEU AA 118 69.12 61.95 -84.56
C LEU AA 118 68.13 61.30 -83.60
N PRO AA 119 68.32 61.48 -82.28
CA PRO AA 119 67.49 60.75 -81.31
C PRO AA 119 66.11 61.35 -81.13
N LEU AA 120 65.36 60.83 -80.16
CA LEU AA 120 64.03 61.33 -79.85
C LEU AA 120 63.88 61.47 -78.34
N GLY AA 121 62.74 62.03 -77.93
CA GLY AA 121 62.53 62.35 -76.53
C GLY AA 121 63.08 63.69 -76.11
N ARG AA 122 63.37 64.59 -77.05
CA ARG AA 122 63.97 65.88 -76.76
C ARG AA 122 62.93 67.00 -76.76
N LYS AA 123 61.72 66.72 -76.26
CA LYS AA 123 60.59 67.65 -76.00
C LYS AA 123 60.18 68.49 -77.23
N LYS AA 124 60.58 68.06 -78.43
CA LYS AA 124 60.31 68.74 -79.71
C LYS AA 124 60.76 70.21 -79.67
N GLY AA 125 61.92 70.45 -79.05
CA GLY AA 125 62.44 71.80 -78.93
C GLY AA 125 63.51 72.12 -79.95
N ALA AA 126 64.41 71.15 -80.19
CA ALA AA 126 65.52 71.22 -81.12
C ALA AA 126 66.47 72.39 -80.85
N LYS AA 127 66.56 72.83 -79.59
CA LYS AA 127 67.47 73.91 -79.21
C LYS AA 127 68.29 73.51 -77.99
N LEU AA 128 67.72 72.65 -77.14
CA LEU AA 128 68.34 72.30 -75.87
C LEU AA 128 69.37 71.18 -76.07
N THR AA 129 70.01 70.80 -74.95
CA THR AA 129 70.96 69.70 -74.77
C THR AA 129 72.13 69.72 -75.77
N PRO AA 130 73.11 70.61 -75.60
CA PRO AA 130 74.35 70.49 -76.41
C PRO AA 130 75.19 69.32 -75.93
N GLU AA 131 74.83 68.11 -76.36
CA GLU AA 131 75.28 66.89 -75.70
C GLU AA 131 76.63 66.39 -76.18
N GLU AA 132 77.10 66.87 -77.35
CA GLU AA 132 77.87 66.23 -78.45
C GLU AA 132 76.92 65.58 -79.46
N GLU AA 133 75.67 66.05 -79.47
CA GLU AA 133 74.70 65.70 -80.53
C GLU AA 133 75.25 65.97 -81.93
N GLU AA 134 75.87 67.15 -82.13
CA GLU AA 134 76.39 67.52 -83.44
C GLU AA 134 77.82 68.03 -83.36
N ILE AA 135 78.57 67.65 -82.33
CA ILE AA 135 79.94 68.13 -82.17
C ILE AA 135 80.93 67.23 -82.90
N LEU AA 136 80.70 65.91 -82.90
CA LEU AA 136 81.65 64.99 -83.51
C LEU AA 136 81.63 65.05 -85.03
N ASN AA 137 80.51 65.50 -85.61
CA ASN AA 137 80.32 65.95 -87.00
C ASN AA 137 80.32 64.80 -88.00
N LYS AA 138 80.65 63.58 -87.56
CA LYS AA 138 80.53 62.33 -88.31
C LYS AA 138 81.33 62.37 -89.62
N LYS AA 139 82.65 62.39 -89.45
CA LYS AA 139 83.58 62.73 -90.54
C LYS AA 139 83.59 61.69 -91.65
N ARG AA 140 83.98 60.46 -91.32
CA ARG AA 140 84.28 59.45 -92.33
C ARG AA 140 83.00 58.79 -92.82
N SER AA 141 83.17 57.67 -93.55
CA SER AA 141 82.06 56.89 -94.11
C SER AA 141 81.24 56.16 -93.06
N LYS AA 142 81.63 56.21 -91.79
CA LYS AA 142 80.75 55.74 -90.73
C LYS AA 142 79.53 56.62 -90.55
N LYS AA 143 79.57 57.87 -91.04
CA LYS AA 143 78.33 58.65 -91.18
C LYS AA 143 77.36 57.98 -92.13
N ILE AA 144 77.85 57.47 -93.26
CA ILE AA 144 77.00 56.75 -94.20
C ILE AA 144 76.55 55.42 -93.60
N GLN AA 145 77.43 54.78 -92.82
CA GLN AA 145 77.06 53.55 -92.12
C GLN AA 145 75.96 53.78 -91.08
N LYS AA 146 76.04 54.88 -90.34
CA LYS AA 146 74.97 55.27 -89.44
C LYS AA 146 73.70 55.67 -90.20
N LYS AA 147 73.84 56.20 -91.42
CA LYS AA 147 72.67 56.43 -92.26
C LYS AA 147 72.02 55.12 -92.69
N TYR AA 148 72.81 54.08 -92.94
CA TYR AA 148 72.24 52.74 -93.16
C TYR AA 148 71.54 52.23 -91.91
N ASP AA 149 72.14 52.47 -90.74
CA ASP AA 149 71.55 52.00 -89.49
C ASP AA 149 70.29 52.77 -89.10
N GLU AA 150 70.18 54.02 -89.57
CA GLU AA 150 69.10 54.90 -89.17
C GLU AA 150 67.95 54.95 -90.18
N ARG AA 151 68.23 54.75 -91.47
CA ARG AA 151 67.21 54.87 -92.50
C ARG AA 151 66.99 53.60 -93.29
N LYS AA 152 68.03 52.83 -93.59
CA LYS AA 152 67.83 51.59 -94.34
C LYS AA 152 67.26 50.50 -93.44
N LYS AA 153 67.89 50.26 -92.28
CA LYS AA 153 67.26 49.45 -91.25
C LYS AA 153 66.07 50.17 -90.63
N ASN AA 154 66.07 51.50 -90.69
CA ASN AA 154 65.01 52.48 -90.45
C ASN AA 154 64.72 52.68 -88.95
N ALA AA 155 65.27 51.84 -88.07
CA ALA AA 155 65.33 52.06 -86.61
C ALA AA 155 63.96 52.28 -85.97
N LYS AA 156 62.93 51.60 -86.47
CA LYS AA 156 61.57 51.86 -86.02
C LYS AA 156 61.34 51.28 -84.62
N ILE AA 157 61.02 52.17 -83.69
CA ILE AA 157 60.69 51.88 -82.30
C ILE AA 157 59.27 52.43 -82.06
N SER AA 158 58.39 52.18 -83.03
CA SER AA 158 57.11 52.85 -83.28
C SER AA 158 56.14 52.90 -82.11
N SER AA 159 55.01 53.60 -82.34
CA SER AA 159 54.31 54.48 -81.41
C SER AA 159 54.22 54.08 -79.95
N LEU AA 160 54.19 52.77 -79.66
CA LEU AA 160 54.14 52.32 -78.26
C LEU AA 160 55.43 52.70 -77.52
N LEU AA 161 56.58 52.26 -78.03
CA LEU AA 161 57.85 52.63 -77.44
C LEU AA 161 58.18 54.11 -77.64
N GLU AA 162 57.61 54.75 -78.68
CA GLU AA 162 57.72 56.19 -78.86
C GLU AA 162 57.09 56.94 -77.69
N GLU AA 163 55.83 56.62 -77.37
CA GLU AA 163 55.15 57.28 -76.25
C GLU AA 163 55.76 56.90 -74.91
N GLN AA 164 56.31 55.69 -74.79
CA GLN AA 164 56.98 55.33 -73.54
C GLN AA 164 58.27 56.11 -73.35
N PHE AA 165 59.05 56.30 -74.44
CA PHE AA 165 60.26 57.11 -74.32
C PHE AA 165 59.94 58.59 -74.14
N GLN AA 166 58.84 59.07 -74.69
CA GLN AA 166 58.42 60.45 -74.50
C GLN AA 166 57.77 60.69 -73.14
N GLN AA 167 57.31 59.64 -72.46
CA GLN AA 167 56.94 59.73 -71.06
C GLN AA 167 58.11 59.44 -70.13
N GLY AA 168 59.21 58.93 -70.64
CA GLY AA 168 60.41 58.78 -69.85
C GLY AA 168 60.45 57.56 -68.96
N LYS AA 169 59.68 56.53 -69.29
CA LYS AA 169 59.68 55.30 -68.53
C LYS AA 169 59.53 54.13 -69.51
N LEU AA 170 59.95 52.95 -69.07
CA LEU AA 170 59.90 51.78 -69.94
C LEU AA 170 59.39 50.60 -69.12
N LEU AA 171 58.63 49.73 -69.76
CA LEU AA 171 58.00 48.59 -69.08
C LEU AA 171 58.90 47.38 -69.26
N ALA AA 172 59.35 46.78 -68.15
CA ALA AA 172 60.27 45.66 -68.19
C ALA AA 172 59.69 44.45 -67.49
N CYS AA 173 60.00 43.27 -68.01
CA CYS AA 173 59.67 42.01 -67.36
C CYS AA 173 60.94 41.44 -66.74
N ILE AA 174 60.85 41.07 -65.46
CA ILE AA 174 61.98 40.42 -64.80
C ILE AA 174 62.10 39.00 -65.35
N ALA AA 175 63.34 38.53 -65.48
CA ALA AA 175 63.59 37.18 -65.99
C ALA AA 175 64.39 36.32 -65.01
N SER AA 176 64.69 36.82 -63.82
CA SER AA 176 65.45 36.07 -62.82
C SER AA 176 64.76 36.17 -61.47
N ARG AA 177 65.18 35.32 -60.55
CA ARG AA 177 64.59 35.28 -59.22
C ARG AA 177 65.37 36.19 -58.29
N PRO AA 178 64.75 37.23 -57.72
CA PRO AA 178 65.50 38.14 -56.85
C PRO AA 178 65.88 37.52 -55.51
N GLY AA 179 65.05 36.63 -54.98
CA GLY AA 179 65.33 36.02 -53.70
C GLY AA 179 66.34 34.89 -53.73
N GLN AA 180 66.72 34.44 -54.93
CA GLN AA 180 67.65 33.32 -55.06
C GLN AA 180 69.07 33.80 -55.37
N CYS AA 181 69.24 34.58 -56.43
CA CYS AA 181 70.56 35.03 -56.85
C CYS AA 181 70.86 36.47 -56.42
N GLY AA 182 69.90 37.18 -55.84
CA GLY AA 182 70.14 38.54 -55.42
C GLY AA 182 70.22 39.54 -56.56
N ARG AA 183 69.69 39.19 -57.73
CA ARG AA 183 69.78 40.04 -58.91
C ARG AA 183 68.40 40.23 -59.50
N ALA AA 184 68.03 41.48 -59.75
CA ALA AA 184 66.76 41.80 -60.40
C ALA AA 184 66.96 41.94 -61.90
N ASP AA 185 67.42 40.86 -62.51
CA ASP AA 185 67.77 40.86 -63.93
C ASP AA 185 66.53 40.57 -64.78
N GLY AA 186 66.37 41.34 -65.84
CA GLY AA 186 65.19 41.19 -66.67
C GLY AA 186 65.39 41.69 -68.07
N TYR AA 187 64.29 41.74 -68.82
CA TYR AA 187 64.29 42.16 -70.22
C TYR AA 187 63.21 43.21 -70.45
N VAL AA 188 63.25 43.81 -71.63
CA VAL AA 188 62.32 44.88 -72.01
C VAL AA 188 61.14 44.27 -72.75
N LEU AA 189 59.93 44.65 -72.34
CA LEU AA 189 58.72 44.20 -73.01
C LEU AA 189 58.64 44.77 -74.43
N GLU AA 190 58.37 43.89 -75.39
CA GLU AA 190 58.41 44.25 -76.81
C GLU AA 190 57.21 43.65 -77.52
N GLY AA 191 56.55 44.46 -78.34
CA GLY AA 191 55.54 44.00 -79.27
C GLY AA 191 54.26 43.46 -78.67
N LYS AA 192 54.06 42.15 -78.80
CA LYS AA 192 52.81 41.53 -78.35
C LYS AA 192 52.70 41.52 -76.84
N GLU AA 193 53.78 41.17 -76.14
CA GLU AA 193 53.80 41.26 -74.68
C GLU AA 193 53.67 42.70 -74.21
N LEU AA 194 54.25 43.64 -74.96
CA LEU AA 194 54.17 45.06 -74.63
C LEU AA 194 52.73 45.55 -74.68
N GLU AA 195 52.03 45.28 -75.78
CA GLU AA 195 50.64 45.70 -75.88
C GLU AA 195 49.72 44.90 -74.95
N PHE AA 196 50.09 43.66 -74.61
CA PHE AA 196 49.26 42.87 -73.70
C PHE AA 196 49.33 43.41 -72.28
N TYR AA 197 50.54 43.62 -71.75
CA TYR AA 197 50.66 44.20 -70.41
C TYR AA 197 50.22 45.65 -70.39
N LEU AA 198 50.35 46.37 -71.50
CA LEU AA 198 49.83 47.74 -71.57
C LEU AA 198 48.31 47.74 -71.49
N ARG AA 199 47.65 46.78 -72.14
CA ARG AA 199 46.21 46.64 -72.05
C ARG AA 199 45.77 46.26 -70.63
N LYS AA 200 46.54 45.39 -69.98
CA LYS AA 200 46.18 44.99 -68.61
C LYS AA 200 46.35 46.14 -67.61
N ILE AA 201 47.44 46.90 -67.73
CA ILE AA 201 47.65 48.04 -66.84
C ILE AA 201 46.64 49.15 -67.15
N LYS AA 202 46.29 49.33 -68.42
CA LYS AA 202 45.29 50.33 -68.79
C LYS AA 202 43.90 49.96 -68.27
N ALA AA 203 43.56 48.66 -68.30
CA ALA AA 203 42.30 48.23 -67.72
C ALA AA 203 42.29 48.36 -66.20
N ARG AA 204 43.43 48.08 -65.55
CA ARG AA 204 43.54 48.22 -64.11
C ARG AA 204 43.41 49.68 -63.68
N LYS AA 205 43.96 50.60 -64.47
CA LYS AA 205 43.79 52.03 -64.17
C LYS AA 205 42.41 52.55 -64.55
N GLY AA 206 41.78 51.99 -65.59
CA GLY AA 206 40.47 52.44 -66.00
C GLY AA 206 39.36 51.96 -65.10
N LYS AA 207 39.11 50.65 -65.05
CA LYS AA 207 38.01 50.15 -64.25
C LYS AA 207 38.48 49.80 -62.84
N PRO BA 1 77.20 -7.26 -34.80
CA PRO BA 1 77.39 -8.12 -33.63
C PRO BA 1 78.35 -9.27 -33.89
N VAL BA 2 78.11 -10.42 -33.25
CA VAL BA 2 78.99 -11.56 -33.42
C VAL BA 2 78.78 -12.19 -34.80
N ALA BA 3 79.83 -12.83 -35.30
CA ALA BA 3 79.73 -13.58 -36.56
C ALA BA 3 80.71 -14.74 -36.49
N ARG BA 4 80.24 -15.89 -36.01
CA ARG BA 4 81.06 -17.08 -35.96
C ARG BA 4 80.50 -18.21 -36.82
N SER BA 5 79.29 -18.70 -36.52
CA SER BA 5 78.65 -19.80 -37.22
C SER BA 5 77.20 -19.92 -36.72
N TRP BA 6 76.28 -20.18 -37.65
CA TRP BA 6 74.89 -20.49 -37.32
C TRP BA 6 74.39 -21.51 -38.33
N VAL BA 7 74.47 -22.79 -37.97
CA VAL BA 7 74.02 -23.87 -38.85
C VAL BA 7 73.66 -25.05 -37.95
N CYS BA 8 72.65 -25.82 -38.37
CA CYS BA 8 72.11 -26.87 -37.53
C CYS BA 8 71.50 -27.95 -38.41
N ARG BA 9 72.10 -29.13 -38.39
CA ARG BA 9 71.58 -30.29 -39.10
C ARG BA 9 71.19 -31.36 -38.09
N LYS BA 10 70.01 -31.94 -38.29
CA LYS BA 10 69.48 -32.97 -37.39
C LYS BA 10 69.44 -34.28 -38.16
N THR BA 11 70.49 -35.09 -38.02
CA THR BA 11 70.52 -36.43 -38.60
C THR BA 11 69.81 -37.38 -37.64
N TYR BA 12 68.49 -37.26 -37.60
CA TYR BA 12 67.69 -37.88 -36.56
C TYR BA 12 66.24 -37.88 -37.01
N VAL BA 13 65.66 -39.06 -37.23
CA VAL BA 13 64.28 -39.21 -37.62
C VAL BA 13 63.55 -40.01 -36.55
N THR BA 14 62.59 -39.38 -35.90
CA THR BA 14 61.69 -40.12 -35.04
C THR BA 14 60.48 -40.56 -35.86
N PRO BA 15 60.14 -41.84 -35.87
CA PRO BA 15 58.99 -42.29 -36.68
C PRO BA 15 57.67 -41.80 -36.10
N ARG BA 16 56.63 -41.83 -36.95
CA ARG BA 16 55.33 -41.28 -36.57
C ARG BA 16 54.67 -42.11 -35.49
N ARG BA 17 54.39 -43.37 -35.78
CA ARG BA 17 53.96 -44.29 -34.74
C ARG BA 17 55.16 -44.58 -33.84
N PRO BA 18 55.04 -44.38 -32.52
CA PRO BA 18 56.18 -44.70 -31.64
C PRO BA 18 56.29 -46.16 -31.30
N PHE BA 19 55.19 -46.91 -31.33
CA PHE BA 19 55.12 -48.25 -30.76
C PHE BA 19 54.57 -49.22 -31.81
N GLU BA 20 55.44 -49.80 -32.62
CA GLU BA 20 55.06 -50.82 -33.58
C GLU BA 20 55.85 -52.09 -33.28
N LYS BA 21 55.14 -53.21 -33.16
CA LYS BA 21 55.75 -54.44 -32.66
C LYS BA 21 56.76 -55.01 -33.66
N SER BA 22 56.36 -55.11 -34.93
CA SER BA 22 57.26 -55.63 -35.95
C SER BA 22 58.45 -54.71 -36.20
N ARG BA 23 58.23 -53.39 -36.15
CA ARG BA 23 59.31 -52.45 -36.39
C ARG BA 23 60.29 -52.42 -35.24
N LEU BA 24 59.80 -52.51 -33.99
CA LEU BA 24 60.71 -52.61 -32.86
C LEU BA 24 61.47 -53.93 -32.84
N ASP BA 25 60.84 -55.02 -33.27
CA ASP BA 25 61.56 -56.28 -33.39
C ASP BA 25 62.65 -56.19 -34.47
N GLN BA 26 62.34 -55.53 -35.59
CA GLN BA 26 63.33 -55.34 -36.66
C GLN BA 26 64.49 -54.47 -36.19
N GLU BA 27 64.20 -53.40 -35.46
CA GLU BA 27 65.25 -52.53 -34.95
C GLU BA 27 66.09 -53.19 -33.86
N LEU BA 28 65.48 -54.02 -33.01
CA LEU BA 28 66.26 -54.74 -31.99
C LEU BA 28 67.15 -55.81 -32.60
N LYS BA 29 66.65 -56.56 -33.60
CA LYS BA 29 67.50 -57.53 -34.25
C LYS BA 29 68.58 -56.85 -35.10
N LEU BA 30 68.31 -55.64 -35.61
CA LEU BA 30 69.31 -54.88 -36.34
C LEU BA 30 70.44 -54.42 -35.43
N ILE BA 31 70.09 -53.91 -34.25
CA ILE BA 31 71.09 -53.50 -33.27
C ILE BA 31 71.89 -54.69 -32.77
N GLY BA 32 71.20 -55.80 -32.46
CA GLY BA 32 71.93 -56.99 -32.01
C GLY BA 32 72.74 -57.66 -33.09
N GLU BA 33 72.41 -57.44 -34.36
CA GLU BA 33 73.20 -58.00 -35.44
C GLU BA 33 74.44 -57.16 -35.72
N TYR BA 34 74.32 -55.84 -35.70
CA TYR BA 34 75.43 -54.99 -36.13
C TYR BA 34 76.13 -54.27 -34.98
N GLY BA 35 75.79 -54.55 -33.73
CA GLY BA 35 76.53 -54.06 -32.58
C GLY BA 35 76.47 -52.56 -32.35
N LEU BA 36 75.31 -52.03 -31.98
CA LEU BA 36 75.11 -50.59 -31.81
C LEU BA 36 74.75 -50.27 -30.37
N ARG BA 37 74.62 -48.98 -30.08
CA ARG BA 37 74.34 -48.49 -28.74
C ARG BA 37 72.85 -48.22 -28.51
N ASN BA 38 72.26 -47.38 -29.36
CA ASN BA 38 70.88 -46.98 -29.22
C ASN BA 38 70.25 -46.84 -30.61
N LYS BA 39 68.98 -46.46 -30.64
CA LYS BA 39 68.26 -46.39 -31.90
C LYS BA 39 68.42 -45.07 -32.63
N ARG BA 40 69.00 -44.05 -31.99
CA ARG BA 40 69.23 -42.81 -32.72
C ARG BA 40 70.31 -42.98 -33.77
N GLU BA 41 71.28 -43.86 -33.54
CA GLU BA 41 72.27 -44.14 -34.58
C GLU BA 41 71.80 -45.20 -35.56
N VAL BA 42 70.64 -45.81 -35.35
CA VAL BA 42 69.95 -46.50 -36.42
C VAL BA 42 69.20 -45.49 -37.29
N TRP BA 43 68.58 -44.51 -36.63
CA TRP BA 43 67.82 -43.48 -37.32
C TRP BA 43 68.71 -42.53 -38.12
N ARG BA 44 69.98 -42.40 -37.73
CA ARG BA 44 70.97 -41.69 -38.56
C ARG BA 44 71.13 -42.37 -39.91
N VAL BA 45 71.33 -43.69 -39.92
CA VAL BA 45 71.50 -44.43 -41.15
C VAL BA 45 70.21 -44.42 -41.95
N LYS BA 46 69.06 -44.48 -41.26
CA LYS BA 46 67.76 -44.36 -41.92
C LYS BA 46 67.58 -43.00 -42.57
N PHE BA 47 68.00 -41.92 -41.92
CA PHE BA 47 67.88 -40.58 -42.50
C PHE BA 47 68.82 -40.39 -43.69
N THR BA 48 70.04 -40.93 -43.60
CA THR BA 48 70.96 -40.81 -44.73
C THR BA 48 70.48 -41.62 -45.93
N LEU BA 49 69.94 -42.82 -45.70
CA LEU BA 49 69.40 -43.61 -46.79
C LEU BA 49 68.15 -42.96 -47.38
N ALA BA 50 67.31 -42.36 -46.53
CA ALA BA 50 66.13 -41.66 -47.03
C ALA BA 50 66.50 -40.41 -47.82
N LYS BA 51 67.57 -39.70 -47.41
CA LYS BA 51 68.02 -38.53 -48.16
C LYS BA 51 68.59 -38.92 -49.51
N ILE BA 52 69.32 -40.05 -49.56
CA ILE BA 52 69.79 -40.59 -50.83
C ILE BA 52 68.62 -41.00 -51.71
N ARG BA 53 67.56 -41.58 -51.13
CA ARG BA 53 66.38 -41.96 -51.92
C ARG BA 53 65.64 -40.74 -52.45
N LYS BA 54 65.55 -39.67 -51.65
CA LYS BA 54 64.89 -38.44 -52.11
C LYS BA 54 65.69 -37.78 -53.23
N ALA BA 55 67.02 -37.76 -53.10
CA ALA BA 55 67.86 -37.21 -54.18
C ALA BA 55 67.79 -38.07 -55.43
N ALA BA 56 67.68 -39.40 -55.27
CA ALA BA 56 67.60 -40.29 -56.43
C ALA BA 56 66.26 -40.14 -57.15
N ARG BA 57 65.17 -39.95 -56.39
CA ARG BA 57 63.89 -39.74 -57.04
C ARG BA 57 63.81 -38.36 -57.68
N GLU BA 58 64.45 -37.35 -57.07
CA GLU BA 58 64.54 -36.04 -57.69
C GLU BA 58 65.35 -36.08 -58.99
N LEU BA 59 66.37 -36.94 -59.05
CA LEU BA 59 67.09 -37.13 -60.30
C LEU BA 59 66.26 -37.89 -61.32
N LEU BA 60 65.59 -38.97 -60.91
CA LEU BA 60 64.77 -39.75 -61.83
C LEU BA 60 63.53 -39.02 -62.31
N THR BA 61 63.13 -37.94 -61.64
CA THR BA 61 62.05 -37.10 -62.14
C THR BA 61 62.42 -36.43 -63.46
N LEU BA 62 63.66 -35.99 -63.59
CA LEU BA 62 64.10 -35.20 -64.74
C LEU BA 62 64.28 -36.06 -65.97
N ASP BA 63 64.48 -35.40 -67.12
CA ASP BA 63 64.71 -36.07 -68.38
C ASP BA 63 66.12 -36.66 -68.42
N GLU BA 64 66.29 -37.69 -69.27
CA GLU BA 64 67.52 -38.48 -69.28
C GLU BA 64 68.71 -37.66 -69.79
N LYS BA 65 68.49 -36.78 -70.75
CA LYS BA 65 69.55 -35.96 -71.31
C LYS BA 65 69.76 -34.65 -70.55
N ASP BA 66 69.27 -34.56 -69.32
CA ASP BA 66 69.43 -33.31 -68.58
C ASP BA 66 70.84 -33.24 -67.97
N PRO BA 67 71.49 -32.08 -68.10
CA PRO BA 67 72.87 -31.95 -67.61
C PRO BA 67 72.98 -32.04 -66.10
N ARG BA 68 72.04 -31.46 -65.35
CA ARG BA 68 72.04 -31.58 -63.90
C ARG BA 68 71.84 -33.02 -63.46
N ARG BA 69 70.93 -33.75 -64.14
CA ARG BA 69 70.71 -35.15 -63.83
C ARG BA 69 71.95 -35.98 -64.09
N LEU BA 70 72.61 -35.77 -65.25
CA LEU BA 70 73.81 -36.54 -65.58
C LEU BA 70 74.95 -36.25 -64.61
N PHE BA 71 75.17 -34.97 -64.29
CA PHE BA 71 76.26 -34.58 -63.40
C PHE BA 71 76.03 -35.09 -61.98
N GLU BA 72 74.84 -34.84 -61.43
CA GLU BA 72 74.57 -35.27 -60.05
C GLU BA 72 74.43 -36.78 -59.95
N GLY BA 73 73.96 -37.45 -61.00
CA GLY BA 73 73.87 -38.90 -60.95
C GLY BA 73 75.23 -39.57 -61.01
N ASN BA 74 76.11 -39.06 -61.88
CA ASN BA 74 77.48 -39.57 -61.91
C ASN BA 74 78.22 -39.29 -60.61
N ALA BA 75 77.99 -38.12 -60.02
CA ALA BA 75 78.62 -37.80 -58.74
C ALA BA 75 78.08 -38.68 -57.61
N LEU BA 76 76.77 -38.97 -57.62
CA LEU BA 76 76.19 -39.81 -56.58
C LEU BA 76 76.64 -41.26 -56.72
N LEU BA 77 76.75 -41.76 -57.95
CA LEU BA 77 77.30 -43.09 -58.18
C LEU BA 77 78.76 -43.16 -57.76
N ARG BA 78 79.54 -42.11 -58.04
CA ARG BA 78 80.94 -42.08 -57.63
C ARG BA 78 81.07 -42.06 -56.11
N ARG BA 79 80.22 -41.30 -55.42
CA ARG BA 79 80.26 -41.26 -53.96
C ARG BA 79 79.82 -42.58 -53.34
N LEU BA 80 78.82 -43.25 -53.92
CA LEU BA 80 78.40 -44.54 -53.38
C LEU BA 80 79.43 -45.64 -53.65
N VAL BA 81 80.16 -45.55 -54.76
CA VAL BA 81 81.24 -46.50 -54.99
C VAL BA 81 82.40 -46.25 -54.03
N ARG BA 82 82.74 -44.97 -53.79
CA ARG BA 82 83.82 -44.66 -52.86
C ARG BA 82 83.43 -44.98 -51.42
N ILE BA 83 82.13 -44.95 -51.09
CA ILE BA 83 81.70 -45.49 -49.81
C ILE BA 83 81.86 -47.01 -49.79
N GLY BA 84 81.36 -47.68 -50.84
CA GLY BA 84 81.48 -49.11 -50.95
C GLY BA 84 80.17 -49.87 -50.96
N VAL BA 85 79.04 -49.18 -51.11
CA VAL BA 85 77.75 -49.86 -51.15
C VAL BA 85 77.51 -50.50 -52.51
N LEU BA 86 77.69 -49.73 -53.57
CA LEU BA 86 77.47 -50.23 -54.93
C LEU BA 86 78.73 -50.89 -55.46
N ASP BA 87 78.59 -51.53 -56.61
CA ASP BA 87 79.72 -52.15 -57.29
C ASP BA 87 80.17 -51.29 -58.47
N GLU BA 88 81.11 -51.80 -59.25
CA GLU BA 88 81.48 -51.21 -60.52
C GLU BA 88 80.67 -51.78 -61.68
N GLY BA 89 79.52 -52.37 -61.39
CA GLY BA 89 78.68 -52.98 -62.39
C GLY BA 89 77.50 -52.12 -62.77
N LYS BA 90 76.34 -52.38 -62.15
CA LYS BA 90 75.11 -51.65 -62.44
C LYS BA 90 75.24 -50.20 -61.98
N MET BA 91 75.31 -49.29 -62.95
CA MET BA 91 75.33 -47.85 -62.69
C MET BA 91 73.98 -47.20 -62.97
N LYS BA 92 72.89 -47.92 -62.74
CA LYS BA 92 71.56 -47.38 -62.96
C LYS BA 92 71.14 -46.54 -61.75
N LEU BA 93 70.31 -45.54 -62.01
CA LEU BA 93 69.84 -44.69 -60.92
C LEU BA 93 68.74 -45.36 -60.10
N ASP BA 94 68.02 -46.32 -60.68
CA ASP BA 94 67.08 -47.12 -59.90
C ASP BA 94 67.80 -48.20 -59.11
N TYR BA 95 69.03 -48.54 -59.50
CA TYR BA 95 69.84 -49.45 -58.68
C TYR BA 95 70.28 -48.77 -57.39
N ILE BA 96 70.29 -47.44 -57.35
CA ILE BA 96 70.48 -46.72 -56.09
C ILE BA 96 69.27 -46.91 -55.18
N LEU BA 97 68.07 -46.80 -55.75
CA LEU BA 97 66.85 -47.03 -54.97
C LEU BA 97 66.66 -48.49 -54.57
N GLY BA 98 67.26 -49.41 -55.30
CA GLY BA 98 67.22 -50.81 -54.92
C GLY BA 98 68.26 -51.21 -53.89
N LEU BA 99 68.32 -50.48 -52.78
CA LEU BA 99 69.24 -50.74 -51.70
C LEU BA 99 68.47 -50.87 -50.38
N LYS BA 100 69.09 -51.56 -49.43
CA LYS BA 100 68.48 -51.79 -48.13
C LYS BA 100 69.19 -50.94 -47.06
N ILE BA 101 68.74 -51.09 -45.82
CA ILE BA 101 69.31 -50.32 -44.72
C ILE BA 101 70.64 -50.91 -44.27
N GLU BA 102 70.78 -52.23 -44.35
CA GLU BA 102 71.93 -52.95 -43.80
C GLU BA 102 73.22 -52.73 -44.58
N ASP BA 103 73.18 -52.09 -45.74
CA ASP BA 103 74.40 -51.92 -46.54
C ASP BA 103 75.35 -50.92 -45.90
N PHE BA 104 74.82 -49.81 -45.39
CA PHE BA 104 75.69 -48.83 -44.73
C PHE BA 104 76.17 -49.35 -43.38
N LEU BA 105 75.34 -50.13 -42.69
CA LEU BA 105 75.76 -50.75 -41.44
C LEU BA 105 76.83 -51.81 -41.68
N GLU BA 106 76.80 -52.46 -42.84
CA GLU BA 106 77.92 -53.30 -43.25
C GLU BA 106 79.15 -52.48 -43.59
N ARG BA 107 78.96 -51.31 -44.20
CA ARG BA 107 80.06 -50.42 -44.55
C ARG BA 107 80.43 -49.46 -43.42
N ARG BA 108 80.07 -49.77 -42.18
CA ARG BA 108 80.61 -49.06 -41.03
C ARG BA 108 82.04 -49.54 -40.74
N LEU BA 109 82.61 -49.08 -39.63
CA LEU BA 109 83.99 -49.41 -39.31
C LEU BA 109 84.12 -50.85 -38.82
N GLN BA 110 83.45 -51.17 -37.70
CA GLN BA 110 83.66 -52.45 -37.04
C GLN BA 110 83.07 -53.62 -37.80
N THR BA 111 82.11 -53.39 -38.71
CA THR BA 111 81.63 -54.49 -39.53
C THR BA 111 82.65 -54.86 -40.60
N GLN BA 112 83.36 -53.86 -41.14
CA GLN BA 112 84.48 -54.16 -42.02
C GLN BA 112 85.64 -54.77 -41.26
N VAL BA 113 85.79 -54.43 -39.97
CA VAL BA 113 86.74 -55.13 -39.12
C VAL BA 113 86.32 -56.59 -38.93
N PHE BA 114 85.01 -56.84 -38.84
CA PHE BA 114 84.51 -58.21 -38.74
C PHE BA 114 84.75 -58.99 -40.03
N LYS BA 115 84.64 -58.32 -41.17
CA LYS BA 115 84.91 -58.98 -42.44
C LYS BA 115 86.39 -59.20 -42.69
N LEU BA 116 87.27 -58.37 -42.11
CA LEU BA 116 88.69 -58.48 -42.37
C LEU BA 116 89.52 -58.74 -41.11
N GLY BA 117 88.95 -59.42 -40.13
CA GLY BA 117 89.73 -59.92 -39.01
C GLY BA 117 90.07 -58.91 -37.94
N LEU BA 118 90.59 -59.41 -36.81
CA LEU BA 118 90.96 -58.71 -35.57
C LEU BA 118 89.74 -58.19 -34.82
N ALA BA 119 88.52 -58.55 -35.23
CA ALA BA 119 87.33 -58.06 -34.55
C ALA BA 119 87.11 -58.79 -33.24
N LYS BA 120 86.86 -60.11 -33.31
CA LYS BA 120 86.69 -61.00 -32.16
C LYS BA 120 85.53 -60.56 -31.27
N SER BA 121 84.28 -60.84 -31.69
CA SER BA 121 83.06 -60.48 -30.95
C SER BA 121 82.82 -58.98 -30.90
N ILE BA 122 82.07 -58.47 -31.89
CA ILE BA 122 81.67 -57.08 -32.12
C ILE BA 122 81.41 -56.27 -30.85
N HIS BA 123 80.81 -56.89 -29.83
CA HIS BA 123 80.69 -56.23 -28.53
C HIS BA 123 82.06 -55.98 -27.89
N HIS BA 124 83.08 -56.80 -28.18
CA HIS BA 124 84.44 -56.46 -27.78
C HIS BA 124 85.11 -55.55 -28.80
N ALA BA 125 84.68 -55.61 -30.06
CA ALA BA 125 85.22 -54.71 -31.07
C ALA BA 125 84.82 -53.26 -30.82
N ARG BA 126 83.69 -53.04 -30.13
CA ARG BA 126 83.33 -51.70 -29.64
C ARG BA 126 84.43 -51.14 -28.74
N VAL BA 127 84.92 -51.95 -27.80
CA VAL BA 127 86.01 -51.53 -26.93
C VAL BA 127 87.30 -51.41 -27.72
N LEU BA 128 87.53 -52.29 -28.70
CA LEU BA 128 88.72 -52.24 -29.52
C LEU BA 128 88.79 -51.01 -30.42
N ILE BA 129 87.65 -50.43 -30.79
CA ILE BA 129 87.66 -49.18 -31.56
C ILE BA 129 87.46 -47.95 -30.68
N ARG BA 130 86.98 -48.11 -29.44
CA ARG BA 130 86.98 -46.99 -28.51
C ARG BA 130 88.36 -46.73 -27.97
N GLN BA 131 88.98 -47.75 -27.39
CA GLN BA 131 90.40 -47.67 -27.08
C GLN BA 131 91.18 -47.66 -28.39
N ARG BA 132 92.35 -47.03 -28.35
CA ARG BA 132 93.18 -46.93 -29.55
C ARG BA 132 93.84 -48.29 -29.78
N HIS BA 133 93.12 -49.16 -30.50
CA HIS BA 133 93.69 -50.43 -30.91
C HIS BA 133 93.39 -50.79 -32.36
N ILE BA 134 92.44 -50.14 -33.02
CA ILE BA 134 92.19 -50.33 -34.45
C ILE BA 134 92.29 -48.96 -35.11
N ARG BA 135 93.30 -48.79 -35.95
CA ARG BA 135 93.63 -47.49 -36.53
C ARG BA 135 93.72 -47.63 -38.05
N VAL BA 136 92.63 -47.27 -38.73
CA VAL BA 136 92.76 -46.78 -40.09
C VAL BA 136 93.60 -45.50 -40.04
N ARG BA 137 94.20 -45.13 -41.17
CA ARG BA 137 95.61 -44.75 -41.42
C ARG BA 137 96.30 -43.78 -40.45
N LYS BA 138 97.44 -43.23 -40.92
CA LYS BA 138 98.30 -42.33 -40.12
C LYS BA 138 97.56 -41.23 -39.35
N GLN BA 139 96.41 -40.78 -39.84
CA GLN BA 139 95.47 -40.01 -39.03
C GLN BA 139 94.64 -40.98 -38.19
N VAL BA 140 94.70 -40.82 -36.87
CA VAL BA 140 94.17 -41.83 -35.95
C VAL BA 140 92.65 -41.80 -35.96
N VAL BA 141 92.03 -42.99 -36.07
CA VAL BA 141 90.58 -43.14 -36.04
C VAL BA 141 90.17 -43.57 -34.64
N ASN BA 142 89.17 -42.88 -34.08
CA ASN BA 142 88.69 -43.15 -32.73
C ASN BA 142 87.19 -43.37 -32.66
N ILE BA 143 86.41 -42.80 -33.57
CA ILE BA 143 84.96 -42.75 -33.47
C ILE BA 143 84.37 -43.99 -34.12
N PRO BA 144 83.41 -44.68 -33.47
CA PRO BA 144 82.82 -45.88 -34.08
C PRO BA 144 82.07 -45.63 -35.38
N SER BA 145 81.30 -44.55 -35.46
CA SER BA 145 80.54 -44.23 -36.67
C SER BA 145 81.51 -43.69 -37.72
N PHE BA 146 82.18 -44.61 -38.39
CA PHE BA 146 83.18 -44.29 -39.40
C PHE BA 146 82.94 -45.14 -40.63
N ILE BA 147 82.85 -44.50 -41.79
CA ILE BA 147 82.58 -45.17 -43.04
C ILE BA 147 83.91 -45.58 -43.67
N VAL BA 148 84.12 -46.89 -43.78
CA VAL BA 148 85.33 -47.42 -44.43
C VAL BA 148 85.19 -47.22 -45.92
N ARG BA 149 86.08 -46.42 -46.50
CA ARG BA 149 86.06 -46.19 -47.94
C ARG BA 149 86.70 -47.36 -48.67
N LEU BA 150 86.25 -47.58 -49.91
CA LEU BA 150 86.71 -48.69 -50.73
C LEU BA 150 88.09 -48.43 -51.34
N ASP BA 151 88.61 -47.21 -51.25
CA ASP BA 151 89.86 -46.86 -51.92
C ASP BA 151 91.06 -47.56 -51.27
N SER BA 152 91.03 -47.72 -49.95
CA SER BA 152 92.09 -48.45 -49.25
C SER BA 152 91.58 -49.75 -48.66
N GLN BA 153 90.61 -49.69 -47.74
CA GLN BA 153 89.77 -50.78 -47.23
C GLN BA 153 90.56 -51.81 -46.41
N LYS BA 154 91.90 -51.71 -46.36
CA LYS BA 154 92.74 -52.74 -45.78
C LYS BA 154 93.76 -52.22 -44.80
N HIS BA 155 94.00 -50.90 -44.76
CA HIS BA 155 95.01 -50.33 -43.88
C HIS BA 155 94.42 -50.25 -42.47
N ILE BA 156 94.53 -51.37 -41.76
CA ILE BA 156 94.07 -51.48 -40.37
C ILE BA 156 95.25 -51.97 -39.53
N ASP BA 157 96.04 -51.05 -39.02
CA ASP BA 157 97.21 -51.31 -38.21
C ASP BA 157 97.04 -50.54 -36.90
N PHE BA 158 98.03 -50.62 -36.01
CA PHE BA 158 98.07 -49.82 -34.79
C PHE BA 158 99.50 -49.78 -34.28
N SER BA 159 99.96 -48.59 -33.87
CA SER BA 159 101.35 -48.37 -33.51
C SER BA 159 101.45 -47.71 -32.13
N LEU BA 160 102.52 -48.07 -31.40
CA LEU BA 160 102.81 -47.58 -30.04
C LEU BA 160 101.64 -47.87 -29.10
N ARG BA 161 101.19 -49.12 -29.10
CA ARG BA 161 100.02 -49.52 -28.33
C ARG BA 161 100.35 -50.69 -27.42
N SER BA 162 99.32 -51.23 -26.77
CA SER BA 162 99.53 -52.23 -25.72
C SER BA 162 99.86 -53.63 -26.25
N PRO BA 163 99.07 -54.29 -27.13
CA PRO BA 163 99.39 -55.69 -27.43
C PRO BA 163 100.55 -55.89 -28.40
N TYR BA 164 100.83 -54.94 -29.28
CA TYR BA 164 101.89 -55.11 -30.26
C TYR BA 164 102.86 -53.94 -30.31
N GLY BA 165 102.41 -52.73 -29.98
CA GLY BA 165 103.30 -51.58 -30.05
C GLY BA 165 104.36 -51.57 -28.97
N GLY BA 166 103.96 -51.81 -27.73
CA GLY BA 166 104.89 -51.90 -26.63
C GLY BA 166 104.58 -50.91 -25.51
N GLY BA 167 105.36 -51.02 -24.45
CA GLY BA 167 105.20 -50.21 -23.27
C GLY BA 167 104.58 -50.98 -22.12
N ARG BA 168 104.58 -50.33 -20.96
CA ARG BA 168 103.98 -50.87 -19.74
C ARG BA 168 102.86 -49.94 -19.28
N PRO BA 169 101.68 -50.00 -19.90
CA PRO BA 169 100.60 -49.11 -19.43
C PRO BA 169 99.98 -49.57 -18.12
N GLY BA 170 99.73 -50.86 -17.96
CA GLY BA 170 99.18 -51.35 -16.71
C GLY BA 170 99.73 -52.67 -16.25
N ARG BA 171 100.59 -53.30 -17.06
CA ARG BA 171 101.28 -54.50 -16.62
C ARG BA 171 102.36 -54.19 -15.59
N VAL BA 172 102.75 -52.93 -15.45
CA VAL BA 172 103.64 -52.51 -14.38
C VAL BA 172 102.98 -52.69 -13.00
N LYS BA 173 101.64 -52.66 -12.93
CA LYS BA 173 100.94 -52.97 -11.69
C LYS BA 173 101.16 -54.42 -11.29
N ARG BA 174 100.98 -55.34 -12.24
CA ARG BA 174 101.16 -56.77 -11.96
C ARG BA 174 102.63 -57.09 -11.71
N LYS BA 175 103.54 -56.41 -12.42
CA LYS BA 175 104.96 -56.65 -12.18
C LYS BA 175 105.42 -56.11 -10.83
N ASN BA 176 104.87 -54.98 -10.38
CA ASN BA 176 105.19 -54.48 -9.05
C ASN BA 176 104.54 -55.34 -7.97
N ALA BA 177 103.41 -55.98 -8.29
CA ALA BA 177 102.82 -56.93 -7.35
C ALA BA 177 103.65 -58.20 -7.22
N LYS BA 178 104.21 -58.68 -8.34
CA LYS BA 178 105.06 -59.87 -8.28
C LYS BA 178 106.43 -59.59 -7.69
N LYS BA 179 106.99 -58.41 -7.93
CA LYS BA 179 108.28 -58.04 -7.33
C LYS BA 179 108.12 -57.77 -5.84
N THR CA 1 43.23 32.22 -78.95
CA THR CA 1 43.92 33.27 -78.23
C THR CA 1 44.40 32.78 -76.87
N GLU CA 2 44.69 33.72 -75.97
CA GLU CA 2 45.14 33.40 -74.62
C GLU CA 2 44.20 34.04 -73.61
N ARG CA 3 44.02 33.36 -72.48
CA ARG CA 3 43.15 33.80 -71.40
C ARG CA 3 43.87 33.67 -70.07
N ALA CA 4 45.16 34.01 -70.04
CA ALA CA 4 45.98 33.88 -68.85
C ALA CA 4 46.79 35.16 -68.69
N TYR CA 5 47.79 35.11 -67.82
CA TYR CA 5 48.59 36.31 -67.55
C TYR CA 5 49.81 36.42 -68.45
N GLN CA 6 50.41 35.31 -68.87
CA GLN CA 6 51.51 35.33 -69.83
C GLN CA 6 51.66 33.94 -70.45
N LYS CA 7 51.81 33.90 -71.78
CA LYS CA 7 52.06 32.66 -72.52
C LYS CA 7 53.12 32.94 -73.58
N GLN CA 8 54.38 32.60 -73.30
CA GLN CA 8 55.50 32.75 -74.23
C GLN CA 8 56.64 31.81 -73.83
N PRO CA 9 56.72 30.59 -74.40
CA PRO CA 9 57.68 29.59 -73.90
C PRO CA 9 59.16 29.92 -74.06
N THR CA 10 59.64 29.98 -75.30
CA THR CA 10 61.06 30.18 -75.56
C THR CA 10 61.36 31.17 -76.70
N ILE CA 11 60.50 31.26 -77.71
CA ILE CA 11 60.84 31.93 -78.95
C ILE CA 11 60.68 33.43 -78.79
N PHE CA 12 61.72 34.18 -79.15
CA PHE CA 12 61.65 35.63 -79.12
C PHE CA 12 60.75 36.12 -80.25
N GLN CA 13 59.83 37.03 -79.91
CA GLN CA 13 58.73 37.34 -80.83
C GLN CA 13 59.17 38.23 -81.98
N ASN CA 14 59.67 39.42 -81.67
CA ASN CA 14 59.88 40.47 -82.67
C ASN CA 14 61.18 40.21 -83.43
N LYS CA 15 61.09 40.11 -84.75
CA LYS CA 15 62.25 40.02 -85.63
C LYS CA 15 62.56 41.39 -86.25
N LYS CA 16 62.08 42.45 -85.62
CA LYS CA 16 62.03 43.84 -86.11
C LYS CA 16 61.65 43.92 -87.60
N ARG CA 17 60.45 43.41 -87.89
CA ARG CA 17 59.90 43.34 -89.25
C ARG CA 17 59.48 44.70 -89.81
N VAL CA 18 59.54 45.77 -89.01
CA VAL CA 18 59.08 47.08 -89.46
C VAL CA 18 60.22 47.69 -90.28
N LEU CA 19 60.20 47.39 -91.58
CA LEU CA 19 61.18 47.93 -92.51
C LEU CA 19 60.45 48.56 -93.70
N LEU CA 20 59.26 48.05 -94.00
CA LEU CA 20 58.36 48.67 -94.97
C LEU CA 20 56.99 48.86 -94.34
N GLY CA 21 56.62 47.99 -93.42
CA GLY CA 21 55.33 48.07 -92.75
C GLY CA 21 54.32 47.09 -93.31
N GLU CA 22 54.14 45.97 -92.62
CA GLU CA 22 53.23 44.91 -93.05
C GLU CA 22 52.91 44.04 -91.85
N THR CA 23 51.68 43.50 -91.84
CA THR CA 23 51.27 42.64 -90.73
C THR CA 23 51.83 41.23 -90.89
N GLY CA 24 51.45 40.54 -91.96
CA GLY CA 24 51.96 39.21 -92.25
C GLY CA 24 51.42 38.15 -91.31
N LYS CA 25 51.98 36.95 -91.46
CA LYS CA 25 51.62 35.85 -90.57
C LYS CA 25 52.48 35.88 -89.32
N GLU CA 26 51.88 35.51 -88.19
CA GLU CA 26 52.56 35.51 -86.91
C GLU CA 26 52.65 34.11 -86.29
N LYS CA 27 52.16 33.08 -86.97
CA LYS CA 27 52.22 31.72 -86.45
C LYS CA 27 53.52 31.01 -86.80
N LEU CA 28 54.39 31.64 -87.61
CA LEU CA 28 55.69 31.10 -87.95
C LEU CA 28 56.68 31.02 -86.77
N PRO CA 29 56.80 32.06 -85.86
CA PRO CA 29 57.66 31.82 -84.69
C PRO CA 29 57.05 30.87 -83.67
N ARG CA 30 57.17 29.57 -83.92
CA ARG CA 30 56.67 28.55 -83.00
C ARG CA 30 57.79 27.56 -82.72
N TYR CA 31 57.99 27.24 -81.44
CA TYR CA 31 58.99 26.25 -81.04
C TYR CA 31 58.53 24.86 -81.44
N TYR CA 32 59.44 24.10 -82.06
CA TYR CA 32 59.13 22.78 -82.60
C TYR CA 32 60.13 21.79 -82.03
N LYS CA 33 59.65 20.84 -81.23
CA LYS CA 33 60.50 19.85 -80.57
C LYS CA 33 60.10 18.46 -81.04
N ASN CA 34 61.10 17.66 -81.40
CA ASN CA 34 60.90 16.26 -81.73
C ASN CA 34 61.19 15.43 -80.50
N ILE CA 35 60.24 14.59 -80.10
CA ILE CA 35 60.42 13.72 -78.94
C ILE CA 35 61.26 12.49 -79.24
N GLY CA 36 61.52 12.20 -80.52
CA GLY CA 36 62.23 10.99 -80.86
C GLY CA 36 61.36 9.76 -80.66
N LEU CA 37 62.02 8.65 -80.28
CA LEU CA 37 61.41 7.38 -79.87
C LEU CA 37 60.59 6.74 -81.01
N GLY CA 38 60.85 7.13 -82.25
CA GLY CA 38 60.10 6.59 -83.38
C GLY CA 38 58.65 7.03 -83.45
N PHE CA 39 58.30 8.13 -82.80
CA PHE CA 39 56.92 8.60 -82.73
C PHE CA 39 56.79 9.92 -83.47
N LYS CA 40 55.75 10.03 -84.29
CA LYS CA 40 55.60 11.16 -85.19
C LYS CA 40 54.97 12.34 -84.46
N THR CA 41 55.53 13.53 -84.70
CA THR CA 41 54.94 14.75 -84.19
C THR CA 41 53.70 15.11 -84.99
N PRO CA 42 52.56 15.34 -84.35
CA PRO CA 42 51.34 15.67 -85.10
C PRO CA 42 51.39 17.07 -85.66
N LYS CA 43 50.58 17.29 -86.70
CA LYS CA 43 50.55 18.57 -87.40
C LYS CA 43 49.83 19.65 -86.60
N GLU CA 44 49.08 19.27 -85.56
CA GLU CA 44 48.48 20.27 -84.68
C GLU CA 44 49.54 21.03 -83.90
N ALA CA 45 50.63 20.37 -83.54
CA ALA CA 45 51.77 21.05 -82.95
C ALA CA 45 52.58 21.84 -83.95
N ILE CA 46 52.35 21.65 -85.25
CA ILE CA 46 53.04 22.41 -86.29
C ILE CA 46 52.28 23.69 -86.56
N GLU CA 47 51.03 23.57 -87.01
CA GLU CA 47 50.22 24.74 -87.35
C GLU CA 47 49.13 25.03 -86.31
N GLY CA 48 49.43 24.79 -85.03
CA GLY CA 48 48.46 25.06 -83.98
C GLY CA 48 48.43 26.49 -83.53
N THR CA 49 47.67 26.73 -82.47
CA THR CA 49 47.51 28.04 -81.86
C THR CA 49 47.86 28.03 -80.38
N TYR CA 50 47.75 26.88 -79.71
CA TYR CA 50 47.89 26.75 -78.27
C TYR CA 50 49.33 27.04 -77.82
N ILE CA 51 49.44 27.38 -76.54
CA ILE CA 51 50.73 27.51 -75.85
C ILE CA 51 50.63 26.72 -74.56
N ASP CA 52 51.43 25.67 -74.44
CA ASP CA 52 51.36 24.76 -73.30
C ASP CA 52 52.76 24.59 -72.72
N LYS CA 53 52.88 24.85 -71.41
CA LYS CA 53 54.15 24.67 -70.72
C LYS CA 53 54.48 23.19 -70.54
N LYS CA 54 53.47 22.35 -70.37
CA LYS CA 54 53.66 20.95 -70.03
C LYS CA 54 53.44 20.01 -71.21
N CYS CA 55 53.41 20.55 -72.43
CA CYS CA 55 53.30 19.71 -73.61
C CYS CA 55 54.65 19.06 -73.90
N PRO CA 56 54.67 17.77 -74.29
CA PRO CA 56 55.95 17.14 -74.64
C PRO CA 56 56.54 17.64 -75.94
N PHE CA 57 55.73 18.22 -76.83
CA PHE CA 57 56.22 18.75 -78.09
C PHE CA 57 56.52 20.25 -78.03
N THR CA 58 56.08 20.92 -76.97
CA THR CA 58 56.30 22.36 -76.83
C THR CA 58 57.16 22.70 -75.63
N GLY CA 59 56.84 22.17 -74.46
CA GLY CA 59 57.57 22.49 -73.25
C GLY CA 59 58.84 21.68 -73.10
N ASN CA 60 59.46 21.83 -71.93
CA ASN CA 60 60.71 21.14 -71.60
C ASN CA 60 60.48 19.79 -70.93
N VAL CA 61 59.33 19.17 -71.16
CA VAL CA 61 58.98 17.91 -70.52
C VAL CA 61 59.68 16.79 -71.28
N SER CA 62 60.70 16.19 -70.66
CA SER CA 62 61.45 15.10 -71.26
C SER CA 62 60.75 13.77 -71.04
N ILE CA 63 60.78 12.90 -72.04
CA ILE CA 63 60.12 11.61 -72.00
C ILE CA 63 61.18 10.54 -71.81
N ARG CA 64 61.06 9.80 -70.71
CA ARG CA 64 62.06 8.81 -70.33
C ARG CA 64 61.37 7.65 -69.63
N GLY CA 65 62.15 6.64 -69.29
CA GLY CA 65 61.64 5.57 -68.43
C GLY CA 65 60.71 4.63 -69.15
N ARG CA 66 59.50 4.48 -68.61
CA ARG CA 66 58.57 3.46 -69.06
C ARG CA 66 57.55 4.01 -70.04
N ILE CA 67 56.98 3.10 -70.83
CA ILE CA 67 55.94 3.40 -71.80
C ILE CA 67 54.79 2.42 -71.55
N LEU CA 68 53.60 2.95 -71.25
CA LEU CA 68 52.46 2.09 -70.97
C LEU CA 68 51.27 2.47 -71.84
N SER CA 69 50.12 1.82 -71.62
CA SER CA 69 48.93 2.10 -72.41
C SER CA 69 47.70 1.94 -71.54
N GLY CA 70 46.68 2.73 -71.85
CA GLY CA 70 45.43 2.68 -71.11
C GLY CA 70 44.23 3.05 -71.96
N VAL CA 71 43.07 3.23 -71.34
CA VAL CA 71 41.85 3.62 -72.04
C VAL CA 71 41.28 4.86 -71.36
N VAL CA 72 40.88 5.85 -72.17
CA VAL CA 72 40.44 7.14 -71.65
C VAL CA 72 39.03 7.00 -71.08
N THR CA 73 38.83 7.52 -69.87
CA THR CA 73 37.55 7.40 -69.17
C THR CA 73 36.83 8.72 -69.00
N LYS CA 74 37.52 9.79 -68.61
CA LYS CA 74 36.87 11.06 -68.29
C LYS CA 74 37.54 12.21 -69.01
N MET CA 75 36.83 13.35 -69.05
CA MET CA 75 37.30 14.56 -69.70
C MET CA 75 37.18 15.81 -68.85
N LYS CA 76 36.52 15.74 -67.70
CA LYS CA 76 36.09 16.95 -67.00
C LYS CA 76 37.23 17.68 -66.31
N MET CA 77 38.42 17.08 -66.23
CA MET CA 77 39.56 17.72 -65.61
C MET CA 77 40.35 18.50 -66.66
N GLN CA 78 40.81 19.69 -66.30
CA GLN CA 78 41.27 20.67 -67.28
C GLN CA 78 42.68 20.33 -67.76
N ARG CA 79 42.82 20.12 -69.08
CA ARG CA 79 44.06 19.88 -69.80
C ARG CA 79 44.81 18.63 -69.33
N THR CA 80 44.10 17.70 -68.68
CA THR CA 80 44.65 16.43 -68.23
C THR CA 80 43.48 15.48 -67.96
N ILE CA 81 43.66 14.22 -68.35
CA ILE CA 81 42.57 13.24 -68.34
C ILE CA 81 42.95 12.06 -67.47
N VAL CA 82 41.98 11.18 -67.24
CA VAL CA 82 42.12 10.02 -66.38
C VAL CA 82 41.98 8.76 -67.22
N ILE CA 83 42.95 7.88 -67.13
CA ILE CA 83 42.94 6.62 -67.87
C ILE CA 83 42.71 5.46 -66.91
N ARG CA 84 42.47 4.29 -67.49
CA ARG CA 84 42.29 3.05 -66.75
C ARG CA 84 43.14 1.96 -67.39
N ARG CA 85 43.85 1.20 -66.56
CA ARG CA 85 44.68 0.10 -67.02
C ARG CA 85 44.15 -1.20 -66.43
N ASP CA 86 43.43 -1.97 -67.24
CA ASP CA 86 42.93 -3.26 -66.80
C ASP CA 86 44.02 -4.30 -66.96
N TYR CA 87 44.23 -5.11 -65.92
CA TYR CA 87 45.25 -6.14 -65.96
C TYR CA 87 44.82 -7.29 -65.05
N LEU CA 88 45.49 -8.43 -65.22
CA LEU CA 88 45.26 -9.62 -64.42
C LEU CA 88 46.42 -9.86 -63.48
N HIS CA 89 46.19 -10.65 -62.44
CA HIS CA 89 47.18 -10.95 -61.42
C HIS CA 89 47.25 -12.46 -61.22
N TYR CA 90 48.43 -13.03 -61.49
CA TYR CA 90 48.63 -14.46 -61.27
C TYR CA 90 48.76 -14.74 -59.78
N ILE CA 91 48.01 -15.73 -59.31
CA ILE CA 91 47.97 -16.10 -57.90
C ILE CA 91 48.47 -17.53 -57.79
N ARG CA 92 49.43 -17.75 -56.89
CA ARG CA 92 50.11 -19.04 -56.82
C ARG CA 92 49.24 -20.11 -56.18
N LYS CA 93 48.40 -19.75 -55.21
CA LYS CA 93 47.62 -20.76 -54.49
C LYS CA 93 46.48 -21.30 -55.35
N TYR CA 94 45.56 -20.42 -55.74
CA TYR CA 94 44.36 -20.84 -56.45
C TYR CA 94 44.60 -21.12 -57.92
N ASN CA 95 45.75 -20.68 -58.46
CA ASN CA 95 46.25 -21.00 -59.80
C ASN CA 95 45.33 -20.46 -60.90
N ARG CA 96 44.72 -19.30 -60.67
CA ARG CA 96 44.10 -18.51 -61.74
C ARG CA 96 44.06 -17.05 -61.34
N PHE CA 97 43.56 -16.22 -62.26
CA PHE CA 97 43.78 -14.78 -62.22
C PHE CA 97 42.62 -14.07 -61.53
N GLU CA 98 42.65 -12.73 -61.56
CA GLU CA 98 41.59 -11.86 -61.09
C GLU CA 98 41.80 -10.50 -61.73
N LYS CA 99 40.70 -9.77 -61.92
CA LYS CA 99 40.79 -8.43 -62.52
C LYS CA 99 41.19 -7.41 -61.48
N ARG CA 100 42.19 -6.59 -61.82
CA ARG CA 100 42.55 -5.42 -61.03
C ARG CA 100 42.81 -4.26 -61.97
N HIS CA 101 42.47 -3.06 -61.52
CA HIS CA 101 42.72 -1.85 -62.30
C HIS CA 101 43.10 -0.72 -61.36
N LYS CA 102 43.95 0.18 -61.85
CA LYS CA 102 44.39 1.35 -61.10
C LYS CA 102 44.27 2.57 -61.99
N ASN CA 103 43.33 3.46 -61.67
CA ASN CA 103 43.13 4.66 -62.44
C ASN CA 103 44.25 5.66 -62.19
N MET CA 104 44.74 6.28 -63.25
CA MET CA 104 45.77 7.30 -63.15
C MET CA 104 45.37 8.54 -63.93
N SER CA 105 45.76 9.69 -63.42
CA SER CA 105 45.63 10.95 -64.13
C SER CA 105 46.85 11.16 -65.02
N VAL CA 106 46.61 11.61 -66.24
CA VAL CA 106 47.66 11.77 -67.24
C VAL CA 106 47.45 13.09 -67.96
N HIS CA 107 48.53 13.76 -68.33
CA HIS CA 107 48.47 15.09 -68.94
C HIS CA 107 48.09 14.95 -70.41
N LEU CA 108 46.90 15.41 -70.76
CA LEU CA 108 46.43 15.39 -72.14
C LEU CA 108 46.81 16.71 -72.80
N SER CA 109 47.69 16.63 -73.80
CA SER CA 109 48.07 17.82 -74.54
C SER CA 109 46.90 18.29 -75.42
N PRO CA 110 46.69 19.60 -75.54
CA PRO CA 110 45.54 20.10 -76.31
C PRO CA 110 45.67 19.93 -77.82
N CYS CA 111 46.81 19.47 -78.34
CA CYS CA 111 46.93 19.21 -79.76
C CYS CA 111 46.18 17.96 -80.19
N PHE CA 112 45.97 17.01 -79.28
CA PHE CA 112 45.28 15.76 -79.59
C PHE CA 112 43.78 15.98 -79.51
N ARG CA 113 43.19 16.41 -80.62
CA ARG CA 113 41.74 16.47 -80.71
C ARG CA 113 41.18 15.08 -81.00
N ASP CA 114 39.85 14.98 -80.95
CA ASP CA 114 39.10 13.72 -81.06
C ASP CA 114 39.58 12.70 -80.02
N VAL CA 115 39.38 13.06 -78.76
CA VAL CA 115 39.93 12.35 -77.61
C VAL CA 115 38.78 11.59 -76.94
N GLN CA 116 37.82 11.16 -77.77
CA GLN CA 116 36.57 10.53 -77.34
C GLN CA 116 36.78 9.33 -76.44
N ILE CA 117 35.84 9.15 -75.52
CA ILE CA 117 35.99 8.19 -74.42
C ILE CA 117 35.89 6.77 -74.94
N GLY CA 118 36.87 5.94 -74.60
CA GLY CA 118 36.90 4.55 -75.00
C GLY CA 118 38.07 4.17 -75.89
N ASP CA 119 38.97 5.09 -76.21
CA ASP CA 119 40.07 4.78 -77.11
C ASP CA 119 41.32 4.37 -76.35
N ILE CA 120 42.11 3.50 -76.98
CA ILE CA 120 43.37 3.06 -76.42
C ILE CA 120 44.40 4.16 -76.64
N VAL CA 121 44.95 4.69 -75.55
CA VAL CA 121 45.93 5.76 -75.61
C VAL CA 121 47.24 5.25 -75.03
N THR CA 122 48.34 5.79 -75.54
CA THR CA 122 49.68 5.44 -75.09
C THR CA 122 50.16 6.53 -74.15
N VAL CA 123 50.78 6.14 -73.04
CA VAL CA 123 51.32 7.08 -72.07
C VAL CA 123 52.81 6.81 -71.88
N GLY CA 124 53.53 7.84 -71.46
CA GLY CA 124 54.95 7.71 -71.19
C GLY CA 124 55.31 8.37 -69.88
N GLU CA 125 56.33 7.83 -69.23
CA GLU CA 125 56.83 8.39 -67.98
C GLU CA 125 57.58 9.70 -68.24
N CYS CA 126 57.37 10.68 -67.36
CA CYS CA 126 58.09 11.94 -67.43
C CYS CA 126 58.47 12.35 -66.01
N ARG CA 127 58.94 13.58 -65.86
CA ARG CA 127 59.15 14.16 -64.54
C ARG CA 127 57.79 14.42 -63.90
N PRO CA 128 57.72 14.49 -62.56
CA PRO CA 128 56.43 14.75 -61.89
C PRO CA 128 55.85 16.13 -62.19
N LEU CA 129 54.73 16.15 -62.92
CA LEU CA 129 54.11 17.41 -63.31
C LEU CA 129 53.36 18.05 -62.15
N SER CA 130 52.60 17.24 -61.40
CA SER CA 130 51.80 17.74 -60.28
C SER CA 130 51.78 16.64 -59.23
N LYS CA 131 50.81 16.71 -58.31
CA LYS CA 131 50.77 15.77 -57.20
C LYS CA 131 50.36 14.37 -57.65
N THR CA 132 49.43 14.27 -58.59
CA THR CA 132 48.99 12.97 -59.07
C THR CA 132 49.37 12.68 -60.51
N VAL CA 133 49.72 13.68 -61.30
CA VAL CA 133 50.06 13.50 -62.71
C VAL CA 133 51.55 13.20 -62.79
N ARG CA 134 51.89 12.02 -63.31
CA ARG CA 134 53.28 11.67 -63.60
C ARG CA 134 53.51 11.21 -65.02
N PHE CA 135 52.50 10.65 -65.70
CA PHE CA 135 52.66 10.21 -67.08
C PHE CA 135 52.29 11.34 -68.03
N ASN CA 136 52.36 11.06 -69.33
CA ASN CA 136 52.10 12.06 -70.35
C ASN CA 136 51.54 11.35 -71.57
N VAL CA 137 50.48 11.92 -72.14
CA VAL CA 137 49.81 11.34 -73.31
C VAL CA 137 50.76 11.43 -74.51
N LEU CA 138 50.99 10.31 -75.16
CA LEU CA 138 52.06 10.14 -76.12
C LEU CA 138 51.58 9.79 -77.52
N LYS CA 139 50.56 8.94 -77.64
CA LYS CA 139 50.01 8.56 -78.93
C LYS CA 139 48.59 8.07 -78.75
N VAL CA 140 47.65 8.68 -79.48
CA VAL CA 140 46.27 8.25 -79.49
C VAL CA 140 46.09 7.28 -80.66
N THR CA 141 45.74 6.03 -80.36
CA THR CA 141 45.71 4.98 -81.37
C THR CA 141 44.30 4.71 -81.89
N LYS CA 142 43.37 4.36 -81.00
CA LYS CA 142 42.07 3.87 -81.40
C LYS CA 142 41.14 5.04 -81.73
N ALA CA 143 40.22 4.79 -82.68
CA ALA CA 143 39.19 5.76 -83.01
C ALA CA 143 37.98 5.68 -82.08
N ALA CA 144 37.98 4.76 -81.11
CA ALA CA 144 36.92 4.57 -80.11
C ALA CA 144 35.55 4.30 -80.76
N GLY CA 145 35.52 3.34 -81.68
CA GLY CA 145 34.30 2.95 -82.35
C GLY CA 145 34.33 3.36 -83.80
N THR CA 146 33.14 3.59 -84.36
CA THR CA 146 32.99 3.99 -85.75
C THR CA 146 32.56 5.45 -85.79
N LYS CA 147 33.45 6.32 -86.28
CA LYS CA 147 33.15 7.74 -86.39
C LYS CA 147 32.35 8.09 -87.63
N LYS CA 148 32.08 7.11 -88.50
CA LYS CA 148 31.44 7.40 -89.78
C LYS CA 148 29.96 7.73 -89.61
N GLN CA 149 29.27 7.06 -88.70
CA GLN CA 149 27.84 7.25 -88.54
C GLN CA 149 27.52 8.56 -87.86
N PHE CA 150 26.31 9.07 -88.12
CA PHE CA 150 25.81 10.29 -87.49
C PHE CA 150 24.39 10.05 -87.02
N GLN CA 151 24.01 10.77 -85.97
CA GLN CA 151 22.70 10.64 -85.34
C GLN CA 151 21.81 11.80 -85.74
N LYS CA 152 20.60 11.83 -85.15
CA LYS CA 152 19.63 12.87 -85.45
C LYS CA 152 19.97 14.14 -84.69
N PHE CA 153 19.88 15.27 -85.39
CA PHE CA 153 20.16 16.64 -84.88
C PHE CA 153 21.56 16.79 -84.28
N GLY DA 1 16.04 -23.77 -72.96
CA GLY DA 1 14.70 -23.37 -72.56
C GLY DA 1 14.48 -21.87 -72.70
N ARG DA 2 13.24 -21.44 -72.52
CA ARG DA 2 12.89 -20.04 -72.62
C ARG DA 2 13.46 -19.25 -71.44
N MET DA 3 13.43 -17.93 -71.57
CA MET DA 3 13.95 -17.08 -70.50
C MET DA 3 13.01 -17.07 -69.30
N HIS DA 4 11.75 -16.74 -69.53
CA HIS DA 4 10.77 -16.61 -68.46
C HIS DA 4 9.66 -17.62 -68.70
N ALA DA 5 9.90 -18.87 -68.29
CA ALA DA 5 8.98 -19.99 -68.46
C ALA DA 5 9.44 -21.18 -67.63
N PRO DA 6 8.51 -21.96 -67.07
CA PRO DA 6 8.91 -23.22 -66.45
C PRO DA 6 9.23 -24.32 -67.44
N GLY DA 7 8.81 -24.19 -68.69
CA GLY DA 7 9.05 -25.20 -69.69
C GLY DA 7 10.27 -24.91 -70.55
N LYS DA 8 10.71 -25.94 -71.27
CA LYS DA 8 11.86 -25.87 -72.16
C LYS DA 8 11.53 -26.47 -73.53
N GLY DA 9 10.37 -26.10 -74.07
CA GLY DA 9 9.88 -26.67 -75.32
C GLY DA 9 10.70 -26.29 -76.53
N LEU DA 10 10.49 -27.05 -77.60
CA LEU DA 10 11.28 -26.95 -78.83
C LEU DA 10 10.32 -26.83 -80.01
N SER DA 11 10.12 -25.60 -80.49
CA SER DA 11 9.28 -25.32 -81.66
C SER DA 11 10.05 -24.34 -82.54
N GLN DA 12 10.86 -24.86 -83.45
CA GLN DA 12 11.69 -24.05 -84.32
C GLN DA 12 11.53 -24.50 -85.77
N SER DA 13 12.19 -23.78 -86.67
CA SER DA 13 12.15 -24.06 -88.10
C SER DA 13 13.54 -24.53 -88.54
N ALA DA 14 13.61 -25.75 -89.06
CA ALA DA 14 14.87 -26.30 -89.53
C ALA DA 14 15.02 -26.05 -91.02
N LEU DA 15 16.09 -25.35 -91.39
CA LEU DA 15 16.38 -25.07 -92.79
C LEU DA 15 16.97 -26.30 -93.46
N PRO DA 16 16.70 -26.50 -94.75
CA PRO DA 16 17.26 -27.66 -95.45
C PRO DA 16 18.75 -27.50 -95.70
N TYR DA 17 19.40 -28.63 -96.00
CA TYR DA 17 20.80 -28.60 -96.39
C TYR DA 17 20.99 -28.03 -97.79
N ARG DA 18 19.96 -28.15 -98.62
CA ARG DA 18 20.05 -27.74 -100.02
C ARG DA 18 20.02 -26.22 -100.15
N ARG DA 19 20.82 -25.70 -101.07
CA ARG DA 19 20.85 -24.28 -101.43
C ARG DA 19 19.71 -23.94 -102.39
N SER DA 20 19.86 -22.82 -103.10
CA SER DA 20 18.81 -22.23 -103.94
C SER DA 20 18.22 -23.21 -104.94
N VAL DA 21 17.01 -22.86 -105.41
CA VAL DA 21 16.00 -23.75 -106.03
C VAL DA 21 16.54 -24.61 -107.17
N PRO DA 22 16.26 -25.93 -107.14
CA PRO DA 22 16.85 -26.84 -108.14
C PRO DA 22 16.38 -26.63 -109.57
N THR DA 23 15.08 -26.71 -109.83
CA THR DA 23 14.61 -26.67 -111.20
C THR DA 23 13.51 -25.65 -111.44
N TRP DA 24 12.56 -25.52 -110.51
CA TRP DA 24 11.40 -24.68 -110.73
C TRP DA 24 11.58 -23.34 -110.01
N LEU DA 25 10.50 -22.57 -109.97
CA LEU DA 25 10.45 -21.19 -109.48
C LEU DA 25 11.46 -20.32 -110.24
N LYS DA 26 11.18 -20.17 -111.54
CA LYS DA 26 11.98 -19.32 -112.42
C LYS DA 26 11.58 -17.87 -112.16
N LEU DA 27 12.11 -17.33 -111.07
CA LEU DA 27 11.77 -16.00 -110.59
C LEU DA 27 13.07 -15.28 -110.26
N THR DA 28 13.35 -14.20 -110.97
CA THR DA 28 14.63 -13.52 -110.84
C THR DA 28 14.71 -12.73 -109.55
N SER DA 29 15.95 -12.46 -109.13
CA SER DA 29 16.19 -11.70 -107.91
C SER DA 29 15.70 -10.27 -108.01
N ASP DA 30 15.71 -9.70 -109.22
CA ASP DA 30 15.14 -8.37 -109.43
C ASP DA 30 13.63 -8.39 -109.22
N ASP DA 31 12.97 -9.45 -109.65
CA ASP DA 31 11.52 -9.57 -109.44
C ASP DA 31 11.19 -9.81 -107.97
N VAL DA 32 12.02 -10.59 -107.28
CA VAL DA 32 11.84 -10.81 -105.84
C VAL DA 32 12.03 -9.50 -105.07
N LYS DA 33 13.03 -8.71 -105.47
CA LYS DA 33 13.23 -7.39 -104.88
C LYS DA 33 12.07 -6.45 -105.16
N GLU DA 34 11.51 -6.49 -106.39
CA GLU DA 34 10.36 -5.65 -106.69
C GLU DA 34 9.15 -6.04 -105.85
N GLN DA 35 8.93 -7.34 -105.65
CA GLN DA 35 7.84 -7.79 -104.80
C GLN DA 35 8.05 -7.36 -103.34
N ILE DA 36 9.27 -7.48 -102.84
CA ILE DA 36 9.49 -7.11 -101.43
C ILE DA 36 9.47 -5.59 -101.24
N TYR DA 37 9.84 -4.79 -102.23
CA TYR DA 37 9.66 -3.35 -102.11
C TYR DA 37 8.21 -2.92 -102.24
N LYS DA 38 7.40 -3.61 -103.06
CA LYS DA 38 5.97 -3.29 -103.07
C LYS DA 38 5.31 -3.68 -101.76
N LEU DA 39 5.73 -4.79 -101.15
CA LEU DA 39 5.19 -5.16 -99.84
C LEU DA 39 5.68 -4.23 -98.73
N ALA DA 40 6.90 -3.71 -98.84
CA ALA DA 40 7.37 -2.73 -97.87
C ALA DA 40 6.69 -1.38 -98.06
N LYS DA 41 6.30 -1.06 -99.31
CA LYS DA 41 5.51 0.13 -99.55
C LYS DA 41 4.10 -0.02 -99.00
N LYS DA 42 3.55 -1.24 -99.07
CA LYS DA 42 2.31 -1.52 -98.35
C LYS DA 42 2.51 -1.43 -96.83
N GLY DA 43 3.71 -1.75 -96.35
CA GLY DA 43 4.05 -1.44 -94.97
C GLY DA 43 3.80 -2.55 -93.98
N LEU DA 44 4.36 -3.72 -94.22
CA LEU DA 44 4.22 -4.85 -93.30
C LEU DA 44 5.51 -5.10 -92.53
N THR DA 45 5.35 -5.80 -91.41
CA THR DA 45 6.48 -6.34 -90.69
C THR DA 45 7.20 -7.37 -91.57
N PRO DA 46 8.54 -7.37 -91.59
CA PRO DA 46 9.27 -8.39 -92.39
C PRO DA 46 9.00 -9.83 -91.94
N SER DA 47 8.64 -10.03 -90.67
CA SER DA 47 8.16 -11.34 -90.22
C SER DA 47 6.88 -11.74 -90.92
N GLN DA 48 6.05 -10.77 -91.31
CA GLN DA 48 4.86 -11.06 -92.12
C GLN DA 48 5.19 -11.12 -93.60
N ILE DA 49 6.19 -10.36 -94.05
CA ILE DA 49 6.60 -10.36 -95.45
C ILE DA 49 7.16 -11.72 -95.84
N GLY DA 50 7.92 -12.34 -94.94
CA GLY DA 50 8.40 -13.70 -95.19
C GLY DA 50 7.28 -14.72 -95.31
N VAL DA 51 6.24 -14.59 -94.49
CA VAL DA 51 5.11 -15.52 -94.53
C VAL DA 51 4.30 -15.31 -95.81
N ILE DA 52 4.10 -14.05 -96.21
CA ILE DA 52 3.34 -13.76 -97.43
C ILE DA 52 4.10 -14.22 -98.67
N LEU DA 53 5.41 -14.00 -98.73
CA LEU DA 53 6.18 -14.50 -99.86
C LEU DA 53 6.35 -16.02 -99.84
N ARG DA 54 6.24 -16.65 -98.67
CA ARG DA 54 6.29 -18.11 -98.65
C ARG DA 54 4.97 -18.74 -99.09
N ASP DA 55 3.85 -18.17 -98.65
CA ASP DA 55 2.55 -18.79 -98.93
C ASP DA 55 2.00 -18.39 -100.29
N SER DA 56 2.11 -17.11 -100.68
CA SER DA 56 1.51 -16.65 -101.92
C SER DA 56 2.35 -17.06 -103.14
N HIS DA 57 3.59 -16.59 -103.20
CA HIS DA 57 4.43 -16.82 -104.37
C HIS DA 57 5.19 -18.15 -104.31
N GLY DA 58 5.22 -18.81 -103.16
CA GLY DA 58 5.94 -20.06 -103.02
C GLY DA 58 7.44 -19.87 -103.04
N VAL DA 59 7.94 -18.94 -102.22
CA VAL DA 59 9.35 -18.60 -102.15
C VAL DA 59 9.93 -19.16 -100.87
N ALA DA 60 11.11 -19.78 -100.98
CA ALA DA 60 11.86 -20.30 -99.84
C ALA DA 60 12.59 -19.19 -99.11
N GLN DA 61 13.58 -19.57 -98.30
CA GLN DA 61 14.50 -18.63 -97.66
C GLN DA 61 15.11 -17.67 -98.68
N VAL DA 62 14.90 -16.37 -98.44
CA VAL DA 62 15.17 -15.34 -99.44
C VAL DA 62 16.66 -15.18 -99.72
N ARG DA 63 17.50 -15.50 -98.73
CA ARG DA 63 18.95 -15.49 -98.91
C ARG DA 63 19.41 -16.50 -99.97
N PHE DA 64 18.64 -17.55 -100.21
CA PHE DA 64 18.97 -18.52 -101.25
C PHE DA 64 18.62 -17.98 -102.63
N VAL DA 65 17.36 -17.60 -102.83
CA VAL DA 65 16.87 -17.26 -104.17
C VAL DA 65 17.33 -15.87 -104.60
N THR DA 66 17.62 -14.96 -103.66
CA THR DA 66 18.07 -13.62 -103.99
C THR DA 66 19.58 -13.47 -103.87
N GLY DA 67 20.16 -13.99 -102.79
CA GLY DA 67 21.55 -13.79 -102.50
C GLY DA 67 21.83 -12.69 -101.52
N ASN DA 68 20.78 -12.11 -100.91
CA ASN DA 68 20.95 -11.01 -99.97
C ASN DA 68 19.85 -11.10 -98.92
N LYS DA 69 20.19 -10.74 -97.70
CA LYS DA 69 19.25 -10.73 -96.59
C LYS DA 69 18.27 -9.56 -96.75
N ILE DA 70 17.03 -9.78 -96.27
CA ILE DA 70 15.94 -8.87 -96.61
C ILE DA 70 16.08 -7.52 -95.93
N LEU DA 71 16.68 -7.47 -94.73
CA LEU DA 71 16.90 -6.18 -94.10
C LEU DA 71 18.03 -5.42 -94.78
N ARG DA 72 19.01 -6.14 -95.33
CA ARG DA 72 20.07 -5.49 -96.08
C ARG DA 72 19.59 -5.04 -97.45
N ILE DA 73 18.56 -5.69 -98.00
CA ILE DA 73 17.90 -5.17 -99.18
C ILE DA 73 17.10 -3.92 -98.83
N LEU DA 74 16.45 -3.93 -97.67
CA LEU DA 74 15.58 -2.84 -97.27
C LEU DA 74 16.37 -1.58 -96.93
N LYS DA 75 17.53 -1.74 -96.30
CA LYS DA 75 18.38 -0.59 -95.97
C LYS DA 75 19.11 -0.02 -97.18
N SER DA 76 19.07 -0.69 -98.33
CA SER DA 76 19.69 -0.14 -99.53
C SER DA 76 18.89 1.02 -100.08
N LYS DA 77 17.57 0.96 -99.97
CA LYS DA 77 16.71 2.08 -100.35
C LYS DA 77 16.25 2.91 -99.16
N GLY DA 78 16.33 2.36 -97.94
CA GLY DA 78 16.05 3.16 -96.77
C GLY DA 78 14.57 3.34 -96.49
N LEU DA 79 13.85 2.24 -96.30
CA LEU DA 79 12.45 2.24 -95.89
C LEU DA 79 12.33 1.79 -94.45
N ALA DA 80 13.29 2.19 -93.61
CA ALA DA 80 13.41 1.65 -92.27
C ALA DA 80 12.33 2.21 -91.36
N PRO DA 81 11.70 1.38 -90.51
CA PRO DA 81 10.68 1.88 -89.60
C PRO DA 81 11.20 2.56 -88.34
N ASP DA 82 12.51 2.91 -88.31
CA ASP DA 82 13.21 3.70 -87.30
C ASP DA 82 13.37 2.94 -85.97
N LEU DA 83 12.84 1.71 -85.90
CA LEU DA 83 12.94 0.89 -84.71
C LEU DA 83 12.74 -0.54 -85.19
N PRO DA 84 13.60 -1.47 -84.79
CA PRO DA 84 13.40 -2.86 -85.19
C PRO DA 84 12.22 -3.48 -84.48
N GLU DA 85 11.62 -4.47 -85.15
CA GLU DA 85 10.36 -5.05 -84.69
C GLU DA 85 10.53 -5.90 -83.44
N ASP DA 86 11.73 -6.46 -83.23
CA ASP DA 86 12.04 -7.24 -82.04
C ASP DA 86 11.85 -6.42 -80.76
N LEU DA 87 12.17 -5.13 -80.81
CA LEU DA 87 11.88 -4.23 -79.71
C LEU DA 87 10.51 -3.58 -79.85
N TYR DA 88 10.04 -3.38 -81.09
CA TYR DA 88 8.82 -2.63 -81.32
C TYR DA 88 7.57 -3.38 -80.85
N HIS DA 89 7.53 -4.70 -81.07
CA HIS DA 89 6.35 -5.45 -80.62
C HIS DA 89 6.31 -5.58 -79.11
N LEU DA 90 7.47 -5.66 -78.45
CA LEU DA 90 7.50 -5.68 -76.99
C LEU DA 90 7.09 -4.33 -76.42
N ILE DA 91 7.48 -3.23 -77.08
CA ILE DA 91 6.98 -1.91 -76.67
C ILE DA 91 5.48 -1.80 -76.88
N LYS DA 92 4.98 -2.35 -78.00
CA LYS DA 92 3.56 -2.27 -78.33
C LYS DA 92 2.71 -3.06 -77.34
N LYS DA 93 3.21 -4.20 -76.86
CA LYS DA 93 2.46 -4.93 -75.85
C LYS DA 93 2.66 -4.34 -74.45
N ALA DA 94 3.81 -3.69 -74.19
CA ALA DA 94 4.02 -3.04 -72.91
C ALA DA 94 3.10 -1.84 -72.73
N VAL DA 95 2.79 -1.14 -73.82
CA VAL DA 95 1.79 -0.07 -73.78
C VAL DA 95 0.44 -0.60 -73.33
N ALA DA 96 0.03 -1.75 -73.89
CA ALA DA 96 -1.24 -2.36 -73.54
C ALA DA 96 -1.27 -2.85 -72.10
N VAL DA 97 -0.14 -3.37 -71.59
CA VAL DA 97 -0.13 -3.85 -70.21
C VAL DA 97 -0.11 -2.67 -69.22
N ARG DA 98 0.60 -1.58 -69.56
CA ARG DA 98 0.55 -0.36 -68.75
C ARG DA 98 -0.86 0.22 -68.69
N LYS DA 99 -1.52 0.32 -69.85
CA LYS DA 99 -2.87 0.83 -69.89
C LYS DA 99 -3.85 -0.09 -69.15
N HIS DA 100 -3.62 -1.40 -69.25
CA HIS DA 100 -4.47 -2.37 -68.55
C HIS DA 100 -4.32 -2.27 -67.05
N LEU DA 101 -3.12 -2.01 -66.54
CA LEU DA 101 -2.97 -1.76 -65.12
C LEU DA 101 -3.62 -0.43 -64.71
N GLU DA 102 -3.57 0.57 -65.60
CA GLU DA 102 -4.20 1.86 -65.30
C GLU DA 102 -5.71 1.74 -65.17
N ARG DA 103 -6.35 0.94 -66.02
CA ARG DA 103 -7.80 0.78 -65.83
C ARG DA 103 -8.15 -0.39 -64.92
N ASN DA 104 -7.19 -1.25 -64.55
CA ASN DA 104 -7.37 -2.27 -63.51
C ASN DA 104 -6.12 -2.25 -62.64
N ARG DA 105 -6.11 -1.39 -61.63
CA ARG DA 105 -5.06 -1.35 -60.61
C ARG DA 105 -5.28 -2.41 -59.52
N LYS DA 106 -5.45 -3.66 -59.94
CA LYS DA 106 -5.43 -4.79 -59.02
C LYS DA 106 -4.70 -6.01 -59.59
N ASP DA 107 -4.50 -6.10 -60.90
CA ASP DA 107 -3.99 -7.32 -61.54
C ASP DA 107 -2.50 -7.40 -61.31
N LYS DA 108 -2.13 -8.00 -60.18
CA LYS DA 108 -0.73 -8.17 -59.83
C LYS DA 108 -0.02 -9.16 -60.75
N ASP DA 109 -0.76 -10.09 -61.35
CA ASP DA 109 -0.21 -10.92 -62.42
C ASP DA 109 0.19 -10.06 -63.61
N ALA DA 110 -0.63 -9.08 -63.98
CA ALA DA 110 -0.28 -8.17 -65.07
C ALA DA 110 0.87 -7.27 -64.69
N LYS DA 111 0.99 -6.92 -63.40
CA LYS DA 111 2.15 -6.14 -62.95
C LYS DA 111 3.44 -6.96 -63.06
N PHE DA 112 3.39 -8.23 -62.70
CA PHE DA 112 4.54 -9.11 -62.82
C PHE DA 112 4.94 -9.32 -64.28
N ARG DA 113 3.95 -9.53 -65.15
CA ARG DA 113 4.24 -9.66 -66.57
C ARG DA 113 4.72 -8.34 -67.18
N LEU DA 114 4.30 -7.20 -66.64
CA LEU DA 114 4.86 -5.93 -67.06
C LEU DA 114 6.34 -5.81 -66.69
N ILE DA 115 6.70 -6.29 -65.49
CA ILE DA 115 8.10 -6.31 -65.10
C ILE DA 115 8.92 -7.22 -66.02
N LEU DA 116 8.34 -8.35 -66.44
CA LEU DA 116 9.05 -9.24 -67.35
C LEU DA 116 9.20 -8.64 -68.75
N ILE DA 117 8.16 -7.98 -69.25
CA ILE DA 117 8.23 -7.36 -70.56
C ILE DA 117 9.21 -6.19 -70.56
N GLU DA 118 9.22 -5.39 -69.48
CA GLU DA 118 10.21 -4.32 -69.39
C GLU DA 118 11.63 -4.87 -69.25
N SER DA 119 11.79 -6.04 -68.62
CA SER DA 119 13.11 -6.69 -68.58
C SER DA 119 13.57 -7.07 -69.98
N ARG DA 120 12.66 -7.62 -70.80
CA ARG DA 120 13.01 -7.97 -72.17
C ARG DA 120 13.34 -6.73 -73.00
N ILE DA 121 12.58 -5.64 -72.79
CA ILE DA 121 12.81 -4.39 -73.49
C ILE DA 121 14.18 -3.80 -73.12
N HIS DA 122 14.52 -3.81 -71.84
CA HIS DA 122 15.82 -3.25 -71.44
C HIS DA 122 16.99 -4.12 -71.87
N ARG DA 123 16.81 -5.45 -71.92
CA ARG DA 123 17.88 -6.30 -72.44
C ARG DA 123 18.11 -6.06 -73.93
N LEU DA 124 17.03 -5.98 -74.72
CA LEU DA 124 17.19 -5.66 -76.13
C LEU DA 124 17.70 -4.26 -76.35
N ALA DA 125 17.36 -3.32 -75.46
CA ALA DA 125 17.86 -1.96 -75.59
C ALA DA 125 19.36 -1.90 -75.31
N ARG DA 126 19.83 -2.65 -74.32
CA ARG DA 126 21.27 -2.71 -74.06
C ARG DA 126 22.02 -3.38 -75.20
N TYR DA 127 21.44 -4.43 -75.80
CA TYR DA 127 22.08 -5.04 -76.97
C TYR DA 127 22.13 -4.10 -78.16
N TYR DA 128 21.07 -3.32 -78.38
CA TYR DA 128 21.06 -2.41 -79.52
C TYR DA 128 21.95 -1.19 -79.28
N LYS DA 129 22.09 -0.75 -78.03
CA LYS DA 129 23.06 0.30 -77.73
C LYS DA 129 24.49 -0.21 -77.84
N THR DA 130 24.70 -1.51 -77.60
CA THR DA 130 26.01 -2.09 -77.83
C THR DA 130 26.33 -2.15 -79.32
N LYS DA 131 25.38 -2.63 -80.14
CA LYS DA 131 25.61 -2.77 -81.57
C LYS DA 131 25.38 -1.48 -82.36
N ARG DA 132 25.04 -0.37 -81.68
CA ARG DA 132 24.99 0.98 -82.22
C ARG DA 132 23.96 1.14 -83.33
N VAL DA 133 22.93 0.30 -83.36
CA VAL DA 133 21.82 0.53 -84.27
C VAL DA 133 20.79 1.47 -83.64
N LEU DA 134 20.89 1.69 -82.33
CA LEU DA 134 20.07 2.52 -81.50
C LEU DA 134 20.89 3.71 -80.97
N PRO DA 135 20.29 4.89 -80.82
CA PRO DA 135 21.05 6.02 -80.27
C PRO DA 135 21.39 5.77 -78.80
N PRO DA 136 22.54 6.29 -78.34
CA PRO DA 136 22.95 6.03 -76.95
C PRO DA 136 22.10 6.75 -75.92
N ASN DA 137 21.46 7.86 -76.29
CA ASN DA 137 20.61 8.61 -75.38
C ASN DA 137 19.15 8.14 -75.40
N TRP DA 138 18.91 6.90 -75.83
CA TRP DA 138 17.54 6.40 -75.91
C TRP DA 138 17.07 5.99 -74.53
N LYS DA 139 15.96 6.56 -74.08
CA LYS DA 139 15.38 6.25 -72.79
C LYS DA 139 13.98 5.70 -72.98
N TYR DA 140 13.49 5.00 -71.95
CA TYR DA 140 12.16 4.38 -72.01
C TYR DA 140 11.58 4.39 -70.60
N GLU DA 141 10.83 5.45 -70.28
CA GLU DA 141 10.09 5.52 -69.03
C GLU DA 141 8.59 5.57 -69.28
N SER DA 142 8.09 6.64 -69.90
CA SER DA 142 6.69 6.74 -70.28
C SER DA 142 6.56 7.28 -71.70
N SER DA 143 7.47 8.18 -72.08
CA SER DA 143 7.33 8.99 -73.28
C SER DA 143 7.52 8.20 -74.57
N THR DA 144 8.49 7.29 -74.62
CA THR DA 144 8.70 6.48 -75.81
C THR DA 144 7.52 5.53 -76.04
N ALA DA 145 6.98 4.98 -74.96
CA ALA DA 145 5.79 4.12 -75.06
C ALA DA 145 4.57 4.92 -75.49
N SER DA 146 4.41 6.14 -74.96
CA SER DA 146 3.28 6.98 -75.37
C SER DA 146 3.42 7.51 -76.78
N ALA DA 147 4.65 7.62 -77.29
CA ALA DA 147 4.88 8.10 -78.65
C ALA DA 147 4.75 7.00 -79.69
N LEU DA 148 5.55 5.95 -79.58
CA LEU DA 148 5.58 4.89 -80.57
C LEU DA 148 4.61 3.80 -80.14
N VAL DA 149 3.41 3.82 -80.72
CA VAL DA 149 2.39 2.83 -80.42
C VAL DA 149 2.11 1.97 -81.65
N SER EA 1 -64.51 -42.79 -36.28
CA SER EA 1 -65.36 -42.34 -37.38
C SER EA 1 -64.93 -42.97 -38.69
N LEU EA 2 -65.79 -42.84 -39.71
CA LEU EA 2 -65.45 -43.35 -41.04
C LEU EA 2 -64.37 -42.48 -41.69
N GLY EA 3 -64.59 -41.17 -41.72
CA GLY EA 3 -63.59 -40.24 -42.19
C GLY EA 3 -63.59 -40.09 -43.70
N PRO EA 4 -62.44 -40.36 -44.33
CA PRO EA 4 -62.26 -40.06 -45.76
C PRO EA 4 -63.07 -40.92 -46.71
N GLN EA 5 -63.02 -42.24 -46.59
CA GLN EA 5 -63.51 -43.11 -47.65
C GLN EA 5 -64.22 -44.33 -47.09
N VAL EA 6 -65.40 -44.61 -47.65
CA VAL EA 6 -66.17 -45.81 -47.36
C VAL EA 6 -66.07 -46.64 -48.65
N ALA EA 7 -66.52 -47.90 -48.62
CA ALA EA 7 -66.49 -48.84 -49.75
C ALA EA 7 -65.06 -49.06 -50.25
N GLU EA 8 -64.29 -49.74 -49.39
CA GLU EA 8 -62.84 -49.88 -49.53
C GLU EA 8 -62.45 -50.56 -50.84
N GLY EA 9 -61.21 -50.31 -51.25
CA GLY EA 9 -60.70 -50.69 -52.55
C GLY EA 9 -59.85 -49.56 -53.09
N GLU EA 10 -60.06 -48.37 -52.52
CA GLU EA 10 -59.26 -47.19 -52.81
C GLU EA 10 -58.53 -46.78 -51.53
N ASN EA 11 -57.24 -46.51 -51.64
CA ASN EA 11 -56.42 -46.18 -50.50
C ASN EA 11 -56.41 -44.68 -50.23
N VAL EA 12 -56.28 -44.33 -48.95
CA VAL EA 12 -56.11 -42.95 -48.51
C VAL EA 12 -54.66 -42.79 -48.10
N PHE EA 13 -53.94 -41.89 -48.74
CA PHE EA 13 -52.50 -41.77 -48.59
C PHE EA 13 -52.13 -40.69 -47.59
N GLY EA 14 -51.02 -40.91 -46.90
CA GLY EA 14 -50.44 -39.92 -46.01
C GLY EA 14 -48.94 -39.94 -46.08
N VAL EA 15 -48.30 -38.78 -45.95
CA VAL EA 15 -46.85 -38.70 -46.01
C VAL EA 15 -46.29 -38.92 -44.60
N CYS EA 16 -45.43 -39.92 -44.45
CA CYS EA 16 -44.80 -40.23 -43.16
C CYS EA 16 -43.35 -39.77 -43.22
N HIS EA 17 -43.06 -38.68 -42.51
CA HIS EA 17 -41.69 -38.19 -42.37
C HIS EA 17 -41.01 -38.93 -41.23
N ILE EA 18 -39.83 -39.48 -41.51
CA ILE EA 18 -39.02 -40.13 -40.50
C ILE EA 18 -37.68 -39.41 -40.45
N PHE EA 19 -37.43 -38.70 -39.36
CA PHE EA 19 -36.22 -37.91 -39.14
C PHE EA 19 -35.36 -38.67 -38.14
N ALA EA 20 -34.34 -39.35 -38.62
CA ALA EA 20 -33.49 -40.16 -37.76
C ALA EA 20 -32.17 -39.45 -37.52
N SER EA 21 -31.77 -39.36 -36.26
CA SER EA 21 -30.50 -38.75 -35.90
C SER EA 21 -29.73 -39.70 -35.01
N PHE EA 22 -28.53 -39.27 -34.59
CA PHE EA 22 -27.74 -40.08 -33.67
C PHE EA 22 -28.23 -39.98 -32.24
N ASN EA 23 -29.19 -39.09 -31.95
CA ASN EA 23 -29.70 -38.93 -30.60
C ASN EA 23 -31.21 -39.07 -30.47
N ASP EA 24 -31.98 -38.95 -31.56
CA ASP EA 24 -33.44 -39.07 -31.45
C ASP EA 24 -34.02 -39.47 -32.80
N THR EA 25 -35.19 -40.10 -32.74
CA THR EA 25 -35.92 -40.55 -33.92
C THR EA 25 -37.31 -39.92 -33.92
N PHE EA 26 -37.67 -39.26 -35.01
CA PHE EA 26 -38.97 -38.66 -35.19
C PHE EA 26 -39.77 -39.44 -36.23
N VAL EA 27 -40.98 -39.83 -35.89
CA VAL EA 27 -41.95 -40.34 -36.85
C VAL EA 27 -43.15 -39.39 -36.84
N HIS EA 28 -43.59 -39.01 -38.04
CA HIS EA 28 -44.52 -37.91 -38.19
C HIS EA 28 -45.44 -38.23 -39.35
N VAL EA 29 -46.74 -38.05 -39.17
CA VAL EA 29 -47.72 -38.39 -40.20
C VAL EA 29 -48.46 -37.13 -40.59
N THR EA 30 -48.45 -36.82 -41.88
CA THR EA 30 -49.07 -35.63 -42.42
C THR EA 30 -49.92 -36.08 -43.61
N ASP EA 31 -50.78 -35.19 -44.12
CA ASP EA 31 -51.50 -35.48 -45.35
C ASP EA 31 -50.59 -35.22 -46.56
N LEU EA 32 -51.16 -35.26 -47.76
CA LEU EA 32 -50.37 -35.03 -48.96
C LEU EA 32 -49.97 -33.58 -49.14
N SER EA 33 -50.61 -32.65 -48.42
CA SER EA 33 -50.25 -31.25 -48.53
C SER EA 33 -48.94 -30.97 -47.82
N GLY EA 34 -48.87 -31.26 -46.53
CA GLY EA 34 -47.68 -30.99 -45.74
C GLY EA 34 -47.93 -30.17 -44.49
N LYS EA 35 -49.16 -29.70 -44.24
CA LYS EA 35 -49.43 -28.85 -43.09
C LYS EA 35 -50.10 -29.59 -41.93
N GLU EA 36 -51.03 -30.50 -42.23
CA GLU EA 36 -51.91 -31.06 -41.20
C GLU EA 36 -51.25 -32.28 -40.57
N THR EA 37 -50.64 -32.07 -39.40
CA THR EA 37 -50.05 -33.15 -38.63
C THR EA 37 -51.15 -34.07 -38.10
N ILE EA 38 -51.08 -35.34 -38.46
CA ILE EA 38 -52.02 -36.34 -37.97
C ILE EA 38 -51.55 -36.94 -36.64
N CYS EA 39 -50.30 -37.37 -36.59
CA CYS EA 39 -49.75 -37.94 -35.36
C CYS EA 39 -48.25 -37.69 -35.31
N ARG EA 40 -47.72 -37.59 -34.10
CA ARG EA 40 -46.30 -37.33 -33.90
C ARG EA 40 -45.90 -37.84 -32.52
N VAL EA 41 -45.14 -38.94 -32.49
CA VAL EA 41 -44.61 -39.50 -31.25
C VAL EA 41 -43.10 -39.66 -31.41
N THR EA 42 -42.34 -39.04 -30.50
CA THR EA 42 -40.89 -39.09 -30.57
C THR EA 42 -40.38 -40.32 -29.80
N GLY EA 43 -39.07 -40.39 -29.58
CA GLY EA 43 -38.49 -41.47 -28.83
C GLY EA 43 -38.60 -41.27 -27.32
N GLY EA 44 -38.43 -40.02 -26.89
CA GLY EA 44 -38.53 -39.69 -25.48
C GLY EA 44 -39.94 -39.77 -24.93
N MET EA 45 -40.95 -39.70 -25.81
CA MET EA 45 -42.33 -39.88 -25.37
C MET EA 45 -42.63 -41.32 -24.98
N LYS EA 46 -41.83 -42.27 -25.45
CA LYS EA 46 -42.02 -43.68 -25.13
C LYS EA 46 -40.94 -44.27 -24.24
N VAL EA 47 -39.76 -43.66 -24.17
CA VAL EA 47 -38.65 -44.15 -23.37
C VAL EA 47 -38.31 -43.12 -22.30
N LYS EA 48 -38.28 -43.57 -21.04
CA LYS EA 48 -37.95 -42.68 -19.93
C LYS EA 48 -36.47 -42.33 -19.93
N ALA EA 49 -35.61 -43.26 -20.33
CA ALA EA 49 -34.17 -43.02 -20.31
C ALA EA 49 -33.76 -42.11 -21.45
N ASP EA 50 -32.86 -41.17 -21.16
CA ASP EA 50 -32.42 -40.22 -22.16
C ASP EA 50 -31.37 -40.84 -23.10
N ARG EA 51 -30.62 -41.83 -22.62
CA ARG EA 51 -29.63 -42.47 -23.47
C ARG EA 51 -30.22 -43.56 -24.35
N ASP EA 52 -31.45 -43.99 -24.10
CA ASP EA 52 -32.10 -45.05 -24.88
C ASP EA 52 -33.15 -44.51 -25.82
N GLU EA 53 -33.29 -43.18 -25.94
CA GLU EA 53 -34.26 -42.63 -26.88
C GLU EA 53 -33.77 -42.69 -28.32
N SER EA 54 -32.47 -42.91 -28.53
CA SER EA 54 -31.91 -43.14 -29.86
C SER EA 54 -31.85 -44.61 -30.22
N SER EA 55 -32.18 -45.50 -29.28
CA SER EA 55 -32.12 -46.93 -29.53
C SER EA 55 -33.23 -47.35 -30.49
N PRO EA 56 -33.03 -48.44 -31.25
CA PRO EA 56 -34.12 -48.99 -32.07
C PRO EA 56 -35.28 -49.55 -31.26
N TYR EA 57 -35.11 -49.80 -29.95
CA TYR EA 57 -36.24 -50.19 -29.12
C TYR EA 57 -37.23 -49.05 -28.95
N ALA EA 58 -36.76 -47.80 -28.97
CA ALA EA 58 -37.65 -46.65 -28.96
C ALA EA 58 -38.44 -46.53 -30.25
N ALA EA 59 -37.82 -46.93 -31.37
CA ALA EA 59 -38.45 -46.81 -32.67
C ALA EA 59 -39.64 -47.74 -32.81
N MET EA 60 -39.54 -48.96 -32.26
CA MET EA 60 -40.67 -49.89 -32.27
C MET EA 60 -41.86 -49.35 -31.50
N LEU EA 61 -41.61 -48.81 -30.30
CA LEU EA 61 -42.70 -48.30 -29.47
C LEU EA 61 -43.35 -47.07 -30.09
N ALA EA 62 -42.52 -46.13 -30.58
CA ALA EA 62 -43.06 -44.92 -31.20
C ALA EA 62 -43.80 -45.22 -32.49
N ALA EA 63 -43.27 -46.13 -33.31
CA ALA EA 63 -43.93 -46.47 -34.56
C ALA EA 63 -45.20 -47.28 -34.35
N GLN EA 64 -45.25 -48.15 -33.34
CA GLN EA 64 -46.50 -48.83 -33.03
C GLN EA 64 -47.55 -47.89 -32.46
N ASP EA 65 -47.14 -46.90 -31.66
CA ASP EA 65 -48.08 -45.91 -31.15
C ASP EA 65 -48.65 -45.07 -32.29
N VAL EA 66 -47.79 -44.65 -33.23
CA VAL EA 66 -48.23 -43.86 -34.36
C VAL EA 66 -49.11 -44.69 -35.31
N ALA EA 67 -48.75 -45.95 -35.52
CA ALA EA 67 -49.58 -46.82 -36.35
C ALA EA 67 -50.91 -47.16 -35.70
N GLN EA 68 -50.97 -47.16 -34.36
CA GLN EA 68 -52.25 -47.32 -33.69
C GLN EA 68 -53.11 -46.06 -33.84
N ARG EA 69 -52.52 -44.88 -33.67
CA ARG EA 69 -53.28 -43.65 -33.82
C ARG EA 69 -53.73 -43.42 -35.26
N CYS EA 70 -52.95 -43.87 -36.24
CA CYS EA 70 -53.35 -43.73 -37.64
C CYS EA 70 -54.48 -44.68 -37.99
N LYS EA 71 -54.48 -45.88 -37.42
CA LYS EA 71 -55.62 -46.78 -37.61
C LYS EA 71 -56.85 -46.31 -36.86
N GLU EA 72 -56.67 -45.57 -35.75
CA GLU EA 72 -57.84 -44.99 -35.09
C GLU EA 72 -58.41 -43.83 -35.90
N LEU EA 73 -57.55 -42.99 -36.48
CA LEU EA 73 -58.02 -41.84 -37.24
C LEU EA 73 -58.37 -42.17 -38.68
N GLY EA 74 -58.05 -43.37 -39.16
CA GLY EA 74 -58.54 -43.85 -40.44
C GLY EA 74 -57.82 -43.35 -41.68
N ILE EA 75 -56.54 -43.65 -41.79
CA ILE EA 75 -55.79 -43.48 -43.04
C ILE EA 75 -55.14 -44.81 -43.37
N THR EA 76 -55.06 -45.13 -44.66
CA THR EA 76 -54.68 -46.47 -45.08
C THR EA 76 -53.19 -46.60 -45.37
N ALA EA 77 -52.69 -45.85 -46.35
CA ALA EA 77 -51.35 -46.05 -46.88
C ALA EA 77 -50.46 -44.86 -46.58
N LEU EA 78 -49.15 -45.11 -46.63
CA LEU EA 78 -48.16 -44.09 -46.30
C LEU EA 78 -47.08 -44.04 -47.36
N HIS EA 79 -46.76 -42.82 -47.81
CA HIS EA 79 -45.55 -42.55 -48.58
C HIS EA 79 -44.48 -42.10 -47.61
N ILE EA 80 -43.41 -42.87 -47.48
CA ILE EA 80 -42.41 -42.64 -46.45
C ILE EA 80 -41.31 -41.76 -47.01
N LYS EA 81 -41.14 -40.59 -46.41
CA LYS EA 81 -39.98 -39.73 -46.64
C LYS EA 81 -39.01 -39.93 -45.50
N LEU EA 82 -37.73 -40.11 -45.81
CA LEU EA 82 -36.70 -40.41 -44.83
C LEU EA 82 -35.63 -39.34 -44.88
N ARG EA 83 -35.23 -38.84 -43.71
CA ARG EA 83 -34.25 -37.77 -43.65
C ARG EA 83 -33.46 -37.85 -42.36
N ALA EA 84 -32.34 -37.12 -42.34
CA ALA EA 84 -31.43 -37.10 -41.20
C ALA EA 84 -30.92 -35.67 -41.02
N THR EA 85 -30.02 -35.50 -40.06
CA THR EA 85 -29.35 -34.23 -39.86
C THR EA 85 -28.34 -34.03 -40.97
N GLY EA 86 -28.76 -33.37 -42.05
CA GLY EA 86 -27.94 -33.33 -43.25
C GLY EA 86 -27.33 -31.99 -43.59
N GLY EA 87 -27.56 -30.98 -42.77
CA GLY EA 87 -27.04 -29.64 -43.03
C GLY EA 87 -25.53 -29.57 -42.94
N ASN EA 88 -24.98 -29.95 -41.80
CA ASN EA 88 -23.54 -30.07 -41.61
C ASN EA 88 -23.13 -31.37 -40.95
N ARG EA 89 -24.07 -32.12 -40.38
CA ARG EA 89 -23.78 -33.35 -39.67
C ARG EA 89 -23.69 -34.51 -40.65
N THR EA 90 -23.72 -35.74 -40.13
CA THR EA 90 -23.61 -36.93 -40.96
C THR EA 90 -24.86 -37.12 -41.80
N LYS EA 91 -24.68 -37.31 -43.10
CA LYS EA 91 -25.79 -37.48 -44.03
C LYS EA 91 -26.45 -38.84 -43.92
N THR EA 92 -25.79 -39.83 -43.33
CA THR EA 92 -26.39 -41.13 -43.14
C THR EA 92 -27.40 -41.08 -41.98
N PRO EA 93 -28.53 -41.78 -42.11
CA PRO EA 93 -29.52 -41.76 -41.02
C PRO EA 93 -29.05 -42.57 -39.82
N GLY EA 94 -29.73 -42.35 -38.70
CA GLY EA 94 -29.38 -42.98 -37.45
C GLY EA 94 -29.89 -44.40 -37.33
N PRO EA 95 -29.78 -44.98 -36.14
CA PRO EA 95 -30.21 -46.37 -35.95
C PRO EA 95 -31.70 -46.57 -35.83
N GLY EA 96 -32.49 -45.49 -35.81
CA GLY EA 96 -33.93 -45.62 -35.62
C GLY EA 96 -34.72 -45.94 -36.86
N ALA EA 97 -34.20 -45.57 -38.04
CA ALA EA 97 -34.95 -45.74 -39.29
C ALA EA 97 -35.07 -47.21 -39.69
N GLN EA 98 -34.02 -48.00 -39.45
CA GLN EA 98 -34.02 -49.42 -39.78
C GLN EA 98 -35.08 -50.18 -39.00
N SER EA 99 -35.32 -49.77 -37.75
CA SER EA 99 -36.40 -50.36 -36.96
C SER EA 99 -37.76 -49.76 -37.28
N ALA EA 100 -37.80 -48.46 -37.63
CA ALA EA 100 -39.07 -47.78 -37.85
C ALA EA 100 -39.74 -48.26 -39.13
N LEU EA 101 -38.96 -48.52 -40.18
CA LEU EA 101 -39.53 -49.04 -41.43
C LEU EA 101 -40.12 -50.43 -41.23
N ARG EA 102 -39.43 -51.28 -40.47
CA ARG EA 102 -39.95 -52.61 -40.13
C ARG EA 102 -41.21 -52.52 -39.26
N ALA EA 103 -41.23 -51.58 -38.32
CA ALA EA 103 -42.38 -51.49 -37.43
C ALA EA 103 -43.58 -50.84 -38.11
N LEU EA 104 -43.37 -50.01 -39.13
CA LEU EA 104 -44.49 -49.55 -39.95
C LEU EA 104 -44.99 -50.65 -40.87
N ALA EA 105 -44.08 -51.45 -41.45
CA ALA EA 105 -44.52 -52.52 -42.35
C ALA EA 105 -45.12 -53.71 -41.62
N ARG EA 106 -44.87 -53.85 -40.31
CA ARG EA 106 -45.35 -55.01 -39.58
C ARG EA 106 -46.85 -54.92 -39.28
N SER EA 107 -47.28 -53.83 -38.67
CA SER EA 107 -48.65 -53.68 -38.19
C SER EA 107 -49.40 -52.72 -39.12
N GLY EA 108 -49.99 -53.28 -40.17
CA GLY EA 108 -50.73 -52.49 -41.14
C GLY EA 108 -49.83 -51.56 -41.92
N MET EA 109 -50.39 -50.39 -42.28
CA MET EA 109 -49.67 -49.24 -42.83
C MET EA 109 -48.95 -49.61 -44.13
N LYS EA 110 -49.78 -49.87 -45.15
CA LYS EA 110 -49.27 -50.22 -46.48
C LYS EA 110 -48.41 -49.11 -47.05
N ILE EA 111 -47.19 -49.47 -47.46
CA ILE EA 111 -46.16 -48.52 -47.84
C ILE EA 111 -46.17 -48.35 -49.34
N GLY EA 112 -46.25 -47.11 -49.81
CA GLY EA 112 -46.10 -46.81 -51.21
C GLY EA 112 -44.63 -46.74 -51.61
N ARG EA 113 -44.26 -45.72 -52.37
CA ARG EA 113 -42.86 -45.55 -52.73
C ARG EA 113 -42.15 -44.69 -51.69
N ILE EA 114 -40.89 -45.04 -51.43
CA ILE EA 114 -40.08 -44.41 -50.39
C ILE EA 114 -39.01 -43.57 -51.07
N GLU EA 115 -38.96 -42.29 -50.72
CA GLU EA 115 -37.99 -41.37 -51.29
C GLU EA 115 -37.23 -40.69 -50.16
N ASP EA 116 -35.90 -40.71 -50.26
CA ASP EA 116 -35.04 -40.19 -49.19
C ASP EA 116 -34.77 -38.71 -49.44
N VAL EA 117 -35.74 -37.88 -49.08
CA VAL EA 117 -35.58 -36.44 -49.22
C VAL EA 117 -34.79 -35.94 -48.01
N THR EA 118 -33.48 -35.93 -48.14
CA THR EA 118 -32.52 -35.51 -47.12
C THR EA 118 -31.98 -34.14 -47.49
N PRO EA 119 -31.94 -33.17 -46.56
CA PRO EA 119 -31.40 -31.86 -46.90
C PRO EA 119 -29.90 -31.87 -47.13
N ILE EA 120 -29.51 -31.78 -48.40
CA ILE EA 120 -28.11 -31.81 -48.81
C ILE EA 120 -27.71 -30.38 -49.17
N PRO EA 121 -26.72 -29.79 -48.50
CA PRO EA 121 -26.30 -28.43 -48.85
C PRO EA 121 -25.55 -28.41 -50.17
N SER EA 122 -25.33 -27.20 -50.67
CA SER EA 122 -24.57 -27.07 -51.91
C SER EA 122 -23.10 -27.38 -51.67
N ASP EA 123 -22.41 -26.55 -50.91
CA ASP EA 123 -20.95 -26.53 -50.96
C ASP EA 123 -20.32 -26.47 -49.58
N SER EA 124 -20.85 -27.27 -48.65
CA SER EA 124 -20.23 -27.61 -47.37
C SER EA 124 -19.97 -26.37 -46.50
N THR EA 125 -21.05 -25.79 -46.00
CA THR EA 125 -20.98 -24.67 -45.06
C THR EA 125 -20.29 -25.08 -43.75
N ARG EA 126 -20.02 -24.08 -42.92
CA ARG EA 126 -19.03 -24.18 -41.86
C ARG EA 126 -19.40 -25.22 -40.79
N ARG EA 127 -18.49 -26.15 -40.56
CA ARG EA 127 -18.74 -27.27 -39.67
C ARG EA 127 -18.60 -26.84 -38.22
N LYS EA 128 -19.44 -27.44 -37.35
CA LYS EA 128 -19.50 -27.03 -35.95
C LYS EA 128 -18.27 -27.49 -35.17
N GLY EA 129 -17.64 -28.59 -35.58
CA GLY EA 129 -16.61 -29.23 -34.77
C GLY EA 129 -15.32 -28.45 -34.62
N GLY EA 130 -15.08 -27.48 -35.47
CA GLY EA 130 -13.86 -26.70 -35.38
C GLY EA 130 -12.76 -27.25 -36.28
N ARG EA 131 -11.51 -26.96 -35.89
CA ARG EA 131 -10.36 -27.34 -36.69
C ARG EA 131 -10.13 -28.85 -36.67
N ARG EA 132 -9.85 -29.39 -35.49
CA ARG EA 132 -9.50 -30.80 -35.36
C ARG EA 132 -10.58 -31.62 -34.67
N GLY EA 133 -11.54 -30.97 -34.02
CA GLY EA 133 -12.86 -31.56 -33.84
C GLY EA 133 -12.99 -32.57 -32.70
N ARG EA 134 -13.82 -33.58 -32.95
CA ARG EA 134 -14.22 -34.53 -31.92
C ARG EA 134 -13.06 -35.44 -31.53
N ARG EA 135 -12.91 -35.65 -30.22
CA ARG EA 135 -11.82 -36.44 -29.66
C ARG EA 135 -12.40 -37.47 -28.71
N LEU EA 136 -12.24 -38.75 -29.07
CA LEU EA 136 -12.71 -39.92 -28.31
C LEU EA 136 -14.21 -39.90 -28.03
N MET FA 1 53.05 -57.91 -70.16
CA MET FA 1 54.06 -56.98 -69.68
C MET FA 1 55.45 -57.60 -69.72
N GLN FA 2 56.43 -56.86 -70.24
CA GLN FA 2 57.80 -57.34 -70.33
C GLN FA 2 58.74 -56.33 -69.66
N ASN FA 3 59.93 -56.80 -69.35
CA ASN FA 3 60.98 -55.98 -68.76
C ASN FA 3 61.97 -55.56 -69.86
N ASP FA 4 63.07 -54.92 -69.46
CA ASP FA 4 64.11 -54.57 -70.41
C ASP FA 4 64.90 -55.79 -70.87
N ALA FA 5 64.91 -56.87 -70.07
CA ALA FA 5 65.55 -58.11 -70.50
C ALA FA 5 64.72 -58.86 -71.52
N GLY FA 6 63.43 -58.54 -71.65
CA GLY FA 6 62.59 -59.18 -72.62
C GLY FA 6 61.94 -60.46 -72.17
N GLU FA 7 61.67 -60.61 -70.88
CA GLU FA 7 61.06 -61.80 -70.34
C GLU FA 7 59.56 -61.61 -70.18
N PHE FA 8 58.84 -62.73 -70.18
CA PHE FA 8 57.40 -62.72 -69.92
C PHE FA 8 57.19 -62.60 -68.42
N VAL FA 9 56.76 -61.42 -67.97
CA VAL FA 9 56.76 -61.09 -66.56
C VAL FA 9 55.44 -61.45 -65.89
N ASP FA 10 54.33 -61.27 -66.60
CA ASP FA 10 53.00 -61.44 -66.03
C ASP FA 10 52.71 -62.90 -65.71
N LEU FA 11 51.93 -63.11 -64.64
CA LEU FA 11 51.59 -64.46 -64.22
C LEU FA 11 50.62 -65.12 -65.20
N TYR FA 12 49.53 -64.46 -65.50
CA TYR FA 12 48.56 -64.97 -66.46
C TYR FA 12 47.99 -63.80 -67.25
N VAL FA 13 47.79 -64.02 -68.55
CA VAL FA 13 47.18 -63.03 -69.42
C VAL FA 13 45.68 -63.33 -69.49
N PRO FA 14 44.82 -62.50 -68.90
CA PRO FA 14 43.40 -62.85 -68.81
C PRO FA 14 42.70 -62.72 -70.15
N ARG FA 15 41.48 -63.25 -70.19
CA ARG FA 15 40.68 -63.28 -71.41
C ARG FA 15 40.06 -61.91 -71.63
N LYS FA 16 40.38 -61.27 -72.75
CA LYS FA 16 39.66 -60.10 -73.18
C LYS FA 16 38.35 -60.52 -73.83
N CYS FA 17 37.27 -59.82 -73.47
CA CYS FA 17 35.94 -60.19 -73.94
C CYS FA 17 35.79 -59.90 -75.43
N SER FA 18 35.07 -60.78 -76.12
CA SER FA 18 34.84 -60.61 -77.55
C SER FA 18 33.67 -59.68 -77.84
N ALA FA 19 32.98 -59.18 -76.82
CA ALA FA 19 31.86 -58.28 -77.00
C ALA FA 19 32.24 -56.82 -76.72
N SER FA 20 32.80 -56.55 -75.54
CA SER FA 20 33.08 -55.20 -75.11
C SER FA 20 34.57 -54.89 -74.99
N ASN FA 21 35.44 -55.85 -75.32
CA ASN FA 21 36.91 -55.72 -75.27
C ASN FA 21 37.38 -55.34 -73.86
N ARG FA 22 36.81 -55.98 -72.85
CA ARG FA 22 37.13 -55.73 -71.46
C ARG FA 22 37.76 -56.97 -70.86
N ILE FA 23 38.74 -56.77 -69.98
CA ILE FA 23 39.44 -57.89 -69.36
C ILE FA 23 38.52 -58.56 -68.34
N ILE FA 24 38.29 -59.86 -68.51
CA ILE FA 24 37.51 -60.63 -67.55
C ILE FA 24 38.37 -60.86 -66.31
N GLY FA 25 37.83 -60.48 -65.14
CA GLY FA 25 38.55 -60.65 -63.90
C GLY FA 25 38.61 -62.11 -63.47
N ALA FA 26 39.42 -62.34 -62.44
CA ALA FA 26 39.62 -63.70 -61.93
C ALA FA 26 38.42 -64.17 -61.14
N LYS FA 27 37.84 -63.31 -60.32
CA LYS FA 27 36.65 -63.64 -59.53
C LYS FA 27 35.36 -63.32 -60.26
N ASP FA 28 35.43 -62.89 -61.52
CA ASP FA 28 34.24 -62.56 -62.30
C ASP FA 28 33.59 -63.85 -62.74
N HIS FA 29 32.69 -64.36 -61.90
CA HIS FA 29 31.99 -65.60 -62.20
C HIS FA 29 30.90 -65.41 -63.24
N ALA FA 30 30.50 -64.18 -63.54
CA ALA FA 30 29.41 -63.95 -64.48
C ALA FA 30 29.85 -63.96 -65.94
N SER FA 31 31.06 -64.41 -66.24
CA SER FA 31 31.53 -64.50 -67.62
C SER FA 31 31.32 -65.90 -68.18
N ILE FA 32 31.45 -66.02 -69.49
CA ILE FA 32 31.22 -67.29 -70.18
C ILE FA 32 32.06 -67.32 -71.44
N GLN FA 33 32.49 -68.52 -71.83
CA GLN FA 33 33.21 -68.76 -73.07
C GLN FA 33 32.37 -69.70 -73.93
N MET FA 34 31.54 -69.12 -74.79
CA MET FA 34 30.69 -69.87 -75.69
C MET FA 34 31.53 -70.62 -76.72
N ASN FA 35 31.10 -71.83 -77.07
CA ASN FA 35 31.83 -72.68 -77.99
C ASN FA 35 30.90 -73.11 -79.11
N VAL FA 36 31.19 -72.71 -80.35
CA VAL FA 36 30.41 -73.11 -81.51
C VAL FA 36 31.35 -73.66 -82.57
N ALA FA 37 31.01 -74.81 -83.14
CA ALA FA 37 31.92 -75.53 -84.00
C ALA FA 37 31.65 -75.21 -85.48
N GLU FA 38 32.63 -75.55 -86.31
CA GLU FA 38 32.55 -75.29 -87.73
C GLU FA 38 31.69 -76.34 -88.44
N VAL FA 39 31.24 -75.99 -89.64
CA VAL FA 39 30.35 -76.82 -90.44
C VAL FA 39 31.07 -77.18 -91.73
N ASP FA 40 30.98 -78.45 -92.14
CA ASP FA 40 31.58 -78.94 -93.37
C ASP FA 40 30.76 -78.61 -94.60
N LYS FA 41 31.04 -79.33 -95.69
CA LYS FA 41 30.45 -79.14 -97.02
C LYS FA 41 29.02 -79.66 -97.09
N VAL FA 42 28.50 -79.79 -98.32
CA VAL FA 42 27.15 -80.22 -98.70
C VAL FA 42 26.66 -81.45 -97.91
N THR FA 43 27.58 -82.37 -97.58
CA THR FA 43 27.23 -83.51 -96.74
C THR FA 43 26.81 -83.09 -95.34
N GLY FA 44 27.40 -82.02 -94.81
CA GLY FA 44 27.00 -81.53 -93.51
C GLY FA 44 27.55 -82.30 -92.34
N ARG FA 45 28.84 -82.64 -92.37
CA ARG FA 45 29.47 -83.42 -91.31
C ARG FA 45 29.97 -82.49 -90.21
N PHE FA 46 29.83 -82.95 -88.97
CA PHE FA 46 30.28 -82.15 -87.83
C PHE FA 46 31.79 -82.18 -87.71
N ASN FA 47 32.37 -81.05 -87.31
CA ASN FA 47 33.81 -80.92 -87.12
C ASN FA 47 34.17 -80.79 -85.66
N GLY FA 48 35.32 -81.35 -85.30
CA GLY FA 48 35.89 -81.08 -83.98
C GLY FA 48 36.46 -79.69 -83.85
N GLN FA 49 36.70 -79.01 -84.97
CA GLN FA 49 37.20 -77.64 -84.95
C GLN FA 49 36.11 -76.69 -84.50
N PHE FA 50 36.41 -75.87 -83.49
CA PHE FA 50 35.44 -74.98 -82.88
C PHE FA 50 36.02 -73.59 -82.74
N LYS FA 51 35.14 -72.63 -82.45
CA LYS FA 51 35.51 -71.25 -82.22
C LYS FA 51 34.87 -70.80 -80.91
N THR FA 52 35.58 -69.92 -80.22
CA THR FA 52 35.24 -69.49 -78.86
C THR FA 52 34.85 -68.03 -78.90
N TYR FA 53 33.69 -67.71 -78.31
CA TYR FA 53 33.19 -66.34 -78.20
C TYR FA 53 33.10 -66.02 -76.71
N ALA FA 54 33.93 -65.10 -76.24
CA ALA FA 54 33.94 -64.74 -74.83
C ALA FA 54 32.93 -63.62 -74.57
N ILE FA 55 32.07 -63.83 -73.58
CA ILE FA 55 31.07 -62.83 -73.17
C ILE FA 55 31.27 -62.55 -71.69
N CYS FA 56 31.39 -61.27 -71.34
CA CYS FA 56 31.72 -60.89 -69.98
C CYS FA 56 30.47 -60.65 -69.13
N GLY FA 57 30.70 -60.25 -67.88
CA GLY FA 57 29.65 -60.29 -66.88
C GLY FA 57 28.61 -59.21 -67.06
N ALA FA 58 29.05 -57.97 -67.32
CA ALA FA 58 28.10 -56.88 -67.48
C ALA FA 58 27.28 -57.02 -68.76
N ILE FA 59 27.89 -57.53 -69.83
CA ILE FA 59 27.14 -57.81 -71.05
C ILE FA 59 26.13 -58.92 -70.82
N ARG FA 60 26.51 -59.97 -70.08
CA ARG FA 60 25.59 -61.06 -69.78
C ARG FA 60 24.45 -60.61 -68.88
N ARG FA 61 24.71 -59.68 -67.96
CA ARG FA 61 23.66 -59.19 -67.07
C ARG FA 61 22.74 -58.19 -67.77
N MET FA 62 23.27 -57.35 -68.65
CA MET FA 62 22.42 -56.40 -69.36
C MET FA 62 21.62 -57.08 -70.46
N GLY FA 63 22.10 -58.20 -70.98
CA GLY FA 63 21.40 -58.89 -72.04
C GLY FA 63 21.88 -58.56 -73.43
N GLU FA 64 23.01 -57.89 -73.57
CA GLU FA 64 23.59 -57.55 -74.87
C GLU FA 64 24.17 -58.77 -75.57
N SER FA 65 24.32 -59.90 -74.86
CA SER FA 65 24.95 -61.10 -75.42
C SER FA 65 24.12 -61.72 -76.54
N ASP FA 66 22.79 -61.59 -76.48
CA ASP FA 66 21.90 -62.17 -77.50
C ASP FA 66 22.16 -61.56 -78.88
N ASP FA 67 22.18 -60.24 -78.96
CA ASP FA 67 22.55 -59.58 -80.20
C ASP FA 67 24.05 -59.63 -80.46
N SER FA 68 24.86 -59.77 -79.40
CA SER FA 68 26.31 -59.71 -79.54
C SER FA 68 26.87 -60.97 -80.21
N ILE FA 69 26.31 -62.14 -79.90
CA ILE FA 69 26.77 -63.37 -80.54
C ILE FA 69 26.47 -63.36 -82.03
N LEU FA 70 25.29 -62.88 -82.41
CA LEU FA 70 24.94 -62.85 -83.84
C LEU FA 70 25.72 -61.76 -84.58
N ARG FA 71 25.91 -60.60 -83.95
CA ARG FA 71 26.69 -59.54 -84.60
C ARG FA 71 28.19 -59.82 -84.57
N LEU FA 72 28.64 -60.79 -83.74
CA LEU FA 72 30.03 -61.20 -83.77
C LEU FA 72 30.26 -62.30 -84.80
N ALA FA 73 29.32 -63.24 -84.92
CA ALA FA 73 29.42 -64.29 -85.92
C ALA FA 73 29.03 -63.83 -87.32
N LYS FA 74 28.40 -62.66 -87.44
CA LYS FA 74 28.11 -62.10 -88.76
C LYS FA 74 29.38 -61.67 -89.48
N ALA FA 75 30.39 -61.21 -88.72
CA ALA FA 75 31.68 -60.92 -89.32
C ALA FA 75 32.41 -62.20 -89.70
N ASP FA 76 32.11 -63.31 -89.02
CA ASP FA 76 32.68 -64.59 -89.41
C ASP FA 76 31.99 -65.14 -90.65
N GLY FA 77 30.69 -64.89 -90.79
CA GLY FA 77 29.91 -65.46 -91.88
C GLY FA 77 29.33 -66.82 -91.58
N ILE FA 78 29.22 -67.20 -90.30
CA ILE FA 78 28.78 -68.54 -89.94
C ILE FA 78 27.33 -68.55 -89.43
N VAL FA 79 26.75 -67.39 -89.17
CA VAL FA 79 25.41 -67.32 -88.60
C VAL FA 79 24.37 -67.03 -89.69
N SER FA 80 24.74 -66.23 -90.69
CA SER FA 80 23.78 -65.73 -91.65
C SER FA 80 24.49 -65.49 -92.98
N LYS FA 81 23.82 -64.75 -93.86
CA LYS FA 81 24.38 -64.34 -95.14
C LYS FA 81 25.45 -63.27 -94.94
N VAL GA 1 24.61 -21.81 -70.89
CA VAL GA 1 23.75 -22.77 -71.57
C VAL GA 1 24.62 -23.84 -72.24
N ARG GA 2 25.31 -23.44 -73.31
CA ARG GA 2 26.15 -24.33 -74.09
C ARG GA 2 27.58 -23.82 -74.04
N MET GA 3 28.45 -24.55 -73.36
CA MET GA 3 29.86 -24.18 -73.26
C MET GA 3 30.66 -25.43 -72.93
N ASN GA 4 31.96 -25.37 -73.24
CA ASN GA 4 32.91 -26.47 -73.11
C ASN GA 4 32.43 -27.69 -73.91
N VAL GA 5 32.40 -27.52 -75.23
CA VAL GA 5 31.88 -28.56 -76.12
C VAL GA 5 32.80 -29.78 -76.17
N LEU GA 6 34.08 -29.63 -75.82
CA LEU GA 6 34.94 -30.80 -75.70
C LEU GA 6 34.52 -31.64 -74.49
N ALA GA 7 34.10 -30.99 -73.41
CA ALA GA 7 33.53 -31.72 -72.28
C ALA GA 7 32.18 -32.32 -72.63
N ASP GA 8 31.39 -31.60 -73.45
CA ASP GA 8 30.13 -32.15 -73.94
C ASP GA 8 30.33 -33.39 -74.81
N ALA GA 9 31.44 -33.43 -75.55
CA ALA GA 9 31.78 -34.62 -76.31
C ALA GA 9 32.22 -35.76 -75.39
N LEU GA 10 33.15 -35.47 -74.48
CA LEU GA 10 33.70 -36.53 -73.66
C LEU GA 10 32.75 -37.08 -72.61
N LYS GA 11 31.69 -36.34 -72.25
CA LYS GA 11 30.66 -36.95 -71.42
C LYS GA 11 29.90 -38.04 -72.18
N SER GA 12 29.58 -37.81 -73.45
CA SER GA 12 28.95 -38.84 -74.26
C SER GA 12 29.89 -40.01 -74.51
N ILE GA 13 31.18 -39.71 -74.71
CA ILE GA 13 32.19 -40.76 -74.84
C ILE GA 13 32.28 -41.60 -73.57
N ASN GA 14 32.26 -40.95 -72.41
CA ASN GA 14 32.37 -41.63 -71.13
C ASN GA 14 31.15 -42.50 -70.84
N ASN GA 15 29.96 -41.97 -71.10
CA ASN GA 15 28.74 -42.76 -70.88
C ASN GA 15 28.62 -43.90 -71.87
N ALA GA 16 29.09 -43.72 -73.11
CA ALA GA 16 29.07 -44.83 -74.06
C ALA GA 16 30.08 -45.91 -73.69
N GLU GA 17 31.23 -45.52 -73.14
CA GLU GA 17 32.20 -46.51 -72.67
C GLU GA 17 31.70 -47.25 -71.44
N LYS GA 18 31.04 -46.54 -70.51
CA LYS GA 18 30.53 -47.21 -69.33
C LYS GA 18 29.30 -48.06 -69.64
N ARG GA 19 28.52 -47.70 -70.66
CA ARG GA 19 27.41 -48.55 -71.06
C ARG GA 19 27.89 -49.76 -71.85
N GLY GA 20 28.91 -49.57 -72.69
CA GLY GA 20 29.39 -50.63 -73.53
C GLY GA 20 28.90 -50.56 -74.97
N LYS GA 21 28.52 -49.37 -75.45
CA LYS GA 21 28.01 -49.24 -76.80
C LYS GA 21 29.14 -49.27 -77.82
N ARG GA 22 28.77 -49.19 -79.09
CA ARG GA 22 29.72 -49.29 -80.18
C ARG GA 22 30.12 -47.93 -80.73
N GLN GA 23 29.16 -47.01 -80.89
CA GLN GA 23 29.47 -45.73 -81.50
C GLN GA 23 28.61 -44.63 -80.89
N VAL GA 24 29.13 -43.40 -80.97
CA VAL GA 24 28.66 -42.27 -80.18
C VAL GA 24 28.12 -41.21 -81.12
N LEU GA 25 27.06 -40.51 -80.69
CA LEU GA 25 26.55 -39.33 -81.39
C LEU GA 25 26.97 -38.10 -80.60
N ILE GA 26 27.71 -37.20 -81.25
CA ILE GA 26 28.25 -35.98 -80.63
C ILE GA 26 27.83 -34.79 -81.48
N ARG GA 27 26.93 -33.95 -80.94
CA ARG GA 27 26.38 -32.85 -81.73
C ARG GA 27 27.28 -31.63 -81.99
N PRO GA 28 28.27 -31.24 -81.17
CA PRO GA 28 29.13 -30.14 -81.60
C PRO GA 28 30.27 -30.63 -82.48
N CYS GA 29 30.92 -29.68 -83.14
CA CYS GA 29 32.13 -29.92 -83.91
C CYS GA 29 33.06 -28.74 -83.76
N SER GA 30 34.19 -28.96 -83.11
CA SER GA 30 35.28 -27.99 -83.07
C SER GA 30 36.50 -28.61 -83.71
N LYS GA 31 37.38 -27.76 -84.23
CA LYS GA 31 38.69 -28.24 -84.65
C LYS GA 31 39.52 -28.70 -83.46
N VAL GA 32 39.26 -28.14 -82.27
CA VAL GA 32 39.77 -28.68 -81.01
C VAL GA 32 39.34 -30.14 -80.85
N ILE GA 33 38.05 -30.42 -81.08
CA ILE GA 33 37.53 -31.78 -80.92
C ILE GA 33 38.11 -32.71 -81.98
N VAL GA 34 38.28 -32.20 -83.21
CA VAL GA 34 38.82 -33.01 -84.30
C VAL GA 34 40.28 -33.37 -84.04
N ARG GA 35 41.09 -32.40 -83.61
CA ARG GA 35 42.48 -32.71 -83.30
C ARG GA 35 42.62 -33.54 -82.04
N PHE GA 36 41.69 -33.39 -81.09
CA PHE GA 36 41.67 -34.21 -79.88
C PHE GA 36 41.42 -35.68 -80.22
N LEU GA 37 40.38 -35.94 -81.04
CA LEU GA 37 40.13 -37.29 -81.49
C LEU GA 37 41.21 -37.80 -82.45
N THR GA 38 41.92 -36.89 -83.14
CA THR GA 38 43.04 -37.30 -83.97
C THR GA 38 44.20 -37.80 -83.10
N VAL GA 39 44.47 -37.12 -81.98
CA VAL GA 39 45.48 -37.60 -81.04
C VAL GA 39 45.07 -38.94 -80.43
N MET GA 40 43.78 -39.09 -80.10
CA MET GA 40 43.30 -40.35 -79.55
C MET GA 40 43.36 -41.48 -80.56
N MET GA 41 43.13 -41.18 -81.84
CA MET GA 41 43.33 -42.17 -82.89
C MET GA 41 44.80 -42.53 -83.07
N LYS GA 42 45.68 -41.54 -83.04
CA LYS GA 42 47.11 -41.78 -83.22
C LYS GA 42 47.69 -42.61 -82.08
N HIS GA 43 47.16 -42.45 -80.87
CA HIS GA 43 47.54 -43.35 -79.79
C HIS GA 43 46.69 -44.61 -79.73
N GLY GA 44 45.65 -44.70 -80.55
CA GLY GA 44 44.99 -45.97 -80.79
C GLY GA 44 43.95 -46.39 -79.77
N TYR GA 45 43.49 -45.47 -78.92
CA TYR GA 45 42.47 -45.85 -77.95
C TYR GA 45 41.07 -45.91 -78.58
N ILE GA 46 40.83 -45.10 -79.61
CA ILE GA 46 39.55 -45.13 -80.33
C ILE GA 46 39.80 -45.61 -81.74
N GLY GA 47 38.74 -45.71 -82.54
CA GLY GA 47 38.88 -46.19 -83.90
C GLY GA 47 38.53 -45.16 -84.95
N GLU GA 48 38.01 -45.64 -86.08
CA GLU GA 48 37.60 -44.79 -87.19
C GLU GA 48 36.46 -43.86 -86.79
N PHE GA 49 36.53 -42.60 -87.21
CA PHE GA 49 35.44 -41.68 -86.87
C PHE GA 49 35.06 -40.83 -88.06
N GLU GA 50 33.75 -40.60 -88.21
CA GLU GA 50 33.19 -39.94 -89.38
C GLU GA 50 32.43 -38.70 -88.93
N ILE GA 51 32.76 -37.57 -89.54
CA ILE GA 51 32.16 -36.29 -89.20
C ILE GA 51 31.09 -35.98 -90.24
N ILE GA 52 29.82 -36.21 -89.88
CA ILE GA 52 28.71 -35.87 -90.76
C ILE GA 52 28.62 -34.37 -90.86
N ASP GA 53 29.03 -33.81 -92.00
CA ASP GA 53 29.16 -32.36 -92.17
C ASP GA 53 27.77 -31.79 -92.43
N ASP GA 54 27.11 -31.36 -91.35
CA ASP GA 54 25.90 -30.59 -91.48
C ASP GA 54 26.23 -29.18 -91.93
N HIS GA 55 25.22 -28.48 -92.44
CA HIS GA 55 25.44 -27.12 -92.94
C HIS GA 55 25.72 -26.15 -91.80
N ARG GA 56 25.03 -26.33 -90.66
CA ARG GA 56 25.26 -25.47 -89.51
C ARG GA 56 26.44 -25.97 -88.68
N ALA GA 57 26.31 -27.16 -88.11
CA ALA GA 57 27.37 -27.79 -87.33
C ALA GA 57 27.15 -29.29 -87.37
N GLY GA 58 28.19 -30.03 -87.75
CA GLY GA 58 28.07 -31.45 -88.02
C GLY GA 58 27.94 -32.29 -86.77
N LYS GA 59 28.04 -33.61 -86.98
CA LYS GA 59 27.95 -34.58 -85.90
C LYS GA 59 29.05 -35.62 -86.05
N ILE GA 60 29.82 -35.85 -84.99
CA ILE GA 60 30.94 -36.77 -85.03
C ILE GA 60 30.47 -38.13 -84.53
N VAL GA 61 30.73 -39.18 -85.29
CA VAL GA 61 30.44 -40.55 -84.90
C VAL GA 61 31.76 -41.31 -84.80
N VAL GA 62 32.09 -41.75 -83.59
CA VAL GA 62 33.37 -42.41 -83.30
C VAL GA 62 33.09 -43.90 -83.07
N ASN GA 63 33.70 -44.77 -83.87
CA ASN GA 63 33.61 -46.20 -83.63
C ASN GA 63 34.50 -46.55 -82.44
N LEU GA 64 33.89 -46.90 -81.31
CA LEU GA 64 34.64 -47.17 -80.11
C LEU GA 64 35.33 -48.53 -80.19
N THR GA 65 36.32 -48.70 -79.32
CA THR GA 65 37.05 -49.96 -79.21
C THR GA 65 36.63 -50.75 -77.96
N GLY GA 66 36.62 -50.09 -76.81
CA GLY GA 66 36.34 -50.75 -75.55
C GLY GA 66 37.49 -50.53 -74.59
N ARG GA 67 38.46 -49.73 -75.03
CA ARG GA 67 39.70 -49.54 -74.28
C ARG GA 67 39.59 -48.45 -73.23
N LEU GA 68 38.82 -47.39 -73.51
CA LEU GA 68 38.80 -46.16 -72.71
C LEU GA 68 38.23 -46.42 -71.32
N ASN GA 69 39.10 -46.37 -70.31
CA ASN GA 69 38.63 -46.41 -68.93
C ASN GA 69 37.98 -45.09 -68.54
N LYS GA 70 38.69 -43.99 -68.73
CA LYS GA 70 38.20 -42.68 -68.32
C LYS GA 70 38.89 -41.60 -69.14
N CYS GA 71 38.10 -40.68 -69.68
CA CYS GA 71 38.60 -39.51 -70.37
C CYS GA 71 37.70 -38.33 -70.02
N GLY GA 72 38.32 -37.17 -69.81
CA GLY GA 72 37.57 -35.99 -69.39
C GLY GA 72 38.30 -34.73 -69.75
N VAL GA 73 37.69 -33.60 -69.41
CA VAL GA 73 38.22 -32.28 -69.72
C VAL GA 73 38.44 -31.54 -68.41
N ILE GA 74 39.68 -31.11 -68.17
CA ILE GA 74 39.95 -30.16 -67.11
C ILE GA 74 39.32 -28.82 -67.47
N SER GA 75 38.55 -28.26 -66.53
CA SER GA 75 37.54 -27.26 -66.91
C SER GA 75 38.12 -25.90 -67.29
N PRO GA 76 38.86 -25.18 -66.44
CA PRO GA 76 39.17 -23.79 -66.79
C PRO GA 76 40.32 -23.62 -67.77
N ARG GA 77 40.95 -24.73 -68.22
CA ARG GA 77 42.07 -24.73 -69.16
C ARG GA 77 43.25 -23.92 -68.61
N PHE GA 78 43.84 -24.49 -67.54
CA PHE GA 78 44.96 -23.88 -66.85
C PHE GA 78 46.14 -23.60 -67.78
N ASP GA 79 46.83 -22.50 -67.51
CA ASP GA 79 48.02 -22.11 -68.26
C ASP GA 79 49.23 -22.71 -67.55
N VAL GA 80 49.91 -23.65 -68.22
CA VAL GA 80 50.88 -24.50 -67.56
C VAL GA 80 52.26 -24.25 -68.16
N GLN GA 81 53.20 -23.87 -67.30
CA GLN GA 81 54.61 -23.71 -67.62
C GLN GA 81 55.31 -25.08 -67.50
N LEU GA 82 56.44 -25.22 -68.19
CA LEU GA 82 57.27 -26.40 -67.97
C LEU GA 82 57.91 -26.36 -66.58
N LYS GA 83 58.47 -27.51 -66.19
CA LYS GA 83 58.86 -27.87 -64.81
C LYS GA 83 57.70 -27.79 -63.84
N ASP GA 84 56.46 -27.89 -64.35
CA ASP GA 84 55.25 -28.00 -63.54
C ASP GA 84 54.34 -29.10 -64.04
N LEU GA 85 54.75 -29.84 -65.08
CA LEU GA 85 53.92 -30.93 -65.59
C LEU GA 85 53.90 -32.14 -64.67
N GLU GA 86 54.87 -32.26 -63.75
CA GLU GA 86 54.93 -33.41 -62.86
C GLU GA 86 53.80 -33.38 -61.85
N LYS GA 87 53.29 -32.20 -61.51
CA LYS GA 87 52.09 -32.09 -60.69
C LYS GA 87 50.88 -32.71 -61.41
N TRP GA 88 50.74 -32.44 -62.71
CA TRP GA 88 49.66 -33.05 -63.47
C TRP GA 88 49.92 -34.53 -63.75
N GLN GA 89 51.20 -34.94 -63.78
CA GLN GA 89 51.53 -36.37 -63.86
C GLN GA 89 51.03 -37.10 -62.62
N ASN GA 90 51.36 -36.59 -61.44
CA ASN GA 90 50.95 -37.22 -60.19
C ASN GA 90 49.47 -37.02 -59.89
N ASN GA 91 48.81 -36.06 -60.53
CA ASN GA 91 47.40 -35.77 -60.27
C ASN GA 91 46.47 -36.50 -61.24
N LEU GA 92 46.84 -36.61 -62.51
CA LEU GA 92 45.94 -37.11 -63.55
C LEU GA 92 46.22 -38.55 -63.95
N LEU GA 93 47.47 -38.84 -64.34
CA LEU GA 93 47.77 -40.13 -64.93
C LEU GA 93 47.82 -41.21 -63.86
N PRO GA 94 47.20 -42.38 -64.10
CA PRO GA 94 47.17 -43.42 -63.07
C PRO GA 94 48.52 -44.08 -62.81
N SER GA 95 49.47 -43.98 -63.73
CA SER GA 95 50.81 -44.48 -63.52
C SER GA 95 51.78 -43.70 -64.39
N ARG GA 96 53.07 -44.05 -64.28
CA ARG GA 96 54.09 -43.41 -65.10
C ARG GA 96 54.06 -43.93 -66.53
N GLN GA 97 53.84 -45.23 -66.71
CA GLN GA 97 53.88 -45.84 -68.04
C GLN GA 97 52.63 -45.53 -68.86
N PHE GA 98 51.50 -45.28 -68.20
CA PHE GA 98 50.21 -45.29 -68.86
C PHE GA 98 49.66 -43.88 -68.99
N GLY GA 99 48.70 -43.72 -69.90
CA GLY GA 99 47.93 -42.50 -69.99
C GLY GA 99 48.65 -41.39 -70.72
N PHE GA 100 47.87 -40.39 -71.14
CA PHE GA 100 48.38 -39.22 -71.83
C PHE GA 100 47.58 -38.00 -71.43
N ILE GA 101 48.23 -36.83 -71.49
CA ILE GA 101 47.60 -35.55 -71.18
C ILE GA 101 47.69 -34.69 -72.43
N VAL GA 102 46.61 -34.01 -72.78
CA VAL GA 102 46.57 -33.21 -74.01
C VAL GA 102 46.98 -31.77 -73.68
N LEU GA 103 48.17 -31.41 -74.16
CA LEU GA 103 48.72 -30.08 -74.03
C LEU GA 103 48.50 -29.31 -75.32
N THR GA 104 47.67 -28.26 -75.25
CA THR GA 104 47.52 -27.31 -76.34
C THR GA 104 48.76 -26.43 -76.33
N THR GA 105 49.64 -26.67 -77.29
CA THR GA 105 50.89 -25.95 -77.40
C THR GA 105 50.74 -24.81 -78.40
N SER GA 106 51.85 -24.13 -78.66
CA SER GA 106 51.86 -23.01 -79.58
C SER GA 106 51.93 -23.43 -81.04
N ALA GA 107 52.25 -24.69 -81.32
CA ALA GA 107 52.33 -25.20 -82.68
C ALA GA 107 51.23 -26.19 -83.01
N GLY GA 108 50.17 -26.24 -82.20
CA GLY GA 108 49.04 -27.11 -82.44
C GLY GA 108 48.70 -27.94 -81.22
N ILE GA 109 47.66 -28.75 -81.37
CA ILE GA 109 47.23 -29.65 -80.32
C ILE GA 109 48.24 -30.78 -80.20
N MET GA 110 48.90 -30.87 -79.05
CA MET GA 110 49.95 -31.86 -78.87
C MET GA 110 49.70 -32.75 -77.65
N ASP GA 111 50.70 -33.53 -77.28
CA ASP GA 111 50.60 -34.56 -76.26
C ASP GA 111 51.54 -34.22 -75.10
N HIS GA 112 51.29 -34.84 -73.95
CA HIS GA 112 52.17 -34.71 -72.79
C HIS GA 112 53.57 -35.21 -73.09
N GLU GA 113 53.67 -36.32 -73.84
CA GLU GA 113 54.98 -36.83 -74.21
C GLU GA 113 55.61 -35.99 -75.33
N GLU GA 114 54.78 -35.48 -76.24
CA GLU GA 114 55.28 -34.66 -77.33
C GLU GA 114 55.76 -33.29 -76.86
N ALA GA 115 55.20 -32.77 -75.78
CA ALA GA 115 55.51 -31.42 -75.32
C ALA GA 115 56.91 -31.33 -74.71
N ARG GA 116 57.38 -32.36 -74.02
CA ARG GA 116 58.72 -32.32 -73.44
C ARG GA 116 59.81 -32.45 -74.50
N ARG GA 117 59.48 -32.96 -75.69
CA ARG GA 117 60.43 -33.03 -76.79
C ARG GA 117 60.35 -31.81 -77.68
N LYS GA 118 59.15 -31.26 -77.86
CA LYS GA 118 59.00 -30.04 -78.64
C LYS GA 118 59.49 -28.82 -77.86
N HIS GA 119 59.47 -28.92 -76.54
CA HIS GA 119 59.92 -27.88 -75.59
C HIS GA 119 59.12 -26.58 -75.81
N THR GA 120 57.80 -26.73 -75.78
CA THR GA 120 56.89 -25.60 -75.95
C THR GA 120 56.00 -25.40 -74.74
N GLY GA 121 55.28 -26.43 -74.30
CA GLY GA 121 54.34 -26.26 -73.21
C GLY GA 121 53.09 -25.52 -73.65
N GLY GA 122 52.26 -25.20 -72.67
CA GLY GA 122 51.05 -24.46 -72.95
C GLY GA 122 49.87 -24.82 -72.07
N LYS GA 123 48.67 -24.82 -72.65
CA LYS GA 123 47.45 -25.07 -71.89
C LYS GA 123 47.17 -26.57 -71.86
N ILE GA 124 46.21 -26.97 -71.03
CA ILE GA 124 45.80 -28.36 -70.91
C ILE GA 124 44.32 -28.47 -71.23
N LEU GA 125 43.97 -29.30 -72.23
CA LEU GA 125 42.56 -29.57 -72.49
C LEU GA 125 42.01 -30.59 -71.49
N GLY GA 126 42.57 -31.77 -71.48
CA GLY GA 126 42.11 -32.83 -70.60
C GLY GA 126 43.09 -33.97 -70.52
N PHE GA 127 42.55 -35.18 -70.45
CA PHE GA 127 43.36 -36.38 -70.28
C PHE GA 127 42.55 -37.57 -70.79
N PHE GA 128 43.26 -38.61 -71.19
CA PHE GA 128 42.61 -39.81 -71.68
C PHE GA 128 43.51 -41.02 -71.43
N PHE GA 129 42.90 -42.09 -70.92
CA PHE GA 129 43.63 -43.33 -70.63
C PHE GA 129 42.69 -44.53 -70.60
N GLY HA 1 28.84 -27.10 -58.25
CA GLY HA 1 28.33 -26.17 -57.26
C GLY HA 1 29.31 -25.06 -56.94
N LYS HA 2 30.57 -25.26 -57.30
CA LYS HA 2 31.60 -24.29 -57.03
C LYS HA 2 31.75 -23.31 -58.20
N CYS HA 3 32.77 -22.48 -58.11
CA CYS HA 3 33.07 -21.46 -59.10
C CYS HA 3 34.48 -21.70 -59.62
N ARG HA 4 34.59 -22.05 -60.90
CA ARG HA 4 35.82 -22.62 -61.47
C ARG HA 4 36.22 -21.93 -62.76
N GLY HA 5 36.24 -20.60 -62.76
CA GLY HA 5 36.72 -19.85 -63.90
C GLY HA 5 38.11 -19.27 -63.65
N LEU HA 6 38.70 -18.74 -64.72
CA LEU HA 6 40.06 -18.23 -64.67
C LEU HA 6 40.20 -16.90 -63.97
N ARG HA 7 39.09 -16.20 -63.69
CA ARG HA 7 39.16 -14.88 -63.07
C ARG HA 7 38.31 -14.83 -61.80
N THR HA 8 38.23 -15.96 -61.11
CA THR HA 8 37.33 -16.12 -59.96
C THR HA 8 38.09 -16.27 -58.64
N ALA HA 9 39.39 -15.95 -58.63
CA ALA HA 9 40.18 -16.18 -57.43
C ALA HA 9 39.85 -15.17 -56.33
N ARG HA 10 39.39 -13.98 -56.70
CA ARG HA 10 38.89 -13.04 -55.69
C ARG HA 10 37.63 -13.58 -55.02
N LYS HA 11 36.72 -14.15 -55.81
CA LYS HA 11 35.53 -14.79 -55.26
C LYS HA 11 35.89 -15.97 -54.38
N LEU HA 12 36.92 -16.73 -54.77
CA LEU HA 12 37.37 -17.85 -53.95
C LEU HA 12 37.95 -17.39 -52.63
N ARG HA 13 38.87 -16.42 -52.66
CA ARG HA 13 39.49 -15.98 -51.40
C ARG HA 13 38.48 -15.27 -50.51
N SER HA 14 37.50 -14.58 -51.09
CA SER HA 14 36.45 -13.97 -50.28
C SER HA 14 35.57 -15.02 -49.64
N HIS HA 15 35.20 -16.06 -50.39
CA HIS HA 15 34.33 -17.10 -49.84
C HIS HA 15 35.04 -17.93 -48.78
N ARG HA 16 36.30 -18.29 -49.01
CA ARG HA 16 37.02 -19.07 -48.01
C ARG HA 16 37.40 -18.23 -46.81
N ARG HA 17 37.65 -16.93 -47.00
CA ARG HA 17 37.95 -16.05 -45.88
C ARG HA 17 36.71 -15.79 -45.04
N ASP HA 18 35.51 -15.84 -45.66
CA ASP HA 18 34.29 -15.76 -44.86
C ASP HA 18 33.99 -17.08 -44.15
N GLN HA 19 34.14 -18.21 -44.84
CA GLN HA 19 33.81 -19.49 -44.25
C GLN HA 19 34.88 -20.02 -43.30
N LYS HA 20 36.05 -19.40 -43.24
CA LYS HA 20 37.10 -19.84 -42.34
C LYS HA 20 36.80 -19.45 -40.90
N TRP HA 21 35.94 -18.45 -40.68
CA TRP HA 21 35.60 -18.04 -39.33
C TRP HA 21 34.71 -19.04 -38.61
N HIS HA 22 34.01 -19.90 -39.35
CA HIS HA 22 33.06 -20.82 -38.73
C HIS HA 22 33.74 -22.00 -38.04
N ASP HA 23 35.02 -22.24 -38.31
CA ASP HA 23 35.78 -23.18 -37.51
C ASP HA 23 36.05 -22.58 -36.14
N LYS HA 24 35.98 -23.44 -35.11
CA LYS HA 24 36.19 -22.97 -33.74
C LYS HA 24 37.65 -22.57 -33.51
N GLN HA 25 38.58 -23.33 -34.08
CA GLN HA 25 39.99 -23.12 -33.81
C GLN HA 25 40.52 -21.84 -34.42
N TYR HA 26 40.07 -21.50 -35.64
CA TYR HA 26 40.52 -20.28 -36.28
C TYR HA 26 40.01 -19.04 -35.56
N LYS HA 27 38.75 -19.05 -35.12
CA LYS HA 27 38.22 -17.89 -34.43
C LYS HA 27 38.77 -17.76 -33.02
N LYS HA 28 39.05 -18.87 -32.33
CA LYS HA 28 39.68 -18.75 -31.02
C LYS HA 28 41.17 -18.46 -31.12
N ALA HA 29 41.78 -18.68 -32.28
CA ALA HA 29 43.17 -18.32 -32.46
C ALA HA 29 43.35 -16.88 -32.95
N HIS HA 30 42.39 -16.34 -33.69
CA HIS HA 30 42.55 -15.01 -34.28
C HIS HA 30 41.45 -14.04 -33.85
N LEU HA 31 40.78 -14.32 -32.73
CA LEU HA 31 39.88 -13.34 -32.11
C LEU HA 31 40.42 -13.00 -30.73
N GLY HA 32 40.33 -11.72 -30.36
CA GLY HA 32 40.95 -11.21 -29.14
C GLY HA 32 40.30 -11.67 -27.84
N THR HA 33 39.15 -12.35 -27.92
CA THR HA 33 38.47 -12.81 -26.71
C THR HA 33 39.24 -13.93 -26.01
N ALA HA 34 40.11 -14.66 -26.72
CA ALA HA 34 40.98 -15.64 -26.11
C ALA HA 34 42.21 -15.02 -25.45
N LEU HA 35 42.34 -13.69 -25.51
CA LEU HA 35 43.29 -12.96 -24.70
C LEU HA 35 42.60 -12.18 -23.58
N LYS HA 36 41.47 -11.53 -23.88
CA LYS HA 36 40.80 -10.68 -22.91
C LYS HA 36 39.71 -11.40 -22.13
N ALA HA 37 39.60 -12.72 -22.27
CA ALA HA 37 38.60 -13.49 -21.53
C ALA HA 37 39.23 -14.48 -20.56
N ASN HA 38 40.21 -15.25 -21.01
CA ASN HA 38 40.84 -16.25 -20.18
C ASN HA 38 41.79 -15.61 -19.16
N PRO HA 39 42.20 -16.34 -18.13
CA PRO HA 39 43.36 -15.90 -17.35
C PRO HA 39 44.69 -16.20 -18.06
N PHE HA 40 45.79 -15.97 -17.35
CA PHE HA 40 47.20 -16.10 -17.73
C PHE HA 40 47.68 -15.05 -18.71
N GLY HA 41 46.77 -14.26 -19.28
CA GLY HA 41 47.13 -13.40 -20.39
C GLY HA 41 47.61 -14.15 -21.61
N GLY HA 42 47.11 -15.36 -21.84
CA GLY HA 42 47.59 -16.17 -22.94
C GLY HA 42 48.90 -16.87 -22.68
N ALA HA 43 49.14 -17.30 -21.44
CA ALA HA 43 50.39 -17.93 -21.08
C ALA HA 43 50.19 -19.40 -20.76
N SER HA 44 51.28 -20.05 -20.31
CA SER HA 44 51.25 -21.45 -19.92
C SER HA 44 51.30 -21.63 -18.40
N HIS HA 45 52.05 -20.78 -17.71
CA HIS HA 45 52.21 -20.88 -16.26
C HIS HA 45 52.02 -19.50 -15.64
N ALA HA 46 51.64 -19.49 -14.37
CA ALA HA 46 51.51 -18.25 -13.61
C ALA HA 46 51.61 -18.56 -12.12
N LYS HA 47 52.32 -17.69 -11.40
CA LYS HA 47 52.34 -17.82 -9.94
C LYS HA 47 51.03 -17.33 -9.34
N GLY HA 48 50.80 -17.74 -8.10
CA GLY HA 48 49.61 -17.32 -7.39
C GLY HA 48 49.73 -17.69 -5.93
N ILE HA 49 48.95 -16.99 -5.11
CA ILE HA 49 48.99 -17.16 -3.66
C ILE HA 49 47.63 -17.64 -3.19
N VAL HA 50 47.64 -18.65 -2.31
CA VAL HA 50 46.45 -19.39 -1.91
C VAL HA 50 45.48 -18.49 -1.17
N LEU HA 51 44.21 -18.53 -1.60
CA LEU HA 51 43.13 -17.85 -0.89
C LEU HA 51 42.37 -18.78 0.04
N GLU HA 52 42.01 -19.99 -0.43
CA GLU HA 52 41.33 -20.98 0.40
C GLU HA 52 41.49 -22.34 -0.25
N LYS HA 53 41.17 -23.38 0.54
CA LYS HA 53 41.25 -24.77 0.09
C LYS HA 53 39.83 -25.35 0.15
N VAL HA 54 39.29 -25.71 -1.00
CA VAL HA 54 37.90 -26.13 -1.15
C VAL HA 54 37.87 -27.54 -1.73
N GLY HA 55 37.10 -28.42 -1.12
CA GLY HA 55 36.83 -29.71 -1.71
C GLY HA 55 35.57 -29.67 -2.57
N VAL HA 56 35.72 -30.14 -3.81
CA VAL HA 56 34.62 -30.21 -4.74
C VAL HA 56 34.21 -31.67 -4.89
N GLU HA 57 32.98 -31.89 -5.34
CA GLU HA 57 32.50 -33.23 -5.61
C GLU HA 57 32.82 -33.61 -7.05
N ALA HA 58 32.95 -34.91 -7.28
CA ALA HA 58 33.24 -35.40 -8.62
C ALA HA 58 31.92 -35.57 -9.38
N LYS HA 59 31.97 -36.27 -10.51
CA LYS HA 59 30.82 -36.41 -11.38
C LYS HA 59 29.85 -37.46 -10.82
N GLN HA 60 28.87 -37.86 -11.64
CA GLN HA 60 27.86 -38.80 -11.19
C GLN HA 60 28.32 -40.26 -11.10
N PRO HA 61 29.01 -40.86 -12.10
CA PRO HA 61 29.43 -42.27 -11.89
C PRO HA 61 30.62 -42.43 -10.95
N ASN HA 62 31.38 -41.38 -10.70
CA ASN HA 62 32.56 -41.45 -9.84
C ASN HA 62 32.30 -40.62 -8.59
N SER HA 63 32.24 -41.28 -7.45
CA SER HA 63 31.98 -40.62 -6.17
C SER HA 63 33.33 -40.33 -5.51
N ALA HA 64 33.77 -39.08 -5.58
CA ALA HA 64 35.05 -38.68 -5.00
C ALA HA 64 34.98 -37.22 -4.61
N ILE HA 65 35.80 -36.86 -3.62
CA ILE HA 65 35.92 -35.48 -3.17
C ILE HA 65 37.29 -34.98 -3.61
N ARG HA 66 37.32 -34.23 -4.71
CA ARG HA 66 38.56 -33.67 -5.21
C ARG HA 66 38.95 -32.45 -4.38
N LYS HA 67 40.25 -32.19 -4.31
CA LYS HA 67 40.79 -31.10 -3.51
C LYS HA 67 41.26 -30.00 -4.44
N CYS HA 68 40.91 -28.76 -4.11
CA CYS HA 68 41.13 -27.62 -4.98
C CYS HA 68 41.66 -26.44 -4.18
N VAL HA 69 42.49 -25.64 -4.83
CA VAL HA 69 43.08 -24.45 -4.22
C VAL HA 69 42.59 -23.24 -4.99
N ARG HA 70 41.83 -22.38 -4.32
CA ARG HA 70 41.41 -21.14 -4.95
C ARG HA 70 42.59 -20.17 -4.98
N VAL HA 71 43.03 -19.83 -6.19
CA VAL HA 71 44.29 -19.15 -6.41
C VAL HA 71 44.01 -17.71 -6.82
N GLN HA 72 44.57 -16.76 -6.07
CA GLN HA 72 44.59 -15.36 -6.45
C GLN HA 72 45.87 -15.10 -7.24
N LEU HA 73 45.73 -14.61 -8.47
CA LEU HA 73 46.87 -14.43 -9.34
C LEU HA 73 47.71 -13.23 -8.93
N ILE HA 74 48.89 -13.14 -9.53
CA ILE HA 74 49.76 -11.99 -9.39
C ILE HA 74 49.73 -11.10 -10.62
N LYS HA 75 49.72 -11.72 -11.81
CA LYS HA 75 49.74 -10.97 -13.06
C LYS HA 75 48.40 -10.32 -13.33
N ASN HA 76 47.35 -11.13 -13.49
CA ASN HA 76 46.04 -10.63 -13.89
C ASN HA 76 45.18 -10.28 -12.68
N GLY HA 77 45.28 -11.05 -11.62
CA GLY HA 77 44.47 -10.82 -10.43
C GLY HA 77 43.16 -11.57 -10.39
N LYS HA 78 42.94 -12.50 -11.30
CA LYS HA 78 41.71 -13.29 -11.33
C LYS HA 78 41.77 -14.39 -10.27
N LYS HA 79 40.59 -14.89 -9.92
CA LYS HA 79 40.46 -16.00 -8.98
C LYS HA 79 40.37 -17.31 -9.75
N ILE HA 80 41.29 -18.23 -9.46
CA ILE HA 80 41.42 -19.48 -10.19
C ILE HA 80 41.26 -20.64 -9.21
N THR HA 81 40.34 -21.55 -9.53
CA THR HA 81 40.22 -22.80 -8.80
C THR HA 81 41.20 -23.79 -9.39
N ALA HA 82 42.27 -24.10 -8.66
CA ALA HA 82 43.29 -25.04 -9.09
C ALA HA 82 42.92 -26.44 -8.63
N PHE HA 83 43.90 -27.34 -8.68
CA PHE HA 83 43.69 -28.74 -8.30
C PHE HA 83 44.99 -29.31 -7.76
N VAL HA 84 44.91 -29.92 -6.58
CA VAL HA 84 46.04 -30.62 -5.98
C VAL HA 84 46.15 -31.99 -6.64
N PRO HA 85 47.24 -32.26 -7.38
CA PRO HA 85 47.32 -33.48 -8.19
C PRO HA 85 47.34 -34.80 -7.42
N ASN HA 86 48.30 -34.95 -6.52
CA ASN HA 86 48.68 -36.27 -6.03
C ASN HA 86 47.95 -36.64 -4.74
N ASP HA 87 48.43 -37.71 -4.09
CA ASP HA 87 47.71 -38.31 -2.96
C ASP HA 87 47.75 -37.42 -1.72
N GLY HA 88 48.94 -36.98 -1.32
CA GLY HA 88 49.03 -36.11 -0.17
C GLY HA 88 48.84 -34.68 -0.57
N CYS HA 89 49.81 -33.84 -0.17
CA CYS HA 89 50.05 -32.47 -0.63
C CYS HA 89 49.03 -31.46 -0.15
N LEU HA 90 47.92 -31.91 0.45
CA LEU HA 90 47.05 -30.98 1.15
C LEU HA 90 47.68 -30.51 2.44
N ASN HA 91 48.45 -31.39 3.10
CA ASN HA 91 49.24 -30.99 4.25
C ASN HA 91 50.47 -30.22 3.85
N PHE HA 92 50.92 -30.35 2.60
CA PHE HA 92 52.09 -29.62 2.11
C PHE HA 92 51.75 -28.24 1.57
N ILE HA 93 50.51 -28.02 1.10
CA ILE HA 93 50.06 -26.70 0.69
C ILE HA 93 49.36 -26.08 1.89
N GLU HA 94 49.99 -25.08 2.48
CA GLU HA 94 49.42 -24.36 3.60
C GLU HA 94 48.73 -23.10 3.09
N GLU HA 95 48.30 -22.25 4.01
CA GLU HA 95 47.56 -21.04 3.68
C GLU HA 95 48.52 -19.96 3.18
N ASN HA 96 48.17 -19.34 2.06
CA ASN HA 96 48.89 -18.22 1.43
C ASN HA 96 50.33 -18.59 1.09
N ASP HA 97 50.45 -19.55 0.17
CA ASP HA 97 51.74 -19.97 -0.36
C ASP HA 97 51.80 -19.72 -1.86
N GLU HA 98 53.02 -19.49 -2.34
CA GLU HA 98 53.24 -19.24 -3.77
C GLU HA 98 53.03 -20.53 -4.56
N VAL HA 99 52.07 -20.52 -5.48
CA VAL HA 99 51.65 -21.70 -6.22
C VAL HA 99 51.76 -21.41 -7.70
N LEU HA 100 52.56 -22.22 -8.41
CA LEU HA 100 52.61 -22.19 -9.86
C LEU HA 100 51.58 -23.16 -10.42
N VAL HA 101 50.81 -22.69 -11.41
CA VAL HA 101 49.71 -23.47 -11.96
C VAL HA 101 49.92 -23.66 -13.46
N ALA HA 102 49.19 -24.63 -14.01
CA ALA HA 102 49.27 -24.98 -15.43
C ALA HA 102 47.91 -25.49 -15.88
N GLY HA 103 47.87 -26.19 -17.02
CA GLY HA 103 46.65 -26.82 -17.48
C GLY HA 103 46.65 -28.32 -17.21
N PHE HA 104 45.54 -28.97 -17.56
CA PHE HA 104 45.45 -30.42 -17.46
C PHE HA 104 45.81 -31.13 -18.75
N GLY HA 105 44.99 -30.98 -19.79
CA GLY HA 105 45.33 -31.52 -21.09
C GLY HA 105 44.86 -30.65 -22.23
N ARG HA 106 44.10 -29.60 -21.90
CA ARG HA 106 43.43 -28.79 -22.90
C ARG HA 106 42.94 -27.51 -22.23
N LYS HA 107 43.12 -26.38 -22.92
CA LYS HA 107 42.64 -25.11 -22.40
C LYS HA 107 41.12 -25.05 -22.39
N GLY HA 108 40.48 -25.65 -23.39
CA GLY HA 108 39.03 -25.51 -23.53
C GLY HA 108 38.26 -26.35 -22.52
N HIS HA 109 38.45 -27.66 -22.56
CA HIS HA 109 37.72 -28.58 -21.70
C HIS HA 109 38.49 -28.84 -20.41
N ALA HA 110 37.83 -29.52 -19.49
CA ALA HA 110 38.43 -29.95 -18.25
C ALA HA 110 38.54 -31.48 -18.23
N VAL HA 111 39.02 -32.01 -17.10
CA VAL HA 111 39.06 -33.45 -16.91
C VAL HA 111 37.65 -33.96 -16.68
N GLY HA 112 37.34 -35.14 -17.25
CA GLY HA 112 36.01 -35.72 -17.21
C GLY HA 112 35.52 -36.13 -15.83
N ASP HA 113 36.37 -36.07 -14.80
CA ASP HA 113 35.96 -36.38 -13.44
C ASP HA 113 35.69 -35.14 -12.60
N ILE HA 114 36.39 -34.04 -12.86
CA ILE HA 114 36.28 -32.82 -12.07
C ILE HA 114 35.40 -31.83 -12.82
N PRO HA 115 34.34 -31.27 -12.20
CA PRO HA 115 33.38 -30.44 -12.93
C PRO HA 115 33.90 -29.12 -13.48
N GLY HA 116 34.47 -28.27 -12.62
CA GLY HA 116 34.77 -26.92 -13.05
C GLY HA 116 36.16 -26.41 -12.78
N VAL HA 117 37.17 -27.27 -12.94
CA VAL HA 117 38.56 -26.91 -12.68
C VAL HA 117 39.37 -27.16 -13.94
N ARG HA 118 40.01 -26.11 -14.45
CA ARG HA 118 40.86 -26.19 -15.63
C ARG HA 118 42.35 -26.20 -15.30
N PHE HA 119 42.72 -26.09 -14.03
CA PHE HA 119 44.08 -25.73 -13.67
C PHE HA 119 44.64 -26.68 -12.63
N LYS HA 120 45.97 -26.80 -12.61
CA LYS HA 120 46.66 -27.85 -11.88
C LYS HA 120 47.92 -27.29 -11.21
N VAL HA 121 48.08 -27.61 -9.92
CA VAL HA 121 49.17 -27.08 -9.11
C VAL HA 121 50.48 -27.75 -9.50
N VAL HA 122 51.53 -26.96 -9.68
CA VAL HA 122 52.86 -27.44 -10.06
C VAL HA 122 53.87 -27.23 -8.94
N LYS HA 123 54.04 -25.99 -8.49
CA LYS HA 123 55.02 -25.67 -7.46
C LYS HA 123 54.34 -25.19 -6.18
N VAL HA 124 55.07 -25.31 -5.08
CA VAL HA 124 54.66 -24.78 -3.77
C VAL HA 124 55.84 -23.97 -3.25
N ALA HA 125 55.79 -22.65 -3.45
CA ALA HA 125 56.80 -21.68 -2.97
C ALA HA 125 58.19 -22.00 -3.49
N ASN HA 126 58.31 -21.98 -4.84
CA ASN HA 126 59.52 -22.16 -5.63
C ASN HA 126 60.14 -23.55 -5.49
N VAL HA 127 59.49 -24.47 -4.79
CA VAL HA 127 59.90 -25.87 -4.72
C VAL HA 127 58.72 -26.71 -5.17
N SER HA 128 58.94 -27.56 -6.17
CA SER HA 128 57.84 -28.17 -6.90
C SER HA 128 57.15 -29.25 -6.07
N LEU HA 129 55.96 -29.63 -6.54
CA LEU HA 129 55.12 -30.59 -5.82
C LEU HA 129 55.60 -32.02 -6.00
N LEU HA 130 56.34 -32.31 -7.09
CA LEU HA 130 56.84 -33.68 -7.28
C LEU HA 130 57.91 -34.03 -6.25
N ALA HA 131 58.76 -33.06 -5.89
CA ALA HA 131 59.73 -33.29 -4.82
C ALA HA 131 59.04 -33.48 -3.48
N LEU HA 132 58.03 -32.66 -3.17
CA LEU HA 132 57.30 -32.79 -1.91
C LEU HA 132 56.50 -34.07 -1.85
N TYR HA 133 56.07 -34.60 -3.00
CA TYR HA 133 55.40 -35.89 -3.03
C TYR HA 133 56.38 -37.04 -2.93
N LYS HA 134 57.63 -36.81 -3.36
CA LYS HA 134 58.72 -37.72 -3.07
C LYS HA 134 59.36 -37.33 -1.74
N GLY HA 135 60.55 -37.85 -1.46
CA GLY HA 135 61.17 -37.63 -0.16
C GLY HA 135 62.12 -36.46 -0.05
N LYS HA 136 62.55 -35.90 -1.18
CA LYS HA 136 63.57 -34.87 -1.17
C LYS HA 136 62.97 -33.48 -1.27
N LYS HA 137 63.78 -32.47 -0.91
CA LYS HA 137 63.49 -31.04 -1.01
C LYS HA 137 62.23 -30.67 -0.20
N GLU HA 138 62.37 -30.82 1.12
CA GLU HA 138 61.29 -30.47 2.03
C GLU HA 138 61.20 -28.95 2.16
N ARG HA 139 60.01 -28.46 2.52
CA ARG HA 139 59.71 -27.04 2.54
C ARG HA 139 60.52 -26.29 3.60
N PRO HA 140 60.73 -24.99 3.42
CA PRO HA 140 61.30 -24.18 4.52
C PRO HA 140 60.33 -24.05 5.67
N ARG HA 141 60.88 -24.00 6.88
CA ARG HA 141 60.08 -23.92 8.10
C ARG HA 141 60.00 -22.49 8.62
N THR IA 1 115.16 -39.30 -33.62
CA THR IA 1 114.01 -39.22 -32.72
C THR IA 1 112.86 -38.46 -33.38
N VAL IA 2 113.09 -37.18 -33.65
CA VAL IA 2 112.10 -36.34 -34.30
C VAL IA 2 112.56 -36.03 -35.72
N THR IA 3 111.63 -35.56 -36.55
CA THR IA 3 111.92 -35.22 -37.93
C THR IA 3 111.11 -33.98 -38.31
N ILE IA 4 111.80 -32.90 -38.63
CA ILE IA 4 111.17 -31.63 -38.95
C ILE IA 4 111.25 -31.41 -40.45
N ARG IA 5 110.09 -31.25 -41.10
CA ARG IA 5 110.04 -31.02 -42.54
C ARG IA 5 109.10 -29.87 -42.84
N THR IA 6 109.15 -29.39 -44.08
CA THR IA 6 108.33 -28.28 -44.54
C THR IA 6 107.29 -28.79 -45.54
N ARG IA 7 106.17 -28.08 -45.62
CA ARG IA 7 105.06 -28.47 -46.48
C ARG IA 7 104.82 -27.44 -47.58
N LYS IA 8 104.69 -26.17 -47.22
CA LYS IA 8 104.56 -25.09 -48.16
C LYS IA 8 105.61 -24.03 -47.86
N PHE IA 9 106.11 -23.40 -48.91
CA PHE IA 9 107.25 -22.50 -48.81
C PHE IA 9 107.03 -21.28 -49.70
N MET IA 10 107.21 -20.10 -49.12
CA MET IA 10 107.13 -18.84 -49.85
C MET IA 10 108.31 -17.96 -49.45
N THR IA 11 108.64 -17.01 -50.31
CA THR IA 11 109.75 -16.11 -50.07
C THR IA 11 109.32 -14.67 -50.38
N ASN IA 12 109.47 -13.79 -49.40
CA ASN IA 12 109.17 -12.37 -49.58
C ASN IA 12 110.50 -11.64 -49.45
N ARG IA 13 111.12 -11.34 -50.60
CA ARG IA 13 112.38 -10.62 -50.62
C ARG IA 13 112.20 -9.13 -50.32
N LEU IA 14 110.96 -8.62 -50.35
CA LEU IA 14 110.70 -7.24 -49.97
C LEU IA 14 111.05 -6.99 -48.52
N LEU IA 15 110.77 -7.96 -47.65
CA LEU IA 15 111.06 -7.87 -46.23
C LEU IA 15 112.24 -8.72 -45.81
N GLN IA 16 112.87 -9.40 -46.77
CA GLN IA 16 113.95 -10.37 -46.56
C GLN IA 16 113.49 -11.45 -45.56
N ARG IA 17 112.50 -12.22 -46.00
CA ARG IA 17 111.94 -13.25 -45.15
C ARG IA 17 111.52 -14.46 -45.98
N LYS IA 18 111.47 -15.61 -45.32
CA LYS IA 18 111.03 -16.85 -45.95
C LYS IA 18 110.04 -17.54 -45.04
N GLN IA 19 108.83 -17.75 -45.54
CA GLN IA 19 107.73 -18.32 -44.78
C GLN IA 19 107.60 -19.79 -45.13
N MET IA 20 107.30 -20.61 -44.13
CA MET IA 20 107.05 -22.01 -44.43
C MET IA 20 106.05 -22.58 -43.43
N VAL IA 21 105.48 -23.71 -43.82
CA VAL IA 21 104.63 -24.51 -42.95
C VAL IA 21 105.45 -25.70 -42.48
N ILE IA 22 105.48 -25.92 -41.16
CA ILE IA 22 106.38 -26.88 -40.55
C ILE IA 22 105.56 -28.03 -39.99
N ASP IA 23 105.84 -29.24 -40.45
CA ASP IA 23 105.34 -30.45 -39.82
C ASP IA 23 106.49 -31.18 -39.13
N VAL IA 24 106.30 -31.47 -37.85
CA VAL IA 24 107.24 -32.27 -37.08
C VAL IA 24 106.60 -33.62 -36.82
N LEU IA 25 107.29 -34.68 -37.24
CA LEU IA 25 106.76 -36.04 -37.11
C LEU IA 25 107.11 -36.62 -35.75
N HIS IA 26 106.17 -37.36 -35.17
CA HIS IA 26 106.37 -38.00 -33.86
C HIS IA 26 105.78 -39.39 -33.90
N PRO IA 27 106.63 -40.42 -33.99
CA PRO IA 27 106.22 -41.78 -33.59
C PRO IA 27 106.50 -42.09 -32.13
N GLY IA 28 106.83 -41.08 -31.32
CA GLY IA 28 107.36 -41.28 -29.99
C GLY IA 28 106.71 -40.41 -28.94
N LYS IA 29 107.52 -39.57 -28.30
CA LYS IA 29 107.11 -38.79 -27.14
C LYS IA 29 106.23 -37.61 -27.55
N ALA IA 30 106.03 -36.70 -26.59
CA ALA IA 30 105.02 -35.65 -26.70
C ALA IA 30 105.47 -34.53 -27.65
N THR IA 31 104.72 -33.43 -27.64
CA THR IA 31 105.01 -32.29 -28.50
C THR IA 31 106.29 -31.60 -28.04
N VAL IA 32 107.25 -31.49 -28.94
CA VAL IA 32 108.54 -30.87 -28.64
C VAL IA 32 108.34 -29.36 -28.46
N PRO IA 33 108.89 -28.74 -27.40
CA PRO IA 33 108.61 -27.32 -27.14
C PRO IA 33 109.21 -26.33 -28.14
N LYS IA 34 109.04 -25.05 -27.80
CA LYS IA 34 109.43 -23.94 -28.67
C LYS IA 34 110.94 -23.91 -28.94
N THR IA 35 111.75 -24.33 -27.96
CA THR IA 35 113.19 -24.13 -28.05
C THR IA 35 113.84 -25.10 -29.03
N GLU IA 36 113.52 -26.39 -28.91
CA GLU IA 36 114.29 -27.41 -29.62
C GLU IA 36 113.97 -27.45 -31.11
N ILE IA 37 112.70 -27.22 -31.48
CA ILE IA 37 112.33 -27.14 -32.89
C ILE IA 37 113.00 -25.94 -33.56
N ARG IA 38 113.05 -24.82 -32.83
CA ARG IA 38 113.74 -23.63 -33.32
C ARG IA 38 115.24 -23.88 -33.48
N GLU IA 39 115.84 -24.62 -32.54
CA GLU IA 39 117.27 -24.93 -32.64
C GLU IA 39 117.57 -25.88 -33.79
N LYS IA 40 116.72 -26.89 -34.00
CA LYS IA 40 116.95 -27.83 -35.10
C LYS IA 40 116.69 -27.17 -36.46
N LEU IA 41 115.72 -26.27 -36.54
CA LEU IA 41 115.51 -25.54 -37.79
C LEU IA 41 116.65 -24.55 -38.05
N ALA IA 42 117.22 -23.97 -36.99
CA ALA IA 42 118.39 -23.12 -37.16
C ALA IA 42 119.61 -23.92 -37.57
N LYS IA 43 119.73 -25.17 -37.11
CA LYS IA 43 120.81 -26.04 -37.57
C LYS IA 43 120.62 -26.47 -39.02
N MET IA 44 119.38 -26.72 -39.44
CA MET IA 44 119.13 -27.10 -40.82
C MET IA 44 119.24 -25.91 -41.77
N TYR IA 45 119.04 -24.69 -41.27
CA TYR IA 45 119.22 -23.50 -42.09
C TYR IA 45 120.64 -22.95 -42.02
N LYS IA 46 121.44 -23.42 -41.04
CA LYS IA 46 122.88 -23.17 -40.92
C LYS IA 46 123.19 -21.69 -40.75
N THR IA 47 122.45 -21.04 -39.85
CA THR IA 47 122.73 -19.67 -39.45
C THR IA 47 122.65 -19.51 -37.93
N THR IA 48 122.63 -18.27 -37.47
CA THR IA 48 122.51 -17.99 -36.05
C THR IA 48 121.09 -18.32 -35.56
N PRO IA 49 120.95 -18.87 -34.36
CA PRO IA 49 119.62 -19.33 -33.91
C PRO IA 49 118.69 -18.21 -33.46
N ASP IA 50 119.18 -16.98 -33.31
CA ASP IA 50 118.38 -15.88 -32.77
C ASP IA 50 117.61 -15.10 -33.84
N VAL IA 51 117.30 -15.74 -34.98
CA VAL IA 51 116.62 -15.04 -36.06
C VAL IA 51 115.36 -15.74 -36.54
N ILE IA 52 115.18 -17.03 -36.28
CA ILE IA 52 114.05 -17.79 -36.80
C ILE IA 52 112.94 -17.83 -35.75
N PHE IA 53 111.74 -17.44 -36.13
CA PHE IA 53 110.57 -17.50 -35.27
C PHE IA 53 109.60 -18.58 -35.78
N VAL IA 54 108.75 -19.05 -34.88
CA VAL IA 54 107.75 -20.05 -35.23
C VAL IA 54 106.56 -19.86 -34.29
N PHE IA 55 105.36 -20.13 -34.80
CA PHE IA 55 104.16 -19.99 -33.97
C PHE IA 55 103.11 -21.00 -34.40
N GLY IA 56 102.31 -21.41 -33.41
CA GLY IA 56 101.26 -22.38 -33.63
C GLY IA 56 101.79 -23.81 -33.61
N PHE IA 57 101.13 -24.69 -32.86
CA PHE IA 57 101.44 -26.12 -32.91
C PHE IA 57 100.16 -26.89 -32.66
N ARG IA 58 99.85 -27.80 -33.57
CA ARG IA 58 98.69 -28.68 -33.47
C ARG IA 58 99.14 -30.08 -33.07
N THR IA 59 98.18 -30.99 -32.99
CA THR IA 59 98.47 -32.40 -32.73
C THR IA 59 97.35 -33.22 -33.35
N HIS IA 60 97.71 -34.17 -34.20
CA HIS IA 60 96.72 -34.96 -34.93
C HIS IA 60 96.31 -36.22 -34.17
N PHE IA 61 95.95 -36.03 -32.90
CA PHE IA 61 95.18 -36.99 -32.09
C PHE IA 61 95.94 -38.30 -31.86
N GLY IA 62 97.17 -38.18 -31.39
CA GLY IA 62 97.98 -39.34 -31.08
C GLY IA 62 99.12 -39.53 -32.06
N GLY IA 63 100.31 -39.08 -31.65
CA GLY IA 63 101.48 -39.14 -32.52
C GLY IA 63 101.30 -38.27 -33.74
N GLY IA 64 101.94 -38.68 -34.83
CA GLY IA 64 101.69 -38.04 -36.10
C GLY IA 64 102.43 -36.72 -36.26
N LYS IA 65 101.84 -35.85 -37.08
CA LYS IA 65 102.46 -34.59 -37.43
C LYS IA 65 101.92 -33.45 -36.56
N THR IA 66 102.82 -32.53 -36.22
CA THR IA 66 102.45 -31.27 -35.57
C THR IA 66 102.73 -30.15 -36.55
N THR IA 67 101.76 -29.24 -36.71
CA THR IA 67 101.74 -28.27 -37.79
C THR IA 67 101.87 -26.85 -37.23
N GLY IA 68 102.78 -26.07 -37.81
CA GLY IA 68 102.96 -24.69 -37.39
C GLY IA 68 103.44 -23.81 -38.53
N PHE IA 69 103.58 -22.52 -38.24
CA PHE IA 69 104.04 -21.54 -39.22
C PHE IA 69 105.40 -21.00 -38.80
N GLY IA 70 106.38 -21.10 -39.69
CA GLY IA 70 107.72 -20.65 -39.40
C GLY IA 70 108.18 -19.50 -40.28
N MET IA 71 108.79 -18.50 -39.63
CA MET IA 71 109.29 -17.29 -40.26
C MET IA 71 110.81 -17.31 -40.12
N ILE IA 72 111.52 -17.53 -41.22
CA ILE IA 72 112.98 -17.49 -41.22
C ILE IA 72 113.41 -16.14 -41.79
N TYR IA 73 114.11 -15.37 -40.98
CA TYR IA 73 114.60 -14.06 -41.39
C TYR IA 73 116.10 -14.13 -41.63
N ASP IA 74 116.65 -13.04 -42.14
CA ASP IA 74 118.09 -12.92 -42.34
C ASP IA 74 118.71 -11.75 -41.60
N SER IA 75 117.92 -10.76 -41.19
CA SER IA 75 118.42 -9.57 -40.51
C SER IA 75 117.73 -9.41 -39.17
N LEU IA 76 118.54 -9.18 -38.13
CA LEU IA 76 117.99 -9.01 -36.78
C LEU IA 76 117.31 -7.64 -36.62
N ASP IA 77 117.80 -6.62 -37.33
CA ASP IA 77 117.12 -5.32 -37.30
C ASP IA 77 115.77 -5.39 -37.97
N TYR IA 78 115.69 -6.10 -39.10
CA TYR IA 78 114.41 -6.36 -39.74
C TYR IA 78 113.52 -7.27 -38.89
N ALA IA 79 114.12 -8.13 -38.07
CA ALA IA 79 113.33 -8.94 -37.14
C ALA IA 79 112.72 -8.07 -36.04
N LYS IA 80 113.50 -7.11 -35.53
CA LYS IA 80 113.00 -6.22 -34.49
C LYS IA 80 111.99 -5.22 -35.04
N LYS IA 81 112.08 -4.88 -36.33
CA LYS IA 81 111.18 -3.90 -36.92
C LYS IA 81 109.90 -4.52 -37.46
N ASN IA 82 109.99 -5.63 -38.18
CA ASN IA 82 108.83 -6.16 -38.90
C ASN IA 82 107.92 -7.00 -38.00
N GLU IA 83 108.50 -7.76 -37.08
CA GLU IA 83 107.69 -8.60 -36.20
C GLU IA 83 106.95 -7.75 -35.19
N PRO IA 84 105.71 -8.11 -34.86
CA PRO IA 84 104.96 -7.35 -33.86
C PRO IA 84 105.50 -7.64 -32.46
N LYS IA 85 105.13 -6.74 -31.55
CA LYS IA 85 105.64 -6.78 -30.17
C LYS IA 85 105.14 -8.00 -29.41
N HIS IA 86 104.00 -8.57 -29.79
CA HIS IA 86 103.55 -9.78 -29.11
C HIS IA 86 104.38 -10.99 -29.52
N ARG IA 87 104.96 -10.98 -30.72
CA ARG IA 87 105.91 -12.02 -31.09
C ARG IA 87 107.36 -11.66 -30.74
N LEU IA 88 107.62 -10.40 -30.34
CA LEU IA 88 108.86 -10.11 -29.62
C LEU IA 88 108.78 -10.50 -28.16
N ALA IA 89 107.57 -10.59 -27.60
CA ALA IA 89 107.37 -10.92 -26.20
C ALA IA 89 107.70 -12.37 -25.86
N ARG IA 90 107.80 -13.26 -26.86
CA ARG IA 90 108.20 -14.63 -26.57
C ARG IA 90 109.66 -14.71 -26.12
N HIS IA 91 110.51 -13.83 -26.64
CA HIS IA 91 111.90 -13.76 -26.19
C HIS IA 91 112.16 -12.59 -25.26
N GLY IA 92 111.21 -11.67 -25.13
CA GLY IA 92 111.32 -10.62 -24.13
C GLY IA 92 112.10 -9.41 -24.60
N LEU IA 93 111.86 -9.00 -25.85
CA LEU IA 93 112.50 -7.79 -26.36
C LEU IA 93 111.69 -6.55 -26.04
N TYR IA 94 110.36 -6.66 -26.06
CA TYR IA 94 109.47 -5.57 -25.70
C TYR IA 94 108.77 -5.89 -24.39
N GLU IA 95 108.73 -4.91 -23.48
CA GLU IA 95 108.02 -5.04 -22.22
C GLU IA 95 107.22 -3.76 -21.99
N LYS IA 96 105.95 -3.92 -21.61
CA LYS IA 96 105.07 -2.78 -21.40
C LYS IA 96 105.06 -2.33 -19.93
N LYS IA 97 105.23 -3.28 -19.01
CA LYS IA 97 105.49 -3.12 -17.56
C LYS IA 97 104.24 -2.66 -16.79
N LYS IA 98 103.19 -2.23 -17.50
CA LYS IA 98 101.90 -1.93 -16.86
C LYS IA 98 100.82 -2.55 -17.73
N THR IA 99 100.54 -3.83 -17.50
CA THR IA 99 99.50 -4.56 -18.23
C THR IA 99 98.18 -4.58 -17.44
N SER IA 100 97.73 -3.40 -17.02
CA SER IA 100 96.57 -3.29 -16.16
C SER IA 100 95.39 -2.68 -16.90
N ARG IA 101 94.19 -3.11 -16.51
CA ARG IA 101 92.95 -2.60 -17.07
C ARG IA 101 92.59 -1.26 -16.44
N LYS IA 102 91.91 -0.42 -17.22
CA LYS IA 102 91.30 0.85 -16.85
C LYS IA 102 92.31 1.95 -16.51
N GLN IA 103 93.62 1.68 -16.64
CA GLN IA 103 94.60 2.72 -16.42
C GLN IA 103 94.52 3.80 -17.49
N ARG IA 104 94.45 3.37 -18.76
CA ARG IA 104 94.35 4.31 -19.88
C ARG IA 104 93.03 5.08 -19.81
N LYS IA 105 91.94 4.40 -19.45
CA LYS IA 105 90.64 5.04 -19.43
C LYS IA 105 90.51 6.01 -18.25
N GLU IA 106 91.10 5.66 -17.10
CA GLU IA 106 91.09 6.58 -15.98
C GLU IA 106 92.01 7.78 -16.20
N ARG IA 107 93.13 7.60 -16.93
CA ARG IA 107 93.90 8.77 -17.32
C ARG IA 107 93.16 9.64 -18.32
N LYS IA 108 92.39 9.02 -19.23
CA LYS IA 108 91.51 9.79 -20.12
C LYS IA 108 90.46 10.57 -19.33
N ASN IA 109 89.92 9.98 -18.27
CA ASN IA 109 88.91 10.67 -17.45
C ASN IA 109 89.53 11.82 -16.66
N ARG IA 110 90.72 11.60 -16.09
CA ARG IA 110 91.34 12.66 -15.31
C ARG IA 110 91.93 13.75 -16.18
N MET IA 111 92.15 13.47 -17.47
CA MET IA 111 92.48 14.51 -18.43
C MET IA 111 91.24 15.12 -19.08
N LYS IA 112 90.09 14.46 -18.95
CA LYS IA 112 88.83 15.00 -19.44
C LYS IA 112 88.19 15.95 -18.45
N LYS IA 113 88.40 15.74 -17.15
CA LYS IA 113 87.83 16.63 -16.14
C LYS IA 113 88.57 17.96 -16.09
N VAL IA 114 89.85 17.94 -15.76
CA VAL IA 114 90.63 19.17 -15.63
C VAL IA 114 91.42 19.41 -16.89
N ARG IA 115 91.91 20.63 -17.07
CA ARG IA 115 92.54 21.07 -18.30
C ARG IA 115 93.71 22.00 -18.00
N GLY IA 116 94.85 21.73 -18.63
CA GLY IA 116 95.98 22.66 -18.59
C GLY IA 116 97.07 22.20 -17.64
N THR IA 117 97.50 23.12 -16.75
CA THR IA 117 98.60 22.83 -15.84
C THR IA 117 98.19 21.78 -14.80
N ALA IA 118 96.97 21.90 -14.26
CA ALA IA 118 96.45 20.88 -13.34
C ALA IA 118 96.25 19.55 -14.03
N LYS IA 119 95.92 19.55 -15.33
CA LYS IA 119 95.83 18.31 -16.08
C LYS IA 119 97.19 17.66 -16.25
N ALA IA 120 98.22 18.45 -16.55
CA ALA IA 120 99.57 17.89 -16.66
C ALA IA 120 100.12 17.47 -15.30
N ASN IA 121 99.60 18.05 -14.22
CA ASN IA 121 100.04 17.68 -12.87
C ASN IA 121 99.38 16.37 -12.43
N VAL IA 122 98.07 16.24 -12.63
CA VAL IA 122 97.35 15.08 -12.12
C VAL IA 122 97.52 13.88 -13.05
N GLY IA 123 97.40 14.10 -14.36
CA GLY IA 123 97.43 12.98 -15.29
C GLY IA 123 98.80 12.34 -15.44
N ALA IA 124 99.85 13.13 -15.25
CA ALA IA 124 101.20 12.57 -15.25
C ALA IA 124 101.62 12.09 -13.87
N GLY IA 125 101.06 12.67 -12.82
CA GLY IA 125 101.39 12.29 -11.46
C GLY IA 125 100.18 12.13 -10.57
N THR JA 1 12.85 -41.03 -41.65
CA THR JA 1 12.97 -41.19 -43.10
C THR JA 1 11.61 -41.15 -43.77
N LYS JA 2 11.60 -41.25 -45.09
CA LYS JA 2 10.35 -41.32 -45.83
C LYS JA 2 9.65 -42.64 -45.58
N LYS JA 3 8.34 -42.56 -45.32
CA LYS JA 3 7.53 -43.76 -45.23
C LYS JA 3 6.81 -44.04 -46.55
N ARG JA 4 6.47 -42.99 -47.30
CA ARG JA 4 5.74 -43.11 -48.55
C ARG JA 4 6.39 -42.21 -49.60
N ARG JA 5 6.34 -42.66 -50.86
CA ARG JA 5 6.81 -41.82 -51.95
C ARG JA 5 5.82 -40.69 -52.23
N ASN JA 6 4.52 -40.95 -52.06
CA ASN JA 6 3.50 -39.95 -52.32
C ASN JA 6 3.32 -38.97 -51.17
N ASN JA 7 3.98 -39.23 -50.04
CA ASN JA 7 3.88 -38.42 -48.81
C ASN JA 7 2.44 -38.31 -48.31
N GLY JA 8 1.70 -39.41 -48.41
CA GLY JA 8 0.34 -39.46 -47.93
C GLY JA 8 -0.72 -39.16 -48.99
N ARG JA 9 -0.72 -37.94 -49.51
CA ARG JA 9 -1.74 -37.52 -50.46
C ARG JA 9 -1.23 -37.71 -51.89
N ALA JA 10 -1.99 -37.17 -52.85
CA ALA JA 10 -1.65 -37.29 -54.26
C ALA JA 10 -1.28 -35.95 -54.90
N LYS JA 11 -0.93 -34.94 -54.10
CA LYS JA 11 -0.54 -33.64 -54.64
C LYS JA 11 0.86 -33.73 -55.22
N LYS JA 12 0.96 -33.63 -56.55
CA LYS JA 12 2.27 -33.67 -57.19
C LYS JA 12 2.48 -32.48 -58.13
N GLY JA 13 1.43 -32.09 -58.84
CA GLY JA 13 1.55 -30.99 -59.77
C GLY JA 13 1.26 -29.64 -59.14
N ARG JA 14 0.16 -29.57 -58.40
CA ARG JA 14 -0.27 -28.34 -57.76
C ARG JA 14 0.42 -28.17 -56.40
N GLY JA 15 0.05 -27.11 -55.70
CA GLY JA 15 0.69 -26.80 -54.44
C GLY JA 15 -0.26 -26.68 -53.26
N HIS JA 16 -1.56 -26.54 -53.55
CA HIS JA 16 -2.57 -26.42 -52.50
C HIS JA 16 -3.83 -27.16 -52.90
N VAL JA 17 -4.39 -27.89 -51.94
CA VAL JA 17 -5.61 -28.67 -52.11
C VAL JA 17 -6.61 -28.19 -51.08
N GLN JA 18 -7.87 -28.02 -51.50
CA GLN JA 18 -8.91 -27.47 -50.61
C GLN JA 18 -9.22 -28.46 -49.49
N PRO JA 19 -9.28 -28.00 -48.23
CA PRO JA 19 -9.65 -28.91 -47.14
C PRO JA 19 -11.15 -29.17 -47.14
N ILE JA 20 -11.51 -30.45 -47.01
CA ILE JA 20 -12.89 -30.87 -46.89
C ILE JA 20 -13.06 -31.55 -45.53
N ARG JA 21 -14.14 -31.19 -44.84
CA ARG JA 21 -14.38 -31.67 -43.49
C ARG JA 21 -14.63 -33.18 -43.47
N CYS JA 22 -14.27 -33.79 -42.34
CA CYS JA 22 -14.46 -35.22 -42.15
C CYS JA 22 -15.89 -35.51 -41.72
N THR JA 23 -16.17 -36.79 -41.45
CA THR JA 23 -17.51 -37.23 -41.08
C THR JA 23 -17.60 -37.61 -39.60
N ASN JA 24 -16.64 -38.40 -39.10
CA ASN JA 24 -16.70 -38.81 -37.71
C ASN JA 24 -16.27 -37.69 -36.77
N CYS JA 25 -15.01 -37.26 -36.88
CA CYS JA 25 -14.48 -36.27 -35.94
C CYS JA 25 -14.49 -34.85 -36.50
N ALA JA 26 -14.86 -34.68 -37.77
CA ALA JA 26 -15.09 -33.39 -38.42
C ALA JA 26 -13.82 -32.52 -38.41
N ARG JA 27 -12.79 -33.02 -39.07
CA ARG JA 27 -11.52 -32.31 -39.23
C ARG JA 27 -11.30 -32.00 -40.70
N CYS JA 28 -10.88 -30.77 -40.99
CA CYS JA 28 -10.62 -30.36 -42.37
C CYS JA 28 -9.32 -30.99 -42.86
N VAL JA 29 -9.44 -31.84 -43.88
CA VAL JA 29 -8.32 -32.57 -44.47
C VAL JA 29 -8.41 -32.32 -45.97
N PRO JA 30 -7.29 -32.11 -46.67
CA PRO JA 30 -7.34 -32.02 -48.13
C PRO JA 30 -7.84 -33.31 -48.77
N LYS JA 31 -8.58 -33.16 -49.87
CA LYS JA 31 -9.36 -34.25 -50.43
C LYS JA 31 -8.51 -35.35 -51.06
N ASP JA 32 -7.27 -35.04 -51.45
CA ASP JA 32 -6.39 -36.09 -51.94
C ASP JA 32 -5.73 -36.87 -50.80
N LYS JA 33 -5.87 -36.41 -49.56
CA LYS JA 33 -5.36 -37.11 -48.39
C LYS JA 33 -6.45 -37.83 -47.62
N ALA JA 34 -7.66 -37.27 -47.59
CA ALA JA 34 -8.75 -37.88 -46.84
C ALA JA 34 -9.28 -39.12 -47.55
N ILE JA 35 -9.79 -40.05 -46.75
CA ILE JA 35 -10.34 -41.31 -47.26
C ILE JA 35 -11.70 -40.98 -47.86
N LYS JA 36 -11.78 -41.00 -49.19
CA LYS JA 36 -12.97 -40.59 -49.92
C LYS JA 36 -13.54 -41.81 -50.64
N LYS JA 37 -14.67 -42.31 -50.15
CA LYS JA 37 -15.33 -43.45 -50.77
C LYS JA 37 -16.79 -43.13 -51.03
N PHE JA 38 -17.49 -44.08 -51.63
CA PHE JA 38 -18.86 -43.86 -52.11
C PHE JA 38 -19.68 -45.09 -51.76
N VAL JA 39 -20.45 -45.00 -50.68
CA VAL JA 39 -21.21 -46.15 -50.20
C VAL JA 39 -22.55 -46.23 -50.93
N ILE JA 40 -22.88 -47.43 -51.38
CA ILE JA 40 -24.08 -47.73 -52.13
C ILE JA 40 -24.84 -48.77 -51.33
N ARG JA 41 -25.95 -48.38 -50.72
CA ARG JA 41 -26.74 -49.29 -49.92
C ARG JA 41 -28.14 -49.39 -50.50
N ASN JA 42 -28.86 -50.40 -50.06
CA ASN JA 42 -30.31 -50.38 -50.21
C ASN JA 42 -30.88 -49.50 -49.11
N ILE JA 43 -32.03 -48.89 -49.38
CA ILE JA 43 -32.61 -47.97 -48.41
C ILE JA 43 -33.18 -48.70 -47.21
N VAL JA 44 -33.44 -49.99 -47.33
CA VAL JA 44 -33.95 -50.84 -46.27
C VAL JA 44 -32.98 -52.00 -46.12
N GLU JA 45 -32.71 -52.41 -44.88
CA GLU JA 45 -31.90 -53.59 -44.63
C GLU JA 45 -32.61 -54.82 -45.17
N ALA JA 46 -31.81 -55.75 -45.74
CA ALA JA 46 -32.33 -56.88 -46.52
C ALA JA 46 -33.19 -57.84 -45.72
N ALA JA 47 -33.06 -57.84 -44.39
CA ALA JA 47 -33.98 -58.62 -43.56
C ALA JA 47 -35.33 -57.94 -43.40
N ALA JA 48 -35.43 -56.66 -43.71
CA ALA JA 48 -36.69 -55.92 -43.62
C ALA JA 48 -37.23 -55.49 -44.98
N VAL JA 49 -36.54 -55.84 -46.07
CA VAL JA 49 -37.07 -55.54 -47.41
C VAL JA 49 -38.28 -56.43 -47.70
N ARG JA 50 -38.28 -57.66 -47.19
CA ARG JA 50 -39.35 -58.61 -47.48
C ARG JA 50 -40.66 -58.21 -46.82
N ASP JA 51 -40.59 -57.57 -45.64
CA ASP JA 51 -41.81 -57.11 -44.97
C ASP JA 51 -42.48 -55.97 -45.75
N ILE JA 52 -41.67 -55.04 -46.27
CA ILE JA 52 -42.21 -53.95 -47.07
C ILE JA 52 -42.68 -54.47 -48.43
N SER JA 53 -42.03 -55.51 -48.95
CA SER JA 53 -42.49 -56.12 -50.20
C SER JA 53 -43.82 -56.85 -50.02
N GLU JA 54 -44.04 -57.46 -48.85
CA GLU JA 54 -45.33 -58.09 -48.59
C GLU JA 54 -46.41 -57.07 -48.27
N ALA JA 55 -46.06 -55.97 -47.60
CA ALA JA 55 -47.03 -54.95 -47.22
C ALA JA 55 -46.96 -53.71 -48.11
N SER JA 56 -46.52 -53.87 -49.36
CA SER JA 56 -46.42 -52.76 -50.28
C SER JA 56 -47.71 -52.62 -51.09
N VAL JA 57 -47.98 -51.39 -51.53
CA VAL JA 57 -49.15 -51.15 -52.37
C VAL JA 57 -48.89 -51.65 -53.78
N PHE JA 58 -47.74 -51.31 -54.35
CA PHE JA 58 -47.43 -51.73 -55.71
C PHE JA 58 -46.85 -53.13 -55.73
N ASP JA 59 -46.86 -53.74 -56.91
CA ASP JA 59 -46.39 -55.11 -57.08
C ASP JA 59 -44.92 -55.12 -57.52
N ALA JA 60 -44.07 -54.68 -56.58
CA ALA JA 60 -42.60 -54.63 -56.73
C ALA JA 60 -42.18 -53.79 -57.95
N TYR JA 61 -42.68 -52.55 -57.99
CA TYR JA 61 -42.37 -51.62 -59.06
C TYR JA 61 -41.43 -50.50 -58.62
N VAL JA 62 -40.96 -50.51 -57.38
CA VAL JA 62 -40.08 -49.47 -56.86
C VAL JA 62 -38.97 -50.12 -56.04
N LEU JA 63 -37.72 -49.80 -56.36
CA LEU JA 63 -36.56 -50.29 -55.62
C LEU JA 63 -35.52 -49.17 -55.52
N PRO JA 64 -35.62 -48.32 -54.50
CA PRO JA 64 -34.67 -47.20 -54.39
C PRO JA 64 -33.33 -47.64 -53.83
N LYS JA 65 -32.29 -46.91 -54.23
CA LYS JA 65 -30.93 -47.16 -53.79
C LYS JA 65 -30.37 -45.89 -53.16
N LEU JA 66 -29.71 -46.03 -52.01
CA LEU JA 66 -29.18 -44.91 -51.25
C LEU JA 66 -27.70 -44.76 -51.56
N TYR JA 67 -27.32 -43.59 -52.08
CA TYR JA 67 -25.95 -43.29 -52.49
C TYR JA 67 -25.41 -42.18 -51.61
N VAL JA 68 -24.30 -42.43 -50.92
CA VAL JA 68 -23.70 -41.42 -50.04
C VAL JA 68 -22.21 -41.31 -50.30
N LYS JA 69 -21.74 -40.11 -50.60
CA LYS JA 69 -20.32 -39.79 -50.53
C LYS JA 69 -19.86 -39.85 -49.08
N LEU JA 70 -19.02 -40.83 -48.75
CA LEU JA 70 -18.47 -40.98 -47.42
C LEU JA 70 -17.06 -40.40 -47.42
N HIS JA 71 -16.75 -39.60 -46.41
CA HIS JA 71 -15.51 -38.81 -46.40
C HIS JA 71 -14.91 -38.85 -44.99
N TYR JA 72 -14.05 -39.84 -44.76
CA TYR JA 72 -13.34 -39.98 -43.50
C TYR JA 72 -11.97 -39.32 -43.59
N CYS JA 73 -11.36 -39.12 -42.42
CA CYS JA 73 -9.96 -38.75 -42.34
C CYS JA 73 -9.17 -39.91 -41.75
N VAL JA 74 -7.85 -39.90 -42.00
CA VAL JA 74 -7.02 -41.04 -41.64
C VAL JA 74 -6.72 -41.12 -40.15
N SER JA 75 -7.05 -40.10 -39.37
CA SER JA 75 -6.83 -40.17 -37.93
C SER JA 75 -7.91 -40.99 -37.24
N CYS JA 76 -9.14 -40.97 -37.77
CA CYS JA 76 -10.23 -41.73 -37.20
C CYS JA 76 -10.65 -42.91 -38.07
N ALA JA 77 -10.10 -43.01 -39.28
CA ALA JA 77 -10.48 -44.09 -40.19
C ALA JA 77 -9.93 -45.44 -39.75
N ILE JA 78 -8.75 -45.45 -39.13
CA ILE JA 78 -8.20 -46.68 -38.59
C ILE JA 78 -9.03 -47.16 -37.41
N HIS JA 79 -9.56 -46.22 -36.60
CA HIS JA 79 -10.50 -46.59 -35.55
C HIS JA 79 -11.83 -47.02 -36.13
N SER JA 80 -12.24 -46.43 -37.25
CA SER JA 80 -13.49 -46.78 -37.92
C SER JA 80 -13.38 -48.01 -38.81
N LYS JA 81 -12.20 -48.64 -38.84
CA LYS JA 81 -11.96 -49.96 -39.45
C LYS JA 81 -12.23 -49.93 -40.96
N VAL JA 82 -11.47 -49.10 -41.66
CA VAL JA 82 -11.53 -49.03 -43.12
C VAL JA 82 -10.14 -49.26 -43.71
N VAL JA 83 -9.14 -48.58 -43.14
CA VAL JA 83 -7.85 -48.36 -43.79
C VAL JA 83 -6.77 -49.08 -42.98
N ARG JA 84 -7.04 -50.34 -42.60
CA ARG JA 84 -6.14 -51.17 -41.79
C ARG JA 84 -4.72 -51.21 -42.33
N ASN JA 85 -3.77 -51.41 -41.42
CA ASN JA 85 -2.35 -51.34 -41.74
C ASN JA 85 -1.90 -52.54 -42.56
N ARG JA 86 -0.80 -52.37 -43.28
CA ARG JA 86 -0.24 -53.42 -44.13
C ARG JA 86 1.28 -53.48 -43.97
N SER JA 87 1.90 -54.34 -44.77
CA SER JA 87 3.33 -54.57 -44.76
C SER JA 87 4.04 -53.60 -45.71
N ARG JA 88 5.38 -53.62 -45.68
CA ARG JA 88 6.16 -52.76 -46.54
C ARG JA 88 6.03 -53.17 -48.00
N GLU JA 89 6.05 -54.47 -48.28
CA GLU JA 89 5.77 -54.95 -49.62
C GLU JA 89 4.28 -54.90 -49.96
N ALA JA 90 3.42 -54.76 -48.95
CA ALA JA 90 1.99 -54.70 -49.17
C ALA JA 90 1.46 -53.29 -49.35
N ARG JA 91 2.27 -52.26 -49.11
CA ARG JA 91 1.85 -50.89 -49.38
C ARG JA 91 1.85 -50.54 -50.87
N LYS JA 92 2.37 -51.41 -51.73
CA LYS JA 92 2.39 -51.17 -53.17
C LYS JA 92 1.14 -51.68 -53.88
N ASP JA 93 0.09 -52.02 -53.15
CA ASP JA 93 -1.03 -52.75 -53.71
C ASP JA 93 -2.06 -51.77 -54.29
N ARG JA 94 -3.19 -52.29 -54.74
CA ARG JA 94 -4.25 -51.51 -55.38
C ARG JA 94 -5.59 -51.90 -54.78
N THR JA 95 -6.70 -51.51 -55.44
CA THR JA 95 -8.10 -51.65 -55.04
C THR JA 95 -8.45 -53.04 -54.51
N PRO JA 96 -8.79 -53.14 -53.22
CA PRO JA 96 -9.03 -54.45 -52.61
C PRO JA 96 -10.36 -55.03 -53.05
N PRO JA 97 -10.47 -56.38 -53.12
CA PRO JA 97 -11.71 -57.03 -53.54
C PRO JA 97 -12.80 -56.96 -52.48
N ALA KA 1 25.00 -51.95 -80.58
CA ALA KA 1 25.69 -51.52 -81.79
C ALA KA 1 24.69 -51.04 -82.84
N LYS KA 2 24.10 -49.87 -82.60
CA LYS KA 2 23.13 -49.31 -83.53
C LYS KA 2 23.85 -48.61 -84.68
N ASP KA 3 23.34 -48.83 -85.89
CA ASP KA 3 23.94 -48.25 -87.10
C ASP KA 3 23.47 -46.80 -87.22
N LEU KA 4 24.28 -45.87 -86.72
CA LEU KA 4 23.98 -44.46 -86.80
C LEU KA 4 24.46 -43.81 -88.09
N LEU KA 5 25.42 -44.43 -88.78
CA LEU KA 5 25.94 -43.84 -90.01
C LEU KA 5 24.97 -44.01 -91.17
N HIS KA 6 24.45 -45.22 -91.37
CA HIS KA 6 23.46 -45.52 -92.40
C HIS KA 6 22.21 -46.08 -91.73
N PRO KA 7 21.34 -45.22 -91.21
CA PRO KA 7 20.13 -45.70 -90.53
C PRO KA 7 19.03 -46.02 -91.54
N SER KA 8 17.89 -46.42 -91.01
CA SER KA 8 16.75 -46.76 -91.85
C SER KA 8 15.94 -45.51 -92.17
N PRO KA 9 15.48 -45.37 -93.43
CA PRO KA 9 14.64 -44.21 -93.78
C PRO KA 9 13.31 -44.17 -93.05
N GLU KA 10 12.72 -45.33 -92.75
CA GLU KA 10 11.49 -45.36 -91.97
C GLU KA 10 11.74 -44.92 -90.53
N GLU KA 11 12.89 -45.30 -89.97
CA GLU KA 11 13.25 -44.86 -88.63
C GLU KA 11 13.50 -43.35 -88.59
N GLU KA 12 14.18 -42.82 -89.60
CA GLU KA 12 14.45 -41.39 -89.61
C GLU KA 12 13.20 -40.58 -89.97
N LYS KA 13 12.22 -41.20 -90.62
CA LYS KA 13 10.93 -40.56 -90.80
C LYS KA 13 10.14 -40.53 -89.50
N ARG KA 14 10.15 -41.64 -88.76
CA ARG KA 14 9.46 -41.71 -87.48
C ARG KA 14 10.12 -40.91 -86.38
N LYS KA 15 11.39 -40.55 -86.53
CA LYS KA 15 12.03 -39.65 -85.57
C LYS KA 15 11.52 -38.22 -85.75
N HIS KA 16 11.95 -37.35 -84.85
CA HIS KA 16 11.59 -35.93 -84.87
C HIS KA 16 12.29 -35.24 -86.03
N LYS KA 17 11.81 -34.03 -86.36
CA LYS KA 17 12.30 -33.26 -87.49
C LYS KA 17 13.78 -32.91 -87.37
N LYS KA 18 14.22 -32.50 -86.18
CA LYS KA 18 15.58 -32.00 -86.01
C LYS KA 18 16.52 -33.04 -85.41
N LYS KA 19 16.00 -34.14 -84.87
CA LYS KA 19 16.85 -35.20 -84.33
C LYS KA 19 17.64 -35.91 -85.42
N ARG KA 20 17.14 -35.92 -86.65
CA ARG KA 20 17.85 -36.63 -87.71
C ARG KA 20 19.04 -35.83 -88.22
N LEU KA 21 19.81 -36.48 -89.09
CA LEU KA 21 21.15 -35.99 -89.42
C LEU KA 21 21.08 -34.80 -90.37
N VAL KA 22 20.36 -34.94 -91.48
CA VAL KA 22 20.30 -33.88 -92.48
C VAL KA 22 19.43 -32.72 -92.01
N GLN KA 23 18.52 -32.97 -91.07
CA GLN KA 23 17.52 -32.01 -90.56
C GLN KA 23 16.72 -31.38 -91.70
N SER KA 24 16.18 -32.24 -92.55
CA SER KA 24 15.35 -31.79 -93.65
C SER KA 24 14.00 -31.33 -93.13
N PRO KA 25 13.38 -30.34 -93.78
CA PRO KA 25 12.05 -29.89 -93.36
C PRO KA 25 10.98 -30.89 -93.77
N ASN KA 26 9.99 -31.07 -92.90
CA ASN KA 26 8.87 -31.95 -93.18
C ASN KA 26 7.83 -31.30 -94.10
N SER KA 27 7.92 -30.00 -94.32
CA SER KA 27 6.97 -29.30 -95.17
C SER KA 27 7.32 -29.51 -96.65
N TYR KA 28 6.45 -28.99 -97.51
CA TYR KA 28 6.60 -29.14 -98.95
C TYR KA 28 5.86 -28.01 -99.65
N PHE KA 29 6.03 -27.93 -100.96
CA PHE KA 29 5.32 -26.99 -101.79
C PHE KA 29 4.42 -27.75 -102.75
N MET KA 30 3.12 -27.45 -102.70
CA MET KA 30 2.11 -28.19 -103.44
C MET KA 30 1.49 -27.30 -104.51
N ASP KA 31 1.14 -27.92 -105.63
CA ASP KA 31 0.56 -27.21 -106.77
C ASP KA 31 -0.95 -27.41 -106.75
N VAL KA 32 -1.69 -26.34 -106.53
CA VAL KA 32 -3.15 -26.38 -106.47
C VAL KA 32 -3.69 -25.96 -107.84
N LYS KA 33 -4.43 -26.86 -108.47
CA LYS KA 33 -5.12 -26.56 -109.73
C LYS KA 33 -6.44 -25.91 -109.39
N CYS KA 34 -6.45 -24.58 -109.41
CA CYS KA 34 -7.66 -23.83 -109.07
C CYS KA 34 -8.67 -23.94 -110.21
N PRO KA 35 -9.92 -24.30 -109.92
CA PRO KA 35 -10.89 -24.51 -111.00
C PRO KA 35 -11.55 -23.24 -111.53
N GLY KA 36 -10.97 -22.07 -111.25
CA GLY KA 36 -11.60 -20.82 -111.64
C GLY KA 36 -11.62 -20.58 -113.13
N CYS KA 37 -10.47 -20.26 -113.74
CA CYS KA 37 -10.37 -20.29 -115.19
C CYS KA 37 -9.30 -21.26 -115.67
N TYR KA 38 -8.03 -21.02 -115.34
CA TYR KA 38 -6.94 -21.91 -115.73
C TYR KA 38 -5.83 -22.05 -114.70
N LYS KA 39 -5.78 -21.19 -113.68
CA LYS KA 39 -4.53 -20.93 -112.97
C LYS KA 39 -4.17 -22.06 -112.01
N ILE KA 40 -2.90 -22.45 -112.03
CA ILE KA 40 -2.33 -23.41 -111.08
C ILE KA 40 -1.34 -22.65 -110.22
N THR KA 41 -1.48 -22.76 -108.90
CA THR KA 41 -0.73 -21.93 -107.96
C THR KA 41 0.15 -22.81 -107.07
N THR KA 42 1.42 -22.46 -106.99
CA THR KA 42 2.32 -23.07 -106.00
C THR KA 42 2.03 -22.47 -104.63
N VAL KA 43 1.93 -23.32 -103.62
CA VAL KA 43 1.61 -22.85 -102.27
C VAL KA 43 2.34 -23.71 -101.24
N PHE KA 44 2.82 -23.04 -100.19
CA PHE KA 44 3.45 -23.73 -99.07
C PHE KA 44 2.43 -24.59 -98.33
N SER KA 45 2.91 -25.69 -97.75
CA SER KA 45 2.01 -26.68 -97.15
C SER KA 45 1.41 -26.16 -95.86
N HIS KA 46 2.26 -25.74 -94.92
CA HIS KA 46 1.78 -25.22 -93.64
C HIS KA 46 1.48 -23.72 -93.80
N ALA KA 47 0.38 -23.46 -94.52
CA ALA KA 47 0.00 -22.09 -94.86
C ALA KA 47 -0.55 -21.40 -93.62
N GLN KA 48 0.18 -20.40 -93.14
CA GLN KA 48 -0.25 -19.67 -91.94
C GLN KA 48 -1.36 -18.69 -92.27
N THR KA 49 -1.22 -17.95 -93.35
CA THR KA 49 -2.21 -16.96 -93.76
C THR KA 49 -3.16 -17.57 -94.79
N VAL KA 50 -4.18 -16.79 -95.16
CA VAL KA 50 -5.12 -17.25 -96.18
C VAL KA 50 -4.47 -17.21 -97.56
N VAL KA 51 -5.02 -18.01 -98.47
CA VAL KA 51 -4.54 -18.09 -99.85
C VAL KA 51 -5.69 -17.72 -100.76
N LEU KA 52 -5.55 -16.60 -101.46
CA LEU KA 52 -6.57 -16.09 -102.36
C LEU KA 52 -6.00 -15.99 -103.76
N CYS KA 53 -6.72 -16.55 -104.73
CA CYS KA 53 -6.33 -16.40 -106.13
C CYS KA 53 -6.66 -14.99 -106.60
N VAL KA 54 -5.74 -14.41 -107.38
CA VAL KA 54 -5.93 -13.05 -107.87
C VAL KA 54 -6.94 -12.98 -109.01
N GLY KA 55 -7.30 -14.10 -109.61
CA GLY KA 55 -8.24 -14.10 -110.72
C GLY KA 55 -9.69 -14.29 -110.31
N CYS KA 56 -9.95 -15.36 -109.56
CA CYS KA 56 -11.33 -15.72 -109.20
C CYS KA 56 -11.73 -15.26 -107.82
N SER KA 57 -10.77 -14.83 -106.98
CA SER KA 57 -11.01 -14.30 -105.63
C SER KA 57 -11.73 -15.30 -104.73
N THR KA 58 -11.34 -16.57 -104.82
CA THR KA 58 -11.88 -17.62 -103.97
C THR KA 58 -10.83 -18.02 -102.93
N VAL KA 59 -11.31 -18.61 -101.83
CA VAL KA 59 -10.42 -19.05 -100.76
C VAL KA 59 -9.87 -20.42 -101.11
N LEU KA 60 -8.55 -20.52 -101.21
CA LEU KA 60 -7.91 -21.77 -101.59
C LEU KA 60 -7.60 -22.65 -100.38
N CYS KA 61 -6.94 -22.09 -99.38
CA CYS KA 61 -6.55 -22.84 -98.19
C CYS KA 61 -7.04 -22.14 -96.94
N GLN KA 62 -7.68 -22.89 -96.06
CA GLN KA 62 -8.09 -22.30 -94.80
C GLN KA 62 -6.90 -22.23 -93.84
N PRO KA 63 -6.75 -21.15 -93.08
CA PRO KA 63 -5.68 -21.08 -92.07
C PRO KA 63 -5.98 -22.00 -90.90
N THR KA 64 -5.10 -22.97 -90.68
CA THR KA 64 -5.32 -24.01 -89.69
C THR KA 64 -3.98 -24.35 -89.05
N GLY KA 65 -3.96 -24.49 -87.73
CA GLY KA 65 -2.78 -24.89 -86.99
C GLY KA 65 -2.31 -26.29 -87.37
N GLY KA 66 -1.03 -26.41 -87.69
CA GLY KA 66 -0.51 -27.63 -88.28
C GLY KA 66 -0.28 -27.44 -89.76
N LYS KA 67 -1.15 -28.01 -90.59
CA LYS KA 67 -1.13 -27.74 -92.02
C LYS KA 67 -2.52 -27.30 -92.45
N ALA KA 68 -2.56 -26.56 -93.56
CA ALA KA 68 -3.79 -25.92 -94.02
C ALA KA 68 -4.72 -26.96 -94.64
N ARG KA 69 -5.96 -26.99 -94.17
CA ARG KA 69 -6.97 -27.81 -94.82
C ARG KA 69 -7.40 -27.16 -96.13
N LEU KA 70 -7.94 -27.97 -97.02
CA LEU KA 70 -8.18 -27.56 -98.39
C LEU KA 70 -9.66 -27.28 -98.62
N THR KA 71 -9.93 -26.77 -99.82
CA THR KA 71 -11.26 -26.46 -100.33
C THR KA 71 -11.75 -27.72 -101.06
N GLU KA 72 -12.74 -27.58 -101.95
CA GLU KA 72 -13.12 -28.62 -102.91
C GLU KA 72 -11.88 -29.19 -103.60
N GLY KA 73 -11.94 -30.49 -103.92
CA GLY KA 73 -10.76 -31.34 -104.03
C GLY KA 73 -9.83 -31.08 -105.18
N CYS KA 74 -9.12 -29.96 -105.11
CA CYS KA 74 -8.03 -29.69 -106.05
C CYS KA 74 -6.88 -30.66 -105.83
N SER KA 75 -6.10 -30.90 -106.88
CA SER KA 75 -5.02 -31.85 -106.82
C SER KA 75 -3.79 -31.23 -106.16
N PHE KA 76 -2.77 -32.04 -105.95
CA PHE KA 76 -1.51 -31.60 -105.35
C PHE KA 76 -0.40 -32.52 -105.79
N ARG KA 77 0.80 -31.96 -105.88
CA ARG KA 77 1.98 -32.72 -106.29
C ARG KA 77 3.12 -32.48 -105.31
N ARG KA 78 4.07 -33.40 -105.30
CA ARG KA 78 5.25 -33.32 -104.46
C ARG KA 78 6.47 -33.15 -105.36
N LYS KA 79 7.15 -32.01 -105.23
CA LYS KA 79 8.34 -31.72 -106.02
C LYS KA 79 9.49 -31.42 -105.07
N GLN KA 80 10.50 -32.30 -105.06
CA GLN KA 80 11.68 -32.10 -104.25
C GLN KA 80 12.94 -32.28 -105.10
N HIS LA 1 33.18 -28.77 2.49
CA HIS LA 1 32.62 -30.04 2.93
C HIS LA 1 33.35 -30.49 4.21
N GLY LA 2 32.68 -31.31 5.03
CA GLY LA 2 33.20 -31.61 6.34
C GLY LA 2 34.38 -32.56 6.36
N SER LA 3 34.48 -33.43 5.36
CA SER LA 3 35.54 -34.44 5.29
C SER LA 3 36.68 -34.00 4.39
N LEU LA 4 37.01 -32.71 4.41
CA LEU LA 4 38.06 -32.16 3.56
C LEU LA 4 39.46 -32.63 3.95
N ALA LA 5 39.69 -32.97 5.22
CA ALA LA 5 41.03 -33.32 5.66
C ALA LA 5 41.32 -34.81 5.59
N ARG LA 6 40.65 -35.54 4.69
CA ARG LA 6 41.00 -36.94 4.41
C ARG LA 6 42.11 -36.93 3.36
N ALA LA 7 43.33 -36.61 3.79
CA ALA LA 7 44.45 -36.48 2.87
C ALA LA 7 45.62 -37.32 3.36
N GLY LA 8 46.29 -37.99 2.43
CA GLY LA 8 47.39 -38.86 2.78
C GLY LA 8 46.98 -40.08 3.57
N LYS LA 9 45.74 -40.54 3.38
CA LYS LA 9 45.25 -41.70 4.13
C LYS LA 9 45.96 -42.97 3.70
N VAL LA 10 46.16 -43.15 2.39
CA VAL LA 10 46.78 -44.37 1.89
C VAL LA 10 48.27 -44.38 2.19
N ARG LA 11 48.94 -43.24 2.04
CA ARG LA 11 50.36 -43.18 2.40
C ARG LA 11 50.59 -43.11 3.90
N GLY LA 12 49.55 -42.90 4.70
CA GLY LA 12 49.67 -43.02 6.13
C GLY LA 12 49.32 -44.38 6.69
N GLN LA 13 48.50 -45.15 5.96
CA GLN LA 13 48.09 -46.48 6.40
C GLN LA 13 48.73 -47.60 5.60
N THR LA 14 49.61 -47.29 4.65
CA THR LA 14 50.27 -48.30 3.84
C THR LA 14 51.58 -48.72 4.52
N PRO LA 15 51.79 -50.01 4.75
CA PRO LA 15 53.04 -50.46 5.38
C PRO LA 15 54.21 -50.34 4.43
N LYS LA 16 55.33 -49.84 4.95
CA LYS LA 16 56.51 -49.65 4.13
C LYS LA 16 57.26 -50.97 3.97
N VAL LA 17 57.92 -51.12 2.82
CA VAL LA 17 58.73 -52.28 2.50
C VAL LA 17 60.12 -51.78 2.14
N ALA LA 18 61.14 -52.34 2.81
CA ALA LA 18 62.52 -51.95 2.53
C ALA LA 18 62.94 -52.49 1.17
N LYS LA 19 63.43 -51.58 0.31
CA LYS LA 19 63.92 -51.96 -1.01
C LYS LA 19 65.21 -52.75 -0.87
N GLN LA 20 65.19 -54.02 -1.28
CA GLN LA 20 66.33 -54.89 -1.09
C GLN LA 20 67.45 -54.54 -2.07
N GLU LA 21 68.63 -55.11 -1.81
CA GLU LA 21 69.83 -54.80 -2.58
C GLU LA 21 69.74 -55.47 -3.95
N LYS LA 22 69.58 -54.65 -4.98
CA LYS LA 22 69.55 -55.10 -6.37
C LYS LA 22 70.91 -54.85 -7.01
N LYS LA 23 71.35 -55.78 -7.85
CA LYS LA 23 72.60 -55.63 -8.57
C LYS LA 23 72.52 -54.49 -9.59
N LYS LA 24 73.68 -54.08 -10.09
CA LYS LA 24 73.75 -52.99 -11.03
C LYS LA 24 73.17 -53.40 -12.38
N LYS LA 25 72.62 -52.42 -13.10
CA LYS LA 25 71.96 -52.67 -14.38
C LYS LA 25 72.86 -52.22 -15.51
N LYS LA 26 73.24 -53.16 -16.36
CA LYS LA 26 74.04 -52.86 -17.54
C LYS LA 26 73.21 -52.05 -18.55
N THR LA 27 73.81 -50.96 -19.04
CA THR LA 27 73.10 -49.96 -19.83
C THR LA 27 73.71 -49.79 -21.20
N GLY LA 28 72.93 -49.19 -22.10
CA GLY LA 28 73.39 -48.83 -23.41
C GLY LA 28 73.64 -49.99 -24.34
N ARG LA 29 74.90 -50.14 -24.77
CA ARG LA 29 75.28 -51.21 -25.67
C ARG LA 29 75.12 -52.57 -25.00
N ALA LA 30 75.45 -52.66 -23.71
CA ALA LA 30 75.26 -53.90 -22.96
C ALA LA 30 73.78 -54.20 -22.76
N LYS LA 31 72.96 -53.17 -22.55
CA LYS LA 31 71.53 -53.38 -22.39
C LYS LA 31 70.89 -53.84 -23.69
N ARG LA 32 71.32 -53.28 -24.83
CA ARG LA 32 70.82 -53.77 -26.10
C ARG LA 32 71.35 -55.16 -26.43
N ARG LA 33 72.56 -55.51 -25.94
CA ARG LA 33 73.06 -56.87 -26.08
C ARG LA 33 72.17 -57.86 -25.32
N MET LA 34 71.81 -57.54 -24.09
CA MET LA 34 70.96 -58.46 -23.34
C MET LA 34 69.51 -58.44 -23.82
N GLN LA 35 69.04 -57.33 -24.40
CA GLN LA 35 67.70 -57.32 -24.99
C GLN LA 35 67.65 -58.13 -26.28
N TYR LA 36 68.75 -58.16 -27.05
CA TYR LA 36 68.80 -59.02 -28.21
C TYR LA 36 68.92 -60.48 -27.81
N ASN LA 37 69.76 -60.78 -26.82
CA ASN LA 37 69.97 -62.16 -26.41
C ASN LA 37 68.86 -62.68 -25.49
N ARG LA 38 67.93 -61.83 -25.06
CA ARG LA 38 66.79 -62.31 -24.30
C ARG LA 38 65.70 -62.85 -25.21
N ARG LA 39 65.56 -62.27 -26.41
CA ARG LA 39 64.42 -62.63 -27.26
C ARG LA 39 64.77 -62.86 -28.72
N PHE LA 40 66.03 -63.18 -29.05
CA PHE LA 40 66.34 -63.48 -30.45
C PHE LA 40 67.29 -64.64 -30.66
N VAL LA 41 67.71 -65.36 -29.63
CA VAL LA 41 68.69 -66.43 -29.83
C VAL LA 41 68.16 -67.78 -29.33
N ASN LA 42 67.51 -67.80 -28.16
CA ASN LA 42 67.10 -69.06 -27.55
C ASN LA 42 65.62 -69.05 -27.15
N VAL LA 43 64.77 -68.47 -27.99
CA VAL LA 43 63.34 -68.47 -27.76
C VAL LA 43 62.59 -69.37 -28.74
N VAL LA 44 63.07 -69.48 -29.98
CA VAL LA 44 62.47 -70.30 -31.05
C VAL LA 44 62.26 -71.80 -30.76
N PRO LA 45 62.91 -72.45 -29.77
CA PRO LA 45 62.31 -73.73 -29.30
C PRO LA 45 60.90 -73.59 -28.76
N THR LA 46 60.63 -72.58 -27.94
CA THR LA 46 59.27 -72.26 -27.53
C THR LA 46 58.54 -71.68 -28.74
N PHE LA 47 57.55 -72.41 -29.24
CA PHE LA 47 56.92 -72.06 -30.50
C PHE LA 47 55.99 -70.86 -30.34
N GLY LA 48 55.80 -70.11 -31.42
CA GLY LA 48 55.15 -68.81 -31.41
C GLY LA 48 53.64 -68.82 -31.26
N LYS LA 49 53.02 -69.96 -30.98
CA LYS LA 49 51.59 -69.97 -30.66
C LYS LA 49 51.33 -69.30 -29.32
N LYS LA 50 51.99 -69.78 -28.27
CA LYS LA 50 51.93 -69.16 -26.95
C LYS LA 50 53.10 -68.20 -26.76
N LYS LA 51 52.88 -67.18 -25.94
CA LYS LA 51 53.89 -66.17 -25.66
C LYS LA 51 54.04 -66.00 -24.16
N GLY LA 52 55.29 -65.92 -23.71
CA GLY LA 52 55.58 -65.80 -22.29
C GLY LA 52 56.52 -64.69 -21.85
N PRO LA 53 56.40 -63.44 -22.36
CA PRO LA 53 57.45 -62.44 -22.10
C PRO LA 53 57.51 -61.97 -20.65
N ASN LA 54 56.42 -62.09 -19.90
CA ASN LA 54 56.39 -61.76 -18.48
C ASN LA 54 55.20 -62.48 -17.87
N ALA LA 55 55.35 -62.92 -16.63
CA ALA LA 55 54.29 -63.66 -15.94
C ALA LA 55 54.32 -63.39 -14.45
N GLY OA 1 -33.90 24.44 -6.80
CA GLY OA 1 -32.68 25.14 -7.12
C GLY OA 1 -32.72 25.88 -8.45
N ARG OA 2 -31.56 26.04 -9.06
CA ARG OA 2 -31.47 26.79 -10.30
C ARG OA 2 -31.92 25.91 -11.47
N VAL OA 3 -32.50 26.57 -12.48
CA VAL OA 3 -32.91 25.90 -13.70
C VAL OA 3 -31.69 25.39 -14.45
N ILE OA 4 -31.71 24.10 -14.82
CA ILE OA 4 -30.57 23.45 -15.46
C ILE OA 4 -30.43 23.93 -16.89
N ARG OA 5 -29.30 23.59 -17.53
CA ARG OA 5 -29.07 23.94 -18.92
C ARG OA 5 -30.04 23.23 -19.86
N GLY OA 6 -30.49 22.03 -19.49
CA GLY OA 6 -31.38 21.29 -20.36
C GLY OA 6 -32.77 21.88 -20.46
N GLN OA 7 -33.21 22.61 -19.43
CA GLN OA 7 -34.52 23.25 -19.47
C GLN OA 7 -34.50 24.58 -20.22
N ARG OA 8 -33.33 25.18 -20.43
CA ARG OA 8 -33.25 26.50 -21.04
C ARG OA 8 -33.36 26.48 -22.55
N LYS OA 9 -33.39 25.30 -23.17
CA LYS OA 9 -33.53 25.23 -24.63
C LYS OA 9 -34.93 25.63 -25.08
N GLY OA 10 -35.94 25.38 -24.25
CA GLY OA 10 -37.30 25.69 -24.62
C GLY OA 10 -37.68 27.15 -24.55
N ALA OA 11 -36.83 27.98 -23.93
CA ALA OA 11 -37.14 29.40 -23.83
C ALA OA 11 -37.01 30.10 -25.16
N GLY OA 12 -36.07 29.65 -26.00
CA GLY OA 12 -35.86 30.29 -27.29
C GLY OA 12 -35.21 31.65 -27.19
N SER OA 13 -34.47 31.92 -26.12
CA SER OA 13 -33.84 33.22 -25.95
C SER OA 13 -32.54 33.33 -26.73
N VAL OA 14 -31.57 32.50 -26.39
CA VAL OA 14 -30.27 32.47 -27.06
C VAL OA 14 -29.98 31.13 -27.70
N PHE OA 15 -30.99 30.24 -27.76
CA PHE OA 15 -30.81 28.90 -28.29
C PHE OA 15 -31.56 28.69 -29.60
N ARG OA 16 -31.89 29.76 -30.30
CA ARG OA 16 -32.58 29.66 -31.58
C ARG OA 16 -31.61 29.27 -32.69
N ALA OA 17 -32.16 29.03 -33.87
CA ALA OA 17 -31.36 28.72 -35.04
C ALA OA 17 -30.89 30.01 -35.71
N HIS OA 18 -29.62 30.04 -36.09
CA HIS OA 18 -29.05 31.21 -36.76
C HIS OA 18 -29.48 31.15 -38.22
N VAL OA 19 -30.67 31.70 -38.47
CA VAL OA 19 -31.45 31.33 -39.63
C VAL OA 19 -31.42 32.41 -40.71
N LYS OA 20 -30.72 33.52 -40.49
CA LYS OA 20 -30.75 34.61 -41.46
C LYS OA 20 -29.95 34.26 -42.72
N HIS OA 21 -28.74 33.72 -42.57
CA HIS OA 21 -27.92 33.43 -43.72
C HIS OA 21 -28.37 32.19 -44.49
N ARG OA 22 -29.30 31.40 -43.96
CA ARG OA 22 -29.86 30.28 -44.69
C ARG OA 22 -30.72 30.79 -45.84
N LYS OA 23 -30.57 30.16 -47.00
CA LYS OA 23 -31.23 30.66 -48.21
C LYS OA 23 -32.71 30.33 -48.26
N GLY OA 24 -33.12 29.21 -47.68
CA GLY OA 24 -34.53 28.85 -47.67
C GLY OA 24 -34.71 27.41 -47.27
N ALA OA 25 -35.96 27.05 -47.04
CA ALA OA 25 -36.32 25.69 -46.66
C ALA OA 25 -36.35 24.80 -47.90
N ALA OA 26 -35.74 23.64 -47.81
CA ALA OA 26 -35.61 22.73 -48.94
C ALA OA 26 -36.81 21.80 -48.98
N ARG OA 27 -37.78 22.14 -49.82
CA ARG OA 27 -38.98 21.34 -50.01
C ARG OA 27 -39.15 20.98 -51.47
N LEU OA 28 -40.03 20.01 -51.72
CA LEU OA 28 -40.41 19.65 -53.08
C LEU OA 28 -41.51 20.59 -53.57
N ARG OA 29 -41.97 20.38 -54.81
CA ARG OA 29 -43.17 21.06 -55.26
C ARG OA 29 -44.38 20.47 -54.54
N ALA OA 30 -45.33 21.33 -54.17
CA ALA OA 30 -46.61 20.86 -53.69
C ALA OA 30 -47.34 20.10 -54.79
N VAL OA 31 -48.11 19.08 -54.39
CA VAL OA 31 -48.68 18.15 -55.36
C VAL OA 31 -49.81 18.82 -56.13
N ASP OA 32 -49.86 18.56 -57.43
CA ASP OA 32 -50.82 19.17 -58.33
C ASP OA 32 -51.22 18.14 -59.38
N PHE OA 33 -51.86 18.61 -60.45
CA PHE OA 33 -52.36 17.72 -61.49
C PHE OA 33 -51.22 17.11 -62.30
N ALA OA 34 -50.19 17.91 -62.61
CA ALA OA 34 -49.13 17.46 -63.47
C ALA OA 34 -48.23 16.44 -62.79
N GLU OA 35 -48.09 16.53 -61.46
CA GLU OA 35 -47.27 15.57 -60.74
C GLU OA 35 -48.04 14.34 -60.31
N ARG OA 36 -49.32 14.24 -60.63
CA ARG OA 36 -50.06 13.00 -60.37
C ARG OA 36 -50.55 12.31 -61.63
N HIS OA 37 -50.71 13.02 -62.75
CA HIS OA 37 -51.20 12.42 -63.97
C HIS OA 37 -50.24 12.61 -65.15
N GLY OA 38 -48.98 12.91 -64.88
CA GLY OA 38 -48.01 13.09 -65.94
C GLY OA 38 -46.60 13.35 -65.45
N TYR OA 39 -45.90 14.28 -66.09
CA TYR OA 39 -44.59 14.75 -65.65
C TYR OA 39 -44.36 16.13 -66.24
N ILE OA 40 -43.49 16.91 -65.60
CA ILE OA 40 -43.13 18.22 -66.12
C ILE OA 40 -41.63 18.44 -65.97
N LYS OA 41 -41.03 19.04 -67.00
CA LYS OA 41 -39.59 19.28 -67.06
C LYS OA 41 -39.25 20.51 -66.23
N GLY OA 42 -38.13 20.44 -65.52
CA GLY OA 42 -37.60 21.60 -64.83
C GLY OA 42 -36.10 21.71 -65.04
N ILE OA 43 -35.59 22.93 -64.91
CA ILE OA 43 -34.19 23.22 -65.22
C ILE OA 43 -33.52 23.64 -63.94
N VAL OA 44 -32.45 22.94 -63.57
CA VAL OA 44 -31.66 23.36 -62.42
C VAL OA 44 -30.70 24.46 -62.85
N LYS OA 45 -30.80 25.62 -62.20
CA LYS OA 45 -29.95 26.75 -62.55
C LYS OA 45 -28.58 26.62 -61.90
N ASP OA 46 -28.55 26.38 -60.60
CA ASP OA 46 -27.30 26.18 -59.89
C ASP OA 46 -27.54 25.34 -58.63
N ILE OA 47 -26.45 25.00 -57.98
CA ILE OA 47 -26.47 24.41 -56.65
C ILE OA 47 -25.64 25.29 -55.73
N ILE OA 48 -26.13 25.48 -54.51
CA ILE OA 48 -25.54 26.40 -53.55
C ILE OA 48 -25.37 25.70 -52.21
N HIS OA 49 -24.85 26.45 -51.25
CA HIS OA 49 -24.55 25.94 -49.93
C HIS OA 49 -25.47 26.60 -48.91
N ASP OA 50 -26.30 25.80 -48.27
CA ASP OA 50 -27.06 26.33 -47.15
C ASP OA 50 -26.24 26.24 -45.88
N PRO OA 51 -26.00 27.35 -45.18
CA PRO OA 51 -25.17 27.30 -43.98
C PRO OA 51 -25.87 26.59 -42.84
N GLY OA 52 -25.10 25.80 -42.10
CA GLY OA 52 -25.65 24.88 -41.13
C GLY OA 52 -26.03 23.54 -41.69
N ARG OA 53 -25.97 23.37 -43.01
CA ARG OA 53 -26.28 22.13 -43.70
C ARG OA 53 -25.08 21.73 -44.53
N GLY OA 54 -24.61 20.49 -44.35
CA GLY OA 54 -23.55 19.98 -45.20
C GLY OA 54 -24.02 19.49 -46.55
N ALA OA 55 -25.31 19.21 -46.68
CA ALA OA 55 -25.88 18.82 -47.96
C ALA OA 55 -26.06 20.05 -48.85
N PRO OA 56 -25.77 19.94 -50.14
CA PRO OA 56 -25.96 21.09 -51.03
C PRO OA 56 -27.42 21.28 -51.39
N LEU OA 57 -27.79 22.55 -51.53
CA LEU OA 57 -29.11 22.96 -51.97
C LEU OA 57 -29.09 23.06 -53.49
N ALA OA 58 -30.21 22.75 -54.14
CA ALA OA 58 -30.32 22.81 -55.59
C ALA OA 58 -31.46 23.75 -55.96
N LYS OA 59 -31.16 24.77 -56.77
CA LYS OA 59 -32.15 25.77 -57.18
C LYS OA 59 -32.70 25.36 -58.54
N VAL OA 60 -33.86 24.70 -58.54
CA VAL OA 60 -34.48 24.18 -59.74
C VAL OA 60 -35.68 25.06 -60.08
N VAL OA 61 -35.65 25.67 -61.26
CA VAL OA 61 -36.76 26.49 -61.73
C VAL OA 61 -37.70 25.62 -62.55
N PHE OA 62 -38.98 25.91 -62.41
CA PHE OA 62 -40.07 25.19 -63.06
C PHE OA 62 -40.84 26.14 -63.96
N ARG OA 63 -41.80 25.58 -64.69
CA ARG OA 63 -42.74 26.35 -65.48
C ARG OA 63 -44.15 26.08 -64.97
N ASP OA 64 -44.92 27.14 -64.79
CA ASP OA 64 -46.27 27.00 -64.24
C ASP OA 64 -47.25 26.73 -65.37
N PRO OA 65 -47.98 25.61 -65.37
CA PRO OA 65 -48.87 25.28 -66.47
C PRO OA 65 -50.18 26.07 -66.49
N TYR OA 66 -50.38 26.99 -65.55
CA TYR OA 66 -51.65 27.68 -65.39
C TYR OA 66 -51.56 29.15 -65.77
N ARG OA 67 -50.64 29.87 -65.16
CA ARG OA 67 -50.32 31.24 -65.54
C ARG OA 67 -48.86 31.30 -65.96
N PHE OA 68 -48.57 32.12 -66.96
CA PHE OA 68 -47.23 32.21 -67.54
C PHE OA 68 -46.31 32.89 -66.55
N LYS OA 69 -45.51 32.09 -65.84
CA LYS OA 69 -44.54 32.53 -64.85
C LYS OA 69 -43.63 31.37 -64.54
N LYS OA 70 -42.33 31.64 -64.41
CA LYS OA 70 -41.35 30.61 -64.08
C LYS OA 70 -41.17 30.56 -62.56
N ARG OA 71 -41.53 29.43 -61.97
CA ARG OA 71 -41.48 29.27 -60.52
C ARG OA 71 -40.16 28.66 -60.10
N THR OA 72 -39.51 29.28 -59.12
CA THR OA 72 -38.21 28.85 -58.62
C THR OA 72 -38.38 28.13 -57.30
N GLU OA 73 -37.89 26.90 -57.21
CA GLU OA 73 -37.98 26.10 -56.00
C GLU OA 73 -36.58 25.68 -55.54
N LEU OA 74 -36.54 24.99 -54.41
CA LEU OA 74 -35.29 24.66 -53.72
C LEU OA 74 -35.29 23.17 -53.38
N PHE OA 75 -34.70 22.36 -54.23
CA PHE OA 75 -34.58 20.94 -53.97
C PHE OA 75 -33.31 20.62 -53.21
N ILE OA 76 -33.27 19.44 -52.60
CA ILE OA 76 -32.02 18.90 -52.06
C ILE OA 76 -31.26 18.26 -53.21
N ALA OA 77 -30.02 18.68 -53.39
CA ALA OA 77 -29.22 18.21 -54.52
C ALA OA 77 -28.80 16.76 -54.31
N ALA OA 78 -29.23 15.89 -55.22
CA ALA OA 78 -28.81 14.51 -55.19
C ALA OA 78 -27.38 14.37 -55.71
N GLU OA 79 -26.82 13.18 -55.56
CA GLU OA 79 -25.44 12.94 -55.97
C GLU OA 79 -25.35 12.79 -57.48
N GLY OA 80 -24.42 13.53 -58.08
CA GLY OA 80 -24.13 13.39 -59.49
C GLY OA 80 -24.93 14.28 -60.41
N ILE OA 81 -25.81 15.12 -59.89
CA ILE OA 81 -26.56 16.03 -60.73
C ILE OA 81 -25.69 17.25 -61.03
N HIS OA 82 -25.96 17.89 -62.17
CA HIS OA 82 -25.19 19.02 -62.63
C HIS OA 82 -26.15 20.09 -63.13
N THR OA 83 -25.63 21.30 -63.30
CA THR OA 83 -26.45 22.41 -63.80
C THR OA 83 -26.80 22.17 -65.26
N GLY OA 84 -28.05 22.47 -65.61
CA GLY OA 84 -28.55 22.23 -66.93
C GLY OA 84 -29.20 20.88 -67.12
N GLN OA 85 -29.11 19.99 -66.14
CA GLN OA 85 -29.75 18.68 -66.26
C GLN OA 85 -31.25 18.81 -66.05
N PHE OA 86 -32.02 18.26 -66.97
CA PHE OA 86 -33.48 18.35 -66.91
C PHE OA 86 -34.01 17.44 -65.80
N VAL OA 87 -34.50 18.04 -64.73
CA VAL OA 87 -35.11 17.30 -63.63
C VAL OA 87 -36.56 17.03 -64.00
N TYR OA 88 -36.97 15.77 -63.94
CA TYR OA 88 -38.32 15.37 -64.30
C TYR OA 88 -39.08 14.97 -63.04
N CYS OA 89 -40.32 15.42 -62.95
CA CYS OA 89 -41.13 15.12 -61.78
C CYS OA 89 -42.54 14.79 -62.20
N GLY OA 90 -43.14 13.84 -61.50
CA GLY OA 90 -44.47 13.39 -61.82
C GLY OA 90 -44.59 11.90 -61.56
N LYS OA 91 -45.75 11.35 -61.93
CA LYS OA 91 -46.05 9.95 -61.67
C LYS OA 91 -45.28 9.04 -62.63
N LYS OA 92 -45.45 9.25 -63.93
CA LYS OA 92 -44.88 8.37 -64.94
C LYS OA 92 -43.54 8.88 -65.47
N ALA OA 93 -42.78 9.59 -64.63
CA ALA OA 93 -41.45 10.04 -65.02
C ALA OA 93 -40.49 8.86 -65.06
N GLN OA 94 -39.57 8.89 -66.02
CA GLN OA 94 -38.61 7.80 -66.18
C GLN OA 94 -37.55 7.87 -65.09
N LEU OA 95 -37.22 6.71 -64.54
CA LEU OA 95 -36.42 6.65 -63.32
C LEU OA 95 -34.95 6.91 -63.63
N ASN OA 96 -34.46 8.07 -63.18
CA ASN OA 96 -33.04 8.41 -63.26
C ASN OA 96 -32.67 9.12 -61.96
N ILE OA 97 -31.37 9.33 -61.78
CA ILE OA 97 -30.88 9.99 -60.56
C ILE OA 97 -31.20 11.48 -60.65
N GLY OA 98 -32.00 11.96 -59.71
CA GLY OA 98 -32.43 13.35 -59.68
C GLY OA 98 -33.89 13.56 -59.97
N ASN OA 99 -34.60 12.52 -60.41
CA ASN OA 99 -36.02 12.64 -60.75
C ASN OA 99 -36.87 12.15 -59.60
N VAL OA 100 -37.80 12.99 -59.14
CA VAL OA 100 -38.70 12.66 -58.04
C VAL OA 100 -40.01 12.13 -58.60
N LEU OA 101 -40.44 10.98 -58.08
CA LEU OA 101 -41.62 10.26 -58.56
C LEU OA 101 -42.18 9.47 -57.39
N PRO OA 102 -43.49 9.19 -57.38
CA PRO OA 102 -44.08 8.46 -56.26
C PRO OA 102 -43.57 7.03 -56.16
N VAL OA 103 -43.50 6.53 -54.93
CA VAL OA 103 -42.84 5.26 -54.64
C VAL OA 103 -43.61 4.04 -55.12
N GLY OA 104 -44.89 4.21 -55.49
CA GLY OA 104 -45.61 3.11 -56.11
C GLY OA 104 -45.17 2.83 -57.52
N THR OA 105 -44.58 3.81 -58.20
CA THR OA 105 -44.12 3.62 -59.58
C THR OA 105 -42.79 2.88 -59.61
N MET OA 106 -41.88 3.22 -58.71
CA MET OA 106 -40.55 2.61 -58.70
C MET OA 106 -40.63 1.16 -58.22
N PRO OA 107 -39.75 0.29 -58.71
CA PRO OA 107 -39.72 -1.10 -58.24
C PRO OA 107 -39.04 -1.20 -56.88
N GLU OA 108 -38.99 -2.42 -56.37
CA GLU OA 108 -38.39 -2.65 -55.06
C GLU OA 108 -36.87 -2.55 -55.14
N GLY OA 109 -36.27 -2.23 -54.00
CA GLY OA 109 -34.83 -2.07 -53.92
C GLY OA 109 -34.30 -0.76 -54.46
N THR OA 110 -35.18 0.16 -54.84
CA THR OA 110 -34.75 1.43 -55.42
C THR OA 110 -34.21 2.34 -54.32
N ILE OA 111 -32.97 2.78 -54.48
CA ILE OA 111 -32.30 3.61 -53.48
C ILE OA 111 -32.70 5.06 -53.73
N VAL OA 112 -33.50 5.62 -52.81
CA VAL OA 112 -34.01 6.97 -52.95
C VAL OA 112 -33.71 7.75 -51.67
N CYS OA 113 -34.04 9.05 -51.71
CA CYS OA 113 -33.88 9.94 -50.58
C CYS OA 113 -34.93 11.03 -50.69
N CYS OA 114 -35.00 11.87 -49.64
CA CYS OA 114 -35.93 13.00 -49.52
C CYS OA 114 -37.38 12.55 -49.71
N LEU OA 115 -37.75 11.46 -49.05
CA LEU OA 115 -39.09 10.91 -49.18
C LEU OA 115 -40.03 11.54 -48.16
N GLU OA 116 -41.27 11.11 -48.19
CA GLU OA 116 -42.34 11.72 -47.41
C GLU OA 116 -42.99 10.71 -46.49
N GLU OA 117 -43.41 11.18 -45.32
CA GLU OA 117 -44.18 10.33 -44.42
C GLU OA 117 -45.61 10.18 -44.91
N LYS OA 118 -46.33 11.28 -44.98
CA LYS OA 118 -47.67 11.46 -45.51
C LYS OA 118 -47.60 11.98 -46.93
N PRO OA 119 -48.55 11.62 -47.80
CA PRO OA 119 -48.51 12.13 -49.18
C PRO OA 119 -48.89 13.60 -49.28
N GLY OA 120 -47.91 14.45 -49.53
CA GLY OA 120 -48.18 15.86 -49.76
C GLY OA 120 -47.60 16.81 -48.72
N ASP OA 121 -46.46 16.46 -48.12
CA ASP OA 121 -45.79 17.36 -47.18
C ASP OA 121 -44.40 17.76 -47.64
N ARG OA 122 -44.11 17.58 -48.93
CA ARG OA 122 -42.98 18.20 -49.63
C ARG OA 122 -41.61 17.73 -49.11
N GLY OA 123 -41.54 16.50 -48.63
CA GLY OA 123 -40.25 15.90 -48.30
C GLY OA 123 -39.84 16.03 -46.85
N LYS OA 124 -39.87 14.93 -46.10
CA LYS OA 124 -39.49 14.95 -44.70
C LYS OA 124 -38.35 13.99 -44.38
N LEU OA 125 -38.45 12.73 -44.81
CA LEU OA 125 -37.51 11.71 -44.36
C LEU OA 125 -36.25 11.71 -45.22
N ALA OA 126 -35.12 11.35 -44.58
CA ALA OA 126 -33.82 11.12 -45.22
C ALA OA 126 -33.31 12.34 -45.97
N ARG OA 127 -33.04 13.40 -45.21
CA ARG OA 127 -32.60 14.66 -45.79
C ARG OA 127 -31.17 15.04 -45.44
N ALA OA 128 -30.50 14.31 -44.56
CA ALA OA 128 -29.12 14.63 -44.21
C ALA OA 128 -28.18 14.19 -45.32
N SER OA 129 -26.93 14.63 -45.22
CA SER OA 129 -25.95 14.45 -46.28
C SER OA 129 -25.47 12.99 -46.31
N GLY OA 130 -25.67 12.33 -47.44
CA GLY OA 130 -25.16 10.99 -47.64
C GLY OA 130 -26.02 9.90 -47.06
N ASN OA 131 -27.33 10.09 -47.01
CA ASN OA 131 -28.24 9.10 -46.48
C ASN OA 131 -29.31 8.75 -47.50
N TYR OA 132 -29.93 7.59 -47.32
CA TYR OA 132 -30.84 7.06 -48.31
C TYR OA 132 -31.80 6.09 -47.64
N ALA OA 133 -32.89 5.80 -48.33
CA ALA OA 133 -33.86 4.80 -47.89
C ALA OA 133 -34.00 3.71 -48.93
N THR OA 134 -34.42 2.54 -48.49
CA THR OA 134 -34.57 1.38 -49.36
C THR OA 134 -36.05 1.04 -49.49
N VAL OA 135 -36.57 1.06 -50.71
CA VAL OA 135 -37.98 0.83 -50.98
C VAL OA 135 -38.21 -0.65 -51.24
N ILE OA 136 -39.08 -1.28 -50.43
CA ILE OA 136 -39.44 -2.69 -50.59
C ILE OA 136 -40.93 -2.86 -50.31
N SER OA 137 -41.41 -4.07 -50.64
CA SER OA 137 -42.71 -4.62 -50.21
C SER OA 137 -43.88 -3.75 -50.67
N HIS OA 138 -44.05 -3.70 -51.98
CA HIS OA 138 -45.22 -3.04 -52.55
C HIS OA 138 -46.46 -3.90 -52.34
N ASN OA 139 -47.61 -3.24 -52.32
CA ASN OA 139 -48.88 -3.95 -52.16
C ASN OA 139 -49.93 -3.36 -53.09
N PRO OA 140 -50.53 -4.18 -53.98
CA PRO OA 140 -51.61 -3.68 -54.84
C PRO OA 140 -52.86 -3.31 -54.07
N GLU OA 141 -53.40 -4.24 -53.30
CA GLU OA 141 -54.43 -3.91 -52.34
C GLU OA 141 -53.78 -3.31 -51.10
N THR OA 142 -54.47 -2.35 -50.47
CA THR OA 142 -54.03 -1.63 -49.28
C THR OA 142 -52.70 -0.93 -49.58
N LYS OA 143 -52.75 0.18 -50.32
CA LYS OA 143 -51.60 0.78 -50.96
C LYS OA 143 -50.58 1.29 -49.96
N LYS OA 144 -49.61 0.45 -49.62
CA LYS OA 144 -48.56 0.75 -48.67
C LYS OA 144 -47.22 0.31 -49.24
N THR OA 145 -46.15 0.72 -48.58
CA THR OA 145 -44.79 0.44 -49.05
C THR OA 145 -43.86 0.47 -47.84
N ARG OA 146 -43.03 -0.56 -47.67
CA ARG OA 146 -42.05 -0.55 -46.60
C ARG OA 146 -40.81 0.20 -47.05
N VAL OA 147 -40.27 1.03 -46.19
CA VAL OA 147 -39.01 1.71 -46.46
C VAL OA 147 -38.05 1.46 -45.30
N LYS OA 148 -36.82 1.11 -45.65
CA LYS OA 148 -35.74 0.96 -44.69
C LYS OA 148 -35.05 2.32 -44.57
N LEU OA 149 -35.13 2.89 -43.39
CA LEU OA 149 -34.61 4.21 -43.06
C LEU OA 149 -33.13 4.12 -42.70
N PRO OA 150 -32.39 5.24 -42.69
CA PRO OA 150 -30.96 5.17 -42.34
C PRO OA 150 -30.66 4.74 -40.91
N SER OA 151 -31.65 4.73 -40.00
CA SER OA 151 -31.42 4.18 -38.67
C SER OA 151 -31.59 2.67 -38.64
N GLY OA 152 -32.02 2.06 -39.73
CA GLY OA 152 -32.29 0.64 -39.78
C GLY OA 152 -33.74 0.27 -39.54
N SER OA 153 -34.58 1.24 -39.20
CA SER OA 153 -35.98 0.96 -38.94
C SER OA 153 -36.74 0.79 -40.26
N LYS OA 154 -37.66 -0.16 -40.28
CA LYS OA 154 -38.51 -0.41 -41.43
C LYS OA 154 -39.89 0.16 -41.16
N LYS OA 155 -40.24 1.23 -41.88
CA LYS OA 155 -41.49 1.94 -41.67
C LYS OA 155 -42.43 1.67 -42.85
N VAL OA 156 -43.68 1.35 -42.54
CA VAL OA 156 -44.71 1.20 -43.56
C VAL OA 156 -45.35 2.56 -43.82
N ILE OA 157 -45.25 3.03 -45.06
CA ILE OA 157 -45.79 4.34 -45.44
C ILE OA 157 -46.77 4.15 -46.57
N SER OA 158 -47.37 5.24 -47.04
CA SER OA 158 -48.31 5.17 -48.13
C SER OA 158 -47.58 4.95 -49.45
N SER OA 159 -48.35 4.64 -50.50
CA SER OA 159 -47.79 4.37 -51.82
C SER OA 159 -47.91 5.54 -52.77
N ALA OA 160 -48.45 6.68 -52.32
CA ALA OA 160 -48.64 7.83 -53.19
C ALA OA 160 -47.63 8.94 -52.94
N ASN OA 161 -46.87 8.88 -51.84
CA ASN OA 161 -45.92 9.93 -51.54
C ASN OA 161 -44.67 9.80 -52.42
N ARG OA 162 -44.00 10.93 -52.60
CA ARG OA 162 -42.94 11.06 -53.60
C ARG OA 162 -41.56 11.01 -52.95
N ALA OA 163 -40.55 10.77 -53.79
CA ALA OA 163 -39.17 10.63 -53.33
C ALA OA 163 -38.24 10.83 -54.52
N VAL OA 164 -37.18 11.60 -54.32
CA VAL OA 164 -36.22 11.81 -55.39
C VAL OA 164 -35.25 10.63 -55.43
N VAL OA 165 -34.94 10.19 -56.65
CA VAL OA 165 -34.17 8.96 -56.84
C VAL OA 165 -32.68 9.29 -56.75
N GLY OA 166 -31.98 8.61 -55.85
CA GLY OA 166 -30.56 8.78 -55.63
C GLY OA 166 -30.27 8.96 -54.16
N VAL OA 167 -29.02 9.28 -53.87
CA VAL OA 167 -28.61 9.57 -52.51
C VAL OA 167 -28.32 11.07 -52.40
N VAL OA 168 -28.30 11.56 -51.17
CA VAL OA 168 -28.01 12.98 -50.95
C VAL OA 168 -26.52 13.22 -51.14
N ALA OA 169 -26.18 14.25 -51.91
CA ALA OA 169 -24.79 14.58 -52.17
C ALA OA 169 -24.12 15.11 -50.90
N GLY OA 170 -22.80 14.99 -50.87
CA GLY OA 170 -22.05 15.34 -49.68
C GLY OA 170 -21.81 14.19 -48.74
N GLY OA 171 -21.77 12.95 -49.24
CA GLY OA 171 -21.58 11.81 -48.38
C GLY OA 171 -20.15 11.66 -47.91
N GLY OA 172 -20.01 11.17 -46.68
CA GLY OA 172 -18.70 11.05 -46.06
C GLY OA 172 -18.26 12.27 -45.29
N ARG OA 173 -19.19 13.16 -44.94
CA ARG OA 173 -18.87 14.42 -44.27
C ARG OA 173 -18.25 14.20 -42.89
N ILE OA 174 -18.60 13.09 -42.23
CA ILE OA 174 -18.06 12.79 -40.91
C ILE OA 174 -16.80 11.95 -41.03
N ASP OA 175 -16.25 11.82 -42.25
CA ASP OA 175 -14.97 11.14 -42.39
C ASP OA 175 -13.83 11.97 -41.81
N LYS OA 176 -13.84 13.28 -42.01
CA LYS OA 176 -12.72 14.01 -41.43
C LYS OA 176 -13.04 14.38 -39.98
N PRO OA 177 -12.08 14.21 -39.07
CA PRO OA 177 -12.23 14.80 -37.74
C PRO OA 177 -12.22 16.31 -37.81
N ILE OA 178 -12.85 16.93 -36.82
CA ILE OA 178 -12.89 18.39 -36.73
C ILE OA 178 -11.49 18.93 -36.46
N LEU OA 179 -10.68 18.17 -35.71
CA LEU OA 179 -9.24 18.24 -35.52
C LEU OA 179 -8.81 19.41 -34.63
N LYS OA 180 -9.69 20.35 -34.29
CA LYS OA 180 -9.38 21.42 -33.36
C LYS OA 180 -10.68 22.04 -32.87
N ALA OA 181 -10.57 22.89 -31.85
CA ALA OA 181 -11.74 23.58 -31.33
C ALA OA 181 -12.22 24.68 -32.25
N GLY OA 182 -11.35 25.17 -33.14
CA GLY OA 182 -11.70 26.30 -33.97
C GLY OA 182 -12.75 25.96 -35.02
N ARG OA 183 -12.55 24.84 -35.72
CA ARG OA 183 -13.52 24.40 -36.71
C ARG OA 183 -14.84 23.98 -36.07
N ALA OA 184 -14.81 23.46 -34.84
CA ALA OA 184 -16.03 23.18 -34.11
C ALA OA 184 -16.76 24.45 -33.72
N TYR OA 185 -16.02 25.49 -33.31
CA TYR OA 185 -16.61 26.78 -33.02
C TYR OA 185 -17.25 27.40 -34.24
N HIS OA 186 -16.56 27.36 -35.39
CA HIS OA 186 -17.14 27.92 -36.61
C HIS OA 186 -18.34 27.11 -37.11
N LYS OA 187 -18.28 25.77 -36.97
CA LYS OA 187 -19.38 24.91 -37.37
C LYS OA 187 -20.63 25.17 -36.53
N TYR OA 188 -20.46 25.25 -35.21
CA TYR OA 188 -21.62 25.45 -34.36
C TYR OA 188 -22.10 26.90 -34.38
N LYS OA 189 -21.20 27.86 -34.65
CA LYS OA 189 -21.63 29.23 -34.86
C LYS OA 189 -22.43 29.36 -36.15
N ALA OA 190 -22.09 28.55 -37.15
CA ALA OA 190 -22.91 28.52 -38.36
C ALA OA 190 -24.25 27.83 -38.11
N LYS OA 191 -24.28 26.78 -37.29
CA LYS OA 191 -25.54 26.05 -37.12
C LYS OA 191 -26.48 26.74 -36.13
N ARG OA 192 -26.12 26.75 -34.84
CA ARG OA 192 -26.96 27.25 -33.75
C ARG OA 192 -26.18 27.15 -32.46
N ASN OA 193 -26.58 27.94 -31.47
CA ASN OA 193 -25.91 27.94 -30.17
C ASN OA 193 -26.31 26.66 -29.43
N CYS OA 194 -25.60 25.58 -29.74
CA CYS OA 194 -25.79 24.30 -29.07
C CYS OA 194 -24.51 23.85 -28.36
N TRP OA 195 -23.49 24.70 -28.30
CA TRP OA 195 -22.18 24.34 -27.75
C TRP OA 195 -21.76 25.16 -26.52
N PRO OA 196 -22.59 25.21 -25.42
CA PRO OA 196 -21.96 25.38 -24.10
C PRO OA 196 -21.75 24.05 -23.40
N ARG OA 197 -21.08 23.10 -24.05
CA ARG OA 197 -21.04 21.73 -23.53
C ARG OA 197 -20.11 21.63 -22.34
N VAL OA 198 -20.68 21.71 -21.14
CA VAL OA 198 -19.95 21.61 -19.89
C VAL OA 198 -20.37 20.32 -19.21
N ARG OA 199 -19.41 19.62 -18.59
CA ARG OA 199 -19.69 18.36 -17.93
C ARG OA 199 -20.58 18.56 -16.70
N GLY OA 200 -21.63 17.74 -16.62
CA GLY OA 200 -22.59 17.81 -15.54
C GLY OA 200 -22.02 17.45 -14.18
N VAL OA 201 -20.96 16.65 -14.16
CA VAL OA 201 -20.29 16.38 -12.89
C VAL OA 201 -19.41 17.57 -12.51
N ALA OA 202 -18.83 18.24 -13.51
CA ALA OA 202 -17.95 19.38 -13.23
C ALA OA 202 -18.75 20.59 -12.76
N MET OA 203 -20.01 20.72 -13.17
CA MET OA 203 -20.78 21.87 -12.72
C MET OA 203 -21.39 21.61 -11.33
N ASN OA 204 -22.14 22.59 -10.83
CA ASN OA 204 -22.54 22.69 -9.43
C ASN OA 204 -23.65 21.70 -9.07
N PRO OA 205 -23.81 21.39 -7.77
CA PRO OA 205 -24.95 20.55 -7.36
C PRO OA 205 -26.30 21.22 -7.54
N VAL OA 206 -26.38 22.54 -7.35
CA VAL OA 206 -27.65 23.24 -7.43
C VAL OA 206 -28.07 23.53 -8.85
N GLU OA 207 -27.26 23.15 -9.83
CA GLU OA 207 -27.53 23.42 -11.22
C GLU OA 207 -27.59 22.15 -12.07
N HIS OA 208 -27.29 20.99 -11.49
CA HIS OA 208 -27.29 19.73 -12.21
C HIS OA 208 -27.44 18.62 -11.18
N PRO OA 209 -28.16 17.55 -11.48
CA PRO OA 209 -28.35 16.50 -10.46
C PRO OA 209 -27.11 15.66 -10.16
N PHE OA 210 -26.05 15.76 -10.97
CA PHE OA 210 -24.90 14.89 -10.79
C PHE OA 210 -23.72 15.55 -10.08
N GLY OA 211 -23.50 16.84 -10.30
CA GLY OA 211 -22.25 17.45 -9.89
C GLY OA 211 -22.15 17.71 -8.40
N GLY OA 212 -20.90 17.84 -7.94
CA GLY OA 212 -20.59 18.20 -6.58
C GLY OA 212 -19.66 17.20 -5.94
N GLY OA 213 -19.49 17.34 -4.63
CA GLY OA 213 -18.61 16.46 -3.88
C GLY OA 213 -17.15 16.84 -3.99
N ASN OA 214 -16.34 16.22 -3.13
CA ASN OA 214 -14.91 16.48 -3.16
C ASN OA 214 -14.24 15.84 -4.36
N HIS OA 215 -14.81 14.76 -4.87
CA HIS OA 215 -14.32 14.10 -6.07
C HIS OA 215 -15.34 14.27 -7.19
N GLN OA 216 -14.84 14.32 -8.42
CA GLN OA 216 -15.74 14.37 -9.59
C GLN OA 216 -16.29 12.98 -9.83
N HIS OA 217 -17.36 12.65 -9.12
CA HIS OA 217 -18.08 11.40 -9.31
C HIS OA 217 -19.55 11.70 -9.53
N ILE OA 218 -20.23 10.78 -10.22
CA ILE OA 218 -21.64 10.97 -10.51
C ILE OA 218 -22.48 10.74 -9.26
N GLY OA 219 -22.24 9.63 -8.57
CA GLY OA 219 -22.90 9.33 -7.32
C GLY OA 219 -24.25 8.65 -7.45
N LYS OA 220 -25.00 8.96 -8.51
CA LYS OA 220 -26.31 8.42 -8.75
C LYS OA 220 -26.31 7.64 -10.07
N PRO OA 221 -27.19 6.64 -10.21
CA PRO OA 221 -27.27 5.92 -11.50
C PRO OA 221 -27.74 6.82 -12.61
N SER OA 222 -26.94 6.90 -13.68
CA SER OA 222 -27.23 7.81 -14.77
C SER OA 222 -28.40 7.35 -15.63
N THR OA 223 -28.75 6.06 -15.59
CA THR OA 223 -29.90 5.55 -16.32
C THR OA 223 -31.16 6.05 -15.63
N ILE OA 224 -31.78 7.08 -16.18
CA ILE OA 224 -32.95 7.72 -15.59
C ILE OA 224 -34.12 7.51 -16.54
N ARG OA 225 -35.26 7.09 -15.99
CA ARG OA 225 -36.40 6.59 -16.75
C ARG OA 225 -37.08 7.70 -17.54
N ARG OA 226 -37.98 7.28 -18.43
CA ARG OA 226 -38.73 8.22 -19.25
C ARG OA 226 -39.83 8.92 -18.44
N ASP OA 227 -40.28 8.32 -17.34
CA ASP OA 227 -41.28 8.94 -16.47
C ASP OA 227 -40.71 9.96 -15.50
N ALA OA 228 -39.45 10.36 -15.69
CA ALA OA 228 -38.83 11.35 -14.83
C ALA OA 228 -39.41 12.74 -15.11
N PRO OA 229 -39.40 13.64 -14.13
CA PRO OA 229 -39.85 15.01 -14.38
C PRO OA 229 -38.83 15.80 -15.18
N ALA OA 230 -39.23 17.02 -15.55
CA ALA OA 230 -38.35 17.91 -16.29
C ALA OA 230 -37.24 18.42 -15.38
N GLY OA 231 -36.00 18.34 -15.85
CA GLY OA 231 -34.84 18.67 -15.05
C GLY OA 231 -34.20 17.48 -14.38
N ARG OA 232 -34.89 16.34 -14.33
CA ARG OA 232 -34.35 15.11 -13.80
C ARG OA 232 -33.65 14.28 -14.88
N LYS OA 233 -34.13 14.36 -16.12
CA LYS OA 233 -33.62 13.52 -17.22
C LYS OA 233 -32.26 14.04 -17.65
N VAL OA 234 -31.24 13.63 -16.91
CA VAL OA 234 -29.86 13.91 -17.28
C VAL OA 234 -29.13 12.60 -17.46
N GLY OA 235 -28.10 12.62 -18.29
CA GLY OA 235 -27.36 11.40 -18.57
C GLY OA 235 -28.14 10.49 -19.50
N LEU OA 236 -28.18 9.22 -19.18
CA LEU OA 236 -28.85 8.23 -20.01
C LEU OA 236 -30.36 8.28 -19.77
N ILE OA 237 -31.12 8.48 -20.84
CA ILE OA 237 -32.57 8.62 -20.76
C ILE OA 237 -33.20 7.34 -21.28
N ALA OA 238 -33.84 6.59 -20.37
CA ALA OA 238 -34.58 5.35 -20.66
C ALA OA 238 -33.69 4.30 -21.36
N ALA OA 239 -32.48 4.13 -20.84
CA ALA OA 239 -31.51 3.25 -21.46
C ALA OA 239 -31.89 1.79 -21.23
N ARG OA 240 -32.20 1.09 -22.31
CA ARG OA 240 -32.50 -0.34 -22.21
C ARG OA 240 -31.25 -1.17 -21.95
N ARG OA 241 -30.08 -0.64 -22.28
CA ARG OA 241 -28.82 -1.29 -21.99
C ARG OA 241 -27.74 -0.22 -21.91
N THR OA 242 -26.52 -0.64 -21.61
CA THR OA 242 -25.40 0.27 -21.57
C THR OA 242 -24.12 -0.52 -21.84
N GLY OA 243 -23.02 0.20 -21.99
CA GLY OA 243 -21.75 -0.44 -22.27
C GLY OA 243 -21.51 -0.65 -23.74
N ARG OA 244 -20.50 -1.48 -24.03
CA ARG OA 244 -20.11 -1.75 -25.40
C ARG OA 244 -21.15 -2.62 -26.09
N LEU OA 245 -21.34 -2.37 -27.38
CA LEU OA 245 -22.36 -3.09 -28.16
C LEU OA 245 -21.98 -4.54 -28.38
N ARG OA 246 -22.99 -5.33 -28.77
CA ARG OA 246 -22.83 -6.73 -29.12
C ARG OA 246 -23.87 -7.06 -30.18
N GLY OA 247 -23.42 -7.32 -31.39
CA GLY OA 247 -24.33 -7.42 -32.52
C GLY OA 247 -24.50 -6.08 -33.20
N THR OA 248 -25.51 -6.02 -34.07
CA THR OA 248 -25.79 -4.76 -34.78
C THR OA 248 -26.86 -3.94 -34.06
N LYS OA 249 -28.08 -4.45 -34.01
CA LYS OA 249 -29.12 -3.80 -33.21
C LYS OA 249 -29.89 -4.77 -32.33
N THR OA 250 -30.22 -5.96 -32.86
CA THR OA 250 -31.04 -7.00 -32.22
C THR OA 250 -32.37 -6.41 -31.70
N VAL OA 251 -33.03 -5.63 -32.56
CA VAL OA 251 -34.32 -5.00 -32.25
C VAL OA 251 -35.21 -5.16 -33.46
N GLN OA 252 -36.35 -5.82 -33.29
CA GLN OA 252 -37.34 -5.94 -34.36
C GLN OA 252 -38.15 -4.67 -34.52
N SER PA 1 11.28 32.91 24.11
CA SER PA 1 12.63 33.18 24.60
C SER PA 1 13.58 32.09 24.15
N HIS PA 2 14.62 31.85 24.97
CA HIS PA 2 15.76 30.96 24.71
C HIS PA 2 16.31 31.17 23.28
N ARG PA 3 16.91 32.36 23.11
CA ARG PA 3 17.27 32.96 21.83
C ARG PA 3 18.05 32.06 20.88
N LYS PA 4 18.73 31.03 21.41
CA LYS PA 4 19.27 29.85 20.70
C LYS PA 4 20.51 30.18 19.87
N PHE PA 5 20.81 31.47 19.72
CA PHE PA 5 22.06 31.94 19.11
C PHE PA 5 22.44 33.20 19.88
N SER PA 6 23.22 33.03 20.93
CA SER PA 6 23.63 34.17 21.74
C SER PA 6 24.69 34.97 21.00
N ALA PA 7 24.49 36.27 20.91
CA ALA PA 7 25.39 37.15 20.18
C ALA PA 7 26.01 38.18 21.12
N PRO PA 8 27.23 38.63 20.86
CA PRO PA 8 27.79 39.73 21.65
C PRO PA 8 27.05 41.02 21.35
N ARG PA 9 26.84 41.81 22.38
CA ARG PA 9 25.98 42.98 22.28
C ARG PA 9 26.69 44.12 21.54
N HIS PA 10 25.95 44.79 20.67
CA HIS PA 10 26.47 45.96 19.98
C HIS PA 10 26.53 47.16 20.92
N GLY PA 11 27.55 48.00 20.73
CA GLY PA 11 27.71 49.19 21.53
C GLY PA 11 28.29 48.90 22.90
N SER PA 12 28.42 49.97 23.69
CA SER PA 12 28.97 49.90 25.03
C SER PA 12 28.07 50.68 25.99
N LEU PA 13 27.85 50.12 27.18
CA LEU PA 13 27.06 50.82 28.18
C LEU PA 13 27.82 51.99 28.78
N GLY PA 14 29.17 51.93 28.76
CA GLY PA 14 29.96 52.97 29.38
C GLY PA 14 29.98 54.27 28.61
N PHE PA 15 29.71 54.23 27.30
CA PHE PA 15 29.72 55.42 26.46
C PHE PA 15 28.32 55.85 26.07
N LEU PA 16 27.31 55.44 26.85
CA LEU PA 16 25.90 55.56 26.50
C LEU PA 16 25.33 56.99 26.47
N PRO PA 17 25.66 57.92 27.41
CA PRO PA 17 25.14 59.29 27.21
C PRO PA 17 25.81 60.01 26.06
N ARG PA 18 25.34 59.75 24.84
CA ARG PA 18 25.94 60.27 23.62
C ARG PA 18 25.45 61.66 23.27
N LYS PA 19 25.49 62.55 24.25
CA LYS PA 19 25.16 63.95 24.09
C LYS PA 19 26.34 64.69 23.48
N ARG PA 20 26.05 65.76 22.75
CA ARG PA 20 27.09 66.70 22.37
C ARG PA 20 27.72 67.29 23.62
N SER PA 21 29.05 67.35 23.64
CA SER PA 21 29.74 67.99 24.75
C SER PA 21 29.49 69.49 24.71
N SER PA 22 29.25 70.07 25.89
CA SER PA 22 29.08 71.52 25.99
C SER PA 22 30.36 72.28 25.71
N ARG PA 23 31.51 71.64 25.79
CA ARG PA 23 32.79 72.23 25.46
C ARG PA 23 33.34 71.58 24.19
N HIS PA 24 34.17 72.33 23.47
CA HIS PA 24 34.85 71.83 22.28
C HIS PA 24 36.33 71.60 22.51
N ARG PA 25 36.94 72.36 23.40
CA ARG PA 25 38.25 72.05 23.93
C ARG PA 25 38.12 70.89 24.90
N GLY PA 26 38.73 69.76 24.56
CA GLY PA 26 38.62 68.57 25.39
C GLY PA 26 39.31 68.70 26.74
N LYS PA 27 38.54 68.83 27.80
CA LYS PA 27 39.13 69.07 29.11
C LYS PA 27 39.68 67.78 29.69
N VAL PA 28 40.52 67.93 30.71
CA VAL PA 28 41.18 66.81 31.37
C VAL PA 28 40.34 66.40 32.56
N LYS PA 29 39.91 65.14 32.57
CA LYS PA 29 39.12 64.64 33.69
C LYS PA 29 39.97 64.38 34.92
N SER PA 30 41.17 63.83 34.73
CA SER PA 30 42.01 63.47 35.86
C SER PA 30 43.47 63.57 35.46
N PHE PA 31 44.24 64.28 36.26
CA PHE PA 31 45.69 64.40 36.15
C PHE PA 31 46.36 63.32 36.97
N PRO PA 32 47.59 62.94 36.64
CA PRO PA 32 48.31 61.96 37.47
C PRO PA 32 48.67 62.52 38.83
N LYS PA 33 48.88 61.59 39.78
CA LYS PA 33 49.15 61.96 41.15
C LYS PA 33 50.55 62.55 41.30
N ASP PA 34 50.74 63.28 42.38
CA ASP PA 34 51.98 64.02 42.63
C ASP PA 34 52.75 63.46 43.81
N ASP PA 35 54.02 63.83 43.88
CA ASP PA 35 54.92 63.41 44.96
C ASP PA 35 56.08 64.39 45.02
N PRO PA 36 56.66 64.62 46.21
CA PRO PA 36 57.80 65.55 46.30
C PRO PA 36 59.10 64.97 45.78
N SER PA 37 59.15 63.68 45.44
CA SER PA 37 60.39 63.10 44.94
C SER PA 37 60.65 63.54 43.50
N LYS PA 38 59.61 63.65 42.69
CA LYS PA 38 59.75 64.04 41.30
C LYS PA 38 59.98 65.54 41.16
N PRO PA 39 60.76 65.97 40.17
CA PRO PA 39 60.97 67.42 39.98
C PRO PA 39 59.73 68.08 39.40
N VAL PA 40 59.77 69.41 39.40
CA VAL PA 40 58.62 70.22 39.05
C VAL PA 40 58.47 70.27 37.53
N HIS PA 41 57.27 69.93 37.06
CA HIS PA 41 56.99 69.92 35.62
C HIS PA 41 55.50 70.15 35.41
N LEU PA 42 55.11 70.23 34.14
CA LEU PA 42 53.71 70.34 33.74
C LEU PA 42 53.23 68.99 33.23
N THR PA 43 51.92 68.90 32.96
CA THR PA 43 51.32 67.65 32.52
C THR PA 43 50.63 67.73 31.18
N ALA PA 44 49.85 68.78 30.92
CA ALA PA 44 48.97 68.84 29.75
C ALA PA 44 49.30 70.06 28.91
N PHE PA 45 49.44 69.85 27.60
CA PHE PA 45 49.65 70.91 26.62
C PHE PA 45 48.50 70.92 25.63
N LEU PA 46 48.48 71.96 24.79
CA LEU PA 46 47.50 72.07 23.71
C LEU PA 46 48.18 71.84 22.37
N GLY PA 47 47.36 71.49 21.38
CA GLY PA 47 47.85 71.22 20.05
C GLY PA 47 46.72 71.25 19.03
N TYR PA 48 47.10 71.10 17.77
CA TYR PA 48 46.15 71.12 16.67
C TYR PA 48 46.55 70.05 15.66
N LYS PA 49 45.59 69.20 15.30
CA LYS PA 49 45.86 68.11 14.37
C LYS PA 49 46.06 68.65 12.97
N ALA PA 50 47.27 68.47 12.42
CA ALA PA 50 47.62 69.02 11.12
C ALA PA 50 47.47 68.02 9.98
N GLY PA 51 47.95 66.80 10.16
CA GLY PA 51 47.87 65.81 9.11
C GLY PA 51 48.50 64.51 9.55
N MET PA 52 48.55 63.56 8.61
CA MET PA 52 49.11 62.25 8.86
C MET PA 52 50.13 61.92 7.77
N THR PA 53 51.19 61.21 8.16
CA THR PA 53 52.26 60.80 7.24
C THR PA 53 52.66 59.36 7.54
N HIS PA 54 53.61 58.84 6.78
CA HIS PA 54 54.23 57.56 7.09
C HIS PA 54 55.55 57.76 7.83
N ILE PA 55 56.02 56.69 8.46
CA ILE PA 55 57.37 56.61 8.99
C ILE PA 55 57.92 55.23 8.65
N VAL PA 56 59.05 55.19 7.95
CA VAL PA 56 59.83 53.96 7.86
C VAL PA 56 60.70 53.86 9.11
N ARG PA 57 60.43 52.86 9.94
CA ARG PA 57 61.02 52.80 11.28
C ARG PA 57 61.74 51.48 11.48
N GLU PA 58 62.97 51.56 11.97
CA GLU PA 58 63.70 50.39 12.43
C GLU PA 58 63.16 49.97 13.79
N VAL PA 59 62.92 48.67 13.96
CA VAL PA 59 62.31 48.13 15.17
C VAL PA 59 63.34 47.32 15.93
N ASP PA 60 63.73 47.81 17.11
CA ASP PA 60 64.64 47.09 17.99
C ASP PA 60 63.85 46.37 19.08
N ARG PA 61 63.08 45.39 18.65
CA ARG PA 61 62.28 44.55 19.55
C ARG PA 61 62.62 43.09 19.30
N PRO PA 62 63.33 42.43 20.19
CA PRO PA 62 63.79 41.06 19.92
C PRO PA 62 62.67 40.04 20.04
N GLY PA 63 62.90 38.90 19.39
CA GLY PA 63 61.95 37.80 19.42
C GLY PA 63 60.70 38.03 18.59
N SER PA 64 60.86 38.45 17.34
CA SER PA 64 59.73 38.74 16.49
C SER PA 64 60.15 38.65 15.03
N LYS PA 65 59.15 38.53 14.15
CA LYS PA 65 59.36 38.68 12.73
C LYS PA 65 59.59 40.15 12.36
N VAL PA 66 59.11 41.06 13.21
CA VAL PA 66 59.25 42.50 12.98
C VAL PA 66 60.70 42.95 13.10
N ASN PA 67 61.50 42.21 13.87
CA ASN PA 67 62.85 42.64 14.26
C ASN PA 67 63.79 42.72 13.06
N LYS PA 68 64.67 43.74 13.10
CA LYS PA 68 65.71 43.99 12.10
C LYS PA 68 65.14 44.21 10.69
N LYS PA 69 63.92 44.74 10.62
CA LYS PA 69 63.28 45.03 9.34
C LYS PA 69 62.56 46.36 9.43
N GLU PA 70 62.34 46.98 8.27
CA GLU PA 70 61.68 48.28 8.21
C GLU PA 70 60.17 48.12 8.28
N VAL PA 71 59.52 49.01 9.02
CA VAL PA 71 58.08 48.97 9.25
C VAL PA 71 57.51 50.34 8.92
N VAL PA 72 56.50 50.37 8.05
CA VAL PA 72 55.83 51.60 7.67
C VAL PA 72 54.55 51.73 8.48
N GLU PA 73 54.37 52.88 9.14
CA GLU PA 73 53.31 53.08 10.11
C GLU PA 73 52.52 54.35 9.80
N ALA PA 74 51.25 54.36 10.21
CA ALA PA 74 50.37 55.52 10.05
C ALA PA 74 50.58 56.45 11.24
N VAL PA 75 51.12 57.64 10.98
CA VAL PA 75 51.62 58.52 12.03
C VAL PA 75 51.07 59.94 11.82
N THR PA 76 50.45 60.50 12.86
CA THR PA 76 49.86 61.83 12.83
C THR PA 76 50.87 62.91 13.22
N ILE PA 77 50.56 64.14 12.85
CA ILE PA 77 51.35 65.32 13.18
C ILE PA 77 50.44 66.33 13.87
N VAL PA 78 50.86 66.82 15.03
CA VAL PA 78 50.10 67.80 15.81
C VAL PA 78 50.97 69.03 16.01
N GLU PA 79 50.56 70.15 15.43
CA GLU PA 79 51.26 71.41 15.64
C GLU PA 79 50.97 71.93 17.03
N THR PA 80 52.03 72.21 17.79
CA THR PA 80 51.92 72.66 19.18
C THR PA 80 52.72 73.94 19.37
N PRO PA 81 52.07 75.11 19.34
CA PRO PA 81 52.77 76.35 19.69
C PRO PA 81 53.06 76.40 21.18
N PRO PA 82 54.05 77.21 21.60
CA PRO PA 82 54.36 77.27 23.04
C PRO PA 82 53.28 77.95 23.84
N MET PA 83 53.20 77.58 25.11
CA MET PA 83 52.09 77.96 25.98
C MET PA 83 52.48 79.12 26.87
N VAL PA 84 51.77 80.24 26.75
CA VAL PA 84 52.08 81.45 27.51
C VAL PA 84 51.34 81.38 28.84
N VAL PA 85 52.10 81.36 29.94
CA VAL PA 85 51.52 81.22 31.28
C VAL PA 85 50.82 82.51 31.69
N VAL PA 86 49.57 82.38 32.15
CA VAL PA 86 48.77 83.54 32.54
C VAL PA 86 48.32 83.45 34.00
N GLY PA 87 47.75 82.30 34.40
CA GLY PA 87 47.10 82.27 35.69
C GLY PA 87 47.50 81.16 36.65
N ILE PA 88 47.24 81.37 37.93
CA ILE PA 88 47.50 80.40 38.99
C ILE PA 88 46.20 80.16 39.74
N VAL PA 89 45.80 78.89 39.86
CA VAL PA 89 44.57 78.51 40.55
C VAL PA 89 44.94 77.52 41.65
N GLY PA 90 44.47 77.78 42.87
CA GLY PA 90 44.66 76.86 43.97
C GLY PA 90 43.40 76.10 44.32
N TYR PA 91 43.58 74.91 44.89
CA TYR PA 91 42.45 74.06 45.23
C TYR PA 91 42.55 73.62 46.68
N VAL PA 92 41.39 73.54 47.33
CA VAL PA 92 41.25 73.14 48.72
C VAL PA 92 40.51 71.82 48.76
N GLU PA 93 41.05 70.84 49.50
CA GLU PA 93 40.39 69.57 49.72
C GLU PA 93 39.17 69.73 50.61
N THR PA 94 37.97 69.56 50.04
CA THR PA 94 36.71 69.61 50.74
C THR PA 94 36.18 68.19 50.91
N PRO PA 95 35.30 67.94 51.90
CA PRO PA 95 34.65 66.63 51.98
C PRO PA 95 33.56 66.40 50.93
N ARG PA 96 33.45 67.29 49.95
CA ARG PA 96 32.72 67.04 48.73
C ARG PA 96 33.62 67.00 47.49
N GLY PA 97 34.91 67.24 47.65
CA GLY PA 97 35.82 67.18 46.51
C GLY PA 97 36.95 68.18 46.55
N LEU PA 98 37.07 69.00 45.51
CA LEU PA 98 38.05 70.06 45.46
C LEU PA 98 37.37 71.38 45.13
N ARG PA 99 37.78 72.45 45.81
CA ARG PA 99 37.17 73.76 45.64
C ARG PA 99 38.22 74.77 45.20
N THR PA 100 37.86 75.61 44.24
CA THR PA 100 38.73 76.70 43.79
C THR PA 100 38.86 77.72 44.92
N PHE PA 101 40.08 77.93 45.39
CA PHE PA 101 40.30 78.86 46.50
C PHE PA 101 40.30 80.30 46.02
N LYS PA 102 41.26 80.66 45.16
CA LYS PA 102 41.27 81.94 44.46
C LYS PA 102 42.16 81.83 43.23
N THR PA 103 41.85 82.64 42.23
CA THR PA 103 42.56 82.64 40.96
C THR PA 103 43.32 83.95 40.81
N VAL PA 104 44.63 83.86 40.53
CA VAL PA 104 45.47 85.04 40.32
C VAL PA 104 45.89 85.06 38.86
N PHE PA 105 45.52 86.11 38.14
CA PHE PA 105 45.89 86.27 36.75
C PHE PA 105 47.05 87.25 36.62
N ALA PA 106 47.80 87.10 35.53
CA ALA PA 106 48.97 87.92 35.33
C ALA PA 106 48.60 89.33 34.87
N GLU PA 107 49.62 90.17 34.73
CA GLU PA 107 49.41 91.56 34.35
C GLU PA 107 49.31 91.76 32.84
N HIS PA 108 50.24 91.19 32.08
CA HIS PA 108 50.24 91.34 30.63
C HIS PA 108 49.38 90.23 30.03
N ILE PA 109 48.09 90.49 29.92
CA ILE PA 109 47.13 89.54 29.36
C ILE PA 109 46.96 89.86 27.87
N SER PA 110 47.09 88.84 27.03
CA SER PA 110 47.13 89.05 25.59
C SER PA 110 45.74 89.34 25.03
N ASP PA 111 45.74 89.95 23.85
CA ASP PA 111 44.50 90.22 23.13
C ASP PA 111 43.81 88.95 22.67
N GLU PA 112 44.55 87.86 22.49
CA GLU PA 112 43.92 86.58 22.19
C GLU PA 112 43.14 86.05 23.39
N CYS PA 113 43.68 86.23 24.60
CA CYS PA 113 42.92 85.90 25.80
C CYS PA 113 41.72 86.82 25.97
N LYS PA 114 41.86 88.10 25.62
CA LYS PA 114 40.71 88.99 25.68
C LYS PA 114 39.62 88.61 24.67
N ARG PA 115 40.03 88.15 23.49
CA ARG PA 115 39.07 87.60 22.53
C ARG PA 115 38.45 86.30 23.02
N ARG PA 116 39.16 85.53 23.85
CA ARG PA 116 38.54 84.37 24.47
C ARG PA 116 37.48 84.79 25.49
N PHE PA 117 37.79 85.80 26.31
CA PHE PA 117 36.83 86.21 27.34
C PHE PA 117 35.62 86.90 26.74
N TYR PA 118 35.76 87.63 25.64
CA TYR PA 118 34.60 88.25 25.02
C TYR PA 118 33.97 87.34 23.97
N LYS PA 119 32.73 87.63 23.62
CA LYS PA 119 32.04 86.91 22.54
C LYS PA 119 32.17 87.66 21.21
N ASN PA 120 31.69 88.90 21.16
CA ASN PA 120 31.77 89.73 19.96
C ASN PA 120 32.92 90.72 20.17
N TRP PA 121 34.07 90.44 19.56
CA TRP PA 121 35.21 91.31 19.70
C TRP PA 121 35.04 92.63 18.95
N HIS PA 122 34.20 92.65 17.92
CA HIS PA 122 33.87 93.91 17.26
C HIS PA 122 33.02 94.79 18.16
N LYS PA 123 31.98 94.23 18.77
CA LYS PA 123 31.08 95.01 19.60
C LYS PA 123 31.66 95.33 20.97
N SER PA 124 32.67 94.58 21.42
CA SER PA 124 33.28 94.82 22.72
C SER PA 124 34.18 96.05 22.65
N LYS PA 125 34.17 96.83 23.73
CA LYS PA 125 34.95 98.05 23.81
C LYS PA 125 36.37 97.82 24.32
N LYS PA 126 36.76 96.56 24.51
CA LYS PA 126 38.08 96.13 25.01
C LYS PA 126 38.36 96.77 26.38
N LYS PA 127 37.52 96.37 27.34
CA LYS PA 127 37.57 96.94 28.68
C LYS PA 127 37.92 95.92 29.75
N ALA PA 128 38.32 94.72 29.37
CA ALA PA 128 38.59 93.68 30.36
C ALA PA 128 39.89 93.96 31.11
N PHE PA 129 39.89 93.61 32.40
CA PHE PA 129 41.06 93.60 33.28
C PHE PA 129 41.71 94.98 33.45
N THR PA 130 40.97 96.06 33.23
CA THR PA 130 41.55 97.39 33.39
C THR PA 130 41.83 97.71 34.85
N LYS PA 131 40.83 97.52 35.72
CA LYS PA 131 41.04 97.72 37.15
C LYS PA 131 41.96 96.66 37.75
N TYR PA 132 41.99 95.46 37.16
CA TYR PA 132 42.85 94.40 37.67
C TYR PA 132 44.32 94.70 37.35
N CYS PA 133 44.60 95.21 36.15
CA CYS PA 133 45.94 95.67 35.83
C CYS PA 133 46.30 96.93 36.61
N LYS PA 134 45.31 97.76 36.93
CA LYS PA 134 45.57 98.91 37.80
C LYS PA 134 45.95 98.47 39.21
N LYS PA 135 45.32 97.41 39.72
CA LYS PA 135 45.70 96.83 41.00
C LYS PA 135 47.09 96.21 40.95
N TRP PA 136 47.45 95.56 39.84
CA TRP PA 136 48.83 95.10 39.68
C TRP PA 136 49.84 96.24 39.58
N GLN PA 137 49.46 97.37 38.99
CA GLN PA 137 50.36 98.50 38.83
C GLN PA 137 50.56 99.29 40.13
N ASP PA 138 49.51 99.43 40.93
CA ASP PA 138 49.58 100.21 42.15
C ASP PA 138 50.46 99.53 43.20
N GLU PA 139 51.24 100.35 43.92
CA GLU PA 139 52.14 99.81 44.95
C GLU PA 139 51.36 99.40 46.19
N ASP PA 140 50.33 100.16 46.55
CA ASP PA 140 49.54 99.84 47.74
C ASP PA 140 48.69 98.59 47.53
N GLY PA 141 48.33 98.29 46.28
CA GLY PA 141 47.61 97.07 46.00
C GLY PA 141 48.46 95.81 46.05
N LYS PA 142 49.78 95.96 45.96
CA LYS PA 142 50.66 94.81 46.03
C LYS PA 142 50.71 94.22 47.43
N LYS PA 143 50.55 95.06 48.46
CA LYS PA 143 50.52 94.56 49.84
C LYS PA 143 49.27 93.74 50.10
N GLN PA 144 48.17 94.04 49.41
CA GLN PA 144 46.98 93.22 49.45
C GLN PA 144 46.98 92.10 48.43
N LEU PA 145 48.02 92.03 47.60
CA LEU PA 145 48.15 90.97 46.60
C LEU PA 145 49.20 89.93 46.98
N GLU PA 146 50.27 90.32 47.66
CA GLU PA 146 51.27 89.35 48.09
C GLU PA 146 50.79 88.51 49.27
N LYS PA 147 49.77 88.97 49.98
CA LYS PA 147 49.17 88.15 51.04
C LYS PA 147 48.36 87.00 50.46
N ASP PA 148 47.88 87.16 49.22
CA ASP PA 148 47.12 86.09 48.57
C ASP PA 148 48.00 84.90 48.22
N PHE PA 149 49.28 85.14 47.93
CA PHE PA 149 50.20 84.03 47.70
C PHE PA 149 50.64 83.38 48.99
N SER PA 150 50.73 84.14 50.09
CA SER PA 150 51.05 83.56 51.38
C SER PA 150 49.92 82.69 51.89
N SER PA 151 48.68 83.06 51.60
CA SER PA 151 47.56 82.17 51.88
C SER PA 151 47.50 81.02 50.88
N MET PA 152 48.05 81.21 49.69
CA MET PA 152 48.10 80.12 48.73
C MET PA 152 49.11 79.06 49.14
N LYS PA 153 50.20 79.48 49.81
CA LYS PA 153 51.20 78.52 50.29
C LYS PA 153 50.67 77.65 51.42
N LYS PA 154 49.72 78.17 52.21
CA LYS PA 154 49.33 77.54 53.46
C LYS PA 154 48.22 76.53 53.28
N TYR PA 155 47.21 76.84 52.47
CA TYR PA 155 45.98 76.07 52.48
C TYR PA 155 45.82 75.14 51.27
N CYS PA 156 46.39 75.49 50.13
CA CYS PA 156 46.15 74.72 48.92
C CYS PA 156 47.21 73.64 48.73
N GLN PA 157 46.80 72.55 48.06
CA GLN PA 157 47.71 71.50 47.66
C GLN PA 157 47.80 71.36 46.14
N VAL PA 158 46.68 71.45 45.45
CA VAL PA 158 46.63 71.35 44.00
C VAL PA 158 46.71 72.75 43.41
N ILE PA 159 47.79 73.02 42.67
CA ILE PA 159 47.98 74.29 41.98
C ILE PA 159 47.99 74.01 40.49
N ARG PA 160 47.10 74.68 39.76
CA ARG PA 160 47.01 74.53 38.31
C ARG PA 160 47.38 75.85 37.63
N VAL PA 161 47.97 75.72 36.45
CA VAL PA 161 48.51 76.85 35.71
C VAL PA 161 47.70 77.05 34.45
N ILE PA 162 47.01 78.18 34.37
CA ILE PA 162 46.26 78.54 33.18
C ILE PA 162 47.21 79.13 32.15
N ALA PA 163 47.30 78.49 30.99
CA ALA PA 163 48.10 78.96 29.86
C ALA PA 163 47.22 78.98 28.62
N HIS PA 164 47.76 79.50 27.53
CA HIS PA 164 47.01 79.59 26.29
C HIS PA 164 47.95 79.44 25.11
N THR PA 165 47.35 79.34 23.92
CA THR PA 165 48.09 79.20 22.67
C THR PA 165 48.23 80.52 21.95
N GLN PA 166 49.30 80.64 21.17
CA GLN PA 166 49.53 81.82 20.35
C GLN PA 166 48.89 81.58 18.98
N MET PA 167 47.81 82.31 18.70
CA MET PA 167 47.10 82.15 17.44
C MET PA 167 47.77 82.90 16.29
N ARG PA 168 48.74 83.77 16.58
CA ARG PA 168 49.42 84.51 15.53
C ARG PA 168 50.41 83.66 14.75
N LEU PA 169 50.91 82.57 15.34
CA LEU PA 169 51.81 81.67 14.64
C LEU PA 169 51.09 80.60 13.85
N LEU PA 170 49.80 80.51 13.97
CA LEU PA 170 49.02 79.46 13.34
C LEU PA 170 48.42 79.94 12.03
N PRO PA 171 48.20 79.04 11.07
CA PRO PA 171 47.44 79.41 9.86
C PRO PA 171 45.93 79.39 10.03
N LEU PA 172 45.43 79.34 11.27
CA LEU PA 172 44.00 79.30 11.52
C LEU PA 172 43.37 80.68 11.32
N ARG PA 173 42.05 80.72 11.47
CA ARG PA 173 41.27 81.93 11.33
C ARG PA 173 40.53 82.25 12.63
N GLN PA 174 40.69 81.41 13.65
CA GLN PA 174 39.91 81.55 14.88
C GLN PA 174 40.34 82.75 15.71
N LYS PA 175 41.66 82.93 15.89
CA LYS PA 175 42.28 84.06 16.61
C LYS PA 175 41.87 84.13 18.08
N LYS PA 176 41.31 83.07 18.66
CA LYS PA 176 41.00 82.99 20.07
C LYS PA 176 41.91 81.96 20.74
N ALA PA 177 42.43 82.31 21.90
CA ALA PA 177 43.36 81.44 22.61
C ALA PA 177 42.59 80.59 23.61
N HIS PA 178 42.86 79.29 23.61
CA HIS PA 178 42.16 78.35 24.47
C HIS PA 178 42.86 78.23 25.82
N LEU PA 179 42.11 78.36 26.91
CA LEU PA 179 42.68 78.32 28.24
C LEU PA 179 42.61 76.89 28.80
N MET PA 180 43.67 76.50 29.50
CA MET PA 180 43.77 75.17 30.09
C MET PA 180 44.47 75.24 31.43
N GLU PA 181 43.86 74.63 32.44
CA GLU PA 181 44.49 74.46 33.74
C GLU PA 181 45.40 73.25 33.69
N ILE PA 182 46.65 73.43 34.08
CA ILE PA 182 47.69 72.41 33.98
C ILE PA 182 48.19 72.14 35.39
N GLN PA 183 47.84 70.98 35.94
CA GLN PA 183 48.20 70.68 37.32
C GLN PA 183 49.69 70.39 37.44
N VAL PA 184 50.40 71.23 38.19
CA VAL PA 184 51.81 71.03 38.46
C VAL PA 184 51.94 69.90 39.48
N ASN PA 185 52.53 68.78 39.07
CA ASN PA 185 52.75 67.63 39.94
C ASN PA 185 54.16 67.59 40.49
N GLY PA 186 54.72 68.76 40.80
CA GLY PA 186 56.07 68.82 41.32
C GLY PA 186 56.18 68.53 42.80
N GLY PA 187 57.04 69.26 43.50
CA GLY PA 187 57.28 69.02 44.90
C GLY PA 187 56.28 69.68 45.82
N THR PA 188 56.77 70.35 46.85
CA THR PA 188 55.93 70.99 47.84
C THR PA 188 55.30 72.25 47.24
N VAL PA 189 54.18 72.67 47.83
CA VAL PA 189 53.37 73.80 47.38
C VAL PA 189 54.18 75.10 47.34
N ALA PA 190 55.15 75.25 48.25
CA ALA PA 190 55.96 76.46 48.29
C ALA PA 190 56.83 76.61 47.05
N GLU PA 191 57.57 75.57 46.68
CA GLU PA 191 58.38 75.69 45.47
C GLU PA 191 57.56 75.56 44.20
N LYS PA 192 56.37 74.95 44.25
CA LYS PA 192 55.48 75.01 43.09
C LYS PA 192 54.99 76.44 42.85
N LEU PA 193 54.64 77.15 43.92
CA LEU PA 193 54.25 78.55 43.80
C LEU PA 193 55.42 79.42 43.35
N ASP PA 194 56.62 79.13 43.86
CA ASP PA 194 57.80 79.87 43.43
C ASP PA 194 58.12 79.63 41.95
N TRP PA 195 57.96 78.40 41.48
CA TRP PA 195 58.15 78.09 40.07
C TRP PA 195 57.11 78.79 39.20
N ALA PA 196 55.86 78.82 39.67
CA ALA PA 196 54.79 79.44 38.90
C ALA PA 196 54.97 80.96 38.81
N ARG PA 197 55.31 81.60 39.93
CA ARG PA 197 55.54 83.04 39.90
C ARG PA 197 56.83 83.40 39.19
N GLU PA 198 57.80 82.47 39.14
CA GLU PA 198 58.99 82.71 38.34
C GLU PA 198 58.68 82.62 36.86
N ARG PA 199 57.77 81.74 36.45
CA ARG PA 199 57.49 81.56 35.04
C ARG PA 199 56.12 82.11 34.64
N LEU PA 200 55.60 83.09 35.39
CA LEU PA 200 54.47 83.87 34.89
C LEU PA 200 54.90 84.71 33.69
N GLU PA 201 53.93 84.92 32.78
CA GLU PA 201 54.08 85.72 31.56
C GLU PA 201 55.20 85.21 30.66
N GLN PA 202 55.46 83.91 30.68
CA GLN PA 202 56.55 83.33 29.91
C GLN PA 202 56.02 82.18 29.06
N GLN PA 203 56.80 81.85 28.04
CA GLN PA 203 56.45 80.77 27.14
C GLN PA 203 56.91 79.43 27.70
N VAL PA 204 56.15 78.38 27.38
CA VAL PA 204 56.45 77.00 27.73
C VAL PA 204 56.61 76.23 26.43
N PRO PA 205 57.81 75.86 26.03
CA PRO PA 205 57.97 74.98 24.88
C PRO PA 205 57.55 73.56 25.20
N VAL PA 206 57.21 72.81 24.16
CA VAL PA 206 56.83 71.42 24.34
C VAL PA 206 58.07 70.56 24.58
N ASN PA 207 59.21 70.97 24.02
CA ASN PA 207 60.47 70.24 24.20
C ASN PA 207 60.98 70.35 25.64
N GLN PA 208 60.52 71.35 26.40
CA GLN PA 208 60.91 71.46 27.80
C GLN PA 208 60.33 70.33 28.63
N VAL PA 209 59.00 70.23 28.68
CA VAL PA 209 58.36 69.21 29.51
C VAL PA 209 58.36 67.87 28.78
N PHE PA 210 57.75 67.82 27.60
CA PHE PA 210 57.63 66.56 26.88
C PHE PA 210 58.94 66.21 26.20
N GLY PA 211 59.17 64.90 26.01
CA GLY PA 211 60.36 64.41 25.33
C GLY PA 211 60.01 63.30 24.37
N GLN PA 212 61.03 62.87 23.62
CA GLN PA 212 60.85 61.77 22.70
C GLN PA 212 60.72 60.45 23.44
N ASP PA 213 60.23 59.43 22.73
CA ASP PA 213 60.04 58.06 23.21
C ASP PA 213 59.12 57.99 24.43
N GLU PA 214 58.20 58.95 24.55
CA GLU PA 214 57.32 59.04 25.70
C GLU PA 214 55.91 58.63 25.30
N MET PA 215 55.19 58.04 26.24
CA MET PA 215 53.84 57.53 25.99
C MET PA 215 52.84 58.48 26.66
N ILE PA 216 52.19 59.30 25.83
CA ILE PA 216 51.34 60.40 26.27
C ILE PA 216 50.01 60.30 25.56
N ASP PA 217 48.92 60.31 26.33
CA ASP PA 217 47.59 60.10 25.79
C ASP PA 217 47.04 61.39 25.18
N VAL PA 218 46.08 61.23 24.26
CA VAL PA 218 45.49 62.34 23.53
C VAL PA 218 44.01 62.41 23.89
N ILE PA 219 43.54 63.60 24.28
CA ILE PA 219 42.14 63.83 24.60
C ILE PA 219 41.60 64.87 23.63
N GLY PA 220 40.46 64.57 23.01
CA GLY PA 220 39.85 65.49 22.08
C GLY PA 220 38.39 65.15 21.86
N VAL PA 221 37.82 65.75 20.82
CA VAL PA 221 36.42 65.58 20.47
C VAL PA 221 36.36 64.92 19.10
N THR PA 222 35.49 63.91 18.95
CA THR PA 222 35.42 63.09 17.75
C THR PA 222 34.90 63.88 16.56
N LYS PA 223 35.06 63.27 15.38
CA LYS PA 223 34.49 63.83 14.16
C LYS PA 223 32.98 63.70 14.20
N GLY PA 224 32.27 64.83 14.15
CA GLY PA 224 30.83 64.80 14.09
C GLY PA 224 30.34 64.35 12.73
N LYS PA 225 29.62 63.23 12.69
CA LYS PA 225 29.03 62.74 11.46
C LYS PA 225 27.58 63.15 11.30
N GLY PA 226 26.99 63.77 12.31
CA GLY PA 226 25.63 64.25 12.23
C GLY PA 226 24.63 63.30 12.87
N TYR PA 227 23.35 63.64 12.69
CA TYR PA 227 22.24 62.88 13.23
C TYR PA 227 22.02 61.66 12.33
N LYS PA 228 22.79 60.61 12.57
CA LYS PA 228 22.75 59.42 11.74
C LYS PA 228 21.94 58.33 12.40
N GLY PA 229 21.80 57.21 11.68
CA GLY PA 229 20.90 56.14 12.05
C GLY PA 229 21.56 55.06 12.88
N VAL PA 230 20.83 53.97 13.06
CA VAL PA 230 21.24 52.91 13.98
C VAL PA 230 22.35 52.05 13.40
N THR PA 231 22.22 51.62 12.14
CA THR PA 231 23.23 50.78 11.52
C THR PA 231 24.54 51.51 11.28
N SER PA 232 24.54 52.84 11.32
CA SER PA 232 25.76 53.61 11.25
C SER PA 232 26.31 53.97 12.62
N ARG PA 233 25.45 54.23 13.61
CA ARG PA 233 25.96 54.58 14.93
C ARG PA 233 26.35 53.33 15.72
N TRP PA 234 25.37 52.46 15.99
CA TRP PA 234 25.59 51.28 16.81
C TRP PA 234 26.15 50.10 16.03
N HIS PA 235 26.20 50.22 14.69
CA HIS PA 235 26.75 49.20 13.78
C HIS PA 235 26.02 47.86 13.91
N THR PA 236 24.70 47.91 14.02
CA THR PA 236 23.91 46.70 14.09
C THR PA 236 23.71 46.11 12.70
N LYS PA 237 23.18 44.89 12.66
CA LYS PA 237 23.01 44.18 11.40
C LYS PA 237 21.79 44.68 10.66
N LYS PA 238 21.93 44.83 9.35
CA LYS PA 238 20.82 45.28 8.52
C LYS PA 238 19.78 44.18 8.34
N LEU PA 239 18.59 44.60 8.03
CA LEU PA 239 17.45 43.77 7.67
C LEU PA 239 17.49 43.44 6.18
N PRO PA 240 16.94 42.30 5.74
CA PRO PA 240 17.01 41.94 4.32
C PRO PA 240 16.13 42.79 3.41
N ARG PA 241 16.12 42.46 2.12
CA ARG PA 241 15.42 43.28 1.13
C ARG PA 241 13.91 43.20 1.28
N LYS PA 242 13.40 42.07 1.75
CA LYS PA 242 11.96 41.83 1.82
C LYS PA 242 11.27 42.62 2.93
N THR PA 243 12.01 43.34 3.76
CA THR PA 243 11.42 43.98 4.93
C THR PA 243 10.70 45.27 4.54
N HIS PA 244 9.43 45.35 4.93
CA HIS PA 244 8.63 46.56 4.79
C HIS PA 244 8.87 47.47 5.98
N ARG PA 245 8.72 48.79 5.75
CA ARG PA 245 8.89 49.84 6.77
C ARG PA 245 10.29 49.85 7.37
N GLY PA 246 11.30 49.77 6.51
CA GLY PA 246 12.65 49.97 7.00
C GLY PA 246 13.60 48.81 6.83
N LEU PA 247 14.83 49.12 6.43
CA LEU PA 247 15.92 48.15 6.39
C LEU PA 247 17.00 48.44 7.42
N ARG PA 248 17.33 49.70 7.63
CA ARG PA 248 18.35 50.07 8.60
C ARG PA 248 17.70 50.48 9.92
N LYS PA 249 17.11 49.48 10.59
CA LYS PA 249 16.37 49.70 11.83
C LYS PA 249 16.65 48.57 12.80
N VAL PA 250 16.34 48.82 14.07
CA VAL PA 250 16.25 47.76 15.07
C VAL PA 250 14.88 47.13 14.97
N ALA PA 251 14.85 45.81 14.77
CA ALA PA 251 13.59 45.13 14.51
C ALA PA 251 12.75 44.95 15.79
N CYS PA 252 13.40 44.67 16.92
CA CYS PA 252 12.70 44.47 18.18
C CYS PA 252 13.38 45.24 19.29
N ILE PA 253 12.60 46.01 20.05
CA ILE PA 253 13.15 46.83 21.12
C ILE PA 253 13.13 46.09 22.46
N GLY PA 254 11.98 45.58 22.86
CA GLY PA 254 11.87 44.94 24.15
C GLY PA 254 10.76 43.90 24.17
N ALA PA 255 10.44 43.45 25.38
CA ALA PA 255 9.40 42.46 25.59
C ALA PA 255 8.09 43.13 26.00
N TRP PA 256 7.10 42.33 26.34
CA TRP PA 256 5.79 42.86 26.71
C TRP PA 256 5.78 43.34 28.15
N HIS PA 257 6.26 42.50 29.07
CA HIS PA 257 6.03 42.75 30.51
C HIS PA 257 6.80 43.95 31.03
N PRO PA 258 8.07 44.22 30.65
CA PRO PA 258 8.54 45.61 30.81
C PRO PA 258 7.88 46.48 29.77
N ALA PA 259 6.90 47.29 30.16
CA ALA PA 259 6.19 48.13 29.21
C ALA PA 259 6.87 49.48 29.04
N ARG PA 260 8.19 49.42 28.83
CA ARG PA 260 9.04 50.59 28.67
C ARG PA 260 10.11 50.22 27.65
N VAL PA 261 10.96 51.19 27.34
CA VAL PA 261 12.10 50.98 26.47
C VAL PA 261 13.36 51.05 27.32
N ALA PA 262 14.16 49.99 27.28
CA ALA PA 262 15.37 49.94 28.07
C ALA PA 262 16.41 50.91 27.54
N PHE PA 263 17.27 51.38 28.44
CA PHE PA 263 18.30 52.35 28.08
C PHE PA 263 19.40 51.73 27.23
N SER PA 264 19.58 50.41 27.29
CA SER PA 264 20.59 49.71 26.52
C SER PA 264 20.16 49.42 25.10
N VAL PA 265 18.90 49.71 24.73
CA VAL PA 265 18.42 49.42 23.39
C VAL PA 265 19.00 50.44 22.42
N ALA PA 266 19.55 49.94 21.31
CA ALA PA 266 20.14 50.79 20.29
C ALA PA 266 19.05 51.57 19.56
N ARG PA 267 19.20 52.90 19.52
CA ARG PA 267 18.27 53.76 18.82
C ARG PA 267 19.05 54.82 18.04
N ALA PA 268 18.31 55.65 17.31
CA ALA PA 268 18.91 56.66 16.45
C ALA PA 268 19.35 57.85 17.28
N GLY PA 269 20.67 58.07 17.34
CA GLY PA 269 21.23 59.22 18.01
C GLY PA 269 22.23 59.91 17.11
N GLN PA 270 22.76 61.04 17.60
CA GLN PA 270 23.75 61.78 16.84
C GLN PA 270 25.08 61.06 16.85
N LYS PA 271 25.61 60.78 15.65
CA LYS PA 271 26.89 60.12 15.51
C LYS PA 271 27.99 61.18 15.45
N GLY PA 272 28.92 61.10 16.40
CA GLY PA 272 30.07 61.98 16.41
C GLY PA 272 29.90 63.16 17.35
N TYR PA 273 30.95 63.98 17.36
CA TYR PA 273 31.12 65.13 18.25
C TYR PA 273 30.99 64.69 19.71
N HIS PA 274 31.87 63.76 20.10
CA HIS PA 274 31.88 63.20 21.43
C HIS PA 274 33.26 63.36 22.05
N HIS PA 275 33.28 63.69 23.35
CA HIS PA 275 34.53 63.79 24.09
C HIS PA 275 35.05 62.38 24.35
N ARG PA 276 36.21 62.05 23.79
CA ARG PA 276 36.78 60.71 23.97
C ARG PA 276 38.26 60.83 24.24
N THR PA 277 38.79 59.82 24.94
CA THR PA 277 40.22 59.69 25.22
C THR PA 277 40.72 58.40 24.60
N GLU PA 278 41.96 58.42 24.11
CA GLU PA 278 42.63 57.21 23.65
C GLU PA 278 43.95 57.09 24.40
N ILE PA 279 44.24 55.89 24.87
CA ILE PA 279 45.30 55.65 25.84
C ILE PA 279 46.50 55.05 25.11
N ASN PA 280 47.70 55.34 25.65
CA ASN PA 280 48.96 54.68 25.29
C ASN PA 280 49.37 54.94 23.84
N LYS PA 281 49.62 56.21 23.54
CA LYS PA 281 50.20 56.62 22.27
C LYS PA 281 51.65 57.05 22.48
N LYS PA 282 52.49 56.77 21.48
CA LYS PA 282 53.92 57.04 21.57
C LYS PA 282 54.28 58.25 20.72
N ILE PA 283 55.14 59.11 21.26
CA ILE PA 283 55.67 60.25 20.51
C ILE PA 283 56.90 59.80 19.75
N TYR PA 284 56.92 60.06 18.43
CA TYR PA 284 58.09 59.75 17.63
C TYR PA 284 59.08 60.91 17.59
N LYS PA 285 58.59 62.14 17.48
CA LYS PA 285 59.48 63.28 17.30
C LYS PA 285 58.83 64.55 17.81
N ILE PA 286 59.59 65.32 18.59
CA ILE PA 286 59.22 66.68 18.97
C ILE PA 286 60.26 67.60 18.33
N GLY PA 287 59.86 68.30 17.28
CA GLY PA 287 60.79 69.09 16.50
C GLY PA 287 60.33 70.53 16.38
N GLN PA 288 61.32 71.41 16.27
CA GLN PA 288 61.11 72.83 16.06
C GLN PA 288 61.42 73.17 14.61
N GLY PA 289 60.88 74.29 14.15
CA GLY PA 289 61.07 74.71 12.78
C GLY PA 289 61.14 76.22 12.66
N TYR PA 290 61.79 76.65 11.56
CA TYR PA 290 61.84 78.04 11.11
C TYR PA 290 62.50 78.95 12.14
N LEU PA 291 63.79 78.69 12.38
CA LEU PA 291 64.59 79.39 13.36
C LEU PA 291 65.14 80.68 12.74
N ILE PA 292 65.87 81.47 13.54
CA ILE PA 292 66.25 82.84 13.21
C ILE PA 292 67.26 82.91 12.07
N LYS PA 293 67.52 84.15 11.61
CA LYS PA 293 68.05 84.42 10.27
C LYS PA 293 69.57 84.31 10.15
N ASP PA 294 70.25 83.59 11.06
CA ASP PA 294 71.65 83.26 10.82
C ASP PA 294 71.77 82.32 9.63
N GLY PA 295 71.14 81.15 9.71
CA GLY PA 295 70.68 80.49 8.50
C GLY PA 295 69.46 81.23 7.99
N LYS PA 296 69.45 81.51 6.68
CA LYS PA 296 68.54 82.51 6.13
C LYS PA 296 67.08 82.06 6.22
N LEU PA 297 66.81 80.79 5.91
CA LEU PA 297 65.52 80.17 6.25
C LEU PA 297 65.81 78.67 6.29
N ILE PA 298 65.99 78.13 7.48
CA ILE PA 298 66.29 76.71 7.64
C ILE PA 298 64.98 75.96 7.88
N LYS PA 299 64.77 74.91 7.09
CA LYS PA 299 63.57 74.09 7.21
C LYS PA 299 63.82 72.84 8.05
N ASN PA 300 64.70 71.95 7.57
CA ASN PA 300 65.37 70.89 8.35
C ASN PA 300 64.44 69.98 9.14
N ASN PA 301 63.21 69.82 8.68
CA ASN PA 301 62.22 69.04 9.39
C ASN PA 301 61.90 67.76 8.63
N ALA PA 302 61.58 66.71 9.40
CA ALA PA 302 61.40 65.35 8.91
C ALA PA 302 62.62 64.86 8.12
N SER PA 303 63.81 65.31 8.51
CA SER PA 303 65.06 64.91 7.90
C SER PA 303 65.81 64.07 8.91
N THR PA 304 65.83 62.77 8.70
CA THR PA 304 66.41 61.84 9.66
C THR PA 304 67.93 61.80 9.51
N ASP PA 305 68.56 60.96 10.33
CA ASP PA 305 69.99 60.74 10.18
C ASP PA 305 70.32 59.91 8.95
N TYR PA 306 69.36 59.17 8.43
CA TYR PA 306 69.52 58.40 7.21
C TYR PA 306 69.03 59.13 5.97
N ASP PA 307 68.36 60.27 6.13
CA ASP PA 307 67.85 61.03 5.00
C ASP PA 307 68.84 62.10 4.55
N LEU PA 308 69.14 63.05 5.46
CA LEU PA 308 70.10 64.15 5.26
C LEU PA 308 69.75 64.99 4.03
N SER PA 309 68.50 65.45 3.97
CA SER PA 309 68.01 66.23 2.84
C SER PA 309 67.18 67.40 3.35
N ASP PA 310 67.08 68.43 2.52
CA ASP PA 310 66.25 69.59 2.86
C ASP PA 310 64.78 69.24 2.74
N LYS PA 311 64.06 69.38 3.84
CA LYS PA 311 62.66 68.97 3.91
C LYS PA 311 62.02 69.75 5.06
N SER PA 312 60.70 69.93 4.97
CA SER PA 312 59.97 70.62 6.02
C SER PA 312 58.90 69.70 6.61
N ILE PA 313 58.08 70.28 7.48
CA ILE PA 313 56.99 69.54 8.11
C ILE PA 313 55.92 69.20 7.08
N ASN PA 314 55.62 70.16 6.20
CA ASN PA 314 54.45 70.06 5.34
C ASN PA 314 54.67 69.05 4.21
N PRO PA 315 53.61 68.43 3.72
CA PRO PA 315 53.72 67.62 2.51
C PRO PA 315 53.83 68.52 1.29
N LEU PA 316 54.19 67.89 0.17
CA LEU PA 316 54.41 68.61 -1.09
C LEU PA 316 53.07 69.07 -1.62
N GLY PA 317 52.75 70.35 -1.38
CA GLY PA 317 51.47 70.91 -1.77
C GLY PA 317 50.70 71.43 -0.57
N GLY PA 318 51.33 71.43 0.59
CA GLY PA 318 50.69 71.89 1.81
C GLY PA 318 49.80 70.82 2.42
N PHE PA 319 49.42 71.04 3.68
CA PHE PA 319 48.52 70.13 4.37
C PHE PA 319 47.12 70.21 3.80
N VAL PA 320 46.38 69.12 3.97
CA VAL PA 320 45.00 69.05 3.51
C VAL PA 320 44.12 69.66 4.59
N HIS PA 321 43.46 70.77 4.25
CA HIS PA 321 42.50 71.52 5.06
C HIS PA 321 43.10 72.12 6.34
N TYR PA 322 44.42 72.13 6.52
CA TYR PA 322 44.98 72.73 7.73
C TYR PA 322 45.83 73.97 7.44
N GLY PA 323 46.90 73.84 6.68
CA GLY PA 323 47.74 74.99 6.46
C GLY PA 323 49.21 74.59 6.28
N GLU PA 324 50.08 75.43 6.84
CA GLU PA 324 51.50 75.50 6.51
C GLU PA 324 52.31 75.60 7.80
N VAL PA 325 52.22 74.55 8.64
CA VAL PA 325 52.80 74.43 9.99
C VAL PA 325 54.24 74.94 10.10
N THR PA 326 54.46 75.90 11.02
CA THR PA 326 55.77 76.50 11.24
C THR PA 326 56.16 76.48 12.72
N ASN PA 327 55.61 75.56 13.50
CA ASN PA 327 55.85 75.58 14.94
C ASN PA 327 56.36 74.24 15.42
N ASP PA 328 56.40 74.05 16.74
CA ASP PA 328 56.83 72.79 17.31
C ASP PA 328 55.79 71.71 17.03
N PHE PA 329 56.23 70.61 16.45
CA PHE PA 329 55.31 69.54 16.04
C PHE PA 329 55.58 68.29 16.85
N VAL PA 330 54.49 67.65 17.29
CA VAL PA 330 54.52 66.38 18.01
C VAL PA 330 54.09 65.30 17.04
N MET PA 331 54.88 64.24 16.97
CA MET PA 331 54.71 63.19 15.96
C MET PA 331 54.13 61.95 16.65
N LEU PA 332 52.82 61.76 16.54
CA LEU PA 332 52.09 60.81 17.37
C LEU PA 332 51.72 59.55 16.61
N LYS PA 333 51.70 58.42 17.33
CA LYS PA 333 51.47 57.13 16.72
C LYS PA 333 49.99 56.88 16.46
N GLY PA 334 49.69 56.27 15.31
CA GLY PA 334 48.36 55.75 15.09
C GLY PA 334 47.43 56.79 14.50
N CYS PA 335 46.21 56.82 15.02
CA CYS PA 335 45.20 57.78 14.61
C CYS PA 335 44.77 58.60 15.82
N VAL PA 336 44.44 59.86 15.57
CA VAL PA 336 44.15 60.82 16.64
C VAL PA 336 42.70 61.27 16.49
N VAL PA 337 41.97 61.28 17.61
CA VAL PA 337 40.57 61.69 17.67
C VAL PA 337 40.42 63.13 17.23
N GLY PA 338 39.62 63.36 16.19
CA GLY PA 338 39.27 64.71 15.78
C GLY PA 338 39.54 65.04 14.33
N THR PA 339 38.95 66.12 13.84
CA THR PA 339 39.17 66.58 12.47
C THR PA 339 40.51 67.30 12.35
N LYS PA 340 40.72 67.90 11.19
CA LYS PA 340 41.74 68.92 11.07
C LYS PA 340 41.30 70.17 11.83
N LYS PA 341 42.28 71.01 12.17
CA LYS PA 341 42.09 72.34 12.79
C LYS PA 341 41.37 72.25 14.13
N ARG PA 342 41.58 71.17 14.87
CA ARG PA 342 40.81 70.89 16.08
C ARG PA 342 41.72 70.85 17.30
N VAL PA 343 41.22 71.43 18.40
CA VAL PA 343 41.97 71.51 19.65
C VAL PA 343 42.15 70.12 20.25
N LEU PA 344 43.39 69.81 20.61
CA LEU PA 344 43.73 68.56 21.27
C LEU PA 344 44.44 68.85 22.57
N THR PA 345 44.40 67.91 23.51
CA THR PA 345 45.21 68.02 24.72
C THR PA 345 46.06 66.76 24.85
N LEU PA 346 47.30 66.93 25.29
CA LEU PA 346 48.26 65.84 25.45
C LEU PA 346 48.49 65.62 26.94
N ARG PA 347 47.89 64.57 27.49
CA ARG PA 347 47.91 64.29 28.91
C ARG PA 347 48.94 63.21 29.22
N LYS PA 348 49.75 63.44 30.25
CA LYS PA 348 50.69 62.44 30.72
C LYS PA 348 49.95 61.22 31.26
N SER PA 349 50.58 60.05 31.12
CA SER PA 349 49.97 58.80 31.56
C SER PA 349 49.97 58.73 33.08
N LEU PA 350 48.84 58.34 33.65
CA LEU PA 350 48.69 58.33 35.10
C LEU PA 350 49.26 57.10 35.76
N LEU PA 351 49.78 56.14 35.00
CA LEU PA 351 50.45 54.97 35.54
C LEU PA 351 51.74 54.71 34.79
N VAL PA 352 52.61 53.93 35.41
CA VAL PA 352 53.94 53.61 34.86
C VAL PA 352 53.91 52.16 34.39
N GLN PA 353 54.26 51.96 33.12
CA GLN PA 353 54.31 50.61 32.55
C GLN PA 353 55.52 50.49 31.66
N THR PA 354 56.14 49.30 31.65
CA THR PA 354 57.20 48.99 30.72
C THR PA 354 56.69 48.21 29.51
N LYS PA 355 56.21 46.98 29.74
CA LYS PA 355 55.51 46.12 28.79
C LYS PA 355 56.28 45.73 27.53
N ARG PA 356 57.56 46.10 27.44
CA ARG PA 356 58.36 46.13 26.20
C ARG PA 356 57.59 46.85 25.08
N ARG PA 357 56.93 47.94 25.45
CA ARG PA 357 56.27 48.83 24.49
C ARG PA 357 56.53 50.30 24.77
N ALA PA 358 56.93 50.66 25.99
CA ALA PA 358 57.30 52.02 26.34
C ALA PA 358 58.77 52.08 26.71
N LEU PA 359 59.34 53.27 26.49
CA LEU PA 359 60.76 53.59 26.74
C LEU PA 359 61.69 52.68 25.93
N GLU PA 360 61.60 52.81 24.62
CA GLU PA 360 62.53 52.19 23.69
C GLU PA 360 63.06 53.25 22.74
N LYS PA 361 64.38 53.27 22.56
CA LYS PA 361 64.99 54.23 21.65
C LYS PA 361 64.66 53.86 20.21
N ILE PA 362 64.03 54.78 19.49
CA ILE PA 362 63.60 54.55 18.12
C ILE PA 362 64.63 55.16 17.18
N ASP PA 363 64.59 54.71 15.92
CA ASP PA 363 65.46 55.22 14.87
C ASP PA 363 64.61 55.56 13.66
N LEU PA 364 64.37 56.84 13.43
CA LEU PA 364 63.60 57.28 12.28
C LEU PA 364 64.47 57.18 11.03
N LYS PA 365 63.89 56.72 9.93
CA LYS PA 365 64.61 56.61 8.67
C LYS PA 365 64.04 57.48 7.57
N PHE PA 366 62.74 57.38 7.29
CA PHE PA 366 62.16 58.10 6.17
C PHE PA 366 60.77 58.58 6.54
N ILE PA 367 60.54 59.88 6.41
CA ILE PA 367 59.23 60.48 6.64
C ILE PA 367 58.79 61.09 5.31
N ASP PA 368 57.77 60.50 4.70
CA ASP PA 368 57.36 60.92 3.37
C ASP PA 368 56.60 62.23 3.41
N THR PA 369 56.85 63.07 2.41
CA THR PA 369 56.11 64.31 2.24
C THR PA 369 55.52 64.36 0.84
N THR PA 370 54.87 63.28 0.42
CA THR PA 370 54.24 63.23 -0.89
C THR PA 370 52.99 64.10 -0.92
N SER PA 371 52.39 64.21 -2.10
CA SER PA 371 51.21 65.06 -2.26
C SER PA 371 50.01 64.39 -1.61
N LYS PA 372 49.57 64.93 -0.47
CA LYS PA 372 48.41 64.37 0.22
C LYS PA 372 47.10 64.85 -0.38
N PHE PA 373 47.13 65.93 -1.16
CA PHE PA 373 45.97 66.39 -1.92
C PHE PA 373 45.95 65.61 -3.23
N GLY PA 374 45.48 64.37 -3.14
CA GLY PA 374 45.53 63.43 -4.24
C GLY PA 374 46.54 62.33 -3.99
N HIS PA 375 46.91 61.66 -5.07
CA HIS PA 375 47.95 60.63 -5.01
C HIS PA 375 49.32 61.29 -5.11
N GLY PA 376 50.18 61.00 -4.14
CA GLY PA 376 51.50 61.62 -4.11
C GLY PA 376 52.46 60.89 -5.03
N ARG PA 377 53.23 61.66 -5.80
CA ARG PA 377 54.21 61.09 -6.71
C ARG PA 377 55.65 61.48 -6.39
N PHE PA 378 55.88 62.57 -5.68
CA PHE PA 378 57.22 63.09 -5.51
C PHE PA 378 57.45 63.47 -4.06
N GLN PA 379 58.73 63.55 -3.69
CA GLN PA 379 59.16 63.85 -2.33
C GLN PA 379 59.39 65.34 -2.13
N THR PA 380 60.31 65.92 -2.90
CA THR PA 380 60.66 67.32 -2.80
C THR PA 380 60.47 68.02 -4.14
N MET PA 381 60.37 69.35 -4.06
CA MET PA 381 60.17 70.17 -5.25
C MET PA 381 61.37 70.12 -6.19
N GLU PA 382 62.58 70.07 -5.64
CA GLU PA 382 63.78 69.96 -6.47
C GLU PA 382 63.83 68.62 -7.19
N GLU PA 383 63.42 67.54 -6.52
CA GLU PA 383 63.36 66.24 -7.17
C GLU PA 383 62.28 66.21 -8.25
N LYS PA 384 61.14 66.85 -7.99
CA LYS PA 384 60.07 66.87 -8.99
C LYS PA 384 60.47 67.68 -10.22
N LYS PA 385 61.12 68.83 -10.01
CA LYS PA 385 61.58 69.63 -11.15
C LYS PA 385 62.71 68.94 -11.91
N ALA PA 386 63.61 68.26 -11.20
CA ALA PA 386 64.69 67.54 -11.86
C ALA PA 386 64.19 66.31 -12.60
N PHE PA 387 63.07 65.74 -12.18
CA PHE PA 387 62.52 64.61 -12.92
C PHE PA 387 61.69 65.06 -14.11
N MET PA 388 60.89 66.12 -13.96
CA MET PA 388 60.00 66.52 -15.05
C MET PA 388 60.71 67.40 -16.09
N GLY PA 389 61.82 68.04 -15.72
CA GLY PA 389 62.54 68.87 -16.64
C GLY PA 389 61.87 70.20 -16.88
N PRO PA 390 62.14 70.83 -18.03
CA PRO PA 390 61.54 72.12 -18.32
C PRO PA 390 60.11 71.98 -18.83
N LEU PA 391 59.33 73.04 -18.59
CA LEU PA 391 57.95 73.12 -19.06
C LEU PA 391 57.68 74.49 -19.65
N LYS PA 392 56.40 74.82 -19.87
CA LYS PA 392 56.05 76.15 -20.36
C LYS PA 392 56.23 77.26 -19.32
N LYS PA 393 56.45 76.91 -18.05
CA LYS PA 393 56.65 77.91 -17.01
C LYS PA 393 57.99 78.62 -17.12
N ASP PA 394 58.93 78.11 -17.91
CA ASP PA 394 60.21 78.77 -18.09
C ASP PA 394 60.46 79.09 -19.57
N CYS QA 1 -85.25 70.84 61.06
CA CYS QA 1 -85.74 70.96 59.69
C CYS QA 1 -87.00 71.83 59.65
N ALA QA 2 -86.81 73.15 59.73
CA ALA QA 2 -87.90 74.10 59.66
C ALA QA 2 -87.79 74.89 58.37
N ARG QA 3 -88.93 75.32 57.83
CA ARG QA 3 -89.02 76.02 56.56
C ARG QA 3 -89.47 77.46 56.82
N PRO QA 4 -88.54 78.41 56.88
CA PRO QA 4 -88.92 79.80 57.14
C PRO QA 4 -89.56 80.45 55.92
N LEU QA 5 -90.04 81.67 56.14
CA LEU QA 5 -90.67 82.46 55.09
C LEU QA 5 -89.70 83.51 54.58
N ILE QA 6 -89.65 83.67 53.26
CA ILE QA 6 -88.77 84.63 52.61
C ILE QA 6 -89.64 85.67 51.92
N SER QA 7 -89.36 86.95 52.21
CA SER QA 7 -90.08 88.04 51.57
C SER QA 7 -89.72 88.12 50.09
N VAL QA 8 -90.70 88.50 49.28
CA VAL QA 8 -90.52 88.62 47.84
C VAL QA 8 -90.22 90.08 47.52
N TYR QA 9 -89.09 90.32 46.88
CA TYR QA 9 -88.66 91.68 46.58
C TYR QA 9 -89.19 92.13 45.22
N SER QA 10 -89.61 93.39 45.16
CA SER QA 10 -90.16 93.97 43.94
C SER QA 10 -89.02 94.48 43.06
N GLU QA 11 -89.38 95.14 41.97
CA GLU QA 11 -88.36 95.72 41.08
C GLU QA 11 -87.74 96.99 41.66
N LYS QA 12 -88.40 97.62 42.64
CA LYS QA 12 -87.83 98.81 43.27
C LYS QA 12 -86.86 98.46 44.39
N GLY QA 13 -87.01 97.28 44.99
CA GLY QA 13 -86.20 96.86 46.12
C GLY QA 13 -86.96 96.72 47.42
N GLU QA 14 -88.18 97.25 47.49
CA GLU QA 14 -88.97 97.16 48.69
C GLU QA 14 -89.57 95.76 48.83
N SER QA 15 -89.61 95.25 50.06
CA SER QA 15 -90.21 93.94 50.33
C SER QA 15 -91.72 94.02 50.15
N SER QA 16 -92.25 93.21 49.25
CA SER QA 16 -93.69 93.15 49.05
C SER QA 16 -94.34 92.31 50.14
N GLY QA 17 -95.67 92.33 50.16
CA GLY QA 17 -96.41 91.55 51.14
C GLY QA 17 -96.46 90.07 50.86
N LYS QA 18 -96.05 89.64 49.66
CA LYS QA 18 -96.09 88.23 49.31
C LYS QA 18 -94.95 87.49 50.00
N ASN QA 19 -95.29 86.37 50.64
CA ASN QA 19 -94.32 85.55 51.36
C ASN QA 19 -94.51 84.10 50.96
N VAL QA 20 -93.45 83.48 50.43
CA VAL QA 20 -93.49 82.11 49.96
C VAL QA 20 -92.62 81.27 50.89
N THR QA 21 -93.13 80.10 51.29
CA THR QA 21 -92.42 79.20 52.17
C THR QA 21 -91.18 78.63 51.48
N LEU QA 22 -90.08 78.55 52.22
CA LEU QA 22 -88.83 78.00 51.70
C LEU QA 22 -89.00 76.52 51.39
N PRO QA 23 -88.69 76.08 50.17
CA PRO QA 23 -88.76 74.64 49.86
C PRO QA 23 -87.62 73.88 50.51
N ALA QA 24 -87.77 72.56 50.52
CA ALA QA 24 -86.83 71.68 51.18
C ALA QA 24 -85.57 71.40 50.37
N VAL QA 25 -85.48 71.94 49.14
CA VAL QA 25 -84.26 71.81 48.35
C VAL QA 25 -83.13 72.57 49.01
N PHE QA 26 -83.45 73.70 49.64
CA PHE QA 26 -82.48 74.49 50.36
C PHE QA 26 -82.17 73.93 51.74
N LYS QA 27 -82.95 72.94 52.19
CA LYS QA 27 -82.73 72.26 53.45
C LYS QA 27 -82.11 70.88 53.25
N ALA QA 28 -81.98 70.46 51.98
CA ALA QA 28 -81.28 69.24 51.60
C ALA QA 28 -79.82 69.26 52.09
N PRO QA 29 -79.20 68.08 52.27
CA PRO QA 29 -77.80 68.06 52.73
C PRO QA 29 -76.84 68.56 51.67
N ILE QA 30 -75.66 68.94 52.14
CA ILE QA 30 -74.64 69.57 51.32
C ILE QA 30 -73.44 68.63 51.24
N ARG QA 31 -73.17 68.11 50.05
CA ARG QA 31 -72.08 67.17 49.83
C ARG QA 31 -71.17 67.71 48.73
N PRO QA 32 -70.21 68.56 49.09
CA PRO QA 32 -69.33 69.16 48.07
C PRO QA 32 -68.40 68.17 47.41
N ASP QA 33 -68.08 67.05 48.05
CA ASP QA 33 -67.25 66.04 47.39
C ASP QA 33 -68.03 65.30 46.31
N ILE QA 34 -69.32 65.02 46.55
CA ILE QA 34 -70.14 64.43 45.50
C ILE QA 34 -70.42 65.46 44.40
N VAL QA 35 -70.56 66.74 44.76
CA VAL QA 35 -70.66 67.81 43.77
C VAL QA 35 -69.40 67.86 42.90
N ASN QA 36 -68.22 67.73 43.52
CA ASN QA 36 -66.97 67.73 42.79
C ASN QA 36 -66.82 66.51 41.90
N PHE QA 37 -67.29 65.34 42.36
CA PHE QA 37 -67.24 64.11 41.57
C PHE QA 37 -68.10 64.21 40.31
N VAL QA 38 -69.37 64.59 40.49
CA VAL QA 38 -70.29 64.69 39.36
C VAL QA 38 -69.89 65.84 38.45
N HIS QA 39 -69.33 66.91 39.02
CA HIS QA 39 -68.87 68.04 38.23
C HIS QA 39 -67.66 67.66 37.39
N THR QA 40 -66.75 66.86 37.95
CA THR QA 40 -65.60 66.36 37.20
C THR QA 40 -66.05 65.48 36.03
N ASN QA 41 -67.00 64.58 36.27
CA ASN QA 41 -67.45 63.71 35.21
C ASN QA 41 -68.22 64.46 34.12
N LEU QA 42 -68.98 65.50 34.49
CA LEU QA 42 -69.66 66.28 33.47
C LEU QA 42 -68.68 67.18 32.70
N ARG QA 43 -67.60 67.63 33.34
CA ARG QA 43 -66.57 68.34 32.61
C ARG QA 43 -65.84 67.43 31.63
N LYS QA 44 -65.66 66.16 32.00
CA LYS QA 44 -65.12 65.20 31.04
C LYS QA 44 -66.10 64.96 29.89
N ASN QA 45 -67.40 65.03 30.17
CA ASN QA 45 -68.40 64.97 29.11
C ASN QA 45 -68.42 66.21 28.23
N ASN QA 46 -67.99 67.35 28.74
CA ASN QA 46 -68.23 68.65 28.12
C ASN QA 46 -67.14 69.04 27.11
N ARG QA 47 -66.49 68.09 26.45
CA ARG QA 47 -65.35 68.46 25.63
C ARG QA 47 -65.36 67.75 24.27
N GLN QA 48 -64.92 68.47 23.25
CA GLN QA 48 -64.44 67.83 22.03
C GLN QA 48 -63.16 67.07 22.38
N PRO QA 49 -62.90 65.88 21.75
CA PRO QA 49 -61.94 64.93 22.35
C PRO QA 49 -60.50 65.41 22.50
N TYR QA 50 -59.74 65.45 21.39
CA TYR QA 50 -58.75 66.44 20.95
C TYR QA 50 -58.09 65.83 19.72
N ALA QA 51 -57.05 66.49 19.22
CA ALA QA 51 -56.32 66.05 18.03
C ALA QA 51 -55.77 64.64 18.16
N VAL QA 52 -55.92 63.88 17.09
CA VAL QA 52 -55.39 62.54 16.94
C VAL QA 52 -54.31 62.61 15.85
N SER QA 53 -53.24 61.82 16.02
CA SER QA 53 -52.21 61.75 14.98
C SER QA 53 -52.78 61.22 13.68
N GLU QA 54 -53.22 59.95 13.68
CA GLU QA 54 -54.10 59.31 12.70
C GLU QA 54 -53.42 59.07 11.34
N LEU QA 55 -52.24 59.66 11.14
CA LEU QA 55 -51.39 59.40 10.00
C LEU QA 55 -49.98 59.30 10.56
N ALA QA 56 -49.29 58.24 10.20
CA ALA QA 56 -48.06 57.87 10.89
C ALA QA 56 -46.90 58.78 10.50
N GLY QA 57 -45.86 58.73 11.32
CA GLY QA 57 -44.54 59.18 10.94
C GLY QA 57 -43.76 58.14 10.18
N HIS QA 58 -44.40 57.03 9.82
CA HIS QA 58 -43.83 55.94 9.05
C HIS QA 58 -43.93 56.17 7.55
N GLN QA 59 -44.12 57.42 7.12
CA GLN QA 59 -44.10 57.72 5.69
C GLN QA 59 -42.71 57.53 5.10
N THR QA 60 -41.67 57.70 5.91
CA THR QA 60 -40.30 57.56 5.47
C THR QA 60 -39.89 56.09 5.57
N SER QA 61 -39.69 55.44 4.43
CA SER QA 61 -39.24 54.05 4.43
C SER QA 61 -37.79 53.96 4.83
N ALA QA 62 -37.46 52.97 5.65
CA ALA QA 62 -36.13 52.91 6.24
C ALA QA 62 -35.77 51.48 6.61
N GLU QA 63 -34.47 51.24 6.71
CA GLU QA 63 -33.93 49.97 7.17
C GLU QA 63 -32.76 50.25 8.10
N SER QA 64 -32.42 49.27 8.93
CA SER QA 64 -31.28 49.40 9.83
C SER QA 64 -30.03 48.82 9.19
N TRP QA 65 -28.88 49.35 9.61
CA TRP QA 65 -27.61 48.86 9.05
C TRP QA 65 -27.24 47.50 9.61
N GLY QA 66 -27.05 47.40 10.92
CA GLY QA 66 -26.70 46.16 11.58
C GLY QA 66 -25.32 46.24 12.22
N THR QA 67 -24.48 45.25 11.89
CA THR QA 67 -23.17 45.15 12.52
C THR QA 67 -22.20 46.18 11.96
N GLY QA 68 -21.90 46.08 10.66
CA GLY QA 68 -21.04 47.06 10.04
C GLY QA 68 -21.71 48.40 9.89
N ARG QA 69 -20.88 49.41 9.59
CA ARG QA 69 -21.28 50.82 9.48
C ARG QA 69 -21.91 51.29 10.80
N ALA QA 70 -21.02 51.42 11.79
CA ALA QA 70 -21.28 51.37 13.22
C ALA QA 70 -22.03 52.55 13.83
N VAL QA 71 -22.75 53.34 13.01
CA VAL QA 71 -23.46 54.50 13.53
C VAL QA 71 -24.50 54.13 14.60
N ALA QA 72 -25.42 53.22 14.29
CA ALA QA 72 -26.45 52.79 15.24
C ALA QA 72 -27.13 51.53 14.69
N ARG QA 73 -28.05 51.01 15.48
CA ARG QA 73 -28.98 49.96 15.05
C ARG QA 73 -30.36 50.51 14.73
N ILE QA 74 -30.55 51.81 14.89
CA ILE QA 74 -31.80 52.49 14.51
C ILE QA 74 -31.96 52.40 13.00
N PRO QA 75 -33.19 52.26 12.47
CA PRO QA 75 -33.39 52.39 11.03
C PRO QA 75 -33.00 53.77 10.52
N ARG QA 76 -32.59 53.81 9.25
CA ARG QA 76 -32.07 55.01 8.63
C ARG QA 76 -32.73 55.16 7.26
N VAL QA 77 -33.14 56.39 6.93
CA VAL QA 77 -33.73 56.63 5.62
C VAL QA 77 -32.65 56.57 4.56
N ARG QA 78 -32.97 55.94 3.43
CA ARG QA 78 -31.97 55.56 2.44
C ARG QA 78 -32.12 56.39 1.18
N GLY QA 79 -31.00 56.94 0.73
CA GLY QA 79 -31.02 57.76 -0.47
C GLY QA 79 -29.66 58.37 -0.70
N GLY QA 80 -29.65 59.53 -1.35
CA GLY QA 80 -28.42 60.23 -1.61
C GLY QA 80 -28.70 61.69 -1.91
N GLY QA 81 -27.64 62.49 -1.91
CA GLY QA 81 -27.75 63.90 -2.26
C GLY QA 81 -28.37 64.74 -1.15
N THR QA 82 -29.64 64.48 -0.85
CA THR QA 82 -30.31 65.09 0.29
C THR QA 82 -29.63 64.67 1.59
N HIS QA 83 -29.29 65.65 2.43
CA HIS QA 83 -28.57 65.37 3.66
C HIS QA 83 -29.45 64.81 4.77
N ARG QA 84 -30.74 64.57 4.51
CA ARG QA 84 -31.55 63.83 5.47
C ARG QA 84 -31.28 62.33 5.38
N SER QA 85 -30.82 61.86 4.21
CA SER QA 85 -30.61 60.44 3.97
C SER QA 85 -29.47 59.93 4.85
N GLY QA 86 -29.82 59.21 5.90
CA GLY QA 86 -28.85 58.73 6.87
C GLY QA 86 -29.14 59.23 8.27
N GLN QA 87 -30.27 59.90 8.46
CA GLN QA 87 -30.67 60.43 9.75
C GLN QA 87 -31.65 59.49 10.43
N GLY QA 88 -32.22 59.94 11.54
CA GLY QA 88 -33.07 59.09 12.35
C GLY QA 88 -34.42 58.84 11.70
N ALA QA 89 -34.81 57.58 11.64
CA ALA QA 89 -36.11 57.15 11.12
C ALA QA 89 -37.19 57.26 12.16
N PHE QA 90 -38.31 56.55 11.92
CA PHE QA 90 -39.38 56.39 12.88
C PHE QA 90 -38.86 55.84 14.21
N GLY QA 91 -39.51 56.27 15.29
CA GLY QA 91 -39.04 55.98 16.62
C GLY QA 91 -39.27 57.19 17.50
N ASN QA 92 -39.09 57.04 18.80
CA ASN QA 92 -39.42 58.12 19.72
C ASN QA 92 -38.25 59.07 19.95
N MET QA 93 -37.03 58.55 19.94
CA MET QA 93 -35.84 59.32 20.27
C MET QA 93 -35.22 60.02 19.06
N CYS QA 94 -35.92 60.05 17.92
CA CYS QA 94 -35.35 60.57 16.69
C CYS QA 94 -36.01 61.88 16.28
N ARG QA 95 -35.33 62.60 15.39
CA ARG QA 95 -35.88 63.82 14.82
C ARG QA 95 -36.95 63.48 13.80
N GLY QA 96 -38.10 64.16 13.90
CA GLY QA 96 -39.19 63.92 12.97
C GLY QA 96 -39.84 62.56 13.11
N GLY QA 97 -39.75 61.95 14.29
CA GLY QA 97 -40.21 60.60 14.49
C GLY QA 97 -41.61 60.53 15.06
N ARG QA 98 -42.19 59.34 14.93
CA ARG QA 98 -43.50 59.05 15.51
C ARG QA 98 -43.41 59.03 17.03
N MET QA 99 -44.32 59.72 17.69
CA MET QA 99 -44.29 59.88 19.13
C MET QA 99 -44.62 58.58 19.85
N PHE QA 100 -44.14 58.46 21.09
CA PHE QA 100 -44.59 57.35 21.93
C PHE QA 100 -46.05 57.55 22.31
N ALA QA 101 -46.80 56.43 22.25
CA ALA QA 101 -48.21 56.33 22.56
C ALA QA 101 -49.00 57.36 21.78
N PRO QA 102 -49.20 57.16 20.47
CA PRO QA 102 -49.95 58.16 19.69
C PRO QA 102 -51.40 58.23 20.15
N THR QA 103 -51.84 59.43 20.48
CA THR QA 103 -53.17 59.64 21.01
C THR QA 103 -54.21 59.26 19.97
N LYS QA 104 -55.21 58.50 20.39
CA LYS QA 104 -56.17 57.88 19.49
C LYS QA 104 -57.54 58.49 19.68
N THR QA 105 -58.39 58.32 18.68
CA THR QA 105 -59.75 58.84 18.75
C THR QA 105 -60.67 57.96 19.58
N TRP QA 106 -60.27 56.74 19.92
CA TRP QA 106 -61.10 55.85 20.73
C TRP QA 106 -60.71 55.86 22.19
N ARG QA 107 -60.21 56.97 22.70
CA ARG QA 107 -60.02 57.11 24.14
C ARG QA 107 -61.39 57.23 24.82
N ARG QA 108 -61.46 56.80 26.07
CA ARG QA 108 -62.71 56.85 26.83
C ARG QA 108 -62.88 58.28 27.36
N TRP QA 109 -63.45 59.13 26.51
CA TRP QA 109 -63.57 60.55 26.85
C TRP QA 109 -64.72 60.80 27.81
N HIS QA 110 -65.93 60.46 27.39
CA HIS QA 110 -67.14 60.89 28.06
C HIS QA 110 -67.54 59.90 29.15
N ARG QA 111 -67.97 60.43 30.30
CA ARG QA 111 -68.19 59.65 31.50
C ARG QA 111 -69.64 59.74 31.92
N ARG QA 112 -70.31 58.60 32.04
CA ARG QA 112 -71.71 58.58 32.45
C ARG QA 112 -71.80 58.67 33.97
N VAL QA 113 -72.77 59.46 34.44
CA VAL QA 113 -73.07 59.59 35.85
C VAL QA 113 -74.46 59.02 36.08
N ASN QA 114 -74.66 58.42 37.25
CA ASN QA 114 -75.99 58.01 37.67
C ASN QA 114 -76.90 59.22 37.81
N THR QA 115 -78.17 59.07 37.39
CA THR QA 115 -79.12 60.17 37.46
C THR QA 115 -79.45 60.53 38.90
N THR QA 116 -79.43 59.55 39.81
CA THR QA 116 -79.61 59.83 41.23
C THR QA 116 -78.47 60.69 41.77
N GLN QA 117 -77.23 60.44 41.34
CA GLN QA 117 -76.12 61.29 41.76
C GLN QA 117 -76.15 62.65 41.09
N LYS QA 118 -76.66 62.74 39.86
CA LYS QA 118 -76.83 64.04 39.20
C LYS QA 118 -77.83 64.89 39.96
N ARG QA 119 -79.00 64.32 40.28
CA ARG QA 119 -80.00 65.06 41.05
C ARG QA 119 -79.52 65.35 42.46
N TYR QA 120 -78.70 64.45 43.03
CA TYR QA 120 -78.11 64.67 44.34
C TYR QA 120 -77.18 65.87 44.33
N ALA QA 121 -76.36 65.98 43.29
CA ALA QA 121 -75.44 67.11 43.17
C ALA QA 121 -76.20 68.41 42.91
N ILE QA 122 -77.30 68.35 42.15
CA ILE QA 122 -78.12 69.55 41.95
C ILE QA 122 -78.75 70.00 43.26
N CYS QA 123 -79.29 69.07 44.05
CA CYS QA 123 -79.88 69.41 45.34
C CYS QA 123 -78.83 69.93 46.32
N SER QA 124 -77.62 69.35 46.30
CA SER QA 124 -76.56 69.82 47.19
C SER QA 124 -76.08 71.21 46.81
N ALA QA 125 -75.97 71.50 45.50
CA ALA QA 125 -75.55 72.82 45.06
C ALA QA 125 -76.61 73.88 45.37
N LEU QA 126 -77.88 73.54 45.17
CA LEU QA 126 -78.95 74.49 45.50
C LEU QA 126 -79.09 74.69 47.01
N ALA QA 127 -78.75 73.67 47.80
CA ALA QA 127 -78.78 73.83 49.24
C ALA QA 127 -77.62 74.69 49.72
N ALA QA 128 -76.44 74.50 49.14
CA ALA QA 128 -75.28 75.31 49.49
C ALA QA 128 -75.35 76.73 48.96
N SER QA 129 -76.21 76.99 47.97
CA SER QA 129 -76.42 78.36 47.51
C SER QA 129 -77.32 79.18 48.41
N ALA QA 130 -77.80 78.62 49.53
CA ALA QA 130 -78.68 79.33 50.45
C ALA QA 130 -77.95 79.94 51.63
N LEU QA 131 -76.87 79.33 52.08
CA LEU QA 131 -76.16 79.84 53.24
C LEU QA 131 -75.31 81.05 52.84
N PRO QA 132 -75.32 82.12 53.65
CA PRO QA 132 -74.52 83.30 53.28
C PRO QA 132 -73.03 83.08 53.38
N ALA QA 133 -72.57 82.28 54.35
CA ALA QA 133 -71.15 82.08 54.57
C ALA QA 133 -70.49 81.34 53.41
N LEU QA 134 -71.21 80.38 52.82
CA LEU QA 134 -70.65 79.62 51.70
C LEU QA 134 -70.49 80.49 50.47
N VAL QA 135 -71.47 81.35 50.19
CA VAL QA 135 -71.38 82.17 48.98
C VAL QA 135 -70.40 83.32 49.18
N MET QA 136 -70.32 83.87 50.40
CA MET QA 136 -69.30 84.87 50.69
C MET QA 136 -67.90 84.26 50.67
N SER QA 137 -67.76 83.00 51.06
CA SER QA 137 -66.47 82.34 50.97
C SER QA 137 -66.14 81.91 49.56
N LYS QA 138 -67.14 81.80 48.69
CA LYS QA 138 -66.87 81.66 47.27
C LYS QA 138 -66.50 82.98 46.62
N GLY QA 139 -67.01 84.10 47.13
CA GLY QA 139 -66.48 85.40 46.75
C GLY QA 139 -67.48 86.40 46.20
N HIS QA 140 -68.77 86.12 46.19
CA HIS QA 140 -69.74 87.11 45.73
C HIS QA 140 -69.95 88.19 46.79
N ARG QA 141 -70.15 89.42 46.33
CA ARG QA 141 -70.26 90.57 47.22
C ARG QA 141 -71.70 90.67 47.71
N ILE QA 142 -71.94 90.25 48.95
CA ILE QA 142 -73.29 90.17 49.50
C ILE QA 142 -73.38 91.13 50.67
N GLU QA 143 -72.66 92.25 50.59
CA GLU QA 143 -72.66 93.20 51.71
C GLU QA 143 -73.98 93.97 51.78
N GLU QA 144 -74.30 94.73 50.75
CA GLU QA 144 -75.53 95.53 50.71
C GLU QA 144 -76.71 94.76 50.14
N VAL QA 145 -76.54 93.47 49.86
CA VAL QA 145 -77.57 92.66 49.25
C VAL QA 145 -78.62 92.30 50.31
N PRO QA 146 -79.92 92.37 49.99
CA PRO QA 146 -80.94 91.90 50.93
C PRO QA 146 -80.99 90.37 51.04
N GLU QA 147 -82.05 89.89 51.71
CA GLU QA 147 -82.19 88.52 52.21
C GLU QA 147 -81.91 87.46 51.16
N LEU QA 148 -81.31 86.34 51.61
CA LEU QA 148 -80.86 85.19 50.83
C LEU QA 148 -82.04 84.51 50.11
N PRO QA 149 -81.79 83.48 49.26
CA PRO QA 149 -82.05 83.66 47.81
C PRO QA 149 -83.17 84.60 47.43
N LEU QA 150 -82.83 85.57 46.58
CA LEU QA 150 -83.71 86.67 46.25
C LEU QA 150 -84.83 86.18 45.35
N VAL QA 151 -86.07 86.57 45.68
CA VAL QA 151 -87.24 86.23 44.89
C VAL QA 151 -87.79 87.52 44.30
N VAL QA 152 -87.72 87.64 42.98
CA VAL QA 152 -88.21 88.81 42.28
C VAL QA 152 -89.58 88.49 41.71
N GLU QA 153 -90.29 89.53 41.30
CA GLU QA 153 -91.66 89.37 40.85
C GLU QA 153 -91.70 88.81 39.42
N ASP QA 154 -92.92 88.54 38.96
CA ASP QA 154 -93.13 88.02 37.62
C ASP QA 154 -93.10 89.10 36.54
N LYS QA 155 -92.99 90.37 36.92
CA LYS QA 155 -92.78 91.43 35.95
C LYS QA 155 -91.33 91.55 35.50
N VAL QA 156 -90.43 90.82 36.16
CA VAL QA 156 -89.02 90.85 35.80
C VAL QA 156 -88.78 90.11 34.48
N GLU QA 157 -89.42 88.96 34.31
CA GLU QA 157 -89.20 88.09 33.17
C GLU QA 157 -89.73 88.67 31.86
N GLY QA 158 -90.53 89.73 31.91
CA GLY QA 158 -91.03 90.35 30.70
C GLY QA 158 -90.24 91.56 30.27
N TYR QA 159 -89.00 91.67 30.72
CA TYR QA 159 -88.15 92.78 30.31
C TYR QA 159 -87.68 92.60 28.87
N LYS QA 160 -87.50 93.72 28.19
CA LYS QA 160 -86.96 93.72 26.84
C LYS QA 160 -85.71 94.58 26.70
N LYS QA 161 -85.70 95.76 27.30
CA LYS QA 161 -84.53 96.63 27.30
C LYS QA 161 -83.66 96.30 28.51
N THR QA 162 -82.35 96.21 28.28
CA THR QA 162 -81.44 95.82 29.35
C THR QA 162 -81.05 96.98 30.26
N LYS QA 163 -81.47 98.22 29.94
CA LYS QA 163 -81.27 99.31 30.88
C LYS QA 163 -82.09 99.09 32.14
N GLU QA 164 -83.31 98.56 31.99
CA GLU QA 164 -84.11 98.16 33.14
C GLU QA 164 -83.47 97.00 33.89
N ALA QA 165 -82.75 96.11 33.19
CA ALA QA 165 -82.05 95.02 33.85
C ALA QA 165 -80.88 95.53 34.69
N VAL QA 166 -80.11 96.48 34.15
CA VAL QA 166 -79.02 97.10 34.89
C VAL QA 166 -79.55 97.88 36.09
N LEU QA 167 -80.68 98.57 35.90
CA LEU QA 167 -81.32 99.29 37.01
C LEU QA 167 -81.83 98.33 38.08
N LEU QA 168 -82.33 97.16 37.68
CA LEU QA 168 -82.77 96.15 38.63
C LEU QA 168 -81.60 95.57 39.43
N LEU QA 169 -80.48 95.32 38.76
CA LEU QA 169 -79.30 94.83 39.47
C LEU QA 169 -78.72 95.89 40.40
N LYS QA 170 -78.80 97.17 40.02
CA LYS QA 170 -78.33 98.24 40.91
C LYS QA 170 -79.25 98.40 42.11
N LYS QA 171 -80.56 98.24 41.92
CA LYS QA 171 -81.48 98.35 43.05
C LYS QA 171 -81.43 97.13 43.96
N LEU QA 172 -81.13 95.96 43.42
CA LEU QA 172 -80.97 94.76 44.22
C LEU QA 172 -79.54 94.54 44.69
N LYS QA 173 -78.64 95.49 44.40
CA LYS QA 173 -77.27 95.55 44.92
C LYS QA 173 -76.42 94.38 44.45
N ALA QA 174 -76.77 93.78 43.31
CA ALA QA 174 -75.89 92.84 42.64
C ALA QA 174 -74.92 93.54 41.71
N TRP QA 175 -75.01 94.88 41.61
CA TRP QA 175 -74.11 95.64 40.76
C TRP QA 175 -72.68 95.61 41.26
N ASN QA 176 -72.47 95.40 42.57
CA ASN QA 176 -71.13 95.13 43.08
C ASN QA 176 -70.58 93.83 42.54
N ASP QA 177 -71.43 92.79 42.46
CA ASP QA 177 -71.00 91.51 41.93
C ASP QA 177 -70.74 91.59 40.43
N ILE QA 178 -71.47 92.46 39.73
CA ILE QA 178 -71.17 92.67 38.32
C ILE QA 178 -69.90 93.52 38.16
N LYS QA 179 -69.67 94.45 39.09
CA LYS QA 179 -68.51 95.34 39.02
C LYS QA 179 -67.22 94.57 39.31
N LYS QA 180 -67.29 93.50 40.10
CA LYS QA 180 -66.13 92.63 40.26
C LYS QA 180 -65.76 91.95 38.95
N VAL QA 181 -66.77 91.54 38.17
CA VAL QA 181 -66.51 90.93 36.86
C VAL QA 181 -65.96 91.98 35.88
N TYR QA 182 -66.44 93.22 36.00
CA TYR QA 182 -65.84 94.32 35.22
C TYR QA 182 -64.38 94.54 35.60
N ALA QA 183 -64.06 94.51 36.90
CA ALA QA 183 -62.70 94.76 37.34
C ALA QA 183 -61.75 93.61 37.01
N SER QA 184 -62.27 92.40 36.86
CA SER QA 184 -61.44 91.26 36.48
C SER QA 184 -61.94 90.70 35.14
N GLN QA 185 -61.45 91.27 34.06
CA GLN QA 185 -61.67 90.77 32.70
C GLN QA 185 -60.35 90.69 31.95
N ARG QA 186 -59.33 90.17 32.62
CA ARG QA 186 -57.95 90.20 32.14
C ARG QA 186 -57.72 89.15 31.06
N MET QA 187 -56.45 89.04 30.66
CA MET QA 187 -56.06 88.18 29.55
C MET QA 187 -55.67 86.79 30.07
N ARG QA 188 -55.88 85.79 29.22
CA ARG QA 188 -55.60 84.40 29.56
C ARG QA 188 -54.10 84.18 29.76
N ALA QA 189 -53.75 83.44 30.81
CA ALA QA 189 -52.37 83.07 31.09
C ALA QA 189 -52.01 81.81 30.33
N GLY QA 190 -50.88 81.85 29.62
CA GLY QA 190 -50.34 80.68 28.97
C GLY QA 190 -50.56 80.65 27.47
N LYS QA 191 -50.40 79.44 26.91
CA LYS QA 191 -50.53 79.22 25.48
C LYS QA 191 -51.99 78.98 25.09
N GLY QA 192 -52.91 79.05 26.04
CA GLY QA 192 -54.33 78.95 25.73
C GLY QA 192 -54.92 80.15 25.01
N LYS QA 193 -54.14 81.21 24.79
CA LYS QA 193 -54.61 82.35 24.01
C LYS QA 193 -54.67 82.07 22.52
N MET QA 194 -54.07 80.96 22.06
CA MET QA 194 -54.07 80.66 20.64
C MET QA 194 -55.38 80.02 20.20
N ARG QA 195 -55.99 79.21 21.04
CA ARG QA 195 -57.23 78.52 20.71
C ARG QA 195 -58.47 79.31 21.16
N ASN QA 196 -58.47 80.59 20.80
CA ASN QA 196 -59.63 81.49 20.77
C ASN QA 196 -60.20 81.78 22.15
N ARG QA 197 -59.41 81.60 23.21
CA ARG QA 197 -59.87 81.83 24.57
C ARG QA 197 -58.84 82.73 25.26
N ARG QA 198 -59.07 84.05 25.16
CA ARG QA 198 -58.13 85.06 25.63
C ARG QA 198 -58.67 85.90 26.78
N ARG QA 199 -59.74 85.45 27.45
CA ARG QA 199 -60.37 86.24 28.49
C ARG QA 199 -60.55 85.42 29.75
N ILE QA 200 -60.13 85.98 30.88
CA ILE QA 200 -60.49 85.46 32.19
C ILE QA 200 -61.68 86.29 32.67
N GLN QA 201 -62.88 85.73 32.53
CA GLN QA 201 -64.12 86.39 32.89
C GLN QA 201 -64.76 85.57 34.01
N ARG QA 202 -64.75 86.11 35.22
CA ARG QA 202 -65.22 85.35 36.36
C ARG QA 202 -66.76 85.31 36.38
N ARG QA 203 -67.29 84.28 37.02
CA ARG QA 203 -68.73 84.07 37.05
C ARG QA 203 -69.36 84.93 38.14
N GLY QA 204 -70.45 85.60 37.80
CA GLY QA 204 -71.20 86.37 38.76
C GLY QA 204 -72.50 85.67 39.14
N PRO QA 205 -73.57 86.46 39.28
CA PRO QA 205 -74.86 85.87 39.65
C PRO QA 205 -75.50 85.12 38.48
N CYS QA 206 -76.45 84.26 38.83
CA CYS QA 206 -77.27 83.56 37.84
C CYS QA 206 -78.73 83.77 38.17
N ILE QA 207 -79.54 84.02 37.15
CA ILE QA 207 -80.97 84.23 37.30
C ILE QA 207 -81.69 83.03 36.72
N ILE QA 208 -82.47 82.35 37.55
CA ILE QA 208 -83.14 81.11 37.18
C ILE QA 208 -84.63 81.44 37.06
N TYR QA 209 -85.23 81.03 35.96
CA TYR QA 209 -86.56 81.50 35.57
C TYR QA 209 -87.32 80.37 34.89
N ASN QA 210 -88.60 80.62 34.64
CA ASN QA 210 -89.40 79.86 33.69
C ASN QA 210 -90.30 80.84 32.95
N GLU QA 211 -90.88 80.36 31.85
CA GLU QA 211 -91.77 81.14 30.96
C GLU QA 211 -91.03 82.38 30.44
N ASP QA 212 -90.04 82.10 29.60
CA ASP QA 212 -89.22 83.13 28.98
C ASP QA 212 -90.07 84.12 28.18
N ASN QA 213 -89.86 85.41 28.45
CA ASN QA 213 -90.60 86.47 27.78
C ASN QA 213 -89.66 87.60 27.36
N GLY QA 214 -88.37 87.32 27.25
CA GLY QA 214 -87.39 88.33 26.89
C GLY QA 214 -86.31 88.50 27.94
N ILE QA 215 -86.29 87.60 28.92
CA ILE QA 215 -85.33 87.71 30.01
C ILE QA 215 -83.92 87.32 29.55
N ILE QA 216 -83.81 86.46 28.54
CA ILE QA 216 -82.49 86.18 27.97
C ILE QA 216 -81.99 87.39 27.18
N LYS QA 217 -82.90 88.15 26.57
CA LYS QA 217 -82.52 89.39 25.89
C LYS QA 217 -82.07 90.45 26.90
N ALA QA 218 -82.78 90.55 28.02
CA ALA QA 218 -82.43 91.52 29.04
C ALA QA 218 -81.16 91.14 29.80
N PHE QA 219 -80.85 89.85 29.89
CA PHE QA 219 -79.70 89.36 30.64
C PHE QA 219 -78.66 88.70 29.74
N ARG QA 220 -78.58 89.10 28.47
CA ARG QA 220 -77.73 88.36 27.56
C ARG QA 220 -76.31 88.92 27.45
N ASN QA 221 -76.11 90.23 27.52
CA ASN QA 221 -74.76 90.78 27.39
C ASN QA 221 -74.29 91.47 28.68
N ILE QA 222 -74.67 90.94 29.82
CA ILE QA 222 -74.11 91.41 31.08
C ILE QA 222 -72.90 90.54 31.40
N PRO QA 223 -71.75 91.12 31.72
CA PRO QA 223 -70.56 90.29 31.97
C PRO QA 223 -70.66 89.55 33.30
N GLY QA 224 -70.50 88.23 33.23
CA GLY QA 224 -70.52 87.38 34.41
C GLY QA 224 -71.84 86.71 34.70
N ILE QA 225 -72.89 87.09 33.99
CA ILE QA 225 -74.23 86.56 34.27
C ILE QA 225 -74.39 85.20 33.60
N THR QA 226 -75.39 84.44 34.03
CA THR QA 226 -75.57 83.09 33.53
C THR QA 226 -77.04 82.82 33.24
N LEU QA 227 -77.32 82.37 32.01
CA LEU QA 227 -78.66 81.94 31.62
C LEU QA 227 -78.91 80.54 32.17
N LEU QA 228 -80.01 80.36 32.90
CA LEU QA 228 -80.27 79.08 33.54
C LEU QA 228 -81.78 78.92 33.70
N ASN QA 229 -82.26 77.69 33.57
CA ASN QA 229 -83.69 77.38 33.55
C ASN QA 229 -84.04 76.46 34.71
N VAL QA 230 -85.32 76.50 35.12
CA VAL QA 230 -85.78 75.68 36.23
C VAL QA 230 -85.83 74.22 35.84
N SER QA 231 -86.44 73.92 34.68
CA SER QA 231 -86.57 72.53 34.25
C SER QA 231 -85.24 71.94 33.81
N LYS QA 232 -84.23 72.77 33.55
CA LYS QA 232 -82.91 72.32 33.11
C LYS QA 232 -81.86 72.94 34.05
N LEU QA 233 -81.62 72.27 35.17
CA LEU QA 233 -80.68 72.75 36.16
C LEU QA 233 -79.29 72.16 35.85
N ASN QA 234 -78.32 73.03 35.61
CA ASN QA 234 -76.98 72.63 35.22
C ASN QA 234 -76.05 72.69 36.42
N ILE QA 235 -75.33 71.60 36.67
CA ILE QA 235 -74.34 71.58 37.74
C ILE QA 235 -73.16 72.47 37.38
N LEU QA 236 -72.78 72.47 36.10
CA LEU QA 236 -71.66 73.26 35.62
C LEU QA 236 -71.92 74.76 35.70
N LYS QA 237 -73.18 75.17 35.81
CA LYS QA 237 -73.53 76.58 35.98
C LYS QA 237 -73.90 76.92 37.42
N LEU QA 238 -74.50 75.98 38.15
CA LEU QA 238 -74.85 76.24 39.55
C LEU QA 238 -73.65 76.15 40.47
N ALA QA 239 -72.61 75.42 40.09
CA ALA QA 239 -71.37 75.35 40.87
C ALA QA 239 -70.19 75.18 39.92
N PRO QA 240 -69.73 76.27 39.31
CA PRO QA 240 -68.59 76.15 38.39
C PRO QA 240 -67.29 75.90 39.12
N GLY QA 241 -66.46 75.04 38.53
CA GLY QA 241 -65.20 74.66 39.13
C GLY QA 241 -65.31 73.70 40.29
N GLY QA 242 -66.48 73.09 40.50
CA GLY QA 242 -66.64 72.18 41.61
C GLY QA 242 -66.74 72.85 42.97
N HIS QA 243 -66.97 74.15 43.02
CA HIS QA 243 -67.07 74.88 44.27
C HIS QA 243 -68.53 75.27 44.50
N VAL QA 244 -69.07 74.88 45.63
CA VAL QA 244 -70.50 75.04 45.88
C VAL QA 244 -70.79 76.47 46.33
N GLY QA 245 -72.07 76.83 46.27
CA GLY QA 245 -72.52 78.09 46.82
C GLY QA 245 -72.41 79.29 45.90
N ARG QA 246 -73.06 79.25 44.75
CA ARG QA 246 -73.07 80.38 43.84
C ARG QA 246 -74.26 81.28 44.14
N PHE QA 247 -74.04 82.60 44.06
CA PHE QA 247 -75.11 83.57 44.27
C PHE QA 247 -76.13 83.47 43.15
N CYS QA 248 -77.39 83.25 43.52
CA CYS QA 248 -78.45 83.04 42.56
C CYS QA 248 -79.62 83.97 42.86
N ILE QA 249 -80.34 84.34 41.81
CA ILE QA 249 -81.53 85.20 41.92
C ILE QA 249 -82.71 84.43 41.34
N TRP QA 250 -83.72 84.22 42.16
CA TRP QA 250 -84.89 83.43 41.78
C TRP QA 250 -86.08 84.34 41.46
N THR QA 251 -87.09 83.74 40.84
CA THR QA 251 -88.34 84.39 40.50
C THR QA 251 -89.42 83.76 41.38
N GLU QA 252 -90.62 84.36 41.40
CA GLU QA 252 -91.73 83.81 42.17
C GLU QA 252 -92.13 82.43 41.65
N SER QA 253 -92.31 82.31 40.33
CA SER QA 253 -92.72 81.05 39.74
C SER QA 253 -91.61 80.01 39.83
N ALA QA 254 -90.35 80.42 39.77
CA ALA QA 254 -89.24 79.51 39.96
C ALA QA 254 -89.18 78.99 41.40
N PHE QA 255 -89.31 79.91 42.36
CA PHE QA 255 -89.21 79.59 43.77
C PHE QA 255 -90.40 78.79 44.26
N ARG QA 256 -91.53 78.86 43.54
CA ARG QA 256 -92.66 77.99 43.83
C ARG QA 256 -92.60 76.67 43.05
N LYS QA 257 -91.94 76.66 41.88
CA LYS QA 257 -91.85 75.44 41.08
C LYS QA 257 -90.77 74.49 41.62
N LEU QA 258 -89.83 75.00 42.43
CA LEU QA 258 -88.85 74.12 43.08
C LEU QA 258 -89.53 73.10 43.99
N ASP QA 259 -90.53 73.53 44.76
CA ASP QA 259 -91.26 72.61 45.64
C ASP QA 259 -92.14 71.66 44.85
N GLU QA 260 -92.56 72.04 43.64
CA GLU QA 260 -93.30 71.13 42.79
C GLU QA 260 -92.38 70.13 42.12
N LEU QA 261 -91.13 70.53 41.85
CA LEU QA 261 -90.21 69.74 41.05
C LEU QA 261 -89.37 68.79 41.90
N TYR QA 262 -89.19 69.09 43.19
CA TYR QA 262 -88.50 68.16 44.08
C TYR QA 262 -89.31 67.72 45.29
N GLY QA 263 -90.10 68.61 45.89
CA GLY QA 263 -90.91 68.23 47.02
C GLY QA 263 -90.24 68.42 48.36
N THR QA 264 -90.90 67.87 49.37
CA THR QA 264 -90.45 67.89 50.76
C THR QA 264 -90.13 66.43 51.10
N TRP QA 265 -89.78 66.15 52.36
CA TRP QA 265 -89.57 64.77 52.77
C TRP QA 265 -90.88 64.04 53.06
N ARG QA 266 -92.01 64.73 53.05
CA ARG QA 266 -93.29 64.07 53.26
C ARG QA 266 -93.81 63.44 51.97
N LYS QA 267 -93.84 64.21 50.89
CA LYS QA 267 -94.35 63.74 49.60
C LYS QA 267 -93.21 63.55 48.62
N ALA QA 268 -93.54 62.96 47.47
CA ALA QA 268 -92.58 62.78 46.39
C ALA QA 268 -92.62 63.98 45.45
N ALA QA 269 -91.70 63.99 44.50
CA ALA QA 269 -91.70 65.00 43.45
C ALA QA 269 -92.80 64.69 42.45
N SER QA 270 -93.53 65.72 42.05
CA SER QA 270 -94.66 65.54 41.14
C SER QA 270 -94.28 65.68 39.68
N LEU QA 271 -93.12 66.28 39.38
CA LEU QA 271 -92.68 66.37 38.00
C LEU QA 271 -91.73 65.25 37.63
N LYS QA 272 -90.76 64.95 38.51
CA LYS QA 272 -89.88 63.80 38.34
C LYS QA 272 -90.56 62.56 38.90
N SER QA 273 -90.51 61.47 38.15
CA SER QA 273 -91.34 60.31 38.46
C SER QA 273 -90.82 59.51 39.65
N ASN QA 274 -89.52 59.20 39.66
CA ASN QA 274 -88.99 58.26 40.63
C ASN QA 274 -87.91 58.92 41.48
N TYR QA 275 -88.18 60.11 41.99
CA TYR QA 275 -87.20 60.81 42.82
C TYR QA 275 -87.80 61.19 44.16
N ASN QA 276 -86.98 61.06 45.20
CA ASN QA 276 -87.29 61.57 46.52
C ASN QA 276 -86.07 62.32 47.05
N LEU QA 277 -86.28 63.09 48.11
CA LEU QA 277 -85.19 63.83 48.72
C LEU QA 277 -84.24 62.88 49.46
N PRO QA 278 -82.96 63.21 49.55
CA PRO QA 278 -81.99 62.32 50.19
C PRO QA 278 -82.23 62.17 51.69
N MET QA 279 -81.67 61.10 52.22
CA MET QA 279 -81.72 60.84 53.66
C MET QA 279 -80.78 61.78 54.39
N HIS QA 280 -81.27 62.36 55.49
CA HIS QA 280 -80.53 63.37 56.23
C HIS QA 280 -79.75 62.65 57.32
N LYS QA 281 -78.41 62.74 57.27
CA LYS QA 281 -77.56 61.89 58.10
C LYS QA 281 -77.57 62.32 59.56
N MET QA 282 -77.31 63.60 59.82
CA MET QA 282 -77.35 64.16 61.17
C MET QA 282 -78.44 65.24 61.20
N ILE QA 283 -79.50 64.98 61.98
CA ILE QA 283 -80.69 65.82 61.89
C ILE QA 283 -80.44 67.18 62.52
N ASN QA 284 -80.10 67.20 63.80
CA ASN QA 284 -79.77 68.43 64.51
C ASN QA 284 -78.27 68.40 64.75
N THR QA 285 -77.53 69.04 63.85
CA THR QA 285 -76.11 68.80 63.65
C THR QA 285 -75.21 69.89 64.24
N ASP QA 286 -75.71 70.69 65.17
CA ASP QA 286 -74.87 71.67 65.85
C ASP QA 286 -74.00 70.94 66.86
N LEU QA 287 -72.73 70.70 66.48
CA LEU QA 287 -71.82 69.92 67.32
C LEU QA 287 -71.47 70.64 68.62
N SER QA 288 -71.38 71.97 68.60
CA SER QA 288 -71.12 72.71 69.82
C SER QA 288 -72.29 72.61 70.79
N ARG QA 289 -73.51 72.68 70.26
CA ARG QA 289 -74.71 72.51 71.08
C ARG QA 289 -74.79 71.11 71.66
N ILE QA 290 -74.40 70.10 70.87
CA ILE QA 290 -74.43 68.71 71.35
C ILE QA 290 -73.39 68.50 72.45
N LEU QA 291 -72.18 69.00 72.23
CA LEU QA 291 -71.12 68.77 73.21
C LEU QA 291 -71.29 69.63 74.46
N LYS QA 292 -72.04 70.73 74.37
CA LYS QA 292 -72.33 71.55 75.54
C LYS QA 292 -73.72 71.32 76.09
N SER QA 293 -74.44 70.33 75.57
CA SER QA 293 -75.72 69.95 76.17
C SER QA 293 -75.48 69.26 77.51
N PRO QA 294 -76.43 69.40 78.45
CA PRO QA 294 -76.26 68.74 79.75
C PRO QA 294 -76.34 67.23 79.71
N GLU QA 295 -77.00 66.65 78.69
CA GLU QA 295 -77.10 65.19 78.60
C GLU QA 295 -75.76 64.54 78.31
N ILE QA 296 -74.89 65.23 77.56
CA ILE QA 296 -73.55 64.70 77.30
C ILE QA 296 -72.63 64.99 78.47
N GLN QA 297 -72.72 66.21 79.03
CA GLN QA 297 -71.83 66.59 80.13
C GLN QA 297 -72.22 65.95 81.46
N ARG QA 298 -73.36 65.27 81.53
CA ARG QA 298 -73.68 64.48 82.72
C ARG QA 298 -72.76 63.27 82.84
N ALA QA 299 -72.27 62.75 81.71
CA ALA QA 299 -71.54 61.48 81.71
C ALA QA 299 -70.11 61.64 81.21
N LEU QA 300 -69.40 62.65 81.69
CA LEU QA 300 -68.01 62.85 81.36
C LEU QA 300 -67.13 62.53 82.56
N ARG QA 301 -65.90 62.07 82.27
CA ARG QA 301 -64.99 61.61 83.31
C ARG QA 301 -64.55 62.71 84.28
N ALA QA 302 -63.70 63.61 83.78
CA ALA QA 302 -63.10 64.75 84.48
C ALA QA 302 -62.26 65.53 83.48
N PRO QA 303 -62.16 66.86 83.62
CA PRO QA 303 -61.20 67.60 82.79
C PRO QA 303 -59.77 67.36 83.23
N ARG QA 304 -59.04 66.57 82.45
CA ARG QA 304 -57.67 66.18 82.78
C ARG QA 304 -56.71 67.03 81.97
N LYS QA 305 -56.18 68.09 82.59
CA LYS QA 305 -55.29 69.02 81.91
C LYS QA 305 -53.88 69.00 82.46
N LYS QA 306 -53.53 67.96 83.23
CA LYS QA 306 -52.14 67.78 83.62
C LYS QA 306 -51.31 67.32 82.43
N ILE QA 307 -50.03 67.65 82.44
CA ILE QA 307 -49.16 67.41 81.30
C ILE QA 307 -48.21 66.23 81.56
N HIS QA 308 -47.59 66.20 82.74
CA HIS QA 308 -46.68 65.13 83.21
C HIS QA 308 -45.50 64.94 82.25
N ARG QA 309 -44.67 65.99 82.19
CA ARG QA 309 -43.55 66.03 81.28
C ARG QA 309 -42.40 65.13 81.74
N ARG QA 310 -41.32 65.16 80.97
CA ARG QA 310 -40.16 64.32 81.26
C ARG QA 310 -39.41 64.85 82.46
N VAL QA 311 -39.14 63.96 83.42
CA VAL QA 311 -38.41 64.31 84.63
C VAL QA 311 -36.98 63.83 84.48
N LEU QA 312 -36.04 64.77 84.58
CA LEU QA 312 -34.62 64.41 84.53
C LEU QA 312 -34.23 63.70 85.81
N LYS QA 313 -33.74 62.47 85.68
CA LYS QA 313 -33.40 61.65 86.85
C LYS QA 313 -32.10 62.16 87.46
N LYS QA 314 -32.18 62.67 88.69
CA LYS QA 314 -30.99 62.95 89.47
C LYS QA 314 -30.53 61.67 90.14
N ASN QA 315 -29.22 61.51 90.27
CA ASN QA 315 -28.63 60.21 90.60
C ASN QA 315 -28.69 59.95 92.10
N PRO QA 316 -29.32 58.86 92.54
CA PRO QA 316 -29.19 58.45 93.94
C PRO QA 316 -27.78 57.93 94.20
N LEU QA 317 -27.40 57.97 95.48
CA LEU QA 317 -26.05 57.74 96.00
C LEU QA 317 -25.02 58.70 95.41
N LYS QA 318 -25.47 59.83 94.86
CA LYS QA 318 -24.62 60.90 94.39
C LYS QA 318 -24.99 62.23 95.00
N ASN QA 319 -26.28 62.52 95.12
CA ASN QA 319 -26.75 63.73 95.79
C ASN QA 319 -27.62 63.35 96.98
N LEU QA 320 -28.20 64.36 97.61
CA LEU QA 320 -29.18 64.16 98.67
C LEU QA 320 -30.55 64.55 98.12
N ARG QA 321 -31.58 64.24 98.90
CA ARG QA 321 -33.02 64.52 98.75
C ARG QA 321 -33.65 63.64 97.67
N ILE QA 322 -32.85 63.07 96.78
CA ILE QA 322 -33.32 61.98 95.94
C ILE QA 322 -33.25 60.67 96.69
N MET QA 323 -32.14 60.50 97.43
CA MET QA 323 -32.06 59.44 98.43
C MET QA 323 -33.13 59.57 99.49
N LEU QA 324 -33.55 60.79 99.82
CA LEU QA 324 -34.65 60.97 100.75
C LEU QA 324 -36.01 60.64 100.13
N LYS QA 325 -36.22 60.98 98.85
CA LYS QA 325 -37.49 60.65 98.21
C LYS QA 325 -37.62 59.15 97.97
N LEU QA 326 -36.51 58.45 97.77
CA LEU QA 326 -36.56 57.02 97.53
C LEU QA 326 -36.36 56.17 98.78
N ASN QA 327 -35.73 56.72 99.82
CA ASN QA 327 -35.31 55.97 101.01
C ASN QA 327 -35.16 56.93 102.17
N PRO QA 328 -36.26 57.27 102.85
CA PRO QA 328 -36.19 58.29 103.93
C PRO QA 328 -35.45 57.83 105.18
N TYR QA 329 -35.09 56.54 105.28
CA TYR QA 329 -34.26 56.05 106.37
C TYR QA 329 -32.78 56.23 106.08
N ALA QA 330 -32.41 56.55 104.83
CA ALA QA 330 -31.01 56.67 104.46
C ALA QA 330 -30.31 57.85 105.11
N LYS QA 331 -31.03 58.93 105.43
CA LYS QA 331 -30.39 60.04 106.13
C LYS QA 331 -30.09 59.68 107.58
N THR QA 332 -30.98 58.92 108.23
CA THR QA 332 -30.73 58.45 109.59
C THR QA 332 -29.57 57.45 109.61
N MET QA 333 -29.52 56.56 108.62
CA MET QA 333 -28.41 55.62 108.54
C MET QA 333 -27.11 56.34 108.20
N ARG QA 334 -27.18 57.43 107.43
CA ARG QA 334 -25.98 58.19 107.11
C ARG QA 334 -25.48 58.99 108.31
N ARG QA 335 -26.38 59.57 109.12
CA ARG QA 335 -25.91 60.26 110.31
C ARG QA 335 -25.37 59.27 111.34
N ASN QA 336 -25.93 58.06 111.39
CA ASN QA 336 -25.38 57.02 112.26
C ASN QA 336 -23.99 56.58 111.79
N THR QA 337 -23.79 56.48 110.47
CA THR QA 337 -22.48 56.12 109.94
C THR QA 337 -21.45 57.21 110.20
N ILE QA 338 -21.85 58.49 110.07
CA ILE QA 338 -20.94 59.60 110.32
C ILE QA 338 -20.56 59.66 111.80
N LEU QA 339 -21.53 59.45 112.70
CA LEU QA 339 -21.23 59.43 114.13
C LEU QA 339 -20.35 58.23 114.51
N ARG QA 340 -20.57 57.06 113.88
CA ARG QA 340 -19.70 55.91 114.14
C ARG QA 340 -18.28 56.17 113.66
N GLN QA 341 -18.11 56.76 112.48
CA GLN QA 341 -16.77 57.02 111.96
C GLN QA 341 -16.05 58.08 112.78
N ALA QA 342 -16.77 59.12 113.22
CA ALA QA 342 -16.16 60.12 114.08
C ALA QA 342 -15.81 59.56 115.45
N ARG QA 343 -16.64 58.67 116.00
CA ARG QA 343 -16.37 58.09 117.30
C ARG QA 343 -15.16 57.15 117.25
N ASN QA 344 -15.09 56.31 116.21
CA ASN QA 344 -13.95 55.41 116.08
C ASN QA 344 -12.67 56.17 115.73
N HIS QA 345 -12.78 57.26 114.98
CA HIS QA 345 -11.63 58.12 114.73
C HIS QA 345 -11.12 58.75 116.01
N LYS QA 346 -12.04 59.24 116.85
CA LYS QA 346 -11.65 59.83 118.13
C LYS QA 346 -11.01 58.79 119.05
N LEU QA 347 -11.55 57.57 119.07
CA LEU QA 347 -10.98 56.51 119.90
C LEU QA 347 -9.58 56.12 119.44
N ARG QA 348 -9.39 55.96 118.12
CA ARG QA 348 -8.08 55.53 117.63
C ARG QA 348 -7.02 56.64 117.76
N VAL QA 349 -7.39 57.90 117.48
CA VAL QA 349 -6.47 59.01 117.66
C VAL QA 349 -6.15 59.20 119.14
N ASP QA 350 -7.14 59.02 120.02
CA ASP QA 350 -6.91 59.15 121.45
C ASP QA 350 -5.97 58.05 121.97
N LYS QA 351 -6.17 56.81 121.52
CA LYS QA 351 -5.33 55.70 121.95
C LYS QA 351 -3.89 55.86 121.45
N ALA QA 352 -3.72 56.19 120.17
CA ALA QA 352 -2.39 56.32 119.59
C ALA QA 352 -1.65 57.52 120.17
N ALA QA 353 -2.33 58.66 120.31
CA ALA QA 353 -1.71 59.85 120.88
C ALA QA 353 -1.43 59.67 122.37
N ALA QA 354 -2.26 58.92 123.09
CA ALA QA 354 -1.99 58.65 124.49
C ALA QA 354 -0.78 57.76 124.68
N ALA QA 355 -0.65 56.71 123.86
CA ALA QA 355 0.54 55.85 123.94
C ALA QA 355 1.80 56.60 123.55
N ALA QA 356 1.74 57.38 122.46
CA ALA QA 356 2.92 58.14 122.02
C ALA QA 356 3.30 59.23 123.00
N ALA QA 357 2.33 59.96 123.56
CA ALA QA 357 2.62 60.99 124.54
C ALA QA 357 3.08 60.41 125.88
N ALA QA 358 2.59 59.23 126.27
CA ALA QA 358 3.07 58.60 127.50
C ALA QA 358 4.52 58.15 127.34
N LEU QA 359 4.86 57.54 126.20
CA LEU QA 359 6.24 57.14 125.98
C LEU QA 359 7.16 58.35 125.77
N GLN QA 360 6.64 59.44 125.23
CA GLN QA 360 7.44 60.65 125.05
C GLN QA 360 7.68 61.36 126.37
N ALA QA 361 6.67 61.37 127.26
CA ALA QA 361 6.84 61.98 128.57
C ALA QA 361 7.69 61.11 129.48
N LYS QA 362 7.69 59.79 129.28
CA LYS QA 362 8.60 58.94 130.02
C LYS QA 362 10.03 59.09 129.52
N SER QA 363 10.21 59.14 128.21
CA SER QA 363 11.54 59.34 127.63
C SER QA 363 11.95 60.81 127.69
N VAL RA 1 -13.67 -33.50 66.16
CA VAL RA 1 -12.76 -33.64 65.04
C VAL RA 1 -13.54 -33.46 63.73
N LYS RA 2 -14.84 -33.74 63.77
CA LYS RA 2 -15.64 -33.77 62.56
C LYS RA 2 -16.30 -32.43 62.27
N VAL RA 3 -17.16 -31.96 63.18
CA VAL RA 3 -18.09 -30.87 62.88
C VAL RA 3 -17.71 -29.72 63.83
N VAL RA 4 -18.32 -28.55 63.65
CA VAL RA 4 -18.06 -27.32 64.39
C VAL RA 4 -19.33 -27.06 65.20
N LYS RA 5 -19.89 -28.13 65.76
CA LYS RA 5 -21.25 -28.28 66.29
C LYS RA 5 -21.85 -27.10 67.07
N ASN RA 6 -21.27 -26.77 68.22
CA ASN RA 6 -21.88 -25.79 69.12
C ASN RA 6 -20.78 -24.95 69.76
N LYS RA 7 -20.48 -23.79 69.16
CA LYS RA 7 -19.54 -22.85 69.72
C LYS RA 7 -20.22 -21.53 70.06
N ALA RA 8 -20.90 -20.91 69.11
CA ALA RA 8 -21.71 -19.71 69.34
C ALA RA 8 -23.18 -19.94 69.06
N TYR RA 9 -23.57 -21.19 68.74
CA TYR RA 9 -24.98 -21.52 68.57
C TYR RA 9 -25.75 -21.34 69.86
N PHE RA 10 -25.12 -21.63 71.00
CA PHE RA 10 -25.76 -21.40 72.28
C PHE RA 10 -25.85 -19.91 72.62
N LYS RA 11 -25.02 -19.08 71.99
CA LYS RA 11 -25.06 -17.65 72.24
C LYS RA 11 -26.05 -16.94 71.31
N ARG RA 12 -26.27 -17.49 70.11
CA ARG RA 12 -27.23 -16.91 69.18
C ARG RA 12 -28.47 -17.77 69.01
N TYR RA 13 -28.74 -18.67 69.95
CA TYR RA 13 -29.94 -19.49 69.90
C TYR RA 13 -31.13 -18.65 70.36
N GLN RA 14 -32.05 -18.37 69.44
CA GLN RA 14 -33.29 -17.70 69.78
C GLN RA 14 -34.30 -18.75 70.24
N VAL RA 15 -34.69 -18.68 71.51
CA VAL RA 15 -35.68 -19.61 72.03
C VAL RA 15 -37.05 -19.26 71.45
N LYS RA 16 -37.82 -20.30 71.11
CA LYS RA 16 -39.14 -20.09 70.52
C LYS RA 16 -40.09 -19.44 71.51
N PHE RA 17 -40.45 -20.18 72.56
CA PHE RA 17 -41.48 -19.79 73.51
C PHE RA 17 -41.50 -20.85 74.60
N ARG RA 18 -41.97 -20.47 75.79
CA ARG RA 18 -42.06 -21.42 76.91
C ARG RA 18 -43.09 -22.50 76.63
N ARG RA 19 -44.32 -22.11 76.30
CA ARG RA 19 -45.37 -23.07 76.01
C ARG RA 19 -45.09 -23.86 74.74
N ARG RA 20 -44.41 -23.26 73.77
CA ARG RA 20 -44.09 -23.97 72.54
C ARG RA 20 -42.98 -25.00 72.76
N ARG RA 21 -41.97 -24.68 73.56
CA ARG RA 21 -40.97 -25.67 73.91
C ARG RA 21 -41.53 -26.77 74.80
N GLU RA 22 -42.53 -26.45 75.63
CA GLU RA 22 -43.23 -27.52 76.33
C GLU RA 22 -44.12 -28.33 75.40
N GLY RA 23 -44.55 -27.76 74.29
CA GLY RA 23 -45.35 -28.49 73.34
C GLY RA 23 -46.82 -28.50 73.70
N LYS RA 24 -47.38 -27.33 73.96
CA LYS RA 24 -48.79 -27.24 74.29
C LYS RA 24 -49.54 -26.21 73.48
N THR RA 25 -48.86 -25.31 72.77
CA THR RA 25 -49.49 -24.29 71.96
C THR RA 25 -48.96 -24.35 70.54
N ASP RA 26 -49.57 -23.57 69.68
CA ASP RA 26 -49.06 -23.29 68.35
C ASP RA 26 -49.00 -21.80 68.04
N TYR RA 27 -49.98 -21.03 68.52
CA TYR RA 27 -50.19 -19.58 68.42
C TYR RA 27 -50.58 -19.09 67.02
N TYR RA 28 -50.40 -19.93 66.00
CA TYR RA 28 -50.86 -19.55 64.67
C TYR RA 28 -52.37 -19.68 64.58
N ALA RA 29 -52.95 -20.54 65.41
CA ALA RA 29 -54.39 -20.60 65.59
C ALA RA 29 -54.86 -19.78 66.77
N ARG RA 30 -54.02 -19.59 67.79
CA ARG RA 30 -54.42 -18.82 68.97
C ARG RA 30 -54.52 -17.33 68.67
N LYS RA 31 -53.64 -16.81 67.80
CA LYS RA 31 -53.66 -15.41 67.40
C LYS RA 31 -54.94 -15.04 66.67
N ARG RA 32 -55.63 -16.00 66.07
CA ARG RA 32 -56.92 -15.74 65.44
C ARG RA 32 -58.11 -16.19 66.28
N LEU RA 33 -57.94 -17.19 67.16
CA LEU RA 33 -59.04 -17.60 68.01
C LEU RA 33 -59.30 -16.61 69.13
N VAL RA 34 -58.25 -16.18 69.83
CA VAL RA 34 -58.42 -15.46 71.09
C VAL RA 34 -58.79 -14.00 70.86
N ILE RA 35 -58.07 -13.33 69.98
CA ILE RA 35 -58.02 -11.87 69.96
C ILE RA 35 -59.31 -11.30 69.38
N GLN RA 36 -59.99 -10.48 70.17
CA GLN RA 36 -61.24 -9.85 69.78
C GLN RA 36 -60.99 -8.63 68.91
N ASP RA 37 -61.89 -8.41 67.95
CA ASP RA 37 -61.87 -7.20 67.15
C ASP RA 37 -62.07 -5.96 68.03
N LYS RA 38 -61.39 -4.88 67.68
CA LYS RA 38 -61.22 -3.74 68.57
C LYS RA 38 -62.36 -2.73 68.49
N ASN RA 39 -63.45 -3.05 67.79
CA ASN RA 39 -64.62 -2.17 67.80
C ASN RA 39 -65.37 -2.18 69.12
N LYS RA 40 -65.09 -3.13 69.99
CA LYS RA 40 -65.87 -3.35 71.20
C LYS RA 40 -65.18 -2.86 72.46
N TYR RA 41 -63.84 -2.85 72.45
CA TYR RA 41 -62.91 -2.19 73.37
C TYR RA 41 -62.83 -2.84 74.76
N ASN RA 42 -63.81 -3.66 75.13
CA ASN RA 42 -63.78 -4.40 76.39
C ASN RA 42 -64.35 -5.79 76.32
N THR RA 43 -65.06 -6.15 75.25
CA THR RA 43 -65.92 -7.34 75.24
C THR RA 43 -65.09 -8.61 75.25
N PRO RA 44 -65.26 -9.48 76.24
CA PRO RA 44 -64.48 -10.72 76.28
C PRO RA 44 -64.96 -11.70 75.22
N LYS RA 45 -64.01 -12.47 74.69
CA LYS RA 45 -64.29 -13.46 73.66
C LYS RA 45 -64.21 -14.84 74.31
N TYR RA 46 -65.36 -15.50 74.42
CA TYR RA 46 -65.46 -16.73 75.18
C TYR RA 46 -65.11 -17.93 74.31
N ARG RA 47 -64.19 -18.76 74.81
CA ARG RA 47 -63.69 -19.91 74.08
C ARG RA 47 -63.82 -21.14 74.95
N MET RA 48 -64.46 -22.18 74.40
CA MET RA 48 -64.56 -23.47 75.06
C MET RA 48 -63.31 -24.27 74.73
N ILE RA 49 -62.48 -24.47 75.73
CA ILE RA 49 -61.23 -25.22 75.61
C ILE RA 49 -61.53 -26.65 76.03
N VAL RA 50 -61.33 -27.59 75.10
CA VAL RA 50 -61.55 -29.00 75.33
C VAL RA 50 -60.22 -29.71 75.14
N ARG RA 51 -59.68 -30.25 76.22
CA ARG RA 51 -58.40 -30.95 76.19
C ARG RA 51 -58.59 -32.40 76.61
N VAL RA 52 -57.98 -33.31 75.86
CA VAL RA 52 -58.09 -34.74 76.08
C VAL RA 52 -56.77 -35.23 76.65
N THR RA 53 -56.80 -35.82 77.84
CA THR RA 53 -55.64 -36.48 78.43
C THR RA 53 -56.04 -37.88 78.85
N ASN RA 54 -55.04 -38.73 79.03
CA ASN RA 54 -55.27 -40.09 79.50
C ASN RA 54 -55.89 -40.06 80.88
N ARG RA 55 -57.05 -40.72 81.01
CA ARG RA 55 -57.97 -40.83 82.14
C ARG RA 55 -58.76 -39.55 82.42
N ASP RA 56 -58.62 -38.48 81.64
CA ASP RA 56 -59.31 -37.24 82.02
C ASP RA 56 -59.49 -36.31 80.84
N ILE RA 57 -60.73 -35.87 80.62
CA ILE RA 57 -61.01 -34.80 79.67
C ILE RA 57 -61.34 -33.54 80.45
N ILE RA 58 -61.03 -32.39 79.85
CA ILE RA 58 -61.21 -31.09 80.50
C ILE RA 58 -61.99 -30.19 79.56
N CYS RA 59 -63.14 -29.71 80.01
CA CYS RA 59 -63.97 -28.78 79.25
C CYS RA 59 -64.12 -27.49 80.05
N GLN RA 60 -63.64 -26.39 79.48
CA GLN RA 60 -63.68 -25.09 80.14
C GLN RA 60 -64.20 -24.05 79.16
N ILE RA 61 -64.63 -22.90 79.69
CA ILE RA 61 -64.89 -21.73 78.87
C ILE RA 61 -64.17 -20.55 79.50
N ALA RA 62 -63.30 -19.91 78.74
CA ALA RA 62 -62.46 -18.84 79.26
C ALA RA 62 -62.35 -17.71 78.26
N TYR RA 63 -61.96 -16.54 78.76
CA TYR RA 63 -61.60 -15.40 77.93
C TYR RA 63 -60.20 -14.92 78.32
N ALA RA 64 -59.74 -13.85 77.69
CA ALA RA 64 -58.37 -13.41 77.85
C ALA RA 64 -58.29 -11.97 78.36
N ARG RA 65 -57.29 -11.72 79.19
CA ARG RA 65 -56.86 -10.38 79.56
C ARG RA 65 -55.35 -10.31 79.34
N ILE RA 66 -54.77 -9.15 79.63
CA ILE RA 66 -53.33 -8.99 79.39
C ILE RA 66 -52.53 -9.69 80.49
N GLU RA 67 -53.12 -9.87 81.68
CA GLU RA 67 -52.41 -10.55 82.76
C GLU RA 67 -52.45 -12.06 82.58
N GLY RA 68 -53.43 -12.57 81.83
CA GLY RA 68 -53.56 -13.99 81.65
C GLY RA 68 -54.94 -14.33 81.13
N ASP RA 69 -55.31 -15.59 81.27
CA ASP RA 69 -56.61 -16.06 80.84
C ASP RA 69 -57.53 -16.28 82.04
N MET RA 70 -58.73 -15.71 81.96
CA MET RA 70 -59.71 -15.78 83.03
C MET RA 70 -60.74 -16.85 82.70
N ILE RA 71 -60.83 -17.86 83.56
CA ILE RA 71 -61.76 -18.97 83.35
C ILE RA 71 -63.05 -18.69 84.09
N VAL RA 72 -64.17 -18.73 83.37
CA VAL RA 72 -65.47 -18.49 84.00
C VAL RA 72 -65.98 -19.76 84.66
N CYS RA 73 -66.04 -20.86 83.90
CA CYS RA 73 -66.56 -22.12 84.41
C CYS RA 73 -65.66 -23.25 83.91
N ALA RA 74 -65.70 -24.38 84.63
CA ALA RA 74 -64.85 -25.52 84.29
C ALA RA 74 -65.53 -26.81 84.71
N ALA RA 75 -65.41 -27.83 83.86
CA ALA RA 75 -65.91 -29.17 84.13
C ALA RA 75 -64.82 -30.19 83.88
N TYR RA 76 -64.94 -31.36 84.50
CA TYR RA 76 -63.94 -32.40 84.40
C TYR RA 76 -64.62 -33.75 84.23
N ALA RA 77 -63.81 -34.80 84.11
CA ALA RA 77 -64.32 -36.15 83.93
C ALA RA 77 -64.29 -36.98 85.20
N HIS RA 78 -63.45 -36.63 86.17
CA HIS RA 78 -63.36 -37.39 87.41
C HIS RA 78 -64.51 -37.12 88.37
N GLU RA 79 -65.37 -36.15 88.08
CA GLU RA 79 -66.53 -35.87 88.89
C GLU RA 79 -67.80 -36.49 88.35
N LEU RA 80 -67.69 -37.27 87.27
CA LEU RA 80 -68.85 -37.96 86.71
C LEU RA 80 -69.45 -39.08 87.56
N PRO RA 81 -68.71 -39.84 88.40
CA PRO RA 81 -69.41 -40.74 89.34
C PRO RA 81 -70.28 -40.03 90.37
N LYS RA 82 -70.07 -38.75 90.63
CA LYS RA 82 -71.00 -38.01 91.47
C LYS RA 82 -72.32 -37.72 90.75
N TYR RA 83 -72.32 -37.73 89.43
CA TYR RA 83 -73.53 -37.52 88.63
C TYR RA 83 -74.09 -38.80 88.06
N GLY RA 84 -73.39 -39.92 88.22
CA GLY RA 84 -73.96 -41.20 87.81
C GLY RA 84 -73.05 -42.09 86.97
N VAL RA 85 -72.26 -41.49 86.08
CA VAL RA 85 -71.40 -42.26 85.19
C VAL RA 85 -70.19 -42.72 86.01
N LYS RA 86 -70.22 -43.97 86.47
CA LYS RA 86 -69.16 -44.47 87.33
C LYS RA 86 -67.89 -44.77 86.55
N VAL RA 87 -68.03 -45.48 85.42
CA VAL RA 87 -66.91 -45.91 84.62
C VAL RA 87 -67.12 -45.48 83.18
N GLY RA 88 -66.07 -45.65 82.36
CA GLY RA 88 -66.09 -45.15 81.00
C GLY RA 88 -65.99 -43.64 80.96
N LEU RA 89 -64.88 -43.11 81.46
CA LEU RA 89 -64.74 -41.68 81.68
C LEU RA 89 -64.10 -40.95 80.51
N THR RA 90 -63.51 -41.66 79.55
CA THR RA 90 -62.87 -41.01 78.41
C THR RA 90 -63.44 -41.48 77.09
N ASN RA 91 -64.75 -41.56 76.97
CA ASN RA 91 -65.35 -41.94 75.70
C ASN RA 91 -66.12 -40.75 75.11
N TYR RA 92 -66.75 -41.01 73.97
CA TYR RA 92 -67.61 -40.01 73.33
C TYR RA 92 -68.81 -39.70 74.20
N ALA RA 93 -69.32 -40.71 74.92
CA ALA RA 93 -70.44 -40.52 75.83
C ALA RA 93 -70.07 -39.63 77.00
N ALA RA 94 -68.89 -39.83 77.60
CA ALA RA 94 -68.44 -38.93 78.65
C ALA RA 94 -68.04 -37.57 78.10
N ALA RA 95 -67.67 -37.47 76.83
CA ALA RA 95 -67.41 -36.17 76.22
C ALA RA 95 -68.70 -35.36 76.10
N TYR RA 96 -69.76 -36.00 75.59
CA TYR RA 96 -71.08 -35.36 75.52
C TYR RA 96 -71.60 -35.05 76.92
N CYS RA 97 -71.34 -35.95 77.88
CA CYS RA 97 -71.76 -35.76 79.26
C CYS RA 97 -71.06 -34.58 79.91
N THR RA 98 -69.75 -34.44 79.68
CA THR RA 98 -68.98 -33.35 80.25
C THR RA 98 -69.35 -32.02 79.59
N GLY RA 99 -69.65 -32.04 78.29
CA GLY RA 99 -70.12 -30.83 77.63
C GLY RA 99 -71.47 -30.36 78.13
N LEU RA 100 -72.39 -31.32 78.36
CA LEU RA 100 -73.68 -30.97 78.94
C LEU RA 100 -73.54 -30.46 80.37
N LEU RA 101 -72.65 -31.08 81.15
CA LEU RA 101 -72.41 -30.63 82.52
C LEU RA 101 -71.80 -29.23 82.55
N LEU RA 102 -70.89 -28.95 81.62
CA LEU RA 102 -70.26 -27.63 81.55
C LEU RA 102 -71.26 -26.57 81.14
N ALA RA 103 -72.14 -26.89 80.17
CA ALA RA 103 -73.15 -25.93 79.75
C ALA RA 103 -74.17 -25.65 80.85
N ARG RA 104 -74.65 -26.70 81.52
CA ARG RA 104 -75.60 -26.51 82.62
C ARG RA 104 -74.97 -25.78 83.80
N ARG RA 105 -73.68 -26.03 84.08
CA ARG RA 105 -73.03 -25.35 85.19
C ARG RA 105 -72.77 -23.88 84.86
N LEU RA 106 -72.45 -23.58 83.60
CA LEU RA 106 -72.28 -22.19 83.19
C LEU RA 106 -73.58 -21.42 83.25
N LEU RA 107 -74.67 -22.02 82.76
CA LEU RA 107 -75.96 -21.35 82.84
C LEU RA 107 -76.50 -21.29 84.26
N ASN RA 108 -76.10 -22.21 85.14
CA ASN RA 108 -76.46 -22.09 86.55
C ASN RA 108 -75.68 -20.97 87.22
N ARG RA 109 -74.42 -20.78 86.82
CA ARG RA 109 -73.64 -19.67 87.34
C ARG RA 109 -74.20 -18.33 86.87
N PHE RA 110 -74.62 -18.25 85.60
CA PHE RA 110 -75.19 -17.01 85.09
C PHE RA 110 -76.63 -16.81 85.55
N GLY RA 111 -77.30 -17.87 85.99
CA GLY RA 111 -78.67 -17.78 86.42
C GLY RA 111 -79.71 -17.94 85.35
N MET RA 112 -79.33 -18.45 84.17
CA MET RA 112 -80.26 -18.65 83.07
C MET RA 112 -80.72 -20.11 83.02
N ASP RA 113 -81.37 -20.54 84.11
CA ASP RA 113 -81.77 -21.93 84.23
C ASP RA 113 -83.11 -22.20 83.57
N LYS RA 114 -84.11 -21.35 83.84
CA LYS RA 114 -85.47 -21.63 83.41
C LYS RA 114 -85.63 -21.44 81.90
N ILE RA 115 -84.95 -20.46 81.34
CA ILE RA 115 -84.95 -20.27 79.88
C ILE RA 115 -83.77 -21.04 79.30
N TYR RA 116 -83.85 -21.27 77.98
CA TYR RA 116 -82.81 -21.92 77.17
C TYR RA 116 -82.51 -23.34 77.68
N GLU RA 117 -83.51 -24.20 77.60
CA GLU RA 117 -83.35 -25.59 78.01
C GLU RA 117 -82.51 -26.39 77.02
N GLY RA 118 -82.41 -25.93 75.77
CA GLY RA 118 -81.63 -26.66 74.79
C GLY RA 118 -82.37 -27.86 74.24
N GLN RA 119 -81.62 -28.90 73.89
CA GLN RA 119 -82.17 -30.14 73.35
C GLN RA 119 -82.23 -31.14 74.49
N VAL RA 120 -83.43 -31.35 75.04
CA VAL RA 120 -83.60 -32.26 76.16
C VAL RA 120 -83.52 -33.70 75.67
N GLU RA 121 -84.41 -34.08 74.75
CA GLU RA 121 -84.39 -35.42 74.17
C GLU RA 121 -83.22 -35.52 73.21
N VAL RA 122 -82.23 -36.33 73.56
CA VAL RA 122 -81.00 -36.43 72.79
C VAL RA 122 -81.28 -37.22 71.53
N THR RA 123 -81.34 -36.54 70.38
CA THR RA 123 -81.56 -37.19 69.10
C THR RA 123 -80.39 -37.04 68.14
N GLY RA 124 -79.51 -36.06 68.35
CA GLY RA 124 -78.39 -35.87 67.46
C GLY RA 124 -78.69 -35.04 66.23
N ASP RA 125 -79.70 -34.18 66.29
CA ASP RA 125 -80.06 -33.34 65.16
C ASP RA 125 -79.24 -32.05 65.21
N GLU RA 126 -79.45 -31.17 64.25
CA GLU RA 126 -78.72 -29.90 64.17
C GLU RA 126 -79.51 -28.79 64.85
N TYR RA 127 -79.79 -28.99 66.13
CA TYR RA 127 -80.56 -28.02 66.92
C TYR RA 127 -79.63 -26.90 67.36
N ASN RA 128 -79.58 -25.84 66.57
CA ASN RA 128 -78.77 -24.69 66.92
C ASN RA 128 -79.50 -23.80 67.90
N VAL RA 129 -78.73 -23.16 68.79
CA VAL RA 129 -79.31 -22.36 69.86
C VAL RA 129 -79.79 -21.03 69.29
N GLU RA 130 -81.07 -20.75 69.46
CA GLU RA 130 -81.68 -19.50 69.01
C GLU RA 130 -81.80 -18.52 70.17
N SER RA 131 -81.94 -17.25 69.82
CA SER RA 131 -82.05 -16.17 70.79
C SER RA 131 -83.49 -15.69 70.87
N ILE RA 132 -84.03 -15.61 72.08
CA ILE RA 132 -85.41 -15.19 72.29
C ILE RA 132 -85.44 -13.70 72.61
N ASP RA 133 -86.23 -12.96 71.86
CA ASP RA 133 -86.35 -11.52 72.08
C ASP RA 133 -87.12 -11.21 73.35
N GLY RA 134 -86.76 -10.11 73.98
CA GLY RA 134 -87.35 -9.73 75.26
C GLY RA 134 -86.73 -10.43 76.46
N GLN RA 135 -85.71 -11.26 76.25
CA GLN RA 135 -85.05 -12.06 77.26
C GLN RA 135 -83.55 -11.86 77.10
N PRO RA 136 -82.75 -12.23 78.11
CA PRO RA 136 -81.30 -12.22 77.91
C PRO RA 136 -80.88 -13.23 76.84
N GLY RA 137 -79.98 -12.77 75.96
CA GLY RA 137 -79.62 -13.53 74.79
C GLY RA 137 -78.76 -14.74 75.09
N ALA RA 138 -78.49 -15.50 74.03
CA ALA RA 138 -77.75 -16.75 74.17
C ALA RA 138 -76.27 -16.47 74.43
N PHE RA 139 -75.57 -17.51 74.86
CA PHE RA 139 -74.15 -17.41 75.16
C PHE RA 139 -73.36 -17.75 73.91
N THR RA 140 -72.62 -16.78 73.39
CA THR RA 140 -71.81 -16.98 72.20
C THR RA 140 -70.41 -17.43 72.62
N CYS RA 141 -70.02 -18.62 72.17
CA CYS RA 141 -68.72 -19.18 72.49
C CYS RA 141 -68.10 -19.76 71.22
N TYR RA 142 -66.79 -19.97 71.26
CA TYR RA 142 -66.08 -20.50 70.09
C TYR RA 142 -65.13 -21.60 70.52
N LEU RA 143 -64.90 -22.57 69.64
CA LEU RA 143 -64.20 -23.79 69.99
C LEU RA 143 -62.69 -23.58 70.13
N ASP RA 144 -62.06 -24.50 70.86
CA ASP RA 144 -60.60 -24.62 70.90
C ASP RA 144 -60.28 -26.08 70.66
N ALA RA 145 -59.66 -26.38 69.52
CA ALA RA 145 -59.22 -27.74 69.25
C ALA RA 145 -57.83 -28.01 69.82
N GLY RA 146 -57.00 -26.98 69.92
CA GLY RA 146 -55.65 -27.17 70.41
C GLY RA 146 -54.76 -27.81 69.36
N LEU RA 147 -53.87 -28.69 69.79
CA LEU RA 147 -52.98 -29.40 68.87
C LEU RA 147 -53.61 -30.64 68.27
N ALA RA 148 -54.81 -31.02 68.70
CA ALA RA 148 -55.45 -32.22 68.20
C ALA RA 148 -55.95 -32.01 66.77
N ARG RA 149 -55.72 -33.02 65.92
CA ARG RA 149 -56.15 -32.95 64.54
C ARG RA 149 -57.66 -33.18 64.47
N THR RA 150 -58.35 -32.27 63.78
CA THR RA 150 -59.81 -32.30 63.72
C THR RA 150 -60.25 -33.23 62.59
N THR RA 151 -60.54 -34.48 62.96
CA THR RA 151 -61.08 -35.46 62.04
C THR RA 151 -62.47 -35.81 62.54
N THR RA 152 -63.33 -36.32 61.63
CA THR RA 152 -64.67 -36.74 62.00
C THR RA 152 -64.62 -37.86 63.03
N GLY RA 153 -65.31 -37.66 64.15
CA GLY RA 153 -65.31 -38.62 65.23
C GLY RA 153 -64.46 -38.23 66.42
N ASN RA 154 -63.74 -37.11 66.36
CA ASN RA 154 -62.98 -36.64 67.49
C ASN RA 154 -63.93 -36.10 68.55
N LYS RA 155 -63.70 -36.47 69.81
CA LYS RA 155 -64.67 -36.18 70.86
C LYS RA 155 -64.61 -34.75 71.37
N VAL RA 156 -63.71 -33.92 70.83
CA VAL RA 156 -63.88 -32.47 71.00
C VAL RA 156 -65.18 -32.01 70.33
N PHE RA 157 -65.56 -32.65 69.23
CA PHE RA 157 -66.87 -32.39 68.64
C PHE RA 157 -67.99 -32.99 69.48
N GLY RA 158 -67.72 -34.03 70.26
CA GLY RA 158 -68.72 -34.52 71.19
C GLY RA 158 -68.95 -33.56 72.34
N ALA RA 159 -67.88 -32.95 72.84
CA ALA RA 159 -68.02 -31.88 73.83
C ALA RA 159 -68.72 -30.67 73.25
N LEU RA 160 -68.47 -30.37 71.97
CA LEU RA 160 -69.22 -29.33 71.26
C LEU RA 160 -70.70 -29.67 71.19
N LYS RA 161 -71.03 -30.93 70.87
CA LYS RA 161 -72.42 -31.36 70.80
C LYS RA 161 -73.10 -31.28 72.16
N GLY RA 162 -72.37 -31.63 73.23
CA GLY RA 162 -72.88 -31.43 74.57
C GLY RA 162 -73.13 -29.99 74.92
N ALA RA 163 -72.24 -29.09 74.50
CA ALA RA 163 -72.43 -27.66 74.75
C ALA RA 163 -73.64 -27.11 73.99
N VAL RA 164 -73.80 -27.54 72.73
CA VAL RA 164 -74.91 -27.05 71.91
C VAL RA 164 -76.23 -27.58 72.43
N ASP RA 165 -76.28 -28.86 72.83
CA ASP RA 165 -77.51 -29.38 73.41
C ASP RA 165 -77.74 -28.87 74.84
N GLY RA 166 -76.70 -28.39 75.51
CA GLY RA 166 -76.90 -27.69 76.77
C GLY RA 166 -77.40 -26.28 76.61
N GLY RA 167 -77.14 -25.66 75.46
CA GLY RA 167 -77.69 -24.35 75.19
C GLY RA 167 -76.67 -23.26 75.00
N LEU RA 168 -75.52 -23.61 74.43
CA LEU RA 168 -74.47 -22.64 74.13
C LEU RA 168 -74.46 -22.39 72.63
N SER RA 169 -74.66 -21.13 72.24
CA SER RA 169 -74.74 -20.74 70.83
C SER RA 169 -73.33 -20.71 70.26
N ILE RA 170 -72.90 -21.83 69.72
CA ILE RA 170 -71.58 -21.95 69.09
C ILE RA 170 -71.81 -22.29 67.62
N PRO RA 171 -71.27 -21.53 66.68
CA PRO RA 171 -71.43 -21.88 65.26
C PRO RA 171 -70.56 -23.06 64.90
N HIS RA 172 -71.16 -24.01 64.17
CA HIS RA 172 -70.47 -25.23 63.79
C HIS RA 172 -71.14 -25.82 62.55
N SER RA 173 -70.49 -26.82 61.98
CA SER RA 173 -71.01 -27.55 60.84
C SER RA 173 -71.28 -28.99 61.24
N THR RA 174 -72.13 -29.65 60.45
CA THR RA 174 -72.56 -31.01 60.73
C THR RA 174 -71.72 -32.06 60.01
N LYS RA 175 -70.66 -31.65 59.31
CA LYS RA 175 -69.87 -32.59 58.52
C LYS RA 175 -68.62 -33.07 59.25
N ARG RA 176 -68.47 -32.76 60.54
CA ARG RA 176 -67.38 -33.29 61.34
C ARG RA 176 -67.86 -34.08 62.54
N PHE RA 177 -69.16 -34.19 62.75
CA PHE RA 177 -69.69 -35.12 63.72
C PHE RA 177 -69.51 -36.55 63.23
N PRO RA 178 -69.37 -37.52 64.14
CA PRO RA 178 -69.30 -38.92 63.71
C PRO RA 178 -70.65 -39.39 63.17
N GLY RA 179 -70.58 -40.16 62.09
CA GLY RA 179 -71.74 -40.56 61.33
C GLY RA 179 -71.85 -39.89 59.98
N TYR RA 180 -71.09 -38.82 59.76
CA TYR RA 180 -71.06 -38.16 58.46
C TYR RA 180 -70.29 -39.03 57.48
N ASP RA 181 -70.92 -39.36 56.35
CA ASP RA 181 -70.27 -40.17 55.33
C ASP RA 181 -69.22 -39.36 54.61
N SER RA 182 -68.08 -39.99 54.30
CA SER RA 182 -66.99 -39.28 53.66
C SER RA 182 -67.22 -39.09 52.17
N GLU RA 183 -67.92 -40.02 51.52
CA GLU RA 183 -68.21 -39.92 50.10
C GLU RA 183 -69.54 -39.24 49.83
N SER RA 184 -70.63 -39.78 50.37
CA SER RA 184 -71.94 -39.16 50.24
C SER RA 184 -72.05 -38.00 51.20
N LYS RA 185 -72.69 -36.92 50.75
CA LYS RA 185 -72.74 -35.69 51.52
C LYS RA 185 -73.85 -35.67 52.57
N GLU RA 186 -74.70 -36.68 52.61
CA GLU RA 186 -75.77 -36.70 53.60
C GLU RA 186 -75.24 -37.08 54.97
N PHE RA 187 -75.89 -36.57 56.00
CA PHE RA 187 -75.57 -36.86 57.40
C PHE RA 187 -76.67 -37.70 58.01
N ASN RA 188 -76.27 -38.66 58.84
CA ASN RA 188 -77.20 -39.59 59.47
C ASN RA 188 -77.29 -39.27 60.95
N ALA RA 189 -78.51 -39.02 61.44
CA ALA RA 189 -78.74 -38.68 62.83
C ALA RA 189 -78.88 -39.90 63.73
N GLU RA 190 -79.36 -41.02 63.20
CA GLU RA 190 -79.50 -42.23 64.01
C GLU RA 190 -78.15 -42.80 64.40
N VAL RA 191 -77.18 -42.75 63.48
CA VAL RA 191 -75.82 -43.20 63.77
C VAL RA 191 -75.17 -42.29 64.81
N HIS RA 192 -75.45 -40.99 64.74
CA HIS RA 192 -74.87 -40.05 65.68
C HIS RA 192 -75.49 -40.21 67.07
N ARG RA 193 -76.80 -40.46 67.14
CA ARG RA 193 -77.43 -40.74 68.43
C ARG RA 193 -76.95 -42.06 69.01
N LYS RA 194 -76.72 -43.05 68.14
CA LYS RA 194 -76.15 -44.32 68.57
C LYS RA 194 -74.74 -44.15 69.12
N HIS RA 195 -73.94 -43.27 68.52
CA HIS RA 195 -72.59 -43.05 69.00
C HIS RA 195 -72.55 -42.15 70.23
N ILE RA 196 -73.58 -41.31 70.44
CA ILE RA 196 -73.73 -40.61 71.71
C ILE RA 196 -74.06 -41.59 72.83
N MET RA 197 -75.06 -42.44 72.63
CA MET RA 197 -75.47 -43.37 73.66
C MET RA 197 -74.47 -44.51 73.85
N GLY RA 198 -73.56 -44.71 72.91
CA GLY RA 198 -72.53 -45.71 73.08
C GLY RA 198 -73.01 -47.12 72.83
N GLN RA 199 -73.87 -47.33 71.84
CA GLN RA 199 -74.34 -48.67 71.52
C GLN RA 199 -73.31 -49.44 70.71
N ASN RA 200 -72.36 -48.76 70.07
CA ASN RA 200 -71.32 -49.46 69.32
C ASN RA 200 -70.33 -50.18 70.24
N VAL RA 201 -69.98 -49.56 71.37
CA VAL RA 201 -69.10 -50.24 72.31
C VAL RA 201 -69.86 -51.30 73.09
N ALA RA 202 -71.18 -51.17 73.19
CA ALA RA 202 -72.00 -52.27 73.69
C ALA RA 202 -71.99 -53.45 72.73
N ASP RA 203 -72.06 -53.16 71.42
CA ASP RA 203 -71.93 -54.21 70.42
C ASP RA 203 -70.54 -54.82 70.40
N TYR RA 204 -69.50 -54.04 70.73
CA TYR RA 204 -68.16 -54.60 70.85
C TYR RA 204 -68.00 -55.45 72.11
N MET RA 205 -68.68 -55.08 73.20
CA MET RA 205 -68.70 -55.97 74.35
C MET RA 205 -69.43 -57.28 74.04
N ARG RA 206 -70.51 -57.20 73.26
CA ARG RA 206 -71.16 -58.41 72.76
C ARG RA 206 -70.23 -59.22 71.85
N TYR RA 207 -69.45 -58.53 71.02
CA TYR RA 207 -68.47 -59.17 70.16
C TYR RA 207 -67.40 -59.90 70.96
N LEU RA 208 -66.95 -59.30 72.06
CA LEU RA 208 -65.96 -59.94 72.91
C LEU RA 208 -66.55 -61.09 73.72
N MET RA 209 -67.80 -60.96 74.18
CA MET RA 209 -68.42 -62.06 74.90
C MET RA 209 -68.78 -63.23 73.98
N GLU RA 210 -68.98 -62.98 72.69
CA GLU RA 210 -69.27 -64.07 71.77
C GLU RA 210 -68.02 -64.70 71.17
N GLU RA 211 -67.03 -63.89 70.76
CA GLU RA 211 -65.89 -64.43 70.04
C GLU RA 211 -64.84 -65.01 70.98
N ASP RA 212 -64.27 -64.17 71.84
CA ASP RA 212 -63.13 -64.60 72.67
C ASP RA 212 -63.24 -63.91 74.02
N GLU RA 213 -63.53 -64.68 75.07
CA GLU RA 213 -63.63 -64.15 76.41
C GLU RA 213 -62.28 -63.78 77.02
N ASP RA 214 -61.17 -64.19 76.40
CA ASP RA 214 -59.86 -63.84 76.91
C ASP RA 214 -59.60 -62.33 76.82
N ALA RA 215 -59.96 -61.72 75.69
CA ALA RA 215 -59.85 -60.27 75.57
C ALA RA 215 -60.87 -59.55 76.43
N TYR RA 216 -62.06 -60.14 76.60
CA TYR RA 216 -63.10 -59.55 77.42
C TYR RA 216 -62.72 -59.57 78.90
N LYS RA 217 -61.89 -60.52 79.32
CA LYS RA 217 -61.34 -60.51 80.66
C LYS RA 217 -60.05 -59.71 80.77
N LYS RA 218 -59.30 -59.56 79.68
CA LYS RA 218 -58.09 -58.76 79.72
C LYS RA 218 -58.40 -57.27 79.79
N GLN RA 219 -59.08 -56.74 78.78
CA GLN RA 219 -59.55 -55.37 78.87
C GLN RA 219 -60.95 -55.37 79.46
N PHE RA 220 -61.51 -54.17 79.64
CA PHE RA 220 -62.85 -53.93 80.21
C PHE RA 220 -62.98 -54.52 81.61
N SER RA 221 -61.90 -54.49 82.39
CA SER RA 221 -61.88 -55.22 83.66
C SER RA 221 -62.64 -54.47 84.74
N GLN RA 222 -62.47 -53.14 84.82
CA GLN RA 222 -63.19 -52.34 85.81
C GLN RA 222 -64.70 -52.38 85.56
N TYR RA 223 -65.08 -52.46 84.28
CA TYR RA 223 -66.48 -52.63 83.87
C TYR RA 223 -67.10 -53.87 84.51
N ILE RA 224 -66.53 -55.05 84.23
CA ILE RA 224 -67.09 -56.29 84.74
C ILE RA 224 -66.81 -56.52 86.21
N LYS RA 225 -65.88 -55.76 86.80
CA LYS RA 225 -65.56 -55.95 88.22
C LYS RA 225 -66.26 -54.95 89.13
N ASN RA 226 -66.97 -53.94 88.60
CA ASN RA 226 -68.08 -53.39 89.38
C ASN RA 226 -69.43 -53.84 88.80
N SER RA 227 -69.83 -53.35 87.61
CA SER RA 227 -70.96 -53.82 86.80
C SER RA 227 -71.02 -53.01 85.52
N VAL RA 228 -71.11 -53.66 84.35
CA VAL RA 228 -71.48 -53.03 83.08
C VAL RA 228 -72.24 -54.05 82.26
N THR RA 229 -73.46 -53.69 81.86
CA THR RA 229 -74.28 -54.46 80.94
C THR RA 229 -75.00 -53.43 80.06
N PRO RA 230 -75.20 -53.72 78.76
CA PRO RA 230 -75.60 -52.66 77.82
C PRO RA 230 -76.97 -52.07 78.05
N ASP RA 231 -77.93 -52.83 78.56
CA ASP RA 231 -79.23 -52.25 78.89
C ASP RA 231 -79.12 -51.26 80.04
N MET RA 232 -78.30 -51.58 81.04
CA MET RA 232 -78.03 -50.62 82.10
C MET RA 232 -77.17 -49.45 81.64
N MET RA 233 -76.34 -49.60 80.60
CA MET RA 233 -75.65 -48.43 80.07
C MET RA 233 -76.62 -47.50 79.33
N GLU RA 234 -77.53 -48.07 78.55
CA GLU RA 234 -78.51 -47.26 77.83
C GLU RA 234 -79.48 -46.58 78.78
N GLU RA 235 -79.81 -47.21 79.91
CA GLU RA 235 -80.56 -46.50 80.94
C GLU RA 235 -79.69 -45.58 81.77
N MET RA 236 -78.39 -45.88 81.86
CA MET RA 236 -77.49 -45.19 82.77
C MET RA 236 -77.14 -43.81 82.26
N TYR RA 237 -76.82 -43.69 80.97
CA TYR RA 237 -76.58 -42.35 80.42
C TYR RA 237 -77.85 -41.52 80.38
N LYS RA 238 -79.00 -42.16 80.12
CA LYS RA 238 -80.27 -41.45 80.10
C LYS RA 238 -80.63 -40.90 81.47
N LYS RA 239 -80.34 -41.66 82.54
CA LYS RA 239 -80.50 -41.14 83.88
C LYS RA 239 -79.42 -40.12 84.25
N ALA RA 240 -78.22 -40.26 83.67
CA ALA RA 240 -77.12 -39.35 84.01
C ALA RA 240 -77.33 -37.96 83.44
N HIS RA 241 -77.95 -37.85 82.25
CA HIS RA 241 -78.24 -36.53 81.69
C HIS RA 241 -79.26 -35.79 82.54
N ALA RA 242 -80.29 -36.50 83.03
CA ALA RA 242 -81.26 -35.89 83.94
C ALA RA 242 -80.63 -35.56 85.29
N ALA RA 243 -79.68 -36.38 85.75
CA ALA RA 243 -78.98 -36.08 86.99
C ALA RA 243 -78.08 -34.86 86.85
N ILE RA 244 -77.56 -34.62 85.65
CA ILE RA 244 -76.86 -33.36 85.39
C ILE RA 244 -77.85 -32.19 85.42
N ARG RA 245 -78.94 -32.31 84.65
CA ARG RA 245 -79.87 -31.20 84.48
C ARG RA 245 -80.66 -30.88 85.74
N GLU RA 246 -80.70 -31.78 86.73
CA GLU RA 246 -81.39 -31.47 87.97
C GLU RA 246 -80.51 -30.82 89.02
N ASN RA 247 -79.18 -30.98 88.95
CA ASN RA 247 -78.33 -30.44 90.01
C ASN RA 247 -76.91 -30.14 89.51
N PRO RA 248 -76.69 -29.03 88.79
CA PRO RA 248 -75.33 -28.73 88.31
C PRO RA 248 -74.51 -27.85 89.25
N VAL RA 249 -74.93 -27.69 90.50
CA VAL RA 249 -74.47 -26.59 91.35
C VAL RA 249 -73.00 -26.65 91.77
N TYR RA 250 -72.34 -27.80 91.57
CA TYR RA 250 -70.92 -28.02 91.88
C TYR RA 250 -70.61 -27.75 93.36
N GLU RA 251 -71.10 -28.66 94.19
CA GLU RA 251 -70.69 -28.68 95.59
C GLU RA 251 -69.20 -28.97 95.70
N LYS RA 252 -68.53 -28.24 96.58
CA LYS RA 252 -67.08 -28.32 96.72
C LYS RA 252 -66.70 -29.14 97.95
N LYS RA 253 -65.39 -29.36 98.09
CA LYS RA 253 -64.66 -30.11 99.12
C LYS RA 253 -63.97 -29.16 100.09
N PRO RA 254 -64.03 -29.45 101.40
CA PRO RA 254 -63.39 -28.55 102.39
C PRO RA 254 -61.86 -28.58 102.32
N LYS RA 255 -61.27 -29.78 102.33
CA LYS RA 255 -59.87 -30.08 102.02
C LYS RA 255 -58.83 -29.50 102.98
N LYS RA 256 -59.24 -28.77 104.03
CA LYS RA 256 -58.62 -27.52 104.48
C LYS RA 256 -57.10 -27.47 104.45
N GLU RA 257 -56.43 -28.26 105.33
CA GLU RA 257 -55.11 -28.87 105.17
C GLU RA 257 -54.80 -29.68 106.43
N VAL RA 258 -53.90 -30.66 106.31
CA VAL RA 258 -53.12 -31.16 107.44
C VAL RA 258 -51.70 -30.68 107.18
N LYS RA 259 -51.33 -29.56 107.81
CA LYS RA 259 -50.17 -28.78 107.38
C LYS RA 259 -48.88 -29.47 107.81
N LYS RA 260 -48.36 -30.34 106.94
CA LYS RA 260 -47.05 -30.94 107.08
C LYS RA 260 -46.38 -30.91 105.72
N LYS RA 261 -45.09 -30.57 105.68
CA LYS RA 261 -44.41 -30.35 104.41
C LYS RA 261 -42.92 -30.64 104.49
N ARG RA 262 -42.51 -31.78 103.91
CA ARG RA 262 -41.12 -32.00 103.50
C ARG RA 262 -41.13 -33.00 102.35
N TRP RA 263 -40.99 -32.49 101.12
CA TRP RA 263 -40.81 -33.40 100.00
C TRP RA 263 -39.57 -33.09 99.18
N ASN RA 264 -39.39 -31.83 98.84
CA ASN RA 264 -38.46 -31.41 97.81
C ASN RA 264 -37.18 -30.85 98.41
N ARG RA 265 -36.06 -31.12 97.74
CA ARG RA 265 -34.78 -30.63 98.22
C ARG RA 265 -34.63 -29.15 97.89
N PRO RA 266 -34.22 -28.32 98.84
CA PRO RA 266 -34.03 -26.89 98.57
C PRO RA 266 -32.69 -26.66 97.89
N LYS RA 267 -32.47 -25.40 97.49
CA LYS RA 267 -31.21 -25.02 96.87
C LYS RA 267 -30.12 -24.91 97.93
N MET RA 268 -28.90 -25.23 97.53
CA MET RA 268 -27.75 -25.02 98.41
C MET RA 268 -27.15 -23.64 98.17
N SER RA 269 -26.60 -23.07 99.23
CA SER RA 269 -26.17 -21.68 99.21
C SER RA 269 -24.84 -21.51 98.49
N LEU RA 270 -24.44 -20.25 98.33
CA LEU RA 270 -23.19 -19.92 97.65
C LEU RA 270 -21.98 -20.38 98.44
N ALA RA 271 -21.99 -20.15 99.76
CA ALA RA 271 -20.88 -20.58 100.61
C ALA RA 271 -20.81 -22.10 100.67
N GLN RA 272 -21.97 -22.78 100.65
CA GLN RA 272 -21.99 -24.23 100.63
C GLN RA 272 -21.44 -24.78 99.32
N LYS RA 273 -21.76 -24.11 98.20
CA LYS RA 273 -21.22 -24.49 96.90
C LYS RA 273 -19.71 -24.30 96.84
N LYS RA 274 -19.23 -23.15 97.30
CA LYS RA 274 -17.79 -22.87 97.31
C LYS RA 274 -17.04 -23.79 98.26
N ASP RA 275 -17.67 -24.20 99.36
CA ASP RA 275 -17.02 -25.13 100.27
C ASP RA 275 -17.05 -26.56 99.76
N ARG RA 276 -18.05 -26.93 98.95
CA ARG RA 276 -17.97 -28.19 98.22
C ARG RA 276 -16.80 -28.18 97.24
N VAL RA 277 -16.59 -27.05 96.56
CA VAL RA 277 -15.45 -26.92 95.67
C VAL RA 277 -14.14 -27.02 96.45
N ALA RA 278 -14.09 -26.40 97.64
CA ALA RA 278 -12.88 -26.43 98.46
C ALA RA 278 -12.61 -27.83 99.01
N GLN RA 279 -13.66 -28.57 99.35
CA GLN RA 279 -13.48 -29.97 99.75
C GLN RA 279 -12.99 -30.82 98.59
N LYS RA 280 -13.44 -30.53 97.36
CA LYS RA 280 -12.92 -31.24 96.19
C LYS RA 280 -11.44 -30.94 95.97
N LYS RA 281 -11.05 -29.66 96.15
CA LYS RA 281 -9.64 -29.26 96.02
C LYS RA 281 -8.77 -29.96 97.06
N ALA RA 282 -9.20 -29.95 98.33
CA ALA RA 282 -8.43 -30.56 99.40
C ALA RA 282 -8.37 -32.09 99.25
N SER RA 283 -9.46 -32.71 98.77
CA SER RA 283 -9.45 -34.16 98.59
C SER RA 283 -8.56 -34.56 97.42
N PHE RA 284 -8.51 -33.75 96.37
CA PHE RA 284 -7.61 -34.07 95.26
C PHE RA 284 -6.14 -33.83 95.64
N LEU RA 285 -5.87 -32.82 96.47
CA LEU RA 285 -4.49 -32.65 96.96
C LEU RA 285 -4.10 -33.77 97.91
N ARG RA 286 -5.04 -34.27 98.72
CA ARG RA 286 -4.78 -35.43 99.55
C ARG RA 286 -4.53 -36.67 98.71
N ALA RA 287 -5.26 -36.82 97.60
CA ALA RA 287 -5.01 -37.94 96.69
C ALA RA 287 -3.64 -37.82 96.01
N GLN RA 288 -3.25 -36.61 95.61
CA GLN RA 288 -1.94 -36.41 95.01
C GLN RA 288 -0.82 -36.68 96.02
N GLU RA 289 -1.05 -36.38 97.29
CA GLU RA 289 -0.05 -36.69 98.31
C GLU RA 289 0.00 -38.18 98.62
N ARG RA 290 -1.15 -38.86 98.62
CA ARG RA 290 -1.22 -40.23 99.11
C ARG RA 290 -0.97 -41.28 98.04
N ALA RA 291 -1.67 -41.20 96.90
CA ALA RA 291 -1.59 -42.26 95.89
C ALA RA 291 -0.28 -42.22 95.11
N ALA RA 292 0.43 -41.09 95.14
CA ALA RA 292 1.73 -41.04 94.49
C ALA RA 292 2.78 -41.81 95.28
N GLU RA 293 2.60 -41.93 96.59
CA GLU RA 293 3.51 -42.73 97.41
C GLU RA 293 3.02 -44.17 97.53
N SER RA 294 1.71 -44.35 97.74
CA SER RA 294 1.14 -45.69 97.88
C SER RA 294 0.88 -46.33 96.52
N PRO SA 1 -58.86 104.59 98.53
CA PRO SA 1 -58.92 105.91 99.17
C PRO SA 1 -60.17 106.71 98.81
N VAL SA 2 -60.23 107.96 99.29
CA VAL SA 2 -61.35 108.85 99.02
C VAL SA 2 -60.77 110.15 98.48
N GLY SA 3 -61.22 110.56 97.29
CA GLY SA 3 -60.72 111.77 96.68
C GLY SA 3 -61.67 112.95 96.77
N GLY SA 4 -61.20 114.06 97.33
CA GLY SA 4 -62.02 115.25 97.39
C GLY SA 4 -62.14 115.93 96.04
N ASP SA 5 -63.05 116.91 95.99
CA ASP SA 5 -63.37 117.62 94.75
C ASP SA 5 -63.64 119.08 95.08
N LYS SA 6 -64.14 119.81 94.08
CA LYS SA 6 -64.59 121.19 94.23
C LYS SA 6 -66.06 121.38 93.88
N ASN SA 7 -66.53 120.75 92.81
CA ASN SA 7 -67.93 120.86 92.41
C ASN SA 7 -68.31 119.60 91.65
N GLY SA 8 -69.55 119.16 91.85
CA GLY SA 8 -70.05 117.96 91.22
C GLY SA 8 -70.03 116.72 92.08
N GLY SA 9 -70.09 116.86 93.40
CA GLY SA 9 -70.07 115.71 94.28
C GLY SA 9 -68.68 115.26 94.67
N THR SA 10 -68.55 114.00 95.07
CA THR SA 10 -67.27 113.41 95.44
C THR SA 10 -66.96 112.29 94.45
N ARG SA 11 -65.97 112.51 93.60
CA ARG SA 11 -65.60 111.50 92.62
C ARG SA 11 -64.86 110.34 93.27
N VAL SA 12 -65.03 109.15 92.69
CA VAL SA 12 -64.38 107.95 93.19
C VAL SA 12 -62.91 107.96 92.79
N VAL SA 13 -62.13 107.08 93.39
CA VAL SA 13 -60.71 106.99 93.11
C VAL SA 13 -60.49 105.86 92.11
N LYS SA 14 -59.29 105.81 91.55
CA LYS SA 14 -58.89 104.70 90.70
C LYS SA 14 -57.37 104.57 90.78
N LEU SA 15 -56.90 103.57 91.51
CA LEU SA 15 -55.47 103.29 91.64
C LEU SA 15 -55.15 102.05 90.82
N ARG SA 16 -53.93 102.04 90.24
CA ARG SA 16 -53.47 101.04 89.28
C ARG SA 16 -54.45 100.90 88.12
N LYS SA 17 -54.49 101.97 87.33
CA LYS SA 17 -55.40 102.05 86.19
C LYS SA 17 -55.05 101.03 85.12
N MET SA 18 -56.02 100.76 84.25
CA MET SA 18 -55.85 99.72 83.24
C MET SA 18 -54.87 100.18 82.17
N PRO SA 19 -53.96 99.31 81.73
CA PRO SA 19 -52.97 99.71 80.71
C PRO SA 19 -53.60 99.89 79.34
N ARG SA 20 -52.88 100.62 78.49
CA ARG SA 20 -53.42 101.11 77.23
C ARG SA 20 -53.04 100.25 76.04
N TYR SA 21 -51.76 100.10 75.77
CA TYR SA 21 -51.31 99.32 74.63
C TYR SA 21 -50.96 97.90 75.07
N TYR SA 22 -51.46 96.92 74.33
CA TYR SA 22 -51.08 95.53 74.53
C TYR SA 22 -50.24 95.07 73.36
N PRO SA 23 -49.10 94.41 73.61
CA PRO SA 23 -48.32 93.86 72.49
C PRO SA 23 -49.03 92.66 71.89
N THR SA 24 -49.01 92.58 70.57
CA THR SA 24 -49.80 91.59 69.83
C THR SA 24 -49.28 90.16 69.98
N GLU SA 25 -48.11 89.96 70.58
CA GLU SA 25 -47.61 88.62 70.85
C GLU SA 25 -46.91 88.65 72.21
N ASP SA 26 -47.21 87.68 73.05
CA ASP SA 26 -46.67 87.65 74.41
C ASP SA 26 -46.00 86.30 74.65
N VAL SA 27 -44.89 86.35 75.39
CA VAL SA 27 -44.16 85.14 75.78
C VAL SA 27 -44.89 84.51 76.97
N PRO SA 28 -44.88 83.18 77.11
CA PRO SA 28 -45.55 82.56 78.25
C PRO SA 28 -44.78 82.75 79.53
N ARG SA 29 -45.49 82.59 80.64
CA ARG SA 29 -44.89 82.74 81.96
C ARG SA 29 -44.00 81.54 82.26
N LYS SA 30 -42.78 81.80 82.72
CA LYS SA 30 -41.85 80.74 83.03
C LYS SA 30 -42.23 80.03 84.33
N LEU SA 31 -41.81 78.77 84.43
CA LEU SA 31 -41.97 78.02 85.67
C LEU SA 31 -40.74 78.14 86.57
N LEU SA 32 -39.56 78.25 85.96
CA LEU SA 32 -38.25 78.59 86.53
C LEU SA 32 -37.64 77.51 87.40
N SER SA 33 -38.43 76.49 87.77
CA SER SA 33 -38.03 75.19 88.33
C SER SA 33 -37.34 75.24 89.70
N HIS SA 34 -36.98 76.44 90.18
CA HIS SA 34 -36.15 76.62 91.36
C HIS SA 34 -36.06 78.12 91.61
N GLY SA 35 -35.37 78.53 92.67
CA GLY SA 35 -35.07 79.92 92.95
C GLY SA 35 -33.58 80.16 92.94
N LYS SA 36 -32.89 79.68 91.89
CA LYS SA 36 -31.52 79.16 91.88
C LYS SA 36 -30.52 79.90 92.76
N LYS SA 37 -30.21 81.18 92.40
CA LYS SA 37 -29.75 82.33 93.19
C LYS SA 37 -29.53 83.54 92.29
N PRO SA 38 -29.67 84.75 92.81
CA PRO SA 38 -29.04 85.91 92.18
C PRO SA 38 -27.60 86.07 92.67
N PHE SA 39 -26.97 87.18 92.31
CA PHE SA 39 -25.65 87.54 92.81
C PHE SA 39 -25.74 88.28 94.15
N SER SA 40 -26.92 88.27 94.79
CA SER SA 40 -27.27 89.18 95.87
C SER SA 40 -26.41 89.07 97.13
N GLN SA 41 -26.53 87.98 97.89
CA GLN SA 41 -25.79 87.98 99.16
C GLN SA 41 -24.37 87.47 98.99
N HIS SA 42 -24.19 86.14 98.99
CA HIS SA 42 -23.23 85.27 98.29
C HIS SA 42 -23.26 83.86 98.86
N VAL SA 43 -22.46 82.97 98.28
CA VAL SA 43 -21.85 81.87 99.02
C VAL SA 43 -20.35 81.93 98.72
N ARG SA 44 -19.55 81.49 99.69
CA ARG SA 44 -18.11 81.74 99.68
C ARG SA 44 -17.36 80.44 99.44
N LYS SA 45 -16.45 80.47 98.46
CA LYS SA 45 -15.48 79.40 98.25
C LYS SA 45 -14.13 80.05 97.99
N LEU SA 46 -13.13 79.66 98.77
CA LEU SA 46 -11.80 80.26 98.70
C LEU SA 46 -10.74 79.18 98.66
N ARG SA 47 -9.56 79.55 98.16
CA ARG SA 47 -8.44 78.63 98.17
C ARG SA 47 -7.82 78.54 99.56
N ALA SA 48 -6.99 77.52 99.75
CA ALA SA 48 -6.32 77.32 101.02
C ALA SA 48 -4.99 78.06 101.13
N SER SA 49 -4.49 78.60 100.02
CA SER SA 49 -3.22 79.32 100.01
C SER SA 49 -3.37 80.83 100.03
N ILE SA 50 -4.60 81.34 99.93
CA ILE SA 50 -4.82 82.80 99.95
C ILE SA 50 -5.03 83.18 101.41
N THR SA 51 -3.92 83.33 102.12
CA THR SA 51 -3.90 83.89 103.45
C THR SA 51 -3.95 85.42 103.36
N PRO SA 52 -4.42 86.10 104.40
CA PRO SA 52 -4.26 87.56 104.43
C PRO SA 52 -2.80 87.95 104.56
N GLY SA 53 -2.34 88.82 103.66
CA GLY SA 53 -0.95 89.18 103.59
C GLY SA 53 -0.13 88.35 102.63
N THR SA 54 -0.77 87.73 101.64
CA THR SA 54 -0.07 86.86 100.70
C THR SA 54 0.46 87.69 99.53
N ILE SA 55 1.67 87.37 99.09
CA ILE SA 55 2.23 88.00 97.90
C ILE SA 55 1.62 87.31 96.68
N LEU SA 56 0.90 88.08 95.86
CA LEU SA 56 0.25 87.54 94.69
C LEU SA 56 0.90 88.07 93.43
N ILE SA 57 0.96 87.21 92.42
CA ILE SA 57 1.49 87.56 91.11
C ILE SA 57 0.29 87.83 90.22
N ILE SA 58 0.19 89.06 89.71
CA ILE SA 58 -0.95 89.49 88.91
C ILE SA 58 -0.71 89.11 87.45
N LEU SA 59 -1.46 88.11 86.96
CA LEU SA 59 -1.22 87.60 85.61
C LEU SA 59 -1.93 88.41 84.54
N THR SA 60 -3.26 88.43 84.58
CA THR SA 60 -4.07 88.92 83.46
C THR SA 60 -4.56 90.34 83.69
N GLY SA 61 -3.74 91.18 84.30
CA GLY SA 61 -4.06 92.59 84.45
C GLY SA 61 -3.26 93.44 83.47
N ARG SA 62 -3.40 94.76 83.65
CA ARG SA 62 -2.55 95.68 82.89
C ARG SA 62 -1.13 95.67 83.43
N HIS SA 63 -0.96 95.42 84.73
CA HIS SA 63 0.37 95.34 85.31
C HIS SA 63 1.10 94.08 84.87
N ARG SA 64 0.36 92.97 84.76
CA ARG SA 64 0.72 91.69 84.12
C ARG SA 64 2.09 91.16 84.55
N GLY SA 65 2.17 90.81 85.83
CA GLY SA 65 3.35 90.11 86.31
C GLY SA 65 4.00 90.73 87.53
N LYS SA 66 3.26 91.56 88.25
CA LYS SA 66 3.80 92.22 89.43
C LYS SA 66 3.40 91.47 90.69
N ARG SA 67 4.25 91.63 91.72
CA ARG SA 67 4.06 90.99 93.02
C ARG SA 67 3.43 92.00 93.96
N VAL SA 68 2.15 91.80 94.28
CA VAL SA 68 1.30 92.79 94.90
C VAL SA 68 0.71 92.16 96.16
N VAL SA 69 0.58 92.94 97.24
CA VAL SA 69 0.29 92.39 98.56
C VAL SA 69 -1.23 92.30 98.77
N PHE SA 70 -1.73 91.11 99.05
CA PHE SA 70 -3.15 90.91 99.29
C PHE SA 70 -3.56 91.40 100.67
N LEU SA 71 -4.62 92.20 100.74
CA LEU SA 71 -5.09 92.70 102.04
C LEU SA 71 -6.30 91.92 102.56
N LYS SA 72 -7.41 91.92 101.84
CA LYS SA 72 -8.62 91.30 102.36
C LYS SA 72 -9.51 90.84 101.21
N GLN SA 73 -10.51 90.04 101.56
CA GLN SA 73 -11.56 89.59 100.64
C GLN SA 73 -12.74 90.55 100.72
N LEU SA 74 -13.15 91.07 99.57
CA LEU SA 74 -14.25 92.01 99.53
C LEU SA 74 -15.59 91.29 99.52
N ALA SA 75 -16.67 92.06 99.51
CA ALA SA 75 -18.01 91.51 99.57
C ALA SA 75 -18.50 90.99 98.22
N SER SA 76 -17.83 91.33 97.12
CA SER SA 76 -18.23 90.90 95.79
C SER SA 76 -17.40 89.73 95.29
N GLY SA 77 -16.71 89.01 96.17
CA GLY SA 77 -15.93 87.86 95.79
C GLY SA 77 -14.62 88.17 95.11
N LEU SA 78 -14.23 89.44 95.01
CA LEU SA 78 -13.01 89.84 94.34
C LEU SA 78 -11.95 90.23 95.36
N LEU SA 79 -10.69 89.98 95.00
CA LEU SA 79 -9.61 90.23 95.93
C LEU SA 79 -9.20 91.69 95.91
N LEU SA 80 -8.87 92.22 97.08
CA LEU SA 80 -8.32 93.57 97.21
C LEU SA 80 -6.82 93.40 97.46
N VAL SA 81 -6.03 93.60 96.40
CA VAL SA 81 -4.60 93.31 96.43
C VAL SA 81 -3.90 94.64 96.19
N THR SA 82 -3.41 95.26 97.27
CA THR SA 82 -2.84 96.60 97.23
C THR SA 82 -1.34 96.51 96.97
N GLY SA 83 -0.85 97.38 96.09
CA GLY SA 83 0.56 97.51 95.88
C GLY SA 83 1.09 98.73 96.59
N PRO SA 84 2.32 98.65 97.11
CA PRO SA 84 2.96 99.85 97.65
C PRO SA 84 3.33 100.81 96.53
N LEU SA 85 2.85 102.05 96.64
CA LEU SA 85 3.07 103.03 95.58
C LEU SA 85 4.53 103.48 95.55
N VAL SA 86 5.23 103.37 96.68
CA VAL SA 86 6.65 103.69 96.71
C VAL SA 86 7.46 102.67 95.91
N LEU SA 87 7.10 101.39 96.04
CA LEU SA 87 7.82 100.31 95.38
C LEU SA 87 7.33 100.07 93.96
N ASN SA 88 6.06 99.75 93.79
CA ASN SA 88 5.46 99.48 92.50
C ASN SA 88 4.57 100.64 92.08
N ARG SA 89 4.02 100.53 90.88
CA ARG SA 89 3.03 101.48 90.38
C ARG SA 89 1.61 101.12 90.78
N VAL SA 90 1.44 100.10 91.62
CA VAL SA 90 0.12 99.49 91.81
C VAL SA 90 -0.69 100.25 92.84
N PRO SA 91 -1.89 100.69 92.50
CA PRO SA 91 -2.82 101.28 93.48
C PRO SA 91 -3.53 100.21 94.31
N LEU SA 92 -4.64 100.59 94.95
CA LEU SA 92 -5.53 99.66 95.64
C LEU SA 92 -6.49 98.96 94.68
N ARG SA 93 -6.08 98.85 93.42
CA ARG SA 93 -6.70 98.08 92.34
C ARG SA 93 -7.24 96.73 92.79
N ARG SA 94 -8.49 96.46 92.40
CA ARG SA 94 -9.16 95.21 92.73
C ARG SA 94 -8.91 94.17 91.65
N THR SA 95 -8.57 92.95 92.05
CA THR SA 95 -8.31 91.89 91.08
C THR SA 95 -9.23 90.71 91.36
N HIS SA 96 -9.07 89.66 90.57
CA HIS SA 96 -9.89 88.46 90.66
C HIS SA 96 -9.08 87.31 91.26
N GLN SA 97 -9.80 86.42 91.97
CA GLN SA 97 -9.17 85.33 92.71
C GLN SA 97 -8.53 84.31 91.77
N LYS SA 98 -9.20 83.97 90.68
CA LYS SA 98 -8.77 82.87 89.84
C LYS SA 98 -7.63 83.26 88.90
N PHE SA 99 -7.33 84.55 88.77
CA PHE SA 99 -6.37 85.03 87.80
C PHE SA 99 -5.03 85.44 88.42
N VAL SA 100 -4.75 85.02 89.65
CA VAL SA 100 -3.52 85.40 90.33
C VAL SA 100 -2.74 84.13 90.69
N ILE SA 101 -1.47 84.32 91.05
CA ILE SA 101 -0.62 83.24 91.54
C ILE SA 101 -0.24 83.52 92.98
N ALA SA 102 -0.52 82.57 93.87
CA ALA SA 102 -0.18 82.72 95.27
C ALA SA 102 1.32 82.52 95.48
N THR SA 103 1.85 83.15 96.53
CA THR SA 103 3.22 82.97 96.96
C THR SA 103 3.24 82.46 98.40
N SER SA 104 4.15 81.53 98.69
CA SER SA 104 4.29 80.99 100.04
C SER SA 104 4.79 82.03 101.05
N THR SA 105 5.36 83.14 100.58
CA THR SA 105 5.79 84.19 101.48
C THR SA 105 4.59 84.93 102.04
N LYS SA 106 4.50 84.98 103.38
CA LYS SA 106 3.37 85.59 104.07
C LYS SA 106 3.88 86.59 105.09
N ILE SA 107 3.25 87.75 105.16
CA ILE SA 107 3.61 88.80 106.10
C ILE SA 107 2.54 88.88 107.19
N ASP SA 108 2.98 89.17 108.41
CA ASP SA 108 2.05 89.32 109.54
C ASP SA 108 1.24 90.60 109.34
N ILE SA 109 -0.05 90.44 109.08
CA ILE SA 109 -0.87 91.56 108.64
C ILE SA 109 -2.16 91.63 109.45
N SER SA 110 -2.36 90.64 110.33
CA SER SA 110 -3.62 90.46 111.05
C SER SA 110 -3.91 91.57 112.07
N ASN SA 111 -2.94 92.41 112.41
CA ASN SA 111 -3.13 93.48 113.38
C ASN SA 111 -2.59 94.80 112.87
N VAL SA 112 -2.76 95.09 111.57
CA VAL SA 112 -2.13 96.29 111.01
C VAL SA 112 -3.14 97.43 110.89
N LYS SA 113 -4.10 97.30 109.96
CA LYS SA 113 -5.02 98.38 109.59
C LYS SA 113 -6.02 97.88 108.56
N ILE SA 114 -7.25 98.38 108.63
CA ILE SA 114 -8.17 98.35 107.50
C ILE SA 114 -9.12 99.53 107.61
N PRO SA 115 -9.44 100.23 106.52
CA PRO SA 115 -10.53 101.20 106.55
C PRO SA 115 -11.88 100.52 106.44
N LYS SA 116 -12.91 101.23 106.88
CA LYS SA 116 -14.25 100.67 106.97
C LYS SA 116 -15.19 101.16 105.88
N HIS SA 117 -14.71 101.99 104.95
CA HIS SA 117 -15.60 102.58 103.96
C HIS SA 117 -15.40 102.03 102.56
N LEU SA 118 -14.27 101.39 102.27
CA LEU SA 118 -14.00 100.93 100.92
C LEU SA 118 -14.67 99.58 100.68
N THR SA 119 -15.33 99.46 99.53
CA THR SA 119 -16.16 98.30 99.18
C THR SA 119 -16.35 98.31 97.66
N ASP SA 120 -17.29 97.47 97.19
CA ASP SA 120 -17.61 97.44 95.77
C ASP SA 120 -18.26 98.75 95.31
N ALA SA 121 -18.97 99.44 96.21
CA ALA SA 121 -19.46 100.77 95.88
C ALA SA 121 -18.33 101.78 95.76
N TYR SA 122 -17.20 101.53 96.44
CA TYR SA 122 -16.04 102.39 96.34
C TYR SA 122 -15.20 102.07 95.12
N PHE SA 123 -15.19 100.81 94.68
CA PHE SA 123 -14.41 100.38 93.52
C PHE SA 123 -15.38 100.04 92.38
N LYS SA 124 -15.67 101.04 91.54
CA LYS SA 124 -16.48 100.81 90.35
C LYS SA 124 -16.09 101.85 89.32
N LYS SA 125 -16.51 101.60 88.07
CA LYS SA 125 -16.29 102.53 86.98
C LYS SA 125 -17.58 103.27 86.66
N LYS SA 126 -17.45 104.57 86.42
CA LYS SA 126 -18.60 105.44 86.18
C LYS SA 126 -18.38 106.19 84.87
N LYS SA 127 -19.34 106.07 83.96
CA LYS SA 127 -19.29 106.73 82.66
C LYS SA 127 -20.55 107.56 82.47
N LEU SA 128 -20.42 108.64 81.70
CA LEU SA 128 -21.55 109.50 81.40
C LEU SA 128 -21.26 110.25 80.11
N ARG SA 129 -22.32 110.81 79.51
CA ARG SA 129 -22.18 111.63 78.33
C ARG SA 129 -23.19 112.76 78.37
N LYS SA 130 -22.74 113.97 78.02
CA LYS SA 130 -23.62 115.13 77.96
C LYS SA 130 -24.40 115.27 76.64
N PRO SA 131 -23.81 115.17 75.43
CA PRO SA 131 -24.65 115.32 74.23
C PRO SA 131 -25.36 114.03 73.86
N ARG SA 132 -26.27 114.17 72.89
CA ARG SA 132 -27.00 113.03 72.32
C ARG SA 132 -26.57 112.71 70.90
N HIS SA 133 -26.36 113.74 70.06
CA HIS SA 133 -25.90 113.53 68.70
C HIS SA 133 -24.37 113.46 68.68
N GLN SA 134 -23.82 113.25 67.48
CA GLN SA 134 -22.38 113.10 67.32
C GLN SA 134 -21.68 114.46 67.46
N GLU SA 135 -20.46 114.42 67.98
CA GLU SA 135 -19.70 115.63 68.23
C GLU SA 135 -18.22 115.26 68.21
N GLY SA 136 -17.38 116.27 67.99
CA GLY SA 136 -15.96 116.01 67.77
C GLY SA 136 -15.23 115.51 69.00
N GLU SA 137 -15.38 116.20 70.13
CA GLU SA 137 -14.70 115.79 71.35
C GLU SA 137 -15.40 114.57 71.96
N ILE SA 138 -14.67 113.86 72.82
CA ILE SA 138 -15.07 112.53 73.27
C ILE SA 138 -15.87 112.71 74.56
N PHE SA 139 -17.18 112.98 74.39
CA PHE SA 139 -18.24 112.70 75.37
C PHE SA 139 -18.15 113.49 76.67
N ASP SA 140 -17.18 114.40 76.78
CA ASP SA 140 -16.84 115.19 77.98
C ASP SA 140 -16.53 114.30 79.19
N THR SA 141 -16.14 113.05 78.95
CA THR SA 141 -15.76 112.11 80.00
C THR SA 141 -14.43 111.42 79.74
N GLU SA 142 -14.16 111.05 78.49
CA GLU SA 142 -12.97 110.28 78.14
C GLU SA 142 -11.90 111.11 77.46
N LYS SA 143 -12.11 112.41 77.29
CA LYS SA 143 -11.06 113.27 76.74
C LYS SA 143 -9.92 113.41 77.74
N GLU SA 144 -10.24 113.69 78.99
CA GLU SA 144 -9.31 113.60 80.10
C GLU SA 144 -9.67 112.39 80.96
N LYS SA 145 -8.71 111.96 81.78
CA LYS SA 145 -8.93 110.81 82.63
C LYS SA 145 -9.70 111.22 83.89
N TYR SA 146 -9.93 110.25 84.76
CA TYR SA 146 -10.72 110.48 85.96
C TYR SA 146 -9.93 111.28 87.00
N GLU SA 147 -10.66 111.90 87.91
CA GLU SA 147 -10.08 112.76 88.94
C GLU SA 147 -10.48 112.32 90.35
N ILE SA 148 -10.61 111.02 90.58
CA ILE SA 148 -10.86 110.53 91.93
C ILE SA 148 -9.55 110.32 92.69
N THR SA 149 -8.41 110.49 92.02
CA THR SA 149 -7.09 110.36 92.64
C THR SA 149 -6.84 111.42 93.70
N GLU SA 150 -7.54 112.55 93.64
CA GLU SA 150 -7.48 113.52 94.74
C GLU SA 150 -8.12 112.96 96.00
N GLN SA 151 -9.16 112.13 95.85
CA GLN SA 151 -9.78 111.50 97.00
C GLN SA 151 -9.01 110.27 97.46
N ARG SA 152 -8.50 109.47 96.52
CA ARG SA 152 -7.80 108.24 96.86
C ARG SA 152 -6.39 108.47 97.41
N LYS SA 153 -5.86 109.69 97.29
CA LYS SA 153 -4.56 109.99 97.85
C LYS SA 153 -4.57 109.93 99.38
N ILE SA 154 -5.70 110.31 99.98
CA ILE SA 154 -5.84 110.19 101.44
C ILE SA 154 -5.94 108.72 101.85
N ASP SA 155 -6.66 107.92 101.06
CA ASP SA 155 -6.87 106.52 101.40
C ASP SA 155 -5.63 105.67 101.16
N GLN SA 156 -4.76 106.06 100.23
CA GLN SA 156 -3.53 105.29 100.02
C GLN SA 156 -2.53 105.48 101.15
N LYS SA 157 -2.37 106.73 101.61
CA LYS SA 157 -1.32 107.04 102.59
C LYS SA 157 -1.62 106.43 103.96
N ALA SA 158 -2.89 106.48 104.40
CA ALA SA 158 -3.25 105.96 105.72
C ALA SA 158 -3.18 104.44 105.79
N VAL SA 159 -3.14 103.75 104.65
CA VAL SA 159 -2.94 102.31 104.63
C VAL SA 159 -1.45 102.03 104.51
N ASP SA 160 -0.79 102.71 103.57
CA ASP SA 160 0.59 102.38 103.25
C ASP SA 160 1.57 102.81 104.34
N SER SA 161 1.24 103.82 105.15
CA SER SA 161 2.10 104.26 106.23
C SER SA 161 2.23 103.24 107.35
N GLN SA 162 1.35 102.24 107.38
CA GLN SA 162 1.50 101.11 108.30
C GLN SA 162 1.72 99.79 107.57
N ILE SA 163 1.42 99.71 106.27
CA ILE SA 163 1.79 98.52 105.50
C ILE SA 163 3.29 98.46 105.27
N LEU SA 164 3.90 99.56 104.80
CA LEU SA 164 5.33 99.62 104.50
C LEU SA 164 6.28 99.37 105.68
N PRO SA 165 5.98 99.72 106.94
CA PRO SA 165 6.83 99.21 108.04
C PRO SA 165 6.79 97.70 108.21
N LYS SA 166 5.72 97.03 107.80
CA LYS SA 166 5.72 95.56 107.84
C LYS SA 166 6.57 94.97 106.72
N ILE SA 167 6.62 95.65 105.56
CA ILE SA 167 7.52 95.23 104.49
C ILE SA 167 8.96 95.52 104.88
N LYS SA 168 9.18 96.57 105.67
CA LYS SA 168 10.52 96.94 106.12
C LYS SA 168 11.12 95.91 107.07
N ALA SA 169 10.27 95.13 107.76
CA ALA SA 169 10.77 94.16 108.73
C ALA SA 169 11.45 92.98 108.05
N ILE SA 170 10.87 92.48 106.97
CA ILE SA 170 11.52 91.41 106.19
C ILE SA 170 12.69 92.03 105.42
N PRO SA 171 13.90 91.42 105.47
CA PRO SA 171 15.09 92.14 104.98
C PRO SA 171 15.17 92.30 103.47
N GLN SA 172 14.42 91.55 102.68
CA GLN SA 172 14.53 91.67 101.22
C GLN SA 172 13.17 91.80 100.54
N LEU SA 173 12.12 92.08 101.31
CA LEU SA 173 10.77 92.09 100.76
C LEU SA 173 10.53 93.30 99.87
N GLN SA 174 11.20 94.43 100.10
CA GLN SA 174 10.97 95.59 99.25
C GLN SA 174 11.56 95.38 97.85
N GLY SA 175 12.73 94.74 97.76
CA GLY SA 175 13.25 94.36 96.46
C GLY SA 175 12.46 93.23 95.82
N TYR SA 176 11.94 92.31 96.64
CA TYR SA 176 11.13 91.22 96.10
C TYR SA 176 9.80 91.73 95.54
N LEU SA 177 9.24 92.78 96.15
CA LEU SA 177 8.02 93.37 95.63
C LEU SA 177 8.28 94.31 94.46
N ARG SA 178 9.47 94.93 94.41
CA ARG SA 178 9.82 95.72 93.24
C ARG SA 178 10.09 94.83 92.03
N SER SA 179 10.54 93.60 92.27
CA SER SA 179 10.77 92.62 91.20
C SER SA 179 9.46 92.23 90.53
N VAL SA 180 9.55 91.83 89.26
CA VAL SA 180 8.40 91.40 88.48
C VAL SA 180 8.64 89.97 87.99
N PHE SA 181 7.55 89.22 87.88
CA PHE SA 181 7.65 87.79 87.59
C PHE SA 181 7.87 87.55 86.10
N ALA SA 182 8.76 86.62 85.78
CA ALA SA 182 9.10 86.30 84.40
C ALA SA 182 9.70 84.90 84.35
N LEU SA 183 9.47 84.23 83.21
CA LEU SA 183 10.04 82.91 82.93
C LEU SA 183 10.93 83.02 81.71
N THR SA 184 12.20 82.60 81.83
CA THR SA 184 13.19 82.94 80.82
C THR SA 184 13.70 81.76 80.00
N ASN SA 185 14.31 80.74 80.60
CA ASN SA 185 14.88 79.65 79.80
C ASN SA 185 14.30 78.29 80.16
N GLY SA 186 14.38 77.90 81.43
CA GLY SA 186 13.99 76.56 81.83
C GLY SA 186 13.33 76.57 83.19
N ILE SA 187 12.97 77.75 83.66
CA ILE SA 187 12.20 77.89 84.88
C ILE SA 187 10.75 77.60 84.53
N TYR SA 188 10.34 76.35 84.72
CA TYR SA 188 8.98 75.95 84.37
C TYR SA 188 8.06 76.02 85.58
N PRO SA 189 6.74 76.09 85.35
CA PRO SA 189 5.78 75.66 86.37
C PRO SA 189 5.66 74.15 86.38
N HIS SA 190 4.72 73.63 87.19
CA HIS SA 190 4.34 72.22 87.40
C HIS SA 190 5.42 71.38 88.09
N LYS SA 191 6.59 71.97 88.35
CA LYS SA 191 7.59 71.39 89.22
C LYS SA 191 8.18 72.43 90.16
N LEU SA 192 7.91 73.71 89.92
CA LEU SA 192 8.29 74.78 90.82
C LEU SA 192 7.33 74.82 92.00
N VAL SA 193 7.84 75.29 93.14
CA VAL SA 193 7.05 75.48 94.34
C VAL SA 193 6.92 76.98 94.57
N PHE SA 194 5.71 77.50 94.39
CA PHE SA 194 5.45 78.92 94.62
C PHE SA 194 5.34 79.23 96.10
N PRO TA 1 -76.72 89.63 96.22
CA PRO TA 1 -78.03 89.08 96.60
C PRO TA 1 -77.93 88.07 97.73
N GLU TA 2 -79.09 87.69 98.31
CA GLU TA 2 -79.08 86.68 99.37
C GLU TA 2 -78.75 85.29 98.82
N THR TA 3 -79.09 85.04 97.55
CA THR TA 3 -78.67 83.81 96.89
C THR TA 3 -77.16 83.76 96.74
N LEU TA 4 -76.53 84.90 96.41
CA LEU TA 4 -75.07 84.96 96.34
C LEU TA 4 -74.43 84.87 97.71
N LYS TA 5 -75.09 85.39 98.76
CA LYS TA 5 -74.57 85.27 100.11
C LYS TA 5 -74.58 83.81 100.58
N LYS TA 6 -75.69 83.11 100.33
CA LYS TA 6 -75.77 81.68 100.62
C LYS TA 6 -74.80 80.89 99.75
N LYS TA 7 -74.56 81.34 98.52
CA LYS TA 7 -73.61 80.67 97.64
C LYS TA 7 -72.17 80.83 98.15
N ARG TA 8 -71.82 82.01 98.65
CA ARG TA 8 -70.50 82.18 99.26
C ARG TA 8 -70.37 81.42 100.57
N ARG TA 9 -71.47 81.23 101.31
CA ARG TA 9 -71.44 80.34 102.46
C ARG TA 9 -71.19 78.88 102.03
N ASN TA 10 -71.80 78.48 100.91
CA ASN TA 10 -71.49 77.17 100.34
C ASN TA 10 -70.05 77.07 99.86
N PHE TA 11 -69.50 78.17 99.31
CA PHE TA 11 -68.07 78.19 99.00
C PHE TA 11 -67.21 78.05 100.24
N ALA TA 12 -67.62 78.64 101.36
CA ALA TA 12 -66.85 78.55 102.60
C ALA TA 12 -66.84 77.12 103.13
N GLU TA 13 -68.02 76.49 103.20
CA GLU TA 13 -68.05 75.10 103.65
C GLU TA 13 -67.43 74.15 102.62
N LEU TA 14 -67.42 74.52 101.33
CA LEU TA 14 -66.73 73.73 100.33
C LEU TA 14 -65.22 73.81 100.50
N LYS TA 15 -64.70 75.00 100.83
CA LYS TA 15 -63.28 75.13 101.16
C LYS TA 15 -62.92 74.35 102.42
N ILE TA 16 -63.84 74.31 103.39
CA ILE TA 16 -63.65 73.46 104.58
C ILE TA 16 -63.56 71.99 104.17
N LYS TA 17 -64.44 71.55 103.27
CA LYS TA 17 -64.44 70.15 102.84
C LYS TA 17 -63.19 69.82 102.02
N ARG TA 18 -62.74 70.74 101.16
CA ARG TA 18 -61.54 70.49 100.37
C ARG TA 18 -60.30 70.46 101.24
N LEU TA 19 -60.20 71.37 102.23
CA LEU TA 19 -59.07 71.33 103.16
C LEU TA 19 -59.11 70.09 104.03
N ARG TA 20 -60.31 69.61 104.38
CA ARG TA 20 -60.42 68.38 105.17
C ARG TA 20 -59.98 67.16 104.35
N LYS TA 21 -60.36 67.12 103.07
CA LYS TA 21 -59.95 66.01 102.21
C LYS TA 21 -58.44 66.04 101.93
N LYS TA 22 -57.89 67.23 101.70
CA LYS TA 22 -56.45 67.36 101.49
C LYS TA 22 -55.67 67.03 102.75
N PHE TA 23 -56.21 67.38 103.92
CA PHE TA 23 -55.54 67.04 105.18
C PHE TA 23 -55.62 65.55 105.45
N ALA TA 24 -56.72 64.90 105.06
CA ALA TA 24 -56.81 63.44 105.17
C ALA TA 24 -55.81 62.75 104.26
N GLN TA 25 -55.66 63.24 103.02
CA GLN TA 25 -54.66 62.67 102.12
C GLN TA 25 -53.23 62.91 102.63
N LYS TA 26 -52.98 64.08 103.23
CA LYS TA 26 -51.67 64.36 103.79
C LYS TA 26 -51.38 63.48 104.99
N MET TA 27 -52.39 63.21 105.82
CA MET TA 27 -52.20 62.34 106.97
C MET TA 27 -51.97 60.89 106.54
N LEU TA 28 -52.67 60.44 105.49
CA LEU TA 28 -52.40 59.10 104.98
C LEU TA 28 -51.05 58.99 104.28
N ARG TA 29 -50.57 60.06 103.65
CA ARG TA 29 -49.22 60.04 103.08
C ARG TA 29 -48.16 60.00 104.17
N LYS TA 30 -48.38 60.75 105.25
CA LYS TA 30 -47.46 60.71 106.39
C LYS TA 30 -47.49 59.36 107.10
N ALA TA 31 -48.66 58.72 107.17
CA ALA TA 31 -48.74 57.39 107.73
C ALA TA 31 -48.14 56.33 106.80
N ARG TA 32 -48.15 56.58 105.49
CA ARG TA 32 -47.51 55.66 104.56
C ARG TA 32 -46.00 55.77 104.62
N ARG TA 33 -45.46 56.96 104.88
CA ARG TA 33 -44.01 57.09 105.05
C ARG TA 33 -43.49 56.44 106.32
N LYS TA 34 -44.32 56.35 107.37
CA LYS TA 34 -43.92 55.63 108.58
C LYS TA 34 -43.78 54.13 108.30
N LEU TA 35 -44.58 53.61 107.38
CA LEU TA 35 -44.43 52.23 106.94
C LEU TA 35 -43.09 52.00 106.25
N ILE TA 36 -42.66 52.97 105.44
CA ILE TA 36 -41.36 52.89 104.78
C ILE TA 36 -40.22 53.00 105.80
N TYR TA 37 -40.40 53.85 106.82
CA TYR TA 37 -39.47 53.93 107.96
C TYR TA 37 -39.27 52.57 108.62
N GLU TA 38 -40.37 51.97 109.08
CA GLU TA 38 -40.27 50.73 109.85
C GLU TA 38 -39.85 49.54 108.99
N LYS TA 39 -40.25 49.50 107.72
CA LYS TA 39 -39.81 48.42 106.86
C LYS TA 39 -38.36 48.58 106.42
N ALA TA 40 -37.85 49.81 106.33
CA ALA TA 40 -36.43 49.98 106.06
C ALA TA 40 -35.58 49.63 107.27
N LYS TA 41 -36.09 49.90 108.48
CA LYS TA 41 -35.42 49.43 109.69
C LYS TA 41 -35.38 47.91 109.75
N HIS TA 42 -36.51 47.26 109.43
CA HIS TA 42 -36.58 45.80 109.41
C HIS TA 42 -35.67 45.21 108.34
N TYR TA 43 -35.56 45.88 107.19
CA TYR TA 43 -34.67 45.38 106.14
C TYR TA 43 -33.21 45.56 106.52
N HIS TA 44 -32.86 46.66 107.20
CA HIS TA 44 -31.49 46.85 107.67
C HIS TA 44 -31.10 45.77 108.67
N LYS TA 45 -32.00 45.46 109.61
CA LYS TA 45 -31.75 44.38 110.57
C LYS TA 45 -31.67 43.02 109.87
N GLU TA 46 -32.49 42.82 108.83
CA GLU TA 46 -32.47 41.55 108.10
C GLU TA 46 -31.18 41.39 107.31
N TYR TA 47 -30.66 42.46 106.69
CA TYR TA 47 -29.39 42.35 105.98
C TYR TA 47 -28.22 42.16 106.93
N ARG TA 48 -28.25 42.80 108.11
CA ARG TA 48 -27.22 42.56 109.12
C ARG TA 48 -27.22 41.10 109.56
N GLN TA 49 -28.41 40.56 109.82
CA GLN TA 49 -28.51 39.18 110.27
C GLN TA 49 -28.11 38.20 109.17
N MET TA 50 -28.48 38.48 107.92
CA MET TA 50 -28.15 37.60 106.82
C MET TA 50 -26.66 37.64 106.49
N TYR TA 51 -26.02 38.79 106.65
CA TYR TA 51 -24.59 38.85 106.40
C TYR TA 51 -23.79 38.21 107.53
N ARG TA 52 -24.26 38.33 108.78
CA ARG TA 52 -23.49 37.75 109.88
C ARG TA 52 -23.80 36.28 110.11
N THR TA 53 -24.92 35.76 109.61
CA THR TA 53 -25.25 34.35 109.80
C THR TA 53 -24.32 33.46 108.97
N GLU TA 54 -23.96 33.90 107.76
CA GLU TA 54 -23.06 33.12 106.93
C GLU TA 54 -21.64 33.12 107.46
N ILE TA 55 -21.28 34.08 108.33
CA ILE TA 55 -19.99 34.04 109.00
C ILE TA 55 -20.08 33.21 110.27
N ARG TA 56 -21.23 33.28 110.96
CA ARG TA 56 -21.41 32.53 112.21
C ARG TA 56 -21.47 31.03 111.96
N MET TA 57 -22.15 30.62 110.88
CA MET TA 57 -22.24 29.21 110.54
C MET TA 57 -20.92 28.67 109.98
N ALA TA 58 -19.98 29.55 109.60
CA ALA TA 58 -18.65 29.10 109.24
C ALA TA 58 -17.73 29.07 110.46
N ARG TA 59 -17.96 29.96 111.42
CA ARG TA 59 -17.18 29.93 112.65
C ARG TA 59 -17.55 28.77 113.55
N MET TA 60 -18.80 28.29 113.47
CA MET TA 60 -19.23 27.23 114.37
C MET TA 60 -18.59 25.88 114.06
N ALA TA 61 -18.03 25.70 112.87
CA ALA TA 61 -17.50 24.41 112.45
C ALA TA 61 -16.01 24.27 112.73
N ARG TA 62 -15.27 25.37 112.70
CA ARG TA 62 -13.82 25.30 112.88
C ARG TA 62 -13.44 25.07 114.33
N LYS TA 63 -14.30 25.47 115.27
CA LYS TA 63 -14.08 25.14 116.68
C LYS TA 63 -14.20 23.64 116.91
N ALA TA 64 -15.09 22.97 116.18
CA ALA TA 64 -15.19 21.53 116.20
C ALA TA 64 -14.20 20.85 115.26
N GLY TA 65 -13.52 21.61 114.41
CA GLY TA 65 -12.55 21.05 113.50
C GLY TA 65 -13.12 20.57 112.18
N ASN TA 66 -14.38 20.86 111.91
CA ASN TA 66 -15.06 20.41 110.70
C ASN TA 66 -15.11 21.56 109.69
N PHE TA 67 -15.28 21.19 108.43
CA PHE TA 67 -15.45 22.19 107.38
C PHE TA 67 -16.90 22.66 107.34
N TYR TA 68 -17.16 23.64 106.47
CA TYR TA 68 -18.51 24.16 106.30
C TYR TA 68 -18.66 24.74 104.90
N VAL TA 69 -19.77 24.43 104.26
CA VAL TA 69 -20.09 24.94 102.93
C VAL TA 69 -21.24 25.94 103.07
N PRO TA 70 -21.17 27.10 102.43
CA PRO TA 70 -22.30 28.03 102.45
C PRO TA 70 -23.35 27.65 101.41
N ALA TA 71 -24.47 28.36 101.46
CA ALA TA 71 -25.55 28.12 100.51
C ALA TA 71 -25.15 28.64 99.14
N GLU TA 72 -25.31 27.81 98.12
CA GLU TA 72 -25.13 28.26 96.75
C GLU TA 72 -26.26 29.22 96.41
N PRO TA 73 -25.97 30.47 96.03
CA PRO TA 73 -27.02 31.48 95.92
C PRO TA 73 -27.94 31.24 94.72
N LYS TA 74 -29.14 31.79 94.82
CA LYS TA 74 -30.19 31.57 93.84
C LYS TA 74 -30.43 32.78 92.96
N LEU TA 75 -29.57 33.79 93.01
CA LEU TA 75 -29.71 35.00 92.21
C LEU TA 75 -28.40 35.27 91.51
N ALA TA 76 -28.46 35.60 90.23
CA ALA TA 76 -27.24 35.85 89.46
C ALA TA 76 -27.47 37.01 88.51
N PHE TA 77 -26.49 37.91 88.44
CA PHE TA 77 -26.55 38.99 87.46
C PHE TA 77 -25.89 38.54 86.17
N VAL TA 78 -26.52 38.89 85.05
CA VAL TA 78 -26.08 38.46 83.72
C VAL TA 78 -25.94 39.70 82.84
N ILE TA 79 -24.72 39.99 82.42
CA ILE TA 79 -24.43 41.02 81.44
C ILE TA 79 -24.12 40.33 80.12
N ARG TA 80 -24.54 40.91 79.00
CA ARG TA 80 -24.17 40.33 77.71
C ARG TA 80 -22.95 41.02 77.15
N ILE TA 81 -21.97 40.24 76.73
CA ILE TA 81 -20.65 40.73 76.36
C ILE TA 81 -20.48 40.84 74.85
N ARG TA 82 -20.81 39.77 74.12
CA ARG TA 82 -20.56 39.72 72.69
C ARG TA 82 -21.64 40.49 71.91
N GLY TA 83 -21.46 40.56 70.59
CA GLY TA 83 -22.23 41.44 69.74
C GLY TA 83 -23.57 40.90 69.31
N ILE TA 84 -23.94 41.23 68.07
CA ILE TA 84 -25.28 40.99 67.54
C ILE TA 84 -25.24 40.11 66.30
N ASN TA 85 -24.47 40.48 65.30
CA ASN TA 85 -24.44 39.76 64.05
C ASN TA 85 -23.41 38.62 64.08
N GLY TA 86 -23.78 37.51 63.45
CA GLY TA 86 -22.97 36.31 63.54
C GLY TA 86 -23.27 35.47 64.76
N VAL TA 87 -24.56 35.29 65.07
CA VAL TA 87 -25.00 34.60 66.27
C VAL TA 87 -25.93 33.47 65.86
N SER TA 88 -25.65 32.26 66.37
CA SER TA 88 -26.48 31.09 66.09
C SER TA 88 -27.88 31.26 66.67
N PRO TA 89 -28.90 30.66 66.06
CA PRO TA 89 -30.26 30.81 66.61
C PRO TA 89 -30.48 30.09 67.92
N LYS TA 90 -29.69 29.05 68.19
CA LYS TA 90 -29.80 28.29 69.43
C LYS TA 90 -29.47 29.16 70.65
N VAL TA 91 -28.48 30.04 70.52
CA VAL TA 91 -28.20 30.98 71.59
C VAL TA 91 -28.95 32.30 71.40
N ARG TA 92 -29.36 32.62 70.17
CA ARG TA 92 -30.09 33.86 69.92
C ARG TA 92 -31.48 33.83 70.56
N LYS TA 93 -32.15 32.68 70.51
CA LYS TA 93 -33.46 32.57 71.15
C LYS TA 93 -33.35 32.64 72.67
N VAL TA 94 -32.26 32.11 73.24
CA VAL TA 94 -32.07 32.18 74.69
C VAL TA 94 -31.74 33.61 75.11
N LEU TA 95 -31.00 34.35 74.28
CA LEU TA 95 -30.76 35.76 74.57
C LEU TA 95 -32.02 36.59 74.46
N GLN TA 96 -32.89 36.26 73.49
CA GLN TA 96 -34.19 36.92 73.41
C GLN TA 96 -35.08 36.61 74.60
N LEU TA 97 -34.99 35.38 75.15
CA LEU TA 97 -35.77 35.08 76.34
C LEU TA 97 -35.16 35.67 77.60
N LEU TA 98 -33.85 35.90 77.62
CA LEU TA 98 -33.21 36.57 78.74
C LEU TA 98 -33.14 38.08 78.57
N ARG TA 99 -33.77 38.61 77.51
CA ARG TA 99 -33.92 40.05 77.26
C ARG TA 99 -32.58 40.74 77.08
N LEU TA 100 -31.64 40.02 76.47
CA LEU TA 100 -30.29 40.52 76.19
C LEU TA 100 -30.15 40.87 74.71
N ARG TA 101 -31.19 41.50 74.15
CA ARG TA 101 -31.28 41.71 72.70
C ARG TA 101 -30.22 42.66 72.18
N GLN TA 102 -29.76 43.60 73.00
CA GLN TA 102 -28.64 44.47 72.64
C GLN TA 102 -27.38 44.02 73.35
N ILE TA 103 -26.30 44.70 73.08
CA ILE TA 103 -25.02 44.45 73.73
C ILE TA 103 -24.91 45.38 74.94
N PHE TA 104 -24.26 44.86 76.00
CA PHE TA 104 -24.07 45.55 77.28
C PHE TA 104 -25.39 45.91 77.94
N ASN TA 105 -26.30 44.94 78.02
CA ASN TA 105 -27.45 45.01 78.90
C ASN TA 105 -27.41 43.84 79.87
N GLY TA 106 -27.98 44.06 81.05
CA GLY TA 106 -27.92 43.08 82.12
C GLY TA 106 -29.25 42.84 82.81
N THR TA 107 -29.47 41.60 83.24
CA THR TA 107 -30.69 41.19 83.94
C THR TA 107 -30.32 40.41 85.20
N PHE TA 108 -31.21 40.48 86.19
CA PHE TA 108 -31.13 39.59 87.35
C PHE TA 108 -31.93 38.34 87.05
N VAL TA 109 -31.30 37.18 87.24
CA VAL TA 109 -31.89 35.89 86.92
C VAL TA 109 -31.99 35.08 88.19
N LYS TA 110 -33.20 34.63 88.52
CA LYS TA 110 -33.39 33.63 89.56
C LYS TA 110 -32.73 32.33 89.13
N LEU TA 111 -31.75 31.87 89.90
CA LEU TA 111 -31.05 30.65 89.52
C LEU TA 111 -31.89 29.42 89.80
N ASN TA 112 -31.75 28.44 88.92
CA ASN TA 112 -32.58 27.26 88.84
C ASN TA 112 -31.84 26.31 87.91
N LYS TA 113 -32.28 25.05 87.85
CA LYS TA 113 -31.62 24.11 86.96
C LYS TA 113 -31.85 24.48 85.50
N ALA TA 114 -33.06 24.92 85.17
CA ALA TA 114 -33.36 25.36 83.82
C ALA TA 114 -32.60 26.63 83.46
N SER TA 115 -32.46 27.55 84.41
CA SER TA 115 -31.74 28.79 84.14
C SER TA 115 -30.24 28.54 83.96
N ILE TA 116 -29.65 27.69 84.81
CA ILE TA 116 -28.22 27.36 84.67
C ILE TA 116 -27.97 26.59 83.38
N ASN TA 117 -28.91 25.74 82.97
CA ASN TA 117 -28.75 25.06 81.69
C ASN TA 117 -28.98 25.98 80.50
N MET TA 118 -29.70 27.10 80.68
CA MET TA 118 -29.69 28.14 79.65
C MET TA 118 -28.34 28.85 79.60
N LEU TA 119 -27.79 29.17 80.78
CA LEU TA 119 -26.53 29.91 80.84
C LEU TA 119 -25.38 29.09 80.29
N ARG TA 120 -25.43 27.77 80.45
CA ARG TA 120 -24.43 26.89 79.84
C ARG TA 120 -24.55 26.87 78.32
N ILE TA 121 -25.74 27.12 77.77
CA ILE TA 121 -25.86 27.26 76.32
C ILE TA 121 -25.26 28.59 75.88
N VAL TA 122 -25.52 29.66 76.63
CA VAL TA 122 -25.06 30.98 76.17
C VAL TA 122 -23.78 31.43 76.88
N GLU TA 123 -22.98 30.47 77.36
CA GLU TA 123 -21.65 30.78 77.88
C GLU TA 123 -20.73 31.62 76.99
N PRO TA 124 -20.62 31.42 75.66
CA PRO TA 124 -19.68 32.28 74.90
C PRO TA 124 -20.15 33.70 74.69
N TYR TA 125 -21.34 34.08 75.16
CA TYR TA 125 -21.90 35.40 74.86
C TYR TA 125 -22.18 36.27 76.06
N ILE TA 126 -22.22 35.71 77.27
CA ILE TA 126 -22.58 36.47 78.47
C ILE TA 126 -21.47 36.36 79.49
N ALA TA 127 -21.54 37.22 80.50
CA ALA TA 127 -20.81 37.07 81.74
C ALA TA 127 -21.80 37.11 82.89
N TRP TA 128 -21.78 36.09 83.74
CA TRP TA 128 -22.77 35.99 84.78
C TRP TA 128 -22.10 35.64 86.10
N GLY TA 129 -22.59 36.26 87.17
CA GLY TA 129 -21.98 36.06 88.47
C GLY TA 129 -22.94 36.32 89.61
N TYR TA 130 -22.42 36.33 90.84
CA TYR TA 130 -23.26 36.57 92.01
C TYR TA 130 -23.08 38.01 92.45
N PRO TA 131 -24.07 38.87 92.26
CA PRO TA 131 -23.92 40.27 92.70
C PRO TA 131 -24.00 40.41 94.20
N ASN TA 132 -23.25 41.37 94.73
CA ASN TA 132 -23.24 41.67 96.15
C ASN TA 132 -24.38 42.65 96.42
N LEU TA 133 -24.45 43.14 97.67
CA LEU TA 133 -25.54 44.04 98.04
C LEU TA 133 -25.40 45.41 97.40
N LYS TA 134 -24.18 45.97 97.34
CA LYS TA 134 -23.98 47.19 96.58
C LYS TA 134 -24.13 46.98 95.08
N SER TA 135 -23.80 45.78 94.60
CA SER TA 135 -23.96 45.50 93.18
C SER TA 135 -25.43 45.46 92.78
N VAL TA 136 -26.30 45.05 93.71
CA VAL TA 136 -27.74 45.17 93.46
C VAL TA 136 -28.19 46.61 93.66
N ASN TA 137 -27.70 47.25 94.72
CA ASN TA 137 -28.23 48.53 95.17
C ASN TA 137 -27.89 49.66 94.19
N GLU TA 138 -26.66 49.67 93.65
CA GLU TA 138 -26.29 50.70 92.70
C GLU TA 138 -27.00 50.53 91.37
N LEU TA 139 -27.29 49.30 90.94
CA LEU TA 139 -28.06 49.11 89.72
C LEU TA 139 -29.52 49.48 89.91
N ILE TA 140 -30.08 49.32 91.11
CA ILE TA 140 -31.46 49.74 91.32
C ILE TA 140 -31.55 51.26 91.47
N TYR TA 141 -30.64 51.86 92.22
CA TYR TA 141 -30.69 53.31 92.44
C TYR TA 141 -30.30 54.09 91.19
N LYS TA 142 -29.13 53.79 90.62
CA LYS TA 142 -28.57 54.66 89.60
C LYS TA 142 -29.30 54.51 88.26
N ARG TA 143 -29.56 53.29 87.85
CA ARG TA 143 -30.16 53.03 86.54
C ARG TA 143 -31.43 52.20 86.69
N GLY TA 144 -32.29 52.62 87.62
CA GLY TA 144 -33.56 51.98 87.84
C GLY TA 144 -34.64 52.47 86.88
N TYR TA 145 -34.94 51.65 85.88
CA TYR TA 145 -35.94 51.97 84.87
C TYR TA 145 -37.01 50.89 84.90
N GLY TA 146 -38.23 51.28 85.26
CA GLY TA 146 -39.36 50.38 85.22
C GLY TA 146 -40.22 50.64 84.00
N LYS TA 147 -41.26 49.82 83.84
CA LYS TA 147 -42.20 50.00 82.75
C LYS TA 147 -43.61 49.76 83.26
N ILE TA 148 -44.55 50.59 82.81
CA ILE TA 148 -45.93 50.46 83.27
C ILE TA 148 -46.58 49.37 82.44
N ASN TA 149 -46.78 49.64 81.14
CA ASN TA 149 -46.97 48.58 80.16
C ASN TA 149 -45.91 48.66 79.07
N LYS TA 150 -45.88 49.76 78.33
CA LYS TA 150 -44.79 50.22 77.48
C LYS TA 150 -44.03 51.29 78.27
N LYS TA 151 -43.19 52.07 77.57
CA LYS TA 151 -42.66 53.37 77.99
C LYS TA 151 -41.88 53.32 79.31
N ARG TA 152 -40.67 52.77 79.27
CA ARG TA 152 -39.78 52.69 80.44
C ARG TA 152 -39.55 54.09 81.03
N ILE TA 153 -39.97 54.23 82.28
CA ILE TA 153 -39.73 55.46 83.03
C ILE TA 153 -38.68 55.19 84.09
N ALA TA 154 -37.78 56.16 84.29
CA ALA TA 154 -36.93 56.15 85.47
C ALA TA 154 -37.79 56.17 86.73
N LEU TA 155 -37.37 55.42 87.75
CA LEU TA 155 -38.21 55.17 88.92
C LEU TA 155 -38.51 56.46 89.69
N THR TA 156 -37.49 57.06 90.31
CA THR TA 156 -37.44 58.48 90.72
C THR TA 156 -38.44 58.83 91.84
N ASP TA 157 -39.30 57.90 92.22
CA ASP TA 157 -40.35 58.09 93.20
C ASP TA 157 -40.88 56.71 93.59
N ASN TA 158 -41.35 56.59 94.82
CA ASN TA 158 -41.95 55.34 95.27
C ASN TA 158 -43.36 55.14 94.73
N ALA TA 159 -43.98 56.20 94.20
CA ALA TA 159 -45.35 56.10 93.71
C ALA TA 159 -45.48 55.24 92.46
N LEU TA 160 -44.44 55.20 91.61
CA LEU TA 160 -44.47 54.36 90.43
C LEU TA 160 -44.49 52.88 90.79
N ILE TA 161 -43.66 52.51 91.78
CA ILE TA 161 -43.62 51.11 92.22
C ILE TA 161 -44.88 50.78 93.01
N ALA TA 162 -45.40 51.73 93.79
CA ALA TA 162 -46.62 51.48 94.55
C ALA TA 162 -47.86 51.39 93.66
N ARG TA 163 -47.83 52.02 92.48
CA ARG TA 163 -48.98 51.99 91.58
C ARG TA 163 -48.91 50.84 90.59
N SER TA 164 -47.77 50.66 89.92
CA SER TA 164 -47.66 49.65 88.88
C SER TA 164 -47.27 48.29 89.41
N LEU TA 165 -46.47 48.23 90.48
CA LEU TA 165 -45.92 46.98 90.97
C LEU TA 165 -46.41 46.61 92.36
N GLY TA 166 -46.90 47.56 93.14
CA GLY TA 166 -47.19 47.33 94.55
C GLY TA 166 -48.47 46.58 94.88
N LYS TA 167 -48.88 45.64 94.01
CA LYS TA 167 -50.02 44.79 94.27
C LYS TA 167 -49.67 43.57 95.11
N TYR TA 168 -48.45 43.49 95.65
CA TYR TA 168 -47.99 42.29 96.36
C TYR TA 168 -47.29 42.65 97.66
N GLY TA 169 -47.58 43.82 98.24
CA GLY TA 169 -46.84 44.26 99.40
C GLY TA 169 -45.43 44.72 99.09
N ILE TA 170 -45.18 45.12 97.84
CA ILE TA 170 -43.85 45.45 97.34
C ILE TA 170 -43.81 46.89 96.84
N ILE TA 171 -44.53 47.77 97.55
CA ILE TA 171 -44.87 49.10 97.05
C ILE TA 171 -43.66 50.03 96.92
N CYS TA 172 -42.57 49.76 97.64
CA CYS TA 172 -41.49 50.73 97.72
C CYS TA 172 -40.18 50.13 97.22
N MET TA 173 -39.17 51.01 97.15
CA MET TA 173 -37.90 50.61 96.56
C MET TA 173 -37.07 49.76 97.52
N GLU TA 174 -37.25 49.92 98.82
CA GLU TA 174 -36.65 48.97 99.77
C GLU TA 174 -37.23 47.58 99.58
N ASP TA 175 -38.56 47.49 99.35
CA ASP TA 175 -39.19 46.22 99.01
C ASP TA 175 -38.66 45.67 97.70
N LEU TA 176 -38.38 46.54 96.72
CA LEU TA 176 -37.87 46.08 95.43
C LEU TA 176 -36.47 45.50 95.57
N ILE TA 177 -35.60 46.19 96.33
CA ILE TA 177 -34.24 45.72 96.55
C ILE TA 177 -34.25 44.43 97.37
N HIS TA 178 -35.14 44.34 98.36
CA HIS TA 178 -35.29 43.12 99.14
C HIS TA 178 -35.77 41.95 98.30
N GLU TA 179 -36.69 42.20 97.36
CA GLU TA 179 -37.19 41.14 96.51
C GLU TA 179 -36.15 40.69 95.49
N ILE TA 180 -35.33 41.62 94.99
CA ILE TA 180 -34.27 41.23 94.06
C ILE TA 180 -33.18 40.45 94.78
N TYR TA 181 -32.73 40.93 95.95
CA TYR TA 181 -31.64 40.27 96.65
C TYR TA 181 -32.10 38.95 97.27
N THR TA 182 -33.03 39.01 98.21
CA THR TA 182 -33.64 37.79 98.77
C THR TA 182 -34.77 37.40 97.85
N VAL TA 183 -34.56 36.35 97.05
CA VAL TA 183 -35.50 35.96 96.02
C VAL TA 183 -36.72 35.33 96.69
N GLY TA 184 -37.82 36.08 96.72
CA GLY TA 184 -39.04 35.63 97.33
C GLY TA 184 -40.00 35.01 96.34
N LYS TA 185 -41.26 34.92 96.72
CA LYS TA 185 -42.28 34.29 95.90
C LYS TA 185 -42.76 35.17 94.75
N ARG TA 186 -42.44 36.46 94.75
CA ARG TA 186 -42.90 37.35 93.69
C ARG TA 186 -41.73 37.97 92.96
N PHE TA 187 -40.71 37.16 92.66
CA PHE TA 187 -39.53 37.66 91.95
C PHE TA 187 -39.84 37.93 90.49
N LYS TA 188 -40.78 37.17 89.90
CA LYS TA 188 -41.06 37.30 88.48
C LYS TA 188 -41.69 38.64 88.14
N GLU TA 189 -42.58 39.14 89.01
CA GLU TA 189 -43.19 40.44 88.78
C GLU TA 189 -42.17 41.57 88.87
N ALA TA 190 -41.23 41.48 89.81
CA ALA TA 190 -40.18 42.50 89.92
C ALA TA 190 -39.21 42.46 88.74
N ASN TA 191 -38.85 41.24 88.30
CA ASN TA 191 -37.92 41.12 87.18
C ASN TA 191 -38.58 41.54 85.88
N ASN TA 192 -39.90 41.32 85.75
CA ASN TA 192 -40.61 41.80 84.56
C ASN TA 192 -40.80 43.31 84.62
N PHE TA 193 -40.98 43.88 85.81
CA PHE TA 193 -41.13 45.31 85.95
C PHE TA 193 -39.83 46.04 85.63
N LEU TA 194 -38.70 45.48 86.06
CA LEU TA 194 -37.42 46.11 85.77
C LEU TA 194 -37.05 45.92 84.31
N TRP TA 195 -36.82 47.03 83.62
CA TRP TA 195 -36.26 47.02 82.28
C TRP TA 195 -34.83 46.47 82.33
N PRO TA 196 -34.36 45.81 81.28
CA PRO TA 196 -32.96 45.34 81.26
C PRO TA 196 -31.98 46.50 81.33
N PHE TA 197 -31.05 46.40 82.29
CA PHE TA 197 -30.19 47.51 82.67
C PHE TA 197 -29.17 47.79 81.56
N LYS TA 198 -29.30 48.95 80.94
CA LYS TA 198 -28.35 49.42 79.95
C LYS TA 198 -27.07 49.83 80.66
N LEU TA 199 -25.94 49.24 80.28
CA LEU TA 199 -24.69 49.51 80.98
C LEU TA 199 -23.62 49.98 79.99
N SER TA 200 -22.76 50.89 80.44
CA SER TA 200 -21.69 51.38 79.60
C SER TA 200 -20.52 50.41 79.60
N SER TA 201 -19.58 50.66 78.69
CA SER TA 201 -18.36 49.87 78.64
C SER TA 201 -17.49 50.19 79.87
N PRO TA 202 -16.75 49.21 80.37
CA PRO TA 202 -15.98 49.43 81.61
C PRO TA 202 -14.79 50.37 81.40
N ARG TA 203 -14.27 50.86 82.53
CA ARG TA 203 -13.17 51.81 82.48
C ARG TA 203 -11.87 51.13 82.07
N GLY TA 204 -11.42 50.15 82.85
CA GLY TA 204 -10.15 49.49 82.60
C GLY TA 204 -10.15 48.59 81.39
N GLY TA 205 -11.31 48.27 80.84
CA GLY TA 205 -11.40 47.40 79.68
C GLY TA 205 -11.81 46.00 80.05
N MET TA 206 -11.68 45.11 79.06
CA MET TA 206 -12.04 43.72 79.22
C MET TA 206 -10.88 42.85 78.77
N LYS TA 207 -10.89 41.61 79.21
CA LYS TA 207 -9.84 40.64 78.91
C LYS TA 207 -10.36 39.70 77.82
N LYS TA 208 -10.16 40.12 76.56
CA LYS TA 208 -10.16 39.30 75.35
C LYS TA 208 -11.54 38.80 74.91
N LYS TA 209 -12.56 38.88 75.79
CA LYS TA 209 -13.98 38.69 75.47
C LYS TA 209 -14.39 37.35 74.85
N THR TA 210 -13.47 36.42 74.66
CA THR TA 210 -13.76 35.20 73.92
C THR TA 210 -13.60 33.93 74.73
N THR TA 211 -12.52 33.80 75.49
CA THR TA 211 -12.34 32.66 76.36
C THR TA 211 -13.10 32.89 77.66
N HIS TA 212 -13.25 31.82 78.43
CA HIS TA 212 -13.97 31.91 79.70
C HIS TA 212 -13.09 32.57 80.74
N PHE TA 213 -13.69 32.89 81.89
CA PHE TA 213 -12.96 33.51 83.00
C PHE TA 213 -11.92 32.58 83.59
N VAL TA 214 -12.09 31.27 83.40
CA VAL TA 214 -11.06 30.30 83.76
C VAL TA 214 -9.80 30.51 82.94
N GLU TA 215 -9.96 30.77 81.63
CA GLU TA 215 -8.84 30.97 80.73
C GLU TA 215 -8.47 32.45 80.60
N GLY TA 216 -8.67 33.23 81.65
CA GLY TA 216 -8.33 34.64 81.62
C GLY TA 216 -9.18 35.50 80.73
N GLY TA 217 -10.40 35.06 80.43
CA GLY TA 217 -11.25 35.79 79.52
C GLY TA 217 -12.41 36.48 80.20
N ASP TA 218 -13.52 36.65 79.47
CA ASP TA 218 -14.68 37.35 80.00
C ASP TA 218 -15.96 36.53 79.92
N ALA TA 219 -16.15 35.79 78.82
CA ALA TA 219 -17.41 35.09 78.58
C ALA TA 219 -17.44 33.80 79.40
N GLY TA 220 -17.87 33.92 80.65
CA GLY TA 220 -17.98 32.74 81.49
C GLY TA 220 -18.44 33.09 82.88
N ASN TA 221 -18.27 32.14 83.80
CA ASN TA 221 -18.66 32.30 85.19
C ASN TA 221 -17.48 32.80 86.01
N ARG TA 222 -17.74 33.76 86.89
CA ARG TA 222 -16.71 34.31 87.77
C ARG TA 222 -17.11 34.44 89.23
N GLU TA 223 -18.41 34.52 89.53
CA GLU TA 223 -19.03 34.26 90.83
C GLU TA 223 -18.74 35.28 91.93
N ASP TA 224 -17.70 36.10 91.81
CA ASP TA 224 -17.58 37.29 92.65
C ASP TA 224 -16.94 38.48 91.97
N GLN TA 225 -16.26 38.28 90.84
CA GLN TA 225 -15.59 39.38 90.14
C GLN TA 225 -16.56 40.20 89.31
N ILE TA 226 -17.84 39.80 89.27
CA ILE TA 226 -18.86 40.65 88.69
C ILE TA 226 -19.13 41.88 89.55
N ASN TA 227 -18.72 41.86 90.81
CA ASN TA 227 -18.74 43.09 91.62
C ASN TA 227 -17.72 44.09 91.10
N ARG TA 228 -16.51 43.63 90.79
CA ARG TA 228 -15.51 44.51 90.20
C ARG TA 228 -15.91 44.95 88.80
N LEU TA 229 -16.53 44.04 88.04
CA LEU TA 229 -17.05 44.38 86.72
C LEU TA 229 -18.17 45.41 86.78
N ILE TA 230 -19.04 45.33 87.79
CA ILE TA 230 -20.13 46.29 87.87
C ILE TA 230 -19.67 47.60 88.48
N ARG TA 231 -18.58 47.61 89.25
CA ARG TA 231 -17.99 48.89 89.65
C ARG TA 231 -17.26 49.54 88.50
N ARG TA 232 -16.72 48.76 87.56
CA ARG TA 232 -16.11 49.35 86.38
C ARG TA 232 -17.15 49.84 85.37
N MET TA 233 -18.26 49.13 85.23
CA MET TA 233 -19.25 49.45 84.21
C MET TA 233 -20.32 50.42 84.67
N ASN TA 234 -20.87 50.24 85.87
CA ASN TA 234 -21.94 51.08 86.37
C ASN TA 234 -21.39 52.46 86.76
N ASN UA 1 -58.92 33.39 -96.75
CA ASN UA 1 -58.40 32.80 -97.97
C ASN UA 1 -56.95 33.24 -98.36
N PRO UA 2 -56.55 34.57 -98.26
CA PRO UA 2 -55.13 34.89 -98.53
C PRO UA 2 -54.14 34.30 -97.55
N LEU UA 3 -54.26 34.63 -96.25
CA LEU UA 3 -53.32 34.11 -95.27
C LEU UA 3 -54.03 33.23 -94.24
N PHE UA 4 -54.92 33.81 -93.40
CA PHE UA 4 -55.98 33.21 -92.60
C PHE UA 4 -55.75 31.82 -92.03
N GLU UA 5 -54.58 31.59 -91.43
CA GLU UA 5 -54.21 30.26 -90.99
C GLU UA 5 -54.91 29.90 -89.69
N LYS UA 6 -54.88 28.61 -89.36
CA LYS UA 6 -55.38 28.11 -88.10
C LYS UA 6 -54.21 27.86 -87.16
N ARG UA 7 -54.36 28.28 -85.90
CA ARG UA 7 -53.32 28.16 -84.89
C ARG UA 7 -53.88 27.34 -83.73
N PRO UA 8 -53.82 26.01 -83.81
CA PRO UA 8 -54.35 25.18 -82.73
C PRO UA 8 -53.41 25.14 -81.54
N LYS UA 9 -54.01 24.97 -80.36
CA LYS UA 9 -53.27 24.86 -79.11
C LYS UA 9 -53.59 23.52 -78.47
N ASN UA 10 -52.57 22.86 -77.93
CA ASN UA 10 -52.73 21.57 -77.26
C ASN UA 10 -52.60 21.80 -75.76
N PHE UA 11 -53.60 21.36 -75.00
CA PHE UA 11 -53.75 21.71 -73.59
C PHE UA 11 -53.39 20.55 -72.66
N GLY UA 12 -52.37 19.76 -73.01
CA GLY UA 12 -51.96 18.66 -72.17
C GLY UA 12 -50.92 19.08 -71.15
N ILE UA 13 -50.31 18.06 -70.54
CA ILE UA 13 -49.31 18.27 -69.51
C ILE UA 13 -47.94 18.43 -70.15
N GLY UA 14 -47.22 19.47 -69.76
CA GLY UA 14 -45.88 19.70 -70.28
C GLY UA 14 -45.81 20.48 -71.57
N GLN UA 15 -46.84 21.25 -71.89
CA GLN UA 15 -46.91 22.03 -73.11
C GLN UA 15 -47.74 23.27 -72.81
N ASP UA 16 -48.33 23.87 -73.85
CA ASP UA 16 -49.05 25.15 -73.77
C ASP UA 16 -50.10 25.15 -72.67
N ILE UA 17 -50.30 26.33 -72.08
CA ILE UA 17 -50.89 26.43 -70.74
C ILE UA 17 -52.39 26.15 -70.79
N GLN UA 18 -52.93 25.88 -69.61
CA GLN UA 18 -54.33 25.51 -69.49
C GLN UA 18 -55.22 26.74 -69.63
N PRO UA 19 -56.38 26.62 -70.25
CA PRO UA 19 -57.31 27.76 -70.33
C PRO UA 19 -58.03 27.98 -69.01
N LYS UA 20 -58.67 29.12 -68.90
CA LYS UA 20 -59.44 29.45 -67.71
C LYS UA 20 -60.73 28.64 -67.70
N ARG UA 21 -60.79 27.65 -66.82
CA ARG UA 21 -61.95 26.78 -66.71
C ARG UA 21 -62.97 27.40 -65.75
N ASP UA 22 -63.97 26.62 -65.35
CA ASP UA 22 -65.06 27.14 -64.53
C ASP UA 22 -64.60 27.42 -63.09
N LEU UA 23 -63.86 26.47 -62.51
CA LEU UA 23 -63.26 26.57 -61.17
C LEU UA 23 -64.30 26.84 -60.08
N THR UA 24 -65.50 26.28 -60.22
CA THR UA 24 -66.56 26.55 -59.26
C THR UA 24 -66.36 25.74 -57.99
N ARG UA 25 -66.05 24.45 -58.12
CA ARG UA 25 -65.89 23.58 -56.96
C ARG UA 25 -64.51 23.64 -56.33
N PHE UA 26 -63.67 24.60 -56.71
CA PHE UA 26 -62.30 24.64 -56.21
C PHE UA 26 -61.91 26.01 -55.66
N VAL UA 27 -62.80 26.97 -55.66
CA VAL UA 27 -62.52 28.29 -55.11
C VAL UA 27 -62.69 28.22 -53.59
N LYS UA 28 -61.75 28.85 -52.87
CA LYS UA 28 -61.75 28.82 -51.41
C LYS UA 28 -62.89 29.69 -50.89
N TRP UA 29 -63.97 29.05 -50.49
CA TRP UA 29 -65.13 29.77 -50.01
C TRP UA 29 -64.93 30.28 -48.60
N PRO UA 30 -65.59 31.38 -48.21
CA PRO UA 30 -65.46 31.89 -46.84
C PRO UA 30 -66.12 31.02 -45.79
N ARG UA 31 -66.03 31.50 -44.54
CA ARG UA 31 -66.46 30.73 -43.36
C ARG UA 31 -67.95 30.43 -43.40
N TYR UA 32 -68.78 31.44 -43.61
CA TYR UA 32 -70.21 31.22 -43.52
C TYR UA 32 -70.76 30.49 -44.74
N ILE UA 33 -70.10 30.64 -45.89
CA ILE UA 33 -70.43 29.85 -47.07
C ILE UA 33 -70.19 28.37 -46.79
N ARG UA 34 -69.00 28.05 -46.27
CA ARG UA 34 -68.71 26.67 -45.89
C ARG UA 34 -69.64 26.17 -44.79
N LEU UA 35 -70.01 27.03 -43.84
CA LEU UA 35 -70.92 26.65 -42.77
C LEU UA 35 -72.31 26.29 -43.28
N GLN UA 36 -72.89 27.11 -44.17
CA GLN UA 36 -74.21 26.76 -44.67
C GLN UA 36 -74.19 25.58 -45.63
N ARG UA 37 -73.10 25.41 -46.40
CA ARG UA 37 -73.04 24.29 -47.33
C ARG UA 37 -72.84 22.96 -46.61
N GLN UA 38 -71.85 22.89 -45.71
CA GLN UA 38 -71.73 21.68 -44.90
C GLN UA 38 -72.84 21.55 -43.86
N ARG UA 39 -73.62 22.59 -43.58
CA ARG UA 39 -74.80 22.42 -42.76
C ARG UA 39 -75.88 21.66 -43.52
N ALA UA 40 -76.11 22.05 -44.78
CA ALA UA 40 -77.04 21.31 -45.63
C ALA UA 40 -76.57 19.87 -45.87
N ILE UA 41 -75.27 19.70 -46.12
CA ILE UA 41 -74.71 18.36 -46.29
C ILE UA 41 -74.78 17.56 -44.98
N LEU UA 42 -74.70 18.23 -43.83
CA LEU UA 42 -74.79 17.54 -42.55
C LEU UA 42 -76.22 17.07 -42.28
N TYR UA 43 -77.21 17.88 -42.64
CA TYR UA 43 -78.60 17.41 -42.58
C TYR UA 43 -78.85 16.27 -43.57
N LYS UA 44 -78.17 16.28 -44.71
CA LYS UA 44 -78.33 15.17 -45.65
C LYS UA 44 -77.66 13.90 -45.15
N ARG UA 45 -76.52 14.02 -44.46
CA ARG UA 45 -75.82 12.83 -43.98
C ARG UA 45 -76.50 12.23 -42.76
N LEU UA 46 -76.66 13.02 -41.70
CA LEU UA 46 -77.07 12.46 -40.42
C LEU UA 46 -78.56 12.11 -40.41
N LYS UA 47 -78.91 11.16 -39.55
CA LYS UA 47 -80.29 10.71 -39.40
C LYS UA 47 -81.08 11.77 -38.63
N VAL UA 48 -82.17 12.24 -39.22
CA VAL UA 48 -83.01 13.24 -38.57
C VAL UA 48 -84.12 12.52 -37.82
N PRO UA 49 -84.66 13.11 -36.75
CA PRO UA 49 -85.77 12.48 -36.02
C PRO UA 49 -87.03 12.41 -36.86
N PRO UA 50 -87.94 11.48 -36.54
CA PRO UA 50 -89.18 11.36 -37.32
C PRO UA 50 -90.19 12.47 -37.07
N ALA UA 51 -89.90 13.45 -36.22
CA ALA UA 51 -90.75 14.63 -36.11
C ALA UA 51 -90.28 15.77 -36.99
N ILE UA 52 -89.03 15.73 -37.48
CA ILE UA 52 -88.55 16.75 -38.40
C ILE UA 52 -88.24 16.18 -39.78
N ASN UA 53 -88.40 14.88 -39.99
CA ASN UA 53 -88.33 14.39 -41.37
C ASN UA 53 -89.62 14.66 -42.15
N GLN UA 54 -90.66 15.16 -41.47
CA GLN UA 54 -91.88 15.59 -42.15
C GLN UA 54 -91.60 16.72 -43.14
N PHE UA 55 -90.65 17.59 -42.79
CA PHE UA 55 -90.15 18.57 -43.74
C PHE UA 55 -89.42 17.88 -44.88
N THR UA 56 -89.49 18.50 -46.07
CA THR UA 56 -89.14 18.12 -47.45
C THR UA 56 -90.15 17.12 -48.02
N GLN UA 57 -91.05 16.61 -47.18
CA GLN UA 57 -92.22 15.86 -47.62
C GLN UA 57 -93.38 16.85 -47.53
N ALA UA 58 -93.56 17.61 -48.59
CA ALA UA 58 -94.50 18.73 -48.60
C ALA UA 58 -95.47 18.59 -49.75
N LEU UA 59 -96.25 19.65 -49.97
CA LEU UA 59 -97.28 19.64 -50.99
C LEU UA 59 -96.67 19.97 -52.34
N ASP UA 60 -97.18 19.31 -53.39
CA ASP UA 60 -96.71 19.58 -54.74
C ASP UA 60 -97.20 20.95 -55.22
N ARG UA 61 -96.57 21.43 -56.30
CA ARG UA 61 -96.69 22.82 -56.69
C ARG UA 61 -98.04 23.16 -57.33
N GLN UA 62 -98.71 22.19 -57.95
CA GLN UA 62 -100.04 22.45 -58.50
C GLN UA 62 -101.06 22.68 -57.39
N THR UA 63 -101.06 21.82 -56.37
CA THR UA 63 -101.98 22.00 -55.25
C THR UA 63 -101.56 23.20 -54.40
N ALA UA 64 -100.26 23.52 -54.35
CA ALA UA 64 -99.83 24.74 -53.69
C ALA UA 64 -100.27 25.99 -54.45
N THR UA 65 -100.32 25.92 -55.78
CA THR UA 65 -100.84 27.03 -56.57
C THR UA 65 -102.34 27.19 -56.37
N GLN UA 66 -103.06 26.07 -56.25
CA GLN UA 66 -104.49 26.14 -55.90
C GLN UA 66 -104.70 26.73 -54.51
N LEU UA 67 -103.84 26.37 -53.55
CA LEU UA 67 -103.94 26.92 -52.20
C LEU UA 67 -103.62 28.42 -52.18
N LEU UA 68 -102.65 28.85 -52.98
CA LEU UA 68 -102.34 30.27 -53.06
C LEU UA 68 -103.44 31.05 -53.77
N LYS UA 69 -104.07 30.46 -54.79
CA LYS UA 69 -105.20 31.10 -55.44
C LYS UA 69 -106.41 31.19 -54.52
N LEU UA 70 -106.55 30.24 -53.60
CA LEU UA 70 -107.59 30.36 -52.58
C LEU UA 70 -107.24 31.43 -51.55
N ALA UA 71 -105.98 31.49 -51.12
CA ALA UA 71 -105.56 32.41 -50.08
C ALA UA 71 -105.32 33.84 -50.56
N HIS UA 72 -105.34 34.06 -51.87
CA HIS UA 72 -105.06 35.40 -52.41
C HIS UA 72 -106.16 36.39 -52.07
N LYS UA 73 -107.41 35.94 -51.98
CA LYS UA 73 -108.53 36.84 -51.75
C LYS UA 73 -109.05 36.80 -50.32
N TYR UA 74 -108.39 36.05 -49.43
CA TYR UA 74 -108.56 36.18 -48.00
C TYR UA 74 -107.37 36.90 -47.37
N ARG UA 75 -106.79 37.83 -48.10
CA ARG UA 75 -105.58 38.50 -47.68
C ARG UA 75 -105.86 39.47 -46.53
N PRO UA 76 -105.07 39.46 -45.46
CA PRO UA 76 -105.21 40.48 -44.42
C PRO UA 76 -104.77 41.84 -44.95
N GLU UA 77 -105.42 42.88 -44.44
CA GLU UA 77 -105.17 44.24 -44.94
C GLU UA 77 -103.85 44.78 -44.43
N THR UA 78 -103.18 45.55 -45.28
CA THR UA 78 -101.94 46.23 -44.91
C THR UA 78 -102.27 47.53 -44.17
N LYS UA 79 -101.24 48.31 -43.86
CA LYS UA 79 -101.43 49.55 -43.12
C LYS UA 79 -102.18 50.61 -43.94
N GLN UA 80 -101.88 50.70 -45.25
CA GLN UA 80 -102.50 51.71 -46.11
C GLN UA 80 -103.99 51.50 -46.26
N GLU UA 81 -104.40 50.31 -46.73
CA GLU UA 81 -105.82 50.02 -46.85
C GLU UA 81 -106.50 49.78 -45.50
N LYS UA 82 -105.73 49.46 -44.45
CA LYS UA 82 -106.29 49.42 -43.11
C LYS UA 82 -106.74 50.80 -42.65
N LYS UA 83 -105.84 51.79 -42.75
CA LYS UA 83 -106.19 53.17 -42.44
C LYS UA 83 -107.27 53.70 -43.38
N GLN UA 84 -107.24 53.28 -44.65
CA GLN UA 84 -108.28 53.66 -45.60
C GLN UA 84 -109.65 53.12 -45.20
N ARG UA 85 -109.72 51.85 -44.78
CA ARG UA 85 -110.99 51.28 -44.32
C ARG UA 85 -111.46 51.92 -43.03
N LEU UA 86 -110.54 52.23 -42.11
CA LEU UA 86 -110.91 52.91 -40.86
C LEU UA 86 -111.50 54.29 -41.12
N LEU UA 87 -110.80 55.10 -41.92
CA LEU UA 87 -111.28 56.46 -42.21
C LEU UA 87 -112.54 56.44 -43.06
N ALA UA 88 -112.64 55.50 -44.00
CA ALA UA 88 -113.82 55.42 -44.86
C ALA UA 88 -115.05 54.96 -44.08
N ARG UA 89 -114.90 53.95 -43.22
CA ARG UA 89 -116.01 53.50 -42.40
C ARG UA 89 -116.42 54.55 -41.38
N ALA UA 90 -115.44 55.30 -40.85
CA ALA UA 90 -115.76 56.41 -39.94
C ALA UA 90 -116.53 57.52 -40.65
N GLU UA 91 -116.13 57.86 -41.87
CA GLU UA 91 -116.87 58.88 -42.63
C GLU UA 91 -118.26 58.40 -43.03
N LYS UA 92 -118.40 57.12 -43.41
CA LYS UA 92 -119.72 56.62 -43.78
C LYS UA 92 -120.66 56.54 -42.57
N LYS UA 93 -120.13 56.13 -41.40
CA LYS UA 93 -120.99 56.09 -40.23
C LYS UA 93 -121.27 57.49 -39.68
N ALA UA 94 -120.37 58.45 -39.88
CA ALA UA 94 -120.65 59.84 -39.51
C ALA UA 94 -121.63 60.50 -40.46
N ALA UA 95 -121.68 60.06 -41.73
CA ALA UA 95 -122.64 60.63 -42.66
C ALA UA 95 -124.01 60.00 -42.52
N GLY UA 96 -124.08 58.68 -42.32
CA GLY UA 96 -125.35 57.99 -42.30
C GLY UA 96 -125.93 57.68 -40.94
N LYS UA 97 -125.12 57.87 -39.88
CA LYS UA 97 -125.47 57.53 -38.49
C LYS UA 97 -125.88 56.06 -38.36
N GLY UA 98 -125.15 55.18 -39.04
CA GLY UA 98 -125.47 53.77 -39.00
C GLY UA 98 -124.84 53.06 -37.82
N ASP UA 99 -125.46 51.95 -37.43
CA ASP UA 99 -124.99 51.17 -36.28
C ASP UA 99 -124.08 50.03 -36.72
N VAL UA 100 -124.59 49.13 -37.55
CA VAL UA 100 -123.83 47.94 -37.96
C VAL UA 100 -123.77 47.82 -39.48
N PRO UA 101 -122.86 48.54 -40.15
CA PRO UA 101 -122.76 48.39 -41.61
C PRO UA 101 -122.06 47.11 -42.05
N THR UA 102 -121.17 46.56 -41.22
CA THR UA 102 -120.41 45.37 -41.57
C THR UA 102 -120.98 44.17 -40.84
N LYS UA 103 -121.37 43.14 -41.58
CA LYS UA 103 -121.94 41.94 -40.97
C LYS UA 103 -120.85 40.99 -40.49
N ARG UA 104 -120.04 40.47 -41.40
CA ARG UA 104 -118.97 39.54 -41.08
C ARG UA 104 -117.76 39.81 -41.98
N PRO UA 105 -116.64 40.26 -41.44
CA PRO UA 105 -115.41 40.39 -42.24
C PRO UA 105 -114.63 39.10 -42.27
N PRO UA 106 -114.41 38.51 -43.45
CA PRO UA 106 -113.57 37.31 -43.53
C PRO UA 106 -112.09 37.64 -43.67
N VAL UA 107 -111.27 37.09 -42.78
CA VAL UA 107 -109.82 37.32 -42.81
C VAL UA 107 -109.14 36.14 -42.10
N LEU UA 108 -108.05 35.68 -42.69
CA LEU UA 108 -107.30 34.58 -42.09
C LEU UA 108 -106.47 35.08 -40.92
N ARG UA 109 -106.02 34.13 -40.09
CA ARG UA 109 -105.20 34.42 -38.93
C ARG UA 109 -103.77 33.95 -39.17
N ALA UA 110 -102.81 34.68 -38.64
CA ALA UA 110 -101.40 34.34 -38.76
C ALA UA 110 -100.76 34.30 -37.37
N GLY UA 111 -99.58 33.71 -37.31
CA GLY UA 111 -98.85 33.64 -36.06
C GLY UA 111 -99.06 32.33 -35.32
N VAL UA 112 -97.97 31.81 -34.73
CA VAL UA 112 -98.00 30.45 -34.18
C VAL UA 112 -98.88 30.39 -32.92
N ASN UA 113 -98.85 31.44 -32.09
CA ASN UA 113 -99.73 31.50 -30.91
C ASN UA 113 -101.20 31.50 -31.29
N THR UA 114 -101.57 32.34 -32.28
CA THR UA 114 -102.96 32.43 -32.72
C THR UA 114 -103.42 31.13 -33.35
N VAL UA 115 -102.59 30.52 -34.20
CA VAL UA 115 -102.95 29.26 -34.84
C VAL UA 115 -103.05 28.13 -33.84
N THR UA 116 -102.17 28.12 -32.83
CA THR UA 116 -102.22 27.07 -31.80
C THR UA 116 -103.48 27.22 -30.94
N THR UA 117 -103.86 28.46 -30.63
CA THR UA 117 -105.10 28.71 -29.90
C THR UA 117 -106.32 28.29 -30.72
N LEU UA 118 -106.32 28.58 -32.02
CA LEU UA 118 -107.45 28.21 -32.87
C LEU UA 118 -107.57 26.71 -33.05
N VAL UA 119 -106.45 25.98 -33.11
CA VAL UA 119 -106.58 24.53 -33.26
C VAL UA 119 -106.91 23.88 -31.92
N GLU UA 120 -106.46 24.46 -30.80
CA GLU UA 120 -106.90 23.97 -29.49
C GLU UA 120 -108.38 24.24 -29.23
N ASN UA 121 -108.94 25.30 -29.80
CA ASN UA 121 -110.37 25.57 -29.63
C ASN UA 121 -111.20 25.12 -30.82
N LYS UA 122 -110.58 24.45 -31.80
CA LYS UA 122 -111.25 23.85 -32.96
C LYS UA 122 -111.99 24.88 -33.82
N LYS UA 123 -111.41 26.06 -33.94
CA LYS UA 123 -111.94 27.07 -34.85
C LYS UA 123 -111.28 27.03 -36.23
N ALA UA 124 -110.17 26.32 -36.38
CA ALA UA 124 -109.43 26.31 -37.63
C ALA UA 124 -110.02 25.27 -38.59
N GLN UA 125 -110.31 25.71 -39.81
CA GLN UA 125 -110.72 24.77 -40.85
C GLN UA 125 -109.53 24.16 -41.57
N LEU UA 126 -108.44 24.91 -41.68
CA LEU UA 126 -107.26 24.44 -42.42
C LEU UA 126 -106.03 25.15 -41.86
N VAL UA 127 -104.91 24.42 -41.82
CA VAL UA 127 -103.65 24.96 -41.30
C VAL UA 127 -102.59 24.85 -42.38
N VAL UA 128 -101.87 25.94 -42.63
CA VAL UA 128 -100.75 25.98 -43.55
C VAL UA 128 -99.49 26.22 -42.74
N ILE UA 129 -98.55 25.27 -42.82
CA ILE UA 129 -97.35 25.25 -41.99
C ILE UA 129 -96.14 25.46 -42.91
N ALA UA 130 -95.34 26.49 -42.61
CA ALA UA 130 -94.18 26.79 -43.44
C ALA UA 130 -93.05 25.78 -43.18
N HIS UA 131 -92.13 25.72 -44.14
CA HIS UA 131 -91.02 24.78 -44.13
C HIS UA 131 -89.71 25.37 -43.60
N ASP UA 132 -89.41 26.64 -43.91
CA ASP UA 132 -88.06 27.17 -43.78
C ASP UA 132 -87.80 27.81 -42.42
N VAL UA 133 -88.43 27.33 -41.36
CA VAL UA 133 -88.21 27.88 -40.03
C VAL UA 133 -86.94 27.25 -39.46
N ASP UA 134 -85.95 28.09 -39.13
CA ASP UA 134 -84.63 27.58 -38.79
C ASP UA 134 -84.59 26.99 -37.36
N PRO UA 135 -85.28 27.57 -36.34
CA PRO UA 135 -85.56 26.74 -35.15
C PRO UA 135 -86.78 25.86 -35.39
N ILE UA 136 -86.54 24.56 -35.53
CA ILE UA 136 -87.63 23.64 -35.86
C ILE UA 136 -88.52 23.40 -34.65
N GLU UA 137 -88.00 23.65 -33.44
CA GLU UA 137 -88.76 23.50 -32.20
C GLU UA 137 -89.98 24.41 -32.13
N LEU UA 138 -89.98 25.51 -32.87
CA LEU UA 138 -91.16 26.36 -32.95
C LEU UA 138 -92.29 25.71 -33.74
N VAL UA 139 -92.00 24.65 -34.50
CA VAL UA 139 -92.97 24.12 -35.45
C VAL UA 139 -93.38 22.69 -35.09
N VAL UA 140 -92.45 21.93 -34.47
CA VAL UA 140 -92.60 20.47 -34.33
C VAL UA 140 -93.83 20.02 -33.55
N PHE UA 141 -94.41 20.88 -32.72
CA PHE UA 141 -95.61 20.48 -31.99
C PHE UA 141 -96.88 20.65 -32.81
N LEU UA 142 -96.85 21.50 -33.83
CA LEU UA 142 -98.05 21.78 -34.61
C LEU UA 142 -98.63 20.62 -35.42
N PRO UA 143 -97.86 19.73 -36.10
CA PRO UA 143 -98.54 18.65 -36.84
C PRO UA 143 -99.25 17.64 -35.96
N ALA UA 144 -98.63 17.22 -34.86
CA ALA UA 144 -99.29 16.29 -33.94
C ALA UA 144 -100.49 16.94 -33.26
N LEU UA 145 -100.42 18.25 -32.99
CA LEU UA 145 -101.53 18.93 -32.36
C LEU UA 145 -102.71 19.07 -33.32
N CYS UA 146 -102.43 19.40 -34.59
CA CYS UA 146 -103.49 19.44 -35.59
C CYS UA 146 -104.08 18.05 -35.86
N ARG UA 147 -103.25 17.01 -35.76
CA ARG UA 147 -103.75 15.65 -35.94
C ARG UA 147 -104.66 15.24 -34.79
N LYS UA 148 -104.26 15.52 -33.55
CA LYS UA 148 -105.05 15.11 -32.40
C LYS UA 148 -106.28 15.99 -32.20
N MET UA 149 -106.28 17.20 -32.74
CA MET UA 149 -107.49 18.01 -32.70
C MET UA 149 -108.32 17.87 -33.97
N GLY UA 150 -107.84 17.12 -34.96
CA GLY UA 150 -108.64 16.82 -36.13
C GLY UA 150 -108.64 17.88 -37.20
N VAL UA 151 -107.78 18.90 -37.09
CA VAL UA 151 -107.72 19.97 -38.08
C VAL UA 151 -106.69 19.58 -39.14
N PRO UA 152 -107.02 19.63 -40.43
CA PRO UA 152 -106.04 19.27 -41.45
C PRO UA 152 -104.95 20.32 -41.61
N TYR UA 153 -103.72 19.85 -41.70
CA TYR UA 153 -102.54 20.69 -41.84
C TYR UA 153 -101.79 20.30 -43.11
N CYS UA 154 -101.22 21.29 -43.78
CA CYS UA 154 -100.43 21.08 -44.98
C CYS UA 154 -99.09 21.77 -44.83
N ILE UA 155 -98.01 21.02 -45.05
CA ILE UA 155 -96.66 21.55 -44.99
C ILE UA 155 -96.31 22.12 -46.36
N ILE UA 156 -95.81 23.35 -46.39
CA ILE UA 156 -95.55 24.06 -47.62
C ILE UA 156 -94.10 24.55 -47.58
N LYS UA 157 -93.50 24.72 -48.75
CA LYS UA 157 -92.09 25.07 -48.87
C LYS UA 157 -91.97 26.55 -49.22
N GLY UA 158 -91.29 27.31 -48.36
CA GLY UA 158 -91.10 28.72 -48.58
C GLY UA 158 -91.92 29.58 -47.64
N LYS UA 159 -91.26 30.12 -46.61
CA LYS UA 159 -91.94 31.03 -45.69
C LYS UA 159 -92.00 32.46 -46.24
N ALA UA 160 -91.15 32.79 -47.22
CA ALA UA 160 -91.20 34.11 -47.84
C ALA UA 160 -92.48 34.28 -48.66
N ARG UA 161 -92.87 33.24 -49.40
CA ARG UA 161 -94.10 33.27 -50.18
C ARG UA 161 -95.32 33.32 -49.27
N LEU UA 162 -95.22 32.76 -48.08
CA LEU UA 162 -96.31 32.82 -47.11
C LEU UA 162 -96.34 34.15 -46.37
N GLY UA 163 -95.20 34.83 -46.26
CA GLY UA 163 -95.20 36.17 -45.72
C GLY UA 163 -95.68 37.21 -46.70
N ARG UA 164 -95.48 36.97 -48.00
CA ARG UA 164 -95.95 37.93 -48.99
C ARG UA 164 -97.45 37.87 -49.24
N LEU UA 165 -98.16 36.90 -48.66
CA LEU UA 165 -99.62 36.96 -48.65
C LEU UA 165 -100.18 37.57 -47.38
N VAL UA 166 -99.31 37.95 -46.43
CA VAL UA 166 -99.72 38.65 -45.22
C VAL UA 166 -99.01 40.00 -45.08
N HIS UA 167 -98.19 40.36 -46.07
CA HIS UA 167 -97.41 41.61 -46.14
C HIS UA 167 -96.45 41.72 -44.95
N ARG UA 168 -95.56 40.74 -44.87
CA ARG UA 168 -94.58 40.65 -43.79
C ARG UA 168 -93.45 39.75 -44.30
N LYS UA 169 -92.31 39.78 -43.61
CA LYS UA 169 -91.19 38.97 -44.05
C LYS UA 169 -91.41 37.49 -43.78
N THR UA 170 -91.76 37.14 -42.54
CA THR UA 170 -92.04 35.77 -42.16
C THR UA 170 -93.46 35.67 -41.61
N CYS UA 171 -94.15 34.59 -41.96
CA CYS UA 171 -95.52 34.37 -41.50
C CYS UA 171 -95.68 33.08 -40.72
N THR UA 172 -95.06 31.99 -41.20
CA THR UA 172 -94.78 30.72 -40.51
C THR UA 172 -96.02 29.84 -40.31
N THR UA 173 -97.22 30.41 -40.41
CA THR UA 173 -98.49 29.74 -40.12
C THR UA 173 -99.61 30.55 -40.74
N VAL UA 174 -100.56 29.85 -41.36
CA VAL UA 174 -101.79 30.47 -41.89
C VAL UA 174 -102.97 29.62 -41.47
N ALA UA 175 -103.95 30.24 -40.81
CA ALA UA 175 -105.15 29.54 -40.35
C ALA UA 175 -106.35 29.97 -41.18
N PHE UA 176 -106.91 29.03 -41.95
CA PHE UA 176 -108.22 29.21 -42.58
C PHE UA 176 -109.28 28.82 -41.56
N THR UA 177 -110.12 29.78 -41.18
CA THR UA 177 -111.19 29.59 -40.20
C THR UA 177 -112.57 29.91 -40.75
N GLN UA 178 -112.70 30.98 -41.52
CA GLN UA 178 -113.98 31.41 -42.07
C GLN UA 178 -113.92 31.32 -43.59
N VAL UA 179 -114.95 30.74 -44.19
CA VAL UA 179 -115.03 30.56 -45.63
C VAL UA 179 -116.36 31.13 -46.11
N ASN UA 180 -116.38 31.57 -47.38
CA ASN UA 180 -117.58 32.09 -47.98
C ASN UA 180 -118.32 31.00 -48.74
N SER UA 181 -119.50 31.35 -49.26
CA SER UA 181 -120.33 30.36 -49.94
C SER UA 181 -119.77 29.97 -51.30
N GLU UA 182 -119.11 30.90 -51.99
CA GLU UA 182 -118.48 30.60 -53.27
C GLU UA 182 -117.16 29.88 -53.11
N ASP UA 183 -116.61 29.81 -51.90
CA ASP UA 183 -115.32 29.18 -51.65
C ASP UA 183 -115.42 27.93 -50.81
N LYS UA 184 -116.60 27.61 -50.27
CA LYS UA 184 -116.76 26.47 -49.37
C LYS UA 184 -116.48 25.15 -50.07
N GLY UA 185 -116.92 25.01 -51.32
CA GLY UA 185 -116.69 23.78 -52.08
C GLY UA 185 -115.23 23.57 -52.45
N ALA UA 186 -114.56 24.64 -52.86
CA ALA UA 186 -113.14 24.56 -53.18
C ALA UA 186 -112.31 24.28 -51.93
N LEU UA 187 -112.68 24.89 -50.81
CA LEU UA 187 -111.98 24.58 -49.56
C LEU UA 187 -112.28 23.16 -49.09
N ALA UA 188 -113.48 22.65 -49.36
CA ALA UA 188 -113.80 21.26 -49.01
C ALA UA 188 -112.98 20.28 -49.84
N LYS UA 189 -112.78 20.59 -51.13
CA LYS UA 189 -111.94 19.75 -51.98
C LYS UA 189 -110.48 19.81 -51.55
N LEU UA 190 -109.99 21.00 -51.18
CA LEU UA 190 -108.62 21.13 -50.69
C LEU UA 190 -108.41 20.42 -49.36
N VAL UA 191 -109.37 20.53 -48.44
CA VAL UA 191 -109.32 19.82 -47.16
C VAL UA 191 -109.38 18.31 -47.37
N GLU UA 192 -110.15 17.84 -48.36
CA GLU UA 192 -110.18 16.41 -48.67
C GLU UA 192 -108.84 15.92 -49.19
N ALA UA 193 -108.21 16.70 -50.09
CA ALA UA 193 -106.89 16.31 -50.61
C ALA UA 193 -105.82 16.35 -49.52
N ILE UA 194 -105.88 17.34 -48.63
CA ILE UA 194 -104.87 17.47 -47.58
C ILE UA 194 -105.04 16.39 -46.52
N ARG UA 195 -106.29 16.02 -46.19
CA ARG UA 195 -106.52 14.91 -45.28
C ARG UA 195 -106.15 13.57 -45.91
N THR UA 196 -106.25 13.46 -47.24
CA THR UA 196 -105.75 12.27 -47.91
C THR UA 196 -104.23 12.20 -47.86
N ASN UA 197 -103.57 13.34 -48.00
CA ASN UA 197 -102.11 13.34 -48.09
C ASN UA 197 -101.45 13.18 -46.72
N TYR UA 198 -101.92 13.93 -45.72
CA TYR UA 198 -101.19 14.06 -44.45
C TYR UA 198 -101.82 13.28 -43.30
N ASN UA 199 -103.10 13.52 -43.01
CA ASN UA 199 -103.71 12.97 -41.80
C ASN UA 199 -103.97 11.48 -41.92
N ASP UA 200 -104.30 11.00 -43.12
CA ASP UA 200 -104.46 9.57 -43.31
C ASP UA 200 -103.13 8.82 -43.29
N ARG UA 201 -102.04 9.51 -43.60
CA ARG UA 201 -100.70 8.91 -43.58
C ARG UA 201 -99.88 9.38 -42.40
N TYR UA 202 -100.52 9.92 -41.36
CA TYR UA 202 -99.81 10.36 -40.16
C TYR UA 202 -99.17 9.19 -39.43
N ASP UA 203 -99.80 8.02 -39.42
CA ASP UA 203 -99.19 6.85 -38.80
C ASP UA 203 -98.02 6.28 -39.60
N GLU UA 204 -97.87 6.67 -40.87
CA GLU UA 204 -96.78 6.23 -41.71
C GLU UA 204 -95.56 7.13 -41.58
N ILE UA 205 -95.77 8.45 -41.56
CA ILE UA 205 -94.65 9.39 -41.53
C ILE UA 205 -94.01 9.41 -40.15
N ARG UA 206 -94.81 9.21 -39.09
CA ARG UA 206 -94.31 9.26 -37.73
C ARG UA 206 -93.37 8.08 -37.42
N ARG UA 207 -93.54 6.96 -38.11
CA ARG UA 207 -92.70 5.80 -37.87
C ARG UA 207 -91.40 5.83 -38.65
N HIS UA 208 -91.37 6.48 -39.81
CA HIS UA 208 -90.20 6.44 -40.68
C HIS UA 208 -89.15 7.47 -40.25
N TRP UA 209 -87.90 7.05 -40.33
CA TRP UA 209 -86.74 7.91 -40.07
C TRP UA 209 -86.25 8.51 -41.36
N GLY UA 210 -85.73 9.74 -41.28
CA GLY UA 210 -85.20 10.43 -42.44
C GLY UA 210 -83.69 10.49 -42.45
N GLY UA 211 -83.15 10.93 -43.59
CA GLY UA 211 -81.72 11.07 -43.74
C GLY UA 211 -81.02 9.75 -44.04
N ASN UA 212 -79.86 9.54 -43.39
CA ASN UA 212 -79.02 8.34 -43.52
C ASN UA 212 -78.62 8.10 -44.98
N VAL UA 213 -78.11 9.16 -45.61
CA VAL UA 213 -77.68 9.11 -47.01
C VAL UA 213 -76.22 9.52 -47.07
N LEU UA 214 -75.38 8.60 -47.52
CA LEU UA 214 -73.95 8.86 -47.62
C LEU UA 214 -73.64 9.72 -48.84
N GLY UA 215 -72.42 10.26 -48.88
CA GLY UA 215 -71.97 11.08 -49.97
C GLY UA 215 -71.79 10.27 -51.23
N PRO UA 216 -71.87 10.94 -52.39
CA PRO UA 216 -71.85 10.20 -53.67
C PRO UA 216 -70.52 9.55 -53.99
N LYS UA 217 -69.41 10.08 -53.46
CA LYS UA 217 -68.13 9.41 -53.63
C LYS UA 217 -68.09 8.09 -52.89
N SER UA 218 -68.59 8.07 -51.66
CA SER UA 218 -68.66 6.81 -50.90
C SER UA 218 -69.70 5.87 -51.47
N VAL UA 219 -70.79 6.40 -52.03
CA VAL UA 219 -71.80 5.56 -52.67
C VAL UA 219 -71.23 4.90 -53.93
N ALA UA 220 -70.46 5.65 -54.72
CA ALA UA 220 -69.81 5.06 -55.89
C ALA UA 220 -68.71 4.08 -55.48
N ARG UA 221 -68.06 4.31 -54.34
CA ARG UA 221 -67.07 3.36 -53.84
C ARG UA 221 -67.73 2.05 -53.42
N ILE UA 222 -68.87 2.13 -52.72
CA ILE UA 222 -69.61 0.94 -52.33
C ILE UA 222 -70.18 0.22 -53.55
N ALA UA 223 -70.59 0.97 -54.57
CA ALA UA 223 -71.08 0.35 -55.81
C ALA UA 223 -69.96 -0.33 -56.58
N LYS UA 224 -68.76 0.24 -56.58
CA LYS UA 224 -67.62 -0.40 -57.24
C LYS UA 224 -67.21 -1.66 -56.49
N LEU UA 225 -67.23 -1.62 -55.15
CA LEU UA 225 -66.98 -2.83 -54.37
C LEU UA 225 -68.07 -3.88 -54.55
N GLU UA 226 -69.32 -3.46 -54.78
CA GLU UA 226 -70.40 -4.40 -55.05
C GLU UA 226 -70.24 -5.06 -56.42
N LYS UA 227 -69.81 -4.29 -57.42
CA LYS UA 227 -69.54 -4.86 -58.73
C LYS UA 227 -68.34 -5.81 -58.69
N ALA UA 228 -67.34 -5.48 -57.86
CA ALA UA 228 -66.21 -6.40 -57.67
C ALA UA 228 -66.64 -7.66 -56.92
N LYS UA 229 -67.58 -7.54 -55.98
CA LYS UA 229 -68.11 -8.70 -55.28
C LYS UA 229 -68.93 -9.59 -56.22
N ALA UA 230 -69.68 -8.97 -57.13
CA ALA UA 230 -70.40 -9.74 -58.14
C ALA UA 230 -69.45 -10.41 -59.13
N LYS UA 231 -68.32 -9.76 -59.43
CA LYS UA 231 -67.29 -10.38 -60.26
C LYS UA 231 -66.65 -11.56 -59.54
N GLU UA 232 -66.49 -11.45 -58.21
CA GLU UA 232 -65.95 -12.57 -57.42
C GLU UA 232 -66.95 -13.73 -57.36
N LEU UA 233 -68.25 -13.43 -57.24
CA LEU UA 233 -69.25 -14.47 -57.21
C LEU UA 233 -69.47 -15.12 -58.57
N ALA UA 234 -69.27 -14.37 -59.65
CA ALA UA 234 -69.44 -14.91 -61.00
C ALA UA 234 -68.15 -14.81 -61.79
N MET VA 1 24.58 29.29 81.74
CA MET VA 1 23.71 29.25 82.92
C MET VA 1 24.02 30.38 83.87
N LYS VA 2 24.77 31.38 83.37
CA LYS VA 2 25.19 32.58 84.08
C LYS VA 2 26.00 32.21 85.33
N THR VA 3 27.16 31.64 85.07
CA THR VA 3 28.03 31.14 86.13
C THR VA 3 28.77 32.27 86.81
N ILE VA 4 28.86 32.20 88.14
CA ILE VA 4 29.58 33.18 88.96
C ILE VA 4 31.07 32.95 88.73
N LEU VA 5 31.92 33.87 89.23
CA LEU VA 5 33.24 34.23 88.70
C LEU VA 5 34.15 33.04 88.43
N SER VA 6 34.97 33.21 87.39
CA SER VA 6 36.04 32.29 87.07
C SER VA 6 37.35 33.06 87.07
N ASN VA 7 38.37 32.49 87.71
CA ASN VA 7 39.65 33.17 87.85
C ASN VA 7 40.78 32.28 87.38
N GLN VA 8 41.72 32.87 86.65
CA GLN VA 8 42.92 32.20 86.19
C GLN VA 8 44.14 32.80 86.89
N THR VA 9 45.05 31.93 87.29
CA THR VA 9 46.22 32.30 88.09
C THR VA 9 47.45 32.29 87.20
N VAL VA 10 48.22 33.39 87.23
CA VAL VA 10 49.44 33.51 86.44
C VAL VA 10 50.57 33.87 87.40
N ASP VA 11 51.60 33.05 87.42
CA ASP VA 11 52.85 33.43 88.08
C ASP VA 11 53.74 34.15 87.08
N ILE VA 12 54.38 35.23 87.53
CA ILE VA 12 55.26 36.02 86.67
C ILE VA 12 56.65 35.97 87.29
N PRO VA 13 57.68 35.55 86.53
CA PRO VA 13 59.02 35.45 87.10
C PRO VA 13 59.65 36.81 87.35
N GLU VA 14 60.70 36.81 88.17
CA GLU VA 14 61.35 38.03 88.59
C GLU VA 14 62.26 38.62 87.52
N ASN VA 15 62.48 37.90 86.41
CA ASN VA 15 63.26 38.46 85.31
C ASN VA 15 62.50 39.53 84.55
N VAL VA 16 61.17 39.48 84.58
CA VAL VA 16 60.34 40.37 83.78
C VAL VA 16 59.40 41.16 84.69
N ASP VA 17 58.82 42.21 84.13
CA ASP VA 17 57.89 43.08 84.81
C ASP VA 17 56.63 43.26 83.97
N ILE VA 18 55.49 43.45 84.64
CA ILE VA 18 54.22 43.65 83.97
C ILE VA 18 53.69 45.03 84.35
N THR VA 19 52.95 45.63 83.43
CA THR VA 19 52.33 46.94 83.66
C THR VA 19 51.03 46.98 82.87
N LEU VA 20 49.93 47.32 83.54
CA LEU VA 20 48.64 47.39 82.87
C LEU VA 20 47.96 48.71 83.21
N LYS VA 21 47.45 49.38 82.17
CA LYS VA 21 46.64 50.58 82.31
C LYS VA 21 45.15 50.29 82.15
N GLY VA 22 44.75 49.03 82.32
CA GLY VA 22 43.41 48.59 82.02
C GLY VA 22 43.43 47.19 81.48
N ARG VA 23 42.87 46.99 80.29
CA ARG VA 23 42.98 45.70 79.63
C ARG VA 23 44.21 45.61 78.73
N THR VA 24 44.96 46.70 78.58
CA THR VA 24 46.22 46.68 77.85
C THR VA 24 47.32 46.14 78.74
N VAL VA 25 48.07 45.15 78.23
CA VAL VA 25 49.12 44.49 78.98
C VAL VA 25 50.45 44.83 78.35
N ILE VA 26 51.40 45.33 79.15
CA ILE VA 26 52.74 45.65 78.70
C ILE VA 26 53.71 44.82 79.54
N VAL VA 27 54.44 43.92 78.90
CA VAL VA 27 55.38 43.05 79.59
C VAL VA 27 56.78 43.40 79.12
N LYS VA 28 57.64 43.83 80.05
CA LYS VA 28 59.01 44.22 79.74
C LYS VA 28 59.96 43.18 80.32
N GLY VA 29 60.96 42.80 79.53
CA GLY VA 29 61.92 41.81 79.97
C GLY VA 29 63.29 41.99 79.35
N PRO VA 30 64.14 40.95 79.45
CA PRO VA 30 65.48 41.04 78.87
C PRO VA 30 65.46 41.05 77.35
N ARG VA 31 64.63 40.21 76.73
CA ARG VA 31 64.55 40.15 75.26
C ARG VA 31 63.43 41.09 74.81
N GLY VA 32 63.72 42.38 74.91
CA GLY VA 32 62.79 43.41 74.49
C GLY VA 32 61.57 43.55 75.39
N THR VA 33 60.53 44.16 74.82
CA THR VA 33 59.26 44.32 75.50
C THR VA 33 58.14 44.00 74.52
N LEU VA 34 56.93 43.81 75.05
CA LEU VA 34 55.79 43.46 74.22
C LEU VA 34 54.51 43.95 74.86
N ARG VA 35 53.70 44.68 74.09
CA ARG VA 35 52.44 45.21 74.57
C ARG VA 35 51.30 44.76 73.66
N ARG VA 36 50.16 44.46 74.27
CA ARG VA 36 48.99 44.01 73.53
C ARG VA 36 47.72 44.59 74.16
N ASP VA 37 46.66 44.59 73.36
CA ASP VA 37 45.37 45.17 73.72
C ASP VA 37 44.33 44.08 73.81
N PHE VA 38 43.61 44.03 74.92
CA PHE VA 38 42.54 43.07 75.15
C PHE VA 38 41.20 43.79 75.29
N ASN VA 39 40.98 44.77 74.42
CA ASN VA 39 39.88 45.73 74.59
C ASN VA 39 38.52 45.10 74.31
N HIS VA 40 38.46 44.12 73.42
CA HIS VA 40 37.19 43.60 72.90
C HIS VA 40 36.67 42.39 73.67
N ILE VA 41 37.21 42.10 74.85
CA ILE VA 41 36.91 40.88 75.58
C ILE VA 41 36.23 41.17 76.92
N ASN VA 42 36.64 42.26 77.58
CA ASN VA 42 36.03 42.80 78.81
C ASN VA 42 36.10 41.80 79.98
N VAL VA 43 37.35 41.47 80.35
CA VAL VA 43 37.64 40.59 81.48
C VAL VA 43 38.58 41.33 82.41
N GLU VA 44 38.29 41.29 83.72
CA GLU VA 44 39.09 42.02 84.69
C GLU VA 44 40.48 41.42 84.82
N LEU VA 45 41.49 42.28 84.84
CA LEU VA 45 42.88 41.87 84.99
C LEU VA 45 43.47 42.57 86.19
N SER VA 46 43.84 41.80 87.22
CA SER VA 46 44.41 42.39 88.42
C SER VA 46 45.74 41.72 88.72
N LEU VA 47 46.60 42.42 89.46
CA LEU VA 47 47.89 41.86 89.87
C LEU VA 47 48.10 42.11 91.34
N LEU VA 48 48.93 41.27 91.96
CA LEU VA 48 49.16 41.36 93.40
C LEU VA 48 50.55 40.85 93.73
N GLY VA 49 50.98 41.12 94.96
CA GLY VA 49 52.27 40.67 95.45
C GLY VA 49 53.35 41.71 95.38
N LYS VA 50 53.87 42.11 96.55
CA LYS VA 50 55.01 43.03 96.61
C LYS VA 50 56.26 42.27 96.18
N LYS VA 51 56.63 42.43 94.90
CA LYS VA 51 57.68 41.65 94.22
C LYS VA 51 57.43 40.15 94.30
N LYS VA 52 56.15 39.74 94.29
CA LYS VA 52 55.77 38.34 94.18
C LYS VA 52 55.14 38.03 92.83
N LYS VA 53 54.50 39.03 92.20
CA LYS VA 53 54.10 39.01 90.79
C LYS VA 53 53.09 37.90 90.49
N ARG VA 54 51.91 38.00 91.10
CA ARG VA 54 50.83 37.05 90.90
C ARG VA 54 49.70 37.78 90.18
N LEU VA 55 49.52 37.46 88.90
CA LEU VA 55 48.45 38.01 88.10
C LEU VA 55 47.20 37.14 88.22
N ARG VA 56 46.04 37.77 88.23
CA ARG VA 56 44.78 37.06 88.20
C ARG VA 56 43.90 37.62 87.10
N VAL VA 57 43.28 36.70 86.36
CA VAL VA 57 42.38 37.02 85.27
C VAL VA 57 40.99 36.61 85.71
N ASP VA 58 40.16 37.58 86.07
CA ASP VA 58 38.88 37.32 86.72
C ASP VA 58 37.75 37.75 85.80
N LYS VA 59 36.77 36.88 85.62
CA LYS VA 59 35.58 37.24 84.86
C LYS VA 59 34.33 36.88 85.65
N TRP VA 60 33.39 37.83 85.69
CA TRP VA 60 32.09 37.68 86.33
C TRP VA 60 31.12 37.10 85.29
N TRP VA 61 29.80 37.23 85.55
CA TRP VA 61 28.73 36.32 85.13
C TRP VA 61 28.86 35.69 83.74
N GLY VA 62 28.83 36.50 82.69
CA GLY VA 62 29.15 36.10 81.32
C GLY VA 62 28.26 34.99 80.76
N ASN VA 63 28.83 34.25 79.81
CA ASN VA 63 28.16 33.11 79.18
C ASN VA 63 29.17 31.98 79.06
N ARG VA 64 28.76 30.91 78.37
CA ARG VA 64 29.64 29.74 78.23
C ARG VA 64 30.79 30.01 77.27
N LYS VA 65 30.51 30.70 76.15
CA LYS VA 65 31.56 31.09 75.23
C LYS VA 65 32.52 32.10 75.86
N GLU VA 66 32.02 32.91 76.80
CA GLU VA 66 32.88 33.88 77.45
C GLU VA 66 33.72 33.25 78.55
N LEU VA 67 33.19 32.22 79.22
CA LEU VA 67 34.02 31.41 80.10
C LEU VA 67 35.01 30.55 79.34
N ALA VA 68 34.72 30.26 78.08
CA ALA VA 68 35.76 29.71 77.20
C ALA VA 68 36.80 30.76 76.86
N THR VA 69 36.38 32.02 76.71
CA THR VA 69 37.28 33.11 76.34
C THR VA 69 38.21 33.53 77.47
N VAL VA 70 37.82 33.34 78.74
CA VAL VA 70 38.64 33.82 79.86
C VAL VA 70 39.94 33.02 79.99
N ARG VA 71 39.98 31.78 79.51
CA ARG VA 71 41.22 31.00 79.56
C ARG VA 71 42.19 31.46 78.45
N THR VA 72 41.64 32.00 77.37
CA THR VA 72 42.45 32.48 76.25
C THR VA 72 43.33 33.66 76.65
N ILE VA 73 42.84 34.51 77.57
CA ILE VA 73 43.63 35.61 78.11
C ILE VA 73 44.84 35.08 78.87
N CYS VA 74 44.60 34.11 79.77
CA CYS VA 74 45.68 33.50 80.54
C CYS VA 74 46.70 32.81 79.63
N SER VA 75 46.22 32.19 78.56
CA SER VA 75 47.13 31.48 77.67
C SER VA 75 47.96 32.45 76.84
N HIS VA 76 47.38 33.56 76.38
CA HIS VA 76 48.18 34.55 75.67
C HIS VA 76 49.12 35.31 76.60
N VAL VA 77 48.75 35.47 77.87
CA VAL VA 77 49.69 36.04 78.84
C VAL VA 77 50.88 35.10 79.06
N GLN VA 78 50.61 33.79 79.14
CA GLN VA 78 51.70 32.81 79.23
C GLN VA 78 52.57 32.83 77.98
N ASN VA 79 51.95 33.01 76.80
CA ASN VA 79 52.71 33.10 75.56
C ASN VA 79 53.59 34.36 75.52
N MET VA 80 53.07 35.49 76.01
CA MET VA 80 53.88 36.70 76.08
C MET VA 80 55.02 36.57 77.07
N ILE VA 81 54.80 35.91 78.21
CA ILE VA 81 55.86 35.71 79.19
C ILE VA 81 56.96 34.81 78.62
N LYS VA 82 56.57 33.72 77.95
CA LYS VA 82 57.55 32.85 77.32
C LYS VA 82 58.26 33.55 76.17
N GLY VA 83 57.58 34.43 75.44
CA GLY VA 83 58.21 35.14 74.35
C GLY VA 83 59.17 36.22 74.80
N VAL VA 84 58.92 36.83 75.96
CA VAL VA 84 59.80 37.86 76.47
C VAL VA 84 60.94 37.28 77.32
N THR VA 85 60.77 36.09 77.89
CA THR VA 85 61.90 35.46 78.59
C THR VA 85 62.77 34.68 77.63
N LEU VA 86 62.17 33.77 76.87
CA LEU VA 86 62.92 32.85 76.03
C LEU VA 86 62.91 33.21 74.55
N GLY VA 87 61.80 33.74 74.05
CA GLY VA 87 61.66 33.96 72.61
C GLY VA 87 61.18 32.71 71.91
N PHE VA 88 60.85 32.87 70.64
CA PHE VA 88 60.34 31.78 69.82
C PHE VA 88 61.26 31.55 68.63
N ARG VA 89 61.65 30.29 68.44
CA ARG VA 89 62.48 29.86 67.33
C ARG VA 89 61.76 28.75 66.59
N TYR VA 90 61.48 28.98 65.31
CA TYR VA 90 60.86 27.97 64.45
C TYR VA 90 61.88 27.49 63.43
N LYS VA 91 62.07 26.18 63.38
CA LYS VA 91 63.01 25.54 62.50
C LYS VA 91 62.23 24.85 61.39
N MET VA 92 62.50 25.23 60.14
CA MET VA 92 61.73 24.78 58.99
C MET VA 92 62.68 24.10 58.02
N ARG VA 93 62.58 22.78 57.90
CA ARG VA 93 63.41 22.04 56.96
C ARG VA 93 62.75 22.01 55.60
N SER VA 94 63.49 22.38 54.56
CA SER VA 94 62.96 22.45 53.21
C SER VA 94 62.83 21.05 52.64
N VAL VA 95 61.66 20.45 52.79
CA VAL VA 95 61.37 19.12 52.24
C VAL VA 95 61.21 19.31 50.73
N TYR VA 96 62.26 18.99 49.97
CA TYR VA 96 62.33 19.38 48.57
C TYR VA 96 62.32 18.15 47.66
N ALA VA 97 61.74 18.34 46.49
CA ALA VA 97 61.59 17.34 45.44
C ALA VA 97 62.86 17.24 44.60
N HIS VA 98 62.74 16.69 43.39
CA HIS VA 98 63.83 16.67 42.42
C HIS VA 98 64.46 18.04 42.20
N PHE VA 99 63.64 19.10 42.15
CA PHE VA 99 64.24 20.42 42.07
C PHE VA 99 64.47 20.99 43.46
N PRO VA 100 65.69 21.41 43.79
CA PRO VA 100 65.93 22.06 45.08
C PRO VA 100 65.32 23.46 45.12
N ILE VA 101 65.30 24.02 46.32
CA ILE VA 101 64.77 25.35 46.58
C ILE VA 101 65.89 26.21 47.12
N ASN VA 102 66.18 27.32 46.44
CA ASN VA 102 67.20 28.26 46.86
C ASN VA 102 66.52 29.33 47.71
N VAL VA 103 66.73 29.27 49.02
CA VAL VA 103 66.16 30.23 49.96
C VAL VA 103 67.26 31.17 50.40
N VAL VA 104 67.10 32.47 50.12
CA VAL VA 104 68.04 33.47 50.59
C VAL VA 104 67.28 34.53 51.37
N ILE VA 105 68.01 35.32 52.13
CA ILE VA 105 67.48 36.52 52.76
C ILE VA 105 68.07 37.73 52.04
N GLN VA 106 67.27 38.76 51.85
CA GLN VA 106 67.69 39.88 51.03
C GLN VA 106 67.86 41.18 51.80
N GLU VA 107 66.86 41.57 52.60
CA GLU VA 107 66.90 42.86 53.31
C GLU VA 107 66.96 42.59 54.81
N ASN VA 108 68.18 42.37 55.31
CA ASN VA 108 68.50 42.21 56.74
C ASN VA 108 67.72 41.09 57.40
N GLY VA 109 67.45 40.02 56.66
CA GLY VA 109 66.69 38.90 57.18
C GLY VA 109 65.19 39.07 57.19
N SER VA 110 64.68 40.25 56.83
CA SER VA 110 63.24 40.49 56.83
C SER VA 110 62.57 40.14 55.50
N LEU VA 111 63.34 39.71 54.50
CA LEU VA 111 62.80 39.43 53.17
C LEU VA 111 63.33 38.07 52.74
N VAL VA 112 62.48 37.05 52.80
CA VAL VA 112 62.82 35.70 52.36
C VAL VA 112 62.51 35.59 50.87
N GLU VA 113 63.52 35.24 50.08
CA GLU VA 113 63.41 35.12 48.63
C GLU VA 113 63.61 33.65 48.25
N ILE VA 114 62.62 33.10 47.56
CA ILE VA 114 62.53 31.68 47.25
C ILE VA 114 62.73 31.48 45.76
N ARG VA 115 63.61 30.55 45.38
CA ARG VA 115 63.91 30.29 43.99
C ARG VA 115 63.85 28.79 43.68
N ASN VA 116 63.60 28.51 42.40
CA ASN VA 116 63.79 27.27 41.65
C ASN VA 116 62.75 26.19 41.96
N PHE VA 117 62.03 26.31 43.09
CA PHE VA 117 60.59 26.09 43.30
C PHE VA 117 59.95 25.10 42.33
N LEU VA 118 60.35 23.82 42.36
CA LEU VA 118 59.80 22.75 41.51
C LEU VA 118 59.99 23.00 40.02
N GLY VA 119 61.02 23.74 39.65
CA GLY VA 119 61.24 24.08 38.27
C GLY VA 119 60.47 25.28 37.76
N GLU VA 120 59.61 25.88 38.59
CA GLU VA 120 58.99 27.15 38.24
C GLU VA 120 60.05 28.25 38.19
N LYS VA 121 60.06 29.00 37.09
CA LYS VA 121 61.06 30.04 36.87
C LYS VA 121 60.86 31.26 37.75
N TYR VA 122 59.62 31.53 38.17
CA TYR VA 122 59.28 32.78 38.85
C TYR VA 122 59.91 32.85 40.24
N ILE VA 123 60.68 33.92 40.47
CA ILE VA 123 61.29 34.17 41.77
C ILE VA 123 60.21 34.61 42.75
N ARG VA 124 60.13 33.94 43.88
CA ARG VA 124 59.05 34.13 44.84
C ARG VA 124 59.58 34.92 46.04
N ARG VA 125 59.10 36.15 46.20
CA ARG VA 125 59.56 37.04 47.26
C ARG VA 125 58.48 37.13 48.34
N VAL VA 126 58.87 36.88 49.58
CA VAL VA 126 57.97 36.87 50.73
C VAL VA 126 58.48 37.88 51.75
N ARG VA 127 57.62 38.81 52.14
CA ARG VA 127 57.96 39.81 53.15
C ARG VA 127 57.48 39.36 54.51
N MET VA 128 58.34 39.48 55.51
CA MET VA 128 58.04 39.01 56.85
C MET VA 128 57.42 40.13 57.67
N ARG VA 129 57.32 39.92 58.98
CA ARG VA 129 56.71 40.81 59.94
C ARG VA 129 57.76 41.71 60.59
N PRO VA 130 57.37 42.92 61.01
CA PRO VA 130 58.28 43.73 61.82
C PRO VA 130 58.39 43.18 63.24
N GLY VA 131 59.52 42.54 63.53
CA GLY VA 131 59.74 41.97 64.84
C GLY VA 131 60.15 40.52 64.81
N VAL VA 132 60.55 40.03 63.64
CA VAL VA 132 61.02 38.66 63.49
C VAL VA 132 62.21 38.66 62.52
N ALA VA 133 63.25 37.91 62.85
CA ALA VA 133 64.44 37.77 62.02
C ALA VA 133 64.52 36.36 61.47
N CYS VA 134 65.18 36.23 60.33
CA CYS VA 134 65.29 34.95 59.64
C CYS VA 134 66.74 34.66 59.29
N SER VA 135 67.07 33.38 59.20
CA SER VA 135 68.43 32.97 58.86
C SER VA 135 68.42 31.57 58.28
N VAL VA 136 69.49 31.23 57.59
CA VAL VA 136 69.73 29.87 57.13
C VAL VA 136 70.64 29.20 58.15
N SER VA 137 70.25 28.01 58.60
CA SER VA 137 70.93 27.36 59.71
C SER VA 137 72.30 26.83 59.29
N GLN VA 138 73.12 26.55 60.30
CA GLN VA 138 74.44 25.97 60.11
C GLN VA 138 74.44 24.52 60.56
N ALA VA 139 75.37 23.75 59.97
CA ALA VA 139 75.55 22.31 60.22
C ALA VA 139 74.29 21.49 59.91
N GLN VA 140 73.46 21.98 58.99
CA GLN VA 140 72.25 21.29 58.58
C GLN VA 140 71.84 21.82 57.21
N LYS VA 141 71.50 20.90 56.31
CA LYS VA 141 71.08 21.28 54.97
C LYS VA 141 69.70 21.92 55.02
N ASP VA 142 69.54 23.02 54.25
CA ASP VA 142 68.32 23.79 53.95
C ASP VA 142 67.31 23.88 55.11
N GLU VA 143 67.84 24.24 56.28
CA GLU VA 143 67.02 24.52 57.45
C GLU VA 143 66.92 26.03 57.61
N LEU VA 144 65.71 26.51 57.93
CA LEU VA 144 65.41 27.93 57.98
C LEU VA 144 64.98 28.26 59.40
N ILE VA 145 65.69 29.18 60.05
CA ILE VA 145 65.44 29.55 61.44
C ILE VA 145 64.72 30.89 61.45
N LEU VA 146 63.58 30.95 62.13
CA LEU VA 146 62.84 32.19 62.34
C LEU VA 146 62.80 32.47 63.84
N GLU VA 147 63.40 33.58 64.26
CA GLU VA 147 63.50 33.95 65.66
C GLU VA 147 62.74 35.23 65.93
N GLY VA 148 62.00 35.27 67.03
CA GLY VA 148 61.27 36.47 67.36
C GLY VA 148 60.70 36.44 68.76
N ASN VA 149 59.85 37.41 69.04
CA ASN VA 149 59.21 37.58 70.33
C ASN VA 149 57.73 37.24 70.33
N ASP VA 150 56.97 37.80 69.38
CA ASP VA 150 55.53 37.62 69.32
C ASP VA 150 55.20 36.36 68.51
N ILE VA 151 54.52 35.42 69.17
CA ILE VA 151 54.25 34.12 68.56
C ILE VA 151 53.31 34.25 67.37
N GLU VA 152 52.38 35.22 67.41
CA GLU VA 152 51.48 35.45 66.29
C GLU VA 152 52.23 35.94 65.07
N LEU VA 153 53.17 36.88 65.25
CA LEU VA 153 53.95 37.40 64.13
C LEU VA 153 54.89 36.34 63.56
N VAL VA 154 55.57 35.59 64.44
CA VAL VA 154 56.52 34.58 63.97
C VAL VA 154 55.81 33.45 63.25
N SER VA 155 54.72 32.94 63.82
CA SER VA 155 54.02 31.84 63.19
C SER VA 155 53.21 32.28 61.98
N ASN VA 156 52.79 33.55 61.91
CA ASN VA 156 52.18 34.02 60.67
C ASN VA 156 53.20 34.19 59.57
N SER VA 157 54.44 34.58 59.91
CA SER VA 157 55.50 34.59 58.92
C SER VA 157 55.80 33.19 58.41
N ALA VA 158 55.83 32.21 59.32
CA ALA VA 158 56.03 30.82 58.91
C ALA VA 158 54.86 30.30 58.09
N ALA VA 159 53.64 30.75 58.40
CA ALA VA 159 52.48 30.36 57.61
C ALA VA 159 52.51 30.96 56.22
N LEU VA 160 52.99 32.21 56.11
CA LEU VA 160 53.17 32.83 54.80
C LEU VA 160 54.23 32.10 53.98
N ILE VA 161 55.29 31.62 54.62
CA ILE VA 161 56.31 30.85 53.91
C ILE VA 161 55.74 29.52 53.42
N GLN VA 162 55.04 28.80 54.31
CA GLN VA 162 54.54 27.47 53.93
C GLN VA 162 53.34 27.54 52.99
N GLN VA 163 52.67 28.69 52.90
CA GLN VA 163 51.64 28.85 51.89
C GLN VA 163 52.15 29.46 50.60
N ALA VA 164 53.27 30.17 50.63
CA ALA VA 164 53.93 30.56 49.40
C ALA VA 164 54.53 29.35 48.70
N THR VA 165 55.08 28.42 49.47
CA THR VA 165 55.57 27.16 48.91
C THR VA 165 54.40 26.18 48.87
N THR VA 166 53.66 26.20 47.76
CA THR VA 166 52.45 25.39 47.61
C THR VA 166 52.35 24.87 46.19
N VAL VA 167 52.14 23.56 46.04
CA VAL VA 167 51.96 22.94 44.73
C VAL VA 167 50.59 23.33 44.19
N LYS VA 168 50.57 23.86 42.97
CA LYS VA 168 49.35 24.35 42.35
C LYS VA 168 48.97 23.48 41.15
N ASN VA 169 47.66 23.27 40.98
CA ASN VA 169 47.04 22.61 39.83
C ASN VA 169 47.51 21.17 39.64
N LYS VA 170 47.97 20.52 40.70
CA LYS VA 170 48.45 19.15 40.64
C LYS VA 170 47.89 18.36 41.82
N ASP VA 171 48.21 17.07 41.86
CA ASP VA 171 48.05 16.30 43.08
C ASP VA 171 49.11 16.75 44.08
N ILE VA 172 48.70 16.96 45.33
CA ILE VA 172 49.63 17.33 46.38
C ILE VA 172 49.96 16.15 47.28
N ARG VA 173 49.39 14.98 47.03
CA ARG VA 173 49.89 13.76 47.65
C ARG VA 173 51.22 13.36 47.04
N LYS VA 174 51.27 13.30 45.71
CA LYS VA 174 52.52 13.31 44.97
C LYS VA 174 53.07 14.75 44.98
N PHE VA 175 54.37 14.88 44.69
CA PHE VA 175 55.11 16.15 44.70
C PHE VA 175 55.06 16.82 46.08
N LEU VA 176 55.55 16.07 47.07
CA LEU VA 176 55.62 16.56 48.45
C LEU VA 176 56.78 17.56 48.55
N ASP VA 177 56.48 18.81 48.18
CA ASP VA 177 57.48 19.86 48.22
C ASP VA 177 56.89 21.07 48.94
N GLY VA 178 57.76 21.80 49.62
CA GLY VA 178 57.37 22.94 50.40
C GLY VA 178 58.28 23.11 51.60
N ILE VA 179 58.18 24.27 52.22
CA ILE VA 179 58.95 24.60 53.41
C ILE VA 179 57.98 24.54 54.58
N TYR VA 180 57.98 23.43 55.30
CA TYR VA 180 57.05 23.21 56.39
C TYR VA 180 57.72 23.44 57.74
N VAL VA 181 56.91 23.78 58.73
CA VAL VA 181 57.41 24.04 60.08
C VAL VA 181 57.76 22.71 60.73
N SER VA 182 59.05 22.42 60.87
CA SER VA 182 59.46 21.13 61.41
C SER VA 182 59.47 21.14 62.93
N GLU VA 183 60.07 22.16 63.54
CA GLU VA 183 60.24 22.21 64.98
C GLU VA 183 59.85 23.58 65.51
N LYS VA 184 59.13 23.59 66.63
CA LYS VA 184 58.73 24.81 67.33
C LYS VA 184 59.38 24.80 68.71
N GLY VA 185 60.20 25.80 69.01
CA GLY VA 185 60.85 25.85 70.30
C GLY VA 185 61.23 27.25 70.72
N THR VA 186 62.18 27.36 71.64
CA THR VA 186 62.62 28.64 72.17
C THR VA 186 64.04 28.94 71.72
N VAL VA 187 64.45 30.19 71.91
CA VAL VA 187 65.81 30.58 71.55
C VAL VA 187 66.80 30.12 72.61
N GLN VA 188 66.56 30.48 73.86
CA GLN VA 188 67.42 30.06 74.96
C GLN VA 188 67.07 28.63 75.35
N GLN VA 189 68.03 27.72 75.21
CA GLN VA 189 67.80 26.31 75.47
C GLN VA 189 67.92 26.01 76.96
N ALA VA 190 67.77 24.73 77.29
CA ALA VA 190 67.90 24.16 78.65
C ALA VA 190 66.94 24.80 79.65
N ASP VA 191 65.78 25.24 79.17
CA ASP VA 191 64.78 25.88 80.02
C ASP VA 191 63.41 25.27 79.80
N ARG WA 1 4.22 3.39 38.89
CA ARG WA 1 4.30 3.56 40.33
C ARG WA 1 4.32 5.03 40.69
N ARG WA 2 3.18 5.53 41.19
CA ARG WA 2 3.10 6.90 41.63
C ARG WA 2 3.83 7.07 42.95
N PRO WA 3 4.36 8.26 43.24
CA PRO WA 3 5.06 8.47 44.52
C PRO WA 3 4.10 8.45 45.70
N ALA WA 4 4.69 8.33 46.88
CA ALA WA 4 3.91 8.33 48.12
C ALA WA 4 3.57 9.73 48.61
N ARG WA 5 3.90 10.76 47.83
CA ARG WA 5 3.50 12.11 48.15
C ARG WA 5 2.05 12.37 47.77
N CYS WA 6 1.49 11.61 46.82
CA CYS WA 6 0.10 11.78 46.46
C CYS WA 6 -0.83 10.83 47.20
N TYR WA 7 -0.31 9.79 47.83
CA TYR WA 7 -1.10 8.92 48.71
C TYR WA 7 -0.54 9.03 50.11
N ARG WA 8 -1.30 9.68 50.99
CA ARG WA 8 -0.84 10.15 52.29
C ARG WA 8 -1.97 10.04 53.30
N TYR WA 9 -1.93 10.91 54.32
CA TYR WA 9 -2.85 10.95 55.45
C TYR WA 9 -4.31 10.83 55.04
N CYS WA 10 -5.11 10.23 55.93
CA CYS WA 10 -6.42 9.68 55.59
C CYS WA 10 -7.41 10.78 55.20
N LYS WA 11 -8.06 10.58 54.05
CA LYS WA 11 -9.12 11.48 53.60
C LYS WA 11 -10.39 10.78 53.17
N ASN WA 12 -10.37 9.48 52.90
CA ASN WA 12 -11.53 8.77 52.41
C ASN WA 12 -11.93 7.66 53.38
N LYS WA 13 -13.15 7.17 53.20
CA LYS WA 13 -13.64 6.03 53.94
C LYS WA 13 -12.85 4.77 53.56
N PRO WA 14 -12.74 3.80 54.46
CA PRO WA 14 -11.99 2.58 54.13
C PRO WA 14 -12.69 1.75 53.07
N TYR WA 15 -11.93 1.37 52.04
CA TYR WA 15 -12.43 0.72 50.83
C TYR WA 15 -11.69 -0.60 50.69
N PRO WA 16 -12.12 -1.65 51.39
CA PRO WA 16 -11.34 -2.88 51.43
C PRO WA 16 -11.64 -3.79 50.24
N LYS WA 17 -10.84 -4.85 50.14
CA LYS WA 17 -11.08 -5.91 49.17
C LYS WA 17 -12.30 -6.71 49.61
N SER WA 18 -13.37 -6.63 48.83
CA SER WA 18 -14.63 -7.25 49.21
C SER WA 18 -15.37 -7.66 47.94
N ARG WA 19 -16.68 -7.89 48.07
CA ARG WA 19 -17.54 -8.20 46.94
C ARG WA 19 -17.65 -7.05 45.95
N PHE WA 20 -17.42 -5.82 46.40
CA PHE WA 20 -17.66 -4.64 45.58
C PHE WA 20 -16.42 -4.14 44.84
N CYS WA 21 -15.21 -4.56 45.25
CA CYS WA 21 -14.01 -4.08 44.58
C CYS WA 21 -13.73 -4.88 43.32
N ARG WA 22 -13.42 -6.17 43.47
CA ARG WA 22 -13.26 -7.17 42.42
C ARG WA 22 -12.19 -6.84 41.38
N GLY WA 23 -11.29 -5.90 41.66
CA GLY WA 23 -10.30 -5.53 40.66
C GLY WA 23 -8.96 -5.17 41.25
N VAL WA 24 -8.77 -5.42 42.54
CA VAL WA 24 -7.54 -5.04 43.23
C VAL WA 24 -6.46 -6.07 42.89
N PRO WA 25 -5.25 -5.63 42.59
CA PRO WA 25 -4.13 -6.56 42.43
C PRO WA 25 -3.66 -7.10 43.78
N ASP WA 26 -2.72 -8.03 43.72
CA ASP WA 26 -2.21 -8.64 44.94
C ASP WA 26 -1.32 -7.65 45.67
N ALA WA 27 -1.37 -7.71 47.01
CA ALA WA 27 -0.53 -6.85 47.83
C ALA WA 27 0.93 -7.28 47.73
N LYS WA 28 1.82 -6.35 48.11
CA LYS WA 28 3.24 -6.61 47.99
C LYS WA 28 3.72 -7.59 49.06
N ILE WA 29 3.25 -7.44 50.29
CA ILE WA 29 3.64 -8.31 51.38
C ILE WA 29 2.68 -9.49 51.45
N ARG WA 30 3.21 -10.64 51.81
CA ARG WA 30 2.42 -11.85 52.01
C ARG WA 30 2.70 -12.53 53.35
N ILE WA 31 3.95 -12.50 53.81
CA ILE WA 31 4.34 -13.12 55.07
C ILE WA 31 4.64 -12.04 56.09
N PHE WA 32 4.63 -12.42 57.36
CA PHE WA 32 4.76 -11.43 58.42
C PHE WA 32 5.78 -11.84 59.48
N ASP WA 33 6.03 -13.13 59.62
CA ASP WA 33 7.05 -13.62 60.56
C ASP WA 33 8.27 -14.08 59.78
N LEU WA 34 9.45 -13.66 60.24
CA LEU WA 34 10.68 -13.90 59.49
C LEU WA 34 11.72 -14.61 60.36
N GLY WA 35 11.64 -14.43 61.67
CA GLY WA 35 12.61 -15.04 62.58
C GLY WA 35 12.34 -16.49 62.87
N ARG WA 36 12.64 -16.93 64.09
CA ARG WA 36 12.31 -18.28 64.52
C ARG WA 36 10.81 -18.38 64.70
N LYS WA 37 10.13 -18.93 63.69
CA LYS WA 37 8.66 -18.97 63.70
C LYS WA 37 8.14 -19.95 64.74
N LYS WA 38 8.84 -21.07 64.93
CA LYS WA 38 8.43 -22.10 65.88
C LYS WA 38 9.04 -21.90 67.26
N ALA WA 39 9.35 -20.67 67.63
CA ALA WA 39 9.95 -20.39 68.93
C ALA WA 39 8.92 -20.56 70.05
N LYS WA 40 9.42 -20.87 71.23
CA LYS WA 40 8.58 -20.98 72.41
C LYS WA 40 8.48 -19.61 73.08
N VAL WA 41 7.85 -19.56 74.25
CA VAL WA 41 7.68 -18.29 74.95
C VAL WA 41 8.88 -17.97 75.83
N ASP WA 42 9.45 -18.98 76.49
CA ASP WA 42 10.55 -18.78 77.42
C ASP WA 42 11.89 -18.55 76.73
N GLU WA 43 11.96 -18.67 75.40
CA GLU WA 43 13.24 -18.55 74.72
C GLU WA 43 13.68 -17.09 74.58
N PHE WA 44 12.80 -16.23 74.09
CA PHE WA 44 13.15 -14.83 73.88
C PHE WA 44 12.43 -13.97 74.92
N PRO WA 45 13.13 -13.46 75.93
CA PRO WA 45 12.47 -12.68 76.98
C PRO WA 45 11.88 -11.36 76.54
N LEU WA 46 12.66 -10.47 75.92
CA LEU WA 46 12.18 -9.10 75.78
C LEU WA 46 11.64 -8.87 74.38
N CYS WA 47 11.01 -7.72 74.21
CA CYS WA 47 10.50 -7.31 72.90
C CYS WA 47 10.51 -5.79 72.81
N GLY WA 48 10.74 -5.30 71.60
CA GLY WA 48 10.63 -3.89 71.29
C GLY WA 48 9.66 -3.66 70.17
N HIS WA 49 8.78 -2.68 70.31
CA HIS WA 49 7.76 -2.40 69.31
C HIS WA 49 7.85 -0.95 68.87
N MET WA 50 7.24 -0.67 67.71
CA MET WA 50 7.41 0.59 67.01
C MET WA 50 6.07 1.33 66.96
N VAL WA 51 5.97 2.42 67.71
CA VAL WA 51 4.70 3.11 67.94
C VAL WA 51 4.61 4.28 66.95
N SER WA 52 3.47 4.38 66.27
CA SER WA 52 3.22 5.52 65.40
C SER WA 52 2.81 6.74 66.20
N ASP WA 53 3.09 7.92 65.63
CA ASP WA 53 2.68 9.17 66.23
C ASP WA 53 1.69 9.95 65.36
N GLU WA 54 1.78 9.79 64.04
CA GLU WA 54 0.93 10.51 63.11
C GLU WA 54 -0.14 9.58 62.54
N TYR WA 55 -1.36 10.09 62.47
CA TYR WA 55 -2.49 9.36 61.89
C TYR WA 55 -2.32 9.34 60.38
N GLU WA 56 -1.68 8.30 59.86
CA GLU WA 56 -1.22 8.27 58.48
C GLU WA 56 -1.60 6.95 57.83
N GLN WA 57 -1.25 6.82 56.56
CA GLN WA 57 -1.39 5.58 55.81
C GLN WA 57 -0.01 5.07 55.42
N LEU WA 58 0.22 3.78 55.67
CA LEU WA 58 1.47 3.13 55.30
C LEU WA 58 1.22 2.16 54.16
N SER WA 59 2.09 2.20 53.16
CA SER WA 59 1.92 1.37 51.97
C SER WA 59 2.58 0.01 52.15
N SER WA 60 2.03 -0.98 51.44
CA SER WA 60 2.53 -2.35 51.53
C SER WA 60 3.93 -2.48 50.97
N GLU WA 61 4.31 -1.66 49.99
CA GLU WA 61 5.68 -1.71 49.48
C GLU WA 61 6.67 -1.13 50.48
N ALA WA 62 6.24 -0.10 51.24
CA ALA WA 62 7.07 0.40 52.32
C ALA WA 62 7.20 -0.63 53.44
N LEU WA 63 6.13 -1.37 53.72
CA LEU WA 63 6.21 -2.47 54.68
C LEU WA 63 7.14 -3.58 54.19
N GLU WA 64 7.12 -3.86 52.88
CA GLU WA 64 8.04 -4.83 52.28
C GLU WA 64 9.49 -4.41 52.45
N ALA WA 65 9.80 -3.18 52.06
CA ALA WA 65 11.18 -2.69 52.16
C ALA WA 65 11.64 -2.60 53.61
N ALA WA 66 10.75 -2.26 54.53
CA ALA WA 66 11.13 -2.16 55.93
C ALA WA 66 11.36 -3.53 56.55
N ARG WA 67 10.53 -4.52 56.21
CA ARG WA 67 10.75 -5.86 56.76
C ARG WA 67 11.99 -6.51 56.14
N ILE WA 68 12.33 -6.17 54.90
CA ILE WA 68 13.58 -6.68 54.31
C ILE WA 68 14.78 -6.06 54.99
N CYS WA 69 14.76 -4.75 55.25
CA CYS WA 69 15.87 -4.10 55.93
C CYS WA 69 16.02 -4.59 57.37
N ALA WA 70 14.90 -4.78 58.07
CA ALA WA 70 14.96 -5.27 59.45
C ALA WA 70 15.42 -6.72 59.51
N ASN WA 71 14.98 -7.55 58.57
CA ASN WA 71 15.43 -8.94 58.50
C ASN WA 71 16.92 -9.02 58.20
N LYS WA 72 17.41 -8.14 57.31
CA LYS WA 72 18.83 -8.15 56.98
C LYS WA 72 19.68 -7.72 58.16
N TYR WA 73 19.24 -6.68 58.89
CA TYR WA 73 20.01 -6.26 60.06
C TYR WA 73 19.93 -7.29 61.18
N MET WA 74 18.82 -8.01 61.31
CA MET WA 74 18.73 -9.03 62.35
C MET WA 74 19.59 -10.24 62.04
N VAL WA 75 19.63 -10.67 60.77
CA VAL WA 75 20.50 -11.81 60.45
C VAL WA 75 21.97 -11.40 60.40
N LYS WA 76 22.29 -10.11 60.26
CA LYS WA 76 23.68 -9.71 60.44
C LYS WA 76 24.05 -9.55 61.91
N SER WA 77 23.10 -9.16 62.75
CA SER WA 77 23.42 -8.91 64.15
C SER WA 77 23.40 -10.19 64.99
N CYS WA 78 22.24 -10.85 65.06
CA CYS WA 78 22.08 -12.02 65.92
C CYS WA 78 21.92 -13.31 65.12
N GLY WA 79 22.09 -13.27 63.80
CA GLY WA 79 22.10 -14.46 62.99
C GLY WA 79 20.71 -15.06 62.80
N LYS WA 80 20.70 -16.21 62.13
CA LYS WA 80 19.47 -16.94 61.89
C LYS WA 80 18.99 -17.58 63.19
N ASP WA 81 17.66 -17.55 63.39
CA ASP WA 81 16.98 -18.11 64.56
C ASP WA 81 17.45 -17.50 65.87
N GLY WA 82 17.72 -16.19 65.86
CA GLY WA 82 18.03 -15.44 67.05
C GLY WA 82 17.07 -14.32 67.36
N PHE WA 83 15.91 -14.28 66.73
CA PHE WA 83 14.97 -13.18 66.85
C PHE WA 83 13.61 -13.66 66.37
N HIS WA 84 12.58 -12.86 66.63
CA HIS WA 84 11.27 -13.13 66.04
C HIS WA 84 10.59 -11.79 65.79
N ILE WA 85 10.46 -11.42 64.52
CA ILE WA 85 9.85 -10.16 64.11
C ILE WA 85 8.45 -10.45 63.58
N ARG WA 86 7.49 -9.61 63.97
CA ARG WA 86 6.13 -9.69 63.48
C ARG WA 86 5.68 -8.29 63.08
N VAL WA 87 5.22 -8.15 61.84
CA VAL WA 87 4.61 -6.93 61.37
C VAL WA 87 3.16 -6.95 61.83
N ARG WA 88 2.84 -6.12 62.83
CA ARG WA 88 1.50 -6.08 63.40
C ARG WA 88 0.50 -5.50 62.42
N LEU WA 89 0.95 -4.65 61.51
CA LEU WA 89 0.08 -3.94 60.59
C LEU WA 89 -0.26 -4.79 59.38
N HIS WA 90 -1.53 -4.80 59.00
CA HIS WA 90 -2.00 -5.55 57.85
C HIS WA 90 -2.69 -4.62 56.86
N PRO WA 91 -2.31 -4.64 55.59
CA PRO WA 91 -2.91 -3.72 54.61
C PRO WA 91 -4.29 -4.18 54.16
N PHE WA 92 -5.26 -3.28 54.24
CA PHE WA 92 -6.60 -3.55 53.72
C PHE WA 92 -7.20 -2.43 52.90
N HIS WA 93 -6.78 -1.18 53.08
CA HIS WA 93 -7.36 -0.08 52.33
C HIS WA 93 -6.80 -0.04 50.92
N VAL WA 94 -7.68 0.11 49.94
CA VAL WA 94 -7.32 0.06 48.53
C VAL WA 94 -7.49 1.45 47.95
N ILE WA 95 -6.38 2.03 47.49
CA ILE WA 95 -6.38 3.35 46.88
C ILE WA 95 -6.87 3.24 45.45
N ARG WA 96 -7.16 4.39 44.84
CA ARG WA 96 -7.69 4.46 43.49
C ARG WA 96 -6.83 5.39 42.64
N ILE WA 97 -6.78 5.12 41.35
CA ILE WA 97 -5.97 5.88 40.40
C ILE WA 97 -6.86 6.38 39.27
N ASN WA 98 -6.71 7.65 38.93
CA ASN WA 98 -7.38 8.25 37.78
C ASN WA 98 -6.29 8.65 36.79
N LYS WA 99 -5.88 7.70 35.95
CA LYS WA 99 -4.78 7.93 35.03
C LYS WA 99 -5.29 8.60 33.76
N MET WA 100 -4.40 9.37 33.13
CA MET WA 100 -4.74 10.10 31.92
C MET WA 100 -3.63 9.92 30.88
N LEU WA 101 -3.75 10.67 29.77
CA LEU WA 101 -2.83 10.62 28.61
C LEU WA 101 -2.72 9.21 28.04
N SER WA 102 -3.85 8.52 27.96
CA SER WA 102 -3.87 7.15 27.46
C SER WA 102 -4.77 7.02 26.23
N ALA WA 106 -0.11 12.53 25.12
CA ALA WA 106 0.09 13.98 25.05
C ALA WA 106 -1.01 14.66 24.25
N ASP WA 107 -2.25 14.57 24.74
CA ASP WA 107 -3.38 15.14 24.03
C ASP WA 107 -4.49 15.41 25.04
N ARG WA 108 -5.44 16.26 24.64
CA ARG WA 108 -6.64 16.56 25.42
C ARG WA 108 -7.83 15.72 25.00
N LEU WA 109 -7.67 14.83 24.02
CA LEU WA 109 -8.79 14.23 23.30
C LEU WA 109 -9.05 12.79 23.71
N GLN WA 110 -8.96 12.48 25.01
CA GLN WA 110 -9.32 11.14 25.45
C GLN WA 110 -10.54 11.14 26.38
N THR WA 111 -10.53 11.95 27.44
CA THR WA 111 -11.56 12.03 28.46
C THR WA 111 -11.24 13.24 29.34
N GLY WA 112 -12.24 14.06 29.68
CA GLY WA 112 -12.05 15.09 30.67
C GLY WA 112 -12.17 14.53 32.07
N MET WA 113 -12.99 15.16 32.90
CA MET WA 113 -13.37 14.61 34.20
C MET WA 113 -14.75 13.94 34.12
N ARG WA 114 -15.02 13.29 32.99
CA ARG WA 114 -16.32 12.70 32.68
C ARG WA 114 -16.71 11.61 33.67
N GLY WA 115 -15.99 10.50 33.67
CA GLY WA 115 -16.14 9.52 34.73
C GLY WA 115 -14.94 9.56 35.64
N ALA WA 116 -15.08 10.22 36.78
CA ALA WA 116 -13.96 10.41 37.71
C ALA WA 116 -13.98 9.36 38.82
N PHE WA 117 -14.04 8.09 38.48
CA PHE WA 117 -13.91 7.03 39.47
C PHE WA 117 -12.66 6.22 39.17
N GLY WA 118 -11.96 5.83 40.22
CA GLY WA 118 -10.63 5.28 40.10
C GLY WA 118 -10.60 3.75 40.07
N LYS WA 119 -9.70 3.22 39.26
CA LYS WA 119 -9.42 1.80 39.29
C LYS WA 119 -8.54 1.47 40.49
N PRO WA 120 -8.65 0.25 41.04
CA PRO WA 120 -7.82 -0.12 42.20
C PRO WA 120 -6.35 -0.25 41.81
N GLN WA 121 -5.52 0.59 42.40
CA GLN WA 121 -4.09 0.63 42.10
C GLN WA 121 -3.27 -0.23 43.07
N GLY WA 122 -3.32 0.10 44.36
CA GLY WA 122 -2.51 -0.60 45.33
C GLY WA 122 -3.24 -0.71 46.66
N THR WA 123 -2.55 -1.29 47.64
CA THR WA 123 -3.10 -1.52 48.97
C THR WA 123 -2.26 -0.79 50.00
N VAL WA 124 -2.91 0.04 50.81
CA VAL WA 124 -2.25 0.71 51.92
C VAL WA 124 -2.96 0.31 53.21
N ALA WA 125 -2.44 0.80 54.33
CA ALA WA 125 -2.97 0.46 55.65
C ALA WA 125 -3.10 1.73 56.47
N ARG WA 126 -4.32 2.01 56.93
CA ARG WA 126 -4.55 3.18 57.78
C ARG WA 126 -4.05 2.88 59.18
N VAL WA 127 -3.27 3.81 59.74
CA VAL WA 127 -2.62 3.62 61.02
C VAL WA 127 -3.11 4.68 61.99
N HIS WA 128 -3.65 4.25 63.13
CA HIS WA 128 -4.06 5.18 64.16
C HIS WA 128 -2.87 5.63 64.99
N ILE WA 129 -3.07 6.70 65.76
CA ILE WA 129 -2.01 7.22 66.61
C ILE WA 129 -1.82 6.29 67.80
N GLY WA 130 -0.61 5.77 67.96
CA GLY WA 130 -0.33 4.80 68.99
C GLY WA 130 -0.41 3.36 68.56
N GLN WA 131 -0.79 3.11 67.30
CA GLN WA 131 -0.90 1.74 66.80
C GLN WA 131 0.49 1.20 66.47
N VAL WA 132 0.74 -0.04 66.85
CA VAL WA 132 2.06 -0.64 66.72
C VAL WA 132 2.28 -1.10 65.28
N ILE WA 133 3.41 -0.69 64.69
CA ILE WA 133 3.75 -1.13 63.34
C ILE WA 133 4.41 -2.49 63.37
N MET WA 134 5.53 -2.61 64.07
CA MET WA 134 6.30 -3.85 64.13
C MET WA 134 6.65 -4.17 65.58
N SER WA 135 6.90 -5.45 65.83
CA SER WA 135 7.30 -5.90 67.17
C SER WA 135 8.31 -7.02 67.03
N ILE WA 136 9.45 -6.90 67.72
CA ILE WA 136 10.54 -7.86 67.63
C ILE WA 136 10.81 -8.38 69.04
N ARG WA 137 10.70 -9.69 69.22
CA ARG WA 137 11.09 -10.31 70.48
C ARG WA 137 12.43 -11.02 70.33
N THR WA 138 13.32 -10.78 71.30
CA THR WA 138 14.68 -11.29 71.29
C THR WA 138 15.12 -11.66 72.71
N LYS WA 139 16.39 -12.07 72.80
CA LYS WA 139 17.07 -12.35 74.05
C LYS WA 139 17.30 -11.07 74.86
N LEU WA 140 17.80 -11.26 76.08
CA LEU WA 140 18.08 -10.12 76.95
C LEU WA 140 19.32 -9.35 76.48
N GLN WA 141 20.27 -10.04 75.83
CA GLN WA 141 21.49 -9.40 75.37
C GLN WA 141 21.31 -8.64 74.06
N ASN WA 142 20.17 -8.79 73.39
CA ASN WA 142 19.93 -8.14 72.11
C ASN WA 142 19.07 -6.89 72.26
N LYS WA 143 19.29 -6.12 73.32
CA LYS WA 143 18.48 -4.93 73.57
C LYS WA 143 18.81 -3.82 72.57
N GLU WA 144 20.10 -3.58 72.32
CA GLU WA 144 20.50 -2.49 71.43
C GLU WA 144 20.25 -2.80 69.97
N HIS WA 145 20.26 -4.08 69.60
CA HIS WA 145 20.12 -4.45 68.20
C HIS WA 145 18.70 -4.25 67.69
N VAL WA 146 17.70 -4.49 68.54
CA VAL WA 146 16.31 -4.22 68.20
C VAL WA 146 16.10 -2.71 68.02
N ILE WA 147 16.75 -1.92 68.88
CA ILE WA 147 16.66 -0.46 68.79
C ILE WA 147 17.29 0.03 67.49
N GLU WA 148 18.44 -0.53 67.12
CA GLU WA 148 19.09 -0.13 65.87
C GLU WA 148 18.32 -0.60 64.65
N ALA WA 149 17.66 -1.76 64.72
CA ALA WA 149 16.87 -2.24 63.58
C ALA WA 149 15.64 -1.38 63.37
N LEU WA 150 14.93 -1.05 64.45
CA LEU WA 150 13.78 -0.16 64.31
C LEU WA 150 14.21 1.27 63.99
N ARG WA 151 15.43 1.66 64.35
CA ARG WA 151 15.95 2.96 63.92
C ARG WA 151 16.23 2.97 62.42
N ARG WA 152 16.74 1.86 61.88
CA ARG WA 152 16.94 1.76 60.44
C ARG WA 152 15.62 1.70 59.68
N ALA WA 153 14.58 1.12 60.30
CA ALA WA 153 13.25 1.14 59.69
C ALA WA 153 12.55 2.49 59.83
N LYS WA 154 12.97 3.30 60.80
CA LYS WA 154 12.39 4.62 61.00
C LYS WA 154 12.68 5.56 59.85
N PHE WA 155 13.90 5.50 59.29
CA PHE WA 155 14.24 6.34 58.15
C PHE WA 155 13.51 5.94 56.88
N LYS WA 156 12.95 4.73 56.84
CA LYS WA 156 12.27 4.24 55.66
C LYS WA 156 10.77 4.38 55.75
N PHE WA 157 10.18 4.30 56.94
CA PHE WA 157 8.77 4.65 57.07
C PHE WA 157 8.59 6.17 56.99
N PRO WA 158 7.50 6.64 56.38
CA PRO WA 158 7.24 8.07 56.35
C PRO WA 158 6.69 8.58 57.68
N GLY WA 159 6.79 9.88 57.86
CA GLY WA 159 6.31 10.52 59.07
C GLY WA 159 7.24 10.30 60.24
N ARG WA 160 6.79 10.78 61.40
CA ARG WA 160 7.55 10.67 62.64
C ARG WA 160 6.90 9.62 63.53
N GLN WA 161 7.71 8.70 64.04
CA GLN WA 161 7.24 7.62 64.90
C GLN WA 161 8.32 7.29 65.91
N LYS WA 162 7.91 6.73 67.04
CA LYS WA 162 8.81 6.47 68.15
C LYS WA 162 8.94 4.96 68.39
N ILE WA 163 9.79 4.63 69.36
CA ILE WA 163 10.12 3.26 69.69
C ILE WA 163 9.84 3.04 71.18
N HIS WA 164 9.43 1.82 71.54
CA HIS WA 164 9.23 1.52 72.95
C HIS WA 164 9.53 0.05 73.20
N ILE WA 165 10.40 -0.22 74.16
CA ILE WA 165 10.65 -1.57 74.63
C ILE WA 165 9.59 -1.90 75.67
N SER WA 166 8.78 -2.92 75.39
CA SER WA 166 7.56 -3.15 76.15
C SER WA 166 7.86 -3.72 77.53
N LYS WA 167 6.97 -3.40 78.48
CA LYS WA 167 6.98 -4.00 79.80
C LYS WA 167 6.46 -5.43 79.78
N LYS WA 168 5.65 -5.79 78.78
CA LYS WA 168 5.09 -7.12 78.68
C LYS WA 168 6.15 -8.13 78.25
N TRP WA 169 5.87 -9.40 78.54
CA TRP WA 169 6.77 -10.51 78.18
C TRP WA 169 6.47 -10.91 76.73
N GLY WA 170 7.09 -10.23 75.78
CA GLY WA 170 6.89 -10.58 74.39
C GLY WA 170 5.55 -10.13 73.83
N PHE WA 171 4.89 -11.03 73.10
CA PHE WA 171 3.63 -10.68 72.44
C PHE WA 171 2.41 -10.82 73.36
N THR WA 172 2.56 -11.48 74.50
CA THR WA 172 1.39 -11.65 75.36
C THR WA 172 1.09 -10.36 76.12
N LYS WA 173 -0.11 -10.29 76.69
CA LYS WA 173 -0.57 -9.10 77.39
C LYS WA 173 -0.24 -9.14 78.87
N PHE WA 174 0.63 -10.04 79.30
CA PHE WA 174 0.98 -10.17 80.71
C PHE WA 174 2.37 -9.60 80.97
N ASN WA 175 2.57 -9.15 82.21
CA ASN WA 175 3.77 -8.42 82.56
C ASN WA 175 4.97 -9.34 82.72
N ALA WA 176 6.15 -8.83 82.36
CA ALA WA 176 7.38 -9.61 82.48
C ALA WA 176 7.81 -9.77 83.93
N ASP WA 177 7.39 -8.88 84.82
CA ASP WA 177 7.69 -9.05 86.24
C ASP WA 177 6.86 -10.17 86.85
N GLU WA 178 5.58 -10.24 86.50
CA GLU WA 178 4.69 -11.28 87.00
C GLU WA 178 4.82 -12.59 86.23
N PHE WA 179 5.50 -12.58 85.09
CA PHE WA 179 5.61 -13.77 84.25
C PHE WA 179 6.38 -14.89 84.95
N GLU WA 180 7.60 -14.61 85.38
CA GLU WA 180 8.43 -15.63 86.00
C GLU WA 180 7.93 -16.03 87.39
N ASP WA 181 7.08 -15.23 88.01
CA ASP WA 181 6.49 -15.56 89.30
C ASP WA 181 5.15 -16.27 89.16
N MET WA 182 4.51 -16.21 87.99
CA MET WA 182 3.16 -16.71 87.87
C MET WA 182 2.98 -17.86 86.88
N VAL WA 183 3.88 -18.01 85.88
CA VAL WA 183 3.73 -19.14 84.96
C VAL WA 183 4.14 -20.47 85.60
N ALA WA 184 4.88 -20.44 86.71
CA ALA WA 184 5.34 -21.68 87.31
C ALA WA 184 4.35 -22.24 88.32
N GLU WA 185 3.62 -21.37 89.01
CA GLU WA 185 2.79 -21.85 90.11
C GLU WA 185 1.43 -22.36 89.63
N LYS WA 186 0.59 -21.46 89.11
CA LYS WA 186 -0.81 -21.83 88.89
C LYS WA 186 -1.26 -21.71 87.43
N ARG WA 187 -1.19 -20.53 86.83
CA ARG WA 187 -2.14 -20.21 85.77
C ARG WA 187 -1.63 -20.47 84.37
N LEU WA 188 -0.57 -19.77 83.95
CA LEU WA 188 -0.22 -19.74 82.54
C LEU WA 188 0.51 -21.01 82.13
N ILE WA 189 0.03 -21.62 81.04
CA ILE WA 189 0.68 -22.76 80.41
C ILE WA 189 1.12 -22.34 79.01
N PRO WA 190 2.34 -22.67 78.59
CA PRO WA 190 2.77 -22.27 77.24
C PRO WA 190 2.05 -23.05 76.16
N ASP WA 191 1.62 -22.34 75.12
CA ASP WA 191 0.95 -22.92 73.96
C ASP WA 191 1.69 -22.42 72.72
N GLY WA 192 2.79 -23.10 72.38
CA GLY WA 192 3.63 -22.68 71.28
C GLY WA 192 4.30 -21.34 71.52
N CYS WA 193 4.08 -20.40 70.61
CA CYS WA 193 4.53 -19.02 70.83
C CYS WA 193 3.52 -18.20 71.60
N GLY WA 194 2.26 -18.65 71.66
CA GLY WA 194 1.25 -17.96 72.44
C GLY WA 194 1.14 -18.50 73.85
N VAL WA 195 0.40 -17.77 74.67
CA VAL WA 195 0.23 -18.10 76.08
C VAL WA 195 -1.27 -18.19 76.36
N LYS WA 196 -1.71 -19.35 76.87
CA LYS WA 196 -3.09 -19.54 77.27
C LYS WA 196 -3.29 -19.10 78.72
N TYR WA 197 -4.30 -18.27 78.96
CA TYR WA 197 -4.69 -17.85 80.29
C TYR WA 197 -5.97 -18.57 80.68
N ILE WA 198 -5.91 -19.37 81.73
CA ILE WA 198 -7.06 -20.12 82.22
C ILE WA 198 -7.68 -19.36 83.38
N PRO WA 199 -8.99 -19.17 83.40
CA PRO WA 199 -9.66 -18.59 84.57
C PRO WA 199 -9.91 -19.66 85.62
N ASN WA 200 -10.59 -19.26 86.69
CA ASN WA 200 -11.06 -20.19 87.69
C ASN WA 200 -12.50 -20.65 87.44
N ARG WA 201 -13.18 -20.07 86.44
CA ARG WA 201 -14.56 -20.46 86.14
C ARG WA 201 -14.62 -21.56 85.07
N GLY WA 202 -13.83 -22.60 85.25
CA GLY WA 202 -13.83 -23.70 84.30
C GLY WA 202 -14.43 -24.95 84.88
N PRO WA 203 -14.54 -26.00 84.07
CA PRO WA 203 -14.87 -27.32 84.61
C PRO WA 203 -13.72 -27.85 85.44
N LEU WA 204 -14.05 -28.71 86.40
CA LEU WA 204 -13.03 -29.23 87.31
C LEU WA 204 -12.11 -30.23 86.62
N ASP WA 205 -12.52 -30.80 85.49
CA ASP WA 205 -11.70 -31.76 84.77
C ASP WA 205 -10.41 -31.16 84.22
N LYS WA 206 -10.40 -29.86 83.91
CA LYS WA 206 -9.17 -29.22 83.48
C LYS WA 206 -8.17 -29.10 84.62
N TRP WA 207 -8.66 -28.75 85.82
CA TRP WA 207 -7.78 -28.71 86.99
C TRP WA 207 -7.32 -30.11 87.39
N ARG WA 208 -8.17 -31.12 87.16
CA ARG WA 208 -7.76 -32.49 87.43
C ARG WA 208 -6.72 -32.98 86.44
N ALA WA 209 -6.82 -32.55 85.17
CA ALA WA 209 -5.81 -32.90 84.18
C ALA WA 209 -4.50 -32.16 84.45
N LEU WA 210 -4.59 -30.95 84.99
CA LEU WA 210 -3.40 -30.26 85.47
C LEU WA 210 -3.00 -30.81 86.83
N HIS WA 211 -1.88 -30.29 87.36
CA HIS WA 211 -1.29 -30.65 88.66
C HIS WA 211 -1.01 -32.14 88.81
N GLU XA 1 -34.47 -57.63 86.82
CA GLU XA 1 -33.89 -56.58 87.64
C GLU XA 1 -33.84 -55.25 86.88
N ASN XA 2 -34.51 -55.21 85.73
CA ASN XA 2 -34.59 -54.01 84.91
C ASN XA 2 -36.05 -53.67 84.68
N PRO XA 3 -36.53 -52.50 85.11
CA PRO XA 3 -37.97 -52.20 84.99
C PRO XA 3 -38.38 -51.85 83.58
N MET XA 4 -39.05 -52.82 82.92
CA MET XA 4 -39.78 -52.71 81.62
C MET XA 4 -38.97 -52.03 80.50
N ARG XA 5 -37.65 -52.09 80.56
CA ARG XA 5 -36.78 -51.54 79.52
C ARG XA 5 -36.25 -52.70 78.70
N GLU XA 6 -37.04 -53.14 77.72
CA GLU XA 6 -36.67 -54.27 76.88
C GLU XA 6 -36.54 -53.79 75.43
N LEU XA 7 -35.47 -54.21 74.78
CA LEU XA 7 -35.29 -53.90 73.37
C LEU XA 7 -36.22 -54.76 72.52
N ARG XA 8 -36.85 -54.11 71.53
CA ARG XA 8 -37.80 -54.79 70.67
C ARG XA 8 -37.60 -54.30 69.24
N ILE XA 9 -38.39 -54.86 68.33
CA ILE XA 9 -38.30 -54.53 66.91
C ILE XA 9 -39.30 -53.40 66.64
N ARG XA 10 -38.78 -52.19 66.40
CA ARG XA 10 -39.65 -51.05 66.16
C ARG XA 10 -40.23 -51.08 64.75
N LYS XA 11 -39.37 -51.21 63.74
CA LYS XA 11 -39.83 -51.41 62.37
C LYS XA 11 -38.77 -52.17 61.59
N LEU XA 12 -39.07 -52.43 60.32
CA LEU XA 12 -38.17 -53.10 59.41
C LEU XA 12 -38.36 -52.50 58.02
N CYS XA 13 -37.29 -51.96 57.46
CA CYS XA 13 -37.34 -51.29 56.17
C CYS XA 13 -36.96 -52.24 55.05
N LEU XA 14 -37.68 -52.16 53.93
CA LEU XA 14 -37.44 -52.99 52.76
C LEU XA 14 -37.29 -52.04 51.59
N ASN XA 15 -36.13 -52.09 50.93
CA ASN XA 15 -35.78 -51.12 49.90
C ASN XA 15 -35.17 -51.84 48.70
N ILE XA 16 -35.67 -51.53 47.51
CA ILE XA 16 -35.10 -52.01 46.25
C ILE XA 16 -34.91 -50.79 45.36
N CYS XA 17 -33.67 -50.48 45.02
CA CYS XA 17 -33.33 -49.32 44.21
C CYS XA 17 -32.94 -49.78 42.81
N VAL XA 18 -33.89 -49.72 41.88
CA VAL XA 18 -33.68 -50.18 40.51
C VAL XA 18 -33.11 -49.02 39.71
N GLY XA 19 -32.14 -49.32 38.83
CA GLY XA 19 -31.48 -48.28 38.06
C GLY XA 19 -32.32 -47.64 36.96
N GLU XA 20 -33.54 -48.12 36.76
CA GLU XA 20 -34.43 -47.51 35.77
C GLU XA 20 -35.87 -47.72 36.20
N SER XA 21 -36.76 -46.92 35.62
CA SER XA 21 -38.18 -47.04 35.90
C SER XA 21 -38.87 -47.92 34.86
N GLY XA 22 -40.01 -48.49 35.25
CA GLY XA 22 -40.78 -49.29 34.33
C GLY XA 22 -41.01 -50.72 34.77
N ASP XA 23 -40.62 -51.68 33.92
CA ASP XA 23 -40.98 -53.07 34.13
C ASP XA 23 -40.24 -53.68 35.31
N ARG XA 24 -38.94 -53.41 35.42
CA ARG XA 24 -38.15 -54.00 36.49
C ARG XA 24 -38.52 -53.42 37.86
N LEU XA 25 -38.81 -52.12 37.89
CA LEU XA 25 -39.25 -51.48 39.13
C LEU XA 25 -40.66 -51.94 39.52
N THR XA 26 -41.52 -52.17 38.53
CA THR XA 26 -42.86 -52.67 38.81
C THR XA 26 -42.81 -54.11 39.32
N ARG XA 27 -41.91 -54.93 38.78
CA ARG XA 27 -41.75 -56.28 39.29
C ARG XA 27 -41.09 -56.29 40.66
N ALA XA 28 -40.26 -55.28 40.97
CA ALA XA 28 -39.72 -55.18 42.33
C ALA XA 28 -40.81 -54.81 43.33
N ALA XA 29 -41.73 -53.93 42.93
CA ALA XA 29 -42.90 -53.65 43.75
C ALA XA 29 -43.78 -54.89 43.90
N LYS XA 30 -43.83 -55.74 42.87
CA LYS XA 30 -44.55 -57.01 42.96
C LYS XA 30 -43.88 -57.97 43.93
N VAL XA 31 -42.54 -57.96 43.99
CA VAL XA 31 -41.81 -58.80 44.94
C VAL XA 31 -42.10 -58.34 46.37
N LEU XA 32 -42.06 -57.03 46.60
CA LEU XA 32 -42.39 -56.51 47.94
C LEU XA 32 -43.85 -56.78 48.31
N GLU XA 33 -44.75 -56.79 47.32
CA GLU XA 33 -46.13 -57.21 47.58
C GLU XA 33 -46.20 -58.68 47.96
N GLN XA 34 -45.41 -59.53 47.31
CA GLN XA 34 -45.38 -60.96 47.65
C GLN XA 34 -44.82 -61.20 49.05
N LEU XA 35 -43.86 -60.38 49.49
CA LEU XA 35 -43.40 -60.51 50.87
C LEU XA 35 -44.44 -60.01 51.85
N THR XA 36 -44.88 -58.76 51.71
CA THR XA 36 -45.58 -58.09 52.80
C THR XA 36 -47.08 -58.38 52.79
N GLY XA 37 -47.69 -58.58 51.62
CA GLY XA 37 -49.12 -58.59 51.55
C GLY XA 37 -49.75 -57.22 51.57
N GLN XA 38 -48.97 -56.19 51.24
CA GLN XA 38 -49.44 -54.81 51.24
C GLN XA 38 -48.61 -54.05 50.22
N THR XA 39 -49.17 -52.94 49.75
CA THR XA 39 -48.57 -52.26 48.60
C THR XA 39 -47.35 -51.45 49.01
N PRO XA 40 -46.32 -51.38 48.15
CA PRO XA 40 -45.14 -50.57 48.46
C PRO XA 40 -45.37 -49.09 48.20
N VAL XA 41 -44.32 -48.28 48.33
CA VAL XA 41 -44.39 -46.86 47.98
C VAL XA 41 -43.10 -46.48 47.27
N PHE XA 42 -43.23 -45.59 46.28
CA PHE XA 42 -42.16 -45.31 45.33
C PHE XA 42 -41.27 -44.18 45.85
N SER XA 43 -40.15 -43.97 45.16
CA SER XA 43 -39.23 -42.88 45.50
C SER XA 43 -38.96 -42.04 44.25
N LYS XA 44 -38.16 -41.00 44.41
CA LYS XA 44 -38.02 -39.98 43.38
C LYS XA 44 -36.63 -39.35 43.47
N ALA XA 45 -36.51 -38.15 42.90
CA ALA XA 45 -35.30 -37.35 42.71
C ALA XA 45 -34.80 -36.69 43.98
N ARG XA 46 -34.18 -35.51 43.81
CA ARG XA 46 -33.15 -34.73 44.54
C ARG XA 46 -31.74 -35.04 44.05
N TYR XA 47 -31.56 -35.87 43.02
CA TYR XA 47 -30.31 -35.88 42.27
C TYR XA 47 -30.57 -36.48 40.90
N THR XA 48 -29.85 -35.98 39.89
CA THR XA 48 -29.89 -36.50 38.53
C THR XA 48 -28.46 -36.83 38.13
N VAL XA 49 -28.23 -38.05 37.66
CA VAL XA 49 -26.87 -38.58 37.50
C VAL XA 49 -26.39 -38.50 36.06
N ARG XA 50 -27.19 -39.04 35.13
CA ARG XA 50 -27.04 -39.09 33.67
C ARG XA 50 -25.94 -40.08 33.23
N SER XA 51 -25.16 -40.62 34.17
CA SER XA 51 -24.14 -41.59 33.79
C SER XA 51 -24.74 -42.95 33.46
N PHE XA 52 -25.98 -43.21 33.89
CA PHE XA 52 -26.66 -44.45 33.57
C PHE XA 52 -28.12 -44.25 33.21
N GLY XA 53 -28.62 -43.01 33.18
CA GLY XA 53 -29.93 -42.73 32.65
C GLY XA 53 -31.10 -42.66 33.62
N ILE XA 54 -31.01 -41.83 34.65
CA ILE XA 54 -32.17 -41.46 35.45
C ILE XA 54 -32.34 -39.95 35.41
N ARG XA 55 -33.57 -39.51 35.60
CA ARG XA 55 -33.97 -38.11 35.45
C ARG XA 55 -34.56 -37.61 36.77
N ARG XA 56 -35.12 -36.40 36.72
CA ARG XA 56 -35.80 -35.83 37.87
C ARG XA 56 -37.23 -36.34 37.93
N ASN XA 57 -37.66 -36.73 39.13
CA ASN XA 57 -39.00 -37.25 39.43
C ASN XA 57 -39.32 -38.51 38.63
N GLU XA 58 -38.45 -39.51 38.75
CA GLU XA 58 -38.70 -40.85 38.25
C GLU XA 58 -38.80 -41.83 39.41
N LYS XA 59 -39.57 -42.90 39.20
CA LYS XA 59 -39.73 -43.93 40.21
C LYS XA 59 -38.50 -44.83 40.18
N ILE XA 60 -37.54 -44.55 41.05
CA ILE XA 60 -36.25 -45.22 41.06
C ILE XA 60 -36.24 -46.39 42.03
N ALA XA 61 -36.79 -46.20 43.22
CA ALA XA 61 -36.78 -47.23 44.25
C ALA XA 61 -38.19 -47.48 44.76
N VAL XA 62 -38.40 -48.71 45.22
CA VAL XA 62 -39.60 -49.08 45.96
C VAL XA 62 -39.20 -49.40 47.39
N HIS XA 63 -40.05 -49.03 48.34
CA HIS XA 63 -39.74 -49.31 49.73
C HIS XA 63 -41.02 -49.50 50.52
N CYS XA 64 -40.87 -50.15 51.67
CA CYS XA 64 -41.99 -50.49 52.53
C CYS XA 64 -41.49 -50.70 53.95
N THR XA 65 -42.26 -50.23 54.92
CA THR XA 65 -41.94 -50.40 56.33
C THR XA 65 -42.91 -51.40 56.94
N VAL XA 66 -42.37 -52.41 57.62
CA VAL XA 66 -43.15 -53.50 58.20
C VAL XA 66 -42.94 -53.46 59.71
N ARG XA 67 -44.03 -53.55 60.47
CA ARG XA 67 -43.98 -53.49 61.92
C ARG XA 67 -44.72 -54.67 62.53
N GLY XA 68 -44.16 -55.20 63.62
CA GLY XA 68 -44.84 -56.23 64.38
C GLY XA 68 -44.35 -57.64 64.14
N ALA XA 69 -45.30 -58.60 64.19
CA ALA XA 69 -44.95 -60.01 64.01
C ALA XA 69 -44.52 -60.32 62.59
N LYS XA 70 -45.05 -59.60 61.59
CA LYS XA 70 -44.56 -59.76 60.23
C LYS XA 70 -43.13 -59.25 60.09
N ALA XA 71 -42.80 -58.16 60.79
CA ALA XA 71 -41.43 -57.67 60.83
C ALA XA 71 -40.50 -58.66 61.51
N GLU XA 72 -40.97 -59.30 62.60
CA GLU XA 72 -40.17 -60.33 63.26
C GLU XA 72 -39.97 -61.54 62.35
N GLU XA 73 -40.99 -61.90 61.56
CA GLU XA 73 -40.87 -63.05 60.66
C GLU XA 73 -39.89 -62.77 59.52
N ILE XA 74 -39.95 -61.56 58.94
CA ILE XA 74 -39.03 -61.22 57.87
C ILE XA 74 -37.60 -61.03 58.41
N LEU XA 75 -37.47 -60.57 59.66
CA LEU XA 75 -36.17 -60.52 60.31
C LEU XA 75 -35.61 -61.92 60.54
N GLU XA 76 -36.48 -62.86 60.92
CA GLU XA 76 -36.09 -64.26 61.07
C GLU XA 76 -35.63 -64.84 59.73
N LYS XA 77 -36.32 -64.51 58.64
CA LYS XA 77 -35.92 -64.99 57.32
C LYS XA 77 -34.59 -64.39 56.89
N GLY XA 78 -34.36 -63.11 57.19
CA GLY XA 78 -33.10 -62.48 56.83
C GLY XA 78 -31.92 -63.02 57.61
N LEU XA 79 -32.10 -63.21 58.92
CA LEU XA 79 -31.05 -63.84 59.71
C LEU XA 79 -30.90 -65.32 59.40
N LYS XA 80 -31.93 -65.97 58.83
CA LYS XA 80 -31.77 -67.33 58.34
C LYS XA 80 -30.96 -67.37 57.05
N VAL XA 81 -31.12 -66.37 56.18
CA VAL XA 81 -30.29 -66.28 54.97
C VAL XA 81 -28.84 -66.00 55.35
N ARG XA 82 -28.61 -65.05 56.24
CA ARG XA 82 -27.23 -64.76 56.63
C ARG XA 82 -26.69 -65.77 57.66
N GLU XA 83 -27.55 -66.68 58.15
CA GLU XA 83 -27.21 -67.70 59.14
C GLU XA 83 -26.65 -67.08 60.42
N TYR XA 84 -27.29 -65.98 60.85
CA TYR XA 84 -27.09 -65.34 62.15
C TYR XA 84 -25.65 -64.83 62.36
N GLU XA 85 -25.00 -64.41 61.27
CA GLU XA 85 -23.61 -63.97 61.33
C GLU XA 85 -23.49 -62.59 60.70
N LEU XA 86 -23.60 -61.55 61.51
CA LEU XA 86 -23.39 -60.18 61.05
C LEU XA 86 -21.92 -59.81 61.19
N ARG XA 87 -21.58 -58.63 60.70
CA ARG XA 87 -20.28 -58.03 60.90
C ARG XA 87 -20.41 -56.86 61.86
N LYS XA 88 -19.27 -56.37 62.34
CA LYS XA 88 -19.28 -55.36 63.41
C LYS XA 88 -19.74 -54.00 62.89
N ASN XA 89 -19.37 -53.67 61.65
CA ASN XA 89 -19.71 -52.35 61.11
C ASN XA 89 -21.16 -52.26 60.61
N ASN XA 90 -21.94 -53.35 60.68
CA ASN XA 90 -23.35 -53.25 60.35
C ASN XA 90 -24.12 -52.44 61.39
N PHE XA 91 -23.72 -52.55 62.67
CA PHE XA 91 -24.37 -51.80 63.72
C PHE XA 91 -23.94 -50.34 63.65
N SER XA 92 -24.91 -49.44 63.61
CA SER XA 92 -24.60 -48.03 63.61
C SER XA 92 -24.35 -47.55 65.04
N ASP XA 93 -23.95 -46.29 65.18
CA ASP XA 93 -23.69 -45.73 66.50
C ASP XA 93 -24.97 -45.38 67.25
N THR XA 94 -26.11 -45.37 66.57
CA THR XA 94 -27.40 -45.11 67.20
C THR XA 94 -28.13 -46.39 67.62
N GLY XA 95 -27.50 -47.55 67.45
CA GLY XA 95 -28.09 -48.80 67.88
C GLY XA 95 -28.87 -49.55 66.83
N ASN XA 96 -28.90 -49.08 65.59
CA ASN XA 96 -29.66 -49.71 64.53
C ASN XA 96 -28.71 -50.37 63.53
N PHE XA 97 -29.18 -51.42 62.87
CA PHE XA 97 -28.26 -52.18 62.02
C PHE XA 97 -28.96 -52.64 60.75
N GLY XA 98 -28.24 -52.65 59.64
CA GLY XA 98 -28.77 -53.21 58.41
C GLY XA 98 -27.82 -54.25 57.85
N PHE XA 99 -28.34 -55.19 57.06
CA PHE XA 99 -27.42 -56.10 56.39
C PHE XA 99 -27.71 -56.31 54.92
N GLY XA 100 -28.98 -56.41 54.52
CA GLY XA 100 -29.33 -56.64 53.14
C GLY XA 100 -29.01 -58.04 52.61
N ILE XA 101 -29.76 -58.50 51.60
CA ILE XA 101 -29.51 -59.81 51.00
C ILE XA 101 -29.60 -59.68 49.49
N GLN XA 102 -29.02 -60.66 48.81
CA GLN XA 102 -29.29 -60.95 47.41
C GLN XA 102 -30.04 -62.26 47.34
N GLU XA 103 -30.52 -62.59 46.13
CA GLU XA 103 -31.23 -63.83 45.82
C GLU XA 103 -32.48 -63.99 46.70
N HIS XA 104 -33.46 -63.11 46.43
CA HIS XA 104 -34.67 -63.01 47.26
C HIS XA 104 -35.54 -64.25 47.26
N ILE XA 105 -35.29 -65.21 46.36
CA ILE XA 105 -35.98 -66.50 46.40
C ILE XA 105 -35.54 -67.36 47.57
N ASP XA 106 -34.44 -67.02 48.23
CA ASP XA 106 -33.99 -67.76 49.42
C ASP XA 106 -34.86 -67.49 50.64
N LEU XA 107 -35.73 -66.48 50.59
CA LEU XA 107 -36.62 -66.19 51.70
C LEU XA 107 -37.80 -67.15 51.79
N GLY XA 108 -38.02 -67.98 50.77
CA GLY XA 108 -39.14 -68.89 50.76
C GLY XA 108 -40.13 -68.59 49.66
N ILE XA 109 -39.63 -68.08 48.54
CA ILE XA 109 -40.45 -67.61 47.43
C ILE XA 109 -40.25 -68.53 46.25
N LYS XA 110 -41.36 -69.02 45.68
CA LYS XA 110 -41.31 -69.77 44.44
C LYS XA 110 -40.89 -68.84 43.30
N TYR XA 111 -39.77 -69.16 42.66
CA TYR XA 111 -39.23 -68.31 41.60
C TYR XA 111 -40.10 -68.39 40.35
N ASP XA 112 -40.58 -67.23 39.90
CA ASP XA 112 -41.28 -67.17 38.62
C ASP XA 112 -40.31 -66.83 37.50
N PRO XA 113 -40.51 -67.38 36.30
CA PRO XA 113 -39.60 -67.08 35.19
C PRO XA 113 -39.72 -65.65 34.68
N SER XA 114 -40.84 -64.97 34.94
CA SER XA 114 -41.07 -63.63 34.40
C SER XA 114 -40.49 -62.53 35.29
N ILE XA 115 -40.33 -62.77 36.59
CA ILE XA 115 -39.92 -61.70 37.50
C ILE XA 115 -38.42 -61.45 37.40
N GLY XA 116 -37.63 -62.45 37.72
CA GLY XA 116 -36.18 -62.33 37.66
C GLY XA 116 -35.55 -62.43 39.04
N ILE XA 117 -34.26 -62.11 39.07
CA ILE XA 117 -33.45 -62.20 40.29
C ILE XA 117 -33.20 -60.79 40.80
N TYR XA 118 -33.74 -60.50 41.98
CA TYR XA 118 -33.59 -59.20 42.63
C TYR XA 118 -32.88 -59.38 43.97
N GLY XA 119 -32.28 -58.28 44.44
CA GLY XA 119 -31.79 -58.21 45.79
C GLY XA 119 -32.66 -57.29 46.60
N LEU XA 120 -32.55 -57.40 47.93
CA LEU XA 120 -33.49 -56.74 48.83
C LEU XA 120 -32.77 -56.28 50.08
N ASP XA 121 -32.91 -55.00 50.41
CA ASP XA 121 -32.22 -54.45 51.56
C ASP XA 121 -33.03 -54.69 52.82
N PHE XA 122 -32.34 -55.11 53.88
CA PHE XA 122 -32.93 -55.32 55.20
C PHE XA 122 -32.27 -54.35 56.17
N TYR XA 123 -33.08 -53.51 56.81
CA TYR XA 123 -32.60 -52.56 57.80
C TYR XA 123 -33.49 -52.62 59.03
N VAL XA 124 -32.90 -52.95 60.18
CA VAL XA 124 -33.60 -53.14 61.43
C VAL XA 124 -33.27 -51.96 62.35
N VAL XA 125 -34.28 -51.39 62.98
CA VAL XA 125 -34.07 -50.49 64.09
C VAL XA 125 -34.56 -51.18 65.36
N LEU XA 126 -34.05 -50.71 66.49
CA LEU XA 126 -34.42 -51.24 67.78
C LEU XA 126 -35.32 -50.24 68.50
N GLY XA 127 -36.21 -50.78 69.33
CA GLY XA 127 -37.19 -49.96 70.00
C GLY XA 127 -37.26 -50.28 71.49
N ARG XA 128 -37.64 -49.27 72.25
CA ARG XA 128 -37.92 -49.36 73.67
C ARG XA 128 -39.28 -48.74 73.92
N PRO XA 129 -39.95 -49.11 75.02
CA PRO XA 129 -41.19 -48.40 75.36
C PRO XA 129 -40.93 -46.95 75.74
N GLY XA 130 -41.37 -46.03 74.89
CA GLY XA 130 -41.14 -44.62 75.13
C GLY XA 130 -40.49 -43.90 73.96
N PHE XA 131 -40.54 -44.49 72.77
CA PHE XA 131 -40.03 -43.84 71.57
C PHE XA 131 -41.12 -43.11 70.78
N SER XA 132 -42.34 -43.04 71.29
CA SER XA 132 -43.39 -42.25 70.68
C SER XA 132 -43.35 -40.80 71.13
N ILE XA 133 -42.42 -40.44 72.01
CA ILE XA 133 -42.35 -39.08 72.55
C ILE XA 133 -41.89 -38.12 71.46
N ALA XA 134 -40.88 -38.49 70.69
CA ALA XA 134 -40.40 -37.65 69.61
C ALA XA 134 -41.29 -37.72 68.37
N ASP XA 135 -42.27 -38.61 68.34
CA ASP XA 135 -43.12 -38.77 67.16
C ASP XA 135 -44.53 -38.25 67.34
N LYS XA 136 -45.02 -38.15 68.58
CA LYS XA 136 -46.39 -37.68 68.79
C LYS XA 136 -46.50 -36.18 68.56
N LYS XA 137 -47.68 -35.74 68.14
CA LYS XA 137 -47.85 -34.36 67.71
C LYS XA 137 -47.89 -33.38 68.87
N ARG XA 138 -48.34 -33.81 70.05
CA ARG XA 138 -48.60 -32.84 71.12
C ARG XA 138 -47.31 -32.38 71.79
N ARG XA 139 -46.63 -33.29 72.49
CA ARG XA 139 -45.42 -32.93 73.25
C ARG XA 139 -44.23 -33.69 72.68
N THR XA 140 -43.59 -33.09 71.69
CA THR XA 140 -42.39 -33.67 71.09
C THR XA 140 -41.22 -33.39 72.03
N GLY XA 141 -40.88 -34.38 72.84
CA GLY XA 141 -39.78 -34.27 73.78
C GLY XA 141 -38.59 -35.11 73.34
N CYS XA 142 -37.49 -34.94 74.07
CA CYS XA 142 -36.29 -35.70 73.78
C CYS XA 142 -36.43 -37.14 74.24
N ILE XA 143 -35.55 -37.99 73.72
CA ILE XA 143 -35.56 -39.39 74.12
C ILE XA 143 -34.93 -39.57 75.49
N GLY XA 144 -33.78 -38.96 75.70
CA GLY XA 144 -33.03 -39.06 76.95
C GLY XA 144 -31.61 -39.52 76.68
N ALA XA 145 -30.86 -39.66 77.78
CA ALA XA 145 -29.47 -40.08 77.70
C ALA XA 145 -29.23 -41.49 78.24
N LYS XA 146 -29.91 -41.86 79.33
CA LYS XA 146 -29.86 -43.23 79.82
C LYS XA 146 -30.85 -44.14 79.14
N HIS XA 147 -31.63 -43.62 78.19
CA HIS XA 147 -32.65 -44.41 77.50
C HIS XA 147 -32.29 -44.74 76.07
N ARG XA 148 -31.39 -43.98 75.45
CA ARG XA 148 -31.07 -44.18 74.05
C ARG XA 148 -30.25 -45.45 73.85
N ILE XA 149 -30.34 -46.00 72.65
CA ILE XA 149 -29.74 -47.29 72.33
C ILE XA 149 -28.36 -47.06 71.72
N SER XA 150 -27.37 -47.81 72.21
CA SER XA 150 -25.98 -47.60 71.82
C SER XA 150 -25.47 -48.79 71.00
N LYS XA 151 -24.23 -48.63 70.52
CA LYS XA 151 -23.53 -49.67 69.78
C LYS XA 151 -23.36 -50.93 70.62
N GLU XA 152 -22.90 -50.75 71.86
CA GLU XA 152 -22.65 -51.89 72.75
C GLU XA 152 -23.95 -52.58 73.15
N GLU XA 153 -25.01 -51.81 73.42
CA GLU XA 153 -26.29 -52.40 73.76
C GLU XA 153 -26.90 -53.15 72.58
N ALA XA 154 -26.73 -52.63 71.36
CA ALA XA 154 -27.25 -53.32 70.18
C ALA XA 154 -26.49 -54.61 69.91
N MET XA 155 -25.15 -54.58 70.01
CA MET XA 155 -24.39 -55.79 69.74
C MET XA 155 -24.55 -56.83 70.84
N ARG XA 156 -24.74 -56.40 72.09
CA ARG XA 156 -25.04 -57.37 73.13
C ARG XA 156 -26.47 -57.90 73.07
N TRP XA 157 -27.40 -57.11 72.53
CA TRP XA 157 -28.73 -57.64 72.23
C TRP XA 157 -28.66 -58.72 71.15
N PHE XA 158 -27.86 -58.48 70.11
CA PHE XA 158 -27.72 -59.47 69.05
C PHE XA 158 -26.89 -60.67 69.49
N GLN XA 159 -26.05 -60.52 70.52
CA GLN XA 159 -25.41 -61.67 71.14
C GLN XA 159 -26.40 -62.47 71.99
N GLN XA 160 -27.26 -61.78 72.73
CA GLN XA 160 -28.17 -62.45 73.66
C GLN XA 160 -29.30 -63.17 72.91
N LYS XA 161 -30.05 -62.45 72.10
CA LYS XA 161 -31.12 -63.05 71.31
C LYS XA 161 -30.59 -63.45 69.94
N TYR XA 162 -31.18 -64.52 69.39
CA TYR XA 162 -30.93 -65.14 68.09
C TYR XA 162 -29.57 -65.82 67.97
N ASP XA 163 -28.72 -65.74 68.99
CA ASP XA 163 -27.38 -66.37 69.05
C ASP XA 163 -26.50 -65.94 67.87
N GLY XA 164 -26.24 -64.63 67.81
CA GLY XA 164 -25.47 -64.08 66.71
C GLY XA 164 -23.99 -64.02 66.98
N ILE XA 165 -23.22 -63.90 65.90
CA ILE XA 165 -21.76 -63.84 65.95
C ILE XA 165 -21.33 -62.48 65.44
N ILE XA 166 -20.34 -61.88 66.10
CA ILE XA 166 -19.96 -60.50 65.84
C ILE XA 166 -19.18 -60.35 64.54
N LEU XA 167 -18.26 -61.30 64.27
CA LEU XA 167 -17.28 -61.28 63.18
C LEU XA 167 -16.46 -59.99 63.19
N PRO XA 168 -15.50 -59.86 64.11
CA PRO XA 168 -14.74 -58.59 64.19
C PRO XA 168 -13.80 -58.36 63.02
N GLY XA 169 -13.47 -59.39 62.24
CA GLY XA 169 -12.59 -59.23 61.11
C GLY XA 169 -13.26 -58.57 59.91
N ALA YA 1 -46.96 33.31 30.56
CA ALA YA 1 -47.81 34.50 30.40
C ALA YA 1 -48.97 34.65 31.43
N PRO YA 2 -49.74 33.57 31.80
CA PRO YA 2 -50.74 33.78 32.85
C PRO YA 2 -50.13 33.90 34.24
N SER YA 3 -51.01 34.00 35.24
CA SER YA 3 -50.65 34.50 36.57
C SER YA 3 -51.51 33.87 37.63
N ARG YA 4 -51.67 34.55 38.77
CA ARG YA 4 -52.52 34.17 39.89
C ARG YA 4 -53.99 33.99 39.50
N ASN YA 5 -54.81 33.54 40.46
CA ASN YA 5 -56.18 33.08 40.23
C ASN YA 5 -57.08 34.14 39.63
N GLY YA 6 -57.39 33.98 38.35
CA GLY YA 6 -58.25 34.90 37.62
C GLY YA 6 -58.88 34.15 36.46
N MET YA 7 -59.90 34.77 35.88
CA MET YA 7 -60.71 34.08 34.87
C MET YA 7 -59.95 33.96 33.56
N VAL YA 8 -60.08 32.79 32.91
CA VAL YA 8 -59.44 32.56 31.63
C VAL YA 8 -60.10 33.41 30.56
N LEU YA 9 -59.30 34.18 29.84
CA LEU YA 9 -59.78 35.17 28.89
C LEU YA 9 -59.39 34.77 27.46
N LYS YA 10 -60.33 34.95 26.54
CA LYS YA 10 -60.10 34.76 25.11
C LYS YA 10 -60.58 35.99 24.38
N PRO YA 11 -59.80 37.07 24.36
CA PRO YA 11 -60.24 38.28 23.68
C PRO YA 11 -60.07 38.16 22.18
N HIS YA 12 -61.04 38.71 21.45
CA HIS YA 12 -61.06 38.61 19.99
C HIS YA 12 -60.42 39.84 19.35
N PHE YA 13 -59.16 40.08 19.72
CA PHE YA 13 -58.41 41.24 19.26
C PHE YA 13 -57.19 40.88 18.43
N HIS YA 14 -57.07 39.62 18.01
CA HIS YA 14 -55.95 39.23 17.16
C HIS YA 14 -56.09 39.79 15.75
N LYS YA 15 -57.32 39.99 15.30
CA LYS YA 15 -57.58 40.61 14.01
C LYS YA 15 -57.32 42.11 14.10
N ASP YA 16 -56.99 42.72 12.97
CA ASP YA 16 -56.52 44.11 12.94
C ASP YA 16 -57.70 45.07 13.17
N TRP YA 17 -58.10 45.18 14.43
CA TRP YA 17 -59.25 45.99 14.80
C TRP YA 17 -58.96 47.48 14.83
N GLN YA 18 -57.70 47.89 14.66
CA GLN YA 18 -57.35 49.30 14.72
C GLN YA 18 -57.90 50.07 13.53
N ARG YA 19 -58.01 49.41 12.37
CA ARG YA 19 -58.51 50.07 11.17
C ARG YA 19 -60.02 50.28 11.24
N ARG YA 20 -60.75 49.28 11.73
CA ARG YA 20 -62.21 49.33 11.75
C ARG YA 20 -62.69 49.67 13.16
N VAL YA 21 -62.59 50.95 13.50
CA VAL YA 21 -63.14 51.50 14.72
C VAL YA 21 -64.20 52.51 14.35
N ALA YA 22 -65.44 52.25 14.76
CA ALA YA 22 -66.55 53.17 14.56
C ALA YA 22 -67.02 53.65 15.93
N THR YA 23 -66.72 54.91 16.24
CA THR YA 23 -67.09 55.52 17.51
C THR YA 23 -68.10 56.62 17.24
N TRP YA 24 -69.16 56.67 18.05
CA TRP YA 24 -70.27 57.57 17.79
C TRP YA 24 -69.92 58.98 18.26
N PHE YA 25 -69.04 59.65 17.51
CA PHE YA 25 -68.84 61.07 17.72
C PHE YA 25 -69.91 61.91 17.04
N ASN YA 26 -70.58 61.36 16.03
CA ASN YA 26 -71.69 62.02 15.37
C ASN YA 26 -73.04 61.58 15.92
N GLN YA 27 -73.10 61.16 17.18
CA GLN YA 27 -74.36 60.73 17.77
C GLN YA 27 -75.30 61.93 18.05
N PRO YA 28 -74.86 63.06 18.63
CA PRO YA 28 -75.74 64.24 18.62
C PRO YA 28 -75.97 64.80 17.23
N ALA YA 29 -75.05 64.57 16.30
CA ALA YA 29 -75.27 64.98 14.91
C ALA YA 29 -76.43 64.22 14.29
N ARG YA 30 -76.47 62.90 14.46
CA ARG YA 30 -77.60 62.11 13.97
C ARG YA 30 -78.88 62.46 14.72
N LYS YA 31 -78.76 62.81 16.01
CA LYS YA 31 -79.93 63.25 16.77
C LYS YA 31 -80.54 64.52 16.19
N ILE YA 32 -79.70 65.51 15.87
CA ILE YA 32 -80.19 66.76 15.31
C ILE YA 32 -80.69 66.55 13.88
N ARG YA 33 -80.00 65.72 13.10
CA ARG YA 33 -80.46 65.36 11.75
C ARG YA 33 -81.83 64.71 11.76
N ARG YA 34 -82.07 63.80 12.70
CA ARG YA 34 -83.33 63.09 12.70
C ARG YA 34 -84.46 63.90 13.33
N ARG YA 35 -84.14 64.80 14.27
CA ARG YA 35 -85.11 65.81 14.71
C ARG YA 35 -85.55 66.69 13.56
N LYS YA 36 -84.59 67.20 12.78
CA LYS YA 36 -84.91 68.00 11.61
C LYS YA 36 -85.66 67.21 10.55
N ALA YA 37 -85.38 65.91 10.43
CA ALA YA 37 -86.10 65.07 9.48
C ALA YA 37 -87.56 64.89 9.89
N ARG YA 38 -87.80 64.64 11.19
CA ARG YA 38 -89.17 64.50 11.67
C ARG YA 38 -89.94 65.81 11.57
N GLN YA 39 -89.31 66.92 11.93
CA GLN YA 39 -89.98 68.21 11.86
C GLN YA 39 -90.23 68.63 10.41
N ALA YA 40 -89.29 68.35 9.51
CA ALA YA 40 -89.51 68.66 8.11
C ALA YA 40 -90.56 67.75 7.48
N LYS YA 41 -90.68 66.51 7.97
CA LYS YA 41 -91.77 65.64 7.54
C LYS YA 41 -93.12 66.21 7.97
N ALA YA 42 -93.23 66.63 9.23
CA ALA YA 42 -94.48 67.20 9.72
C ALA YA 42 -94.81 68.54 9.06
N ARG YA 43 -93.79 69.29 8.64
CA ARG YA 43 -94.03 70.49 7.84
C ARG YA 43 -94.52 70.13 6.44
N ARG YA 44 -93.69 69.40 5.69
CA ARG YA 44 -93.83 69.34 4.25
C ARG YA 44 -94.88 68.34 3.80
N ILE YA 45 -95.03 67.22 4.51
CA ILE YA 45 -95.81 66.12 3.96
C ILE YA 45 -97.30 66.41 4.03
N ALA YA 46 -97.85 66.53 5.23
CA ALA YA 46 -99.31 66.56 5.40
C ALA YA 46 -99.72 66.95 6.81
N PRO YA 47 -101.01 67.20 7.04
CA PRO YA 47 -101.58 67.06 8.38
C PRO YA 47 -101.91 65.62 8.77
N ARG YA 48 -101.41 64.64 8.03
CA ARG YA 48 -101.34 63.28 8.50
C ARG YA 48 -100.47 63.21 9.75
N PRO YA 49 -100.77 62.33 10.70
CA PRO YA 49 -99.98 62.28 11.94
C PRO YA 49 -98.62 61.63 11.71
N ALA YA 50 -97.74 61.86 12.68
CA ALA YA 50 -96.45 61.20 12.69
C ALA YA 50 -96.64 59.72 13.01
N SER YA 51 -95.76 58.89 12.43
CA SER YA 51 -95.95 57.44 12.30
C SER YA 51 -97.33 57.14 11.70
N GLY YA 52 -97.46 57.58 10.44
CA GLY YA 52 -98.72 57.72 9.74
C GLY YA 52 -99.66 56.53 9.72
N PRO YA 53 -99.25 55.41 9.11
CA PRO YA 53 -100.13 54.24 9.10
C PRO YA 53 -100.26 53.62 10.48
N ILE YA 54 -101.47 53.14 10.75
CA ILE YA 54 -101.80 52.54 12.03
C ILE YA 54 -101.43 51.05 12.02
N ARG YA 55 -100.84 50.58 13.14
CA ARG YA 55 -100.28 49.27 13.39
C ARG YA 55 -101.24 48.40 14.20
N PRO YA 56 -101.25 47.09 13.99
CA PRO YA 56 -102.23 46.23 14.66
C PRO YA 56 -101.80 45.77 16.05
N ILE YA 57 -102.78 45.23 16.77
CA ILE YA 57 -102.55 44.51 18.01
C ILE YA 57 -102.06 43.12 17.64
N VAL YA 58 -100.86 42.76 18.08
CA VAL YA 58 -100.14 41.60 17.56
C VAL YA 58 -99.42 40.89 18.71
N ARG YA 59 -99.53 39.57 18.76
CA ARG YA 59 -98.85 38.78 19.77
C ARG YA 59 -97.51 38.28 19.24
N CYS YA 60 -96.55 38.09 20.15
CA CYS YA 60 -95.15 37.79 19.80
C CYS YA 60 -94.91 36.30 19.82
N PRO YA 61 -94.37 35.72 18.73
CA PRO YA 61 -94.24 34.26 18.66
C PRO YA 61 -93.06 33.71 19.45
N THR YA 62 -93.32 33.14 20.62
CA THR YA 62 -92.35 32.52 21.54
C THR YA 62 -93.13 31.79 22.62
N VAL YA 63 -92.41 31.05 23.46
CA VAL YA 63 -92.92 30.70 24.77
C VAL YA 63 -92.57 31.75 25.81
N ARG YA 64 -91.80 32.77 25.41
CA ARG YA 64 -91.25 33.81 26.26
C ARG YA 64 -92.02 35.12 26.19
N TYR YA 65 -92.24 35.64 24.99
CA TYR YA 65 -92.84 36.96 24.83
C TYR YA 65 -94.31 36.93 24.40
N HIS YA 66 -94.94 35.75 24.38
CA HIS YA 66 -96.34 35.71 23.95
C HIS YA 66 -97.30 36.16 25.03
N THR YA 67 -96.83 36.38 26.26
CA THR YA 67 -97.68 36.96 27.30
C THR YA 67 -97.90 38.45 27.08
N LYS YA 68 -97.03 39.10 26.31
CA LYS YA 68 -97.12 40.53 26.06
C LYS YA 68 -97.78 40.79 24.71
N VAL YA 69 -97.76 42.05 24.29
CA VAL YA 69 -98.46 42.52 23.10
C VAL YA 69 -97.50 43.44 22.36
N ARG YA 70 -97.84 43.75 21.11
CA ARG YA 70 -96.92 44.46 20.23
C ARG YA 70 -97.72 45.17 19.15
N ALA YA 71 -97.23 46.33 18.70
CA ALA YA 71 -97.71 46.92 17.47
C ALA YA 71 -97.11 46.18 16.29
N GLY YA 72 -97.95 45.61 15.45
CA GLY YA 72 -97.49 44.76 14.37
C GLY YA 72 -97.04 45.51 13.14
N ARG YA 73 -97.38 45.02 11.94
CA ARG YA 73 -97.12 45.74 10.71
C ARG YA 73 -98.38 46.11 9.95
N GLY YA 74 -99.22 45.13 9.59
CA GLY YA 74 -100.35 45.39 8.72
C GLY YA 74 -101.57 44.60 9.14
N PHE YA 75 -102.67 44.87 8.43
CA PHE YA 75 -103.99 44.48 8.92
C PHE YA 75 -104.56 43.25 8.22
N SER YA 76 -103.70 42.38 7.66
CA SER YA 76 -104.01 40.95 7.51
C SER YA 76 -105.24 40.61 6.69
N LEU YA 77 -105.15 40.74 5.35
CA LEU YA 77 -106.23 40.94 4.37
C LEU YA 77 -107.60 40.34 4.65
N GLU YA 78 -107.65 39.16 5.29
CA GLU YA 78 -108.94 38.64 5.76
C GLU YA 78 -109.61 39.59 6.75
N GLU YA 79 -108.82 40.18 7.65
CA GLU YA 79 -109.35 41.17 8.60
C GLU YA 79 -109.86 42.41 7.87
N LEU YA 80 -109.13 42.83 6.84
CA LEU YA 80 -109.50 44.01 6.08
C LEU YA 80 -110.74 43.74 5.22
N ARG YA 81 -110.93 42.48 4.80
CA ARG YA 81 -112.12 42.09 4.07
C ARG YA 81 -113.34 42.03 4.98
N VAL YA 82 -113.15 41.57 6.22
CA VAL YA 82 -114.23 41.61 7.20
C VAL YA 82 -114.58 43.06 7.56
N ALA YA 83 -113.57 43.94 7.62
CA ALA YA 83 -113.84 45.36 7.81
C ALA YA 83 -114.52 45.98 6.60
N GLY YA 84 -114.32 45.42 5.42
CA GLY YA 84 -115.11 45.80 4.26
C GLY YA 84 -114.70 47.09 3.59
N ILE YA 85 -113.48 47.11 3.03
CA ILE YA 85 -112.98 48.24 2.28
C ILE YA 85 -111.95 47.68 1.29
N HIS YA 86 -111.67 48.45 0.24
CA HIS YA 86 -110.71 48.01 -0.77
C HIS YA 86 -109.29 48.19 -0.23
N LYS YA 87 -108.34 47.50 -0.86
CA LYS YA 87 -106.96 47.45 -0.37
C LYS YA 87 -106.25 48.79 -0.52
N LYS YA 88 -106.17 49.31 -1.76
CA LYS YA 88 -105.45 50.57 -1.94
C LYS YA 88 -106.27 51.75 -1.42
N VAL YA 89 -107.61 51.63 -1.41
CA VAL YA 89 -108.44 52.63 -0.74
C VAL YA 89 -108.14 52.66 0.75
N ALA YA 90 -107.89 51.50 1.35
CA ALA YA 90 -107.46 51.43 2.74
C ALA YA 90 -106.06 52.03 2.93
N ARG YA 91 -105.16 51.78 1.97
CA ARG YA 91 -103.81 52.36 2.04
C ARG YA 91 -103.83 53.88 1.93
N THR YA 92 -104.78 54.44 1.20
CA THR YA 92 -104.93 55.89 1.12
C THR YA 92 -105.69 56.47 2.32
N ILE YA 93 -106.58 55.68 2.93
CA ILE YA 93 -107.21 56.10 4.19
C ILE YA 93 -106.17 56.17 5.30
N GLY YA 94 -105.25 55.22 5.35
CA GLY YA 94 -104.21 55.24 6.36
C GLY YA 94 -104.00 53.89 6.97
N ILE YA 95 -104.78 52.92 6.50
CA ILE YA 95 -104.67 51.54 6.95
C ILE YA 95 -103.39 50.93 6.41
N SER YA 96 -102.58 50.37 7.30
CA SER YA 96 -101.40 49.63 6.89
C SER YA 96 -101.81 48.23 6.46
N VAL YA 97 -101.41 47.85 5.24
CA VAL YA 97 -101.83 46.60 4.63
C VAL YA 97 -100.62 45.71 4.45
N ASP YA 98 -100.64 44.54 5.08
CA ASP YA 98 -99.63 43.51 4.88
C ASP YA 98 -100.32 42.25 4.39
N PRO YA 99 -100.06 41.80 3.16
CA PRO YA 99 -100.78 40.64 2.63
C PRO YA 99 -100.32 39.30 3.18
N ARG YA 100 -99.23 39.25 3.95
CA ARG YA 100 -98.70 37.97 4.39
C ARG YA 100 -99.34 37.49 5.69
N ARG YA 101 -99.85 38.40 6.51
CA ARG YA 101 -100.28 38.04 7.86
C ARG YA 101 -101.59 37.25 7.82
N ARG YA 102 -101.55 36.04 8.37
CA ARG YA 102 -102.69 35.14 8.40
C ARG YA 102 -103.54 35.42 9.62
N ASN YA 103 -104.54 34.58 9.85
CA ASN YA 103 -105.42 34.69 11.01
C ASN YA 103 -105.76 33.30 11.52
N LYS YA 104 -105.23 32.96 12.69
CA LYS YA 104 -105.60 31.73 13.38
C LYS YA 104 -106.62 31.94 14.49
N SER YA 105 -106.63 33.13 15.11
CA SER YA 105 -107.46 33.39 16.27
C SER YA 105 -108.64 34.27 15.88
N THR YA 106 -109.85 33.78 16.15
CA THR YA 106 -111.05 34.59 16.00
C THR YA 106 -111.06 35.75 16.99
N GLU YA 107 -110.41 35.58 18.16
CA GLU YA 107 -110.30 36.67 19.13
C GLU YA 107 -109.45 37.82 18.58
N SER YA 108 -108.29 37.50 18.01
CA SER YA 108 -107.45 38.54 17.40
C SER YA 108 -108.10 39.12 16.15
N LEU YA 109 -108.85 38.29 15.42
CA LEU YA 109 -109.64 38.75 14.28
C LEU YA 109 -110.63 39.83 14.70
N GLN YA 110 -111.46 39.53 15.71
CA GLN YA 110 -112.45 40.50 16.17
C GLN YA 110 -111.80 41.70 16.85
N ALA YA 111 -110.64 41.52 17.48
CA ALA YA 111 -109.93 42.64 18.08
C ALA YA 111 -109.43 43.62 17.02
N ASN YA 112 -108.86 43.09 15.93
CA ASN YA 112 -108.42 43.98 14.85
C ASN YA 112 -109.59 44.59 14.08
N VAL YA 113 -110.72 43.88 14.00
CA VAL YA 113 -111.89 44.44 13.34
C VAL YA 113 -112.48 45.58 14.18
N GLN YA 114 -112.53 45.42 15.50
CA GLN YA 114 -112.99 46.51 16.35
C GLN YA 114 -112.00 47.67 16.37
N ARG YA 115 -110.70 47.38 16.23
CA ARG YA 115 -109.71 48.44 16.09
C ARG YA 115 -109.92 49.22 14.78
N LEU YA 116 -110.26 48.52 13.71
CA LEU YA 116 -110.58 49.17 12.44
C LEU YA 116 -111.88 49.99 12.53
N LYS YA 117 -112.87 49.50 13.27
CA LYS YA 117 -114.09 50.29 13.47
C LYS YA 117 -113.81 51.55 14.29
N GLU YA 118 -112.94 51.46 15.29
CA GLU YA 118 -112.56 52.64 16.06
C GLU YA 118 -111.76 53.62 15.21
N TYR YA 119 -110.90 53.11 14.32
CA TYR YA 119 -110.14 54.00 13.45
C TYR YA 119 -111.04 54.67 12.42
N ARG YA 120 -112.04 53.95 11.91
CA ARG YA 120 -113.01 54.54 11.00
C ARG YA 120 -113.89 55.56 11.71
N SER YA 121 -114.15 55.36 13.00
CA SER YA 121 -114.87 56.37 13.77
C SER YA 121 -114.02 57.61 13.99
N LYS YA 122 -112.72 57.44 14.26
CA LYS YA 122 -111.82 58.56 14.48
C LYS YA 122 -111.36 59.23 13.19
N LEU YA 123 -111.66 58.65 12.04
CA LEU YA 123 -111.21 59.19 10.76
C LEU YA 123 -111.98 60.44 10.37
N ILE YA 124 -111.25 61.50 10.01
CA ILE YA 124 -111.82 62.71 9.44
C ILE YA 124 -111.01 63.05 8.18
N LEU YA 125 -111.67 63.02 7.02
CA LEU YA 125 -111.02 63.22 5.74
C LEU YA 125 -111.51 64.49 5.07
N PHE YA 126 -110.66 65.04 4.19
CA PHE YA 126 -110.97 66.29 3.48
C PHE YA 126 -110.58 66.15 2.01
N PRO YA 127 -111.54 65.92 1.12
CA PRO YA 127 -111.23 65.96 -0.32
C PRO YA 127 -111.07 67.39 -0.82
N ARG YA 128 -110.67 67.50 -2.08
CA ARG YA 128 -110.41 68.82 -2.68
C ARG YA 128 -111.71 69.52 -3.05
N LYS YA 129 -112.55 68.85 -3.83
CA LYS YA 129 -113.79 69.45 -4.30
C LYS YA 129 -114.84 69.44 -3.19
N PRO YA 130 -115.68 70.48 -3.10
CA PRO YA 130 -116.69 70.53 -2.03
C PRO YA 130 -117.99 69.82 -2.37
N SER YA 131 -117.87 68.59 -2.87
CA SER YA 131 -119.05 67.75 -3.10
C SER YA 131 -119.44 66.97 -1.85
N ALA YA 132 -118.58 66.97 -0.83
CA ALA YA 132 -118.73 66.32 0.47
C ALA YA 132 -119.11 64.84 0.44
N PRO YA 133 -118.23 63.92 0.03
CA PRO YA 133 -118.38 62.54 0.50
C PRO YA 133 -117.60 62.33 1.79
N LYS YA 134 -118.27 61.66 2.74
CA LYS YA 134 -117.70 61.26 4.04
C LYS YA 134 -117.19 62.45 4.86
N LYS YA 135 -117.82 63.61 4.71
CA LYS YA 135 -117.49 64.78 5.52
C LYS YA 135 -118.75 65.60 5.72
N GLY YA 136 -118.58 66.87 6.09
CA GLY YA 136 -119.69 67.76 6.40
C GLY YA 136 -119.18 69.16 6.66
N ASP YA 137 -119.62 69.75 7.76
CA ASP YA 137 -119.22 71.10 8.15
C ASP YA 137 -117.80 71.08 8.74
N SER YA 138 -117.42 72.18 9.38
CA SER YA 138 -116.11 72.26 10.04
C SER YA 138 -116.13 71.35 11.25
N SER YA 139 -115.66 70.13 11.07
CA SER YA 139 -115.73 69.09 12.10
C SER YA 139 -114.68 69.41 13.17
N ALA YA 140 -115.17 69.87 14.33
CA ALA YA 140 -114.36 70.13 15.54
C ALA YA 140 -113.25 71.14 15.28
N GLU YA 141 -113.55 72.15 14.47
CA GLU YA 141 -112.65 73.23 14.07
C GLU YA 141 -111.34 72.68 13.49
N GLU YA 142 -111.51 71.93 12.39
CA GLU YA 142 -110.45 71.09 11.78
C GLU YA 142 -109.84 70.14 12.82
N LEU YA 143 -110.71 69.55 13.64
CA LEU YA 143 -110.43 68.48 14.59
C LEU YA 143 -109.43 68.90 15.67
N LYS YA 144 -109.33 70.21 15.93
CA LYS YA 144 -108.65 70.83 17.08
C LYS YA 144 -107.12 70.64 17.10
N LEU YA 145 -106.59 69.81 16.20
CA LEU YA 145 -105.18 69.46 16.19
C LEU YA 145 -104.73 69.23 14.76
N ALA YA 146 -103.42 69.04 14.60
CA ALA YA 146 -102.83 68.79 13.30
C ALA YA 146 -102.09 67.47 13.21
N THR YA 147 -101.32 67.10 14.23
CA THR YA 147 -100.47 65.92 14.16
C THR YA 147 -100.47 65.20 15.50
N GLN YA 148 -100.77 63.91 15.47
CA GLN YA 148 -100.74 63.08 16.65
C GLN YA 148 -99.30 62.66 16.96
N LEU YA 149 -99.11 62.10 18.15
CA LEU YA 149 -97.78 61.73 18.64
C LEU YA 149 -97.78 60.29 19.11
N THR YA 150 -96.88 59.48 18.53
CA THR YA 150 -96.54 58.12 18.96
C THR YA 150 -97.77 57.21 18.94
N GLY YA 151 -98.24 56.96 17.73
CA GLY YA 151 -99.38 56.09 17.53
C GLY YA 151 -100.69 56.82 17.71
N PRO YA 152 -101.64 56.59 16.80
CA PRO YA 152 -102.91 57.31 16.88
C PRO YA 152 -103.81 56.87 18.03
N VAL YA 153 -104.01 55.58 18.21
CA VAL YA 153 -104.95 55.07 19.21
C VAL YA 153 -104.21 54.32 20.33
N MET YA 154 -102.93 54.69 20.59
CA MET YA 154 -102.03 54.07 21.57
C MET YA 154 -101.92 52.57 21.32
N PRO YA 155 -101.16 52.15 20.31
CA PRO YA 155 -101.26 50.77 19.79
C PRO YA 155 -100.79 49.66 20.74
N VAL YA 156 -100.39 49.94 21.98
CA VAL YA 156 -100.00 48.87 22.88
C VAL YA 156 -101.27 48.18 23.38
N ARG YA 157 -102.06 48.90 24.17
CA ARG YA 157 -103.30 48.43 24.82
C ARG YA 157 -103.07 47.09 25.53
N ASN YA 158 -102.25 47.15 26.58
CA ASN YA 158 -102.00 45.98 27.39
C ASN YA 158 -103.23 45.71 28.26
N VAL YA 159 -104.03 44.71 27.86
CA VAL YA 159 -105.30 44.46 28.52
C VAL YA 159 -105.06 43.81 29.88
N TYR YA 160 -105.79 44.28 30.89
CA TYR YA 160 -105.57 43.90 32.29
C TYR YA 160 -106.83 43.24 32.83
N LYS YA 161 -106.91 41.92 32.74
CA LYS YA 161 -107.96 41.17 33.42
C LYS YA 161 -107.57 40.97 34.88
N LYS YA 162 -108.54 41.13 35.78
CA LYS YA 162 -108.24 41.18 37.21
C LYS YA 162 -108.72 39.93 37.94
N GLU YA 163 -110.03 39.64 37.89
CA GLU YA 163 -110.68 38.52 38.58
C GLU YA 163 -110.34 38.49 40.06
N LYS YA 164 -110.73 39.54 40.76
CA LYS YA 164 -110.20 39.80 42.09
C LYS YA 164 -110.90 38.98 43.17
N ALA YA 165 -112.21 38.80 43.06
CA ALA YA 165 -113.00 38.19 44.12
C ALA YA 165 -113.58 36.87 43.66
N ARG YA 166 -113.17 35.77 44.30
CA ARG YA 166 -113.87 34.52 44.20
C ARG YA 166 -113.67 33.72 45.48
N VAL YA 167 -114.64 32.88 45.79
CA VAL YA 167 -114.62 32.07 47.00
C VAL YA 167 -113.83 30.80 46.73
N ILE YA 168 -113.15 30.29 47.76
CA ILE YA 168 -112.52 28.99 47.68
C ILE YA 168 -113.59 27.92 47.43
N THR YA 169 -113.28 26.97 46.56
CA THR YA 169 -114.28 26.16 45.89
C THR YA 169 -114.06 24.66 46.15
N GLU YA 170 -114.71 23.83 45.33
CA GLU YA 170 -114.72 22.38 45.49
C GLU YA 170 -113.40 21.74 45.10
N GLU YA 171 -113.41 20.42 44.84
CA GLU YA 171 -112.22 19.58 44.87
C GLU YA 171 -111.26 19.78 43.70
N GLU YA 172 -111.38 20.88 42.97
CA GLU YA 172 -110.32 21.33 42.07
C GLU YA 172 -109.01 21.54 42.84
N LYS YA 173 -109.10 22.07 44.06
CA LYS YA 173 -107.92 22.20 44.91
C LYS YA 173 -107.40 20.85 45.38
N ASN YA 174 -108.21 19.79 45.30
CA ASN YA 174 -107.79 18.44 45.64
C ASN YA 174 -107.46 17.62 44.40
N PHE YA 175 -107.58 18.20 43.21
CA PHE YA 175 -107.38 17.42 41.99
C PHE YA 175 -106.30 18.03 41.08
N LYS YA 176 -106.00 19.31 41.26
CA LYS YA 176 -105.07 20.01 40.36
C LYS YA 176 -103.65 20.05 40.90
N ALA YA 177 -103.20 18.96 41.50
CA ALA YA 177 -101.91 18.92 42.20
C ALA YA 177 -100.74 18.85 41.20
N PHE YA 178 -99.55 18.61 41.75
CA PHE YA 178 -98.33 18.53 40.94
C PHE YA 178 -98.32 17.33 40.00
N ALA YA 179 -99.00 16.24 40.39
CA ALA YA 179 -98.94 14.99 39.64
C ALA YA 179 -99.59 15.08 38.27
N SER YA 180 -100.44 16.07 38.02
CA SER YA 180 -101.09 16.21 36.72
C SER YA 180 -100.07 16.60 35.64
N LEU YA 181 -99.11 17.45 35.99
CA LEU YA 181 -98.07 17.84 35.03
C LEU YA 181 -97.17 16.67 34.69
N ARG YA 182 -96.79 15.87 35.69
CA ARG YA 182 -95.96 14.69 35.43
C ARG YA 182 -96.71 13.63 34.64
N MET YA 183 -98.00 13.45 34.91
CA MET YA 183 -98.80 12.49 34.16
C MET YA 183 -98.99 12.93 32.71
N ALA YA 184 -99.18 14.23 32.49
CA ALA YA 184 -99.28 14.74 31.12
C ALA YA 184 -97.96 14.65 30.38
N ARG YA 185 -96.84 14.89 31.08
CA ARG YA 185 -95.52 14.75 30.47
C ARG YA 185 -95.24 13.31 30.08
N ALA YA 186 -95.56 12.36 30.97
CA ALA YA 186 -95.36 10.95 30.67
C ALA YA 186 -96.30 10.47 29.56
N ASN YA 187 -97.52 11.00 29.50
CA ASN YA 187 -98.45 10.63 28.44
C ASN YA 187 -97.98 11.17 27.09
N ALA YA 188 -97.45 12.40 27.08
CA ALA YA 188 -96.93 12.95 25.82
C ALA YA 188 -95.65 12.26 25.39
N ARG YA 189 -94.85 11.75 26.33
CA ARG YA 189 -93.64 11.04 25.96
C ARG YA 189 -93.91 9.59 25.57
N LEU YA 190 -95.00 9.00 26.04
CA LEU YA 190 -95.32 7.60 25.74
C LEU YA 190 -96.63 7.46 24.97
N PHE YA 191 -97.00 8.49 24.20
CA PHE YA 191 -98.23 8.40 23.41
C PHE YA 191 -98.09 7.42 22.25
N GLY YA 192 -97.00 7.52 21.49
CA GLY YA 192 -96.88 6.72 20.28
C GLY YA 192 -96.50 5.27 20.53
N ILE YA 193 -95.76 5.00 21.60
CA ILE YA 193 -95.34 3.63 21.89
C ILE YA 193 -96.53 2.78 22.32
N ARG YA 194 -97.50 3.38 23.02
CA ARG YA 194 -98.74 2.67 23.34
C ARG YA 194 -99.55 2.36 22.09
N ALA YA 195 -99.52 3.26 21.10
CA ALA YA 195 -100.18 2.98 19.83
C ALA YA 195 -99.49 1.87 19.06
N LYS YA 196 -98.16 1.81 19.13
CA LYS YA 196 -97.43 0.71 18.51
C LYS YA 196 -97.73 -0.61 19.19
N ARG YA 197 -97.82 -0.61 20.53
CA ARG YA 197 -98.18 -1.82 21.25
C ARG YA 197 -99.63 -2.23 21.01
N ALA YA 198 -100.53 -1.28 20.78
CA ALA YA 198 -101.90 -1.62 20.40
C ALA YA 198 -101.96 -2.22 19.01
N LYS YA 199 -101.16 -1.70 18.07
CA LYS YA 199 -101.08 -2.28 16.74
C LYS YA 199 -100.48 -3.69 16.77
N GLU YA 200 -99.47 -3.91 17.62
CA GLU YA 200 -98.91 -5.24 17.77
C GLU YA 200 -99.87 -6.20 18.46
N ALA YA 201 -100.69 -5.70 19.40
CA ALA YA 201 -101.69 -6.53 20.04
C ALA YA 201 -102.80 -6.91 19.06
N ALA YA 202 -103.15 -6.01 18.15
CA ALA YA 202 -104.08 -6.35 17.08
C ALA YA 202 -103.46 -7.29 16.05
N GLU YA 203 -102.14 -7.22 15.84
CA GLU YA 203 -101.47 -8.08 14.88
C GLU YA 203 -101.31 -9.50 15.41
N GLN YA 204 -100.97 -9.65 16.70
CA GLN YA 204 -100.71 -10.97 17.28
C GLN YA 204 -101.98 -11.76 17.60
N ASP YA 205 -103.16 -11.21 17.30
CA ASP YA 205 -104.46 -11.87 17.42
C ASP YA 205 -104.74 -12.30 18.87
N VAL ZA 1 39.57 48.95 90.45
CA VAL ZA 1 38.44 48.58 89.63
C VAL ZA 1 37.64 47.51 90.36
N PHE ZA 2 36.31 47.64 90.32
CA PHE ZA 2 35.36 46.87 91.13
C PHE ZA 2 35.67 46.99 92.61
N ARG ZA 3 35.62 48.24 93.10
CA ARG ZA 3 35.78 48.49 94.51
C ARG ZA 3 34.52 48.18 95.31
N ARG ZA 4 33.37 48.10 94.65
CA ARG ZA 4 32.12 47.80 95.32
C ARG ZA 4 31.44 46.61 94.65
N PHE ZA 5 30.63 45.93 95.44
CA PHE ZA 5 30.06 44.62 95.15
C PHE ZA 5 29.03 44.32 96.22
N VAL ZA 6 28.03 43.50 95.87
CA VAL ZA 6 27.05 43.11 96.87
C VAL ZA 6 27.68 42.09 97.82
N GLU ZA 7 27.14 42.02 99.03
CA GLU ZA 7 27.78 41.26 100.09
C GLU ZA 7 26.76 41.01 101.18
N VAL ZA 8 26.95 39.93 101.94
CA VAL ZA 8 26.17 39.69 103.13
C VAL ZA 8 26.56 40.75 104.15
N GLY ZA 9 25.68 41.73 104.35
CA GLY ZA 9 25.96 42.80 105.29
C GLY ZA 9 26.53 44.06 104.67
N ARG ZA 10 25.94 44.54 103.58
CA ARG ZA 10 26.32 45.82 103.02
C ARG ZA 10 25.09 46.72 102.91
N VAL ZA 11 25.23 47.96 103.37
CA VAL ZA 11 24.17 48.95 103.21
C VAL ZA 11 24.14 49.42 101.76
N ALA ZA 12 22.95 49.77 101.28
CA ALA ZA 12 22.76 50.20 99.91
C ALA ZA 12 21.65 51.23 99.86
N TYR ZA 13 21.61 51.97 98.75
CA TYR ZA 13 20.63 53.02 98.53
C TYR ZA 13 19.61 52.57 97.50
N VAL ZA 14 18.40 53.11 97.62
CA VAL ZA 14 17.30 52.80 96.71
C VAL ZA 14 16.95 54.05 95.92
N SER ZA 15 16.99 53.93 94.60
CA SER ZA 15 16.66 55.04 93.70
C SER ZA 15 15.25 54.95 93.13
N PHE ZA 16 14.89 53.81 92.56
CA PHE ZA 16 13.59 53.60 91.95
C PHE ZA 16 12.68 52.85 92.92
N GLY ZA 17 11.38 53.10 92.79
CA GLY ZA 17 10.40 52.34 93.52
C GLY ZA 17 9.76 53.13 94.66
N PRO ZA 18 9.00 52.43 95.51
CA PRO ZA 18 8.29 53.11 96.60
C PRO ZA 18 9.18 53.50 97.76
N HIS ZA 19 10.43 53.04 97.81
CA HIS ZA 19 11.33 53.30 98.92
C HIS ZA 19 12.50 54.20 98.49
N ALA ZA 20 12.21 55.19 97.64
CA ALA ZA 20 13.25 56.08 97.16
C ALA ZA 20 13.72 57.02 98.27
N GLY ZA 21 15.03 57.09 98.46
CA GLY ZA 21 15.59 57.85 99.55
C GLY ZA 21 15.70 57.10 100.85
N LYS ZA 22 15.64 55.78 100.83
CA LYS ZA 22 15.66 54.96 102.03
C LYS ZA 22 16.76 53.92 101.90
N LEU ZA 23 17.58 53.78 102.94
CA LEU ZA 23 18.72 52.87 102.91
C LEU ZA 23 18.29 51.47 103.32
N VAL ZA 24 18.76 50.47 102.54
CA VAL ZA 24 18.50 49.08 102.83
C VAL ZA 24 19.82 48.41 103.20
N ALA ZA 25 19.74 47.15 103.64
CA ALA ZA 25 20.92 46.35 103.92
C ALA ZA 25 20.71 44.97 103.33
N ILE ZA 26 21.68 44.49 102.56
CA ILE ZA 26 21.56 43.23 101.85
C ILE ZA 26 21.86 42.10 102.83
N VAL ZA 27 20.99 41.09 102.87
CA VAL ZA 27 21.20 39.94 103.76
C VAL ZA 27 21.76 38.78 102.95
N ASP ZA 28 21.01 38.33 101.95
CA ASP ZA 28 21.49 37.27 101.07
C ASP ZA 28 20.85 37.41 99.70
N VAL ZA 29 21.54 36.92 98.69
CA VAL ZA 29 21.11 37.00 97.30
C VAL ZA 29 20.22 35.82 97.00
N ILE ZA 30 19.05 36.07 96.39
CA ILE ZA 30 18.13 34.97 96.13
C ILE ZA 30 18.55 34.23 94.86
N ASP ZA 31 18.40 34.86 93.69
CA ASP ZA 31 18.92 34.27 92.45
C ASP ZA 31 19.21 35.40 91.45
N GLN ZA 32 20.44 35.93 91.49
CA GLN ZA 32 21.09 36.72 90.43
C GLN ZA 32 20.47 38.10 90.19
N ASN ZA 33 19.25 38.32 90.67
CA ASN ZA 33 18.49 39.50 90.31
C ASN ZA 33 17.85 40.20 91.49
N ARG ZA 34 17.48 39.50 92.56
CA ARG ZA 34 16.83 40.11 93.69
C ARG ZA 34 17.53 39.68 94.97
N ALA ZA 35 17.57 40.61 95.93
CA ALA ZA 35 18.24 40.38 97.19
C ALA ZA 35 17.28 40.64 98.34
N LEU ZA 36 17.40 39.84 99.38
CA LEU ZA 36 16.60 40.00 100.59
C LEU ZA 36 17.20 41.14 101.38
N VAL ZA 37 16.59 42.31 101.31
CA VAL ZA 37 17.07 43.50 101.98
C VAL ZA 37 16.22 43.76 103.21
N ASP ZA 38 16.79 44.49 104.16
CA ASP ZA 38 16.13 44.79 105.42
C ASP ZA 38 16.54 46.19 105.86
N GLY ZA 39 15.66 46.86 106.60
CA GLY ZA 39 15.97 48.16 107.15
C GLY ZA 39 15.75 48.23 108.64
N PRO ZA 40 16.84 48.37 109.40
CA PRO ZA 40 16.71 48.50 110.86
C PRO ZA 40 16.13 49.84 111.31
N CYS ZA 41 16.66 50.95 110.81
CA CYS ZA 41 16.27 52.27 111.28
C CYS ZA 41 15.85 53.21 110.16
N THR ZA 42 15.88 52.75 108.90
CA THR ZA 42 15.53 53.59 107.76
C THR ZA 42 14.14 53.29 107.22
N GLN ZA 43 13.26 52.73 108.05
CA GLN ZA 43 11.80 52.66 107.87
C GLN ZA 43 11.38 51.68 106.78
N VAL ZA 44 12.33 51.11 106.03
CA VAL ZA 44 12.01 50.16 104.98
C VAL ZA 44 11.90 48.76 105.59
N ARG ZA 45 10.91 48.02 105.13
CA ARG ZA 45 10.58 46.70 105.69
C ARG ZA 45 11.35 45.62 104.96
N ARG ZA 46 11.65 44.53 105.68
CA ARG ZA 46 12.39 43.39 105.17
C ARG ZA 46 11.66 42.71 104.02
N GLN ZA 47 12.22 42.79 102.81
CA GLN ZA 47 11.57 42.27 101.62
C GLN ZA 47 12.64 41.89 100.60
N ALA ZA 48 12.23 41.66 99.36
CA ALA ZA 48 13.13 41.31 98.27
C ALA ZA 48 13.12 42.43 97.23
N MET ZA 49 14.28 43.01 96.97
CA MET ZA 49 14.36 44.12 96.02
C MET ZA 49 15.42 43.83 94.96
N PRO ZA 50 15.21 44.31 93.73
CA PRO ZA 50 16.17 44.03 92.65
C PRO ZA 50 17.47 44.83 92.78
N PHE ZA 51 18.53 44.25 92.19
CA PHE ZA 51 19.84 44.89 92.21
C PHE ZA 51 19.89 46.12 91.34
N LYS ZA 52 19.20 46.12 90.20
CA LYS ZA 52 19.11 47.34 89.40
C LYS ZA 52 18.17 48.35 90.04
N CYS ZA 53 17.27 47.90 90.92
CA CYS ZA 53 16.45 48.82 91.68
C CYS ZA 53 17.25 49.50 92.78
N MET ZA 54 18.24 48.80 93.36
CA MET ZA 54 19.05 49.40 94.41
C MET ZA 54 20.32 50.02 93.82
N GLN ZA 55 21.00 50.80 94.67
CA GLN ZA 55 22.24 51.48 94.32
C GLN ZA 55 23.31 51.12 95.34
N LEU ZA 56 24.48 50.72 94.85
CA LEU ZA 56 25.53 50.25 95.74
C LEU ZA 56 26.23 51.40 96.44
N THR ZA 57 26.60 51.17 97.70
CA THR ZA 57 27.33 52.12 98.52
C THR ZA 57 28.68 51.50 98.91
N ASP ZA 58 29.38 52.16 99.83
CA ASP ZA 58 30.73 51.75 100.20
C ASP ZA 58 30.85 51.22 101.62
N PHE ZA 59 29.83 51.40 102.47
CA PHE ZA 59 29.93 50.98 103.87
C PHE ZA 59 29.45 49.55 104.03
N ILE ZA 60 30.15 48.80 104.88
CA ILE ZA 60 29.84 47.40 105.14
C ILE ZA 60 29.50 47.22 106.61
N LEU ZA 61 28.79 46.13 106.89
CA LEU ZA 61 28.48 45.70 108.25
C LEU ZA 61 28.83 44.23 108.40
N LYS ZA 62 28.79 43.74 109.63
CA LYS ZA 62 29.09 42.34 109.92
C LYS ZA 62 27.79 41.62 110.29
N PHE ZA 63 27.10 41.13 109.26
CA PHE ZA 63 25.90 40.36 109.53
C PHE ZA 63 26.20 38.87 109.47
N PRO ZA 64 25.57 38.07 110.32
CA PRO ZA 64 25.53 36.62 110.08
C PRO ZA 64 24.65 36.32 108.88
N HIS ZA 65 24.82 35.11 108.35
CA HIS ZA 65 24.05 34.70 107.18
C HIS ZA 65 22.61 34.42 107.59
N SER ZA 66 21.68 35.16 106.96
CA SER ZA 66 20.23 35.11 107.22
C SER ZA 66 19.92 35.42 108.69
N ALA ZA 67 20.34 36.60 109.12
CA ALA ZA 67 20.11 37.05 110.48
C ALA ZA 67 18.71 37.65 110.61
N HIS ZA 68 18.39 38.13 111.81
CA HIS ZA 68 17.08 38.69 112.08
C HIS ZA 68 17.14 40.21 112.25
N GLN ZA 69 15.95 40.79 112.41
CA GLN ZA 69 15.79 42.23 112.60
C GLN ZA 69 16.52 42.73 113.84
N LYS ZA 70 16.52 41.94 114.91
CA LYS ZA 70 17.18 42.32 116.16
C LYS ZA 70 18.69 42.45 115.96
N TYR ZA 71 19.31 41.44 115.35
CA TYR ZA 71 20.76 41.47 115.17
C TYR ZA 71 21.17 42.48 114.10
N VAL ZA 72 20.32 42.71 113.09
CA VAL ZA 72 20.58 43.78 112.12
C VAL ZA 72 20.53 45.13 112.80
N ARG ZA 73 19.57 45.34 113.71
CA ARG ZA 73 19.48 46.61 114.43
C ARG ZA 73 20.65 46.80 115.39
N GLN ZA 74 21.09 45.72 116.05
CA GLN ZA 74 22.23 45.82 116.96
C GLN ZA 74 23.52 46.12 116.22
N ALA ZA 75 23.74 45.47 115.06
CA ALA ZA 75 24.92 45.80 114.27
C ALA ZA 75 24.85 47.19 113.65
N TRP ZA 76 23.64 47.66 113.32
CA TRP ZA 76 23.46 49.02 112.81
C TRP ZA 76 23.82 50.06 113.88
N GLN ZA 77 23.32 49.86 115.10
CA GLN ZA 77 23.63 50.79 116.18
C GLN ZA 77 25.06 50.65 116.68
N LYS ZA 78 25.69 49.50 116.47
CA LYS ZA 78 27.11 49.39 116.78
C LYS ZA 78 27.95 50.11 115.74
N ALA ZA 79 27.57 50.04 114.46
CA ALA ZA 79 28.37 50.64 113.41
C ALA ZA 79 28.14 52.13 113.24
N ASP ZA 80 26.97 52.64 113.71
CA ASP ZA 80 26.60 54.06 113.68
C ASP ZA 80 26.59 54.61 112.25
N ILE ZA 81 25.69 54.07 111.44
CA ILE ZA 81 25.63 54.42 110.02
C ILE ZA 81 24.93 55.76 109.79
N ASN ZA 82 24.11 56.23 110.74
CA ASN ZA 82 23.29 57.42 110.51
C ASN ZA 82 24.13 58.69 110.52
N THR ZA 83 24.89 58.92 111.59
CA THR ZA 83 25.72 60.14 111.67
C THR ZA 83 26.86 60.09 110.67
N LYS ZA 84 27.47 58.92 110.49
CA LYS ZA 84 28.54 58.76 109.51
C LYS ZA 84 28.03 58.91 108.08
N TRP ZA 85 26.75 58.59 107.86
CA TRP ZA 85 26.13 58.77 106.56
C TRP ZA 85 25.78 60.22 106.30
N ALA ZA 86 25.38 60.94 107.35
CA ALA ZA 86 25.14 62.38 107.19
C ALA ZA 86 26.44 63.13 106.97
N ALA ZA 87 27.54 62.61 107.51
CA ALA ZA 87 28.84 63.24 107.37
C ALA ZA 87 29.57 62.73 106.13
N THR ZA 88 28.94 62.93 104.97
CA THR ZA 88 29.60 62.71 103.69
C THR ZA 88 29.05 63.71 102.68
N ARG ZA 89 29.76 63.86 101.57
CA ARG ZA 89 29.31 64.77 100.53
C ARG ZA 89 28.15 64.21 99.72
N TRP ZA 90 27.97 62.89 99.72
CA TRP ZA 90 26.91 62.25 98.96
C TRP ZA 90 25.53 62.66 99.48
N ALA ZA 91 25.32 62.48 100.79
CA ALA ZA 91 24.09 62.91 101.44
C ALA ZA 91 23.89 64.42 101.36
N LYS ZA 92 24.97 65.20 101.31
CA LYS ZA 92 24.83 66.64 101.11
C LYS ZA 92 24.34 66.95 99.70
N LYS ZA 93 24.78 66.19 98.69
CA LYS ZA 93 24.28 66.38 97.32
C LYS ZA 93 22.80 66.02 97.20
N ILE ZA 94 22.40 64.90 97.79
CA ILE ZA 94 20.98 64.51 97.80
C ILE ZA 94 20.15 65.51 98.59
N GLU ZA 95 20.70 66.02 99.70
CA GLU ZA 95 20.00 67.04 100.49
C GLU ZA 95 19.87 68.34 99.72
N ALA ZA 96 20.88 68.70 98.91
CA ALA ZA 96 20.80 69.89 98.08
C ALA ZA 96 19.77 69.74 96.97
N ARG ZA 97 19.64 68.54 96.41
CA ARG ZA 97 18.58 68.31 95.41
C ARG ZA 97 17.20 68.41 96.05
N GLU ZA 98 17.05 67.90 97.27
CA GLU ZA 98 15.77 68.03 97.97
C GLU ZA 98 15.47 69.48 98.34
N ARG ZA 99 16.49 70.26 98.71
CA ARG ZA 99 16.28 71.67 99.00
C ARG ZA 99 15.95 72.46 97.73
N LYS ZA 100 16.50 72.05 96.59
CA LYS ZA 100 16.12 72.67 95.31
C LYS ZA 100 14.68 72.36 94.96
N ALA ZA 101 14.22 71.14 95.24
CA ALA ZA 101 12.80 70.84 95.13
C ALA ZA 101 11.96 71.64 96.12
N LYS ZA 102 12.54 72.00 97.28
CA LYS ZA 102 11.84 72.77 98.30
C LYS ZA 102 12.15 74.26 98.24
N MET ZA 103 12.67 74.76 97.12
CA MET ZA 103 12.85 76.20 96.94
C MET ZA 103 11.50 76.93 96.87
N THR ZA 104 11.57 78.25 97.02
CA THR ZA 104 10.43 79.14 96.77
C THR ZA 104 10.93 80.34 95.98
N ASP ZA 105 10.00 81.24 95.63
CA ASP ZA 105 10.32 82.36 94.75
C ASP ZA 105 11.19 83.40 95.45
N PHE ZA 106 10.91 83.65 96.74
CA PHE ZA 106 11.72 84.58 97.51
C PHE ZA 106 13.14 84.05 97.71
N ASP ZA 107 13.26 82.73 97.92
CA ASP ZA 107 14.57 82.10 98.02
C ASP ZA 107 15.33 82.17 96.70
N ARG ZA 108 14.62 81.98 95.57
CA ARG ZA 108 15.29 82.08 94.27
C ARG ZA 108 15.71 83.52 93.98
N PHE ZA 109 14.94 84.50 94.45
CA PHE ZA 109 15.33 85.89 94.30
C PHE ZA 109 16.59 86.21 95.10
N LYS ZA 110 16.67 85.70 96.33
CA LYS ZA 110 17.88 85.90 97.14
C LYS ZA 110 19.09 85.20 96.53
N VAL ZA 111 18.89 83.97 96.02
CA VAL ZA 111 19.95 83.23 95.35
C VAL ZA 111 20.42 83.96 94.10
N MET ZA 112 19.49 84.56 93.36
CA MET ZA 112 19.88 85.23 92.12
C MET ZA 112 20.60 86.55 92.40
N LYS ZA 113 20.22 87.29 93.44
CA LYS ZA 113 20.95 88.52 93.73
C LYS ZA 113 22.33 88.23 94.33
N ALA ZA 114 22.45 87.18 95.16
CA ALA ZA 114 23.76 86.78 95.64
C ALA ZA 114 24.60 86.20 94.50
N LYS ZA 115 23.94 85.59 93.51
CA LYS ZA 115 24.62 85.06 92.33
C LYS ZA 115 25.19 86.19 91.47
N LYS ZA 116 24.41 87.27 91.30
CA LYS ZA 116 24.91 88.46 90.60
C LYS ZA 116 26.11 89.08 91.31
N MET ZA 117 26.03 89.19 92.65
CA MET ZA 117 27.12 89.79 93.40
C MET ZA 117 28.39 88.92 93.34
N ARG ZA 118 28.23 87.61 93.53
CA ARG ZA 118 29.38 86.71 93.47
C ARG ZA 118 29.97 86.64 92.07
N ASN ZA 119 29.14 86.70 91.03
CA ASN ZA 119 29.70 86.65 89.67
C ASN ZA 119 30.40 87.94 89.31
N ARG ZA 120 29.96 89.08 89.83
CA ARG ZA 120 30.72 90.31 89.63
C ARG ZA 120 32.06 90.26 90.35
N ILE ZA 121 32.08 89.72 91.57
CA ILE ZA 121 33.33 89.60 92.32
C ILE ZA 121 34.28 88.60 91.63
N ILE ZA 122 33.74 87.50 91.11
CA ILE ZA 122 34.53 86.52 90.37
C ILE ZA 122 35.12 87.13 89.10
N LYS ZA 123 34.30 87.89 88.35
CA LYS ZA 123 34.77 88.51 87.11
C LYS ZA 123 35.91 89.50 87.37
N ASN ZA 124 35.74 90.37 88.39
CA ASN ZA 124 36.78 91.35 88.68
C ASN ZA 124 38.03 90.69 89.26
N GLU ZA 125 37.89 89.65 90.07
CA GLU ZA 125 39.07 89.06 90.68
C GLU ZA 125 39.82 88.15 89.70
N VAL ZA 126 39.10 87.50 88.78
CA VAL ZA 126 39.78 86.72 87.73
C VAL ZA 126 40.47 87.65 86.74
N LYS ZA 127 39.88 88.81 86.45
CA LYS ZA 127 40.57 89.79 85.63
C LYS ZA 127 41.80 90.35 86.32
N LYS ZA 128 41.74 90.53 87.64
CA LYS ZA 128 42.92 90.96 88.39
C LYS ZA 128 43.99 89.86 88.44
N LEU ZA 129 43.59 88.59 88.54
CA LEU ZA 129 44.56 87.50 88.56
C LEU ZA 129 45.24 87.33 87.20
N GLN ZA 130 44.50 87.47 86.11
CA GLN ZA 130 45.15 87.38 84.81
C GLN ZA 130 45.98 88.62 84.49
N LYS ZA 131 45.61 89.79 85.02
CA LYS ZA 131 46.47 90.95 84.92
C LYS ZA 131 47.77 90.74 85.69
N ALA ZA 132 47.68 90.14 86.87
CA ALA ZA 132 48.89 89.79 87.64
C ALA ZA 132 49.70 88.71 86.96
N ALA ZA 133 49.06 87.78 86.25
CA ALA ZA 133 49.79 86.76 85.49
C ALA ZA 133 50.54 87.37 84.31
N LEU ZA 134 49.92 88.34 83.62
CA LEU ZA 134 50.61 89.05 82.55
C LEU ZA 134 51.74 89.92 83.10
N LEU ZA 135 51.56 90.52 84.28
CA LEU ZA 135 52.62 91.30 84.90
C LEU ZA 135 53.75 90.41 85.39
N LYS ZA 136 53.45 89.16 85.73
CA LYS ZA 136 54.51 88.21 86.09
C LYS ZA 136 55.24 87.71 84.86
N ALA ZA 137 54.52 87.53 83.75
CA ALA ZA 137 55.12 87.04 82.52
C ALA ZA 137 55.83 88.14 81.72
N SER ZA 138 55.60 89.41 82.05
CA SER ZA 138 56.27 90.51 81.35
C SER ZA 138 57.78 90.56 81.55
N PRO ZA 139 58.34 90.27 82.76
CA PRO ZA 139 59.80 90.10 82.70
C PRO ZA 139 60.23 88.78 82.08
N GLY AB 1 -99.95 30.97 -26.92
CA GLY AB 1 -100.48 29.65 -27.26
C GLY AB 1 -99.39 28.62 -27.47
N ALA AB 2 -98.20 29.10 -27.87
CA ALA AB 2 -97.13 28.22 -28.32
C ALA AB 2 -95.99 28.07 -27.33
N TYR AB 3 -95.71 29.10 -26.52
CA TYR AB 3 -94.49 29.12 -25.72
C TYR AB 3 -94.48 28.09 -24.60
N LYS AB 4 -95.66 27.64 -24.14
CA LYS AB 4 -95.67 26.53 -23.20
C LYS AB 4 -95.28 25.23 -23.89
N TYR AB 5 -95.65 25.06 -25.16
CA TYR AB 5 -95.17 23.92 -25.92
C TYR AB 5 -93.67 24.01 -26.19
N ILE AB 6 -93.16 25.22 -26.43
CA ILE AB 6 -91.72 25.41 -26.63
C ILE AB 6 -90.96 25.07 -25.35
N GLN AB 7 -91.49 25.51 -24.21
CA GLN AB 7 -90.87 25.21 -22.92
C GLN AB 7 -90.90 23.73 -22.61
N GLU AB 8 -92.04 23.08 -22.82
CA GLU AB 8 -92.16 21.67 -22.47
C GLU AB 8 -91.37 20.79 -23.44
N LEU AB 9 -91.16 21.26 -24.67
CA LEU AB 9 -90.26 20.55 -25.57
C LEU AB 9 -88.80 20.79 -25.19
N TRP AB 10 -88.50 21.96 -24.61
CA TRP AB 10 -87.13 22.23 -24.21
C TRP AB 10 -86.74 21.52 -22.92
N ARG AB 11 -87.71 21.27 -22.04
CA ARG AB 11 -87.44 20.72 -20.71
C ARG AB 11 -86.77 19.35 -20.78
N LYS AB 12 -87.44 18.38 -21.38
CA LYS AB 12 -86.86 17.05 -21.59
C LYS AB 12 -85.90 17.09 -22.78
N LYS AB 13 -84.74 17.68 -22.52
CA LYS AB 13 -83.74 17.94 -23.54
C LYS AB 13 -82.80 16.76 -23.75
N GLN AB 14 -83.16 15.58 -23.29
CA GLN AB 14 -82.38 14.38 -23.56
C GLN AB 14 -83.00 13.52 -24.66
N SER AB 15 -84.24 13.81 -25.05
CA SER AB 15 -84.97 13.00 -26.01
C SER AB 15 -84.38 13.11 -27.41
N ASP AB 16 -84.79 12.17 -28.27
CA ASP AB 16 -84.18 12.02 -29.58
C ASP AB 16 -84.54 13.14 -30.54
N VAL AB 17 -85.72 13.75 -30.36
CA VAL AB 17 -86.11 14.85 -31.22
C VAL AB 17 -85.32 16.11 -30.89
N MET AB 18 -84.83 16.24 -29.66
CA MET AB 18 -84.09 17.43 -29.26
C MET AB 18 -82.59 17.26 -29.40
N ARG AB 19 -82.05 16.07 -29.12
CA ARG AB 19 -80.60 15.92 -29.06
C ARG AB 19 -79.93 16.00 -30.43
N PHE AB 20 -80.66 15.66 -31.50
CA PHE AB 20 -80.14 15.88 -32.85
C PHE AB 20 -79.97 17.37 -33.13
N LEU AB 21 -81.02 18.15 -32.85
CA LEU AB 21 -80.97 19.59 -33.05
C LEU AB 21 -79.92 20.23 -32.15
N LEU AB 22 -79.75 19.71 -30.94
CA LEU AB 22 -78.72 20.21 -30.04
C LEU AB 22 -77.32 19.92 -30.57
N ARG AB 23 -77.09 18.73 -31.14
CA ARG AB 23 -75.79 18.40 -31.71
C ARG AB 23 -75.49 19.24 -32.94
N VAL AB 24 -76.51 19.46 -33.79
CA VAL AB 24 -76.33 20.30 -34.98
C VAL AB 24 -76.03 21.74 -34.59
N ARG AB 25 -76.75 22.27 -33.59
CA ARG AB 25 -76.50 23.63 -33.15
C ARG AB 25 -75.16 23.77 -32.45
N CYS AB 26 -74.72 22.74 -31.71
CA CYS AB 26 -73.41 22.80 -31.08
C CYS AB 26 -72.28 22.77 -32.11
N TRP AB 27 -72.42 21.98 -33.18
CA TRP AB 27 -71.45 22.02 -34.26
C TRP AB 27 -71.44 23.37 -34.96
N GLN AB 28 -72.64 23.91 -35.23
CA GLN AB 28 -72.78 25.20 -35.92
C GLN AB 28 -72.21 26.34 -35.09
N TYR AB 29 -72.34 26.27 -33.77
CA TYR AB 29 -71.89 27.36 -32.92
C TYR AB 29 -70.42 27.21 -32.57
N ARG AB 30 -69.91 25.97 -32.56
CA ARG AB 30 -68.49 25.75 -32.32
C ARG AB 30 -67.67 26.16 -33.53
N GLN AB 31 -68.19 25.95 -34.73
CA GLN AB 31 -67.44 26.35 -35.91
C GLN AB 31 -67.59 27.84 -36.25
N LEU AB 32 -68.34 28.61 -35.45
CA LEU AB 32 -68.38 30.05 -35.59
C LEU AB 32 -67.26 30.69 -34.77
N SER AB 33 -67.33 32.01 -34.60
CA SER AB 33 -66.38 32.74 -33.78
C SER AB 33 -66.71 32.61 -32.30
N ALA AB 34 -65.95 33.29 -31.46
CA ALA AB 34 -66.15 33.20 -30.02
C ALA AB 34 -67.25 34.14 -29.54
N LEU AB 35 -67.23 35.39 -30.00
CA LEU AB 35 -68.17 36.42 -29.58
C LEU AB 35 -68.74 37.07 -30.83
N HIS AB 36 -70.04 36.91 -31.07
CA HIS AB 36 -70.65 37.56 -32.22
C HIS AB 36 -72.12 37.83 -31.94
N ARG AB 37 -72.82 38.34 -32.95
CA ARG AB 37 -74.20 38.77 -32.80
C ARG AB 37 -75.13 37.80 -33.50
N ALA AB 38 -76.15 37.34 -32.78
CA ALA AB 38 -77.22 36.58 -33.39
C ALA AB 38 -78.35 37.54 -33.70
N PRO AB 39 -78.85 37.60 -34.94
CA PRO AB 39 -79.85 38.61 -35.29
C PRO AB 39 -81.24 38.33 -34.75
N ARG AB 40 -81.48 37.13 -34.23
CA ARG AB 40 -82.76 36.78 -33.63
C ARG AB 40 -82.52 35.67 -32.63
N PRO AB 41 -83.32 35.59 -31.56
CA PRO AB 41 -83.09 34.56 -30.55
C PRO AB 41 -83.44 33.18 -31.05
N THR AB 42 -82.67 32.19 -30.61
CA THR AB 42 -82.94 30.79 -30.93
C THR AB 42 -83.85 30.13 -29.91
N ARG AB 43 -83.92 30.66 -28.69
CA ARG AB 43 -84.89 30.24 -27.68
C ARG AB 43 -85.81 31.42 -27.43
N PRO AB 44 -86.91 31.54 -28.19
CA PRO AB 44 -87.78 32.72 -28.04
C PRO AB 44 -88.50 32.78 -26.70
N ASP AB 45 -88.93 31.63 -26.16
CA ASP AB 45 -89.62 31.64 -24.87
C ASP AB 45 -88.69 32.02 -23.73
N LYS AB 46 -87.48 31.45 -23.72
CA LYS AB 46 -86.54 31.75 -22.65
C LYS AB 46 -86.01 33.17 -22.77
N ALA AB 47 -85.79 33.65 -24.00
CA ALA AB 47 -85.38 35.03 -24.21
C ALA AB 47 -86.48 36.00 -23.79
N ARG AB 48 -87.74 35.67 -24.08
CA ARG AB 48 -88.83 36.56 -23.74
C ARG AB 48 -89.12 36.56 -22.25
N ARG AB 49 -88.86 35.44 -21.57
CA ARG AB 49 -89.02 35.46 -20.12
C ARG AB 49 -87.80 35.99 -19.38
N LEU AB 50 -86.65 36.10 -20.05
CA LEU AB 50 -85.57 36.90 -19.50
C LEU AB 50 -85.70 38.38 -19.83
N GLY AB 51 -86.50 38.74 -20.85
CA GLY AB 51 -86.79 40.13 -21.10
C GLY AB 51 -86.70 40.59 -22.54
N TYR AB 52 -86.56 39.67 -23.49
CA TYR AB 52 -86.54 40.04 -24.90
C TYR AB 52 -87.95 40.37 -25.38
N LYS AB 53 -88.09 41.56 -25.97
CA LYS AB 53 -89.29 41.96 -26.68
C LYS AB 53 -88.88 42.32 -28.10
N ALA AB 54 -89.67 41.87 -29.08
CA ALA AB 54 -89.30 42.02 -30.49
C ALA AB 54 -89.55 43.47 -30.90
N LYS AB 55 -88.56 44.32 -30.62
CA LYS AB 55 -88.59 45.71 -31.03
C LYS AB 55 -87.16 46.18 -31.25
N GLN AB 56 -87.02 47.41 -31.70
CA GLN AB 56 -85.72 47.96 -32.08
C GLN AB 56 -84.95 48.35 -30.82
N GLY AB 57 -83.86 47.65 -30.55
CA GLY AB 57 -82.99 48.01 -29.45
C GLY AB 57 -82.44 46.86 -28.65
N TYR AB 58 -83.13 45.73 -28.64
CA TYR AB 58 -82.72 44.55 -27.87
C TYR AB 58 -81.86 43.67 -28.77
N VAL AB 59 -80.64 43.37 -28.32
CA VAL AB 59 -79.64 42.72 -29.17
C VAL AB 59 -79.19 41.42 -28.51
N ILE AB 60 -79.25 40.33 -29.25
CA ILE AB 60 -78.79 39.03 -28.78
C ILE AB 60 -77.36 38.80 -29.25
N TYR AB 61 -76.45 38.57 -28.31
CA TYR AB 61 -75.13 38.06 -28.66
C TYR AB 61 -75.03 36.58 -28.38
N ARG AB 62 -74.28 35.89 -29.24
CA ARG AB 62 -73.91 34.50 -29.03
C ARG AB 62 -72.44 34.46 -28.64
N ILE AB 63 -72.16 33.76 -27.54
CA ILE AB 63 -70.86 33.81 -26.90
C ILE AB 63 -70.46 32.40 -26.48
N ARG AB 64 -69.17 32.11 -26.58
CA ARG AB 64 -68.61 30.80 -26.34
C ARG AB 64 -67.55 30.89 -25.25
N VAL AB 65 -67.68 30.05 -24.22
CA VAL AB 65 -66.67 29.99 -23.15
C VAL AB 65 -66.12 28.58 -23.10
N ARG AB 66 -64.98 28.43 -22.43
CA ARG AB 66 -64.31 27.14 -22.29
C ARG AB 66 -64.61 26.56 -20.92
N ARG AB 67 -65.00 25.28 -20.89
CA ARG AB 67 -65.35 24.61 -19.65
C ARG AB 67 -64.10 24.27 -18.83
N GLY AB 68 -64.35 23.75 -17.64
CA GLY AB 68 -63.31 23.33 -16.73
C GLY AB 68 -63.01 24.38 -15.66
N GLY AB 69 -62.44 23.92 -14.57
CA GLY AB 69 -62.02 24.81 -13.51
C GLY AB 69 -60.77 25.58 -13.91
N ARG AB 70 -60.45 26.59 -13.12
CA ARG AB 70 -59.30 27.43 -13.42
C ARG AB 70 -58.04 26.86 -12.78
N LYS AB 71 -56.92 27.12 -13.42
CA LYS AB 71 -55.61 26.77 -12.91
C LYS AB 71 -54.98 28.02 -12.31
N ARG AB 72 -54.28 27.85 -11.19
CA ARG AB 72 -53.65 28.99 -10.53
C ARG AB 72 -52.50 29.51 -11.39
N PRO AB 73 -52.44 30.83 -11.64
CA PRO AB 73 -51.48 31.36 -12.62
C PRO AB 73 -50.04 31.45 -12.14
N VAL AB 74 -49.68 30.79 -11.05
CA VAL AB 74 -48.32 30.81 -10.53
C VAL AB 74 -47.42 30.02 -11.47
N PRO AB 75 -46.14 30.41 -11.61
CA PRO AB 75 -45.25 29.68 -12.54
C PRO AB 75 -44.86 28.32 -11.98
N LYS AB 76 -44.93 27.31 -12.84
CA LYS AB 76 -44.52 25.92 -12.59
C LYS AB 76 -45.26 25.26 -11.43
N GLY AB 77 -46.44 25.77 -11.08
CA GLY AB 77 -47.20 25.21 -9.97
C GLY AB 77 -46.59 25.43 -8.61
N ALA AB 78 -45.76 26.47 -8.45
CA ALA AB 78 -45.08 26.73 -7.19
C ALA AB 78 -45.87 27.75 -6.38
N THR AB 79 -46.08 27.45 -5.10
CA THR AB 79 -46.93 28.24 -4.23
C THR AB 79 -46.15 29.20 -3.34
N TYR AB 80 -45.03 28.74 -2.78
CA TYR AB 80 -44.20 29.46 -1.81
C TYR AB 80 -45.02 29.84 -0.57
N GLY AB 81 -45.46 28.81 0.14
CA GLY AB 81 -46.18 29.05 1.37
C GLY AB 81 -46.42 27.78 2.13
N LYS AB 82 -47.45 27.82 2.97
CA LYS AB 82 -47.85 26.68 3.77
C LYS AB 82 -48.44 25.58 2.88
N PRO AB 83 -48.58 24.34 3.40
CA PRO AB 83 -49.23 23.29 2.59
C PRO AB 83 -50.74 23.42 2.38
N VAL AB 84 -51.33 24.56 2.75
CA VAL AB 84 -52.74 24.79 2.49
C VAL AB 84 -52.98 25.00 0.99
N HIS AB 85 -52.03 25.62 0.31
CA HIS AB 85 -52.31 26.23 -0.99
C HIS AB 85 -51.50 25.63 -2.14
N HIS AB 86 -50.96 24.42 -1.98
CA HIS AB 86 -50.25 23.80 -3.09
C HIS AB 86 -51.17 23.22 -4.15
N GLY AB 87 -52.48 23.25 -3.94
CA GLY AB 87 -53.40 22.70 -4.90
C GLY AB 87 -53.59 23.59 -6.11
N VAL AB 88 -52.57 23.64 -6.97
CA VAL AB 88 -52.61 24.48 -8.16
C VAL AB 88 -53.62 23.94 -9.16
N ASN AB 89 -53.80 22.61 -9.22
CA ASN AB 89 -54.65 22.01 -10.23
C ASN AB 89 -56.13 22.25 -9.94
N GLN AB 90 -56.51 22.43 -8.68
CA GLN AB 90 -57.92 22.54 -8.32
C GLN AB 90 -58.20 23.85 -7.57
N LEU AB 91 -58.45 24.92 -8.34
CA LEU AB 91 -59.20 26.08 -7.86
C LEU AB 91 -60.46 26.14 -8.69
N LYS AB 92 -61.62 26.11 -8.03
CA LYS AB 92 -62.85 25.83 -8.74
C LYS AB 92 -63.75 27.04 -8.92
N PHE AB 93 -63.24 28.26 -8.69
CA PHE AB 93 -63.74 29.48 -9.31
C PHE AB 93 -65.21 29.83 -9.04
N ALA AB 94 -65.48 30.43 -7.87
CA ALA AB 94 -66.83 30.71 -7.37
C ALA AB 94 -67.82 31.43 -8.30
N ARG AB 95 -67.38 32.01 -9.41
CA ARG AB 95 -68.33 32.53 -10.40
C ARG AB 95 -68.74 31.47 -11.39
N SER AB 96 -69.91 31.66 -11.98
CA SER AB 96 -70.42 30.74 -12.98
C SER AB 96 -69.94 31.12 -14.37
N LEU AB 97 -69.90 30.12 -15.26
CA LEU AB 97 -69.49 30.37 -16.65
C LEU AB 97 -70.51 31.24 -17.39
N GLN AB 98 -71.77 31.19 -16.96
CA GLN AB 98 -72.78 32.11 -17.49
C GLN AB 98 -72.45 33.56 -17.10
N SER AB 99 -71.97 33.76 -15.86
CA SER AB 99 -71.53 35.09 -15.45
C SER AB 99 -70.26 35.52 -16.16
N VAL AB 100 -69.38 34.56 -16.49
CA VAL AB 100 -68.19 34.88 -17.29
C VAL AB 100 -68.59 35.32 -18.69
N ALA AB 101 -69.59 34.65 -19.27
CA ALA AB 101 -70.12 35.05 -20.57
C ALA AB 101 -70.76 36.44 -20.52
N GLU AB 102 -71.48 36.75 -19.43
CA GLU AB 102 -72.04 38.09 -19.27
C GLU AB 102 -70.96 39.15 -19.16
N GLU AB 103 -69.90 38.87 -18.39
CA GLU AB 103 -68.77 39.79 -18.28
C GLU AB 103 -68.10 40.02 -19.63
N ARG AB 104 -67.84 38.96 -20.38
CA ARG AB 104 -67.15 39.10 -21.66
C ARG AB 104 -68.01 39.83 -22.68
N ALA AB 105 -69.32 39.58 -22.72
CA ALA AB 105 -70.19 40.28 -23.65
C ALA AB 105 -70.30 41.76 -23.31
N GLY AB 106 -70.53 42.09 -22.03
CA GLY AB 106 -70.66 43.48 -21.65
C GLY AB 106 -69.37 44.27 -21.74
N ARG AB 107 -68.24 43.59 -21.53
CA ARG AB 107 -66.95 44.28 -21.61
C ARG AB 107 -66.51 44.44 -23.06
N HIS AB 108 -66.88 43.50 -23.93
CA HIS AB 108 -66.65 43.72 -25.35
C HIS AB 108 -67.54 44.81 -25.90
N CYS AB 109 -68.76 44.95 -25.36
CA CYS AB 109 -69.66 46.04 -25.75
C CYS AB 109 -70.18 46.71 -24.48
N GLY AB 110 -69.38 47.64 -23.94
CA GLY AB 110 -69.80 48.44 -22.80
C GLY AB 110 -70.88 49.46 -23.11
N ALA AB 111 -71.11 49.75 -24.39
CA ALA AB 111 -72.20 50.64 -24.76
C ALA AB 111 -73.57 50.01 -24.52
N LEU AB 112 -73.63 48.68 -24.48
CA LEU AB 112 -74.88 47.97 -24.22
C LEU AB 112 -75.01 47.70 -22.73
N ARG AB 113 -76.14 47.13 -22.33
CA ARG AB 113 -76.40 46.76 -20.95
C ARG AB 113 -76.80 45.29 -20.89
N VAL AB 114 -76.08 44.50 -20.11
CA VAL AB 114 -76.38 43.07 -20.01
C VAL AB 114 -77.64 42.90 -19.17
N LEU AB 115 -78.73 42.44 -19.82
CA LEU AB 115 -79.93 42.16 -19.06
C LEU AB 115 -79.85 40.78 -18.41
N ASN AB 116 -79.80 39.73 -19.23
CA ASN AB 116 -79.70 38.34 -18.79
C ASN AB 116 -79.00 37.54 -19.88
N SER AB 117 -78.97 36.22 -19.70
CA SER AB 117 -78.32 35.30 -20.62
C SER AB 117 -78.83 33.89 -20.34
N TYR AB 118 -78.65 33.01 -21.32
CA TYR AB 118 -79.16 31.66 -21.18
C TYR AB 118 -78.33 30.67 -22.00
N TRP AB 119 -78.32 29.42 -21.53
CA TRP AB 119 -77.56 28.34 -22.15
C TRP AB 119 -78.23 27.88 -23.43
N VAL AB 120 -77.42 27.57 -24.45
CA VAL AB 120 -77.97 27.00 -25.68
C VAL AB 120 -77.24 25.72 -26.09
N GLY AB 121 -76.03 25.50 -25.58
CA GLY AB 121 -75.28 24.34 -26.05
C GLY AB 121 -74.04 23.94 -25.28
N GLU AB 122 -73.73 22.64 -25.31
CA GLU AB 122 -72.49 22.10 -24.77
C GLU AB 122 -72.11 20.88 -25.57
N ASP AB 123 -70.81 20.64 -25.77
CA ASP AB 123 -70.36 19.33 -26.24
C ASP AB 123 -69.42 18.65 -25.26
N SER AB 124 -68.20 19.16 -25.06
CA SER AB 124 -67.34 18.71 -23.97
C SER AB 124 -66.64 19.89 -23.31
N THR AB 125 -66.26 20.85 -24.13
CA THR AB 125 -65.32 21.90 -23.78
C THR AB 125 -65.89 23.29 -23.90
N TYR AB 126 -66.65 23.57 -24.97
CA TYR AB 126 -67.19 24.90 -25.19
C TYR AB 126 -68.64 24.95 -24.72
N LYS AB 127 -68.93 25.89 -23.84
CA LYS AB 127 -70.27 26.12 -23.33
C LYS AB 127 -70.80 27.39 -24.00
N PHE AB 128 -72.01 27.30 -24.54
CA PHE AB 128 -72.54 28.30 -25.45
C PHE AB 128 -73.69 29.05 -24.78
N PHE AB 129 -73.62 30.38 -24.79
CA PHE AB 129 -74.65 31.20 -24.17
C PHE AB 129 -75.14 32.25 -25.16
N GLU AB 130 -76.36 32.71 -24.93
CA GLU AB 130 -76.91 33.86 -25.64
C GLU AB 130 -77.30 34.92 -24.61
N VAL AB 131 -76.79 36.13 -24.81
CA VAL AB 131 -76.93 37.22 -23.86
C VAL AB 131 -77.84 38.27 -24.48
N ILE AB 132 -78.85 38.70 -23.73
CA ILE AB 132 -79.72 39.81 -24.15
C ILE AB 132 -79.12 41.12 -23.67
N LEU AB 133 -79.02 42.08 -24.58
CA LEU AB 133 -78.42 43.38 -24.33
C LEU AB 133 -79.42 44.47 -24.64
N ILE AB 134 -79.49 45.45 -23.74
CA ILE AB 134 -80.39 46.58 -23.84
C ILE AB 134 -79.58 47.76 -24.34
N ASP AB 135 -80.11 48.49 -25.32
CA ASP AB 135 -79.42 49.66 -25.84
C ASP AB 135 -79.99 50.90 -25.17
N PRO AB 136 -79.30 51.50 -24.19
CA PRO AB 136 -79.94 52.54 -23.37
C PRO AB 136 -80.10 53.88 -24.06
N PHE AB 137 -79.64 54.04 -25.31
CA PHE AB 137 -79.75 55.32 -25.99
C PHE AB 137 -80.61 55.25 -27.25
N HIS AB 138 -81.31 54.14 -27.45
CA HIS AB 138 -82.33 54.08 -28.49
C HIS AB 138 -83.63 54.66 -27.94
N LYS AB 139 -84.41 55.29 -28.83
CA LYS AB 139 -85.58 56.05 -28.39
C LYS AB 139 -86.70 55.15 -27.89
N ALA AB 140 -86.82 53.94 -28.42
CA ALA AB 140 -87.85 53.01 -27.96
C ALA AB 140 -87.55 52.45 -26.58
N ILE AB 141 -86.34 52.63 -26.07
CA ILE AB 141 -85.94 52.16 -24.75
C ILE AB 141 -85.88 53.34 -23.80
N ARG AB 142 -85.58 54.53 -24.35
CA ARG AB 142 -85.66 55.74 -23.54
C ARG AB 142 -87.10 56.15 -23.28
N ARG AB 143 -88.03 55.76 -24.14
CA ARG AB 143 -89.46 55.81 -23.84
C ARG AB 143 -89.85 54.49 -23.18
N ASN AB 144 -91.17 54.21 -23.07
CA ASN AB 144 -91.75 52.98 -22.55
C ASN AB 144 -91.29 52.74 -21.12
N PRO AB 145 -91.84 53.48 -20.14
CA PRO AB 145 -91.18 53.61 -18.82
C PRO AB 145 -91.14 52.37 -17.94
N ASP AB 146 -91.55 51.22 -18.45
CA ASP AB 146 -91.22 49.94 -17.82
C ASP AB 146 -89.82 49.46 -18.17
N THR AB 147 -89.08 50.21 -18.99
CA THR AB 147 -87.75 49.85 -19.44
C THR AB 147 -86.70 50.87 -18.98
N GLN AB 148 -87.11 52.09 -18.62
CA GLN AB 148 -86.23 53.22 -18.31
C GLN AB 148 -85.40 53.05 -17.05
N TRP AB 149 -85.54 51.95 -16.29
CA TRP AB 149 -84.71 51.76 -15.11
C TRP AB 149 -83.27 51.44 -15.48
N ILE AB 150 -83.05 50.76 -16.61
CA ILE AB 150 -81.69 50.39 -17.00
C ILE AB 150 -80.98 51.53 -17.71
N THR AB 151 -81.72 52.56 -18.12
CA THR AB 151 -81.10 53.74 -18.71
C THR AB 151 -80.39 54.59 -17.65
N LYS AB 152 -80.80 54.46 -16.39
CA LYS AB 152 -80.18 55.21 -15.30
C LYS AB 152 -78.72 54.76 -15.11
N PRO AB 153 -77.83 55.68 -14.74
CA PRO AB 153 -76.40 55.33 -14.68
C PRO AB 153 -76.00 54.45 -13.49
N VAL AB 154 -76.92 54.12 -12.59
CA VAL AB 154 -76.59 53.17 -11.53
C VAL AB 154 -76.58 51.74 -12.01
N HIS AB 155 -77.08 51.47 -13.21
CA HIS AB 155 -77.09 50.13 -13.79
C HIS AB 155 -76.02 49.96 -14.88
N LYS AB 156 -74.98 50.78 -14.87
CA LYS AB 156 -73.89 50.59 -15.82
C LYS AB 156 -73.04 49.40 -15.40
N HIS AB 157 -72.88 48.45 -16.33
CA HIS AB 157 -72.06 47.24 -16.17
C HIS AB 157 -72.56 46.40 -14.98
N ARG AB 158 -73.79 45.90 -15.14
CA ARG AB 158 -74.35 44.97 -14.16
C ARG AB 158 -73.59 43.66 -14.11
N GLU AB 159 -73.02 43.25 -15.25
CA GLU AB 159 -72.36 41.95 -15.39
C GLU AB 159 -71.08 41.84 -14.58
N MET AB 160 -70.44 42.95 -14.23
CA MET AB 160 -69.20 42.91 -13.47
C MET AB 160 -69.38 43.27 -12.01
N ARG AB 161 -70.55 43.77 -11.63
CA ARG AB 161 -70.86 43.96 -10.22
C ARG AB 161 -71.74 42.84 -9.67
N GLY AB 162 -72.37 42.05 -10.53
CA GLY AB 162 -73.16 40.92 -10.06
C GLY AB 162 -74.61 41.28 -9.81
N LEU AB 163 -75.27 41.84 -10.81
CA LEU AB 163 -76.65 42.28 -10.67
C LEU AB 163 -77.62 41.47 -11.54
N THR AB 164 -77.12 40.55 -12.36
CA THR AB 164 -77.96 39.72 -13.20
C THR AB 164 -78.39 38.47 -12.43
N SER AB 165 -79.09 37.56 -13.11
CA SER AB 165 -79.60 36.36 -12.44
C SER AB 165 -78.47 35.41 -12.08
N ALA AB 166 -77.61 35.09 -13.05
CA ALA AB 166 -76.43 34.27 -12.78
C ALA AB 166 -75.45 34.99 -11.86
N GLY AB 167 -75.41 36.32 -11.91
CA GLY AB 167 -74.57 37.06 -10.98
C GLY AB 167 -75.02 36.93 -9.53
N ARG AB 168 -76.32 37.10 -9.29
CA ARG AB 168 -76.86 36.92 -7.94
C ARG AB 168 -76.76 35.47 -7.48
N LYS AB 169 -76.94 34.52 -8.40
CA LYS AB 169 -76.84 33.11 -8.06
C LYS AB 169 -75.41 32.70 -7.76
N SER AB 170 -74.42 33.41 -8.33
CA SER AB 170 -73.03 33.16 -7.98
C SER AB 170 -72.63 33.89 -6.71
N ARG AB 171 -73.25 35.04 -6.42
CA ARG AB 171 -73.02 35.71 -5.14
C ARG AB 171 -73.58 34.90 -3.98
N GLY AB 172 -74.70 34.22 -4.19
CA GLY AB 172 -75.26 33.38 -3.17
C GLY AB 172 -75.94 34.15 -2.05
N LEU AB 173 -76.95 34.92 -2.40
CA LEU AB 173 -77.74 35.68 -1.43
C LEU AB 173 -79.19 35.24 -1.48
N GLY AB 174 -79.87 35.46 -0.37
CA GLY AB 174 -81.28 35.10 -0.27
C GLY AB 174 -81.74 35.20 1.16
N LYS AB 175 -83.04 35.02 1.34
CA LYS AB 175 -83.65 35.04 2.66
C LYS AB 175 -83.68 33.61 3.21
N GLY AB 176 -83.17 33.42 4.41
CA GLY AB 176 -83.20 32.11 5.02
C GLY AB 176 -82.17 31.97 6.11
N HIS AB 177 -82.16 30.77 6.70
CA HIS AB 177 -81.12 30.39 7.64
C HIS AB 177 -79.91 29.81 6.93
N LYS AB 178 -79.94 29.71 5.61
CA LYS AB 178 -78.84 29.20 4.82
C LYS AB 178 -77.95 30.30 4.27
N PHE AB 179 -78.17 31.55 4.68
CA PHE AB 179 -77.45 32.69 4.12
C PHE AB 179 -77.04 33.67 5.21
N HIS AB 180 -76.51 33.15 6.32
CA HIS AB 180 -76.02 34.04 7.36
C HIS AB 180 -74.61 34.56 7.08
N HIS AB 181 -73.90 33.95 6.13
CA HIS AB 181 -72.58 34.44 5.77
C HIS AB 181 -72.66 35.79 5.07
N THR AB 182 -73.74 36.03 4.35
CA THR AB 182 -74.06 37.34 3.78
C THR AB 182 -75.43 37.76 4.32
N ILE AB 183 -75.42 38.32 5.52
CA ILE AB 183 -76.67 38.65 6.20
C ILE AB 183 -77.33 39.90 5.60
N GLY AB 184 -76.56 40.75 4.93
CA GLY AB 184 -77.13 41.93 4.32
C GLY AB 184 -76.23 42.63 3.32
N GLY AB 185 -76.77 42.93 2.15
CA GLY AB 185 -76.00 43.63 1.13
C GLY AB 185 -75.04 42.71 0.41
N SER AB 186 -73.97 42.29 1.10
CA SER AB 186 -72.98 41.40 0.54
C SER AB 186 -72.22 40.74 1.69
N ARG AB 187 -71.40 39.76 1.34
CA ARG AB 187 -70.60 39.08 2.35
C ARG AB 187 -69.55 39.99 2.95
N ARG AB 188 -69.02 40.95 2.19
CA ARG AB 188 -68.10 41.92 2.78
C ARG AB 188 -68.81 42.93 3.66
N ALA AB 189 -70.06 43.29 3.35
CA ALA AB 189 -70.83 44.15 4.26
C ALA AB 189 -71.17 43.42 5.55
N ALA AB 190 -71.47 42.12 5.45
CA ALA AB 190 -71.72 41.32 6.65
C ALA AB 190 -70.45 41.16 7.48
N TRP AB 191 -69.30 40.98 6.81
CA TRP AB 191 -68.01 40.92 7.49
C TRP AB 191 -67.70 42.25 8.18
N ARG AB 192 -68.03 43.37 7.53
CA ARG AB 192 -67.80 44.68 8.11
C ARG AB 192 -68.68 44.92 9.33
N ARG AB 193 -69.96 44.55 9.26
CA ARG AB 193 -70.85 44.77 10.40
C ARG AB 193 -70.58 43.79 11.53
N ARG AB 194 -69.96 42.64 11.25
CA ARG AB 194 -69.66 41.68 12.31
C ARG AB 194 -68.25 41.83 12.88
N ASN AB 195 -67.38 42.60 12.22
CA ASN AB 195 -66.09 42.94 12.80
C ASN AB 195 -65.93 44.42 13.07
N THR AB 196 -67.00 45.20 13.00
CA THR AB 196 -66.97 46.59 13.44
C THR AB 196 -66.88 46.61 14.96
N LEU AB 197 -65.72 46.99 15.49
CA LEU AB 197 -65.56 47.17 16.93
C LEU AB 197 -66.25 48.49 17.28
N GLN AB 198 -67.52 48.41 17.66
CA GLN AB 198 -68.32 49.60 17.85
C GLN AB 198 -68.09 50.16 19.25
N LEU AB 199 -67.82 51.46 19.32
CA LEU AB 199 -67.60 52.15 20.58
C LEU AB 199 -68.51 53.37 20.65
N HIS AB 200 -68.71 53.87 21.86
CA HIS AB 200 -69.58 55.02 22.07
C HIS AB 200 -68.91 55.99 23.02
N ARG AB 201 -69.41 57.22 23.03
CA ARG AB 201 -68.99 58.23 23.99
C ARG AB 201 -69.21 57.76 25.43
N TYR AB 202 -70.45 57.46 25.77
CA TYR AB 202 -70.77 56.93 27.10
C TYR AB 202 -70.66 55.42 27.09
N ARG AB 203 -69.84 54.88 27.98
CA ARG AB 203 -69.59 53.45 28.01
C ARG AB 203 -69.93 52.84 29.36
N GLN BB 1 15.89 76.30 69.70
CA GLN BB 1 16.02 76.65 68.30
C GLN BB 1 16.74 75.56 67.52
N VAL BB 2 18.05 75.70 67.42
CA VAL BB 2 18.90 74.75 66.71
C VAL BB 2 19.49 73.77 67.71
N LEU BB 3 19.68 72.54 67.25
CA LEU BB 3 20.26 71.46 68.04
C LEU BB 3 21.41 70.87 67.25
N VAL BB 4 22.52 70.60 67.91
CA VAL BB 4 23.70 70.00 67.29
C VAL BB 4 23.97 68.69 67.99
N LEU BB 5 23.90 67.59 67.26
CA LEU BB 5 24.04 66.25 67.82
C LEU BB 5 25.36 65.63 67.42
N ASP BB 6 25.99 64.96 68.39
CA ASP BB 6 27.15 64.12 68.14
C ASP BB 6 26.69 62.87 67.37
N GLY BB 7 27.65 62.25 66.68
CA GLY BB 7 27.38 61.00 66.00
C GLY BB 7 28.26 59.88 66.52
N ARG BB 8 29.19 60.21 67.41
CA ARG BB 8 30.11 59.22 67.93
C ARG BB 8 29.41 58.30 68.91
N GLY BB 9 29.40 57.00 68.61
CA GLY BB 9 28.82 56.02 69.50
C GLY BB 9 27.31 55.97 69.50
N HIS BB 10 26.67 56.41 68.42
CA HIS BB 10 25.23 56.36 68.29
C HIS BB 10 24.83 55.29 67.30
N LEU BB 11 23.59 54.83 67.42
CA LEU BB 11 23.04 53.83 66.51
C LEU BB 11 22.15 54.49 65.47
N LEU BB 12 22.13 53.89 64.28
CA LEU BB 12 21.51 54.50 63.11
C LEU BB 12 20.00 54.61 63.28
N GLY BB 13 19.35 53.50 63.60
CA GLY BB 13 17.90 53.48 63.73
C GLY BB 13 17.37 54.27 64.92
N ARG BB 14 18.05 54.16 66.07
CA ARG BB 14 17.64 54.90 67.26
C ARG BB 14 17.80 56.40 67.05
N LEU BB 15 18.95 56.82 66.51
CA LEU BB 15 19.18 58.23 66.26
C LEU BB 15 18.25 58.77 65.19
N ALA BB 16 17.96 57.97 64.16
CA ALA BB 16 17.00 58.39 63.13
C ALA BB 16 15.59 58.50 63.69
N ALA BB 17 15.22 57.63 64.64
CA ALA BB 17 13.91 57.70 65.26
C ALA BB 17 13.76 58.98 66.09
N ILE BB 18 14.78 59.30 66.88
CA ILE BB 18 14.69 60.47 67.75
C ILE BB 18 14.78 61.76 66.93
N VAL BB 19 15.60 61.78 65.88
CA VAL BB 19 15.69 62.95 65.00
C VAL BB 19 14.40 63.14 64.21
N ALA BB 20 13.83 62.05 63.65
CA ALA BB 20 12.61 62.17 62.88
C ALA BB 20 11.40 62.48 63.77
N LYS BB 21 11.46 62.17 65.06
CA LYS BB 21 10.38 62.61 65.93
C LYS BB 21 10.55 64.07 66.33
N GLN BB 22 11.77 64.51 66.62
CA GLN BB 22 11.98 65.87 67.07
C GLN BB 22 12.04 66.89 65.94
N VAL BB 23 12.11 66.45 64.69
CA VAL BB 23 12.12 67.42 63.58
C VAL BB 23 10.70 67.77 63.16
N LEU BB 24 9.71 66.93 63.48
CA LEU BB 24 8.33 67.25 63.17
C LEU BB 24 7.75 68.26 64.15
N LEU BB 25 8.39 68.47 65.29
CA LEU BB 25 7.92 69.47 66.23
C LEU BB 25 8.45 70.87 65.92
N GLY BB 26 9.50 70.98 65.12
CA GLY BB 26 10.01 72.27 64.69
C GLY BB 26 11.42 72.59 65.15
N ARG BB 27 12.01 71.79 66.03
CA ARG BB 27 13.36 72.06 66.52
C ARG BB 27 14.36 71.73 65.43
N LYS BB 28 15.11 72.74 64.98
CA LYS BB 28 16.00 72.56 63.84
C LYS BB 28 17.22 71.76 64.26
N VAL BB 29 17.18 70.46 64.04
CA VAL BB 29 18.19 69.54 64.54
C VAL BB 29 19.18 69.22 63.43
N VAL BB 30 20.46 69.10 63.78
CA VAL BB 30 21.53 68.80 62.84
C VAL BB 30 22.43 67.72 63.45
N VAL BB 31 22.60 66.62 62.74
CA VAL BB 31 23.46 65.52 63.17
C VAL BB 31 24.84 65.70 62.56
N VAL BB 32 25.84 65.92 63.40
CA VAL BB 32 27.21 66.15 62.98
C VAL BB 32 28.01 64.92 63.42
N ARG BB 33 29.19 64.72 62.81
CA ARG BB 33 30.00 63.49 62.91
C ARG BB 33 29.19 62.27 62.48
N CYS BB 34 28.60 62.34 61.29
CA CYS BB 34 27.73 61.28 60.83
C CYS BB 34 28.52 60.02 60.44
N GLU BB 35 29.81 60.16 60.15
CA GLU BB 35 30.62 58.99 59.82
C GLU BB 35 30.91 58.11 61.02
N GLY BB 36 30.73 58.61 62.23
CA GLY BB 36 30.96 57.84 63.43
C GLY BB 36 29.74 57.11 63.96
N ILE BB 37 28.64 57.09 63.23
CA ILE BB 37 27.42 56.43 63.70
C ILE BB 37 27.57 54.93 63.54
N ASN BB 38 27.45 54.21 64.65
CA ASN BB 38 27.60 52.76 64.61
C ASN BB 38 26.31 52.09 64.16
N ILE BB 39 26.46 50.91 63.58
CA ILE BB 39 25.33 50.08 63.17
C ILE BB 39 25.57 48.68 63.74
N SER BB 40 24.56 48.15 64.42
CA SER BB 40 24.67 46.83 65.03
C SER BB 40 24.70 45.74 63.96
N GLY BB 41 25.25 44.59 64.33
CA GLY BB 41 25.40 43.48 63.43
C GLY BB 41 26.81 43.40 62.86
N ASN BB 42 27.04 42.33 62.11
CA ASN BB 42 28.35 42.13 61.49
C ASN BB 42 28.52 43.09 60.32
N PHE BB 43 29.77 43.51 60.09
CA PHE BB 43 30.04 44.48 59.04
C PHE BB 43 29.88 43.86 57.65
N TYR BB 44 30.21 42.57 57.50
CA TYR BB 44 29.93 41.88 56.25
C TYR BB 44 28.43 41.76 56.00
N ARG BB 45 27.65 41.56 57.08
CA ARG BB 45 26.20 41.54 56.97
C ARG BB 45 25.65 42.89 56.52
N ASN BB 46 26.16 43.98 57.12
CA ASN BB 46 25.68 45.30 56.77
C ASN BB 46 26.06 45.70 55.35
N LYS BB 47 27.28 45.38 54.92
CA LYS BB 47 27.61 45.68 53.53
C LYS BB 47 26.98 44.72 52.55
N LEU BB 48 26.58 43.52 52.98
CA LEU BB 48 25.79 42.65 52.11
C LEU BB 48 24.38 43.21 51.90
N LYS BB 49 23.76 43.72 52.98
CA LYS BB 49 22.47 44.39 52.85
C LYS BB 49 22.58 45.64 52.00
N TYR BB 50 23.66 46.40 52.16
CA TYR BB 50 23.81 47.61 51.35
C TYR BB 50 24.15 47.27 49.90
N LEU BB 51 24.83 46.16 49.66
CA LEU BB 51 25.08 45.71 48.29
C LEU BB 51 23.80 45.25 47.61
N ALA BB 52 22.92 44.60 48.37
CA ALA BB 52 21.59 44.28 47.83
C ALA BB 52 20.80 45.54 47.53
N PHE BB 53 20.89 46.55 48.41
CA PHE BB 53 20.24 47.83 48.17
C PHE BB 53 20.78 48.53 46.93
N LEU BB 54 22.09 48.40 46.67
CA LEU BB 54 22.66 48.91 45.43
C LEU BB 54 22.19 48.11 44.22
N ARG BB 55 21.99 46.80 44.40
CA ARG BB 55 21.47 45.97 43.32
C ARG BB 55 20.04 46.35 42.95
N LYS BB 56 19.28 46.88 43.91
CA LYS BB 56 17.94 47.39 43.63
C LYS BB 56 18.04 48.62 42.72
N ARG BB 57 17.73 48.46 41.43
CA ARG BB 57 17.75 49.59 40.51
C ARG BB 57 16.83 49.30 39.34
N MET BB 58 16.37 50.37 38.69
CA MET BB 58 15.46 50.24 37.57
C MET BB 58 16.22 49.75 36.34
N ASN BB 59 15.66 48.74 35.68
CA ASN BB 59 16.32 48.18 34.50
C ASN BB 59 16.13 49.07 33.27
N THR BB 60 15.02 49.78 33.19
CA THR BB 60 14.73 50.56 31.99
C THR BB 60 15.56 51.84 31.95
N ASN BB 61 15.74 52.50 33.08
CA ASN BB 61 16.60 53.67 33.18
C ASN BB 61 17.07 53.79 34.63
N PRO BB 62 18.36 53.61 34.90
CA PRO BB 62 18.83 53.68 36.29
C PRO BB 62 18.85 55.09 36.85
N SER BB 63 18.95 56.11 35.99
CA SER BB 63 18.93 57.48 36.49
C SER BB 63 17.53 57.89 36.92
N ARG BB 64 16.55 57.73 36.03
CA ARG BB 64 15.15 57.99 36.37
C ARG BB 64 14.68 56.82 37.22
N GLY BB 65 14.83 56.97 38.54
CA GLY BB 65 14.44 55.92 39.45
C GLY BB 65 15.27 55.89 40.72
N PRO BB 66 15.79 54.71 41.08
CA PRO BB 66 16.50 54.57 42.36
C PRO BB 66 17.85 55.26 42.40
N TYR BB 67 17.95 56.29 43.22
CA TYR BB 67 19.22 56.97 43.50
C TYR BB 67 19.83 56.32 44.73
N HIS BB 68 21.13 56.08 44.70
CA HIS BB 68 21.81 55.40 45.80
C HIS BB 68 23.02 56.21 46.21
N PHE BB 69 22.91 56.89 47.35
CA PHE BB 69 24.00 57.70 47.84
C PHE BB 69 25.05 56.85 48.52
N ARG BB 70 26.30 57.31 48.51
CA ARG BB 70 27.38 56.62 49.19
C ARG BB 70 27.90 57.36 50.41
N ALA BB 71 27.70 58.67 50.48
CA ALA BB 71 28.17 59.43 51.63
C ALA BB 71 27.32 59.12 52.85
N PRO BB 72 27.92 59.02 54.04
CA PRO BB 72 27.15 58.60 55.23
C PRO BB 72 26.13 59.63 55.70
N SER BB 73 26.39 60.91 55.47
CA SER BB 73 25.40 61.94 55.77
C SER BB 73 24.15 61.76 54.92
N ARG BB 74 24.32 61.48 53.63
CA ARG BB 74 23.18 61.22 52.77
C ARG BB 74 22.55 59.86 53.02
N ILE BB 75 23.31 58.90 53.55
CA ILE BB 75 22.72 57.64 54.01
C ILE BB 75 21.77 57.89 55.17
N PHE BB 76 22.22 58.67 56.17
CA PHE BB 76 21.35 59.02 57.28
C PHE BB 76 20.17 59.89 56.84
N TRP BB 77 20.37 60.73 55.82
CA TRP BB 77 19.28 61.55 55.32
C TRP BB 77 18.24 60.71 54.57
N ARG BB 78 18.69 59.68 53.84
CA ARG BB 78 17.74 58.74 53.25
C ARG BB 78 17.02 57.92 54.31
N THR BB 79 17.72 57.60 55.41
CA THR BB 79 17.09 56.89 56.51
C THR BB 79 16.00 57.74 57.17
N VAL BB 80 16.22 59.04 57.28
CA VAL BB 80 15.18 59.91 57.82
C VAL BB 80 14.07 60.18 56.78
N ARG BB 81 14.40 60.15 55.48
CA ARG BB 81 13.39 60.26 54.43
C ARG BB 81 12.42 59.08 54.48
N GLY BB 82 12.95 57.86 54.62
CA GLY BB 82 12.12 56.67 54.70
C GLY BB 82 11.25 56.57 55.93
N MET BB 83 11.44 57.47 56.90
CA MET BB 83 10.65 57.52 58.12
C MET BB 83 9.72 58.73 58.19
N LEU BB 84 10.05 59.82 57.51
CA LEU BB 84 9.15 60.95 57.49
C LEU BB 84 8.19 60.86 56.30
N PRO BB 85 6.97 61.41 56.43
CA PRO BB 85 6.07 61.45 55.26
C PRO BB 85 6.49 62.50 54.24
N HIS BB 86 7.52 62.18 53.46
CA HIS BB 86 8.13 63.13 52.54
C HIS BB 86 7.28 63.42 51.31
N LYS BB 87 6.25 62.62 51.03
CA LYS BB 87 5.42 62.88 49.86
C LYS BB 87 4.39 63.96 50.11
N THR BB 88 4.21 64.37 51.36
CA THR BB 88 3.26 65.42 51.71
C THR BB 88 4.06 66.64 52.17
N LYS BB 89 3.38 67.78 52.32
CA LYS BB 89 4.06 69.00 52.77
C LYS BB 89 4.04 69.11 54.30
N ARG BB 90 4.45 68.03 54.95
CA ARG BB 90 4.89 68.03 56.33
C ARG BB 90 6.29 67.44 56.46
N GLY BB 91 6.50 66.24 55.91
CA GLY BB 91 7.82 65.64 55.90
C GLY BB 91 8.80 66.33 54.98
N GLN BB 92 8.31 66.97 53.91
CA GLN BB 92 9.21 67.73 53.05
C GLN BB 92 9.73 68.97 53.77
N ALA BB 93 8.86 69.65 54.53
CA ALA BB 93 9.30 70.75 55.36
C ALA BB 93 10.20 70.28 56.50
N ALA BB 94 9.95 69.08 57.04
CA ALA BB 94 10.82 68.55 58.07
C ALA BB 94 12.21 68.20 57.53
N LEU BB 95 12.27 67.68 56.30
CA LEU BB 95 13.56 67.44 55.67
C LEU BB 95 14.26 68.73 55.30
N ASP BB 96 13.50 69.79 54.99
CA ASP BB 96 14.13 71.09 54.79
C ASP BB 96 14.67 71.66 56.09
N ARG BB 97 14.00 71.38 57.21
CA ARG BB 97 14.53 71.79 58.52
C ARG BB 97 15.75 70.98 58.91
N LEU BB 98 15.79 69.71 58.56
CA LEU BB 98 16.93 68.86 58.88
C LEU BB 98 18.12 69.17 58.00
N LYS BB 99 19.29 69.31 58.60
CA LYS BB 99 20.56 69.40 57.88
C LYS BB 99 21.48 68.31 58.43
N VAL BB 100 22.28 67.71 57.55
CA VAL BB 100 23.21 66.67 57.95
C VAL BB 100 24.58 66.99 57.35
N PHE BB 101 25.63 66.65 58.09
CA PHE BB 101 26.98 66.98 57.69
C PHE BB 101 27.94 65.86 58.06
N ASP BB 102 28.82 65.51 57.12
CA ASP BB 102 29.93 64.63 57.42
C ASP BB 102 31.13 65.45 57.87
N GLY BB 103 31.93 64.89 58.77
CA GLY BB 103 32.92 65.72 59.41
C GLY BB 103 32.23 66.67 60.37
N ILE BB 104 32.88 67.81 60.65
CA ILE BB 104 32.29 68.87 61.45
C ILE BB 104 32.49 70.20 60.73
N PRO BB 105 31.43 70.94 60.42
CA PRO BB 105 31.58 72.27 59.81
C PRO BB 105 32.16 73.28 60.80
N PRO BB 106 32.68 74.41 60.32
CA PRO BB 106 33.29 75.41 61.24
C PRO BB 106 32.32 76.08 62.19
N PRO BB 107 31.04 76.35 61.86
CA PRO BB 107 30.14 76.81 62.94
C PRO BB 107 29.86 75.74 63.99
N TYR BB 108 29.85 74.48 63.59
CA TYR BB 108 29.56 73.40 64.52
C TYR BB 108 30.80 72.96 65.29
N ASP BB 109 31.99 73.41 64.86
CA ASP BB 109 33.16 73.36 65.73
C ASP BB 109 32.91 74.17 66.99
N LYS BB 110 32.40 75.39 66.84
CA LYS BB 110 32.18 76.26 67.98
C LYS BB 110 30.94 75.85 68.76
N LYS BB 111 29.82 75.63 68.07
CA LYS BB 111 28.57 75.33 68.77
C LYS BB 111 28.61 73.94 69.37
N LYS BB 112 28.07 73.82 70.59
CA LYS BB 112 28.24 72.62 71.41
C LYS BB 112 27.42 71.46 70.88
N ARG BB 113 28.02 70.27 70.88
CA ARG BB 113 27.40 69.07 70.34
C ARG BB 113 26.71 68.29 71.44
N MET BB 114 25.44 67.94 71.23
CA MET BB 114 24.67 67.17 72.19
C MET BB 114 24.89 65.68 71.94
N VAL BB 115 24.72 64.90 73.00
CA VAL BB 115 24.82 63.44 72.94
C VAL BB 115 23.51 62.86 73.46
N VAL BB 116 22.79 62.16 72.60
CA VAL BB 116 21.52 61.55 72.96
C VAL BB 116 21.80 60.25 73.72
N PRO BB 117 21.30 60.10 74.95
CA PRO BB 117 21.63 58.90 75.73
C PRO BB 117 20.93 57.63 75.27
N ALA BB 118 19.68 57.75 74.82
CA ALA BB 118 18.90 56.58 74.47
C ALA BB 118 19.30 55.99 73.12
N ALA BB 119 20.10 56.69 72.33
CA ALA BB 119 20.56 56.18 71.05
C ALA BB 119 21.99 55.68 71.10
N LEU BB 120 22.57 55.55 72.30
CA LEU BB 120 23.97 55.19 72.43
C LEU BB 120 24.18 53.69 72.23
N LYS BB 121 25.34 53.37 71.65
CA LYS BB 121 25.79 51.98 71.51
C LYS BB 121 25.92 51.31 72.88
N VAL BB 122 26.44 52.05 73.87
CA VAL BB 122 26.71 51.48 75.18
C VAL BB 122 25.40 51.20 75.91
N VAL BB 123 24.40 52.06 75.70
CA VAL BB 123 23.11 51.86 76.36
C VAL BB 123 22.32 50.77 75.68
N ARG BB 124 22.30 50.75 74.35
CA ARG BB 124 21.38 49.85 73.63
C ARG BB 124 21.97 48.49 73.32
N LEU BB 125 23.28 48.36 73.15
CA LEU BB 125 23.88 47.11 72.71
C LEU BB 125 24.64 46.43 73.84
N LYS BB 126 24.56 45.11 73.87
CA LYS BB 126 25.46 44.33 74.70
C LYS BB 126 26.86 44.42 74.13
N PRO BB 127 27.88 44.67 74.97
CA PRO BB 127 29.24 44.92 74.43
C PRO BB 127 29.92 43.69 73.85
N THR BB 128 29.33 42.51 73.96
CA THR BB 128 29.85 41.30 73.33
C THR BB 128 29.15 40.99 72.02
N ARG BB 129 28.50 41.98 71.41
CA ARG BB 129 27.86 41.83 70.11
C ARG BB 129 28.60 42.67 69.08
N LYS BB 130 28.53 42.26 67.82
CA LYS BB 130 29.29 42.92 66.77
C LYS BB 130 28.65 44.24 66.36
N PHE BB 131 29.44 45.05 65.68
CA PHE BB 131 29.01 46.38 65.26
C PHE BB 131 29.74 46.75 63.98
N ALA BB 132 29.34 47.88 63.39
CA ALA BB 132 29.97 48.34 62.17
C ALA BB 132 29.92 49.86 62.13
N TYR BB 133 30.98 50.46 61.57
CA TYR BB 133 31.08 51.90 61.42
C TYR BB 133 30.48 52.30 60.08
N LEU BB 134 29.60 53.32 60.11
CA LEU BB 134 29.01 53.81 58.87
C LEU BB 134 30.04 54.52 58.01
N GLY BB 135 31.03 55.16 58.62
CA GLY BB 135 32.12 55.75 57.85
C GLY BB 135 33.01 54.71 57.19
N ARG BB 136 33.26 53.59 57.89
CA ARG BB 136 34.01 52.50 57.30
C ARG BB 136 33.25 51.84 56.16
N LEU BB 137 31.94 51.67 56.35
CA LEU BB 137 31.07 51.17 55.27
C LEU BB 137 31.06 52.10 54.07
N ALA BB 138 31.02 53.40 54.31
CA ALA BB 138 30.99 54.37 53.21
C ALA BB 138 32.32 54.44 52.49
N HIS BB 139 33.43 54.34 53.23
CA HIS BB 139 34.73 54.31 52.57
C HIS BB 139 34.94 53.02 51.78
N GLU BB 140 34.38 51.91 52.26
CA GLU BB 140 34.48 50.67 51.50
C GLU BB 140 33.61 50.71 50.25
N VAL BB 141 32.44 51.32 50.32
CA VAL BB 141 31.51 51.34 49.19
C VAL BB 141 31.27 52.81 48.81
N GLY BB 142 32.00 53.28 47.81
CA GLY BB 142 31.66 54.50 47.10
C GLY BB 142 32.25 55.79 47.63
N TRP BB 143 32.02 56.13 48.90
CA TRP BB 143 32.39 57.44 49.45
C TRP BB 143 33.90 57.48 49.62
N LYS BB 144 34.57 58.17 48.70
CA LYS BB 144 36.02 58.19 48.59
C LYS BB 144 36.68 59.29 49.41
N TYR BB 145 35.98 59.81 50.42
CA TYR BB 145 36.38 61.03 51.09
C TYR BB 145 36.71 60.79 52.56
N GLN BB 146 37.44 59.72 52.86
CA GLN BB 146 37.91 59.54 54.22
C GLN BB 146 39.26 60.21 54.46
N ALA BB 147 40.09 60.31 53.42
CA ALA BB 147 41.43 60.88 53.58
C ALA BB 147 41.38 62.38 53.82
N VAL BB 148 40.33 63.06 53.34
CA VAL BB 148 40.17 64.48 53.61
C VAL BB 148 39.47 64.70 54.94
N THR BB 149 38.40 63.94 55.19
CA THR BB 149 37.57 64.13 56.37
C THR BB 149 38.32 63.75 57.65
N ALA BB 150 39.08 62.66 57.61
CA ALA BB 150 39.85 62.25 58.79
C ALA BB 150 41.00 63.23 59.07
N THR BB 151 41.59 63.79 58.01
CA THR BB 151 42.66 64.77 58.19
C THR BB 151 42.12 66.06 58.82
N LEU BB 152 40.99 66.56 58.30
CA LEU BB 152 40.38 67.74 58.89
C LEU BB 152 39.84 67.46 60.29
N GLU BB 153 39.43 66.22 60.56
CA GLU BB 153 38.96 65.85 61.89
C GLU BB 153 40.12 65.84 62.89
N GLU BB 154 41.27 65.32 62.49
CA GLU BB 154 42.44 65.38 63.37
C GLU BB 154 42.93 66.81 63.56
N LYS BB 155 42.76 67.65 62.54
CA LYS BB 155 43.11 69.06 62.66
C LYS BB 155 42.21 69.76 63.68
N ARG BB 156 40.90 69.53 63.62
CA ARG BB 156 40.02 70.17 64.59
C ARG BB 156 40.14 69.54 65.97
N LYS BB 157 40.56 68.27 66.06
CA LYS BB 157 40.86 67.71 67.37
C LYS BB 157 42.10 68.33 67.99
N GLU BB 158 43.11 68.67 67.16
CA GLU BB 158 44.26 69.41 67.67
C GLU BB 158 43.85 70.82 68.09
N LYS BB 159 42.92 71.44 67.36
CA LYS BB 159 42.36 72.73 67.75
C LYS BB 159 41.61 72.62 69.07
N ALA BB 160 40.90 71.52 69.29
CA ALA BB 160 40.18 71.30 70.54
C ALA BB 160 41.15 71.09 71.69
N LYS BB 161 42.26 70.39 71.44
CA LYS BB 161 43.29 70.25 72.47
C LYS BB 161 43.96 71.57 72.81
N ILE BB 162 44.14 72.45 71.82
CA ILE BB 162 44.77 73.74 72.11
C ILE BB 162 43.78 74.72 72.72
N HIS BB 163 42.47 74.45 72.61
CA HIS BB 163 41.50 75.27 73.33
C HIS BB 163 41.24 74.78 74.75
N TYR BB 164 41.29 73.46 74.97
CA TYR BB 164 40.95 72.90 76.26
C TYR BB 164 41.98 73.23 77.34
N ARG BB 165 43.25 73.37 76.96
CA ARG BB 165 44.27 73.80 77.92
C ARG BB 165 44.01 75.22 78.40
N LYS BB 166 43.59 76.10 77.50
CA LYS BB 166 43.27 77.47 77.88
C LYS BB 166 42.01 77.53 78.74
N LYS BB 167 41.00 76.72 78.40
CA LYS BB 167 39.77 76.67 79.20
C LYS BB 167 40.04 76.12 80.61
N LYS BB 168 40.90 75.09 80.70
CA LYS BB 168 41.24 74.52 81.99
C LYS BB 168 42.12 75.47 82.81
N GLN BB 169 42.95 76.27 82.13
CA GLN BB 169 43.72 77.30 82.82
C GLN BB 169 42.81 78.38 83.40
N LEU BB 170 41.80 78.80 82.63
CA LEU BB 170 40.84 79.76 83.15
C LEU BB 170 40.00 79.17 84.28
N MET BB 171 39.71 77.87 84.23
CA MET BB 171 38.97 77.23 85.31
C MET BB 171 39.81 77.13 86.58
N ARG BB 172 41.12 76.87 86.43
CA ARG BB 172 42.01 76.89 87.59
C ARG BB 172 42.14 78.29 88.18
N LEU BB 173 42.15 79.32 87.33
CA LEU BB 173 42.21 80.70 87.83
C LEU BB 173 40.93 81.07 88.59
N ARG BB 174 39.77 80.69 88.06
CA ARG BB 174 38.54 81.04 88.76
C ARG BB 174 38.33 80.20 90.02
N LYS BB 175 38.88 78.98 90.08
CA LYS BB 175 38.83 78.26 91.34
C LYS BB 175 39.86 78.74 92.35
N GLN BB 176 40.99 79.30 91.90
CA GLN BB 176 41.87 80.01 92.81
C GLN BB 176 41.19 81.25 93.38
N ALA BB 177 40.42 81.95 92.53
CA ALA BB 177 39.64 83.09 93.01
C ALA BB 177 38.55 82.66 94.00
N GLU BB 178 37.90 81.51 93.75
CA GLU BB 178 36.92 81.00 94.70
C GLU BB 178 37.58 80.51 95.99
N LYS BB 179 38.82 80.02 95.92
CA LYS BB 179 39.58 79.67 97.12
C LYS BB 179 39.98 80.92 97.91
N ASN BB 180 40.10 82.06 97.24
CA ASN BB 180 40.48 83.31 97.89
C ASN BB 180 39.31 83.82 98.75
N VAL BB 181 39.49 84.98 99.38
CA VAL BB 181 38.71 85.37 100.54
C VAL BB 181 37.60 86.32 100.06
N GLU BB 182 36.64 86.61 100.96
CA GLU BB 182 35.62 87.65 100.83
C GLU BB 182 34.58 87.33 99.78
N LYS BB 183 34.21 86.06 99.68
CA LYS BB 183 33.05 85.63 98.92
C LYS BB 183 32.09 84.81 99.76
N LYS BB 184 32.50 84.41 100.96
CA LYS BB 184 31.77 83.46 101.78
C LYS BB 184 30.50 84.03 102.40
N ILE BB 185 30.36 85.36 102.46
CA ILE BB 185 29.18 85.96 103.08
C ILE BB 185 27.93 85.66 102.27
N ASP BB 186 28.02 85.75 100.95
CA ASP BB 186 26.96 85.28 100.08
C ASP BB 186 26.89 83.76 100.01
N LYS BB 187 28.01 83.07 100.25
CA LYS BB 187 28.02 81.62 100.18
C LYS BB 187 27.31 80.96 101.35
N TYR BB 188 27.30 81.58 102.53
CA TYR BB 188 26.48 81.06 103.64
C TYR BB 188 25.00 81.08 103.28
N THR BB 189 24.53 82.19 102.71
CA THR BB 189 23.16 82.30 102.24
C THR BB 189 22.88 81.31 101.10
N GLU BB 190 23.87 81.09 100.23
CA GLU BB 190 23.68 80.15 99.12
C GLU BB 190 23.59 78.70 99.61
N VAL BB 191 24.43 78.32 100.58
CA VAL BB 191 24.39 76.97 101.11
C VAL BB 191 23.11 76.74 101.91
N LEU BB 192 22.72 77.71 102.74
CA LEU BB 192 21.47 77.59 103.47
C LEU BB 192 20.24 77.74 102.57
N LYS BB 193 20.42 78.25 101.36
CA LYS BB 193 19.35 78.34 100.38
C LYS BB 193 19.80 77.66 99.08
N THR BB 194 20.27 76.41 99.21
CA THR BB 194 20.50 75.46 98.11
C THR BB 194 21.62 75.94 97.18
N HIS BB 195 22.84 75.81 97.69
CA HIS BB 195 24.03 75.86 96.85
C HIS BB 195 23.99 74.81 95.74
N VAL CB 1 -21.49 100.04 18.45
CA VAL CB 1 -20.62 98.90 18.71
C VAL CB 1 -20.02 99.01 20.11
N ARG CB 2 -19.59 97.88 20.65
CA ARG CB 2 -18.99 97.82 21.98
C ARG CB 2 -17.64 97.14 21.91
N TYR CB 3 -16.75 97.55 22.81
CA TYR CB 3 -15.42 96.98 22.93
C TYR CB 3 -15.20 96.49 24.36
N SER CB 4 -14.51 95.37 24.48
CA SER CB 4 -14.07 94.91 25.78
C SER CB 4 -12.94 95.79 26.28
N LEU CB 5 -12.88 95.97 27.61
CA LEU CB 5 -11.89 96.80 28.31
C LEU CB 5 -11.93 98.24 27.80
N ASP CB 6 -13.04 98.90 28.14
CA ASP CB 6 -13.22 100.32 27.81
C ASP CB 6 -12.12 101.15 28.47
N PRO CB 7 -11.61 102.17 27.78
CA PRO CB 7 -10.44 102.90 28.29
C PRO CB 7 -10.79 103.83 29.44
N GLU CB 8 -9.80 104.58 29.88
CA GLU CB 8 -9.99 105.54 30.97
C GLU CB 8 -10.89 106.69 30.53
N ASN CB 9 -10.72 107.16 29.30
CA ASN CB 9 -11.53 108.23 28.75
C ASN CB 9 -11.54 108.12 27.23
N PRO CB 10 -12.64 108.50 26.57
CA PRO CB 10 -12.66 108.52 25.11
C PRO CB 10 -11.96 109.72 24.50
N THR CB 11 -11.46 110.65 25.31
CA THR CB 11 -10.77 111.83 24.78
C THR CB 11 -9.37 111.46 24.31
N LYS CB 12 -8.57 110.85 25.16
CA LYS CB 12 -7.20 110.51 24.86
C LYS CB 12 -7.03 109.10 24.29
N SER CB 13 -8.07 108.54 23.68
CA SER CB 13 -8.00 107.18 23.17
C SER CB 13 -8.70 107.08 21.81
N CYS CB 14 -8.12 106.30 20.91
CA CYS CB 14 -8.73 105.97 19.64
C CYS CB 14 -8.96 104.47 19.57
N LYS CB 15 -9.71 104.04 18.55
CA LYS CB 15 -10.17 102.67 18.46
C LYS CB 15 -10.22 102.23 17.01
N SER CB 16 -10.06 100.93 16.79
CA SER CB 16 -10.13 100.37 15.44
C SER CB 16 -10.58 98.92 15.49
N ARG CB 17 -11.10 98.45 14.36
CA ARG CB 17 -11.67 97.12 14.26
C ARG CB 17 -11.56 96.61 12.83
N GLY CB 18 -11.34 95.31 12.69
CA GLY CB 18 -11.56 94.62 11.43
C GLY CB 18 -12.50 93.45 11.65
N SER CB 19 -13.36 93.19 10.66
CA SER CB 19 -14.39 92.16 10.79
C SER CB 19 -14.43 91.29 9.55
N ASN CB 20 -14.43 89.97 9.77
CA ASN CB 20 -14.59 88.93 8.74
C ASN CB 20 -13.51 89.04 7.66
N LEU CB 21 -12.26 88.84 8.08
CA LEU CB 21 -11.11 88.94 7.21
C LEU CB 21 -10.30 87.64 7.23
N ARG CB 22 -9.96 87.15 6.04
CA ARG CB 22 -9.40 85.81 5.85
C ARG CB 22 -7.95 85.75 6.31
N VAL CB 23 -7.76 85.35 7.56
CA VAL CB 23 -6.45 85.09 8.15
C VAL CB 23 -6.54 83.80 8.95
N HIS CB 24 -5.49 83.47 9.69
CA HIS CB 24 -5.56 82.44 10.70
C HIS CB 24 -5.67 83.07 12.07
N PHE CB 25 -6.63 82.58 12.86
CA PHE CB 25 -6.86 83.08 14.21
C PHE CB 25 -5.66 82.87 15.12
N LYS CB 26 -4.99 81.72 14.99
CA LYS CB 26 -3.85 81.42 15.85
C LYS CB 26 -2.67 82.32 15.54
N ASN CB 27 -2.40 82.56 14.24
CA ASN CB 27 -1.32 83.46 13.85
C ASN CB 27 -1.61 84.89 14.27
N THR CB 28 -2.86 85.35 14.11
CA THR CB 28 -3.17 86.71 14.50
C THR CB 28 -3.18 86.89 16.02
N ARG CB 29 -3.57 85.86 16.78
CA ARG CB 29 -3.49 85.96 18.23
C ARG CB 29 -2.04 86.02 18.68
N GLU CB 30 -1.18 85.18 18.08
CA GLU CB 30 0.20 85.14 18.51
C GLU CB 30 0.99 86.37 18.06
N THR CB 31 0.57 87.05 16.99
CA THR CB 31 1.21 88.33 16.71
C THR CB 31 0.59 89.49 17.48
N ALA CB 32 -0.68 89.39 17.89
CA ALA CB 32 -1.28 90.43 18.70
C ALA CB 32 -0.72 90.42 20.12
N GLN CB 33 -0.35 89.24 20.63
CA GLN CB 33 0.28 89.18 21.95
C GLN CB 33 1.68 89.77 21.94
N ALA CB 34 2.34 89.82 20.77
CA ALA CB 34 3.62 90.49 20.67
C ALA CB 34 3.46 91.98 20.42
N ILE CB 35 2.38 92.38 19.74
CA ILE CB 35 2.12 93.80 19.51
C ILE CB 35 1.71 94.49 20.81
N LYS CB 36 0.94 93.79 21.65
CA LYS CB 36 0.34 94.42 22.83
C LYS CB 36 1.39 94.80 23.88
N GLY CB 37 1.37 96.08 24.26
CA GLY CB 37 2.34 96.60 25.21
C GLY CB 37 3.56 97.15 24.51
N MET CB 38 3.34 98.03 23.52
CA MET CB 38 4.42 98.51 22.68
C MET CB 38 4.00 99.84 22.07
N HIS CB 39 4.99 100.72 21.88
CA HIS CB 39 4.79 101.99 21.19
C HIS CB 39 4.40 101.74 19.73
N ILE CB 40 3.72 102.72 19.13
CA ILE CB 40 3.15 102.51 17.80
C ILE CB 40 4.24 102.51 16.71
N ARG CB 41 5.27 103.34 16.86
CA ARG CB 41 6.36 103.32 15.88
C ARG CB 41 7.21 102.06 16.03
N LYS CB 42 7.40 101.59 17.26
CA LYS CB 42 8.08 100.32 17.49
C LYS CB 42 7.28 99.16 16.93
N ALA CB 43 5.94 99.22 17.00
CA ALA CB 43 5.11 98.18 16.43
C ALA CB 43 5.14 98.21 14.90
N THR CB 44 5.18 99.40 14.31
CA THR CB 44 5.29 99.52 12.85
C THR CB 44 6.63 98.98 12.35
N LYS CB 45 7.72 99.35 13.03
CA LYS CB 45 9.04 98.80 12.69
C LYS CB 45 9.10 97.30 12.93
N TYR CB 46 8.42 96.81 13.97
CA TYR CB 46 8.38 95.39 14.27
C TYR CB 46 7.67 94.61 13.17
N LEU CB 47 6.53 95.12 12.70
CA LEU CB 47 5.79 94.42 11.65
C LEU CB 47 6.47 94.53 10.29
N LYS CB 48 7.18 95.63 10.02
CA LYS CB 48 8.02 95.67 8.82
C LYS CB 48 9.17 94.68 8.91
N ASP CB 49 9.75 94.49 10.10
CA ASP CB 49 10.76 93.45 10.27
C ASP CB 49 10.17 92.05 10.16
N VAL CB 50 8.90 91.86 10.53
CA VAL CB 50 8.24 90.58 10.33
C VAL CB 50 8.05 90.30 8.84
N THR CB 51 7.61 91.32 8.08
CA THR CB 51 7.45 91.15 6.64
C THR CB 51 8.79 90.99 5.92
N LEU CB 52 9.86 91.54 6.47
CA LEU CB 52 11.19 91.32 5.91
C LEU CB 52 11.91 90.13 6.52
N GLN CB 53 11.25 89.41 7.45
CA GLN CB 53 11.79 88.22 8.12
C GLN CB 53 13.09 88.51 8.87
N LYS CB 54 13.16 89.70 9.48
CA LYS CB 54 14.32 90.07 10.29
C LYS CB 54 14.09 89.94 11.78
N GLN CB 55 12.84 90.01 12.23
CA GLN CB 55 12.48 89.83 13.63
C GLN CB 55 11.21 89.02 13.68
N CYS CB 56 11.20 87.96 14.49
CA CYS CB 56 10.16 86.96 14.41
C CYS CB 56 9.02 87.25 15.36
N VAL CB 57 8.07 86.32 15.41
CA VAL CB 57 6.93 86.35 16.31
C VAL CB 57 6.93 85.04 17.09
N PRO CB 58 7.07 85.05 18.41
CA PRO CB 58 7.11 83.79 19.15
C PRO CB 58 5.72 83.20 19.31
N PHE CB 59 5.63 81.89 19.15
CA PHE CB 59 4.38 81.16 19.40
C PHE CB 59 4.44 80.63 20.83
N ARG CB 60 3.69 81.27 21.72
CA ARG CB 60 3.73 80.93 23.13
C ARG CB 60 2.64 79.93 23.52
N ARG CB 61 1.42 80.13 23.01
CA ARG CB 61 0.30 79.24 23.34
C ARG CB 61 0.01 78.24 22.23
N TYR CB 62 -0.23 78.72 21.02
CA TYR CB 62 -0.54 77.85 19.88
C TYR CB 62 0.78 77.40 19.22
N ASN CB 63 1.49 76.54 19.95
CA ASN CB 63 2.85 76.15 19.62
C ASN CB 63 2.97 74.65 19.36
N GLY CB 64 2.00 74.09 18.64
CA GLY CB 64 2.03 72.67 18.36
C GLY CB 64 2.76 72.33 17.09
N GLY CB 65 3.92 71.69 17.23
CA GLY CB 65 4.68 71.27 16.06
C GLY CB 65 5.33 72.38 15.28
N VAL CB 66 5.58 73.52 15.92
CA VAL CB 66 6.16 74.68 15.26
C VAL CB 66 7.67 74.60 15.39
N GLY CB 67 8.38 74.76 14.27
CA GLY CB 67 9.81 74.75 14.29
C GLY CB 67 10.41 75.96 14.97
N ARG CB 68 11.68 75.83 15.34
CA ARG CB 68 12.34 76.88 16.11
C ARG CB 68 12.94 77.93 15.19
N CYS CB 69 13.54 78.95 15.81
CA CYS CB 69 14.28 79.97 15.09
C CYS CB 69 15.26 80.61 16.06
N ALA CB 70 16.25 81.31 15.50
CA ALA CB 70 17.25 81.97 16.33
C ALA CB 70 16.76 83.31 16.84
N GLN CB 71 15.83 83.94 16.14
CA GLN CB 71 15.38 85.29 16.48
C GLN CB 71 14.45 85.35 17.68
N ALA CB 72 14.04 84.19 18.22
CA ALA CB 72 13.10 84.17 19.34
C ALA CB 72 13.75 84.47 20.68
N LYS CB 73 15.08 84.50 20.74
CA LYS CB 73 15.78 84.75 22.01
C LYS CB 73 15.62 86.17 22.52
N GLN CB 74 15.12 87.10 21.70
CA GLN CB 74 14.74 88.41 22.22
C GLN CB 74 13.50 88.31 23.12
N TRP CB 75 12.65 87.31 22.87
CA TRP CB 75 11.42 87.15 23.62
C TRP CB 75 11.52 86.17 24.77
N GLY CB 76 12.69 85.56 24.97
CA GLY CB 76 12.83 84.55 26.00
C GLY CB 76 12.12 83.26 25.69
N TRP CB 77 11.96 82.94 24.40
CA TRP CB 77 11.19 81.79 23.96
C TRP CB 77 12.02 81.03 22.94
N THR CB 78 11.66 79.77 22.71
CA THR CB 78 12.42 78.92 21.79
C THR CB 78 11.87 78.90 20.38
N GLN CB 79 10.56 78.83 20.22
CA GLN CB 79 9.94 78.70 18.91
C GLN CB 79 9.59 80.06 18.32
N GLY CB 80 9.32 80.07 17.03
CA GLY CB 80 8.98 81.31 16.35
C GLY CB 80 8.58 81.06 14.91
N ARG CB 81 7.92 82.06 14.34
CA ARG CB 81 7.42 82.00 12.97
C ARG CB 81 7.16 83.43 12.53
N TRP CB 82 7.14 83.65 11.21
CA TRP CB 82 7.07 84.98 10.60
C TRP CB 82 5.79 85.17 9.80
N PRO CB 83 4.67 85.55 10.44
CA PRO CB 83 3.41 85.67 9.69
C PRO CB 83 3.34 86.90 8.78
N LYS CB 84 3.53 86.67 7.48
CA LYS CB 84 3.48 87.73 6.49
C LYS CB 84 2.08 88.34 6.38
N LYS CB 85 1.07 87.48 6.18
CA LYS CB 85 -0.26 87.97 5.89
C LYS CB 85 -0.91 88.58 7.13
N SER CB 86 -0.68 87.98 8.29
CA SER CB 86 -1.11 88.57 9.55
C SER CB 86 -0.41 89.89 9.83
N ALA CB 87 0.88 89.99 9.50
CA ALA CB 87 1.58 91.26 9.65
C ALA CB 87 1.03 92.32 8.70
N GLU CB 88 0.65 91.94 7.48
CA GLU CB 88 0.10 92.88 6.52
C GLU CB 88 -1.25 93.41 6.97
N PHE CB 89 -2.14 92.51 7.42
CA PHE CB 89 -3.46 92.93 7.87
C PHE CB 89 -3.39 93.75 9.14
N LEU CB 90 -2.54 93.35 10.11
CA LEU CB 90 -2.49 94.12 11.34
C LEU CB 90 -1.74 95.44 11.16
N LEU CB 91 -0.84 95.52 10.17
CA LEU CB 91 -0.25 96.82 9.85
C LEU CB 91 -1.27 97.73 9.16
N HIS CB 92 -2.15 97.14 8.35
CA HIS CB 92 -3.23 97.94 7.75
C HIS CB 92 -4.19 98.46 8.79
N MET CB 93 -4.54 97.64 9.79
CA MET CB 93 -5.39 98.15 10.86
C MET CB 93 -4.67 99.10 11.82
N LEU CB 94 -3.34 98.98 11.97
CA LEU CB 94 -2.63 100.02 12.71
C LEU CB 94 -2.59 101.34 11.95
N LYS CB 95 -2.51 101.29 10.62
CA LYS CB 95 -2.64 102.51 9.82
C LYS CB 95 -4.05 103.10 9.92
N ASN CB 96 -5.06 102.23 9.99
CA ASN CB 96 -6.43 102.70 10.20
C ASN CB 96 -6.59 103.36 11.56
N ALA CB 97 -5.98 102.78 12.60
CA ALA CB 97 -6.02 103.40 13.93
C ALA CB 97 -5.25 104.71 13.96
N GLU CB 98 -4.15 104.82 13.20
CA GLU CB 98 -3.43 106.07 13.08
C GLU CB 98 -4.27 107.15 12.40
N SER CB 99 -5.01 106.77 11.36
CA SER CB 99 -5.89 107.72 10.68
C SER CB 99 -7.05 108.14 11.57
N ASN CB 100 -7.56 107.22 12.39
CA ASN CB 100 -8.64 107.57 13.31
C ASN CB 100 -8.15 108.47 14.43
N ALA CB 101 -6.91 108.27 14.91
CA ALA CB 101 -6.33 109.18 15.88
C ALA CB 101 -6.06 110.55 15.27
N GLU CB 102 -5.72 110.59 13.98
CA GLU CB 102 -5.55 111.88 13.30
C GLU CB 102 -6.88 112.61 13.15
N LEU CB 103 -7.96 111.86 12.90
CA LEU CB 103 -9.29 112.47 12.83
C LEU CB 103 -9.74 112.98 14.19
N LYS CB 104 -9.48 112.21 15.26
CA LYS CB 104 -9.87 112.66 16.59
C LYS CB 104 -8.98 113.77 17.12
N GLY CB 105 -7.78 113.93 16.56
CA GLY CB 105 -6.92 115.02 16.97
C GLY CB 105 -6.13 114.75 18.24
N LEU CB 106 -5.31 113.71 18.21
CA LEU CB 106 -4.44 113.35 19.32
C LEU CB 106 -3.00 113.65 18.97
N ASP CB 107 -2.13 113.56 19.98
CA ASP CB 107 -0.69 113.66 19.77
C ASP CB 107 -0.21 112.37 19.13
N VAL CB 108 -0.14 112.38 17.79
CA VAL CB 108 0.00 111.16 17.01
C VAL CB 108 1.36 110.48 17.15
N ASP CB 109 2.34 111.16 17.74
CA ASP CB 109 3.67 110.59 17.88
C ASP CB 109 3.85 109.76 19.14
N SER CB 110 2.92 109.83 20.09
CA SER CB 110 3.10 109.22 21.41
C SER CB 110 1.96 108.26 21.77
N LEU CB 111 1.40 107.55 20.80
CA LEU CB 111 0.39 106.53 21.09
C LEU CB 111 1.05 105.22 21.47
N VAL CB 112 0.46 104.53 22.45
CA VAL CB 112 0.83 103.16 22.77
C VAL CB 112 -0.42 102.30 22.63
N ILE CB 113 -0.21 101.01 22.42
CA ILE CB 113 -1.29 100.08 22.16
C ILE CB 113 -1.64 99.39 23.48
N GLU CB 114 -2.66 99.91 24.16
CA GLU CB 114 -3.01 99.41 25.49
C GLU CB 114 -3.78 98.10 25.40
N HIS CB 115 -4.78 98.04 24.52
CA HIS CB 115 -5.65 96.88 24.41
C HIS CB 115 -5.72 96.41 22.97
N ILE CB 116 -5.55 95.10 22.79
CA ILE CB 116 -5.80 94.45 21.51
C ILE CB 116 -6.59 93.18 21.81
N GLN CB 117 -7.42 92.77 20.85
CA GLN CB 117 -8.35 91.69 21.09
C GLN CB 117 -8.62 90.98 19.78
N VAL CB 118 -8.66 89.65 19.83
CA VAL CB 118 -8.90 88.83 18.65
C VAL CB 118 -9.82 87.68 19.04
N ASN CB 119 -10.81 87.40 18.19
CA ASN CB 119 -11.80 86.37 18.45
C ASN CB 119 -12.37 85.89 17.11
N LYS CB 120 -12.84 84.66 17.10
CA LYS CB 120 -13.06 83.91 15.87
C LYS CB 120 -14.32 84.37 15.14
N ALA CB 121 -14.14 84.78 13.89
CA ALA CB 121 -15.25 85.11 13.00
C ALA CB 121 -15.94 83.82 12.54
N PRO CB 122 -17.18 83.89 12.06
CA PRO CB 122 -17.83 82.66 11.55
C PRO CB 122 -17.16 82.18 10.27
N LYS CB 123 -16.67 80.95 10.30
CA LYS CB 123 -15.86 80.41 9.23
C LYS CB 123 -16.70 79.86 8.09
N MET CB 124 -16.11 79.85 6.89
CA MET CB 124 -16.76 79.36 5.69
C MET CB 124 -16.22 77.98 5.35
N ARG CB 125 -17.12 77.10 4.90
CA ARG CB 125 -16.81 75.69 4.73
C ARG CB 125 -16.57 75.36 3.25
N ARG CB 126 -15.46 74.68 2.97
CA ARG CB 126 -15.20 74.02 1.71
C ARG CB 126 -15.09 72.52 1.98
N ARG CB 127 -14.71 71.76 0.97
CA ARG CB 127 -14.64 70.31 1.11
C ARG CB 127 -13.40 69.75 0.42
N THR CB 128 -12.91 68.65 0.96
CA THR CB 128 -11.79 67.90 0.39
C THR CB 128 -12.33 66.71 -0.39
N TYR CB 129 -11.40 65.90 -0.90
CA TYR CB 129 -11.73 64.66 -1.61
C TYR CB 129 -10.71 63.63 -1.15
N ARG CB 130 -11.03 62.91 -0.09
CA ARG CB 130 -10.15 61.94 0.52
C ARG CB 130 -10.37 60.57 -0.10
N ALA CB 131 -9.82 59.55 0.55
CA ALA CB 131 -9.94 58.19 0.04
C ALA CB 131 -11.35 57.66 0.22
N HIS CB 132 -11.67 56.63 -0.58
CA HIS CB 132 -12.92 55.85 -0.50
C HIS CB 132 -14.16 56.71 -0.75
N GLY CB 133 -14.00 57.80 -1.50
CA GLY CB 133 -15.12 58.66 -1.85
C GLY CB 133 -15.72 59.42 -0.69
N ARG CB 134 -14.94 59.64 0.37
CA ARG CB 134 -15.43 60.35 1.55
C ARG CB 134 -15.17 61.84 1.41
N ILE CB 135 -16.02 62.63 2.06
CA ILE CB 135 -15.95 64.09 2.02
C ILE CB 135 -15.69 64.57 3.45
N ASN CB 136 -14.57 65.24 3.65
CA ASN CB 136 -14.25 65.86 4.92
C ASN CB 136 -14.20 67.38 4.75
N PRO CB 137 -14.60 68.14 5.77
CA PRO CB 137 -14.68 69.59 5.61
C PRO CB 137 -13.30 70.24 5.55
N TYR CB 138 -13.24 71.35 4.81
CA TYR CB 138 -12.01 72.10 4.57
C TYR CB 138 -12.34 73.54 4.92
N MET CB 139 -12.25 73.87 6.20
CA MET CB 139 -12.83 75.10 6.73
C MET CB 139 -11.73 76.09 7.10
N SER CB 140 -12.03 77.37 6.90
CA SER CB 140 -11.11 78.45 7.24
C SER CB 140 -11.21 78.77 8.72
N SER CB 141 -10.52 79.82 9.15
CA SER CB 141 -10.71 80.36 10.49
C SER CB 141 -10.46 81.86 10.51
N PRO CB 142 -11.37 82.69 10.01
CA PRO CB 142 -11.18 84.14 10.09
C PRO CB 142 -11.43 84.62 11.52
N CYS CB 143 -11.08 85.89 11.75
CA CYS CB 143 -11.21 86.44 13.08
C CYS CB 143 -11.67 87.89 13.02
N HIS CB 144 -12.22 88.36 14.14
CA HIS CB 144 -12.50 89.78 14.34
C HIS CB 144 -11.38 90.37 15.19
N ILE CB 145 -10.90 91.54 14.77
CA ILE CB 145 -9.76 92.18 15.43
C ILE CB 145 -10.25 93.50 16.01
N GLU CB 146 -9.96 93.72 17.29
CA GLU CB 146 -10.26 94.99 17.95
C GLU CB 146 -9.00 95.54 18.58
N MET CB 147 -8.85 96.86 18.53
CA MET CB 147 -7.69 97.48 19.17
C MET CB 147 -8.06 98.85 19.74
N ILE CB 148 -7.56 99.10 20.95
CA ILE CB 148 -7.78 100.35 21.66
C ILE CB 148 -6.40 100.94 21.96
N LEU CB 149 -6.13 102.13 21.42
CA LEU CB 149 -4.85 102.77 21.60
C LEU CB 149 -5.00 103.97 22.53
N THR CB 150 -3.92 104.33 23.21
CA THR CB 150 -3.95 105.34 24.26
C THR CB 150 -2.67 106.16 24.19
N GLU CB 151 -2.79 107.45 24.48
CA GLU CB 151 -1.60 108.30 24.63
C GLU CB 151 -0.80 107.89 25.86
N LYS CB 152 0.52 108.05 25.75
CA LYS CB 152 1.42 107.74 26.85
C LYS CB 152 1.81 109.04 27.56
N GLU CB 153 1.65 109.06 28.88
CA GLU CB 153 1.97 110.25 29.67
C GLU CB 153 2.97 109.92 30.77
N GLY DB 1 -26.72 48.53 66.95
CA GLY DB 1 -27.97 47.82 66.95
C GLY DB 1 -28.49 47.59 68.35
N VAL DB 2 -29.82 47.58 68.50
CA VAL DB 2 -30.43 47.23 69.78
C VAL DB 2 -31.39 46.08 69.57
N ASP DB 3 -32.41 46.31 68.74
CA ASP DB 3 -33.51 45.36 68.57
C ASP DB 3 -33.13 44.35 67.48
N ILE DB 4 -32.91 43.11 67.91
CA ILE DB 4 -32.74 42.00 66.96
C ILE DB 4 -34.07 41.60 66.33
N ARG DB 5 -35.19 42.01 66.92
CA ARG DB 5 -36.51 41.70 66.39
C ARG DB 5 -36.77 42.42 65.08
N HIS DB 6 -37.69 41.88 64.29
CA HIS DB 6 -38.09 42.51 63.04
C HIS DB 6 -38.80 43.83 63.30
N ASN DB 7 -38.67 44.75 62.36
CA ASN DB 7 -39.29 46.07 62.49
C ASN DB 7 -40.66 46.02 61.81
N LYS DB 8 -41.69 45.69 62.59
CA LYS DB 8 -43.08 45.81 62.17
C LYS DB 8 -43.63 47.07 62.84
N ASP DB 9 -43.56 48.19 62.12
CA ASP DB 9 -43.78 49.49 62.73
C ASP DB 9 -45.26 49.75 63.03
N ARG DB 10 -46.10 49.82 62.01
CA ARG DB 10 -47.53 50.03 62.22
C ARG DB 10 -48.23 48.67 62.21
N LYS DB 11 -49.15 48.49 63.16
CA LYS DB 11 -49.72 47.17 63.32
C LYS DB 11 -50.62 46.73 62.15
N VAL DB 12 -51.88 47.19 62.10
CA VAL DB 12 -52.78 46.92 60.97
C VAL DB 12 -53.64 48.15 60.69
N ARG DB 13 -53.71 49.06 61.65
CA ARG DB 13 -54.95 49.80 61.88
C ARG DB 13 -55.16 50.93 60.89
N ARG DB 14 -56.43 51.26 60.69
CA ARG DB 14 -56.85 52.47 60.00
C ARG DB 14 -57.24 53.50 61.04
N LYS DB 15 -56.43 54.57 61.16
CA LYS DB 15 -56.72 55.60 62.15
C LYS DB 15 -57.83 56.53 61.67
N GLU DB 16 -57.60 57.24 60.57
CA GLU DB 16 -58.64 58.14 60.12
C GLU DB 16 -59.48 57.48 59.04
N PRO DB 17 -60.80 57.74 59.01
CA PRO DB 17 -61.64 57.16 57.96
C PRO DB 17 -61.32 57.75 56.60
N LYS DB 18 -61.13 56.87 55.62
CA LYS DB 18 -60.71 57.28 54.29
C LYS DB 18 -61.82 57.99 53.54
N SER DB 19 -63.07 57.78 53.94
CA SER DB 19 -64.19 58.49 53.34
C SER DB 19 -64.14 59.98 53.67
N GLN DB 20 -64.32 60.81 52.65
CA GLN DB 20 -64.30 62.25 52.79
C GLN DB 20 -65.67 62.84 53.12
N ASP DB 21 -66.64 62.01 53.47
CA ASP DB 21 -67.98 62.48 53.83
C ASP DB 21 -67.93 63.35 55.07
N ILE DB 22 -68.46 64.57 54.93
CA ILE DB 22 -68.42 65.56 56.02
C ILE DB 22 -69.26 65.11 57.20
N TYR DB 23 -70.43 64.54 56.94
CA TYR DB 23 -71.30 64.06 58.01
C TYR DB 23 -70.67 62.87 58.73
N LEU DB 24 -69.98 62.00 57.97
CA LEU DB 24 -69.26 60.90 58.58
C LEU DB 24 -68.10 61.40 59.42
N ARG DB 25 -67.42 62.46 58.98
CA ARG DB 25 -66.34 63.04 59.78
C ARG DB 25 -66.86 63.70 61.04
N LEU DB 26 -68.04 64.33 60.99
CA LEU DB 26 -68.63 64.91 62.19
C LEU DB 26 -69.05 63.83 63.17
N LEU DB 27 -69.61 62.72 62.68
CA LEU DB 27 -69.92 61.59 63.55
C LEU DB 27 -68.65 60.97 64.13
N VAL DB 28 -67.57 60.92 63.34
CA VAL DB 28 -66.28 60.43 63.84
C VAL DB 28 -65.75 61.33 64.95
N LYS DB 29 -65.87 62.66 64.79
CA LYS DB 29 -65.45 63.59 65.83
C LYS DB 29 -66.26 63.42 67.11
N LEU DB 30 -67.58 63.31 66.97
CA LEU DB 30 -68.47 63.23 68.12
C LEU DB 30 -68.27 61.91 68.88
N TYR DB 31 -68.24 60.79 68.16
CA TYR DB 31 -68.05 59.51 68.82
C TYR DB 31 -66.61 59.27 69.24
N ARG DB 32 -65.63 59.98 68.66
CA ARG DB 32 -64.28 59.94 69.19
C ARG DB 32 -64.21 60.65 70.54
N PHE DB 33 -64.87 61.81 70.63
CA PHE DB 33 -64.95 62.53 71.90
C PHE DB 33 -65.67 61.70 72.96
N LEU DB 34 -66.76 61.04 72.58
CA LEU DB 34 -67.46 60.19 73.55
C LEU DB 34 -66.65 58.96 73.92
N ALA DB 35 -65.91 58.40 72.96
CA ALA DB 35 -65.13 57.19 73.23
C ALA DB 35 -63.92 57.48 74.11
N ARG DB 36 -63.38 58.69 74.04
CA ARG DB 36 -62.25 59.03 74.91
C ARG DB 36 -62.67 59.80 76.15
N ARG DB 37 -63.95 60.15 76.29
CA ARG DB 37 -64.40 60.90 77.47
C ARG DB 37 -65.51 60.24 78.28
N THR DB 38 -66.04 59.09 77.87
CA THR DB 38 -67.14 58.49 78.61
C THR DB 38 -66.82 57.12 79.21
N ASN DB 39 -65.63 56.58 78.94
CA ASN DB 39 -65.21 55.22 79.34
C ASN DB 39 -66.21 54.15 78.89
N SER DB 40 -66.72 54.32 77.68
CA SER DB 40 -67.75 53.43 77.14
C SER DB 40 -67.14 52.61 76.00
N THR DB 41 -67.03 51.30 76.23
CA THR DB 41 -66.51 50.42 75.20
C THR DB 41 -67.50 50.26 74.06
N PHE DB 42 -68.79 50.51 74.30
CA PHE DB 42 -69.76 50.63 73.21
C PHE DB 42 -69.40 51.79 72.29
N ASN DB 43 -69.06 52.95 72.86
CA ASN DB 43 -68.60 54.07 72.04
C ASN DB 43 -67.28 53.77 71.35
N GLN DB 44 -66.41 52.98 72.00
CA GLN DB 44 -65.17 52.52 71.36
C GLN DB 44 -65.45 51.70 70.12
N VAL DB 45 -66.36 50.73 70.21
CA VAL DB 45 -66.62 49.83 69.10
C VAL DB 45 -67.40 50.54 67.99
N VAL DB 46 -68.30 51.47 68.36
CA VAL DB 46 -69.02 52.24 67.34
C VAL DB 46 -68.07 53.20 66.61
N LEU DB 47 -67.10 53.77 67.34
CA LEU DB 47 -66.11 54.63 66.70
C LEU DB 47 -65.17 53.83 65.79
N LYS DB 48 -64.84 52.59 66.18
CA LYS DB 48 -64.07 51.72 65.28
C LYS DB 48 -64.86 51.32 64.04
N ARG DB 49 -66.17 51.06 64.20
CA ARG DB 49 -66.98 50.74 63.04
C ARG DB 49 -67.23 51.94 62.16
N LEU DB 50 -67.13 53.16 62.70
CA LEU DB 50 -67.14 54.33 61.83
C LEU DB 50 -65.80 54.52 61.13
N PHE DB 51 -64.70 54.11 61.76
CA PHE DB 51 -63.43 54.04 61.05
C PHE DB 51 -63.44 52.99 59.95
N MET DB 52 -64.26 51.95 60.11
CA MET DB 52 -64.32 50.81 59.19
C MET DB 52 -64.83 51.26 57.82
N SER DB 53 -64.45 50.50 56.79
CA SER DB 53 -64.66 50.86 55.40
C SER DB 53 -66.12 50.72 54.99
N ARG DB 54 -66.41 51.16 53.76
CA ARG DB 54 -67.74 51.03 53.19
C ARG DB 54 -68.08 49.58 52.91
N THR DB 55 -67.09 48.80 52.49
CA THR DB 55 -67.33 47.41 52.12
C THR DB 55 -67.47 46.53 53.35
N ASN DB 56 -66.63 46.74 54.37
CA ASN DB 56 -66.68 45.94 55.58
C ASN DB 56 -67.82 46.31 56.51
N ARG DB 57 -68.68 47.25 56.14
CA ARG DB 57 -69.94 47.52 56.81
C ARG DB 57 -71.05 46.98 55.92
N PRO DB 58 -71.45 45.71 56.08
CA PRO DB 58 -72.43 45.15 55.18
C PRO DB 58 -73.83 45.67 55.52
N PRO DB 59 -74.74 45.69 54.54
CA PRO DB 59 -76.09 46.20 54.81
C PRO DB 59 -76.90 45.22 55.64
N LEU DB 60 -77.42 45.72 56.77
CA LEU DB 60 -78.33 44.92 57.58
C LEU DB 60 -79.68 44.79 56.89
N SER DB 61 -80.42 43.77 57.28
CA SER DB 61 -81.72 43.50 56.69
C SER DB 61 -82.80 43.51 57.76
N LEU DB 62 -84.03 43.72 57.30
CA LEU DB 62 -85.14 44.03 58.20
C LEU DB 62 -85.57 42.79 58.98
N SER DB 63 -85.52 41.61 58.34
CA SER DB 63 -85.88 40.38 59.02
C SER DB 63 -84.86 40.02 60.10
N ARG DB 64 -83.57 40.21 59.82
CA ARG DB 64 -82.55 39.96 60.84
C ARG DB 64 -82.65 40.97 61.96
N MET DB 65 -82.96 42.22 61.64
CA MET DB 65 -83.09 43.24 62.67
C MET DB 65 -84.34 43.02 63.52
N ILE DB 66 -85.35 42.34 62.98
CA ILE DB 66 -86.45 41.86 63.82
C ILE DB 66 -86.01 40.68 64.69
N ARG DB 67 -85.34 39.69 64.10
CA ARG DB 67 -85.08 38.44 64.83
C ARG DB 67 -84.04 38.61 65.93
N LYS DB 68 -83.13 39.57 65.80
CA LYS DB 68 -82.18 39.79 66.87
C LYS DB 68 -82.81 40.50 68.08
N MET DB 69 -83.97 41.13 67.89
CA MET DB 69 -84.72 41.71 68.99
C MET DB 69 -85.88 40.83 69.46
N LYS DB 70 -86.24 39.81 68.68
CA LYS DB 70 -87.26 38.85 69.12
C LYS DB 70 -86.79 37.99 70.29
N LEU DB 71 -85.48 37.92 70.53
CA LEU DB 71 -84.94 37.13 71.62
C LEU DB 71 -85.33 37.73 72.97
N PRO DB 72 -85.47 36.91 74.01
CA PRO DB 72 -85.86 37.44 75.33
C PRO DB 72 -84.78 38.33 75.93
N GLY DB 73 -85.21 39.49 76.43
CA GLY DB 73 -84.32 40.48 76.98
C GLY DB 73 -84.06 41.66 76.08
N ARG DB 74 -84.65 41.69 74.89
CA ARG DB 74 -84.44 42.79 73.94
C ARG DB 74 -85.74 43.51 73.62
N GLU DB 75 -86.63 43.63 74.60
CA GLU DB 75 -87.94 44.24 74.35
C GLU DB 75 -87.83 45.76 74.27
N ASN DB 76 -87.35 46.39 75.33
CA ASN DB 76 -87.29 47.84 75.41
C ASN DB 76 -85.95 48.41 74.96
N LYS DB 77 -85.10 47.59 74.34
CA LYS DB 77 -83.79 48.04 73.90
C LYS DB 77 -83.86 48.60 72.48
N THR DB 78 -82.89 49.45 72.15
CA THR DB 78 -82.81 50.07 70.84
C THR DB 78 -81.75 49.36 70.00
N ALA DB 79 -82.05 49.20 68.72
CA ALA DB 79 -81.14 48.51 67.79
C ALA DB 79 -80.22 49.55 67.17
N VAL DB 80 -78.94 49.49 67.51
CA VAL DB 80 -77.92 50.38 66.95
C VAL DB 80 -77.17 49.63 65.87
N VAL DB 81 -77.16 50.19 64.66
CA VAL DB 81 -76.49 49.59 63.51
C VAL DB 81 -75.59 50.65 62.90
N VAL DB 82 -74.29 50.35 62.83
CA VAL DB 82 -73.36 51.18 62.07
C VAL DB 82 -73.37 50.61 60.65
N GLY DB 83 -74.26 51.14 59.83
CA GLY DB 83 -74.51 50.59 58.52
C GLY DB 83 -75.96 50.79 58.11
N THR DB 84 -76.35 50.24 56.98
CA THR DB 84 -77.68 50.46 56.43
C THR DB 84 -78.60 49.28 56.71
N ILE DB 85 -79.83 49.60 57.09
CA ILE DB 85 -80.90 48.62 57.26
C ILE DB 85 -81.82 48.74 56.05
N THR DB 86 -82.00 47.65 55.33
CA THR DB 86 -82.75 47.66 54.09
C THR DB 86 -84.04 46.87 54.23
N ASP DB 87 -84.86 46.96 53.19
CA ASP DB 87 -86.14 46.26 53.14
C ASP DB 87 -85.92 44.77 52.96
N ASP DB 88 -86.88 43.99 53.45
CA ASP DB 88 -86.96 42.56 53.19
C ASP DB 88 -88.34 42.23 52.64
N VAL DB 89 -88.34 41.44 51.56
CA VAL DB 89 -89.58 40.99 50.93
C VAL DB 89 -90.22 39.84 51.71
N ARG DB 90 -89.48 39.23 52.64
CA ARG DB 90 -89.92 37.98 53.24
C ARG DB 90 -90.97 38.20 54.33
N VAL DB 91 -90.68 39.06 55.30
CA VAL DB 91 -91.52 39.18 56.48
C VAL DB 91 -92.77 39.99 56.17
N GLN DB 92 -93.75 39.88 57.05
CA GLN DB 92 -95.05 40.55 56.92
C GLN DB 92 -95.36 41.47 58.09
N GLU DB 93 -94.96 41.11 59.30
CA GLU DB 93 -95.25 41.88 60.49
C GLU DB 93 -93.98 42.50 61.05
N VAL DB 94 -94.07 43.77 61.47
CA VAL DB 94 -92.94 44.52 62.00
C VAL DB 94 -93.32 44.99 63.40
N PRO DB 95 -92.52 44.70 64.42
CA PRO DB 95 -92.89 45.11 65.79
C PRO DB 95 -92.69 46.60 66.07
N LYS DB 96 -92.87 46.98 67.33
CA LYS DB 96 -92.88 48.37 67.78
C LYS DB 96 -91.51 48.80 68.31
N LEU DB 97 -90.44 48.34 67.68
CA LEU DB 97 -89.09 48.55 68.19
C LEU DB 97 -88.51 49.86 67.64
N LYS DB 98 -87.34 50.22 68.17
CA LYS DB 98 -86.65 51.44 67.79
C LYS DB 98 -85.42 51.12 66.97
N VAL DB 99 -85.08 52.01 66.04
CA VAL DB 99 -84.00 51.82 65.09
C VAL DB 99 -83.04 53.00 65.24
N CYS DB 100 -81.74 52.72 65.27
CA CYS DB 100 -80.70 53.77 65.28
C CYS DB 100 -79.61 53.36 64.28
N ALA DB 101 -79.77 53.77 63.02
CA ALA DB 101 -78.85 53.39 61.97
C ALA DB 101 -78.62 54.55 61.01
N LEU DB 102 -77.66 54.35 60.10
CA LEU DB 102 -77.34 55.34 59.08
C LEU DB 102 -77.89 54.87 57.73
N ARG DB 103 -78.58 55.78 57.05
CA ARG DB 103 -79.02 55.65 55.66
C ARG DB 103 -79.96 54.43 55.49
N VAL DB 104 -81.08 54.50 56.18
CA VAL DB 104 -82.10 53.47 56.04
C VAL DB 104 -82.89 53.73 54.77
N THR DB 105 -83.17 52.68 54.01
CA THR DB 105 -83.85 52.81 52.73
C THR DB 105 -85.29 53.25 52.90
N SER DB 106 -85.88 53.70 51.78
CA SER DB 106 -87.17 54.39 51.84
C SER DB 106 -88.31 53.45 52.18
N ARG DB 107 -88.33 52.24 51.61
CA ARG DB 107 -89.39 51.28 51.92
C ARG DB 107 -89.29 50.79 53.36
N ALA DB 108 -88.06 50.64 53.87
CA ALA DB 108 -87.88 50.25 55.26
C ALA DB 108 -88.36 51.34 56.21
N ARG DB 109 -88.02 52.60 55.92
CA ARG DB 109 -88.50 53.71 56.75
C ARG DB 109 -90.01 53.83 56.69
N SER DB 110 -90.59 53.63 55.49
CA SER DB 110 -92.03 53.70 55.34
C SER DB 110 -92.74 52.61 56.13
N ARG DB 111 -92.24 51.38 56.06
CA ARG DB 111 -92.87 50.30 56.82
C ARG DB 111 -92.66 50.41 58.32
N ILE DB 112 -91.52 50.96 58.77
CA ILE DB 112 -91.35 51.17 60.20
C ILE DB 112 -92.30 52.27 60.71
N LEU DB 113 -92.50 53.32 59.91
CA LEU DB 113 -93.46 54.35 60.31
C LEU DB 113 -94.90 53.86 60.23
N ARG DB 114 -95.20 52.91 59.34
CA ARG DB 114 -96.53 52.31 59.36
C ARG DB 114 -96.71 51.37 60.55
N ALA DB 115 -95.66 50.65 60.93
CA ALA DB 115 -95.75 49.73 62.07
C ALA DB 115 -95.79 50.46 63.40
N GLY DB 116 -95.25 51.67 63.46
CA GLY DB 116 -95.30 52.47 64.66
C GLY DB 116 -93.99 52.60 65.41
N GLY DB 117 -92.90 52.12 64.84
CA GLY DB 117 -91.60 52.26 65.46
C GLY DB 117 -91.04 53.67 65.28
N LYS DB 118 -89.84 53.87 65.81
CA LYS DB 118 -89.17 55.16 65.75
C LYS DB 118 -87.75 54.96 65.23
N ILE DB 119 -87.44 55.61 64.12
CA ILE DB 119 -86.09 55.62 63.57
C ILE DB 119 -85.37 56.86 64.09
N LEU DB 120 -84.06 56.72 64.28
CA LEU DB 120 -83.23 57.80 64.79
C LEU DB 120 -81.98 57.90 63.93
N THR DB 121 -81.13 58.85 64.28
CA THR DB 121 -79.79 58.98 63.74
C THR DB 121 -78.78 58.90 64.88
N PHE DB 122 -77.49 58.96 64.54
CA PHE DB 122 -76.47 58.78 65.57
C PHE DB 122 -76.33 59.97 66.51
N ASP DB 123 -76.65 61.18 66.07
CA ASP DB 123 -76.64 62.32 66.99
C ASP DB 123 -77.75 62.21 68.02
N GLN DB 124 -78.93 61.74 67.61
CA GLN DB 124 -80.01 61.51 68.55
C GLN DB 124 -79.73 60.31 69.45
N LEU DB 125 -79.05 59.29 68.92
CA LEU DB 125 -78.62 58.16 69.75
C LEU DB 125 -77.59 58.60 70.78
N ALA DB 126 -76.72 59.55 70.43
CA ALA DB 126 -75.76 60.06 71.40
C ALA DB 126 -76.42 60.94 72.45
N LEU DB 127 -77.41 61.75 72.05
CA LEU DB 127 -78.12 62.57 73.02
C LEU DB 127 -79.00 61.73 73.94
N ASP DB 128 -79.49 60.58 73.47
CA ASP DB 128 -80.30 59.71 74.30
C ASP DB 128 -79.47 58.72 75.11
N SER DB 129 -78.25 58.41 74.69
CA SER DB 129 -77.40 57.46 75.41
C SER DB 129 -75.95 57.79 75.11
N PRO DB 130 -75.31 58.61 75.97
CA PRO DB 130 -73.89 58.91 75.79
C PRO DB 130 -73.00 57.70 76.00
N LYS DB 131 -73.20 56.97 77.11
CA LYS DB 131 -72.48 55.72 77.31
C LYS DB 131 -72.98 54.62 76.39
N GLY DB 132 -74.20 54.72 75.89
CA GLY DB 132 -74.78 53.70 75.07
C GLY DB 132 -75.66 52.72 75.80
N CYS DB 133 -76.31 53.13 76.88
CA CYS DB 133 -77.15 52.23 77.65
C CYS DB 133 -78.45 51.94 76.90
N GLY DB 134 -78.96 50.72 77.10
CA GLY DB 134 -80.18 50.31 76.43
C GLY DB 134 -80.04 50.06 74.95
N THR DB 135 -78.83 49.80 74.47
CA THR DB 135 -78.57 49.60 73.06
C THR DB 135 -78.03 48.20 72.81
N VAL DB 136 -78.27 47.70 71.60
CA VAL DB 136 -77.69 46.44 71.13
C VAL DB 136 -77.06 46.70 69.77
N LEU DB 137 -75.74 46.51 69.68
CA LEU DB 137 -75.05 46.73 68.43
C LEU DB 137 -75.11 45.47 67.56
N LEU DB 138 -75.42 45.67 66.28
CA LEU DB 138 -75.60 44.57 65.35
C LEU DB 138 -74.68 44.73 64.14
N SER DB 139 -74.41 43.62 63.48
CA SER DB 139 -73.64 43.61 62.25
C SER DB 139 -74.31 42.66 61.25
N GLY DB 140 -73.87 42.74 60.00
CA GLY DB 140 -74.55 42.06 58.92
C GLY DB 140 -73.79 40.91 58.31
N PRO DB 141 -74.36 40.29 57.29
CA PRO DB 141 -73.75 39.09 56.70
C PRO DB 141 -72.55 39.37 55.82
N ARG DB 142 -71.36 39.44 56.43
CA ARG DB 142 -70.13 39.64 55.66
C ARG DB 142 -69.83 38.45 54.76
N LYS DB 143 -69.84 37.24 55.32
CA LYS DB 143 -69.37 36.06 54.60
C LYS DB 143 -70.33 35.60 53.50
N GLY DB 144 -71.56 36.13 53.46
CA GLY DB 144 -72.47 35.84 52.38
C GLY DB 144 -72.26 36.65 51.12
N ARG DB 145 -71.18 37.42 51.06
CA ARG DB 145 -70.83 38.17 49.87
C ARG DB 145 -70.43 37.23 48.74
N GLU DB 146 -70.70 37.66 47.50
CA GLU DB 146 -70.31 36.87 46.33
C GLU DB 146 -68.80 36.80 46.17
N VAL DB 147 -68.09 37.81 46.67
CA VAL DB 147 -66.63 37.84 46.56
C VAL DB 147 -65.98 36.80 47.46
N TYR DB 148 -66.55 36.59 48.65
CA TYR DB 148 -65.95 35.68 49.63
C TYR DB 148 -66.15 34.21 49.29
N ARG DB 149 -66.99 33.88 48.32
CA ARG DB 149 -67.19 32.48 47.95
C ARG DB 149 -66.16 31.98 46.94
N HIS DB 150 -65.32 32.86 46.41
CA HIS DB 150 -64.18 32.44 45.59
C HIS DB 150 -62.93 32.20 46.41
N PHE DB 151 -62.98 32.43 47.72
CA PHE DB 151 -61.78 32.48 48.55
C PHE DB 151 -61.58 31.16 49.26
N GLY DB 152 -60.42 30.55 49.05
CA GLY DB 152 -60.10 29.30 49.68
C GLY DB 152 -58.66 28.92 49.40
N LYS DB 153 -58.33 27.67 49.75
CA LYS DB 153 -56.99 27.18 49.46
C LYS DB 153 -56.80 26.87 47.97
N ALA DB 154 -57.89 26.58 47.26
CA ALA DB 154 -57.88 26.15 45.88
C ALA DB 154 -59.34 26.13 45.40
N PRO DB 155 -59.59 26.01 44.09
CA PRO DB 155 -60.95 25.69 43.67
C PRO DB 155 -61.32 24.23 43.85
N GLY DB 156 -60.39 23.30 43.66
CA GLY DB 156 -60.78 21.91 43.70
C GLY DB 156 -59.83 20.83 44.21
N THR DB 157 -58.79 21.15 44.99
CA THR DB 157 -57.83 20.08 45.21
C THR DB 157 -58.22 19.07 46.32
N PRO DB 158 -58.76 19.46 47.54
CA PRO DB 158 -59.56 18.47 48.28
C PRO DB 158 -61.05 18.64 47.99
N HIS DB 159 -61.36 18.90 46.72
CA HIS DB 159 -62.61 19.34 46.08
C HIS DB 159 -62.98 20.78 46.44
N SER DB 160 -62.52 21.25 47.60
CA SER DB 160 -62.29 22.63 48.04
C SER DB 160 -63.49 23.58 48.06
N HIS DB 161 -64.60 23.20 47.41
CA HIS DB 161 -65.89 23.90 47.39
C HIS DB 161 -65.86 25.42 47.22
N THR DB 162 -64.94 25.96 46.42
CA THR DB 162 -64.73 27.42 46.41
C THR DB 162 -64.66 27.99 45.00
N LYS DB 163 -65.64 27.63 44.14
CA LYS DB 163 -66.19 28.45 43.05
C LYS DB 163 -65.16 29.06 42.09
N PRO DB 164 -64.62 28.29 41.15
CA PRO DB 164 -63.64 28.85 40.21
C PRO DB 164 -64.28 29.88 39.28
N TYR DB 165 -63.45 30.83 38.85
CA TYR DB 165 -63.93 31.90 37.97
C TYR DB 165 -64.17 31.37 36.57
N VAL DB 166 -65.32 31.70 36.00
CA VAL DB 166 -65.70 31.25 34.67
C VAL DB 166 -66.77 32.21 34.15
N ARG DB 167 -66.98 32.22 32.83
CA ARG DB 167 -67.99 33.09 32.26
C ARG DB 167 -69.39 32.55 32.50
N SER DB 168 -69.69 31.38 31.95
CA SER DB 168 -71.04 30.83 31.97
C SER DB 168 -71.07 29.59 32.84
N LYS DB 169 -71.90 29.62 33.87
CA LYS DB 169 -72.07 28.48 34.78
C LYS DB 169 -72.94 27.44 34.07
N GLY DB 170 -72.29 26.53 33.35
CA GLY DB 170 -73.03 25.52 32.64
C GLY DB 170 -72.12 24.52 31.97
N ARG DB 171 -72.68 23.88 30.94
CA ARG DB 171 -71.96 22.89 30.16
C ARG DB 171 -70.85 23.56 29.34
N LYS DB 172 -69.78 22.81 29.07
CA LYS DB 172 -68.65 23.07 28.20
C LYS DB 172 -67.66 24.07 28.85
N PHE DB 173 -67.99 24.66 29.99
CA PHE DB 173 -67.12 25.61 30.68
C PHE DB 173 -66.63 24.98 31.98
N GLU DB 174 -65.39 24.47 31.95
CA GLU DB 174 -64.66 23.96 33.12
C GLU DB 174 -65.40 22.80 33.80
N ARG DB 175 -65.63 21.74 33.03
CA ARG DB 175 -66.40 20.61 33.54
C ARG DB 175 -65.84 19.24 33.16
N ALA DB 176 -64.63 19.15 32.59
CA ALA DB 176 -64.19 17.89 31.99
C ALA DB 176 -63.04 17.22 32.72
N ARG DB 177 -61.88 17.86 32.83
CA ARG DB 177 -60.67 17.23 33.36
C ARG DB 177 -60.43 17.72 34.78
N GLY DB 178 -60.84 16.91 35.75
CA GLY DB 178 -60.77 17.28 37.15
C GLY DB 178 -62.12 17.48 37.78
N ARG DB 179 -63.19 17.44 37.00
CA ARG DB 179 -64.55 17.54 37.51
C ARG DB 179 -65.30 16.21 37.45
N ARG DB 180 -64.79 15.24 36.69
CA ARG DB 180 -65.42 13.93 36.59
C ARG DB 180 -64.33 12.89 36.37
N ALA DB 181 -64.60 11.67 36.82
CA ALA DB 181 -63.61 10.61 36.77
C ALA DB 181 -63.48 9.96 35.39
N SER DB 182 -64.44 10.21 34.49
CA SER DB 182 -64.38 9.57 33.18
C SER DB 182 -63.43 10.28 32.24
N ARG DB 183 -63.14 11.55 32.48
CA ARG DB 183 -62.26 12.35 31.63
C ARG DB 183 -61.01 12.70 32.43
N GLY DB 184 -59.98 11.85 32.32
CA GLY DB 184 -58.74 12.09 33.02
C GLY DB 184 -58.80 11.79 34.49
N TYR DB 185 -58.50 12.78 35.32
CA TYR DB 185 -58.55 12.64 36.76
C TYR DB 185 -59.78 13.38 37.30
N LYS DB 186 -59.99 13.29 38.61
CA LYS DB 186 -61.15 13.89 39.25
C LYS DB 186 -60.69 14.50 40.57
N ASN DB 187 -60.42 15.81 40.52
CA ASN DB 187 -59.98 16.64 41.66
C ASN DB 187 -58.72 16.12 42.36
N SER EB 1 -3.03 95.60 -20.81
CA SER EB 1 -2.17 94.84 -21.69
C SER EB 1 -2.59 93.37 -21.74
N MET EB 2 -3.45 93.05 -22.71
CA MET EB 2 -3.92 91.69 -22.91
C MET EB 2 -3.90 91.39 -24.40
N LEU EB 3 -3.14 90.36 -24.79
CA LEU EB 3 -2.95 90.04 -26.20
C LEU EB 3 -3.28 88.59 -26.50
N ARG EB 4 -4.20 87.99 -25.74
CA ARG EB 4 -4.64 86.63 -26.04
C ARG EB 4 -5.50 86.58 -27.29
N LEU EB 5 -6.37 87.60 -27.44
CA LEU EB 5 -7.20 87.71 -28.64
C LEU EB 5 -6.36 87.91 -29.89
N GLN EB 6 -5.34 88.77 -29.84
CA GLN EB 6 -4.44 88.94 -30.97
C GLN EB 6 -3.52 87.74 -31.17
N LYS EB 7 -3.15 87.04 -30.08
CA LYS EB 7 -2.38 85.80 -30.17
C LYS EB 7 -3.13 84.74 -30.96
N ARG EB 8 -4.44 84.62 -30.74
CA ARG EB 8 -5.23 83.72 -31.57
C ARG EB 8 -5.48 84.30 -32.96
N LEU EB 9 -5.69 85.61 -33.04
CA LEU EB 9 -6.27 86.20 -34.24
C LEU EB 9 -5.23 86.39 -35.33
N ALA EB 10 -3.99 86.70 -34.98
CA ALA EB 10 -2.94 86.85 -35.98
C ALA EB 10 -2.62 85.51 -36.64
N SER EB 11 -2.65 84.43 -35.86
CA SER EB 11 -2.50 83.10 -36.44
C SER EB 11 -3.70 82.72 -37.29
N SER EB 12 -4.91 83.11 -36.87
CA SER EB 12 -6.10 82.81 -37.65
C SER EB 12 -6.13 83.59 -38.96
N VAL EB 13 -5.50 84.75 -39.00
CA VAL EB 13 -5.41 85.52 -40.25
C VAL EB 13 -4.30 84.99 -41.14
N LEU EB 14 -3.09 84.81 -40.61
CA LEU EB 14 -1.96 84.38 -41.44
C LEU EB 14 -1.94 82.89 -41.71
N ARG EB 15 -2.91 82.12 -41.20
CA ARG EB 15 -3.12 80.70 -41.51
C ARG EB 15 -1.91 79.85 -41.12
N CYS EB 16 -1.24 80.22 -40.02
CA CYS EB 16 -0.10 79.48 -39.52
C CYS EB 16 -0.27 79.25 -38.03
N GLY EB 17 0.79 78.78 -37.37
CA GLY EB 17 0.68 78.45 -35.97
C GLY EB 17 0.58 79.66 -35.07
N LYS EB 18 0.14 79.40 -33.85
CA LYS EB 18 -0.08 80.46 -32.86
C LYS EB 18 1.24 80.97 -32.29
N LYS EB 19 2.29 80.16 -32.33
CA LYS EB 19 3.54 80.49 -31.66
C LYS EB 19 4.44 81.41 -32.48
N LYS EB 20 4.17 81.61 -33.76
CA LYS EB 20 5.12 82.28 -34.64
C LYS EB 20 4.61 83.62 -35.16
N VAL EB 21 3.66 84.26 -34.48
CA VAL EB 21 3.20 85.55 -35.00
C VAL EB 21 3.28 86.66 -33.97
N TRP EB 22 4.47 87.27 -33.84
CA TRP EB 22 4.69 88.45 -33.00
C TRP EB 22 6.00 89.12 -33.40
N LEU EB 23 5.98 90.45 -33.31
CA LEU EB 23 7.17 91.30 -33.32
C LEU EB 23 6.73 92.63 -32.70
N ASP EB 24 7.73 93.42 -32.29
CA ASP EB 24 7.58 94.72 -31.63
C ASP EB 24 6.77 94.66 -30.34
N PRO EB 25 7.32 94.13 -29.24
CA PRO EB 25 6.64 94.24 -27.95
C PRO EB 25 6.64 95.65 -27.37
N ASN EB 26 7.40 96.58 -27.96
CA ASN EB 26 7.40 97.96 -27.48
C ASN EB 26 6.08 98.64 -27.80
N GLU EB 27 5.53 98.40 -28.98
CA GLU EB 27 4.22 98.95 -29.37
C GLU EB 27 3.12 97.97 -28.96
N THR EB 28 2.94 97.86 -27.65
CA THR EB 28 1.96 96.94 -27.09
C THR EB 28 0.54 97.51 -27.21
N ASN EB 29 0.39 98.81 -26.90
CA ASN EB 29 -0.92 99.44 -26.92
C ASN EB 29 -1.51 99.57 -28.32
N GLU EB 30 -0.66 99.72 -29.34
CA GLU EB 30 -1.15 99.79 -30.72
C GLU EB 30 -1.73 98.44 -31.16
N ILE EB 31 -1.15 97.35 -30.68
CA ILE EB 31 -1.70 96.03 -30.96
C ILE EB 31 -2.96 95.78 -30.13
N ALA EB 32 -2.93 96.19 -28.85
CA ALA EB 32 -4.05 95.93 -27.95
C ALA EB 32 -5.26 96.81 -28.23
N ASN EB 33 -5.10 97.91 -28.97
CA ASN EB 33 -6.24 98.73 -29.34
C ASN EB 33 -7.12 98.01 -30.36
N ALA EB 34 -6.52 97.22 -31.23
CA ALA EB 34 -7.29 96.53 -32.27
C ALA EB 34 -7.91 95.26 -31.74
N ASN EB 35 -9.14 94.98 -32.15
CA ASN EB 35 -9.82 93.74 -31.82
C ASN EB 35 -10.59 93.19 -33.02
N SER EB 36 -10.23 93.61 -34.21
CA SER EB 36 -10.92 93.20 -35.43
C SER EB 36 -9.95 92.50 -36.37
N ARG EB 37 -10.50 91.68 -37.26
CA ARG EB 37 -9.65 90.94 -38.19
C ARG EB 37 -9.08 91.87 -39.27
N GLN EB 38 -9.86 92.85 -39.71
CA GLN EB 38 -9.32 93.81 -40.67
C GLN EB 38 -8.30 94.73 -40.01
N GLN EB 39 -8.53 95.08 -38.73
CA GLN EB 39 -7.57 95.92 -38.02
C GLN EB 39 -6.26 95.18 -37.76
N ILE EB 40 -6.33 93.89 -37.44
CA ILE EB 40 -5.09 93.15 -37.26
C ILE EB 40 -4.45 92.84 -38.61
N ARG EB 41 -5.24 92.79 -39.68
CA ARG EB 41 -4.69 92.65 -41.02
C ARG EB 41 -3.94 93.90 -41.44
N LYS EB 42 -4.41 95.07 -41.00
CA LYS EB 42 -3.65 96.30 -41.19
C LYS EB 42 -2.42 96.37 -40.30
N LEU EB 43 -2.49 95.83 -39.09
CA LEU EB 43 -1.31 95.81 -38.21
C LEU EB 43 -0.27 94.77 -38.63
N ILE EB 44 -0.63 93.82 -39.48
CA ILE EB 44 0.36 92.89 -40.02
C ILE EB 44 1.20 93.54 -41.11
N LYS EB 45 0.56 94.15 -42.11
CA LYS EB 45 1.29 94.53 -43.32
C LYS EB 45 2.14 95.78 -43.17
N ASP EB 46 1.97 96.56 -42.10
CA ASP EB 46 2.79 97.74 -41.89
C ASP EB 46 4.03 97.47 -41.06
N GLY EB 47 4.39 96.19 -40.87
CA GLY EB 47 5.65 95.84 -40.26
C GLY EB 47 5.64 95.62 -38.77
N LEU EB 48 4.47 95.44 -38.16
CA LEU EB 48 4.43 95.20 -36.73
C LEU EB 48 4.38 93.71 -36.39
N ILE EB 49 3.71 92.90 -37.21
CA ILE EB 49 3.62 91.46 -37.01
C ILE EB 49 4.11 90.79 -38.29
N ILE EB 50 5.12 89.93 -38.18
CA ILE EB 50 5.68 89.28 -39.36
C ILE EB 50 5.51 87.77 -39.26
N ARG EB 51 6.04 87.05 -40.26
CA ARG EB 51 5.82 85.62 -40.39
C ARG EB 51 6.60 84.83 -39.35
N LYS EB 52 7.83 85.29 -39.00
CA LYS EB 52 8.79 84.63 -38.10
C LYS EB 52 9.04 83.20 -38.56
N PRO EB 53 9.89 83.00 -39.59
CA PRO EB 53 9.92 81.73 -40.33
C PRO EB 53 10.44 80.52 -39.54
N VAL EB 54 10.49 79.38 -40.25
CA VAL EB 54 10.65 78.08 -39.63
C VAL EB 54 12.06 77.92 -39.08
N THR EB 55 12.15 77.36 -37.87
CA THR EB 55 13.44 76.97 -37.29
C THR EB 55 14.10 75.92 -38.18
N VAL EB 56 15.42 76.06 -38.36
CA VAL EB 56 16.16 75.31 -39.37
C VAL EB 56 16.22 73.83 -38.99
N HIS EB 57 16.07 72.98 -40.00
CA HIS EB 57 16.11 71.52 -39.90
C HIS EB 57 17.04 70.97 -40.98
N SER EB 58 18.27 71.49 -41.00
CA SER EB 58 19.22 71.27 -42.09
C SER EB 58 19.58 69.81 -42.27
N ARG EB 59 19.61 69.38 -43.53
CA ARG EB 59 19.89 68.00 -43.91
C ARG EB 59 21.29 67.85 -44.48
N ALA EB 60 22.25 68.66 -44.02
CA ALA EB 60 23.61 68.54 -44.52
C ALA EB 60 24.27 67.27 -44.01
N ARG EB 61 24.09 66.97 -42.71
CA ARG EB 61 24.57 65.70 -42.16
C ARG EB 61 23.85 64.52 -42.79
N CYS EB 62 22.57 64.69 -43.10
CA CYS EB 62 21.81 63.65 -43.78
C CYS EB 62 22.34 63.37 -45.18
N ARG EB 63 22.63 64.42 -45.96
CA ARG EB 63 23.17 64.24 -47.30
C ARG EB 63 24.59 63.69 -47.27
N LYS EB 64 25.40 64.09 -46.29
CA LYS EB 64 26.74 63.55 -46.15
C LYS EB 64 26.71 62.06 -45.80
N ASN EB 65 25.79 61.68 -44.90
CA ASN EB 65 25.66 60.28 -44.53
C ASN EB 65 25.09 59.46 -45.68
N THR EB 66 24.17 60.04 -46.46
CA THR EB 66 23.62 59.34 -47.62
C THR EB 66 24.67 59.16 -48.70
N LEU EB 67 25.54 60.16 -48.89
CA LEU EB 67 26.66 60.01 -49.81
C LEU EB 67 27.65 58.98 -49.32
N ALA EB 68 27.85 58.87 -48.00
CA ALA EB 68 28.71 57.83 -47.46
C ALA EB 68 28.12 56.44 -47.67
N ARG EB 69 26.80 56.29 -47.51
CA ARG EB 69 26.15 55.01 -47.80
C ARG EB 69 26.19 54.69 -49.29
N ARG EB 70 26.15 55.72 -50.14
CA ARG EB 70 26.26 55.49 -51.58
C ARG EB 70 27.67 55.05 -51.96
N LYS EB 71 28.69 55.61 -51.30
CA LYS EB 71 30.06 55.14 -51.51
C LYS EB 71 30.25 53.75 -50.91
N GLY EB 72 29.51 53.40 -49.88
CA GLY EB 72 29.58 52.09 -49.28
C GLY EB 72 30.11 52.06 -47.86
N ARG EB 73 30.00 53.14 -47.11
CA ARG EB 73 30.50 53.21 -45.74
C ARG EB 73 29.34 53.08 -44.77
N HIS EB 74 29.69 52.83 -43.50
CA HIS EB 74 28.74 52.55 -42.41
C HIS EB 74 27.83 51.38 -42.76
N MET EB 75 28.39 50.36 -43.43
CA MET EB 75 27.62 49.20 -43.85
C MET EB 75 28.36 47.92 -43.48
N GLY EB 76 29.07 47.92 -42.35
CA GLY EB 76 29.80 46.76 -41.93
C GLY EB 76 28.89 45.71 -41.30
N ILE EB 77 29.55 44.72 -40.69
CA ILE EB 77 28.81 43.64 -40.06
C ILE EB 77 28.17 44.11 -38.75
N GLY EB 78 28.85 45.01 -38.03
CA GLY EB 78 28.38 45.43 -36.72
C GLY EB 78 27.18 46.35 -36.76
N LYS EB 79 27.09 47.21 -37.78
CA LYS EB 79 25.97 48.14 -37.89
C LYS EB 79 24.83 47.58 -38.72
N ARG EB 80 24.67 46.27 -38.75
CA ARG EB 80 23.47 45.62 -39.28
C ARG EB 80 22.63 45.16 -38.10
N LYS EB 81 21.38 45.59 -38.06
CA LYS EB 81 20.50 45.25 -36.95
C LYS EB 81 19.33 44.35 -37.34
N GLY EB 82 19.16 44.05 -38.63
CA GLY EB 82 18.13 43.14 -39.07
C GLY EB 82 18.74 42.00 -39.89
N THR EB 83 17.90 41.01 -40.17
CA THR EB 83 18.33 39.86 -40.94
C THR EB 83 18.52 40.25 -42.41
N ALA EB 84 19.11 39.32 -43.17
CA ALA EB 84 19.38 39.58 -44.58
C ALA EB 84 18.10 39.67 -45.40
N ASN EB 85 17.10 38.85 -45.05
CA ASN EB 85 15.80 38.93 -45.71
C ASN EB 85 15.10 40.24 -45.37
N ALA EB 86 15.34 40.79 -44.18
CA ALA EB 86 14.77 42.08 -43.82
C ALA EB 86 15.48 43.22 -44.54
N ARG EB 87 16.79 43.11 -44.72
CA ARG EB 87 17.54 44.16 -45.38
C ARG EB 87 17.28 44.18 -46.88
N MET EB 88 17.61 43.09 -47.57
CA MET EB 88 17.31 42.95 -49.00
C MET EB 88 16.58 41.63 -49.19
N PRO EB 89 15.28 41.65 -49.50
CA PRO EB 89 14.50 40.41 -49.50
C PRO EB 89 14.90 39.47 -50.64
N GLU EB 90 14.93 38.17 -50.31
CA GLU EB 90 15.30 37.16 -51.29
C GLU EB 90 14.24 37.04 -52.39
N LYS EB 91 12.97 37.27 -52.05
CA LYS EB 91 11.93 37.26 -53.06
C LYS EB 91 12.07 38.42 -54.03
N VAL EB 92 12.46 39.60 -53.52
CA VAL EB 92 12.65 40.76 -54.40
C VAL EB 92 13.90 40.59 -55.26
N THR EB 93 14.95 39.98 -54.69
CA THR EB 93 16.14 39.66 -55.45
C THR EB 93 15.83 38.68 -56.57
N TRP EB 94 15.02 37.65 -56.27
CA TRP EB 94 14.59 36.70 -57.28
C TRP EB 94 13.72 37.36 -58.34
N MET EB 95 12.83 38.29 -57.95
CA MET EB 95 11.98 38.97 -58.93
C MET EB 95 12.80 39.83 -59.88
N ARG EB 96 13.73 40.63 -59.36
CA ARG EB 96 14.58 41.47 -60.21
C ARG EB 96 15.45 40.62 -61.12
N ARG EB 97 16.14 39.63 -60.53
CA ARG EB 97 17.02 38.73 -61.26
C ARG EB 97 16.29 38.01 -62.38
N MET EB 98 15.14 37.43 -62.07
CA MET EB 98 14.46 36.61 -63.07
C MET EB 98 13.71 37.46 -64.09
N ARG EB 99 13.24 38.66 -63.72
CA ARG EB 99 12.64 39.52 -64.74
C ARG EB 99 13.68 40.01 -65.75
N ILE EB 100 14.89 40.35 -65.29
CA ILE EB 100 15.93 40.74 -66.23
C ILE EB 100 16.35 39.57 -67.10
N LEU EB 101 16.57 38.39 -66.49
CA LEU EB 101 16.97 37.21 -67.23
C LEU EB 101 15.86 36.64 -68.10
N ARG EB 102 14.61 37.07 -67.92
CA ARG EB 102 13.53 36.65 -68.81
C ARG EB 102 13.13 37.68 -69.85
N ARG EB 103 13.48 38.95 -69.69
CA ARG EB 103 13.23 39.88 -70.78
C ARG EB 103 14.43 40.10 -71.68
N LEU EB 104 15.64 39.70 -71.24
CA LEU EB 104 16.75 39.68 -72.19
C LEU EB 104 16.53 38.62 -73.28
N LEU EB 105 15.94 37.49 -72.91
CA LEU EB 105 15.56 36.48 -73.90
C LEU EB 105 14.47 37.00 -74.84
N ARG EB 106 13.57 37.85 -74.36
CA ARG EB 106 12.57 38.43 -75.26
C ARG EB 106 13.20 39.42 -76.22
N ARG EB 107 14.13 40.24 -75.74
CA ARG EB 107 14.83 41.17 -76.64
C ARG EB 107 15.74 40.44 -77.62
N TYR EB 108 16.21 39.24 -77.28
CA TYR EB 108 16.94 38.43 -78.26
C TYR EB 108 16.00 37.81 -79.28
N ARG EB 109 14.90 37.21 -78.80
CA ARG EB 109 13.98 36.45 -79.65
C ARG EB 109 13.25 37.35 -80.63
N GLU EB 110 12.82 38.53 -80.19
CA GLU EB 110 12.11 39.43 -81.07
C GLU EB 110 13.02 40.00 -82.15
N SER EB 111 14.29 40.23 -81.83
CA SER EB 111 15.20 40.82 -82.82
C SER EB 111 15.80 39.75 -83.73
N LYS EB 112 16.74 38.96 -83.22
CA LYS EB 112 17.40 38.04 -84.15
C LYS EB 112 17.85 36.72 -83.53
N LYS EB 113 18.18 36.74 -82.24
CA LYS EB 113 19.24 35.86 -81.74
C LYS EB 113 18.75 34.44 -81.53
N ILE EB 114 17.81 34.25 -80.61
CA ILE EB 114 17.34 32.91 -80.24
C ILE EB 114 16.05 32.63 -81.00
N ASP EB 115 15.88 31.38 -81.41
CA ASP EB 115 14.74 30.96 -82.21
C ASP EB 115 13.57 30.56 -81.31
N ARG EB 116 12.58 29.90 -81.91
CA ARG EB 116 11.37 29.53 -81.18
C ARG EB 116 11.61 28.38 -80.22
N HIS EB 117 12.43 27.40 -80.60
CA HIS EB 117 12.57 26.17 -79.84
C HIS EB 117 13.53 26.28 -78.66
N MET EB 118 14.65 26.97 -78.82
CA MET EB 118 15.57 27.15 -77.70
C MET EB 118 15.07 28.16 -76.69
N TYR EB 119 14.10 29.01 -77.08
CA TYR EB 119 13.56 30.01 -76.16
C TYR EB 119 12.84 29.36 -75.00
N HIS EB 120 12.03 28.33 -75.27
CA HIS EB 120 11.28 27.67 -74.20
C HIS EB 120 12.21 26.87 -73.29
N SER EB 121 13.26 26.27 -73.85
CA SER EB 121 14.22 25.51 -73.07
C SER EB 121 15.02 26.43 -72.15
N LEU EB 122 15.56 27.53 -72.68
CA LEU EB 122 16.26 28.46 -71.81
C LEU EB 122 15.32 29.24 -70.90
N TYR EB 123 14.05 29.34 -71.27
CA TYR EB 123 13.05 29.94 -70.39
C TYR EB 123 12.84 29.09 -69.14
N LEU EB 124 12.63 27.79 -69.33
CA LEU EB 124 12.53 26.88 -68.19
C LEU EB 124 13.85 26.76 -67.43
N LYS EB 125 14.98 26.93 -68.11
CA LYS EB 125 16.27 26.86 -67.42
C LYS EB 125 16.55 28.13 -66.62
N VAL EB 126 16.00 29.27 -67.04
CA VAL EB 126 16.06 30.48 -66.22
C VAL EB 126 15.08 30.39 -65.05
N LYS EB 127 13.91 29.76 -65.26
CA LYS EB 127 12.97 29.52 -64.19
C LYS EB 127 13.56 28.62 -63.11
N GLY EB 128 14.28 27.58 -63.52
CA GLY EB 128 15.11 26.85 -62.58
C GLY EB 128 16.31 27.67 -62.15
N ASN EB 129 16.85 27.34 -60.98
CA ASN EB 129 17.97 28.11 -60.43
C ASN EB 129 19.28 27.55 -60.97
N VAL EB 130 19.58 27.91 -62.23
CA VAL EB 130 20.80 27.53 -62.91
C VAL EB 130 21.62 28.75 -63.29
N PHE EB 131 21.03 29.67 -64.06
CA PHE EB 131 21.74 30.83 -64.57
C PHE EB 131 21.77 31.92 -63.49
N LYS EB 132 22.99 32.27 -63.06
CA LYS EB 132 23.12 33.23 -61.98
C LYS EB 132 22.81 34.65 -62.44
N ASN EB 133 23.40 35.09 -63.55
CA ASN EB 133 23.26 36.48 -63.94
C ASN EB 133 23.37 36.64 -65.45
N LYS EB 134 23.27 37.90 -65.88
CA LYS EB 134 23.11 38.26 -67.29
C LYS EB 134 24.34 37.91 -68.10
N ARG EB 135 25.54 38.04 -67.51
CA ARG EB 135 26.77 37.77 -68.24
C ARG EB 135 26.90 36.30 -68.60
N ILE EB 136 26.70 35.41 -67.62
CA ILE EB 136 26.82 33.99 -67.93
C ILE EB 136 25.60 33.48 -68.70
N LEU EB 137 24.45 34.16 -68.60
CA LEU EB 137 23.33 33.84 -69.49
C LEU EB 137 23.68 34.15 -70.94
N MET EB 138 24.27 35.33 -71.19
CA MET EB 138 24.66 35.70 -72.55
C MET EB 138 25.77 34.80 -73.06
N GLU EB 139 26.70 34.39 -72.19
CA GLU EB 139 27.75 33.45 -72.59
C GLU EB 139 27.20 32.06 -72.88
N HIS EB 140 26.17 31.62 -72.16
CA HIS EB 140 25.58 30.32 -72.45
C HIS EB 140 24.78 30.34 -73.74
N ILE EB 141 24.16 31.49 -74.05
CA ILE EB 141 23.49 31.64 -75.35
C ILE EB 141 24.51 31.64 -76.49
N HIS EB 142 25.65 32.31 -76.28
CA HIS EB 142 26.75 32.24 -77.26
C HIS EB 142 27.28 30.83 -77.43
N LYS EB 143 27.37 30.06 -76.34
CA LYS EB 143 27.85 28.69 -76.43
C LYS EB 143 26.86 27.80 -77.19
N LEU EB 144 25.56 27.98 -76.93
CA LEU EB 144 24.56 27.20 -77.68
C LEU EB 144 24.52 27.59 -79.15
N LYS EB 145 24.73 28.88 -79.47
CA LYS EB 145 24.74 29.29 -80.87
C LYS EB 145 25.98 28.75 -81.58
N ALA EB 146 27.13 28.75 -80.90
CA ALA EB 146 28.34 28.20 -81.49
C ALA EB 146 28.28 26.69 -81.62
N ASP EB 147 27.51 26.02 -80.76
CA ASP EB 147 27.32 24.58 -80.91
C ASP EB 147 26.35 24.28 -82.06
N LYS EB 148 25.29 25.09 -82.20
CA LYS EB 148 24.33 24.90 -83.28
C LYS EB 148 24.96 25.15 -84.64
N ALA EB 149 25.90 26.10 -84.72
CA ALA EB 149 26.59 26.37 -85.98
C ALA EB 149 27.46 25.18 -86.40
N ARG EB 150 28.14 24.54 -85.45
CA ARG EB 150 28.93 23.36 -85.77
C ARG EB 150 28.05 22.18 -86.14
N LYS EB 151 26.94 22.00 -85.42
CA LYS EB 151 26.03 20.88 -85.69
C LYS EB 151 25.32 21.04 -87.03
N LYS EB 152 25.09 22.27 -87.49
CA LYS EB 152 24.51 22.42 -88.82
C LYS EB 152 25.58 22.39 -89.90
N LEU EB 153 26.81 22.80 -89.61
CA LEU EB 153 27.86 22.78 -90.62
C LEU EB 153 28.30 21.34 -90.94
N LEU EB 154 28.46 20.50 -89.92
CA LEU EB 154 28.86 19.12 -90.16
C LEU EB 154 27.74 18.34 -90.85
N ALA EB 155 26.48 18.64 -90.51
CA ALA EB 155 25.35 18.03 -91.18
C ALA EB 155 25.24 18.50 -92.63
N ASP EB 156 25.58 19.76 -92.91
CA ASP EB 156 25.58 20.23 -94.30
C ASP EB 156 26.71 19.59 -95.11
N GLN EB 157 27.86 19.32 -94.48
CA GLN EB 157 28.94 18.63 -95.18
C GLN EB 157 28.55 17.18 -95.51
N ALA EB 158 27.94 16.48 -94.55
CA ALA EB 158 27.47 15.12 -94.80
C ALA EB 158 26.35 15.08 -95.83
N GLU EB 159 25.44 16.06 -95.78
CA GLU EB 159 24.36 16.14 -96.76
C GLU EB 159 24.90 16.47 -98.15
N ALA EB 160 25.95 17.28 -98.24
CA ALA EB 160 26.55 17.59 -99.54
C ALA EB 160 27.24 16.36 -100.13
N ARG EB 161 27.94 15.58 -99.28
CA ARG EB 161 28.55 14.34 -99.75
C ARG EB 161 27.51 13.34 -100.24
N ARG EB 162 26.43 13.15 -99.46
CA ARG EB 162 25.36 12.24 -99.87
C ARG EB 162 24.63 12.75 -101.10
N SER EB 163 24.47 14.06 -101.24
CA SER EB 163 23.77 14.63 -102.40
C SER EB 163 24.59 14.48 -103.67
N LYS EB 164 25.90 14.68 -103.59
CA LYS EB 164 26.75 14.46 -104.76
C LYS EB 164 26.83 12.99 -105.14
N THR EB 165 26.86 12.10 -104.14
CA THR EB 165 26.86 10.66 -104.43
C THR EB 165 25.56 10.21 -105.09
N LYS EB 166 24.42 10.65 -104.56
CA LYS EB 166 23.13 10.29 -105.16
C LYS EB 166 22.91 10.98 -106.50
N GLU EB 167 23.48 12.16 -106.71
CA GLU EB 167 23.38 12.81 -108.00
C GLU EB 167 24.19 12.07 -109.06
N ALA EB 168 25.40 11.62 -108.70
CA ALA EB 168 26.20 10.82 -109.61
C ALA EB 168 25.53 9.48 -109.91
N ARG EB 169 24.89 8.88 -108.90
CA ARG EB 169 24.16 7.63 -109.10
C ARG EB 169 22.96 7.82 -110.02
N LYS EB 170 22.22 8.92 -109.85
CA LYS EB 170 21.06 9.18 -110.69
C LYS EB 170 21.47 9.52 -112.13
N ARG EB 171 22.59 10.24 -112.29
CA ARG EB 171 23.04 10.57 -113.64
C ARG EB 171 23.59 9.34 -114.36
N ARG EB 172 24.29 8.45 -113.64
CA ARG EB 172 24.73 7.21 -114.28
C ARG EB 172 23.56 6.27 -114.54
N GLU EB 173 22.52 6.31 -113.71
CA GLU EB 173 21.29 5.58 -114.02
C GLU EB 173 20.61 6.11 -115.27
N GLU EB 174 20.64 7.43 -115.46
CA GLU EB 174 20.13 8.02 -116.70
C GLU EB 174 20.98 7.63 -117.91
N ARG EB 175 22.30 7.54 -117.73
CA ARG EB 175 23.17 7.10 -118.83
C ARG EB 175 22.89 5.65 -119.22
N LEU EB 176 22.73 4.77 -118.21
CA LEU EB 176 22.39 3.39 -118.52
C LEU EB 176 20.98 3.24 -119.07
N GLN EB 177 20.05 4.13 -118.68
CA GLN EB 177 18.73 4.12 -119.30
C GLN EB 177 18.79 4.56 -120.76
N ALA EB 178 19.67 5.51 -121.07
CA ALA EB 178 19.88 5.89 -122.46
C ALA EB 178 20.56 4.77 -123.26
N LYS EB 179 21.43 4.00 -122.61
CA LYS EB 179 22.03 2.84 -123.28
C LYS EB 179 21.03 1.73 -123.51
N LYS EB 180 20.07 1.55 -122.59
CA LYS EB 180 19.03 0.54 -122.80
C LYS EB 180 18.06 0.97 -123.89
N GLU EB 181 17.53 2.19 -123.79
CA GLU EB 181 16.65 2.72 -124.82
C GLU EB 181 17.24 3.98 -125.44
N MET FB 1 -5.85 27.75 82.07
CA MET FB 1 -5.21 28.79 82.85
C MET FB 1 -4.55 29.84 81.96
N LYS FB 2 -4.63 31.10 82.40
CA LYS FB 2 -3.88 32.17 81.78
C LYS FB 2 -2.55 32.42 82.48
N ALA FB 3 -2.49 32.15 83.79
CA ALA FB 3 -1.34 32.44 84.66
C ALA FB 3 -0.96 33.91 84.59
N SER FB 4 -1.97 34.77 84.72
CA SER FB 4 -1.80 36.20 84.63
C SER FB 4 -1.27 36.73 85.96
N GLY FB 5 -0.19 37.49 85.89
CA GLY FB 5 0.43 38.02 87.10
C GLY FB 5 1.07 36.94 87.93
N THR FB 6 1.18 37.20 89.22
CA THR FB 6 1.71 36.20 90.14
C THR FB 6 0.65 35.14 90.43
N LEU FB 7 1.12 33.96 90.81
CA LEU FB 7 0.21 32.86 91.12
C LEU FB 7 -0.14 32.87 92.60
N ARG FB 8 -1.12 32.06 92.97
CA ARG FB 8 -1.55 31.94 94.36
C ARG FB 8 -1.79 30.46 94.66
N GLU FB 9 -1.54 30.08 95.90
CA GLU FB 9 -1.70 28.70 96.34
C GLU FB 9 -3.07 28.54 97.00
N TYR FB 10 -3.83 27.57 96.54
CA TYR FB 10 -5.17 27.33 97.06
C TYR FB 10 -5.31 25.88 97.52
N LYS FB 11 -5.83 25.71 98.72
CA LYS FB 11 -6.26 24.40 99.21
C LYS FB 11 -7.74 24.26 98.89
N VAL FB 12 -8.06 23.36 97.96
CA VAL FB 12 -9.43 23.12 97.53
C VAL FB 12 -9.78 21.67 97.85
N VAL FB 13 -10.86 21.47 98.60
CA VAL FB 13 -11.34 20.13 98.90
C VAL FB 13 -12.69 19.93 98.24
N GLY FB 14 -12.95 18.70 97.81
CA GLY FB 14 -14.19 18.40 97.13
C GLY FB 14 -14.63 16.98 97.40
N ARG FB 15 -15.92 16.74 97.21
CA ARG FB 15 -16.47 15.41 97.43
C ARG FB 15 -17.60 15.16 96.44
N CYS FB 16 -18.14 13.95 96.49
CA CYS FB 16 -19.28 13.58 95.68
C CYS FB 16 -20.58 14.04 96.33
N LEU FB 17 -21.69 13.76 95.68
CA LEU FB 17 -22.97 14.10 96.28
C LEU FB 17 -23.41 12.99 97.24
N PRO FB 18 -24.15 13.35 98.29
CA PRO FB 18 -24.73 12.32 99.16
C PRO FB 18 -25.81 11.52 98.45
N THR FB 19 -25.52 10.27 98.14
CA THR FB 19 -26.41 9.40 97.40
C THR FB 19 -26.88 8.24 98.29
N PRO FB 20 -28.06 7.67 98.03
CA PRO FB 20 -28.47 6.47 98.75
C PRO FB 20 -27.62 5.24 98.46
N LYS FB 21 -26.94 5.20 97.31
CA LYS FB 21 -26.03 4.10 97.03
C LYS FB 21 -24.76 4.20 97.87
N CYS FB 22 -24.30 5.43 98.13
CA CYS FB 22 -23.09 5.63 98.92
C CYS FB 22 -23.17 7.00 99.57
N HIS FB 23 -23.41 7.01 100.88
CA HIS FB 23 -23.34 8.24 101.66
C HIS FB 23 -21.93 8.47 102.15
N THR FB 24 -21.68 9.68 102.67
CA THR FB 24 -20.40 10.18 103.20
C THR FB 24 -19.26 9.99 102.19
N PRO FB 25 -19.17 10.85 101.17
CA PRO FB 25 -18.06 10.73 100.22
C PRO FB 25 -16.73 11.02 100.91
N PRO FB 26 -15.62 10.49 100.39
CA PRO FB 26 -14.35 10.53 101.13
C PRO FB 26 -13.72 11.91 101.28
N LEU FB 27 -14.23 12.94 100.60
CA LEU FB 27 -13.83 14.35 100.75
C LEU FB 27 -12.33 14.54 100.47
N TYR FB 28 -12.00 14.37 99.19
CA TYR FB 28 -10.62 14.45 98.75
C TYR FB 28 -10.08 15.88 98.84
N ARG FB 29 -8.77 16.01 98.62
CA ARG FB 29 -8.04 17.24 98.92
C ARG FB 29 -6.91 17.41 97.92
N MET FB 30 -6.72 18.62 97.41
CA MET FB 30 -5.60 18.92 96.54
C MET FB 30 -5.01 20.27 96.88
N ARG FB 31 -3.92 20.61 96.18
CA ARG FB 31 -3.13 21.81 96.38
C ARG FB 31 -2.98 22.49 95.02
N ILE FB 32 -3.91 23.38 94.70
CA ILE FB 32 -4.04 23.94 93.35
C ILE FB 32 -3.39 25.31 93.32
N PHE FB 33 -2.52 25.53 92.34
CA PHE FB 33 -1.93 26.83 92.09
C PHE FB 33 -2.67 27.52 90.95
N ALA FB 34 -3.06 28.77 91.16
CA ALA FB 34 -3.94 29.49 90.25
C ALA FB 34 -3.81 30.98 90.50
N PRO FB 35 -4.12 31.83 89.52
CA PRO FB 35 -4.13 33.27 89.79
C PRO FB 35 -5.25 33.71 90.73
N ASN FB 36 -6.40 33.04 90.69
CA ASN FB 36 -7.46 33.31 91.64
C ASN FB 36 -8.26 32.03 91.88
N HIS FB 37 -9.19 32.12 92.85
CA HIS FB 37 -9.85 30.92 93.36
C HIS FB 37 -10.85 30.32 92.38
N VAL FB 38 -11.36 31.10 91.42
CA VAL FB 38 -12.27 30.54 90.43
C VAL FB 38 -11.53 29.61 89.49
N VAL FB 39 -10.35 30.05 89.02
CA VAL FB 39 -9.47 29.20 88.24
C VAL FB 39 -8.97 28.02 89.10
N ALA FB 40 -8.79 28.23 90.41
CA ALA FB 40 -8.43 27.12 91.30
C ALA FB 40 -9.53 26.08 91.38
N LYS FB 41 -10.79 26.50 91.48
CA LYS FB 41 -11.91 25.57 91.52
C LYS FB 41 -12.05 24.81 90.20
N SER FB 42 -11.89 25.51 89.08
CA SER FB 42 -12.06 24.85 87.78
C SER FB 42 -10.92 23.88 87.48
N ARG FB 43 -9.68 24.27 87.80
CA ARG FB 43 -8.55 23.36 87.62
C ARG FB 43 -8.61 22.21 88.62
N PHE FB 44 -9.22 22.44 89.79
CA PHE FB 44 -9.49 21.34 90.72
C PHE FB 44 -10.46 20.33 90.12
N TRP FB 45 -11.53 20.82 89.47
CA TRP FB 45 -12.44 19.89 88.78
C TRP FB 45 -11.73 19.14 87.66
N TYR FB 46 -10.82 19.81 86.95
CA TYR FB 46 -10.03 19.18 85.90
C TYR FB 46 -9.17 18.03 86.44
N PHE FB 47 -8.39 18.31 87.50
CA PHE FB 47 -7.51 17.29 88.05
C PHE FB 47 -8.28 16.15 88.70
N VAL FB 48 -9.37 16.45 89.42
CA VAL FB 48 -10.11 15.38 90.08
C VAL FB 48 -10.90 14.57 89.05
N SER FB 49 -11.31 15.19 87.94
CA SER FB 49 -11.94 14.43 86.87
C SER FB 49 -10.94 13.52 86.17
N GLN FB 50 -9.69 13.97 86.02
CA GLN FB 50 -8.69 13.07 85.46
C GLN FB 50 -8.28 11.97 86.42
N LEU FB 51 -8.31 12.22 87.73
CA LEU FB 51 -7.89 11.19 88.67
C LEU FB 51 -8.99 10.16 88.92
N LYS FB 52 -10.13 10.61 89.44
CA LYS FB 52 -11.18 9.70 89.87
C LYS FB 52 -12.49 10.02 89.17
N LYS FB 53 -13.50 9.17 89.42
CA LYS FB 53 -14.82 9.30 88.80
C LYS FB 53 -15.56 10.47 89.45
N MET FB 54 -15.25 11.66 88.98
CA MET FB 54 -15.87 12.88 89.50
C MET FB 54 -16.13 13.86 88.36
N LYS FB 55 -17.28 14.52 88.43
CA LYS FB 55 -17.60 15.63 87.55
C LYS FB 55 -18.24 16.71 88.40
N LYS FB 56 -18.52 17.87 87.78
CA LYS FB 56 -19.04 19.00 88.55
C LYS FB 56 -20.49 18.78 88.95
N SER FB 57 -21.27 18.07 88.15
CA SER FB 57 -22.68 17.90 88.44
C SER FB 57 -22.92 16.88 89.55
N SER FB 58 -22.19 15.77 89.54
CA SER FB 58 -22.33 14.75 90.58
C SER FB 58 -21.37 14.97 91.73
N GLY FB 59 -20.90 16.20 91.93
CA GLY FB 59 -20.00 16.50 93.04
C GLY FB 59 -20.17 17.92 93.51
N GLU FB 60 -19.33 18.29 94.48
CA GLU FB 60 -19.34 19.63 95.04
C GLU FB 60 -17.97 19.92 95.63
N ILE FB 61 -17.71 21.21 95.82
CA ILE FB 61 -16.50 21.68 96.48
C ILE FB 61 -16.85 22.11 97.89
N VAL FB 62 -16.23 21.49 98.88
CA VAL FB 62 -16.56 21.76 100.26
C VAL FB 62 -15.93 23.07 100.73
N TYR FB 63 -14.65 23.27 100.42
CA TYR FB 63 -13.92 24.44 100.88
C TYR FB 63 -12.84 24.81 99.87
N CYS FB 64 -12.64 26.12 99.71
CA CYS FB 64 -11.59 26.67 98.86
C CYS FB 64 -10.92 27.80 99.63
N GLY FB 65 -9.66 27.63 99.97
CA GLY FB 65 -8.96 28.58 100.83
C GLY FB 65 -7.62 29.00 100.29
N GLN FB 66 -7.29 30.27 100.51
CA GLN FB 66 -5.95 30.77 100.27
C GLN FB 66 -4.96 30.13 101.25
N VAL FB 67 -3.79 29.76 100.76
CA VAL FB 67 -2.73 29.19 101.59
C VAL FB 67 -1.59 30.20 101.62
N PHE FB 68 -1.42 30.86 102.76
CA PHE FB 68 -0.35 31.82 102.90
C PHE FB 68 0.96 31.10 103.19
N GLU FB 69 2.06 31.82 103.01
CA GLU FB 69 3.39 31.23 103.11
C GLU FB 69 3.76 31.02 104.57
N LYS FB 70 4.34 29.85 104.86
CA LYS FB 70 4.76 29.52 106.22
C LYS FB 70 5.93 30.40 106.68
N SER FB 71 6.78 30.83 105.76
CA SER FB 71 7.91 31.71 106.09
C SER FB 71 8.26 32.54 104.87
N PRO FB 72 7.63 33.70 104.70
CA PRO FB 72 7.94 34.55 103.54
C PRO FB 72 9.29 35.21 103.60
N LEU FB 73 9.86 35.39 104.80
CA LEU FB 73 11.13 36.09 104.94
C LEU FB 73 12.34 35.18 104.79
N ARG FB 74 12.14 33.91 104.42
CA ARG FB 74 13.23 32.97 104.25
C ARG FB 74 13.41 32.64 102.78
N VAL FB 75 14.65 32.72 102.31
CA VAL FB 75 14.98 32.36 100.93
C VAL FB 75 15.12 30.84 100.88
N LYS FB 76 14.16 30.18 100.21
CA LYS FB 76 14.07 28.74 100.24
C LYS FB 76 14.28 28.14 98.85
N ASN FB 77 14.38 26.81 98.83
CA ASN FB 77 14.68 26.05 97.62
C ASN FB 77 13.51 25.11 97.35
N PHE FB 78 12.93 25.19 96.16
CA PHE FB 78 11.74 24.43 95.83
C PHE FB 78 11.98 23.56 94.60
N GLY FB 79 11.64 22.28 94.72
CA GLY FB 79 11.67 21.36 93.61
C GLY FB 79 10.26 21.17 93.08
N ILE FB 80 10.11 21.38 91.77
CA ILE FB 80 8.82 21.35 91.10
C ILE FB 80 8.83 20.17 90.13
N TRP FB 81 7.76 19.39 90.14
CA TRP FB 81 7.60 18.29 89.21
C TRP FB 81 6.58 18.66 88.13
N LEU FB 82 6.92 18.36 86.88
CA LEU FB 82 6.25 18.90 85.72
C LEU FB 82 5.82 17.79 84.78
N ARG FB 83 4.59 17.90 84.27
CA ARG FB 83 4.00 17.00 83.29
C ARG FB 83 3.54 17.80 82.09
N TYR FB 84 4.44 18.62 81.55
CA TYR FB 84 4.11 19.46 80.41
C TYR FB 84 3.96 18.60 79.15
N ASP FB 85 3.25 19.15 78.17
CA ASP FB 85 3.06 18.50 76.88
C ASP FB 85 3.74 19.33 75.81
N SER FB 86 4.74 18.74 75.16
CA SER FB 86 5.50 19.43 74.13
C SER FB 86 4.79 19.30 72.78
N ARG FB 87 5.49 19.67 71.70
CA ARG FB 87 4.89 19.59 70.38
C ARG FB 87 4.82 18.15 69.89
N SER FB 88 5.84 17.35 70.20
CA SER FB 88 5.83 15.94 69.81
C SER FB 88 5.05 15.10 70.81
N GLY FB 89 5.49 15.08 72.07
CA GLY FB 89 4.80 14.32 73.09
C GLY FB 89 5.11 14.90 74.45
N THR FB 90 4.32 14.46 75.43
CA THR FB 90 4.49 14.96 76.78
C THR FB 90 5.69 14.31 77.46
N HIS FB 91 6.22 15.00 78.47
CA HIS FB 91 7.42 14.56 79.16
C HIS FB 91 7.30 14.86 80.64
N ASN FB 92 8.09 14.15 81.44
CA ASN FB 92 8.22 14.42 82.87
C ASN FB 92 9.46 15.28 83.09
N MET FB 93 9.41 16.11 84.12
CA MET FB 93 10.49 17.07 84.34
C MET FB 93 10.62 17.41 85.82
N TYR FB 94 11.85 17.52 86.31
CA TYR FB 94 12.14 18.00 87.64
C TYR FB 94 12.94 19.30 87.53
N ARG FB 95 12.40 20.38 88.10
CA ARG FB 95 13.09 21.66 88.08
C ARG FB 95 13.29 22.16 89.50
N GLU FB 96 14.25 23.07 89.67
CA GLU FB 96 14.54 23.66 90.97
C GLU FB 96 14.53 25.17 90.86
N TYR FB 97 14.05 25.83 91.91
CA TYR FB 97 13.98 27.29 91.94
C TYR FB 97 14.26 27.77 93.35
N ARG FB 98 15.16 28.74 93.47
CA ARG FB 98 15.43 29.37 94.76
C ARG FB 98 14.63 30.68 94.82
N ASP FB 99 13.67 30.74 95.74
CA ASP FB 99 12.77 31.89 95.82
C ASP FB 99 12.21 31.93 97.25
N LEU FB 100 11.49 33.01 97.57
CA LEU FB 100 10.95 33.19 98.91
C LEU FB 100 9.76 32.28 99.17
N THR FB 101 8.69 32.42 98.39
CA THR FB 101 7.43 31.75 98.67
C THR FB 101 7.13 30.71 97.60
N THR FB 102 6.20 29.80 97.95
CA THR FB 102 5.83 28.71 97.06
C THR FB 102 5.11 29.22 95.82
N ALA FB 103 4.21 30.19 96.00
CA ALA FB 103 3.49 30.75 94.88
C ALA FB 103 4.43 31.50 93.94
N GLY FB 104 5.43 32.17 94.49
CA GLY FB 104 6.43 32.83 93.65
C GLY FB 104 7.32 31.84 92.92
N ALA FB 105 7.64 30.72 93.57
CA ALA FB 105 8.47 29.71 92.91
C ALA FB 105 7.71 29.03 91.77
N VAL FB 106 6.43 28.73 91.98
CA VAL FB 106 5.62 28.13 90.93
C VAL FB 106 5.33 29.17 89.84
N THR FB 107 5.28 30.46 90.20
CA THR FB 107 5.15 31.52 89.20
C THR FB 107 6.37 31.57 88.30
N GLN FB 108 7.57 31.54 88.90
CA GLN FB 108 8.81 31.43 88.14
C GLN FB 108 8.86 30.15 87.32
N CYS FB 109 8.25 29.06 87.81
CA CYS FB 109 8.20 27.82 87.04
C CYS FB 109 7.37 27.96 85.78
N TYR FB 110 6.17 28.55 85.89
CA TYR FB 110 5.34 28.80 84.71
C TYR FB 110 6.01 29.75 83.72
N ARG FB 111 6.62 30.84 84.24
CA ARG FB 111 7.27 31.81 83.36
C ARG FB 111 8.49 31.22 82.68
N ASP FB 112 9.24 30.36 83.37
CA ASP FB 112 10.44 29.77 82.79
C ASP FB 112 10.10 28.66 81.80
N MET FB 113 9.06 27.88 82.06
CA MET FB 113 8.64 26.89 81.08
C MET FB 113 8.00 27.54 79.87
N GLY FB 114 7.40 28.72 80.03
CA GLY FB 114 6.99 29.48 78.87
C GLY FB 114 8.16 30.10 78.13
N ALA FB 115 9.23 30.47 78.84
CA ALA FB 115 10.40 31.06 78.21
C ALA FB 115 11.17 30.04 77.39
N ARG FB 116 11.68 29.00 78.06
CA ARG FB 116 12.60 28.09 77.40
C ARG FB 116 11.90 27.12 76.45
N HIS FB 117 11.03 26.26 76.99
CA HIS FB 117 10.49 25.15 76.21
C HIS FB 117 9.25 25.51 75.40
N ARG FB 118 8.89 26.81 75.34
CA ARG FB 118 7.72 27.32 74.60
C ARG FB 118 6.43 26.64 75.02
N ALA FB 119 6.33 26.27 76.30
CA ALA FB 119 5.16 25.55 76.79
C ALA FB 119 4.11 26.54 77.27
N ARG FB 120 2.91 26.44 76.72
CA ARG FB 120 1.81 27.28 77.17
C ARG FB 120 1.31 26.78 78.53
N ALA FB 121 0.40 27.56 79.12
CA ALA FB 121 -0.25 27.13 80.35
C ALA FB 121 -1.30 26.06 80.12
N HIS FB 122 -1.66 25.79 78.87
CA HIS FB 122 -2.60 24.71 78.55
C HIS FB 122 -1.98 23.34 78.81
N SER FB 123 -0.65 23.23 78.69
CA SER FB 123 0.01 21.94 78.73
C SER FB 123 0.71 21.65 80.06
N ILE FB 124 1.06 22.68 80.82
CA ILE FB 124 1.83 22.51 82.05
C ILE FB 124 0.90 22.00 83.15
N GLN FB 125 1.25 20.85 83.72
CA GLN FB 125 0.54 20.29 84.85
C GLN FB 125 1.52 20.11 85.99
N ILE FB 126 1.34 20.89 87.06
CA ILE FB 126 2.22 20.80 88.22
C ILE FB 126 1.91 19.51 88.97
N MET FB 127 2.88 18.59 88.99
CA MET FB 127 2.64 17.32 89.66
C MET FB 127 2.79 17.45 91.17
N LYS FB 128 3.91 18.02 91.62
CA LYS FB 128 4.18 18.12 93.05
C LYS FB 128 5.15 19.26 93.29
N VAL FB 129 5.00 19.92 94.44
CA VAL FB 129 5.90 20.98 94.88
C VAL FB 129 6.45 20.60 96.24
N GLU FB 130 7.79 20.61 96.38
CA GLU FB 130 8.36 20.26 97.66
C GLU FB 130 9.59 21.12 97.97
N GLU FB 131 9.62 21.68 99.17
CA GLU FB 131 10.81 22.39 99.63
C GLU FB 131 11.94 21.39 99.88
N ILE FB 132 13.04 21.57 99.18
CA ILE FB 132 14.22 20.73 99.36
C ILE FB 132 15.27 21.52 100.11
N ALA FB 133 16.11 20.81 100.87
CA ALA FB 133 17.09 21.46 101.72
C ALA FB 133 18.41 21.61 100.96
N ALA FB 134 19.45 22.05 101.67
CA ALA FB 134 20.76 22.14 101.06
C ALA FB 134 21.38 20.76 100.91
N SER FB 135 22.40 20.67 100.05
CA SER FB 135 23.17 19.48 99.69
C SER FB 135 22.31 18.36 99.10
N LYS FB 136 21.11 18.69 98.60
CA LYS FB 136 20.28 17.75 97.85
C LYS FB 136 19.85 18.32 96.51
N CYS FB 137 20.27 19.55 96.19
CA CYS FB 137 19.91 20.18 94.94
C CYS FB 137 20.70 19.58 93.79
N ARG FB 138 19.99 19.12 92.77
CA ARG FB 138 20.64 18.55 91.60
C ARG FB 138 21.20 19.61 90.65
N ARG FB 139 20.75 20.86 90.77
CA ARG FB 139 21.07 21.84 89.75
C ARG FB 139 22.35 22.60 90.10
N PRO FB 140 23.23 22.79 89.10
CA PRO FB 140 24.48 23.50 89.36
C PRO FB 140 24.29 24.99 89.60
N ALA FB 141 23.26 25.61 89.00
CA ALA FB 141 23.00 27.03 89.23
C ALA FB 141 22.61 27.29 90.68
N VAL FB 142 21.65 26.52 91.20
CA VAL FB 142 21.25 26.69 92.59
C VAL FB 142 22.36 26.19 93.53
N LYS FB 143 23.13 25.20 93.10
CA LYS FB 143 24.26 24.70 93.88
C LYS FB 143 25.37 25.74 94.00
N GLN FB 144 25.53 26.60 92.99
CA GLN FB 144 26.53 27.66 93.09
C GLN FB 144 25.96 28.96 93.64
N PHE FB 145 24.64 29.11 93.72
CA PHE FB 145 24.09 30.12 94.61
C PHE FB 145 24.21 29.73 96.08
N HIS FB 146 24.34 28.43 96.36
CA HIS FB 146 24.66 27.96 97.71
C HIS FB 146 26.11 28.32 98.05
N ASP FB 147 26.30 29.56 98.49
CA ASP FB 147 27.60 30.06 98.92
C ASP FB 147 27.42 31.00 100.10
N SER FB 148 28.11 30.72 101.20
CA SER FB 148 28.25 31.71 102.26
C SER FB 148 29.42 32.63 101.92
N LYS FB 149 29.31 33.89 102.39
CA LYS FB 149 30.22 34.98 102.06
C LYS FB 149 30.35 35.15 100.54
N ILE FB 150 29.19 35.21 99.89
CA ILE FB 150 29.14 35.31 98.43
C ILE FB 150 29.47 36.75 98.02
N LYS FB 151 30.30 36.88 96.98
CA LYS FB 151 30.75 38.18 96.49
C LYS FB 151 30.52 38.24 94.99
N PHE FB 152 29.74 39.22 94.53
CA PHE FB 152 29.73 39.57 93.12
C PHE FB 152 29.36 41.02 92.92
N PRO FB 153 30.05 41.74 92.04
CA PRO FB 153 29.65 43.11 91.71
C PRO FB 153 28.57 43.15 90.65
N LEU FB 154 28.24 44.35 90.19
CA LEU FB 154 27.23 44.55 89.14
C LEU FB 154 27.89 45.24 87.96
N PRO FB 155 28.54 44.49 87.07
CA PRO FB 155 29.26 45.13 85.96
C PRO FB 155 28.33 45.55 84.84
N HIS FB 156 28.61 46.74 84.29
CA HIS FB 156 27.90 47.34 83.15
C HIS FB 156 26.40 47.48 83.44
N ARG FB 157 26.10 48.30 84.43
CA ARG FB 157 24.72 48.53 84.86
C ARG FB 157 24.23 49.84 84.24
N VAL FB 158 23.48 49.73 83.16
CA VAL FB 158 22.91 50.89 82.47
C VAL FB 158 21.41 50.93 82.80
N LEU FB 159 20.87 52.14 82.91
CA LEU FB 159 19.52 52.33 83.40
C LEU FB 159 19.03 53.72 82.98
N ARG FB 160 17.79 54.03 83.38
CA ARG FB 160 17.15 55.35 83.23
C ARG FB 160 17.05 55.76 81.75
N ARG FB 161 16.27 54.99 81.00
CA ARG FB 161 16.03 55.29 79.59
C ARG FB 161 15.13 56.52 79.49
N GLN FB 162 15.74 57.66 79.16
CA GLN FB 162 15.07 58.95 78.92
C GLN FB 162 14.31 59.47 80.13
N HIS FB 163 14.65 59.05 81.35
CA HIS FB 163 14.24 59.82 82.52
C HIS FB 163 15.05 61.11 82.61
N LYS FB 164 16.32 61.03 82.27
CA LYS FB 164 17.12 62.20 81.93
C LYS FB 164 16.62 62.78 80.61
N PRO FB 165 16.91 64.04 80.31
CA PRO FB 165 16.45 64.62 79.03
C PRO FB 165 17.08 63.93 77.83
N ARG FB 166 16.36 63.98 76.72
CA ARG FB 166 16.75 63.28 75.50
C ARG FB 166 17.98 63.89 74.85
N PHE FB 167 18.33 65.12 75.22
CA PHE FB 167 19.42 65.86 74.59
C PHE FB 167 20.28 66.46 75.68
N THR FB 168 21.53 66.00 75.75
CA THR FB 168 22.44 66.43 76.79
C THR FB 168 23.87 66.35 76.29
N THR FB 169 24.78 66.94 77.05
CA THR FB 169 26.21 66.82 76.79
C THR FB 169 26.83 65.66 77.55
N LYS FB 170 26.02 64.87 78.25
CA LYS FB 170 26.55 63.82 79.09
C LYS FB 170 26.94 62.59 78.27
N ARG FB 171 27.63 61.66 78.92
CA ARG FB 171 28.01 60.39 78.33
C ARG FB 171 28.17 59.43 79.50
N PRO FB 172 27.15 58.62 79.78
CA PRO FB 172 27.02 57.98 81.11
C PRO FB 172 28.06 56.90 81.36
N ASN FB 173 28.85 57.09 82.42
CA ASN FB 173 29.83 56.10 82.84
C ASN FB 173 29.13 54.96 83.58
N THR FB 174 29.38 53.73 83.16
CA THR FB 174 28.77 52.59 83.82
C THR FB 174 29.59 52.16 85.03
N PHE FB 175 28.90 51.78 86.10
CA PHE FB 175 29.48 51.29 87.36
C PHE FB 175 30.44 52.30 87.99
N THR GB 1 -33.44 11.87 42.97
CA THR GB 1 -32.33 11.06 42.50
C THR GB 1 -31.96 9.98 43.52
N ASN GB 2 -32.53 10.08 44.71
CA ASN GB 2 -32.43 9.00 45.69
C ASN GB 2 -33.50 7.94 45.48
N THR GB 3 -34.36 8.12 44.47
CA THR GB 3 -35.44 7.21 44.08
C THR GB 3 -36.38 6.97 45.26
N LYS GB 4 -37.08 8.05 45.61
CA LYS GB 4 -37.91 8.10 46.82
C LYS GB 4 -39.16 7.24 46.60
N GLY GB 5 -39.00 5.96 46.86
CA GLY GB 5 -40.09 5.02 46.90
C GLY GB 5 -40.68 4.91 48.29
N LYS GB 6 -40.91 3.69 48.73
CA LYS GB 6 -41.38 3.42 50.08
C LYS GB 6 -40.33 2.57 50.80
N ARG GB 7 -39.87 3.06 51.96
CA ARG GB 7 -38.87 2.42 52.81
C ARG GB 7 -37.56 2.19 52.06
N ARG GB 8 -36.91 3.28 51.68
CA ARG GB 8 -35.64 3.24 50.99
C ARG GB 8 -34.45 3.41 51.93
N GLY GB 9 -34.67 3.52 53.23
CA GLY GB 9 -33.59 3.68 54.16
C GLY GB 9 -33.79 2.88 55.44
N THR GB 10 -34.46 1.73 55.31
CA THR GB 10 -34.98 0.99 56.44
C THR GB 10 -34.31 -0.37 56.58
N ARG GB 11 -32.99 -0.42 56.42
CA ARG GB 11 -32.28 -1.68 56.62
C ARG GB 11 -32.21 -2.04 58.10
N TYR GB 12 -32.25 -1.04 58.98
CA TYR GB 12 -32.15 -1.25 60.41
C TYR GB 12 -33.42 -0.90 61.18
N MET GB 13 -34.28 -0.05 60.62
CA MET GB 13 -35.33 0.58 61.42
C MET GB 13 -36.54 -0.34 61.58
N PHE GB 14 -36.96 -1.03 60.52
CA PHE GB 14 -38.06 -1.97 60.58
C PHE GB 14 -37.61 -3.39 60.88
N SER GB 15 -36.52 -3.56 61.61
CA SER GB 15 -35.99 -4.88 61.94
C SER GB 15 -36.15 -5.17 63.42
N ARG GB 16 -36.28 -6.45 63.74
CA ARG GB 16 -36.27 -6.90 65.14
C ARG GB 16 -34.83 -7.02 65.62
N PRO GB 17 -34.49 -6.44 66.79
CA PRO GB 17 -33.08 -6.22 67.13
C PRO GB 17 -32.21 -7.46 67.33
N PHE GB 18 -32.54 -8.30 68.31
CA PHE GB 18 -31.73 -9.45 68.68
C PHE GB 18 -32.52 -10.29 69.66
N ARG GB 19 -32.49 -11.62 69.46
CA ARG GB 19 -33.23 -12.61 70.24
C ARG GB 19 -34.73 -12.32 70.27
N LYS GB 20 -35.25 -11.74 69.19
CA LYS GB 20 -36.66 -11.40 69.11
C LYS GB 20 -37.28 -11.79 67.78
N HIS GB 21 -36.54 -12.52 66.93
CA HIS GB 21 -37.10 -12.98 65.67
C HIS GB 21 -38.07 -14.13 65.93
N GLY GB 22 -39.30 -13.98 65.51
CA GLY GB 22 -40.28 -15.03 65.71
C GLY GB 22 -41.68 -14.45 65.70
N VAL GB 23 -42.60 -15.18 66.33
CA VAL GB 23 -43.99 -14.77 66.38
C VAL GB 23 -44.14 -13.60 67.35
N VAL GB 24 -45.18 -12.81 67.14
CA VAL GB 24 -45.42 -11.62 67.95
C VAL GB 24 -46.05 -12.02 69.29
N PRO GB 25 -45.76 -11.31 70.37
CA PRO GB 25 -46.47 -11.55 71.62
C PRO GB 25 -47.91 -11.08 71.52
N LEU GB 26 -48.76 -11.66 72.37
CA LEU GB 26 -50.18 -11.34 72.32
C LEU GB 26 -50.56 -10.17 73.22
N ALA GB 27 -49.67 -9.76 74.12
CA ALA GB 27 -49.95 -8.56 74.92
C ALA GB 27 -49.87 -7.29 74.11
N THR GB 28 -49.25 -7.33 72.92
CA THR GB 28 -49.33 -6.21 71.99
C THR GB 28 -50.76 -6.04 71.50
N TYR GB 29 -51.45 -7.15 71.22
CA TYR GB 29 -52.84 -7.09 70.81
C TYR GB 29 -53.76 -6.77 71.98
N MET GB 30 -53.55 -7.41 73.13
CA MET GB 30 -54.46 -7.32 74.27
C MET GB 30 -54.28 -6.00 75.03
N ARG GB 31 -54.58 -4.89 74.35
CA ARG GB 31 -54.49 -3.56 74.92
C ARG GB 31 -55.76 -2.79 74.59
N ILE GB 32 -55.96 -1.68 75.29
CA ILE GB 32 -57.19 -0.90 75.18
C ILE GB 32 -56.84 0.38 74.44
N TYR GB 33 -57.25 0.47 73.17
CA TYR GB 33 -57.01 1.65 72.35
C TYR GB 33 -58.34 2.35 72.13
N LYS GB 34 -58.55 3.45 72.84
CA LYS GB 34 -59.76 4.25 72.73
C LYS GB 34 -59.42 5.61 72.11
N LYS GB 35 -60.45 6.43 71.94
CA LYS GB 35 -60.25 7.74 71.36
C LYS GB 35 -59.58 8.68 72.37
N GLY GB 36 -58.74 9.57 71.84
CA GLY GB 36 -58.01 10.50 72.69
C GLY GB 36 -56.77 9.94 73.34
N ASP GB 37 -56.47 8.67 73.14
CA ASP GB 37 -55.27 8.07 73.73
C ASP GB 37 -54.03 8.52 72.96
N ILE GB 38 -53.05 8.98 73.71
CA ILE GB 38 -51.77 9.44 73.15
C ILE GB 38 -50.89 8.21 73.00
N VAL GB 39 -50.57 7.86 71.76
CA VAL GB 39 -49.85 6.62 71.46
C VAL GB 39 -48.58 6.94 70.69
N ASP GB 40 -47.67 5.97 70.67
CA ASP GB 40 -46.42 6.06 69.92
C ASP GB 40 -46.45 5.12 68.73
N ILE GB 41 -45.58 5.38 67.76
CA ILE GB 41 -45.49 4.57 66.55
C ILE GB 41 -44.12 3.91 66.51
N LYS GB 42 -44.10 2.59 66.38
CA LYS GB 42 -42.86 1.83 66.29
C LYS GB 42 -43.05 0.71 65.28
N GLY GB 43 -42.30 0.75 64.18
CA GLY GB 43 -42.52 -0.17 63.09
C GLY GB 43 -42.08 -1.59 63.41
N MET GB 44 -42.78 -2.54 62.79
CA MET GB 44 -42.54 -3.96 62.99
C MET GB 44 -42.34 -4.61 61.63
N GLY GB 45 -41.28 -5.42 61.52
CA GLY GB 45 -41.03 -6.15 60.29
C GLY GB 45 -41.76 -7.45 60.15
N THR GB 46 -42.40 -7.92 61.22
CA THR GB 46 -43.11 -9.19 61.18
C THR GB 46 -44.41 -9.08 60.39
N VAL GB 47 -45.22 -8.08 60.72
CA VAL GB 47 -46.48 -7.85 60.02
C VAL GB 47 -46.21 -6.83 58.92
N GLN GB 48 -46.22 -7.28 57.67
CA GLN GB 48 -45.91 -6.43 56.53
C GLN GB 48 -47.14 -5.79 55.93
N LYS GB 49 -48.24 -5.68 56.69
CA LYS GB 49 -49.47 -5.13 56.14
C LYS GB 49 -49.61 -3.63 56.41
N GLY GB 50 -49.65 -3.24 57.67
CA GLY GB 50 -50.04 -1.87 58.00
C GLY GB 50 -49.00 -1.04 58.71
N MET GB 51 -47.74 -1.16 58.31
CA MET GB 51 -46.74 -0.23 58.79
C MET GB 51 -46.97 1.13 58.14
N PRO GB 52 -46.86 2.23 58.89
CA PRO GB 52 -47.31 3.54 58.38
C PRO GB 52 -46.50 4.08 57.22
N HIS GB 53 -45.22 4.33 57.48
CA HIS GB 53 -44.22 4.87 56.57
C HIS GB 53 -42.92 4.96 57.36
N LYS GB 54 -41.80 5.13 56.64
CA LYS GB 54 -40.51 5.32 57.29
C LYS GB 54 -40.38 6.68 57.97
N CYS GB 55 -41.25 7.63 57.64
CA CYS GB 55 -41.17 8.96 58.24
C CYS GB 55 -41.81 9.01 59.63
N TYR GB 56 -42.83 8.19 59.87
CA TYR GB 56 -43.58 8.28 61.11
C TYR GB 56 -43.05 7.37 62.21
N HIS GB 57 -41.87 6.79 62.03
CA HIS GB 57 -41.32 5.91 63.05
C HIS GB 57 -40.81 6.73 64.24
N GLY GB 58 -41.20 6.32 65.44
CA GLY GB 58 -40.82 7.02 66.65
C GLY GB 58 -41.68 8.22 67.00
N LYS GB 59 -42.60 8.61 66.12
CA LYS GB 59 -43.45 9.76 66.40
C LYS GB 59 -44.58 9.38 67.35
N THR GB 60 -45.35 10.40 67.73
CA THR GB 60 -46.38 10.29 68.76
C THR GB 60 -47.64 10.97 68.28
N GLY GB 61 -48.76 10.24 68.33
CA GLY GB 61 -50.01 10.77 67.84
C GLY GB 61 -51.22 10.54 68.71
N ARG GB 62 -52.38 10.97 68.21
CA ARG GB 62 -53.65 10.92 68.93
C ARG GB 62 -54.61 10.02 68.16
N VAL GB 63 -55.33 9.17 68.87
CA VAL GB 63 -56.23 8.21 68.24
C VAL GB 63 -57.56 8.89 67.94
N TYR GB 64 -58.03 8.79 66.70
CA TYR GB 64 -59.34 9.29 66.34
C TYR GB 64 -60.32 8.21 65.92
N ASN GB 65 -59.85 7.10 65.37
CA ASN GB 65 -60.73 6.04 64.89
C ASN GB 65 -60.14 4.70 65.28
N VAL GB 66 -61.01 3.78 65.68
CA VAL GB 66 -60.63 2.41 65.99
C VAL GB 66 -61.54 1.49 65.19
N THR GB 67 -60.97 0.46 64.58
CA THR GB 67 -61.66 -0.47 63.70
C THR GB 67 -61.45 -1.89 64.21
N GLN GB 68 -61.75 -2.89 63.37
CA GLN GB 68 -61.66 -4.30 63.75
C GLN GB 68 -60.26 -4.68 64.23
N HIS GB 69 -59.26 -4.58 63.36
CA HIS GB 69 -57.91 -5.01 63.73
C HIS GB 69 -56.87 -3.98 63.30
N ALA GB 70 -57.19 -2.70 63.48
CA ALA GB 70 -56.25 -1.60 63.29
C ALA GB 70 -56.75 -0.41 64.09
N VAL GB 71 -56.22 0.78 63.80
CA VAL GB 71 -56.52 1.99 64.54
C VAL GB 71 -56.19 3.17 63.64
N GLY GB 72 -56.78 4.32 63.93
CA GLY GB 72 -56.54 5.55 63.18
C GLY GB 72 -55.95 6.63 64.07
N ILE GB 73 -54.83 7.18 63.62
CA ILE GB 73 -53.99 8.07 64.43
C ILE GB 73 -53.73 9.35 63.65
N VAL GB 74 -53.88 10.51 64.30
CA VAL GB 74 -53.50 11.79 63.71
C VAL GB 74 -52.11 12.19 64.22
N VAL GB 75 -51.22 12.52 63.29
CA VAL GB 75 -49.80 12.74 63.60
C VAL GB 75 -49.39 14.10 63.03
N ASN GB 76 -48.70 14.90 63.83
CA ASN GB 76 -48.14 16.17 63.36
C ASN GB 76 -46.81 15.90 62.68
N LYS GB 77 -46.82 15.85 61.35
CA LYS GB 77 -45.61 15.65 60.57
C LYS GB 77 -45.08 16.98 60.06
N GLN GB 78 -43.77 17.18 60.17
CA GLN GB 78 -43.13 18.40 59.70
C GLN GB 78 -42.67 18.22 58.26
N VAL GB 79 -43.09 19.13 57.38
CA VAL GB 79 -42.62 19.18 56.01
C VAL GB 79 -41.99 20.55 55.77
N LYS GB 80 -41.63 20.83 54.51
CA LYS GB 80 -40.95 22.05 54.13
C LYS GB 80 -41.76 23.30 54.49
N GLY GB 81 -43.05 23.29 54.19
CA GLY GB 81 -43.88 24.44 54.46
C GLY GB 81 -44.21 24.67 55.93
N LYS GB 82 -45.00 23.76 56.51
CA LYS GB 82 -45.42 23.88 57.89
C LYS GB 82 -45.84 22.50 58.38
N ILE GB 83 -45.90 22.33 59.69
CA ILE GB 83 -46.28 21.05 60.26
C ILE GB 83 -47.78 20.82 60.04
N LEU GB 84 -48.15 19.57 59.80
CA LEU GB 84 -49.50 19.24 59.39
C LEU GB 84 -50.03 18.07 60.19
N ALA GB 85 -51.30 18.15 60.57
CA ALA GB 85 -51.97 17.04 61.22
C ALA GB 85 -52.49 16.07 60.15
N LYS GB 86 -51.99 14.83 60.17
CA LYS GB 86 -52.23 13.88 59.11
C LYS GB 86 -52.90 12.64 59.67
N ARG GB 87 -53.90 12.14 58.94
CA ARG GB 87 -54.76 11.06 59.39
C ARG GB 87 -54.23 9.76 58.79
N ILE GB 88 -53.72 8.85 59.64
CA ILE GB 88 -53.08 7.63 59.19
C ILE GB 88 -53.86 6.45 59.75
N ASN GB 89 -53.88 5.35 59.00
CA ASN GB 89 -54.49 4.10 59.46
C ASN GB 89 -53.38 3.08 59.68
N VAL GB 90 -53.11 2.76 60.95
CA VAL GB 90 -52.00 1.92 61.35
C VAL GB 90 -52.57 0.70 62.07
N ARG GB 91 -51.99 -0.48 61.82
CA ARG GB 91 -52.44 -1.68 62.52
C ARG GB 91 -52.01 -1.65 63.99
N ILE GB 92 -52.48 -2.64 64.74
CA ILE GB 92 -52.30 -2.66 66.19
C ILE GB 92 -50.89 -3.08 66.56
N GLU GB 93 -50.23 -3.91 65.73
CA GLU GB 93 -48.92 -4.45 66.08
C GLU GB 93 -47.83 -3.39 66.12
N HIS GB 94 -48.02 -2.27 65.44
CA HIS GB 94 -47.02 -1.21 65.35
C HIS GB 94 -47.16 -0.17 66.44
N ILE GB 95 -48.14 -0.28 67.31
CA ILE GB 95 -48.55 0.80 68.19
C ILE GB 95 -48.50 0.33 69.65
N LYS GB 96 -47.87 1.13 70.51
CA LYS GB 96 -47.91 0.95 71.95
C LYS GB 96 -48.46 2.22 72.59
N HIS GB 97 -48.69 2.16 73.90
CA HIS GB 97 -49.13 3.35 74.62
C HIS GB 97 -47.97 4.29 74.90
N SER GB 98 -48.30 5.45 75.47
CA SER GB 98 -47.31 6.41 75.94
C SER GB 98 -47.51 6.61 77.43
N LYS GB 99 -46.45 6.37 78.21
CA LYS GB 99 -46.53 6.47 79.66
C LYS GB 99 -46.50 7.89 80.19
N SER GB 100 -46.21 8.87 79.33
CA SER GB 100 -46.13 10.26 79.78
C SER GB 100 -47.49 10.80 80.19
N ARG GB 101 -48.53 10.48 79.41
CA ARG GB 101 -49.88 10.92 79.79
C ARG GB 101 -50.36 10.21 81.04
N ASP GB 102 -49.97 8.94 81.22
CA ASP GB 102 -50.34 8.21 82.43
C ASP GB 102 -49.65 8.80 83.66
N SER GB 103 -48.38 9.21 83.51
CA SER GB 103 -47.70 9.89 84.61
C SER GB 103 -48.32 11.25 84.90
N PHE GB 104 -48.80 11.95 83.87
CA PHE GB 104 -49.48 13.22 84.09
C PHE GB 104 -50.80 13.03 84.81
N LEU GB 105 -51.56 11.98 84.46
CA LEU GB 105 -52.79 11.69 85.19
C LEU GB 105 -52.53 11.26 86.63
N LYS GB 106 -51.41 10.56 86.88
CA LYS GB 106 -51.02 10.26 88.25
C LYS GB 106 -50.70 11.53 89.03
N ARG GB 107 -50.01 12.48 88.39
CA ARG GB 107 -49.73 13.76 89.04
C ARG GB 107 -50.99 14.57 89.26
N VAL GB 108 -51.97 14.50 88.35
CA VAL GB 108 -53.23 15.21 88.52
C VAL GB 108 -54.04 14.60 89.66
N LYS GB 109 -54.03 13.27 89.79
CA LYS GB 109 -54.73 12.62 90.89
C LYS GB 109 -54.07 12.94 92.24
N GLU GB 110 -52.73 13.00 92.27
CA GLU GB 110 -52.04 13.41 93.49
C GLU GB 110 -52.32 14.87 93.83
N ASN GB 111 -52.41 15.74 92.83
CA ASN GB 111 -52.75 17.13 93.08
C ASN GB 111 -54.19 17.28 93.57
N ASP GB 112 -55.11 16.45 93.07
CA ASP GB 112 -56.49 16.48 93.55
C ASP GB 112 -56.59 15.99 94.98
N GLN GB 113 -55.84 14.95 95.33
CA GLN GB 113 -55.84 14.46 96.72
C GLN GB 113 -55.22 15.48 97.67
N LYS GB 114 -54.13 16.12 97.25
CA LYS GB 114 -53.52 17.17 98.07
C LYS GB 114 -54.40 18.41 98.17
N LYS GB 115 -55.16 18.73 97.13
CA LYS GB 115 -56.07 19.86 97.19
C LYS GB 115 -57.26 19.56 98.11
N LYS GB 116 -57.74 18.32 98.10
CA LYS GB 116 -58.80 17.92 99.04
C LYS GB 116 -58.29 17.95 100.47
N GLU GB 117 -57.06 17.49 100.70
CA GLU GB 117 -56.45 17.57 102.03
C GLU GB 117 -56.23 19.03 102.44
N ALA GB 118 -55.90 19.90 101.49
CA ALA GB 118 -55.72 21.32 101.79
C ALA GB 118 -57.04 21.98 102.16
N LYS GB 119 -58.11 21.67 101.43
CA LYS GB 119 -59.43 22.19 101.76
C LYS GB 119 -59.94 21.62 103.09
N GLU GB 120 -59.53 20.40 103.43
CA GLU GB 120 -59.97 19.82 104.70
C GLU GB 120 -59.24 20.43 105.89
N LYS GB 121 -57.92 20.52 105.83
CA LYS GB 121 -57.12 20.83 107.00
C LYS GB 121 -56.52 22.23 106.98
N GLY GB 122 -56.77 23.03 105.94
CA GLY GB 122 -56.26 24.38 105.91
C GLY GB 122 -54.76 24.51 105.72
N THR GB 123 -54.13 23.57 105.03
CA THR GB 123 -52.68 23.56 104.87
C THR GB 123 -52.30 24.00 103.46
N TRP GB 124 -51.41 24.99 103.37
CA TRP GB 124 -50.89 25.46 102.09
C TRP GB 124 -49.83 24.46 101.64
N VAL GB 125 -50.11 23.73 100.55
CA VAL GB 125 -49.33 22.54 100.22
C VAL GB 125 -48.27 22.74 99.15
N GLN GB 126 -48.33 23.85 98.39
CA GLN GB 126 -47.41 24.17 97.28
C GLN GB 126 -47.41 23.05 96.23
N LEU GB 127 -48.57 22.87 95.60
CA LEU GB 127 -48.79 21.78 94.67
C LEU GB 127 -48.20 22.01 93.29
N LYS GB 128 -47.54 23.14 93.04
CA LYS GB 128 -46.89 23.37 91.76
C LYS GB 128 -45.58 22.59 91.70
N ARG GB 129 -45.28 22.05 90.53
CA ARG GB 129 -44.04 21.29 90.33
C ARG GB 129 -42.89 22.26 90.16
N GLN GB 130 -42.18 22.53 91.24
CA GLN GB 130 -41.02 23.39 91.09
C GLN GB 130 -39.84 22.61 90.54
N PRO GB 131 -38.96 23.26 89.78
CA PRO GB 131 -37.77 22.57 89.27
C PRO GB 131 -36.72 22.33 90.35
N ALA GB 132 -35.55 21.83 89.96
CA ALA GB 132 -34.50 21.47 90.90
C ALA GB 132 -33.95 22.71 91.60
N PRO GB 133 -34.13 22.86 92.91
CA PRO GB 133 -33.73 24.08 93.58
C PRO GB 133 -32.23 24.11 93.80
N PRO GB 134 -31.65 25.28 94.07
CA PRO GB 134 -30.26 25.32 94.51
C PRO GB 134 -30.12 24.74 95.91
N ARG GB 135 -28.95 24.15 96.17
CA ARG GB 135 -28.73 23.46 97.42
C ARG GB 135 -28.56 24.45 98.57
N GLU GB 136 -29.16 24.12 99.71
CA GLU GB 136 -29.10 24.99 100.86
C GLU GB 136 -27.75 24.87 101.56
N ALA GB 137 -27.56 25.70 102.59
CA ALA GB 137 -26.33 25.69 103.35
C ALA GB 137 -26.25 24.47 104.26
N HIS GB 138 -25.88 23.32 103.70
CA HIS GB 138 -25.83 22.10 104.48
C HIS GB 138 -24.48 22.00 105.20
N PHE GB 139 -24.26 20.92 105.93
CA PHE GB 139 -23.13 20.81 106.83
C PHE GB 139 -22.41 19.49 106.58
N VAL GB 140 -21.09 19.54 106.51
CA VAL GB 140 -20.31 18.38 106.12
C VAL GB 140 -19.74 17.72 107.38
N ARG GB 141 -19.20 16.52 107.21
CA ARG GB 141 -18.57 15.78 108.31
C ARG GB 141 -17.26 15.20 107.82
N THR GB 142 -16.19 15.38 108.60
CA THR GB 142 -14.87 14.90 108.24
C THR GB 142 -14.14 14.26 109.42
N ASN GB 143 -14.88 13.79 110.43
CA ASN GB 143 -14.27 13.25 111.64
C ASN GB 143 -13.55 11.93 111.38
N GLY GB 144 -12.52 11.68 112.18
CA GLY GB 144 -11.75 10.45 112.13
C GLY GB 144 -10.59 10.43 111.15
N LYS GB 145 -10.77 11.02 109.97
CA LYS GB 145 -9.75 10.98 108.92
C LYS GB 145 -9.50 12.38 108.37
N GLU GB 146 -8.23 12.67 108.10
CA GLU GB 146 -7.90 13.87 107.36
C GLU GB 146 -8.33 13.72 105.90
N PRO GB 147 -8.62 14.81 105.20
CA PRO GB 147 -8.93 14.72 103.77
C PRO GB 147 -7.73 14.25 102.96
N GLU GB 148 -7.97 13.31 102.05
CA GLU GB 148 -6.91 12.62 101.35
C GLU GB 148 -6.27 13.51 100.30
N LEU GB 149 -4.95 13.66 100.38
CA LEU GB 149 -4.22 14.49 99.42
C LEU GB 149 -4.05 13.74 98.10
N LEU GB 150 -4.41 14.39 97.01
CA LEU GB 150 -4.27 13.83 95.67
C LEU GB 150 -3.35 14.69 94.84
N GLU GB 151 -2.48 14.04 94.07
CA GLU GB 151 -1.59 14.70 93.12
C GLU GB 151 -1.63 13.92 91.82
N PRO GB 152 -1.49 14.59 90.67
CA PRO GB 152 -1.55 13.87 89.39
C PRO GB 152 -0.33 12.99 89.17
N ILE GB 153 -0.57 11.85 88.53
CA ILE GB 153 0.45 10.82 88.35
C ILE GB 153 1.41 11.22 87.24
N PRO GB 154 2.65 10.73 87.24
CA PRO GB 154 3.54 10.99 86.10
C PRO GB 154 3.10 10.23 84.86
N TYR GB 155 3.63 10.68 83.72
CA TYR GB 155 3.29 10.08 82.44
C TYR GB 155 4.12 8.81 82.23
N GLU GB 156 3.45 7.68 82.06
CA GLU GB 156 4.10 6.43 81.72
C GLU GB 156 3.37 5.83 80.52
N PHE GB 157 4.13 5.55 79.46
CA PHE GB 157 3.54 5.02 78.23
C PHE GB 157 3.17 3.55 78.41
N VAL HB 1 24.52 82.92 -74.32
CA VAL HB 1 25.02 84.09 -73.60
C VAL HB 1 24.03 84.51 -72.54
N LEU HB 2 24.49 84.56 -71.29
CA LEU HB 2 23.66 84.92 -70.15
C LEU HB 2 24.39 85.94 -69.31
N LYS HB 3 23.72 87.07 -69.04
CA LYS HB 3 24.33 88.18 -68.31
C LYS HB 3 23.48 88.53 -67.09
N PHE HB 4 24.13 89.19 -66.13
CA PHE HB 4 23.49 89.65 -64.91
C PHE HB 4 24.10 90.97 -64.49
N THR HB 5 23.37 91.70 -63.63
CA THR HB 5 23.72 93.07 -63.28
C THR HB 5 23.58 93.27 -61.78
N LEU HB 6 24.57 93.90 -61.18
CA LEU HB 6 24.51 94.36 -59.79
C LEU HB 6 24.49 95.89 -59.82
N ASP HB 7 23.33 96.47 -59.57
CA ASP HB 7 23.20 97.92 -59.47
C ASP HB 7 23.66 98.34 -58.08
N CYS HB 8 24.60 99.27 -58.03
CA CYS HB 8 25.24 99.67 -56.77
C CYS HB 8 25.30 101.19 -56.72
N THR HB 9 24.16 101.84 -56.96
CA THR HB 9 24.13 103.29 -57.11
C THR HB 9 24.31 103.99 -55.77
N HIS HB 10 23.54 103.60 -54.77
CA HIS HB 10 23.42 104.37 -53.54
C HIS HB 10 24.61 104.26 -52.56
N PRO HB 11 25.17 103.08 -52.21
CA PRO HB 11 26.29 103.10 -51.26
C PRO HB 11 27.60 103.63 -51.83
N VAL HB 12 27.80 103.60 -53.15
CA VAL HB 12 28.96 104.23 -53.74
C VAL HB 12 28.87 105.75 -53.62
N GLU HB 13 27.66 106.29 -53.81
CA GLU HB 13 27.43 107.71 -53.57
C GLU HB 13 27.51 108.05 -52.08
N ASP HB 14 27.22 107.06 -51.21
CA ASP HB 14 27.40 107.27 -49.78
C ASP HB 14 28.87 107.36 -49.42
N GLY HB 15 29.71 106.51 -50.02
CA GLY HB 15 31.15 106.58 -49.84
C GLY HB 15 31.75 105.42 -49.07
N ILE HB 16 30.93 104.52 -48.53
CA ILE HB 16 31.48 103.36 -47.83
C ILE HB 16 31.86 102.27 -48.81
N MET HB 17 31.04 102.08 -49.84
CA MET HB 17 31.24 101.04 -50.84
C MET HB 17 32.43 101.38 -51.75
N ASP HB 18 33.15 100.34 -52.17
CA ASP HB 18 34.26 100.48 -53.11
C ASP HB 18 34.02 99.51 -54.26
N ALA HB 19 33.68 100.05 -55.44
CA ALA HB 19 33.33 99.22 -56.58
C ALA HB 19 34.52 98.48 -57.16
N ALA HB 20 35.71 99.12 -57.17
CA ALA HB 20 36.90 98.45 -57.66
C ALA HB 20 37.33 97.32 -56.73
N ASN HB 21 37.22 97.55 -55.42
CA ASN HB 21 37.52 96.51 -54.45
C ASN HB 21 36.52 95.36 -54.55
N PHE HB 22 35.25 95.65 -54.80
CA PHE HB 22 34.27 94.58 -54.97
C PHE HB 22 34.48 93.83 -56.28
N GLU HB 23 34.96 94.51 -57.32
CA GLU HB 23 35.28 93.83 -58.57
C GLU HB 23 36.49 92.91 -58.40
N GLN HB 24 37.51 93.36 -57.66
CA GLN HB 24 38.65 92.49 -57.35
C GLN HB 24 38.23 91.33 -56.45
N PHE HB 25 37.25 91.57 -55.56
CA PHE HB 25 36.70 90.50 -54.74
C PHE HB 25 35.98 89.45 -55.58
N LEU HB 26 35.23 89.90 -56.60
CA LEU HB 26 34.57 88.96 -57.50
C LEU HB 26 35.58 88.17 -58.33
N GLN HB 27 36.61 88.86 -58.85
CA GLN HB 27 37.66 88.18 -59.59
C GLN HB 27 38.45 87.21 -58.73
N GLU HB 28 38.53 87.45 -57.42
CA GLU HB 28 39.18 86.52 -56.50
C GLU HB 28 38.27 85.35 -56.12
N ARG HB 29 36.96 85.57 -55.98
CA ARG HB 29 36.10 84.59 -55.31
C ARG HB 29 35.08 83.89 -56.21
N ILE HB 30 34.99 84.22 -57.50
CA ILE HB 30 34.08 83.46 -58.37
C ILE HB 30 34.70 82.10 -58.67
N LYS HB 31 33.97 81.04 -58.34
CA LYS HB 31 34.40 79.66 -58.58
C LYS HB 31 33.72 79.19 -59.86
N VAL HB 32 34.51 78.92 -60.89
CA VAL HB 32 33.99 78.48 -62.19
C VAL HB 32 34.27 76.99 -62.34
N ASN HB 33 33.18 76.21 -62.42
CA ASN HB 33 33.20 74.77 -62.68
C ASN HB 33 34.00 74.01 -61.62
N GLY HB 34 33.54 74.14 -60.38
CA GLY HB 34 34.15 73.42 -59.28
C GLY HB 34 35.40 74.07 -58.73
N LYS HB 35 36.49 74.02 -59.50
CA LYS HB 35 37.76 74.59 -59.06
C LYS HB 35 37.73 76.11 -59.15
N ALA HB 36 38.20 76.76 -58.09
CA ALA HB 36 38.24 78.21 -58.06
C ALA HB 36 39.32 78.73 -59.00
N GLY HB 37 39.21 80.02 -59.34
CA GLY HB 37 40.17 80.64 -60.24
C GLY HB 37 39.88 82.10 -60.49
N ASN HB 38 40.88 82.83 -60.96
CA ASN HB 38 40.75 84.25 -61.26
C ASN HB 38 40.29 84.43 -62.70
N LEU HB 39 39.00 84.14 -62.92
CA LEU HB 39 38.37 84.05 -64.24
C LEU HB 39 39.12 83.08 -65.14
N GLY HB 40 39.02 81.82 -64.77
CA GLY HB 40 39.87 80.77 -65.30
C GLY HB 40 39.57 80.38 -66.73
N GLY HB 41 39.97 81.23 -67.67
CA GLY HB 41 39.83 80.90 -69.08
C GLY HB 41 38.79 81.70 -69.84
N GLY HB 42 37.65 81.08 -70.12
CA GLY HB 42 36.81 81.52 -71.21
C GLY HB 42 35.69 82.50 -70.89
N VAL HB 43 34.47 81.97 -70.83
CA VAL HB 43 33.27 82.76 -71.08
C VAL HB 43 32.93 83.75 -69.97
N VAL HB 44 33.54 83.66 -68.79
CA VAL HB 44 33.23 84.56 -67.70
C VAL HB 44 33.84 85.93 -67.97
N THR HB 45 33.06 86.98 -67.74
CA THR HB 45 33.48 88.35 -68.03
C THR HB 45 32.83 89.29 -67.04
N ILE HB 46 33.64 90.11 -66.38
CA ILE HB 46 33.18 91.12 -65.43
C ILE HB 46 33.45 92.49 -66.02
N GLU HB 47 32.42 93.33 -66.10
CA GLU HB 47 32.53 94.68 -66.64
C GLU HB 47 32.08 95.68 -65.59
N ARG HB 48 32.82 96.78 -65.52
CA ARG HB 48 32.66 97.80 -64.49
C ARG HB 48 31.96 99.02 -65.07
N SER HB 49 31.13 99.67 -64.25
CA SER HB 49 30.56 100.97 -64.56
C SER HB 49 30.53 101.78 -63.28
N LYS HB 50 29.87 102.94 -63.34
CA LYS HB 50 29.77 103.79 -62.16
C LYS HB 50 28.85 103.18 -61.11
N SER HB 51 27.81 102.47 -61.54
CA SER HB 51 26.90 101.84 -60.60
C SER HB 51 26.49 100.42 -60.97
N LYS HB 52 26.76 99.94 -62.18
CA LYS HB 52 26.25 98.67 -62.65
C LYS HB 52 27.42 97.74 -62.97
N ILE HB 53 27.61 96.73 -62.14
CA ILE HB 53 28.65 95.72 -62.35
C ILE HB 53 27.99 94.57 -63.10
N THR HB 54 28.43 94.32 -64.33
CA THR HB 54 27.76 93.40 -65.23
C THR HB 54 28.62 92.16 -65.45
N VAL HB 55 28.09 90.99 -65.15
CA VAL HB 55 28.77 89.74 -65.43
C VAL HB 55 28.12 89.07 -66.63
N THR HB 56 28.91 88.30 -67.36
CA THR HB 56 28.47 87.66 -68.60
C THR HB 56 29.15 86.30 -68.70
N SER HB 57 28.39 85.27 -69.06
CA SER HB 57 28.94 83.93 -69.26
C SER HB 57 28.05 83.15 -70.21
N GLU HB 58 28.68 82.36 -71.08
CA GLU HB 58 27.93 81.48 -71.97
C GLU HB 58 27.61 80.15 -71.29
N VAL HB 59 28.51 79.67 -70.44
CA VAL HB 59 28.20 78.58 -69.52
C VAL HB 59 27.08 79.01 -68.60
N PRO HB 60 26.06 78.19 -68.36
CA PRO HB 60 24.94 78.61 -67.50
C PRO HB 60 25.37 78.85 -66.06
N PHE HB 61 24.92 79.99 -65.54
CA PHE HB 61 25.43 80.54 -64.29
C PHE HB 61 24.29 81.30 -63.63
N SER HB 62 24.17 81.13 -62.31
CA SER HB 62 23.05 81.68 -61.56
C SER HB 62 23.44 82.98 -60.87
N LYS HB 63 22.42 83.79 -60.58
CA LYS HB 63 22.60 85.01 -59.81
C LYS HB 63 22.58 84.76 -58.31
N ARG HB 64 22.23 83.54 -57.88
CA ARG HB 64 22.28 83.20 -56.47
C ARG HB 64 23.73 83.11 -55.97
N TYR HB 65 24.65 82.69 -56.82
CA TYR HB 65 26.06 82.73 -56.43
C TYR HB 65 26.58 84.16 -56.33
N LEU HB 66 26.05 85.05 -57.16
CA LEU HB 66 26.38 86.47 -57.05
C LEU HB 66 25.85 87.06 -55.75
N LYS HB 67 24.61 86.72 -55.39
CA LYS HB 67 24.03 87.18 -54.13
C LYS HB 67 24.76 86.59 -52.94
N TYR HB 68 25.22 85.34 -53.06
CA TYR HB 68 26.03 84.69 -52.05
C TYR HB 68 27.35 85.41 -51.82
N LEU HB 69 28.04 85.75 -52.92
CA LEU HB 69 29.28 86.51 -52.80
C LEU HB 69 29.06 87.92 -52.27
N THR HB 70 27.92 88.53 -52.61
CA THR HB 70 27.62 89.87 -52.12
C THR HB 70 27.35 89.85 -50.61
N LYS HB 71 26.62 88.84 -50.14
CA LYS HB 71 26.40 88.68 -48.70
C LYS HB 71 27.69 88.38 -47.96
N LYS HB 72 28.58 87.56 -48.57
CA LYS HB 72 29.87 87.30 -47.94
C LYS HB 72 30.75 88.54 -47.91
N TYR HB 73 30.68 89.37 -48.94
CA TYR HB 73 31.43 90.63 -48.99
C TYR HB 73 30.95 91.60 -47.92
N LEU HB 74 29.62 91.75 -47.79
CA LEU HB 74 29.07 92.65 -46.79
C LEU HB 74 29.30 92.13 -45.37
N LYS HB 75 29.37 90.81 -45.19
CA LYS HB 75 29.67 90.28 -43.87
C LYS HB 75 31.14 90.48 -43.51
N LYS HB 76 32.05 90.24 -44.46
CA LYS HB 76 33.47 90.43 -44.16
C LYS HB 76 33.85 91.91 -44.09
N ASN HB 77 33.03 92.81 -44.62
CA ASN HB 77 33.23 94.23 -44.43
C ASN HB 77 32.28 94.85 -43.41
N ASN HB 78 31.52 94.01 -42.69
CA ASN HB 78 30.68 94.40 -41.56
C ASN HB 78 29.60 95.41 -41.98
N LEU HB 79 29.05 95.21 -43.19
CA LEU HB 79 28.00 96.07 -43.72
C LEU HB 79 26.69 95.32 -43.88
N ARG HB 80 26.58 94.13 -43.30
CA ARG HB 80 25.36 93.35 -43.41
C ARG HB 80 24.26 93.91 -42.50
N ASP HB 81 24.65 94.53 -41.38
CA ASP HB 81 23.66 95.14 -40.49
C ASP HB 81 23.07 96.42 -41.07
N TRP HB 82 23.76 97.06 -42.01
CA TRP HB 82 23.24 98.28 -42.64
C TRP HB 82 22.44 97.96 -43.89
N LEU HB 83 23.09 97.34 -44.88
CA LEU HB 83 22.48 97.12 -46.19
C LEU HB 83 21.90 95.71 -46.29
N ARG HB 84 21.05 95.52 -47.29
CA ARG HB 84 20.51 94.21 -47.62
C ARG HB 84 20.51 94.05 -49.14
N VAL HB 85 20.43 92.80 -49.58
CA VAL HB 85 20.52 92.46 -50.99
C VAL HB 85 19.15 92.00 -51.45
N VAL HB 86 18.46 92.83 -52.23
CA VAL HB 86 17.16 92.50 -52.77
C VAL HB 86 17.24 92.49 -54.29
N ALA HB 87 16.23 91.91 -54.92
CA ALA HB 87 16.20 91.76 -56.36
C ALA HB 87 15.46 92.94 -57.00
N ASN HB 88 16.15 93.67 -57.88
CA ASN HB 88 15.52 94.78 -58.58
C ASN HB 88 14.62 94.27 -59.70
N SER HB 89 15.17 93.41 -60.57
CA SER HB 89 14.43 92.86 -61.68
C SER HB 89 14.87 91.41 -61.85
N LYS HB 90 14.51 90.81 -62.99
CA LYS HB 90 14.93 89.45 -63.29
C LYS HB 90 16.42 89.37 -63.62
N GLU HB 91 17.03 90.47 -64.03
CA GLU HB 91 18.42 90.47 -64.47
C GLU HB 91 19.38 91.06 -63.45
N SER HB 92 18.88 91.80 -62.46
CA SER HB 92 19.74 92.61 -61.62
C SER HB 92 19.36 92.50 -60.15
N TYR HB 93 20.35 92.70 -59.30
CA TYR HB 93 20.17 93.02 -57.90
C TYR HB 93 20.41 94.51 -57.69
N GLU HB 94 20.00 95.00 -56.51
CA GLU HB 94 20.24 96.39 -56.14
C GLU HB 94 20.47 96.48 -54.64
N LEU HB 95 21.54 97.16 -54.26
CA LEU HB 95 21.94 97.26 -52.86
C LEU HB 95 21.25 98.48 -52.24
N ARG HB 96 20.02 98.28 -51.77
CA ARG HB 96 19.32 99.29 -50.99
C ARG HB 96 19.20 98.82 -49.55
N TYR HB 97 19.10 99.77 -48.63
CA TYR HB 97 19.02 99.44 -47.22
C TYR HB 97 17.66 99.87 -46.67
N PHE HB 98 17.48 99.70 -45.35
CA PHE HB 98 16.22 99.96 -44.70
C PHE HB 98 16.44 100.79 -43.45
N GLN HB 99 15.41 101.57 -43.09
CA GLN HB 99 15.38 102.45 -41.91
C GLN HB 99 16.54 103.44 -41.87
N ALA IB 1 55.72 33.53 13.63
CA ALA IB 1 54.47 34.13 14.08
C ALA IB 1 53.64 34.59 12.89
N LYS IB 2 52.33 34.49 13.02
CA LYS IB 2 51.40 34.87 11.97
C LYS IB 2 50.74 36.20 12.34
N PHE IB 3 50.72 37.13 11.39
CA PHE IB 3 50.10 38.43 11.59
C PHE IB 3 48.76 38.47 10.88
N ARG IB 4 47.95 39.47 11.22
CA ARG IB 4 46.66 39.60 10.57
C ARG IB 4 46.83 40.14 9.15
N ILE IB 5 46.39 39.37 8.17
CA ILE IB 5 46.34 39.81 6.79
C ILE IB 5 44.87 39.90 6.37
N SER IB 6 44.64 40.43 5.17
CA SER IB 6 43.29 40.63 4.69
C SER IB 6 42.68 39.30 4.29
N LEU IB 7 41.67 38.86 5.04
CA LEU IB 7 40.99 37.60 4.78
C LEU IB 7 40.09 37.74 3.56
N GLY IB 8 40.28 36.88 2.57
CA GLY IB 8 39.56 37.03 1.33
C GLY IB 8 38.92 35.76 0.80
N LEU IB 9 38.99 34.66 1.57
CA LEU IB 9 38.43 33.38 1.15
C LEU IB 9 37.49 32.85 2.23
N PRO IB 10 36.20 33.19 2.15
CA PRO IB 10 35.25 32.65 3.13
C PRO IB 10 34.84 31.22 2.83
N VAL IB 11 33.90 30.68 3.62
CA VAL IB 11 33.39 29.34 3.38
C VAL IB 11 32.56 29.33 2.11
N GLY IB 12 32.92 28.44 1.19
CA GLY IB 12 32.31 28.40 -0.13
C GLY IB 12 33.24 28.78 -1.25
N ALA IB 13 34.52 28.99 -0.96
CA ALA IB 13 35.48 29.40 -1.98
C ALA IB 13 36.00 28.19 -2.74
N VAL IB 14 36.17 28.36 -4.05
CA VAL IB 14 36.73 27.34 -4.93
C VAL IB 14 38.07 27.85 -5.40
N ILE IB 15 39.14 27.22 -4.94
CA ILE IB 15 40.50 27.65 -5.24
C ILE IB 15 41.17 26.59 -6.11
N ASN IB 16 42.29 26.96 -6.72
CA ASN IB 16 43.06 26.03 -7.55
C ASN IB 16 44.03 25.25 -6.69
N CYS IB 17 44.07 23.94 -6.88
CA CYS IB 17 44.93 23.07 -6.08
C CYS IB 17 46.27 22.95 -6.79
N ALA IB 18 47.27 23.68 -6.30
CA ALA IB 18 48.57 23.77 -6.97
C ALA IB 18 49.46 22.65 -6.45
N ASP IB 19 49.36 21.48 -7.08
CA ASP IB 19 50.17 20.33 -6.71
C ASP IB 19 50.27 19.38 -7.90
N ASN IB 20 50.98 18.27 -7.69
CA ASN IB 20 51.09 17.20 -8.67
C ASN IB 20 50.37 15.93 -8.22
N THR IB 21 49.38 16.07 -7.34
CA THR IB 21 48.67 14.89 -6.84
C THR IB 21 47.57 14.46 -7.82
N GLY IB 22 46.81 15.42 -8.32
CA GLY IB 22 45.77 15.10 -9.28
C GLY IB 22 44.46 15.79 -8.98
N ALA IB 23 44.46 16.73 -8.04
CA ALA IB 23 43.27 17.50 -7.69
C ALA IB 23 43.32 18.84 -8.42
N LYS IB 24 42.21 19.21 -9.04
CA LYS IB 24 42.15 20.46 -9.79
C LYS IB 24 41.70 21.63 -8.93
N ASN IB 25 40.56 21.50 -8.25
CA ASN IB 25 40.05 22.57 -7.42
C ASN IB 25 39.78 22.07 -6.00
N LEU IB 26 39.88 22.99 -5.05
CA LEU IB 26 39.58 22.73 -3.65
C LEU IB 26 38.43 23.62 -3.21
N TYR IB 27 37.41 23.00 -2.61
CA TYR IB 27 36.27 23.71 -2.05
C TYR IB 27 36.49 23.83 -0.55
N ILE IB 28 36.64 25.06 -0.07
CA ILE IB 28 36.93 25.31 1.34
C ILE IB 28 35.63 25.22 2.14
N ILE IB 29 35.64 24.42 3.21
CA ILE IB 29 34.44 24.23 4.00
C ILE IB 29 34.54 24.86 5.40
N SER IB 30 35.74 25.00 5.95
CA SER IB 30 35.97 25.58 7.27
C SER IB 30 37.45 25.92 7.41
N VAL IB 31 37.75 26.76 8.38
CA VAL IB 31 39.11 27.22 8.64
C VAL IB 31 39.47 26.85 10.07
N LYS IB 32 40.68 26.31 10.27
CA LYS IB 32 41.15 25.98 11.60
C LYS IB 32 41.35 27.23 12.44
N GLY IB 33 40.76 27.24 13.64
CA GLY IB 33 41.04 28.30 14.59
C GLY IB 33 40.29 29.59 14.41
N ILE IB 34 38.98 29.53 14.18
CA ILE IB 34 38.13 30.71 14.13
C ILE IB 34 36.95 30.51 15.06
N LYS IB 35 36.73 31.48 15.95
CA LYS IB 35 35.67 31.41 16.94
C LYS IB 35 34.33 31.72 16.28
N GLY IB 36 33.26 31.70 17.06
CA GLY IB 36 31.91 31.80 16.54
C GLY IB 36 31.32 33.19 16.62
N ARG IB 37 30.45 33.50 15.67
CA ARG IB 37 29.69 34.74 15.63
C ARG IB 37 28.46 34.51 14.76
N LEU IB 38 27.32 35.08 15.16
CA LEU IB 38 26.09 34.99 14.40
C LEU IB 38 26.26 35.62 13.02
N ASN IB 39 26.08 34.77 11.99
CA ASN IB 39 26.16 35.13 10.58
C ASN IB 39 27.52 35.76 10.25
N ARG IB 40 28.57 34.96 10.41
CA ARG IB 40 29.92 35.35 10.03
C ARG IB 40 30.59 34.12 9.44
N LEU IB 41 30.87 34.16 8.15
CA LEU IB 41 31.55 33.04 7.51
C LEU IB 41 33.01 33.01 7.93
N PRO IB 42 33.53 31.87 8.39
CA PRO IB 42 34.96 31.78 8.69
C PRO IB 42 35.82 31.92 7.45
N ALA IB 43 36.57 33.01 7.37
CA ALA IB 43 37.32 33.38 6.18
C ALA IB 43 38.75 32.90 6.29
N ALA IB 44 39.34 32.55 5.16
CA ALA IB 44 40.69 31.99 5.10
C ALA IB 44 41.67 33.02 4.57
N GLY IB 45 42.89 32.98 5.09
CA GLY IB 45 43.99 33.75 4.58
C GLY IB 45 45.15 32.87 4.16
N VAL IB 46 46.22 33.53 3.74
CA VAL IB 46 47.44 32.81 3.38
C VAL IB 46 48.10 32.26 4.63
N GLY IB 47 48.38 30.96 4.62
CA GLY IB 47 48.94 30.29 5.76
C GLY IB 47 47.93 29.70 6.72
N ASP IB 48 46.68 30.15 6.65
CA ASP IB 48 45.62 29.58 7.47
C ASP IB 48 45.26 28.19 6.96
N MET IB 49 45.52 27.17 7.76
CA MET IB 49 45.15 25.82 7.39
C MET IB 49 43.64 25.67 7.45
N VAL IB 50 43.07 25.07 6.41
CA VAL IB 50 41.64 24.97 6.22
C VAL IB 50 41.28 23.51 6.02
N MET IB 51 39.99 23.23 5.99
CA MET IB 51 39.47 21.93 5.56
C MET IB 51 38.86 22.12 4.18
N ALA IB 52 39.15 21.20 3.26
CA ALA IB 52 38.71 21.35 1.89
C ALA IB 52 38.35 19.99 1.31
N THR IB 53 37.48 20.04 0.31
CA THR IB 53 37.07 18.89 -0.49
C THR IB 53 37.53 19.09 -1.93
N VAL IB 54 37.42 18.04 -2.73
CA VAL IB 54 37.83 18.08 -4.13
C VAL IB 54 36.59 17.91 -5.00
N LYS IB 55 36.34 18.88 -5.86
CA LYS IB 55 35.24 18.80 -6.80
C LYS IB 55 35.67 18.23 -8.15
N LYS IB 56 36.78 18.71 -8.70
CA LYS IB 56 37.34 18.20 -9.94
C LYS IB 56 38.69 17.56 -9.66
N GLY IB 57 38.85 16.33 -10.11
CA GLY IB 57 40.12 15.64 -9.91
C GLY IB 57 39.93 14.14 -10.01
N LYS IB 58 40.87 13.42 -9.41
CA LYS IB 58 40.82 11.96 -9.41
C LYS IB 58 39.74 11.47 -8.46
N PRO IB 59 39.06 10.37 -8.79
CA PRO IB 59 38.01 9.85 -7.90
C PRO IB 59 38.54 9.28 -6.59
N GLU IB 60 39.84 8.97 -6.50
CA GLU IB 60 40.40 8.53 -5.23
C GLU IB 60 40.50 9.65 -4.22
N LEU IB 61 40.49 10.91 -4.66
CA LEU IB 61 40.58 12.05 -3.76
C LEU IB 61 39.24 12.72 -3.50
N ARG IB 62 38.25 12.51 -4.36
CA ARG IB 62 36.97 13.19 -4.23
C ARG IB 62 36.14 12.57 -3.12
N LYS IB 63 35.08 13.30 -2.74
CA LYS IB 63 34.04 12.88 -1.80
C LYS IB 63 34.60 12.60 -0.40
N LYS IB 64 35.63 13.35 0.00
CA LYS IB 64 36.17 13.25 1.35
C LYS IB 64 36.86 14.55 1.69
N VAL IB 65 36.91 14.86 2.98
CA VAL IB 65 37.54 16.08 3.45
C VAL IB 65 39.01 15.82 3.70
N HIS IB 66 39.82 16.87 3.60
CA HIS IB 66 41.24 16.78 3.92
C HIS IB 66 41.74 18.19 4.24
N PRO IB 67 42.77 18.31 5.08
CA PRO IB 67 43.33 19.63 5.36
C PRO IB 67 44.05 20.21 4.14
N ALA IB 68 44.17 21.53 4.16
CA ALA IB 68 44.79 22.27 3.07
C ALA IB 68 45.41 23.54 3.63
N VAL IB 69 46.32 24.14 2.87
CA VAL IB 69 46.95 25.41 3.24
C VAL IB 69 46.86 26.34 2.05
N VAL IB 70 46.26 27.51 2.25
CA VAL IB 70 46.14 28.51 1.18
C VAL IB 70 47.50 29.14 0.96
N ILE IB 71 47.98 29.08 -0.28
CA ILE IB 71 49.28 29.65 -0.62
C ILE IB 71 49.17 30.92 -1.45
N ARG IB 72 48.09 31.11 -2.19
CA ARG IB 72 47.91 32.30 -3.03
C ARG IB 72 46.55 32.92 -2.78
N GLN IB 73 46.47 34.23 -2.99
CA GLN IB 73 45.28 35.00 -2.67
C GLN IB 73 45.19 36.17 -3.65
N ARG IB 74 44.00 36.38 -4.20
CA ARG IB 74 43.83 37.48 -5.14
C ARG IB 74 43.46 38.79 -4.45
N LYS IB 75 42.86 38.71 -3.27
CA LYS IB 75 42.64 39.90 -2.45
C LYS IB 75 43.97 40.40 -1.89
N SER IB 76 44.21 41.70 -2.04
CA SER IB 76 45.45 42.29 -1.56
C SER IB 76 45.46 42.39 -0.04
N TYR IB 77 46.63 42.15 0.54
CA TYR IB 77 46.82 42.24 1.98
C TYR IB 77 48.08 43.05 2.27
N ARG IB 78 48.14 43.60 3.48
CA ARG IB 78 49.19 44.51 3.88
C ARG IB 78 50.21 43.78 4.74
N ARG IB 79 51.48 43.85 4.35
CA ARG IB 79 52.56 43.37 5.19
C ARG IB 79 53.06 44.50 6.08
N LYS IB 80 54.05 44.20 6.91
CA LYS IB 80 54.69 45.25 7.69
C LYS IB 80 55.65 46.10 6.86
N ASP IB 81 56.01 45.63 5.67
CA ASP IB 81 56.85 46.42 4.77
C ASP IB 81 56.07 47.59 4.19
N GLY IB 82 54.76 47.48 4.10
CA GLY IB 82 53.92 48.55 3.60
C GLY IB 82 53.38 48.33 2.20
N VAL IB 83 53.62 47.17 1.61
CA VAL IB 83 53.16 46.88 0.26
C VAL IB 83 51.87 46.09 0.32
N PHE IB 84 51.07 46.23 -0.73
CA PHE IB 84 49.81 45.50 -0.91
C PHE IB 84 50.01 44.55 -2.08
N LEU IB 85 50.49 43.35 -1.81
CA LEU IB 85 50.81 42.39 -2.85
C LEU IB 85 49.72 41.33 -2.95
N TYR IB 86 49.32 41.03 -4.17
CA TYR IB 86 48.24 40.08 -4.41
C TYR IB 86 48.57 39.21 -5.61
N PHE IB 87 48.12 37.97 -5.56
CA PHE IB 87 48.41 36.99 -6.60
C PHE IB 87 47.35 37.06 -7.71
N GLU IB 88 47.66 36.37 -8.81
CA GLU IB 88 46.71 36.32 -9.93
C GLU IB 88 45.47 35.50 -9.57
N ASP IB 89 45.64 34.37 -8.88
CA ASP IB 89 44.53 33.47 -8.63
C ASP IB 89 44.55 32.96 -7.19
N ASN IB 90 43.39 32.54 -6.72
CA ASN IB 90 43.27 31.92 -5.40
C ASN IB 90 43.69 30.46 -5.48
N ALA IB 91 44.66 30.08 -4.65
CA ALA IB 91 45.23 28.74 -4.76
C ALA IB 91 45.50 28.17 -3.37
N GLY IB 92 45.75 26.87 -3.35
CA GLY IB 92 46.09 26.18 -2.13
C GLY IB 92 46.72 24.83 -2.43
N VAL IB 93 47.37 24.26 -1.43
CA VAL IB 93 48.00 22.95 -1.53
C VAL IB 93 47.34 22.00 -0.55
N ILE IB 94 47.50 20.72 -0.80
CA ILE IB 94 46.96 19.68 0.08
C ILE IB 94 47.98 19.38 1.16
N VAL IB 95 47.51 19.08 2.37
CA VAL IB 95 48.38 18.82 3.50
C VAL IB 95 47.68 17.85 4.45
N ASN IB 96 48.46 17.10 5.21
CA ASN IB 96 47.91 16.19 6.21
C ASN IB 96 47.77 16.92 7.54
N ASN IB 97 47.51 16.16 8.61
CA ASN IB 97 47.31 16.79 9.92
C ASN IB 97 48.64 17.27 10.51
N LYS IB 98 49.72 16.53 10.27
CA LYS IB 98 51.00 16.89 10.86
C LYS IB 98 51.64 18.10 10.17
N GLY IB 99 51.45 18.23 8.87
CA GLY IB 99 52.03 19.36 8.14
C GLY IB 99 52.92 18.93 7.01
N GLU IB 100 52.75 17.70 6.53
CA GLU IB 100 53.54 17.17 5.42
C GLU IB 100 52.75 17.26 4.12
N MET IB 101 53.46 17.48 3.03
CA MET IB 101 52.82 17.55 1.72
C MET IB 101 52.42 16.15 1.24
N LYS IB 102 51.26 16.07 0.61
CA LYS IB 102 50.87 14.82 -0.04
C LYS IB 102 51.53 14.68 -1.40
N GLY IB 103 51.62 15.79 -2.14
CA GLY IB 103 52.33 15.79 -3.41
C GLY IB 103 53.82 16.01 -3.24
N SER IB 104 54.48 16.25 -4.37
CA SER IB 104 55.93 16.46 -4.38
C SER IB 104 56.36 17.77 -5.01
N ALA IB 105 55.46 18.47 -5.71
CA ALA IB 105 55.82 19.72 -6.36
C ALA IB 105 54.64 20.68 -6.28
N ILE IB 106 54.96 21.98 -6.25
CA ILE IB 106 53.97 23.05 -6.17
C ILE IB 106 54.22 24.00 -7.33
N THR IB 107 53.21 24.17 -8.18
CA THR IB 107 53.34 25.09 -9.29
C THR IB 107 52.98 26.51 -8.85
N GLY IB 108 53.49 27.48 -9.60
CA GLY IB 108 53.25 28.87 -9.31
C GLY IB 108 54.03 29.37 -8.10
N PRO IB 109 53.85 30.63 -7.76
CA PRO IB 109 54.56 31.19 -6.59
C PRO IB 109 53.85 30.85 -5.29
N VAL IB 110 54.64 30.91 -4.21
CA VAL IB 110 54.16 30.67 -2.85
C VAL IB 110 54.49 31.91 -2.04
N ALA IB 111 53.52 32.37 -1.25
CA ALA IB 111 53.71 33.60 -0.50
C ALA IB 111 54.68 33.41 0.66
N LYS IB 112 55.26 34.53 1.10
CA LYS IB 112 56.30 34.51 2.12
C LYS IB 112 55.73 34.14 3.49
N GLU IB 113 54.47 34.48 3.77
CA GLU IB 113 53.85 34.10 5.03
C GLU IB 113 53.67 32.59 5.12
N CYS IB 114 53.22 31.96 4.03
CA CYS IB 114 53.11 30.51 4.01
C CYS IB 114 54.48 29.85 4.04
N ALA IB 115 55.46 30.45 3.36
CA ALA IB 115 56.81 29.90 3.36
C ALA IB 115 57.51 30.05 4.71
N ASP IB 116 57.09 31.01 5.54
CA ASP IB 116 57.65 31.18 6.87
C ASP IB 116 56.92 30.38 7.95
N LEU IB 117 55.60 30.22 7.82
CA LEU IB 117 54.89 29.39 8.78
C LEU IB 117 55.08 27.91 8.52
N TRP IB 118 55.02 27.47 7.26
CA TRP IB 118 55.11 26.05 6.96
C TRP IB 118 56.42 25.76 6.23
N PRO IB 119 57.39 25.10 6.88
CA PRO IB 119 58.66 24.83 6.20
C PRO IB 119 58.57 23.77 5.12
N ARG IB 120 57.66 22.81 5.26
CA ARG IB 120 57.57 21.72 4.27
C ARG IB 120 56.95 22.21 2.96
N ILE IB 121 56.15 23.27 3.01
CA ILE IB 121 55.66 23.88 1.79
C ILE IB 121 56.75 24.73 1.15
N ALA IB 122 57.56 25.41 1.98
CA ALA IB 122 58.68 26.20 1.46
C ALA IB 122 59.78 25.33 0.89
N SER IB 123 59.88 24.07 1.32
CA SER IB 123 60.88 23.17 0.73
C SER IB 123 60.53 22.78 -0.69
N ASN IB 124 59.23 22.71 -1.02
CA ASN IB 124 58.78 22.41 -2.36
C ASN IB 124 58.34 23.66 -3.12
N ALA IB 125 58.47 24.84 -2.52
CA ALA IB 125 58.07 26.08 -3.15
C ALA IB 125 59.05 26.44 -4.26
N GLY IB 126 58.50 26.74 -5.45
CA GLY IB 126 59.35 27.12 -6.57
C GLY IB 126 59.88 28.53 -6.44
N SER IB 127 58.99 29.48 -6.16
CA SER IB 127 59.36 30.89 -6.02
C SER IB 127 58.65 31.47 -4.80
N ILE IB 128 59.42 31.90 -3.81
CA ILE IB 128 58.87 32.48 -2.60
C ILE IB 128 58.51 33.93 -2.88
N ALA IB 129 57.21 34.24 -2.76
CA ALA IB 129 56.62 35.57 -2.98
C ALA IB 129 56.94 36.17 -4.35
N LYS JB 1 64.00 51.55 0.82
CA LYS JB 1 64.17 50.90 -0.48
C LYS JB 1 63.18 51.45 -1.50
N VAL JB 2 63.69 52.30 -2.40
CA VAL JB 2 62.89 52.92 -3.44
C VAL JB 2 62.94 52.02 -4.67
N GLU JB 3 61.77 51.66 -5.18
CA GLU JB 3 61.67 50.71 -6.29
C GLU JB 3 60.82 51.32 -7.39
N LEU JB 4 61.23 51.11 -8.65
CA LEU JB 4 60.52 51.65 -9.79
C LEU JB 4 59.34 50.75 -10.15
N CYS JB 5 58.29 51.37 -10.70
CA CYS JB 5 57.12 50.62 -11.10
C CYS JB 5 57.36 49.90 -12.43
N SER JB 6 56.38 49.11 -12.84
CA SER JB 6 56.52 48.32 -14.05
C SER JB 6 55.83 48.94 -15.26
N PHE JB 7 54.72 49.65 -15.06
CA PHE JB 7 54.01 50.22 -16.20
C PHE JB 7 54.63 51.53 -16.64
N SER JB 8 54.63 52.53 -15.76
CA SER JB 8 55.03 53.89 -16.15
C SER JB 8 56.55 54.06 -16.10
N GLY JB 9 57.14 53.88 -14.92
CA GLY JB 9 58.56 54.13 -14.75
C GLY JB 9 58.83 55.11 -13.62
N TYR JB 10 57.78 55.45 -12.87
CA TYR JB 10 57.93 56.36 -11.74
C TYR JB 10 58.59 55.64 -10.56
N LYS JB 11 58.92 56.43 -9.54
CA LYS JB 11 59.57 55.92 -8.34
C LYS JB 11 58.52 55.71 -7.25
N ILE JB 12 58.35 54.46 -6.83
CA ILE JB 12 57.43 54.13 -5.75
C ILE JB 12 58.17 54.23 -4.42
N TYR JB 13 57.70 55.12 -3.58
CA TYR JB 13 58.24 55.29 -2.23
C TYR JB 13 57.70 54.20 -1.32
N PRO JB 14 58.42 53.85 -0.25
CA PRO JB 14 57.90 52.82 0.67
C PRO JB 14 56.66 53.30 1.40
N GLY JB 15 55.56 52.61 1.18
CA GLY JB 15 54.26 53.01 1.65
C GLY JB 15 53.32 53.53 0.58
N HIS JB 16 53.51 53.12 -0.67
CA HIS JB 16 52.65 53.56 -1.76
C HIS JB 16 52.47 52.41 -2.75
N GLY JB 17 51.37 52.46 -3.48
CA GLY JB 17 51.15 51.56 -4.59
C GLY JB 17 50.80 50.15 -4.19
N ARG JB 18 50.67 49.30 -5.21
CA ARG JB 18 50.34 47.90 -5.05
C ARG JB 18 51.38 47.03 -5.75
N ARG JB 19 51.27 45.73 -5.53
CA ARG JB 19 52.21 44.75 -6.08
C ARG JB 19 51.42 43.55 -6.58
N TYR JB 20 51.72 43.13 -7.80
CA TYR JB 20 51.03 42.06 -8.49
C TYR JB 20 51.96 40.86 -8.63
N ALA JB 21 51.41 39.66 -8.49
CA ALA JB 21 52.20 38.44 -8.61
C ALA JB 21 51.54 37.53 -9.63
N ARG JB 22 52.14 37.42 -10.82
CA ARG JB 22 51.62 36.58 -11.87
C ARG JB 22 51.83 35.11 -11.52
N THR JB 23 50.99 34.24 -12.10
CA THR JB 23 51.07 32.81 -11.87
C THR JB 23 52.38 32.23 -12.40
N ASP JB 24 52.92 32.81 -13.47
CA ASP JB 24 54.21 32.36 -14.00
C ASP JB 24 55.37 32.71 -13.07
N GLY JB 25 55.20 33.66 -12.17
CA GLY JB 25 56.21 34.00 -11.18
C GLY JB 25 56.72 35.42 -11.24
N LYS JB 26 56.25 36.24 -12.18
CA LYS JB 26 56.80 37.58 -12.32
C LYS JB 26 56.08 38.55 -11.38
N VAL JB 27 56.86 39.42 -10.75
CA VAL JB 27 56.37 40.38 -9.76
C VAL JB 27 56.36 41.76 -10.39
N PHE JB 28 55.18 42.39 -10.39
CA PHE JB 28 55.00 43.73 -10.90
C PHE JB 28 54.75 44.70 -9.74
N GLN JB 29 55.13 45.96 -9.95
CA GLN JB 29 54.86 47.02 -8.99
C GLN JB 29 54.09 48.12 -9.70
N PHE JB 30 53.10 48.70 -9.00
CA PHE JB 30 52.30 49.74 -9.60
C PHE JB 30 52.13 50.87 -8.61
N LEU JB 31 52.12 52.11 -9.13
CA LEU JB 31 51.99 53.30 -8.30
C LEU JB 31 50.55 53.52 -7.84
N ASN JB 32 49.57 53.22 -8.68
CA ASN JB 32 48.17 53.44 -8.33
C ASN JB 32 47.28 52.53 -9.16
N ALA JB 33 45.96 52.67 -8.93
CA ALA JB 33 44.97 51.92 -9.68
C ALA JB 33 44.91 52.34 -11.14
N LYS JB 34 45.37 53.56 -11.46
CA LYS JB 34 45.52 53.99 -12.86
C LYS JB 34 46.50 53.08 -13.60
N CYS JB 35 47.71 52.91 -13.05
CA CYS JB 35 48.69 52.01 -13.65
C CYS JB 35 48.23 50.56 -13.59
N GLU JB 36 47.53 50.17 -12.52
CA GLU JB 36 47.04 48.81 -12.38
C GLU JB 36 46.03 48.46 -13.47
N SER JB 37 45.03 49.33 -13.68
CA SER JB 37 44.04 49.10 -14.71
C SER JB 37 44.64 49.23 -16.10
N ALA JB 38 45.58 50.16 -16.28
CA ALA JB 38 46.21 50.33 -17.60
C ALA JB 38 47.13 49.18 -17.96
N PHE JB 39 47.61 48.42 -16.98
CA PHE JB 39 48.35 47.20 -17.29
C PHE JB 39 47.44 45.98 -17.43
N LEU JB 40 46.43 45.85 -16.57
CA LEU JB 40 45.55 44.69 -16.66
C LEU JB 40 44.54 44.77 -17.80
N SER JB 41 44.40 45.92 -18.45
CA SER JB 41 43.64 46.00 -19.69
C SER JB 41 44.51 45.73 -20.92
N LYS JB 42 45.73 45.25 -20.71
CA LYS JB 42 46.67 44.83 -21.76
C LYS JB 42 47.01 45.97 -22.72
N ARG JB 43 47.32 47.14 -22.15
CA ARG JB 43 47.76 48.27 -22.96
C ARG JB 43 49.28 48.31 -23.04
N ASN JB 44 49.79 48.81 -24.16
CA ASN JB 44 51.21 48.93 -24.38
C ASN JB 44 51.74 50.14 -23.61
N PRO JB 45 52.71 49.99 -22.72
CA PRO JB 45 53.29 51.16 -22.05
C PRO JB 45 54.07 52.07 -22.99
N ARG JB 46 54.52 51.57 -24.14
CA ARG JB 46 55.23 52.41 -25.10
C ARG JB 46 54.31 53.39 -25.81
N GLN JB 47 53.01 53.10 -25.87
CA GLN JB 47 52.07 53.94 -26.59
C GLN JB 47 51.37 54.95 -25.68
N ILE JB 48 51.28 54.65 -24.38
CA ILE JB 48 50.70 55.60 -23.42
C ILE JB 48 51.65 56.77 -23.24
N ASN JB 49 51.12 57.98 -23.38
CA ASN JB 49 51.97 59.16 -23.56
C ASN JB 49 52.63 59.62 -22.26
N TRP JB 50 51.93 59.56 -21.14
CA TRP JB 50 52.48 60.15 -19.92
C TRP JB 50 53.52 59.27 -19.23
N THR JB 51 53.80 58.08 -19.74
CA THR JB 51 54.73 57.18 -19.08
C THR JB 51 56.17 57.61 -19.32
N VAL JB 52 57.08 57.06 -18.51
CA VAL JB 52 58.50 57.33 -18.69
C VAL JB 52 59.03 56.57 -19.90
N LEU JB 53 58.43 55.42 -20.22
CA LEU JB 53 58.86 54.63 -21.35
C LEU JB 53 58.52 55.29 -22.69
N TYR JB 54 57.51 56.17 -22.72
CA TYR JB 54 57.27 57.00 -23.89
C TYR JB 54 58.21 58.19 -23.96
N ARG JB 55 58.80 58.59 -22.82
CA ARG JB 55 59.75 59.69 -22.80
C ARG JB 55 61.15 59.30 -23.29
N ARG JB 56 61.31 58.11 -23.87
CA ARG JB 56 62.60 57.68 -24.38
C ARG JB 56 62.55 57.17 -25.81
N LYS JB 57 61.37 57.09 -26.44
CA LYS JB 57 61.28 56.37 -27.70
C LYS JB 57 61.76 57.20 -28.89
N HIS JB 58 61.04 58.25 -29.25
CA HIS JB 58 61.36 58.90 -30.52
C HIS JB 58 62.46 59.94 -30.38
N LYS JB 59 62.11 61.11 -29.83
CA LYS JB 59 63.01 62.24 -29.63
C LYS JB 59 62.38 63.08 -28.52
N LYS JB 60 62.84 62.90 -27.28
CA LYS JB 60 62.20 63.58 -26.17
C LYS JB 60 63.20 64.48 -25.45
N GLY JB 61 62.67 65.40 -24.65
CA GLY JB 61 63.48 66.44 -24.04
C GLY JB 61 64.44 65.94 -22.99
N GLN JB 62 64.04 64.91 -22.24
CA GLN JB 62 64.97 64.30 -21.30
C GLN JB 62 66.00 63.42 -22.01
N SER JB 63 65.70 62.99 -23.23
CA SER JB 63 66.67 62.25 -24.04
C SER JB 63 67.66 63.16 -24.74
N GLU JB 64 67.28 64.41 -25.00
CA GLU JB 64 68.17 65.36 -25.67
C GLU JB 64 69.38 65.73 -24.80
N GLU JB 65 69.22 65.70 -23.48
CA GLU JB 65 70.33 66.03 -22.60
C GLU JB 65 71.30 64.87 -22.44
N ILE JB 66 70.83 63.63 -22.62
CA ILE JB 66 71.71 62.47 -22.46
C ILE JB 66 72.24 61.94 -23.79
N GLN JB 67 71.68 62.36 -24.91
CA GLN JB 67 72.17 61.91 -26.21
C GLN JB 67 73.38 62.74 -26.65
N LYS JB 68 73.92 62.39 -27.82
CA LYS JB 68 74.98 63.11 -28.53
C LYS JB 68 76.26 63.21 -27.70
N LYS JB 69 76.85 62.04 -27.46
CA LYS JB 69 78.19 61.98 -26.86
C LYS JB 69 79.21 62.55 -27.85
N ARG JB 70 79.96 63.56 -27.41
CA ARG JB 70 80.79 64.33 -28.33
C ARG JB 70 82.05 63.57 -28.72
N THR JB 71 82.91 63.26 -27.76
CA THR JB 71 84.24 62.72 -28.04
C THR JB 71 84.30 61.22 -27.77
N ARG JB 72 84.59 60.46 -28.85
CA ARG JB 72 85.02 59.06 -28.75
C ARG JB 72 86.18 58.90 -29.73
N ARG JB 73 87.39 59.24 -29.27
CA ARG JB 73 88.56 59.23 -30.15
C ARG JB 73 89.83 59.25 -29.33
N ALA JB 74 90.74 58.33 -29.63
CA ALA JB 74 92.12 58.39 -29.17
C ALA JB 74 93.04 58.61 -30.37
N VAL JB 75 94.23 59.14 -30.10
CA VAL JB 75 95.17 59.41 -31.18
C VAL JB 75 95.77 58.10 -31.69
N LYS JB 76 96.00 58.03 -33.00
CA LYS JB 76 96.60 56.85 -33.61
C LYS JB 76 98.08 56.81 -33.26
N PHE JB 77 98.46 55.83 -32.44
CA PHE JB 77 99.83 55.70 -31.95
C PHE JB 77 100.52 54.55 -32.66
N GLN JB 78 101.60 54.87 -33.39
CA GLN JB 78 102.39 53.86 -34.08
C GLN JB 78 103.32 53.17 -33.09
N ARG JB 79 103.90 52.06 -33.54
CA ARG JB 79 104.74 51.24 -32.68
C ARG JB 79 106.12 51.89 -32.53
N ALA JB 80 106.57 51.98 -31.28
CA ALA JB 80 107.83 52.62 -30.92
C ALA JB 80 108.95 51.59 -30.77
N ILE JB 81 110.07 52.03 -30.20
CA ILE JB 81 111.31 51.28 -30.10
C ILE JB 81 111.57 51.02 -28.62
N THR JB 82 110.49 50.75 -27.86
CA THR JB 82 110.42 50.91 -26.40
C THR JB 82 111.49 50.16 -25.62
N GLY JB 83 111.43 48.83 -25.59
CA GLY JB 83 112.50 48.00 -25.04
C GLY JB 83 113.00 48.26 -23.64
N ALA JB 84 112.21 47.94 -22.62
CA ALA JB 84 112.64 48.14 -21.24
C ALA JB 84 113.10 46.82 -20.63
N SER JB 85 113.50 46.87 -19.34
CA SER JB 85 113.70 45.71 -18.47
C SER JB 85 114.80 44.78 -18.98
N LEU JB 86 116.06 45.21 -18.84
CA LEU JB 86 116.49 46.28 -17.92
C LEU JB 86 117.61 47.14 -18.50
N ALA JB 87 117.22 48.27 -19.09
CA ALA JB 87 118.05 49.43 -19.42
C ALA JB 87 119.03 49.22 -20.58
N ASP JB 88 119.24 47.98 -21.04
CA ASP JB 88 120.10 47.74 -22.19
C ASP JB 88 119.40 48.06 -23.50
N ILE JB 89 118.18 47.56 -23.67
CA ILE JB 89 117.41 47.92 -24.85
C ILE JB 89 116.88 49.36 -24.71
N MET JB 90 116.84 49.89 -23.48
CA MET JB 90 116.60 51.33 -23.29
C MET JB 90 117.77 52.16 -23.81
N ALA JB 91 119.01 51.71 -23.57
CA ALA JB 91 120.15 52.35 -24.20
C ALA JB 91 120.14 52.19 -25.71
N LYS JB 92 119.59 51.08 -26.21
CA LYS JB 92 119.34 50.94 -27.64
C LYS JB 92 118.27 51.92 -28.15
N ARG JB 93 117.25 52.21 -27.32
CA ARG JB 93 116.27 53.24 -27.66
C ARG JB 93 116.92 54.61 -27.73
N ASN JB 94 117.79 54.92 -26.76
CA ASN JB 94 118.47 56.20 -26.67
C ASN JB 94 119.55 56.41 -27.73
N GLN JB 95 119.79 55.44 -28.60
CA GLN JB 95 120.72 55.62 -29.71
C GLN JB 95 120.17 56.63 -30.71
N LYS JB 96 121.06 57.42 -31.27
CA LYS JB 96 120.81 58.40 -32.32
C LYS JB 96 120.64 57.69 -33.66
N PRO JB 97 119.89 58.27 -34.60
CA PRO JB 97 119.73 57.61 -35.91
C PRO JB 97 121.00 57.54 -36.74
N GLU JB 98 121.92 58.50 -36.59
CA GLU JB 98 123.22 58.40 -37.23
C GLU JB 98 124.02 57.23 -36.68
N VAL JB 99 123.95 57.03 -35.36
CA VAL JB 99 124.65 55.91 -34.73
C VAL JB 99 124.03 54.59 -35.15
N ARG JB 100 122.70 54.56 -35.28
CA ARG JB 100 122.02 53.34 -35.73
C ARG JB 100 122.35 53.01 -37.18
N LYS JB 101 122.41 54.02 -38.05
CA LYS JB 101 122.82 53.80 -39.43
C LYS JB 101 124.27 53.35 -39.53
N ALA JB 102 125.14 53.90 -38.68
CA ALA JB 102 126.54 53.49 -38.68
C ALA JB 102 126.70 52.04 -38.23
N GLN JB 103 125.97 51.64 -37.18
CA GLN JB 103 126.04 50.26 -36.71
C GLN JB 103 125.44 49.29 -37.72
N ARG JB 104 124.36 49.68 -38.41
CA ARG JB 104 123.78 48.82 -39.43
C ARG JB 104 124.70 48.69 -40.64
N GLU JB 105 125.36 49.78 -41.05
CA GLU JB 105 126.30 49.71 -42.16
C GLU JB 105 127.52 48.86 -41.80
N GLN JB 106 128.01 48.97 -40.56
CA GLN JB 106 129.12 48.12 -40.13
C GLN JB 106 128.72 46.64 -40.08
N ALA JB 107 127.50 46.34 -39.59
CA ALA JB 107 127.04 44.96 -39.52
C ALA JB 107 126.83 44.35 -40.91
N ILE JB 108 126.23 45.13 -41.84
CA ILE JB 108 125.96 44.62 -43.18
C ILE JB 108 127.26 44.46 -43.97
N ARG JB 109 128.17 45.43 -43.86
CA ARG JB 109 129.44 45.32 -44.58
C ARG JB 109 130.38 44.31 -43.94
N ALA JB 110 130.16 43.93 -42.69
CA ALA JB 110 130.88 42.80 -42.12
C ALA JB 110 130.24 41.46 -42.49
N ALA JB 111 128.92 41.43 -42.69
CA ALA JB 111 128.24 40.21 -43.06
C ALA JB 111 128.36 39.85 -44.54
N LYS JB 112 128.58 40.85 -45.41
CA LYS JB 112 128.76 40.55 -46.84
C LYS JB 112 130.04 39.78 -47.11
N GLU JB 113 131.12 40.06 -46.38
CA GLU JB 113 132.35 39.29 -46.53
C GLU JB 113 132.17 37.86 -46.03
N ALA JB 114 131.38 37.67 -44.97
CA ALA JB 114 131.07 36.32 -44.50
C ALA JB 114 130.20 35.56 -45.50
N LYS JB 115 129.26 36.26 -46.14
CA LYS JB 115 128.46 35.64 -47.20
C LYS JB 115 129.31 35.24 -48.40
N LYS JB 116 130.27 36.10 -48.77
CA LYS JB 116 131.19 35.77 -49.86
C LYS JB 116 132.09 34.59 -49.50
N ALA JB 117 132.53 34.51 -48.25
CA ALA JB 117 133.35 33.38 -47.81
C ALA JB 117 132.54 32.08 -47.78
N LYS JB 118 131.26 32.16 -47.38
CA LYS JB 118 130.41 30.97 -47.38
C LYS JB 118 130.08 30.50 -48.79
N GLN JB 119 129.90 31.44 -49.72
CA GLN JB 119 129.62 31.05 -51.09
C GLN JB 119 130.86 30.65 -51.87
N ALA JB 120 132.05 31.06 -51.43
CA ALA JB 120 133.29 30.62 -52.07
C ALA JB 120 133.86 29.35 -51.44
N SER JB 121 133.47 29.02 -50.21
CA SER JB 121 133.95 27.81 -49.56
C SER JB 121 133.25 26.58 -50.11
N LYS KB 1 -71.73 34.22 -65.30
CA LYS KB 1 -70.65 34.53 -64.36
C LYS KB 1 -69.79 33.31 -64.10
N ILE KB 2 -68.53 33.39 -64.50
CA ILE KB 2 -67.56 32.31 -64.30
C ILE KB 2 -66.42 32.84 -63.46
N ARG KB 3 -66.20 32.23 -62.31
CA ARG KB 3 -65.16 32.65 -61.37
C ARG KB 3 -63.91 31.80 -61.65
N THR KB 4 -63.03 32.33 -62.49
CA THR KB 4 -61.85 31.58 -62.90
C THR KB 4 -60.78 31.52 -61.81
N SER KB 5 -60.78 32.50 -60.90
CA SER KB 5 -59.73 32.50 -59.89
C SER KB 5 -60.14 31.65 -58.69
N PRO KB 6 -59.22 30.86 -58.14
CA PRO KB 6 -59.53 30.04 -56.96
C PRO KB 6 -59.62 30.81 -55.65
N THR KB 7 -59.44 32.12 -55.65
CA THR KB 7 -59.50 32.94 -54.44
C THR KB 7 -60.71 33.86 -54.52
N PHE KB 8 -61.58 33.79 -53.52
CA PHE KB 8 -62.74 34.65 -53.42
C PHE KB 8 -62.41 35.82 -52.50
N ARG KB 9 -62.70 37.04 -52.96
CA ARG KB 9 -62.37 38.25 -52.23
C ARG KB 9 -63.60 39.16 -52.17
N ARG KB 10 -63.40 40.37 -51.64
CA ARG KB 10 -64.52 41.29 -51.43
C ARG KB 10 -65.00 41.85 -52.76
N PRO KB 11 -66.30 42.00 -52.95
CA PRO KB 11 -66.79 42.76 -54.10
C PRO KB 11 -66.57 44.25 -53.89
N LYS KB 12 -66.37 44.95 -55.00
CA LYS KB 12 -66.22 46.41 -54.95
C LYS KB 12 -67.59 47.03 -54.71
N THR KB 13 -67.90 47.32 -53.46
CA THR KB 13 -69.19 47.89 -53.09
C THR KB 13 -69.21 49.38 -53.39
N LEU KB 14 -70.35 50.02 -53.12
CA LEU KB 14 -70.55 51.44 -53.36
C LEU KB 14 -70.33 52.17 -52.05
N ARG KB 15 -69.14 52.72 -51.87
CA ARG KB 15 -68.85 53.51 -50.67
C ARG KB 15 -69.52 54.88 -50.78
N LEU KB 16 -70.38 55.19 -49.82
CA LEU KB 16 -71.17 56.40 -49.86
C LEU KB 16 -70.32 57.61 -49.53
N ARG KB 17 -70.52 58.69 -50.29
CA ARG KB 17 -69.86 59.95 -50.01
C ARG KB 17 -70.45 60.58 -48.75
N ARG KB 18 -69.56 61.11 -47.91
CA ARG KB 18 -69.99 61.75 -46.66
C ARG KB 18 -70.75 63.04 -46.97
N GLN KB 19 -71.99 63.12 -46.51
CA GLN KB 19 -72.82 64.32 -46.64
C GLN KB 19 -73.52 64.51 -45.30
N PRO KB 20 -72.90 65.26 -44.39
CA PRO KB 20 -73.48 65.40 -43.05
C PRO KB 20 -74.67 66.35 -43.05
N LYS KB 21 -75.54 66.16 -42.06
CA LYS KB 21 -76.73 66.98 -41.95
C LYS KB 21 -76.44 68.34 -41.32
N TYR KB 22 -75.46 68.40 -40.42
CA TYR KB 22 -75.11 69.64 -39.74
C TYR KB 22 -73.59 69.73 -39.60
N PRO KB 23 -73.03 70.93 -39.68
CA PRO KB 23 -71.60 71.10 -39.43
C PRO KB 23 -71.26 70.86 -37.96
N ARG KB 24 -70.01 70.53 -37.72
CA ARG KB 24 -69.61 70.09 -36.39
C ARG KB 24 -69.09 71.20 -35.49
N LYS KB 25 -68.75 72.37 -36.04
CA LYS KB 25 -68.23 73.45 -35.20
C LYS KB 25 -68.72 74.83 -35.61
N SER KB 26 -69.71 74.92 -36.50
CA SER KB 26 -70.51 76.12 -36.82
C SER KB 26 -69.76 77.23 -37.56
N ALA KB 27 -68.44 77.11 -37.67
CA ALA KB 27 -67.58 78.19 -38.15
C ALA KB 27 -66.18 77.65 -38.39
N PRO KB 28 -65.48 78.14 -39.40
CA PRO KB 28 -64.06 77.78 -39.55
C PRO KB 28 -63.22 78.43 -38.47
N ARG KB 29 -62.27 77.67 -37.95
CA ARG KB 29 -61.31 78.20 -36.98
C ARG KB 29 -60.42 79.22 -37.66
N ARG KB 30 -60.36 80.42 -37.10
CA ARG KB 30 -59.65 81.52 -37.75
C ARG KB 30 -58.15 81.29 -37.71
N ASN KB 31 -57.45 81.93 -38.66
CA ASN KB 31 -56.01 81.77 -38.79
C ASN KB 31 -55.33 82.59 -37.71
N LYS KB 32 -54.86 81.91 -36.66
CA LYS KB 32 -54.08 82.59 -35.63
C LYS KB 32 -52.71 82.96 -36.14
N LEU KB 33 -52.14 82.17 -37.05
CA LEU KB 33 -50.81 82.40 -37.57
C LEU KB 33 -50.92 83.18 -38.89
N ASP KB 34 -51.29 84.45 -38.75
CA ASP KB 34 -51.41 85.33 -39.89
C ASP KB 34 -50.13 86.16 -40.05
N HIS KB 35 -50.18 87.15 -40.94
CA HIS KB 35 -48.99 87.91 -41.32
C HIS KB 35 -48.45 88.75 -40.17
N TYR KB 36 -49.33 89.18 -39.26
CA TYR KB 36 -48.90 89.96 -38.11
C TYR KB 36 -48.47 89.10 -36.94
N ALA KB 37 -48.61 87.78 -37.04
CA ALA KB 37 -48.18 86.87 -35.99
C ALA KB 37 -47.01 85.99 -36.39
N ILE KB 38 -46.70 85.89 -37.68
CA ILE KB 38 -45.52 85.13 -38.10
C ILE KB 38 -44.25 85.91 -37.77
N ILE KB 39 -44.11 87.10 -38.34
CA ILE KB 39 -42.91 87.92 -38.22
C ILE KB 39 -43.08 88.86 -37.03
N LYS KB 40 -42.36 88.55 -35.94
CA LYS KB 40 -42.57 89.26 -34.68
C LYS KB 40 -41.58 90.40 -34.47
N PHE KB 41 -40.29 90.09 -34.38
CA PHE KB 41 -39.27 91.05 -33.96
C PHE KB 41 -38.20 91.20 -35.02
N PRO KB 42 -37.89 92.42 -35.46
CA PRO KB 42 -36.63 92.63 -36.19
C PRO KB 42 -35.47 92.70 -35.21
N LEU KB 43 -34.33 92.16 -35.62
CA LEU KB 43 -33.17 92.05 -34.75
C LEU KB 43 -32.21 93.19 -35.06
N THR KB 44 -31.85 93.96 -34.03
CA THR KB 44 -31.04 95.17 -34.18
C THR KB 44 -29.70 95.06 -33.47
N THR KB 45 -29.04 93.91 -33.58
CA THR KB 45 -27.74 93.72 -32.93
C THR KB 45 -26.63 94.16 -33.87
N GLU KB 46 -25.38 93.91 -33.48
CA GLU KB 46 -24.24 94.36 -34.28
C GLU KB 46 -24.08 93.55 -35.56
N SER KB 47 -24.08 92.22 -35.46
CA SER KB 47 -23.94 91.39 -36.64
C SER KB 47 -25.19 91.47 -37.52
N ALA KB 48 -26.37 91.51 -36.90
CA ALA KB 48 -27.60 91.63 -37.68
C ALA KB 48 -27.73 93.00 -38.32
N MET KB 49 -27.10 94.02 -37.74
CA MET KB 49 -27.04 95.32 -38.40
C MET KB 49 -26.03 95.31 -39.53
N LYS KB 50 -24.91 94.61 -39.34
CA LYS KB 50 -23.87 94.54 -40.37
C LYS KB 50 -24.34 93.77 -41.60
N LYS KB 51 -25.24 92.79 -41.40
CA LYS KB 51 -25.83 92.06 -42.52
C LYS KB 51 -26.66 92.95 -43.45
N ILE KB 52 -27.18 94.06 -42.94
CA ILE KB 52 -28.01 94.95 -43.77
C ILE KB 52 -27.14 95.63 -44.83
N GLU KB 53 -25.95 96.11 -44.44
CA GLU KB 53 -25.07 96.70 -45.44
C GLU KB 53 -24.36 95.62 -46.26
N ASP KB 54 -23.81 94.60 -45.62
CA ASP KB 54 -22.90 93.69 -46.30
C ASP KB 54 -23.58 92.46 -46.90
N ASN KB 55 -24.91 92.35 -46.79
CA ASN KB 55 -25.60 91.13 -47.21
C ASN KB 55 -26.84 91.41 -48.04
N ASN KB 56 -27.38 92.63 -47.98
CA ASN KB 56 -28.70 93.00 -48.52
C ASN KB 56 -29.76 92.04 -47.96
N THR KB 57 -29.74 91.89 -46.65
CA THR KB 57 -30.53 90.86 -45.97
C THR KB 57 -31.02 91.42 -44.64
N LEU KB 58 -32.33 91.32 -44.41
CA LEU KB 58 -32.92 91.68 -43.13
C LEU KB 58 -32.92 90.48 -42.21
N VAL KB 59 -32.95 90.75 -40.90
CA VAL KB 59 -32.92 89.73 -39.87
C VAL KB 59 -34.19 89.88 -39.03
N PHE KB 60 -34.93 88.79 -38.87
CA PHE KB 60 -36.17 88.83 -38.09
C PHE KB 60 -36.23 87.68 -37.10
N ILE KB 61 -37.08 87.85 -36.10
CA ILE KB 61 -37.38 86.82 -35.11
C ILE KB 61 -38.80 86.34 -35.36
N VAL KB 62 -38.94 85.04 -35.62
CA VAL KB 62 -40.17 84.44 -36.13
C VAL KB 62 -40.62 83.38 -35.12
N ASP KB 63 -41.94 83.22 -35.00
CA ASP KB 63 -42.51 82.10 -34.26
C ASP KB 63 -42.13 80.78 -34.94
N VAL KB 64 -41.97 79.73 -34.13
CA VAL KB 64 -41.42 78.47 -34.62
C VAL KB 64 -42.39 77.65 -35.45
N LYS KB 65 -43.67 78.03 -35.49
CA LYS KB 65 -44.67 77.28 -36.24
C LYS KB 65 -44.76 77.72 -37.71
N ALA KB 66 -43.80 78.53 -38.17
CA ALA KB 66 -43.79 79.01 -39.54
C ALA KB 66 -42.62 78.41 -40.30
N ASN KB 67 -42.71 78.49 -41.62
CA ASN KB 67 -41.68 77.98 -42.51
C ASN KB 67 -41.23 79.07 -43.48
N LYS KB 68 -40.37 78.68 -44.42
CA LYS KB 68 -39.80 79.62 -45.39
C LYS KB 68 -40.87 80.26 -46.27
N HIS KB 69 -41.88 79.48 -46.67
CA HIS KB 69 -42.93 80.01 -47.54
C HIS KB 69 -43.80 81.02 -46.80
N GLN KB 70 -44.14 80.74 -45.54
CA GLN KB 70 -44.94 81.68 -44.76
C GLN KB 70 -44.16 82.94 -44.39
N ILE KB 71 -42.85 82.82 -44.13
CA ILE KB 71 -42.04 84.01 -43.88
C ILE KB 71 -41.94 84.87 -45.15
N LYS KB 72 -41.77 84.22 -46.31
CA LYS KB 72 -41.70 84.94 -47.58
C LYS KB 72 -43.01 85.64 -47.92
N GLN KB 73 -44.14 84.94 -47.71
CA GLN KB 73 -45.44 85.56 -47.94
C GLN KB 73 -45.72 86.67 -46.94
N ALA KB 74 -45.27 86.53 -45.68
CA ALA KB 74 -45.50 87.58 -44.69
C ALA KB 74 -44.71 88.83 -45.03
N VAL KB 75 -43.48 88.67 -45.51
CA VAL KB 75 -42.69 89.83 -45.90
C VAL KB 75 -43.28 90.50 -47.15
N LYS KB 76 -43.70 89.70 -48.14
CA LYS KB 76 -44.26 90.29 -49.35
C LYS KB 76 -45.64 90.90 -49.13
N LYS KB 77 -46.37 90.48 -48.10
CA LYS KB 77 -47.68 91.06 -47.84
C LYS KB 77 -47.64 92.19 -46.81
N LEU KB 78 -46.57 92.29 -46.01
CA LEU KB 78 -46.47 93.44 -45.11
C LEU KB 78 -45.63 94.57 -45.70
N TYR KB 79 -44.41 94.26 -46.13
CA TYR KB 79 -43.48 95.31 -46.52
C TYR KB 79 -43.51 95.60 -48.01
N ASP KB 80 -44.26 94.82 -48.79
CA ASP KB 80 -44.46 95.00 -50.24
C ASP KB 80 -43.14 94.97 -51.01
N ILE KB 81 -42.22 94.11 -50.57
CA ILE KB 81 -40.89 94.00 -51.15
C ILE KB 81 -40.64 92.56 -51.55
N ASP KB 82 -39.75 92.37 -52.52
CA ASP KB 82 -39.44 91.03 -53.01
C ASP KB 82 -38.43 90.33 -52.13
N VAL KB 83 -38.49 89.00 -52.13
CA VAL KB 83 -37.64 88.17 -51.29
C VAL KB 83 -36.86 87.21 -52.17
N ALA KB 84 -35.53 87.22 -52.04
CA ALA KB 84 -34.70 86.27 -52.76
C ALA KB 84 -34.79 84.89 -52.11
N LYS KB 85 -34.34 84.78 -50.86
CA LYS KB 85 -34.40 83.51 -50.14
C LYS KB 85 -34.40 83.80 -48.64
N VAL KB 86 -34.92 82.84 -47.89
CA VAL KB 86 -35.04 82.95 -46.44
C VAL KB 86 -34.26 81.79 -45.82
N ASN KB 87 -33.24 82.11 -45.03
CA ASN KB 87 -32.48 81.12 -44.29
C ASN KB 87 -32.92 81.14 -42.84
N THR KB 88 -33.45 80.03 -42.36
CA THR KB 88 -34.00 79.94 -41.00
C THR KB 88 -33.10 79.10 -40.12
N LEU KB 89 -32.83 79.59 -38.92
CA LEU KB 89 -32.18 78.82 -37.87
C LEU KB 89 -33.04 78.91 -36.62
N ILE KB 90 -32.76 78.06 -35.64
CA ILE KB 90 -33.43 78.13 -34.35
C ILE KB 90 -32.46 78.71 -33.34
N ARG KB 91 -32.74 79.93 -32.90
CA ARG KB 91 -31.95 80.55 -31.85
C ARG KB 91 -32.19 79.76 -30.56
N PRO KB 92 -31.14 79.45 -29.78
CA PRO KB 92 -31.31 78.50 -28.66
C PRO KB 92 -32.13 79.02 -27.49
N ASP KB 93 -32.57 80.28 -27.50
CA ASP KB 93 -33.53 80.72 -26.50
C ASP KB 93 -34.92 80.16 -26.74
N GLY KB 94 -35.27 79.86 -27.99
CA GLY KB 94 -36.55 79.25 -28.28
C GLY KB 94 -37.26 79.78 -29.51
N GLU KB 95 -36.75 80.86 -30.10
CA GLU KB 95 -37.38 81.47 -31.26
C GLU KB 95 -36.65 81.09 -32.55
N LYS KB 96 -37.23 81.45 -33.68
CA LYS KB 96 -36.59 81.23 -34.97
C LYS KB 96 -35.96 82.53 -35.44
N LYS KB 97 -34.77 82.43 -36.03
CA LYS KB 97 -34.09 83.58 -36.61
C LYS KB 97 -34.10 83.41 -38.13
N ALA KB 98 -34.66 84.39 -38.83
CA ALA KB 98 -34.83 84.32 -40.27
C ALA KB 98 -34.01 85.42 -40.94
N TYR KB 99 -33.13 85.00 -41.85
CA TYR KB 99 -32.37 85.91 -42.69
C TYR KB 99 -33.08 85.99 -44.04
N VAL KB 100 -33.68 87.14 -44.34
CA VAL KB 100 -34.49 87.34 -45.53
C VAL KB 100 -33.68 88.20 -46.48
N ARG KB 101 -33.18 87.59 -47.56
CA ARG KB 101 -32.44 88.34 -48.57
C ARG KB 101 -33.41 88.96 -49.56
N LEU KB 102 -33.21 90.23 -49.87
CA LEU KB 102 -34.13 90.96 -50.71
C LEU KB 102 -33.68 90.93 -52.16
N ALA KB 103 -34.48 91.53 -53.03
CA ALA KB 103 -34.15 91.63 -54.44
C ALA KB 103 -33.01 92.62 -54.64
N PRO KB 104 -32.25 92.48 -55.73
CA PRO KB 104 -31.23 93.51 -56.05
C PRO KB 104 -31.82 94.85 -56.44
N ASP KB 105 -33.10 94.90 -56.83
CA ASP KB 105 -33.72 96.18 -57.14
C ASP KB 105 -34.02 96.98 -55.88
N TYR KB 106 -34.21 96.32 -54.75
CA TYR KB 106 -34.52 96.99 -53.49
C TYR KB 106 -33.25 97.24 -52.68
N ASP KB 107 -33.40 98.06 -51.65
CA ASP KB 107 -32.28 98.47 -50.79
C ASP KB 107 -32.65 98.12 -49.36
N ALA KB 108 -31.84 97.25 -48.73
CA ALA KB 108 -32.06 96.86 -47.35
C ALA KB 108 -31.90 98.02 -46.38
N LEU KB 109 -31.00 98.96 -46.68
CA LEU KB 109 -30.86 100.15 -45.84
C LEU KB 109 -32.11 101.02 -45.89
N ASP KB 110 -32.70 101.16 -47.08
CA ASP KB 110 -33.91 101.96 -47.21
C ASP KB 110 -35.10 101.28 -46.55
N VAL KB 111 -35.19 99.95 -46.67
CA VAL KB 111 -36.28 99.21 -46.01
C VAL KB 111 -36.11 99.25 -44.49
N ALA KB 112 -34.86 99.20 -44.01
CA ALA KB 112 -34.61 99.28 -42.58
C ALA KB 112 -34.93 100.67 -42.04
N ASN KB 113 -34.63 101.71 -42.81
CA ASN KB 113 -34.96 103.07 -42.37
C ASN KB 113 -36.46 103.33 -42.44
N LYS KB 114 -37.16 102.66 -43.36
CA LYS KB 114 -38.62 102.80 -43.41
C LYS KB 114 -39.31 102.04 -42.29
N ILE KB 115 -38.76 100.90 -41.87
CA ILE KB 115 -39.39 100.17 -40.76
C ILE KB 115 -38.92 100.66 -39.40
N GLY KB 116 -37.81 101.41 -39.34
CA GLY KB 116 -37.40 102.06 -38.12
C GLY KB 116 -36.19 101.49 -37.41
N ILE KB 117 -35.42 100.61 -38.06
CA ILE KB 117 -34.25 100.04 -37.43
C ILE KB 117 -32.98 100.52 -38.12
N MET LB 1 -72.71 88.70 21.65
CA MET LB 1 -72.12 87.37 21.50
C MET LB 1 -72.46 86.81 20.12
N LYS LB 2 -71.51 86.10 19.51
CA LYS LB 2 -71.69 85.53 18.19
C LYS LB 2 -72.72 84.41 18.21
N PHE LB 3 -73.74 84.51 17.38
CA PHE LB 3 -74.79 83.51 17.30
C PHE LB 3 -74.88 82.81 15.94
N ASN LB 4 -74.56 83.50 14.85
CA ASN LB 4 -74.59 82.86 13.55
C ASN LB 4 -73.40 81.91 13.40
N PRO LB 5 -73.63 80.64 13.07
CA PRO LB 5 -72.51 79.69 12.90
C PRO LB 5 -71.79 79.79 11.58
N PHE LB 6 -72.05 80.82 10.76
CA PHE LB 6 -71.38 81.00 9.48
C PHE LB 6 -70.30 82.08 9.53
N VAL LB 7 -69.85 82.45 10.73
CA VAL LB 7 -68.79 83.44 10.90
C VAL LB 7 -67.91 82.99 12.05
N THR LB 8 -66.62 83.30 11.96
CA THR LB 8 -65.63 82.84 12.92
C THR LB 8 -65.44 83.83 14.07
N SER LB 9 -65.27 83.29 15.26
CA SER LB 9 -64.51 83.95 16.32
C SER LB 9 -63.07 83.49 16.33
N ASP LB 10 -62.57 83.00 15.19
CA ASP LB 10 -61.27 82.36 15.12
C ASP LB 10 -60.20 83.39 14.76
N ARG LB 11 -59.16 83.45 15.58
CA ARG LB 11 -58.11 84.44 15.41
C ARG LB 11 -57.30 84.20 14.14
N SER LB 12 -56.96 82.93 13.88
CA SER LB 12 -56.16 82.61 12.70
C SER LB 12 -56.92 82.88 11.41
N LYS LB 13 -58.19 82.48 11.35
CA LYS LB 13 -58.99 82.73 10.15
C LYS LB 13 -59.32 84.20 9.96
N ASN LB 14 -59.54 84.94 11.06
CA ASN LB 14 -59.79 86.37 10.94
C ASN LB 14 -58.55 87.13 10.48
N ARG LB 15 -57.38 86.77 11.03
CA ARG LB 15 -56.13 87.39 10.57
C ARG LB 15 -55.81 86.99 9.14
N LYS LB 16 -56.15 85.77 8.73
CA LYS LB 16 -55.93 85.33 7.36
C LYS LB 16 -56.78 86.13 6.39
N ARG LB 17 -58.08 86.24 6.67
CA ARG LB 17 -58.96 87.02 5.81
C ARG LB 17 -58.63 88.51 5.84
N HIS LB 18 -58.10 88.99 6.97
CA HIS LB 18 -57.76 90.41 7.09
C HIS LB 18 -56.51 90.74 6.28
N PHE LB 19 -55.45 89.94 6.42
CA PHE LB 19 -54.21 90.24 5.71
C PHE LB 19 -54.22 89.70 4.28
N ASN LB 20 -55.25 88.95 3.89
CA ASN LB 20 -55.34 88.49 2.50
C ASN LB 20 -56.66 88.89 1.85
N ALA LB 21 -57.36 89.88 2.41
CA ALA LB 21 -58.60 90.36 1.82
C ALA LB 21 -58.33 91.10 0.51
N PRO LB 22 -59.23 90.96 -0.46
CA PRO LB 22 -59.11 91.72 -1.71
C PRO LB 22 -59.39 93.20 -1.49
N SER LB 23 -59.17 93.99 -2.55
CA SER LB 23 -59.16 95.44 -2.43
C SER LB 23 -60.52 96.03 -2.11
N HIS LB 24 -61.61 95.40 -2.59
CA HIS LB 24 -62.93 95.91 -2.28
C HIS LB 24 -63.32 95.64 -0.84
N ILE LB 25 -62.73 94.60 -0.23
CA ILE LB 25 -62.90 94.38 1.20
C ILE LB 25 -61.99 95.32 1.99
N ARG LB 26 -60.78 95.59 1.47
CA ARG LB 26 -59.83 96.48 2.11
C ARG LB 26 -60.31 97.93 2.14
N ARG LB 27 -61.13 98.33 1.15
CA ARG LB 27 -61.75 99.64 1.20
C ARG LB 27 -62.73 99.75 2.36
N LYS LB 28 -63.48 98.68 2.64
CA LYS LB 28 -64.39 98.70 3.78
C LYS LB 28 -63.64 98.62 5.09
N ILE LB 29 -62.49 97.92 5.12
CA ILE LB 29 -61.70 97.84 6.33
C ILE LB 29 -61.04 99.18 6.63
N MET LB 30 -60.46 99.83 5.63
CA MET LB 30 -59.84 101.14 5.79
C MET LB 30 -60.93 102.20 5.74
N SER LB 31 -61.67 102.32 6.82
CA SER LB 31 -62.71 103.32 6.96
C SER LB 31 -62.40 104.21 8.17
N SER LB 32 -62.83 105.47 8.07
CA SER LB 32 -62.43 106.46 9.04
C SER LB 32 -63.65 107.13 9.67
N PRO LB 33 -63.60 107.48 10.95
CA PRO LB 33 -64.69 108.20 11.58
C PRO LB 33 -64.74 109.65 11.10
N LEU LB 34 -65.82 110.32 11.47
CA LEU LB 34 -66.10 111.66 10.97
C LEU LB 34 -66.08 112.65 12.12
N SER LB 35 -65.94 113.93 11.76
CA SER LB 35 -65.97 114.99 12.75
C SER LB 35 -67.39 115.17 13.27
N LYS LB 36 -67.50 115.86 14.42
CA LYS LB 36 -68.77 115.98 15.09
C LYS LB 36 -69.73 116.90 14.34
N GLU LB 37 -69.21 117.95 13.68
CA GLU LB 37 -70.07 118.81 12.89
C GLU LB 37 -70.54 118.12 11.60
N LEU LB 38 -69.69 117.31 10.98
CA LEU LB 38 -70.09 116.61 9.78
C LEU LB 38 -71.06 115.48 10.08
N ARG LB 39 -70.90 114.77 11.19
CA ARG LB 39 -71.90 113.76 11.54
C ARG LB 39 -73.20 114.40 12.04
N GLN LB 40 -73.14 115.59 12.64
CA GLN LB 40 -74.36 116.31 12.97
C GLN LB 40 -75.09 116.77 11.72
N LYS LB 41 -74.34 117.16 10.68
CA LYS LB 41 -74.94 117.68 9.46
C LYS LB 41 -75.40 116.58 8.51
N TYR LB 42 -74.79 115.39 8.55
CA TYR LB 42 -75.13 114.35 7.60
C TYR LB 42 -75.81 113.12 8.19
N ASN LB 43 -75.78 112.95 9.52
CA ASN LB 43 -76.33 111.78 10.23
C ASN LB 43 -75.73 110.47 9.72
N VAL LB 44 -74.41 110.36 9.88
CA VAL LB 44 -73.67 109.18 9.45
C VAL LB 44 -72.46 109.02 10.35
N ARG LB 45 -72.12 107.78 10.68
CA ARG LB 45 -71.09 107.50 11.66
C ARG LB 45 -69.72 107.27 11.04
N SER LB 46 -69.66 106.48 9.97
CA SER LB 46 -68.38 106.10 9.37
C SER LB 46 -68.47 106.13 7.86
N MET LB 47 -67.36 106.48 7.23
CA MET LB 47 -67.24 106.57 5.78
C MET LB 47 -65.88 106.06 5.34
N PRO LB 48 -65.79 105.39 4.19
CA PRO LB 48 -64.48 105.09 3.61
C PRO LB 48 -63.80 106.35 3.12
N ILE LB 49 -62.48 106.30 3.05
CA ILE LB 49 -61.68 107.48 2.70
C ILE LB 49 -61.21 107.35 1.26
N ARG LB 50 -61.06 108.49 0.59
CA ARG LB 50 -60.60 108.51 -0.79
C ARG LB 50 -59.45 109.50 -0.98
N LYS LB 51 -59.11 109.80 -2.23
CA LYS LB 51 -57.91 110.57 -2.54
C LYS LB 51 -58.02 112.02 -2.12
N ASP LB 52 -59.21 112.62 -2.19
CA ASP LB 52 -59.36 114.05 -1.99
C ASP LB 52 -60.19 114.37 -0.75
N ASP LB 53 -59.93 113.66 0.35
CA ASP LB 53 -60.57 113.95 1.61
C ASP LB 53 -59.62 114.73 2.52
N GLU LB 54 -60.17 115.71 3.22
CA GLU LB 54 -59.38 116.50 4.15
C GLU LB 54 -59.38 115.83 5.53
N VAL LB 55 -58.22 115.81 6.17
CA VAL LB 55 -57.94 114.91 7.29
C VAL LB 55 -57.34 115.70 8.44
N GLN LB 56 -57.94 115.56 9.63
CA GLN LB 56 -57.33 115.98 10.88
C GLN LB 56 -56.85 114.73 11.61
N VAL LB 57 -55.59 114.76 12.06
CA VAL LB 57 -54.99 113.62 12.73
C VAL LB 57 -55.25 113.75 14.23
N VAL LB 58 -55.69 112.65 14.85
CA VAL LB 58 -56.08 112.68 16.24
C VAL LB 58 -55.05 112.00 17.16
N ARG LB 59 -54.31 110.99 16.68
CA ARG LB 59 -53.39 110.25 17.51
C ARG LB 59 -52.13 109.90 16.74
N GLY LB 60 -51.05 109.66 17.48
CA GLY LB 60 -49.75 109.38 16.90
C GLY LB 60 -48.69 110.33 17.41
N HIS LB 61 -47.63 110.52 16.63
CA HIS LB 61 -46.62 111.51 16.99
C HIS LB 61 -47.12 112.93 16.73
N TYR LB 62 -48.04 113.09 15.77
CA TYR LB 62 -48.64 114.37 15.45
C TYR LB 62 -50.13 114.32 15.78
N LYS LB 63 -50.60 115.28 16.56
CA LYS LB 63 -51.96 115.24 17.09
C LYS LB 63 -52.61 116.61 16.98
N GLY LB 64 -53.71 116.69 16.23
CA GLY LB 64 -54.60 117.84 16.29
C GLY LB 64 -54.15 119.07 15.55
N GLN LB 65 -55.15 119.85 15.07
CA GLN LB 65 -54.95 121.15 14.40
C GLN LB 65 -54.05 121.03 13.16
N GLN LB 66 -54.22 119.93 12.43
CA GLN LB 66 -53.40 119.59 11.27
C GLN LB 66 -54.29 119.18 10.11
N ILE LB 67 -55.25 120.04 9.77
CA ILE LB 67 -56.25 119.70 8.77
C ILE LB 67 -55.65 119.77 7.37
N GLY LB 68 -55.13 118.62 6.91
CA GLY LB 68 -54.48 118.52 5.62
C GLY LB 68 -55.21 117.53 4.72
N LYS LB 69 -54.73 117.45 3.48
CA LYS LB 69 -55.35 116.64 2.43
C LYS LB 69 -54.48 115.43 2.16
N VAL LB 70 -55.11 114.25 2.07
CA VAL LB 70 -54.36 113.04 1.74
C VAL LB 70 -54.00 113.03 0.25
N VAL LB 71 -52.98 112.24 -0.08
CA VAL LB 71 -52.51 112.11 -1.45
C VAL LB 71 -52.53 110.67 -1.94
N GLN LB 72 -52.11 109.70 -1.11
CA GLN LB 72 -52.02 108.31 -1.51
C GLN LB 72 -52.69 107.42 -0.48
N VAL LB 73 -53.30 106.34 -0.95
CA VAL LB 73 -53.93 105.34 -0.09
C VAL LB 73 -53.38 103.99 -0.51
N TYR LB 74 -52.37 103.49 0.21
CA TYR LB 74 -51.87 102.14 -0.01
C TYR LB 74 -52.76 101.17 0.74
N ARG LB 75 -53.59 100.45 0.00
CA ARG LB 75 -54.40 99.39 0.61
C ARG LB 75 -53.60 98.12 0.84
N LYS LB 76 -52.45 97.98 0.19
CA LYS LB 76 -51.58 96.84 0.47
C LYS LB 76 -50.93 96.98 1.84
N LYS LB 77 -50.60 98.20 2.24
CA LYS LB 77 -49.97 98.46 3.52
C LYS LB 77 -50.95 98.92 4.60
N TYR LB 78 -52.23 99.09 4.24
CA TYR LB 78 -53.28 99.64 5.12
C TYR LB 78 -52.90 101.02 5.65
N VAL LB 79 -52.32 101.85 4.79
CA VAL LB 79 -51.74 103.12 5.20
C VAL LB 79 -52.15 104.20 4.21
N ILE LB 80 -52.74 105.27 4.71
CA ILE LB 80 -52.93 106.48 3.93
C ILE LB 80 -51.77 107.42 4.24
N TYR LB 81 -51.47 108.30 3.29
CA TYR LB 81 -50.40 109.29 3.47
C TYR LB 81 -50.98 110.68 3.30
N ILE LB 82 -50.52 111.60 4.14
CA ILE LB 82 -51.09 112.93 4.26
C ILE LB 82 -50.04 113.94 3.80
N GLU LB 83 -50.47 114.93 3.02
CA GLU LB 83 -49.54 115.92 2.46
C GLU LB 83 -48.95 116.81 3.54
N ARG LB 84 -49.71 117.09 4.60
CA ARG LB 84 -49.21 117.96 5.66
C ARG LB 84 -48.14 117.27 6.50
N VAL LB 85 -48.33 115.98 6.78
CA VAL LB 85 -47.44 115.23 7.66
C VAL LB 85 -46.22 114.80 6.85
N GLN LB 86 -45.05 115.31 7.21
CA GLN LB 86 -43.80 115.02 6.51
C GLN LB 86 -42.77 114.50 7.49
N ARG LB 87 -41.70 113.93 6.94
CA ARG LB 87 -40.52 113.58 7.72
C ARG LB 87 -39.33 113.54 6.78
N GLU LB 88 -38.23 114.15 7.20
CA GLU LB 88 -37.04 114.17 6.37
C GLU LB 88 -36.24 112.89 6.54
N LYS LB 89 -35.59 112.47 5.46
CA LYS LB 89 -34.69 111.33 5.50
C LYS LB 89 -33.32 111.79 5.98
N ALA LB 90 -32.31 110.94 5.80
CA ALA LB 90 -30.95 111.37 6.11
C ALA LB 90 -30.46 112.39 5.08
N ASN LB 91 -30.78 112.18 3.80
CA ASN LB 91 -30.24 112.99 2.71
C ASN LB 91 -31.05 114.26 2.43
N GLY LB 92 -31.90 114.69 3.36
CA GLY LB 92 -32.66 115.90 3.16
C GLY LB 92 -33.86 115.77 2.25
N THR LB 93 -34.24 114.55 1.87
CA THR LB 93 -35.40 114.32 1.04
C THR LB 93 -36.61 114.05 1.93
N THR LB 94 -37.70 114.77 1.70
CA THR LB 94 -38.89 114.55 2.48
C THR LB 94 -39.60 113.27 2.05
N VAL LB 95 -40.37 112.71 2.98
CA VAL LB 95 -41.14 111.49 2.73
C VAL LB 95 -42.33 111.51 3.67
N HIS LB 96 -43.42 110.88 3.24
CA HIS LB 96 -44.63 110.87 4.04
C HIS LB 96 -44.51 109.84 5.18
N VAL LB 97 -45.38 109.97 6.17
CA VAL LB 97 -45.33 109.17 7.39
C VAL LB 97 -46.53 108.22 7.39
N GLY LB 98 -46.30 106.97 7.76
CA GLY LB 98 -47.34 105.97 7.82
C GLY LB 98 -48.41 106.21 8.87
N ILE LB 99 -49.63 106.50 8.42
CA ILE LB 99 -50.77 106.76 9.31
C ILE LB 99 -51.87 105.77 8.98
N HIS LB 100 -52.31 105.01 9.97
CA HIS LB 100 -53.41 104.06 9.80
C HIS LB 100 -54.73 104.82 9.75
N PRO LB 101 -55.64 104.47 8.82
CA PRO LB 101 -56.85 105.29 8.61
C PRO LB 101 -57.89 105.18 9.72
N SER LB 102 -57.73 104.28 10.69
CA SER LB 102 -58.66 104.24 11.80
C SER LB 102 -58.37 105.28 12.85
N LYS LB 103 -57.17 105.87 12.82
CA LYS LB 103 -56.80 106.97 13.71
C LYS LB 103 -56.90 108.32 13.01
N VAL LB 104 -57.90 108.48 12.15
CA VAL LB 104 -58.02 109.59 11.22
C VAL LB 104 -59.41 110.19 11.36
N VAL LB 105 -59.49 111.49 11.62
CA VAL LB 105 -60.75 112.20 11.72
C VAL LB 105 -60.95 113.01 10.45
N ILE LB 106 -61.98 112.67 9.69
CA ILE LB 106 -62.28 113.37 8.44
C ILE LB 106 -63.10 114.61 8.75
N THR LB 107 -62.65 115.75 8.27
CA THR LB 107 -63.38 117.01 8.44
C THR LB 107 -64.14 117.43 7.20
N ARG LB 108 -63.66 117.07 6.00
CA ARG LB 108 -64.33 117.40 4.75
C ARG LB 108 -64.32 116.20 3.83
N LEU LB 109 -65.43 115.96 3.16
CA LEU LB 109 -65.57 114.88 2.19
C LEU LB 109 -65.59 115.44 0.77
N LYS LB 110 -65.22 114.58 -0.18
CA LYS LB 110 -65.34 114.90 -1.59
C LYS LB 110 -66.74 114.54 -2.07
N LEU LB 111 -67.41 115.50 -2.70
CA LEU LB 111 -68.77 115.27 -3.18
C LEU LB 111 -68.74 114.63 -4.57
N ASP LB 112 -69.59 113.62 -4.75
CA ASP LB 112 -69.75 112.95 -6.03
C ASP LB 112 -71.17 112.39 -6.05
N LYS LB 113 -71.64 112.02 -7.24
CA LYS LB 113 -72.98 111.44 -7.35
C LYS LB 113 -73.05 110.09 -6.66
N ASP LB 114 -72.00 109.28 -6.82
CA ASP LB 114 -71.92 108.00 -6.11
C ASP LB 114 -71.82 108.20 -4.61
N ARG LB 115 -71.11 109.22 -4.15
CA ARG LB 115 -71.06 109.50 -2.71
C ARG LB 115 -72.37 110.03 -2.17
N LYS LB 116 -73.16 110.76 -2.97
CA LYS LB 116 -74.50 111.12 -2.55
C LYS LB 116 -75.39 109.90 -2.43
N LYS LB 117 -75.25 108.93 -3.35
CA LYS LB 117 -75.99 107.68 -3.21
C LYS LB 117 -75.56 106.89 -1.98
N ILE LB 118 -74.25 106.89 -1.69
CA ILE LB 118 -73.74 106.21 -0.49
C ILE LB 118 -74.28 106.86 0.77
N LEU LB 119 -74.26 108.19 0.82
CA LEU LB 119 -74.76 108.92 1.99
C LEU LB 119 -76.26 108.74 2.15
N GLU LB 120 -77.00 108.63 1.05
CA GLU LB 120 -78.43 108.35 1.12
C GLU LB 120 -78.69 106.95 1.67
N ARG LB 121 -77.90 105.96 1.25
CA ARG LB 121 -78.04 104.62 1.81
C ARG LB 121 -77.64 104.57 3.28
N LYS LB 122 -76.62 105.33 3.69
CA LYS LB 122 -76.24 105.43 5.09
C LYS LB 122 -77.36 106.02 5.93
N ALA LB 123 -77.96 107.13 5.47
CA ALA LB 123 -79.02 107.78 6.24
C ALA LB 123 -80.29 106.92 6.26
N LYS LB 124 -80.59 106.21 5.17
CA LYS LB 124 -81.78 105.37 5.13
C LYS LB 124 -81.61 104.12 6.00
N SER LB 125 -80.40 103.57 6.04
CA SER LB 125 -80.17 102.40 6.89
C SER LB 125 -80.04 102.78 8.36
N ARG LB 126 -79.60 104.02 8.64
CA ARG LB 126 -79.55 104.46 10.03
C ARG LB 126 -80.93 104.83 10.54
N GLN LB 127 -81.77 105.40 9.67
CA GLN LB 127 -83.19 105.67 9.91
C GLN LB 127 -83.45 106.59 11.11
N LYS MB 1 -20.18 22.11 -100.92
CA LYS MB 1 -20.75 23.19 -101.73
C LYS MB 1 -22.26 23.10 -101.79
N PHE MB 2 -22.90 23.20 -100.63
CA PHE MB 2 -24.34 23.11 -100.53
C PHE MB 2 -25.01 24.49 -100.45
N MET MB 3 -24.23 25.56 -100.43
CA MET MB 3 -24.78 26.90 -100.32
C MET MB 3 -25.03 27.46 -101.72
N LYS MB 4 -26.24 27.94 -101.95
CA LYS MB 4 -26.73 28.36 -103.26
C LYS MB 4 -27.36 29.74 -103.15
N PRO MB 5 -27.57 30.41 -104.29
CA PRO MB 5 -28.37 31.66 -104.26
C PRO MB 5 -29.88 31.46 -104.07
N GLY MB 6 -30.34 30.26 -103.74
CA GLY MB 6 -31.70 30.06 -103.27
C GLY MB 6 -31.80 29.69 -101.81
N LYS MB 7 -30.68 29.75 -101.08
CA LYS MB 7 -30.62 29.25 -99.71
C LYS MB 7 -31.13 30.29 -98.74
N VAL MB 8 -31.78 29.82 -97.67
CA VAL MB 8 -32.20 30.65 -96.54
C VAL MB 8 -31.22 30.42 -95.40
N VAL MB 9 -30.74 31.51 -94.80
CA VAL MB 9 -29.81 31.43 -93.68
C VAL MB 9 -30.37 32.23 -92.51
N LEU MB 10 -29.84 31.96 -91.33
CA LEU MB 10 -30.22 32.66 -90.11
C LEU MB 10 -29.04 33.48 -89.63
N VAL MB 11 -29.21 34.79 -89.51
CA VAL MB 11 -28.13 35.66 -89.08
C VAL MB 11 -27.92 35.50 -87.58
N LEU MB 12 -26.68 35.25 -87.17
CA LEU MB 12 -26.37 34.97 -85.77
C LEU MB 12 -26.04 36.23 -84.97
N ALA MB 13 -25.19 37.11 -85.48
CA ALA MB 13 -24.63 38.17 -84.65
C ALA MB 13 -24.65 39.51 -85.36
N GLY MB 14 -25.19 40.52 -84.67
CA GLY MB 14 -25.04 41.92 -85.05
C GLY MB 14 -26.24 42.52 -85.75
N ARG MB 15 -27.10 43.19 -84.96
CA ARG MB 15 -28.16 44.10 -85.38
C ARG MB 15 -29.34 43.39 -86.08
N TYR MB 16 -29.15 42.12 -86.46
CA TYR MB 16 -30.15 41.35 -87.18
C TYR MB 16 -30.16 39.90 -86.72
N SER MB 17 -29.88 39.67 -85.43
CA SER MB 17 -29.66 38.33 -84.89
C SER MB 17 -30.94 37.51 -84.96
N GLY MB 18 -30.94 36.47 -85.80
CA GLY MB 18 -32.09 35.63 -85.96
C GLY MB 18 -33.21 36.25 -86.77
N ARG MB 19 -32.89 36.86 -87.91
CA ARG MB 19 -33.91 37.50 -88.74
C ARG MB 19 -34.04 36.89 -90.12
N LYS MB 20 -33.40 35.74 -90.36
CA LYS MB 20 -33.77 34.78 -91.43
C LYS MB 20 -33.66 35.41 -92.83
N ALA MB 21 -32.41 35.66 -93.22
CA ALA MB 21 -32.16 36.23 -94.53
C ALA MB 21 -32.10 35.15 -95.61
N VAL MB 22 -31.99 35.57 -96.87
CA VAL MB 22 -31.75 34.66 -97.99
C VAL MB 22 -30.49 35.10 -98.70
N ILE MB 23 -29.81 34.14 -99.34
CA ILE MB 23 -28.59 34.40 -100.08
C ILE MB 23 -28.97 34.81 -101.50
N VAL MB 24 -28.42 35.92 -101.98
CA VAL MB 24 -28.56 36.29 -103.37
C VAL MB 24 -27.27 36.09 -104.17
N LYS MB 25 -26.10 36.09 -103.53
CA LYS MB 25 -24.83 35.85 -104.18
C LYS MB 25 -23.81 35.45 -103.12
N ASN MB 26 -23.07 34.37 -103.39
CA ASN MB 26 -22.06 33.88 -102.46
C ASN MB 26 -20.67 33.97 -103.08
N ILE MB 27 -19.68 34.28 -102.25
CA ILE MB 27 -18.29 34.35 -102.65
C ILE MB 27 -17.51 33.38 -101.76
N ASP MB 28 -17.11 32.25 -102.34
CA ASP MB 28 -16.44 31.23 -101.55
C ASP MB 28 -14.97 31.57 -101.33
N ASP MB 29 -14.19 31.69 -102.40
CA ASP MB 29 -12.77 31.94 -102.32
C ASP MB 29 -12.39 33.09 -103.24
N GLY MB 30 -11.67 34.07 -102.70
CA GLY MB 30 -11.12 35.13 -103.51
C GLY MB 30 -11.97 36.38 -103.56
N THR MB 31 -11.51 37.44 -102.91
CA THR MB 31 -12.20 38.73 -102.97
C THR MB 31 -11.19 39.84 -103.24
N SER MB 32 -9.98 39.66 -102.70
CA SER MB 32 -8.81 40.55 -102.69
C SER MB 32 -9.01 41.81 -101.84
N ASP MB 33 -10.19 42.02 -101.27
CA ASP MB 33 -10.42 43.06 -100.28
C ASP MB 33 -10.75 42.50 -98.90
N ARG MB 34 -11.04 41.20 -98.81
CA ARG MB 34 -11.28 40.51 -97.57
C ARG MB 34 -10.88 39.04 -97.74
N PRO MB 35 -10.27 38.43 -96.73
CA PRO MB 35 -9.78 37.06 -96.89
C PRO MB 35 -10.83 36.00 -96.56
N TYR MB 36 -11.86 36.38 -95.82
CA TYR MB 36 -12.84 35.42 -95.35
C TYR MB 36 -13.92 35.18 -96.41
N SER MB 37 -14.53 34.01 -96.33
CA SER MB 37 -15.65 33.70 -97.20
C SER MB 37 -16.90 34.45 -96.72
N HIS MB 38 -17.67 34.98 -97.67
CA HIS MB 38 -18.82 35.79 -97.35
C HIS MB 38 -19.90 35.59 -98.39
N ALA MB 39 -21.05 36.22 -98.18
CA ALA MB 39 -22.18 36.12 -99.10
C ALA MB 39 -23.07 37.34 -98.95
N LEU MB 40 -23.40 37.98 -100.07
CA LEU MB 40 -24.37 39.06 -100.07
C LEU MB 40 -25.76 38.48 -99.81
N VAL MB 41 -26.44 38.99 -98.78
CA VAL MB 41 -27.73 38.47 -98.36
C VAL MB 41 -28.75 39.59 -98.29
N ALA MB 42 -30.02 39.20 -98.44
CA ALA MB 42 -31.16 40.07 -98.23
C ALA MB 42 -32.14 39.36 -97.30
N GLY MB 43 -32.83 40.13 -96.47
CA GLY MB 43 -33.66 39.48 -95.47
C GLY MB 43 -34.74 40.35 -94.89
N ILE MB 44 -35.59 39.71 -94.09
CA ILE MB 44 -36.70 40.38 -93.42
C ILE MB 44 -36.21 40.97 -92.10
N ASP MB 45 -36.51 42.26 -91.89
CA ASP MB 45 -36.12 42.96 -90.68
C ASP MB 45 -37.24 42.93 -89.65
N ARG MB 46 -38.38 43.50 -90.00
CA ARG MB 46 -39.55 43.55 -89.12
C ARG MB 46 -40.61 42.66 -89.72
N TYR MB 47 -40.95 41.59 -89.00
CA TYR MB 47 -41.90 40.60 -89.49
C TYR MB 47 -43.31 41.17 -89.57
N PRO MB 48 -44.11 40.72 -90.53
CA PRO MB 48 -45.52 41.15 -90.56
C PRO MB 48 -46.30 40.54 -89.41
N ARG MB 49 -47.30 41.27 -88.95
CA ARG MB 49 -48.05 40.89 -87.77
C ARG MB 49 -49.04 39.76 -88.08
N LYS MB 50 -49.80 39.37 -87.08
CA LYS MB 50 -50.79 38.32 -87.23
C LYS MB 50 -51.97 38.81 -88.06
N VAL MB 51 -52.77 37.86 -88.55
CA VAL MB 51 -53.95 38.15 -89.34
C VAL MB 51 -55.16 37.59 -88.61
N THR MB 52 -56.25 38.36 -88.60
CA THR MB 52 -57.50 37.96 -87.98
C THR MB 52 -58.61 37.95 -89.03
N ALA MB 53 -59.79 37.50 -88.62
CA ALA MB 53 -60.88 37.32 -89.56
C ALA MB 53 -61.65 38.60 -89.84
N ALA MB 54 -61.68 39.53 -88.90
CA ALA MB 54 -62.52 40.72 -88.99
C ALA MB 54 -61.72 42.01 -89.05
N MET MB 55 -60.68 42.06 -89.89
CA MET MB 55 -59.81 43.24 -89.91
C MET MB 55 -59.40 43.60 -91.35
N GLY MB 56 -60.07 43.02 -92.36
CA GLY MB 56 -59.48 43.08 -93.69
C GLY MB 56 -59.77 44.34 -94.46
N LYS MB 57 -58.84 45.30 -94.34
CA LYS MB 57 -58.79 46.57 -95.06
C LYS MB 57 -57.39 47.10 -94.78
N LYS MB 58 -57.17 48.42 -94.91
CA LYS MB 58 -55.97 49.15 -94.51
C LYS MB 58 -55.43 48.77 -93.12
N LYS MB 59 -56.32 48.35 -92.20
CA LYS MB 59 -55.88 47.80 -90.92
C LYS MB 59 -55.05 46.53 -91.10
N ILE MB 60 -55.55 45.57 -91.88
CA ILE MB 60 -54.76 44.36 -92.08
C ILE MB 60 -53.60 44.61 -93.03
N ALA MB 61 -53.68 45.66 -93.87
CA ALA MB 61 -52.52 46.06 -94.65
C ALA MB 61 -51.41 46.60 -93.75
N LYS MB 62 -51.79 47.39 -92.74
CA LYS MB 62 -50.85 47.88 -91.74
C LYS MB 62 -50.27 46.73 -90.92
N ARG MB 63 -51.08 45.72 -90.64
CA ARG MB 63 -50.55 44.51 -90.01
C ARG MB 63 -49.60 43.73 -90.92
N SER MB 64 -49.80 43.81 -92.24
CA SER MB 64 -48.96 43.10 -93.19
C SER MB 64 -47.93 44.00 -93.87
N LYS MB 65 -47.61 45.15 -93.29
CA LYS MB 65 -46.47 45.92 -93.76
C LYS MB 65 -45.18 45.18 -93.46
N ILE MB 66 -44.15 45.48 -94.25
CA ILE MB 66 -42.94 44.67 -94.32
C ILE MB 66 -41.73 45.59 -94.41
N LYS MB 67 -40.59 45.12 -93.89
CA LYS MB 67 -39.35 45.87 -93.93
C LYS MB 67 -38.19 44.91 -94.13
N SER MB 68 -37.38 45.16 -95.16
CA SER MB 68 -36.26 44.28 -95.51
C SER MB 68 -34.93 44.99 -95.26
N PHE MB 69 -33.85 44.27 -95.54
CA PHE MB 69 -32.51 44.80 -95.43
C PHE MB 69 -31.59 44.01 -96.35
N VAL MB 70 -30.48 44.62 -96.75
CA VAL MB 70 -29.45 43.98 -97.55
C VAL MB 70 -28.12 44.16 -96.85
N LYS MB 71 -27.43 43.05 -96.58
CA LYS MB 71 -26.16 43.09 -95.85
C LYS MB 71 -25.20 42.05 -96.43
N VAL MB 72 -24.01 41.99 -95.86
CA VAL MB 72 -23.02 40.95 -96.14
C VAL MB 72 -22.63 40.35 -94.79
N TYR MB 73 -22.50 39.03 -94.73
CA TYR MB 73 -22.07 38.37 -93.50
C TYR MB 73 -21.04 37.31 -93.79
N ASN MB 74 -20.18 37.07 -92.81
CA ASN MB 74 -19.29 35.92 -92.82
C ASN MB 74 -20.12 34.65 -92.70
N TYR MB 75 -19.58 33.54 -93.23
CA TYR MB 75 -20.27 32.25 -93.13
C TYR MB 75 -20.34 31.74 -91.70
N ASN MB 76 -19.45 32.20 -90.81
CA ASN MB 76 -19.53 31.81 -89.40
C ASN MB 76 -20.65 32.54 -88.68
N HIS MB 77 -21.16 33.64 -89.23
CA HIS MB 77 -22.23 34.41 -88.61
C HIS MB 77 -23.58 34.16 -89.28
N LEU MB 78 -23.70 33.10 -90.08
CA LEU MB 78 -24.96 32.73 -90.68
C LEU MB 78 -25.10 31.21 -90.70
N MET MB 79 -26.28 30.73 -90.35
CA MET MB 79 -26.55 29.29 -90.28
C MET MB 79 -27.60 28.93 -91.32
N PRO MB 80 -27.28 28.07 -92.29
CA PRO MB 80 -28.24 27.72 -93.33
C PRO MB 80 -29.29 26.73 -92.83
N THR MB 81 -30.32 26.55 -93.66
CA THR MB 81 -31.40 25.63 -93.38
C THR MB 81 -31.70 24.78 -94.62
N ARG MB 82 -32.67 23.89 -94.47
CA ARG MB 82 -33.11 23.05 -95.57
C ARG MB 82 -34.16 23.70 -96.44
N TYR MB 83 -34.66 24.87 -96.04
CA TYR MB 83 -35.71 25.56 -96.79
C TYR MB 83 -35.09 26.50 -97.82
N SER MB 84 -35.86 26.78 -98.86
CA SER MB 84 -35.40 27.59 -99.97
C SER MB 84 -36.50 28.53 -100.43
N VAL MB 85 -36.13 29.73 -100.85
CA VAL MB 85 -37.06 30.74 -101.35
C VAL MB 85 -36.65 31.09 -102.77
N ASP MB 86 -37.60 30.97 -103.70
CA ASP MB 86 -37.35 31.42 -105.06
C ASP MB 86 -37.26 32.94 -105.08
N ILE MB 87 -36.29 33.46 -105.82
CA ILE MB 87 -36.04 34.91 -105.83
C ILE MB 87 -36.41 35.52 -107.18
N PRO MB 88 -37.43 36.37 -107.23
CA PRO MB 88 -37.63 37.23 -108.40
C PRO MB 88 -36.71 38.44 -108.43
N LEU MB 89 -35.87 38.61 -107.41
CA LEU MB 89 -35.00 39.76 -107.29
C LEU MB 89 -33.91 39.70 -108.35
N ASP MB 90 -33.79 40.76 -109.14
CA ASP MB 90 -32.85 40.79 -110.26
C ASP MB 90 -31.42 41.02 -109.78
N LYS MB 91 -30.49 40.97 -110.73
CA LYS MB 91 -29.07 40.97 -110.40
C LYS MB 91 -28.56 42.36 -110.08
N THR MB 92 -28.67 43.29 -111.03
CA THR MB 92 -28.02 44.59 -110.88
C THR MB 92 -28.92 45.62 -110.22
N VAL MB 93 -29.53 45.26 -109.10
CA VAL MB 93 -30.11 46.23 -108.18
C VAL MB 93 -29.51 45.94 -106.81
N VAL MB 94 -29.19 44.67 -106.57
CA VAL MB 94 -28.55 44.21 -105.34
C VAL MB 94 -27.23 43.61 -105.75
N ASN MB 95 -26.16 44.39 -105.62
CA ASN MB 95 -24.84 44.03 -106.15
C ASN MB 95 -23.82 44.21 -105.03
N LYS MB 96 -22.57 43.83 -105.31
CA LYS MB 96 -21.48 44.14 -104.38
C LYS MB 96 -21.21 45.64 -104.35
N ASP MB 97 -21.46 46.34 -105.45
CA ASP MB 97 -21.24 47.77 -105.57
C ASP MB 97 -22.43 48.58 -105.05
N VAL MB 98 -23.37 47.95 -104.33
CA VAL MB 98 -24.50 48.69 -103.79
C VAL MB 98 -24.11 49.49 -102.56
N PHE MB 99 -22.95 49.21 -101.98
CA PHE MB 99 -22.51 49.93 -100.78
C PHE MB 99 -21.90 51.27 -101.18
N ARG MB 100 -21.56 52.06 -100.15
CA ARG MB 100 -20.99 53.42 -100.28
C ARG MB 100 -21.93 54.37 -101.01
N ASP MB 101 -23.24 54.09 -100.99
CA ASP MB 101 -24.23 55.00 -101.55
C ASP MB 101 -25.59 54.75 -100.89
N PRO MB 102 -26.10 55.72 -100.13
CA PRO MB 102 -27.40 55.52 -99.47
C PRO MB 102 -28.57 55.42 -100.43
N ALA MB 103 -28.49 56.07 -101.59
CA ALA MB 103 -29.58 55.95 -102.56
C ALA MB 103 -29.63 54.56 -103.18
N LEU MB 104 -28.46 53.97 -103.46
CA LEU MB 104 -28.43 52.60 -103.95
C LEU MB 104 -28.86 51.61 -102.87
N LYS MB 105 -28.49 51.87 -101.61
CA LYS MB 105 -28.95 51.01 -100.52
C LYS MB 105 -30.47 51.08 -100.34
N ARG MB 106 -31.04 52.29 -100.43
CA ARG MB 106 -32.49 52.45 -100.39
C ARG MB 106 -33.18 51.80 -101.58
N LYS MB 107 -32.58 51.87 -102.77
CA LYS MB 107 -33.17 51.21 -103.94
C LYS MB 107 -33.17 49.69 -103.81
N ALA MB 108 -32.04 49.13 -103.35
CA ALA MB 108 -31.95 47.69 -103.14
C ALA MB 108 -32.91 47.22 -102.05
N ARG MB 109 -33.00 47.98 -100.95
CA ARG MB 109 -33.90 47.62 -99.86
C ARG MB 109 -35.37 47.74 -100.28
N ARG MB 110 -35.70 48.76 -101.08
CA ARG MB 110 -37.06 48.94 -101.57
C ARG MB 110 -37.46 47.83 -102.53
N GLU MB 111 -36.55 47.43 -103.43
CA GLU MB 111 -36.86 46.36 -104.38
C GLU MB 111 -36.98 45.01 -103.68
N ALA MB 112 -36.07 44.70 -102.75
CA ALA MB 112 -36.16 43.45 -102.02
C ALA MB 112 -37.38 43.42 -101.10
N LYS MB 113 -37.77 44.58 -100.55
CA LYS MB 113 -38.96 44.67 -99.72
C LYS MB 113 -40.23 44.43 -100.53
N VAL MB 114 -40.30 44.99 -101.74
CA VAL MB 114 -41.49 44.78 -102.57
C VAL MB 114 -41.56 43.35 -103.08
N LYS MB 115 -40.41 42.73 -103.38
CA LYS MB 115 -40.43 41.31 -103.77
C LYS MB 115 -40.82 40.41 -102.59
N PHE MB 116 -40.33 40.71 -101.39
CA PHE MB 116 -40.73 39.95 -100.20
C PHE MB 116 -42.21 40.12 -99.89
N GLU MB 117 -42.74 41.32 -100.13
CA GLU MB 117 -44.16 41.57 -99.93
C GLU MB 117 -45.00 40.83 -100.96
N GLU MB 118 -44.54 40.78 -102.21
CA GLU MB 118 -45.25 40.03 -103.23
C GLU MB 118 -45.23 38.53 -102.96
N ARG MB 119 -44.14 38.03 -102.37
CA ARG MB 119 -44.11 36.62 -101.98
C ARG MB 119 -44.99 36.36 -100.77
N TYR MB 120 -45.04 37.29 -99.81
CA TYR MB 120 -45.85 37.09 -98.60
C TYR MB 120 -47.35 37.17 -98.91
N LYS MB 121 -47.75 38.05 -99.82
CA LYS MB 121 -49.11 38.03 -100.32
C LYS MB 121 -49.30 36.78 -101.17
N THR MB 122 -50.52 36.21 -101.10
CA THR MB 122 -50.83 34.84 -101.53
C THR MB 122 -49.81 33.87 -100.94
N GLY MB 123 -49.88 33.77 -99.61
CA GLY MB 123 -48.83 33.23 -98.77
C GLY MB 123 -48.35 31.82 -99.03
N LYS MB 124 -47.14 31.71 -99.57
CA LYS MB 124 -46.41 30.47 -99.66
C LYS MB 124 -45.16 30.59 -98.81
N ASN MB 125 -44.70 29.44 -98.28
CA ASN MB 125 -43.57 29.33 -97.35
C ASN MB 125 -43.82 30.18 -96.09
N LYS MB 126 -44.81 29.74 -95.32
CA LYS MB 126 -45.21 30.43 -94.10
C LYS MB 126 -44.10 30.45 -93.06
N TRP MB 127 -43.20 29.46 -93.08
CA TRP MB 127 -42.11 29.39 -92.10
C TRP MB 127 -41.12 30.53 -92.27
N PHE MB 128 -40.92 31.00 -93.51
CA PHE MB 128 -39.94 32.04 -93.75
C PHE MB 128 -40.40 33.38 -93.19
N PHE MB 129 -41.69 33.67 -93.27
CA PHE MB 129 -42.23 34.90 -92.73
C PHE MB 129 -42.74 34.75 -91.30
N GLN MB 130 -42.73 33.53 -90.76
CA GLN MB 130 -43.04 33.32 -89.36
C GLN MB 130 -41.86 33.78 -88.50
N LYS MB 131 -42.16 34.60 -87.50
CA LYS MB 131 -41.12 35.12 -86.61
C LYS MB 131 -40.58 34.01 -85.71
N LEU MB 132 -39.27 33.81 -85.75
CA LEU MB 132 -38.63 32.79 -84.91
C LEU MB 132 -38.50 33.34 -83.50
N ARG MB 133 -39.09 32.64 -82.54
CA ARG MB 133 -39.11 33.08 -81.15
C ARG MB 133 -38.07 32.29 -80.37
N PHE MB 134 -37.09 33.01 -79.80
CA PHE MB 134 -36.02 32.39 -79.03
C PHE MB 134 -35.81 33.13 -77.72
N PRO NB 1 -55.77 59.14 35.48
CA PRO NB 1 -54.90 60.12 36.13
C PRO NB 1 -53.44 59.69 36.15
N SER NB 2 -52.65 60.27 35.25
CA SER NB 2 -51.22 59.99 35.21
C SER NB 2 -50.49 60.56 36.41
N ARG NB 3 -51.04 61.59 37.05
CA ARG NB 3 -50.44 62.11 38.27
C ARG NB 3 -50.71 61.22 39.48
N LEU NB 4 -51.73 60.36 39.41
CA LEU NB 4 -51.95 59.34 40.41
C LEU NB 4 -51.39 57.99 40.01
N ARG NB 5 -50.94 57.86 38.76
CA ARG NB 5 -50.32 56.64 38.27
C ARG NB 5 -48.97 56.41 38.97
N LYS NB 6 -48.64 55.13 39.19
CA LYS NB 6 -47.39 54.72 39.80
C LYS NB 6 -46.17 55.07 38.95
N THR NB 7 -46.35 55.25 37.63
CA THR NB 7 -45.25 55.51 36.72
C THR NB 7 -44.55 56.83 37.04
N ARG NB 8 -45.32 57.86 37.41
CA ARG NB 8 -44.72 59.13 37.81
C ARG NB 8 -43.95 59.00 39.11
N LYS NB 9 -44.38 58.10 40.00
CA LYS NB 9 -43.66 57.88 41.25
C LYS NB 9 -42.36 57.13 41.02
N LEU NB 10 -42.31 56.25 40.02
CA LEU NB 10 -41.14 55.42 39.77
C LEU NB 10 -40.12 56.06 38.85
N ARG NB 11 -40.29 57.32 38.48
CA ARG NB 11 -39.27 58.02 37.67
C ARG NB 11 -38.05 58.29 38.53
N GLY NB 12 -36.92 57.66 38.19
CA GLY NB 12 -35.70 57.74 38.95
C GLY NB 12 -35.09 56.38 39.23
N HIS NB 13 -35.91 55.34 39.32
CA HIS NB 13 -35.43 53.98 39.47
C HIS NB 13 -35.08 53.43 38.08
N VAL NB 14 -33.98 52.68 38.02
CA VAL NB 14 -33.39 52.32 36.73
C VAL NB 14 -34.26 51.31 36.00
N SER NB 15 -34.53 50.16 36.63
CA SER NB 15 -35.25 49.09 35.95
C SER NB 15 -36.76 49.32 35.92
N HIS NB 16 -37.27 50.31 36.66
CA HIS NB 16 -38.67 50.75 36.65
C HIS NB 16 -39.62 49.61 37.04
N GLY NB 17 -39.46 49.14 38.28
CA GLY NB 17 -40.43 48.25 38.88
C GLY NB 17 -40.46 46.82 38.36
N HIS NB 18 -39.51 46.42 37.50
CA HIS NB 18 -39.54 45.09 36.92
C HIS NB 18 -38.19 44.37 37.01
N GLY NB 19 -37.29 44.85 37.87
CA GLY NB 19 -36.08 44.11 38.15
C GLY NB 19 -34.97 44.24 37.13
N ARG NB 20 -33.73 44.12 37.58
CA ARG NB 20 -32.59 44.12 36.68
C ARG NB 20 -32.23 42.73 36.18
N ILE NB 21 -32.54 41.70 36.97
CA ILE NB 21 -32.08 40.35 36.66
C ILE NB 21 -33.04 39.62 35.74
N GLY NB 22 -34.34 39.68 36.03
CA GLY NB 22 -35.30 38.89 35.29
C GLY NB 22 -35.55 39.40 33.87
N LYS NB 23 -35.55 40.73 33.71
CA LYS NB 23 -35.59 41.41 32.41
C LYS NB 23 -36.85 41.04 31.62
N HIS NB 24 -37.99 41.52 32.12
CA HIS NB 24 -39.26 41.36 31.41
C HIS NB 24 -39.23 42.12 30.09
N ARG NB 25 -39.05 41.40 28.97
CA ARG NB 25 -38.78 42.07 27.69
C ARG NB 25 -40.06 42.32 26.90
N LYS NB 26 -40.63 41.26 26.33
CA LYS NB 26 -41.85 41.38 25.53
C LYS NB 26 -42.96 40.48 26.04
N HIS NB 27 -42.73 39.17 26.06
CA HIS NB 27 -43.67 38.10 26.38
C HIS NB 27 -42.87 36.88 26.79
N PRO NB 28 -42.51 36.74 28.07
CA PRO NB 28 -41.55 35.69 28.44
C PRO NB 28 -42.14 34.28 28.44
N GLY NB 29 -43.38 34.11 28.87
CA GLY NB 29 -43.94 32.79 29.03
C GLY NB 29 -44.71 32.28 27.84
N GLY NB 30 -45.14 33.19 26.97
CA GLY NB 30 -45.99 32.87 25.86
C GLY NB 30 -46.97 33.99 25.63
N ARG NB 31 -48.09 33.68 24.98
CA ARG NB 31 -49.12 34.67 24.71
C ARG NB 31 -50.49 34.10 25.04
N GLY NB 32 -51.23 34.81 25.89
CA GLY NB 32 -52.59 34.43 26.23
C GLY NB 32 -52.66 33.16 27.06
N ASN NB 33 -53.22 32.11 26.46
CA ASN NB 33 -53.35 30.81 27.13
C ASN NB 33 -52.32 29.82 26.60
N ALA NB 34 -51.11 30.29 26.31
CA ALA NB 34 -50.10 29.46 25.70
C ALA NB 34 -49.57 28.43 26.69
N GLY NB 35 -49.41 27.19 26.22
CA GLY NB 35 -48.95 26.12 27.06
C GLY NB 35 -49.99 25.65 28.06
N GLY NB 36 -51.23 25.47 27.63
CA GLY NB 36 -52.28 25.03 28.54
C GLY NB 36 -52.09 23.61 29.03
N LEU NB 37 -51.36 22.79 28.28
CA LEU NB 37 -51.07 21.42 28.68
C LEU NB 37 -49.59 21.15 28.91
N HIS NB 38 -48.70 21.96 28.32
CA HIS NB 38 -47.29 21.64 28.34
C HIS NB 38 -46.59 22.12 29.61
N HIS NB 39 -46.57 23.43 29.84
CA HIS NB 39 -45.73 23.99 30.89
C HIS NB 39 -46.44 24.96 31.83
N HIS NB 40 -47.74 25.19 31.64
CA HIS NB 40 -48.52 25.97 32.59
C HIS NB 40 -49.65 25.15 33.19
N ARG NB 41 -49.41 23.85 33.39
CA ARG NB 41 -50.44 22.96 33.92
C ARG NB 41 -50.74 23.23 35.38
N ILE NB 42 -49.80 23.81 36.13
CA ILE NB 42 -50.05 24.13 37.53
C ILE NB 42 -50.84 25.42 37.66
N ASN NB 43 -51.01 26.17 36.57
CA ASN NB 43 -51.88 27.35 36.58
C ASN NB 43 -53.23 27.07 35.93
N PHE NB 44 -53.26 26.30 34.83
CA PHE NB 44 -54.55 25.93 34.26
C PHE NB 44 -55.24 24.86 35.09
N ASP NB 45 -54.55 23.77 35.42
CA ASP NB 45 -54.96 22.95 36.54
C ASP NB 45 -54.66 23.70 37.84
N LYS NB 46 -55.33 23.27 38.92
CA LYS NB 46 -55.19 23.75 40.30
C LYS NB 46 -55.77 25.16 40.49
N TYR NB 47 -56.17 25.80 39.39
CA TYR NB 47 -56.92 27.06 39.44
C TYR NB 47 -58.12 27.09 38.51
N HIS NB 48 -58.16 26.23 37.49
CA HIS NB 48 -59.34 26.06 36.65
C HIS NB 48 -59.51 24.59 36.31
N PRO NB 49 -60.01 23.79 37.25
CA PRO NB 49 -60.17 22.36 36.97
C PRO NB 49 -61.37 22.12 36.06
N GLY NB 50 -61.20 21.19 35.12
CA GLY NB 50 -62.24 20.88 34.17
C GLY NB 50 -62.09 21.52 32.81
N TYR NB 51 -60.98 22.22 32.55
CA TYR NB 51 -60.89 23.11 31.41
C TYR NB 51 -60.70 22.36 30.09
N PHE NB 52 -60.16 21.15 30.11
CA PHE NB 52 -59.78 20.44 28.88
C PHE NB 52 -60.66 19.22 28.69
N GLY NB 53 -61.42 19.19 27.59
CA GLY NB 53 -62.12 18.01 27.16
C GLY NB 53 -63.58 18.28 26.87
N LYS NB 54 -64.26 17.24 26.39
CA LYS NB 54 -65.69 17.26 26.11
C LYS NB 54 -66.47 16.65 27.27
N VAL NB 55 -67.72 17.08 27.42
CA VAL NB 55 -68.50 16.79 28.62
C VAL NB 55 -69.81 16.06 28.31
N GLY NB 56 -70.52 16.45 27.27
CA GLY NB 56 -71.85 15.92 27.04
C GLY NB 56 -72.34 16.05 25.62
N MET NB 57 -73.66 16.11 25.47
CA MET NB 57 -74.27 16.14 24.15
C MET NB 57 -74.10 17.50 23.50
N LYS NB 58 -74.28 17.52 22.19
CA LYS NB 58 -74.05 18.69 21.35
C LYS NB 58 -75.38 19.08 20.71
N HIS NB 59 -76.14 19.92 21.41
CA HIS NB 59 -77.45 20.33 20.93
C HIS NB 59 -77.26 21.41 19.89
N TYR NB 60 -77.41 21.05 18.62
CA TYR NB 60 -77.24 21.99 17.53
C TYR NB 60 -78.44 22.92 17.44
N HIS NB 61 -78.17 24.21 17.19
CA HIS NB 61 -79.16 25.30 17.17
C HIS NB 61 -79.92 25.37 18.50
N LEU NB 62 -79.18 25.70 19.54
CA LEU NB 62 -79.77 25.91 20.86
C LEU NB 62 -80.12 27.38 21.03
N LYS NB 63 -81.25 27.63 21.65
CA LYS NB 63 -81.70 28.97 21.97
C LYS NB 63 -81.95 29.07 23.47
N ARG NB 64 -81.66 30.23 24.03
CA ARG NB 64 -82.07 30.50 25.42
C ARG NB 64 -83.44 31.17 25.43
N ASN NB 65 -84.36 30.60 24.67
CA ASN NB 65 -85.68 31.15 24.39
C ASN NB 65 -86.79 30.15 24.63
N GLN NB 66 -86.56 28.86 24.34
CA GLN NB 66 -87.58 27.85 24.58
C GLN NB 66 -87.60 27.42 26.04
N SER NB 67 -86.44 27.43 26.70
CA SER NB 67 -86.33 27.04 28.10
C SER NB 67 -86.52 28.24 29.03
N PHE NB 68 -87.23 29.27 28.59
CA PHE NB 68 -87.47 30.45 29.40
C PHE NB 68 -88.49 30.13 30.48
N CYS NB 69 -88.03 30.06 31.73
CA CYS NB 69 -88.92 29.82 32.87
C CYS NB 69 -88.32 30.49 34.11
N PRO NB 70 -88.67 31.76 34.34
CA PRO NB 70 -88.21 32.43 35.57
C PRO NB 70 -88.92 31.87 36.80
N THR NB 71 -88.13 31.54 37.80
CA THR NB 71 -88.63 30.89 39.01
C THR NB 71 -88.96 31.94 40.05
N VAL NB 72 -90.20 31.91 40.53
CA VAL NB 72 -90.64 32.78 41.63
C VAL NB 72 -90.73 31.91 42.88
N ASN NB 73 -90.28 32.47 44.00
CA ASN NB 73 -90.32 31.77 45.27
C ASN NB 73 -91.61 32.11 46.02
N LEU NB 74 -91.85 31.37 47.10
CA LEU NB 74 -93.01 31.66 47.94
C LEU NB 74 -92.83 32.95 48.74
N ASP NB 75 -91.60 33.39 48.94
CA ASP NB 75 -91.38 34.70 49.55
C ASP NB 75 -91.70 35.83 48.57
N LYS NB 76 -91.33 35.66 47.30
CA LYS NB 76 -91.67 36.62 46.26
C LYS NB 76 -93.10 36.48 45.77
N LEU NB 77 -93.84 35.46 46.22
CA LEU NB 77 -95.19 35.22 45.75
C LEU NB 77 -96.18 36.26 46.26
N TRP NB 78 -95.86 36.93 47.36
CA TRP NB 78 -96.82 37.84 47.98
C TRP NB 78 -96.76 39.25 47.41
N THR NB 79 -95.57 39.82 47.25
CA THR NB 79 -95.44 41.23 46.90
C THR NB 79 -95.59 41.50 45.41
N LEU NB 80 -95.99 40.51 44.61
CA LEU NB 80 -96.39 40.81 43.24
C LEU NB 80 -97.71 41.57 43.22
N VAL NB 81 -98.56 41.35 44.21
CA VAL NB 81 -99.76 42.13 44.43
C VAL NB 81 -99.53 42.92 45.72
N SER NB 82 -100.12 44.12 45.80
CA SER NB 82 -99.83 45.07 46.86
C SER NB 82 -100.30 44.55 48.23
N GLU NB 83 -99.73 45.14 49.29
CA GLU NB 83 -100.05 44.70 50.65
C GLU NB 83 -101.42 45.17 51.08
N GLN NB 84 -101.84 46.34 50.60
CA GLN NB 84 -103.20 46.83 50.82
C GLN NB 84 -104.25 45.86 50.30
N THR NB 85 -103.97 45.22 49.16
CA THR NB 85 -104.88 44.27 48.55
C THR NB 85 -105.08 43.04 49.42
N ARG NB 86 -103.99 42.43 49.89
CA ARG NB 86 -104.10 41.25 50.72
C ARG NB 86 -104.64 41.55 52.11
N VAL NB 87 -104.36 42.73 52.67
CA VAL NB 87 -104.94 43.09 53.97
C VAL NB 87 -106.45 43.31 53.83
N ASN NB 88 -106.88 44.08 52.84
CA ASN NB 88 -108.31 44.34 52.67
C ASN NB 88 -109.04 43.15 52.04
N ALA NB 89 -108.32 42.14 51.58
CA ALA NB 89 -108.96 40.92 51.11
C ALA NB 89 -108.99 39.82 52.17
N ALA NB 90 -108.08 39.87 53.15
CA ALA NB 90 -108.04 38.87 54.20
C ALA NB 90 -108.23 39.49 55.58
N LYS NB 91 -108.96 40.61 55.64
CA LYS NB 91 -109.34 41.20 56.93
C LYS NB 91 -110.67 40.60 57.41
N ASN NB 92 -110.63 39.28 57.65
CA ASN NB 92 -111.68 38.49 58.30
C ASN NB 92 -113.03 38.58 57.59
N LYS NB 93 -113.00 38.77 56.26
CA LYS NB 93 -114.24 39.07 55.54
C LYS NB 93 -115.08 37.82 55.33
N THR NB 94 -114.57 36.87 54.55
CA THR NB 94 -115.28 35.65 54.20
C THR NB 94 -114.25 34.61 53.76
N GLY NB 95 -114.73 33.52 53.19
CA GLY NB 95 -113.86 32.50 52.64
C GLY NB 95 -113.26 32.79 51.29
N ALA NB 96 -113.44 34.00 50.77
CA ALA NB 96 -112.86 34.36 49.48
C ALA NB 96 -111.37 34.58 49.60
N ALA NB 97 -110.65 34.30 48.52
CA ALA NB 97 -109.20 34.43 48.48
C ALA NB 97 -108.79 35.24 47.27
N PRO NB 98 -107.76 36.07 47.39
CA PRO NB 98 -107.27 36.80 46.22
C PRO NB 98 -106.46 35.89 45.30
N ILE NB 99 -106.41 36.27 44.03
CA ILE NB 99 -105.71 35.49 43.01
C ILE NB 99 -104.42 36.22 42.66
N ILE NB 100 -103.29 35.52 42.79
CA ILE NB 100 -101.99 36.04 42.42
C ILE NB 100 -101.57 35.33 41.13
N ASP NB 101 -101.60 36.07 40.02
CA ASP NB 101 -101.27 35.53 38.71
C ASP NB 101 -99.84 35.93 38.37
N VAL NB 102 -98.92 34.98 38.50
CA VAL NB 102 -97.51 35.27 38.31
C VAL NB 102 -97.15 35.42 36.83
N VAL NB 103 -98.00 34.93 35.92
CA VAL NB 103 -97.76 35.11 34.50
C VAL NB 103 -97.92 36.58 34.11
N ARG NB 104 -98.79 37.31 34.82
CA ARG NB 104 -98.88 38.76 34.65
C ARG NB 104 -97.61 39.46 35.13
N SER NB 105 -97.01 38.95 36.22
CA SER NB 105 -95.76 39.51 36.69
C SER NB 105 -94.58 39.14 35.81
N GLY NB 106 -94.69 38.08 35.03
CA GLY NB 106 -93.63 37.65 34.15
C GLY NB 106 -92.86 36.44 34.62
N TYR NB 107 -93.27 35.85 35.74
CA TYR NB 107 -92.61 34.66 36.28
C TYR NB 107 -93.46 33.44 35.96
N TYR NB 108 -92.85 32.40 35.43
CA TYR NB 108 -93.62 31.26 34.96
C TYR NB 108 -93.78 30.18 36.01
N LYS NB 109 -92.67 29.73 36.61
CA LYS NB 109 -92.68 28.58 37.50
C LYS NB 109 -92.63 29.02 38.96
N VAL NB 110 -93.49 28.42 39.77
CA VAL NB 110 -93.55 28.71 41.20
C VAL NB 110 -92.81 27.59 41.93
N LEU NB 111 -91.82 27.97 42.74
CA LEU NB 111 -91.08 27.02 43.54
C LEU NB 111 -91.33 27.28 45.02
N GLY NB 112 -90.84 26.36 45.85
CA GLY NB 112 -91.13 26.37 47.27
C GLY NB 112 -90.03 27.04 48.08
N LYS NB 113 -90.45 27.78 49.09
CA LYS NB 113 -89.59 28.27 50.17
C LYS NB 113 -90.39 28.17 51.46
N GLY NB 114 -89.90 28.80 52.51
CA GLY NB 114 -90.67 28.96 53.73
C GLY NB 114 -91.45 30.25 53.73
N LYS NB 115 -91.97 30.60 54.91
CA LYS NB 115 -92.67 31.86 55.20
C LYS NB 115 -93.90 32.02 54.28
N LEU NB 116 -94.85 31.13 54.52
CA LEU NB 116 -96.15 31.20 53.85
C LEU NB 116 -97.24 31.25 54.92
N PRO NB 117 -97.89 32.40 55.12
CA PRO NB 117 -98.82 32.54 56.24
C PRO NB 117 -100.12 31.77 56.01
N LYS NB 118 -100.98 31.83 57.04
CA LYS NB 118 -102.18 31.00 57.07
C LYS NB 118 -103.22 31.46 56.05
N GLN NB 119 -103.23 32.74 55.70
CA GLN NB 119 -104.22 33.35 54.82
C GLN NB 119 -104.08 32.82 53.38
N PRO NB 120 -105.06 32.07 52.89
CA PRO NB 120 -104.89 31.37 51.61
C PRO NB 120 -105.11 32.27 50.40
N VAL NB 121 -104.44 31.91 49.31
CA VAL NB 121 -104.56 32.60 48.03
C VAL NB 121 -104.74 31.56 46.93
N ILE NB 122 -104.90 32.05 45.70
CA ILE NB 122 -105.02 31.21 44.51
C ILE NB 122 -103.89 31.62 43.57
N VAL NB 123 -103.05 30.66 43.20
CA VAL NB 123 -101.87 30.90 42.37
C VAL NB 123 -102.09 30.25 41.02
N LYS NB 124 -102.05 31.05 39.96
CA LYS NB 124 -102.15 30.57 38.58
C LYS NB 124 -100.77 30.65 37.94
N ALA NB 125 -100.26 29.51 37.49
CA ALA NB 125 -98.95 29.47 36.86
C ALA NB 125 -98.92 28.37 35.82
N LYS NB 126 -97.85 28.35 35.04
CA LYS NB 126 -97.67 27.31 34.04
C LYS NB 126 -97.04 26.05 34.63
N PHE NB 127 -96.27 26.20 35.71
CA PHE NB 127 -95.58 25.08 36.33
C PHE NB 127 -95.56 25.26 37.84
N PHE NB 128 -95.38 24.14 38.54
CA PHE NB 128 -95.27 24.15 39.99
C PHE NB 128 -94.28 23.08 40.40
N SER NB 129 -93.82 23.18 41.64
CA SER NB 129 -93.08 22.12 42.30
C SER NB 129 -93.99 21.45 43.32
N ARG NB 130 -93.67 20.20 43.66
CA ARG NB 130 -94.47 19.48 44.63
C ARG NB 130 -94.33 20.06 46.03
N ARG NB 131 -93.18 20.68 46.35
CA ARG NB 131 -93.01 21.30 47.65
C ARG NB 131 -93.91 22.54 47.79
N ALA NB 132 -93.91 23.40 46.77
CA ALA NB 132 -94.77 24.57 46.80
C ALA NB 132 -96.25 24.20 46.73
N GLU NB 133 -96.57 23.11 46.01
CA GLU NB 133 -97.95 22.67 45.93
C GLU NB 133 -98.42 22.13 47.28
N GLU NB 134 -97.55 21.41 47.99
CA GLU NB 134 -97.87 20.97 49.35
C GLU NB 134 -97.95 22.14 50.34
N LYS NB 135 -97.14 23.18 50.15
CA LYS NB 135 -97.25 24.36 51.01
C LYS NB 135 -98.57 25.09 50.78
N ILE NB 136 -99.02 25.17 49.53
CA ILE NB 136 -100.31 25.80 49.23
C ILE NB 136 -101.47 24.96 49.78
N LYS NB 137 -101.36 23.62 49.67
CA LYS NB 137 -102.40 22.78 50.28
C LYS NB 137 -102.37 22.82 51.81
N SER NB 138 -101.19 23.05 52.40
CA SER NB 138 -101.10 23.13 53.85
C SER NB 138 -101.68 24.44 54.38
N VAL NB 139 -101.42 25.55 53.68
CA VAL NB 139 -102.03 26.81 54.10
C VAL NB 139 -103.47 26.96 53.63
N GLY NB 140 -103.95 26.04 52.79
CA GLY NB 140 -105.34 26.03 52.42
C GLY NB 140 -105.68 26.70 51.12
N GLY NB 141 -104.69 27.04 50.30
CA GLY NB 141 -104.94 27.70 49.04
C GLY NB 141 -105.34 26.73 47.96
N ALA NB 142 -105.47 27.27 46.75
CA ALA NB 142 -105.86 26.51 45.58
C ALA NB 142 -104.78 26.65 44.51
N CYS NB 143 -104.32 25.52 43.98
CA CYS NB 143 -103.31 25.47 42.94
C CYS NB 143 -104.01 25.35 41.59
N VAL NB 144 -103.81 26.34 40.72
CA VAL NB 144 -104.49 26.40 39.44
C VAL NB 144 -103.43 26.41 38.33
N LEU NB 145 -103.54 25.47 37.40
CA LEU NB 145 -102.67 25.41 36.23
C LEU NB 145 -103.28 26.23 35.10
N VAL NB 146 -102.47 27.08 34.48
CA VAL NB 146 -102.86 27.83 33.30
C VAL NB 146 -101.84 27.60 32.20
N ALA NB 147 -102.19 27.98 30.99
CA ALA NB 147 -101.32 27.82 29.84
C ALA NB 147 -100.82 29.16 29.33
N ALA OB 1 -21.94 24.33 30.72
CA ALA OB 1 -23.09 25.02 31.25
C ALA OB 1 -23.67 24.29 32.45
N LYS OB 2 -22.79 23.66 33.24
CA LYS OB 2 -23.20 22.92 34.42
C LYS OB 2 -23.59 23.89 35.53
N SER OB 3 -24.72 23.61 36.16
CA SER OB 3 -25.27 24.48 37.21
C SER OB 3 -25.41 23.70 38.51
N LYS OB 4 -25.63 24.44 39.60
CA LYS OB 4 -25.86 23.83 40.90
C LYS OB 4 -27.25 23.18 40.91
N ASN OB 5 -27.29 21.90 41.24
CA ASN OB 5 -28.51 21.12 41.03
C ASN OB 5 -29.50 21.28 42.17
N HIS OB 6 -29.13 20.87 43.38
CA HIS OB 6 -30.07 20.80 44.48
C HIS OB 6 -29.37 21.10 45.80
N THR OB 7 -30.04 21.90 46.64
CA THR OB 7 -29.53 22.19 47.97
C THR OB 7 -30.69 22.54 48.89
N THR OB 8 -30.42 22.43 50.19
CA THR OB 8 -31.34 22.90 51.23
C THR OB 8 -30.73 24.02 52.05
N HIS OB 9 -29.69 24.67 51.52
CA HIS OB 9 -29.10 25.82 52.18
C HIS OB 9 -30.02 27.02 52.06
N ASN OB 10 -30.03 27.84 53.12
CA ASN OB 10 -30.89 29.03 53.26
C ASN OB 10 -32.36 28.66 53.14
N GLN OB 11 -32.77 27.64 53.88
CA GLN OB 11 -34.15 27.21 53.88
C GLN OB 11 -34.81 27.30 55.25
N SER OB 12 -34.11 26.87 56.31
CA SER OB 12 -34.66 26.99 57.65
C SER OB 12 -34.74 28.44 58.09
N ARG OB 13 -33.83 29.29 57.58
CA ARG OB 13 -33.92 30.71 57.86
C ARG OB 13 -35.12 31.34 57.17
N LYS OB 14 -35.50 30.84 55.99
CA LYS OB 14 -36.74 31.29 55.36
C LYS OB 14 -37.96 30.74 56.10
N TRP OB 15 -37.84 29.52 56.64
CA TRP OB 15 -38.96 28.92 57.37
C TRP OB 15 -39.26 29.70 58.64
N HIS OB 16 -38.23 30.09 59.38
CA HIS OB 16 -38.42 30.79 60.64
C HIS OB 16 -38.55 32.30 60.47
N ARG OB 17 -38.81 32.78 59.25
CA ARG OB 17 -39.22 34.18 59.09
C ARG OB 17 -40.61 34.42 59.65
N ASN OB 18 -41.48 33.42 59.57
CA ASN OB 18 -42.87 33.57 59.97
C ASN OB 18 -43.24 32.75 61.19
N GLY OB 19 -42.31 31.97 61.77
CA GLY OB 19 -42.65 31.24 62.98
C GLY OB 19 -43.60 30.09 62.75
N ILE OB 20 -43.09 28.97 62.18
CA ILE OB 20 -43.82 27.80 61.69
C ILE OB 20 -44.95 27.36 62.60
N LYS OB 21 -46.16 27.30 62.06
CA LYS OB 21 -47.38 27.31 62.85
C LYS OB 21 -47.98 25.92 62.93
N LYS OB 22 -48.13 25.43 64.16
CA LYS OB 22 -49.01 24.31 64.44
C LYS OB 22 -50.44 24.71 64.13
N PRO OB 23 -51.28 23.76 63.67
CA PRO OB 23 -52.73 24.04 63.61
C PRO OB 23 -53.34 24.34 64.97
N ARG OB 24 -52.80 23.75 66.05
CA ARG OB 24 -52.84 24.15 67.47
C ARG OB 24 -54.22 24.24 68.13
N SER OB 25 -55.31 24.19 67.34
CA SER OB 25 -56.63 24.39 67.91
C SER OB 25 -57.71 23.89 66.98
N GLN OB 26 -58.36 22.80 67.34
CA GLN OB 26 -59.60 22.37 66.68
C GLN OB 26 -60.53 21.90 67.79
N ARG OB 27 -61.31 22.84 68.33
CA ARG OB 27 -62.30 22.46 69.33
C ARG OB 27 -63.47 21.79 68.62
N TYR OB 28 -63.91 20.65 69.18
CA TYR OB 28 -64.88 19.73 68.56
C TYR OB 28 -64.37 19.27 67.19
N GLU OB 29 -63.34 18.41 67.26
CA GLU OB 29 -62.54 17.92 66.13
C GLU OB 29 -63.33 17.41 64.93
N SER OB 30 -62.66 17.39 63.77
CA SER OB 30 -63.32 16.99 62.52
C SER OB 30 -63.71 15.52 62.56
N LEU OB 31 -64.86 15.22 61.96
CA LEU OB 31 -65.53 13.94 62.14
C LEU OB 31 -65.39 13.00 60.95
N LYS OB 32 -65.01 13.50 59.78
CA LYS OB 32 -64.89 12.64 58.61
C LYS OB 32 -63.66 11.74 58.73
N GLY OB 33 -63.76 10.56 58.12
CA GLY OB 33 -62.74 9.54 58.22
C GLY OB 33 -63.05 8.42 59.20
N VAL OB 34 -63.96 8.67 60.14
CA VAL OB 34 -64.34 7.69 61.14
C VAL OB 34 -65.26 6.66 60.48
N ASP OB 35 -65.19 5.40 60.98
CA ASP OB 35 -65.89 4.17 60.60
C ASP OB 35 -67.37 4.42 60.24
N PRO OB 36 -67.80 4.03 59.03
CA PRO OB 36 -69.19 4.27 58.64
C PRO OB 36 -70.23 3.51 59.46
N LYS OB 37 -69.89 2.34 60.00
CA LYS OB 37 -70.81 1.67 60.92
C LYS OB 37 -70.95 2.45 62.21
N PHE OB 38 -69.85 3.08 62.67
CA PHE OB 38 -69.93 3.95 63.83
C PHE OB 38 -70.71 5.22 63.52
N LEU OB 39 -70.67 5.69 62.27
CA LEU OB 39 -71.47 6.85 61.89
C LEU OB 39 -72.95 6.51 61.82
N ARG OB 40 -73.27 5.30 61.31
CA ARG OB 40 -74.64 4.79 61.35
C ARG OB 40 -75.13 4.62 62.77
N ASN OB 41 -74.24 4.32 63.71
CA ASN OB 41 -74.60 4.38 65.12
C ASN OB 41 -74.90 5.81 65.54
N MET OB 42 -73.96 6.73 65.28
CA MET OB 42 -73.94 8.02 65.95
C MET OB 42 -75.03 8.95 65.43
N ARG OB 43 -75.35 8.91 64.14
CA ARG OB 43 -76.36 9.83 63.60
C ARG OB 43 -77.76 9.49 64.10
N PHE OB 44 -78.10 8.19 64.08
CA PHE OB 44 -79.39 7.76 64.63
C PHE OB 44 -79.45 7.97 66.14
N ALA OB 45 -78.32 7.81 66.85
CA ALA OB 45 -78.28 8.10 68.27
C ALA OB 45 -78.51 9.59 68.55
N LYS OB 46 -77.93 10.46 67.73
CA LYS OB 46 -78.11 11.90 67.91
C LYS OB 46 -79.53 12.35 67.59
N LYS OB 47 -80.14 11.81 66.53
CA LYS OB 47 -81.51 12.27 66.25
C LYS OB 47 -82.54 11.67 67.19
N HIS OB 48 -82.29 10.48 67.75
CA HIS OB 48 -83.17 10.02 68.81
C HIS OB 48 -82.87 10.68 70.16
N ASN OB 49 -81.66 11.24 70.34
CA ASN OB 49 -81.43 12.15 71.45
C ASN OB 49 -82.25 13.41 71.29
N LYS OB 50 -82.34 13.93 70.07
CA LYS OB 50 -83.20 15.08 69.79
C LYS OB 50 -84.67 14.73 70.00
N LYS OB 51 -85.05 13.48 69.73
CA LYS OB 51 -86.43 13.06 69.90
C LYS OB 51 -86.82 12.86 71.36
N GLY OB 52 -86.17 11.91 72.05
CA GLY OB 52 -86.70 11.38 73.29
C GLY OB 52 -85.95 11.65 74.58
N LEU OB 53 -85.19 12.74 74.67
CA LEU OB 53 -84.47 13.07 75.90
C LEU OB 53 -85.26 13.97 76.84
N LYS OB 54 -86.46 14.40 76.44
CA LYS OB 54 -87.13 15.51 77.12
C LYS OB 54 -87.62 15.12 78.52
N LYS OB 55 -88.54 14.16 78.60
CA LYS OB 55 -89.30 13.96 79.83
C LYS OB 55 -88.49 13.29 80.93
N MET OB 56 -87.61 12.35 80.58
CA MET OB 56 -86.85 11.65 81.61
C MET OB 56 -85.76 12.54 82.21
N GLN OB 57 -85.06 13.31 81.37
CA GLN OB 57 -84.12 14.30 81.89
C GLN OB 57 -84.83 15.44 82.63
N ALA OB 58 -86.07 15.77 82.23
CA ALA OB 58 -86.83 16.78 82.94
C ALA OB 58 -87.21 16.31 84.35
N ASN OB 59 -87.69 15.06 84.47
CA ASN OB 59 -87.99 14.50 85.78
C ASN OB 59 -86.73 14.29 86.61
N ASN OB 60 -85.60 13.98 85.97
CA ASN OB 60 -84.34 13.86 86.70
C ASN OB 60 -83.85 15.22 87.20
N ALA OB 61 -84.06 16.28 86.41
CA ALA OB 61 -83.73 17.62 86.87
C ALA OB 61 -84.60 18.05 88.03
N LYS OB 62 -85.90 17.70 87.98
CA LYS OB 62 -86.79 17.93 89.11
C LYS OB 62 -86.35 17.16 90.36
N ALA OB 63 -85.92 15.90 90.18
CA ALA OB 63 -85.50 15.09 91.31
C ALA OB 63 -84.21 15.61 91.93
N MET OB 64 -83.25 16.02 91.11
CA MET OB 64 -82.00 16.55 91.66
C MET OB 64 -82.16 17.96 92.21
N SER OB 65 -83.14 18.73 91.72
CA SER OB 65 -83.44 20.01 92.36
C SER OB 65 -84.18 19.82 93.68
N ALA OB 66 -84.99 18.76 93.81
CA ALA OB 66 -85.63 18.48 95.08
C ALA OB 66 -84.63 17.92 96.10
N ARG OB 67 -83.66 17.13 95.65
CA ARG OB 67 -82.68 16.56 96.56
C ARG OB 67 -81.62 17.58 96.96
N ALA OB 68 -81.07 18.31 95.98
CA ALA OB 68 -80.06 19.32 96.27
C ALA OB 68 -80.36 20.62 95.52
N THR PB 1 -17.11 -6.86 -79.74
CA THR PB 1 -16.94 -5.44 -80.03
C THR PB 1 -15.48 -5.09 -80.28
N LYS PB 2 -14.60 -6.05 -79.99
CA LYS PB 2 -13.16 -5.82 -80.16
C LYS PB 2 -12.80 -5.63 -81.62
N LYS PB 3 -13.48 -6.33 -82.54
CA LYS PB 3 -13.24 -6.16 -83.97
C LYS PB 3 -13.59 -4.75 -84.43
N SER PB 4 -14.76 -4.24 -84.00
CA SER PB 4 -15.19 -2.90 -84.40
C SER PB 4 -14.30 -1.81 -83.80
N LEU PB 5 -13.99 -1.92 -82.50
CA LEU PB 5 -13.19 -0.88 -81.85
C LEU PB 5 -11.74 -0.88 -82.35
N GLU PB 6 -11.12 -2.06 -82.46
CA GLU PB 6 -9.76 -2.12 -82.99
C GLU PB 6 -9.71 -1.77 -84.47
N SER PB 7 -10.80 -2.03 -85.21
CA SER PB 7 -10.85 -1.61 -86.60
C SER PB 7 -10.91 -0.09 -86.72
N ILE PB 8 -11.73 0.56 -85.89
CA ILE PB 8 -11.84 2.02 -85.94
C ILE PB 8 -10.52 2.67 -85.51
N ASN PB 9 -9.88 2.13 -84.47
CA ASN PB 9 -8.58 2.66 -84.06
C ASN PB 9 -7.49 2.41 -85.09
N SER PB 10 -7.52 1.27 -85.79
CA SER PB 10 -6.51 1.01 -86.82
C SER PB 10 -6.72 1.89 -88.04
N ARG PB 11 -7.99 2.15 -88.41
CA ARG PB 11 -8.26 3.09 -89.49
C ARG PB 11 -7.81 4.50 -89.12
N LEU PB 12 -7.99 4.90 -87.86
CA LEU PB 12 -7.48 6.20 -87.43
C LEU PB 12 -5.96 6.24 -87.43
N GLN PB 13 -5.29 5.14 -87.05
CA GLN PB 13 -3.83 5.07 -87.15
C GLN PB 13 -3.35 5.18 -88.59
N LEU PB 14 -4.10 4.61 -89.54
CA LEU PB 14 -3.68 4.71 -90.93
C LEU PB 14 -3.99 6.09 -91.53
N VAL PB 15 -5.09 6.73 -91.15
CA VAL PB 15 -5.37 8.08 -91.60
C VAL PB 15 -4.40 9.07 -90.96
N MET PB 16 -3.87 8.76 -89.78
CA MET PB 16 -2.90 9.60 -89.07
C MET PB 16 -1.65 9.85 -89.89
N LYS PB 17 -1.19 8.87 -90.67
CA LYS PB 17 0.06 8.99 -91.42
C LYS PB 17 -0.11 8.93 -92.92
N SER PB 18 -1.23 8.43 -93.44
CA SER PB 18 -1.38 8.27 -94.88
C SER PB 18 -2.10 9.46 -95.49
N GLY PB 19 -3.34 9.71 -95.06
CA GLY PB 19 -4.18 10.70 -95.69
C GLY PB 19 -4.11 12.06 -95.00
N LYS PB 20 -4.97 12.96 -95.48
CA LYS PB 20 -5.05 14.32 -94.98
C LYS PB 20 -6.37 14.52 -94.24
N TYR PB 21 -6.31 15.17 -93.09
CA TYR PB 21 -7.48 15.39 -92.25
C TYR PB 21 -7.36 16.74 -91.56
N VAL PB 22 -8.49 17.23 -91.09
CA VAL PB 22 -8.55 18.51 -90.41
C VAL PB 22 -8.95 18.29 -88.95
N LEU PB 23 -8.70 19.31 -88.13
CA LEU PB 23 -8.77 19.19 -86.68
C LEU PB 23 -9.46 20.41 -86.10
N GLY PB 24 -10.40 20.18 -85.19
CA GLY PB 24 -11.01 21.27 -84.46
C GLY PB 24 -12.30 21.73 -85.08
N TYR PB 25 -13.19 22.27 -84.23
CA TYR PB 25 -14.56 22.62 -84.64
C TYR PB 25 -14.58 23.74 -85.66
N LYS PB 26 -13.77 24.78 -85.46
CA LYS PB 26 -13.77 25.91 -86.38
C LYS PB 26 -13.24 25.53 -87.76
N GLN PB 27 -12.27 24.62 -87.83
CA GLN PB 27 -11.76 24.19 -89.12
C GLN PB 27 -12.72 23.22 -89.80
N THR PB 28 -13.37 22.35 -89.02
CA THR PB 28 -14.40 21.48 -89.61
C THR PB 28 -15.63 22.25 -90.07
N LEU PB 29 -15.89 23.44 -89.52
CA LEU PB 29 -16.95 24.29 -90.07
C LEU PB 29 -16.64 24.73 -91.50
N LYS PB 30 -15.41 25.21 -91.74
CA LYS PB 30 -15.02 25.60 -93.10
C LYS PB 30 -14.99 24.40 -94.03
N MET PB 31 -14.57 23.23 -93.53
CA MET PB 31 -14.55 22.05 -94.39
C MET PB 31 -15.94 21.51 -94.68
N ILE PB 32 -16.88 21.59 -93.73
CA ILE PB 32 -18.23 21.11 -93.98
C ILE PB 32 -19.04 22.13 -94.79
N ARG PB 33 -18.61 23.39 -94.82
CA ARG PB 33 -19.26 24.34 -95.72
C ARG PB 33 -18.69 24.28 -97.14
N GLN PB 34 -17.39 24.01 -97.28
CA GLN PB 34 -16.82 23.81 -98.60
C GLN PB 34 -17.09 22.42 -99.16
N GLY PB 35 -17.57 21.48 -98.34
CA GLY PB 35 -17.94 20.18 -98.84
C GLY PB 35 -16.81 19.21 -99.02
N LYS PB 36 -15.61 19.55 -98.57
CA LYS PB 36 -14.48 18.64 -98.69
C LYS PB 36 -14.60 17.48 -97.71
N ALA PB 37 -15.26 17.70 -96.57
CA ALA PB 37 -15.40 16.66 -95.56
C ALA PB 37 -16.40 15.60 -96.00
N LYS PB 38 -16.03 14.34 -95.84
CA LYS PB 38 -16.91 13.22 -96.16
C LYS PB 38 -17.43 12.49 -94.92
N LEU PB 39 -16.61 12.41 -93.88
CA LEU PB 39 -16.98 11.74 -92.65
C LEU PB 39 -16.52 12.61 -91.49
N VAL PB 40 -17.40 12.81 -90.50
CA VAL PB 40 -17.04 13.55 -89.30
C VAL PB 40 -17.14 12.62 -88.11
N ILE PB 41 -16.32 12.89 -87.11
CA ILE PB 41 -16.23 12.09 -85.89
C ILE PB 41 -16.50 12.99 -84.71
N LEU PB 42 -17.55 12.70 -83.96
CA LEU PB 42 -17.91 13.46 -82.78
C LEU PB 42 -17.48 12.71 -81.52
N ALA PB 43 -17.10 13.46 -80.50
CA ALA PB 43 -16.76 12.83 -79.23
C ALA PB 43 -18.03 12.40 -78.50
N ASN PB 44 -17.85 11.52 -77.50
CA ASN PB 44 -18.95 11.21 -76.59
C ASN PB 44 -19.41 12.44 -75.83
N ASN PB 45 -18.49 13.12 -75.13
CA ASN PB 45 -18.87 14.21 -74.24
C ASN PB 45 -18.76 15.59 -74.89
N CYS PB 46 -18.98 15.67 -76.20
CA CYS PB 46 -19.14 16.97 -76.83
C CYS PB 46 -20.49 17.55 -76.40
N PRO PB 47 -20.60 18.88 -76.31
CA PRO PB 47 -21.88 19.48 -75.92
C PRO PB 47 -22.93 19.31 -76.99
N ALA PB 48 -24.19 19.25 -76.53
CA ALA PB 48 -25.30 18.84 -77.39
C ALA PB 48 -25.62 19.87 -78.46
N LEU PB 49 -25.40 21.16 -78.19
CA LEU PB 49 -25.63 22.18 -79.22
C LEU PB 49 -24.65 22.03 -80.37
N ARG PB 50 -23.36 21.89 -80.06
CA ARG PB 50 -22.36 21.68 -81.10
C ARG PB 50 -22.55 20.34 -81.82
N LYS PB 51 -22.97 19.31 -81.08
CA LYS PB 51 -23.24 18.00 -81.68
C LYS PB 51 -24.40 18.07 -82.66
N SER PB 52 -25.50 18.71 -82.26
CA SER PB 52 -26.65 18.85 -83.13
C SER PB 52 -26.35 19.75 -84.33
N GLU PB 53 -25.51 20.78 -84.15
CA GLU PB 53 -25.18 21.64 -85.27
C GLU PB 53 -24.30 20.94 -86.29
N ILE PB 54 -23.30 20.16 -85.83
CA ILE PB 54 -22.46 19.41 -86.75
C ILE PB 54 -23.25 18.31 -87.45
N GLU PB 55 -24.16 17.64 -86.73
CA GLU PB 55 -25.02 16.65 -87.35
C GLU PB 55 -25.97 17.27 -88.36
N TYR PB 56 -26.46 18.48 -88.08
CA TYR PB 56 -27.36 19.17 -89.01
C TYR PB 56 -26.62 19.59 -90.28
N TYR PB 57 -25.41 20.13 -90.12
CA TYR PB 57 -24.59 20.48 -91.28
C TYR PB 57 -24.21 19.26 -92.10
N ALA PB 58 -23.94 18.13 -91.44
CA ALA PB 58 -23.55 16.93 -92.17
C ALA PB 58 -24.72 16.31 -92.92
N MET PB 59 -25.91 16.28 -92.30
CA MET PB 59 -27.05 15.75 -93.02
C MET PB 59 -27.64 16.73 -94.02
N LEU PB 60 -27.21 18.00 -94.00
CA LEU PB 60 -27.48 18.85 -95.16
C LEU PB 60 -26.45 18.70 -96.27
N ALA PB 61 -25.19 18.47 -95.92
CA ALA PB 61 -24.12 18.46 -96.92
C ALA PB 61 -23.71 17.06 -97.35
N LYS PB 62 -24.49 16.03 -96.99
CA LYS PB 62 -24.26 14.62 -97.34
C LYS PB 62 -22.88 14.16 -96.83
N THR PB 63 -22.81 14.09 -95.51
CA THR PB 63 -21.58 13.76 -94.80
C THR PB 63 -21.93 12.78 -93.68
N GLY PB 64 -21.18 11.68 -93.60
CA GLY PB 64 -21.45 10.69 -92.57
C GLY PB 64 -21.04 11.20 -91.19
N VAL PB 65 -21.76 10.73 -90.17
CA VAL PB 65 -21.50 11.08 -88.78
C VAL PB 65 -21.14 9.82 -88.03
N HIS PB 66 -20.05 9.85 -87.27
CA HIS PB 66 -19.65 8.74 -86.44
C HIS PB 66 -19.46 9.24 -85.01
N HIS PB 67 -20.23 8.67 -84.08
CA HIS PB 67 -20.13 9.04 -82.67
C HIS PB 67 -19.10 8.13 -82.00
N TYR PB 68 -17.95 8.70 -81.65
CA TYR PB 68 -16.89 7.97 -80.98
C TYR PB 68 -17.22 7.88 -79.50
N SER PB 69 -17.54 6.67 -79.04
CA SER PB 69 -17.89 6.40 -77.65
C SER PB 69 -16.60 6.46 -76.85
N GLY PB 70 -16.25 7.68 -76.42
CA GLY PB 70 -15.04 7.90 -75.67
C GLY PB 70 -14.82 9.36 -75.37
N ASN PB 71 -14.14 9.64 -74.25
CA ASN PB 71 -13.81 11.01 -73.87
C ASN PB 71 -12.84 11.61 -74.88
N ASN PB 72 -12.83 12.95 -74.94
CA ASN PB 72 -12.00 13.66 -75.92
C ASN PB 72 -10.51 13.51 -75.66
N ILE PB 73 -10.11 13.15 -74.43
CA ILE PB 73 -8.71 12.84 -74.15
C ILE PB 73 -8.27 11.59 -74.92
N GLU PB 74 -9.03 10.50 -74.81
CA GLU PB 74 -8.66 9.34 -75.61
C GLU PB 74 -9.05 9.47 -77.07
N LEU PB 75 -9.90 10.42 -77.45
CA LEU PB 75 -10.04 10.71 -78.89
C LEU PB 75 -8.81 11.42 -79.44
N GLY PB 76 -8.22 12.33 -78.66
CA GLY PB 76 -6.94 12.90 -79.05
C GLY PB 76 -5.82 11.88 -79.05
N THR PB 77 -5.89 10.91 -78.13
CA THR PB 77 -4.95 9.79 -78.16
C THR PB 77 -5.16 8.92 -79.39
N ALA PB 78 -6.41 8.71 -79.80
CA ALA PB 78 -6.72 7.91 -80.98
C ALA PB 78 -6.27 8.59 -82.27
N CYS PB 79 -6.40 9.91 -82.35
CA CYS PB 79 -5.82 10.62 -83.49
C CYS PB 79 -4.32 10.84 -83.32
N GLY PB 80 -3.77 10.53 -82.15
CA GLY PB 80 -2.33 10.44 -82.00
C GLY PB 80 -1.62 11.70 -81.64
N LYS PB 81 -2.28 12.61 -80.92
CA LYS PB 81 -1.65 13.85 -80.49
C LYS PB 81 -1.97 14.09 -79.02
N TYR PB 82 -1.07 14.82 -78.35
CA TYR PB 82 -1.06 14.86 -76.90
C TYR PB 82 -2.19 15.72 -76.32
N TYR PB 83 -2.77 16.60 -77.12
CA TYR PB 83 -3.89 17.41 -76.67
C TYR PB 83 -5.19 16.63 -76.85
N ARG PB 84 -6.33 17.31 -76.70
CA ARG PB 84 -7.64 16.70 -76.83
C ARG PB 84 -8.39 17.31 -78.00
N VAL PB 85 -9.30 16.54 -78.57
CA VAL PB 85 -10.08 16.97 -79.74
C VAL PB 85 -11.46 16.35 -79.64
N CYS PB 86 -12.47 17.12 -80.03
CA CYS PB 86 -13.86 16.67 -79.99
C CYS PB 86 -14.47 16.42 -81.36
N THR PB 87 -13.98 17.11 -82.40
CA THR PB 87 -14.57 17.03 -83.72
C THR PB 87 -13.47 16.75 -84.74
N LEU PB 88 -13.63 15.67 -85.48
CA LEU PB 88 -12.72 15.31 -86.57
C LEU PB 88 -13.49 15.33 -87.88
N ALA PB 89 -12.78 15.54 -88.98
CA ALA PB 89 -13.38 15.40 -90.31
C ALA PB 89 -12.32 14.82 -91.24
N ILE PB 90 -12.55 13.59 -91.68
CA ILE PB 90 -11.62 12.89 -92.57
C ILE PB 90 -11.94 13.35 -93.99
N ILE PB 91 -11.17 14.31 -94.51
CA ILE PB 91 -11.50 14.87 -95.81
C ILE PB 91 -10.91 14.01 -96.94
N ASP PB 92 -9.83 13.28 -96.69
CA ASP PB 92 -9.21 12.43 -97.70
C ASP PB 92 -8.42 11.32 -97.05
N PRO PB 93 -8.96 10.11 -96.96
CA PRO PB 93 -8.18 8.99 -96.45
C PRO PB 93 -7.15 8.51 -97.48
N GLY PB 94 -5.99 8.09 -96.99
CA GLY PB 94 -4.94 7.63 -97.85
C GLY PB 94 -5.21 6.26 -98.44
N ASP PB 95 -5.28 5.25 -97.58
CA ASP PB 95 -5.60 3.89 -98.00
C ASP PB 95 -6.71 3.27 -97.16
N SER PB 96 -7.37 4.06 -96.31
CA SER PB 96 -8.41 3.57 -95.42
C SER PB 96 -9.73 3.42 -96.17
N ASP PB 97 -10.73 2.89 -95.47
CA ASP PB 97 -12.08 2.73 -96.00
C ASP PB 97 -13.12 3.11 -94.95
N ILE PB 98 -12.89 4.22 -94.26
CA ILE PB 98 -13.90 4.74 -93.33
C ILE PB 98 -15.10 5.27 -94.10
N ILE PB 99 -14.85 6.01 -95.17
CA ILE PB 99 -15.93 6.57 -95.98
C ILE PB 99 -16.52 5.57 -96.97
N ARG PB 100 -16.06 4.32 -96.94
CA ARG PB 100 -16.56 3.27 -97.83
C ARG PB 100 -17.31 2.18 -97.09
N SER PB 101 -16.79 1.71 -95.96
CA SER PB 101 -17.38 0.58 -95.26
C SER PB 101 -18.64 0.97 -94.50
N MET PB 102 -18.55 1.98 -93.64
CA MET PB 102 -19.66 2.33 -92.75
C MET PB 102 -20.80 3.06 -93.48
N PRO PB 103 -20.56 4.05 -94.37
CA PRO PB 103 -21.77 4.50 -95.05
C PRO PB 103 -22.11 3.64 -96.26
N ASN QB 1 26.20 107.78 -3.59
CA ASN QB 1 25.63 108.75 -4.51
C ASN QB 1 26.37 108.72 -5.85
N GLU QB 2 27.30 107.78 -5.99
CA GLU QB 2 28.10 107.70 -7.21
C GLU QB 2 27.34 106.95 -8.29
N VAL QB 3 27.91 106.96 -9.50
CA VAL QB 3 27.28 106.41 -10.69
C VAL QB 3 28.26 105.41 -11.32
N VAL QB 4 29.10 104.81 -10.47
CA VAL QB 4 30.28 104.06 -10.89
C VAL QB 4 29.97 102.77 -11.65
N THR QB 5 30.98 102.27 -12.36
CA THR QB 5 30.85 101.11 -13.24
C THR QB 5 32.15 100.31 -13.14
N ARG QB 6 32.03 99.04 -12.77
CA ARG QB 6 33.19 98.18 -12.59
C ARG QB 6 32.96 96.83 -13.27
N GLU QB 7 34.03 96.27 -13.82
CA GLU QB 7 33.95 94.94 -14.40
C GLU QB 7 34.43 93.90 -13.40
N TYR QB 8 33.97 92.66 -13.59
CA TYR QB 8 34.28 91.57 -12.67
C TYR QB 8 34.38 90.26 -13.45
N THR QB 9 35.07 89.29 -12.84
CA THR QB 9 35.12 87.92 -13.33
C THR QB 9 34.55 87.03 -12.23
N ILE QB 10 33.24 86.84 -12.23
CA ILE QB 10 32.56 85.95 -11.29
C ILE QB 10 32.90 84.51 -11.67
N ASN QB 11 33.06 83.66 -10.66
CA ASN QB 11 33.38 82.25 -10.89
C ASN QB 11 32.19 81.42 -10.40
N ILE QB 12 31.27 81.15 -11.34
CA ILE QB 12 30.04 80.42 -11.02
C ILE QB 12 30.36 78.96 -10.71
N HIS QB 13 31.46 78.42 -11.25
CA HIS QB 13 31.81 77.03 -10.98
C HIS QB 13 32.24 76.81 -9.55
N LYS QB 14 32.84 77.81 -8.91
CA LYS QB 14 33.13 77.70 -7.49
C LYS QB 14 32.16 78.47 -6.61
N ARG QB 15 31.15 79.11 -7.20
CA ARG QB 15 30.02 79.61 -6.41
C ARG QB 15 28.81 78.68 -6.44
N ILE QB 16 28.85 77.63 -7.26
CA ILE QB 16 27.82 76.59 -7.27
C ILE QB 16 28.51 75.25 -7.15
N HIS QB 17 28.21 74.50 -6.09
CA HIS QB 17 28.79 73.18 -5.91
C HIS QB 17 27.81 72.33 -5.12
N GLY QB 18 27.48 71.16 -5.65
CA GLY QB 18 26.52 70.29 -5.01
C GLY QB 18 25.08 70.63 -5.31
N VAL QB 19 24.80 71.26 -6.44
CA VAL QB 19 23.46 71.62 -6.86
C VAL QB 19 23.08 70.72 -8.04
N GLY QB 20 21.85 70.20 -8.00
CA GLY QB 20 21.39 69.25 -8.99
C GLY QB 20 21.25 69.86 -10.38
N PHE QB 21 21.02 68.98 -11.35
CA PHE QB 21 21.09 69.36 -12.76
C PHE QB 21 19.91 70.24 -13.16
N LYS QB 22 18.72 69.97 -12.63
CA LYS QB 22 17.54 70.73 -13.03
C LYS QB 22 17.44 72.08 -12.34
N LYS QB 23 18.34 72.37 -11.40
CA LYS QB 23 18.34 73.66 -10.71
C LYS QB 23 19.71 74.33 -10.72
N ARG QB 24 20.66 73.84 -11.51
CA ARG QB 24 22.02 74.38 -11.48
C ARG QB 24 22.10 75.76 -12.12
N ALA QB 25 21.47 75.95 -13.27
CA ALA QB 25 21.45 77.25 -13.92
C ALA QB 25 20.58 78.33 -13.27
N PRO QB 26 19.41 78.05 -12.67
CA PRO QB 26 18.73 79.14 -11.94
C PRO QB 26 19.44 79.62 -10.69
N ARG QB 27 20.24 78.78 -10.02
CA ARG QB 27 20.98 79.25 -8.85
C ARG QB 27 22.08 80.24 -9.22
N ALA QB 28 22.59 80.17 -10.46
CA ALA QB 28 23.59 81.13 -10.91
C ALA QB 28 23.05 82.54 -10.97
N LEU QB 29 21.77 82.70 -11.28
CA LEU QB 29 21.16 84.02 -11.37
C LEU QB 29 20.98 84.64 -9.99
N LYS QB 30 20.52 83.85 -9.02
CA LYS QB 30 20.45 84.32 -7.64
C LYS QB 30 21.84 84.59 -7.08
N GLU QB 31 22.84 83.83 -7.50
CA GLU QB 31 24.20 84.09 -7.06
C GLU QB 31 24.76 85.38 -7.66
N ILE QB 32 24.44 85.67 -8.91
CA ILE QB 32 24.85 86.93 -9.53
C ILE QB 32 24.15 88.11 -8.86
N ARG QB 33 22.86 87.95 -8.53
CA ARG QB 33 22.14 89.00 -7.80
C ARG QB 33 22.71 89.21 -6.41
N LYS QB 34 23.08 88.14 -5.71
CA LYS QB 34 23.68 88.25 -4.39
C LYS QB 34 25.07 88.88 -4.46
N PHE QB 35 25.84 88.55 -5.50
CA PHE QB 35 27.16 89.15 -5.67
C PHE QB 35 27.07 90.64 -5.98
N ALA QB 36 26.10 91.03 -6.81
CA ALA QB 36 25.90 92.45 -7.11
C ALA QB 36 25.41 93.22 -5.89
N MET QB 37 24.51 92.61 -5.11
CA MET QB 37 24.01 93.25 -3.90
C MET QB 37 25.10 93.36 -2.83
N LYS QB 38 26.02 92.40 -2.80
CA LYS QB 38 27.11 92.47 -1.82
C LYS QB 38 28.17 93.49 -2.24
N GLU QB 39 28.54 93.52 -3.53
CA GLU QB 39 29.61 94.41 -3.96
C GLU QB 39 29.13 95.85 -4.06
N MET QB 40 28.05 96.09 -4.82
CA MET QB 40 27.65 97.48 -5.05
C MET QB 40 26.85 98.05 -3.89
N GLY QB 41 26.15 97.22 -3.14
CA GLY QB 41 25.45 97.64 -1.94
C GLY QB 41 23.97 97.87 -2.10
N THR QB 42 23.47 98.01 -3.35
CA THR QB 42 22.03 98.22 -3.41
C THR QB 42 21.29 96.89 -3.53
N PRO QB 43 20.08 96.79 -2.98
CA PRO QB 43 19.31 95.56 -3.14
C PRO QB 43 18.76 95.36 -4.54
N ASP QB 44 18.52 96.44 -5.29
CA ASP QB 44 17.87 96.33 -6.60
C ASP QB 44 18.90 95.95 -7.65
N VAL QB 45 18.73 94.78 -8.26
CA VAL QB 45 19.65 94.25 -9.26
C VAL QB 45 18.84 93.89 -10.51
N ARG QB 46 19.26 94.42 -11.65
CA ARG QB 46 18.64 94.11 -12.94
C ARG QB 46 19.70 93.59 -13.88
N ILE QB 47 19.52 92.36 -14.38
CA ILE QB 47 20.44 91.79 -15.35
C ILE QB 47 19.78 91.80 -16.71
N ASP QB 48 20.61 91.75 -17.74
CA ASP QB 48 20.16 91.98 -19.11
C ASP QB 48 19.91 90.67 -19.85
N THR QB 49 19.30 90.81 -21.04
CA THR QB 49 18.99 89.67 -21.88
C THR QB 49 20.26 89.04 -22.47
N ARG QB 50 21.30 89.86 -22.68
CA ARG QB 50 22.58 89.33 -23.14
C ARG QB 50 23.22 88.46 -22.06
N LEU QB 51 23.12 88.87 -20.79
CA LEU QB 51 23.62 88.03 -19.71
C LEU QB 51 22.74 86.80 -19.52
N ASN QB 52 21.44 86.93 -19.79
CA ASN QB 52 20.54 85.77 -19.78
C ASN QB 52 20.96 84.73 -20.81
N LYS QB 53 21.26 85.18 -22.04
CA LYS QB 53 21.77 84.29 -23.07
C LYS QB 53 23.12 83.70 -22.71
N ALA QB 54 24.00 84.49 -22.08
CA ALA QB 54 25.34 84.02 -21.74
C ALA QB 54 25.30 82.98 -20.64
N VAL QB 55 24.32 83.08 -19.73
CA VAL QB 55 24.19 82.05 -18.70
C VAL QB 55 23.50 80.81 -19.26
N TRP QB 56 22.37 80.99 -19.96
CA TRP QB 56 21.56 79.88 -20.43
C TRP QB 56 21.95 79.40 -21.83
N ALA QB 57 23.15 79.72 -22.29
CA ALA QB 57 23.55 79.32 -23.64
C ALA QB 57 23.91 77.85 -23.75
N LYS QB 58 24.10 77.16 -22.63
CA LYS QB 58 24.53 75.77 -22.64
C LYS QB 58 23.66 74.92 -21.73
N GLY QB 59 22.36 75.22 -21.68
CA GLY QB 59 21.42 74.38 -20.98
C GLY QB 59 21.31 74.70 -19.50
N ILE QB 60 20.85 73.71 -18.75
CA ILE QB 60 20.60 73.86 -17.32
C ILE QB 60 21.72 73.31 -16.45
N ARG QB 61 22.48 72.32 -16.92
CA ARG QB 61 23.46 71.65 -16.09
C ARG QB 61 24.89 71.86 -16.54
N ASN QB 62 25.10 72.28 -17.78
CA ASN QB 62 26.43 72.66 -18.25
C ASN QB 62 26.60 74.18 -18.19
N VAL QB 63 26.55 74.68 -16.96
CA VAL QB 63 26.71 76.12 -16.72
C VAL QB 63 28.15 76.53 -17.04
N PRO QB 64 28.37 77.62 -17.79
CA PRO QB 64 29.74 78.07 -18.04
C PRO QB 64 30.42 78.52 -16.77
N TYR QB 65 31.71 78.22 -16.68
CA TYR QB 65 32.40 78.21 -15.39
C TYR QB 65 32.72 79.62 -14.91
N ARG QB 66 33.05 80.51 -15.82
CA ARG QB 66 33.46 81.87 -15.49
C ARG QB 66 32.86 82.82 -16.51
N ILE QB 67 32.33 83.95 -16.04
CA ILE QB 67 31.62 84.90 -16.89
C ILE QB 67 32.12 86.31 -16.55
N ARG QB 68 32.57 87.02 -17.58
CA ARG QB 68 33.00 88.41 -17.44
C ARG QB 68 31.79 89.33 -17.46
N VAL QB 69 31.55 90.03 -16.35
CA VAL QB 69 30.38 90.88 -16.19
C VAL QB 69 30.80 92.33 -15.98
N ARG QB 70 29.85 93.23 -16.21
CA ARG QB 70 30.04 94.65 -15.96
C ARG QB 70 28.85 95.17 -15.16
N LEU QB 71 29.14 95.85 -14.06
CA LEU QB 71 28.13 96.32 -13.13
C LEU QB 71 28.14 97.85 -13.13
N SER QB 72 27.01 98.44 -13.49
CA SER QB 72 26.83 99.89 -13.49
C SER QB 72 25.77 100.24 -12.45
N ARG QB 73 26.04 101.28 -11.66
CA ARG QB 73 25.07 101.74 -10.67
C ARG QB 73 24.48 103.06 -11.15
N LYS QB 74 23.16 103.13 -11.23
CA LYS QB 74 22.47 104.31 -11.70
C LYS QB 74 21.32 104.64 -10.74
N ARG QB 75 20.81 105.85 -10.86
CA ARG QB 75 19.69 106.28 -10.04
C ARG QB 75 18.37 106.02 -10.75
N ASN QB 76 17.29 106.02 -9.97
CA ASN QB 76 15.95 105.75 -10.46
C ASN QB 76 15.11 107.00 -10.32
N GLU QB 77 14.27 107.26 -11.31
CA GLU QB 77 13.35 108.39 -11.28
C GLU QB 77 11.95 107.95 -11.66
N ASP QB 78 11.03 108.91 -11.85
CA ASP QB 78 9.65 108.70 -12.30
C ASP QB 78 8.89 107.78 -11.34
N GLU QB 79 8.65 108.31 -10.14
CA GLU QB 79 8.07 107.61 -8.98
C GLU QB 79 8.92 106.39 -8.61
N ASP QB 80 10.14 106.72 -8.17
CA ASP QB 80 11.17 105.73 -7.91
C ASP QB 80 10.84 104.90 -6.67
N SER QB 81 11.62 103.83 -6.50
CA SER QB 81 11.54 102.95 -5.35
C SER QB 81 12.13 103.64 -4.12
N PRO QB 82 11.91 103.10 -2.92
CA PRO QB 82 12.70 103.56 -1.76
C PRO QB 82 14.19 103.30 -1.91
N ASN QB 83 14.58 102.29 -2.67
CA ASN QB 83 15.96 102.11 -3.10
C ASN QB 83 16.17 102.93 -4.37
N LYS QB 84 16.85 104.08 -4.25
CA LYS QB 84 17.00 104.97 -5.39
C LYS QB 84 18.03 104.45 -6.38
N LEU QB 85 19.01 103.70 -5.91
CA LEU QB 85 20.08 103.18 -6.78
C LEU QB 85 19.81 101.73 -7.13
N TYR QB 86 20.25 101.34 -8.32
CA TYR QB 86 20.08 99.97 -8.78
C TYR QB 86 21.27 99.57 -9.63
N THR QB 87 21.67 98.31 -9.51
CA THR QB 87 22.81 97.78 -10.25
C THR QB 87 22.33 97.11 -11.53
N LEU QB 88 22.70 97.69 -12.67
CA LEU QB 88 22.39 97.12 -13.98
C LEU QB 88 23.60 96.28 -14.40
N VAL QB 89 23.47 94.96 -14.27
CA VAL QB 89 24.53 94.03 -14.63
C VAL QB 89 24.40 93.71 -16.11
N THR QB 90 25.46 93.94 -16.86
CA THR QB 90 25.49 93.60 -18.28
C THR QB 90 26.65 92.68 -18.58
N TYR QB 91 26.57 92.00 -19.71
CA TYR QB 91 27.54 90.99 -20.12
C TYR QB 91 28.47 91.53 -21.20
N VAL QB 92 29.75 91.22 -21.06
CA VAL QB 92 30.73 91.55 -22.10
C VAL QB 92 31.53 90.28 -22.44
N PRO QB 93 31.62 89.91 -23.71
CA PRO QB 93 32.32 88.68 -24.06
C PRO QB 93 33.83 88.88 -24.11
N VAL QB 94 34.55 87.81 -23.80
CA VAL QB 94 36.01 87.80 -23.85
C VAL QB 94 36.46 86.38 -24.17
N THR QB 95 37.52 86.27 -24.96
CA THR QB 95 37.99 84.96 -25.41
C THR QB 95 38.72 84.22 -24.29
N THR QB 96 39.63 84.91 -23.61
CA THR QB 96 40.44 84.30 -22.56
C THR QB 96 40.04 84.88 -21.20
N PHE QB 97 40.47 84.17 -20.15
CA PHE QB 97 40.15 84.53 -18.77
C PHE QB 97 41.37 84.79 -17.90
N LYS QB 98 42.57 84.44 -18.37
CA LYS QB 98 43.76 84.58 -17.55
C LYS QB 98 44.23 86.03 -17.50
N ASN QB 99 44.79 86.41 -16.34
CA ASN QB 99 45.33 87.74 -16.06
C ASN QB 99 44.31 88.85 -16.24
N LEU QB 100 43.05 88.56 -15.94
CA LEU QB 100 41.98 89.55 -15.97
C LEU QB 100 41.45 89.75 -14.57
N GLN QB 101 41.21 91.01 -14.20
CA GLN QB 101 40.82 91.34 -12.85
C GLN QB 101 39.83 92.50 -12.90
N THR QB 102 39.54 93.07 -11.73
CA THR QB 102 38.52 94.12 -11.61
C THR QB 102 39.03 95.42 -12.22
N VAL QB 103 38.28 95.96 -13.18
CA VAL QB 103 38.66 97.16 -13.90
C VAL QB 103 37.56 98.20 -13.74
N ASN QB 104 37.92 99.38 -13.26
CA ASN QB 104 37.00 100.51 -13.22
C ASN QB 104 36.85 101.07 -14.63
N VAL QB 105 35.60 101.30 -15.05
CA VAL QB 105 35.30 101.76 -16.40
C VAL QB 105 34.68 103.13 -16.32
N ASP QB 106 35.21 104.08 -17.09
CA ASP QB 106 34.70 105.44 -17.14
C ASP QB 106 33.32 105.49 -17.80
N ALA RB 1 -32.22 97.54 64.74
CA ALA RB 1 -32.80 98.60 65.55
C ALA RB 1 -34.13 99.08 64.97
N ALA RB 2 -34.65 98.30 64.01
CA ALA RB 2 -35.89 98.67 63.34
C ALA RB 2 -37.11 98.28 64.17
N LEU RB 3 -37.29 96.98 64.41
CA LEU RB 3 -38.46 96.52 65.13
C LEU RB 3 -38.11 95.66 66.33
N ARG RB 4 -37.00 94.89 66.24
CA ARG RB 4 -36.45 94.04 67.29
C ARG RB 4 -37.47 93.05 67.85
N PRO RB 5 -37.75 91.95 67.13
CA PRO RB 5 -38.84 91.03 67.52
C PRO RB 5 -38.61 90.26 68.82
N LEU RB 6 -39.52 89.34 69.11
CA LEU RB 6 -39.56 88.66 70.41
C LEU RB 6 -38.43 87.64 70.51
N VAL RB 7 -38.49 86.83 71.58
CA VAL RB 7 -37.40 85.96 72.00
C VAL RB 7 -37.21 84.85 70.97
N LYS RB 8 -36.10 84.92 70.23
CA LYS RB 8 -35.75 83.90 69.25
C LYS RB 8 -34.35 83.40 69.60
N PRO RB 9 -34.19 82.10 69.85
CA PRO RB 9 -32.89 81.61 70.34
C PRO RB 9 -31.82 81.51 69.26
N LYS RB 10 -30.68 80.93 69.62
CA LYS RB 10 -29.60 80.70 68.66
C LYS RB 10 -30.01 79.66 67.63
N ILE RB 11 -29.88 80.00 66.36
CA ILE RB 11 -30.37 79.16 65.27
C ILE RB 11 -29.22 78.32 64.75
N VAL RB 12 -29.38 76.99 64.81
CA VAL RB 12 -28.39 76.07 64.30
C VAL RB 12 -29.01 75.30 63.13
N LYS RB 13 -28.15 74.85 62.22
CA LYS RB 13 -28.60 74.18 61.01
C LYS RB 13 -28.07 72.77 60.86
N LYS RB 14 -27.09 72.38 61.68
CA LYS RB 14 -26.43 71.07 61.82
C LYS RB 14 -25.51 70.71 60.66
N ARG RB 15 -25.60 71.45 59.54
CA ARG RB 15 -24.66 71.63 58.42
C ARG RB 15 -25.25 72.65 57.46
N THR RB 16 -24.40 73.43 56.79
CA THR RB 16 -24.84 74.53 55.93
C THR RB 16 -24.19 74.42 54.55
N LYS RB 17 -24.25 73.25 53.93
CA LYS RB 17 -23.52 73.05 52.68
C LYS RB 17 -24.39 72.90 51.44
N LYS RB 18 -25.71 72.70 51.60
CA LYS RB 18 -26.72 72.52 50.54
C LYS RB 18 -26.26 71.51 49.48
N PHE RB 19 -26.20 70.26 49.96
CA PHE RB 19 -25.37 69.14 49.52
C PHE RB 19 -25.23 69.02 48.00
N ILE RB 20 -23.99 68.90 47.54
CA ILE RB 20 -23.68 68.84 46.12
C ILE RB 20 -24.06 67.46 45.58
N ARG RB 21 -24.29 67.40 44.27
CA ARG RB 21 -24.56 66.14 43.59
C ARG RB 21 -23.23 65.49 43.18
N HIS RB 22 -23.22 64.16 43.19
CA HIS RB 22 -22.03 63.39 42.81
C HIS RB 22 -21.70 63.59 41.34
N GLN RB 23 -20.41 63.85 41.06
CA GLN RB 23 -19.87 64.12 39.72
C GLN RB 23 -20.54 65.30 39.03
N SER RB 24 -20.98 66.30 39.80
CA SER RB 24 -21.41 67.55 39.21
C SER RB 24 -20.23 68.44 38.84
N ASP RB 25 -19.07 68.20 39.45
CA ASP RB 25 -17.88 68.96 39.13
C ASP RB 25 -17.28 68.51 37.79
N ARG RB 26 -17.37 67.22 37.49
CA ARG RB 26 -16.69 66.67 36.33
C ARG RB 26 -17.40 67.00 35.03
N TYR RB 27 -18.73 67.07 35.05
CA TYR RB 27 -19.52 67.35 33.87
C TYR RB 27 -20.37 68.58 34.13
N VAL RB 28 -20.35 69.52 33.17
CA VAL RB 28 -21.07 70.78 33.33
C VAL RB 28 -22.45 70.68 32.70
N LYS RB 29 -22.82 69.48 32.25
CA LYS RB 29 -24.20 69.22 31.87
C LYS RB 29 -25.08 68.91 33.07
N ILE RB 30 -24.48 68.66 34.22
CA ILE RB 30 -25.20 68.27 35.43
C ILE RB 30 -25.40 69.51 36.28
N LYS RB 31 -26.65 69.85 36.55
CA LYS RB 31 -26.94 70.93 37.48
C LYS RB 31 -26.65 70.47 38.90
N ARG RB 32 -26.34 71.42 39.77
CA ARG RB 32 -25.86 71.13 41.12
C ARG RB 32 -26.98 70.78 42.09
N ASN RB 33 -28.20 70.54 41.61
CA ASN RB 33 -29.28 70.05 42.47
C ASN RB 33 -29.02 68.60 42.83
N TRP RB 34 -29.49 68.19 44.00
CA TRP RB 34 -29.31 66.82 44.44
C TRP RB 34 -30.21 65.87 43.67
N ARG RB 35 -29.70 64.67 43.41
CA ARG RB 35 -30.48 63.62 42.77
C ARG RB 35 -29.92 62.29 43.24
N LYS RB 36 -30.76 61.49 43.90
CA LYS RB 36 -30.33 60.25 44.55
C LYS RB 36 -29.82 59.23 43.55
N PRO RB 37 -28.57 58.83 43.62
CA PRO RB 37 -28.05 57.83 42.68
C PRO RB 37 -28.49 56.43 43.07
N ARG RB 38 -28.89 55.65 42.07
CA ARG RB 38 -29.39 54.30 42.27
C ARG RB 38 -28.55 53.31 41.49
N GLY RB 39 -27.23 53.53 41.46
CA GLY RB 39 -26.35 52.59 40.82
C GLY RB 39 -25.97 51.43 41.72
N ILE RB 40 -25.46 50.37 41.11
CA ILE RB 40 -25.07 49.18 41.87
C ILE RB 40 -23.59 49.18 42.22
N ASP RB 41 -22.85 50.21 41.81
CA ASP RB 41 -21.41 50.28 42.07
C ASP RB 41 -21.00 51.60 42.70
N ASN RB 42 -21.95 52.47 43.02
CA ASN RB 42 -21.61 53.85 43.37
C ASN RB 42 -21.15 53.94 44.82
N ARG RB 43 -20.03 54.64 45.03
CA ARG RB 43 -19.47 54.81 46.36
C ARG RB 43 -20.36 55.68 47.23
N VAL RB 44 -21.13 56.59 46.62
CA VAL RB 44 -21.99 57.49 47.37
C VAL RB 44 -23.17 56.71 47.96
N ARG RB 45 -23.78 55.84 47.14
CA ARG RB 45 -24.86 55.00 47.64
C ARG RB 45 -24.34 53.97 48.64
N ARG RB 46 -23.15 53.43 48.38
CA ARG RB 46 -22.55 52.48 49.32
C ARG RB 46 -22.04 53.14 50.60
N ARG RB 47 -21.98 54.48 50.64
CA ARG RB 47 -21.60 55.26 51.82
C ARG RB 47 -20.16 54.96 52.26
N PHE RB 48 -19.23 55.02 51.32
CA PHE RB 48 -17.83 54.90 51.67
C PHE RB 48 -17.35 56.17 52.36
N LYS RB 49 -16.29 56.04 53.15
CA LYS RB 49 -15.71 57.21 53.79
C LYS RB 49 -14.92 58.03 52.78
N GLY RB 50 -14.80 59.32 53.05
CA GLY RB 50 -14.08 60.20 52.15
C GLY RB 50 -14.85 60.57 50.90
N GLN RB 51 -16.17 60.40 50.90
CA GLN RB 51 -17.01 60.75 49.77
C GLN RB 51 -17.98 61.85 50.20
N ILE RB 52 -18.91 62.20 49.32
CA ILE RB 52 -19.94 63.18 49.67
C ILE RB 52 -20.97 62.51 50.58
N LEU RB 53 -21.76 63.35 51.25
CA LEU RB 53 -22.74 62.88 52.21
C LEU RB 53 -24.14 63.07 51.63
N MET RB 54 -24.97 62.05 51.73
CA MET RB 54 -26.32 62.13 51.17
C MET RB 54 -27.26 62.84 52.15
N PRO RB 55 -28.18 63.65 51.64
CA PRO RB 55 -29.21 64.24 52.51
C PRO RB 55 -30.18 63.19 53.01
N ASN RB 56 -30.33 63.12 54.33
CA ASN RB 56 -31.32 62.23 54.94
C ASN RB 56 -32.01 63.01 56.05
N ILE RB 57 -32.84 62.29 56.82
CA ILE RB 57 -33.70 62.91 57.82
C ILE RB 57 -32.93 63.49 59.00
N GLY RB 58 -31.67 63.07 59.19
CA GLY RB 58 -30.89 63.53 60.33
C GLY RB 58 -30.48 64.98 60.28
N TYR RB 59 -30.47 65.58 59.08
CA TYR RB 59 -30.08 66.97 58.92
C TYR RB 59 -31.25 67.93 59.11
N GLY RB 60 -32.37 67.44 59.63
CA GLY RB 60 -33.53 68.31 59.82
C GLY RB 60 -33.30 69.27 60.97
N SER RB 61 -33.59 70.55 60.72
CA SER RB 61 -33.39 71.58 61.73
C SER RB 61 -34.49 71.52 62.77
N ASN RB 62 -34.29 72.25 63.87
CA ASN RB 62 -35.24 72.29 64.96
C ASN RB 62 -36.54 72.96 64.53
N LYS RB 63 -37.66 72.47 65.07
CA LYS RB 63 -38.97 73.01 64.75
C LYS RB 63 -39.16 74.43 65.30
N LYS RB 64 -38.44 74.78 66.37
CA LYS RB 64 -38.48 76.15 66.85
C LYS RB 64 -37.70 77.08 65.92
N THR RB 65 -36.58 76.60 65.37
CA THR RB 65 -35.76 77.39 64.47
C THR RB 65 -35.94 77.00 63.00
N LYS RB 66 -37.13 76.56 62.62
CA LYS RB 66 -37.41 76.18 61.25
C LYS RB 66 -37.99 77.38 60.49
N HIS RB 67 -37.52 77.58 59.26
CA HIS RB 67 -37.89 78.70 58.39
C HIS RB 67 -37.61 80.05 59.04
N MET RB 68 -36.49 80.14 59.76
CA MET RB 68 -36.12 81.33 60.51
C MET RB 68 -35.03 82.10 59.79
N LEU RB 69 -35.30 83.36 59.50
CA LEU RB 69 -34.29 84.26 58.98
C LEU RB 69 -33.29 84.60 60.08
N PRO RB 70 -32.07 85.03 59.72
CA PRO RB 70 -31.10 85.45 60.76
C PRO RB 70 -31.52 86.69 61.52
N SER RB 71 -32.46 87.49 61.00
CA SER RB 71 -32.94 88.63 61.77
C SER RB 71 -33.85 88.20 62.90
N GLY RB 72 -34.54 87.08 62.77
CA GLY RB 72 -35.45 86.58 63.79
C GLY RB 72 -36.91 86.53 63.37
N PHE RB 73 -37.24 86.84 62.12
CA PHE RB 73 -38.61 86.76 61.64
C PHE RB 73 -38.79 85.51 60.79
N ARG RB 74 -40.02 85.32 60.34
CA ARG RB 74 -40.34 84.36 59.29
C ARG RB 74 -40.92 85.13 58.11
N LYS RB 75 -40.40 84.87 56.92
CA LYS RB 75 -40.77 85.67 55.76
C LYS RB 75 -42.11 85.22 55.17
N PHE RB 76 -42.87 86.18 54.66
CA PHE RB 76 -44.13 85.93 53.99
C PHE RB 76 -44.20 86.89 52.80
N LEU RB 77 -44.54 86.37 51.64
CA LEU RB 77 -44.49 87.16 50.42
C LEU RB 77 -45.79 87.92 50.24
N VAL RB 78 -45.69 89.11 49.65
CA VAL RB 78 -46.81 90.04 49.57
C VAL RB 78 -46.81 90.69 48.19
N HIS RB 79 -48.03 90.86 47.64
CA HIS RB 79 -48.23 91.51 46.36
C HIS RB 79 -48.87 92.89 46.45
N ASN RB 80 -49.75 93.13 47.43
CA ASN RB 80 -50.50 94.38 47.47
C ASN RB 80 -50.88 94.71 48.91
N VAL RB 81 -51.78 95.69 49.04
CA VAL RB 81 -52.03 96.33 50.32
C VAL RB 81 -52.84 95.43 51.25
N LYS RB 82 -53.80 94.67 50.70
CA LYS RB 82 -54.60 93.79 51.54
C LYS RB 82 -53.79 92.59 52.02
N GLU RB 83 -52.92 92.07 51.17
CA GLU RB 83 -52.02 91.01 51.58
C GLU RB 83 -50.91 91.52 52.48
N LEU RB 84 -50.70 92.85 52.55
CA LEU RB 84 -49.87 93.40 53.60
C LEU RB 84 -50.65 93.55 54.91
N GLU RB 85 -51.91 93.95 54.82
CA GLU RB 85 -52.75 94.17 56.00
C GLU RB 85 -53.18 92.87 56.67
N VAL RB 86 -53.04 91.72 56.01
CA VAL RB 86 -53.34 90.46 56.68
C VAL RB 86 -52.30 90.15 57.77
N LEU RB 87 -51.10 90.75 57.70
CA LEU RB 87 -50.08 90.56 58.72
C LEU RB 87 -50.19 91.56 59.86
N LEU RB 88 -51.38 92.12 60.10
CA LEU RB 88 -51.55 93.12 61.15
C LEU RB 88 -51.55 92.48 62.54
N MET RB 89 -51.91 91.20 62.64
CA MET RB 89 -52.05 90.57 63.94
C MET RB 89 -50.74 89.99 64.44
N CYS RB 90 -49.92 89.46 63.53
CA CYS RB 90 -48.70 88.76 63.93
C CYS RB 90 -47.45 89.40 63.34
N ASN RB 91 -47.35 90.73 63.43
CA ASN RB 91 -46.22 91.43 62.84
C ASN RB 91 -44.93 91.30 63.64
N LYS RB 92 -45.00 90.84 64.89
CA LYS RB 92 -43.82 90.74 65.74
C LYS RB 92 -43.09 89.41 65.59
N SER RB 93 -43.53 88.56 64.67
CA SER RB 93 -42.77 87.36 64.31
C SER RB 93 -42.72 87.10 62.82
N TYR RB 94 -43.54 87.77 62.02
CA TYR RB 94 -43.68 87.50 60.60
C TYR RB 94 -43.39 88.77 59.82
N CYS RB 95 -42.42 88.71 58.92
CA CYS RB 95 -42.05 89.86 58.13
C CYS RB 95 -42.54 89.72 56.70
N ALA RB 96 -42.66 90.86 56.02
CA ALA RB 96 -43.16 90.91 54.66
C ALA RB 96 -42.02 90.86 53.66
N GLU RB 97 -42.34 90.44 52.45
CA GLU RB 97 -41.37 90.39 51.37
C GLU RB 97 -42.10 90.71 50.07
N ILE RB 98 -41.82 91.87 49.48
CA ILE RB 98 -42.54 92.32 48.31
C ILE RB 98 -42.13 91.49 47.10
N ALA RB 99 -43.12 91.08 46.30
CA ALA RB 99 -42.86 90.28 45.11
C ALA RB 99 -42.05 91.06 44.07
N HIS RB 100 -41.39 90.31 43.18
CA HIS RB 100 -40.47 90.92 42.22
C HIS RB 100 -41.21 91.68 41.13
N ASN RB 101 -42.43 91.27 40.79
CA ASN RB 101 -43.17 91.87 39.71
C ASN RB 101 -43.98 93.09 40.15
N VAL RB 102 -43.75 93.59 41.35
CA VAL RB 102 -44.42 94.80 41.84
C VAL RB 102 -43.58 96.00 41.43
N SER RB 103 -44.22 96.97 40.77
CA SER RB 103 -43.53 98.15 40.30
C SER RB 103 -43.23 99.09 41.47
N SER RB 104 -42.50 100.18 41.17
CA SER RB 104 -42.11 101.11 42.22
C SER RB 104 -43.29 101.97 42.69
N LYS RB 105 -44.24 102.24 41.79
CA LYS RB 105 -45.38 103.09 42.11
C LYS RB 105 -46.27 102.46 43.17
N ASN RB 106 -46.46 101.15 43.12
CA ASN RB 106 -47.18 100.44 44.16
C ASN RB 106 -46.26 99.96 45.28
N ARG RB 107 -44.96 99.82 45.00
CA ARG RB 107 -44.01 99.37 45.99
C ARG RB 107 -43.82 100.42 47.09
N LYS RB 108 -43.83 101.70 46.71
CA LYS RB 108 -43.72 102.75 47.72
C LYS RB 108 -44.96 102.82 48.60
N ALA RB 109 -46.14 102.52 48.04
CA ALA RB 109 -47.34 102.46 48.86
C ALA RB 109 -47.35 101.26 49.79
N ILE RB 110 -46.83 100.11 49.32
CA ILE RB 110 -46.73 98.92 50.16
C ILE RB 110 -45.77 99.16 51.32
N VAL RB 111 -44.61 99.76 51.04
CA VAL RB 111 -43.65 100.00 52.13
C VAL RB 111 -44.12 101.13 53.05
N GLU RB 112 -44.92 102.08 52.54
CA GLU RB 112 -45.49 103.09 53.42
C GLU RB 112 -46.54 102.49 54.35
N ARG RB 113 -47.38 101.59 53.82
CA ARG RB 113 -48.36 100.90 54.66
C ARG RB 113 -47.68 99.97 55.66
N ALA RB 114 -46.54 99.37 55.27
CA ALA RB 114 -45.79 98.55 56.21
C ALA RB 114 -45.14 99.39 57.32
N ALA RB 115 -44.67 100.59 56.98
CA ALA RB 115 -44.14 101.48 58.00
C ALA RB 115 -45.23 102.00 58.92
N GLN RB 116 -46.46 102.16 58.41
CA GLN RB 116 -47.56 102.56 59.28
C GLN RB 116 -48.02 101.42 60.18
N LEU RB 117 -48.09 100.21 59.66
CA LEU RB 117 -48.58 99.06 60.43
C LEU RB 117 -47.48 98.37 61.24
N ALA RB 118 -46.24 98.86 61.15
CA ALA RB 118 -45.07 98.31 61.84
C ALA RB 118 -44.84 96.84 61.48
N ILE RB 119 -44.72 96.60 60.18
CA ILE RB 119 -44.44 95.28 59.63
C ILE RB 119 -43.09 95.34 58.94
N ARG RB 120 -42.18 94.46 59.33
CA ARG RB 120 -40.85 94.40 58.74
C ARG RB 120 -40.93 93.95 57.28
N VAL RB 121 -40.25 94.67 56.41
CA VAL RB 121 -40.09 94.28 55.02
C VAL RB 121 -38.62 94.02 54.76
N THR RB 122 -38.32 92.94 54.04
CA THR RB 122 -36.94 92.52 53.86
C THR RB 122 -36.20 93.41 52.87
N ASN RB 123 -36.89 93.90 51.84
CA ASN RB 123 -36.30 94.74 50.80
C ASN RB 123 -37.04 96.07 50.71
N PRO RB 124 -36.73 97.03 51.59
CA PRO RB 124 -37.45 98.32 51.55
C PRO RB 124 -36.89 99.30 50.54
N ASN RB 125 -35.60 99.20 50.24
CA ASN RB 125 -34.89 100.20 49.45
C ASN RB 125 -34.50 99.72 48.06
N ALA RB 126 -35.33 98.88 47.45
CA ALA RB 126 -35.03 98.35 46.13
C ALA RB 126 -35.96 98.94 45.08
N ARG RB 127 -35.42 99.11 43.87
CA ARG RB 127 -36.12 99.62 42.68
C ARG RB 127 -36.70 101.02 42.94
N LEU RB 128 -35.82 101.94 43.33
CA LEU RB 128 -36.20 103.31 43.62
C LEU RB 128 -35.45 104.27 42.69
N ARG RB 129 -35.97 105.49 42.59
CA ARG RB 129 -35.34 106.52 41.76
C ARG RB 129 -34.26 107.27 42.53
N SER SB 1 7.64 93.57 82.01
CA SER SB 1 8.44 92.85 81.02
C SER SB 1 8.61 91.39 81.42
N GLY SB 2 8.84 90.54 80.43
CA GLY SB 2 9.03 89.13 80.69
C GLY SB 2 7.87 88.29 80.20
N ARG SB 3 8.19 87.07 79.77
CA ARG SB 3 7.18 86.15 79.28
C ARG SB 3 6.39 85.55 80.44
N LEU SB 4 5.07 85.51 80.32
CA LEU SB 4 4.22 84.93 81.34
C LEU SB 4 3.63 83.58 80.93
N TRP SB 5 3.63 83.25 79.65
CA TRP SB 5 3.03 82.03 79.16
C TRP SB 5 4.06 80.91 79.01
N SER SB 6 3.60 79.68 79.22
CA SER SB 6 4.45 78.52 79.06
C SER SB 6 4.42 78.02 77.61
N LYS SB 7 5.57 77.53 77.15
CA LYS SB 7 5.72 77.12 75.77
C LYS SB 7 5.07 75.77 75.53
N ALA SB 8 4.37 75.64 74.41
CA ALA SB 8 3.76 74.38 74.00
C ALA SB 8 3.71 74.33 72.47
N ILE SB 9 4.08 73.18 71.92
CA ILE SB 9 4.15 72.97 70.48
C ILE SB 9 2.91 72.19 70.05
N PHE SB 10 2.20 72.71 69.05
CA PHE SB 10 1.11 71.98 68.44
C PHE SB 10 1.62 70.72 67.75
N ALA SB 11 0.98 69.58 68.00
CA ALA SB 11 1.43 68.31 67.45
C ALA SB 11 0.50 67.77 66.38
N GLY SB 12 -0.80 67.85 66.59
CA GLY SB 12 -1.75 67.34 65.62
C GLY SB 12 -3.13 67.28 66.21
N TYR SB 13 -4.03 66.62 65.48
CA TYR SB 13 -5.40 66.49 65.91
C TYR SB 13 -5.61 65.17 66.64
N LYS SB 14 -6.76 65.05 67.31
CA LYS SB 14 -7.20 63.75 67.79
C LYS SB 14 -7.57 62.88 66.60
N ARG SB 15 -6.97 61.71 66.50
CA ARG SB 15 -7.11 60.92 65.29
C ARG SB 15 -6.94 59.45 65.62
N GLY SB 16 -7.40 58.62 64.69
CA GLY SB 16 -7.04 57.23 64.64
C GLY SB 16 -5.87 57.00 63.71
N LEU SB 17 -5.77 55.79 63.18
CA LEU SB 17 -4.76 55.52 62.17
C LEU SB 17 -5.15 56.12 60.82
N ARG SB 18 -6.42 55.98 60.44
CA ARG SB 18 -6.90 56.47 59.16
C ARG SB 18 -7.52 57.87 59.27
N ASN SB 19 -8.59 58.00 60.04
CA ASN SB 19 -9.38 59.22 60.08
C ASN SB 19 -8.95 60.15 61.22
N GLN SB 20 -9.46 61.37 61.19
CA GLN SB 20 -9.16 62.38 62.17
C GLN SB 20 -10.43 62.94 62.80
N ARG SB 21 -10.26 63.61 63.93
CA ARG SB 21 -11.32 64.35 64.60
C ARG SB 21 -10.74 65.73 64.91
N GLU SB 22 -11.14 66.74 64.15
CA GLU SB 22 -10.54 68.06 64.21
C GLU SB 22 -11.04 68.91 65.37
N HIS SB 23 -12.03 68.43 66.13
CA HIS SB 23 -12.57 69.20 67.24
C HIS SB 23 -11.63 69.21 68.45
N THR SB 24 -10.74 68.24 68.57
CA THR SB 24 -9.81 68.16 69.69
C THR SB 24 -8.40 68.01 69.14
N ALA SB 25 -7.49 68.84 69.64
CA ALA SB 25 -6.12 68.90 69.15
C ALA SB 25 -5.14 68.47 70.22
N LEU SB 26 -3.91 68.21 69.80
CA LEU SB 26 -2.87 67.67 70.67
C LEU SB 26 -1.72 68.67 70.80
N LEU SB 27 -1.20 68.80 72.02
CA LEU SB 27 -0.15 69.76 72.33
C LEU SB 27 0.97 69.03 73.07
N LYS SB 28 2.17 69.03 72.50
CA LYS SB 28 3.36 68.60 73.21
C LYS SB 28 3.87 69.80 73.99
N ILE SB 29 3.64 69.81 75.27
CA ILE SB 29 4.02 70.96 76.08
C ILE SB 29 5.36 70.67 76.74
N GLU SB 30 6.23 71.68 76.76
CA GLU SB 30 7.60 71.47 77.20
C GLU SB 30 7.68 71.41 78.73
N GLY SB 31 8.60 70.59 79.21
CA GLY SB 31 8.76 70.34 80.63
C GLY SB 31 8.00 69.12 81.12
N VAL SB 32 6.74 69.00 80.72
CA VAL SB 32 5.92 67.84 81.08
C VAL SB 32 6.29 66.67 80.18
N TYR SB 33 6.69 65.55 80.79
CA TYR SB 33 6.93 64.34 80.04
C TYR SB 33 6.37 63.12 80.77
N ALA SB 34 5.38 63.30 81.62
CA ALA SB 34 4.86 62.20 82.42
C ALA SB 34 3.38 62.41 82.72
N ARG SB 35 2.70 61.29 82.97
CA ARG SB 35 1.28 61.30 83.30
C ARG SB 35 1.03 62.02 84.62
N ASP SB 36 1.93 61.84 85.59
CA ASP SB 36 1.82 62.56 86.86
C ASP SB 36 2.19 64.03 86.70
N GLU SB 37 2.93 64.38 85.65
CA GLU SB 37 3.32 65.76 85.42
C GLU SB 37 2.28 66.54 84.62
N THR SB 38 1.43 65.88 83.85
CA THR SB 38 0.35 66.60 83.15
C THR SB 38 -0.92 66.69 84.00
N GLU SB 39 -0.76 67.10 85.25
CA GLU SB 39 -1.86 67.33 86.18
C GLU SB 39 -2.04 68.79 86.54
N PHE SB 40 -0.94 69.52 86.69
CA PHE SB 40 -0.99 70.94 87.00
C PHE SB 40 -1.56 71.75 85.84
N TYR SB 41 -1.35 71.31 84.61
CA TYR SB 41 -1.79 72.05 83.44
C TYR SB 41 -3.25 71.79 83.06
N LEU SB 42 -3.98 71.03 83.87
CA LEU SB 42 -5.40 70.83 83.61
C LEU SB 42 -6.16 72.10 83.94
N GLY SB 43 -6.82 72.67 82.93
CA GLY SB 43 -7.58 73.88 83.11
C GLY SB 43 -6.88 75.15 82.63
N LYS SB 44 -5.68 75.04 82.07
CA LYS SB 44 -4.99 76.19 81.50
C LYS SB 44 -5.70 76.65 80.23
N ARG SB 45 -5.30 77.83 79.75
CA ARG SB 45 -5.90 78.41 78.56
C ARG SB 45 -4.83 78.70 77.52
N CYS SB 46 -5.11 78.30 76.28
CA CYS SB 46 -4.17 78.34 75.18
C CYS SB 46 -4.56 79.43 74.19
N ALA SB 47 -3.59 79.79 73.34
CA ALA SB 47 -3.78 80.82 72.34
C ALA SB 47 -2.80 80.61 71.20
N TYR SB 48 -3.31 80.56 69.98
CA TYR SB 48 -2.47 80.46 68.79
C TYR SB 48 -2.34 81.83 68.14
N VAL SB 49 -1.12 82.36 68.12
CA VAL SB 49 -0.84 83.69 67.58
C VAL SB 49 -0.39 83.54 66.14
N TYR SB 50 -1.09 84.19 65.22
CA TYR SB 50 -0.69 84.19 63.83
C TYR SB 50 -0.88 85.59 63.25
N LYS SB 51 -0.51 85.75 61.99
CA LYS SB 51 -0.46 87.05 61.33
C LYS SB 51 -1.36 87.08 60.11
N ALA SB 52 -2.01 88.23 59.88
CA ALA SB 52 -2.76 88.48 58.67
C ALA SB 52 -2.58 89.95 58.30
N LYS SB 53 -2.77 90.27 57.02
CA LYS SB 53 -2.48 91.62 56.58
C LYS SB 53 -3.60 92.61 56.84
N ASN SB 54 -4.79 92.16 57.17
CA ASN SB 54 -5.84 93.09 57.57
C ASN SB 54 -5.64 93.51 59.02
N ASN SB 55 -6.25 94.64 59.37
CA ASN SB 55 -5.96 95.33 60.63
C ASN SB 55 -7.03 94.97 61.65
N THR SB 56 -6.94 93.75 62.20
CA THR SB 56 -7.90 93.24 63.17
C THR SB 56 -7.15 92.75 64.40
N VAL SB 57 -7.20 93.51 65.49
CA VAL SB 57 -6.57 93.10 66.75
C VAL SB 57 -7.44 93.35 67.96
N THR SB 58 -6.87 93.08 69.13
CA THR SB 58 -7.44 93.43 70.42
C THR SB 58 -7.52 94.96 70.56
N PRO SB 59 -8.40 95.46 71.42
CA PRO SB 59 -8.40 96.90 71.72
C PRO SB 59 -7.29 97.37 72.67
N GLY SB 60 -6.27 96.57 72.89
CA GLY SB 60 -5.16 96.96 73.74
C GLY SB 60 -4.21 97.97 73.12
N GLY SB 61 -4.69 99.20 72.93
CA GLY SB 61 -3.83 100.30 72.52
C GLY SB 61 -3.73 100.59 71.04
N LYS SB 62 -3.05 99.73 70.28
CA LYS SB 62 -2.72 100.06 68.90
C LYS SB 62 -3.26 99.02 67.93
N PRO SB 63 -3.65 99.45 66.73
CA PRO SB 63 -4.05 98.49 65.70
C PRO SB 63 -2.83 97.84 65.04
N ASN SB 64 -2.87 96.52 64.90
CA ASN SB 64 -1.71 95.74 64.46
C ASN SB 64 -2.19 94.63 63.51
N LYS SB 65 -1.32 93.64 63.28
CA LYS SB 65 -1.59 92.55 62.34
C LYS SB 65 -1.87 91.22 63.01
N THR SB 66 -2.08 91.18 64.33
CA THR SB 66 -2.11 89.93 65.07
C THR SB 66 -3.53 89.40 65.23
N ARG SB 67 -3.75 88.15 64.83
CA ARG SB 67 -5.02 87.46 65.05
C ARG SB 67 -4.77 86.22 65.90
N VAL SB 68 -5.68 85.94 66.83
CA VAL SB 68 -5.53 84.87 67.81
C VAL SB 68 -6.83 84.09 67.93
N ILE SB 69 -6.74 82.77 67.73
CA ILE SB 69 -7.83 81.86 68.04
C ILE SB 69 -7.62 81.34 69.46
N TRP SB 70 -8.61 81.54 70.32
CA TRP SB 70 -8.49 81.21 71.73
C TRP SB 70 -8.94 79.77 71.99
N GLY SB 71 -8.59 79.27 73.16
CA GLY SB 71 -8.98 77.94 73.56
C GLY SB 71 -8.42 77.59 74.91
N LYS SB 72 -8.64 76.35 75.34
CA LYS SB 72 -8.22 75.96 76.67
C LYS SB 72 -8.01 74.46 76.74
N VAL SB 73 -7.26 74.05 77.77
CA VAL SB 73 -6.91 72.65 77.99
C VAL SB 73 -8.14 71.89 78.48
N THR SB 74 -8.42 70.76 77.84
CA THR SB 74 -9.50 69.88 78.27
C THR SB 74 -9.01 68.80 79.24
N ARG SB 75 -8.07 67.98 78.79
CA ARG SB 75 -7.60 66.85 79.60
C ARG SB 75 -6.20 66.47 79.14
N ALA SB 76 -5.67 65.42 79.77
CA ALA SB 76 -4.36 64.88 79.41
C ALA SB 76 -4.49 63.89 78.26
N HIS SB 77 -3.35 63.42 77.76
CA HIS SB 77 -3.35 62.54 76.59
C HIS SB 77 -2.11 61.66 76.66
N GLY SB 78 -2.31 60.38 76.96
CA GLY SB 78 -1.21 59.44 76.97
C GLY SB 78 -0.33 59.54 78.18
N ASN SB 79 0.79 58.83 78.12
CA ASN SB 79 1.75 58.79 79.22
C ASN SB 79 2.97 59.68 78.98
N SER SB 80 3.15 60.19 77.76
CA SER SB 80 4.30 60.99 77.42
C SER SB 80 4.14 62.47 77.77
N GLY SB 81 3.02 62.84 78.36
CA GLY SB 81 2.79 64.22 78.76
C GLY SB 81 2.12 65.10 77.73
N MET SB 82 1.59 64.52 76.66
CA MET SB 82 0.87 65.30 75.67
C MET SB 82 -0.50 65.68 76.22
N VAL SB 83 -1.00 66.84 75.79
CA VAL SB 83 -2.18 67.47 76.40
C VAL SB 83 -3.21 67.73 75.32
N ARG SB 84 -4.44 67.27 75.54
CA ARG SB 84 -5.52 67.59 74.62
C ARG SB 84 -6.02 69.01 74.85
N ALA SB 85 -6.59 69.61 73.80
CA ALA SB 85 -7.13 70.95 73.90
C ALA SB 85 -8.21 71.14 72.87
N LYS SB 86 -9.32 71.76 73.27
CA LYS SB 86 -10.38 72.15 72.34
C LYS SB 86 -10.43 73.67 72.25
N PHE SB 87 -10.14 74.19 71.07
CA PHE SB 87 -10.18 75.64 70.87
C PHE SB 87 -11.60 76.05 70.48
N ARG SB 88 -11.80 77.37 70.41
CA ARG SB 88 -13.12 77.88 70.05
C ARG SB 88 -13.39 77.72 68.57
N SER SB 89 -12.37 77.94 67.74
CA SER SB 89 -12.40 77.58 66.33
C SER SB 89 -11.34 76.51 66.09
N ASN SB 90 -11.60 75.64 65.13
CA ASN SB 90 -10.69 74.54 64.85
C ASN SB 90 -9.40 75.05 64.22
N LEU SB 91 -8.39 74.20 64.22
CA LEU SB 91 -7.06 74.62 63.84
C LEU SB 91 -6.93 74.73 62.33
N PRO SB 92 -6.10 75.67 61.83
CA PRO SB 92 -5.95 75.84 60.38
C PRO SB 92 -5.13 74.75 59.71
N ALA SB 93 -4.55 73.83 60.48
CA ALA SB 93 -3.61 72.77 60.07
C ALA SB 93 -2.32 73.31 59.46
N LYS SB 94 -2.07 74.61 59.55
CA LYS SB 94 -0.78 75.19 59.22
C LYS SB 94 0.11 75.26 60.45
N ALA SB 95 -0.47 75.15 61.64
CA ALA SB 95 0.22 75.27 62.91
C ALA SB 95 0.99 74.02 63.31
N ILE SB 96 1.10 73.02 62.43
CA ILE SB 96 1.79 71.78 62.76
C ILE SB 96 3.29 72.05 62.93
N GLY SB 97 3.82 71.65 64.07
CA GLY SB 97 5.20 71.97 64.38
C GLY SB 97 5.44 73.41 64.78
N HIS SB 98 4.41 74.12 65.18
CA HIS SB 98 4.53 75.51 65.60
C HIS SB 98 3.97 75.65 67.02
N ARG SB 99 4.09 76.85 67.57
CA ARG SB 99 3.96 77.05 69.01
C ARG SB 99 2.62 77.69 69.35
N ILE SB 100 1.98 77.18 70.40
CA ILE SB 100 0.75 77.71 70.93
C ILE SB 100 0.98 78.08 72.40
N ARG SB 101 0.69 79.33 72.75
CA ARG SB 101 0.91 79.83 74.09
C ARG SB 101 -0.05 79.19 75.08
N VAL SB 102 0.46 78.92 76.28
CA VAL SB 102 -0.32 78.37 77.38
C VAL SB 102 -0.12 79.32 78.56
N MET SB 103 -1.16 80.06 78.93
CA MET SB 103 -1.00 81.10 79.94
C MET SB 103 -1.43 80.55 81.30
N LEU SB 104 -0.84 81.11 82.36
CA LEU SB 104 -0.87 80.51 83.69
C LEU SB 104 -2.12 80.84 84.50
N TYR SB 105 -3.20 81.36 83.89
CA TYR SB 105 -4.47 81.61 84.58
C TYR SB 105 -5.27 80.30 84.59
N PRO SB 106 -6.61 80.30 84.73
CA PRO SB 106 -7.31 79.81 85.94
C PRO SB 106 -6.80 78.66 86.81
N SER SB 107 -5.65 78.03 86.58
CA SER SB 107 -5.08 77.02 87.48
C SER SB 107 -4.95 77.47 88.95
N ARG SB 108 -4.73 76.50 89.84
CA ARG SB 108 -5.12 76.60 91.25
C ARG SB 108 -3.93 76.82 92.19
N ILE SB 109 -3.01 77.72 91.83
CA ILE SB 109 -1.91 78.04 92.72
C ILE SB 109 -2.43 78.78 93.95
N VAL TB 1 3.22 66.85 -45.53
CA VAL TB 1 3.42 67.14 -44.12
C VAL TB 1 2.13 67.72 -43.56
N GLN TB 2 1.26 68.20 -44.45
CA GLN TB 2 -0.03 68.73 -44.04
C GLN TB 2 -1.00 67.58 -43.79
N ARG TB 3 -1.43 67.44 -42.54
CA ARG TB 3 -2.37 66.40 -42.14
C ARG TB 3 -3.79 66.92 -42.34
N LEU TB 4 -4.62 66.09 -42.96
CA LEU TB 4 -5.92 66.49 -43.47
C LEU TB 4 -7.03 65.88 -42.62
N THR TB 5 -8.23 66.44 -42.77
CA THR TB 5 -9.31 66.28 -41.81
C THR TB 5 -10.61 66.00 -42.56
N TYR TB 6 -11.51 65.24 -41.91
CA TYR TB 6 -12.83 64.97 -42.45
C TYR TB 6 -13.66 66.24 -42.61
N ARG TB 7 -14.66 66.15 -43.47
CA ARG TB 7 -15.57 67.26 -43.73
C ARG TB 7 -16.98 67.00 -43.25
N ARG TB 8 -17.46 65.76 -43.31
CA ARG TB 8 -18.73 65.38 -42.72
C ARG TB 8 -18.55 64.99 -41.26
N ARG TB 9 -19.66 64.66 -40.61
CA ARG TB 9 -19.61 64.04 -39.27
C ARG TB 9 -19.67 62.52 -39.36
N LEU TB 10 -18.82 61.96 -40.22
CA LEU TB 10 -18.70 60.52 -40.43
C LEU TB 10 -17.27 60.16 -40.05
N SER TB 11 -17.05 59.90 -38.76
CA SER TB 11 -15.71 59.75 -38.23
C SER TB 11 -15.14 58.34 -38.42
N TYR TB 12 -15.89 57.43 -39.02
CA TYR TB 12 -15.46 56.04 -39.18
C TYR TB 12 -15.23 55.73 -40.66
N ASN TB 13 -14.29 54.84 -40.92
CA ASN TB 13 -13.88 54.51 -42.28
C ASN TB 13 -14.81 53.42 -42.84
N THR TB 14 -16.07 53.80 -43.03
CA THR TB 14 -17.09 52.87 -43.47
C THR TB 14 -17.03 52.70 -44.99
N ALA TB 15 -17.97 51.93 -45.54
CA ALA TB 15 -18.00 51.70 -46.97
C ALA TB 15 -18.49 52.92 -47.74
N SER TB 16 -19.40 53.70 -47.14
CA SER TB 16 -19.86 54.93 -47.77
C SER TB 16 -18.84 56.05 -47.66
N ASN TB 17 -17.92 55.97 -46.71
CA ASN TB 17 -16.90 57.00 -46.52
C ASN TB 17 -15.61 56.59 -47.23
N LYS TB 18 -15.74 56.32 -48.53
CA LYS TB 18 -14.63 55.84 -49.37
C LYS TB 18 -14.20 56.99 -50.26
N THR TB 19 -13.06 57.61 -49.94
CA THR TB 19 -12.73 58.95 -50.39
C THR TB 19 -11.45 58.96 -51.24
N ARG TB 20 -11.00 60.18 -51.54
CA ARG TB 20 -9.65 60.42 -52.04
C ARG TB 20 -9.23 61.79 -51.56
N LEU TB 21 -8.05 62.22 -51.99
CA LEU TB 21 -7.52 63.52 -51.61
C LEU TB 21 -7.00 64.24 -52.85
N SER TB 22 -7.37 65.51 -52.98
CA SER TB 22 -7.01 66.31 -54.15
C SER TB 22 -6.37 67.60 -53.70
N ARG TB 23 -6.01 68.43 -54.67
CA ARG TB 23 -5.33 69.69 -54.42
C ARG TB 23 -6.21 70.84 -54.89
N THR TB 24 -6.49 71.78 -53.99
CA THR TB 24 -7.29 72.95 -54.34
C THR TB 24 -6.46 73.93 -55.17
N PRO TB 25 -7.11 74.80 -55.95
CA PRO TB 25 -6.38 75.89 -56.59
C PRO TB 25 -5.85 76.95 -55.63
N GLY TB 26 -6.28 76.94 -54.36
CA GLY TB 26 -5.74 77.84 -53.37
C GLY TB 26 -4.55 77.27 -52.61
N ASN TB 27 -3.90 76.26 -53.22
CA ASN TB 27 -2.70 75.60 -52.70
C ASN TB 27 -2.96 74.98 -51.32
N ARG TB 28 -3.86 74.01 -51.30
CA ARG TB 28 -4.23 73.34 -50.06
C ARG TB 28 -4.76 71.96 -50.39
N ILE TB 29 -4.24 70.94 -49.71
CA ILE TB 29 -4.70 69.57 -49.92
C ILE TB 29 -6.04 69.39 -49.22
N VAL TB 30 -7.05 68.96 -49.98
CA VAL TB 30 -8.39 68.81 -49.48
C VAL TB 30 -8.80 67.34 -49.60
N TYR TB 31 -9.78 66.96 -48.79
CA TYR TB 31 -10.22 65.58 -48.63
C TYR TB 31 -11.56 65.46 -49.36
N LEU TB 32 -11.54 64.88 -50.56
CA LEU TB 32 -12.68 64.89 -51.45
C LEU TB 32 -13.38 63.54 -51.44
N TYR TB 33 -14.70 63.57 -51.62
CA TYR TB 33 -15.52 62.37 -51.49
C TYR TB 33 -15.71 61.70 -52.83
N THR TB 34 -15.49 60.38 -52.87
CA THR TB 34 -15.59 59.59 -54.08
C THR TB 34 -16.85 58.73 -53.99
N LYS TB 35 -17.69 58.80 -55.02
CA LYS TB 35 -18.83 57.90 -55.09
C LYS TB 35 -18.35 56.48 -55.33
N LYS TB 36 -19.09 55.51 -54.79
CA LYS TB 36 -18.70 54.12 -54.95
C LYS TB 36 -18.87 53.67 -56.38
N VAL TB 37 -18.02 52.73 -56.81
CA VAL TB 37 -18.01 52.31 -58.20
C VAL TB 37 -19.22 51.42 -58.48
N GLY TB 38 -19.80 51.59 -59.66
CA GLY TB 38 -20.91 50.78 -60.11
C GLY TB 38 -20.43 49.80 -61.15
N LYS TB 39 -20.86 48.56 -61.01
CA LYS TB 39 -20.42 47.49 -61.90
C LYS TB 39 -21.40 47.32 -63.05
N ALA TB 40 -20.88 46.88 -64.19
CA ALA TB 40 -21.70 46.62 -65.35
C ALA TB 40 -22.57 45.38 -65.12
N PRO TB 41 -23.71 45.29 -65.82
CA PRO TB 41 -24.50 44.05 -65.75
C PRO TB 41 -23.75 42.86 -66.35
N LYS TB 42 -24.20 41.67 -65.98
CA LYS TB 42 -23.40 40.48 -66.23
C LYS TB 42 -24.21 39.35 -66.82
N SER TB 43 -23.61 38.15 -66.81
CA SER TB 43 -24.18 36.93 -67.39
C SER TB 43 -25.57 36.63 -66.85
N ALA TB 44 -26.40 36.06 -67.72
CA ALA TB 44 -27.79 35.77 -67.37
C ALA TB 44 -27.94 34.32 -66.93
N CYS TB 45 -27.31 34.02 -65.78
CA CYS TB 45 -27.56 32.83 -64.96
C CYS TB 45 -27.28 31.53 -65.72
N GLY TB 46 -26.00 31.32 -66.02
CA GLY TB 46 -25.60 30.02 -66.52
C GLY TB 46 -24.46 29.96 -67.51
N VAL TB 47 -24.07 31.09 -68.06
CA VAL TB 47 -22.97 31.16 -69.01
C VAL TB 47 -21.73 31.62 -68.24
N CYS TB 48 -20.57 31.57 -68.90
CA CYS TB 48 -19.31 32.04 -68.35
C CYS TB 48 -19.41 33.48 -67.85
N PRO TB 49 -18.92 33.79 -66.66
CA PRO TB 49 -19.13 35.12 -66.09
C PRO TB 49 -18.24 36.17 -66.72
N GLY TB 50 -18.77 37.39 -66.74
CA GLY TB 50 -18.08 38.51 -67.35
C GLY TB 50 -19.08 39.63 -67.54
N ARG TB 51 -18.65 40.86 -67.27
CA ARG TB 51 -19.56 41.99 -67.35
C ARG TB 51 -19.87 42.31 -68.81
N LEU TB 52 -21.11 42.68 -69.08
CA LEU TB 52 -21.56 42.88 -70.44
C LEU TB 52 -20.93 44.14 -71.03
N ARG TB 53 -20.52 44.05 -72.29
CA ARG TB 53 -19.73 45.09 -72.91
C ARG TB 53 -20.63 46.10 -73.60
N GLY TB 54 -20.23 47.38 -73.53
CA GLY TB 54 -20.98 48.44 -74.15
C GLY TB 54 -21.98 49.14 -73.25
N VAL TB 55 -21.91 48.92 -71.94
CA VAL TB 55 -22.82 49.53 -70.98
C VAL TB 55 -22.02 50.41 -70.04
N ARG TB 56 -22.45 51.67 -69.88
CA ARG TB 56 -21.83 52.60 -68.96
C ARG TB 56 -22.06 52.13 -67.53
N ALA TB 57 -21.02 51.57 -66.92
CA ALA TB 57 -21.13 50.92 -65.62
C ALA TB 57 -21.24 51.98 -64.53
N VAL TB 58 -22.46 52.36 -64.21
CA VAL TB 58 -22.76 53.35 -63.19
C VAL TB 58 -23.80 52.78 -62.23
N ARG TB 59 -24.23 53.62 -61.30
CA ARG TB 59 -25.31 53.27 -60.41
C ARG TB 59 -26.63 53.30 -61.19
N PRO TB 60 -27.61 52.46 -60.83
CA PRO TB 60 -28.92 52.53 -61.50
C PRO TB 60 -29.71 53.79 -61.21
N LYS TB 61 -29.32 54.58 -60.21
CA LYS TB 61 -29.85 55.92 -60.10
C LYS TB 61 -29.14 56.91 -61.02
N VAL TB 62 -27.96 56.52 -61.55
CA VAL TB 62 -27.34 57.28 -62.64
C VAL TB 62 -27.85 56.78 -63.99
N LEU TB 63 -28.45 55.58 -64.04
CA LEU TB 63 -29.10 55.13 -65.25
C LEU TB 63 -30.36 55.94 -65.61
N MET TB 64 -30.88 56.75 -64.69
CA MET TB 64 -31.86 57.76 -65.08
C MET TB 64 -31.24 58.88 -65.91
N ARG TB 65 -29.99 59.25 -65.61
CA ARG TB 65 -29.27 60.18 -66.48
C ARG TB 65 -28.95 59.53 -67.82
N LEU TB 66 -28.52 58.27 -67.77
CA LEU TB 66 -28.01 57.59 -68.97
C LEU TB 66 -29.11 57.37 -70.00
N SER TB 67 -28.80 57.71 -71.25
CA SER TB 67 -29.76 57.70 -72.33
C SER TB 67 -29.83 56.31 -72.98
N LYS TB 68 -30.61 56.20 -74.05
CA LYS TB 68 -30.87 54.92 -74.70
C LYS TB 68 -29.86 54.66 -75.83
N THR TB 69 -28.58 54.88 -75.52
CA THR TB 69 -27.45 54.42 -76.33
C THR TB 69 -26.39 53.73 -75.50
N LYS TB 70 -26.15 54.20 -74.28
CA LYS TB 70 -25.09 53.68 -73.42
C LYS TB 70 -25.63 52.77 -72.32
N LYS TB 71 -26.83 52.20 -72.53
CA LYS TB 71 -27.38 51.21 -71.62
C LYS TB 71 -27.62 49.86 -72.28
N HIS TB 72 -27.55 49.77 -73.61
CA HIS TB 72 -27.83 48.52 -74.29
C HIS TB 72 -27.02 48.45 -75.57
N VAL TB 73 -27.08 47.30 -76.21
CA VAL TB 73 -26.52 47.07 -77.53
C VAL TB 73 -27.70 46.96 -78.49
N SER TB 74 -27.50 47.42 -79.73
CA SER TB 74 -28.59 47.53 -80.70
C SER TB 74 -29.19 46.18 -81.10
N ARG TB 75 -28.49 45.08 -80.84
CA ARG TB 75 -29.02 43.74 -81.05
C ARG TB 75 -30.17 43.46 -80.10
N ALA TB 76 -31.06 42.57 -80.51
CA ALA TB 76 -32.02 41.98 -79.57
C ALA TB 76 -31.27 41.18 -78.51
N TYR TB 77 -31.86 41.15 -77.30
CA TYR TB 77 -31.19 40.69 -76.07
C TYR TB 77 -29.86 41.43 -75.87
N GLY TB 78 -29.89 42.74 -76.06
CA GLY TB 78 -28.68 43.55 -76.02
C GLY TB 78 -28.07 43.69 -74.65
N GLY TB 79 -28.78 44.34 -73.74
CA GLY TB 79 -28.27 44.57 -72.40
C GLY TB 79 -28.47 43.44 -71.42
N SER TB 80 -28.90 42.27 -71.88
CA SER TB 80 -29.09 41.10 -71.02
C SER TB 80 -28.17 39.94 -71.36
N MET TB 81 -27.76 39.81 -72.62
CA MET TB 81 -26.92 38.71 -73.06
C MET TB 81 -25.64 39.27 -73.68
N CYS TB 82 -24.54 38.53 -73.52
CA CYS TB 82 -23.23 38.94 -74.03
C CYS TB 82 -22.97 38.44 -75.45
N ALA TB 83 -24.04 38.15 -76.20
CA ALA TB 83 -24.13 37.76 -77.62
C ALA TB 83 -23.61 36.36 -77.90
N LYS TB 84 -22.88 35.77 -76.97
CA LYS TB 84 -22.57 34.35 -77.06
C LYS TB 84 -23.79 33.54 -76.68
N CYS TB 85 -24.55 34.03 -75.69
CA CYS TB 85 -25.85 33.48 -75.40
C CYS TB 85 -26.83 33.70 -76.54
N VAL TB 86 -26.71 34.82 -77.27
CA VAL TB 86 -27.62 35.06 -78.39
C VAL TB 86 -27.36 34.08 -79.53
N ARG TB 87 -26.09 33.92 -79.91
CA ARG TB 87 -25.75 32.99 -80.98
C ARG TB 87 -25.90 31.53 -80.54
N ASP TB 88 -25.93 31.25 -79.23
CA ASP TB 88 -26.30 29.92 -78.78
C ASP TB 88 -27.80 29.69 -78.78
N ARG TB 89 -28.60 30.64 -78.28
CA ARG TB 89 -30.03 30.45 -78.19
C ARG TB 89 -30.72 30.44 -79.55
N ILE TB 90 -30.21 31.20 -80.53
CA ILE TB 90 -30.78 31.18 -81.87
C ILE TB 90 -30.60 29.80 -82.51
N LYS TB 91 -29.36 29.29 -82.48
CA LYS TB 91 -29.08 27.97 -83.04
C LYS TB 91 -29.79 26.88 -82.26
N ARG TB 92 -29.90 27.02 -80.94
CA ARG TB 92 -30.56 26.01 -80.13
C ARG TB 92 -32.06 25.95 -80.41
N ALA TB 93 -32.70 27.12 -80.49
CA ALA TB 93 -34.12 27.19 -80.83
C ALA TB 93 -34.39 26.63 -82.21
N PHE TB 94 -33.54 27.00 -83.19
CA PHE TB 94 -33.72 26.52 -84.56
C PHE TB 94 -33.54 25.00 -84.65
N LEU TB 95 -32.49 24.47 -84.01
CA LEU TB 95 -32.24 23.03 -84.09
C LEU TB 95 -33.31 22.22 -83.37
N ILE TB 96 -33.76 22.67 -82.20
CA ILE TB 96 -34.76 21.90 -81.48
C ILE TB 96 -36.12 21.98 -82.19
N GLU TB 97 -36.46 23.13 -82.78
CA GLU TB 97 -37.72 23.21 -83.51
C GLU TB 97 -37.68 22.37 -84.79
N GLU TB 98 -36.55 22.36 -85.50
CA GLU TB 98 -36.46 21.52 -86.69
C GLU TB 98 -36.46 20.04 -86.36
N GLN TB 99 -35.84 19.65 -85.24
CA GLN TB 99 -35.90 18.25 -84.84
C GLN TB 99 -37.29 17.85 -84.34
N LYS TB 100 -38.04 18.78 -83.75
CA LYS TB 100 -39.43 18.47 -83.42
C LYS TB 100 -40.30 18.33 -84.66
N ILE TB 101 -40.00 19.10 -85.72
CA ILE TB 101 -40.70 18.90 -86.99
C ILE TB 101 -40.34 17.54 -87.60
N VAL TB 102 -39.07 17.13 -87.48
CA VAL TB 102 -38.65 15.82 -87.99
C VAL TB 102 -39.31 14.69 -87.21
N VAL TB 103 -39.39 14.81 -85.88
CA VAL TB 103 -40.06 13.80 -85.07
C VAL TB 103 -41.57 13.77 -85.36
N LYS TB 104 -42.17 14.93 -85.62
CA LYS TB 104 -43.59 14.99 -85.95
C LYS TB 104 -43.88 14.32 -87.30
N VAL TB 105 -43.05 14.58 -88.31
CA VAL TB 105 -43.29 13.93 -89.60
C VAL TB 105 -42.91 12.45 -89.57
N LEU TB 106 -41.99 12.05 -88.69
CA LEU TB 106 -41.69 10.63 -88.54
C LEU TB 106 -42.84 9.89 -87.85
N LYS TB 107 -43.47 10.53 -86.86
CA LYS TB 107 -44.67 9.95 -86.26
C LYS TB 107 -45.84 9.95 -87.23
N ALA TB 108 -45.92 10.93 -88.13
CA ALA TB 108 -46.95 10.92 -89.16
C ALA TB 108 -46.74 9.78 -90.15
N GLN TB 109 -45.48 9.53 -90.53
CA GLN TB 109 -45.19 8.38 -91.38
C GLN TB 109 -45.44 7.05 -90.67
N ALA TB 110 -45.22 7.01 -89.35
CA ALA TB 110 -45.53 5.80 -88.58
C ALA TB 110 -47.03 5.57 -88.51
N GLN TB 111 -47.81 6.66 -88.37
CA GLN TB 111 -49.27 6.54 -88.39
C GLN TB 111 -49.78 6.12 -89.77
N SER TB 112 -49.12 6.58 -90.83
CA SER TB 112 -49.55 6.22 -92.18
C SER TB 112 -49.19 4.77 -92.51
N GLN TB 113 -48.02 4.31 -92.07
CA GLN TB 113 -47.58 2.95 -92.35
C GLN TB 113 -48.07 1.93 -91.33
N LYS TB 114 -48.68 2.37 -90.22
CA LYS TB 114 -49.19 1.44 -89.23
C LYS TB 114 -50.66 1.73 -88.93
N ALA UB 1 -57.62 108.92 -27.15
CA ALA UB 1 -58.61 108.04 -27.75
C ALA UB 1 -58.49 106.63 -27.21
N LYS UB 2 -59.64 105.98 -27.00
CA LYS UB 2 -59.71 104.63 -26.47
C LYS UB 2 -60.64 103.79 -27.34
N ILE UB 3 -60.70 102.50 -27.02
CA ILE UB 3 -61.55 101.55 -27.72
C ILE UB 3 -62.47 100.92 -26.70
N LYS UB 4 -63.76 101.22 -26.79
CA LYS UB 4 -64.78 100.73 -25.88
C LYS UB 4 -65.59 99.63 -26.54
N ALA UB 5 -65.94 98.60 -25.75
CA ALA UB 5 -66.67 97.46 -26.27
C ALA UB 5 -68.08 97.82 -26.69
N ARG UB 6 -68.72 98.77 -25.99
CA ARG UB 6 -70.04 99.23 -26.39
C ARG UB 6 -69.99 100.02 -27.69
N ASP UB 7 -68.86 100.68 -27.97
CA ASP UB 7 -68.68 101.31 -29.26
C ASP UB 7 -68.38 100.28 -30.34
N LEU UB 8 -67.70 99.19 -29.98
CA LEU UB 8 -67.37 98.15 -30.96
C LEU UB 8 -68.60 97.34 -31.37
N ARG UB 9 -69.53 97.12 -30.44
CA ARG UB 9 -70.69 96.29 -30.74
C ARG UB 9 -71.68 96.95 -31.69
N GLY UB 10 -71.61 98.27 -31.86
CA GLY UB 10 -72.51 98.96 -32.76
C GLY UB 10 -72.05 99.07 -34.19
N LYS UB 11 -70.88 98.53 -34.52
CA LYS UB 11 -70.31 98.66 -35.86
C LYS UB 11 -70.46 97.35 -36.64
N LYS UB 12 -70.19 97.44 -37.93
CA LYS UB 12 -70.20 96.29 -38.82
C LYS UB 12 -68.81 95.65 -38.89
N LYS UB 13 -68.75 94.43 -39.41
CA LYS UB 13 -67.50 93.67 -39.40
C LYS UB 13 -66.49 94.21 -40.41
N GLU UB 14 -66.93 94.89 -41.47
CA GLU UB 14 -65.99 95.43 -42.44
C GLU UB 14 -65.24 96.63 -41.91
N GLU UB 15 -65.77 97.30 -40.88
CA GLU UB 15 -65.03 98.35 -40.19
C GLU UB 15 -64.20 97.80 -39.05
N LEU UB 16 -64.70 96.77 -38.36
CA LEU UB 16 -63.95 96.14 -37.27
C LEU UB 16 -62.70 95.45 -37.78
N LEU UB 17 -62.76 94.86 -38.97
CA LEU UB 17 -61.57 94.21 -39.53
C LEU UB 17 -60.50 95.23 -39.91
N LYS UB 18 -60.91 96.37 -40.47
CA LYS UB 18 -59.95 97.42 -40.80
C LYS UB 18 -59.37 98.06 -39.56
N GLN UB 19 -60.18 98.23 -38.50
CA GLN UB 19 -59.68 98.79 -37.27
C GLN UB 19 -58.75 97.81 -36.55
N LEU UB 20 -59.02 96.50 -36.67
CA LEU UB 20 -58.11 95.49 -36.15
C LEU UB 20 -56.80 95.47 -36.94
N ASP UB 21 -56.87 95.67 -38.25
CA ASP UB 21 -55.64 95.75 -39.05
C ASP UB 21 -54.81 96.97 -38.68
N ASP UB 22 -55.47 98.10 -38.40
CA ASP UB 22 -54.75 99.29 -37.92
C ASP UB 22 -54.12 99.06 -36.56
N LEU UB 23 -54.83 98.36 -35.67
CA LEU UB 23 -54.25 97.97 -34.38
C LEU UB 23 -53.07 97.04 -34.53
N LYS UB 24 -53.10 96.11 -35.49
CA LYS UB 24 -51.96 95.22 -35.69
C LYS UB 24 -50.79 95.94 -36.34
N VAL UB 25 -51.06 96.95 -37.19
CA VAL UB 25 -49.96 97.76 -37.73
C VAL UB 25 -49.27 98.54 -36.63
N GLU UB 26 -50.06 99.14 -35.72
CA GLU UB 26 -49.46 99.83 -34.59
C GLU UB 26 -48.79 98.85 -33.62
N LEU UB 27 -49.31 97.63 -33.53
CA LEU UB 27 -48.69 96.57 -32.74
C LEU UB 27 -47.29 96.24 -33.27
N SER UB 28 -47.16 96.11 -34.60
CA SER UB 28 -45.86 95.81 -35.19
C SER UB 28 -44.89 96.98 -35.05
N GLN UB 29 -45.39 98.21 -35.25
CA GLN UB 29 -44.54 99.39 -35.12
C GLN UB 29 -44.04 99.57 -33.69
N LEU UB 30 -44.88 99.29 -32.70
CA LEU UB 30 -44.41 99.39 -31.33
C LEU UB 30 -43.65 98.14 -30.86
N ARG UB 31 -43.75 97.02 -31.58
CA ARG UB 31 -42.76 95.95 -31.39
C ARG UB 31 -41.37 96.41 -31.84
N VAL UB 32 -41.30 97.09 -32.97
CA VAL UB 32 -40.04 97.67 -33.44
C VAL UB 32 -39.53 98.71 -32.44
N ALA UB 33 -40.45 99.52 -31.89
CA ALA UB 33 -40.09 100.50 -30.87
C ALA UB 33 -39.66 99.83 -29.56
N LYS UB 34 -40.19 98.65 -29.26
CA LYS UB 34 -39.76 97.88 -28.09
C LYS UB 34 -38.36 97.33 -28.29
N VAL UB 35 -38.05 96.89 -29.50
CA VAL UB 35 -36.71 96.37 -29.79
C VAL UB 35 -35.68 97.49 -29.73
N THR UB 36 -35.95 98.61 -30.40
CA THR UB 36 -35.02 99.72 -30.34
C THR UB 36 -35.11 100.43 -28.99
N GLY UB 37 -34.13 101.29 -28.73
CA GLY UB 37 -33.97 101.85 -27.39
C GLY UB 37 -34.88 102.99 -27.02
N GLY UB 38 -34.74 104.13 -27.69
CA GLY UB 38 -35.36 105.36 -27.24
C GLY UB 38 -36.84 105.51 -27.51
N ALA UB 39 -37.65 104.61 -26.97
CA ALA UB 39 -39.11 104.67 -27.10
C ALA UB 39 -39.78 104.32 -25.78
N ALA UB 40 -39.27 104.89 -24.68
CA ALA UB 40 -39.68 104.46 -23.34
C ALA UB 40 -41.10 104.86 -22.98
N SER UB 41 -41.70 105.80 -23.71
CA SER UB 41 -43.09 106.19 -23.48
C SER UB 41 -44.08 105.44 -24.36
N LYS UB 42 -43.71 104.25 -24.84
CA LYS UB 42 -44.54 103.49 -25.75
C LYS UB 42 -44.85 102.09 -25.24
N LEU UB 43 -44.34 101.72 -24.08
CA LEU UB 43 -44.47 100.34 -23.63
C LEU UB 43 -45.81 100.11 -22.91
N SER UB 44 -46.26 101.08 -22.12
CA SER UB 44 -47.65 101.06 -21.66
C SER UB 44 -48.62 101.21 -22.82
N LYS UB 45 -48.19 101.92 -23.87
CA LYS UB 45 -49.02 102.05 -25.07
C LYS UB 45 -49.18 100.72 -25.79
N ILE UB 46 -48.11 99.91 -25.89
CA ILE UB 46 -48.28 98.62 -26.54
C ILE UB 46 -49.02 97.64 -25.61
N ARG UB 47 -48.94 97.85 -24.29
CA ARG UB 47 -49.79 97.09 -23.37
C ARG UB 47 -51.27 97.36 -23.64
N VAL UB 48 -51.67 98.63 -23.71
CA VAL UB 48 -53.09 98.91 -23.95
C VAL UB 48 -53.49 98.63 -25.40
N VAL UB 49 -52.53 98.61 -26.34
CA VAL UB 49 -52.83 98.19 -27.71
C VAL UB 49 -53.19 96.71 -27.76
N ARG UB 50 -52.40 95.85 -27.10
CA ARG UB 50 -52.76 94.43 -27.13
C ARG UB 50 -54.01 94.13 -26.30
N LYS UB 51 -54.25 94.90 -25.22
CA LYS UB 51 -55.52 94.77 -24.52
C LYS UB 51 -56.71 95.23 -25.37
N SER UB 52 -56.49 96.18 -26.29
CA SER UB 52 -57.54 96.58 -27.21
C SER UB 52 -57.76 95.56 -28.32
N ILE UB 53 -56.69 94.91 -28.79
CA ILE UB 53 -56.81 93.85 -29.80
C ILE UB 53 -57.61 92.68 -29.23
N ALA UB 54 -57.40 92.36 -27.94
CA ALA UB 54 -58.22 91.35 -27.29
C ALA UB 54 -59.69 91.74 -27.25
N ARG UB 55 -59.99 93.02 -27.01
CA ARG UB 55 -61.37 93.49 -26.98
C ARG UB 55 -62.02 93.40 -28.36
N VAL UB 56 -61.29 93.79 -29.41
CA VAL UB 56 -61.85 93.78 -30.76
C VAL UB 56 -62.11 92.35 -31.22
N LEU UB 57 -61.16 91.45 -30.98
CA LEU UB 57 -61.37 90.04 -31.30
C LEU UB 57 -62.52 89.43 -30.51
N THR UB 58 -62.68 89.83 -29.24
CA THR UB 58 -63.78 89.30 -28.44
C THR UB 58 -65.12 89.78 -28.95
N VAL UB 59 -65.22 91.06 -29.33
CA VAL UB 59 -66.50 91.60 -29.84
C VAL UB 59 -66.85 90.98 -31.19
N ILE UB 60 -65.85 90.74 -32.05
CA ILE UB 60 -66.10 90.09 -33.34
C ILE UB 60 -66.57 88.66 -33.13
N ASN UB 61 -65.97 87.94 -32.17
CA ASN UB 61 -66.41 86.57 -31.90
C ASN UB 61 -67.79 86.51 -31.26
N GLN UB 62 -68.12 87.47 -30.39
CA GLN UB 62 -69.48 87.57 -29.84
C GLN UB 62 -70.50 87.80 -30.94
N THR UB 63 -70.19 88.71 -31.87
CA THR UB 63 -71.09 89.01 -32.98
C THR UB 63 -71.29 87.79 -33.88
N GLN UB 64 -70.20 87.07 -34.18
CA GLN UB 64 -70.31 85.87 -35.01
C GLN UB 64 -71.08 84.76 -34.31
N LYS UB 65 -70.89 84.62 -32.99
CA LYS UB 65 -71.58 83.55 -32.27
C LYS UB 65 -73.08 83.82 -32.17
N GLU UB 66 -73.47 85.06 -31.87
CA GLU UB 66 -74.89 85.36 -31.82
C GLU UB 66 -75.52 85.34 -33.20
N ASN UB 67 -74.76 85.70 -34.24
CA ASN UB 67 -75.27 85.63 -35.60
C ASN UB 67 -75.46 84.18 -36.04
N LEU UB 68 -74.60 83.27 -35.57
CA LEU UB 68 -74.82 81.85 -35.84
C LEU UB 68 -76.02 81.32 -35.07
N ARG UB 69 -76.17 81.72 -33.81
CA ARG UB 69 -77.30 81.26 -33.00
C ARG UB 69 -78.65 81.77 -33.51
N LYS UB 70 -78.66 82.91 -34.23
CA LYS UB 70 -79.91 83.42 -34.78
C LYS UB 70 -80.56 82.46 -35.77
N PHE UB 71 -79.75 81.81 -36.62
CA PHE UB 71 -80.34 80.87 -37.58
C PHE UB 71 -80.00 79.42 -37.29
N TYR UB 72 -79.30 79.11 -36.20
CA TYR UB 72 -79.28 77.74 -35.71
C TYR UB 72 -80.18 77.53 -34.50
N LYS UB 73 -80.86 78.57 -34.04
CA LYS UB 73 -81.81 78.41 -32.95
C LYS UB 73 -83.10 77.78 -33.46
N GLY UB 74 -83.61 76.82 -32.70
CA GLY UB 74 -84.88 76.18 -33.02
C GLY UB 74 -84.82 75.15 -34.12
N LYS UB 75 -83.64 74.83 -34.64
CA LYS UB 75 -83.48 73.85 -35.69
C LYS UB 75 -83.13 72.49 -35.10
N LYS UB 76 -83.51 71.44 -35.81
CA LYS UB 76 -83.15 70.08 -35.40
C LYS UB 76 -81.67 69.85 -35.67
N TYR UB 77 -81.01 69.18 -34.72
CA TYR UB 77 -79.59 68.78 -34.79
C TYR UB 77 -78.68 70.01 -34.90
N LYS UB 78 -78.73 70.86 -33.88
CA LYS UB 78 -77.84 72.01 -33.81
C LYS UB 78 -76.41 71.54 -33.53
N PRO UB 79 -75.40 72.30 -33.99
CA PRO UB 79 -74.01 71.83 -33.88
C PRO UB 79 -73.49 71.75 -32.46
N LEU UB 80 -72.30 71.17 -32.35
CA LEU UB 80 -71.79 70.70 -31.06
C LEU UB 80 -71.35 71.85 -30.16
N ASP UB 81 -70.82 72.93 -30.74
CA ASP UB 81 -70.46 74.08 -29.92
C ASP UB 81 -71.67 74.86 -29.46
N LEU UB 82 -72.82 74.71 -30.14
CA LEU UB 82 -74.03 75.42 -29.79
C LEU UB 82 -74.94 74.62 -28.86
N ARG UB 83 -74.65 73.34 -28.66
CA ARG UB 83 -75.37 72.54 -27.67
C ARG UB 83 -74.97 72.99 -26.26
N PRO UB 84 -75.82 72.73 -25.27
CA PRO UB 84 -75.42 73.06 -23.88
C PRO UB 84 -74.26 72.18 -23.41
N LYS UB 85 -73.50 72.74 -22.48
CA LYS UB 85 -72.18 72.23 -22.13
C LYS UB 85 -72.15 71.46 -20.81
N LYS UB 86 -73.18 71.61 -19.98
CA LYS UB 86 -73.15 71.62 -18.51
C LYS UB 86 -72.19 70.63 -17.85
N THR UB 87 -72.47 69.33 -18.00
CA THR UB 87 -71.60 68.23 -17.62
C THR UB 87 -72.22 66.96 -18.20
N ARG UB 88 -71.46 65.86 -18.11
CA ARG UB 88 -71.85 64.63 -18.77
C ARG UB 88 -73.07 63.99 -18.10
N ALA UB 89 -73.16 64.08 -16.78
CA ALA UB 89 -74.34 63.54 -16.08
C ALA UB 89 -75.59 64.34 -16.41
N MET UB 90 -75.46 65.65 -16.59
CA MET UB 90 -76.61 66.43 -17.01
C MET UB 90 -76.88 66.32 -18.51
N ARG UB 91 -75.96 65.76 -19.30
CA ARG UB 91 -76.34 65.31 -20.64
C ARG UB 91 -77.02 63.96 -20.64
N ARG UB 92 -76.71 63.08 -19.69
CA ARG UB 92 -77.34 61.76 -19.63
C ARG UB 92 -78.60 61.75 -18.76
N ARG UB 93 -78.96 62.88 -18.17
CA ARG UB 93 -80.34 63.11 -17.77
C ARG UB 93 -81.26 62.89 -18.97
N LEU UB 94 -82.37 62.20 -18.75
CA LEU UB 94 -83.26 61.84 -19.85
C LEU UB 94 -83.92 63.05 -20.50
N ASN UB 95 -84.88 63.65 -19.80
CA ASN UB 95 -85.67 64.83 -20.14
C ASN UB 95 -86.64 65.03 -18.98
N LYS UB 96 -87.16 66.25 -18.85
CA LYS UB 96 -88.30 66.43 -17.95
C LYS UB 96 -89.54 65.75 -18.51
N HIS UB 97 -89.70 65.73 -19.85
CA HIS UB 97 -90.81 65.02 -20.47
C HIS UB 97 -90.65 63.51 -20.36
N GLU UB 98 -89.44 63.01 -20.57
CA GLU UB 98 -89.20 61.57 -20.44
C GLU UB 98 -89.19 61.13 -18.97
N GLU UB 99 -89.02 62.05 -18.04
CA GLU UB 99 -89.17 61.71 -16.62
C GLU UB 99 -90.63 61.70 -16.21
N ASN UB 100 -91.41 62.69 -16.67
CA ASN UB 100 -92.83 62.75 -16.35
C ASN UB 100 -93.67 61.79 -17.17
N LEU UB 101 -93.10 61.15 -18.19
CA LEU UB 101 -93.84 60.20 -19.00
C LEU UB 101 -94.05 58.92 -18.19
N LYS UB 102 -95.32 58.62 -17.88
CA LYS UB 102 -95.69 57.52 -17.01
C LYS UB 102 -96.51 56.52 -17.81
N THR UB 103 -96.45 55.26 -17.39
CA THR UB 103 -97.18 54.21 -18.10
C THR UB 103 -98.68 54.32 -17.83
N LYS UB 104 -99.47 53.74 -18.74
CA LYS UB 104 -100.91 53.90 -18.72
C LYS UB 104 -101.55 53.21 -17.52
N LYS UB 105 -100.98 52.07 -17.10
CA LYS UB 105 -101.50 51.36 -15.93
C LYS UB 105 -101.32 52.19 -14.66
N GLN UB 106 -100.14 52.78 -14.47
CA GLN UB 106 -99.90 53.60 -13.31
C GLN UB 106 -100.67 54.93 -13.38
N GLN UB 107 -100.86 55.46 -14.59
CA GLN UB 107 -101.68 56.66 -14.75
C GLN UB 107 -103.14 56.40 -14.36
N ARG UB 108 -103.72 55.31 -14.85
CA ARG UB 108 -105.10 54.98 -14.49
C ARG UB 108 -105.23 54.59 -13.03
N LYS UB 109 -104.18 54.01 -12.45
CA LYS UB 109 -104.17 53.68 -11.03
C LYS UB 109 -104.18 54.95 -10.18
N GLU UB 110 -103.42 55.97 -10.59
CA GLU UB 110 -103.46 57.24 -9.89
C GLU UB 110 -104.76 58.00 -10.16
N ARG UB 111 -105.39 57.77 -11.32
CA ARG UB 111 -106.71 58.34 -11.57
C ARG UB 111 -107.76 57.76 -10.63
N LEU UB 112 -107.73 56.43 -10.46
CA LEU UB 112 -108.74 55.77 -9.63
C LEU UB 112 -108.51 56.01 -8.14
N TYR UB 113 -107.27 55.81 -7.68
CA TYR UB 113 -106.98 55.77 -6.24
C TYR UB 113 -105.93 56.82 -5.90
N PRO UB 114 -106.34 58.07 -5.65
CA PRO UB 114 -105.39 59.11 -5.30
C PRO UB 114 -105.11 59.15 -3.80
N LEU UB 115 -104.02 59.83 -3.44
CA LEU UB 115 -103.65 59.97 -2.05
C LEU UB 115 -104.58 60.97 -1.34
N ARG UB 116 -104.97 60.62 -0.12
CA ARG UB 116 -105.96 61.39 0.63
C ARG UB 116 -105.30 62.29 1.66
N LYS UB 117 -106.05 63.29 2.11
CA LYS UB 117 -105.67 64.15 3.23
C LYS UB 117 -106.62 63.89 4.39
N TYR UB 118 -106.08 63.69 5.59
CA TYR UB 118 -106.92 63.32 6.73
C TYR UB 118 -106.23 63.70 8.03
N ALA UB 119 -106.94 63.45 9.13
CA ALA UB 119 -106.45 63.63 10.48
C ALA UB 119 -107.29 62.75 11.38
N VAL UB 120 -106.66 62.16 12.40
CA VAL UB 120 -107.31 61.16 13.25
C VAL UB 120 -107.15 61.56 14.72
N LYS UB 121 -108.14 62.28 15.24
CA LYS UB 121 -108.27 62.49 16.68
C LYS UB 121 -109.66 62.18 17.20
N ALA UB 122 -110.71 62.55 16.46
CA ALA UB 122 -112.07 62.33 16.91
C ALA UB 122 -113.00 62.08 15.72
N TYR VB 1 -109.57 19.95 31.72
CA TYR VB 1 -108.92 20.96 32.55
C TYR VB 1 -107.69 21.54 31.85
N PRO VB 2 -107.52 22.85 31.93
CA PRO VB 2 -106.44 23.50 31.18
C PRO VB 2 -105.08 23.26 31.80
N MET VB 3 -104.07 23.17 30.94
CA MET VB 3 -102.70 22.96 31.37
C MET VB 3 -101.77 23.49 30.29
N ALA VB 4 -100.51 23.71 30.68
CA ALA VB 4 -99.54 24.29 29.76
C ALA VB 4 -98.96 23.23 28.82
N VAL VB 5 -98.32 22.20 29.39
CA VAL VB 5 -97.65 21.19 28.61
C VAL VB 5 -98.44 19.88 28.69
N GLY VB 6 -98.02 18.91 27.88
CA GLY VB 6 -98.68 17.62 27.85
C GLY VB 6 -99.05 17.19 26.45
N LEU VB 7 -100.10 16.38 26.32
CA LEU VB 7 -100.54 15.95 24.99
C LEU VB 7 -101.26 17.08 24.27
N ASN VB 8 -102.11 17.82 24.98
CA ASN VB 8 -102.80 18.99 24.44
C ASN VB 8 -102.11 20.22 25.00
N LYS VB 9 -101.19 20.79 24.21
CA LYS VB 9 -100.35 21.89 24.64
C LYS VB 9 -100.87 23.19 24.06
N GLY VB 10 -101.02 24.20 24.91
CA GLY VB 10 -101.37 25.52 24.45
C GLY VB 10 -102.63 26.11 25.02
N HIS VB 11 -102.83 27.41 24.80
CA HIS VB 11 -104.04 28.08 25.26
C HIS VB 11 -105.22 27.72 24.38
N LYS VB 12 -106.40 27.58 24.99
CA LYS VB 12 -107.60 27.18 24.27
C LYS VB 12 -108.14 28.37 23.49
N VAL VB 13 -107.91 28.37 22.18
CA VAL VB 13 -108.46 29.39 21.29
C VAL VB 13 -109.27 28.71 20.21
N THR VB 14 -110.16 29.47 19.58
CA THR VB 14 -110.99 28.94 18.50
C THR VB 14 -110.27 29.06 17.16
N LYS VB 15 -110.39 28.03 16.33
CA LYS VB 15 -109.75 28.03 15.03
C LYS VB 15 -110.45 29.00 14.08
N ASN VB 16 -109.71 29.43 13.07
CA ASN VB 16 -110.18 30.40 12.07
C ASN VB 16 -109.90 29.86 10.68
N VAL VB 17 -110.34 28.64 10.42
CA VAL VB 17 -110.09 27.96 9.15
C VAL VB 17 -110.89 28.65 8.05
N SER VB 18 -110.19 29.14 7.03
CA SER VB 18 -110.80 29.84 5.92
C SER VB 18 -110.38 29.19 4.59
N LYS VB 19 -110.67 29.86 3.48
CA LYS VB 19 -110.28 29.34 2.18
C LYS VB 19 -108.77 29.44 2.01
N PRO VB 20 -108.14 28.43 1.40
CA PRO VB 20 -106.70 28.47 1.20
C PRO VB 20 -106.31 29.52 0.16
N ARG VB 21 -105.08 30.01 0.30
CA ARG VB 21 -104.58 31.08 -0.57
C ARG VB 21 -104.26 30.53 -1.95
N HIS VB 22 -103.94 31.44 -2.87
CA HIS VB 22 -103.66 31.06 -4.24
C HIS VB 22 -102.27 30.43 -4.39
N SER VB 23 -101.38 30.62 -3.42
CA SER VB 23 -100.05 30.02 -3.51
C SER VB 23 -100.08 28.51 -3.34
N ARG VB 24 -101.13 27.96 -2.73
CA ARG VB 24 -101.27 26.52 -2.67
C ARG VB 24 -101.63 25.94 -4.04
N ARG VB 25 -102.31 26.72 -4.86
CA ARG VB 25 -102.60 26.36 -6.26
C ARG VB 25 -101.36 26.64 -7.09
N ARG VB 26 -100.40 25.72 -6.98
CA ARG VB 26 -99.12 25.86 -7.69
C ARG VB 26 -98.85 24.71 -8.65
N GLY VB 27 -98.95 23.46 -8.18
CA GLY VB 27 -98.64 22.33 -9.02
C GLY VB 27 -99.78 21.32 -9.11
N ARG VB 28 -101.00 21.83 -9.23
CA ARG VB 28 -102.19 20.99 -9.18
C ARG VB 28 -102.43 20.32 -10.53
N LEU VB 29 -103.66 19.83 -10.73
CA LEU VB 29 -103.99 18.91 -11.82
C LEU VB 29 -103.81 19.56 -13.19
N THR VB 30 -104.58 20.61 -13.47
CA THR VB 30 -104.40 21.53 -14.61
C THR VB 30 -104.47 20.78 -15.94
N LYS VB 31 -105.71 20.37 -16.27
CA LYS VB 31 -106.01 19.51 -17.41
C LYS VB 31 -105.49 20.03 -18.75
N HIS VB 32 -105.36 21.36 -18.91
CA HIS VB 32 -104.78 21.90 -20.13
C HIS VB 32 -103.31 21.52 -20.27
N THR VB 33 -102.52 21.74 -19.21
CA THR VB 33 -101.13 21.31 -19.24
C THR VB 33 -100.99 19.79 -19.21
N LYS VB 34 -101.98 19.08 -18.67
CA LYS VB 34 -102.02 17.63 -18.81
C LYS VB 34 -102.16 17.21 -20.25
N PHE VB 35 -103.04 17.88 -21.01
CA PHE VB 35 -103.15 17.63 -22.45
C PHE VB 35 -101.85 17.94 -23.17
N VAL VB 36 -101.19 19.04 -22.78
CA VAL VB 36 -99.91 19.43 -23.37
C VAL VB 36 -98.85 18.35 -23.15
N ARG VB 37 -98.70 17.90 -21.90
CA ARG VB 37 -97.69 16.90 -21.57
C ARG VB 37 -98.02 15.54 -22.19
N ASP VB 38 -99.29 15.12 -22.11
CA ASP VB 38 -99.69 13.81 -22.63
C ASP VB 38 -99.66 13.77 -24.15
N MET VB 39 -99.69 14.92 -24.82
CA MET VB 39 -99.38 14.94 -26.24
C MET VB 39 -97.89 14.87 -26.47
N ILE VB 40 -97.11 15.70 -25.77
CA ILE VB 40 -95.70 15.88 -26.10
C ILE VB 40 -94.84 14.68 -25.71
N ARG VB 41 -95.34 13.79 -24.83
CA ARG VB 41 -94.62 12.55 -24.54
C ARG VB 41 -94.50 11.68 -25.79
N GLU VB 42 -95.61 11.44 -26.47
CA GLU VB 42 -95.55 10.67 -27.70
C GLU VB 42 -95.23 11.54 -28.92
N VAL VB 43 -95.12 12.85 -28.76
CA VAL VB 43 -94.44 13.65 -29.77
C VAL VB 43 -92.94 13.37 -29.76
N CYS VB 44 -92.31 13.50 -28.58
CA CYS VB 44 -90.86 13.40 -28.50
C CYS VB 44 -90.39 11.94 -28.51
N GLY VB 45 -90.81 11.16 -27.51
CA GLY VB 45 -90.30 9.83 -27.33
C GLY VB 45 -89.94 9.57 -25.89
N PHE VB 46 -88.81 8.93 -25.63
CA PHE VB 46 -88.39 8.65 -24.27
C PHE VB 46 -86.89 8.87 -24.13
N ALA VB 47 -86.47 9.21 -22.91
CA ALA VB 47 -85.07 9.31 -22.57
C ALA VB 47 -84.43 7.92 -22.58
N PRO VB 48 -83.09 7.84 -22.75
CA PRO VB 48 -82.45 6.51 -22.74
C PRO VB 48 -82.55 5.76 -21.42
N TYR VB 49 -82.43 6.46 -20.29
CA TYR VB 49 -82.61 5.79 -19.01
C TYR VB 49 -84.05 5.34 -18.81
N GLU VB 50 -85.01 6.08 -19.37
CA GLU VB 50 -86.39 5.62 -19.37
C GLU VB 50 -86.57 4.39 -20.25
N ARG VB 51 -85.90 4.36 -21.41
CA ARG VB 51 -86.02 3.24 -22.34
C ARG VB 51 -85.38 1.98 -21.81
N ARG VB 52 -84.38 2.07 -20.94
CA ARG VB 52 -83.90 0.84 -20.32
C ARG VB 52 -84.55 0.54 -18.97
N ALA VB 53 -85.06 1.56 -18.27
CA ALA VB 53 -85.80 1.33 -17.04
C ALA VB 53 -87.15 0.68 -17.30
N MET VB 54 -87.77 0.96 -18.44
CA MET VB 54 -88.98 0.23 -18.81
C MET VB 54 -88.71 -1.25 -19.10
N GLU VB 55 -87.55 -1.57 -19.68
CA GLU VB 55 -87.19 -2.97 -19.86
C GLU VB 55 -86.89 -3.65 -18.52
N LEU VB 56 -86.19 -2.94 -17.63
CA LEU VB 56 -85.90 -3.50 -16.30
C LEU VB 56 -87.17 -3.65 -15.47
N LEU VB 57 -88.17 -2.78 -15.68
CA LEU VB 57 -89.44 -2.91 -14.98
C LEU VB 57 -90.31 -3.99 -15.63
N LYS VB 58 -90.11 -4.24 -16.92
CA LYS VB 58 -90.88 -5.28 -17.58
C LYS VB 58 -90.39 -6.66 -17.18
N VAL VB 59 -89.11 -6.97 -17.42
CA VAL VB 59 -88.64 -8.34 -17.32
C VAL VB 59 -87.79 -8.59 -16.07
N SER VB 60 -86.97 -7.63 -15.62
CA SER VB 60 -85.94 -7.98 -14.63
C SER VB 60 -86.48 -8.00 -13.21
N LYS VB 61 -86.79 -6.82 -12.66
CA LYS VB 61 -87.17 -6.68 -11.26
C LYS VB 61 -87.64 -5.26 -11.00
N ASP VB 62 -88.71 -5.12 -10.22
CA ASP VB 62 -89.18 -3.80 -9.81
C ASP VB 62 -88.18 -3.15 -8.85
N LYS VB 63 -87.57 -3.94 -7.98
CA LYS VB 63 -86.57 -3.41 -7.05
C LYS VB 63 -85.31 -2.97 -7.80
N ARG VB 64 -84.91 -3.73 -8.82
CA ARG VB 64 -83.75 -3.34 -9.63
C ARG VB 64 -84.05 -2.09 -10.45
N ALA VB 65 -85.29 -1.97 -10.95
CA ALA VB 65 -85.68 -0.77 -11.67
C ALA VB 65 -85.69 0.46 -10.75
N LEU VB 66 -86.23 0.31 -9.54
CA LEU VB 66 -86.21 1.39 -8.57
C LEU VB 66 -84.79 1.73 -8.12
N LYS VB 67 -83.89 0.75 -8.05
CA LYS VB 67 -82.50 1.05 -7.69
C LYS VB 67 -81.79 1.80 -8.82
N PHE VB 68 -82.08 1.44 -10.07
CA PHE VB 68 -81.52 2.17 -11.21
C PHE VB 68 -82.04 3.60 -11.26
N ILE VB 69 -83.33 3.81 -10.97
CA ILE VB 69 -83.86 5.16 -10.96
C ILE VB 69 -83.34 5.95 -9.77
N LYS VB 70 -83.14 5.29 -8.61
CA LYS VB 70 -82.51 5.95 -7.47
C LYS VB 70 -81.08 6.36 -7.79
N LYS VB 71 -80.38 5.58 -8.61
CA LYS VB 71 -79.03 5.97 -9.00
C LYS VB 71 -79.04 7.12 -10.00
N ARG VB 72 -80.00 7.11 -10.93
CA ARG VB 72 -79.97 8.08 -12.02
C ARG VB 72 -80.62 9.42 -11.70
N VAL VB 73 -81.68 9.46 -10.88
CA VAL VB 73 -82.23 10.73 -10.46
C VAL VB 73 -81.98 10.88 -8.97
N GLY VB 74 -82.42 12.00 -8.39
CA GLY VB 74 -81.97 12.42 -7.07
C GLY VB 74 -82.28 11.54 -5.87
N THR VB 75 -83.54 11.47 -5.46
CA THR VB 75 -83.87 10.89 -4.16
C THR VB 75 -84.81 9.70 -4.30
N HIS VB 76 -85.10 9.10 -3.14
CA HIS VB 76 -85.91 7.89 -3.09
C HIS VB 76 -87.36 8.16 -3.45
N ILE VB 77 -87.90 9.30 -3.03
CA ILE VB 77 -89.30 9.59 -3.32
C ILE VB 77 -89.46 9.98 -4.77
N ARG VB 78 -88.45 10.65 -5.35
CA ARG VB 78 -88.40 10.90 -6.78
C ARG VB 78 -88.34 9.59 -7.56
N ALA VB 79 -87.57 8.62 -7.06
CA ALA VB 79 -87.51 7.30 -7.69
C ALA VB 79 -88.86 6.59 -7.61
N LYS VB 80 -89.57 6.74 -6.48
CA LYS VB 80 -90.91 6.17 -6.34
C LYS VB 80 -91.87 6.76 -7.37
N ARG VB 81 -91.88 8.09 -7.51
CA ARG VB 81 -92.80 8.73 -8.45
C ARG VB 81 -92.44 8.42 -9.90
N LYS VB 82 -91.14 8.34 -10.22
CA LYS VB 82 -90.74 8.00 -11.57
C LYS VB 82 -91.06 6.53 -11.89
N ARG VB 83 -90.90 5.64 -10.90
CA ARG VB 83 -91.30 4.25 -11.07
C ARG VB 83 -92.79 4.11 -11.32
N GLU VB 84 -93.60 4.83 -10.54
CA GLU VB 84 -95.06 4.77 -10.73
C GLU VB 84 -95.48 5.37 -12.07
N GLU VB 85 -94.81 6.45 -12.51
CA GLU VB 85 -95.12 7.04 -13.81
C GLU VB 85 -94.77 6.10 -14.95
N LEU VB 86 -93.58 5.49 -14.92
CA LEU VB 86 -93.19 4.57 -15.97
C LEU VB 86 -94.03 3.29 -15.96
N SER VB 87 -94.43 2.83 -14.77
CA SER VB 87 -95.29 1.65 -14.70
C SER VB 87 -96.69 1.94 -15.23
N ASN VB 88 -97.20 3.15 -14.97
CA ASN VB 88 -98.51 3.52 -15.51
C ASN VB 88 -98.46 3.69 -17.02
N VAL VB 89 -97.39 4.28 -17.54
CA VAL VB 89 -97.24 4.41 -19.00
C VAL VB 89 -97.07 3.03 -19.65
N LEU VB 90 -96.36 2.12 -18.99
CA LEU VB 90 -96.17 0.77 -19.50
C LEU VB 90 -97.47 -0.01 -19.53
N ALA VB 91 -98.24 0.07 -18.43
CA ALA VB 91 -99.51 -0.64 -18.36
C ALA VB 91 -100.58 0.00 -19.23
N ALA VB 92 -100.44 1.29 -19.55
CA ALA VB 92 -101.40 1.92 -20.44
C ALA VB 92 -101.09 1.65 -21.90
N MET VB 93 -99.81 1.53 -22.26
CA MET VB 93 -99.45 1.35 -23.66
C MET VB 93 -99.34 -0.14 -24.03
N ARG VB 94 -98.43 -0.85 -23.38
CA ARG VB 94 -98.08 -2.20 -23.83
C ARG VB 94 -98.94 -3.28 -23.20
N LYS VB 95 -99.79 -2.94 -22.22
CA LYS VB 95 -100.77 -3.88 -21.69
C LYS VB 95 -102.18 -3.62 -22.22
N ALA VB 96 -102.31 -2.75 -23.22
CA ALA VB 96 -103.59 -2.49 -23.84
C ALA VB 96 -103.71 -3.22 -25.18
N ALA VB 97 -104.86 -3.83 -25.42
CA ALA VB 97 -105.09 -4.56 -26.66
C ALA VB 97 -105.35 -3.61 -27.83
N THR WB 1 -11.50 45.79 -11.86
CA THR WB 1 -12.14 46.65 -12.85
C THR WB 1 -13.64 46.77 -12.60
N LYS WB 2 -14.03 46.53 -11.34
CA LYS WB 2 -15.44 46.49 -10.97
C LYS WB 2 -16.02 47.89 -10.76
N GLY WB 3 -15.22 48.83 -10.26
CA GLY WB 3 -15.75 50.12 -9.88
C GLY WB 3 -15.48 51.26 -10.85
N THR WB 4 -14.51 52.12 -10.52
CA THR WB 4 -14.34 53.39 -11.20
C THR WB 4 -13.90 53.26 -12.64
N SER WB 5 -13.27 52.14 -13.02
CA SER WB 5 -12.99 51.93 -14.44
C SER WB 5 -14.23 51.44 -15.19
N SER WB 6 -15.24 50.95 -14.47
CA SER WB 6 -16.49 50.53 -15.08
C SER WB 6 -17.56 51.60 -15.07
N PHE WB 7 -17.45 52.61 -14.20
CA PHE WB 7 -18.34 53.76 -14.27
C PHE WB 7 -18.09 54.59 -15.53
N GLY WB 8 -16.89 54.53 -16.11
CA GLY WB 8 -16.57 55.33 -17.28
C GLY WB 8 -17.22 54.86 -18.56
N LYS WB 9 -17.80 53.67 -18.57
CA LYS WB 9 -18.40 53.13 -19.79
C LYS WB 9 -19.87 53.50 -19.92
N ARG WB 10 -20.48 54.07 -18.88
CA ARG WB 10 -21.88 54.48 -18.92
C ARG WB 10 -22.05 55.65 -19.88
N ARG WB 11 -22.56 55.35 -21.07
CA ARG WB 11 -22.60 56.31 -22.16
C ARG WB 11 -23.92 56.36 -22.92
N ASN WB 12 -24.73 55.30 -22.92
CA ASN WB 12 -25.96 55.25 -23.70
C ASN WB 12 -27.15 55.25 -22.76
N LYS WB 13 -27.88 56.36 -22.74
CA LYS WB 13 -29.04 56.47 -21.86
C LYS WB 13 -30.19 55.63 -22.37
N THR WB 14 -30.72 54.76 -21.49
CA THR WB 14 -31.84 53.91 -21.87
C THR WB 14 -33.18 54.57 -21.65
N HIS WB 15 -33.31 55.43 -20.64
CA HIS WB 15 -34.56 56.12 -20.35
C HIS WB 15 -34.55 57.49 -21.03
N THR WB 16 -35.71 57.87 -21.56
CA THR WB 16 -35.89 59.13 -22.25
C THR WB 16 -37.19 59.74 -21.74
N LEU WB 17 -37.31 61.07 -21.85
CA LEU WB 17 -38.51 61.78 -21.42
C LEU WB 17 -39.75 61.35 -22.18
N CYS WB 18 -40.66 60.69 -21.47
CA CYS WB 18 -41.92 60.27 -22.06
C CYS WB 18 -42.83 61.48 -22.28
N ARG WB 19 -43.95 61.24 -22.96
CA ARG WB 19 -44.79 62.33 -23.42
C ARG WB 19 -46.15 62.36 -22.74
N ARG WB 20 -46.40 61.51 -21.76
CA ARG WB 20 -47.68 61.55 -21.05
C ARG WB 20 -47.55 62.03 -19.62
N CYS WB 21 -46.48 61.65 -18.90
CA CYS WB 21 -46.21 62.22 -17.59
C CYS WB 21 -44.87 62.93 -17.50
N GLY WB 22 -43.95 62.71 -18.43
CA GLY WB 22 -42.72 63.48 -18.54
C GLY WB 22 -41.77 63.36 -17.37
N SER WB 23 -41.27 62.14 -17.10
CA SER WB 23 -40.46 61.91 -15.92
C SER WB 23 -39.19 61.12 -16.22
N LYS WB 24 -38.77 61.08 -17.49
CA LYS WB 24 -37.63 60.31 -17.97
C LYS WB 24 -37.77 58.84 -17.60
N ALA WB 25 -38.76 58.19 -18.23
CA ALA WB 25 -38.98 56.78 -17.96
C ALA WB 25 -39.37 55.99 -19.19
N TYR WB 26 -39.41 56.60 -20.38
CA TYR WB 26 -39.80 55.90 -21.60
C TYR WB 26 -38.62 55.03 -22.03
N HIS WB 27 -38.69 53.74 -21.70
CA HIS WB 27 -37.61 52.80 -21.96
C HIS WB 27 -37.58 52.49 -23.44
N LEU WB 28 -36.54 52.97 -24.14
CA LEU WB 28 -36.49 52.89 -25.60
C LEU WB 28 -36.30 51.45 -26.08
N GLN WB 29 -35.54 50.65 -25.34
CA GLN WB 29 -35.23 49.29 -25.76
C GLN WB 29 -36.43 48.35 -25.60
N LYS WB 30 -37.39 48.71 -24.76
CA LYS WB 30 -38.62 47.94 -24.58
C LYS WB 30 -39.85 48.61 -25.17
N SER WB 31 -39.73 49.89 -25.59
CA SER WB 31 -40.83 50.70 -26.13
C SER WB 31 -42.00 50.81 -25.15
N THR WB 32 -41.68 51.18 -23.91
CA THR WB 32 -42.69 51.38 -22.87
C THR WB 32 -42.16 52.38 -21.87
N CYS WB 33 -43.04 52.81 -20.97
CA CYS WB 33 -42.68 53.76 -19.92
C CYS WB 33 -42.45 53.03 -18.61
N GLY WB 34 -41.67 53.66 -17.73
CA GLY WB 34 -41.34 53.07 -16.46
C GLY WB 34 -42.22 53.54 -15.33
N LYS WB 35 -42.91 54.65 -15.52
CA LYS WB 35 -43.73 55.25 -14.47
C LYS WB 35 -45.22 55.17 -14.78
N CYS WB 36 -45.65 55.59 -15.96
CA CYS WB 36 -47.07 55.61 -16.28
C CYS WB 36 -47.50 54.47 -17.21
N GLY WB 37 -46.57 53.83 -17.91
CA GLY WB 37 -46.96 52.81 -18.86
C GLY WB 37 -47.62 53.37 -20.10
N TYR WB 38 -46.84 54.07 -20.93
CA TYR WB 38 -47.39 54.84 -22.05
C TYR WB 38 -48.12 54.02 -23.13
N PRO WB 39 -47.60 52.90 -23.66
CA PRO WB 39 -48.41 52.18 -24.66
C PRO WB 39 -49.63 51.49 -24.09
N ALA WB 40 -49.68 51.26 -22.79
CA ALA WB 40 -50.91 50.79 -22.16
C ALA WB 40 -51.94 51.92 -22.12
N LYS WB 41 -53.21 51.55 -22.11
CA LYS WB 41 -54.27 52.54 -22.16
C LYS WB 41 -54.50 53.22 -20.82
N ARG WB 42 -54.00 52.66 -19.73
CA ARG WB 42 -54.32 53.14 -18.39
C ARG WB 42 -53.06 53.56 -17.66
N LYS WB 43 -53.23 54.49 -16.72
CA LYS WB 43 -52.10 55.00 -15.96
C LYS WB 43 -51.63 53.97 -14.95
N ARG WB 44 -50.32 53.83 -14.82
CA ARG WB 44 -49.74 52.83 -13.93
C ARG WB 44 -49.72 53.39 -12.51
N LYS WB 45 -50.69 53.00 -11.69
CA LYS WB 45 -50.73 53.40 -10.30
C LYS WB 45 -50.90 52.16 -9.44
N TYR WB 46 -50.48 52.27 -8.18
CA TYR WB 46 -50.58 51.16 -7.25
C TYR WB 46 -50.87 51.68 -5.86
N ASN WB 47 -51.16 50.75 -4.95
CA ASN WB 47 -51.46 51.09 -3.56
C ASN WB 47 -50.28 50.88 -2.62
N TRP WB 48 -49.23 50.16 -3.06
CA TRP WB 48 -48.07 49.99 -2.21
C TRP WB 48 -47.23 51.25 -2.08
N SER WB 49 -47.42 52.22 -2.97
CA SER WB 49 -46.76 53.52 -2.87
C SER WB 49 -47.83 54.61 -2.82
N ALA WB 50 -48.09 55.12 -1.62
CA ALA WB 50 -49.02 56.24 -1.48
C ALA WB 50 -48.44 57.55 -1.97
N LYS WB 51 -47.11 57.68 -1.98
CA LYS WB 51 -46.48 58.91 -2.43
C LYS WB 51 -46.59 59.07 -3.94
N ALA WB 52 -46.71 57.97 -4.68
CA ALA WB 52 -46.94 58.07 -6.12
C ALA WB 52 -48.32 58.65 -6.42
N LYS WB 53 -49.33 58.24 -5.66
CA LYS WB 53 -50.63 58.88 -5.75
C LYS WB 53 -50.59 60.33 -5.30
N ARG WB 54 -49.80 60.61 -4.25
CA ARG WB 54 -49.65 61.98 -3.75
C ARG WB 54 -49.02 62.89 -4.80
N ARG WB 55 -48.13 62.36 -5.64
CA ARG WB 55 -47.51 63.13 -6.71
C ARG WB 55 -48.38 63.22 -7.95
N ASN WB 56 -49.10 62.15 -8.31
CA ASN WB 56 -49.71 62.07 -9.63
C ASN WB 56 -51.21 62.32 -9.66
N THR WB 57 -51.93 62.18 -8.55
CA THR WB 57 -53.37 62.36 -8.59
C THR WB 57 -53.75 63.84 -8.67
N THR WB 58 -55.05 64.09 -8.74
CA THR WB 58 -55.56 65.42 -9.00
C THR WB 58 -55.33 66.35 -7.80
N GLY WB 59 -55.34 67.65 -8.09
CA GLY WB 59 -55.01 68.65 -7.10
C GLY WB 59 -53.58 69.15 -7.17
N THR WB 60 -52.79 68.70 -8.14
CA THR WB 60 -51.39 69.08 -8.24
C THR WB 60 -51.06 69.87 -9.50
N GLY WB 61 -51.95 69.89 -10.49
CA GLY WB 61 -51.66 70.58 -11.74
C GLY WB 61 -52.53 71.79 -11.98
N ARG WB 62 -52.95 71.96 -13.24
CA ARG WB 62 -53.85 73.06 -13.58
C ARG WB 62 -55.23 72.85 -12.96
N MET WB 63 -55.83 71.69 -13.23
CA MET WB 63 -57.28 71.47 -13.16
C MET WB 63 -58.03 72.58 -13.91
N ARG WB 64 -57.61 72.81 -15.16
CA ARG WB 64 -58.11 73.96 -15.92
C ARG WB 64 -59.59 73.83 -16.28
N HIS WB 65 -60.05 72.61 -16.51
CA HIS WB 65 -61.48 72.38 -16.73
C HIS WB 65 -62.20 72.04 -15.43
N LEU WB 66 -61.51 71.42 -14.48
CA LEU WB 66 -62.17 70.88 -13.31
C LEU WB 66 -62.44 71.98 -12.27
N LYS WB 67 -61.55 72.99 -12.19
CA LYS WB 67 -61.82 74.16 -11.37
C LYS WB 67 -63.02 74.97 -11.87
N ILE WB 68 -63.16 75.13 -13.19
CA ILE WB 68 -64.33 75.86 -13.68
C ILE WB 68 -65.57 74.99 -13.66
N VAL WB 69 -65.43 73.66 -13.60
CA VAL WB 69 -66.57 72.82 -13.25
C VAL WB 69 -67.06 73.13 -11.85
N TYR WB 70 -66.15 73.29 -10.88
CA TYR WB 70 -66.57 73.73 -9.54
C TYR WB 70 -67.18 75.13 -9.57
N ARG WB 71 -66.58 76.03 -10.36
CA ARG WB 71 -67.05 77.41 -10.42
C ARG WB 71 -68.45 77.51 -11.04
N ARG WB 72 -68.76 76.62 -11.97
CA ARG WB 72 -70.12 76.57 -12.52
C ARG WB 72 -71.07 75.81 -11.60
N PHE WB 73 -70.58 74.83 -10.85
CA PHE WB 73 -71.44 74.09 -9.93
C PHE WB 73 -71.87 74.95 -8.74
N ARG WB 74 -71.06 75.94 -8.38
CA ARG WB 74 -71.43 76.85 -7.28
C ARG WB 74 -72.70 77.65 -7.56
N HIS WB 75 -73.07 77.84 -8.83
CA HIS WB 75 -74.33 78.48 -9.16
C HIS WB 75 -75.36 77.54 -9.77
N GLY WB 76 -74.94 76.54 -10.54
CA GLY WB 76 -75.89 75.57 -11.05
C GLY WB 76 -76.00 75.51 -12.56
N PHE WB 77 -74.90 75.82 -13.25
CA PHE WB 77 -74.72 75.63 -14.70
C PHE WB 77 -75.74 76.44 -15.51
N ARG WB 78 -75.66 77.77 -15.36
CA ARG WB 78 -76.59 78.66 -16.04
C ARG WB 78 -76.30 78.74 -17.53
N GLU WB 79 -77.26 79.28 -18.28
CA GLU WB 79 -77.12 79.45 -19.72
C GLU WB 79 -77.40 80.88 -20.13
N GLY WB 80 -78.36 81.53 -19.48
CA GLY WB 80 -78.54 82.96 -19.65
C GLY WB 80 -77.42 83.73 -18.99
N THR WB 81 -77.30 85.01 -19.33
CA THR WB 81 -76.11 85.76 -18.95
C THR WB 81 -76.35 86.80 -17.85
N THR WB 82 -77.22 87.78 -18.07
CA THR WB 82 -77.29 88.95 -17.21
C THR WB 82 -78.48 89.81 -17.65
N PRO WB 83 -78.98 90.68 -16.77
CA PRO WB 83 -79.74 91.85 -17.22
C PRO WB 83 -78.80 93.01 -17.46
N LYS WB 84 -79.32 94.17 -17.84
CA LYS WB 84 -78.47 95.35 -17.99
C LYS WB 84 -78.10 95.93 -16.63
N PRO XB 1 -18.40 74.40 -67.66
CA PRO XB 1 -18.45 75.31 -68.82
C PRO XB 1 -18.19 74.60 -70.13
N ARG XB 2 -18.47 75.27 -71.24
CA ARG XB 2 -18.32 74.70 -72.56
C ARG XB 2 -17.43 75.59 -73.42
N LYS XB 3 -16.57 74.95 -74.20
CA LYS XB 3 -15.64 75.62 -75.09
C LYS XB 3 -16.19 75.56 -76.51
N ILE XB 4 -16.53 76.71 -77.08
CA ILE XB 4 -17.03 76.79 -78.44
C ILE XB 4 -15.84 76.94 -79.38
N GLU XB 5 -15.78 76.09 -80.39
CA GLU XB 5 -14.66 76.09 -81.33
C GLU XB 5 -14.89 77.03 -82.50
N GLU XB 6 -16.08 77.00 -83.10
CA GLU XB 6 -16.37 77.82 -84.26
C GLU XB 6 -16.68 79.26 -83.85
N ILE XB 7 -16.44 80.17 -84.79
CA ILE XB 7 -16.78 81.58 -84.55
C ILE XB 7 -18.27 81.81 -84.69
N LYS XB 8 -18.88 81.23 -85.72
CA LYS XB 8 -20.30 81.42 -86.00
C LYS XB 8 -21.19 80.81 -84.92
N ASP XB 9 -20.77 79.73 -84.28
CA ASP XB 9 -21.56 79.12 -83.22
C ASP XB 9 -21.61 80.03 -81.99
N PHE XB 10 -20.46 80.57 -81.59
CA PHE XB 10 -20.42 81.55 -80.50
C PHE XB 10 -21.15 82.82 -80.85
N LEU XB 11 -21.10 83.23 -82.11
CA LEU XB 11 -21.80 84.44 -82.56
C LEU XB 11 -23.31 84.27 -82.52
N LEU XB 12 -23.80 83.11 -82.99
CA LEU XB 12 -25.23 82.81 -82.91
C LEU XB 12 -25.69 82.64 -81.47
N THR XB 13 -24.84 82.07 -80.62
CA THR XB 13 -25.20 81.93 -79.21
C THR XB 13 -25.20 83.29 -78.50
N ALA XB 14 -24.34 84.21 -78.93
CA ALA XB 14 -24.36 85.55 -78.37
C ALA XB 14 -25.60 86.33 -78.82
N ARG XB 15 -26.04 86.14 -80.07
CA ARG XB 15 -27.31 86.71 -80.49
C ARG XB 15 -28.52 86.00 -79.90
N ARG XB 16 -28.35 84.78 -79.39
CA ARG XB 16 -29.46 84.09 -78.74
C ARG XB 16 -29.83 84.79 -77.44
N LYS XB 17 -31.13 84.92 -77.20
CA LYS XB 17 -31.64 85.67 -76.07
C LYS XB 17 -31.41 84.92 -74.76
N ASP XB 18 -31.78 85.59 -73.66
CA ASP XB 18 -31.53 85.16 -72.29
C ASP XB 18 -30.04 84.88 -72.03
N ALA XB 19 -29.18 85.71 -72.61
CA ALA XB 19 -27.73 85.67 -72.37
C ALA XB 19 -27.34 87.08 -71.94
N LYS XB 20 -27.09 87.26 -70.65
CA LYS XB 20 -27.03 88.59 -70.07
C LYS XB 20 -25.62 89.11 -69.82
N SER XB 21 -24.59 88.27 -69.90
CA SER XB 21 -23.23 88.68 -69.57
C SER XB 21 -22.27 88.24 -70.66
N VAL XB 22 -21.55 89.20 -71.24
CA VAL XB 22 -20.47 88.94 -72.18
C VAL XB 22 -19.22 89.62 -71.66
N LYS XB 23 -18.19 88.82 -71.37
CA LYS XB 23 -16.94 89.31 -70.78
C LYS XB 23 -15.81 89.14 -71.79
N ILE XB 24 -14.97 90.15 -71.89
CA ILE XB 24 -13.80 90.13 -72.76
C ILE XB 24 -12.55 90.13 -71.88
N LYS XB 25 -11.71 89.11 -72.03
CA LYS XB 25 -10.48 89.00 -71.26
C LYS XB 25 -9.32 88.86 -72.23
N LYS XB 26 -8.51 89.91 -72.36
CA LYS XB 26 -7.28 89.84 -73.13
C LYS XB 26 -6.23 89.05 -72.37
N ASN XB 27 -5.19 88.60 -73.08
CA ASN XB 27 -4.12 87.85 -72.46
C ASN XB 27 -2.85 88.09 -73.26
N LYS XB 28 -1.73 87.57 -72.75
CA LYS XB 28 -0.44 87.81 -73.39
C LYS XB 28 -0.30 87.05 -74.71
N ASP XB 29 -1.10 86.01 -74.92
CA ASP XB 29 -1.03 85.22 -76.13
C ASP XB 29 -2.35 85.06 -76.86
N ASN XB 30 -3.48 85.25 -76.19
CA ASN XB 30 -4.78 85.05 -76.81
C ASN XB 30 -5.80 85.99 -76.16
N VAL XB 31 -7.08 85.70 -76.40
CA VAL XB 31 -8.17 86.48 -75.83
C VAL XB 31 -9.39 85.57 -75.73
N LYS XB 32 -10.11 85.69 -74.61
CA LYS XB 32 -11.25 84.85 -74.32
C LYS XB 32 -12.52 85.70 -74.24
N PHE XB 33 -13.59 85.16 -74.83
CA PHE XB 33 -14.90 85.80 -74.85
C PHE XB 33 -15.87 84.90 -74.12
N LYS XB 34 -16.57 85.47 -73.14
CA LYS XB 34 -17.39 84.73 -72.19
C LYS XB 34 -18.85 85.10 -72.36
N VAL XB 35 -19.70 84.09 -72.50
CA VAL XB 35 -21.15 84.27 -72.45
C VAL XB 35 -21.67 83.50 -71.26
N ARG XB 36 -22.30 84.20 -70.32
CA ARG XB 36 -22.98 83.60 -69.19
C ARG XB 36 -24.47 83.65 -69.52
N CYS XB 37 -24.95 82.63 -70.23
CA CYS XB 37 -26.34 82.68 -70.70
C CYS XB 37 -27.31 82.24 -69.63
N SER XB 38 -27.26 80.96 -69.24
CA SER XB 38 -28.08 80.43 -68.16
C SER XB 38 -27.45 79.14 -67.70
N ARG XB 39 -26.87 79.13 -66.50
CA ARG XB 39 -26.29 78.00 -65.78
C ARG XB 39 -25.06 77.39 -66.46
N TYR XB 40 -24.68 77.86 -67.65
CA TYR XB 40 -23.48 77.44 -68.36
C TYR XB 40 -22.60 78.66 -68.62
N LEU XB 41 -21.34 78.40 -68.95
CA LEU XB 41 -20.39 79.46 -69.31
C LEU XB 41 -19.75 79.07 -70.63
N TYR XB 42 -20.00 79.84 -71.67
CA TYR XB 42 -19.53 79.53 -73.01
C TYR XB 42 -18.31 80.38 -73.33
N THR XB 43 -17.21 79.73 -73.72
CA THR XB 43 -15.95 80.42 -73.95
C THR XB 43 -15.51 80.25 -75.40
N LEU XB 44 -15.28 81.38 -76.06
CA LEU XB 44 -14.60 81.41 -77.35
C LEU XB 44 -13.21 81.99 -77.12
N VAL XB 45 -12.20 81.14 -77.20
CA VAL XB 45 -10.81 81.57 -77.10
C VAL XB 45 -10.24 81.68 -78.52
N ILE XB 46 -9.50 82.76 -78.77
CA ILE XB 46 -8.92 82.96 -80.10
C ILE XB 46 -7.62 83.73 -79.93
N THR XB 47 -6.64 83.41 -80.78
CA THR XB 47 -5.30 83.97 -80.65
C THR XB 47 -5.04 85.14 -81.60
N ASP XB 48 -5.94 85.41 -82.54
CA ASP XB 48 -5.74 86.47 -83.52
C ASP XB 48 -6.44 87.73 -83.05
N LYS XB 49 -5.65 88.78 -82.79
CA LYS XB 49 -6.20 90.03 -82.29
C LYS XB 49 -7.00 90.78 -83.36
N GLU XB 50 -6.67 90.59 -84.64
CA GLU XB 50 -7.47 91.19 -85.70
C GLU XB 50 -8.84 90.52 -85.79
N LYS XB 51 -8.89 89.19 -85.60
CA LYS XB 51 -10.17 88.50 -85.54
C LYS XB 51 -10.95 88.89 -84.29
N ALA XB 52 -10.25 89.15 -83.18
CA ALA XB 52 -10.91 89.66 -81.99
C ALA XB 52 -11.50 91.05 -82.22
N GLU XB 53 -10.78 91.91 -82.95
CA GLU XB 53 -11.27 93.25 -83.23
C GLU XB 53 -12.47 93.23 -84.16
N LYS XB 54 -12.43 92.37 -85.19
CA LYS XB 54 -13.59 92.30 -86.07
C LYS XB 54 -14.78 91.59 -85.42
N LEU XB 55 -14.53 90.68 -84.47
CA LEU XB 55 -15.66 90.10 -83.74
C LEU XB 55 -16.24 91.09 -82.74
N LYS XB 56 -15.40 91.97 -82.17
CA LYS XB 56 -15.91 93.05 -81.35
C LYS XB 56 -16.70 94.06 -82.20
N GLN XB 57 -16.30 94.24 -83.45
CA GLN XB 57 -17.07 95.09 -84.37
C GLN XB 57 -18.41 94.44 -84.71
N SER XB 58 -18.42 93.14 -84.95
CA SER XB 58 -19.65 92.42 -85.26
C SER XB 58 -20.41 91.98 -84.01
N LEU XB 59 -19.98 92.40 -82.84
CA LEU XB 59 -20.71 92.10 -81.61
C LEU XB 59 -21.99 92.93 -81.58
N PRO XB 60 -23.12 92.35 -81.17
CA PRO XB 60 -24.38 93.11 -81.14
C PRO XB 60 -24.37 94.18 -80.06
N PRO XB 61 -24.65 95.44 -80.43
CA PRO XB 61 -24.53 96.54 -79.46
C PRO XB 61 -25.65 96.58 -78.43
N GLY XB 62 -26.72 95.81 -78.59
CA GLY XB 62 -27.80 95.83 -77.63
C GLY XB 62 -27.49 95.13 -76.33
N LEU XB 63 -26.41 94.35 -76.27
CA LEU XB 63 -26.06 93.58 -75.10
C LEU XB 63 -24.84 94.17 -74.41
N ALA XB 64 -24.83 94.13 -73.08
CA ALA XB 64 -23.78 94.73 -72.29
C ALA XB 64 -22.47 93.95 -72.40
N VAL XB 65 -21.36 94.67 -72.31
CA VAL XB 65 -20.02 94.11 -72.44
C VAL XB 65 -19.22 94.51 -71.21
N LYS XB 66 -18.60 93.53 -70.55
CA LYS XB 66 -17.73 93.77 -69.41
C LYS XB 66 -16.32 93.34 -69.77
N GLU XB 67 -15.35 94.23 -69.57
CA GLU XB 67 -13.95 93.93 -69.84
C GLU XB 67 -13.24 93.58 -68.53
N LEU XB 68 -12.41 92.55 -68.59
CA LEU XB 68 -11.71 92.04 -67.42
C LEU XB 68 -10.29 92.61 -67.43
N LYS XB 69 -10.11 93.73 -66.73
CA LYS XB 69 -8.83 94.43 -66.54
C LYS XB 69 -8.13 94.81 -67.86
N SER YB 1 -24.32 67.00 -27.78
CA SER YB 1 -24.21 65.93 -28.75
C SER YB 1 -24.19 66.48 -30.17
N SER YB 2 -24.43 67.79 -30.27
CA SER YB 2 -24.26 68.63 -31.46
C SER YB 2 -25.27 68.37 -32.58
N HIS YB 3 -26.09 67.32 -32.44
CA HIS YB 3 -27.27 67.14 -33.28
C HIS YB 3 -28.26 66.25 -32.54
N LYS YB 4 -29.50 66.70 -32.47
CA LYS YB 4 -30.51 66.10 -31.61
C LYS YB 4 -31.88 66.57 -32.08
N THR YB 5 -32.92 66.09 -31.42
CA THR YB 5 -34.28 66.34 -31.85
C THR YB 5 -34.78 67.69 -31.30
N PHE YB 6 -36.06 67.97 -31.55
CA PHE YB 6 -36.61 69.30 -31.28
C PHE YB 6 -37.11 69.42 -29.84
N ARG YB 7 -37.57 68.30 -29.24
CA ARG YB 7 -38.04 68.32 -27.87
C ARG YB 7 -36.91 68.60 -26.89
N ILE YB 8 -35.72 68.05 -27.16
CA ILE YB 8 -34.56 68.31 -26.32
C ILE YB 8 -34.13 69.78 -26.42
N LYS YB 9 -34.22 70.38 -27.60
CA LYS YB 9 -33.94 71.81 -27.69
C LYS YB 9 -35.01 72.68 -27.03
N ARG YB 10 -36.27 72.24 -27.01
CA ARG YB 10 -37.29 72.96 -26.24
C ARG YB 10 -36.96 72.92 -24.74
N PHE YB 11 -36.54 71.75 -24.25
CA PHE YB 11 -36.17 71.59 -22.85
C PHE YB 11 -34.95 72.44 -22.51
N LEU YB 12 -33.92 72.39 -23.36
CA LEU YB 12 -32.71 73.18 -23.14
C LEU YB 12 -32.98 74.68 -23.29
N ALA YB 13 -33.92 75.07 -24.14
CA ALA YB 13 -34.27 76.48 -24.27
C ALA YB 13 -34.97 76.99 -23.01
N LYS YB 14 -35.84 76.17 -22.42
CA LYS YB 14 -36.44 76.59 -21.16
C LYS YB 14 -35.42 76.62 -20.04
N LYS YB 15 -34.44 75.70 -20.04
CA LYS YB 15 -33.40 75.77 -19.01
C LYS YB 15 -32.49 76.97 -19.19
N GLN YB 16 -32.24 77.39 -20.43
CA GLN YB 16 -31.50 78.64 -20.64
C GLN YB 16 -32.33 79.86 -20.23
N LYS YB 17 -33.66 79.78 -20.35
CA LYS YB 17 -34.50 80.84 -19.80
C LYS YB 17 -34.46 80.85 -18.28
N GLN YB 18 -34.38 79.66 -17.66
CA GLN YB 18 -34.27 79.56 -16.21
C GLN YB 18 -32.96 80.11 -15.67
N ASN YB 19 -31.87 79.93 -16.41
CA ASN YB 19 -30.54 80.29 -15.94
C ASN YB 19 -30.35 81.81 -16.04
N ARG YB 20 -30.93 82.53 -15.06
CA ARG YB 20 -30.67 83.95 -14.87
C ARG YB 20 -30.93 84.30 -13.42
N PRO YB 21 -30.17 85.25 -12.83
CA PRO YB 21 -30.34 85.53 -11.40
C PRO YB 21 -31.54 86.41 -11.07
N ILE YB 22 -31.67 86.78 -9.82
CA ILE YB 22 -32.79 87.61 -9.37
C ILE YB 22 -32.51 89.06 -9.76
N PRO YB 23 -33.43 89.74 -10.45
CA PRO YB 23 -33.25 91.18 -10.69
C PRO YB 23 -33.48 91.97 -9.42
N GLN YB 24 -32.93 93.19 -9.41
CA GLN YB 24 -32.83 93.96 -8.17
C GLN YB 24 -34.15 94.54 -7.71
N TRP YB 25 -35.11 94.75 -8.62
CA TRP YB 25 -36.35 95.41 -8.24
C TRP YB 25 -37.34 94.50 -7.54
N ILE YB 26 -37.19 93.19 -7.64
CA ILE YB 26 -38.10 92.29 -6.94
C ILE YB 26 -37.76 92.24 -5.46
N ARG YB 27 -36.48 92.34 -5.11
CA ARG YB 27 -36.04 92.36 -3.73
C ARG YB 27 -36.50 93.63 -3.00
N MET YB 28 -36.80 94.69 -3.74
CA MET YB 28 -37.21 95.98 -3.18
C MET YB 28 -38.73 96.09 -3.07
N LYS YB 29 -39.46 95.03 -3.41
CA LYS YB 29 -40.92 95.06 -3.36
C LYS YB 29 -41.42 94.99 -1.91
N THR YB 30 -42.74 95.10 -1.77
CA THR YB 30 -43.39 95.08 -0.46
C THR YB 30 -43.87 93.66 -0.16
N GLY YB 31 -43.51 93.18 1.03
CA GLY YB 31 -43.90 91.84 1.45
C GLY YB 31 -43.05 90.74 0.87
N ASN YB 32 -41.87 91.06 0.38
CA ASN YB 32 -40.98 90.09 -0.25
C ASN YB 32 -39.87 89.71 0.71
N LYS YB 33 -39.47 88.43 0.67
CA LYS YB 33 -38.30 87.97 1.40
C LYS YB 33 -37.44 87.05 0.55
N ILE YB 34 -37.67 86.97 -0.75
CA ILE YB 34 -36.82 86.21 -1.65
C ILE YB 34 -35.59 87.04 -1.97
N ARG YB 35 -34.41 86.55 -1.58
CA ARG YB 35 -33.18 87.32 -1.71
C ARG YB 35 -32.24 86.81 -2.78
N TYR YB 36 -32.30 85.52 -3.12
CA TYR YB 36 -31.49 84.98 -4.20
C TYR YB 36 -32.22 83.80 -4.82
N ASN YB 37 -31.73 83.34 -5.96
CA ASN YB 37 -32.34 82.24 -6.70
C ASN YB 37 -31.82 80.93 -6.13
N SER YB 38 -32.65 80.24 -5.34
CA SER YB 38 -32.26 78.95 -4.80
C SER YB 38 -32.30 77.85 -5.85
N LYS YB 39 -33.04 78.04 -6.93
CA LYS YB 39 -33.10 77.08 -8.03
C LYS YB 39 -32.03 77.34 -9.09
N ARG YB 40 -30.93 77.99 -8.72
CA ARG YB 40 -29.86 78.31 -9.65
C ARG YB 40 -29.07 77.05 -9.98
N ARG YB 41 -29.00 76.72 -11.26
CA ARG YB 41 -28.37 75.48 -11.72
C ARG YB 41 -26.98 75.78 -12.28
N HIS YB 42 -25.96 75.14 -11.71
CA HIS YB 42 -24.62 75.24 -12.23
C HIS YB 42 -24.33 74.03 -13.12
N TRP YB 43 -23.62 74.28 -14.22
CA TRP YB 43 -23.47 73.28 -15.28
C TRP YB 43 -22.38 72.25 -15.00
N ARG YB 44 -21.73 72.29 -13.84
CA ARG YB 44 -20.77 71.26 -13.46
C ARG YB 44 -21.22 70.40 -12.30
N ARG YB 45 -21.82 71.01 -11.27
CA ARG YB 45 -22.20 70.25 -10.09
C ARG YB 45 -23.49 69.47 -10.31
N THR YB 46 -24.48 70.10 -10.92
CA THR YB 46 -25.80 69.49 -11.13
C THR YB 46 -26.02 69.30 -12.62
N LYS YB 47 -26.26 68.06 -13.03
CA LYS YB 47 -26.61 67.74 -14.41
C LYS YB 47 -28.10 67.45 -14.48
N LEU YB 48 -28.77 68.03 -15.48
CA LEU YB 48 -30.21 67.88 -15.60
C LEU YB 48 -30.61 66.47 -16.02
N GLY YB 49 -29.80 65.82 -16.85
CA GLY YB 49 -30.08 64.46 -17.26
C GLY YB 49 -31.29 64.37 -18.20
N LEU YB 50 -31.11 64.87 -19.42
CA LEU YB 50 -32.14 65.02 -20.47
C LEU YB 50 -33.33 65.90 -20.08
N ILE ZB 1 66.09 10.58 49.56
CA ILE ZB 1 64.72 11.04 49.39
C ILE ZB 1 64.23 11.55 50.75
N GLU ZB 2 65.03 11.27 51.80
CA GLU ZB 2 64.81 11.65 53.19
C GLU ZB 2 63.45 11.19 53.71
N PRO ZB 3 63.30 9.91 54.05
CA PRO ZB 3 61.99 9.40 54.52
C PRO ZB 3 61.46 10.05 55.78
N SER ZB 4 62.32 10.62 56.63
CA SER ZB 4 61.83 11.43 57.75
C SER ZB 4 61.14 12.69 57.26
N LEU ZB 5 61.71 13.34 56.24
CA LEU ZB 5 61.05 14.50 55.64
C LEU ZB 5 59.82 14.10 54.85
N ARG ZB 6 59.79 12.88 54.30
CA ARG ZB 6 58.57 12.38 53.68
C ARG ZB 6 57.47 12.15 54.71
N GLN ZB 7 57.82 11.63 55.89
CA GLN ZB 7 56.86 11.52 56.98
C GLN ZB 7 56.38 12.87 57.46
N LEU ZB 8 57.27 13.88 57.44
CA LEU ZB 8 56.88 15.25 57.80
C LEU ZB 8 55.90 15.84 56.79
N ALA ZB 9 56.16 15.63 55.50
CA ALA ZB 9 55.24 16.12 54.47
C ALA ZB 9 53.92 15.35 54.47
N GLN ZB 10 53.94 14.06 54.82
CA GLN ZB 10 52.69 13.34 55.00
C GLN ZB 10 51.94 13.82 56.23
N LYS ZB 11 52.67 14.26 57.27
CA LYS ZB 11 52.02 14.83 58.45
C LYS ZB 11 51.35 16.16 58.13
N TYR ZB 12 51.93 16.94 57.21
CA TYR ZB 12 51.33 18.23 56.86
C TYR ZB 12 50.43 18.20 55.63
N ASN ZB 13 50.33 17.08 54.91
CA ASN ZB 13 49.48 17.04 53.73
C ASN ZB 13 48.57 15.83 53.59
N CYS ZB 14 48.87 14.70 54.23
CA CYS ZB 14 48.18 13.45 53.94
C CYS ZB 14 47.22 13.00 55.03
N ASP ZB 15 47.68 12.92 56.28
CA ASP ZB 15 46.86 12.35 57.36
C ASP ZB 15 45.82 13.36 57.82
N LYS ZB 16 44.78 13.52 57.01
CA LYS ZB 16 43.68 14.42 57.30
C LYS ZB 16 42.37 13.66 57.10
N MET ZB 17 41.33 14.08 57.82
CA MET ZB 17 40.00 13.52 57.63
C MET ZB 17 39.21 14.42 56.70
N ILE ZB 18 38.71 13.83 55.61
CA ILE ZB 18 37.92 14.54 54.62
C ILE ZB 18 36.45 14.21 54.87
N CYS ZB 19 35.60 15.22 54.86
CA CYS ZB 19 34.17 14.99 55.05
C CYS ZB 19 33.52 14.57 53.73
N ARG ZB 20 32.52 13.70 53.83
CA ARG ZB 20 31.81 13.22 52.66
C ARG ZB 20 30.76 14.20 52.15
N LYS ZB 21 30.53 15.31 52.86
CA LYS ZB 21 29.46 16.23 52.50
C LYS ZB 21 29.98 17.62 52.14
N CYS ZB 22 30.83 18.22 52.98
CA CYS ZB 22 31.31 19.57 52.72
C CYS ZB 22 32.63 19.61 51.97
N TYR ZB 23 33.32 18.46 51.83
CA TYR ZB 23 34.60 18.32 51.11
C TYR ZB 23 35.68 19.24 51.67
N ALA ZB 24 35.87 19.22 52.99
CA ALA ZB 24 36.81 20.12 53.65
C ALA ZB 24 37.87 19.32 54.38
N ARG ZB 25 39.13 19.66 54.15
CA ARG ZB 25 40.25 19.12 54.90
C ARG ZB 25 40.26 19.72 56.30
N LEU ZB 26 40.16 18.88 57.33
CA LEU ZB 26 39.95 19.38 58.69
C LEU ZB 26 41.13 19.11 59.62
N HIS ZB 27 41.37 17.83 59.97
CA HIS ZB 27 42.29 17.38 61.03
C HIS ZB 27 42.24 15.86 61.05
N PRO ZB 28 43.31 15.15 61.45
CA PRO ZB 28 43.18 13.69 61.58
C PRO ZB 28 42.30 13.22 62.73
N ARG ZB 29 42.14 14.02 63.78
CA ARG ZB 29 41.29 13.67 64.91
C ARG ZB 29 40.01 14.50 64.92
N ALA ZB 30 39.49 14.83 63.74
CA ALA ZB 30 38.32 15.69 63.62
C ALA ZB 30 37.05 14.93 63.94
N VAL ZB 31 36.02 15.67 64.35
CA VAL ZB 31 34.72 15.12 64.64
C VAL ZB 31 33.67 15.62 63.67
N ASN ZB 32 33.66 16.92 63.37
CA ASN ZB 32 32.67 17.52 62.50
C ASN ZB 32 33.34 18.46 61.51
N CYS ZB 33 32.64 18.70 60.40
CA CYS ZB 33 33.06 19.73 59.44
C CYS ZB 33 32.89 21.10 60.06
N ARG ZB 34 33.97 21.86 60.16
CA ARG ZB 34 33.91 23.18 60.77
C ARG ZB 34 33.22 24.20 59.88
N LYS ZB 35 33.02 23.89 58.61
CA LYS ZB 35 32.37 24.81 57.69
C LYS ZB 35 30.86 24.73 57.86
N LYS ZB 36 30.19 25.88 57.71
CA LYS ZB 36 28.75 25.97 57.87
C LYS ZB 36 27.98 25.69 56.60
N LYS ZB 37 28.64 25.17 55.56
CA LYS ZB 37 27.98 24.89 54.30
C LYS ZB 37 27.26 23.55 54.29
N CYS ZB 38 27.51 22.69 55.28
CA CYS ZB 38 26.84 21.39 55.35
C CYS ZB 38 26.03 21.20 56.62
N GLY ZB 39 26.34 21.91 57.70
CA GLY ZB 39 25.64 21.74 58.95
C GLY ZB 39 26.42 21.01 60.02
N HIS ZB 40 27.75 21.04 59.96
CA HIS ZB 40 28.66 20.44 60.96
C HIS ZB 40 28.42 18.94 61.11
N THR ZB 41 28.30 18.24 59.99
CA THR ZB 41 27.99 16.83 60.02
C THR ZB 41 29.25 16.02 60.38
N ASN ZB 42 29.01 14.79 60.86
CA ASN ZB 42 30.07 13.88 61.25
C ASN ZB 42 30.35 12.81 60.21
N ASN ZB 43 29.94 13.03 58.96
CA ASN ZB 43 30.10 12.05 57.89
C ASN ZB 43 31.52 12.20 57.33
N LEU ZB 44 32.48 11.63 58.06
CA LEU ZB 44 33.89 11.79 57.75
C LEU ZB 44 34.46 10.51 57.14
N ARG ZB 45 35.64 10.64 56.54
CA ARG ZB 45 36.39 9.52 56.00
C ARG ZB 45 37.85 9.91 55.92
N PRO ZB 46 38.77 8.95 56.10
CA PRO ZB 46 40.20 9.29 55.98
C PRO ZB 46 40.59 9.61 54.55
N LYS ZB 47 41.65 10.39 54.41
CA LYS ZB 47 42.16 10.75 53.09
C LYS ZB 47 42.80 9.53 52.44
N LYS ZB 48 42.53 9.35 51.15
CA LYS ZB 48 42.81 8.08 50.48
C LYS ZB 48 44.30 7.90 50.24
N LYS ZB 49 44.82 6.74 50.62
CA LYS ZB 49 46.20 6.36 50.41
C LYS ZB 49 46.34 5.44 49.21
N VAL ZB 50 47.57 5.32 48.72
CA VAL ZB 50 47.85 4.39 47.61
C VAL ZB 50 47.89 2.96 48.12
N MET AC 1 9.49 -29.89 -23.77
CA MET AC 1 9.12 -28.57 -24.25
C MET AC 1 9.36 -28.46 -25.75
N ARG AC 2 8.36 -27.97 -26.47
CA ARG AC 2 8.47 -27.79 -27.91
C ARG AC 2 9.43 -26.64 -28.23
N ALA AC 3 10.08 -26.75 -29.38
CA ALA AC 3 10.86 -25.64 -29.91
C ALA AC 3 9.97 -24.43 -30.22
N LYS AC 4 8.72 -24.67 -30.62
CA LYS AC 4 7.76 -23.59 -30.87
C LYS AC 4 7.48 -22.78 -29.61
N TRP AC 5 7.21 -23.46 -28.50
CA TRP AC 5 6.91 -22.72 -27.28
C TRP AC 5 8.17 -22.20 -26.59
N ARG AC 6 9.32 -22.82 -26.84
CA ARG AC 6 10.58 -22.21 -26.41
C ARG AC 6 10.83 -20.89 -27.14
N LYS AC 7 10.59 -20.87 -28.45
CA LYS AC 7 10.72 -19.65 -29.22
C LYS AC 7 9.70 -18.60 -28.80
N LYS AC 8 8.46 -18.99 -28.50
CA LYS AC 8 7.48 -18.00 -28.11
C LYS AC 8 7.71 -17.48 -26.68
N ARG AC 9 8.23 -18.30 -25.77
CA ARG AC 9 8.55 -17.77 -24.45
C ARG AC 9 9.81 -16.91 -24.46
N MET AC 10 10.79 -17.23 -25.33
CA MET AC 10 11.91 -16.31 -25.49
C MET AC 10 11.47 -15.03 -26.21
N ARG AC 11 10.45 -15.12 -27.06
CA ARG AC 11 9.85 -13.95 -27.69
C ARG AC 11 9.14 -13.08 -26.66
N ARG AC 12 8.46 -13.69 -25.71
CA ARG AC 12 7.82 -12.96 -24.63
C ARG AC 12 8.85 -12.32 -23.70
N LEU AC 13 9.96 -13.01 -23.45
CA LEU AC 13 11.05 -12.41 -22.68
C LEU AC 13 11.70 -11.26 -23.44
N LYS AC 14 11.79 -11.37 -24.77
CA LYS AC 14 12.29 -10.29 -25.60
C LYS AC 14 11.38 -9.06 -25.54
N ARG AC 15 10.07 -9.29 -25.55
CA ARG AC 15 9.11 -8.19 -25.41
C ARG AC 15 9.18 -7.57 -24.02
N LYS AC 16 9.41 -8.39 -22.99
CA LYS AC 16 9.56 -7.88 -21.63
C LYS AC 16 10.81 -7.03 -21.49
N ARG AC 17 11.92 -7.45 -22.09
CA ARG AC 17 13.15 -6.67 -22.03
C ARG AC 17 13.07 -5.42 -22.90
N ARG AC 18 12.32 -5.47 -24.00
CA ARG AC 18 12.07 -4.27 -24.79
C ARG AC 18 11.25 -3.25 -24.01
N LYS AC 19 10.21 -3.71 -23.30
CA LYS AC 19 9.45 -2.82 -22.43
C LYS AC 19 10.28 -2.32 -21.26
N MET AC 20 11.27 -3.10 -20.80
CA MET AC 20 12.18 -2.62 -19.76
C MET AC 20 13.09 -1.51 -20.29
N ARG AC 21 13.56 -1.64 -21.53
CA ARG AC 21 14.37 -0.58 -22.14
C ARG AC 21 13.53 0.67 -22.39
N GLN AC 22 12.26 0.51 -22.78
CA GLN AC 22 11.39 1.67 -22.93
C GLN AC 22 11.03 2.28 -21.58
N ARG AC 23 11.01 1.47 -20.52
CA ARG AC 23 10.75 1.98 -19.17
C ARG AC 23 11.95 2.74 -18.63
N SER AC 24 13.16 2.28 -18.93
CA SER AC 24 14.39 3.00 -18.58
C SER AC 24 15.21 3.12 -19.86
N LYS AC 25 14.89 4.11 -20.68
CA LYS AC 25 15.63 4.46 -21.89
C LYS AC 25 17.08 4.83 -21.61
N VAL BC 1 -49.77 -16.10 29.96
CA VAL BC 1 -50.29 -16.73 31.16
C VAL BC 1 -51.39 -17.72 30.78
N ASN BC 2 -52.14 -18.20 31.77
CA ASN BC 2 -53.18 -19.20 31.56
C ASN BC 2 -54.43 -18.78 32.32
N VAL BC 3 -55.55 -18.77 31.62
CA VAL BC 3 -56.87 -18.60 32.25
C VAL BC 3 -57.73 -19.79 31.85
N PRO BC 4 -58.72 -20.15 32.66
CA PRO BC 4 -59.58 -21.28 32.31
C PRO BC 4 -60.71 -20.85 31.39
N LYS BC 5 -61.48 -21.85 30.95
CA LYS BC 5 -62.68 -21.56 30.15
C LYS BC 5 -63.76 -20.90 31.01
N THR BC 6 -64.17 -21.57 32.08
CA THR BC 6 -65.26 -21.12 32.92
C THR BC 6 -64.75 -20.48 34.19
N ARG BC 7 -65.52 -19.53 34.70
CA ARG BC 7 -65.16 -18.80 35.92
C ARG BC 7 -66.43 -18.23 36.52
N ARG BC 8 -66.60 -18.42 37.83
CA ARG BC 8 -67.83 -18.01 38.52
C ARG BC 8 -67.62 -16.64 39.13
N THR BC 9 -67.95 -15.60 38.37
CA THR BC 9 -67.65 -14.23 38.77
C THR BC 9 -68.97 -13.47 38.88
N PHE BC 10 -68.97 -12.44 39.73
CA PHE BC 10 -70.15 -11.62 39.98
C PHE BC 10 -70.56 -10.86 38.73
N CYS BC 11 -71.73 -11.18 38.19
CA CYS BC 11 -72.33 -10.41 37.11
C CYS BC 11 -73.37 -9.46 37.70
N LYS BC 12 -73.50 -8.29 37.08
CA LYS BC 12 -74.29 -7.22 37.67
C LYS BC 12 -75.78 -7.31 37.39
N LYS BC 13 -76.22 -8.25 36.54
CA LYS BC 13 -77.64 -8.29 36.21
C LYS BC 13 -78.46 -9.00 37.29
N CYS BC 14 -78.16 -10.26 37.56
CA CYS BC 14 -78.92 -11.00 38.56
C CYS BC 14 -78.39 -10.83 39.97
N GLY BC 15 -77.14 -10.40 40.13
CA GLY BC 15 -76.61 -10.14 41.45
C GLY BC 15 -76.10 -11.34 42.20
N LYS BC 16 -75.69 -12.39 41.50
CA LYS BC 16 -75.13 -13.58 42.13
C LYS BC 16 -73.89 -14.01 41.36
N HIS BC 17 -73.07 -14.84 42.01
CA HIS BC 17 -71.97 -15.49 41.33
C HIS BC 17 -72.52 -16.55 40.38
N GLN BC 18 -72.34 -16.32 39.09
CA GLN BC 18 -72.76 -17.22 38.04
C GLN BC 18 -71.54 -17.56 37.17
N PRO BC 19 -71.51 -18.75 36.56
CA PRO BC 19 -70.37 -19.09 35.70
C PRO BC 19 -70.34 -18.26 34.42
N HIS BC 20 -69.13 -18.03 33.93
CA HIS BC 20 -68.90 -17.17 32.78
C HIS BC 20 -68.01 -17.88 31.77
N LYS BC 21 -68.47 -17.95 30.53
CA LYS BC 21 -67.59 -18.28 29.41
C LYS BC 21 -66.62 -17.13 29.19
N VAL BC 22 -65.32 -17.43 29.23
CA VAL BC 22 -64.27 -16.44 29.08
C VAL BC 22 -63.70 -16.56 27.68
N THR BC 23 -63.76 -15.48 26.91
CA THR BC 23 -63.20 -15.43 25.58
C THR BC 23 -62.21 -14.27 25.46
N GLN BC 24 -61.35 -14.36 24.45
CA GLN BC 24 -60.40 -13.29 24.17
C GLN BC 24 -61.11 -12.12 23.50
N TYR BC 25 -60.84 -10.92 24.00
CA TYR BC 25 -61.44 -9.72 23.42
C TYR BC 25 -60.76 -9.36 22.09
N LYS BC 26 -61.54 -9.44 21.01
CA LYS BC 26 -61.11 -8.90 19.73
C LYS BC 26 -61.11 -7.38 19.80
N LYS BC 27 -60.14 -6.77 19.10
CA LYS BC 27 -60.02 -5.32 19.09
C LYS BC 27 -61.24 -4.66 18.42
N GLY BC 28 -61.76 -5.29 17.38
CA GLY BC 28 -62.96 -4.79 16.73
C GLY BC 28 -62.67 -3.87 15.56
N LYS BC 29 -63.32 -4.14 14.44
CA LYS BC 29 -63.16 -3.30 13.26
C LYS BC 29 -63.88 -1.97 13.47
N ASP BC 30 -63.20 -0.88 13.15
CA ASP BC 30 -63.78 0.44 13.31
C ASP BC 30 -64.91 0.67 12.31
N SER BC 31 -65.92 1.43 12.73
CA SER BC 31 -67.10 1.66 11.92
C SER BC 31 -66.98 3.00 11.21
N LEU BC 32 -67.41 3.03 9.95
CA LEU BC 32 -67.49 4.28 9.22
C LEU BC 32 -68.66 5.10 9.76
N TYR BC 33 -68.62 6.41 9.47
CA TYR BC 33 -69.63 7.39 9.87
C TYR BC 33 -69.75 7.50 11.39
N ALA BC 34 -68.62 7.37 12.08
CA ALA BC 34 -68.53 7.78 13.47
C ALA BC 34 -68.24 9.28 13.51
N GLN BC 35 -68.25 9.86 14.73
CA GLN BC 35 -68.09 11.30 14.87
C GLN BC 35 -66.69 11.75 14.48
N GLY BC 36 -65.68 11.20 15.15
CA GLY BC 36 -64.30 11.52 14.82
C GLY BC 36 -63.87 11.03 13.47
N LYS BC 37 -64.48 9.95 12.96
CA LYS BC 37 -64.14 9.48 11.62
C LYS BC 37 -64.67 10.42 10.55
N ARG BC 38 -65.90 10.92 10.70
CA ARG BC 38 -66.42 11.91 9.77
C ARG BC 38 -65.67 13.23 9.88
N ARG BC 39 -65.30 13.63 11.11
CA ARG BC 39 -64.53 14.85 11.28
C ARG BC 39 -63.14 14.74 10.67
N TYR BC 40 -62.50 13.57 10.82
CA TYR BC 40 -61.18 13.36 10.24
C TYR BC 40 -61.25 13.26 8.73
N ASP BC 41 -62.31 12.69 8.16
CA ASP BC 41 -62.45 12.65 6.71
C ASP BC 41 -62.74 14.03 6.13
N ARG BC 42 -63.57 14.84 6.82
CA ARG BC 42 -63.84 16.20 6.38
C ARG BC 42 -62.60 17.07 6.49
N LYS BC 43 -61.79 16.85 7.53
CA LYS BC 43 -60.57 17.63 7.71
C LYS BC 43 -59.47 17.17 6.76
N GLN BC 44 -59.46 15.90 6.40
CA GLN BC 44 -58.41 15.35 5.53
C GLN BC 44 -58.71 15.65 4.08
N SER BC 45 -59.99 15.70 3.71
CA SER BC 45 -60.36 16.02 2.34
C SER BC 45 -60.04 17.47 2.02
N GLY BC 46 -59.14 17.68 1.07
CA GLY BC 46 -58.64 18.98 0.73
C GLY BC 46 -57.12 19.02 0.72
N TYR BC 47 -56.59 20.12 0.21
CA TYR BC 47 -55.15 20.31 0.12
C TYR BC 47 -54.66 20.82 1.48
N GLY BC 48 -54.50 19.90 2.43
CA GLY BC 48 -53.96 20.26 3.71
C GLY BC 48 -52.88 19.31 4.17
N GLY BC 49 -52.76 18.17 3.48
CA GLY BC 49 -51.84 17.14 3.92
C GLY BC 49 -52.34 16.47 5.18
N GLN BC 50 -51.42 15.82 5.89
CA GLN BC 50 -51.75 15.16 7.14
C GLN BC 50 -52.05 16.20 8.21
N THR BC 51 -53.28 16.22 8.69
CA THR BC 51 -53.72 17.25 9.63
C THR BC 51 -53.51 16.84 11.07
N LYS BC 52 -54.13 15.74 11.50
CA LYS BC 52 -53.92 15.24 12.84
C LYS BC 52 -52.64 14.42 12.92
N PRO BC 53 -51.97 14.43 14.08
CA PRO BC 53 -50.66 13.75 14.18
C PRO BC 53 -50.77 12.24 14.09
N ILE BC 54 -49.74 11.63 13.49
CA ILE BC 54 -49.66 10.19 13.33
C ILE BC 54 -48.53 9.65 14.21
N PHE BC 55 -48.84 8.63 14.99
CA PHE BC 55 -47.94 8.16 16.02
C PHE BC 55 -46.85 7.27 15.41
N ARG BC 56 -45.60 7.53 15.79
CA ARG BC 56 -44.45 6.81 15.24
C ARG BC 56 -43.61 6.10 16.27
N LYS BC 57 -43.32 6.74 17.41
CA LYS BC 57 -42.33 6.22 18.36
C LYS BC 57 -42.97 5.24 19.34
N LYS BC 58 -43.29 4.06 18.81
CA LYS BC 58 -43.85 2.99 19.64
C LYS BC 58 -42.74 2.34 20.45
N ALA BC 59 -42.97 2.15 21.74
CA ALA BC 59 -41.98 1.58 22.63
C ALA BC 59 -42.43 0.34 23.36
N LYS BC 60 -43.71 0.21 23.69
CA LYS BC 60 -44.21 -0.98 24.38
C LYS BC 60 -44.44 -2.11 23.39
N THR BC 61 -44.02 -3.31 23.79
CA THR BC 61 -44.14 -4.48 22.94
C THR BC 61 -45.31 -5.39 23.32
N THR BC 62 -45.90 -5.19 24.49
CA THR BC 62 -47.00 -6.03 24.97
C THR BC 62 -48.27 -5.21 25.11
N LYS BC 63 -49.39 -5.91 25.21
CA LYS BC 63 -50.69 -5.29 25.38
C LYS BC 63 -51.38 -5.90 26.59
N LYS BC 64 -52.28 -5.14 27.20
CA LYS BC 64 -53.07 -5.64 28.31
C LYS BC 64 -54.14 -6.58 27.79
N ILE BC 65 -54.10 -7.83 28.25
CA ILE BC 65 -55.05 -8.84 27.82
C ILE BC 65 -56.32 -8.68 28.65
N VAL BC 66 -57.44 -8.43 27.97
CA VAL BC 66 -58.73 -8.29 28.62
C VAL BC 66 -59.63 -9.43 28.16
N LEU BC 67 -60.50 -9.88 29.07
CA LEU BC 67 -61.29 -11.07 28.89
C LEU BC 67 -62.76 -10.70 28.82
N ARG BC 68 -63.46 -11.21 27.81
CA ARG BC 68 -64.90 -11.09 27.69
C ARG BC 68 -65.55 -12.21 28.49
N LEU BC 69 -66.28 -11.83 29.54
CA LEU BC 69 -66.98 -12.78 30.41
C LEU BC 69 -68.45 -12.74 30.03
N GLU BC 70 -68.97 -13.88 29.59
CA GLU BC 70 -70.38 -14.04 29.27
C GLU BC 70 -71.05 -14.93 30.30
N CYS BC 71 -72.26 -14.57 30.72
CA CYS BC 71 -73.00 -15.40 31.65
C CYS BC 71 -73.47 -16.68 30.96
N VAL BC 72 -73.22 -17.83 31.60
CA VAL BC 72 -73.56 -19.11 30.99
C VAL BC 72 -75.06 -19.37 31.10
N GLU BC 73 -75.72 -18.81 32.11
CA GLU BC 73 -77.13 -19.07 32.37
C GLU BC 73 -78.01 -18.54 31.23
N PRO BC 74 -79.09 -19.25 30.89
CA PRO BC 74 -79.96 -18.81 29.80
C PRO BC 74 -80.72 -17.55 30.18
N ASN BC 75 -81.08 -16.78 29.14
CA ASN BC 75 -81.83 -15.52 29.12
C ASN BC 75 -81.26 -14.42 30.04
N CYS BC 76 -80.02 -14.58 30.52
CA CYS BC 76 -79.31 -13.50 31.19
C CYS BC 76 -78.39 -12.79 30.21
N ARG BC 77 -77.42 -13.52 29.66
CA ARG BC 77 -76.52 -13.09 28.56
C ARG BC 77 -75.74 -11.82 28.91
N SER BC 78 -75.40 -11.65 30.19
CA SER BC 78 -74.64 -10.49 30.61
C SER BC 78 -73.18 -10.66 30.22
N LYS BC 79 -72.62 -9.65 29.55
CA LYS BC 79 -71.24 -9.64 29.13
C LYS BC 79 -70.52 -8.48 29.79
N ARG BC 80 -69.30 -8.73 30.27
CA ARG BC 80 -68.47 -7.63 30.73
C ARG BC 80 -67.00 -8.00 30.55
N MET BC 81 -66.12 -7.14 31.05
CA MET BC 81 -64.70 -7.23 30.77
C MET BC 81 -63.89 -7.34 32.05
N LEU BC 82 -62.83 -8.13 32.01
CA LEU BC 82 -61.88 -8.23 33.11
C LEU BC 82 -60.46 -8.11 32.57
N ALA BC 83 -59.71 -7.15 33.11
CA ALA BC 83 -58.37 -6.85 32.62
C ALA BC 83 -57.32 -7.63 33.41
N ILE BC 84 -56.27 -8.08 32.73
CA ILE BC 84 -55.12 -8.72 33.36
C ILE BC 84 -53.92 -7.82 33.08
N LYS BC 85 -52.86 -8.00 33.86
CA LYS BC 85 -51.61 -7.29 33.63
C LYS BC 85 -50.95 -7.72 32.32
N ARG BC 86 -49.89 -7.00 31.96
CA ARG BC 86 -49.25 -7.19 30.66
C ARG BC 86 -48.49 -8.52 30.61
N CYS BC 87 -48.71 -9.28 29.53
CA CYS BC 87 -48.04 -10.55 29.35
C CYS BC 87 -47.69 -10.73 27.88
N LYS BC 88 -46.60 -11.47 27.63
CA LYS BC 88 -46.12 -11.66 26.27
C LYS BC 88 -46.88 -12.77 25.57
N HIS BC 89 -46.93 -13.96 26.17
CA HIS BC 89 -47.65 -15.10 25.62
C HIS BC 89 -48.88 -15.35 26.46
N PHE BC 90 -49.97 -15.77 25.80
CA PHE BC 90 -51.25 -15.93 26.47
C PHE BC 90 -51.93 -17.20 25.97
N GLU BC 91 -51.94 -18.24 26.79
CA GLU BC 91 -52.68 -19.45 26.49
C GLU BC 91 -54.17 -19.21 26.73
N LEU BC 92 -55.00 -19.86 25.92
CA LEU BC 92 -56.43 -19.57 25.97
C LEU BC 92 -57.11 -20.25 27.14
N GLY BC 93 -57.17 -21.58 27.12
CA GLY BC 93 -57.88 -22.28 28.17
C GLY BC 93 -57.37 -23.64 28.58
N GLY BC 94 -56.22 -24.08 28.04
CA GLY BC 94 -55.78 -25.44 28.20
C GLY BC 94 -54.34 -25.53 28.70
N ASP BC 95 -53.84 -26.78 28.68
CA ASP BC 95 -52.46 -27.14 29.04
C ASP BC 95 -52.12 -26.74 30.47
N LYS BC 96 -52.82 -27.34 31.42
CA LYS BC 96 -52.46 -27.19 32.82
C LYS BC 96 -51.25 -28.07 33.14
N LYS BC 97 -50.53 -27.69 34.20
CA LYS BC 97 -49.27 -28.33 34.54
C LYS BC 97 -49.39 -29.04 35.89
N ARG BC 98 -48.40 -29.88 36.18
CA ARG BC 98 -48.36 -30.69 37.38
C ARG BC 98 -46.92 -30.80 37.87
N LYS BC 99 -46.77 -31.08 39.16
CA LYS BC 99 -45.47 -30.98 39.81
C LYS BC 99 -44.67 -32.27 39.74
N GLY BC 100 -45.31 -33.43 39.94
CA GLY BC 100 -44.61 -34.69 40.02
C GLY BC 100 -44.19 -35.31 38.69
N GLN BC 101 -44.33 -34.60 37.59
CA GLN BC 101 -44.04 -35.18 36.28
C GLN BC 101 -42.56 -35.09 35.97
N VAL BC 102 -42.04 -36.13 35.31
CA VAL BC 102 -40.67 -36.11 34.78
C VAL BC 102 -40.57 -35.03 33.68
N ILE BC 103 -39.38 -34.43 33.56
CA ILE BC 103 -39.18 -33.35 32.60
C ILE BC 103 -39.20 -33.90 31.17
N GLN BC 104 -38.37 -34.90 30.90
CA GLN BC 104 -38.20 -35.62 29.62
C GLN BC 104 -38.13 -34.66 28.41
N PHE BC 105 -37.09 -33.84 28.42
CA PHE BC 105 -36.86 -32.83 27.38
C PHE BC 105 -36.54 -33.47 26.04
N ALA CC 1 13.34 19.28 -54.29
CA ALA CC 1 13.87 18.38 -53.27
C ALA CC 1 12.75 17.89 -52.35
N LYS CC 2 12.82 16.63 -51.96
CA LYS CC 2 11.84 16.06 -51.04
C LYS CC 2 12.13 16.59 -49.64
N ARG CC 3 11.42 17.65 -49.25
CA ARG CC 3 11.68 18.30 -47.98
C ARG CC 3 11.11 17.52 -46.81
N THR CC 4 9.89 17.02 -46.95
CA THR CC 4 9.24 16.21 -45.93
C THR CC 4 9.04 14.80 -46.46
N LYS CC 5 9.13 13.82 -45.56
CA LYS CC 5 9.07 12.42 -45.95
C LYS CC 5 7.80 11.70 -45.53
N LYS CC 6 7.11 12.15 -44.48
CA LYS CC 6 5.95 11.40 -44.01
C LYS CC 6 4.71 12.28 -43.87
N VAL CC 7 4.88 13.55 -43.51
CA VAL CC 7 3.72 14.37 -43.20
C VAL CC 7 2.99 14.83 -44.45
N GLY CC 8 3.71 15.11 -45.53
CA GLY CC 8 3.09 15.58 -46.77
C GLY CC 8 2.45 16.94 -46.65
N ILE CC 9 1.15 17.03 -46.95
CA ILE CC 9 0.43 18.28 -46.86
C ILE CC 9 0.11 18.63 -45.40
N VAL CC 10 0.23 17.67 -44.48
CA VAL CC 10 -0.19 17.87 -43.10
C VAL CC 10 0.87 18.62 -42.30
N GLY CC 11 2.06 18.83 -42.87
CA GLY CC 11 3.14 19.56 -42.22
C GLY CC 11 2.83 21.02 -41.93
N LYS CC 12 1.74 21.56 -42.47
CA LYS CC 12 1.26 22.87 -42.08
C LYS CC 12 0.76 22.90 -40.63
N TYR CC 13 0.38 21.75 -40.07
CA TYR CC 13 -0.04 21.72 -38.68
C TYR CC 13 1.17 21.67 -37.76
N GLY CC 14 1.96 20.61 -37.84
CA GLY CC 14 3.16 20.51 -37.04
C GLY CC 14 3.20 19.30 -36.14
N THR CC 15 3.44 19.53 -34.84
CA THR CC 15 3.61 18.45 -33.89
C THR CC 15 2.32 18.06 -33.18
N ARG CC 16 1.19 18.64 -33.55
CA ARG CC 16 -0.02 18.51 -32.76
C ARG CC 16 -1.01 17.52 -33.37
N TYR CC 17 -1.89 17.02 -32.50
CA TYR CC 17 -3.08 16.23 -32.82
C TYR CC 17 -2.79 14.86 -33.41
N GLY CC 18 -1.69 14.21 -33.02
CA GLY CC 18 -1.57 12.78 -33.20
C GLY CC 18 -1.19 12.24 -34.57
N ALA CC 19 -0.37 11.20 -34.57
CA ALA CC 19 0.12 10.63 -35.82
C ALA CC 19 -0.99 9.92 -36.59
N SER CC 20 -1.83 9.15 -35.90
CA SER CC 20 -2.91 8.43 -36.58
C SER CC 20 -3.97 9.38 -37.12
N LEU CC 21 -4.27 10.44 -36.38
CA LEU CC 21 -5.24 11.42 -36.86
C LEU CC 21 -4.69 12.21 -38.04
N ARG CC 22 -3.40 12.57 -38.01
CA ARG CC 22 -2.81 13.25 -39.15
C ARG CC 22 -2.71 12.33 -40.36
N LYS CC 23 -2.46 11.04 -40.14
CA LYS CC 23 -2.42 10.08 -41.25
C LYS CC 23 -3.79 9.86 -41.85
N MET CC 24 -4.84 9.91 -41.03
CA MET CC 24 -6.20 9.74 -41.55
C MET CC 24 -6.70 11.01 -42.22
N VAL CC 25 -6.20 12.18 -41.81
CA VAL CC 25 -6.58 13.43 -42.46
C VAL CC 25 -5.77 13.68 -43.73
N LYS CC 26 -4.60 13.04 -43.88
CA LYS CC 26 -3.71 13.26 -45.02
C LYS CC 26 -4.37 12.90 -46.36
N LYS CC 27 -4.96 11.71 -46.44
CA LYS CC 27 -5.51 11.21 -47.70
C LYS CC 27 -6.71 12.03 -48.15
N ILE CC 28 -7.57 12.42 -47.22
CA ILE CC 28 -8.72 13.23 -47.59
C ILE CC 28 -8.39 14.71 -47.79
N GLU CC 29 -7.29 15.22 -47.22
CA GLU CC 29 -6.84 16.55 -47.60
C GLU CC 29 -6.26 16.56 -49.02
N ILE CC 30 -5.51 15.51 -49.38
CA ILE CC 30 -5.05 15.36 -50.76
C ILE CC 30 -6.24 15.22 -51.70
N SER CC 31 -7.28 14.50 -51.25
CA SER CC 31 -8.49 14.34 -52.06
C SER CC 31 -9.26 15.64 -52.24
N GLN CC 32 -9.37 16.47 -51.20
CA GLN CC 32 -10.10 17.71 -51.36
C GLN CC 32 -9.29 18.78 -52.08
N HIS CC 33 -7.96 18.73 -52.04
CA HIS CC 33 -7.16 19.77 -52.68
C HIS CC 33 -6.66 19.37 -54.05
N ALA CC 34 -6.83 18.13 -54.46
CA ALA CC 34 -6.42 17.71 -55.79
C ALA CC 34 -7.42 18.19 -56.84
N LYS CC 35 -6.91 18.47 -58.03
CA LYS CC 35 -7.78 18.79 -59.16
C LYS CC 35 -8.28 17.51 -59.83
N TYR CC 36 -9.51 17.54 -60.30
CA TYR CC 36 -10.15 16.37 -60.90
C TYR CC 36 -10.53 16.66 -62.34
N THR CC 37 -10.57 15.59 -63.14
CA THR CC 37 -10.88 15.71 -64.55
C THR CC 37 -12.37 15.97 -64.74
N CYS CC 38 -12.71 17.09 -65.36
CA CYS CC 38 -14.09 17.40 -65.66
C CYS CC 38 -14.61 16.48 -66.75
N SER CC 39 -15.77 15.85 -66.50
CA SER CC 39 -16.32 14.89 -67.43
C SER CC 39 -17.02 15.55 -68.62
N PHE CC 40 -17.17 16.87 -68.60
CA PHE CC 40 -17.89 17.59 -69.66
C PHE CC 40 -16.94 18.26 -70.64
N CYS CC 41 -16.03 19.10 -70.14
CA CYS CC 41 -15.10 19.80 -71.00
C CYS CC 41 -13.77 19.07 -71.17
N GLY CC 42 -13.55 17.99 -70.42
CA GLY CC 42 -12.32 17.24 -70.53
C GLY CC 42 -11.12 17.83 -69.82
N LYS CC 43 -11.27 18.97 -69.16
CA LYS CC 43 -10.16 19.61 -68.48
C LYS CC 43 -10.04 19.13 -67.04
N THR CC 44 -9.00 19.59 -66.36
CA THR CC 44 -8.73 19.24 -64.97
C THR CC 44 -9.09 20.37 -64.02
N LYS CC 45 -10.22 21.05 -64.26
CA LYS CC 45 -10.55 22.28 -63.54
C LYS CC 45 -11.61 22.10 -62.47
N MET CC 46 -11.85 20.86 -62.00
CA MET CC 46 -12.80 20.65 -60.91
C MET CC 46 -12.19 21.10 -59.59
N LYS CC 47 -12.51 22.34 -59.21
CA LYS CC 47 -12.11 22.90 -57.93
C LYS CC 47 -13.23 22.68 -56.93
N ARG CC 48 -12.86 22.45 -55.68
CA ARG CC 48 -13.83 22.21 -54.62
C ARG CC 48 -14.47 23.52 -54.17
N ARG CC 49 -15.80 23.57 -54.20
CA ARG CC 49 -16.61 24.63 -53.63
C ARG CC 49 -16.88 24.24 -52.17
N ALA CC 50 -17.92 24.76 -51.53
CA ALA CC 50 -18.38 24.24 -50.25
C ALA CC 50 -18.72 22.75 -50.33
N VAL CC 51 -18.86 22.13 -49.15
CA VAL CC 51 -18.78 20.67 -48.99
C VAL CC 51 -19.90 19.97 -49.75
N GLY CC 52 -19.52 19.11 -50.70
CA GLY CC 52 -20.44 18.44 -51.58
C GLY CC 52 -20.54 19.02 -52.97
N ILE CC 53 -19.91 20.16 -53.23
CA ILE CC 53 -20.09 20.89 -54.49
C ILE CC 53 -18.74 20.99 -55.19
N TRP CC 54 -18.71 20.60 -56.46
CA TRP CC 54 -17.52 20.73 -57.29
C TRP CC 54 -17.84 21.66 -58.45
N HIS CC 55 -16.83 22.42 -58.90
CA HIS CC 55 -17.04 23.49 -59.87
C HIS CC 55 -15.93 23.45 -60.90
N CYS CC 56 -16.29 23.36 -62.17
CA CYS CC 56 -15.31 23.40 -63.24
C CYS CC 56 -15.09 24.83 -63.71
N GLY CC 57 -13.83 25.15 -64.00
CA GLY CC 57 -13.49 26.51 -64.40
C GLY CC 57 -13.98 26.84 -65.79
N SER CC 58 -13.68 26.00 -66.77
CA SER CC 58 -14.22 26.14 -68.10
C SER CC 58 -15.66 25.65 -68.13
N CYS CC 59 -16.51 26.34 -68.90
CA CYS CC 59 -17.91 26.09 -69.23
C CYS CC 59 -18.87 26.13 -68.02
N MET CC 60 -18.33 26.36 -66.81
CA MET CC 60 -19.09 26.78 -65.62
C MET CC 60 -20.19 25.80 -65.21
N LYS CC 61 -19.99 24.51 -65.41
CA LYS CC 61 -21.03 23.52 -65.14
C LYS CC 61 -20.81 22.93 -63.76
N THR CC 62 -21.53 23.47 -62.77
CA THR CC 62 -21.35 23.10 -61.38
C THR CC 62 -22.02 21.76 -61.12
N VAL CC 63 -21.30 20.85 -60.46
CA VAL CC 63 -21.79 19.49 -60.26
C VAL CC 63 -21.83 19.21 -58.75
N ALA CC 64 -22.78 18.36 -58.35
CA ALA CC 64 -22.91 17.94 -56.97
C ALA CC 64 -22.19 16.61 -56.79
N GLY CC 65 -21.03 16.65 -56.14
CA GLY CC 65 -20.25 15.43 -55.96
C GLY CC 65 -20.21 15.00 -54.52
N GLY CC 66 -19.22 14.18 -54.17
CA GLY CC 66 -19.05 13.75 -52.79
C GLY CC 66 -18.53 14.85 -51.91
N ALA CC 67 -18.40 14.54 -50.63
CA ALA CC 67 -17.95 15.53 -49.66
C ALA CC 67 -16.44 15.71 -49.69
N TRP CC 68 -15.69 14.70 -50.13
CA TRP CC 68 -14.24 14.77 -50.15
C TRP CC 68 -13.61 14.28 -51.45
N THR CC 69 -14.34 13.57 -52.29
CA THR CC 69 -13.88 13.16 -53.61
C THR CC 69 -14.88 13.65 -54.66
N TYR CC 70 -14.58 13.36 -55.92
CA TYR CC 70 -15.51 13.73 -56.98
C TYR CC 70 -16.70 12.78 -57.04
N ASN CC 71 -16.45 11.49 -56.82
CA ASN CC 71 -17.50 10.49 -56.78
C ASN CC 71 -17.22 9.51 -55.66
N THR CC 72 -18.20 9.33 -54.77
CA THR CC 72 -18.13 8.31 -53.74
C THR CC 72 -18.34 6.94 -54.39
N THR CC 73 -17.55 5.95 -53.98
CA THR CC 73 -17.69 4.61 -54.52
C THR CC 73 -19.03 3.99 -54.16
N SER CC 74 -19.56 4.32 -52.98
CA SER CC 74 -20.91 3.91 -52.63
C SER CC 74 -21.94 4.56 -53.55
N ALA CC 75 -21.68 5.81 -53.95
CA ALA CC 75 -22.59 6.49 -54.87
C ALA CC 75 -22.51 5.90 -56.28
N VAL CC 76 -21.32 5.44 -56.69
CA VAL CC 76 -21.20 4.76 -57.97
C VAL CC 76 -21.94 3.41 -57.94
N THR CC 77 -21.89 2.73 -56.79
CA THR CC 77 -22.66 1.50 -56.61
C THR CC 77 -24.16 1.79 -56.65
N VAL CC 78 -24.59 2.91 -56.08
CA VAL CC 78 -25.99 3.33 -56.15
C VAL CC 78 -26.39 3.62 -57.59
N LYS CC 79 -25.52 4.28 -58.36
CA LYS CC 79 -25.81 4.58 -59.75
C LYS CC 79 -25.92 3.31 -60.60
N SER CC 80 -25.05 2.33 -60.34
CA SER CC 80 -25.14 1.05 -61.03
C SER CC 80 -26.42 0.30 -60.67
N ALA CC 81 -26.83 0.35 -59.40
CA ALA CC 81 -28.09 -0.28 -59.00
C ALA CC 81 -29.29 0.42 -59.61
N ILE CC 82 -29.23 1.75 -59.76
CA ILE CC 82 -30.33 2.50 -60.36
C ILE CC 82 -30.47 2.20 -61.84
N ARG CC 83 -29.35 2.12 -62.58
CA ARG CC 83 -29.47 1.75 -63.99
C ARG CC 83 -29.86 0.28 -64.16
N ARG CC 84 -29.45 -0.59 -63.25
CA ARG CC 84 -29.88 -1.99 -63.29
C ARG CC 84 -31.37 -2.13 -63.05
N LEU CC 85 -31.91 -1.42 -62.05
CA LEU CC 85 -33.34 -1.46 -61.79
C LEU CC 85 -34.12 -0.68 -62.84
N LYS CC 86 -33.49 0.22 -63.57
CA LYS CC 86 -34.14 0.88 -64.70
C LYS CC 86 -34.34 -0.10 -65.85
N GLU CC 87 -33.25 -0.64 -66.38
CA GLU CC 87 -33.38 -1.56 -67.51
C GLU CC 87 -33.66 -3.00 -67.10
N LEU CC 88 -34.06 -3.26 -65.85
CA LEU CC 88 -34.50 -4.58 -65.44
C LEU CC 88 -36.02 -4.65 -65.52
N LYS CC 89 -36.53 -5.41 -66.50
CA LYS CC 89 -37.94 -5.80 -66.64
C LYS CC 89 -38.87 -4.61 -66.83
N ASP CC 90 -38.33 -3.50 -67.36
CA ASP CC 90 -39.06 -2.29 -67.74
C ASP CC 90 -39.84 -1.71 -66.56
N GLN CC 91 -39.06 -1.25 -65.57
CA GLN CC 91 -39.54 -0.70 -64.28
C GLN CC 91 -40.43 -1.69 -63.54
N SER DC 1 -75.59 74.75 61.90
CA SER DC 1 -74.92 74.38 60.65
C SER DC 1 -73.57 75.07 60.54
N ALA DC 2 -73.10 75.61 61.67
CA ALA DC 2 -71.81 76.29 61.69
C ALA DC 2 -70.66 75.32 61.47
N HIS DC 3 -70.78 74.09 62.00
CA HIS DC 3 -69.76 73.09 61.75
C HIS DC 3 -69.76 72.60 60.32
N LEU DC 4 -70.95 72.51 59.68
CA LEU DC 4 -71.02 72.21 58.26
C LEU DC 4 -70.36 73.30 57.43
N GLN DC 5 -70.66 74.56 57.74
CA GLN DC 5 -70.05 75.68 57.05
C GLN DC 5 -68.55 75.72 57.25
N TRP DC 6 -68.06 75.33 58.44
CA TRP DC 6 -66.62 75.30 58.63
C TRP DC 6 -65.98 74.15 57.84
N MET DC 7 -66.58 72.96 57.87
CA MET DC 7 -66.04 71.82 57.16
C MET DC 7 -66.12 71.98 55.64
N VAL DC 8 -66.93 72.89 55.13
CA VAL DC 8 -66.88 73.24 53.72
C VAL DC 8 -65.89 74.37 53.45
N VAL DC 9 -65.90 75.43 54.27
CA VAL DC 9 -65.14 76.65 53.98
C VAL DC 9 -63.65 76.48 54.26
N ARG DC 10 -63.26 75.56 55.17
CA ARG DC 10 -61.86 75.37 55.56
C ARG DC 10 -60.95 74.90 54.43
N ASN DC 11 -61.52 74.49 53.30
CA ASN DC 11 -60.78 74.33 52.06
C ASN DC 11 -61.65 74.95 50.97
N CYS DC 12 -61.07 75.07 49.76
CA CYS DC 12 -61.75 75.41 48.50
C CYS DC 12 -62.60 76.69 48.58
N SER DC 13 -62.11 77.68 49.32
CA SER DC 13 -62.79 78.96 49.44
C SER DC 13 -62.04 80.02 48.63
N SER DC 14 -62.61 81.23 48.59
CA SER DC 14 -61.92 82.38 47.98
C SER DC 14 -61.14 83.16 49.03
N PHE DC 15 -60.38 82.40 49.81
CA PHE DC 15 -59.60 82.80 50.98
C PHE DC 15 -58.53 81.72 51.10
N LEU DC 16 -57.94 81.59 52.29
CA LEU DC 16 -57.04 80.49 52.65
C LEU DC 16 -55.78 80.52 51.77
N ILE DC 17 -55.02 81.59 51.95
CA ILE DC 17 -53.80 81.79 51.15
C ILE DC 17 -52.75 80.84 51.70
N LYS DC 18 -52.59 79.70 51.02
CA LYS DC 18 -51.58 78.70 51.37
C LYS DC 18 -50.32 78.89 50.53
N ARG DC 19 -49.77 80.09 50.59
CA ARG DC 19 -48.71 80.53 49.69
C ARG DC 19 -47.40 80.63 50.48
N ASN DC 20 -46.58 79.58 50.39
CA ASN DC 20 -45.21 79.45 50.88
C ASN DC 20 -45.11 79.42 52.41
N LYS DC 21 -46.21 79.60 53.13
CA LYS DC 21 -46.25 79.63 54.58
C LYS DC 21 -47.57 79.00 55.02
N GLN DC 22 -47.94 79.26 56.27
CA GLN DC 22 -49.17 78.72 56.84
C GLN DC 22 -50.39 79.44 56.28
N THR DC 23 -51.56 79.05 56.78
CA THR DC 23 -52.84 79.49 56.23
C THR DC 23 -53.25 80.84 56.80
N TYR DC 24 -53.53 81.79 55.90
CA TYR DC 24 -54.07 83.10 56.26
C TYR DC 24 -55.43 83.27 55.60
N SER DC 25 -56.36 83.88 56.32
CA SER DC 25 -57.75 83.93 55.87
C SER DC 25 -58.04 85.18 55.05
N THR DC 26 -57.72 86.36 55.61
CA THR DC 26 -57.80 87.73 55.11
C THR DC 26 -59.24 88.27 55.09
N GLU DC 27 -60.25 87.36 55.10
CA GLU DC 27 -61.49 87.33 55.88
C GLU DC 27 -62.05 88.69 56.27
N PRO DC 28 -62.82 89.38 55.39
CA PRO DC 28 -63.19 90.80 55.61
C PRO DC 28 -63.89 91.17 56.92
N ASN DC 29 -64.32 90.19 57.71
CA ASN DC 29 -64.71 90.40 59.11
C ASN DC 29 -63.95 89.36 59.93
N ASN DC 30 -62.93 89.79 60.66
CA ASN DC 30 -62.07 88.86 61.37
C ASN DC 30 -61.30 89.63 62.45
N LEU DC 31 -60.78 88.87 63.42
CA LEU DC 31 -59.95 89.43 64.48
C LEU DC 31 -58.53 88.88 64.49
N LYS DC 32 -58.33 87.62 64.14
CA LYS DC 32 -57.01 87.04 63.98
C LYS DC 32 -56.92 86.40 62.60
N ALA DC 33 -55.78 86.62 61.93
CA ALA DC 33 -55.64 86.19 60.55
C ALA DC 33 -55.50 84.68 60.39
N ARG DC 34 -55.31 83.94 61.49
CA ARG DC 34 -55.25 82.49 61.42
C ARG DC 34 -56.63 81.94 61.06
N ASN DC 35 -56.70 81.20 59.96
CA ASN DC 35 -57.97 80.63 59.52
C ASN DC 35 -58.31 79.45 60.43
N SER DC 36 -58.91 79.75 61.58
CA SER DC 36 -59.25 78.76 62.59
C SER DC 36 -60.75 78.72 62.78
N PHE DC 37 -61.20 77.87 63.70
CA PHE DC 37 -62.63 77.76 63.95
C PHE DC 37 -63.10 78.73 65.02
N ARG DC 38 -62.31 78.93 66.08
CA ARG DC 38 -62.73 79.83 67.14
C ARG DC 38 -62.64 81.29 66.72
N TYR DC 39 -61.85 81.59 65.70
CA TYR DC 39 -61.68 82.95 65.18
C TYR DC 39 -62.22 82.94 63.75
N ASN DC 40 -63.49 83.31 63.60
CA ASN DC 40 -64.14 83.26 62.29
C ASN DC 40 -65.32 84.22 62.30
N GLY DC 41 -65.46 85.01 61.25
CA GLY DC 41 -66.44 86.08 61.23
C GLY DC 41 -67.59 85.94 60.25
N LEU DC 42 -67.54 84.93 59.39
CA LEU DC 42 -68.60 84.72 58.41
C LEU DC 42 -69.54 83.59 58.77
N ILE DC 43 -69.09 82.63 59.58
CA ILE DC 43 -69.81 81.38 59.79
C ILE DC 43 -70.67 81.41 61.04
N HIS DC 44 -70.15 81.94 62.14
CA HIS DC 44 -70.82 81.86 63.43
C HIS DC 44 -72.06 82.74 63.48
N ARG DC 45 -72.99 82.34 64.35
CA ARG DC 45 -74.20 83.12 64.60
C ARG DC 45 -73.90 84.39 65.38
N LYS DC 46 -72.76 84.46 66.05
CA LYS DC 46 -72.35 85.61 66.84
C LYS DC 46 -70.89 85.88 66.48
N THR DC 47 -70.60 87.03 65.85
CA THR DC 47 -69.25 87.36 65.41
C THR DC 47 -68.90 88.78 65.81
N VAL DC 48 -67.62 88.99 66.13
CA VAL DC 48 -67.07 90.28 66.52
C VAL DC 48 -65.92 90.61 65.57
N GLY DC 49 -65.85 91.86 65.11
CA GLY DC 49 -64.70 92.31 64.37
C GLY DC 49 -64.46 93.79 64.61
N VAL DC 50 -63.22 94.22 64.43
CA VAL DC 50 -62.87 95.63 64.49
C VAL DC 50 -62.15 96.02 63.21
N GLU DC 51 -62.39 97.24 62.77
CA GLU DC 51 -61.92 97.76 61.50
C GLU DC 51 -61.55 99.23 61.72
N PRO DC 52 -60.72 99.81 60.85
CA PRO DC 52 -60.45 101.24 60.97
C PRO DC 52 -61.58 102.07 60.40
N ALA DC 53 -61.69 103.29 60.91
CA ALA DC 53 -62.74 104.20 60.45
C ALA DC 53 -62.42 104.75 59.08
N ALA DC 54 -63.48 105.10 58.34
CA ALA DC 54 -63.30 105.65 57.01
C ALA DC 54 -62.77 107.07 57.04
N ASP DC 55 -63.06 107.82 58.11
CA ASP DC 55 -62.55 109.18 58.22
C ASP DC 55 -61.06 109.19 58.58
N GLY DC 56 -60.56 108.12 59.18
CA GLY DC 56 -59.18 108.03 59.60
C GLY DC 56 -58.98 108.11 61.09
N LYS DC 57 -59.93 108.70 61.82
CA LYS DC 57 -59.86 108.82 63.27
C LYS DC 57 -60.91 107.91 63.90
N GLY DC 58 -60.49 107.11 64.87
CA GLY DC 58 -61.38 106.20 65.55
C GLY DC 58 -61.36 104.80 64.98
N VAL DC 59 -62.00 103.89 65.72
CA VAL DC 59 -62.10 102.48 65.35
C VAL DC 59 -63.58 102.13 65.25
N VAL DC 60 -63.95 101.41 64.19
CA VAL DC 60 -65.32 100.94 64.06
C VAL DC 60 -65.36 99.47 64.47
N VAL DC 61 -66.47 99.09 65.11
CA VAL DC 61 -66.67 97.74 65.61
C VAL DC 61 -67.90 97.17 64.91
N VAL DC 62 -67.73 96.02 64.27
CA VAL DC 62 -68.77 95.34 63.51
C VAL DC 62 -69.15 94.09 64.27
N ILE DC 63 -70.38 94.03 64.78
CA ILE DC 63 -70.84 92.85 65.50
C ILE DC 63 -72.10 92.30 64.83
N LYS DC 64 -72.22 90.98 64.84
CA LYS DC 64 -73.34 90.34 64.18
C LYS DC 64 -74.61 90.49 65.03
N ARG DC 65 -75.74 90.67 64.34
CA ARG DC 65 -76.97 91.07 65.01
C ARG DC 65 -77.56 89.93 65.83
N ARG DC 66 -77.69 88.74 65.21
CA ARG DC 66 -78.26 87.48 65.72
C ARG DC 66 -79.79 87.55 65.83
N SER DC 67 -80.37 88.75 65.65
CA SER DC 67 -81.82 88.88 65.61
C SER DC 67 -82.40 88.48 64.27
N GLY DC 68 -81.55 88.30 63.26
CA GLY DC 68 -82.01 87.79 61.97
C GLY DC 68 -80.88 87.20 61.15
N GLN DC 69 -81.06 85.99 60.66
CA GLN DC 69 -80.07 85.33 59.81
C GLN DC 69 -80.50 85.40 58.35
N ARG DC 70 -79.54 85.07 57.47
CA ARG DC 70 -79.72 85.03 56.01
C ARG DC 70 -80.14 86.38 55.43
N LYS DC 71 -79.83 87.47 56.11
CA LYS DC 71 -80.21 88.82 55.67
C LYS DC 71 -79.02 89.73 55.94
N PRO DC 72 -78.03 89.72 55.04
CA PRO DC 72 -76.76 90.40 55.32
C PRO DC 72 -76.82 91.92 55.20
N ALA DC 73 -77.96 92.50 54.80
CA ALA DC 73 -78.08 93.94 54.83
C ALA DC 73 -78.21 94.47 56.24
N THR DC 74 -78.80 93.68 57.14
CA THR DC 74 -78.95 94.07 58.54
C THR DC 74 -78.24 93.10 59.49
N SER DC 75 -77.51 92.12 58.96
CA SER DC 75 -76.88 91.11 59.81
C SER DC 75 -75.67 91.64 60.57
N TYR DC 76 -75.11 92.77 60.16
CA TYR DC 76 -73.93 93.33 60.82
C TYR DC 76 -74.25 94.75 61.25
N VAL DC 77 -74.21 95.00 62.56
CA VAL DC 77 -74.43 96.33 63.10
C VAL DC 77 -73.08 96.91 63.51
N ARG DC 78 -72.86 98.18 63.17
CA ARG DC 78 -71.57 98.83 63.31
C ARG DC 78 -71.66 99.98 64.30
N THR DC 79 -70.54 100.26 64.95
CA THR DC 79 -70.44 101.45 65.78
C THR DC 79 -69.09 102.11 65.55
N THR DC 80 -69.04 103.42 65.72
CA THR DC 80 -67.84 104.22 65.47
C THR DC 80 -67.41 104.82 66.80
N ILE DC 81 -66.30 104.34 67.36
CA ILE DC 81 -65.82 104.79 68.65
C ILE DC 81 -64.53 105.57 68.43
N ASN DC 82 -64.54 106.85 68.80
CA ASN DC 82 -63.38 107.73 68.67
C ASN DC 82 -63.08 108.27 70.07
N LYS DC 83 -62.29 107.52 70.83
CA LYS DC 83 -61.94 107.89 72.19
C LYS DC 83 -60.42 107.87 72.35
N ASN DC 84 -59.95 108.17 73.55
CA ASN DC 84 -58.52 108.36 73.80
C ASN DC 84 -57.82 107.07 74.24
N ALA DC 85 -58.12 106.01 73.50
CA ALA DC 85 -57.54 104.66 73.46
C ALA DC 85 -57.79 103.82 74.70
N ARG DC 86 -57.90 104.44 75.87
CA ARG DC 86 -58.20 103.69 77.08
C ARG DC 86 -59.68 103.61 77.34
N ALA DC 87 -60.39 104.70 77.07
CA ALA DC 87 -61.85 104.69 77.12
C ALA DC 87 -62.44 103.75 76.08
N THR DC 88 -61.87 103.69 74.87
CA THR DC 88 -62.39 102.73 73.89
C THR DC 88 -61.92 101.30 74.17
N LEU DC 89 -60.74 101.11 74.77
CA LEU DC 89 -60.34 99.75 75.12
C LEU DC 89 -61.20 99.22 76.27
N SER DC 90 -61.50 100.07 77.25
CA SER DC 90 -62.43 99.70 78.30
C SER DC 90 -63.85 99.55 77.77
N SER DC 91 -64.22 100.32 76.75
CA SER DC 91 -65.54 100.20 76.15
C SER DC 91 -65.73 98.85 75.47
N ILE DC 92 -64.74 98.40 74.70
CA ILE DC 92 -64.86 97.09 74.09
C ILE DC 92 -64.71 95.97 75.14
N ARG DC 93 -63.95 96.21 76.22
CA ARG DC 93 -63.88 95.22 77.30
C ARG DC 93 -65.23 95.05 77.99
N HIS DC 94 -65.89 96.15 78.34
CA HIS DC 94 -67.20 96.04 78.99
C HIS DC 94 -68.26 95.53 78.03
N MET DC 95 -68.12 95.84 76.73
CA MET DC 95 -69.07 95.36 75.74
C MET DC 95 -68.97 93.84 75.55
N ILE DC 96 -67.77 93.29 75.63
CA ILE DC 96 -67.63 91.84 75.50
C ILE DC 96 -67.88 91.12 76.82
N ARG DC 97 -67.38 91.67 77.94
CA ARG DC 97 -67.51 90.98 79.23
C ARG DC 97 -68.93 91.07 79.78
N LYS DC 98 -69.50 92.29 79.82
CA LYS DC 98 -70.80 92.47 80.47
C LYS DC 98 -71.95 91.85 79.70
N ASN DC 99 -71.77 91.55 78.42
CA ASN DC 99 -72.75 90.80 77.66
C ASN DC 99 -72.34 89.34 77.57
N LYS DC 100 -73.32 88.49 77.24
CA LYS DC 100 -73.08 87.10 76.90
C LYS DC 100 -72.42 86.96 75.54
N TYR DC 101 -72.45 88.01 74.72
CA TYR DC 101 -72.06 88.00 73.32
C TYR DC 101 -70.56 87.73 73.18
N ARG DC 102 -70.22 86.50 72.76
CA ARG DC 102 -68.88 85.99 72.51
C ARG DC 102 -67.91 86.16 73.68
N PRO DC 103 -68.01 85.31 74.71
CA PRO DC 103 -66.96 85.32 75.76
C PRO DC 103 -65.60 84.89 75.25
N ASP DC 104 -65.53 84.14 74.15
CA ASP DC 104 -64.28 83.88 73.47
C ASP DC 104 -63.84 85.13 72.70
N LEU DC 105 -62.59 85.11 72.23
CA LEU DC 105 -61.96 86.15 71.38
C LEU DC 105 -62.03 87.56 71.98
N ARG DC 106 -62.12 87.63 73.31
CA ARG DC 106 -61.89 88.86 74.07
C ARG DC 106 -60.54 89.45 73.70
N MET DC 107 -59.48 88.68 73.94
CA MET DC 107 -58.12 89.14 73.66
C MET DC 107 -57.87 89.34 72.17
N ALA DC 108 -58.57 88.61 71.29
CA ALA DC 108 -58.45 88.87 69.86
C ALA DC 108 -58.93 90.28 69.51
N ALA DC 109 -60.15 90.64 69.96
CA ALA DC 109 -60.68 91.97 69.70
C ALA DC 109 -59.83 93.05 70.36
N ILE DC 110 -59.36 92.79 71.58
CA ILE DC 110 -58.60 93.79 72.34
C ILE DC 110 -57.22 94.02 71.70
N ARG DC 111 -56.52 92.94 71.34
CA ARG DC 111 -55.21 93.08 70.72
C ARG DC 111 -55.29 93.72 69.34
N ARG DC 112 -56.32 93.38 68.54
CA ARG DC 112 -56.41 94.02 67.23
C ARG DC 112 -56.78 95.50 67.34
N ALA DC 113 -57.65 95.84 68.29
CA ALA DC 113 -58.00 97.24 68.50
C ALA DC 113 -56.80 98.05 69.03
N SER DC 114 -56.01 97.45 69.92
CA SER DC 114 -54.86 98.15 70.46
C SER DC 114 -53.76 98.30 69.42
N ALA DC 115 -53.55 97.27 68.58
CA ALA DC 115 -52.54 97.35 67.52
C ALA DC 115 -52.96 98.36 66.45
N ILE DC 116 -54.25 98.43 66.14
CA ILE DC 116 -54.66 99.39 65.13
C ILE DC 116 -54.69 100.82 65.69
N LEU DC 117 -54.88 100.99 67.01
CA LEU DC 117 -54.70 102.32 67.58
C LEU DC 117 -53.24 102.76 67.56
N ARG DC 118 -52.31 101.83 67.82
CA ARG DC 118 -50.90 102.17 67.69
C ARG DC 118 -50.52 102.46 66.23
N SER DC 119 -51.09 101.74 65.28
CA SER DC 119 -50.83 102.02 63.87
C SER DC 119 -51.56 103.27 63.38
N GLN DC 120 -52.55 103.77 64.13
CA GLN DC 120 -53.37 104.89 63.70
C GLN DC 120 -52.96 106.22 64.30
N LYS DC 121 -52.45 106.24 65.54
CA LYS DC 121 -52.13 107.49 66.23
C LYS DC 121 -51.02 108.33 65.60
N PRO DC 122 -49.92 107.77 65.05
CA PRO DC 122 -49.07 108.72 64.33
C PRO DC 122 -49.64 109.12 62.96
N MET EC 1 -94.23 -11.24 -8.94
CA MET EC 1 -93.98 -12.19 -7.86
C MET EC 1 -94.77 -11.82 -6.61
N SER EC 2 -95.74 -12.67 -6.26
CA SER EC 2 -96.57 -12.46 -5.08
C SER EC 2 -96.71 -13.78 -4.34
N SER EC 3 -96.76 -13.68 -3.01
CA SER EC 3 -96.88 -14.87 -2.17
C SER EC 3 -97.56 -14.48 -0.87
N LYS EC 4 -98.69 -15.11 -0.58
CA LYS EC 4 -99.41 -14.90 0.67
C LYS EC 4 -99.43 -16.20 1.47
N VAL EC 5 -99.81 -16.07 2.75
CA VAL EC 5 -99.85 -17.20 3.67
C VAL EC 5 -101.22 -17.14 4.36
N SER EC 6 -102.11 -16.35 3.79
CA SER EC 6 -103.38 -15.99 4.43
C SER EC 6 -104.34 -17.18 4.45
N ARG EC 7 -105.39 -17.02 5.27
CA ARG EC 7 -106.34 -18.09 5.54
C ARG EC 7 -107.15 -18.47 4.31
N ASP EC 8 -107.58 -17.48 3.52
CA ASP EC 8 -108.35 -17.77 2.30
C ASP EC 8 -107.50 -18.49 1.25
N THR EC 9 -106.22 -18.11 1.10
CA THR EC 9 -105.34 -18.78 0.15
C THR EC 9 -105.03 -20.21 0.59
N LEU EC 10 -104.78 -20.41 1.88
CA LEU EC 10 -104.56 -21.76 2.40
C LEU EC 10 -105.81 -22.63 2.26
N TYR EC 11 -106.99 -22.05 2.50
CA TYR EC 11 -108.24 -22.79 2.36
C TYR EC 11 -108.54 -23.14 0.91
N GLU EC 12 -108.23 -22.22 0.00
CA GLU EC 12 -108.37 -22.50 -1.44
C GLU EC 12 -107.40 -23.59 -1.89
N ALA EC 13 -106.18 -23.58 -1.36
CA ALA EC 13 -105.22 -24.62 -1.70
C ALA EC 13 -105.63 -25.99 -1.16
N VAL EC 14 -106.22 -26.02 0.05
CA VAL EC 14 -106.73 -27.27 0.60
C VAL EC 14 -107.90 -27.79 -0.23
N ARG EC 15 -108.81 -26.89 -0.65
CA ARG EC 15 -109.93 -27.30 -1.50
C ARG EC 15 -109.46 -27.79 -2.86
N GLU EC 16 -108.43 -27.16 -3.44
CA GLU EC 16 -107.93 -27.61 -4.73
C GLU EC 16 -107.20 -28.95 -4.63
N VAL EC 17 -106.43 -29.15 -3.56
CA VAL EC 17 -105.72 -30.41 -3.43
C VAL EC 17 -106.66 -31.55 -3.04
N LEU EC 18 -107.81 -31.24 -2.44
CA LEU EC 18 -108.82 -32.26 -2.22
C LEU EC 18 -109.71 -32.49 -3.43
N HIS EC 19 -109.86 -31.50 -4.32
CA HIS EC 19 -110.64 -31.64 -5.53
C HIS EC 19 -109.79 -31.94 -6.75
N GLY EC 20 -108.51 -32.28 -6.55
CA GLY EC 20 -107.72 -32.81 -7.66
C GLY EC 20 -108.28 -34.16 -8.11
N ASN EC 21 -108.55 -34.26 -9.42
CA ASN EC 21 -109.21 -35.39 -10.09
C ASN EC 21 -110.64 -35.65 -9.55
N GLN EC 22 -111.21 -34.64 -8.88
CA GLN EC 22 -112.59 -34.47 -8.43
C GLN EC 22 -113.03 -35.39 -7.30
N ARG EC 23 -112.31 -36.47 -7.04
CA ARG EC 23 -112.29 -37.09 -5.73
C ARG EC 23 -110.89 -37.65 -5.44
N LYS EC 24 -110.20 -38.05 -6.52
CA LYS EC 24 -109.00 -38.87 -6.50
C LYS EC 24 -109.16 -40.06 -5.54
N ARG EC 25 -110.14 -40.89 -5.85
CA ARG EC 25 -110.57 -41.99 -4.99
C ARG EC 25 -109.73 -43.23 -5.29
N ARG EC 26 -108.98 -43.70 -4.31
CA ARG EC 26 -108.19 -44.93 -4.42
C ARG EC 26 -108.52 -45.84 -3.25
N LYS EC 27 -107.94 -47.05 -3.26
CA LYS EC 27 -108.33 -48.07 -2.30
C LYS EC 27 -107.82 -47.81 -0.89
N PHE EC 28 -106.80 -46.97 -0.74
CA PHE EC 28 -106.26 -46.63 0.57
C PHE EC 28 -106.52 -45.16 0.88
N LEU EC 29 -106.63 -44.85 2.16
CA LEU EC 29 -106.84 -43.47 2.59
C LEU EC 29 -105.55 -42.67 2.44
N GLU EC 30 -105.67 -41.47 1.88
CA GLU EC 30 -104.51 -40.62 1.63
C GLU EC 30 -104.38 -39.55 2.70
N THR EC 31 -103.14 -39.15 2.96
CA THR EC 31 -102.83 -38.09 3.90
C THR EC 31 -102.43 -36.82 3.14
N VAL EC 32 -102.46 -35.70 3.86
CA VAL EC 32 -102.13 -34.40 3.28
C VAL EC 32 -100.67 -34.11 3.57
N GLU EC 33 -99.90 -33.84 2.52
CA GLU EC 33 -98.47 -33.58 2.62
C GLU EC 33 -98.19 -32.11 2.35
N LEU EC 34 -97.22 -31.58 3.10
CA LEU EC 34 -96.81 -30.18 3.01
C LEU EC 34 -95.33 -30.15 2.64
N GLN EC 35 -95.02 -29.52 1.50
CA GLN EC 35 -93.66 -29.44 0.99
C GLN EC 35 -93.17 -28.01 1.15
N ILE EC 36 -92.12 -27.84 1.94
CA ILE EC 36 -91.52 -26.54 2.24
C ILE EC 36 -90.14 -26.51 1.61
N SER EC 37 -89.90 -25.50 0.76
CA SER EC 37 -88.60 -25.22 0.18
C SER EC 37 -88.23 -23.79 0.55
N LEU EC 38 -87.11 -23.64 1.25
CA LEU EC 38 -86.74 -22.37 1.86
C LEU EC 38 -85.68 -21.64 1.04
N LYS EC 39 -85.43 -20.39 1.43
CA LYS EC 39 -84.66 -19.46 0.60
C LYS EC 39 -83.91 -18.49 1.51
N ASN EC 40 -82.78 -17.97 1.00
CA ASN EC 40 -81.95 -16.93 1.64
C ASN EC 40 -81.36 -17.43 2.96
N TYR EC 41 -80.90 -18.67 2.95
CA TYR EC 41 -80.27 -19.27 4.11
C TYR EC 41 -78.87 -19.75 3.75
N ASP EC 42 -77.99 -19.77 4.75
CA ASP EC 42 -76.68 -20.40 4.67
C ASP EC 42 -76.65 -21.52 5.70
N PRO EC 43 -77.14 -22.71 5.34
CA PRO EC 43 -77.31 -23.78 6.33
C PRO EC 43 -76.03 -24.54 6.67
N GLN EC 44 -74.86 -24.07 6.24
CA GLN EC 44 -73.61 -24.75 6.55
C GLN EC 44 -73.23 -24.57 8.02
N LYS EC 45 -73.52 -23.40 8.60
CA LYS EC 45 -73.02 -23.06 9.92
C LYS EC 45 -74.12 -22.94 10.97
N ASP EC 46 -75.10 -22.05 10.77
CA ASP EC 46 -75.98 -21.70 11.88
C ASP EC 46 -77.46 -21.58 11.49
N LYS EC 47 -77.88 -22.12 10.34
CA LYS EC 47 -79.27 -22.00 9.95
C LYS EC 47 -79.92 -23.36 9.71
N ARG EC 48 -79.70 -24.29 10.63
CA ARG EC 48 -80.34 -25.60 10.60
C ARG EC 48 -81.53 -25.59 11.56
N PHE EC 49 -82.72 -25.80 11.03
CA PHE EC 49 -83.95 -25.79 11.81
C PHE EC 49 -84.19 -27.15 12.44
N SER EC 50 -84.50 -27.16 13.73
CA SER EC 50 -84.71 -28.41 14.46
C SER EC 50 -85.66 -28.13 15.62
N GLY EC 51 -86.84 -28.73 15.57
CA GLY EC 51 -87.81 -28.51 16.63
C GLY EC 51 -88.88 -29.58 16.67
N THR EC 52 -89.87 -29.34 17.52
CA THR EC 52 -91.03 -30.22 17.65
C THR EC 52 -92.29 -29.38 17.41
N VAL EC 53 -93.08 -29.78 16.42
CA VAL EC 53 -94.31 -29.08 16.06
C VAL EC 53 -95.49 -29.96 16.48
N ARG EC 54 -96.35 -29.43 17.34
CA ARG EC 54 -97.48 -30.17 17.85
C ARG EC 54 -98.69 -29.91 16.96
N LEU EC 55 -99.05 -30.90 16.15
CA LEU EC 55 -100.29 -30.81 15.38
C LEU EC 55 -101.48 -30.94 16.31
N LYS EC 56 -102.41 -29.98 16.18
CA LYS EC 56 -103.38 -29.74 17.26
C LYS EC 56 -104.49 -30.78 17.30
N SER EC 57 -105.30 -30.85 16.24
CA SER EC 57 -106.53 -31.63 16.32
C SER EC 57 -106.28 -33.13 16.21
N THR EC 58 -105.85 -33.59 15.03
CA THR EC 58 -105.60 -35.00 14.71
C THR EC 58 -104.56 -35.16 13.61
N PRO EC 59 -103.51 -35.94 13.84
CA PRO EC 59 -102.70 -36.43 12.73
C PRO EC 59 -103.39 -37.61 12.04
N ARG EC 60 -102.73 -38.13 10.99
CA ARG EC 60 -103.32 -39.27 10.28
C ARG EC 60 -103.21 -40.56 11.09
N PRO EC 61 -102.02 -40.98 11.65
CA PRO EC 61 -102.07 -42.12 12.56
C PRO EC 61 -102.12 -41.69 14.02
N LYS EC 62 -102.49 -42.61 14.90
CA LYS EC 62 -102.09 -42.49 16.30
C LYS EC 62 -100.63 -42.87 16.39
N PHE EC 63 -99.80 -41.95 16.88
CA PHE EC 63 -98.35 -42.12 16.82
C PHE EC 63 -97.90 -43.24 17.75
N SER EC 64 -97.16 -44.19 17.19
CA SER EC 64 -96.83 -45.44 17.88
C SER EC 64 -95.69 -45.18 18.87
N VAL EC 65 -96.02 -45.18 20.16
CA VAL EC 65 -95.08 -44.85 21.22
C VAL EC 65 -94.62 -46.14 21.89
N CYS EC 66 -93.31 -46.29 22.04
CA CYS EC 66 -92.72 -47.42 22.75
C CYS EC 66 -91.73 -46.92 23.78
N VAL EC 67 -91.80 -47.45 24.99
CA VAL EC 67 -91.05 -46.96 26.14
C VAL EC 67 -89.98 -47.98 26.51
N LEU EC 68 -88.83 -47.50 26.99
CA LEU EC 68 -87.80 -48.35 27.56
C LEU EC 68 -87.57 -47.99 29.02
N GLY EC 69 -87.41 -49.01 29.86
CA GLY EC 69 -87.22 -48.85 31.29
C GLY EC 69 -87.57 -50.15 32.00
N ASP EC 70 -87.75 -50.04 33.33
CA ASP EC 70 -88.53 -51.01 34.11
C ASP EC 70 -88.95 -50.35 35.43
N GLN EC 71 -90.18 -49.84 35.49
CA GLN EC 71 -90.63 -49.08 36.67
C GLN EC 71 -92.14 -49.18 36.83
N GLN EC 72 -92.66 -48.40 37.78
CA GLN EC 72 -94.09 -48.09 37.81
C GLN EC 72 -94.50 -47.29 36.59
N HIS EC 73 -93.55 -46.57 35.99
CA HIS EC 73 -93.74 -45.98 34.66
C HIS EC 73 -94.11 -47.02 33.62
N CYS EC 74 -93.41 -48.17 33.59
CA CYS EC 74 -93.77 -49.18 32.62
C CYS EC 74 -94.96 -50.01 33.06
N ASP EC 75 -95.24 -50.06 34.36
CA ASP EC 75 -96.53 -50.63 34.81
C ASP EC 75 -97.70 -49.80 34.30
N GLU EC 76 -97.59 -48.48 34.36
CA GLU EC 76 -98.62 -47.61 33.78
C GLU EC 76 -98.64 -47.69 32.25
N ALA EC 77 -97.48 -47.93 31.64
CA ALA EC 77 -97.43 -48.12 30.19
C ALA EC 77 -98.18 -49.38 29.77
N LYS EC 78 -98.00 -50.47 30.51
CA LYS EC 78 -98.77 -51.68 30.27
C LYS EC 78 -100.24 -51.51 30.65
N ALA EC 79 -100.54 -50.59 31.57
CA ALA EC 79 -101.94 -50.33 31.93
C ALA EC 79 -102.67 -49.55 30.84
N VAL EC 80 -102.00 -48.57 30.21
CA VAL EC 80 -102.64 -47.75 29.19
C VAL EC 80 -102.12 -48.25 27.84
N ASP EC 81 -101.69 -49.51 27.82
CA ASP EC 81 -101.49 -50.32 26.59
C ASP EC 81 -100.37 -49.76 25.72
N ILE EC 82 -99.27 -49.37 26.35
CA ILE EC 82 -98.08 -48.94 25.60
C ILE EC 82 -97.10 -50.12 25.53
N PRO EC 83 -96.60 -50.47 24.34
CA PRO EC 83 -95.63 -51.56 24.25
C PRO EC 83 -94.31 -51.19 24.91
N HIS EC 84 -93.65 -52.20 25.48
CA HIS EC 84 -92.52 -51.95 26.36
C HIS EC 84 -91.62 -53.18 26.40
N MET EC 85 -90.32 -52.94 26.64
CA MET EC 85 -89.32 -54.00 26.70
C MET EC 85 -88.29 -53.62 27.76
N ASP EC 86 -88.06 -54.50 28.72
CA ASP EC 86 -87.25 -54.18 29.89
C ASP EC 86 -85.76 -54.39 29.60
N ILE EC 87 -84.93 -54.33 30.65
CA ILE EC 87 -83.48 -54.26 30.49
C ILE EC 87 -82.89 -55.64 30.14
N GLU EC 88 -83.41 -56.71 30.75
CA GLU EC 88 -82.92 -58.05 30.45
C GLU EC 88 -83.25 -58.45 29.01
N ALA EC 89 -84.48 -58.15 28.57
CA ALA EC 89 -84.82 -58.40 27.18
C ALA EC 89 -84.13 -57.41 26.24
N LEU EC 90 -83.71 -56.23 26.72
CA LEU EC 90 -82.91 -55.34 25.90
C LEU EC 90 -81.50 -55.89 25.71
N LYS EC 91 -80.95 -56.53 26.75
CA LYS EC 91 -79.69 -57.24 26.61
C LYS EC 91 -79.84 -58.46 25.71
N LYS EC 92 -81.03 -59.05 25.67
CA LYS EC 92 -81.32 -60.09 24.67
C LYS EC 92 -81.39 -59.51 23.26
N LEU EC 93 -81.96 -58.31 23.10
CA LEU EC 93 -82.00 -57.60 21.83
C LEU EC 93 -80.62 -57.15 21.35
N ASN EC 94 -79.66 -57.02 22.26
CA ASN EC 94 -78.30 -56.59 21.93
C ASN EC 94 -77.59 -57.57 20.99
N LYS EC 95 -78.00 -58.83 20.94
CA LYS EC 95 -77.33 -59.83 20.12
C LYS EC 95 -77.54 -59.59 18.63
N ASN EC 96 -78.79 -59.37 18.22
CA ASN EC 96 -79.16 -59.30 16.82
C ASN EC 96 -79.18 -57.86 16.32
N LYS EC 97 -78.79 -57.68 15.06
CA LYS EC 97 -78.84 -56.39 14.40
C LYS EC 97 -80.11 -56.23 13.57
N LYS EC 98 -80.60 -57.30 12.95
CA LYS EC 98 -81.84 -57.25 12.19
C LYS EC 98 -83.04 -57.04 13.09
N LEU EC 99 -82.99 -57.52 14.32
CA LEU EC 99 -84.09 -57.36 15.26
C LEU EC 99 -84.19 -55.93 15.78
N VAL EC 100 -83.15 -55.11 15.59
CA VAL EC 100 -83.23 -53.69 15.92
C VAL EC 100 -84.19 -52.99 14.97
N LYS EC 101 -84.09 -53.26 13.66
CA LYS EC 101 -84.99 -52.67 12.67
C LYS EC 101 -86.40 -53.24 12.72
N LYS EC 102 -86.60 -54.38 13.38
CA LYS EC 102 -87.95 -54.94 13.48
C LYS EC 102 -88.81 -54.12 14.44
N LEU EC 103 -88.22 -53.65 15.55
CA LEU EC 103 -88.94 -52.84 16.51
C LEU EC 103 -88.92 -51.35 16.17
N ALA EC 104 -88.08 -50.93 15.22
CA ALA EC 104 -88.00 -49.53 14.84
C ALA EC 104 -88.99 -49.17 13.73
N LYS EC 105 -89.20 -50.08 12.77
CA LYS EC 105 -90.15 -49.81 11.70
C LYS EC 105 -91.59 -49.92 12.16
N LYS EC 106 -91.85 -50.71 13.20
CA LYS EC 106 -93.22 -50.90 13.66
C LYS EC 106 -93.69 -49.75 14.54
N TYR EC 107 -92.85 -49.30 15.48
CA TYR EC 107 -93.20 -48.23 16.39
C TYR EC 107 -92.27 -47.04 16.13
N ASP EC 108 -92.87 -45.87 15.90
CA ASP EC 108 -92.09 -44.71 15.47
C ASP EC 108 -91.47 -43.97 16.65
N ALA EC 109 -92.32 -43.43 17.53
CA ALA EC 109 -91.85 -42.58 18.62
C ALA EC 109 -91.41 -43.44 19.80
N PHE EC 110 -90.21 -43.17 20.31
CA PHE EC 110 -89.65 -43.91 21.44
C PHE EC 110 -89.45 -42.97 22.61
N LEU EC 111 -89.57 -43.53 23.81
CA LEU EC 111 -89.34 -42.83 25.06
C LEU EC 111 -88.41 -43.66 25.94
N ALA EC 112 -87.70 -43.00 26.83
CA ALA EC 112 -86.67 -43.65 27.63
C ALA EC 112 -86.87 -43.36 29.11
N SER EC 113 -86.30 -44.24 29.94
CA SER EC 113 -86.19 -43.97 31.35
C SER EC 113 -84.98 -43.06 31.61
N GLU EC 114 -84.73 -42.77 32.90
CA GLU EC 114 -83.67 -41.83 33.23
C GLU EC 114 -82.30 -42.52 33.29
N SER EC 115 -82.23 -43.71 33.88
CA SER EC 115 -80.96 -44.40 34.06
C SER EC 115 -80.62 -45.35 32.92
N LEU EC 116 -81.48 -45.48 31.92
CA LEU EC 116 -81.25 -46.39 30.80
C LEU EC 116 -80.77 -45.67 29.54
N ILE EC 117 -80.87 -44.33 29.51
CA ILE EC 117 -80.48 -43.55 28.34
C ILE EC 117 -78.97 -43.57 28.12
N LYS EC 118 -78.18 -43.96 29.13
CA LYS EC 118 -76.77 -44.22 28.91
C LYS EC 118 -76.55 -45.55 28.18
N GLN EC 119 -77.37 -46.57 28.48
CA GLN EC 119 -77.18 -47.90 27.92
C GLN EC 119 -77.91 -48.11 26.60
N ILE EC 120 -78.82 -47.20 26.22
CA ILE EC 120 -79.52 -47.29 24.93
C ILE EC 120 -78.56 -47.14 23.73
N PRO EC 121 -77.55 -46.24 23.72
CA PRO EC 121 -76.56 -46.32 22.62
C PRO EC 121 -75.62 -47.52 22.67
N ARG EC 122 -75.75 -48.43 23.63
CA ARG EC 122 -74.98 -49.67 23.61
C ARG EC 122 -75.72 -50.80 22.91
N ILE EC 123 -77.04 -50.89 23.10
CA ILE EC 123 -77.86 -51.93 22.46
C ILE EC 123 -78.40 -51.40 21.13
N LEU EC 124 -79.15 -50.29 21.20
CA LEU EC 124 -79.79 -49.70 20.04
C LEU EC 124 -78.98 -48.53 19.47
N GLY EC 125 -77.66 -48.66 19.52
CA GLY EC 125 -76.75 -47.60 19.12
C GLY EC 125 -76.73 -47.30 17.63
N PRO EC 126 -76.23 -48.25 16.82
CA PRO EC 126 -76.15 -48.01 15.37
C PRO EC 126 -77.49 -47.94 14.66
N GLY EC 127 -78.59 -48.37 15.28
CA GLY EC 127 -79.88 -48.29 14.65
C GLY EC 127 -80.58 -46.95 14.82
N LEU EC 128 -80.82 -46.56 16.07
CA LEU EC 128 -81.62 -45.37 16.35
C LEU EC 128 -80.85 -44.07 16.18
N ASN EC 129 -79.56 -44.05 16.53
CA ASN EC 129 -78.78 -42.82 16.38
C ASN EC 129 -78.52 -42.53 14.91
N LYS EC 130 -78.46 -43.58 14.08
CA LYS EC 130 -78.27 -43.38 12.65
C LYS EC 130 -79.59 -43.23 11.90
N ALA EC 131 -80.70 -43.67 12.50
CA ALA EC 131 -82.00 -43.57 11.84
C ALA EC 131 -82.70 -42.27 12.17
N GLY EC 132 -82.80 -41.93 13.46
CA GLY EC 132 -83.50 -40.74 13.89
C GLY EC 132 -84.65 -40.96 14.85
N LYS EC 133 -84.83 -42.19 15.34
CA LYS EC 133 -85.90 -42.53 16.29
C LYS EC 133 -85.37 -42.71 17.69
N PHE EC 134 -84.41 -41.88 18.11
CA PHE EC 134 -83.81 -42.02 19.43
C PHE EC 134 -84.82 -41.61 20.51
N PRO EC 135 -84.86 -42.32 21.64
CA PRO EC 135 -85.87 -42.04 22.65
C PRO EC 135 -85.55 -40.79 23.46
N SER EC 136 -86.60 -40.23 24.06
CA SER EC 136 -86.49 -39.02 24.86
C SER EC 136 -86.46 -39.37 26.35
N LEU EC 137 -85.73 -38.56 27.11
CA LEU EC 137 -85.63 -38.76 28.55
C LEU EC 137 -86.91 -38.32 29.24
N LEU EC 138 -87.28 -39.04 30.30
CA LEU EC 138 -88.49 -38.77 31.06
C LEU EC 138 -88.18 -38.68 32.54
N THR EC 139 -89.11 -38.09 33.29
CA THR EC 139 -88.97 -37.99 34.73
C THR EC 139 -89.21 -39.36 35.35
N HIS EC 140 -88.50 -39.65 36.45
CA HIS EC 140 -88.53 -40.96 37.08
C HIS EC 140 -89.90 -41.29 37.66
N ASN EC 141 -90.66 -40.29 38.09
CA ASN EC 141 -92.01 -40.51 38.60
C ASN EC 141 -93.04 -39.73 37.79
N GLU EC 142 -92.91 -39.78 36.47
CA GLU EC 142 -93.76 -38.99 35.59
C GLU EC 142 -95.09 -39.67 35.32
N ASN EC 143 -96.18 -38.92 35.44
CA ASN EC 143 -97.48 -39.37 34.96
C ASN EC 143 -97.45 -39.35 33.44
N MET EC 144 -97.83 -40.47 32.83
CA MET EC 144 -97.68 -40.62 31.39
C MET EC 144 -98.74 -39.90 30.58
N VAL EC 145 -99.78 -39.34 31.22
CA VAL EC 145 -100.98 -38.93 30.51
C VAL EC 145 -100.70 -37.76 29.57
N ALA EC 146 -100.24 -36.63 30.11
CA ALA EC 146 -99.99 -35.45 29.30
C ALA EC 146 -98.81 -35.63 28.36
N LYS EC 147 -97.78 -36.37 28.81
CA LYS EC 147 -96.59 -36.57 27.98
C LYS EC 147 -96.89 -37.42 26.75
N VAL EC 148 -97.52 -38.58 26.95
CA VAL EC 148 -97.87 -39.44 25.82
C VAL EC 148 -98.99 -38.80 24.99
N ASP EC 149 -99.84 -37.97 25.61
CA ASP EC 149 -100.85 -37.23 24.84
C ASP EC 149 -100.22 -36.19 23.92
N GLU EC 150 -99.09 -35.60 24.34
CA GLU EC 150 -98.38 -34.70 23.44
C GLU EC 150 -97.61 -35.47 22.37
N VAL EC 151 -97.02 -36.61 22.73
CA VAL EC 151 -96.21 -37.38 21.77
C VAL EC 151 -97.08 -38.05 20.70
N LYS EC 152 -98.33 -38.44 21.03
CA LYS EC 152 -99.21 -39.07 20.06
C LYS EC 152 -99.66 -38.15 18.93
N SER EC 153 -99.45 -36.85 19.04
CA SER EC 153 -99.81 -35.93 17.98
C SER EC 153 -98.69 -34.97 17.58
N THR EC 154 -97.56 -34.97 18.28
CA THR EC 154 -96.47 -34.06 18.00
C THR EC 154 -95.53 -34.68 16.97
N ILE EC 155 -95.29 -33.96 15.87
CA ILE EC 155 -94.31 -34.36 14.88
C ILE EC 155 -93.01 -33.62 15.16
N LYS EC 156 -91.92 -34.12 14.58
CA LYS EC 156 -90.60 -33.51 14.72
C LYS EC 156 -90.19 -32.88 13.40
N PHE EC 157 -89.78 -31.60 13.47
CA PHE EC 157 -89.31 -30.87 12.30
C PHE EC 157 -87.79 -30.85 12.34
N GLN EC 158 -87.20 -31.87 11.71
CA GLN EC 158 -85.77 -31.96 11.44
C GLN EC 158 -85.62 -31.98 9.92
N MET EC 159 -85.38 -30.81 9.32
CA MET EC 159 -85.60 -30.64 7.89
C MET EC 159 -84.67 -31.44 6.99
N LYS EC 160 -83.42 -30.97 6.85
CA LYS EC 160 -82.32 -31.59 6.09
C LYS EC 160 -81.16 -30.61 6.21
N LYS EC 161 -79.98 -30.95 5.69
CA LYS EC 161 -78.97 -29.94 5.45
C LYS EC 161 -79.44 -28.93 4.41
N VAL EC 162 -80.05 -29.42 3.33
CA VAL EC 162 -80.57 -28.55 2.28
C VAL EC 162 -81.99 -28.14 2.66
N LEU EC 163 -82.51 -27.13 1.97
CA LEU EC 163 -83.70 -26.38 2.42
C LEU EC 163 -85.01 -26.96 1.87
N CYS EC 164 -85.28 -28.24 2.09
CA CYS EC 164 -86.50 -28.85 1.56
C CYS EC 164 -86.98 -29.98 2.46
N LEU EC 165 -88.28 -30.02 2.74
CA LEU EC 165 -88.85 -31.09 3.55
C LEU EC 165 -90.35 -31.24 3.25
N ALA EC 166 -90.81 -32.50 3.22
CA ALA EC 166 -92.23 -32.81 3.12
C ALA EC 166 -92.68 -33.48 4.42
N VAL EC 167 -93.78 -32.98 5.00
CA VAL EC 167 -94.33 -33.49 6.25
C VAL EC 167 -95.80 -33.84 6.07
N ALA EC 168 -96.34 -34.57 7.04
CA ALA EC 168 -97.76 -34.89 7.05
C ALA EC 168 -98.52 -33.91 7.95
N VAL EC 169 -99.54 -33.26 7.41
CA VAL EC 169 -100.28 -32.23 8.15
C VAL EC 169 -101.77 -32.55 8.19
N GLY EC 170 -102.13 -33.82 8.07
CA GLY EC 170 -103.51 -34.26 8.14
C GLY EC 170 -103.83 -35.22 7.02
N HIS EC 171 -105.12 -35.52 6.88
CA HIS EC 171 -105.58 -36.45 5.85
C HIS EC 171 -106.94 -35.98 5.32
N VAL EC 172 -107.59 -36.85 4.57
CA VAL EC 172 -108.77 -36.45 3.80
C VAL EC 172 -110.09 -36.60 4.57
N LYS EC 173 -110.12 -37.40 5.64
CA LYS EC 173 -111.34 -37.58 6.40
C LYS EC 173 -111.59 -36.46 7.41
N MET EC 174 -110.62 -35.59 7.62
CA MET EC 174 -110.74 -34.47 8.53
C MET EC 174 -111.61 -33.37 7.91
N THR EC 175 -111.93 -32.37 8.73
CA THR EC 175 -112.62 -31.21 8.23
C THR EC 175 -111.63 -30.17 7.71
N ASP EC 176 -112.11 -29.31 6.81
CA ASP EC 176 -111.25 -28.32 6.17
C ASP EC 176 -110.74 -27.28 7.15
N ASP EC 177 -111.55 -26.94 8.16
CA ASP EC 177 -111.11 -25.98 9.18
C ASP EC 177 -109.99 -26.55 10.03
N GLU EC 178 -110.08 -27.84 10.40
CA GLU EC 178 -109.00 -28.46 11.15
C GLU EC 178 -107.75 -28.65 10.29
N LEU EC 179 -107.93 -28.94 9.00
CA LEU EC 179 -106.78 -29.05 8.10
C LEU EC 179 -106.05 -27.72 7.95
N VAL EC 180 -106.80 -26.63 7.73
CA VAL EC 180 -106.16 -25.33 7.57
C VAL EC 180 -105.60 -24.82 8.90
N TYR EC 181 -106.20 -25.21 10.03
CA TYR EC 181 -105.65 -24.83 11.33
C TYR EC 181 -104.35 -25.58 11.61
N ASN EC 182 -104.26 -26.85 11.21
CA ASN EC 182 -103.01 -27.58 11.39
C ASN EC 182 -101.92 -27.12 10.43
N ILE EC 183 -102.29 -26.70 9.20
CA ILE EC 183 -101.29 -26.12 8.30
C ILE EC 183 -100.81 -24.75 8.82
N HIS EC 184 -101.71 -23.98 9.43
CA HIS EC 184 -101.33 -22.71 10.05
C HIS EC 184 -100.40 -22.93 11.24
N LEU EC 185 -100.68 -23.94 12.07
CA LEU EC 185 -99.77 -24.26 13.16
C LEU EC 185 -98.48 -24.91 12.68
N ALA EC 186 -98.47 -25.49 11.48
CA ALA EC 186 -97.23 -26.03 10.92
C ALA EC 186 -96.33 -24.91 10.42
N VAL EC 187 -96.90 -23.91 9.73
CA VAL EC 187 -96.10 -22.76 9.29
C VAL EC 187 -95.85 -21.77 10.40
N ASN EC 188 -96.53 -21.92 11.55
CA ASN EC 188 -96.27 -21.08 12.71
C ASN EC 188 -94.84 -21.27 13.23
N PHE EC 189 -94.32 -22.50 13.17
CA PHE EC 189 -92.94 -22.76 13.58
C PHE EC 189 -91.95 -22.01 12.70
N LEU EC 190 -92.19 -21.99 11.38
CA LEU EC 190 -91.31 -21.29 10.46
C LEU EC 190 -91.38 -19.78 10.66
N VAL EC 191 -92.61 -19.23 10.75
CA VAL EC 191 -92.74 -17.77 10.91
C VAL EC 191 -92.40 -17.31 12.32
N SER EC 192 -92.25 -18.22 13.28
CA SER EC 192 -91.75 -17.83 14.60
C SER EC 192 -90.25 -18.02 14.73
N LEU EC 193 -89.64 -18.94 13.99
CA LEU EC 193 -88.19 -19.09 14.03
C LEU EC 193 -87.50 -18.03 13.16
N LEU EC 194 -87.99 -17.79 11.95
CA LEU EC 194 -87.40 -16.75 11.13
C LEU EC 194 -87.90 -15.39 11.62
N LYS EC 195 -86.97 -14.45 11.80
CA LYS EC 195 -87.27 -13.20 12.49
C LYS EC 195 -87.93 -12.18 11.57
N LYS EC 196 -87.57 -12.19 10.29
CA LYS EC 196 -87.97 -11.10 9.40
C LYS EC 196 -89.43 -11.22 8.95
N ASN EC 197 -89.75 -12.29 8.21
CA ASN EC 197 -91.05 -12.41 7.57
C ASN EC 197 -91.26 -13.88 7.22
N TRP EC 198 -92.27 -14.17 6.40
CA TRP EC 198 -92.39 -15.50 5.79
C TRP EC 198 -91.79 -15.54 4.40
N GLN EC 199 -90.97 -14.53 4.04
CA GLN EC 199 -90.40 -14.42 2.71
C GLN EC 199 -89.33 -15.47 2.41
N ASN EC 200 -88.92 -16.26 3.40
CA ASN EC 200 -88.10 -17.43 3.13
C ASN EC 200 -88.88 -18.49 2.35
N VAL EC 201 -90.20 -18.49 2.47
CA VAL EC 201 -91.06 -19.38 1.70
C VAL EC 201 -91.39 -18.67 0.39
N ARG EC 202 -90.75 -19.11 -0.70
CA ARG EC 202 -91.08 -18.56 -2.02
C ARG EC 202 -92.42 -19.12 -2.50
N ALA EC 203 -92.55 -20.44 -2.52
CA ALA EC 203 -93.79 -21.09 -2.96
C ALA EC 203 -93.84 -22.48 -2.32
N LEU EC 204 -94.71 -22.65 -1.34
CA LEU EC 204 -94.86 -23.95 -0.70
C LEU EC 204 -95.90 -24.78 -1.44
N TYR EC 205 -95.71 -26.09 -1.41
CA TYR EC 205 -96.57 -27.02 -2.13
C TYR EC 205 -97.45 -27.78 -1.14
N ILE EC 206 -98.68 -28.06 -1.53
CA ILE EC 206 -99.58 -28.93 -0.78
C ILE EC 206 -99.97 -30.08 -1.70
N LYS EC 207 -99.70 -31.30 -1.24
CA LYS EC 207 -99.96 -32.50 -2.02
C LYS EC 207 -100.83 -33.48 -1.23
N SER EC 208 -101.23 -34.53 -1.92
CA SER EC 208 -101.82 -35.71 -1.29
C SER EC 208 -100.69 -36.70 -0.99
N THR EC 209 -101.03 -37.95 -0.70
CA THR EC 209 -100.00 -38.99 -0.58
C THR EC 209 -99.28 -39.19 -1.91
N MET EC 210 -100.02 -39.21 -3.02
CA MET EC 210 -99.42 -39.23 -4.35
C MET EC 210 -100.10 -38.27 -5.30
N GLY EC 211 -100.95 -37.37 -4.82
CA GLY EC 211 -101.73 -36.48 -5.68
C GLY EC 211 -100.91 -35.34 -6.25
N LYS EC 212 -101.62 -34.48 -6.97
CA LYS EC 212 -101.03 -33.34 -7.65
C LYS EC 212 -100.66 -32.23 -6.67
N PRO EC 213 -99.61 -31.46 -6.98
CA PRO EC 213 -99.23 -30.36 -6.09
C PRO EC 213 -100.02 -29.10 -6.37
N GLN EC 214 -100.31 -28.36 -5.29
CA GLN EC 214 -100.95 -27.06 -5.38
C GLN EC 214 -100.02 -26.04 -4.72
N ARG EC 215 -99.66 -25.01 -5.47
CA ARG EC 215 -98.81 -23.94 -4.95
C ARG EC 215 -99.64 -22.98 -4.12
N LEU EC 216 -99.10 -22.55 -2.98
CA LEU EC 216 -99.81 -21.60 -2.14
C LEU EC 216 -99.75 -20.21 -2.75
N TYR EC 217 -100.93 -19.64 -3.04
CA TYR EC 217 -101.04 -18.30 -3.61
C TYR EC 217 -100.63 -17.23 -2.59
N VAL FC 1 70.09 -24.17 61.77
CA VAL FC 1 68.79 -24.81 62.00
C VAL FC 1 67.70 -24.06 61.25
N TYR FC 2 67.03 -24.75 60.34
CA TYR FC 2 65.94 -24.17 59.56
C TYR FC 2 64.61 -24.77 60.00
N LEU FC 3 63.58 -23.93 60.07
CA LEU FC 3 62.26 -24.33 60.56
C LEU FC 3 61.24 -24.19 59.44
N ARG FC 4 60.32 -25.17 59.35
CA ARG FC 4 59.23 -25.11 58.36
C ARG FC 4 58.06 -25.93 58.87
N CYS FC 5 56.85 -25.36 58.78
CA CYS FC 5 55.64 -26.04 59.21
C CYS FC 5 54.73 -26.24 58.00
N THR FC 6 55.04 -27.28 57.20
CA THR FC 6 54.24 -27.67 56.04
C THR FC 6 54.32 -29.17 55.89
N GLY FC 7 53.18 -29.81 55.63
CA GLY FC 7 53.22 -31.16 55.10
C GLY FC 7 51.90 -31.73 54.62
N GLY FC 8 51.87 -32.16 53.37
CA GLY FC 8 50.84 -33.02 52.82
C GLY FC 8 51.49 -34.30 52.36
N GLU FC 9 51.73 -34.38 51.06
CA GLU FC 9 52.72 -35.30 50.50
C GLU FC 9 54.11 -34.67 50.65
N VAL FC 10 55.10 -35.26 50.00
CA VAL FC 10 56.44 -34.67 50.00
C VAL FC 10 56.48 -33.45 49.09
N GLY FC 11 55.94 -33.59 47.88
CA GLY FC 11 55.81 -32.46 46.99
C GLY FC 11 56.82 -32.46 45.85
N ALA FC 12 57.81 -31.56 45.94
CA ALA FC 12 58.84 -31.34 44.92
C ALA FC 12 58.23 -31.01 43.56
N THR FC 13 57.14 -30.26 43.56
CA THR FC 13 56.48 -29.82 42.33
C THR FC 13 56.94 -28.42 41.95
N SER FC 14 58.27 -28.30 41.79
CA SER FC 14 58.99 -27.04 41.53
C SER FC 14 58.67 -25.99 42.59
N ALA FC 15 58.58 -26.42 43.86
CA ALA FC 15 58.23 -25.53 44.96
C ALA FC 15 58.83 -26.09 46.24
N LEU FC 16 59.57 -25.25 46.96
CA LEU FC 16 60.27 -25.66 48.16
C LEU FC 16 60.50 -24.41 49.00
N ALA FC 17 61.08 -24.60 50.19
CA ALA FC 17 61.49 -23.60 51.17
C ALA FC 17 62.70 -22.70 50.87
N PRO FC 18 63.65 -23.10 49.96
CA PRO FC 18 65.09 -23.12 50.30
C PRO FC 18 65.71 -21.96 51.06
N LYS FC 19 65.15 -20.74 50.97
CA LYS FC 19 65.85 -19.45 50.95
C LYS FC 19 67.17 -19.33 51.71
N ILE FC 20 67.22 -19.85 52.95
CA ILE FC 20 68.48 -19.82 53.70
C ILE FC 20 69.44 -20.88 53.17
N GLY FC 21 68.92 -22.05 52.81
CA GLY FC 21 69.65 -23.18 52.23
C GLY FC 21 70.67 -22.97 51.12
N PRO FC 22 70.34 -22.24 50.04
CA PRO FC 22 71.33 -22.10 48.95
C PRO FC 22 72.51 -21.17 49.26
N LEU FC 23 72.64 -20.66 50.47
CA LEU FC 23 73.88 -20.03 50.93
C LEU FC 23 74.86 -21.07 51.45
N GLY FC 24 74.38 -22.27 51.77
CA GLY FC 24 75.22 -23.36 52.20
C GLY FC 24 75.27 -24.47 51.17
N LEU FC 25 74.33 -24.43 50.23
CA LEU FC 25 74.30 -25.23 49.00
C LEU FC 25 74.19 -26.74 49.24
N SER FC 26 73.78 -27.18 50.43
CA SER FC 26 73.72 -28.62 50.62
C SER FC 26 72.44 -29.28 50.08
N PRO FC 27 71.19 -28.72 50.24
CA PRO FC 27 70.08 -29.31 49.50
C PRO FC 27 69.75 -28.61 48.18
N LYS FC 28 69.45 -29.37 47.13
CA LYS FC 28 68.65 -28.83 46.05
C LYS FC 28 67.56 -29.83 45.67
N LYS FC 29 67.88 -31.12 45.77
CA LYS FC 29 66.93 -32.22 45.70
C LYS FC 29 67.21 -33.33 46.70
N VAL FC 30 68.45 -33.48 47.16
CA VAL FC 30 68.84 -34.60 48.01
C VAL FC 30 68.26 -34.42 49.41
N GLY FC 31 68.24 -33.18 49.91
CA GLY FC 31 67.61 -32.92 51.19
C GLY FC 31 66.11 -33.15 51.18
N ASP FC 32 65.45 -32.79 50.08
CA ASP FC 32 64.01 -33.06 49.95
C ASP FC 32 63.74 -34.55 49.86
N ASP FC 33 64.65 -35.30 49.23
CA ASP FC 33 64.48 -36.75 49.16
C ASP FC 33 64.76 -37.44 50.48
N ILE FC 34 65.71 -36.92 51.27
CA ILE FC 34 65.99 -37.48 52.59
C ILE FC 34 64.87 -37.12 53.56
N ALA FC 35 64.23 -35.96 53.36
CA ALA FC 35 63.05 -35.59 54.14
C ALA FC 35 61.89 -36.55 53.94
N LYS FC 36 61.77 -37.15 52.75
CA LYS FC 36 60.80 -38.21 52.51
C LYS FC 36 61.07 -39.42 53.40
N ALA FC 37 62.33 -39.89 53.43
CA ALA FC 37 62.69 -41.07 54.19
C ALA FC 37 62.61 -40.82 55.70
N THR FC 38 62.84 -39.58 56.14
CA THR FC 38 62.70 -39.27 57.55
C THR FC 38 61.27 -38.93 57.94
N GLY FC 39 60.39 -38.67 56.97
CA GLY FC 39 58.99 -38.45 57.27
C GLY FC 39 58.09 -39.59 56.82
N ASP FC 40 58.68 -40.74 56.47
CA ASP FC 40 57.93 -41.94 56.15
C ASP FC 40 57.21 -42.46 57.39
N TRP FC 41 55.94 -42.86 57.16
CA TRP FC 41 55.05 -43.60 58.05
C TRP FC 41 54.53 -42.80 59.23
N LYS FC 42 55.08 -41.61 59.46
CA LYS FC 42 54.59 -40.70 60.51
C LYS FC 42 54.78 -39.28 60.01
N GLY FC 43 53.76 -38.70 59.37
CA GLY FC 43 52.55 -39.39 58.98
C GLY FC 43 52.06 -38.91 57.63
N LEU FC 44 50.76 -38.75 57.50
CA LEU FC 44 50.14 -38.19 56.29
C LEU FC 44 49.42 -36.89 56.61
N ARG FC 45 50.07 -36.03 57.42
CA ARG FC 45 49.41 -34.87 58.00
C ARG FC 45 50.50 -33.85 58.30
N ILE FC 46 50.06 -32.62 58.60
CA ILE FC 46 50.96 -31.48 58.75
C ILE FC 46 51.84 -31.68 59.97
N THR FC 47 53.16 -31.56 59.77
CA THR FC 47 54.15 -31.68 60.83
C THR FC 47 55.01 -30.42 60.88
N VAL FC 48 55.83 -30.33 61.93
CA VAL FC 48 56.81 -29.26 62.09
C VAL FC 48 58.19 -29.88 61.88
N LYS FC 49 58.98 -29.31 60.97
CA LYS FC 49 60.28 -29.84 60.61
C LYS FC 49 61.35 -28.81 60.92
N LEU FC 50 62.46 -29.26 61.51
CA LEU FC 50 63.64 -28.41 61.62
C LEU FC 50 64.87 -29.22 61.21
N THR FC 51 65.66 -28.62 60.33
CA THR FC 51 66.82 -29.26 59.74
C THR FC 51 68.10 -28.64 60.28
N ILE FC 52 68.99 -29.50 60.75
CA ILE FC 52 70.31 -29.12 61.24
C ILE FC 52 71.32 -29.43 60.14
N GLN FC 53 72.17 -28.47 59.81
CA GLN FC 53 73.18 -28.63 58.77
C GLN FC 53 74.56 -28.44 59.36
N ASN FC 54 75.49 -29.34 59.01
CA ASN FC 54 76.92 -29.12 59.24
C ASN FC 54 77.62 -29.37 57.91
N ARG FC 55 77.52 -28.39 57.02
CA ARG FC 55 78.26 -28.20 55.77
C ARG FC 55 77.96 -29.20 54.67
N GLN FC 56 77.38 -30.37 55.01
CA GLN FC 56 77.02 -31.36 53.99
C GLN FC 56 75.74 -32.13 54.31
N ALA FC 57 75.06 -31.86 55.42
CA ALA FC 57 74.08 -32.79 55.94
C ALA FC 57 72.74 -32.12 56.20
N GLN FC 58 71.71 -32.95 56.34
CA GLN FC 58 70.36 -32.51 56.70
C GLN FC 58 69.87 -33.45 57.81
N ILE FC 59 69.85 -32.97 59.04
CA ILE FC 59 69.32 -33.72 60.17
C ILE FC 59 67.88 -33.24 60.38
N GLU FC 60 66.92 -34.10 60.10
CA GLU FC 60 65.49 -33.75 60.13
C GLU FC 60 64.91 -34.13 61.48
N VAL FC 61 64.79 -33.15 62.37
CA VAL FC 61 64.11 -33.36 63.65
C VAL FC 61 62.68 -32.88 63.51
N VAL FC 62 61.73 -33.67 64.00
CA VAL FC 62 60.32 -33.30 64.01
C VAL FC 62 59.92 -32.99 65.45
N PRO FC 63 59.87 -31.71 65.85
CA PRO FC 63 59.28 -31.39 67.15
C PRO FC 63 57.77 -31.55 67.08
N SER FC 64 57.25 -32.47 67.89
CA SER FC 64 55.84 -32.82 67.85
C SER FC 64 55.01 -31.66 68.42
N ALA FC 65 54.32 -30.95 67.53
CA ALA FC 65 53.43 -29.90 67.98
C ALA FC 65 52.18 -30.49 68.61
N SER FC 66 51.61 -29.75 69.57
CA SER FC 66 50.53 -30.28 70.40
C SER FC 66 49.26 -30.51 69.59
N ALA FC 67 48.78 -29.47 68.91
CA ALA FC 67 47.56 -29.60 68.11
C ALA FC 67 47.76 -30.52 66.92
N LEU FC 68 48.98 -30.58 66.38
CA LEU FC 68 49.25 -31.50 65.29
C LEU FC 68 49.21 -32.96 65.73
N ILE FC 69 49.73 -33.29 66.91
CA ILE FC 69 49.62 -34.68 67.33
C ILE FC 69 48.23 -34.98 67.88
N ILE FC 70 47.49 -33.97 68.35
CA ILE FC 70 46.09 -34.18 68.71
C ILE FC 70 45.26 -34.50 67.47
N LYS FC 71 45.50 -33.80 66.35
CA LYS FC 71 44.90 -34.19 65.08
C LYS FC 71 45.42 -35.54 64.59
N ALA FC 72 46.67 -35.89 64.89
CA ALA FC 72 47.21 -37.19 64.51
C ALA FC 72 46.64 -38.33 65.34
N LEU FC 73 46.05 -38.03 66.49
CA LEU FC 73 45.36 -39.03 67.31
C LEU FC 73 43.93 -39.30 66.84
N LYS FC 74 43.58 -38.94 65.60
CA LYS FC 74 42.31 -39.34 65.00
C LYS FC 74 42.43 -40.75 64.44
N GLU FC 75 41.47 -41.17 63.61
CA GLU FC 75 41.52 -42.47 62.96
C GLU FC 75 42.40 -42.42 61.71
N PRO FC 76 43.49 -43.16 61.67
CA PRO FC 76 44.40 -43.10 60.52
C PRO FC 76 44.05 -44.15 59.49
N PRO FC 77 44.50 -43.99 58.22
CA PRO FC 77 45.04 -42.79 57.59
C PRO FC 77 44.03 -42.13 56.65
N ARG FC 78 44.09 -40.80 56.53
CA ARG FC 78 43.23 -40.05 55.62
C ARG FC 78 44.06 -38.95 54.96
N ASP FC 79 44.44 -39.16 53.70
CA ASP FC 79 45.25 -38.18 52.98
C ASP FC 79 44.53 -37.65 51.75
N ARG FC 80 44.00 -38.53 50.90
CA ARG FC 80 43.13 -38.19 49.76
C ARG FC 80 42.36 -39.49 49.47
N LYS FC 81 41.79 -39.60 48.27
CA LYS FC 81 41.11 -40.80 47.77
C LYS FC 81 39.90 -41.17 48.63
N LYS FC 82 38.79 -40.44 48.41
CA LYS FC 82 37.54 -40.44 49.21
C LYS FC 82 37.73 -39.78 50.57
N GLN FC 83 38.19 -38.52 50.54
CA GLN FC 83 38.06 -37.59 51.65
C GLN FC 83 36.66 -37.00 51.77
N LYS FC 84 36.58 -35.92 52.56
CA LYS FC 84 35.42 -35.01 52.70
C LYS FC 84 34.11 -35.74 53.02
N ASN FC 85 34.07 -36.40 54.17
CA ASN FC 85 32.81 -36.80 54.81
C ASN FC 85 32.76 -36.48 56.33
N ILE FC 86 32.97 -35.22 56.79
CA ILE FC 86 33.19 -33.99 56.02
C ILE FC 86 34.56 -33.43 56.41
N LYS FC 87 34.71 -32.93 57.63
CA LYS FC 87 36.02 -32.49 58.11
C LYS FC 87 36.31 -32.81 59.57
N HIS FC 88 35.31 -33.06 60.41
CA HIS FC 88 35.47 -32.97 61.86
C HIS FC 88 34.75 -34.11 62.59
N SER FC 89 35.01 -35.36 62.18
CA SER FC 89 34.41 -36.52 62.83
C SER FC 89 34.82 -36.66 64.29
N GLY FC 90 36.09 -37.01 64.54
CA GLY FC 90 36.70 -36.96 65.85
C GLY FC 90 36.03 -37.65 67.02
N ASN FC 91 36.00 -38.98 67.03
CA ASN FC 91 35.42 -39.75 68.13
C ASN FC 91 36.54 -40.55 68.79
N ILE FC 92 37.24 -39.91 69.73
CA ILE FC 92 38.37 -40.50 70.42
C ILE FC 92 38.23 -40.27 71.92
N THR FC 93 38.91 -41.12 72.70
CA THR FC 93 38.86 -41.06 74.16
C THR FC 93 40.03 -40.27 74.73
N PHE FC 94 41.25 -40.53 74.24
CA PHE FC 94 42.54 -40.02 74.74
C PHE FC 94 42.63 -40.03 76.27
N ASP FC 95 42.54 -41.24 76.83
CA ASP FC 95 42.51 -41.39 78.28
C ASP FC 95 43.87 -41.08 78.90
N GLU FC 96 44.96 -41.62 78.35
CA GLU FC 96 46.29 -41.34 78.84
C GLU FC 96 47.25 -40.86 77.77
N ILE FC 97 46.82 -40.76 76.51
CA ILE FC 97 47.75 -40.44 75.45
C ILE FC 97 48.07 -38.94 75.42
N VAL FC 98 47.08 -38.08 75.72
CA VAL FC 98 47.35 -36.67 75.90
C VAL FC 98 48.15 -36.43 77.19
N ASN FC 99 48.00 -37.33 78.17
CA ASN FC 99 48.84 -37.28 79.36
C ASN FC 99 50.30 -37.54 79.04
N ILE FC 100 50.57 -38.57 78.22
CA ILE FC 100 51.94 -38.80 77.75
C ILE FC 100 52.40 -37.67 76.83
N ALA FC 101 51.47 -37.03 76.12
CA ALA FC 101 51.82 -35.91 75.24
C ALA FC 101 52.31 -34.70 76.03
N ARG FC 102 51.62 -34.32 77.11
CA ARG FC 102 52.17 -33.19 77.84
C ARG FC 102 53.30 -33.62 78.78
N GLN FC 103 53.49 -34.92 79.00
CA GLN FC 103 54.78 -35.36 79.51
C GLN FC 103 55.91 -35.13 78.52
N MET FC 104 55.66 -35.33 77.22
CA MET FC 104 56.64 -34.99 76.19
C MET FC 104 56.79 -33.49 75.95
N ARG FC 105 55.82 -32.68 76.36
CA ARG FC 105 55.93 -31.23 76.18
C ARG FC 105 57.01 -30.69 77.11
N HIS FC 106 58.22 -30.54 76.59
CA HIS FC 106 59.36 -30.07 77.37
C HIS FC 106 59.78 -28.68 76.91
N ARG FC 107 59.85 -27.73 77.85
CA ARG FC 107 60.41 -26.40 77.69
C ARG FC 107 59.73 -25.57 76.60
N SER FC 108 58.46 -25.87 76.30
CA SER FC 108 57.73 -25.14 75.27
C SER FC 108 56.42 -24.55 75.78
N LEU FC 109 56.05 -24.82 77.02
CA LEU FC 109 54.76 -24.36 77.53
C LEU FC 109 54.87 -23.18 78.49
N ALA FC 110 56.02 -23.02 79.17
CA ALA FC 110 56.20 -22.15 80.33
C ALA FC 110 55.10 -22.42 81.36
N ARG FC 111 55.19 -23.62 81.92
CA ARG FC 111 54.07 -24.30 82.53
C ARG FC 111 54.20 -24.41 84.05
N GLU FC 112 53.07 -24.66 84.68
CA GLU FC 112 53.01 -25.25 86.01
C GLU FC 112 53.16 -26.76 85.87
N LEU FC 113 53.56 -27.43 86.96
CA LEU FC 113 53.85 -28.86 86.90
C LEU FC 113 52.60 -29.70 86.76
N SER FC 114 52.04 -29.73 85.53
CA SER FC 114 50.86 -30.52 85.14
C SER FC 114 49.63 -30.22 85.98
N GLY FC 115 49.51 -28.99 86.46
CA GLY FC 115 48.37 -28.61 87.27
C GLY FC 115 47.15 -28.27 86.45
N THR FC 116 47.28 -27.30 85.54
CA THR FC 116 46.19 -26.83 84.72
C THR FC 116 46.36 -27.18 83.24
N ILE FC 117 47.41 -27.94 82.91
CA ILE FC 117 47.64 -28.36 81.53
C ILE FC 117 46.57 -29.34 81.06
N LYS FC 118 45.93 -30.05 82.01
CA LYS FC 118 44.74 -30.83 81.69
C LYS FC 118 43.62 -29.95 81.16
N GLU FC 119 43.38 -28.80 81.80
CA GLU FC 119 42.43 -27.82 81.29
C GLU FC 119 42.89 -27.23 79.96
N ILE FC 120 44.21 -26.99 79.82
CA ILE FC 120 44.77 -26.40 78.60
C ILE FC 120 44.53 -27.31 77.40
N LEU FC 121 44.94 -28.57 77.50
CA LEU FC 121 44.78 -29.49 76.39
C LEU FC 121 43.40 -30.13 76.34
N GLY FC 122 42.53 -29.84 77.31
CA GLY FC 122 41.14 -30.22 77.17
C GLY FC 122 40.33 -29.18 76.42
N THR FC 123 40.67 -27.90 76.60
CA THR FC 123 39.95 -26.83 75.94
C THR FC 123 40.69 -26.26 74.72
N ALA FC 124 41.90 -26.75 74.44
CA ALA FC 124 42.65 -26.27 73.29
C ALA FC 124 42.44 -27.14 72.05
N GLN FC 125 41.54 -28.11 72.11
CA GLN FC 125 41.24 -28.97 70.99
C GLN FC 125 39.98 -28.46 70.29
N SER FC 126 39.71 -29.01 69.10
CA SER FC 126 38.60 -28.50 68.30
C SER FC 126 37.70 -29.56 67.67
N VAL FC 127 38.13 -30.81 67.57
CA VAL FC 127 37.38 -31.82 66.83
C VAL FC 127 36.82 -32.90 67.77
N GLY FC 128 37.61 -33.33 68.74
CA GLY FC 128 37.32 -34.40 69.67
C GLY FC 128 36.84 -33.84 70.98
N CYS FC 129 37.80 -33.58 71.88
CA CYS FC 129 37.78 -32.77 73.10
C CYS FC 129 37.26 -33.50 74.35
N ASN FC 130 36.82 -34.76 74.21
CA ASN FC 130 36.41 -35.56 75.36
C ASN FC 130 36.17 -37.00 74.93
N VAL FC 131 36.21 -37.90 75.91
CA VAL FC 131 35.52 -39.18 75.84
C VAL FC 131 34.03 -38.92 75.62
N ASP FC 132 33.35 -39.86 74.93
CA ASP FC 132 32.04 -39.60 74.35
C ASP FC 132 30.92 -39.46 75.37
N GLY FC 133 31.20 -39.66 76.66
CA GLY FC 133 30.12 -39.67 77.64
C GLY FC 133 30.12 -38.56 78.68
N ARG FC 134 30.91 -37.51 78.48
CA ARG FC 134 30.97 -36.39 79.41
C ARG FC 134 31.03 -35.09 78.61
N HIS FC 135 31.42 -34.00 79.28
CA HIS FC 135 31.59 -32.70 78.62
C HIS FC 135 32.91 -32.04 79.03
N PRO FC 136 33.61 -31.40 78.08
CA PRO FC 136 34.84 -30.67 78.45
C PRO FC 136 34.58 -29.45 79.30
N HIS FC 137 33.39 -28.85 79.19
CA HIS FC 137 32.99 -27.81 80.13
C HIS FC 137 32.84 -28.35 81.54
N ASP FC 138 32.57 -29.65 81.70
CA ASP FC 138 32.67 -30.28 83.01
C ASP FC 138 34.11 -30.61 83.37
N ILE FC 139 34.94 -30.97 82.38
CA ILE FC 139 36.37 -31.25 82.61
C ILE FC 139 37.10 -30.03 83.17
N ILE FC 140 36.64 -28.83 82.82
CA ILE FC 140 37.12 -27.57 83.43
C ILE FC 140 37.04 -27.62 84.96
N ASP FC 141 36.01 -28.28 85.52
CA ASP FC 141 35.90 -28.42 86.97
C ASP FC 141 35.95 -29.87 87.45
N ASP FC 142 36.42 -30.81 86.63
CA ASP FC 142 36.52 -32.21 87.01
C ASP FC 142 37.88 -32.51 87.63
N ILE FC 143 38.20 -33.82 87.70
CA ILE FC 143 39.30 -34.46 88.42
C ILE FC 143 40.64 -33.77 88.23
N ASN FC 144 41.32 -33.51 89.35
CA ASN FC 144 42.60 -32.80 89.38
C ASN FC 144 43.77 -33.75 89.64
N SER FC 145 43.68 -34.96 89.11
CA SER FC 145 44.71 -35.98 89.28
C SER FC 145 45.81 -35.77 88.25
N GLY FC 146 46.94 -36.45 88.48
CA GLY FC 146 48.12 -36.35 87.63
C GLY FC 146 49.11 -35.29 88.09
N ALA FC 147 48.62 -34.23 88.73
CA ALA FC 147 49.48 -33.13 89.16
C ALA FC 147 50.39 -33.52 90.33
N VAL FC 148 50.10 -34.63 91.01
CA VAL FC 148 51.00 -35.18 92.01
C VAL FC 148 51.92 -36.22 91.41
N GLU FC 149 51.41 -37.04 90.50
CA GLU FC 149 52.17 -38.15 89.94
C GLU FC 149 53.21 -37.72 88.90
N CYS FC 150 53.00 -36.59 88.23
CA CYS FC 150 53.98 -36.16 87.23
C CYS FC 150 55.27 -35.62 87.85
N PRO FC 151 55.25 -34.78 88.91
CA PRO FC 151 56.59 -34.52 89.46
C PRO FC 151 57.06 -35.62 90.39
N ASP GC 1 32.01 -5.99 87.27
CA ASP GC 1 33.34 -6.43 87.68
C ASP GC 1 34.05 -5.38 88.52
N ARG GC 2 35.31 -5.68 88.86
CA ARG GC 2 36.24 -4.79 89.58
C ARG GC 2 35.75 -4.41 90.97
N ALA GC 3 34.84 -5.18 91.56
CA ALA GC 3 34.55 -5.07 93.00
C ALA GC 3 34.89 -6.35 93.73
N THR GC 4 34.29 -7.48 93.33
CA THR GC 4 34.67 -8.77 93.87
C THR GC 4 36.07 -9.16 93.44
N TRP GC 5 36.49 -8.74 92.24
CA TRP GC 5 37.84 -9.00 91.77
C TRP GC 5 38.87 -8.23 92.58
N LYS GC 6 38.58 -6.97 92.91
CA LYS GC 6 39.51 -6.22 93.75
C LYS GC 6 39.50 -6.73 95.19
N SER GC 7 38.36 -7.23 95.68
CA SER GC 7 38.35 -7.85 97.00
C SER GC 7 39.14 -9.15 97.02
N ASN GC 8 39.11 -9.91 95.92
CA ASN GC 8 39.93 -11.11 95.82
C ASN GC 8 41.42 -10.77 95.71
N TYR GC 9 41.75 -9.66 95.04
CA TYR GC 9 43.13 -9.18 95.02
C TYR GC 9 43.58 -8.73 96.40
N PHE GC 10 42.69 -8.14 97.18
CA PHE GC 10 43.01 -7.79 98.56
C PHE GC 10 43.18 -9.03 99.43
N LEU GC 11 42.40 -10.09 99.14
CA LEU GC 11 42.63 -11.37 99.82
C LEU GC 11 43.99 -11.97 99.46
N LYS GC 12 44.41 -11.83 98.20
CA LYS GC 12 45.74 -12.30 97.81
C LYS GC 12 46.85 -11.51 98.50
N ILE GC 13 46.70 -10.20 98.61
CA ILE GC 13 47.77 -9.43 99.24
C ILE GC 13 47.78 -9.62 100.77
N ILE GC 14 46.63 -9.84 101.41
CA ILE GC 14 46.67 -10.14 102.84
C ILE GC 14 47.18 -11.56 103.07
N GLN GC 15 46.96 -12.49 102.13
CA GLN GC 15 47.55 -13.81 102.24
C GLN GC 15 49.07 -13.76 102.12
N LEU GC 16 49.58 -12.98 101.16
CA LEU GC 16 51.04 -12.88 101.02
C LEU GC 16 51.69 -12.09 102.16
N LEU GC 17 51.00 -11.09 102.72
CA LEU GC 17 51.58 -10.37 103.86
C LEU GC 17 51.52 -11.18 105.14
N ASP GC 18 50.50 -12.03 105.31
CA ASP GC 18 50.46 -12.90 106.47
C ASP GC 18 51.30 -14.16 106.31
N ASP GC 19 51.70 -14.50 105.07
CA ASP GC 19 52.51 -15.68 104.82
C ASP GC 19 54.00 -15.35 104.81
N TYR GC 20 54.41 -14.36 104.01
CA TYR GC 20 55.83 -14.10 103.79
C TYR GC 20 56.21 -12.76 104.40
N PRO GC 21 56.88 -12.72 105.54
CA PRO GC 21 57.25 -11.44 106.16
C PRO GC 21 58.54 -10.82 105.62
N LYS GC 22 59.12 -11.36 104.56
CA LYS GC 22 60.37 -10.85 104.01
C LYS GC 22 60.16 -10.50 102.54
N CYS GC 23 60.60 -9.31 102.15
CA CYS GC 23 60.25 -8.74 100.85
C CYS GC 23 61.47 -8.10 100.21
N PHE GC 24 61.40 -7.97 98.88
CA PHE GC 24 62.40 -7.29 98.08
C PHE GC 24 61.69 -6.32 97.14
N ILE GC 25 62.09 -5.06 97.16
CA ILE GC 25 61.47 -4.04 96.32
C ILE GC 25 62.21 -3.98 94.99
N VAL GC 26 61.48 -4.10 93.88
CA VAL GC 26 62.07 -4.13 92.55
C VAL GC 26 61.38 -3.11 91.65
N GLY GC 27 62.04 -2.78 90.55
CA GLY GC 27 61.48 -1.91 89.54
C GLY GC 27 61.72 -2.49 88.15
N ALA GC 28 60.69 -2.37 87.30
CA ALA GC 28 60.62 -3.05 86.01
C ALA GC 28 60.20 -2.09 84.91
N ASP GC 29 60.92 -0.97 84.79
CA ASP GC 29 60.56 0.07 83.83
C ASP GC 29 60.75 -0.41 82.39
N ASN GC 30 61.80 -1.17 82.10
CA ASN GC 30 62.04 -1.72 80.78
C ASN GC 30 61.97 -3.23 80.88
N VAL GC 31 60.84 -3.81 80.47
CA VAL GC 31 60.59 -5.24 80.63
C VAL GC 31 59.59 -5.66 79.56
N GLY GC 32 59.58 -6.96 79.24
CA GLY GC 32 58.64 -7.50 78.30
C GLY GC 32 57.88 -8.68 78.90
N SER GC 33 56.85 -9.13 78.17
CA SER GC 33 56.02 -10.21 78.66
C SER GC 33 56.74 -11.55 78.61
N LYS GC 34 57.48 -11.79 77.51
CA LYS GC 34 58.30 -12.99 77.43
C LYS GC 34 59.43 -12.97 78.45
N GLN GC 35 59.96 -11.77 78.74
CA GLN GC 35 60.96 -11.61 79.79
C GLN GC 35 60.37 -11.94 81.16
N MET GC 36 59.14 -11.49 81.43
CA MET GC 36 58.50 -11.82 82.70
C MET GC 36 58.16 -13.30 82.80
N GLN GC 37 57.80 -13.93 81.67
CA GLN GC 37 57.61 -15.38 81.68
C GLN GC 37 58.90 -16.11 82.01
N GLN GC 38 60.02 -15.65 81.44
CA GLN GC 38 61.33 -16.22 81.75
C GLN GC 38 61.69 -16.04 83.22
N ILE GC 39 61.41 -14.86 83.79
CA ILE GC 39 61.74 -14.59 85.18
C ILE GC 39 60.89 -15.43 86.13
N ARG GC 40 59.58 -15.54 85.85
CA ARG GC 40 58.71 -16.37 86.68
C ARG GC 40 59.07 -17.85 86.58
N MET GC 41 59.30 -18.36 85.37
CA MET GC 41 59.62 -19.77 85.23
C MET GC 41 61.06 -20.09 85.58
N SER GC 42 61.90 -19.08 85.83
CA SER GC 42 63.18 -19.30 86.47
C SER GC 42 63.10 -19.18 87.99
N LEU GC 43 62.10 -18.46 88.51
CA LEU GC 43 61.93 -18.28 89.94
C LEU GC 43 60.68 -18.98 90.46
N ARG GC 44 60.29 -20.10 89.83
CA ARG GC 44 59.21 -20.92 90.35
C ARG GC 44 59.58 -21.55 91.70
N GLY GC 45 60.81 -22.04 91.83
CA GLY GC 45 61.21 -22.73 93.05
C GLY GC 45 61.49 -21.83 94.24
N LYS GC 46 61.43 -20.52 94.06
CA LYS GC 46 61.73 -19.56 95.11
C LYS GC 46 60.75 -18.40 94.98
N ALA GC 47 61.14 -17.25 95.58
CA ALA GC 47 60.31 -16.07 95.87
C ALA GC 47 59.39 -15.64 94.73
N VAL GC 48 58.23 -15.12 95.11
CA VAL GC 48 57.15 -14.80 94.18
C VAL GC 48 57.11 -13.29 93.97
N VAL GC 49 57.09 -12.87 92.70
CA VAL GC 49 57.09 -11.47 92.32
C VAL GC 49 55.65 -11.02 92.10
N LEU GC 50 55.26 -9.90 92.72
CA LEU GC 50 53.91 -9.35 92.63
C LEU GC 50 53.99 -7.86 92.36
N MET GC 51 53.43 -7.43 91.23
CA MET GC 51 53.29 -6.02 90.92
C MET GC 51 51.90 -5.55 91.37
N GLY GC 52 51.49 -4.36 90.93
CA GLY GC 52 50.11 -3.96 91.18
C GLY GC 52 49.88 -2.50 90.89
N LYS GC 53 48.71 -2.04 91.35
CA LYS GC 53 48.17 -0.70 91.14
C LYS GC 53 48.63 0.18 92.32
N ASN GC 54 48.01 1.34 92.49
CA ASN GC 54 48.02 2.10 93.73
C ASN GC 54 47.28 1.38 94.86
N THR GC 55 46.56 0.29 94.56
CA THR GC 55 46.03 -0.62 95.56
C THR GC 55 47.13 -1.32 96.37
N MET GC 56 48.37 -1.31 95.87
CA MET GC 56 49.51 -1.79 96.66
C MET GC 56 49.79 -0.90 97.87
N MET GC 57 49.27 0.33 97.88
CA MET GC 57 49.22 1.14 99.11
C MET GC 57 48.07 0.58 99.96
N ARG GC 58 48.35 -0.56 100.60
CA ARG GC 58 47.37 -1.29 101.39
C ARG GC 58 47.87 -1.57 102.79
N LYS GC 59 49.16 -1.42 103.05
CA LYS GC 59 49.74 -1.61 104.38
C LYS GC 59 49.26 -0.59 105.39
N ALA GC 60 48.74 0.56 104.93
CA ALA GC 60 48.02 1.46 105.82
C ALA GC 60 46.75 0.80 106.36
N ILE GC 61 45.95 0.17 105.50
CA ILE GC 61 44.75 -0.53 105.93
C ILE GC 61 45.11 -1.77 106.76
N ARG GC 62 46.23 -2.41 106.40
CA ARG GC 62 46.74 -3.52 107.18
C ARG GC 62 47.17 -3.08 108.57
N GLY GC 63 47.63 -1.83 108.72
CA GLY GC 63 47.86 -1.26 110.04
C GLY GC 63 46.59 -0.84 110.74
N HIS GC 64 45.56 -0.41 109.98
CA HIS GC 64 44.23 -0.15 110.52
C HIS GC 64 43.52 -1.41 111.00
N LEU GC 65 44.01 -2.59 110.62
CA LEU GC 65 43.61 -3.84 111.27
C LEU GC 65 44.14 -3.97 112.69
N GLU GC 66 45.11 -3.14 113.09
CA GLU GC 66 45.74 -3.14 114.43
C GLU GC 66 46.35 -4.50 114.78
N ASN GC 67 47.23 -4.99 113.91
CA ASN GC 67 47.91 -6.26 114.16
C ASN GC 67 49.37 -6.22 113.76
N ASN GC 68 50.03 -5.07 113.86
CA ASN GC 68 51.32 -4.92 113.23
C ASN GC 68 52.33 -4.17 114.08
N PRO GC 69 53.63 -4.42 113.83
CA PRO GC 69 54.67 -3.45 114.20
C PRO GC 69 54.69 -2.24 113.28
N ALA GC 70 55.80 -1.50 113.29
CA ALA GC 70 55.92 -0.19 112.65
C ALA GC 70 56.17 -0.28 111.14
N LEU GC 71 55.57 -1.29 110.49
CA LEU GC 71 55.68 -1.63 109.08
C LEU GC 71 55.38 -0.50 108.08
N GLU GC 72 54.81 0.62 108.55
CA GLU GC 72 54.41 1.74 107.69
C GLU GC 72 55.59 2.51 107.09
N LYS GC 73 56.84 2.12 107.37
CA LYS GC 73 57.99 2.73 106.72
C LYS GC 73 58.03 2.42 105.23
N LEU GC 74 57.46 1.29 104.82
CA LEU GC 74 57.43 0.87 103.42
C LEU GC 74 56.40 1.60 102.58
N LEU GC 75 55.62 2.50 103.17
CA LEU GC 75 54.57 3.19 102.41
C LEU GC 75 55.10 4.18 101.36
N PRO GC 76 56.05 5.08 101.66
CA PRO GC 76 56.54 5.96 100.57
C PRO GC 76 57.50 5.29 99.60
N HIS GC 77 57.86 4.02 99.79
CA HIS GC 77 58.72 3.33 98.85
C HIS GC 77 58.00 2.94 97.57
N ILE GC 78 56.68 2.89 97.57
CA ILE GC 78 55.92 2.50 96.37
C ILE GC 78 55.67 3.78 95.59
N ARG GC 79 56.67 4.17 94.79
CA ARG GC 79 56.60 5.36 93.95
C ARG GC 79 57.33 5.08 92.65
N GLY GC 80 56.61 5.19 91.53
CA GLY GC 80 57.24 5.02 90.24
C GLY GC 80 57.60 3.60 89.86
N ASN GC 81 56.58 2.78 89.59
CA ASN GC 81 56.70 1.41 89.07
C ASN GC 81 57.48 0.50 90.04
N VAL GC 82 56.89 0.31 91.21
CA VAL GC 82 57.51 -0.42 92.32
C VAL GC 82 56.73 -1.70 92.55
N GLY GC 83 57.44 -2.83 92.57
CA GLY GC 83 56.81 -4.10 92.88
C GLY GC 83 57.47 -4.86 94.00
N PHE GC 84 56.72 -5.79 94.60
CA PHE GC 84 57.19 -6.58 95.73
C PHE GC 84 57.65 -7.95 95.28
N VAL GC 85 58.59 -8.52 96.04
CA VAL GC 85 59.05 -9.89 95.85
C VAL GC 85 59.00 -10.55 97.22
N PHE GC 86 58.01 -11.40 97.44
CA PHE GC 86 57.79 -12.03 98.74
C PHE GC 86 58.56 -13.35 98.81
N THR GC 87 59.25 -13.55 99.93
CA THR GC 87 60.09 -14.72 100.10
C THR GC 87 59.93 -15.29 101.51
N LYS GC 88 60.35 -16.54 101.66
CA LYS GC 88 60.39 -17.21 102.95
C LYS GC 88 61.71 -17.93 103.21
N GLU GC 89 62.43 -18.38 102.17
CA GLU GC 89 63.58 -19.25 102.34
C GLU GC 89 64.79 -18.48 102.87
N ASP GC 90 65.22 -17.45 102.15
CA ASP GC 90 66.43 -16.71 102.49
C ASP GC 90 66.15 -15.56 103.45
N LEU GC 91 67.02 -15.29 104.45
CA LEU GC 91 68.12 -16.06 105.12
C LEU GC 91 69.36 -16.50 104.32
N THR GC 92 69.64 -15.82 103.20
CA THR GC 92 70.78 -16.09 102.33
C THR GC 92 70.90 -14.90 101.37
N GLU GC 93 72.10 -14.35 101.27
CA GLU GC 93 72.33 -13.11 100.53
C GLU GC 93 72.82 -13.34 99.10
N ILE GC 94 72.66 -14.54 98.54
CA ILE GC 94 73.13 -14.79 97.18
C ILE GC 94 72.04 -14.59 96.14
N ARG GC 95 70.81 -14.30 96.56
CA ARG GC 95 69.71 -14.20 95.61
C ARG GC 95 69.78 -12.90 94.82
N ASP GC 96 69.43 -13.00 93.53
CA ASP GC 96 69.22 -11.94 92.54
C ASP GC 96 70.52 -11.33 92.02
N MET GC 97 71.65 -11.61 92.64
CA MET GC 97 72.94 -11.26 92.06
C MET GC 97 73.56 -12.44 91.32
N LEU GC 98 73.29 -13.66 91.79
CA LEU GC 98 73.53 -14.84 90.98
C LEU GC 98 72.38 -15.11 90.02
N ARG GC 99 71.27 -14.38 90.16
CA ARG GC 99 70.08 -14.61 89.37
C ARG GC 99 69.68 -13.42 88.50
N ALA GC 100 70.40 -12.30 88.60
CA ALA GC 100 70.17 -11.15 87.73
C ALA GC 100 70.70 -11.49 86.34
N ASN GC 101 69.81 -11.94 85.46
CA ASN GC 101 70.18 -12.39 84.12
C ASN GC 101 69.82 -11.32 83.11
N LYS GC 102 70.64 -11.24 82.06
CA LYS GC 102 70.44 -10.24 81.02
C LYS GC 102 69.33 -10.66 80.07
N VAL GC 103 68.91 -9.71 79.24
CA VAL GC 103 67.82 -9.92 78.28
C VAL GC 103 68.41 -10.41 76.96
N PRO GC 104 67.88 -11.50 76.40
CA PRO GC 104 68.44 -12.02 75.14
C PRO GC 104 68.11 -11.17 73.92
N ALA GC 105 68.76 -10.00 73.82
CA ALA GC 105 68.85 -9.18 72.61
C ALA GC 105 67.49 -8.72 72.11
N ALA GC 106 66.83 -7.92 72.94
CA ALA GC 106 65.54 -7.33 72.59
C ALA GC 106 65.74 -5.94 72.01
N ALA GC 107 65.31 -5.75 70.76
CA ALA GC 107 65.45 -4.47 70.07
C ALA GC 107 64.08 -3.85 69.82
N ARG GC 108 63.98 -2.54 70.09
CA ARG GC 108 62.76 -1.80 69.81
C ARG GC 108 63.12 -0.32 69.71
N ALA GC 109 62.48 0.37 68.76
CA ALA GC 109 62.75 1.77 68.49
C ALA GC 109 62.24 2.66 69.63
N GLY GC 110 63.13 3.44 70.23
CA GLY GC 110 62.74 4.35 71.29
C GLY GC 110 63.70 4.41 72.46
N ALA GC 111 64.78 3.64 72.40
CA ALA GC 111 65.74 3.56 73.49
C ALA GC 111 66.98 4.38 73.18
N ILE GC 112 67.54 5.01 74.21
CA ILE GC 112 68.75 5.80 74.08
C ILE GC 112 69.87 5.29 75.00
N ALA GC 113 69.51 4.56 76.05
CA ALA GC 113 70.44 4.10 77.06
C ALA GC 113 70.96 2.70 76.73
N PRO GC 114 72.21 2.37 77.12
CA PRO GC 114 73.23 3.24 77.72
C PRO GC 114 74.45 3.56 76.83
N CYS GC 115 74.67 2.80 75.77
CA CYS GC 115 75.98 2.82 75.11
C CYS GC 115 75.87 2.92 73.60
N GLU GC 116 77.00 2.75 72.92
CA GLU GC 116 77.09 2.80 71.47
C GLU GC 116 77.09 1.40 70.87
N VAL GC 117 76.82 1.33 69.57
CA VAL GC 117 76.80 0.07 68.83
C VAL GC 117 77.79 0.20 67.67
N THR GC 118 78.76 -0.71 67.62
CA THR GC 118 79.74 -0.74 66.54
C THR GC 118 79.57 -2.04 65.74
N VAL GC 119 79.92 -1.97 64.46
CA VAL GC 119 79.76 -3.10 63.55
C VAL GC 119 81.13 -3.51 63.02
N PRO GC 120 81.69 -4.62 63.48
CA PRO GC 120 82.99 -5.08 62.94
C PRO GC 120 82.84 -5.65 61.54
N ALA GC 121 83.97 -5.73 60.84
CA ALA GC 121 84.03 -6.32 59.51
C ALA GC 121 83.99 -7.83 59.64
N GLN GC 122 82.89 -8.45 59.22
CA GLN GC 122 82.68 -9.88 59.38
C GLN GC 122 81.72 -10.36 58.30
N ASN GC 123 81.88 -11.62 57.89
CA ASN GC 123 80.95 -12.25 56.97
C ASN GC 123 79.57 -12.38 57.61
N THR GC 124 78.63 -11.56 57.14
CA THR GC 124 77.34 -11.43 57.81
C THR GC 124 76.44 -12.63 57.57
N GLY GC 125 76.61 -13.32 56.45
CA GLY GC 125 75.73 -14.44 56.14
C GLY GC 125 74.36 -14.03 55.65
N LEU GC 126 74.25 -12.90 54.96
CA LEU GC 126 72.97 -12.39 54.51
C LEU GC 126 72.67 -12.87 53.09
N GLY GC 127 71.46 -13.36 52.89
CA GLY GC 127 71.02 -13.80 51.58
C GLY GC 127 70.65 -12.63 50.68
N PRO GC 128 70.20 -12.92 49.47
CA PRO GC 128 69.86 -11.82 48.53
C PRO GC 128 68.55 -11.15 48.91
N GLU GC 129 68.58 -9.83 49.08
CA GLU GC 129 69.79 -9.01 48.96
C GLU GC 129 70.26 -8.49 50.34
N LYS GC 130 69.31 -8.01 51.15
CA LYS GC 130 69.56 -7.29 52.40
C LYS GC 130 70.62 -6.20 52.21
N THR GC 131 70.38 -5.36 51.21
CA THR GC 131 71.23 -4.21 50.96
C THR GC 131 70.48 -2.89 50.99
N SER GC 132 69.15 -2.91 51.04
CA SER GC 132 68.37 -1.67 51.06
C SER GC 132 68.55 -0.90 52.37
N PHE GC 133 68.73 -1.60 53.50
CA PHE GC 133 68.96 -0.91 54.76
C PHE GC 133 70.34 -0.26 54.78
N PHE GC 134 71.35 -0.99 54.29
CA PHE GC 134 72.70 -0.46 54.16
C PHE GC 134 72.76 0.70 53.17
N GLN GC 135 71.92 0.69 52.14
CA GLN GC 135 71.82 1.82 51.23
C GLN GC 135 71.02 2.98 51.80
N ALA GC 136 70.06 2.73 52.67
CA ALA GC 136 69.30 3.79 53.31
C ALA GC 136 70.10 4.53 54.36
N LEU GC 137 71.00 3.84 55.07
CA LEU GC 137 71.87 4.50 56.04
C LEU GC 137 73.18 4.99 55.43
N GLY GC 138 73.87 4.13 54.69
CA GLY GC 138 75.14 4.46 54.07
C GLY GC 138 76.27 3.67 54.72
N ILE GC 139 76.60 2.54 54.11
CA ILE GC 139 77.64 1.62 54.59
C ILE GC 139 78.33 1.05 53.37
N THR GC 140 79.66 1.21 53.30
CA THR GC 140 80.43 0.64 52.21
C THR GC 140 80.53 -0.87 52.39
N THR GC 141 79.93 -1.63 51.49
CA THR GC 141 79.93 -3.09 51.54
C THR GC 141 80.55 -3.65 50.27
N LYS GC 142 81.22 -4.79 50.42
CA LYS GC 142 81.76 -5.54 49.28
C LYS GC 142 81.30 -6.98 49.39
N ILE GC 143 81.04 -7.61 48.25
CA ILE GC 143 80.55 -8.97 48.21
C ILE GC 143 81.73 -9.89 47.91
N SER GC 144 82.09 -10.70 48.90
CA SER GC 144 83.06 -11.78 48.75
C SER GC 144 82.31 -13.03 48.28
N ARG GC 145 82.91 -14.21 48.47
CA ARG GC 145 82.17 -15.47 48.48
C ARG GC 145 80.94 -15.33 49.36
N GLY GC 146 79.83 -15.94 48.93
CA GLY GC 146 78.48 -15.40 49.00
C GLY GC 146 78.04 -14.49 50.14
N THR GC 147 78.60 -14.69 51.34
CA THR GC 147 78.37 -13.77 52.44
C THR GC 147 78.92 -12.38 52.11
N ILE GC 148 78.23 -11.35 52.60
CA ILE GC 148 78.56 -9.96 52.28
C ILE GC 148 79.42 -9.40 53.40
N GLU GC 149 80.55 -8.80 53.04
CA GLU GC 149 81.48 -8.20 53.99
C GLU GC 149 81.31 -6.69 54.00
N ILE GC 150 81.59 -6.07 55.14
CA ILE GC 150 81.53 -4.62 55.28
C ILE GC 150 82.95 -4.07 55.26
N LEU GC 151 83.23 -3.14 54.34
CA LEU GC 151 84.59 -2.69 54.13
C LEU GC 151 85.05 -1.72 55.21
N SER GC 152 84.14 -0.92 55.76
CA SER GC 152 84.49 0.10 56.73
C SER GC 152 84.09 -0.37 58.14
N ASP GC 153 84.27 0.52 59.10
CA ASP GC 153 83.94 0.25 60.50
C ASP GC 153 83.44 1.57 61.09
N VAL GC 154 82.12 1.74 61.08
CA VAL GC 154 81.50 2.99 61.53
C VAL GC 154 80.53 2.68 62.66
N GLN GC 155 80.16 3.74 63.39
CA GLN GC 155 79.21 3.64 64.49
C GLN GC 155 77.82 4.04 64.00
N LEU GC 156 76.85 3.16 64.23
CA LEU GC 156 75.49 3.44 63.76
C LEU GC 156 74.76 4.39 64.69
N ILE GC 157 74.57 4.00 65.94
CA ILE GC 157 73.80 4.76 66.91
C ILE GC 157 74.68 5.08 68.11
N LYS GC 158 74.86 6.37 68.38
CA LYS GC 158 75.68 6.81 69.51
C LYS GC 158 74.83 6.83 70.78
N THR GC 159 75.39 7.34 71.86
CA THR GC 159 74.67 7.45 73.13
C THR GC 159 73.68 8.61 73.07
N GLY GC 160 72.50 8.39 73.62
CA GLY GC 160 71.48 9.41 73.64
C GLY GC 160 70.69 9.56 72.35
N ASP GC 161 70.95 8.73 71.35
CA ASP GC 161 70.31 8.83 70.05
C ASP GC 161 69.09 7.92 69.99
N LYS GC 162 68.04 8.39 69.32
CA LYS GC 162 66.83 7.60 69.18
C LYS GC 162 67.03 6.52 68.11
N VAL GC 163 66.74 5.28 68.48
CA VAL GC 163 66.81 4.16 67.55
C VAL GC 163 65.66 4.26 66.57
N GLY GC 164 65.96 4.17 65.28
CA GLY GC 164 64.93 4.18 64.26
C GLY GC 164 64.43 2.78 63.93
N ALA GC 165 63.37 2.74 63.13
CA ALA GC 165 62.75 1.46 62.78
C ALA GC 165 63.62 0.67 61.83
N SER GC 166 64.15 1.32 60.78
CA SER GC 166 65.03 0.65 59.83
C SER GC 166 66.35 0.25 60.49
N GLU GC 167 66.84 1.09 61.41
CA GLU GC 167 68.03 0.74 62.18
C GLU GC 167 67.79 -0.47 63.07
N ALA GC 168 66.61 -0.54 63.69
CA ALA GC 168 66.28 -1.70 64.54
C ALA GC 168 66.14 -2.96 63.71
N THR GC 169 65.57 -2.86 62.51
CA THR GC 169 65.43 -4.05 61.66
C THR GC 169 66.78 -4.51 61.11
N LEU GC 170 67.67 -3.57 60.76
CA LEU GC 170 68.97 -4.00 60.28
C LEU GC 170 69.84 -4.54 61.40
N LEU GC 171 69.70 -4.04 62.63
CA LEU GC 171 70.38 -4.64 63.77
C LEU GC 171 69.84 -6.03 64.08
N ASN GC 172 68.52 -6.22 63.91
CA ASN GC 172 67.95 -7.55 64.10
C ASN GC 172 68.38 -8.53 63.03
N MET GC 173 68.59 -8.06 61.80
CA MET GC 173 69.05 -8.95 60.74
C MET GC 173 70.55 -9.21 60.81
N LEU GC 174 71.33 -8.26 61.30
CA LEU GC 174 72.75 -8.49 61.52
C LEU GC 174 73.04 -9.23 62.81
N ASN GC 175 72.05 -9.36 63.70
CA ASN GC 175 72.12 -10.11 64.96
C ASN GC 175 73.17 -9.58 65.93
N ILE GC 176 73.59 -8.33 65.75
CA ILE GC 176 74.45 -7.68 66.73
C ILE GC 176 73.59 -7.27 67.92
N SER GC 177 74.08 -7.57 69.13
CA SER GC 177 73.26 -7.49 70.34
C SER GC 177 72.88 -6.06 70.68
N PRO GC 178 71.60 -5.72 70.66
CA PRO GC 178 71.17 -4.35 70.97
C PRO GC 178 71.12 -4.07 72.46
N PHE GC 179 70.52 -2.93 72.80
CA PHE GC 179 70.25 -2.54 74.18
C PHE GC 179 69.42 -3.62 74.89
N SER GC 180 69.89 -4.05 76.05
CA SER GC 180 69.19 -5.06 76.83
C SER GC 180 69.23 -4.65 78.30
N PHE GC 181 68.08 -4.73 78.96
CA PHE GC 181 67.97 -4.21 80.31
C PHE GC 181 66.85 -4.92 81.05
N GLY GC 182 67.12 -5.30 82.30
CA GLY GC 182 66.16 -6.04 83.10
C GLY GC 182 65.66 -5.27 84.30
N LEU GC 183 65.19 -5.98 85.32
CA LEU GC 183 64.67 -5.33 86.52
C LEU GC 183 65.81 -4.93 87.46
N VAL GC 184 65.53 -3.95 88.31
CA VAL GC 184 66.51 -3.42 89.25
C VAL GC 184 65.95 -3.54 90.67
N ILE GC 185 66.67 -4.27 91.52
CA ILE GC 185 66.33 -4.30 92.93
C ILE GC 185 66.75 -2.97 93.57
N GLN GC 186 65.89 -2.43 94.42
CA GLN GC 186 66.09 -1.10 94.96
C GLN GC 186 66.07 -1.05 96.48
N GLN GC 187 65.33 -1.93 97.14
CA GLN GC 187 65.21 -1.89 98.58
C GLN GC 187 64.92 -3.29 99.12
N VAL GC 188 65.55 -3.63 100.23
CA VAL GC 188 65.38 -4.91 100.89
C VAL GC 188 64.64 -4.67 102.21
N PHE GC 189 63.70 -5.55 102.53
CA PHE GC 189 62.96 -5.49 103.79
C PHE GC 189 62.96 -6.87 104.43
N ASP GC 190 63.56 -6.97 105.62
CA ASP GC 190 63.67 -8.24 106.35
C ASP GC 190 63.32 -8.01 107.81
N ASN GC 191 62.05 -8.26 108.15
CA ASN GC 191 61.52 -8.26 109.53
C ASN GC 191 61.71 -6.92 110.23
N GLY GC 192 61.09 -5.89 109.66
CA GLY GC 192 61.12 -4.58 110.28
C GLY GC 192 62.43 -3.84 110.18
N SER GC 193 63.32 -4.27 109.29
CA SER GC 193 64.61 -3.62 109.13
C SER GC 193 64.56 -2.58 108.02
N ILE GC 194 65.46 -1.62 108.09
CA ILE GC 194 65.59 -0.57 107.10
C ILE GC 194 66.99 -0.70 106.51
N TYR GC 195 67.09 -1.28 105.31
CA TYR GC 195 68.37 -1.46 104.64
C TYR GC 195 68.66 -0.26 103.75
N ASN GC 196 69.93 0.13 103.70
CA ASN GC 196 70.40 1.28 102.93
C ASN GC 196 71.39 0.75 101.90
N PRO GC 197 70.93 0.32 100.69
CA PRO GC 197 71.77 -0.42 99.75
C PRO GC 197 72.77 0.40 98.95
N GLU GC 198 73.49 1.29 99.63
CA GLU GC 198 74.56 2.08 99.01
C GLU GC 198 75.85 2.14 99.85
N VAL GC 199 76.46 1.01 100.24
CA VAL GC 199 76.24 -0.37 99.78
C VAL GC 199 76.23 -1.26 101.02
N LEU GC 200 75.06 -1.80 101.37
CA LEU GC 200 74.93 -2.62 102.56
C LEU GC 200 74.49 -4.04 102.26
N ASP GC 201 73.46 -4.22 101.42
CA ASP GC 201 72.94 -5.54 101.15
C ASP GC 201 73.87 -6.34 100.23
N ILE GC 202 73.84 -7.66 100.41
CA ILE GC 202 74.54 -8.65 99.59
C ILE GC 202 76.06 -8.42 99.51
N THR HC 1 90.33 4.55 4.47
CA THR HC 1 91.09 3.63 5.31
C THR HC 1 90.62 2.19 5.10
N VAL HC 2 90.32 1.85 3.84
CA VAL HC 2 89.87 0.51 3.50
C VAL HC 2 91.02 -0.48 3.66
N ASP HC 3 92.18 -0.16 3.12
CA ASP HC 3 93.36 -1.00 3.29
C ASP HC 3 93.81 -1.01 4.75
N GLN HC 4 93.56 0.09 5.47
CA GLN HC 4 93.94 0.17 6.87
C GLN HC 4 93.06 -0.74 7.73
N ILE HC 5 91.78 -0.85 7.40
CA ILE HC 5 90.91 -1.74 8.18
C ILE HC 5 91.07 -3.18 7.69
N ARG HC 6 91.58 -3.38 6.47
CA ARG HC 6 91.94 -4.73 6.04
C ARG HC 6 93.27 -5.17 6.66
N ALA HC 7 94.10 -4.22 7.08
CA ALA HC 7 95.41 -4.58 7.61
C ALA HC 7 95.35 -5.10 9.04
N ILE HC 8 94.16 -5.14 9.64
CA ILE HC 8 94.01 -5.67 11.00
C ILE HC 8 93.48 -7.13 10.94
N MET HC 9 93.75 -7.83 9.84
CA MET HC 9 93.28 -9.21 9.72
C MET HC 9 94.13 -10.17 10.53
N ASP HC 10 95.44 -9.94 10.57
CA ASP HC 10 96.34 -10.93 11.15
C ASP HC 10 96.42 -10.83 12.66
N LYS HC 11 95.86 -9.77 13.24
CA LYS HC 11 96.07 -9.51 14.66
C LYS HC 11 95.15 -10.37 15.53
N LYS HC 12 93.84 -10.13 15.44
CA LYS HC 12 92.75 -10.94 16.00
C LYS HC 12 92.71 -11.02 17.52
N ALA HC 13 93.67 -10.39 18.22
CA ALA HC 13 93.47 -10.07 19.63
C ALA HC 13 93.30 -8.56 19.78
N ASN HC 14 93.49 -7.83 18.69
CA ASN HC 14 93.39 -6.38 18.69
C ASN HC 14 91.94 -5.93 18.74
N ILE HC 15 91.03 -6.77 18.24
CA ILE HC 15 89.62 -6.40 18.14
C ILE HC 15 88.97 -6.47 19.52
N ARG HC 16 88.07 -5.54 19.81
CA ARG HC 16 87.16 -5.63 20.94
C ARG HC 16 85.75 -5.28 20.48
N ASN HC 17 84.82 -6.22 20.63
CA ASN HC 17 83.46 -6.00 20.17
C ASN HC 17 82.59 -5.46 21.30
N MET HC 18 82.06 -4.26 21.13
CA MET HC 18 81.35 -3.53 22.17
C MET HC 18 79.88 -3.39 21.80
N SER HC 19 79.03 -3.34 22.82
CA SER HC 19 77.65 -2.88 22.69
C SER HC 19 77.45 -1.77 23.72
N VAL HC 20 76.49 -0.88 23.48
CA VAL HC 20 76.17 0.15 24.46
C VAL HC 20 74.70 0.01 24.85
N ILE HC 21 74.45 -0.25 26.14
CA ILE HC 21 73.11 -0.61 26.61
C ILE HC 21 72.78 0.24 27.85
N ALA HC 22 71.49 0.55 28.02
CA ALA HC 22 70.96 1.34 29.11
C ALA HC 22 69.45 1.23 29.16
N HIS HC 23 68.87 1.88 30.17
CA HIS HC 23 67.47 2.25 30.16
C HIS HC 23 67.26 3.40 29.18
N VAL HC 24 66.02 3.58 28.72
CA VAL HC 24 65.76 4.35 27.51
C VAL HC 24 65.88 5.85 27.75
N ASP HC 25 65.88 6.27 29.02
CA ASP HC 25 65.99 7.70 29.34
C ASP HC 25 67.41 8.21 29.10
N HIS HC 26 68.36 7.30 28.96
CA HIS HC 26 69.77 7.67 28.88
C HIS HC 26 70.14 8.16 27.48
N GLY HC 27 71.36 8.66 27.36
CA GLY HC 27 71.89 9.00 26.05
C GLY HC 27 72.90 7.98 25.55
N LYS HC 28 72.48 7.12 24.63
CA LYS HC 28 73.37 6.15 24.01
C LYS HC 28 73.97 6.68 22.73
N SER HC 29 73.14 7.22 21.83
CA SER HC 29 73.56 7.73 20.53
C SER HC 29 74.52 8.91 20.67
N THR HC 30 74.41 9.69 21.75
CA THR HC 30 75.30 10.83 21.91
C THR HC 30 76.67 10.40 22.42
N LEU HC 31 76.70 9.43 23.34
CA LEU HC 31 77.98 8.87 23.79
C LEU HC 31 78.67 8.11 22.67
N THR HC 32 77.88 7.46 21.80
CA THR HC 32 78.47 6.86 20.61
C THR HC 32 78.88 7.93 19.61
N ASP HC 33 78.19 9.07 19.61
CA ASP HC 33 78.46 10.14 18.66
C ASP HC 33 79.78 10.83 18.97
N SER HC 34 80.09 11.02 20.26
CA SER HC 34 81.37 11.61 20.62
C SER HC 34 82.53 10.68 20.30
N LEU HC 35 82.33 9.39 20.51
CA LEU HC 35 83.37 8.40 20.23
C LEU HC 35 83.60 8.24 18.74
N VAL HC 36 82.53 8.34 17.94
CA VAL HC 36 82.69 8.26 16.49
C VAL HC 36 83.15 9.62 15.95
N CYS HC 37 82.97 10.67 16.73
CA CYS HC 37 83.31 12.02 16.27
C CYS HC 37 84.78 12.32 16.49
N LYS HC 38 85.41 11.70 17.49
CA LYS HC 38 86.86 11.81 17.60
C LYS HC 38 87.55 11.16 16.41
N ALA HC 39 87.12 9.96 16.03
CA ALA HC 39 87.68 9.29 14.86
C ALA HC 39 87.27 9.96 13.56
N GLY HC 40 86.12 10.62 13.52
CA GLY HC 40 85.76 11.49 12.43
C GLY HC 40 85.49 10.82 11.10
N ILE HC 41 84.39 10.07 11.01
CA ILE HC 41 84.07 9.40 9.76
C ILE HC 41 83.24 10.31 8.86
N ILE HC 42 82.33 11.09 9.44
CA ILE HC 42 81.57 12.08 8.68
C ILE HC 42 81.68 13.46 9.32
N ALA HC 43 81.33 13.58 10.60
CA ALA HC 43 81.15 14.87 11.24
C ALA HC 43 82.18 15.10 12.34
N SER HC 44 82.59 16.36 12.49
CA SER HC 44 83.54 16.74 13.52
C SER HC 44 83.10 17.92 14.38
N ALA HC 45 82.27 18.84 13.87
CA ALA HC 45 81.85 20.01 14.63
C ALA HC 45 80.48 19.86 15.26
N ARG HC 46 79.99 18.63 15.42
CA ARG HC 46 78.73 18.25 16.08
C ARG HC 46 77.48 18.82 15.44
N ALA HC 47 77.56 19.39 14.25
CA ALA HC 47 76.36 19.82 13.55
C ALA HC 47 75.88 18.77 12.55
N GLY HC 48 76.75 17.82 12.22
CA GLY HC 48 76.42 16.80 11.24
C GLY HC 48 75.58 15.66 11.78
N GLU HC 49 74.30 15.97 12.07
CA GLU HC 49 73.27 14.98 12.43
C GLU HC 49 73.65 14.19 13.68
N THR HC 50 73.65 14.89 14.83
CA THR HC 50 73.66 14.25 16.14
C THR HC 50 72.50 13.27 16.24
N ARG HC 51 72.72 12.16 16.95
CA ARG HC 51 72.02 10.87 16.83
C ARG HC 51 72.30 10.29 15.44
N PHE HC 52 73.57 10.07 15.14
CA PHE HC 52 73.97 9.54 13.84
C PHE HC 52 73.75 8.02 13.77
N THR HC 53 73.69 7.36 14.94
CA THR HC 53 73.66 5.91 14.99
C THR HC 53 72.34 5.36 14.43
N ASP HC 54 71.22 5.83 14.96
CA ASP HC 54 69.91 5.44 14.42
C ASP HC 54 69.68 6.17 13.10
N THR HC 55 69.27 5.41 12.08
CA THR HC 55 69.29 5.87 10.70
C THR HC 55 67.90 6.25 10.18
N ARG HC 56 66.87 5.51 10.55
CA ARG HC 56 65.56 5.58 9.89
C ARG HC 56 64.85 6.90 10.14
N LYS HC 57 63.77 7.11 9.39
CA LYS HC 57 63.02 8.36 9.47
C LYS HC 57 62.26 8.47 10.80
N ASP HC 58 61.66 7.36 11.25
CA ASP HC 58 61.03 7.35 12.56
C ASP HC 58 62.06 7.45 13.66
N GLU HC 59 63.26 6.88 13.43
CA GLU HC 59 64.34 6.97 14.39
C GLU HC 59 64.87 8.39 14.52
N GLN HC 60 64.76 9.18 13.46
CA GLN HC 60 65.22 10.57 13.51
C GLN HC 60 64.13 11.50 14.02
N GLU HC 61 62.87 11.24 13.66
CA GLU HC 61 61.78 12.11 14.10
C GLU HC 61 61.46 11.87 15.57
N ARG HC 62 61.19 10.63 15.95
CA ARG HC 62 60.98 10.27 17.35
C ARG HC 62 62.34 10.06 18.01
N CYS HC 63 62.50 10.57 19.23
CA CYS HC 63 63.80 10.58 19.89
C CYS HC 63 64.03 9.29 20.69
N ILE HC 64 63.82 8.15 20.01
CA ILE HC 64 64.09 6.83 20.55
C ILE HC 64 64.77 6.00 19.47
N THR HC 65 65.54 5.00 19.90
CA THR HC 65 66.22 4.10 18.97
C THR HC 65 65.29 2.93 18.69
N ILE HC 66 65.16 2.55 17.41
CA ILE HC 66 64.28 1.43 17.08
C ILE HC 66 65.10 0.18 16.79
N LYS HC 67 66.15 0.30 15.97
CA LYS HC 67 66.91 -0.85 15.50
C LYS HC 67 68.36 -0.73 15.98
N SER HC 68 69.01 -1.88 16.09
CA SER HC 68 70.43 -1.90 16.47
C SER HC 68 71.30 -1.54 15.28
N THR HC 69 72.41 -0.86 15.56
CA THR HC 69 73.30 -0.37 14.50
C THR HC 69 74.75 -0.45 14.96
N ALA HC 70 75.58 -1.13 14.17
CA ALA HC 70 76.97 -1.38 14.54
C ALA HC 70 77.92 -0.57 13.67
N ILE HC 71 78.95 0.00 14.29
CA ILE HC 71 79.93 0.86 13.64
C ILE HC 71 81.30 0.45 14.15
N SER HC 72 82.28 0.34 13.24
CA SER HC 72 83.67 0.09 13.60
C SER HC 72 84.40 1.42 13.73
N LEU HC 73 85.40 1.44 14.60
CA LEU HC 73 86.28 2.58 14.76
C LEU HC 73 87.72 2.09 14.83
N PHE HC 74 88.61 2.82 14.16
CA PHE HC 74 90.03 2.53 14.16
C PHE HC 74 90.78 3.74 14.71
N TYR HC 75 91.75 3.46 15.59
CA TYR HC 75 92.52 4.52 16.22
C TYR HC 75 93.81 3.88 16.76
N GLU HC 76 94.71 4.74 17.24
CA GLU HC 76 96.02 4.30 17.69
C GLU HC 76 96.51 5.17 18.84
N LEU HC 77 97.00 4.51 19.89
CA LEU HC 77 97.64 5.18 21.01
C LEU HC 77 99.14 5.20 20.79
N SER HC 78 99.77 6.30 21.23
CA SER HC 78 101.22 6.36 21.36
C SER HC 78 101.55 7.26 22.54
N GLU HC 79 101.66 6.64 23.71
CA GLU HC 79 102.00 7.27 25.00
C GLU HC 79 102.73 6.19 25.80
N ASN HC 80 102.91 6.38 27.11
CA ASN HC 80 103.30 5.28 27.97
C ASN HC 80 102.09 4.47 28.46
N ASP HC 81 100.89 4.82 28.02
CA ASP HC 81 99.71 3.99 28.27
C ASP HC 81 99.49 2.96 27.18
N LEU HC 82 100.44 2.88 26.22
CA LEU HC 82 100.35 1.96 25.10
C LEU HC 82 100.36 0.50 25.53
N ASN HC 83 101.21 0.15 26.50
CA ASN HC 83 101.39 -1.24 26.92
C ASN HC 83 100.70 -1.54 28.26
N PHE HC 84 99.51 -0.97 28.48
CA PHE HC 84 98.87 -1.12 29.78
C PHE HC 84 97.89 -2.29 29.80
N ILE HC 85 97.58 -2.86 28.64
CA ILE HC 85 96.57 -3.91 28.57
C ILE HC 85 97.11 -5.21 29.17
N LYS HC 86 96.20 -6.10 29.55
CA LYS HC 86 96.60 -7.37 30.14
C LYS HC 86 96.90 -8.42 29.07
N GLN HC 87 96.19 -8.37 27.95
CA GLN HC 87 96.38 -9.33 26.88
C GLN HC 87 97.59 -8.99 26.03
N SER HC 88 97.91 -9.86 25.08
CA SER HC 88 98.97 -9.58 24.13
C SER HC 88 98.54 -8.50 23.16
N LYS HC 89 99.49 -7.66 22.75
CA LYS HC 89 99.24 -6.52 21.89
C LYS HC 89 100.01 -6.69 20.59
N ASP HC 90 99.30 -6.59 19.46
CA ASP HC 90 99.89 -6.75 18.14
C ASP HC 90 99.44 -5.59 17.27
N GLY HC 91 100.40 -4.90 16.64
CA GLY HC 91 100.10 -3.88 15.67
C GLY HC 91 99.73 -2.52 16.21
N ALA HC 92 99.21 -2.44 17.44
CA ALA HC 92 98.86 -1.23 18.18
C ALA HC 92 97.80 -0.36 17.51
N GLY HC 93 97.06 -0.91 16.55
CA GLY HC 93 95.96 -0.17 15.96
C GLY HC 93 94.62 -0.76 16.36
N PHE HC 94 93.94 -0.06 17.26
CA PHE HC 94 92.77 -0.59 17.96
C PHE HC 94 91.54 -0.51 17.07
N LEU HC 95 91.05 -1.65 16.60
CA LEU HC 95 89.79 -1.71 15.87
C LEU HC 95 88.70 -2.21 16.80
N ILE HC 96 87.60 -1.45 16.87
CA ILE HC 96 86.51 -1.74 17.82
C ILE HC 96 85.18 -1.66 17.09
N ASN HC 97 84.39 -2.74 17.16
CA ASN HC 97 83.07 -2.82 16.56
C ASN HC 97 82.04 -2.60 17.66
N LEU HC 98 81.51 -1.39 17.78
CA LEU HC 98 80.53 -1.11 18.83
C LEU HC 98 79.15 -0.95 18.21
N ILE HC 99 78.14 -1.51 18.88
CA ILE HC 99 76.77 -1.53 18.37
C ILE HC 99 75.86 -0.80 19.36
N ASP HC 100 75.03 0.09 18.84
CA ASP HC 100 74.00 0.74 19.63
C ASP HC 100 72.71 -0.06 19.57
N SER HC 101 72.10 -0.27 20.73
CA SER HC 101 70.89 -1.05 20.92
C SER HC 101 69.81 -0.15 21.49
N PRO HC 102 68.53 -0.46 21.24
CA PRO HC 102 67.45 0.31 21.85
C PRO HC 102 67.31 0.00 23.33
N GLY HC 103 66.80 0.95 24.12
CA GLY HC 103 66.66 0.72 25.55
C GLY HC 103 65.26 0.41 26.01
N HIS HC 104 64.46 -0.17 25.12
CA HIS HC 104 63.05 -0.42 25.39
C HIS HC 104 62.85 -1.84 25.89
N VAL HC 105 61.80 -2.02 26.70
CA VAL HC 105 61.43 -3.37 27.14
C VAL HC 105 60.77 -4.13 26.00
N ASP HC 106 60.17 -3.41 25.05
CA ASP HC 106 59.51 -4.07 23.94
C ASP HC 106 60.52 -4.42 22.84
N PHE HC 107 61.73 -3.88 22.94
CA PHE HC 107 62.78 -4.08 21.95
C PHE HC 107 63.96 -4.87 22.52
N SER HC 108 63.72 -5.71 23.53
CA SER HC 108 64.79 -6.45 24.17
C SER HC 108 65.32 -7.58 23.30
N SER HC 109 64.59 -7.97 22.26
CA SER HC 109 65.04 -9.04 21.37
C SER HC 109 66.27 -8.61 20.58
N GLU HC 110 66.34 -7.34 20.19
CA GLU HC 110 67.51 -6.85 19.49
C GLU HC 110 68.65 -6.58 20.45
N VAL HC 111 68.32 -6.30 21.71
CA VAL HC 111 69.35 -6.16 22.75
C VAL HC 111 70.03 -7.49 22.99
N THR HC 112 69.24 -8.56 23.09
CA THR HC 112 69.78 -9.91 23.26
C THR HC 112 70.58 -10.33 22.03
N ALA HC 113 70.14 -9.89 20.85
CA ALA HC 113 70.88 -10.17 19.61
C ALA HC 113 72.24 -9.48 19.61
N ALA HC 114 72.28 -8.21 20.03
CA ALA HC 114 73.55 -7.50 20.07
C ALA HC 114 74.46 -8.03 21.16
N LEU HC 115 73.89 -8.51 22.27
CA LEU HC 115 74.70 -9.10 23.33
C LEU HC 115 75.24 -10.47 22.93
N ARG HC 116 74.54 -11.16 22.03
CA ARG HC 116 75.09 -12.40 21.50
C ARG HC 116 76.14 -12.13 20.42
N VAL HC 117 75.97 -11.03 19.68
CA VAL HC 117 76.92 -10.68 18.63
C VAL HC 117 78.24 -10.20 19.22
N THR HC 118 78.20 -9.25 20.15
CA THR HC 118 79.40 -8.64 20.71
C THR HC 118 79.71 -9.24 22.07
N ASP HC 119 80.98 -9.15 22.49
CA ASP HC 119 81.42 -9.82 23.70
C ASP HC 119 81.46 -8.87 24.89
N GLY HC 120 81.49 -7.57 24.63
CA GLY HC 120 81.57 -6.61 25.72
C GLY HC 120 80.34 -5.70 25.75
N ALA HC 121 80.01 -5.21 26.94
CA ALA HC 121 78.78 -4.45 27.16
C ALA HC 121 79.09 -3.20 27.98
N LEU HC 122 79.22 -2.05 27.31
CA LEU HC 122 79.21 -0.78 28.00
C LEU HC 122 77.78 -0.45 28.43
N VAL HC 123 77.49 -0.72 29.71
CA VAL HC 123 76.22 -0.36 30.31
C VAL HC 123 76.38 1.02 30.94
N VAL HC 124 75.34 1.84 30.81
CA VAL HC 124 75.43 3.22 31.28
C VAL HC 124 74.16 3.55 32.08
N VAL HC 125 74.34 4.10 33.27
CA VAL HC 125 73.25 4.36 34.20
C VAL HC 125 73.42 5.78 34.77
N ASP HC 126 72.30 6.50 34.91
CA ASP HC 126 72.31 7.89 35.33
C ASP HC 126 72.66 8.02 36.81
N CYS HC 127 73.00 9.25 37.20
CA CYS HC 127 73.02 9.59 38.62
C CYS HC 127 71.64 10.02 39.07
N VAL HC 128 70.75 10.34 38.13
CA VAL HC 128 69.42 10.85 38.47
C VAL HC 128 68.39 9.72 38.47
N SER HC 129 68.45 8.84 37.47
CA SER HC 129 67.37 7.88 37.26
C SER HC 129 67.38 6.78 38.31
N GLY HC 130 68.55 6.37 38.76
CA GLY HC 130 68.60 5.43 39.88
C GLY HC 130 68.83 3.99 39.46
N VAL HC 131 67.87 3.15 39.86
CA VAL HC 131 68.08 1.70 39.81
C VAL HC 131 67.95 1.16 38.40
N CYS HC 132 67.08 1.77 37.57
CA CYS HC 132 66.96 1.49 36.13
C CYS HC 132 66.64 0.03 35.82
N VAL HC 133 65.37 -0.36 36.01
CA VAL HC 133 64.95 -1.76 35.91
C VAL HC 133 65.25 -2.35 34.53
N GLN HC 134 65.31 -1.53 33.48
CA GLN HC 134 65.72 -2.03 32.17
C GLN HC 134 67.21 -2.31 32.13
N THR HC 135 68.01 -1.50 32.84
CA THR HC 135 69.43 -1.80 32.96
C THR HC 135 69.63 -3.07 33.78
N GLU HC 136 68.77 -3.30 34.78
CA GLU HC 136 68.78 -4.55 35.52
C GLU HC 136 68.45 -5.74 34.62
N THR HC 137 67.48 -5.57 33.71
CA THR HC 137 67.09 -6.64 32.81
C THR HC 137 68.19 -6.97 31.81
N VAL HC 138 68.85 -5.94 31.28
CA VAL HC 138 69.92 -6.22 30.32
C VAL HC 138 71.18 -6.72 31.01
N LEU HC 139 71.38 -6.41 32.29
CA LEU HC 139 72.47 -7.06 33.03
C LEU HC 139 72.15 -8.51 33.33
N ARG HC 140 70.87 -8.83 33.55
CA ARG HC 140 70.44 -10.23 33.65
C ARG HC 140 70.73 -10.98 32.36
N GLN HC 141 70.43 -10.36 31.21
CA GLN HC 141 70.71 -10.99 29.93
C GLN HC 141 72.20 -11.10 29.66
N ALA HC 142 72.98 -10.10 30.08
CA ALA HC 142 74.42 -10.14 29.89
C ALA HC 142 75.08 -11.21 30.74
N ILE HC 143 74.61 -11.40 31.97
CA ILE HC 143 75.21 -12.44 32.80
C ILE HC 143 74.64 -13.81 32.43
N ALA HC 144 73.47 -13.84 31.78
CA ALA HC 144 72.98 -15.10 31.22
C ALA HC 144 73.81 -15.51 30.00
N GLU HC 145 74.33 -14.52 29.27
CA GLU HC 145 75.20 -14.82 28.13
C GLU HC 145 76.68 -14.62 28.43
N ARG HC 146 77.06 -14.50 29.72
CA ARG HC 146 78.45 -14.42 30.20
C ARG HC 146 79.19 -13.22 29.59
N ILE HC 147 78.72 -12.01 29.90
CA ILE HC 147 79.27 -10.79 29.33
C ILE HC 147 79.76 -9.90 30.47
N LYS HC 148 80.99 -9.43 30.36
CA LYS HC 148 81.56 -8.56 31.39
C LYS HC 148 81.13 -7.10 31.14
N PRO HC 149 80.47 -6.46 32.12
CA PRO HC 149 80.00 -5.09 31.91
C PRO HC 149 81.01 -4.03 32.35
N VAL HC 150 80.96 -2.87 31.71
CA VAL HC 150 81.71 -1.68 32.12
C VAL HC 150 80.73 -0.50 32.16
N LEU HC 151 80.85 0.36 33.16
CA LEU HC 151 79.75 1.25 33.55
C LEU HC 151 80.07 2.71 33.25
N MET HC 152 79.08 3.46 32.78
CA MET HC 152 79.24 4.89 32.52
C MET HC 152 78.08 5.68 33.11
N MET HC 153 78.24 7.00 33.25
CA MET HC 153 77.36 7.78 34.12
C MET HC 153 76.39 8.67 33.34
N ASN HC 154 76.90 9.56 32.48
CA ASN HC 154 76.09 10.23 31.44
C ASN HC 154 74.92 11.08 31.94
N LYS HC 155 75.16 12.40 32.18
CA LYS HC 155 74.45 13.41 33.02
C LYS HC 155 75.03 13.53 34.41
N MET HC 156 76.34 13.31 34.57
CA MET HC 156 77.05 13.91 35.70
C MET HC 156 76.99 15.43 35.62
N ASP HC 157 76.96 15.98 34.40
CA ASP HC 157 76.86 17.42 34.20
C ASP HC 157 75.52 17.96 34.68
N ARG HC 158 74.45 17.20 34.50
CA ARG HC 158 73.12 17.64 34.92
C ARG HC 158 73.02 17.70 36.43
N ALA HC 159 73.78 16.85 37.13
CA ALA HC 159 73.78 16.84 38.59
C ALA HC 159 74.39 18.11 39.17
N LEU HC 160 75.28 18.75 38.41
CA LEU HC 160 75.97 19.92 38.94
C LEU HC 160 75.24 21.21 38.57
N LEU HC 161 74.58 21.21 37.42
CA LEU HC 161 73.89 22.41 36.94
C LEU HC 161 72.42 22.42 37.32
N GLU HC 162 71.68 21.40 36.86
CA GLU HC 162 70.22 21.42 37.00
C GLU HC 162 69.79 20.81 38.32
N LEU HC 163 70.44 19.73 38.73
CA LEU HC 163 69.98 18.99 39.90
C LEU HC 163 70.51 19.60 41.20
N GLN HC 164 71.64 20.31 41.12
CA GLN HC 164 72.18 21.16 42.20
C GLN HC 164 72.45 20.36 43.48
N LEU HC 165 73.45 19.49 43.41
CA LEU HC 165 73.73 18.55 44.49
C LEU HC 165 75.17 18.66 44.97
N GLU HC 166 75.36 18.34 46.25
CA GLU HC 166 76.62 18.57 46.95
C GLU HC 166 77.68 17.54 46.53
N PRO HC 167 78.97 17.83 46.75
CA PRO HC 167 80.01 16.81 46.46
C PRO HC 167 79.95 15.56 47.34
N GLU HC 168 79.62 15.72 48.63
CA GLU HC 168 79.46 14.55 49.50
C GLU HC 168 78.28 13.70 49.06
N GLU HC 169 77.17 14.35 48.68
CA GLU HC 169 76.03 13.61 48.16
C GLU HC 169 76.32 13.04 46.77
N LEU HC 170 77.28 13.62 46.05
CA LEU HC 170 77.69 13.07 44.76
C LEU HC 170 78.48 11.79 44.95
N TYR HC 171 79.38 11.79 45.95
CA TYR HC 171 80.00 10.55 46.42
C TYR HC 171 78.95 9.52 46.79
N GLN HC 172 77.94 9.94 47.57
CA GLN HC 172 76.92 8.99 48.03
C GLN HC 172 76.11 8.44 46.88
N THR HC 173 75.78 9.27 45.89
CA THR HC 173 75.05 8.82 44.71
C THR HC 173 75.86 7.82 43.90
N PHE HC 174 77.15 8.13 43.68
CA PHE HC 174 78.03 7.21 42.95
C PHE HC 174 78.20 5.88 43.68
N GLN HC 175 78.29 5.94 45.02
CA GLN HC 175 78.46 4.73 45.82
C GLN HC 175 77.21 3.86 45.80
N ARG HC 176 76.03 4.49 45.89
CA ARG HC 176 74.79 3.73 45.84
C ARG HC 176 74.57 3.12 44.45
N ILE HC 177 75.02 3.82 43.40
CA ILE HC 177 74.90 3.28 42.04
C ILE HC 177 75.81 2.07 41.85
N VAL HC 178 77.07 2.18 42.28
CA VAL HC 178 78.01 1.07 42.16
C VAL HC 178 77.56 -0.11 43.02
N GLU HC 179 76.97 0.16 44.19
CA GLU HC 179 76.43 -0.89 45.04
C GLU HC 179 75.21 -1.56 44.42
N ASN HC 180 74.34 -0.77 43.77
CA ASN HC 180 73.15 -1.34 43.13
C ASN HC 180 73.52 -2.18 41.92
N VAL HC 181 74.58 -1.80 41.21
CA VAL HC 181 75.00 -2.61 40.06
C VAL HC 181 75.68 -3.89 40.55
N ASN HC 182 76.44 -3.81 41.64
CA ASN HC 182 77.16 -4.99 42.14
C ASN HC 182 76.20 -6.03 42.72
N VAL HC 183 75.05 -5.62 43.23
CA VAL HC 183 74.07 -6.59 43.73
C VAL HC 183 73.41 -7.33 42.56
N ILE HC 184 73.12 -6.61 41.48
CA ILE HC 184 72.53 -7.23 40.29
C ILE HC 184 73.52 -8.17 39.63
N ILE HC 185 74.81 -7.82 39.66
CA ILE HC 185 75.83 -8.69 39.08
C ILE HC 185 76.06 -9.92 39.96
N SER HC 186 76.24 -9.72 41.26
CA SER HC 186 76.72 -10.81 42.11
C SER HC 186 75.62 -11.82 42.45
N THR HC 187 74.43 -11.32 42.81
CA THR HC 187 73.37 -12.22 43.27
C THR HC 187 72.76 -13.00 42.11
N TYR HC 188 72.70 -12.40 40.93
CA TYR HC 188 72.22 -13.11 39.76
C TYR HC 188 73.37 -13.84 39.09
N GLY HC 189 73.04 -14.94 38.39
CA GLY HC 189 74.05 -15.68 37.65
C GLY HC 189 75.01 -16.41 38.57
N GLU HC 190 76.31 -16.21 38.33
CA GLU HC 190 77.35 -16.82 39.14
C GLU HC 190 78.57 -15.91 39.18
N GLY HC 191 79.52 -16.28 40.02
CA GLY HC 191 80.78 -15.56 40.13
C GLY HC 191 81.73 -16.35 41.00
N GLU HC 192 82.72 -15.63 41.54
CA GLU HC 192 83.67 -16.15 42.54
C GLU HC 192 84.44 -17.36 42.02
N SER HC 193 85.30 -17.10 41.01
CA SER HC 193 86.17 -18.06 40.35
C SER HC 193 85.41 -19.17 39.64
N GLY HC 194 84.52 -18.78 38.73
CA GLY HC 194 83.94 -19.71 37.79
C GLY HC 194 84.76 -19.77 36.52
N PRO HC 195 84.10 -19.93 35.36
CA PRO HC 195 84.83 -19.80 34.09
C PRO HC 195 85.32 -18.39 33.84
N MET HC 196 84.57 -17.40 34.29
CA MET HC 196 84.95 -15.99 34.20
C MET HC 196 85.33 -15.52 35.60
N GLY HC 197 86.24 -14.54 35.66
CA GLY HC 197 86.64 -13.90 36.92
C GLY HC 197 85.57 -13.07 37.59
N ASN HC 198 85.99 -12.12 38.43
CA ASN HC 198 85.05 -11.26 39.14
C ASN HC 198 84.30 -10.37 38.15
N ILE HC 199 83.02 -10.66 37.98
CA ILE HC 199 82.18 -9.91 37.05
C ILE HC 199 81.76 -8.59 37.69
N MET HC 200 81.85 -8.51 39.02
CA MET HC 200 81.53 -7.30 39.76
C MET HC 200 82.50 -6.18 39.41
N ILE HC 201 81.98 -4.96 39.40
CA ILE HC 201 82.70 -3.79 38.91
C ILE HC 201 83.14 -2.95 40.11
N ASP HC 202 84.28 -2.28 39.97
CA ASP HC 202 84.88 -1.48 41.03
C ASP HC 202 85.44 -0.19 40.47
N PRO HC 203 85.33 0.92 41.19
CA PRO HC 203 86.02 2.14 40.76
C PRO HC 203 87.52 2.09 41.02
N VAL HC 204 87.95 1.22 41.94
CA VAL HC 204 89.38 1.03 42.17
C VAL HC 204 89.97 0.09 41.13
N LEU HC 205 89.12 -0.56 40.34
CA LEU HC 205 89.59 -1.42 39.26
C LEU HC 205 89.60 -0.70 37.93
N GLY HC 206 88.84 0.39 37.79
CA GLY HC 206 88.74 1.11 36.54
C GLY HC 206 87.63 0.63 35.63
N THR HC 207 86.62 -0.05 36.18
CA THR HC 207 85.57 -0.63 35.35
C THR HC 207 84.45 0.38 35.14
N VAL HC 208 84.44 1.45 35.92
CA VAL HC 208 83.47 2.53 35.76
C VAL HC 208 84.21 3.74 35.21
N GLY HC 209 83.49 4.56 34.44
CA GLY HC 209 83.98 5.85 34.03
C GLY HC 209 83.00 6.91 34.48
N PHE HC 210 83.42 7.72 35.44
CA PHE HC 210 82.55 8.79 35.94
C PHE HC 210 82.59 9.95 34.95
N GLY HC 211 81.55 10.06 34.13
CA GLY HC 211 81.53 11.13 33.15
C GLY HC 211 80.15 11.34 32.58
N SER HC 212 79.93 12.56 32.12
CA SER HC 212 78.67 12.94 31.50
C SER HC 212 78.73 12.72 29.99
N GLY HC 213 77.75 13.28 29.30
CA GLY HC 213 77.74 13.27 27.86
C GLY HC 213 77.20 14.59 27.34
N LEU HC 214 77.20 14.70 26.01
CA LEU HC 214 76.47 15.66 25.19
C LEU HC 214 77.02 17.08 25.27
N HIS HC 215 77.88 17.42 26.21
CA HIS HC 215 78.50 18.72 26.12
C HIS HC 215 79.89 18.62 25.52
N GLY HC 216 80.85 18.08 26.28
CA GLY HC 216 82.10 17.65 25.68
C GLY HC 216 82.90 16.61 26.43
N TRP HC 217 82.42 16.11 27.57
CA TRP HC 217 83.35 15.56 28.54
C TRP HC 217 82.84 14.28 29.18
N ALA HC 218 83.79 13.38 29.45
CA ALA HC 218 83.63 12.21 30.30
C ALA HC 218 85.02 11.75 30.69
N PHE HC 219 85.17 11.30 31.94
CA PHE HC 219 86.49 10.90 32.41
C PHE HC 219 86.44 9.53 33.07
N THR HC 220 87.63 8.93 33.15
CA THR HC 220 87.92 7.81 34.03
C THR HC 220 89.02 8.23 34.99
N LEU HC 221 89.43 7.32 35.86
CA LEU HC 221 90.41 7.68 36.87
C LEU HC 221 91.85 7.59 36.36
N LYS HC 222 92.04 7.08 35.14
CA LYS HC 222 93.39 6.96 34.60
C LYS HC 222 93.96 8.31 34.19
N GLN HC 223 93.12 9.16 33.60
CA GLN HC 223 93.62 10.40 32.98
C GLN HC 223 93.94 11.44 34.05
N PHE HC 224 93.32 11.33 35.21
CA PHE HC 224 93.74 12.17 36.33
C PHE HC 224 94.97 11.60 37.01
N ALA HC 225 95.05 10.27 37.14
CA ALA HC 225 96.17 9.65 37.83
C ALA HC 225 97.48 9.86 37.07
N GLU HC 226 97.39 9.93 35.73
CA GLU HC 226 98.54 10.26 34.90
C GLU HC 226 99.09 11.65 35.23
N MET HC 227 98.21 12.57 35.63
CA MET HC 227 98.68 13.89 36.05
C MET HC 227 99.18 13.87 37.48
N TYR HC 228 98.49 13.13 38.37
CA TYR HC 228 98.78 13.26 39.80
C TYR HC 228 100.04 12.49 40.21
N VAL HC 229 100.35 11.37 39.55
CA VAL HC 229 101.55 10.63 39.94
C VAL HC 229 102.79 11.28 39.35
N ALA HC 230 102.61 12.14 38.35
CA ALA HC 230 103.72 12.80 37.67
C ALA HC 230 104.02 14.19 38.20
N LYS HC 231 103.00 15.06 38.30
CA LYS HC 231 103.26 16.45 38.65
C LYS HC 231 103.28 16.65 40.17
N PHE HC 232 102.29 16.11 40.87
CA PHE HC 232 102.06 16.43 42.27
C PHE HC 232 102.58 15.39 43.25
N ALA HC 233 102.90 14.18 42.81
CA ALA HC 233 103.39 13.17 43.73
C ALA HC 233 104.86 13.37 44.06
N ALA HC 234 105.70 13.47 43.04
CA ALA HC 234 107.14 13.62 43.21
C ALA HC 234 107.69 14.39 42.01
N LYS HC 235 109.01 14.40 41.87
CA LYS HC 235 109.63 15.10 40.75
C LYS HC 235 109.44 14.35 39.45
N GLY HC 236 109.72 15.03 38.34
CA GLY HC 236 109.52 14.41 37.04
C GLY HC 236 110.59 13.39 36.69
N GLU HC 237 111.81 13.62 37.17
CA GLU HC 237 112.90 12.72 36.87
C GLU HC 237 112.80 11.44 37.70
N GLY HC 238 113.26 10.34 37.11
CA GLY HC 238 113.24 9.06 37.78
C GLY HC 238 111.95 8.28 37.66
N GLN HC 239 111.06 8.65 36.75
CA GLN HC 239 109.81 7.92 36.60
C GLN HC 239 110.00 6.59 35.88
N LEU HC 240 111.08 6.47 35.10
CA LEU HC 240 111.60 5.23 34.50
C LEU HC 240 110.58 4.50 33.60
N GLY HC 241 109.57 5.23 33.13
CA GLY HC 241 108.66 4.71 32.14
C GLY HC 241 107.59 3.77 32.69
N PRO HC 242 107.32 2.69 31.94
CA PRO HC 242 106.10 1.91 32.19
C PRO HC 242 106.15 1.04 33.43
N ALA HC 243 107.33 0.57 33.83
CA ALA HC 243 107.44 -0.37 34.95
C ALA HC 243 107.06 0.29 36.28
N GLU HC 244 107.40 1.56 36.44
CA GLU HC 244 106.90 2.31 37.59
C GLU HC 244 105.52 2.90 37.28
N ARG HC 245 105.28 3.26 36.01
CA ARG HC 245 104.09 4.03 35.63
C ARG HC 245 102.81 3.23 35.85
N ALA HC 246 102.77 1.98 35.36
CA ALA HC 246 101.57 1.16 35.44
C ALA HC 246 101.20 0.83 36.88
N LYS HC 247 102.19 0.39 37.67
CA LYS HC 247 101.95 0.05 39.06
C LYS HC 247 101.59 1.28 39.88
N LYS HC 248 102.19 2.44 39.57
CA LYS HC 248 101.89 3.65 40.32
C LYS HC 248 100.50 4.19 39.99
N VAL HC 249 100.09 4.09 38.73
CA VAL HC 249 98.74 4.53 38.35
C VAL HC 249 97.68 3.60 38.95
N GLU HC 250 97.94 2.29 38.97
CA GLU HC 250 97.00 1.36 39.60
C GLU HC 250 96.94 1.57 41.12
N ASP HC 251 98.09 1.88 41.74
CA ASP HC 251 98.13 2.13 43.17
C ASP HC 251 97.41 3.42 43.52
N MET HC 252 97.56 4.46 42.71
CA MET HC 252 96.89 5.72 42.99
C MET HC 252 95.40 5.62 42.73
N MET HC 253 95.00 4.78 41.76
CA MET HC 253 93.58 4.58 41.50
C MET HC 253 92.92 3.77 42.62
N LYS HC 254 93.65 2.82 43.20
CA LYS HC 254 93.14 2.10 44.37
C LYS HC 254 93.19 2.98 45.61
N LYS HC 255 94.09 3.96 45.62
CA LYS HC 255 94.31 4.80 46.80
C LYS HC 255 93.18 5.80 47.02
N LEU HC 256 92.41 6.09 45.97
CA LEU HC 256 91.34 7.09 46.07
C LEU HC 256 90.23 6.65 47.03
N TRP HC 257 89.52 5.59 46.69
CA TRP HC 257 88.34 5.19 47.42
C TRP HC 257 88.71 4.51 48.74
N GLY HC 258 88.32 5.15 49.85
CA GLY HC 258 88.55 4.61 51.17
C GLY HC 258 89.35 5.49 52.11
N ASP HC 259 90.24 6.33 51.59
CA ASP HC 259 91.00 7.27 52.42
C ASP HC 259 90.21 8.57 52.45
N ARG HC 260 90.39 9.38 53.50
CA ARG HC 260 89.60 10.61 53.55
C ARG HC 260 90.25 11.72 52.73
N TYR HC 261 91.24 12.39 53.33
CA TYR HC 261 92.14 13.42 52.77
C TYR HC 261 93.01 13.91 53.93
N PHE HC 262 94.01 14.73 53.67
CA PHE HC 262 94.56 15.65 54.65
C PHE HC 262 94.78 17.00 54.01
N ASP HC 263 94.23 18.04 54.66
CA ASP HC 263 94.07 19.43 54.21
C ASP HC 263 95.35 20.03 53.62
N PRO HC 264 95.27 21.02 52.72
CA PRO HC 264 96.46 21.36 51.91
C PRO HC 264 97.55 22.13 52.65
N ALA HC 265 97.52 22.18 53.98
CA ALA HC 265 98.72 22.55 54.72
C ALA HC 265 99.85 21.56 54.46
N ASN HC 266 99.52 20.28 54.30
CA ASN HC 266 100.48 19.25 53.92
C ASN HC 266 99.90 18.40 52.81
N GLY HC 267 100.77 17.75 52.03
CA GLY HC 267 100.30 17.00 50.88
C GLY HC 267 100.00 15.55 51.19
N LYS HC 268 100.67 14.99 52.20
CA LYS HC 268 100.49 13.59 52.54
C LYS HC 268 99.13 13.36 53.20
N PHE HC 269 98.57 12.17 52.99
CA PHE HC 269 97.26 11.84 53.52
C PHE HC 269 97.35 11.49 55.01
N SER HC 270 96.20 11.56 55.70
CA SER HC 270 96.20 11.35 57.14
C SER HC 270 95.53 10.03 57.52
N LYS HC 271 94.74 9.45 56.60
CA LYS HC 271 94.01 8.16 56.67
C LYS HC 271 92.79 8.26 57.59
N SER HC 272 92.61 9.34 58.33
CA SER HC 272 91.48 9.47 59.24
C SER HC 272 90.73 10.75 58.94
N ALA HC 273 89.47 10.81 59.39
CA ALA HC 273 88.66 12.00 59.16
C ALA HC 273 88.83 13.02 60.28
N THR HC 274 89.29 12.58 61.46
CA THR HC 274 89.47 13.48 62.58
C THR HC 274 90.73 14.31 62.39
N SER HC 275 90.72 15.53 62.95
CA SER HC 275 91.84 16.45 62.84
C SER HC 275 91.98 17.25 64.12
N PRO HC 276 93.17 17.26 64.71
CA PRO HC 276 93.43 18.22 65.81
C PRO HC 276 93.68 19.61 65.25
N GLU HC 277 93.21 20.64 65.98
CA GLU HC 277 93.30 22.08 65.66
C GLU HC 277 92.93 22.42 64.21
N GLY HC 278 91.98 21.67 63.63
CA GLY HC 278 91.59 21.88 62.25
C GLY HC 278 90.18 21.41 62.00
N LYS HC 279 89.70 21.70 60.80
CA LYS HC 279 88.35 21.32 60.41
C LYS HC 279 88.28 19.82 60.12
N LYS HC 280 87.05 19.31 60.01
CA LYS HC 280 86.84 17.94 59.58
C LYS HC 280 87.27 17.78 58.13
N LEU HC 281 87.87 16.64 57.83
CA LEU HC 281 88.48 16.46 56.52
C LEU HC 281 87.41 16.20 55.46
N PRO HC 282 87.61 16.69 54.24
CA PRO HC 282 86.72 16.32 53.14
C PRO HC 282 86.96 14.87 52.73
N ARG HC 283 85.90 14.25 52.21
CA ARG HC 283 85.99 12.87 51.77
C ARG HC 283 86.73 12.81 50.43
N THR HC 284 87.02 11.58 49.97
CA THR HC 284 87.94 11.38 48.85
C THR HC 284 87.39 11.92 47.54
N PHE HC 285 88.31 12.35 46.69
CA PHE HC 285 88.23 12.92 45.34
C PHE HC 285 87.33 14.17 45.23
N CYS HC 286 86.75 14.65 46.32
CA CYS HC 286 86.02 15.90 46.32
C CYS HC 286 86.98 17.08 46.24
N GLN HC 287 88.19 16.90 46.72
CA GLN HC 287 89.21 17.94 46.58
C GLN HC 287 90.30 17.49 45.62
N LEU HC 288 90.40 16.19 45.36
CA LEU HC 288 91.36 15.72 44.35
C LEU HC 288 90.79 15.89 42.95
N ILE HC 289 89.69 15.21 42.64
CA ILE HC 289 89.17 15.23 41.28
C ILE HC 289 88.16 16.36 41.12
N LEU HC 290 87.23 16.46 42.06
CA LEU HC 290 86.07 17.32 41.93
C LEU HC 290 86.35 18.80 42.19
N ASP HC 291 87.47 19.14 42.83
CA ASP HC 291 87.72 20.55 43.14
C ASP HC 291 88.00 21.39 41.89
N PRO HC 292 88.86 20.98 40.91
CA PRO HC 292 88.92 21.79 39.68
C PRO HC 292 87.65 21.73 38.87
N ILE HC 293 86.88 20.65 39.00
CA ILE HC 293 85.60 20.53 38.31
C ILE HC 293 84.62 21.59 38.81
N PHE HC 294 84.47 21.70 40.12
CA PHE HC 294 83.59 22.72 40.69
C PHE HC 294 84.15 24.13 40.51
N LYS HC 295 85.48 24.28 40.47
CA LYS HC 295 86.05 25.59 40.15
C LYS HC 295 85.69 26.03 38.73
N VAL HC 296 85.80 25.11 37.77
CA VAL HC 296 85.47 25.41 36.38
C VAL HC 296 83.98 25.70 36.23
N PHE HC 297 83.13 24.87 36.86
CA PHE HC 297 81.69 25.08 36.76
C PHE HC 297 81.24 26.37 37.44
N ASP HC 298 81.80 26.69 38.61
CA ASP HC 298 81.42 27.92 39.29
C ASP HC 298 81.93 29.15 38.54
N ALA HC 299 83.10 29.04 37.90
CA ALA HC 299 83.62 30.16 37.13
C ALA HC 299 82.79 30.41 35.88
N ILE HC 300 82.40 29.36 35.16
CA ILE HC 300 81.65 29.56 33.93
C ILE HC 300 80.19 29.91 34.24
N MET HC 301 79.68 29.50 35.40
CA MET HC 301 78.34 29.94 35.81
C MET HC 301 78.35 31.41 36.24
N ASN HC 302 79.29 31.82 37.08
CA ASN HC 302 79.32 33.17 37.60
C ASN HC 302 80.05 34.15 36.70
N PHE HC 303 80.48 33.70 35.51
CA PHE HC 303 81.04 34.55 34.44
C PHE HC 303 82.32 35.27 34.89
N LYS HC 304 83.12 34.58 35.69
CA LYS HC 304 84.29 35.19 36.33
C LYS HC 304 85.50 35.04 35.40
N LYS HC 305 85.85 36.14 34.72
CA LYS HC 305 86.95 36.09 33.78
C LYS HC 305 88.30 36.00 34.49
N GLU HC 306 88.42 36.67 35.64
CA GLU HC 306 89.67 36.61 36.40
C GLU HC 306 89.87 35.23 37.02
N GLU HC 307 88.78 34.55 37.38
CA GLU HC 307 88.89 33.18 37.88
C GLU HC 307 89.17 32.21 36.74
N THR HC 308 88.63 32.50 35.54
CA THR HC 308 88.91 31.66 34.39
C THR HC 308 90.37 31.79 33.94
N ALA HC 309 90.94 32.99 34.09
CA ALA HC 309 92.33 33.22 33.70
C ALA HC 309 93.30 32.46 34.59
N LYS HC 310 92.91 32.21 35.85
CA LYS HC 310 93.72 31.33 36.70
C LYS HC 310 93.56 29.88 36.28
N LEU HC 311 92.38 29.50 35.81
CA LEU HC 311 92.13 28.12 35.43
C LEU HC 311 92.70 27.78 34.05
N ILE HC 312 93.11 28.79 33.28
CA ILE HC 312 93.70 28.54 31.95
C ILE HC 312 94.98 27.72 32.05
N GLU HC 313 95.84 28.04 33.02
CA GLU HC 313 97.14 27.36 33.13
C GLU HC 313 96.98 25.91 33.58
N LYS HC 314 96.04 25.66 34.49
CA LYS HC 314 95.81 24.30 34.95
C LYS HC 314 94.87 23.54 34.01
N LEU HC 315 94.25 24.26 33.07
CA LEU HC 315 93.19 23.64 32.27
C LEU HC 315 93.72 23.19 30.91
N ASP HC 316 94.75 23.89 30.39
CA ASP HC 316 95.54 23.50 29.22
C ASP HC 316 94.70 23.33 27.94
N ILE HC 317 94.15 24.44 27.43
CA ILE HC 317 93.41 24.40 26.17
C ILE HC 317 93.93 25.40 25.15
N LYS HC 318 93.66 25.13 23.87
CA LYS HC 318 93.93 26.05 22.78
C LYS HC 318 92.72 26.06 21.85
N LEU HC 319 92.02 27.20 21.82
CA LEU HC 319 90.78 27.32 21.06
C LEU HC 319 90.97 28.27 19.89
N ASP HC 320 90.24 27.98 18.80
CA ASP HC 320 90.26 28.80 17.59
C ASP HC 320 89.15 29.86 17.69
N SER HC 321 89.41 30.84 18.56
CA SER HC 321 88.58 32.00 18.89
C SER HC 321 87.25 31.62 19.53
N GLU HC 322 87.10 30.40 20.06
CA GLU HC 322 85.90 30.09 20.85
C GLU HC 322 86.07 30.51 22.30
N ASP HC 323 87.31 30.84 22.69
CA ASP HC 323 87.60 31.15 24.08
C ASP HC 323 87.16 32.57 24.42
N LYS HC 324 87.62 33.54 23.64
CA LYS HC 324 87.38 34.94 23.98
C LYS HC 324 86.00 35.40 23.53
N ASP HC 325 85.46 34.77 22.48
CA ASP HC 325 84.22 35.27 21.87
C ASP HC 325 83.00 34.88 22.68
N LYS HC 326 82.92 33.63 23.10
CA LYS HC 326 81.70 33.07 23.67
C LYS HC 326 81.80 33.03 25.19
N GLU HC 327 80.84 33.66 25.87
CA GLU HC 327 80.78 33.70 27.32
C GLU HC 327 79.38 33.42 27.87
N GLY HC 328 78.42 33.12 27.00
CA GLY HC 328 77.04 32.93 27.43
C GLY HC 328 76.58 31.49 27.37
N LYS HC 329 77.44 30.57 27.81
CA LYS HC 329 77.29 29.11 27.90
C LYS HC 329 77.08 28.43 26.54
N PRO HC 330 77.91 28.71 25.51
CA PRO HC 330 78.49 27.58 24.78
C PRO HC 330 79.93 27.33 25.20
N LEU HC 331 80.47 28.20 26.06
CA LEU HC 331 81.89 28.15 26.41
C LEU HC 331 82.22 26.92 27.25
N LEU HC 332 81.28 26.48 28.09
CA LEU HC 332 81.47 25.27 28.89
C LEU HC 332 81.61 24.04 28.01
N LYS HC 333 80.88 23.99 26.90
CA LYS HC 333 80.99 22.88 25.96
C LYS HC 333 82.37 22.83 25.32
N ALA HC 334 82.92 23.98 24.92
CA ALA HC 334 84.23 23.99 24.27
C ALA HC 334 85.34 23.72 25.28
N VAL HC 335 85.20 24.23 26.51
CA VAL HC 335 86.19 23.99 27.55
C VAL HC 335 86.23 22.51 27.94
N MET HC 336 85.05 21.91 28.14
CA MET HC 336 85.00 20.50 28.49
C MET HC 336 85.24 19.60 27.28
N ARG HC 337 85.20 20.17 26.07
CA ARG HC 337 85.49 19.40 24.87
C ARG HC 337 86.98 19.33 24.60
N ARG HC 338 87.69 20.45 24.77
CA ARG HC 338 89.12 20.46 24.46
C ARG HC 338 90.00 20.04 25.63
N TRP HC 339 89.48 20.09 26.85
CA TRP HC 339 90.18 19.47 27.98
C TRP HC 339 89.28 18.39 28.55
N LEU HC 340 89.89 17.23 28.81
CA LEU HC 340 89.22 16.04 29.33
C LEU HC 340 88.01 15.65 28.47
N PRO HC 341 88.25 15.21 27.24
CA PRO HC 341 87.13 15.11 26.29
C PRO HC 341 86.34 13.85 26.49
N ALA HC 342 85.06 13.90 26.12
CA ALA HC 342 84.28 12.70 25.96
C ALA HC 342 84.78 11.94 24.75
N GLY HC 343 85.38 10.78 24.99
CA GLY HC 343 85.96 9.99 23.93
C GLY HC 343 87.33 9.44 24.19
N ASP HC 344 88.25 10.20 24.81
CA ASP HC 344 89.53 9.61 25.21
C ASP HC 344 89.34 8.63 26.36
N ALA HC 345 88.49 9.00 27.33
CA ALA HC 345 88.10 8.08 28.39
C ALA HC 345 87.35 6.88 27.81
N LEU HC 346 86.56 7.10 26.76
CA LEU HC 346 85.91 6.00 26.05
C LEU HC 346 86.93 5.04 25.45
N LEU HC 347 87.97 5.57 24.77
CA LEU HC 347 89.00 4.74 24.14
C LEU HC 347 89.74 3.92 25.18
N GLN HC 348 90.28 4.58 26.20
CA GLN HC 348 91.05 3.89 27.24
C GLN HC 348 90.16 2.96 28.06
N MET HC 349 88.88 3.28 28.16
CA MET HC 349 88.00 2.57 29.10
C MET HC 349 87.37 1.35 28.45
N ILE HC 350 87.23 1.34 27.12
CA ILE HC 350 86.83 0.10 26.46
C ILE HC 350 88.07 -0.60 25.90
N THR HC 351 89.24 -0.03 26.12
CA THR HC 351 90.48 -0.76 25.88
C THR HC 351 90.86 -1.61 27.08
N ILE HC 352 91.04 -0.97 28.24
CA ILE HC 352 91.56 -1.66 29.42
C ILE HC 352 90.41 -2.41 30.08
N HIS HC 353 90.71 -3.62 30.58
CA HIS HC 353 89.78 -4.50 31.29
C HIS HC 353 88.60 -4.93 30.41
N LEU HC 354 88.88 -5.18 29.14
CA LEU HC 354 87.90 -5.77 28.23
C LEU HC 354 88.49 -7.01 27.59
N PRO HC 355 87.72 -8.08 27.39
CA PRO HC 355 88.32 -9.34 26.94
C PRO HC 355 88.59 -9.36 25.44
N SER HC 356 89.57 -10.16 25.06
CA SER HC 356 89.83 -10.44 23.66
C SER HC 356 88.77 -11.39 23.12
N PRO HC 357 88.58 -11.43 21.79
CA PRO HC 357 87.62 -12.41 21.23
C PRO HC 357 88.07 -13.84 21.41
N VAL HC 358 89.39 -14.08 21.44
CA VAL HC 358 89.90 -15.43 21.70
C VAL HC 358 89.51 -15.89 23.10
N THR HC 359 89.77 -15.04 24.10
CA THR HC 359 89.42 -15.36 25.48
C THR HC 359 87.91 -15.47 25.66
N ALA HC 360 87.15 -14.59 24.99
CA ALA HC 360 85.69 -14.60 25.10
C ALA HC 360 85.10 -15.86 24.49
N GLN HC 361 85.65 -16.30 23.36
CA GLN HC 361 85.19 -17.57 22.80
C GLN HC 361 85.64 -18.75 23.64
N LYS HC 362 86.77 -18.60 24.36
CA LYS HC 362 87.21 -19.67 25.27
C LYS HC 362 86.25 -19.86 26.43
N TYR HC 363 85.76 -18.77 27.03
CA TYR HC 363 84.78 -18.97 28.10
C TYR HC 363 83.33 -18.90 27.63
N ARG HC 364 83.08 -18.83 26.33
CA ARG HC 364 81.72 -18.91 25.82
C ARG HC 364 81.52 -20.02 24.79
N CYS HC 365 82.48 -20.93 24.62
CA CYS HC 365 82.30 -22.04 23.70
C CYS HC 365 81.22 -23.00 24.17
N GLU HC 366 81.01 -23.09 25.48
CA GLU HC 366 79.99 -24.01 26.01
C GLU HC 366 78.58 -23.45 25.80
N LEU HC 367 78.41 -22.14 25.98
CA LEU HC 367 77.10 -21.53 25.82
C LEU HC 367 76.78 -21.29 24.34
N LEU HC 368 77.78 -21.44 23.47
CA LEU HC 368 77.49 -21.45 22.04
C LEU HC 368 77.13 -22.84 21.55
N TYR HC 369 77.91 -23.86 21.93
CA TYR HC 369 77.69 -25.28 21.59
C TYR HC 369 77.63 -25.49 20.07
N GLU HC 370 78.76 -25.28 19.41
CA GLU HC 370 78.82 -25.50 17.97
C GLU HC 370 78.71 -26.99 17.63
N GLY HC 371 79.17 -27.84 18.53
CA GLY HC 371 79.04 -29.27 18.38
C GLY HC 371 79.46 -29.98 19.64
N PRO HC 372 79.84 -31.25 19.52
CA PRO HC 372 80.48 -31.94 20.64
C PRO HC 372 81.84 -31.33 20.92
N PRO HC 373 82.27 -31.30 22.20
CA PRO HC 373 83.59 -30.73 22.53
C PRO HC 373 84.74 -31.53 21.94
N ASP HC 374 85.70 -30.81 21.34
CA ASP HC 374 86.85 -31.35 20.62
C ASP HC 374 86.39 -32.27 19.49
N ASP HC 375 85.31 -31.90 18.81
CA ASP HC 375 84.92 -32.55 17.56
C ASP HC 375 84.93 -31.48 16.47
N GLU HC 376 86.14 -31.17 15.99
CA GLU HC 376 86.43 -30.38 14.78
C GLU HC 376 85.99 -28.93 14.83
N ALA HC 377 85.24 -28.51 15.85
CA ALA HC 377 84.69 -27.17 15.88
C ALA HC 377 84.96 -26.45 17.18
N ALA HC 378 84.93 -27.15 18.31
CA ALA HC 378 85.11 -26.50 19.60
C ALA HC 378 86.54 -26.02 19.78
N MET HC 379 87.51 -26.80 19.30
CA MET HC 379 88.90 -26.35 19.30
C MET HC 379 89.10 -25.19 18.33
N GLY HC 380 88.34 -25.16 17.23
CA GLY HC 380 88.40 -24.04 16.32
C GLY HC 380 87.87 -22.76 16.93
N ILE HC 381 86.82 -22.87 17.74
CA ILE HC 381 86.29 -21.70 18.44
C ILE HC 381 87.26 -21.25 19.53
N LYS HC 382 87.84 -22.19 20.27
CA LYS HC 382 88.68 -21.82 21.41
C LYS HC 382 90.03 -21.26 20.97
N SER HC 383 90.60 -21.77 19.88
CA SER HC 383 91.90 -21.26 19.44
C SER HC 383 91.74 -20.20 18.36
N CYS HC 384 90.51 -20.05 17.84
CA CYS HC 384 89.95 -19.07 16.90
C CYS HC 384 90.45 -19.25 15.46
N ASP HC 385 91.50 -20.09 15.26
CA ASP HC 385 91.93 -20.77 14.04
C ASP HC 385 91.82 -19.97 12.75
N PRO HC 386 92.76 -19.05 12.47
CA PRO HC 386 92.69 -18.26 11.22
C PRO HC 386 92.67 -19.10 9.94
N LYS HC 387 93.26 -20.28 9.96
CA LYS HC 387 93.11 -21.23 8.86
C LYS HC 387 92.08 -22.31 9.14
N GLY HC 388 91.28 -22.15 10.19
CA GLY HC 388 90.21 -23.08 10.48
C GLY HC 388 89.04 -22.90 9.54
N PRO HC 389 88.18 -23.92 9.45
CA PRO HC 389 87.02 -23.82 8.55
C PRO HC 389 85.96 -22.85 9.08
N LEU HC 390 84.99 -22.55 8.23
CA LEU HC 390 84.08 -21.44 8.47
C LEU HC 390 82.98 -21.83 9.45
N MET HC 391 82.70 -20.93 10.42
CA MET HC 391 81.65 -21.06 11.44
C MET HC 391 81.05 -19.66 11.66
N MET HC 392 79.78 -19.49 11.32
CA MET HC 392 79.08 -18.22 11.51
C MET HC 392 77.69 -18.42 12.09
N TYR HC 393 77.23 -17.43 12.85
CA TYR HC 393 75.85 -17.36 13.31
C TYR HC 393 75.29 -15.99 12.99
N ILE HC 394 74.18 -15.97 12.25
CA ILE HC 394 73.50 -14.73 11.87
C ILE HC 394 72.31 -14.59 12.82
N SER HC 395 72.30 -13.51 13.59
CA SER HC 395 71.24 -13.34 14.58
C SER HC 395 70.18 -12.35 14.10
N LYS HC 396 70.62 -11.18 13.62
CA LYS HC 396 69.72 -10.15 13.16
C LYS HC 396 70.12 -9.75 11.74
N MET HC 397 69.11 -9.55 10.90
CA MET HC 397 69.32 -9.07 9.53
C MET HC 397 68.84 -7.63 9.41
N VAL HC 398 69.57 -6.84 8.65
CA VAL HC 398 69.33 -5.41 8.52
C VAL HC 398 68.60 -5.16 7.20
N PRO HC 399 67.61 -4.28 7.16
CA PRO HC 399 67.02 -3.91 5.87
C PRO HC 399 67.91 -2.93 5.12
N THR HC 400 67.68 -2.83 3.81
CA THR HC 400 68.38 -1.87 2.97
C THR HC 400 67.36 -1.08 2.15
N SER HC 401 67.87 -0.23 1.25
CA SER HC 401 67.02 0.61 0.41
C SER HC 401 66.51 -0.10 -0.83
N ASP HC 402 66.74 -1.42 -0.96
CA ASP HC 402 66.27 -2.13 -2.14
C ASP HC 402 64.78 -2.43 -2.06
N LYS HC 403 64.23 -2.50 -0.84
CA LYS HC 403 62.85 -2.81 -0.42
C LYS HC 403 62.48 -4.28 -0.64
N GLY HC 404 63.35 -5.08 -1.27
CA GLY HC 404 63.15 -6.49 -1.44
C GLY HC 404 64.18 -7.28 -0.66
N ARG HC 405 65.22 -7.71 -1.36
CA ARG HC 405 66.38 -8.34 -0.72
C ARG HC 405 67.07 -7.36 0.21
N PHE HC 406 67.76 -7.89 1.22
CA PHE HC 406 68.45 -7.07 2.19
C PHE HC 406 69.61 -7.86 2.80
N TYR HC 407 70.54 -7.11 3.41
CA TYR HC 407 71.78 -7.69 3.88
C TYR HC 407 71.54 -8.51 5.14
N ALA HC 408 72.26 -9.62 5.28
CA ALA HC 408 72.28 -10.38 6.52
C ALA HC 408 73.50 -9.97 7.32
N PHE HC 409 73.41 -10.07 8.64
CA PHE HC 409 74.46 -9.58 9.54
C PHE HC 409 74.76 -10.61 10.60
N GLY HC 410 76.01 -11.07 10.67
CA GLY HC 410 76.40 -12.08 11.62
C GLY HC 410 77.87 -12.01 11.94
N ARG HC 411 78.28 -12.83 12.90
CA ARG HC 411 79.66 -12.85 13.35
C ARG HC 411 80.38 -14.08 12.81
N VAL HC 412 81.61 -13.88 12.34
CA VAL HC 412 82.49 -14.99 11.94
C VAL HC 412 83.14 -15.50 13.23
N PHE HC 413 82.84 -16.76 13.55
CA PHE HC 413 83.40 -17.34 14.77
C PHE HC 413 84.67 -18.12 14.47
N SER HC 414 84.87 -18.52 13.22
CA SER HC 414 86.10 -19.18 12.78
C SER HC 414 86.27 -19.01 11.28
N GLY HC 415 87.50 -18.82 10.84
CA GLY HC 415 87.78 -18.78 9.42
C GLY HC 415 87.43 -17.44 8.80
N LEU HC 416 87.29 -17.44 7.48
CA LEU HC 416 86.95 -16.24 6.71
C LEU HC 416 85.84 -16.57 5.73
N VAL HC 417 84.87 -15.67 5.60
CA VAL HC 417 83.76 -15.89 4.68
C VAL HC 417 84.09 -15.27 3.33
N SER HC 418 84.68 -16.07 2.45
CA SER HC 418 85.09 -15.59 1.14
C SER HC 418 83.90 -15.54 0.19
N THR HC 419 83.92 -14.58 -0.72
CA THR HC 419 82.86 -14.50 -1.72
C THR HC 419 82.99 -15.64 -2.73
N GLY HC 420 81.85 -16.06 -3.27
CA GLY HC 420 81.82 -17.18 -4.19
C GLY HC 420 81.99 -18.55 -3.55
N LEU HC 421 82.04 -18.63 -2.23
CA LEU HC 421 82.28 -19.91 -1.56
C LEU HC 421 80.97 -20.66 -1.34
N LYS HC 422 80.99 -21.96 -1.60
CA LYS HC 422 79.88 -22.85 -1.30
C LYS HC 422 79.94 -23.17 0.19
N VAL HC 423 78.95 -22.69 0.93
CA VAL HC 423 78.87 -22.89 2.37
C VAL HC 423 77.62 -23.69 2.68
N ARG HC 424 77.65 -24.40 3.81
CA ARG HC 424 76.50 -25.18 4.24
C ARG HC 424 75.54 -24.30 5.03
N ILE HC 425 74.45 -23.89 4.39
CA ILE HC 425 73.49 -22.96 4.96
C ILE HC 425 72.37 -23.78 5.60
N MET HC 426 72.22 -23.64 6.91
CA MET HC 426 71.31 -24.47 7.68
C MET HC 426 70.24 -23.60 8.32
N GLY HC 427 69.04 -24.15 8.44
CA GLY HC 427 67.92 -23.44 9.01
C GLY HC 427 67.94 -23.46 10.53
N PRO HC 428 66.82 -23.07 11.15
CA PRO HC 428 66.76 -23.14 12.62
C PRO HC 428 66.73 -24.55 13.16
N ASN HC 429 66.27 -25.51 12.36
CA ASN HC 429 66.15 -26.92 12.77
C ASN HC 429 66.88 -27.79 11.76
N TYR HC 430 67.95 -28.43 12.20
CA TYR HC 430 68.72 -29.35 11.36
C TYR HC 430 69.48 -30.31 12.24
N THR HC 431 69.59 -31.56 11.76
CA THR HC 431 70.39 -32.62 12.34
C THR HC 431 71.27 -33.09 11.19
N PRO HC 432 72.56 -33.35 11.44
CA PRO HC 432 73.42 -33.87 10.35
C PRO HC 432 73.01 -35.23 9.83
N GLY HC 433 72.26 -36.01 10.60
CA GLY HC 433 71.66 -37.22 10.06
C GLY HC 433 70.51 -36.92 9.12
N LYS HC 434 69.87 -35.76 9.29
CA LYS HC 434 68.76 -35.36 8.44
C LYS HC 434 69.25 -34.45 7.32
N LYS HC 435 68.32 -34.05 6.44
CA LYS HC 435 68.59 -33.05 5.42
C LYS HC 435 67.56 -31.93 5.42
N GLU HC 436 66.72 -31.85 6.46
CA GLU HC 436 65.69 -30.82 6.53
C GLU HC 436 66.31 -29.45 6.77
N ASP HC 437 65.96 -28.49 5.91
CA ASP HC 437 66.48 -27.12 5.90
C ASP HC 437 67.99 -27.06 5.76
N LEU HC 438 68.56 -27.81 4.81
CA LEU HC 438 69.97 -27.70 4.44
C LEU HC 438 70.05 -27.09 3.06
N TYR HC 439 70.75 -25.97 2.95
CA TYR HC 439 70.73 -25.14 1.75
C TYR HC 439 72.14 -25.00 1.18
N LEU HC 440 72.25 -25.24 -0.13
CA LEU HC 440 73.51 -25.08 -0.86
C LEU HC 440 73.40 -23.83 -1.73
N LYS HC 441 74.31 -22.88 -1.52
CA LYS HC 441 74.29 -21.63 -2.24
C LYS HC 441 75.68 -21.02 -2.18
N PRO HC 442 76.20 -20.52 -3.31
CA PRO HC 442 77.41 -19.70 -3.25
C PRO HC 442 77.09 -18.28 -2.82
N ILE HC 443 78.02 -17.63 -2.12
CA ILE HC 443 77.80 -16.31 -1.54
C ILE HC 443 78.16 -15.26 -2.58
N GLN HC 444 77.23 -14.33 -2.82
CA GLN HC 444 77.47 -13.28 -3.81
C GLN HC 444 78.50 -12.27 -3.31
N ARG HC 445 78.23 -11.60 -2.19
CA ARG HC 445 79.11 -10.53 -1.75
C ARG HC 445 79.04 -10.38 -0.24
N THR HC 446 80.21 -10.15 0.36
CA THR HC 446 80.35 -9.91 1.80
C THR HC 446 80.41 -8.40 2.02
N ILE HC 447 79.63 -7.91 2.98
CA ILE HC 447 79.33 -6.49 3.15
C ILE HC 447 79.67 -6.06 4.57
N LEU HC 448 80.37 -4.95 4.69
CA LEU HC 448 80.62 -4.34 5.99
C LEU HC 448 79.48 -3.42 6.33
N MET HC 449 78.85 -3.65 7.49
CA MET HC 449 77.73 -2.86 7.96
C MET HC 449 78.22 -1.72 8.85
N MET HC 450 79.54 -1.59 8.99
CA MET HC 450 80.11 -0.72 10.02
C MET HC 450 80.04 0.74 9.63
N GLY HC 451 79.71 1.04 8.38
CA GLY HC 451 79.35 2.37 7.99
C GLY HC 451 77.85 2.48 7.75
N ARG HC 452 77.39 3.73 7.63
CA ARG HC 452 76.03 3.94 7.13
C ARG HC 452 75.94 3.55 5.67
N TYR HC 453 77.05 3.70 4.94
CA TYR HC 453 77.18 3.18 3.58
C TYR HC 453 77.83 1.80 3.60
N VAL HC 454 78.24 1.35 2.42
CA VAL HC 454 78.64 -0.04 2.18
C VAL HC 454 80.11 -0.08 1.78
N GLU HC 455 80.90 -1.01 2.42
CA GLU HC 455 82.33 -1.15 2.15
C GLU HC 455 82.72 -2.59 1.84
N PRO HC 456 83.63 -2.81 0.89
CA PRO HC 456 84.14 -4.16 0.63
C PRO HC 456 85.23 -4.57 1.61
N ILE HC 457 85.11 -5.80 2.10
CA ILE HC 457 85.95 -6.35 3.17
C ILE HC 457 86.51 -7.73 2.84
N GLU HC 458 86.92 -7.91 1.57
CA GLU HC 458 86.89 -9.14 0.79
C GLU HC 458 87.08 -10.49 1.48
N ASP HC 459 88.15 -10.71 2.26
CA ASP HC 459 88.40 -12.08 2.67
C ASP HC 459 87.55 -12.48 3.89
N VAL HC 460 87.98 -12.12 5.10
CA VAL HC 460 87.32 -11.51 6.27
C VAL HC 460 88.31 -11.77 7.42
N PRO HC 461 88.45 -10.89 8.43
CA PRO HC 461 89.11 -11.33 9.68
C PRO HC 461 88.13 -11.96 10.66
N CYS HC 462 88.50 -13.04 11.34
CA CYS HC 462 87.53 -13.73 12.19
C CYS HC 462 87.32 -12.95 13.48
N GLY HC 463 86.09 -12.98 13.99
CA GLY HC 463 85.69 -12.16 15.11
C GLY HC 463 85.17 -10.79 14.74
N ASN HC 464 85.45 -10.34 13.52
CA ASN HC 464 84.96 -9.06 13.02
C ASN HC 464 83.57 -9.28 12.44
N ILE HC 465 82.60 -8.52 12.93
CA ILE HC 465 81.20 -8.77 12.58
C ILE HC 465 80.90 -8.23 11.19
N VAL HC 466 80.31 -9.08 10.33
CA VAL HC 466 80.21 -8.84 8.90
C VAL HC 466 78.79 -9.12 8.44
N GLY HC 467 78.57 -9.05 7.12
CA GLY HC 467 77.29 -9.42 6.57
C GLY HC 467 77.38 -10.06 5.20
N LEU HC 468 76.26 -10.62 4.74
CA LEU HC 468 76.20 -11.34 3.48
C LEU HC 468 75.08 -10.81 2.60
N VAL HC 469 75.22 -11.01 1.29
CA VAL HC 469 74.18 -10.74 0.32
C VAL HC 469 73.60 -12.07 -0.15
N GLY HC 470 72.28 -12.18 -0.16
CA GLY HC 470 71.58 -13.25 -0.85
C GLY HC 470 71.01 -14.34 0.05
N VAL HC 471 71.54 -14.50 1.27
CA VAL HC 471 71.13 -15.60 2.12
C VAL HC 471 69.86 -15.25 2.92
N ASP HC 472 69.35 -14.03 2.78
CA ASP HC 472 68.15 -13.62 3.50
C ASP HC 472 66.92 -14.39 3.04
N GLN HC 473 66.84 -14.73 1.76
CA GLN HC 473 65.70 -15.46 1.23
C GLN HC 473 65.69 -16.91 1.70
N PHE HC 474 66.86 -17.42 2.10
CA PHE HC 474 66.97 -18.82 2.48
C PHE HC 474 66.88 -19.01 3.99
N LEU HC 475 67.63 -18.23 4.77
CA LEU HC 475 67.54 -18.33 6.23
C LEU HC 475 66.55 -17.28 6.75
N VAL HC 476 65.64 -17.74 7.60
CA VAL HC 476 64.64 -16.83 8.17
C VAL HC 476 64.88 -16.62 9.66
N LYS HC 477 65.06 -15.35 10.03
CA LYS HC 477 65.16 -14.79 11.38
C LYS HC 477 66.45 -15.14 12.12
N THR HC 478 67.20 -16.11 11.61
CA THR HC 478 68.33 -16.79 12.25
C THR HC 478 69.00 -17.64 11.19
N GLY HC 479 70.21 -18.11 11.50
CA GLY HC 479 70.88 -19.03 10.61
C GLY HC 479 72.29 -19.32 11.10
N THR HC 480 72.78 -20.47 10.67
CA THR HC 480 74.14 -20.92 10.96
C THR HC 480 74.83 -21.25 9.64
N ILE HC 481 75.95 -20.58 9.38
CA ILE HC 481 76.67 -20.71 8.12
C ILE HC 481 77.93 -21.51 8.37
N THR HC 482 77.98 -22.73 7.82
CA THR HC 482 79.09 -23.64 8.08
C THR HC 482 79.64 -24.17 6.77
N THR HC 483 80.67 -25.01 6.90
CA THR HC 483 81.22 -25.79 5.80
C THR HC 483 81.62 -27.19 6.21
N PHE HC 484 81.38 -27.57 7.47
CA PHE HC 484 81.77 -28.90 7.95
C PHE HC 484 80.85 -29.99 7.42
N GLU HC 485 79.56 -29.68 7.27
CA GLU HC 485 78.38 -30.51 6.94
C GLU HC 485 77.99 -31.38 8.15
N HIS HC 486 78.79 -31.41 9.22
CA HIS HC 486 78.47 -32.17 10.42
C HIS HC 486 78.43 -31.25 11.65
N ALA HC 487 78.11 -29.98 11.45
CA ALA HC 487 78.03 -29.02 12.53
C ALA HC 487 76.57 -28.78 12.88
N HIS HC 488 76.36 -28.28 14.10
CA HIS HC 488 75.01 -28.06 14.60
C HIS HC 488 74.63 -26.58 14.46
N ASN HC 489 73.32 -26.32 14.53
CA ASN HC 489 72.80 -24.96 14.69
C ASN HC 489 72.92 -24.49 16.13
N MET HC 490 73.93 -23.67 16.43
CA MET HC 490 74.74 -23.65 17.68
C MET HC 490 73.86 -23.80 18.92
N ARG HC 491 73.07 -22.80 19.28
CA ARG HC 491 72.02 -22.87 20.29
C ARG HC 491 71.00 -21.80 19.94
N VAL HC 492 69.72 -22.16 20.01
CA VAL HC 492 68.66 -21.20 19.69
C VAL HC 492 68.59 -20.15 20.79
N MET HC 493 68.15 -18.96 20.44
CA MET HC 493 68.19 -17.84 21.37
C MET HC 493 67.00 -17.91 22.33
N LYS HC 494 67.24 -17.46 23.55
CA LYS HC 494 66.19 -17.36 24.57
C LYS HC 494 66.08 -15.91 25.00
N PHE HC 495 64.88 -15.34 24.86
CA PHE HC 495 64.63 -13.93 25.09
C PHE HC 495 63.89 -13.75 26.40
N SER HC 496 64.00 -12.55 26.98
CA SER HC 496 63.31 -12.27 28.22
C SER HC 496 61.81 -12.08 28.00
N VAL HC 497 61.44 -11.52 26.85
CA VAL HC 497 60.04 -11.20 26.55
C VAL HC 497 59.51 -12.21 25.55
N SER HC 498 58.20 -12.45 25.61
CA SER HC 498 57.57 -13.44 24.75
C SER HC 498 56.62 -12.73 23.78
N PRO HC 499 56.38 -13.31 22.60
CA PRO HC 499 55.40 -12.71 21.66
C PRO HC 499 53.96 -12.89 22.14
N VAL HC 500 53.54 -11.99 23.04
CA VAL HC 500 52.24 -12.16 23.69
C VAL HC 500 51.19 -11.25 23.07
N VAL HC 501 51.59 -10.07 22.59
CA VAL HC 501 50.63 -9.13 22.03
C VAL HC 501 50.32 -9.51 20.60
N ARG HC 502 49.09 -9.93 20.32
CA ARG HC 502 48.73 -10.37 18.99
C ARG HC 502 47.57 -9.55 18.44
N VAL HC 503 47.64 -9.25 17.16
CA VAL HC 503 46.67 -8.42 16.44
C VAL HC 503 46.44 -9.05 15.07
N ALA HC 504 45.17 -9.27 14.72
CA ALA HC 504 44.84 -9.72 13.39
C ALA HC 504 44.94 -8.58 12.39
N VAL HC 505 45.43 -8.88 11.19
CA VAL HC 505 45.59 -7.89 10.13
C VAL HC 505 44.33 -7.87 9.28
N GLU HC 506 43.60 -6.76 9.32
CA GLU HC 506 42.43 -6.55 8.50
C GLU HC 506 42.82 -5.68 7.33
N ALA HC 507 42.59 -6.17 6.11
CA ALA HC 507 43.05 -5.52 4.89
C ALA HC 507 41.88 -4.80 4.23
N LYS HC 508 41.86 -3.47 4.35
CA LYS HC 508 40.98 -2.67 3.52
C LYS HC 508 41.49 -2.70 2.08
N ASN HC 509 40.56 -2.49 1.15
CA ASN HC 509 40.73 -2.84 -0.27
C ASN HC 509 41.21 -4.29 -0.40
N PRO HC 510 40.34 -5.27 -0.18
CA PRO HC 510 40.81 -6.65 0.03
C PRO HC 510 41.27 -7.36 -1.22
N ALA HC 511 41.24 -6.72 -2.40
CA ALA HC 511 41.78 -7.35 -3.60
C ALA HC 511 43.30 -7.38 -3.55
N ASP HC 512 43.92 -6.48 -2.80
CA ASP HC 512 45.37 -6.41 -2.72
C ASP HC 512 45.89 -7.17 -1.50
N LEU HC 513 45.57 -8.45 -1.41
CA LEU HC 513 46.06 -9.40 -0.41
C LEU HC 513 47.46 -9.98 -0.64
N PRO HC 514 47.88 -10.40 -1.86
CA PRO HC 514 49.21 -11.05 -1.97
C PRO HC 514 50.40 -10.16 -1.66
N LYS HC 515 50.37 -8.89 -2.04
CA LYS HC 515 51.48 -8.00 -1.70
C LYS HC 515 51.52 -7.70 -0.21
N LEU HC 516 50.35 -7.74 0.45
CA LEU HC 516 50.32 -7.64 1.91
C LEU HC 516 50.92 -8.89 2.55
N VAL HC 517 50.66 -10.07 1.98
CA VAL HC 517 51.27 -11.29 2.48
C VAL HC 517 52.78 -11.26 2.31
N GLU HC 518 53.25 -10.72 1.18
CA GLU HC 518 54.68 -10.61 0.94
C GLU HC 518 55.34 -9.61 1.88
N GLY HC 519 54.67 -8.48 2.14
CA GLY HC 519 55.21 -7.50 3.08
C GLY HC 519 55.19 -8.02 4.51
N LEU HC 520 54.20 -8.83 4.86
CA LEU HC 520 54.17 -9.48 6.17
C LEU HC 520 55.30 -10.49 6.32
N LYS HC 521 55.60 -11.22 5.25
CA LYS HC 521 56.74 -12.14 5.27
C LYS HC 521 58.05 -11.37 5.39
N ARG HC 522 58.14 -10.20 4.75
CA ARG HC 522 59.33 -9.36 4.87
C ARG HC 522 59.47 -8.80 6.29
N LEU HC 523 58.35 -8.47 6.93
CA LEU HC 523 58.39 -7.98 8.31
C LEU HC 523 58.84 -9.08 9.27
N ALA HC 524 58.32 -10.30 9.07
CA ALA HC 524 58.73 -11.44 9.90
C ALA HC 524 60.20 -11.79 9.68
N LYS HC 525 60.66 -11.65 8.44
CA LYS HC 525 62.07 -11.93 8.13
C LYS HC 525 62.97 -10.84 8.68
N SER HC 526 62.44 -9.61 8.81
CA SER HC 526 63.25 -8.51 9.31
C SER HC 526 63.38 -8.57 10.83
N ASP HC 527 62.26 -8.58 11.55
CA ASP HC 527 62.30 -8.51 13.00
C ASP HC 527 62.33 -9.90 13.60
N PRO HC 528 63.21 -10.17 14.58
CA PRO HC 528 63.33 -11.56 15.07
C PRO HC 528 62.25 -11.97 16.06
N MET HC 529 61.72 -11.01 16.82
CA MET HC 529 60.75 -11.36 17.86
C MET HC 529 59.37 -11.66 17.27
N VAL HC 530 59.03 -10.98 16.16
CA VAL HC 530 57.67 -11.03 15.65
C VAL HC 530 57.37 -12.41 15.07
N GLN HC 531 56.14 -12.88 15.29
CA GLN HC 531 55.68 -14.18 14.84
C GLN HC 531 54.40 -14.01 14.06
N CYS HC 532 54.39 -14.47 12.81
CA CYS HC 532 53.25 -14.34 11.92
C CYS HC 532 52.58 -15.70 11.80
N ILE HC 533 51.36 -15.82 12.29
CA ILE HC 533 50.66 -17.10 12.28
C ILE HC 533 49.33 -16.97 11.55
N ILE HC 534 48.82 -18.10 11.08
CA ILE HC 534 47.51 -18.21 10.46
C ILE HC 534 46.82 -19.39 11.12
N GLU HC 535 45.71 -19.14 11.81
CA GLU HC 535 45.06 -20.21 12.55
C GLU HC 535 43.55 -20.02 12.61
N GLU HC 536 42.84 -21.08 12.17
CA GLU HC 536 41.46 -21.41 12.55
C GLU HC 536 40.45 -20.47 11.88
N SER HC 537 40.86 -19.39 11.21
CA SER HC 537 39.91 -18.53 10.50
C SER HC 537 40.53 -18.00 9.20
N GLY HC 538 41.74 -18.45 8.92
CA GLY HC 538 42.46 -17.95 7.76
C GLY HC 538 42.83 -16.49 7.85
N GLU HC 539 43.08 -15.99 9.07
CA GLU HC 539 43.39 -14.60 9.31
C GLU HC 539 44.84 -14.48 9.76
N HIS HC 540 45.56 -13.51 9.18
CA HIS HC 540 46.94 -13.27 9.57
C HIS HC 540 46.99 -12.63 10.95
N ILE HC 541 47.80 -13.18 11.83
CA ILE HC 541 47.93 -12.72 13.21
C ILE HC 541 49.39 -12.38 13.47
N ILE HC 542 49.64 -11.14 13.90
CA ILE HC 542 50.95 -10.64 14.27
C ILE HC 542 51.11 -10.81 15.77
N ALA HC 543 52.22 -11.41 16.19
CA ALA HC 543 52.54 -11.57 17.61
C ALA HC 543 53.86 -10.88 17.90
N GLY HC 544 53.87 -10.05 18.93
CA GLY HC 544 55.05 -9.29 19.30
C GLY HC 544 55.13 -9.11 20.79
N ALA HC 545 56.15 -8.38 21.23
CA ALA HC 545 56.43 -8.27 22.66
C ALA HC 545 55.47 -7.31 23.34
N GLY HC 546 55.41 -6.06 22.87
CA GLY HC 546 54.60 -5.05 23.54
C GLY HC 546 53.89 -4.16 22.54
N GLU HC 547 53.19 -3.17 23.08
CA GLU HC 547 52.35 -2.30 22.26
C GLU HC 547 53.20 -1.37 21.40
N LEU HC 548 54.35 -0.94 21.90
CA LEU HC 548 55.23 -0.09 21.10
C LEU HC 548 55.85 -0.85 19.93
N HIS HC 549 56.27 -2.09 20.18
CA HIS HC 549 56.77 -2.94 19.10
C HIS HC 549 55.65 -3.28 18.12
N LEU HC 550 54.42 -3.40 18.62
CA LEU HC 550 53.26 -3.60 17.76
C LEU HC 550 53.03 -2.40 16.86
N GLU HC 551 53.14 -1.18 17.40
CA GLU HC 551 52.96 0.02 16.60
C GLU HC 551 54.06 0.17 15.56
N ILE HC 552 55.30 -0.20 15.92
CA ILE HC 552 56.41 -0.16 14.97
C ILE HC 552 56.21 -1.18 13.85
N CYS HC 553 55.73 -2.38 14.19
CA CYS HC 553 55.50 -3.40 13.17
C CYS HC 553 54.33 -3.04 12.26
N LEU HC 554 53.29 -2.42 12.82
CA LEU HC 554 52.16 -2.01 11.97
C LEU HC 554 52.54 -0.82 11.10
N LYS HC 555 53.42 0.06 11.57
CA LYS HC 555 53.87 1.16 10.73
C LYS HC 555 54.83 0.65 9.65
N ASP HC 556 55.56 -0.43 9.95
CA ASP HC 556 56.38 -1.06 8.92
C ASP HC 556 55.50 -1.79 7.89
N LEU HC 557 54.36 -2.32 8.31
CA LEU HC 557 53.41 -2.86 7.35
C LEU HC 557 52.78 -1.74 6.51
N GLU HC 558 52.64 -0.55 7.10
CA GLU HC 558 52.05 0.56 6.37
C GLU HC 558 53.01 1.15 5.36
N GLU HC 559 54.28 1.32 5.73
CA GLU HC 559 55.26 2.03 4.91
C GLU HC 559 56.51 1.18 4.72
N ASP HC 560 57.02 1.18 3.49
CA ASP HC 560 58.29 0.58 3.04
C ASP HC 560 58.34 -0.95 3.11
N HIS HC 561 57.21 -1.61 3.34
CA HIS HC 561 57.12 -3.04 3.09
C HIS HC 561 55.91 -3.40 2.24
N ALA HC 562 54.80 -2.70 2.41
CA ALA HC 562 53.60 -2.89 1.59
C ALA HC 562 52.85 -1.57 1.56
N CYS HC 563 52.52 -1.10 0.35
CA CYS HC 563 51.89 0.19 0.21
C CYS HC 563 50.40 0.17 0.55
N ILE HC 564 49.82 -1.01 0.72
CA ILE HC 564 48.37 -1.10 0.97
C ILE HC 564 48.10 -0.80 2.43
N PRO HC 565 47.13 0.06 2.75
CA PRO HC 565 46.79 0.31 4.16
C PRO HC 565 46.14 -0.89 4.81
N ILE HC 566 46.28 -0.96 6.13
CA ILE HC 566 45.73 -2.06 6.91
C ILE HC 566 44.76 -1.52 7.94
N LYS HC 567 44.16 -2.41 8.73
CA LYS HC 567 43.27 -2.01 9.80
C LYS HC 567 43.57 -2.84 11.03
N LYS HC 568 43.74 -2.17 12.17
CA LYS HC 568 43.98 -2.87 13.42
C LYS HC 568 42.71 -3.59 13.88
N SER HC 569 42.85 -4.85 14.25
CA SER HC 569 41.72 -5.65 14.69
C SER HC 569 42.21 -6.76 15.60
N ASP HC 570 41.46 -7.04 16.66
CA ASP HC 570 41.82 -8.11 17.57
C ASP HC 570 41.54 -9.46 16.92
N PRO HC 571 42.37 -10.47 17.19
CA PRO HC 571 42.12 -11.79 16.60
C PRO HC 571 40.87 -12.46 17.16
N VAL HC 572 40.31 -13.36 16.35
CA VAL HC 572 39.06 -14.01 16.71
C VAL HC 572 39.33 -15.11 17.73
N VAL HC 573 38.67 -15.00 18.88
CA VAL HC 573 38.71 -16.07 19.88
C VAL HC 573 37.72 -17.16 19.49
N SER HC 574 38.15 -18.41 19.60
CA SER HC 574 37.35 -19.57 19.27
C SER HC 574 36.69 -20.10 20.54
N TYR HC 575 35.66 -20.94 20.38
CA TYR HC 575 34.93 -21.51 21.49
C TYR HC 575 34.47 -22.92 21.15
N ARG HC 576 34.06 -23.65 22.19
CA ARG HC 576 33.58 -25.01 22.03
C ARG HC 576 32.15 -25.13 22.58
N GLU HC 577 31.49 -26.23 22.27
CA GLU HC 577 30.10 -26.46 22.67
C GLU HC 577 29.97 -27.83 23.32
N THR HC 578 29.58 -27.85 24.59
CA THR HC 578 29.38 -29.10 25.32
C THR HC 578 27.99 -29.11 25.94
N VAL HC 579 27.67 -30.20 26.63
CA VAL HC 579 26.33 -30.40 27.17
C VAL HC 579 26.42 -30.60 28.68
N SER HC 580 25.27 -30.59 29.35
CA SER HC 580 25.17 -30.80 30.78
C SER HC 580 25.15 -32.28 31.13
N GLU HC 581 24.70 -32.58 32.35
CA GLU HC 581 24.61 -33.91 32.99
C GLU HC 581 23.90 -34.90 32.06
N GLU HC 582 22.64 -34.68 31.70
CA GLU HC 582 21.91 -35.60 30.82
C GLU HC 582 20.97 -34.82 29.92
N SER HC 583 20.49 -35.51 28.89
CA SER HC 583 19.40 -34.97 28.08
C SER HC 583 18.08 -35.22 28.81
N ASN HC 584 17.07 -34.42 28.47
CA ASN HC 584 15.79 -34.53 29.16
C ASN HC 584 15.01 -35.76 28.69
N VAL HC 585 14.86 -35.91 27.37
CA VAL HC 585 14.12 -37.03 26.79
C VAL HC 585 14.94 -37.65 25.68
N LEU HC 586 14.60 -38.90 25.35
CA LEU HC 586 15.15 -39.53 24.16
C LEU HC 586 14.55 -38.87 22.92
N CYS HC 587 15.38 -38.10 22.23
CA CYS HC 587 14.89 -37.15 21.23
C CYS HC 587 14.73 -37.82 19.87
N LEU HC 588 13.74 -37.36 19.12
CA LEU HC 588 13.26 -38.01 17.91
C LEU HC 588 13.54 -37.13 16.69
N SER HC 589 13.82 -37.78 15.56
CA SER HC 589 13.87 -37.11 14.26
C SER HC 589 13.15 -37.97 13.23
N LYS HC 590 11.96 -37.54 12.84
CA LYS HC 590 11.20 -38.20 11.79
C LYS HC 590 11.75 -37.79 10.43
N SER HC 591 11.73 -38.70 9.47
CA SER HC 591 12.24 -38.36 8.14
C SER HC 591 11.28 -37.47 7.38
N PRO HC 592 11.77 -36.59 6.50
CA PRO HC 592 10.84 -35.85 5.61
C PRO HC 592 10.13 -36.76 4.63
N ASN HC 593 10.84 -37.72 4.04
CA ASN HC 593 10.19 -38.87 3.41
C ASN HC 593 9.75 -39.77 4.55
N LYS HC 594 8.51 -39.59 5.01
CA LYS HC 594 8.09 -39.98 6.36
C LYS HC 594 7.97 -41.50 6.50
N HIS HC 595 9.14 -42.14 6.55
CA HIS HC 595 9.23 -43.59 6.71
C HIS HC 595 10.29 -44.05 7.69
N ASN HC 596 11.22 -43.18 8.10
CA ASN HC 596 12.32 -43.60 8.96
C ASN HC 596 12.33 -42.77 10.22
N ARG HC 597 12.84 -43.39 11.29
CA ARG HC 597 12.65 -42.92 12.66
C ARG HC 597 13.96 -43.10 13.43
N LEU HC 598 14.35 -42.10 14.20
CA LEU HC 598 15.65 -42.09 14.86
C LEU HC 598 15.58 -41.42 16.23
N TYR HC 599 16.11 -42.10 17.25
CA TYR HC 599 16.19 -41.57 18.60
C TYR HC 599 17.65 -41.44 19.03
N MET HC 600 17.96 -40.34 19.73
CA MET HC 600 19.31 -40.12 20.24
C MET HC 600 19.25 -39.48 21.62
N LYS HC 601 20.42 -39.44 22.26
CA LYS HC 601 20.61 -38.83 23.57
C LYS HC 601 22.04 -38.32 23.66
N ALA HC 602 22.29 -37.35 24.53
CA ALA HC 602 23.61 -36.76 24.69
C ALA HC 602 24.07 -36.86 26.14
N ARG HC 603 25.38 -37.03 26.34
CA ARG HC 603 26.02 -37.20 27.64
C ARG HC 603 27.39 -36.53 27.63
N PRO HC 604 27.97 -36.25 28.79
CA PRO HC 604 29.35 -35.75 28.80
C PRO HC 604 30.36 -36.88 28.87
N PHE HC 605 31.63 -36.50 28.77
CA PHE HC 605 32.73 -37.43 28.87
C PHE HC 605 33.14 -37.65 30.33
N PRO HC 606 34.04 -38.60 30.61
CA PRO HC 606 34.74 -38.60 31.90
C PRO HC 606 35.71 -37.45 32.07
N ASP HC 607 36.46 -37.48 33.18
CA ASP HC 607 37.28 -36.39 33.73
C ASP HC 607 38.29 -35.91 32.70
N GLY HC 608 39.13 -36.77 32.14
CA GLY HC 608 40.14 -36.30 31.22
C GLY HC 608 40.26 -37.07 29.92
N LEU HC 609 39.15 -37.63 29.44
CA LEU HC 609 39.21 -38.41 28.20
C LEU HC 609 39.30 -37.51 26.99
N ALA HC 610 38.62 -36.36 27.03
CA ALA HC 610 38.70 -35.40 25.93
C ALA HC 610 40.08 -34.78 25.84
N GLU HC 611 40.79 -34.68 26.97
CA GLU HC 611 42.18 -34.27 26.94
C GLU HC 611 43.09 -35.42 26.54
N ASP HC 612 42.66 -36.67 26.81
CA ASP HC 612 43.45 -37.83 26.43
C ASP HC 612 43.41 -38.04 24.92
N ILE HC 613 42.34 -37.58 24.28
CA ILE HC 613 42.27 -37.59 22.82
C ILE HC 613 43.33 -36.67 22.22
N ASP HC 614 43.51 -35.49 22.81
CA ASP HC 614 44.57 -34.58 22.38
C ASP HC 614 45.94 -35.15 22.75
N LYS HC 615 46.02 -35.91 23.85
CA LYS HC 615 47.25 -36.56 24.24
C LYS HC 615 47.67 -37.63 23.23
N GLY HC 616 46.73 -38.40 22.71
CA GLY HC 616 47.00 -39.33 21.64
C GLY HC 616 46.91 -40.80 21.99
N GLU HC 617 46.23 -41.15 23.08
CA GLU HC 617 46.11 -42.56 23.45
C GLU HC 617 44.95 -43.22 22.72
N VAL HC 618 43.84 -42.50 22.57
CA VAL HC 618 42.65 -43.01 21.88
C VAL HC 618 42.55 -42.34 20.52
N SER HC 619 42.50 -43.14 19.46
CA SER HC 619 42.51 -42.64 18.10
C SER HC 619 41.60 -43.48 17.22
N ALA HC 620 41.50 -43.08 15.94
CA ALA HC 620 40.64 -43.80 15.01
C ALA HC 620 41.37 -44.96 14.36
N ARG HC 621 42.69 -44.84 14.18
CA ARG HC 621 43.46 -45.92 13.57
C ARG HC 621 43.67 -47.07 14.55
N GLN HC 622 43.50 -46.81 15.85
CA GLN HC 622 43.64 -47.83 16.87
C GLN HC 622 42.58 -48.92 16.72
N GLU HC 623 42.96 -50.15 17.05
CA GLU HC 623 42.10 -51.29 16.84
C GLU HC 623 40.96 -51.30 17.85
N LEU HC 624 39.96 -52.15 17.58
CA LEU HC 624 38.74 -52.16 18.37
C LEU HC 624 38.98 -52.68 19.78
N LYS HC 625 39.70 -53.79 19.92
CA LYS HC 625 39.92 -54.37 21.24
C LYS HC 625 40.91 -53.53 22.05
N GLN HC 626 41.93 -52.97 21.38
CA GLN HC 626 42.89 -52.13 22.08
C GLN HC 626 42.27 -50.79 22.49
N ARG HC 627 41.31 -50.31 21.71
CA ARG HC 627 40.54 -49.13 22.12
C ARG HC 627 39.55 -49.48 23.23
N ALA HC 628 39.09 -50.73 23.25
CA ALA HC 628 38.13 -51.14 24.27
C ALA HC 628 38.79 -51.34 25.63
N ARG HC 629 40.07 -51.77 25.62
CA ARG HC 629 40.77 -51.99 26.89
C ARG HC 629 41.02 -50.67 27.62
N TYR HC 630 41.23 -49.58 26.88
CA TYR HC 630 41.39 -48.27 27.52
C TYR HC 630 40.10 -47.80 28.16
N LEU HC 631 38.96 -48.09 27.53
CA LEU HC 631 37.68 -47.69 28.10
C LEU HC 631 37.22 -48.69 29.16
N ALA HC 632 37.90 -49.84 29.25
CA ALA HC 632 37.54 -50.82 30.28
C ALA HC 632 38.34 -50.60 31.56
N GLU HC 633 39.63 -50.33 31.43
CA GLU HC 633 40.51 -50.30 32.60
C GLU HC 633 40.83 -48.89 33.09
N LYS HC 634 41.11 -47.94 32.19
CA LYS HC 634 41.50 -46.61 32.61
C LYS HC 634 40.31 -45.79 33.10
N TYR HC 635 39.27 -45.64 32.29
CA TYR HC 635 38.15 -44.78 32.61
C TYR HC 635 36.89 -45.63 32.71
N GLU HC 636 35.88 -45.10 33.42
CA GLU HC 636 34.65 -45.84 33.62
C GLU HC 636 33.81 -45.83 32.36
N TRP HC 637 33.77 -46.95 31.65
CA TRP HC 637 32.97 -47.09 30.43
C TRP HC 637 32.68 -48.56 30.19
N ASP HC 638 31.54 -48.84 29.54
CA ASP HC 638 31.08 -50.22 29.39
C ASP HC 638 31.88 -50.94 28.30
N VAL HC 639 32.08 -52.24 28.52
CA VAL HC 639 32.91 -53.04 27.62
C VAL HC 639 32.21 -53.26 26.28
N ALA HC 640 30.91 -53.58 26.31
CA ALA HC 640 30.17 -53.80 25.06
C ALA HC 640 30.01 -52.50 24.29
N GLU HC 641 29.86 -51.38 25.01
CA GLU HC 641 29.79 -50.08 24.34
C GLU HC 641 31.12 -49.71 23.70
N ALA HC 642 32.23 -50.09 24.34
CA ALA HC 642 33.53 -49.87 23.72
C ALA HC 642 33.76 -50.82 22.55
N ARG HC 643 33.12 -51.99 22.58
CA ARG HC 643 33.16 -52.90 21.43
C ARG HC 643 32.36 -52.34 20.26
N LYS HC 644 31.30 -51.60 20.56
CA LYS HC 644 30.41 -51.07 19.53
C LYS HC 644 30.33 -49.55 19.62
N ILE HC 645 31.49 -48.88 19.72
CA ILE HC 645 31.46 -47.44 19.91
C ILE HC 645 31.04 -46.70 18.62
N TRP HC 646 31.98 -46.49 17.67
CA TRP HC 646 31.77 -45.85 16.35
C TRP HC 646 33.12 -45.68 15.66
N CYS HC 647 33.13 -45.18 14.43
CA CYS HC 647 34.27 -44.42 13.94
C CYS HC 647 34.53 -43.22 14.84
N PHE HC 648 35.81 -42.88 15.01
CA PHE HC 648 36.21 -42.03 16.13
C PHE HC 648 36.27 -40.56 15.72
N GLY HC 649 35.15 -39.87 15.96
CA GLY HC 649 35.13 -38.43 16.00
C GLY HC 649 34.95 -37.74 14.66
N PRO HC 650 34.79 -36.42 14.70
CA PRO HC 650 34.69 -35.64 13.46
C PRO HC 650 36.03 -35.56 12.74
N ASP HC 651 35.94 -35.33 11.43
CA ASP HC 651 37.08 -35.11 10.53
C ASP HC 651 38.04 -36.31 10.54
N GLY HC 652 37.49 -37.52 10.65
CA GLY HC 652 38.31 -38.71 10.71
C GLY HC 652 38.76 -39.06 12.11
N THR HC 653 39.46 -38.13 12.76
CA THR HC 653 39.94 -38.31 14.13
C THR HC 653 39.55 -37.07 14.92
N GLY HC 654 38.59 -37.21 15.83
CA GLY HC 654 38.09 -36.09 16.59
C GLY HC 654 37.56 -36.46 17.95
N PRO HC 655 37.03 -35.46 18.69
CA PRO HC 655 36.68 -35.69 20.09
C PRO HC 655 35.42 -36.52 20.31
N ASN HC 656 34.36 -36.26 19.56
CA ASN HC 656 33.03 -36.68 19.99
C ASN HC 656 32.72 -38.12 19.60
N ILE HC 657 31.77 -38.71 20.33
CA ILE HC 657 31.52 -40.15 20.29
C ILE HC 657 30.04 -40.40 20.01
N LEU HC 658 29.76 -41.37 19.14
CA LEU HC 658 28.42 -41.72 18.69
C LEU HC 658 28.18 -43.21 18.92
N THR HC 659 27.77 -43.59 20.13
CA THR HC 659 27.75 -44.99 20.51
C THR HC 659 26.57 -45.74 19.89
N ASP HC 660 26.69 -47.08 19.85
CA ASP HC 660 25.62 -47.91 19.31
C ASP HC 660 24.90 -48.66 20.43
N ILE HC 661 23.83 -48.08 20.97
CA ILE HC 661 23.08 -48.66 22.07
C ILE HC 661 22.19 -49.78 21.54
N THR HC 662 21.89 -49.74 20.24
CA THR HC 662 20.86 -50.52 19.58
C THR HC 662 21.09 -52.02 19.73
N LYS HC 663 20.06 -52.72 20.22
CA LYS HC 663 20.11 -54.17 20.43
C LYS HC 663 18.99 -54.79 19.60
N GLY HC 664 19.33 -55.25 18.41
CA GLY HC 664 18.37 -55.94 17.57
C GLY HC 664 17.64 -55.03 16.60
N VAL HC 665 18.36 -54.08 16.02
CA VAL HC 665 17.79 -53.19 15.00
C VAL HC 665 18.30 -53.65 13.64
N GLN HC 666 17.38 -53.94 12.72
CA GLN HC 666 17.75 -54.43 11.41
C GLN HC 666 18.31 -53.31 10.54
N TYR HC 667 19.00 -53.71 9.47
CA TYR HC 667 19.45 -52.83 8.38
C TYR HC 667 20.42 -51.77 8.87
N LEU HC 668 21.45 -52.21 9.60
CA LEU HC 668 22.39 -51.26 10.21
C LEU HC 668 23.53 -50.93 9.26
N ASN HC 669 23.68 -51.71 8.18
CA ASN HC 669 24.83 -51.57 7.30
C ASN HC 669 24.71 -50.32 6.42
N GLU HC 670 23.50 -50.03 5.94
CA GLU HC 670 23.28 -48.82 5.14
C GLU HC 670 23.28 -47.58 6.02
N ILE HC 671 23.01 -47.76 7.31
CA ILE HC 671 22.91 -46.64 8.26
C ILE HC 671 24.26 -45.95 8.45
N LYS HC 672 25.35 -46.73 8.48
CA LYS HC 672 26.61 -46.31 9.10
C LYS HC 672 27.27 -45.16 8.35
N ASP HC 673 27.37 -45.25 7.02
CA ASP HC 673 28.08 -44.24 6.24
C ASP HC 673 27.36 -42.90 6.25
N SER HC 674 26.04 -42.92 6.03
CA SER HC 674 25.26 -41.69 6.04
C SER HC 674 25.18 -41.09 7.45
N VAL HC 675 25.20 -41.94 8.49
CA VAL HC 675 25.13 -41.43 9.85
C VAL HC 675 26.47 -40.82 10.27
N VAL HC 676 27.60 -41.40 9.87
CA VAL HC 676 28.88 -40.79 10.23
C VAL HC 676 29.11 -39.52 9.39
N ALA HC 677 28.57 -39.48 8.17
CA ALA HC 677 28.64 -38.24 7.39
C ALA HC 677 27.78 -37.14 8.01
N GLY HC 678 26.56 -37.47 8.43
CA GLY HC 678 25.74 -36.50 9.13
C GLY HC 678 26.29 -36.11 10.48
N PHE HC 679 27.01 -37.03 11.12
CA PHE HC 679 27.65 -36.76 12.41
C PHE HC 679 28.77 -35.74 12.24
N GLN HC 680 29.63 -35.92 11.24
CA GLN HC 680 30.69 -34.95 11.00
C GLN HC 680 30.14 -33.62 10.52
N TRP HC 681 29.05 -33.64 9.74
CA TRP HC 681 28.45 -32.40 9.26
C TRP HC 681 27.78 -31.63 10.38
N ALA HC 682 27.11 -32.32 11.31
CA ALA HC 682 26.45 -31.63 12.40
C ALA HC 682 27.39 -31.39 13.57
N THR HC 683 28.61 -31.93 13.49
CA THR HC 683 29.60 -31.62 14.51
C THR HC 683 30.44 -30.42 14.14
N LYS HC 684 30.90 -30.35 12.87
CA LYS HC 684 31.71 -29.21 12.44
C LYS HC 684 30.88 -27.94 12.35
N GLU HC 685 29.58 -28.08 12.13
CA GLU HC 685 28.64 -26.96 12.27
C GLU HC 685 27.94 -27.12 13.61
N GLY HC 686 28.33 -26.32 14.59
CA GLY HC 686 27.90 -26.51 15.96
C GLY HC 686 26.44 -26.20 16.20
N ALA HC 687 26.02 -26.44 17.44
CA ALA HC 687 24.60 -26.45 17.79
C ALA HC 687 23.99 -25.06 17.75
N LEU HC 688 24.74 -24.06 18.19
CA LEU HC 688 24.25 -22.69 18.28
C LEU HC 688 25.08 -21.69 17.51
N CYS HC 689 26.32 -22.04 17.17
CA CYS HC 689 27.17 -21.20 16.35
C CYS HC 689 27.95 -22.06 15.36
N GLU HC 690 28.64 -21.41 14.43
CA GLU HC 690 29.53 -22.13 13.52
C GLU HC 690 30.81 -22.48 14.27
N GLU HC 691 30.77 -23.55 15.06
CA GLU HC 691 31.92 -23.95 15.86
C GLU HC 691 32.07 -25.46 15.77
N ASN HC 692 33.25 -25.93 16.16
CA ASN HC 692 33.54 -27.35 16.21
C ASN HC 692 33.22 -27.87 17.60
N MET HC 693 32.36 -28.89 17.67
CA MET HC 693 31.87 -29.38 18.94
C MET HC 693 32.94 -30.16 19.69
N ARG HC 694 32.81 -30.20 21.01
CA ARG HC 694 33.84 -30.69 21.90
C ARG HC 694 33.19 -31.10 23.21
N GLY HC 695 33.56 -32.27 23.72
CA GLY HC 695 33.04 -32.70 25.01
C GLY HC 695 31.59 -33.11 25.03
N VAL HC 696 31.16 -33.89 24.04
CA VAL HC 696 29.80 -34.44 24.01
C VAL HC 696 29.86 -35.85 23.42
N ARG HC 697 29.09 -36.75 24.01
CA ARG HC 697 29.03 -38.16 23.64
C ARG HC 697 27.59 -38.51 23.31
N PHE HC 698 27.36 -39.01 22.10
CA PHE HC 698 26.00 -39.27 21.62
C PHE HC 698 25.69 -40.76 21.73
N ASP HC 699 24.45 -41.07 22.09
CA ASP HC 699 23.98 -42.44 22.24
C ASP HC 699 22.74 -42.63 21.37
N VAL HC 700 22.83 -43.55 20.41
CA VAL HC 700 21.73 -43.81 19.50
C VAL HC 700 20.93 -45.01 20.00
N HIS HC 701 19.73 -44.78 20.50
CA HIS HC 701 19.02 -45.84 21.21
C HIS HC 701 18.12 -46.66 20.29
N ASP HC 702 17.18 -46.02 19.60
CA ASP HC 702 16.16 -46.75 18.82
C ASP HC 702 16.09 -46.20 17.40
N VAL HC 703 16.29 -47.08 16.42
CA VAL HC 703 16.28 -46.74 15.01
C VAL HC 703 15.19 -47.60 14.35
N THR HC 704 14.45 -47.02 13.42
CA THR HC 704 13.42 -47.75 12.68
C THR HC 704 13.54 -47.40 11.20
N LEU HC 705 13.69 -48.44 10.37
CA LEU HC 705 13.99 -48.31 8.96
C LEU HC 705 12.78 -48.62 8.10
N HIS HC 706 12.97 -48.45 6.79
CA HIS HC 706 12.01 -48.92 5.80
C HIS HC 706 12.66 -50.01 4.96
N ALA HC 707 11.86 -50.99 4.51
CA ALA HC 707 12.44 -52.23 4.02
C ALA HC 707 12.67 -52.23 2.52
N ASP HC 708 12.35 -51.13 1.83
CA ASP HC 708 12.48 -51.10 0.38
C ASP HC 708 13.93 -50.91 -0.05
N ALA HC 709 14.75 -50.36 0.85
CA ALA HC 709 16.15 -49.96 0.66
C ALA HC 709 16.33 -48.92 -0.43
N ILE HC 710 15.29 -48.16 -0.77
CA ILE HC 710 15.36 -47.09 -1.75
C ILE HC 710 14.94 -45.83 -1.03
N ARG HC 712 15.50 -44.92 1.95
CA ARG HC 712 16.31 -44.69 3.14
C ARG HC 712 17.60 -43.92 2.87
N GLY HC 713 18.32 -44.23 1.79
CA GLY HC 713 19.72 -43.86 1.68
C GLY HC 713 19.96 -42.40 1.35
N GLY HC 714 20.95 -41.83 2.03
CA GLY HC 714 21.45 -40.52 1.63
C GLY HC 714 20.62 -39.39 2.21
N GLY HC 715 19.75 -38.84 1.35
CA GLY HC 715 19.06 -37.61 1.68
C GLY HC 715 17.92 -37.78 2.67
N GLN HC 716 17.68 -39.02 3.10
CA GLN HC 716 16.73 -39.24 4.18
C GLN HC 716 17.45 -39.43 5.51
N ILE HC 717 18.57 -40.15 5.50
CA ILE HC 717 19.27 -40.42 6.76
C ILE HC 717 20.06 -39.21 7.22
N ILE HC 718 20.76 -38.53 6.30
CA ILE HC 718 21.66 -37.43 6.70
C ILE HC 718 20.94 -36.24 7.32
N PRO HC 719 19.79 -35.74 6.81
CA PRO HC 719 19.08 -34.70 7.57
C PRO HC 719 18.51 -35.17 8.90
N THR HC 720 18.10 -36.43 9.01
CA THR HC 720 17.61 -36.92 10.30
C THR HC 720 18.74 -37.04 11.32
N ALA HC 721 19.92 -37.51 10.89
CA ALA HC 721 21.06 -37.57 11.80
C ALA HC 721 21.50 -36.18 12.22
N ARG HC 722 21.49 -35.24 11.28
CA ARG HC 722 21.86 -33.85 11.58
C ARG HC 722 20.87 -33.21 12.56
N ARG HC 723 19.58 -33.26 12.25
CA ARG HC 723 18.56 -32.67 13.10
C ARG HC 723 18.44 -33.39 14.44
N CYS HC 724 18.71 -34.70 14.46
CA CYS HC 724 18.60 -35.44 15.71
C CYS HC 724 19.79 -35.12 16.61
N LEU HC 725 20.96 -34.88 16.01
CA LEU HC 725 22.12 -34.44 16.78
C LEU HC 725 21.86 -33.06 17.39
N TYR HC 726 21.33 -32.12 16.59
CA TYR HC 726 21.07 -30.79 17.12
C TYR HC 726 19.96 -30.80 18.17
N ALA HC 727 18.88 -31.52 17.93
CA ALA HC 727 17.77 -31.54 18.88
C ALA HC 727 18.06 -32.45 20.07
N SER HC 728 19.14 -33.25 19.98
CA SER HC 728 19.60 -34.01 21.13
C SER HC 728 20.55 -33.17 21.99
N VAL HC 729 21.30 -32.26 21.37
CA VAL HC 729 22.09 -31.32 22.17
C VAL HC 729 21.17 -30.32 22.87
N LEU HC 730 20.20 -29.77 22.14
CA LEU HC 730 19.39 -28.69 22.68
C LEU HC 730 18.33 -29.19 23.66
N THR HC 731 18.07 -30.50 23.68
CA THR HC 731 17.16 -31.03 24.70
C THR HC 731 17.88 -31.22 26.02
N ALA HC 732 19.21 -31.24 26.00
CA ALA HC 732 20.03 -31.12 27.19
C ALA HC 732 20.28 -29.63 27.44
N GLN HC 733 21.07 -29.34 28.47
CA GLN HC 733 21.50 -27.96 28.67
C GLN HC 733 22.89 -27.77 28.07
N PRO HC 734 23.02 -27.04 26.96
CA PRO HC 734 24.36 -26.82 26.40
C PRO HC 734 25.08 -25.68 27.08
N ARG HC 735 26.41 -25.75 27.09
CA ARG HC 735 27.26 -24.73 27.68
C ARG HC 735 28.45 -24.51 26.76
N LEU HC 736 28.84 -23.24 26.60
CA LEU HC 736 30.04 -22.94 25.83
C LEU HC 736 31.28 -23.20 26.66
N MET HC 737 32.34 -23.61 25.99
CA MET HC 737 33.63 -23.80 26.61
C MET HC 737 34.63 -22.81 26.05
N GLU HC 738 35.42 -22.24 26.96
CA GLU HC 738 36.31 -21.11 26.85
C GLU HC 738 37.77 -21.57 26.87
N PRO HC 739 38.59 -21.13 25.92
CA PRO HC 739 40.01 -21.49 25.96
C PRO HC 739 40.71 -20.70 27.06
N ILE HC 740 41.47 -21.42 27.89
CA ILE HC 740 42.20 -20.83 28.99
C ILE HC 740 43.63 -21.37 28.95
N TYR HC 741 44.61 -20.51 29.21
CA TYR HC 741 45.98 -20.87 28.90
C TYR HC 741 46.90 -20.56 30.06
N LEU HC 742 48.05 -21.22 30.06
CA LEU HC 742 49.06 -21.08 31.11
C LEU HC 742 49.95 -19.89 30.79
N VAL HC 743 49.85 -18.86 31.61
CA VAL HC 743 50.82 -17.76 31.57
C VAL HC 743 51.63 -17.77 32.86
N GLU HC 744 52.94 -17.95 32.73
CA GLU HC 744 53.83 -17.80 33.88
C GLU HC 744 54.59 -16.49 33.70
N ILE HC 745 54.65 -15.74 34.79
CA ILE HC 745 55.22 -14.39 34.80
C ILE HC 745 56.40 -14.41 35.77
N GLN HC 746 57.43 -13.64 35.44
CA GLN HC 746 58.74 -13.70 36.09
C GLN HC 746 58.98 -12.50 37.01
N CYS HC 747 57.98 -12.16 37.83
CA CYS HC 747 58.03 -10.89 38.57
C CYS HC 747 58.88 -11.01 39.83
N PRO HC 748 59.77 -10.06 40.09
CA PRO HC 748 60.46 -10.01 41.37
C PRO HC 748 59.51 -9.64 42.52
N GLU HC 749 60.09 -9.63 43.73
CA GLU HC 749 59.32 -9.64 44.97
C GLU HC 749 58.47 -8.40 45.16
N GLN HC 750 58.90 -7.26 44.63
CA GLN HC 750 58.20 -6.00 44.87
C GLN HC 750 56.90 -5.88 44.08
N VAL HC 751 56.67 -6.74 43.08
CA VAL HC 751 55.53 -6.60 42.19
C VAL HC 751 54.70 -7.87 42.08
N VAL HC 752 54.95 -8.88 42.92
CA VAL HC 752 54.11 -10.07 42.94
C VAL HC 752 52.71 -9.72 43.46
N GLY HC 753 52.64 -8.85 44.47
CA GLY HC 753 51.38 -8.30 44.91
C GLY HC 753 50.71 -7.42 43.87
N GLY HC 754 51.49 -6.84 42.96
CA GLY HC 754 50.89 -6.12 41.84
C GLY HC 754 50.23 -7.07 40.85
N ILE HC 755 50.91 -8.16 40.51
CA ILE HC 755 50.33 -9.11 39.55
C ILE HC 755 49.25 -10.00 40.16
N TYR HC 756 49.11 -10.03 41.49
CA TYR HC 756 47.92 -10.71 42.05
C TYR HC 756 46.65 -9.97 41.69
N GLY HC 757 46.66 -8.64 41.77
CA GLY HC 757 45.45 -7.85 41.58
C GLY HC 757 44.98 -7.78 40.14
N VAL HC 758 45.87 -8.04 39.19
CA VAL HC 758 45.49 -8.01 37.78
C VAL HC 758 44.67 -9.24 37.41
N LEU HC 759 45.00 -10.39 38.00
CA LEU HC 759 44.30 -11.63 37.71
C LEU HC 759 42.89 -11.63 38.29
N ASN HC 760 42.69 -10.96 39.43
CA ASN HC 760 41.34 -10.86 39.99
C ASN HC 760 40.45 -9.95 39.15
N ARG HC 761 41.04 -8.97 38.47
CA ARG HC 761 40.28 -8.14 37.54
C ARG HC 761 39.97 -8.92 36.27
N LYS HC 762 40.97 -9.61 35.72
CA LYS HC 762 40.83 -10.29 34.44
C LYS HC 762 40.34 -11.72 34.57
N ARG HC 763 39.85 -12.11 35.75
CA ARG HC 763 39.21 -13.42 36.02
C ARG HC 763 40.16 -14.58 35.71
N GLY HC 764 41.24 -14.67 36.50
CA GLY HC 764 42.22 -15.72 36.33
C GLY HC 764 42.53 -16.41 37.64
N HIS HC 765 42.88 -17.69 37.56
CA HIS HC 765 43.16 -18.50 38.75
C HIS HC 765 44.65 -18.74 38.86
N VAL HC 766 45.21 -18.47 40.05
CA VAL HC 766 46.63 -18.71 40.28
C VAL HC 766 46.85 -20.19 40.55
N PHE HC 767 47.74 -20.80 39.77
CA PHE HC 767 48.05 -22.22 39.94
C PHE HC 767 49.21 -22.48 40.88
N GLU HC 768 50.33 -21.79 40.70
CA GLU HC 768 51.50 -22.07 41.51
C GLU HC 768 52.37 -20.83 41.59
N GLU HC 769 52.75 -20.49 42.82
CA GLU HC 769 53.77 -19.49 43.09
C GLU HC 769 55.07 -20.22 43.39
N SER HC 770 56.16 -19.80 42.77
CA SER HC 770 57.45 -20.42 43.03
C SER HC 770 58.53 -19.36 42.85
N GLN HC 771 59.76 -19.75 43.16
CA GLN HC 771 60.92 -18.89 42.98
C GLN HC 771 62.08 -19.70 42.45
N VAL HC 772 62.92 -19.07 41.62
CA VAL HC 772 64.17 -19.70 41.22
C VAL HC 772 65.18 -19.54 42.35
N ALA HC 773 65.87 -20.64 42.67
CA ALA HC 773 66.73 -20.69 43.83
C ALA HC 773 67.95 -19.80 43.66
N GLY HC 774 68.23 -18.99 44.68
CA GLY HC 774 69.35 -18.06 44.64
C GLY HC 774 69.01 -16.74 43.99
N THR HC 775 67.74 -16.53 43.62
CA THR HC 775 67.28 -15.28 43.02
C THR HC 775 66.05 -14.79 43.77
N PRO HC 776 65.91 -13.47 43.94
CA PRO HC 776 64.70 -12.96 44.61
C PRO HC 776 63.46 -12.98 43.72
N MET HC 777 63.60 -13.29 42.44
CA MET HC 777 62.46 -13.23 41.53
C MET HC 777 61.52 -14.40 41.74
N PHE HC 778 60.26 -14.20 41.37
CA PHE HC 778 59.19 -15.17 41.57
C PHE HC 778 58.49 -15.48 40.26
N VAL HC 779 58.33 -16.77 39.98
CA VAL HC 779 57.59 -17.25 38.82
C VAL HC 779 56.19 -17.62 39.28
N VAL HC 780 55.19 -16.98 38.68
CA VAL HC 780 53.79 -17.18 39.04
C VAL HC 780 53.05 -17.75 37.83
N LYS HC 781 52.45 -18.93 37.98
CA LYS HC 781 51.68 -19.55 36.91
C LYS HC 781 50.21 -19.24 37.11
N ALA HC 782 49.52 -18.95 36.02
CA ALA HC 782 48.11 -18.58 36.09
C ALA HC 782 47.38 -19.11 34.87
N TYR HC 783 46.12 -19.48 35.10
CA TYR HC 783 45.20 -19.85 34.04
C TYR HC 783 44.42 -18.61 33.62
N LEU HC 784 44.72 -18.10 32.43
CA LEU HC 784 44.15 -16.84 31.96
C LEU HC 784 43.26 -17.11 30.75
N PRO HC 785 42.06 -16.54 30.70
CA PRO HC 785 41.20 -16.72 29.52
C PRO HC 785 41.74 -16.01 28.29
N VAL HC 786 41.49 -16.62 27.13
CA VAL HC 786 42.00 -16.09 25.87
C VAL HC 786 41.27 -14.79 25.49
N ASN HC 787 39.94 -14.77 25.67
CA ASN HC 787 39.18 -13.57 25.35
C ASN HC 787 39.48 -12.43 26.30
N GLU HC 788 39.79 -12.74 27.55
CA GLU HC 788 40.19 -11.73 28.53
C GLU HC 788 41.68 -11.45 28.52
N SER HC 789 42.44 -12.12 27.65
CA SER HC 789 43.88 -11.85 27.59
C SER HC 789 44.19 -10.61 26.77
N PHE HC 790 43.19 -10.03 26.11
CA PHE HC 790 43.43 -8.81 25.34
C PHE HC 790 43.50 -7.61 26.26
N GLY HC 791 44.60 -6.88 26.17
CA GLY HC 791 44.86 -5.80 27.11
C GLY HC 791 45.37 -6.26 28.45
N PHE HC 792 45.72 -7.53 28.59
CA PHE HC 792 46.18 -8.06 29.87
C PHE HC 792 47.59 -7.58 30.19
N THR HC 793 48.48 -7.59 29.21
CA THR HC 793 49.87 -7.23 29.47
C THR HC 793 50.03 -5.74 29.70
N ALA HC 794 49.10 -4.92 29.20
CA ALA HC 794 49.13 -3.50 29.51
C ALA HC 794 48.78 -3.27 30.98
N ASP HC 795 47.85 -4.06 31.51
CA ASP HC 795 47.52 -3.97 32.93
C ASP HC 795 48.66 -4.48 33.79
N LEU HC 796 49.39 -5.49 33.31
CA LEU HC 796 50.56 -5.99 34.03
C LEU HC 796 51.64 -4.93 34.15
N ARG HC 797 52.01 -4.31 33.03
CA ARG HC 797 53.05 -3.28 33.04
C ARG HC 797 52.58 -2.05 33.80
N SER HC 798 51.29 -1.74 33.72
CA SER HC 798 50.74 -0.57 34.42
C SER HC 798 50.69 -0.80 35.93
N ASN HC 799 50.53 -2.06 36.35
CA ASN HC 799 50.43 -2.33 37.78
C ASN HC 799 51.81 -2.63 38.39
N THR HC 800 52.77 -3.04 37.56
CA THR HC 800 54.07 -3.43 38.07
C THR HC 800 55.21 -2.49 37.68
N GLY HC 801 54.92 -1.44 36.91
CA GLY HC 801 55.99 -0.53 36.52
C GLY HC 801 56.94 -1.13 35.51
N GLY HC 802 56.43 -1.97 34.61
CA GLY HC 802 57.27 -2.62 33.62
C GLY HC 802 58.08 -3.78 34.15
N GLN HC 803 57.87 -4.19 35.41
CA GLN HC 803 58.67 -5.23 36.04
C GLN HC 803 57.91 -6.56 35.97
N ALA HC 804 57.72 -7.03 34.73
CA ALA HC 804 56.92 -8.22 34.48
C ALA HC 804 57.34 -8.84 33.15
N PHE HC 805 57.33 -10.18 33.08
CA PHE HC 805 57.67 -10.90 31.87
C PHE HC 805 56.80 -12.15 31.78
N PRO HC 806 55.86 -12.21 30.81
CA PRO HC 806 55.00 -13.40 30.67
C PRO HC 806 55.53 -14.42 29.68
N GLN HC 807 54.99 -15.65 29.72
CA GLN HC 807 55.48 -16.68 28.78
C GLN HC 807 54.40 -17.06 27.77
N CYS HC 808 53.13 -17.16 28.20
CA CYS HC 808 51.95 -17.27 27.33
C CYS HC 808 51.96 -18.53 26.46
N VAL HC 809 51.77 -19.70 27.10
CA VAL HC 809 51.59 -20.94 26.35
C VAL HC 809 50.15 -21.44 26.55
N PHE HC 810 49.64 -22.19 25.56
CA PHE HC 810 48.25 -22.61 25.53
C PHE HC 810 48.08 -24.00 26.13
N ASP HC 811 47.24 -24.12 27.16
CA ASP HC 811 47.03 -25.39 27.83
C ASP HC 811 45.79 -26.15 27.37
N HIS HC 812 44.59 -25.63 27.63
CA HIS HC 812 43.36 -26.40 27.47
C HIS HC 812 42.12 -25.50 27.36
N TRP HC 813 40.95 -26.10 27.55
CA TRP HC 813 39.68 -25.39 27.55
C TRP HC 813 38.98 -25.55 28.90
N GLN HC 814 38.38 -24.49 29.41
CA GLN HC 814 37.52 -24.54 30.59
C GLN HC 814 36.09 -24.33 30.15
N ILE HC 815 35.14 -24.56 31.08
CA ILE HC 815 33.73 -24.36 30.77
C ILE HC 815 33.30 -22.96 31.22
N LEU HC 816 32.19 -22.51 30.67
CA LEU HC 816 31.56 -21.28 31.14
C LEU HC 816 30.45 -21.62 32.13
N PRO HC 817 30.21 -20.80 33.16
CA PRO HC 817 29.18 -21.17 34.14
C PRO HC 817 27.76 -21.01 33.65
N GLY HC 818 27.50 -20.00 32.82
CA GLY HC 818 26.12 -19.74 32.41
C GLY HC 818 25.75 -20.49 31.15
N ASP HC 819 24.45 -20.54 30.88
CA ASP HC 819 23.96 -21.11 29.63
C ASP HC 819 23.79 -20.01 28.59
N PRO HC 820 23.74 -20.36 27.30
CA PRO HC 820 23.47 -19.32 26.29
C PRO HC 820 22.01 -18.89 26.22
N PHE HC 821 21.11 -19.51 27.01
CA PHE HC 821 19.69 -19.21 26.86
C PHE HC 821 19.29 -17.93 27.59
N ASP HC 822 20.02 -17.54 28.62
CA ASP HC 822 19.53 -16.48 29.50
C ASP HC 822 19.73 -15.10 28.89
N ASN HC 823 19.30 -14.07 29.62
CA ASN HC 823 19.17 -12.71 29.11
C ASN HC 823 20.49 -12.05 28.73
N SER HC 824 21.37 -11.82 29.71
CA SER HC 824 22.57 -11.03 29.49
C SER HC 824 23.80 -11.62 30.16
N SER HC 825 24.03 -12.93 30.02
CA SER HC 825 25.23 -13.51 30.58
C SER HC 825 26.37 -13.47 29.55
N ARG HC 826 27.56 -13.86 30.02
CA ARG HC 826 28.72 -13.87 29.14
C ARG HC 826 28.66 -14.89 28.00
N PRO HC 827 28.20 -16.15 28.17
CA PRO HC 827 28.03 -16.99 26.98
C PRO HC 827 26.93 -16.51 26.04
N SER HC 828 25.90 -15.84 26.57
CA SER HC 828 24.91 -15.23 25.68
C SER HC 828 25.51 -14.10 24.86
N GLN HC 829 26.40 -13.31 25.49
CA GLN HC 829 27.12 -12.27 24.75
C GLN HC 829 28.05 -12.88 23.72
N VAL HC 830 28.66 -14.03 24.03
CA VAL HC 830 29.52 -14.73 23.08
C VAL HC 830 28.72 -15.25 21.89
N VAL HC 831 27.52 -15.80 22.15
CA VAL HC 831 26.65 -16.28 21.08
C VAL HC 831 26.20 -15.12 20.19
N ALA HC 832 25.89 -13.97 20.80
CA ALA HC 832 25.48 -12.80 20.03
C ALA HC 832 26.62 -12.29 19.15
N GLU HC 833 27.82 -12.14 19.74
CA GLU HC 833 28.96 -11.60 18.99
C GLU HC 833 29.47 -12.59 17.95
N THR HC 834 29.20 -13.88 18.14
CA THR HC 834 29.60 -14.87 17.15
C THR HC 834 28.62 -14.92 15.98
N ARG HC 835 27.33 -14.98 16.29
CA ARG HC 835 26.32 -15.10 15.24
C ARG HC 835 26.08 -13.82 14.48
N LYS HC 836 26.45 -12.66 15.03
CA LYS HC 836 26.21 -11.39 14.34
C LYS HC 836 27.12 -11.22 13.13
N ARG HC 837 28.18 -12.03 13.04
CA ARG HC 837 29.09 -11.93 11.91
C ARG HC 837 28.54 -12.68 10.70
N LYS HC 838 28.26 -13.97 10.84
CA LYS HC 838 27.99 -14.83 9.68
C LYS HC 838 26.75 -15.72 9.90
N GLY HC 839 25.84 -15.29 10.76
CA GLY HC 839 24.66 -16.10 11.01
C GLY HC 839 23.42 -15.27 11.19
N LEU HC 840 22.28 -15.95 11.25
CA LEU HC 840 21.01 -15.32 11.59
C LEU HC 840 20.97 -15.04 13.08
N LYS HC 841 19.90 -14.35 13.53
CA LYS HC 841 19.84 -13.54 14.75
C LYS HC 841 20.42 -14.16 16.01
N GLU HC 842 19.80 -15.24 16.52
CA GLU HC 842 20.31 -15.98 17.66
C GLU HC 842 19.54 -17.29 17.82
N ILE HC 843 20.29 -18.32 18.22
CA ILE HC 843 19.90 -19.54 18.97
C ILE HC 843 18.56 -20.13 18.54
N PRO HC 844 18.52 -20.90 17.46
CA PRO HC 844 17.24 -21.45 16.96
C PRO HC 844 16.60 -22.40 17.97
N ALA HC 845 15.27 -22.44 17.94
CA ALA HC 845 14.50 -23.01 19.03
C ALA HC 845 14.51 -24.54 19.00
N LEU HC 846 14.13 -25.13 20.14
CA LEU HC 846 14.05 -26.58 20.25
C LEU HC 846 12.82 -27.12 19.52
N ASP HC 847 11.78 -26.28 19.37
CA ASP HC 847 10.59 -26.69 18.63
C ASP HC 847 10.92 -26.89 17.16
N ASN HC 848 11.85 -26.11 16.62
CA ASN HC 848 12.36 -26.36 15.28
C ASN HC 848 13.24 -27.61 15.31
N PHE HC 849 13.37 -28.25 14.13
CA PHE HC 849 14.09 -29.51 13.88
C PHE HC 849 13.85 -30.60 14.94
N LEU HC 850 12.60 -30.71 15.37
CA LEU HC 850 12.17 -31.76 16.29
C LEU HC 850 10.77 -32.20 15.91
N ASP HC 851 10.53 -33.51 16.00
CA ASP HC 851 9.22 -34.09 15.73
C ASP HC 851 8.84 -34.97 16.91
N LYS HC 852 7.54 -35.04 17.20
CA LYS HC 852 7.07 -35.81 18.35
C LYS HC 852 6.71 -37.23 17.92
N LEU HC 853 6.90 -38.17 18.84
CA LEU HC 853 6.61 -39.57 18.57
C LEU HC 853 5.11 -39.84 18.56
#